data_4QYK
#
_entry.id   4QYK
#
_cell.length_a   453.100
_cell.length_b   453.100
_cell.length_c   319.020
_cell.angle_alpha   90.000
_cell.angle_beta   90.000
_cell.angle_gamma   90.000
#
_symmetry.space_group_name_H-M   'P 42 21 2'
#
loop_
_entity.id
_entity.type
_entity.pdbx_description
1 polymer 'Capsid protein VP1'
2 non-polymer 'MAGNESIUM ION'
#
_entity_poly.entity_id   1
_entity_poly.type   'polypeptide(L)'
_entity_poly.pdbx_seq_one_letter_code
;MSDGAVQPDGGQPAVRNERATGSGNGSGGGGGGGSGGVGISTGTFNNQTEFKFLENGWVYITANSSRLVHLNMPESENYR
RVVVNNLDKTAVNGNMALDDTHAEIVTPWSLVDANAWGVWFNPGDWQLIVNTMSELHLVSFEQEIFNVVLKTVSESATQP
PTKVYNNDLTASLMVALDSNNTMPFTPAAMRSETLGFYPWKPTIPTPWRYYFQWDRTLIPSHTGTSGTPTNIYHGTDPDD
VQFYTIENSVPVHLLRTGDEFATGTFFFDCKPCRLTHTWQTNRALGLPPFLNSLPQSEGGTNFGYIGVQQDKRRGVTQMG
NTNYITEATIMRPAEVGYSAPYYSFEASTQGPFKTPIAAGRGGAQTDENQAADGDPRYAFGRQHGQKTTTTGETPERFTY
IAHQDTGRYPEGDWIQNINFNLPVTDDNVLLPTDPIGGKTGINYTNIFNTYGPLTALNNVPPVYPNGQIWDKEFDTDLKP
RLHVNAPFVCQNNCPGQLFVKVAPNLTNQYDPDASANMSRIVTYSDFWWKGKLVFKAKLRASHTWNPIQQMSINVDNQFN
YVPSNIGGMKIVYEKSQLAPRKLY
;
_entity_poly.pdbx_strand_id   A,E,J,N,Q,B,C,D,F,G,H,I,K,L,M,O,P,R,S,T,U,V,W,X,Y,Z,a,b,c,d
#
loop_
_chem_comp.id
_chem_comp.type
_chem_comp.name
_chem_comp.formula
MG non-polymer 'MAGNESIUM ION' 'Mg 2'
#
# COMPACT_ATOMS: atom_id res chain seq x y z
N GLY A 37 -4.93 -34.34 69.65
CA GLY A 37 -5.19 -34.88 70.97
C GLY A 37 -4.07 -35.77 71.52
N VAL A 38 -4.38 -36.60 72.50
CA VAL A 38 -3.36 -37.46 73.10
C VAL A 38 -2.66 -38.37 72.10
N GLY A 39 -3.39 -39.28 71.49
CA GLY A 39 -2.74 -40.31 70.69
C GLY A 39 -2.49 -39.95 69.26
N ILE A 40 -2.29 -38.68 68.99
CA ILE A 40 -2.12 -38.22 67.63
C ILE A 40 -0.93 -37.29 67.48
N SER A 41 0.04 -37.65 66.65
CA SER A 41 1.24 -36.85 66.45
C SER A 41 0.91 -35.49 65.86
N THR A 42 1.79 -34.52 66.09
CA THR A 42 1.54 -33.17 65.66
C THR A 42 2.62 -32.61 64.75
N GLY A 43 3.43 -33.49 64.16
CA GLY A 43 4.51 -33.06 63.29
C GLY A 43 5.29 -34.16 62.61
N THR A 44 6.26 -33.76 61.80
CA THR A 44 7.05 -34.71 61.03
C THR A 44 8.55 -34.46 61.11
N PHE A 45 9.32 -35.52 61.35
CA PHE A 45 10.77 -35.47 61.37
C PHE A 45 11.35 -35.29 59.99
N ASN A 46 12.20 -34.28 59.81
CA ASN A 46 12.84 -34.11 58.50
C ASN A 46 14.21 -33.46 58.58
N ASN A 47 15.25 -34.26 58.34
CA ASN A 47 16.61 -33.77 58.36
C ASN A 47 17.21 -33.93 56.99
N GLN A 48 16.46 -33.51 56.00
CA GLN A 48 16.79 -33.76 54.62
C GLN A 48 17.33 -32.46 54.09
N THR A 49 18.35 -32.52 53.24
CA THR A 49 18.93 -31.28 52.68
C THR A 49 18.68 -31.20 51.19
N GLU A 50 17.86 -30.24 50.78
CA GLU A 50 17.46 -30.14 49.38
C GLU A 50 18.18 -29.02 48.65
N PHE A 51 18.68 -29.35 47.47
CA PHE A 51 19.36 -28.40 46.61
C PHE A 51 18.54 -28.10 45.36
N LYS A 52 17.85 -26.97 45.31
CA LYS A 52 16.99 -26.71 44.16
C LYS A 52 17.64 -25.76 43.17
N PHE A 53 18.07 -26.30 42.03
CA PHE A 53 18.85 -25.53 41.07
C PHE A 53 17.92 -24.70 40.16
N LEU A 54 18.25 -23.43 39.96
CA LEU A 54 17.41 -22.52 39.19
C LEU A 54 18.14 -21.93 37.98
N GLU A 55 17.56 -20.90 37.39
CA GLU A 55 18.15 -20.29 36.21
C GLU A 55 19.18 -19.26 36.65
N ASN A 56 20.09 -18.96 35.73
CA ASN A 56 21.25 -18.13 36.00
C ASN A 56 22.06 -18.65 37.16
N GLY A 57 22.12 -19.97 37.28
CA GLY A 57 22.99 -20.62 38.25
C GLY A 57 22.81 -20.25 39.71
N TRP A 58 21.63 -19.79 40.07
CA TRP A 58 21.32 -19.53 41.47
C TRP A 58 20.78 -20.81 42.05
N VAL A 59 21.28 -21.25 43.20
CA VAL A 59 20.76 -22.47 43.80
C VAL A 59 20.02 -22.13 45.10
N TYR A 60 19.07 -22.98 45.46
CA TYR A 60 18.13 -22.69 46.51
C TYR A 60 18.26 -23.81 47.54
N ILE A 61 19.21 -23.65 48.43
CA ILE A 61 19.52 -24.69 49.40
C ILE A 61 18.59 -24.66 50.59
N THR A 62 17.81 -25.71 50.75
CA THR A 62 16.86 -25.82 51.83
C THR A 62 17.36 -26.84 52.81
N ALA A 63 17.90 -26.41 53.94
CA ALA A 63 18.40 -27.35 54.92
C ALA A 63 17.42 -27.63 56.03
N ASN A 64 16.93 -28.86 56.11
CA ASN A 64 16.05 -29.26 57.18
C ASN A 64 16.78 -29.95 58.29
N SER A 65 16.31 -29.72 59.51
CA SER A 65 16.96 -30.27 60.67
C SER A 65 15.96 -30.62 61.72
N SER A 66 16.05 -31.84 62.24
CA SER A 66 15.13 -32.30 63.26
C SER A 66 15.88 -33.00 64.37
N ARG A 67 15.44 -32.80 65.60
CA ARG A 67 16.09 -33.38 66.76
C ARG A 67 15.11 -33.78 67.83
N LEU A 68 15.42 -34.84 68.56
CA LEU A 68 14.64 -35.14 69.73
C LEU A 68 15.30 -34.49 70.91
N VAL A 69 14.57 -33.71 71.68
CA VAL A 69 15.17 -32.91 72.73
C VAL A 69 14.71 -33.30 74.12
N HIS A 70 15.65 -33.34 75.07
CA HIS A 70 15.39 -33.79 76.43
C HIS A 70 15.52 -32.65 77.43
N LEU A 71 14.61 -32.57 78.41
CA LEU A 71 14.59 -31.41 79.27
C LEU A 71 14.08 -31.65 80.66
N ASN A 72 14.86 -31.28 81.67
CA ASN A 72 14.42 -31.44 83.04
C ASN A 72 13.94 -30.14 83.63
N MET A 73 13.27 -30.25 84.77
CA MET A 73 12.73 -29.09 85.44
C MET A 73 13.87 -28.27 85.98
N PRO A 74 13.66 -26.98 86.19
CA PRO A 74 14.78 -26.15 86.65
C PRO A 74 15.26 -26.57 88.01
N GLU A 75 16.49 -26.23 88.35
CA GLU A 75 17.04 -26.51 89.68
C GLU A 75 16.18 -25.82 90.72
N SER A 76 15.76 -24.60 90.41
CA SER A 76 14.78 -23.91 91.22
C SER A 76 14.03 -23.02 90.28
N GLU A 77 12.79 -22.72 90.61
CA GLU A 77 11.93 -21.92 89.75
C GLU A 77 12.23 -20.43 89.88
N ASN A 78 13.43 -20.11 90.37
CA ASN A 78 13.77 -18.73 90.69
C ASN A 78 14.84 -18.12 89.80
N TYR A 79 14.80 -16.79 89.65
CA TYR A 79 15.87 -16.09 89.00
C TYR A 79 16.90 -15.79 90.05
N ARG A 80 18.17 -15.92 89.70
CA ARG A 80 19.24 -15.67 90.65
C ARG A 80 20.30 -14.75 90.08
N ARG A 81 20.75 -13.79 90.89
CA ARG A 81 21.94 -12.99 90.59
C ARG A 81 23.16 -13.55 91.27
N VAL A 82 24.02 -14.19 90.51
CA VAL A 82 25.19 -14.83 91.08
C VAL A 82 26.47 -14.12 90.69
N VAL A 83 27.43 -14.05 91.59
CA VAL A 83 28.73 -13.47 91.27
C VAL A 83 29.84 -14.51 91.31
N VAL A 84 30.68 -14.52 90.29
CA VAL A 84 31.88 -15.35 90.27
C VAL A 84 33.13 -14.49 90.47
N ASN A 85 34.05 -14.94 91.30
CA ASN A 85 35.22 -14.16 91.66
C ASN A 85 36.38 -15.06 92.02
N ASN A 86 37.28 -15.31 91.08
CA ASN A 86 38.38 -16.20 91.39
C ASN A 86 39.62 -15.43 91.80
N LEU A 87 39.58 -14.88 93.01
CA LEU A 87 40.76 -14.23 93.53
C LEU A 87 41.80 -15.30 93.77
N ASP A 88 41.34 -16.51 94.04
CA ASP A 88 42.23 -17.65 94.27
C ASP A 88 43.23 -17.85 93.13
N LYS A 89 42.90 -17.33 91.96
CA LYS A 89 43.79 -17.53 90.83
C LYS A 89 44.44 -16.23 90.39
N THR A 90 43.78 -15.09 90.61
CA THR A 90 44.26 -13.83 90.04
C THR A 90 45.30 -13.15 90.90
N ALA A 91 45.23 -13.38 92.20
CA ALA A 91 46.15 -12.72 93.11
C ALA A 91 47.55 -13.27 92.96
N VAL A 92 47.69 -14.25 92.09
CA VAL A 92 48.95 -14.95 91.91
C VAL A 92 50.02 -14.04 91.31
N ASN A 93 49.60 -12.97 90.64
CA ASN A 93 50.52 -12.03 89.98
C ASN A 93 51.16 -12.68 88.78
N GLY A 94 50.92 -12.13 87.60
CA GLY A 94 51.39 -12.75 86.39
C GLY A 94 50.29 -13.65 85.90
N ASN A 95 49.20 -13.67 86.65
CA ASN A 95 48.04 -14.46 86.29
C ASN A 95 46.82 -13.60 85.98
N MET A 96 47.03 -12.37 85.53
CA MET A 96 45.92 -11.46 85.26
C MET A 96 44.97 -12.00 84.21
N ALA A 97 45.54 -12.63 83.20
CA ALA A 97 44.78 -13.14 82.09
C ALA A 97 43.81 -14.26 82.46
N LEU A 98 43.91 -14.81 83.65
CA LEU A 98 43.06 -15.94 84.00
C LEU A 98 41.82 -15.49 84.74
N ASP A 99 41.50 -14.21 84.59
CA ASP A 99 40.35 -13.64 85.23
C ASP A 99 39.07 -14.30 84.76
N ASP A 100 38.22 -14.69 85.68
CA ASP A 100 36.88 -15.17 85.32
C ASP A 100 35.85 -14.33 86.03
N THR A 101 36.26 -13.20 86.61
CA THR A 101 35.40 -12.45 87.51
C THR A 101 34.27 -11.77 86.77
N HIS A 102 33.04 -12.12 87.11
CA HIS A 102 31.86 -11.56 86.46
C HIS A 102 30.60 -11.79 87.24
N ALA A 103 29.51 -11.14 86.85
CA ALA A 103 28.20 -11.34 87.49
C ALA A 103 27.19 -11.82 86.46
N GLU A 104 26.11 -12.46 86.91
CA GLU A 104 25.26 -13.27 86.02
C GLU A 104 23.84 -13.45 86.53
N ILE A 105 22.86 -13.44 85.63
CA ILE A 105 21.49 -13.77 86.01
C ILE A 105 21.17 -15.18 85.57
N VAL A 106 20.81 -16.03 86.53
CA VAL A 106 20.51 -17.42 86.23
C VAL A 106 19.01 -17.63 86.15
N THR A 107 18.54 -18.07 85.01
CA THR A 107 17.11 -18.15 84.79
C THR A 107 16.71 -19.58 84.82
N PRO A 108 15.46 -19.84 85.19
CA PRO A 108 14.92 -21.18 85.15
C PRO A 108 14.56 -21.60 83.74
N TRP A 109 14.94 -20.79 82.76
CA TRP A 109 14.60 -21.10 81.38
C TRP A 109 15.76 -21.72 80.65
N SER A 110 15.48 -22.54 79.64
CA SER A 110 16.54 -23.07 78.79
C SER A 110 16.44 -22.50 77.39
N LEU A 111 17.56 -22.47 76.69
CA LEU A 111 17.62 -21.91 75.36
C LEU A 111 17.84 -22.99 74.32
N VAL A 112 17.03 -22.95 73.28
CA VAL A 112 17.23 -23.82 72.13
C VAL A 112 17.98 -23.08 71.03
N ASP A 113 19.29 -23.23 70.97
CA ASP A 113 20.07 -22.53 69.95
C ASP A 113 20.57 -23.52 68.91
N ALA A 114 20.25 -23.24 67.64
CA ALA A 114 20.63 -24.08 66.52
C ALA A 114 21.48 -23.26 65.57
N ASN A 115 22.07 -22.23 66.15
CA ASN A 115 22.94 -21.34 65.42
C ASN A 115 24.32 -21.90 65.32
N ALA A 116 24.49 -22.90 64.46
CA ALA A 116 25.79 -23.49 64.23
C ALA A 116 25.68 -24.37 63.01
N TRP A 117 26.73 -24.35 62.19
CA TRP A 117 26.69 -25.01 60.90
C TRP A 117 26.40 -26.49 61.04
N GLY A 118 26.93 -27.09 62.08
CA GLY A 118 26.79 -28.52 62.26
C GLY A 118 25.37 -28.97 62.54
N VAL A 119 24.49 -28.03 62.82
CA VAL A 119 23.09 -28.38 63.08
C VAL A 119 22.33 -28.63 61.77
N TRP A 120 22.84 -28.07 60.69
CA TRP A 120 22.12 -28.07 59.43
C TRP A 120 22.79 -28.91 58.36
N PHE A 121 24.10 -29.05 58.40
CA PHE A 121 24.77 -29.79 57.33
C PHE A 121 25.67 -30.95 57.78
N ASN A 122 25.63 -32.06 57.05
CA ASN A 122 26.61 -33.12 57.27
C ASN A 122 27.82 -32.83 56.40
N PRO A 123 28.92 -33.57 56.59
CA PRO A 123 30.09 -33.31 55.76
C PRO A 123 29.81 -33.38 54.28
N GLY A 124 29.08 -34.38 53.84
CA GLY A 124 28.76 -34.47 52.43
C GLY A 124 28.12 -33.19 51.91
N ASP A 125 27.18 -32.64 52.65
CA ASP A 125 26.54 -31.38 52.29
C ASP A 125 27.53 -30.25 52.15
N TRP A 126 28.39 -30.12 53.13
CA TRP A 126 29.31 -29.03 53.15
C TRP A 126 30.23 -29.12 51.95
N GLN A 127 30.63 -30.34 51.59
CA GLN A 127 31.53 -30.57 50.46
C GLN A 127 30.94 -29.94 49.24
N LEU A 128 29.67 -30.26 49.01
CA LEU A 128 28.93 -29.79 47.85
C LEU A 128 28.92 -28.28 47.84
N ILE A 129 28.55 -27.71 48.99
CA ILE A 129 28.46 -26.28 49.15
C ILE A 129 29.78 -25.62 48.84
N VAL A 130 30.82 -26.10 49.49
CA VAL A 130 32.11 -25.46 49.39
C VAL A 130 32.86 -25.64 48.07
N ASN A 131 32.79 -26.82 47.49
CA ASN A 131 33.56 -27.10 46.28
C ASN A 131 32.96 -26.53 45.03
N THR A 132 31.64 -26.36 45.01
CA THR A 132 30.97 -26.05 43.75
C THR A 132 30.37 -24.66 43.75
N MET A 133 30.34 -23.98 44.88
CA MET A 133 29.69 -22.70 44.87
C MET A 133 30.49 -21.53 45.34
N SER A 134 30.22 -20.38 44.71
CA SER A 134 31.04 -19.19 44.80
C SER A 134 30.65 -18.21 45.88
N GLU A 135 29.37 -18.10 46.18
CA GLU A 135 28.97 -17.24 47.28
C GLU A 135 27.71 -17.79 47.94
N LEU A 136 27.26 -17.18 49.02
CA LEU A 136 26.20 -17.78 49.82
C LEU A 136 25.36 -16.70 50.50
N HIS A 137 24.05 -16.73 50.26
CA HIS A 137 23.10 -15.80 50.89
C HIS A 137 22.24 -16.46 51.92
N LEU A 138 21.94 -15.70 52.95
CA LEU A 138 21.11 -16.22 54.00
C LEU A 138 19.71 -15.75 53.71
N VAL A 139 18.78 -16.67 53.50
CA VAL A 139 17.45 -16.28 53.04
C VAL A 139 16.35 -16.27 54.10
N SER A 140 16.11 -17.39 54.75
CA SER A 140 14.99 -17.51 55.69
C SER A 140 15.23 -18.56 56.78
N PHE A 141 14.45 -18.48 57.86
CA PHE A 141 14.59 -19.41 58.97
C PHE A 141 13.29 -19.56 59.71
N GLU A 142 12.86 -20.80 59.87
CA GLU A 142 11.65 -21.13 60.61
C GLU A 142 11.83 -22.39 61.43
N GLN A 143 11.06 -22.53 62.51
CA GLN A 143 11.18 -23.69 63.38
C GLN A 143 9.89 -23.98 64.11
N GLU A 144 9.71 -25.24 64.49
CA GLU A 144 8.56 -25.67 65.28
C GLU A 144 8.91 -26.75 66.31
N ILE A 145 8.03 -26.91 67.29
CA ILE A 145 8.21 -27.89 68.35
C ILE A 145 7.03 -28.83 68.39
N PHE A 146 7.25 -30.14 68.35
CA PHE A 146 6.11 -31.05 68.28
C PHE A 146 6.30 -32.38 68.99
N ASN A 147 5.20 -33.14 69.04
CA ASN A 147 5.14 -34.39 69.77
C ASN A 147 5.70 -34.21 71.15
N VAL A 148 5.17 -33.22 71.83
CA VAL A 148 5.56 -32.93 73.19
C VAL A 148 5.16 -34.07 74.10
N VAL A 149 6.04 -34.44 75.02
CA VAL A 149 5.74 -35.50 75.99
C VAL A 149 6.13 -35.08 77.37
N LEU A 150 5.30 -35.36 78.36
CA LEU A 150 5.72 -35.12 79.74
C LEU A 150 5.56 -36.36 80.59
N LYS A 151 6.63 -36.71 81.31
CA LYS A 151 6.63 -37.85 82.20
C LYS A 151 7.13 -37.45 83.58
N THR A 152 6.57 -38.07 84.62
CA THR A 152 7.01 -37.87 86.00
C THR A 152 7.75 -39.09 86.46
N VAL A 153 8.82 -38.90 87.23
CA VAL A 153 9.56 -40.04 87.72
C VAL A 153 8.79 -40.61 88.89
N SER A 154 9.30 -40.44 90.11
CA SER A 154 8.59 -40.90 91.27
C SER A 154 8.28 -42.38 91.06
N GLU A 155 9.20 -43.34 91.23
CA GLU A 155 10.42 -43.43 92.06
C GLU A 155 10.11 -44.64 92.91
N SER A 156 11.16 -45.26 93.43
CA SER A 156 11.03 -46.11 94.60
C SER A 156 9.84 -47.08 94.58
N ALA A 157 9.83 -48.02 93.64
CA ALA A 157 8.73 -48.98 93.60
C ALA A 157 9.07 -50.20 92.76
N THR A 158 9.44 -51.33 93.37
CA THR A 158 9.67 -51.50 94.81
C THR A 158 10.66 -52.67 95.01
N GLN A 159 11.41 -52.62 96.12
CA GLN A 159 12.61 -53.45 96.42
C GLN A 159 13.57 -53.67 95.22
N PRO A 160 14.84 -53.93 95.52
CA PRO A 160 16.12 -53.36 95.07
C PRO A 160 16.37 -51.83 95.00
N PRO A 161 15.38 -50.92 94.85
CA PRO A 161 13.94 -50.79 94.62
C PRO A 161 13.58 -50.23 93.24
N THR A 162 14.59 -49.83 92.47
CA THR A 162 14.42 -49.30 91.10
C THR A 162 13.53 -48.06 91.00
N LYS A 163 13.52 -47.45 89.83
CA LYS A 163 12.78 -46.21 89.59
C LYS A 163 11.75 -46.45 88.50
N VAL A 164 10.66 -45.67 88.48
CA VAL A 164 9.61 -45.91 87.49
C VAL A 164 9.04 -44.60 86.93
N TYR A 165 8.84 -44.59 85.62
CA TYR A 165 8.44 -43.39 84.91
C TYR A 165 7.06 -43.46 84.26
N ASN A 166 6.18 -42.55 84.65
CA ASN A 166 4.83 -42.53 84.12
C ASN A 166 4.56 -41.26 83.34
N ASN A 167 3.60 -41.30 82.43
CA ASN A 167 3.17 -40.11 81.73
C ASN A 167 2.35 -39.22 82.64
N ASP A 168 2.57 -37.91 82.59
CA ASP A 168 1.58 -36.96 83.11
C ASP A 168 0.91 -36.32 81.93
N LEU A 169 -0.27 -36.83 81.56
CA LEU A 169 -0.91 -36.39 80.33
C LEU A 169 -1.34 -34.92 80.38
N THR A 170 -1.83 -34.49 81.52
CA THR A 170 -2.32 -33.13 81.66
C THR A 170 -1.20 -32.10 81.85
N ALA A 171 0.05 -32.55 81.93
CA ALA A 171 1.20 -31.65 82.19
C ALA A 171 1.59 -30.80 80.99
N SER A 172 2.25 -29.68 81.25
CA SER A 172 2.52 -28.72 80.20
C SER A 172 3.98 -28.37 80.05
N LEU A 173 4.40 -28.08 78.82
CA LEU A 173 5.72 -27.56 78.51
C LEU A 173 5.66 -26.10 78.08
N MET A 174 6.38 -25.23 78.76
CA MET A 174 6.29 -23.81 78.45
C MET A 174 7.23 -23.49 77.30
N VAL A 175 6.75 -22.80 76.28
CA VAL A 175 7.59 -22.38 75.16
C VAL A 175 7.37 -20.90 75.01
N ALA A 176 8.45 -20.17 74.83
CA ALA A 176 8.36 -18.73 74.66
C ALA A 176 9.34 -18.27 73.62
N LEU A 177 8.87 -17.47 72.69
CA LEU A 177 9.70 -16.99 71.60
C LEU A 177 9.88 -15.51 71.66
N ASP A 178 11.10 -15.07 71.89
CA ASP A 178 11.39 -13.66 72.08
C ASP A 178 11.50 -13.00 70.74
N SER A 179 10.38 -12.87 70.04
CA SER A 179 10.47 -12.46 68.65
C SER A 179 10.81 -11.00 68.47
N ASN A 180 10.70 -10.22 69.54
CA ASN A 180 11.06 -8.81 69.44
C ASN A 180 12.51 -8.52 69.78
N ASN A 181 13.27 -9.57 70.05
CA ASN A 181 14.63 -9.45 70.57
C ASN A 181 14.70 -8.45 71.72
N THR A 182 13.81 -8.63 72.69
CA THR A 182 13.79 -7.82 73.89
C THR A 182 14.98 -8.16 74.78
N MET A 183 15.45 -9.38 74.64
CA MET A 183 16.35 -9.93 75.64
C MET A 183 17.77 -10.15 75.13
N PRO A 184 18.74 -10.17 76.04
CA PRO A 184 20.16 -10.16 75.67
C PRO A 184 20.53 -11.29 74.76
N PHE A 185 21.32 -10.98 73.75
CA PHE A 185 21.65 -11.98 72.77
C PHE A 185 22.71 -12.87 73.35
N THR A 186 22.45 -14.17 73.39
CA THR A 186 23.42 -15.13 73.90
C THR A 186 23.57 -16.32 73.00
N PRO A 187 24.33 -16.18 71.94
CA PRO A 187 24.60 -17.28 71.03
C PRO A 187 25.36 -18.40 71.73
N ALA A 188 24.82 -19.60 71.62
CA ALA A 188 25.38 -20.71 72.36
C ALA A 188 26.58 -21.31 71.69
N ALA A 189 26.85 -20.90 70.47
CA ALA A 189 27.95 -21.51 69.74
C ALA A 189 29.29 -21.19 70.40
N MET A 190 29.34 -20.10 71.15
CA MET A 190 30.58 -19.61 71.75
C MET A 190 31.05 -20.46 72.88
N ARG A 191 30.15 -21.26 73.41
CA ARG A 191 30.43 -22.10 74.55
C ARG A 191 30.21 -23.53 74.16
N SER A 192 30.13 -23.75 72.85
CA SER A 192 29.81 -25.05 72.26
C SER A 192 28.61 -25.68 72.91
N GLU A 193 27.52 -24.93 72.96
CA GLU A 193 26.32 -25.37 73.67
C GLU A 193 25.04 -25.25 72.84
N THR A 194 25.15 -25.53 71.54
CA THR A 194 24.00 -25.54 70.68
C THR A 194 23.37 -26.91 70.66
N LEU A 195 22.50 -27.15 69.69
CA LEU A 195 21.92 -28.46 69.55
C LEU A 195 22.93 -29.44 68.97
N GLY A 196 22.66 -30.71 69.11
CA GLY A 196 23.55 -31.76 68.61
C GLY A 196 23.77 -31.75 67.11
N PHE A 197 24.89 -32.28 66.67
CA PHE A 197 25.18 -32.27 65.26
C PHE A 197 24.79 -33.55 64.59
N TYR A 198 24.22 -34.46 65.35
CA TYR A 198 23.84 -35.75 64.79
C TYR A 198 22.34 -35.89 64.87
N PRO A 199 21.71 -36.21 63.73
CA PRO A 199 20.27 -36.39 63.64
C PRO A 199 19.72 -37.56 64.46
N TRP A 200 20.44 -38.67 64.51
CA TRP A 200 19.88 -39.86 65.12
C TRP A 200 20.21 -39.91 66.60
N LYS A 201 20.92 -38.90 67.09
CA LYS A 201 21.24 -38.81 68.49
C LYS A 201 20.50 -37.65 69.15
N PRO A 202 19.78 -37.94 70.23
CA PRO A 202 19.04 -36.92 70.98
C PRO A 202 19.94 -35.83 71.49
N THR A 203 19.35 -34.75 71.97
CA THR A 203 20.12 -33.59 72.38
C THR A 203 19.39 -32.85 73.48
N ILE A 204 19.86 -31.67 73.81
CA ILE A 204 19.32 -30.91 74.92
C ILE A 204 19.46 -29.44 74.65
N PRO A 205 18.64 -28.63 75.30
CA PRO A 205 18.91 -27.20 75.31
C PRO A 205 19.96 -26.89 76.35
N THR A 206 20.30 -25.63 76.56
CA THR A 206 21.18 -25.27 77.66
C THR A 206 20.51 -24.26 78.53
N PRO A 207 20.75 -24.34 79.83
CA PRO A 207 20.12 -23.43 80.78
C PRO A 207 20.46 -22.01 80.41
N TRP A 208 19.46 -21.15 80.34
CA TRP A 208 19.70 -19.80 79.91
C TRP A 208 20.18 -18.92 81.06
N ARG A 209 21.09 -18.01 80.76
CA ARG A 209 21.75 -17.17 81.75
C ARG A 209 22.28 -15.97 81.00
N TYR A 210 22.43 -14.81 81.63
CA TYR A 210 22.98 -13.65 80.92
C TYR A 210 23.77 -12.68 81.79
N TYR A 211 24.51 -11.78 81.18
CA TYR A 211 25.37 -10.89 81.93
C TYR A 211 24.62 -9.78 82.68
N PHE A 212 24.97 -9.61 83.94
CA PHE A 212 24.41 -8.57 84.79
C PHE A 212 25.58 -7.61 85.16
N GLN A 213 25.34 -6.31 85.26
CA GLN A 213 26.46 -5.37 85.32
C GLN A 213 27.31 -5.49 86.58
N TRP A 214 28.61 -5.28 86.43
CA TRP A 214 29.51 -5.25 87.58
C TRP A 214 30.71 -4.35 87.29
N ASP A 215 31.14 -3.58 88.29
CA ASP A 215 32.41 -2.83 88.25
C ASP A 215 33.54 -3.72 88.74
N ARG A 216 34.77 -3.48 88.29
CA ARG A 216 35.86 -4.41 88.57
C ARG A 216 37.20 -3.82 88.17
N THR A 217 38.18 -3.85 89.07
CA THR A 217 39.51 -3.36 88.75
C THR A 217 40.51 -4.48 88.95
N LEU A 218 41.45 -4.60 88.03
CA LEU A 218 42.51 -5.56 88.21
C LEU A 218 43.77 -4.99 87.60
N ILE A 219 44.74 -4.66 88.46
CA ILE A 219 46.02 -4.14 88.00
C ILE A 219 46.95 -5.29 87.68
N PRO A 220 47.53 -5.27 86.47
CA PRO A 220 48.41 -6.34 86.03
C PRO A 220 49.73 -6.36 86.80
N SER A 221 50.46 -7.46 86.64
CA SER A 221 51.68 -7.69 87.40
C SER A 221 52.46 -8.83 86.78
N HIS A 222 53.67 -9.08 87.29
CA HIS A 222 54.47 -10.23 86.86
C HIS A 222 54.91 -11.00 88.08
N THR A 223 55.63 -12.09 87.86
CA THR A 223 56.06 -12.97 88.93
C THR A 223 56.95 -12.25 89.92
N GLY A 224 57.80 -11.37 89.40
CA GLY A 224 58.70 -10.62 90.26
C GLY A 224 58.02 -9.61 91.14
N THR A 225 56.93 -9.00 90.65
CA THR A 225 56.26 -7.97 91.41
C THR A 225 55.82 -8.54 92.76
N SER A 226 56.24 -7.92 93.85
CA SER A 226 55.66 -8.30 95.14
C SER A 226 54.83 -7.18 95.73
N GLY A 227 54.22 -7.49 96.87
CA GLY A 227 53.21 -6.64 97.44
C GLY A 227 51.98 -7.14 96.72
N THR A 228 50.83 -6.51 96.92
CA THR A 228 49.62 -6.98 96.27
C THR A 228 49.03 -5.96 95.31
N PRO A 229 49.11 -6.26 94.00
CA PRO A 229 48.50 -5.35 93.04
C PRO A 229 47.02 -5.33 93.32
N THR A 230 46.41 -4.16 93.35
CA THR A 230 45.02 -4.06 93.77
C THR A 230 44.14 -4.88 92.82
N ASN A 231 43.27 -5.73 93.40
CA ASN A 231 42.44 -6.69 92.67
C ASN A 231 41.07 -6.78 93.32
N ILE A 232 40.18 -5.87 92.96
CA ILE A 232 38.95 -5.68 93.71
C ILE A 232 37.71 -5.80 92.83
N TYR A 233 36.59 -6.22 93.42
CA TYR A 233 35.28 -6.25 92.78
C TYR A 233 34.47 -5.14 93.39
N HIS A 234 34.30 -4.04 92.67
CA HIS A 234 33.70 -2.86 93.27
C HIS A 234 32.21 -2.99 93.56
N GLY A 235 31.47 -3.71 92.74
CA GLY A 235 30.04 -3.88 92.98
C GLY A 235 29.20 -3.70 91.73
N THR A 236 28.16 -2.87 91.81
CA THR A 236 27.24 -2.72 90.69
C THR A 236 26.80 -1.28 90.51
N ASP A 237 27.09 -0.73 89.33
CA ASP A 237 26.69 0.63 88.94
C ASP A 237 25.18 0.62 88.72
N PRO A 238 24.40 1.26 89.61
CA PRO A 238 22.94 1.18 89.56
C PRO A 238 22.36 1.69 88.26
N ASP A 239 23.11 2.57 87.62
CA ASP A 239 22.68 3.19 86.39
C ASP A 239 22.72 2.21 85.23
N ASP A 240 23.23 1.01 85.47
CA ASP A 240 23.45 0.03 84.43
C ASP A 240 22.72 -1.28 84.73
N VAL A 241 21.78 -1.25 85.67
CA VAL A 241 21.11 -2.49 86.06
C VAL A 241 20.00 -2.86 85.11
N GLN A 242 20.11 -4.05 84.52
CA GLN A 242 19.03 -4.55 83.72
C GLN A 242 18.69 -6.00 84.04
N PHE A 243 17.58 -6.19 84.76
CA PHE A 243 17.05 -7.51 85.13
C PHE A 243 15.90 -7.89 84.23
N TYR A 244 16.10 -8.86 83.36
CA TYR A 244 15.06 -9.27 82.44
C TYR A 244 14.37 -10.52 82.94
N THR A 245 13.07 -10.64 82.67
CA THR A 245 12.40 -11.93 82.83
C THR A 245 11.68 -12.26 81.55
N ILE A 246 11.63 -13.55 81.25
CA ILE A 246 10.85 -14.05 80.15
C ILE A 246 9.42 -13.65 80.39
N GLU A 247 8.97 -13.87 81.61
CA GLU A 247 7.57 -13.75 81.92
C GLU A 247 6.99 -12.37 81.62
N ASN A 248 7.77 -11.31 81.82
CA ASN A 248 7.28 -9.96 81.56
C ASN A 248 7.52 -9.44 80.16
N SER A 249 8.23 -10.21 79.35
CA SER A 249 8.61 -9.75 78.02
C SER A 249 7.94 -10.53 76.92
N VAL A 250 7.72 -11.82 77.14
CA VAL A 250 7.32 -12.69 76.05
C VAL A 250 6.03 -13.45 76.31
N PRO A 251 5.20 -13.58 75.30
CA PRO A 251 4.05 -14.45 75.53
C PRO A 251 4.49 -15.90 75.62
N VAL A 252 4.01 -16.62 76.63
CA VAL A 252 4.37 -18.03 76.77
C VAL A 252 3.21 -18.93 76.39
N HIS A 253 3.51 -19.94 75.59
CA HIS A 253 2.53 -20.91 75.18
C HIS A 253 2.64 -22.18 76.03
N LEU A 254 1.52 -22.71 76.49
CA LEU A 254 1.56 -23.97 77.21
C LEU A 254 1.24 -25.09 76.27
N LEU A 255 2.17 -26.02 76.08
CA LEU A 255 1.95 -27.15 75.19
C LEU A 255 1.75 -28.44 75.94
N ARG A 256 0.60 -29.10 75.78
CA ARG A 256 0.45 -30.47 76.28
C ARG A 256 0.77 -31.44 75.16
N THR A 257 0.52 -32.72 75.36
CA THR A 257 0.96 -33.72 74.40
C THR A 257 0.44 -33.45 73.01
N GLY A 258 -0.83 -33.10 72.93
CA GLY A 258 -1.48 -32.88 71.65
C GLY A 258 -1.24 -31.52 71.03
N ASP A 259 -0.50 -30.65 71.70
CA ASP A 259 -0.23 -29.33 71.17
C ASP A 259 1.07 -29.29 70.35
N GLU A 260 1.17 -28.27 69.49
CA GLU A 260 2.36 -28.03 68.70
C GLU A 260 2.58 -26.52 68.60
N PHE A 261 3.83 -26.10 68.40
CA PHE A 261 4.13 -24.68 68.26
C PHE A 261 5.05 -24.40 67.10
N ALA A 262 4.62 -23.49 66.23
CA ALA A 262 5.40 -23.14 65.05
C ALA A 262 5.61 -21.66 65.02
N THR A 263 6.77 -21.22 64.54
CA THR A 263 7.06 -19.78 64.41
C THR A 263 6.66 -19.38 63.01
N GLY A 264 6.72 -18.11 62.69
CA GLY A 264 6.46 -17.73 61.32
C GLY A 264 7.66 -18.14 60.49
N THR A 265 7.83 -17.52 59.33
CA THR A 265 9.09 -17.61 58.63
C THR A 265 9.86 -16.30 58.67
N PHE A 266 11.03 -16.29 59.28
CA PHE A 266 11.83 -15.07 59.37
C PHE A 266 12.69 -14.89 58.14
N PHE A 267 12.60 -13.71 57.52
CA PHE A 267 13.39 -13.42 56.33
C PHE A 267 14.55 -12.51 56.59
N PHE A 268 15.74 -12.96 56.21
CA PHE A 268 16.95 -12.23 56.51
C PHE A 268 17.20 -11.12 55.52
N ASP A 269 18.15 -10.26 55.85
CA ASP A 269 18.79 -9.43 54.86
C ASP A 269 20.21 -9.16 55.34
N CYS A 270 21.17 -9.68 54.59
CA CYS A 270 22.58 -9.49 54.92
C CYS A 270 23.42 -9.47 53.65
N LYS A 271 24.71 -9.21 53.82
CA LYS A 271 25.60 -9.24 52.68
C LYS A 271 25.82 -10.68 52.34
N PRO A 272 26.25 -10.97 51.12
CA PRO A 272 26.60 -12.35 50.79
C PRO A 272 27.91 -12.78 51.42
N CYS A 273 28.01 -14.05 51.77
CA CYS A 273 29.26 -14.58 52.24
C CYS A 273 29.96 -15.25 51.08
N ARG A 274 31.24 -14.98 50.91
CA ARG A 274 31.92 -15.49 49.75
C ARG A 274 32.67 -16.77 50.06
N LEU A 275 32.75 -17.70 49.12
CA LEU A 275 33.45 -18.95 49.40
C LEU A 275 34.73 -19.10 48.62
N THR A 276 35.44 -17.99 48.46
CA THR A 276 36.74 -17.98 47.79
C THR A 276 37.74 -17.19 48.61
N HIS A 277 38.98 -17.63 48.62
CA HIS A 277 40.00 -16.96 49.39
C HIS A 277 40.88 -16.11 48.51
N THR A 278 41.37 -15.01 49.04
CA THR A 278 42.25 -14.19 48.25
C THR A 278 43.66 -14.55 48.62
N TRP A 279 44.55 -14.61 47.64
CA TRP A 279 45.89 -15.04 47.94
C TRP A 279 46.91 -13.95 47.85
N GLN A 280 46.51 -12.81 47.32
CA GLN A 280 47.45 -11.75 47.04
C GLN A 280 47.67 -10.85 48.24
N THR A 281 48.94 -10.62 48.56
CA THR A 281 49.34 -9.61 49.53
C THR A 281 49.81 -8.47 48.71
N ASN A 282 50.19 -7.38 49.34
CA ASN A 282 50.64 -6.24 48.58
C ASN A 282 51.71 -6.58 47.55
N ARG A 283 52.54 -7.55 47.85
CA ARG A 283 53.72 -7.81 47.02
C ARG A 283 53.37 -8.42 45.70
N ALA A 284 52.09 -8.67 45.49
CA ALA A 284 51.61 -9.25 44.24
C ALA A 284 50.40 -8.52 43.70
N LEU A 285 50.46 -7.19 43.68
CA LEU A 285 49.38 -6.39 43.16
C LEU A 285 49.88 -5.61 41.97
N GLY A 286 49.36 -5.88 40.80
CA GLY A 286 49.60 -5.00 39.68
C GLY A 286 50.58 -5.48 38.67
N LEU A 287 51.20 -4.56 37.97
CA LEU A 287 52.06 -4.96 36.89
C LEU A 287 53.43 -5.32 37.39
N PRO A 288 53.83 -6.58 37.18
CA PRO A 288 55.19 -7.02 37.51
C PRO A 288 56.26 -6.29 36.69
N PRO A 289 57.48 -6.18 37.23
CA PRO A 289 58.53 -5.45 36.53
C PRO A 289 58.99 -6.19 35.32
N PHE A 290 59.25 -5.49 34.23
CA PHE A 290 59.64 -6.18 33.02
C PHE A 290 60.96 -6.86 33.22
N LEU A 291 61.03 -8.14 32.87
CA LEU A 291 62.27 -8.90 32.97
C LEU A 291 63.05 -8.81 31.68
N ASN A 292 64.26 -8.26 31.74
CA ASN A 292 65.07 -8.19 30.54
C ASN A 292 65.88 -9.44 30.31
N SER A 293 65.96 -10.30 31.31
CA SER A 293 66.72 -11.52 31.14
C SER A 293 65.96 -12.75 31.63
N LEU A 294 65.44 -13.52 30.68
CA LEU A 294 64.71 -14.72 30.97
C LEU A 294 65.60 -15.95 30.90
N PRO A 295 65.29 -16.98 31.70
CA PRO A 295 66.04 -18.23 31.82
C PRO A 295 66.09 -18.95 30.49
N GLN A 296 67.06 -19.83 30.31
CA GLN A 296 67.20 -20.52 29.04
C GLN A 296 67.33 -22.03 29.16
N SER A 297 67.22 -22.54 30.39
CA SER A 297 67.11 -23.97 30.65
C SER A 297 66.26 -24.21 31.89
N GLU A 298 65.57 -25.33 31.95
CA GLU A 298 64.66 -25.57 33.07
C GLU A 298 65.41 -25.83 34.36
N GLY A 299 64.71 -25.69 35.48
CA GLY A 299 65.31 -26.02 36.75
C GLY A 299 64.92 -25.15 37.92
N GLY A 300 65.62 -25.37 39.02
CA GLY A 300 65.21 -24.84 40.30
C GLY A 300 65.93 -23.59 40.70
N THR A 301 66.99 -23.26 39.98
CA THR A 301 67.72 -22.03 40.24
C THR A 301 68.03 -21.27 38.97
N ASN A 302 67.35 -21.62 37.88
CA ASN A 302 67.47 -20.85 36.65
C ASN A 302 66.54 -19.67 36.71
N PHE A 303 66.90 -18.68 37.52
CA PHE A 303 66.08 -17.50 37.74
C PHE A 303 66.09 -16.55 36.57
N GLY A 304 65.09 -15.69 36.51
CA GLY A 304 65.11 -14.58 35.58
C GLY A 304 65.53 -13.34 36.33
N TYR A 305 66.07 -12.36 35.63
CA TYR A 305 66.55 -11.15 36.27
C TYR A 305 65.94 -9.93 35.63
N ILE A 306 65.50 -8.97 36.46
CA ILE A 306 64.92 -7.73 35.96
C ILE A 306 65.85 -7.03 34.98
N GLY A 307 67.09 -6.87 35.41
CA GLY A 307 68.11 -6.37 34.52
C GLY A 307 68.18 -4.87 34.46
N VAL A 308 67.80 -4.20 35.53
CA VAL A 308 68.02 -2.77 35.62
C VAL A 308 68.46 -2.36 37.01
N GLN A 309 69.45 -1.47 37.09
CA GLN A 309 69.93 -1.02 38.39
C GLN A 309 68.79 -0.49 39.20
N GLN A 310 68.74 -0.90 40.46
CA GLN A 310 67.60 -0.57 41.30
C GLN A 310 67.36 0.91 41.44
N ASP A 311 68.38 1.72 41.23
CA ASP A 311 68.24 3.17 41.36
C ASP A 311 68.12 3.88 40.02
N LYS A 312 68.04 3.10 38.95
CA LYS A 312 67.90 3.67 37.64
C LYS A 312 66.58 3.24 37.04
N ARG A 313 65.63 2.89 37.88
CA ARG A 313 64.40 2.32 37.38
C ARG A 313 63.27 3.32 37.23
N ARG A 314 62.32 2.98 36.37
CA ARG A 314 61.15 3.81 36.17
C ARG A 314 59.99 3.28 36.98
N GLY A 315 59.16 4.19 37.49
CA GLY A 315 58.01 3.85 38.31
C GLY A 315 57.72 4.79 39.46
N VAL A 316 56.79 4.40 40.33
CA VAL A 316 56.32 5.27 41.40
C VAL A 316 56.47 4.67 42.79
N THR A 317 57.05 5.44 43.71
CA THR A 317 57.08 4.97 45.07
C THR A 317 56.64 6.09 45.98
N GLN A 318 56.42 5.75 47.24
CA GLN A 318 56.03 6.72 48.23
C GLN A 318 57.21 7.07 49.12
N MET A 319 58.39 6.96 48.56
CA MET A 319 59.62 7.29 49.27
C MET A 319 60.34 8.49 48.64
N GLY A 320 60.04 9.70 49.12
CA GLY A 320 60.58 10.91 48.52
C GLY A 320 62.08 11.05 48.41
N ASN A 321 62.84 10.32 49.23
CA ASN A 321 64.30 10.37 49.21
C ASN A 321 64.94 9.59 48.10
N THR A 322 65.00 8.27 48.25
CA THR A 322 65.81 7.48 47.35
C THR A 322 65.20 7.25 45.99
N ASN A 323 66.05 6.83 45.07
CA ASN A 323 65.63 6.49 43.74
C ASN A 323 65.52 5.00 43.57
N TYR A 324 65.63 4.29 44.67
CA TYR A 324 65.45 2.86 44.62
C TYR A 324 64.00 2.52 44.33
N ILE A 325 63.78 1.65 43.35
CA ILE A 325 62.45 1.10 43.12
C ILE A 325 62.53 -0.42 43.11
N THR A 326 62.25 -1.02 44.26
CA THR A 326 62.31 -2.45 44.39
C THR A 326 60.93 -2.91 44.75
N GLU A 327 60.70 -4.21 44.64
CA GLU A 327 59.37 -4.75 44.89
C GLU A 327 58.82 -4.39 46.26
N ALA A 328 59.68 -4.22 47.26
CA ALA A 328 59.17 -3.88 48.58
C ALA A 328 58.96 -2.41 48.73
N THR A 329 59.43 -1.67 47.73
CA THR A 329 59.44 -0.22 47.76
C THR A 329 58.37 0.41 46.89
N ILE A 330 58.13 -0.23 45.75
CA ILE A 330 57.21 0.23 44.73
C ILE A 330 55.82 0.48 45.30
N MET A 331 55.18 1.56 44.90
CA MET A 331 53.87 1.89 45.40
C MET A 331 52.88 0.79 45.11
N ARG A 332 51.92 0.60 46.01
CA ARG A 332 50.78 -0.26 45.73
C ARG A 332 49.57 0.62 46.00
N PRO A 333 48.43 0.32 45.38
CA PRO A 333 47.23 1.16 45.44
C PRO A 333 46.65 1.35 46.83
N ALA A 334 46.73 0.33 47.68
CA ALA A 334 46.29 0.43 49.06
C ALA A 334 46.98 -0.63 49.89
N GLU A 335 46.41 -1.03 51.01
CA GLU A 335 47.08 -2.02 51.84
C GLU A 335 46.18 -3.14 52.25
N VAL A 336 46.59 -4.36 51.93
CA VAL A 336 45.83 -5.56 52.22
C VAL A 336 46.14 -6.11 53.57
N GLY A 337 45.15 -6.19 54.43
CA GLY A 337 45.35 -6.71 55.77
C GLY A 337 45.92 -5.63 56.65
N TYR A 338 46.12 -5.93 57.94
CA TYR A 338 46.63 -4.91 58.82
C TYR A 338 47.34 -5.52 60.00
N SER A 339 48.25 -4.76 60.61
CA SER A 339 48.97 -5.22 61.78
C SER A 339 48.30 -4.75 63.03
N ALA A 340 48.11 -5.65 64.00
CA ALA A 340 47.39 -5.32 65.22
C ALA A 340 48.10 -5.87 66.43
N PRO A 341 47.92 -5.23 67.58
CA PRO A 341 48.59 -5.64 68.80
C PRO A 341 48.33 -7.07 69.24
N TYR A 342 49.35 -7.68 69.81
CA TYR A 342 49.22 -9.06 70.24
C TYR A 342 50.28 -9.40 71.28
N TYR A 343 49.94 -10.14 72.33
CA TYR A 343 48.57 -10.43 72.77
C TYR A 343 48.05 -9.26 73.61
N SER A 344 47.32 -8.31 73.02
CA SER A 344 47.03 -7.14 73.80
C SER A 344 45.85 -7.38 74.67
N PHE A 345 45.92 -6.97 75.92
CA PHE A 345 44.74 -6.98 76.76
C PHE A 345 44.41 -5.54 77.13
N GLU A 346 43.14 -5.19 77.04
CA GLU A 346 42.69 -3.84 77.35
C GLU A 346 41.67 -3.90 78.42
N ALA A 347 41.44 -2.79 79.09
CA ALA A 347 40.58 -2.85 80.25
C ALA A 347 39.61 -1.72 80.37
N SER A 348 38.38 -2.08 80.70
CA SER A 348 37.38 -1.08 81.00
C SER A 348 36.48 -1.55 82.10
N THR A 349 35.64 -0.63 82.57
CA THR A 349 34.62 -0.82 83.60
C THR A 349 34.54 -2.18 84.27
N GLN A 350 34.60 -3.25 83.48
CA GLN A 350 34.32 -4.57 84.01
C GLN A 350 35.51 -5.50 83.98
N GLY A 351 36.69 -4.97 83.73
CA GLY A 351 37.85 -5.82 83.79
C GLY A 351 38.51 -5.86 82.45
N PRO A 352 39.54 -6.68 82.33
CA PRO A 352 40.36 -6.81 81.14
C PRO A 352 39.85 -7.86 80.17
N PHE A 353 40.19 -7.68 78.89
CA PHE A 353 39.80 -8.58 77.83
C PHE A 353 40.79 -8.51 76.68
N LYS A 354 40.93 -9.61 75.96
CA LYS A 354 41.86 -9.63 74.83
C LYS A 354 41.37 -8.70 73.73
N THR A 355 42.31 -8.14 73.01
CA THR A 355 42.01 -7.37 71.82
C THR A 355 41.92 -8.29 70.62
N PRO A 356 40.79 -8.27 69.90
CA PRO A 356 40.50 -9.14 68.78
C PRO A 356 41.14 -8.77 67.44
N ILE A 357 41.39 -9.77 66.62
CA ILE A 357 42.08 -9.55 65.36
C ILE A 357 41.18 -10.01 64.21
N ALA A 358 41.29 -9.34 63.07
CA ALA A 358 40.45 -9.64 61.92
C ALA A 358 41.13 -10.59 60.98
N ALA A 359 42.31 -10.22 60.52
CA ALA A 359 42.92 -10.83 59.36
C ALA A 359 43.32 -12.33 59.49
N GLY A 360 44.35 -12.73 58.74
CA GLY A 360 44.91 -14.07 58.80
C GLY A 360 44.54 -14.79 57.53
N ARG A 361 45.36 -15.69 56.97
CA ARG A 361 46.70 -16.08 57.46
C ARG A 361 47.78 -15.20 56.89
N GLY A 362 48.88 -15.06 57.62
CA GLY A 362 49.94 -14.20 57.15
C GLY A 362 51.31 -14.81 56.98
N GLY A 363 51.54 -15.93 57.67
CA GLY A 363 52.83 -16.57 57.60
C GLY A 363 53.05 -17.38 56.35
N ALA A 364 54.32 -17.62 56.04
CA ALA A 364 54.72 -18.37 54.85
C ALA A 364 54.50 -19.86 55.08
N GLN A 365 55.41 -20.66 54.55
CA GLN A 365 55.24 -22.11 54.51
C GLN A 365 55.26 -22.71 55.92
N THR A 366 54.11 -23.26 56.31
CA THR A 366 53.95 -23.99 57.56
C THR A 366 54.35 -23.22 58.82
N ASP A 367 54.46 -21.90 58.71
CA ASP A 367 54.81 -21.11 59.87
C ASP A 367 53.93 -19.88 59.92
N GLU A 368 53.27 -19.66 61.04
CA GLU A 368 52.37 -18.56 61.10
C GLU A 368 52.66 -17.67 62.28
N ASN A 369 51.61 -17.17 62.88
CA ASN A 369 51.74 -16.42 64.11
C ASN A 369 50.35 -16.27 64.65
N GLN A 370 49.78 -17.41 64.95
CA GLN A 370 48.40 -17.61 65.38
C GLN A 370 47.80 -16.55 66.29
N ALA A 371 48.58 -15.56 66.69
CA ALA A 371 48.11 -14.58 67.62
C ALA A 371 48.15 -13.25 66.94
N ALA A 372 49.12 -13.07 66.05
CA ALA A 372 49.22 -11.87 65.26
C ALA A 372 48.15 -11.85 64.18
N ASP A 373 47.71 -13.02 63.76
CA ASP A 373 46.64 -13.19 62.80
C ASP A 373 45.32 -13.37 63.51
N GLY A 374 45.39 -13.94 64.70
CA GLY A 374 44.24 -14.11 65.56
C GLY A 374 43.40 -15.30 65.16
N ASP A 375 44.06 -16.38 64.79
CA ASP A 375 43.34 -17.55 64.33
C ASP A 375 42.65 -18.19 65.49
N PRO A 376 41.36 -18.46 65.34
CA PRO A 376 40.47 -18.95 66.39
C PRO A 376 40.68 -20.41 66.74
N ARG A 377 40.46 -20.74 67.99
CA ARG A 377 40.69 -22.09 68.47
C ARG A 377 39.42 -22.62 69.15
N TYR A 378 38.90 -23.75 68.64
CA TYR A 378 37.59 -24.22 69.06
C TYR A 378 37.71 -25.44 69.99
N ALA A 379 37.02 -25.40 71.12
CA ALA A 379 37.02 -26.55 72.03
C ALA A 379 35.61 -27.00 72.31
N PHE A 380 35.36 -28.29 72.17
CA PHE A 380 34.02 -28.84 72.14
C PHE A 380 33.96 -30.30 72.54
N GLY A 381 32.75 -30.83 72.73
CA GLY A 381 32.66 -32.17 73.27
C GLY A 381 31.59 -33.08 72.75
N ARG A 382 32.02 -34.25 72.29
CA ARG A 382 31.16 -35.36 71.87
C ARG A 382 29.90 -35.02 71.10
N GLN A 383 29.04 -34.22 71.70
CA GLN A 383 27.85 -33.72 71.03
C GLN A 383 28.17 -32.93 69.77
N HIS A 384 29.34 -32.30 69.72
CA HIS A 384 29.61 -31.38 68.64
C HIS A 384 30.86 -31.69 67.89
N GLY A 385 31.23 -32.96 67.81
CA GLY A 385 32.33 -33.30 66.95
C GLY A 385 33.30 -34.28 67.54
N GLN A 386 33.59 -34.14 68.83
CA GLN A 386 34.52 -35.03 69.50
C GLN A 386 34.00 -36.44 69.40
N LYS A 387 34.93 -37.40 69.32
CA LYS A 387 34.61 -38.81 69.20
C LYS A 387 33.72 -39.23 70.34
N THR A 388 32.57 -39.79 70.01
CA THR A 388 31.53 -39.97 71.01
C THR A 388 31.84 -41.12 71.97
N THR A 389 32.81 -41.94 71.59
CA THR A 389 33.24 -43.05 72.45
C THR A 389 34.31 -42.59 73.45
N THR A 390 34.84 -41.40 73.28
CA THR A 390 35.86 -40.89 74.18
C THR A 390 35.34 -40.64 75.58
N THR A 391 35.92 -41.33 76.57
CA THR A 391 35.69 -41.02 77.96
C THR A 391 36.63 -39.91 78.41
N GLY A 392 36.36 -39.32 79.56
CA GLY A 392 37.22 -38.24 80.01
C GLY A 392 36.63 -36.86 79.82
N GLU A 393 37.11 -35.92 80.63
CA GLU A 393 36.57 -34.58 80.69
C GLU A 393 37.28 -33.63 79.72
N THR A 394 38.32 -34.11 79.06
CA THR A 394 39.10 -33.23 78.19
C THR A 394 38.50 -33.10 76.80
N PRO A 395 38.25 -31.87 76.36
CA PRO A 395 37.60 -31.57 75.08
C PRO A 395 38.48 -31.77 73.88
N GLU A 396 37.88 -31.94 72.71
CA GLU A 396 38.61 -31.96 71.43
C GLU A 396 38.79 -30.51 70.97
N ARG A 397 39.87 -30.24 70.26
CA ARG A 397 40.18 -28.87 69.92
C ARG A 397 40.77 -28.76 68.53
N PHE A 398 40.79 -27.55 67.98
CA PHE A 398 41.52 -27.28 66.74
C PHE A 398 41.73 -25.79 66.57
N THR A 399 42.65 -25.42 65.70
CA THR A 399 42.84 -24.02 65.40
C THR A 399 42.63 -23.71 63.94
N TYR A 400 41.62 -22.89 63.66
CA TYR A 400 41.27 -22.65 62.27
C TYR A 400 42.21 -21.66 61.66
N ILE A 401 43.01 -22.17 60.72
CA ILE A 401 43.87 -21.32 59.92
C ILE A 401 43.31 -21.16 58.52
N ALA A 402 42.81 -19.97 58.25
CA ALA A 402 42.09 -19.72 57.02
C ALA A 402 43.01 -19.84 55.82
N HIS A 403 42.41 -19.98 54.65
CA HIS A 403 43.19 -20.08 53.43
C HIS A 403 43.53 -18.72 52.91
N GLN A 404 42.79 -17.70 53.34
CA GLN A 404 42.97 -16.37 52.77
C GLN A 404 44.20 -15.70 53.33
N ASP A 405 45.20 -15.50 52.49
CA ASP A 405 46.46 -14.92 52.93
C ASP A 405 46.32 -13.40 53.07
N THR A 406 45.79 -12.95 54.20
CA THR A 406 45.64 -11.53 54.45
C THR A 406 46.16 -11.11 55.81
N GLY A 407 46.91 -11.99 56.47
CA GLY A 407 47.41 -11.74 57.80
C GLY A 407 48.83 -11.22 57.79
N ARG A 408 49.52 -11.37 58.91
CA ARG A 408 50.88 -10.86 59.03
C ARG A 408 51.88 -11.85 59.57
N TYR A 409 53.15 -11.65 59.22
CA TYR A 409 54.26 -12.37 59.80
C TYR A 409 55.21 -11.40 60.45
N PRO A 410 54.88 -10.92 61.65
CA PRO A 410 55.56 -9.80 62.30
C PRO A 410 57.05 -9.98 62.46
N GLU A 411 57.52 -11.23 62.40
CA GLU A 411 58.94 -11.50 62.45
C GLU A 411 59.66 -10.84 61.30
N GLY A 412 58.92 -10.61 60.22
CA GLY A 412 59.47 -10.02 59.02
C GLY A 412 59.30 -8.51 58.94
N ASP A 413 58.77 -7.91 60.01
CA ASP A 413 58.55 -6.46 60.08
C ASP A 413 59.84 -5.74 60.41
N TRP A 414 59.90 -4.46 60.07
CA TRP A 414 60.97 -3.59 60.53
C TRP A 414 60.62 -2.15 60.26
N ILE A 415 61.42 -1.25 60.80
CA ILE A 415 61.24 0.18 60.60
C ILE A 415 62.56 0.89 60.39
N GLN A 416 62.76 1.53 59.24
CA GLN A 416 64.02 2.25 59.00
C GLN A 416 63.93 3.75 59.29
N ASN A 417 65.07 4.36 59.52
CA ASN A 417 65.11 5.79 59.72
C ASN A 417 64.85 6.54 58.41
N ILE A 418 64.37 7.78 58.55
CA ILE A 418 64.02 8.64 57.44
C ILE A 418 65.08 8.69 56.33
N ASN A 419 66.34 8.59 56.68
CA ASN A 419 67.39 8.86 55.71
C ASN A 419 67.65 7.74 54.72
N PHE A 420 67.27 6.53 55.07
CA PHE A 420 67.40 5.40 54.17
C PHE A 420 68.80 5.29 53.62
N ASN A 421 69.79 5.45 54.49
CA ASN A 421 71.17 5.18 54.12
C ASN A 421 71.43 3.71 54.38
N LEU A 422 71.53 2.95 53.32
CA LEU A 422 71.55 1.51 53.49
C LEU A 422 72.69 0.87 52.72
N PRO A 423 73.18 -0.29 53.17
CA PRO A 423 72.80 -1.14 54.31
C PRO A 423 72.63 -0.35 55.59
N VAL A 424 71.57 -0.63 56.34
CA VAL A 424 71.14 0.23 57.43
C VAL A 424 71.85 -0.07 58.77
N THR A 425 72.23 0.98 59.48
CA THR A 425 72.90 0.91 60.78
C THR A 425 72.01 0.30 61.87
N ASP A 426 72.58 -0.30 62.91
CA ASP A 426 71.75 -0.78 64.02
C ASP A 426 70.98 0.32 64.71
N ASP A 427 71.53 1.53 64.68
CA ASP A 427 70.86 2.66 65.32
C ASP A 427 69.78 3.27 64.46
N ASN A 428 69.78 2.94 63.19
CA ASN A 428 68.82 3.51 62.26
C ASN A 428 67.66 2.57 61.89
N VAL A 429 67.61 1.40 62.51
CA VAL A 429 66.56 0.44 62.22
C VAL A 429 66.01 -0.11 63.53
N LEU A 430 64.71 -0.38 63.54
CA LEU A 430 64.09 -1.00 64.69
C LEU A 430 63.52 -2.33 64.29
N LEU A 431 64.10 -3.40 64.80
CA LEU A 431 63.71 -4.75 64.44
C LEU A 431 62.77 -5.33 65.46
N PRO A 432 62.10 -6.43 65.12
CA PRO A 432 61.31 -7.15 66.12
C PRO A 432 62.20 -7.92 67.10
N THR A 433 63.50 -7.72 66.99
CA THR A 433 64.46 -8.29 67.91
C THR A 433 64.77 -7.31 69.02
N ASP A 434 64.86 -6.04 68.68
CA ASP A 434 65.22 -5.02 69.63
C ASP A 434 64.09 -4.80 70.61
N PRO A 435 64.38 -5.03 71.89
CA PRO A 435 63.46 -5.00 73.02
C PRO A 435 62.91 -3.63 73.27
N ILE A 436 61.71 -3.60 73.82
CA ILE A 436 60.96 -2.40 73.98
C ILE A 436 60.66 -2.19 75.44
N GLY A 437 60.93 -0.99 75.94
CA GLY A 437 60.70 -0.70 77.34
C GLY A 437 61.55 -1.54 78.25
N GLY A 438 62.65 -2.03 77.71
CA GLY A 438 63.58 -2.84 78.48
C GLY A 438 63.08 -4.22 78.84
N LYS A 439 62.29 -4.80 77.95
CA LYS A 439 61.81 -6.16 78.14
C LYS A 439 62.30 -7.02 77.03
N THR A 440 62.96 -8.12 77.38
CA THR A 440 63.51 -9.03 76.39
C THR A 440 62.48 -9.60 75.44
N GLY A 441 61.33 -9.98 75.99
CA GLY A 441 60.29 -10.65 75.24
C GLY A 441 59.20 -9.78 74.63
N ILE A 442 59.47 -8.49 74.54
CA ILE A 442 58.53 -7.57 73.94
C ILE A 442 59.28 -6.80 72.86
N ASN A 443 58.68 -6.62 71.70
CA ASN A 443 59.29 -5.80 70.65
C ASN A 443 58.24 -4.86 70.15
N TYR A 444 58.57 -4.05 69.17
CA TYR A 444 57.63 -3.03 68.81
C TYR A 444 56.38 -3.61 68.21
N THR A 445 56.48 -4.73 67.51
CA THR A 445 55.29 -5.25 66.81
C THR A 445 54.19 -5.64 67.77
N ASN A 446 54.52 -5.86 69.03
CA ASN A 446 53.50 -6.22 70.01
C ASN A 446 52.53 -5.10 70.31
N ILE A 447 52.93 -3.86 70.01
CA ILE A 447 52.07 -2.72 70.26
C ILE A 447 51.71 -2.00 68.96
N PHE A 448 52.12 -2.59 67.86
CA PHE A 448 52.01 -1.95 66.56
C PHE A 448 50.59 -2.02 66.02
N ASN A 449 50.22 -1.01 65.24
CA ASN A 449 48.90 -0.95 64.61
C ASN A 449 48.91 -0.21 63.28
N THR A 450 48.74 -0.91 62.17
CA THR A 450 48.79 -0.26 60.87
C THR A 450 47.46 -0.24 60.14
N TYR A 451 46.37 -0.22 60.89
CA TYR A 451 45.05 -0.02 60.29
C TYR A 451 45.00 1.42 59.84
N GLY A 452 44.35 1.67 58.71
CA GLY A 452 44.33 2.99 58.14
C GLY A 452 43.36 3.06 56.99
N PRO A 453 43.17 4.26 56.43
CA PRO A 453 42.17 4.50 55.40
C PRO A 453 42.51 3.82 54.10
N LEU A 454 43.60 3.08 54.06
CA LEU A 454 43.97 2.30 52.89
C LEU A 454 43.88 0.80 53.16
N THR A 455 43.33 0.43 54.31
CA THR A 455 43.29 -0.97 54.71
C THR A 455 42.18 -1.69 53.98
N ALA A 456 42.49 -2.87 53.46
CA ALA A 456 41.48 -3.70 52.81
C ALA A 456 41.33 -5.04 53.55
N LEU A 457 40.11 -5.59 53.61
CA LEU A 457 39.80 -6.76 54.45
C LEU A 457 38.77 -7.73 53.88
N ASN A 458 38.82 -8.98 54.32
CA ASN A 458 37.71 -9.89 54.08
C ASN A 458 36.97 -10.19 55.36
N ASN A 459 35.79 -10.77 55.23
CA ASN A 459 35.04 -11.20 56.38
C ASN A 459 35.53 -12.57 56.76
N VAL A 460 35.22 -13.00 57.98
CA VAL A 460 35.69 -14.30 58.45
C VAL A 460 35.06 -15.43 57.66
N PRO A 461 35.83 -16.49 57.44
CA PRO A 461 35.27 -17.63 56.74
C PRO A 461 34.42 -18.47 57.67
N PRO A 462 33.44 -19.18 57.12
CA PRO A 462 32.62 -20.06 57.94
C PRO A 462 33.42 -21.21 58.47
N VAL A 463 33.29 -21.47 59.76
CA VAL A 463 34.03 -22.56 60.36
C VAL A 463 33.09 -23.73 60.62
N TYR A 464 33.21 -24.76 59.79
CA TYR A 464 32.37 -25.95 59.95
C TYR A 464 33.05 -26.97 60.83
N PRO A 465 32.31 -27.59 61.75
CA PRO A 465 30.90 -27.40 62.06
C PRO A 465 30.64 -26.52 63.25
N ASN A 466 31.67 -26.17 64.00
CA ASN A 466 31.43 -25.53 65.27
C ASN A 466 31.21 -24.04 65.18
N GLY A 467 31.40 -23.49 63.99
CA GLY A 467 31.26 -22.06 63.82
C GLY A 467 29.84 -21.58 63.96
N GLN A 468 29.70 -20.30 64.29
CA GLN A 468 28.41 -19.69 64.33
C GLN A 468 28.01 -19.38 62.91
N ILE A 469 26.71 -19.23 62.66
CA ILE A 469 26.17 -18.90 61.35
C ILE A 469 25.76 -17.44 61.22
N TRP A 470 24.87 -16.97 62.08
CA TRP A 470 24.53 -15.55 62.07
C TRP A 470 24.72 -14.95 63.47
N ASP A 471 24.78 -13.62 63.56
CA ASP A 471 25.07 -12.93 64.81
C ASP A 471 24.42 -11.56 64.83
N LYS A 472 23.92 -11.13 65.98
CA LYS A 472 23.25 -9.84 66.09
C LYS A 472 24.23 -8.75 65.92
N GLU A 473 23.78 -7.59 65.47
CA GLU A 473 24.66 -6.45 65.32
C GLU A 473 24.63 -5.63 66.59
N PHE A 474 25.77 -5.08 66.98
CA PHE A 474 25.85 -4.28 68.19
C PHE A 474 24.94 -3.10 68.04
N ASP A 475 24.19 -2.75 69.06
CA ASP A 475 23.37 -1.57 68.92
C ASP A 475 24.14 -0.34 69.28
N THR A 476 25.28 -0.15 68.64
CA THR A 476 26.05 1.06 68.85
C THR A 476 25.82 2.03 67.68
N ASP A 477 25.97 3.32 67.92
CA ASP A 477 25.72 4.30 66.89
C ASP A 477 26.65 4.06 65.72
N LEU A 478 27.89 3.67 65.99
CA LEU A 478 28.78 3.31 64.89
C LEU A 478 29.17 1.84 65.02
N LYS A 479 29.22 1.13 63.90
CA LYS A 479 29.23 -0.33 64.00
C LYS A 479 30.50 -0.97 63.49
N PRO A 480 30.72 -2.23 63.85
CA PRO A 480 31.92 -2.94 63.41
C PRO A 480 31.85 -3.31 61.96
N ARG A 481 32.97 -3.25 61.27
CA ARG A 481 32.97 -3.63 59.88
C ARG A 481 32.78 -5.12 59.70
N LEU A 482 32.91 -5.88 60.79
CA LEU A 482 32.60 -7.30 60.75
C LEU A 482 32.55 -7.86 62.16
N HIS A 483 32.21 -9.14 62.28
CA HIS A 483 32.33 -9.84 63.55
C HIS A 483 33.22 -11.02 63.35
N VAL A 484 33.88 -11.48 64.38
CA VAL A 484 34.83 -12.55 64.18
C VAL A 484 34.20 -13.91 64.46
N ASN A 485 32.99 -13.92 65.01
CA ASN A 485 32.34 -15.17 65.39
C ASN A 485 31.36 -15.68 64.36
N ALA A 486 30.95 -14.83 63.42
CA ALA A 486 30.00 -15.24 62.40
C ALA A 486 30.12 -14.40 61.14
N PRO A 487 29.90 -15.02 59.98
CA PRO A 487 29.98 -14.32 58.69
C PRO A 487 28.73 -13.52 58.33
N PHE A 488 27.55 -13.93 58.80
CA PHE A 488 26.36 -13.16 58.51
C PHE A 488 25.95 -12.36 59.70
N VAL A 489 25.80 -11.06 59.55
CA VAL A 489 25.29 -10.25 60.63
C VAL A 489 24.00 -9.52 60.25
N CYS A 490 22.97 -9.74 61.04
CA CYS A 490 21.66 -9.13 60.87
C CYS A 490 21.76 -7.71 61.34
N GLN A 491 21.83 -6.73 60.45
CA GLN A 491 21.88 -5.36 60.95
C GLN A 491 20.54 -4.72 61.30
N ASN A 492 19.43 -5.15 60.70
CA ASN A 492 18.15 -4.59 61.13
C ASN A 492 17.52 -5.33 62.30
N ASN A 493 17.43 -6.65 62.20
CA ASN A 493 16.80 -7.44 63.26
C ASN A 493 17.04 -8.92 63.03
N CYS A 494 17.44 -9.63 64.07
CA CYS A 494 17.66 -11.06 63.97
C CYS A 494 16.51 -11.86 64.52
N PRO A 495 16.42 -13.13 64.11
CA PRO A 495 15.41 -14.02 64.65
C PRO A 495 15.46 -14.01 66.16
N GLY A 496 14.31 -14.10 66.80
CA GLY A 496 14.29 -14.09 68.25
C GLY A 496 14.79 -15.41 68.78
N GLN A 497 15.27 -15.40 70.01
CA GLN A 497 15.72 -16.64 70.63
C GLN A 497 14.57 -17.47 71.15
N LEU A 498 14.74 -18.78 71.16
CA LEU A 498 13.66 -19.69 71.54
C LEU A 498 13.88 -20.33 72.89
N PHE A 499 12.93 -20.15 73.82
CA PHE A 499 13.10 -20.63 75.18
C PHE A 499 12.06 -21.65 75.61
N VAL A 500 12.51 -22.70 76.30
CA VAL A 500 11.62 -23.72 76.80
C VAL A 500 11.74 -23.83 78.31
N LYS A 501 10.79 -24.51 78.96
CA LYS A 501 10.78 -24.65 80.41
C LYS A 501 9.69 -25.60 80.86
N VAL A 502 9.99 -26.52 81.76
CA VAL A 502 8.97 -27.42 82.29
C VAL A 502 8.04 -26.69 83.26
N ALA A 503 6.74 -26.84 83.10
CA ALA A 503 5.74 -26.17 83.94
C ALA A 503 5.75 -26.70 85.34
N PRO A 504 5.59 -25.82 86.33
CA PRO A 504 5.59 -26.22 87.73
C PRO A 504 4.55 -27.28 88.04
N ASN A 505 5.02 -28.48 88.35
CA ASN A 505 4.14 -29.61 88.63
C ASN A 505 4.01 -29.83 90.13
N LEU A 506 3.07 -29.16 90.77
CA LEU A 506 3.04 -29.13 92.22
C LEU A 506 2.47 -30.37 92.87
N THR A 507 2.89 -30.63 94.10
CA THR A 507 2.29 -31.68 94.94
C THR A 507 1.10 -31.07 95.63
N ASN A 508 0.51 -31.82 96.57
CA ASN A 508 -0.66 -31.32 97.28
C ASN A 508 -0.34 -30.36 98.39
N GLN A 509 0.86 -30.43 98.93
CA GLN A 509 1.32 -29.46 99.91
C GLN A 509 2.20 -28.43 99.24
N TYR A 510 1.67 -27.22 99.12
CA TYR A 510 2.44 -26.10 98.62
C TYR A 510 1.95 -24.88 99.35
N ASP A 511 2.86 -24.23 100.06
CA ASP A 511 2.55 -22.99 100.74
C ASP A 511 3.53 -21.98 100.19
N PRO A 512 3.00 -21.07 99.38
CA PRO A 512 3.90 -20.09 98.78
C PRO A 512 4.45 -19.15 99.83
N ASP A 513 3.69 -18.88 100.90
CA ASP A 513 4.15 -17.98 101.96
C ASP A 513 5.24 -18.57 102.82
N ALA A 514 5.51 -19.86 102.63
CA ALA A 514 6.62 -20.49 103.32
C ALA A 514 7.93 -20.26 102.56
N SER A 515 8.98 -19.86 103.29
CA SER A 515 10.33 -19.70 102.75
C SER A 515 10.84 -21.03 102.26
N ALA A 516 10.59 -22.03 103.08
CA ALA A 516 11.01 -23.40 102.89
C ALA A 516 10.63 -23.92 101.51
N ASN A 517 11.24 -25.05 101.18
CA ASN A 517 11.01 -25.84 99.98
C ASN A 517 9.91 -25.47 99.02
N MET A 518 10.25 -25.50 97.75
CA MET A 518 9.19 -25.65 96.81
C MET A 518 9.19 -27.15 96.53
N SER A 519 8.12 -27.81 96.89
CA SER A 519 8.03 -29.22 96.60
C SER A 519 7.24 -29.39 95.31
N ARG A 520 7.89 -29.97 94.31
CA ARG A 520 7.30 -30.15 92.99
C ARG A 520 7.45 -31.61 92.62
N ILE A 521 6.50 -32.17 91.90
CA ILE A 521 6.65 -33.52 91.41
C ILE A 521 7.81 -33.57 90.45
N VAL A 522 8.64 -34.58 90.57
CA VAL A 522 9.76 -34.67 89.66
C VAL A 522 9.22 -34.93 88.28
N THR A 523 9.45 -33.97 87.39
CA THR A 523 8.91 -34.01 86.05
C THR A 523 9.95 -33.66 85.02
N TYR A 524 9.87 -34.29 83.85
CA TYR A 524 10.76 -33.92 82.78
C TYR A 524 10.05 -34.05 81.46
N SER A 525 10.61 -33.47 80.40
CA SER A 525 9.97 -33.51 79.10
C SER A 525 10.82 -33.90 77.90
N ASP A 526 10.19 -34.63 76.99
CA ASP A 526 10.75 -34.94 75.70
C ASP A 526 9.90 -34.23 74.69
N PHE A 527 10.53 -33.49 73.78
CA PHE A 527 9.82 -32.86 72.68
C PHE A 527 10.68 -32.84 71.45
N TRP A 528 10.07 -32.85 70.28
CA TRP A 528 10.83 -32.84 69.04
C TRP A 528 10.91 -31.43 68.47
N TRP A 529 12.06 -31.11 67.88
CA TRP A 529 12.30 -29.81 67.30
C TRP A 529 12.63 -29.97 65.83
N LYS A 530 12.01 -29.16 64.99
CA LYS A 530 12.32 -29.17 63.56
C LYS A 530 12.60 -27.74 63.11
N GLY A 531 13.60 -27.57 62.26
CA GLY A 531 13.94 -26.25 61.75
C GLY A 531 14.09 -26.29 60.26
N LYS A 532 13.91 -25.15 59.61
CA LYS A 532 14.16 -25.05 58.18
C LYS A 532 14.92 -23.79 57.86
N LEU A 533 16.15 -23.96 57.40
CA LEU A 533 17.01 -22.84 57.09
C LEU A 533 17.23 -22.82 55.59
N VAL A 534 16.89 -21.70 54.95
CA VAL A 534 16.98 -21.61 53.51
C VAL A 534 18.12 -20.69 53.07
N PHE A 535 18.99 -21.21 52.23
CA PHE A 535 20.06 -20.40 51.65
C PHE A 535 19.84 -20.29 50.18
N LYS A 536 20.47 -19.30 49.58
CA LYS A 536 20.47 -19.21 48.14
C LYS A 536 21.90 -18.88 47.76
N ALA A 537 22.49 -19.74 46.93
CA ALA A 537 23.89 -19.64 46.58
C ALA A 537 24.08 -19.50 45.09
N LYS A 538 25.33 -19.28 44.66
CA LYS A 538 25.65 -19.07 43.25
C LYS A 538 26.79 -19.96 42.80
N LEU A 539 26.63 -20.67 41.69
CA LEU A 539 27.61 -21.65 41.21
C LEU A 539 28.92 -21.03 40.69
N ARG A 540 30.06 -21.63 41.00
CA ARG A 540 31.34 -21.05 40.55
C ARG A 540 31.64 -21.44 39.12
N ALA A 541 32.61 -20.76 38.50
CA ALA A 541 33.05 -21.12 37.16
C ALA A 541 34.56 -21.04 37.03
N SER A 542 35.14 -21.90 36.18
CA SER A 542 36.58 -21.95 35.99
C SER A 542 37.12 -20.83 35.15
N HIS A 543 38.08 -20.07 35.68
CA HIS A 543 38.69 -18.99 34.89
C HIS A 543 40.17 -19.23 34.66
N THR A 544 40.68 -20.35 35.13
CA THR A 544 42.09 -20.64 34.99
C THR A 544 42.31 -21.94 34.24
N TRP A 545 43.54 -22.13 33.75
CA TRP A 545 43.89 -23.34 33.05
C TRP A 545 43.96 -24.47 34.06
N ASN A 546 44.45 -24.15 35.24
CA ASN A 546 44.67 -25.16 36.27
C ASN A 546 43.45 -25.45 37.05
N PRO A 547 43.37 -26.66 37.62
CA PRO A 547 42.33 -26.99 38.60
C PRO A 547 42.60 -26.29 39.90
N ILE A 548 41.78 -26.48 40.92
CA ILE A 548 42.00 -25.74 42.18
C ILE A 548 41.70 -26.60 43.37
N GLN A 549 41.96 -26.09 44.56
CA GLN A 549 41.63 -26.82 45.78
C GLN A 549 40.21 -27.25 45.89
N GLN A 550 39.98 -28.49 46.30
CA GLN A 550 38.64 -28.94 46.68
C GLN A 550 38.68 -30.06 47.76
N MET A 551 37.68 -30.19 48.64
CA MET A 551 37.66 -31.30 49.62
C MET A 551 37.49 -32.65 49.01
N SER A 552 37.96 -33.68 49.72
CA SER A 552 37.66 -35.07 49.35
C SER A 552 38.16 -36.08 50.38
N ILE A 553 38.10 -37.34 49.99
CA ILE A 553 38.88 -38.36 50.66
C ILE A 553 39.69 -39.07 49.55
N ASN A 554 40.98 -39.40 49.67
CA ASN A 554 41.91 -39.48 50.82
C ASN A 554 41.88 -40.78 51.54
N VAL A 555 43.02 -41.45 51.56
CA VAL A 555 43.17 -42.74 52.24
C VAL A 555 43.50 -42.45 53.67
N ASP A 556 44.20 -41.35 53.90
CA ASP A 556 44.19 -40.70 55.20
C ASP A 556 42.77 -40.21 55.34
N ASN A 557 42.41 -39.55 56.43
CA ASN A 557 41.16 -38.80 56.37
C ASN A 557 39.89 -39.66 56.34
N GLN A 558 39.85 -40.58 55.40
CA GLN A 558 38.74 -41.46 55.13
C GLN A 558 37.99 -41.98 56.34
N PHE A 559 38.55 -41.91 57.52
CA PHE A 559 37.87 -42.56 58.61
C PHE A 559 37.16 -41.60 59.50
N ASN A 560 37.22 -40.32 59.17
CA ASN A 560 36.51 -39.32 59.98
C ASN A 560 35.07 -39.14 59.55
N TYR A 561 34.58 -40.02 58.68
CA TYR A 561 33.28 -39.80 58.10
C TYR A 561 32.34 -40.99 58.16
N VAL A 562 32.68 -41.98 58.98
CA VAL A 562 31.88 -43.18 59.11
C VAL A 562 31.87 -43.57 60.57
N PRO A 563 30.87 -44.36 60.99
CA PRO A 563 30.91 -44.78 62.37
C PRO A 563 32.00 -45.81 62.58
N SER A 564 32.01 -46.39 63.76
CA SER A 564 33.08 -47.26 64.14
C SER A 564 32.57 -48.66 64.45
N ASN A 565 33.45 -49.44 65.05
CA ASN A 565 33.13 -50.73 65.61
C ASN A 565 31.92 -50.66 66.56
N ILE A 566 31.86 -49.62 67.37
CA ILE A 566 30.67 -49.34 68.17
C ILE A 566 29.97 -48.23 67.45
N GLY A 567 29.10 -47.51 68.13
CA GLY A 567 28.34 -46.46 67.48
C GLY A 567 29.07 -45.17 67.17
N GLY A 568 30.27 -45.28 66.58
CA GLY A 568 30.99 -44.12 66.09
C GLY A 568 31.11 -43.17 67.26
N MET A 569 31.22 -41.86 67.06
CA MET A 569 31.42 -41.19 65.79
C MET A 569 31.98 -39.80 66.05
N LYS A 570 32.33 -39.09 64.98
CA LYS A 570 33.19 -37.92 65.05
C LYS A 570 32.85 -36.92 63.95
N ILE A 571 32.91 -35.62 64.22
CA ILE A 571 32.85 -34.65 63.13
C ILE A 571 34.03 -33.72 63.17
N VAL A 572 34.68 -33.56 62.04
CA VAL A 572 35.96 -32.87 62.01
C VAL A 572 35.84 -31.50 61.34
N TYR A 573 36.48 -30.46 61.90
CA TYR A 573 36.51 -29.14 61.26
C TYR A 573 36.96 -29.26 59.83
N GLU A 574 36.43 -28.43 58.92
CA GLU A 574 36.77 -28.60 57.51
C GLU A 574 36.70 -27.40 56.58
N LYS A 575 37.22 -26.26 57.02
CA LYS A 575 37.47 -25.13 56.11
C LYS A 575 36.23 -24.65 55.39
N SER A 576 36.44 -23.84 54.34
CA SER A 576 35.31 -23.25 53.65
C SER A 576 35.66 -22.49 52.40
N GLN A 577 36.81 -21.83 52.33
CA GLN A 577 37.05 -20.99 51.17
C GLN A 577 38.13 -21.57 50.29
N LEU A 578 37.82 -22.69 49.66
CA LEU A 578 38.84 -23.51 49.01
C LEU A 578 39.34 -22.95 47.69
N ALA A 579 38.48 -22.23 46.99
CA ALA A 579 38.84 -21.73 45.67
C ALA A 579 39.49 -20.38 45.79
N PRO A 580 40.49 -20.13 44.95
CA PRO A 580 41.20 -18.86 44.90
C PRO A 580 40.32 -17.80 44.29
N ARG A 581 40.57 -16.54 44.58
CA ARG A 581 39.71 -15.51 44.03
C ARG A 581 40.52 -14.63 43.12
N LYS A 582 40.88 -13.46 43.65
CA LYS A 582 41.60 -12.38 42.98
C LYS A 582 41.26 -11.08 43.64
N LEU A 583 42.24 -10.46 44.27
CA LEU A 583 42.06 -9.15 44.84
C LEU A 583 42.00 -8.06 43.78
N TYR A 584 42.94 -8.13 42.86
CA TYR A 584 43.26 -7.03 41.98
C TYR A 584 43.62 -7.55 40.60
N GLY B 37 -7.87 -40.99 67.37
CA GLY B 37 -7.46 -40.76 68.74
C GLY B 37 -7.15 -42.09 69.41
N VAL B 38 -7.13 -42.13 70.74
CA VAL B 38 -6.73 -43.35 71.42
C VAL B 38 -7.59 -44.55 71.06
N GLY B 39 -8.86 -44.52 71.46
CA GLY B 39 -9.66 -45.72 71.37
C GLY B 39 -10.43 -45.91 70.09
N ILE B 40 -9.85 -45.47 68.99
CA ILE B 40 -10.54 -45.57 67.72
C ILE B 40 -9.62 -46.13 66.67
N SER B 41 -9.98 -47.29 66.13
CA SER B 41 -9.13 -47.98 65.19
C SER B 41 -8.94 -47.21 63.93
N THR B 42 -7.84 -47.49 63.25
CA THR B 42 -7.40 -46.72 62.11
C THR B 42 -7.16 -47.56 60.88
N GLY B 43 -7.78 -48.73 60.80
CA GLY B 43 -7.60 -49.53 59.62
C GLY B 43 -8.37 -50.81 59.73
N THR B 44 -8.34 -51.61 58.67
CA THR B 44 -9.11 -52.82 58.68
C THR B 44 -8.30 -54.02 58.18
N PHE B 45 -8.41 -55.12 58.92
CA PHE B 45 -7.76 -56.39 58.59
C PHE B 45 -8.39 -57.04 57.38
N ASN B 46 -7.58 -57.43 56.40
CA ASN B 46 -8.10 -58.10 55.21
C ASN B 46 -7.11 -59.03 54.55
N ASN B 47 -7.31 -60.34 54.67
CA ASN B 47 -6.40 -61.27 54.02
C ASN B 47 -7.14 -62.08 52.98
N GLN B 48 -7.93 -61.36 52.19
CA GLN B 48 -8.87 -61.93 51.26
C GLN B 48 -8.25 -61.82 49.88
N THR B 49 -8.44 -62.83 49.06
CA THR B 49 -7.88 -62.82 47.73
C THR B 49 -9.00 -62.83 46.73
N GLU B 50 -9.17 -61.72 46.00
CA GLU B 50 -10.31 -61.57 45.10
C GLU B 50 -9.90 -61.82 43.67
N PHE B 51 -10.68 -62.63 42.96
CA PHE B 51 -10.45 -62.89 41.55
C PHE B 51 -11.58 -62.29 40.73
N LYS B 52 -11.33 -61.17 40.06
CA LYS B 52 -12.38 -60.50 39.30
C LYS B 52 -12.23 -60.73 37.80
N PHE B 53 -13.16 -61.47 37.20
CA PHE B 53 -13.07 -61.82 35.78
C PHE B 53 -13.61 -60.72 34.87
N LEU B 54 -12.90 -60.45 33.78
CA LEU B 54 -13.28 -59.41 32.82
C LEU B 54 -13.50 -60.03 31.43
N GLU B 55 -13.66 -59.21 30.40
CA GLU B 55 -13.90 -59.79 29.07
C GLU B 55 -12.56 -60.05 28.38
N ASN B 56 -12.62 -60.97 27.42
CA ASN B 56 -11.45 -61.50 26.71
C ASN B 56 -10.58 -62.36 27.61
N GLY B 57 -11.18 -62.91 28.65
CA GLY B 57 -10.52 -63.82 29.57
C GLY B 57 -9.37 -63.27 30.38
N TRP B 58 -9.40 -61.97 30.65
CA TRP B 58 -8.44 -61.34 31.56
C TRP B 58 -8.97 -61.34 32.99
N VAL B 59 -8.14 -61.71 33.96
CA VAL B 59 -8.54 -61.69 35.35
C VAL B 59 -7.79 -60.62 36.11
N TYR B 60 -8.37 -60.19 37.21
CA TYR B 60 -7.90 -59.04 37.93
C TYR B 60 -7.73 -59.52 39.35
N ILE B 61 -6.58 -60.14 39.63
CA ILE B 61 -6.34 -60.77 40.93
C ILE B 61 -5.85 -59.76 41.93
N THR B 62 -6.65 -59.54 42.96
CA THR B 62 -6.31 -58.57 43.98
C THR B 62 -5.95 -59.30 45.25
N ALA B 63 -4.66 -59.42 45.55
CA ALA B 63 -4.23 -60.17 46.72
C ALA B 63 -4.09 -59.29 47.94
N ASN B 64 -4.93 -59.52 48.93
CA ASN B 64 -4.84 -58.78 50.18
C ASN B 64 -4.14 -59.55 51.29
N SER B 65 -3.39 -58.83 52.10
CA SER B 65 -2.64 -59.42 53.18
C SER B 65 -2.53 -58.49 54.38
N SER B 66 -2.73 -59.04 55.56
CA SER B 66 -2.61 -58.26 56.77
C SER B 66 -1.91 -59.08 57.81
N ARG B 67 -1.10 -58.43 58.62
CA ARG B 67 -0.37 -59.12 59.68
C ARG B 67 -0.31 -58.28 60.90
N LEU B 68 -0.18 -58.92 62.04
CA LEU B 68 0.19 -58.18 63.23
C LEU B 68 1.71 -58.22 63.33
N VAL B 69 2.33 -57.06 63.50
CA VAL B 69 3.78 -56.97 63.49
C VAL B 69 4.27 -56.53 64.84
N HIS B 70 5.33 -57.19 65.29
CA HIS B 70 5.91 -56.98 66.62
C HIS B 70 7.32 -56.42 66.50
N LEU B 71 7.66 -55.44 67.34
CA LEU B 71 8.92 -54.72 67.20
C LEU B 71 9.52 -54.18 68.50
N ASN B 72 10.79 -54.48 68.75
CA ASN B 72 11.44 -53.93 69.94
C ASN B 72 12.37 -52.76 69.60
N MET B 73 12.73 -51.97 70.60
CA MET B 73 13.57 -50.82 70.38
C MET B 73 14.96 -51.31 70.00
N PRO B 74 15.77 -50.47 69.33
CA PRO B 74 17.05 -50.94 68.82
C PRO B 74 17.99 -51.30 69.93
N GLU B 75 18.93 -52.20 69.64
CA GLU B 75 19.96 -52.57 70.59
C GLU B 75 20.64 -51.31 71.06
N SER B 76 20.96 -50.42 70.12
CA SER B 76 21.47 -49.09 70.43
C SER B 76 21.05 -48.19 69.31
N GLU B 77 20.89 -46.91 69.60
CA GLU B 77 20.34 -45.98 68.63
C GLU B 77 21.36 -45.51 67.61
N ASN B 78 22.43 -46.28 67.42
CA ASN B 78 23.51 -45.80 66.60
C ASN B 78 23.74 -46.57 65.35
N TYR B 79 24.31 -45.93 64.36
CA TYR B 79 24.76 -46.66 63.19
C TYR B 79 26.14 -47.21 63.48
N ARG B 80 26.42 -48.42 63.00
CA ARG B 80 27.73 -49.04 63.21
C ARG B 80 28.34 -49.63 61.96
N ARG B 81 29.63 -49.44 61.78
CA ARG B 81 30.37 -50.16 60.76
C ARG B 81 31.02 -51.37 61.39
N VAL B 82 30.53 -52.55 61.06
CA VAL B 82 31.08 -53.77 61.62
C VAL B 82 31.81 -54.58 60.56
N VAL B 83 32.90 -55.23 60.95
CA VAL B 83 33.60 -56.09 60.01
C VAL B 83 33.50 -57.55 60.45
N VAL B 84 33.15 -58.42 59.51
CA VAL B 84 33.11 -59.84 59.77
C VAL B 84 34.28 -60.51 59.08
N ASN B 85 34.98 -61.37 59.80
CA ASN B 85 36.18 -61.97 59.24
C ASN B 85 36.45 -63.34 59.81
N ASN B 86 36.13 -64.38 59.05
CA ASN B 86 36.37 -65.74 59.50
C ASN B 86 37.65 -66.27 58.89
N LEU B 87 38.78 -65.77 59.35
CA LEU B 87 40.04 -66.38 58.98
C LEU B 87 40.05 -67.79 59.54
N ASP B 88 39.39 -67.97 60.69
CA ASP B 88 39.24 -69.27 61.35
C ASP B 88 38.87 -70.40 60.39
N LYS B 89 38.11 -70.09 59.35
CA LYS B 89 37.58 -71.13 58.50
C LYS B 89 38.19 -71.11 57.11
N THR B 90 38.65 -69.94 56.65
CA THR B 90 39.18 -69.82 55.30
C THR B 90 40.65 -70.22 55.26
N ALA B 91 41.32 -70.10 56.40
CA ALA B 91 42.74 -70.40 56.49
C ALA B 91 42.96 -71.89 56.35
N VAL B 92 41.86 -72.62 56.35
CA VAL B 92 41.90 -74.07 56.39
C VAL B 92 42.47 -74.67 55.12
N ASN B 93 42.49 -73.88 54.07
CA ASN B 93 42.99 -74.33 52.76
C ASN B 93 42.04 -75.35 52.20
N GLY B 94 41.43 -75.01 51.08
CA GLY B 94 40.39 -75.86 50.53
C GLY B 94 39.07 -75.40 51.08
N ASN B 95 39.12 -74.32 51.84
CA ASN B 95 37.91 -73.74 52.42
C ASN B 95 37.60 -72.33 51.92
N MET B 96 38.06 -71.99 50.72
CA MET B 96 37.85 -70.66 50.18
C MET B 96 36.36 -70.34 50.07
N ALA B 97 35.61 -71.36 49.68
CA ALA B 97 34.18 -71.20 49.47
C ALA B 97 33.43 -70.86 50.75
N LEU B 98 34.04 -71.00 51.92
CA LEU B 98 33.31 -70.75 53.14
C LEU B 98 33.54 -69.34 53.63
N ASP B 99 34.01 -68.50 52.72
CA ASP B 99 34.31 -67.14 53.09
C ASP B 99 33.09 -66.36 53.49
N ASP B 100 33.16 -65.70 54.64
CA ASP B 100 32.07 -64.83 55.08
C ASP B 100 32.60 -63.43 55.27
N THR B 101 33.80 -63.15 54.79
CA THR B 101 34.42 -61.89 55.10
C THR B 101 33.70 -60.77 54.39
N HIS B 102 33.20 -59.79 55.15
CA HIS B 102 32.50 -58.65 54.57
C HIS B 102 32.37 -57.55 55.58
N ALA B 103 31.99 -56.36 55.11
CA ALA B 103 31.78 -55.21 55.97
C ALA B 103 30.35 -54.78 55.88
N GLU B 104 29.85 -54.07 56.88
CA GLU B 104 28.43 -53.90 57.03
C GLU B 104 28.07 -52.67 57.85
N ILE B 105 27.06 -51.93 57.45
CA ILE B 105 26.58 -50.85 58.29
C ILE B 105 25.36 -51.34 59.02
N VAL B 106 25.39 -51.28 60.33
CA VAL B 106 24.27 -51.75 61.13
C VAL B 106 23.41 -50.58 61.60
N THR B 107 22.12 -50.62 61.29
CA THR B 107 21.26 -49.46 61.53
C THR B 107 20.30 -49.70 62.65
N PRO B 108 19.87 -48.63 63.32
CA PRO B 108 18.84 -48.82 64.33
C PRO B 108 17.46 -49.03 63.73
N TRP B 109 17.40 -49.20 62.42
CA TRP B 109 16.12 -49.33 61.78
C TRP B 109 15.84 -50.77 61.43
N SER B 110 14.56 -51.13 61.38
CA SER B 110 14.12 -52.43 60.91
C SER B 110 13.34 -52.31 59.60
N LEU B 111 13.33 -53.37 58.80
CA LEU B 111 12.69 -53.36 57.49
C LEU B 111 11.43 -54.19 57.40
N VAL B 112 10.37 -53.60 56.86
CA VAL B 112 9.16 -54.34 56.57
C VAL B 112 9.12 -54.80 55.13
N ASP B 113 9.54 -56.03 54.89
CA ASP B 113 9.59 -56.56 53.54
C ASP B 113 8.51 -57.61 53.32
N ALA B 114 7.70 -57.42 52.28
CA ALA B 114 6.66 -58.37 51.93
C ALA B 114 6.88 -58.91 50.53
N ASN B 115 8.12 -58.83 50.08
CA ASN B 115 8.47 -59.26 48.74
C ASN B 115 8.66 -60.73 48.66
N ALA B 116 7.57 -61.50 48.70
CA ALA B 116 7.63 -62.95 48.51
C ALA B 116 6.24 -63.53 48.39
N TRP B 117 6.08 -64.54 47.55
CA TRP B 117 4.76 -65.10 47.24
C TRP B 117 3.96 -65.54 48.45
N GLY B 118 4.64 -66.04 49.47
CA GLY B 118 3.98 -66.60 50.62
C GLY B 118 3.27 -65.58 51.47
N VAL B 119 3.56 -64.32 51.23
CA VAL B 119 2.92 -63.28 52.00
C VAL B 119 1.50 -63.03 51.49
N TRP B 120 1.28 -63.38 50.23
CA TRP B 120 0.07 -62.98 49.54
C TRP B 120 -0.88 -64.13 49.21
N PHE B 121 -0.33 -65.32 49.00
CA PHE B 121 -1.16 -66.46 48.64
C PHE B 121 -0.99 -67.68 49.52
N ASN B 122 -2.11 -68.28 49.88
CA ASN B 122 -2.11 -69.59 50.52
C ASN B 122 -2.09 -70.64 49.41
N PRO B 123 -1.92 -71.93 49.78
CA PRO B 123 -1.90 -72.98 48.77
C PRO B 123 -3.10 -72.99 47.84
N GLY B 124 -4.30 -72.82 48.40
CA GLY B 124 -5.48 -72.84 47.57
C GLY B 124 -5.42 -71.84 46.43
N ASP B 125 -5.03 -70.61 46.74
CA ASP B 125 -4.89 -69.57 45.74
C ASP B 125 -3.91 -69.94 44.68
N TRP B 126 -2.77 -70.43 45.12
CA TRP B 126 -1.71 -70.75 44.19
C TRP B 126 -2.16 -71.86 43.23
N GLN B 127 -2.92 -72.82 43.74
CA GLN B 127 -3.44 -73.90 42.92
C GLN B 127 -4.18 -73.32 41.78
N LEU B 128 -5.06 -72.39 42.12
CA LEU B 128 -5.92 -71.75 41.15
C LEU B 128 -5.10 -71.04 40.09
N ILE B 129 -4.17 -70.21 40.54
CA ILE B 129 -3.40 -69.39 39.64
C ILE B 129 -2.66 -70.22 38.63
N VAL B 130 -1.97 -71.20 39.16
CA VAL B 130 -1.06 -72.02 38.40
C VAL B 130 -1.73 -72.99 37.42
N ASN B 131 -2.84 -73.56 37.83
CA ASN B 131 -3.53 -74.58 37.04
C ASN B 131 -4.39 -74.06 35.91
N THR B 132 -4.85 -72.82 36.04
CA THR B 132 -5.86 -72.33 35.12
C THR B 132 -5.43 -71.15 34.25
N MET B 133 -4.31 -70.52 34.58
CA MET B 133 -3.95 -69.30 33.86
C MET B 133 -2.60 -69.34 33.18
N SER B 134 -2.51 -68.65 32.05
CA SER B 134 -1.40 -68.83 31.15
C SER B 134 -0.26 -67.86 31.37
N GLU B 135 -0.58 -66.67 31.85
CA GLU B 135 0.47 -65.70 32.12
C GLU B 135 0.04 -64.80 33.25
N LEU B 136 0.93 -63.90 33.65
CA LEU B 136 0.75 -63.15 34.88
C LEU B 136 1.39 -61.77 34.82
N HIS B 137 0.60 -60.71 35.04
CA HIS B 137 1.14 -59.36 35.07
C HIS B 137 1.10 -58.77 36.45
N LEU B 138 2.13 -58.00 36.75
CA LEU B 138 2.25 -57.35 38.03
C LEU B 138 1.72 -55.95 37.89
N VAL B 139 0.63 -55.62 38.56
CA VAL B 139 -0.02 -54.35 38.29
C VAL B 139 0.23 -53.23 39.27
N SER B 140 -0.10 -53.44 40.53
CA SER B 140 -0.01 -52.36 41.47
C SER B 140 0.25 -52.85 42.88
N PHE B 141 0.71 -51.95 43.75
CA PHE B 141 1.06 -52.33 45.11
C PHE B 141 0.97 -51.18 46.09
N GLU B 142 0.19 -51.34 47.14
CA GLU B 142 0.00 -50.31 48.16
C GLU B 142 0.03 -50.94 49.51
N GLN B 143 0.37 -50.18 50.53
CA GLN B 143 0.40 -50.74 51.87
C GLN B 143 0.17 -49.69 52.91
N GLU B 144 -0.32 -50.09 54.08
CA GLU B 144 -0.52 -49.16 55.19
C GLU B 144 -0.25 -49.76 56.59
N ILE B 145 -0.07 -48.88 57.56
CA ILE B 145 0.19 -49.24 58.94
C ILE B 145 -0.81 -48.57 59.85
N PHE B 146 -1.44 -49.37 60.70
CA PHE B 146 -2.51 -48.89 61.54
C PHE B 146 -2.61 -49.60 62.87
N ASN B 147 -3.50 -49.08 63.70
CA ASN B 147 -3.71 -49.59 65.05
C ASN B 147 -2.37 -49.78 65.72
N VAL B 148 -1.59 -48.72 65.75
CA VAL B 148 -0.30 -48.74 66.39
C VAL B 148 -0.41 -48.76 67.90
N VAL B 149 0.46 -49.55 68.54
CA VAL B 149 0.53 -49.63 69.99
C VAL B 149 1.94 -49.53 70.48
N LEU B 150 2.15 -48.72 71.50
CA LEU B 150 3.43 -48.65 72.20
C LEU B 150 3.23 -48.95 73.65
N LYS B 151 4.03 -49.90 74.15
CA LYS B 151 3.98 -50.33 75.53
C LYS B 151 5.38 -50.27 76.12
N THR B 152 5.47 -49.96 77.41
CA THR B 152 6.72 -50.00 78.16
C THR B 152 6.72 -51.17 79.11
N VAL B 153 7.83 -51.91 79.20
CA VAL B 153 7.91 -53.01 80.15
C VAL B 153 8.09 -52.42 81.51
N SER B 154 9.30 -52.51 82.04
CA SER B 154 9.59 -51.96 83.34
C SER B 154 8.47 -52.34 84.31
N GLU B 155 8.40 -53.56 84.84
CA GLU B 155 9.39 -54.66 85.03
C GLU B 155 9.31 -54.75 86.53
N SER B 156 9.68 -55.89 87.10
CA SER B 156 10.08 -55.90 88.50
C SER B 156 9.02 -55.37 89.49
N ALA B 157 7.85 -55.99 89.54
CA ALA B 157 6.84 -55.51 90.48
C ALA B 157 5.70 -56.48 90.79
N THR B 158 5.77 -57.23 91.89
CA THR B 158 6.94 -57.47 92.76
C THR B 158 6.54 -58.67 93.61
N GLN B 159 7.50 -59.33 94.27
CA GLN B 159 7.31 -60.63 94.93
C GLN B 159 7.32 -61.69 93.82
N PRO B 160 8.16 -62.74 93.97
CA PRO B 160 8.89 -63.64 93.07
C PRO B 160 9.71 -63.15 91.84
N PRO B 161 9.65 -61.87 91.39
CA PRO B 161 8.96 -60.58 91.46
C PRO B 161 8.15 -60.22 90.20
N THR B 162 8.20 -61.05 89.16
CA THR B 162 7.35 -60.89 87.96
C THR B 162 7.57 -59.60 87.16
N LYS B 163 6.97 -59.49 85.99
CA LYS B 163 7.10 -58.26 85.19
C LYS B 163 5.74 -57.79 84.70
N VAL B 164 5.62 -56.50 84.38
CA VAL B 164 4.33 -55.91 84.01
C VAL B 164 4.49 -54.86 82.92
N TYR B 165 3.55 -54.86 81.98
CA TYR B 165 3.60 -54.05 80.77
C TYR B 165 2.50 -52.99 80.72
N ASN B 166 2.86 -51.72 80.55
CA ASN B 166 1.85 -50.67 80.47
C ASN B 166 1.84 -49.93 79.15
N ASN B 167 0.72 -49.30 78.82
CA ASN B 167 0.66 -48.49 77.64
C ASN B 167 1.28 -47.12 77.82
N ASP B 168 2.15 -46.73 76.87
CA ASP B 168 2.62 -45.34 76.78
C ASP B 168 1.86 -44.64 75.70
N LEU B 169 0.80 -43.95 76.04
CA LEU B 169 -0.08 -43.41 75.03
C LEU B 169 0.60 -42.36 74.15
N THR B 170 1.42 -41.53 74.78
CA THR B 170 2.10 -40.44 74.10
C THR B 170 3.30 -40.84 73.27
N ALA B 171 3.71 -42.10 73.37
CA ALA B 171 4.91 -42.57 72.69
C ALA B 171 4.69 -42.69 71.20
N SER B 172 5.76 -42.64 70.42
CA SER B 172 5.61 -42.60 68.96
C SER B 172 6.40 -43.71 68.28
N LEU B 173 5.88 -44.19 67.16
CA LEU B 173 6.55 -45.17 66.30
C LEU B 173 7.02 -44.51 65.04
N MET B 174 8.32 -44.61 64.75
CA MET B 174 8.89 -43.95 63.57
C MET B 174 8.73 -44.81 62.33
N VAL B 175 8.17 -44.25 61.28
CA VAL B 175 7.97 -44.97 60.04
C VAL B 175 8.52 -44.16 58.91
N ALA B 176 9.28 -44.79 58.02
CA ALA B 176 9.88 -44.05 56.94
C ALA B 176 9.82 -44.82 55.64
N LEU B 177 9.31 -44.16 54.61
CA LEU B 177 9.17 -44.78 53.32
C LEU B 177 10.11 -44.16 52.30
N ASP B 178 11.08 -44.94 51.86
CA ASP B 178 12.13 -44.49 50.96
C ASP B 178 11.61 -44.56 49.58
N SER B 179 10.69 -43.67 49.26
CA SER B 179 9.94 -43.81 48.03
C SER B 179 10.77 -43.44 46.83
N ASN B 180 11.85 -42.71 47.05
CA ASN B 180 12.75 -42.38 45.97
C ASN B 180 13.81 -43.42 45.69
N ASN B 181 13.77 -44.52 46.44
CA ASN B 181 14.83 -45.51 46.40
C ASN B 181 16.19 -44.87 46.51
N THR B 182 16.35 -44.06 47.55
CA THR B 182 17.61 -43.41 47.83
C THR B 182 18.61 -44.43 48.34
N MET B 183 18.10 -45.45 48.99
CA MET B 183 18.94 -46.32 49.79
C MET B 183 19.06 -47.72 49.25
N PRO B 184 20.15 -48.41 49.63
CA PRO B 184 20.48 -49.69 49.04
C PRO B 184 19.35 -50.68 49.14
N PHE B 185 19.15 -51.40 48.05
CA PHE B 185 18.06 -52.33 47.97
C PHE B 185 18.44 -53.63 48.67
N THR B 186 17.68 -53.99 49.71
CA THR B 186 17.94 -55.22 50.45
C THR B 186 16.66 -56.06 50.58
N PRO B 187 16.34 -56.84 49.55
CA PRO B 187 15.19 -57.73 49.57
C PRO B 187 15.38 -58.85 50.59
N ALA B 188 14.43 -59.02 51.51
CA ALA B 188 14.64 -59.93 52.62
C ALA B 188 14.42 -61.39 52.30
N ALA B 189 13.98 -61.67 51.09
CA ALA B 189 13.68 -63.04 50.70
C ALA B 189 14.94 -63.89 50.63
N MET B 190 16.07 -63.25 50.38
CA MET B 190 17.30 -63.98 50.17
C MET B 190 17.81 -64.57 51.45
N ARG B 191 17.27 -64.08 52.56
CA ARG B 191 17.70 -64.52 53.86
C ARG B 191 16.53 -65.11 54.61
N SER B 192 15.47 -65.39 53.85
CA SER B 192 14.21 -65.86 54.41
C SER B 192 13.79 -64.97 55.56
N GLU B 193 13.75 -63.66 55.34
CA GLU B 193 13.46 -62.73 56.41
C GLU B 193 12.32 -61.73 56.11
N THR B 194 11.33 -62.19 55.39
CA THR B 194 10.18 -61.37 55.08
C THR B 194 9.21 -61.47 56.21
N LEU B 195 7.98 -61.04 55.96
CA LEU B 195 6.94 -61.20 56.95
C LEU B 195 6.48 -62.67 57.00
N GLY B 196 5.77 -63.02 58.06
CA GLY B 196 5.26 -64.38 58.24
C GLY B 196 4.29 -64.84 57.17
N PHE B 197 4.21 -66.13 56.93
CA PHE B 197 3.34 -66.61 55.86
C PHE B 197 1.96 -67.04 56.37
N TYR B 198 1.71 -66.91 57.66
CA TYR B 198 0.40 -67.28 58.20
C TYR B 198 -0.30 -66.05 58.77
N PRO B 199 -1.53 -65.80 58.30
CA PRO B 199 -2.38 -64.68 58.66
C PRO B 199 -2.76 -64.62 60.12
N TRP B 200 -2.96 -65.77 60.74
CA TRP B 200 -3.43 -65.77 62.11
C TRP B 200 -2.27 -65.83 63.09
N LYS B 201 -1.05 -65.81 62.55
CA LYS B 201 0.15 -65.82 63.37
C LYS B 201 0.89 -64.49 63.24
N PRO B 202 1.20 -63.83 64.37
CA PRO B 202 1.94 -62.58 64.35
C PRO B 202 3.34 -62.76 63.78
N THR B 203 3.97 -61.66 63.41
CA THR B 203 5.25 -61.69 62.72
C THR B 203 6.10 -60.47 63.07
N ILE B 204 7.24 -60.34 62.41
CA ILE B 204 8.20 -59.32 62.80
C ILE B 204 8.94 -58.79 61.60
N PRO B 205 9.45 -57.55 61.69
CA PRO B 205 10.37 -57.02 60.69
C PRO B 205 11.76 -57.55 60.92
N THR B 206 12.75 -57.14 60.14
CA THR B 206 14.13 -57.55 60.42
C THR B 206 15.02 -56.37 60.51
N PRO B 207 16.01 -56.42 61.39
CA PRO B 207 16.92 -55.29 61.59
C PRO B 207 17.60 -54.89 60.29
N TRP B 208 17.60 -53.61 59.95
CA TRP B 208 18.15 -53.23 58.67
C TRP B 208 19.66 -52.98 58.69
N ARG B 209 20.30 -53.38 57.60
CA ARG B 209 21.75 -53.49 57.47
C ARG B 209 22.14 -53.41 56.02
N TYR B 210 23.27 -52.85 55.68
CA TYR B 210 23.63 -52.83 54.27
C TYR B 210 25.11 -52.88 54.04
N TYR B 211 25.49 -53.19 52.81
CA TYR B 211 26.90 -53.40 52.51
C TYR B 211 27.63 -52.08 52.50
N PHE B 212 28.78 -52.06 53.16
CA PHE B 212 29.76 -50.98 53.18
C PHE B 212 31.02 -51.47 52.51
N GLN B 213 31.69 -50.65 51.73
CA GLN B 213 32.76 -51.17 50.86
C GLN B 213 33.96 -51.72 51.63
N TRP B 214 34.61 -52.73 51.06
CA TRP B 214 35.83 -53.26 51.61
C TRP B 214 36.67 -53.88 50.49
N ASP B 215 37.99 -53.71 50.54
CA ASP B 215 38.92 -54.46 49.68
C ASP B 215 39.30 -55.77 50.37
N ARG B 216 39.69 -56.77 49.59
CA ARG B 216 39.89 -58.11 50.15
C ARG B 216 40.47 -59.06 49.11
N THR B 217 41.49 -59.80 49.50
CA THR B 217 42.09 -60.81 48.63
C THR B 217 42.07 -62.17 49.33
N LEU B 218 41.80 -63.22 48.56
CA LEU B 218 41.85 -64.59 49.04
C LEU B 218 42.28 -65.49 47.91
N ILE B 219 43.49 -66.03 48.00
CA ILE B 219 43.98 -66.95 46.99
C ILE B 219 43.47 -68.35 47.29
N PRO B 220 42.87 -68.99 46.30
CA PRO B 220 42.32 -70.31 46.52
C PRO B 220 43.43 -71.32 46.75
N SER B 221 43.07 -72.50 47.23
CA SER B 221 44.03 -73.51 47.63
C SER B 221 43.32 -74.83 47.79
N HIS B 222 44.07 -75.89 48.05
CA HIS B 222 43.47 -77.20 48.34
C HIS B 222 44.07 -77.74 49.62
N THR B 223 43.64 -78.91 50.04
CA THR B 223 44.11 -79.46 51.30
C THR B 223 45.59 -79.73 51.23
N GLY B 224 46.03 -80.17 50.06
CA GLY B 224 47.42 -80.49 49.81
C GLY B 224 48.36 -79.31 49.79
N THR B 225 47.86 -78.17 49.35
CA THR B 225 48.67 -76.97 49.31
C THR B 225 49.20 -76.69 50.70
N SER B 226 50.50 -76.48 50.81
CA SER B 226 51.02 -76.04 52.08
C SER B 226 51.72 -74.71 51.88
N GLY B 227 52.15 -74.13 52.99
CA GLY B 227 52.43 -72.71 53.05
C GLY B 227 51.14 -72.07 53.50
N THR B 228 51.10 -70.75 53.55
CA THR B 228 49.87 -70.07 53.88
C THR B 228 49.50 -69.15 52.74
N PRO B 229 48.43 -69.50 52.02
CA PRO B 229 47.92 -68.73 50.88
C PRO B 229 47.40 -67.38 51.36
N THR B 230 47.72 -66.31 50.64
CA THR B 230 47.42 -64.97 51.14
C THR B 230 45.93 -64.81 51.34
N ASN B 231 45.58 -64.34 52.52
CA ASN B 231 44.21 -64.28 52.96
C ASN B 231 44.05 -63.06 53.86
N ILE B 232 43.88 -61.89 53.25
CA ILE B 232 43.90 -60.67 54.04
C ILE B 232 42.67 -59.79 53.82
N TYR B 233 42.35 -58.98 54.82
CA TYR B 233 41.33 -57.96 54.71
C TYR B 233 42.07 -56.65 54.62
N HIS B 234 42.14 -56.10 53.42
CA HIS B 234 42.93 -54.92 53.14
C HIS B 234 42.40 -53.65 53.79
N GLY B 235 41.10 -53.49 53.80
CA GLY B 235 40.50 -52.29 54.37
C GLY B 235 39.35 -51.74 53.56
N THR B 236 39.39 -50.44 53.28
CA THR B 236 38.27 -49.80 52.62
C THR B 236 38.72 -48.78 51.59
N ASP B 237 38.35 -48.98 50.33
CA ASP B 237 38.70 -48.06 49.25
C ASP B 237 37.91 -46.76 49.49
N PRO B 238 38.60 -45.66 49.81
CA PRO B 238 37.90 -44.42 50.15
C PRO B 238 37.03 -43.86 49.02
N ASP B 239 37.41 -44.13 47.79
CA ASP B 239 36.69 -43.57 46.65
C ASP B 239 35.33 -44.20 46.53
N ASP B 240 35.09 -45.23 47.33
CA ASP B 240 33.88 -46.03 47.21
C ASP B 240 33.04 -45.98 48.46
N VAL B 241 33.30 -45.01 49.31
CA VAL B 241 32.61 -44.97 50.60
C VAL B 241 31.25 -44.33 50.54
N GLN B 242 30.22 -45.07 50.95
CA GLN B 242 28.91 -44.46 51.07
C GLN B 242 28.23 -44.80 52.39
N PHE B 243 28.16 -43.81 53.28
CA PHE B 243 27.48 -43.96 54.55
C PHE B 243 26.09 -43.36 54.43
N TYR B 244 25.08 -44.23 54.39
CA TYR B 244 23.70 -43.79 54.25
C TYR B 244 23.05 -43.79 55.61
N THR B 245 22.20 -42.80 55.87
CA THR B 245 21.32 -42.84 57.02
C THR B 245 19.90 -42.59 56.58
N ILE B 246 18.96 -43.24 57.24
CA ILE B 246 17.57 -42.97 57.02
C ILE B 246 17.31 -41.50 57.24
N GLU B 247 17.82 -40.97 58.35
CA GLU B 247 17.48 -39.63 58.78
C GLU B 247 17.79 -38.58 57.75
N ASN B 248 18.90 -38.71 57.04
CA ASN B 248 19.25 -37.66 56.07
C ASN B 248 18.70 -37.79 54.65
N SER B 249 18.02 -38.88 54.36
CA SER B 249 17.53 -39.11 53.01
C SER B 249 16.01 -39.12 52.95
N VAL B 250 15.37 -39.56 54.03
CA VAL B 250 13.95 -39.85 54.01
C VAL B 250 13.18 -39.11 55.08
N PRO B 251 11.99 -38.62 54.73
CA PRO B 251 11.12 -38.04 55.74
C PRO B 251 10.55 -39.11 56.64
N VAL B 252 10.63 -38.90 57.95
CA VAL B 252 10.14 -39.88 58.90
C VAL B 252 8.87 -39.41 59.52
N HIS B 253 7.89 -40.30 59.61
CA HIS B 253 6.62 -39.98 60.22
C HIS B 253 6.56 -40.55 61.61
N LEU B 254 6.12 -39.74 62.55
CA LEU B 254 5.91 -40.23 63.88
C LEU B 254 4.47 -40.64 64.07
N LEU B 255 4.24 -41.91 64.38
CA LEU B 255 2.88 -42.40 64.63
C LEU B 255 2.62 -42.68 66.09
N ARG B 256 1.61 -42.04 66.66
CA ARG B 256 1.16 -42.45 67.98
C ARG B 256 0.02 -43.44 67.75
N THR B 257 -0.70 -43.84 68.80
CA THR B 257 -1.73 -44.86 68.68
C THR B 257 -2.78 -44.53 67.64
N GLY B 258 -3.28 -43.30 67.70
CA GLY B 258 -4.38 -42.88 66.84
C GLY B 258 -4.02 -42.47 65.44
N ASP B 259 -2.74 -42.56 65.11
CA ASP B 259 -2.24 -42.19 63.79
C ASP B 259 -2.22 -43.38 62.87
N GLU B 260 -2.18 -43.12 61.58
CA GLU B 260 -2.01 -44.19 60.62
C GLU B 260 -1.18 -43.67 59.47
N PHE B 261 -0.53 -44.58 58.77
CA PHE B 261 0.24 -44.21 57.60
C PHE B 261 -0.02 -45.11 56.44
N ALA B 262 -0.28 -44.53 55.30
CA ALA B 262 -0.49 -45.31 54.09
C ALA B 262 0.38 -44.80 52.97
N THR B 263 0.87 -45.70 52.14
CA THR B 263 1.68 -45.32 51.01
C THR B 263 0.70 -45.08 49.92
N GLY B 264 1.17 -44.55 48.80
CA GLY B 264 0.28 -44.35 47.68
C GLY B 264 -0.05 -45.68 47.05
N THR B 265 -0.53 -45.65 45.81
CA THR B 265 -0.58 -46.88 45.07
C THR B 265 0.46 -46.84 43.99
N PHE B 266 1.44 -47.72 44.08
CA PHE B 266 2.50 -47.77 43.08
C PHE B 266 2.12 -48.67 41.91
N PHE B 267 2.34 -48.17 40.69
CA PHE B 267 2.05 -48.96 39.51
C PHE B 267 3.29 -49.48 38.83
N PHE B 268 3.32 -50.78 38.59
CA PHE B 268 4.50 -51.39 38.02
C PHE B 268 4.52 -51.26 36.52
N ASP B 269 5.69 -51.49 35.94
CA ASP B 269 5.77 -51.81 34.52
C ASP B 269 6.95 -52.72 34.25
N CYS B 270 6.60 -53.93 33.83
CA CYS B 270 7.53 -55.01 33.56
C CYS B 270 6.95 -55.90 32.45
N LYS B 271 7.66 -56.97 32.11
CA LYS B 271 7.14 -57.95 31.17
C LYS B 271 6.18 -58.87 31.89
N PRO B 272 5.40 -59.63 31.13
CA PRO B 272 4.57 -60.63 31.76
C PRO B 272 5.39 -61.83 32.19
N CYS B 273 4.96 -62.48 33.27
CA CYS B 273 5.53 -63.76 33.67
C CYS B 273 4.67 -64.91 33.17
N ARG B 274 5.29 -65.93 32.58
CA ARG B 274 4.47 -66.98 31.95
C ARG B 274 4.35 -68.19 32.84
N LEU B 275 3.20 -68.83 32.82
CA LEU B 275 3.02 -69.98 33.68
C LEU B 275 2.94 -71.25 32.88
N THR B 276 3.78 -71.34 31.85
CA THR B 276 3.90 -72.55 31.08
C THR B 276 5.37 -72.83 30.90
N HIS B 277 5.70 -74.11 30.89
CA HIS B 277 7.07 -74.53 30.71
C HIS B 277 7.30 -75.01 29.28
N THR B 278 8.50 -74.81 28.75
CA THR B 278 8.77 -75.29 27.40
C THR B 278 9.50 -76.60 27.53
N TRP B 279 9.19 -77.58 26.69
CA TRP B 279 9.78 -78.88 26.87
C TRP B 279 10.81 -79.21 25.82
N GLN B 280 10.92 -78.38 24.81
CA GLN B 280 11.74 -78.75 23.67
C GLN B 280 13.18 -78.32 23.85
N THR B 281 14.07 -79.27 23.57
CA THR B 281 15.49 -79.02 23.43
C THR B 281 15.72 -79.01 21.95
N ASN B 282 16.94 -78.73 21.54
CA ASN B 282 17.24 -78.69 20.11
C ASN B 282 16.83 -79.94 19.36
N ARG B 283 16.80 -81.08 20.05
CA ARG B 283 16.58 -82.37 19.41
C ARG B 283 15.14 -82.56 18.96
N ALA B 284 14.29 -81.62 19.34
CA ALA B 284 12.88 -81.65 18.99
C ALA B 284 12.42 -80.33 18.43
N LEU B 285 13.19 -79.78 17.51
CA LEU B 285 12.82 -78.55 16.86
C LEU B 285 12.71 -78.78 15.38
N GLY B 286 11.50 -78.69 14.82
CA GLY B 286 11.38 -78.71 13.38
C GLY B 286 10.75 -79.96 12.81
N LEU B 287 11.12 -80.29 11.60
CA LEU B 287 10.55 -81.43 10.92
C LEU B 287 11.29 -82.72 11.28
N PRO B 288 10.61 -83.67 11.95
CA PRO B 288 11.23 -84.97 12.20
C PRO B 288 11.42 -85.72 10.89
N PRO B 289 12.41 -86.61 10.84
CA PRO B 289 12.82 -87.25 9.59
C PRO B 289 11.77 -88.22 9.14
N PHE B 290 11.56 -88.31 7.83
CA PHE B 290 10.49 -89.15 7.35
C PHE B 290 10.78 -90.62 7.53
N LEU B 291 9.85 -91.33 8.16
CA LEU B 291 10.01 -92.76 8.39
C LEU B 291 9.49 -93.57 7.23
N ASN B 292 10.38 -94.27 6.54
CA ASN B 292 9.99 -95.12 5.43
C ASN B 292 9.59 -96.49 5.89
N SER B 293 9.81 -96.78 7.18
CA SER B 293 9.38 -98.05 7.77
C SER B 293 8.68 -97.89 9.11
N LEU B 294 7.35 -97.99 9.09
CA LEU B 294 6.59 -97.91 10.32
C LEU B 294 6.28 -99.26 10.91
N PRO B 295 6.24 -99.34 12.23
CA PRO B 295 5.99 -100.58 12.95
C PRO B 295 4.67 -101.15 12.58
N GLN B 296 4.49 -102.47 12.72
CA GLN B 296 3.23 -103.11 12.42
C GLN B 296 2.67 -103.93 13.57
N SER B 297 3.24 -103.78 14.76
CA SER B 297 2.60 -104.32 15.96
C SER B 297 2.88 -103.44 17.18
N GLU B 298 1.92 -103.38 18.10
CA GLU B 298 2.08 -102.56 19.30
C GLU B 298 3.14 -103.19 20.16
N GLY B 299 3.67 -102.44 21.12
CA GLY B 299 4.65 -102.99 22.01
C GLY B 299 5.77 -102.03 22.32
N GLY B 300 6.78 -102.52 23.02
CA GLY B 300 7.79 -101.64 23.58
C GLY B 300 9.11 -101.63 22.84
N THR B 301 9.27 -102.52 21.86
CA THR B 301 10.50 -102.56 21.09
C THR B 301 10.24 -102.65 19.59
N ASN B 302 9.01 -102.38 19.21
CA ASN B 302 8.62 -102.32 17.80
C ASN B 302 8.89 -100.95 17.21
N PHE B 303 10.15 -100.61 17.01
CA PHE B 303 10.49 -99.25 16.60
C PHE B 303 10.25 -98.98 15.12
N GLY B 304 10.14 -97.71 14.76
CA GLY B 304 10.09 -97.34 13.35
C GLY B 304 11.50 -97.02 12.91
N TYR B 305 11.78 -97.09 11.62
CA TYR B 305 13.12 -96.85 11.14
C TYR B 305 13.10 -95.84 10.01
N ILE B 306 14.01 -94.84 10.05
CA ILE B 306 14.09 -93.84 8.99
C ILE B 306 14.23 -94.49 7.65
N GLY B 307 15.25 -95.33 7.53
CA GLY B 307 15.36 -96.17 6.36
C GLY B 307 16.07 -95.63 5.15
N VAL B 308 16.97 -94.68 5.36
CA VAL B 308 17.90 -94.28 4.31
C VAL B 308 19.23 -94.11 4.99
N GLN B 309 20.27 -94.56 4.31
CA GLN B 309 21.63 -94.57 4.82
C GLN B 309 22.01 -93.20 5.37
N GLN B 310 22.58 -93.16 6.58
CA GLN B 310 22.83 -91.89 7.23
C GLN B 310 23.69 -90.92 6.39
N ASP B 311 24.48 -91.45 5.46
CA ASP B 311 25.35 -90.58 4.66
C ASP B 311 24.78 -90.35 3.27
N LYS B 312 23.59 -90.90 3.03
CA LYS B 312 22.92 -90.72 1.75
C LYS B 312 21.65 -89.93 1.94
N ARG B 313 21.57 -89.19 3.03
CA ARG B 313 20.35 -88.49 3.39
C ARG B 313 20.36 -87.05 2.90
N ARG B 314 19.17 -86.48 2.75
CA ARG B 314 19.00 -85.09 2.33
C ARG B 314 18.74 -84.21 3.53
N GLY B 315 19.13 -82.94 3.45
CA GLY B 315 18.92 -82.01 4.55
C GLY B 315 20.03 -81.00 4.69
N VAL B 316 20.00 -80.25 5.80
CA VAL B 316 20.99 -79.20 6.03
C VAL B 316 21.72 -79.37 7.34
N THR B 317 23.06 -79.31 7.28
CA THR B 317 23.88 -79.32 8.49
C THR B 317 24.96 -78.23 8.43
N GLN B 318 25.60 -78.01 9.57
CA GLN B 318 26.66 -77.03 9.66
C GLN B 318 28.02 -77.69 9.73
N MET B 319 28.08 -78.90 9.21
CA MET B 319 29.30 -79.69 9.19
C MET B 319 29.79 -79.87 7.76
N GLY B 320 30.68 -78.98 7.33
CA GLY B 320 31.15 -78.97 5.97
C GLY B 320 31.82 -80.24 5.49
N ASN B 321 32.25 -81.05 6.44
CA ASN B 321 32.94 -82.28 6.12
C ASN B 321 32.01 -83.44 5.73
N THR B 322 31.36 -84.05 6.72
CA THR B 322 30.63 -85.29 6.47
C THR B 322 29.35 -85.10 5.72
N ASN B 323 28.88 -86.21 5.18
CA ASN B 323 27.59 -86.27 4.56
C ASN B 323 26.59 -86.96 5.45
N TYR B 324 26.99 -87.17 6.70
CA TYR B 324 26.13 -87.76 7.72
C TYR B 324 25.06 -86.79 8.12
N ILE B 325 23.80 -87.20 8.05
CA ILE B 325 22.75 -86.33 8.51
C ILE B 325 21.93 -87.06 9.54
N THR B 326 22.23 -86.81 10.79
CA THR B 326 21.57 -87.47 11.89
C THR B 326 20.92 -86.47 12.81
N GLU B 327 20.06 -86.95 13.71
CA GLU B 327 19.37 -86.07 14.65
C GLU B 327 20.32 -85.23 15.51
N ALA B 328 21.53 -85.72 15.74
CA ALA B 328 22.50 -84.94 16.48
C ALA B 328 23.28 -84.07 15.54
N THR B 329 23.07 -84.25 14.25
CA THR B 329 23.87 -83.56 13.27
C THR B 329 23.08 -82.45 12.60
N ILE B 330 21.82 -82.74 12.30
CA ILE B 330 20.95 -81.85 11.54
C ILE B 330 20.86 -80.45 12.15
N MET B 331 20.89 -79.45 11.28
CA MET B 331 20.82 -78.08 11.72
C MET B 331 19.56 -77.78 12.51
N ARG B 332 19.68 -76.88 13.46
CA ARG B 332 18.53 -76.37 14.18
C ARG B 332 18.57 -74.86 13.98
N PRO B 333 17.43 -74.20 14.13
CA PRO B 333 17.35 -72.78 13.84
C PRO B 333 18.21 -71.92 14.76
N ALA B 334 18.30 -72.34 16.01
CA ALA B 334 19.13 -71.67 16.97
C ALA B 334 19.44 -72.63 18.09
N GLU B 335 19.76 -72.12 19.27
CA GLU B 335 20.04 -73.02 20.38
C GLU B 335 19.27 -72.68 21.63
N VAL B 336 18.56 -73.68 22.12
CA VAL B 336 17.76 -73.56 23.31
C VAL B 336 18.65 -73.76 24.50
N GLY B 337 18.80 -72.75 25.32
CA GLY B 337 19.60 -72.87 26.52
C GLY B 337 21.08 -72.72 26.26
N TYR B 338 21.86 -72.81 27.34
CA TYR B 338 23.27 -72.65 27.18
C TYR B 338 24.01 -73.38 28.26
N SER B 339 25.27 -73.69 27.97
CA SER B 339 26.15 -74.34 28.92
C SER B 339 26.98 -73.29 29.65
N ALA B 340 27.08 -73.43 30.96
CA ALA B 340 27.78 -72.45 31.79
C ALA B 340 28.77 -73.11 32.71
N PRO B 341 29.79 -72.38 33.14
CA PRO B 341 30.76 -72.92 34.10
C PRO B 341 30.14 -73.31 35.44
N TYR B 342 30.64 -74.36 36.06
CA TYR B 342 30.06 -74.89 37.29
C TYR B 342 31.02 -75.83 38.04
N TYR B 343 31.16 -75.73 39.37
CA TYR B 343 30.72 -74.62 40.20
C TYR B 343 31.70 -73.48 40.06
N SER B 344 31.42 -72.53 39.19
CA SER B 344 32.43 -71.54 38.94
C SER B 344 32.41 -70.47 40.03
N PHE B 345 33.59 -70.12 40.53
CA PHE B 345 33.73 -68.97 41.41
C PHE B 345 34.64 -67.96 40.75
N GLU B 346 34.25 -66.71 40.78
CA GLU B 346 35.07 -65.65 40.23
C GLU B 346 35.34 -64.67 41.34
N ALA B 347 36.34 -63.82 41.18
CA ALA B 347 36.68 -62.95 42.28
C ALA B 347 36.95 -61.53 41.84
N SER B 348 36.46 -60.58 42.63
CA SER B 348 36.76 -59.19 42.37
C SER B 348 36.97 -58.47 43.68
N THR B 349 37.42 -57.22 43.60
CA THR B 349 37.66 -56.31 44.72
C THR B 349 37.33 -56.81 46.12
N GLN B 350 36.20 -57.48 46.27
CA GLN B 350 35.70 -57.82 47.58
C GLN B 350 35.69 -59.29 47.88
N GLY B 351 36.35 -60.06 47.03
CA GLY B 351 36.48 -61.46 47.26
C GLY B 351 35.79 -62.23 46.17
N PRO B 352 35.74 -63.55 46.33
CA PRO B 352 35.18 -64.50 45.38
C PRO B 352 33.69 -64.72 45.59
N PHE B 353 33.02 -65.15 44.54
CA PHE B 353 31.60 -65.42 44.58
C PHE B 353 31.24 -66.39 43.48
N LYS B 354 30.19 -67.17 43.69
CA LYS B 354 29.77 -68.12 42.69
C LYS B 354 29.20 -67.46 41.43
N THR B 355 29.48 -68.08 40.30
CA THR B 355 28.92 -67.68 39.03
C THR B 355 27.49 -68.22 38.89
N PRO B 356 26.52 -67.33 38.67
CA PRO B 356 25.12 -67.73 38.57
C PRO B 356 24.68 -68.31 37.21
N ILE B 357 23.75 -69.25 37.25
CA ILE B 357 23.32 -69.96 36.05
C ILE B 357 21.84 -69.69 35.78
N ALA B 358 21.46 -69.69 34.50
CA ALA B 358 20.11 -69.34 34.12
C ALA B 358 19.22 -70.53 34.01
N ALA B 359 19.61 -71.48 33.19
CA ALA B 359 18.67 -72.50 32.74
C ALA B 359 18.24 -73.51 33.83
N GLY B 360 17.88 -74.71 33.36
CA GLY B 360 17.53 -75.84 34.22
C GLY B 360 16.11 -76.14 33.87
N ARG B 361 15.60 -77.36 34.11
CA ARG B 361 16.35 -78.61 34.27
C ARG B 361 16.79 -79.20 32.94
N GLY B 362 17.92 -79.89 32.94
CA GLY B 362 18.39 -80.53 31.73
C GLY B 362 18.49 -82.04 31.73
N GLY B 363 18.63 -82.64 32.91
CA GLY B 363 18.82 -84.07 32.96
C GLY B 363 17.55 -84.81 32.64
N ALA B 364 17.66 -86.09 32.28
CA ALA B 364 16.48 -86.86 31.92
C ALA B 364 15.75 -87.37 33.15
N GLN B 365 15.24 -88.59 33.06
CA GLN B 365 14.45 -89.15 34.15
C GLN B 365 15.18 -89.15 35.49
N THR B 366 14.72 -88.28 36.39
CA THR B 366 15.17 -88.23 37.78
C THR B 366 16.69 -88.12 38.02
N ASP B 367 17.41 -87.53 37.08
CA ASP B 367 18.80 -87.21 37.36
C ASP B 367 19.04 -85.82 36.79
N GLU B 368 19.72 -85.01 37.58
CA GLU B 368 19.95 -83.62 37.28
C GLU B 368 21.37 -83.40 36.87
N ASN B 369 21.73 -82.14 36.90
CA ASN B 369 23.01 -81.73 37.37
C ASN B 369 22.68 -80.47 38.11
N GLN B 370 22.29 -80.62 39.36
CA GLN B 370 21.72 -79.51 40.10
C GLN B 370 22.66 -78.32 40.23
N ALA B 371 23.81 -78.38 39.55
CA ALA B 371 24.78 -77.31 39.62
C ALA B 371 25.06 -76.77 38.25
N ALA B 372 24.98 -77.63 37.25
CA ALA B 372 25.16 -77.19 35.88
C ALA B 372 23.88 -76.53 35.37
N ASP B 373 22.80 -76.71 36.12
CA ASP B 373 21.52 -76.06 35.85
C ASP B 373 21.29 -74.93 36.83
N GLY B 374 21.98 -74.98 37.96
CA GLY B 374 21.93 -73.92 38.95
C GLY B 374 20.58 -73.90 39.61
N ASP B 375 20.09 -75.09 39.91
CA ASP B 375 18.80 -75.25 40.57
C ASP B 375 18.85 -74.65 41.96
N PRO B 376 17.87 -73.79 42.29
CA PRO B 376 17.79 -72.98 43.50
C PRO B 376 17.46 -73.78 44.71
N ARG B 377 18.14 -73.52 45.83
CA ARG B 377 17.88 -74.28 47.05
C ARG B 377 17.48 -73.34 48.17
N TYR B 378 16.32 -73.58 48.75
CA TYR B 378 15.74 -72.63 49.67
C TYR B 378 15.78 -73.14 51.10
N ALA B 379 16.23 -72.28 52.01
CA ALA B 379 16.31 -72.63 53.42
C ALA B 379 15.53 -71.63 54.26
N PHE B 380 14.70 -72.13 55.16
CA PHE B 380 13.74 -71.27 55.82
C PHE B 380 13.26 -71.83 57.14
N GLY B 381 12.59 -71.01 57.94
CA GLY B 381 12.27 -71.42 59.28
C GLY B 381 10.90 -71.06 59.79
N ARG B 382 10.17 -72.09 60.20
CA ARG B 382 8.84 -72.02 60.81
C ARG B 382 7.92 -70.94 60.32
N GLN B 383 8.33 -69.69 60.50
CA GLN B 383 7.60 -68.54 59.98
C GLN B 383 7.37 -68.61 58.49
N HIS B 384 8.22 -69.32 57.76
CA HIS B 384 8.08 -69.27 56.30
C HIS B 384 7.95 -70.65 55.69
N GLY B 385 7.41 -71.61 56.41
CA GLY B 385 7.11 -72.89 55.81
C GLY B 385 7.39 -74.11 56.64
N GLN B 386 8.49 -74.12 57.38
CA GLN B 386 8.85 -75.28 58.20
C GLN B 386 7.74 -75.59 59.20
N LYS B 387 7.58 -76.87 59.56
CA LYS B 387 6.52 -77.25 60.49
C LYS B 387 6.74 -76.50 61.78
N THR B 388 5.70 -75.79 62.22
CA THR B 388 5.89 -74.83 63.28
C THR B 388 6.12 -75.46 64.66
N THR B 389 5.85 -76.75 64.81
CA THR B 389 6.09 -77.45 66.08
C THR B 389 7.52 -77.97 66.23
N THR B 390 8.27 -77.95 65.15
CA THR B 390 9.64 -78.41 65.17
C THR B 390 10.55 -77.56 66.05
N THR B 391 11.12 -78.16 67.08
CA THR B 391 12.16 -77.49 67.85
C THR B 391 13.51 -77.76 67.21
N GLY B 392 14.53 -77.03 67.62
CA GLY B 392 15.82 -77.20 67.01
C GLY B 392 16.18 -76.06 66.07
N GLU B 393 17.48 -75.88 65.87
CA GLU B 393 18.02 -74.73 65.18
C GLU B 393 18.12 -74.97 63.67
N THR B 394 17.86 -76.19 63.23
CA THR B 394 18.10 -76.58 61.84
C THR B 394 16.96 -76.23 60.93
N PRO B 395 17.23 -75.50 59.84
CA PRO B 395 16.22 -75.03 58.89
C PRO B 395 15.69 -76.10 57.96
N GLU B 396 14.50 -75.94 57.42
CA GLU B 396 13.95 -76.83 56.39
C GLU B 396 14.43 -76.35 55.03
N ARG B 397 14.53 -77.26 54.07
CA ARG B 397 15.09 -76.91 52.78
C ARG B 397 14.38 -77.60 51.63
N PHE B 398 14.64 -77.12 50.42
CA PHE B 398 14.23 -77.83 49.23
C PHE B 398 15.01 -77.30 48.04
N THR B 399 15.10 -78.10 46.99
CA THR B 399 15.76 -77.65 45.78
C THR B 399 14.75 -77.57 44.64
N TYR B 400 14.53 -76.37 44.12
CA TYR B 400 13.53 -76.20 43.08
C TYR B 400 14.01 -76.64 41.73
N ILE B 401 13.41 -77.70 41.22
CA ILE B 401 13.71 -78.12 39.87
C ILE B 401 12.59 -77.77 38.92
N ALA B 402 12.87 -76.83 38.03
CA ALA B 402 11.87 -76.27 37.14
C ALA B 402 11.36 -77.35 36.22
N HIS B 403 10.22 -77.08 35.59
CA HIS B 403 9.65 -78.03 34.65
C HIS B 403 10.21 -77.79 33.29
N GLN B 404 10.70 -76.57 33.07
CA GLN B 404 11.16 -76.17 31.75
C GLN B 404 12.48 -76.79 31.39
N ASP B 405 12.45 -77.70 30.43
CA ASP B 405 13.65 -78.43 30.02
C ASP B 405 14.53 -77.51 29.14
N THR B 406 15.35 -76.68 29.77
CA THR B 406 16.25 -75.80 29.04
C THR B 406 17.69 -75.84 29.59
N GLY B 407 17.99 -76.84 30.41
CA GLY B 407 19.31 -76.97 31.03
C GLY B 407 20.24 -77.93 30.30
N ARG B 408 21.27 -78.41 31.00
CA ARG B 408 22.24 -79.32 30.39
C ARG B 408 22.49 -80.56 31.25
N TYR B 409 22.95 -81.61 30.61
CA TYR B 409 23.45 -82.82 31.29
C TYR B 409 24.85 -82.99 30.83
N PRO B 410 25.77 -82.22 31.40
CA PRO B 410 27.12 -82.10 30.84
C PRO B 410 27.81 -83.44 30.68
N GLU B 411 27.34 -84.48 31.37
CA GLU B 411 27.86 -85.82 31.21
C GLU B 411 27.76 -86.30 29.77
N GLY B 412 26.77 -85.78 29.04
CA GLY B 412 26.55 -86.15 27.66
C GLY B 412 27.20 -85.24 26.63
N ASP B 413 27.95 -84.25 27.08
CA ASP B 413 28.64 -83.32 26.17
C ASP B 413 29.88 -84.00 25.61
N TRP B 414 30.35 -83.55 24.45
CA TRP B 414 31.63 -84.00 23.93
C TRP B 414 32.07 -83.12 22.77
N ILE B 415 33.32 -83.26 22.35
CA ILE B 415 33.87 -82.44 21.27
C ILE B 415 34.74 -83.24 20.33
N GLN B 416 34.33 -83.38 19.08
CA GLN B 416 35.15 -84.17 18.16
C GLN B 416 36.09 -83.31 17.36
N ASN B 417 37.13 -83.93 16.83
CA ASN B 417 38.08 -83.28 15.95
C ASN B 417 37.46 -82.90 14.63
N ILE B 418 38.06 -81.89 13.99
CA ILE B 418 37.62 -81.38 12.70
C ILE B 418 37.37 -82.47 11.66
N ASN B 419 38.14 -83.55 11.72
CA ASN B 419 38.13 -84.51 10.64
C ASN B 419 36.92 -85.44 10.64
N PHE B 420 36.29 -85.59 11.80
CA PHE B 420 35.09 -86.39 11.93
C PHE B 420 35.28 -87.78 11.33
N ASN B 421 36.40 -88.39 11.66
CA ASN B 421 36.67 -89.79 11.34
C ASN B 421 36.11 -90.70 12.43
N LEU B 422 35.00 -91.35 12.14
CA LEU B 422 34.27 -92.04 13.20
C LEU B 422 33.95 -93.50 12.85
N PRO B 423 33.85 -94.38 13.85
CA PRO B 423 34.01 -94.24 15.31
C PRO B 423 35.26 -93.49 15.70
N VAL B 424 35.11 -92.55 16.62
CA VAL B 424 36.14 -91.58 16.88
C VAL B 424 37.22 -92.13 17.84
N THR B 425 38.47 -91.83 17.53
CA THR B 425 39.62 -92.21 18.37
C THR B 425 39.58 -91.52 19.73
N ASP B 426 40.19 -92.11 20.74
CA ASP B 426 40.27 -91.44 22.05
C ASP B 426 41.04 -90.13 21.91
N ASP B 427 41.90 -90.08 20.91
CA ASP B 427 42.72 -88.91 20.63
C ASP B 427 42.03 -87.83 19.80
N ASN B 428 40.89 -88.12 19.20
CA ASN B 428 40.22 -87.12 18.40
C ASN B 428 38.99 -86.53 19.09
N VAL B 429 38.74 -86.97 20.31
CA VAL B 429 37.58 -86.50 21.05
C VAL B 429 37.94 -86.12 22.47
N LEU B 430 37.21 -85.15 23.00
CA LEU B 430 37.35 -84.75 24.38
C LEU B 430 36.07 -85.03 25.10
N LEU B 431 36.14 -85.90 26.10
CA LEU B 431 34.97 -86.34 26.87
C LEU B 431 34.89 -85.68 28.23
N PRO B 432 33.73 -85.81 28.91
CA PRO B 432 33.68 -85.40 30.30
C PRO B 432 34.38 -86.38 31.21
N THR B 433 35.03 -87.36 30.60
CA THR B 433 35.80 -88.32 31.37
C THR B 433 37.22 -87.82 31.45
N ASP B 434 37.71 -87.30 30.32
CA ASP B 434 39.09 -86.82 30.24
C ASP B 434 39.29 -85.55 31.04
N PRO B 435 40.26 -85.60 31.97
CA PRO B 435 40.62 -84.57 32.94
C PRO B 435 41.25 -83.35 32.32
N ILE B 436 41.04 -82.23 33.00
CA ILE B 436 41.48 -80.94 32.54
C ILE B 436 42.43 -80.41 33.56
N GLY B 437 43.55 -79.89 33.12
CA GLY B 437 44.53 -79.37 34.05
C GLY B 437 45.06 -80.46 34.93
N GLY B 438 44.97 -81.70 34.45
CA GLY B 438 45.53 -82.81 35.19
C GLY B 438 44.79 -83.12 36.47
N LYS B 439 43.49 -82.88 36.44
CA LYS B 439 42.64 -83.12 37.60
C LYS B 439 41.57 -84.19 37.37
N THR B 440 41.51 -85.17 38.28
CA THR B 440 40.54 -86.27 38.21
C THR B 440 39.08 -85.85 38.16
N GLY B 441 38.72 -84.91 39.03
CA GLY B 441 37.34 -84.48 39.15
C GLY B 441 36.94 -83.26 38.34
N ILE B 442 37.76 -82.85 37.38
CA ILE B 442 37.42 -81.70 36.56
C ILE B 442 37.53 -82.06 35.09
N ASN B 443 36.53 -81.67 34.31
CA ASN B 443 36.60 -81.90 32.87
C ASN B 443 36.26 -80.63 32.16
N TYR B 444 36.26 -80.68 30.84
CA TYR B 444 36.18 -79.46 30.09
C TYR B 444 34.88 -78.79 30.33
N THR B 445 33.85 -79.56 30.64
CA THR B 445 32.56 -78.93 30.83
C THR B 445 32.48 -78.05 32.10
N ASN B 446 33.40 -78.17 33.04
CA ASN B 446 33.32 -77.27 34.20
C ASN B 446 33.69 -75.84 33.87
N ILE B 447 34.38 -75.63 32.76
CA ILE B 447 34.82 -74.30 32.36
C ILE B 447 34.17 -73.85 31.06
N PHE B 448 33.21 -74.66 30.62
CA PHE B 448 32.62 -74.51 29.32
C PHE B 448 31.57 -73.39 29.32
N ASN B 449 31.46 -72.70 28.20
CA ASN B 449 30.46 -71.64 28.04
C ASN B 449 29.98 -71.52 26.61
N THR B 450 28.73 -71.91 26.37
CA THR B 450 28.15 -71.84 25.05
C THR B 450 27.07 -70.78 24.93
N TYR B 451 27.18 -69.72 25.73
CA TYR B 451 26.31 -68.60 25.54
C TYR B 451 26.73 -67.91 24.27
N GLY B 452 25.76 -67.47 23.48
CA GLY B 452 26.05 -66.93 22.16
C GLY B 452 24.85 -66.31 21.50
N PRO B 453 25.04 -65.72 20.33
CA PRO B 453 24.00 -64.98 19.65
C PRO B 453 22.85 -65.83 19.14
N LEU B 454 22.87 -67.13 19.37
CA LEU B 454 21.77 -68.01 18.99
C LEU B 454 21.08 -68.57 20.21
N THR B 455 21.42 -68.04 21.37
CA THR B 455 20.96 -68.60 22.61
C THR B 455 19.54 -68.18 22.84
N ALA B 456 18.70 -69.14 23.21
CA ALA B 456 17.32 -68.85 23.59
C ALA B 456 17.12 -69.26 25.02
N LEU B 457 16.31 -68.51 25.75
CA LEU B 457 16.24 -68.60 27.21
C LEU B 457 14.83 -68.39 27.77
N ASN B 458 14.54 -68.87 28.98
CA ASN B 458 13.37 -68.36 29.67
C ASN B 458 13.76 -67.57 30.89
N ASN B 459 12.80 -66.84 31.43
CA ASN B 459 12.97 -66.18 32.71
C ASN B 459 12.70 -67.21 33.82
N VAL B 460 13.15 -66.95 35.05
CA VAL B 460 12.94 -67.91 36.12
C VAL B 460 11.50 -68.07 36.50
N PRO B 461 11.11 -69.30 36.84
CA PRO B 461 9.74 -69.49 37.31
C PRO B 461 9.58 -69.06 38.74
N PRO B 462 8.39 -68.63 39.12
CA PRO B 462 8.12 -68.19 40.48
C PRO B 462 8.21 -69.36 41.44
N VAL B 463 8.89 -69.18 42.57
CA VAL B 463 9.02 -70.28 43.49
C VAL B 463 8.13 -70.11 44.70
N TYR B 464 7.00 -70.80 44.73
CA TYR B 464 6.07 -70.64 45.84
C TYR B 464 6.41 -71.58 46.97
N PRO B 465 6.39 -71.09 48.21
CA PRO B 465 6.10 -69.76 48.73
C PRO B 465 7.31 -68.91 49.08
N ASN B 466 8.50 -69.47 49.00
CA ASN B 466 9.67 -68.80 49.52
C ASN B 466 10.35 -67.88 48.51
N GLY B 467 9.87 -67.88 47.27
CA GLY B 467 10.47 -67.05 46.24
C GLY B 467 10.25 -65.55 46.37
N GLN B 468 11.17 -64.79 45.78
CA GLN B 468 11.04 -63.35 45.70
C GLN B 468 10.04 -63.10 44.59
N ILE B 469 9.34 -61.97 44.62
CA ILE B 469 8.35 -61.66 43.59
C ILE B 469 8.93 -60.68 42.58
N TRP B 470 9.34 -59.51 43.05
CA TRP B 470 9.97 -58.51 42.20
C TRP B 470 11.32 -58.11 42.75
N ASP B 471 12.14 -57.51 41.90
CA ASP B 471 13.52 -57.13 42.24
C ASP B 471 13.91 -55.84 41.49
N LYS B 472 14.70 -54.97 42.10
CA LYS B 472 15.12 -53.75 41.43
C LYS B 472 16.09 -54.07 40.32
N GLU B 473 16.19 -53.21 39.32
CA GLU B 473 17.16 -53.43 38.26
C GLU B 473 18.46 -52.71 38.58
N PHE B 474 19.57 -53.33 38.23
CA PHE B 474 20.90 -52.78 38.45
C PHE B 474 21.05 -51.48 37.73
N ASP B 475 21.65 -50.49 38.38
CA ASP B 475 21.87 -49.24 37.68
C ASP B 475 23.15 -49.32 36.88
N THR B 476 23.29 -50.35 36.07
CA THR B 476 24.47 -50.48 35.24
C THR B 476 24.13 -49.98 33.84
N ASP B 477 25.09 -49.48 33.11
CA ASP B 477 24.77 -48.92 31.80
C ASP B 477 24.16 -50.01 30.93
N LEU B 478 24.67 -51.23 31.03
CA LEU B 478 24.07 -52.36 30.33
C LEU B 478 23.54 -53.38 31.30
N LYS B 479 22.39 -53.95 31.00
CA LYS B 479 21.65 -54.67 32.02
C LYS B 479 21.54 -56.17 31.78
N PRO B 480 21.19 -56.92 32.83
CA PRO B 480 21.01 -58.35 32.68
C PRO B 480 19.75 -58.64 31.91
N ARG B 481 19.70 -59.71 31.14
CA ARG B 481 18.47 -60.07 30.47
C ARG B 481 17.43 -60.66 31.43
N LEU B 482 17.86 -60.98 32.65
CA LEU B 482 16.95 -61.45 33.70
C LEU B 482 17.62 -61.45 35.05
N HIS B 483 16.88 -61.78 36.09
CA HIS B 483 17.46 -62.01 37.40
C HIS B 483 17.10 -63.42 37.76
N VAL B 484 17.87 -64.04 38.65
CA VAL B 484 17.61 -65.41 38.98
C VAL B 484 16.84 -65.50 40.28
N ASN B 485 16.71 -64.39 40.98
CA ASN B 485 16.03 -64.44 42.26
C ASN B 485 14.56 -64.08 42.14
N ALA B 486 14.17 -63.42 41.05
CA ALA B 486 12.79 -62.98 40.88
C ALA B 486 12.38 -62.85 39.42
N PRO B 487 11.10 -63.13 39.12
CA PRO B 487 10.58 -63.04 37.76
C PRO B 487 10.22 -61.61 37.30
N PHE B 488 9.80 -60.72 38.18
CA PHE B 488 9.50 -59.35 37.78
C PHE B 488 10.60 -58.38 38.17
N VAL B 489 11.18 -57.69 37.18
CA VAL B 489 12.19 -56.69 37.48
C VAL B 489 11.76 -55.31 37.02
N CYS B 490 11.69 -54.37 37.94
CA CYS B 490 11.29 -53.02 37.60
C CYS B 490 12.44 -52.30 36.97
N GLN B 491 12.41 -51.99 35.68
CA GLN B 491 13.49 -51.15 35.20
C GLN B 491 13.04 -49.71 35.44
N ASN B 492 11.71 -49.57 35.53
CA ASN B 492 11.05 -48.36 35.98
C ASN B 492 11.74 -47.67 37.14
N ASN B 493 11.21 -48.00 38.31
CA ASN B 493 11.58 -47.54 39.61
C ASN B 493 10.79 -48.54 40.44
N CYS B 494 11.29 -49.02 41.56
CA CYS B 494 10.50 -49.97 42.34
C CYS B 494 9.80 -49.31 43.51
N PRO B 495 8.83 -50.01 44.10
CA PRO B 495 8.22 -49.45 45.30
C PRO B 495 9.30 -49.18 46.31
N GLY B 496 9.15 -48.14 47.10
CA GLY B 496 10.15 -47.88 48.09
C GLY B 496 10.11 -48.86 49.25
N GLN B 497 11.23 -49.02 49.93
CA GLN B 497 11.30 -49.90 51.07
C GLN B 497 10.72 -49.22 52.29
N LEU B 498 10.09 -49.99 53.17
CA LEU B 498 9.42 -49.42 54.33
C LEU B 498 10.14 -49.71 55.64
N PHE B 499 10.53 -48.65 56.36
CA PHE B 499 11.31 -48.81 57.58
C PHE B 499 10.59 -48.32 58.82
N VAL B 500 10.70 -49.09 59.88
CA VAL B 500 10.12 -48.75 61.17
C VAL B 500 11.18 -48.73 62.24
N LYS B 501 10.86 -48.14 63.37
CA LYS B 501 11.81 -47.98 64.45
C LYS B 501 11.12 -47.39 65.66
N VAL B 502 11.33 -47.97 66.83
CA VAL B 502 10.71 -47.41 68.02
C VAL B 502 11.40 -46.09 68.39
N ALA B 503 10.62 -45.05 68.68
CA ALA B 503 11.20 -43.76 69.02
C ALA B 503 11.86 -43.81 70.36
N PRO B 504 13.00 -43.13 70.51
CA PRO B 504 13.75 -43.07 71.75
C PRO B 504 12.90 -42.58 72.88
N ASN B 505 12.65 -43.48 73.82
CA ASN B 505 11.83 -43.20 74.97
C ASN B 505 12.71 -42.94 76.17
N LEU B 506 13.15 -41.70 76.34
CA LEU B 506 14.22 -41.41 77.30
C LEU B 506 13.80 -41.43 78.75
N THR B 507 14.77 -41.70 79.63
CA THR B 507 14.57 -41.64 81.06
C THR B 507 14.80 -40.22 81.53
N ASN B 508 14.71 -39.94 82.82
CA ASN B 508 14.89 -38.56 83.24
C ASN B 508 16.37 -38.22 83.30
N GLN B 509 17.20 -39.24 83.38
CA GLN B 509 18.64 -39.02 83.43
C GLN B 509 19.19 -39.22 82.03
N TYR B 510 19.54 -38.15 81.35
CA TYR B 510 20.15 -38.28 80.03
C TYR B 510 21.17 -37.18 79.80
N ASP B 511 22.42 -37.57 79.59
CA ASP B 511 23.48 -36.64 79.26
C ASP B 511 24.10 -37.06 77.98
N PRO B 512 23.83 -36.29 76.93
CA PRO B 512 24.40 -36.60 75.62
C PRO B 512 25.90 -36.37 75.59
N ASP B 513 26.39 -35.40 76.35
CA ASP B 513 27.82 -35.08 76.39
C ASP B 513 28.56 -36.17 77.13
N ALA B 514 27.80 -37.03 77.79
CA ALA B 514 28.36 -38.12 78.58
C ALA B 514 28.79 -39.35 77.79
N SER B 515 29.82 -40.00 78.32
CA SER B 515 30.33 -41.24 77.75
C SER B 515 29.33 -42.37 77.87
N ALA B 516 28.81 -42.49 79.09
CA ALA B 516 27.92 -43.57 79.52
C ALA B 516 26.67 -43.80 78.71
N ASN B 517 26.01 -44.89 79.11
CA ASN B 517 24.68 -45.28 78.71
C ASN B 517 23.76 -44.26 78.02
N MET B 518 23.09 -44.70 76.97
CA MET B 518 21.83 -44.06 76.68
C MET B 518 20.89 -44.89 77.52
N SER B 519 20.38 -44.31 78.60
CA SER B 519 19.43 -45.06 79.39
C SER B 519 18.07 -44.64 78.88
N ARG B 520 17.33 -45.64 78.41
CA ARG B 520 16.03 -45.46 77.79
C ARG B 520 15.04 -46.35 78.51
N ILE B 521 13.79 -45.92 78.57
CA ILE B 521 12.71 -46.76 79.07
C ILE B 521 12.50 -47.95 78.14
N VAL B 522 12.32 -49.14 78.70
CA VAL B 522 12.14 -50.28 77.83
C VAL B 522 10.84 -50.11 77.10
N THR B 523 10.89 -50.01 75.79
CA THR B 523 9.66 -49.81 75.05
C THR B 523 9.63 -50.70 73.82
N TYR B 524 8.45 -51.18 73.48
CA TYR B 524 8.27 -51.99 72.27
C TYR B 524 6.94 -51.70 71.64
N SER B 525 6.77 -52.15 70.41
CA SER B 525 5.57 -51.81 69.68
C SER B 525 4.90 -52.96 68.95
N ASP B 526 3.57 -52.91 68.97
CA ASP B 526 2.71 -53.78 68.19
C ASP B 526 2.03 -52.93 67.16
N PHE B 527 2.14 -53.32 65.91
CA PHE B 527 1.37 -52.62 64.91
C PHE B 527 0.92 -53.60 63.83
N TRP B 528 -0.17 -53.25 63.15
CA TRP B 528 -0.71 -54.05 62.09
C TRP B 528 -0.29 -53.50 60.74
N TRP B 529 -0.06 -54.39 59.79
CA TRP B 529 0.34 -54.03 58.44
C TRP B 529 -0.66 -54.57 57.45
N LYS B 530 -1.12 -53.76 56.50
CA LYS B 530 -1.99 -54.30 55.46
C LYS B 530 -1.45 -53.93 54.09
N GLY B 531 -1.44 -54.88 53.19
CA GLY B 531 -0.91 -54.64 51.86
C GLY B 531 -1.89 -55.09 50.80
N LYS B 532 -1.79 -54.50 49.62
CA LYS B 532 -2.61 -54.94 48.53
C LYS B 532 -1.78 -55.01 47.26
N LEU B 533 -1.61 -56.22 46.77
CA LEU B 533 -0.84 -56.49 45.59
C LEU B 533 -1.77 -56.96 44.51
N VAL B 534 -1.79 -56.25 43.39
CA VAL B 534 -2.72 -56.56 42.32
C VAL B 534 -2.05 -57.09 41.08
N PHE B 535 -2.55 -58.22 40.60
CA PHE B 535 -2.05 -58.82 39.38
C PHE B 535 -3.15 -58.78 38.33
N LYS B 536 -2.76 -58.92 37.08
CA LYS B 536 -3.72 -59.05 36.01
C LYS B 536 -3.24 -60.25 35.23
N ALA B 537 -4.06 -61.30 35.18
CA ALA B 537 -3.64 -62.57 34.61
C ALA B 537 -4.50 -62.97 33.42
N LYS B 538 -4.16 -64.06 32.75
CA LYS B 538 -4.90 -64.48 31.55
C LYS B 538 -5.18 -65.99 31.57
N LEU B 539 -6.42 -66.37 31.30
CA LEU B 539 -6.86 -67.77 31.37
C LEU B 539 -6.31 -68.64 30.25
N ARG B 540 -5.92 -69.86 30.57
CA ARG B 540 -5.35 -70.75 29.55
C ARG B 540 -6.43 -71.46 28.74
N ALA B 541 -6.01 -72.11 27.65
CA ALA B 541 -6.93 -72.86 26.79
C ALA B 541 -6.33 -74.20 26.39
N SER B 542 -7.19 -75.20 26.15
CA SER B 542 -6.78 -76.55 25.76
C SER B 542 -6.37 -76.63 24.31
N HIS B 543 -5.14 -77.06 24.02
CA HIS B 543 -4.67 -77.10 22.63
C HIS B 543 -4.44 -78.53 22.12
N THR B 544 -4.44 -79.48 23.05
CA THR B 544 -4.07 -80.86 22.74
C THR B 544 -5.18 -81.82 23.07
N TRP B 545 -5.07 -83.04 22.57
CA TRP B 545 -6.07 -84.03 22.85
C TRP B 545 -5.98 -84.39 24.29
N ASN B 546 -4.75 -84.45 24.78
CA ASN B 546 -4.51 -84.91 26.12
C ASN B 546 -4.67 -83.83 27.16
N PRO B 547 -4.92 -84.25 28.39
CA PRO B 547 -4.86 -83.34 29.53
C PRO B 547 -3.42 -83.01 29.83
N ILE B 548 -3.17 -82.25 30.90
CA ILE B 548 -1.83 -81.80 31.23
C ILE B 548 -1.61 -81.84 32.74
N GLN B 549 -0.41 -81.55 33.18
CA GLN B 549 -0.12 -81.53 34.61
C GLN B 549 -0.93 -80.50 35.33
N GLN B 550 -1.42 -80.79 36.53
CA GLN B 550 -2.01 -79.76 37.40
C GLN B 550 -1.86 -80.12 38.89
N MET B 551 -1.74 -79.15 39.80
CA MET B 551 -1.64 -79.52 41.22
C MET B 551 -2.90 -80.16 41.72
N SER B 552 -2.75 -81.01 42.73
CA SER B 552 -3.91 -81.49 43.47
C SER B 552 -3.48 -82.21 44.71
N ILE B 553 -4.43 -82.78 45.41
CA ILE B 553 -4.14 -83.79 46.39
C ILE B 553 -5.01 -84.96 46.02
N ASN B 554 -4.58 -86.22 46.03
CA ASN B 554 -3.37 -86.90 46.55
C ASN B 554 -3.52 -87.41 47.95
N VAL B 555 -3.33 -88.72 48.04
CA VAL B 555 -3.41 -89.48 49.27
C VAL B 555 -2.13 -89.33 50.03
N ASP B 556 -1.03 -89.22 49.26
CA ASP B 556 0.20 -88.61 49.74
C ASP B 556 -0.16 -87.16 49.88
N ASN B 557 0.78 -86.31 50.28
CA ASN B 557 0.54 -84.90 50.06
C ASN B 557 -0.53 -84.29 50.99
N GLN B 558 -1.71 -84.89 51.02
CA GLN B 558 -2.87 -84.45 51.78
C GLN B 558 -2.62 -83.85 53.19
N PHE B 559 -1.48 -84.13 53.79
CA PHE B 559 -1.34 -83.70 55.17
C PHE B 559 -0.49 -82.45 55.33
N ASN B 560 -0.01 -81.90 54.23
CA ASN B 560 0.77 -80.67 54.28
C ASN B 560 -0.07 -79.41 54.18
N TYR B 561 -1.38 -79.58 54.24
CA TYR B 561 -2.27 -78.47 53.94
C TYR B 561 -3.31 -78.30 55.02
N VAL B 562 -3.07 -78.95 56.16
CA VAL B 562 -4.02 -78.89 57.25
C VAL B 562 -3.20 -78.80 58.51
N PRO B 563 -3.79 -78.28 59.58
CA PRO B 563 -3.00 -78.27 60.80
C PRO B 563 -2.92 -79.66 61.40
N SER B 564 -2.42 -79.71 62.62
CA SER B 564 -2.15 -80.94 63.31
C SER B 564 -3.03 -81.06 64.54
N ASN B 565 -2.70 -82.03 65.38
CA ASN B 565 -3.36 -82.24 66.66
C ASN B 565 -3.13 -81.08 67.59
N ILE B 566 -1.97 -80.46 67.41
CA ILE B 566 -1.63 -79.22 68.07
C ILE B 566 -1.83 -78.17 67.00
N GLY B 567 -1.25 -77.01 67.17
CA GLY B 567 -1.44 -75.98 66.17
C GLY B 567 -0.68 -76.08 64.86
N GLY B 568 -0.67 -77.25 64.22
CA GLY B 568 -0.09 -77.39 62.89
C GLY B 568 1.33 -76.94 62.98
N MET B 569 1.98 -76.42 61.93
CA MET B 569 1.52 -76.38 60.56
C MET B 569 2.70 -76.16 59.63
N LYS B 570 2.45 -76.31 58.34
CA LYS B 570 3.49 -76.43 57.33
C LYS B 570 3.09 -75.76 56.02
N ILE B 571 4.04 -75.12 55.36
CA ILE B 571 3.80 -74.67 53.99
C ILE B 571 4.86 -75.21 53.04
N VAL B 572 4.40 -75.82 51.96
CA VAL B 572 5.29 -76.62 51.14
C VAL B 572 5.59 -76.03 49.77
N TYR B 573 6.85 -76.11 49.38
CA TYR B 573 7.31 -75.91 48.00
C TYR B 573 6.36 -76.51 46.99
N GLU B 574 5.95 -75.76 45.95
CA GLU B 574 5.01 -76.31 44.93
C GLU B 574 4.99 -75.75 43.53
N LYS B 575 6.15 -75.55 42.92
CA LYS B 575 6.25 -75.32 41.46
C LYS B 575 5.46 -74.12 40.96
N SER B 576 5.29 -74.03 39.64
CA SER B 576 4.59 -72.90 39.05
C SER B 576 4.24 -73.04 37.57
N GLN B 577 5.07 -73.69 36.79
CA GLN B 577 4.83 -73.69 35.36
C GLN B 577 4.36 -75.05 34.86
N LEU B 578 3.17 -75.43 35.28
CA LEU B 578 2.74 -76.82 35.15
C LEU B 578 2.30 -77.20 33.75
N ALA B 579 1.82 -76.24 32.98
CA ALA B 579 1.32 -76.57 31.67
C ALA B 579 2.42 -76.46 30.65
N PRO B 580 2.42 -77.35 29.66
CA PRO B 580 3.40 -77.32 28.57
C PRO B 580 3.18 -76.15 27.65
N ARG B 581 4.19 -75.72 26.91
CA ARG B 581 4.00 -74.63 25.97
C ARG B 581 4.24 -75.09 24.55
N LYS B 582 5.36 -74.66 24.00
CA LYS B 582 5.72 -74.88 22.61
C LYS B 582 6.74 -73.85 22.24
N LEU B 583 7.97 -74.27 21.97
CA LEU B 583 8.99 -73.39 21.48
C LEU B 583 8.80 -73.01 20.05
N TYR B 584 8.58 -74.03 19.25
CA TYR B 584 8.71 -73.94 17.81
C TYR B 584 7.63 -74.77 17.15
N GLY C 37 -14.96 -42.02 70.92
CA GLY C 37 -13.68 -42.19 71.57
C GLY C 37 -13.78 -42.98 72.87
N VAL C 38 -12.80 -42.77 73.73
CA VAL C 38 -12.71 -43.48 74.99
C VAL C 38 -13.96 -43.32 75.81
N GLY C 39 -14.25 -42.10 76.24
CA GLY C 39 -15.31 -41.92 77.20
C GLY C 39 -16.68 -41.66 76.61
N ILE C 40 -16.96 -42.24 75.46
CA ILE C 40 -18.24 -42.01 74.81
C ILE C 40 -18.88 -43.30 74.33
N SER C 41 -20.06 -43.62 74.85
CA SER C 41 -20.73 -44.87 74.49
C SER C 41 -21.15 -44.86 73.05
N THR C 42 -21.27 -46.06 72.47
CA THR C 42 -21.51 -46.20 71.05
C THR C 42 -22.76 -47.01 70.74
N GLY C 43 -23.71 -47.07 71.67
CA GLY C 43 -24.93 -47.80 71.42
C GLY C 43 -25.91 -47.81 72.57
N THR C 44 -27.06 -48.43 72.37
CA THR C 44 -28.09 -48.39 73.38
C THR C 44 -28.69 -49.73 73.68
N PHE C 45 -28.81 -50.04 74.96
CA PHE C 45 -29.41 -51.28 75.39
C PHE C 45 -30.89 -51.28 75.15
N ASN C 46 -31.40 -52.31 74.48
CA ASN C 46 -32.82 -52.41 74.23
C ASN C 46 -33.29 -53.85 74.12
N ASN C 47 -34.06 -54.29 75.12
CA ASN C 47 -34.60 -55.62 75.11
C ASN C 47 -36.13 -55.49 75.14
N GLN C 48 -36.65 -54.61 74.30
CA GLN C 48 -38.05 -54.24 74.33
C GLN C 48 -38.74 -54.97 73.20
N THR C 49 -39.96 -55.44 73.42
CA THR C 49 -40.66 -56.17 72.35
C THR C 49 -41.92 -55.41 71.92
N GLU C 50 -41.89 -54.87 70.71
CA GLU C 50 -42.96 -54.01 70.26
C GLU C 50 -43.89 -54.73 69.33
N PHE C 51 -45.19 -54.59 69.58
CA PHE C 51 -46.21 -55.15 68.72
C PHE C 51 -46.95 -54.01 68.04
N LYS C 52 -46.69 -53.79 66.75
CA LYS C 52 -47.34 -52.69 66.03
C LYS C 52 -48.40 -53.20 65.09
N PHE C 53 -49.65 -52.86 65.39
CA PHE C 53 -50.78 -53.37 64.61
C PHE C 53 -51.09 -52.57 63.35
N LEU C 54 -51.35 -53.29 62.27
CA LEU C 54 -51.62 -52.70 60.97
C LEU C 54 -53.01 -53.03 60.47
N GLU C 55 -53.26 -52.73 59.21
CA GLU C 55 -54.60 -52.93 58.70
C GLU C 55 -54.74 -54.35 58.24
N ASN C 56 -55.99 -54.80 58.20
CA ASN C 56 -56.32 -56.15 57.79
C ASN C 56 -55.77 -57.17 58.75
N GLY C 57 -55.57 -56.75 59.98
CA GLY C 57 -55.10 -57.62 61.04
C GLY C 57 -53.72 -58.23 60.88
N TRP C 58 -52.83 -57.53 60.18
CA TRP C 58 -51.42 -57.91 60.14
C TRP C 58 -50.67 -57.22 61.26
N VAL C 59 -49.88 -57.97 62.02
CA VAL C 59 -49.12 -57.38 63.10
C VAL C 59 -47.64 -57.39 62.74
N TYR C 60 -46.88 -56.48 63.33
CA TYR C 60 -45.50 -56.23 62.93
C TYR C 60 -44.65 -56.30 64.16
N ILE C 61 -44.25 -57.51 64.50
CA ILE C 61 -43.57 -57.71 65.76
C ILE C 61 -42.08 -57.41 65.65
N THR C 62 -41.65 -56.41 66.40
CA THR C 62 -40.27 -56.04 66.40
C THR C 62 -39.68 -56.44 67.74
N ALA C 63 -38.93 -57.53 67.75
CA ALA C 63 -38.32 -58.00 68.98
C ALA C 63 -36.87 -57.51 69.10
N ASN C 64 -36.63 -56.68 70.11
CA ASN C 64 -35.28 -56.23 70.39
C ASN C 64 -34.65 -57.04 71.48
N SER C 65 -33.36 -57.29 71.35
CA SER C 65 -32.64 -58.08 72.31
C SER C 65 -31.24 -57.53 72.49
N SER C 66 -30.79 -57.42 73.74
CA SER C 66 -29.45 -56.94 74.02
C SER C 66 -28.81 -57.74 75.13
N ARG C 67 -27.52 -57.99 75.04
CA ARG C 67 -26.83 -58.75 76.06
C ARG C 67 -25.44 -58.19 76.35
N LEU C 68 -24.97 -58.34 77.57
CA LEU C 68 -23.57 -58.09 77.84
C LEU C 68 -22.81 -59.37 77.66
N VAL C 69 -21.75 -59.34 76.86
CA VAL C 69 -21.08 -60.57 76.50
C VAL C 69 -19.65 -60.58 76.96
N HIS C 70 -19.21 -61.74 77.44
CA HIS C 70 -17.88 -61.87 78.02
C HIS C 70 -17.01 -62.79 77.17
N LEU C 71 -15.75 -62.41 76.95
CA LEU C 71 -14.92 -63.17 76.03
C LEU C 71 -13.47 -63.12 76.45
N ASN C 72 -12.85 -64.29 76.55
CA ASN C 72 -11.44 -64.38 76.89
C ASN C 72 -10.63 -64.71 75.66
N MET C 73 -9.33 -64.54 75.76
CA MET C 73 -8.45 -64.83 74.64
C MET C 73 -8.38 -66.33 74.40
N PRO C 74 -8.06 -66.75 73.19
CA PRO C 74 -8.13 -68.16 72.86
C PRO C 74 -7.17 -68.99 73.66
N GLU C 75 -7.46 -70.27 73.85
CA GLU C 75 -6.52 -71.16 74.47
C GLU C 75 -5.21 -71.11 73.70
N SER C 76 -5.28 -71.06 72.39
CA SER C 76 -4.09 -70.80 71.60
C SER C 76 -4.47 -70.15 70.30
N GLU C 77 -3.58 -69.37 69.73
CA GLU C 77 -3.92 -68.61 68.55
C GLU C 77 -3.93 -69.48 67.30
N ASN C 78 -4.06 -70.79 67.47
CA ASN C 78 -3.94 -71.69 66.33
C ASN C 78 -5.15 -72.47 65.96
N TYR C 79 -5.24 -72.80 64.68
CA TYR C 79 -6.23 -73.75 64.23
C TYR C 79 -5.65 -75.12 64.41
N ARG C 80 -6.47 -76.06 64.87
CA ARG C 80 -6.06 -77.43 65.13
C ARG C 80 -7.00 -78.47 64.52
N ARG C 81 -6.47 -79.52 63.93
CA ARG C 81 -7.30 -80.68 63.55
C ARG C 81 -7.26 -81.77 64.60
N VAL C 82 -8.34 -81.92 65.36
CA VAL C 82 -8.39 -82.90 66.43
C VAL C 82 -9.33 -84.06 66.12
N VAL C 83 -8.96 -85.26 66.54
CA VAL C 83 -9.82 -86.42 66.34
C VAL C 83 -10.34 -86.97 67.68
N VAL C 84 -11.64 -87.27 67.75
CA VAL C 84 -12.23 -87.92 68.92
C VAL C 84 -12.59 -89.36 68.59
N ASN C 85 -12.23 -90.27 69.48
CA ASN C 85 -12.40 -91.68 69.20
C ASN C 85 -12.64 -92.49 70.46
N ASN C 86 -13.88 -92.86 70.70
CA ASN C 86 -14.18 -93.66 71.88
C ASN C 86 -14.27 -95.13 71.49
N LEU C 87 -13.11 -95.72 71.22
CA LEU C 87 -13.01 -97.16 71.11
C LEU C 87 -13.39 -97.67 72.47
N ASP C 88 -13.06 -96.82 73.44
CA ASP C 88 -13.39 -96.94 74.84
C ASP C 88 -14.82 -97.44 75.04
N LYS C 89 -15.74 -97.01 74.20
CA LYS C 89 -17.14 -97.32 74.42
C LYS C 89 -17.75 -98.19 73.32
N THR C 90 -17.19 -98.11 72.10
CA THR C 90 -17.80 -98.83 70.99
C THR C 90 -17.36 -100.27 70.92
N ALA C 91 -16.20 -100.58 71.49
CA ALA C 91 -15.69 -101.94 71.42
C ALA C 91 -16.50 -102.89 72.29
N VAL C 92 -17.43 -102.32 73.05
CA VAL C 92 -18.22 -103.02 74.04
C VAL C 92 -19.23 -104.05 73.46
N ASN C 93 -19.58 -103.90 72.17
CA ASN C 93 -20.55 -104.78 71.50
C ASN C 93 -21.95 -104.60 72.07
N GLY C 94 -22.86 -104.07 71.25
CA GLY C 94 -24.17 -103.71 71.74
C GLY C 94 -24.12 -102.26 72.16
N ASN C 95 -22.96 -101.63 71.96
CA ASN C 95 -22.81 -100.23 72.28
C ASN C 95 -22.51 -99.39 71.06
N MET C 96 -22.90 -99.86 69.87
CA MET C 96 -22.57 -99.15 68.64
C MET C 96 -23.14 -97.76 68.65
N ALA C 97 -24.35 -97.64 69.13
CA ALA C 97 -25.07 -96.38 69.09
C ALA C 97 -24.41 -95.29 69.92
N LEU C 98 -23.45 -95.64 70.76
CA LEU C 98 -22.84 -94.65 71.63
C LEU C 98 -21.59 -94.04 71.01
N ASP C 99 -21.49 -94.18 69.68
CA ASP C 99 -20.34 -93.71 68.93
C ASP C 99 -20.21 -92.19 68.94
N ASP C 100 -19.03 -91.70 69.24
CA ASP C 100 -18.78 -90.27 69.20
C ASP C 100 -17.64 -89.99 68.24
N THR C 101 -17.24 -90.99 67.46
CA THR C 101 -16.03 -90.87 66.67
C THR C 101 -16.18 -89.87 65.55
N HIS C 102 -15.34 -88.86 65.54
CA HIS C 102 -15.41 -87.80 64.54
C HIS C 102 -14.16 -86.95 64.54
N ALA C 103 -14.03 -86.11 63.53
CA ALA C 103 -12.93 -85.18 63.44
C ALA C 103 -13.43 -83.74 63.43
N GLU C 104 -12.57 -82.80 63.80
CA GLU C 104 -13.00 -81.46 64.15
C GLU C 104 -11.89 -80.42 63.94
N ILE C 105 -12.21 -79.25 63.40
CA ILE C 105 -11.24 -78.17 63.36
C ILE C 105 -11.50 -77.22 64.49
N VAL C 106 -10.51 -77.00 65.34
CA VAL C 106 -10.72 -76.09 66.44
C VAL C 106 -10.11 -74.75 66.09
N THR C 107 -10.91 -73.69 66.21
CA THR C 107 -10.49 -72.38 65.77
C THR C 107 -10.34 -71.52 66.98
N PRO C 108 -9.50 -70.50 66.87
CA PRO C 108 -9.36 -69.51 67.93
C PRO C 108 -10.50 -68.52 67.95
N TRP C 109 -11.54 -68.77 67.17
CA TRP C 109 -12.66 -67.84 67.08
C TRP C 109 -13.83 -68.32 67.89
N SER C 110 -14.63 -67.38 68.34
CA SER C 110 -15.89 -67.68 69.00
C SER C 110 -17.09 -67.29 68.14
N LEU C 111 -18.23 -67.92 68.38
CA LEU C 111 -19.44 -67.66 67.60
C LEU C 111 -20.50 -66.96 68.41
N VAL C 112 -21.03 -65.89 67.85
CA VAL C 112 -22.17 -65.21 68.43
C VAL C 112 -23.46 -65.64 67.73
N ASP C 113 -24.14 -66.62 68.31
CA ASP C 113 -25.37 -67.17 67.76
C ASP C 113 -26.54 -66.77 68.64
N ALA C 114 -27.55 -66.13 68.05
CA ALA C 114 -28.72 -65.74 68.80
C ALA C 114 -29.96 -66.40 68.21
N ASN C 115 -29.72 -67.49 67.50
CA ASN C 115 -30.75 -68.25 66.80
C ASN C 115 -31.47 -69.19 67.76
N ALA C 116 -32.35 -68.65 68.60
CA ALA C 116 -33.19 -69.47 69.48
C ALA C 116 -34.30 -68.62 70.08
N TRP C 117 -35.50 -69.15 70.22
CA TRP C 117 -36.63 -68.34 70.62
C TRP C 117 -36.43 -67.58 71.92
N GLY C 118 -35.69 -68.18 72.84
CA GLY C 118 -35.50 -67.60 74.15
C GLY C 118 -34.65 -66.36 74.16
N VAL C 119 -33.93 -66.12 73.08
CA VAL C 119 -33.10 -64.94 73.00
C VAL C 119 -33.98 -63.71 72.79
N TRP C 120 -35.16 -63.94 72.23
CA TRP C 120 -35.97 -62.83 71.76
C TRP C 120 -37.26 -62.59 72.50
N PHE C 121 -37.88 -63.63 73.03
CA PHE C 121 -39.16 -63.42 73.69
C PHE C 121 -39.17 -63.97 75.11
N ASN C 122 -39.72 -63.18 76.03
CA ASN C 122 -39.99 -63.69 77.36
C ASN C 122 -41.34 -64.40 77.31
N PRO C 123 -41.70 -65.15 78.35
CA PRO C 123 -42.98 -65.86 78.26
C PRO C 123 -44.18 -64.99 77.94
N GLY C 124 -44.32 -63.86 78.62
CA GLY C 124 -45.46 -62.99 78.41
C GLY C 124 -45.58 -62.69 76.94
N ASP C 125 -44.45 -62.42 76.29
CA ASP C 125 -44.45 -62.19 74.86
C ASP C 125 -44.97 -63.41 74.14
N TRP C 126 -44.47 -64.57 74.52
CA TRP C 126 -44.82 -65.81 73.86
C TRP C 126 -46.29 -66.15 74.02
N GLN C 127 -46.85 -65.84 75.18
CA GLN C 127 -48.27 -66.04 75.42
C GLN C 127 -49.04 -65.30 74.38
N LEU C 128 -48.73 -64.02 74.27
CA LEU C 128 -49.42 -63.13 73.35
C LEU C 128 -49.33 -63.67 71.96
N ILE C 129 -48.14 -64.06 71.55
CA ILE C 129 -47.92 -64.57 70.21
C ILE C 129 -48.78 -65.80 69.89
N VAL C 130 -48.72 -66.79 70.77
CA VAL C 130 -49.37 -68.07 70.57
C VAL C 130 -50.89 -68.05 70.73
N ASN C 131 -51.38 -67.30 71.69
CA ASN C 131 -52.81 -67.29 71.95
C ASN C 131 -53.64 -66.50 70.95
N THR C 132 -53.03 -65.51 70.33
CA THR C 132 -53.84 -64.59 69.59
C THR C 132 -53.56 -64.59 68.09
N MET C 133 -52.50 -65.25 67.67
CA MET C 133 -52.14 -65.16 66.26
C MET C 133 -52.03 -66.45 65.52
N SER C 134 -52.35 -66.43 64.24
CA SER C 134 -52.55 -67.66 63.49
C SER C 134 -51.35 -68.14 62.71
N GLU C 135 -50.54 -67.21 62.25
CA GLU C 135 -49.34 -67.58 61.53
C GLU C 135 -48.29 -66.51 61.76
N LEU C 136 -47.10 -66.73 61.22
CA LEU C 136 -45.94 -65.93 61.57
C LEU C 136 -44.95 -65.86 60.40
N HIS C 137 -44.59 -64.65 59.95
CA HIS C 137 -43.59 -64.49 58.88
C HIS C 137 -42.30 -63.90 59.39
N LEU C 138 -41.20 -64.38 58.84
CA LEU C 138 -39.91 -63.93 59.27
C LEU C 138 -39.48 -62.87 58.30
N VAL C 139 -39.33 -61.64 58.78
CA VAL C 139 -39.12 -60.47 57.92
C VAL C 139 -37.69 -59.95 57.80
N SER C 140 -37.06 -59.62 58.92
CA SER C 140 -35.73 -59.04 58.89
C SER C 140 -34.93 -59.31 60.16
N PHE C 141 -33.62 -59.10 60.06
CA PHE C 141 -32.70 -59.37 61.15
C PHE C 141 -31.44 -58.54 61.04
N GLU C 142 -31.12 -57.77 62.07
CA GLU C 142 -29.91 -56.95 62.08
C GLU C 142 -29.32 -57.03 63.46
N GLN C 143 -28.02 -56.76 63.59
CA GLN C 143 -27.39 -56.80 64.91
C GLN C 143 -26.17 -55.89 64.99
N GLU C 144 -25.83 -55.42 66.19
CA GLU C 144 -24.62 -54.60 66.35
C GLU C 144 -23.87 -54.88 67.65
N ILE C 145 -22.61 -54.47 67.70
CA ILE C 145 -21.75 -54.68 68.85
C ILE C 145 -21.22 -53.35 69.31
N PHE C 146 -21.38 -53.04 70.58
CA PHE C 146 -21.03 -51.70 71.00
C PHE C 146 -20.50 -51.64 72.41
N ASN C 147 -20.02 -50.46 72.79
CA ASN C 147 -19.41 -50.20 74.07
C ASN C 147 -18.38 -51.26 74.40
N VAL C 148 -17.45 -51.47 73.48
CA VAL C 148 -16.44 -52.49 73.69
C VAL C 148 -15.48 -52.10 74.80
N VAL C 149 -15.11 -53.08 75.62
CA VAL C 149 -14.14 -52.87 76.68
C VAL C 149 -13.10 -53.96 76.67
N LEU C 150 -11.83 -53.59 76.74
CA LEU C 150 -10.80 -54.60 76.87
C LEU C 150 -9.97 -54.35 78.11
N LYS C 151 -9.77 -55.42 78.90
CA LYS C 151 -8.98 -55.36 80.13
C LYS C 151 -7.90 -56.43 80.14
N THR C 152 -6.78 -56.11 80.80
CA THR C 152 -5.73 -57.08 81.03
C THR C 152 -5.80 -57.51 82.47
N VAL C 153 -5.63 -58.80 82.76
CA VAL C 153 -5.64 -59.25 84.15
C VAL C 153 -4.37 -58.77 84.78
N SER C 154 -3.35 -59.62 84.81
CA SER C 154 -2.05 -59.23 85.35
C SER C 154 -2.21 -58.46 86.66
N GLU C 155 -2.45 -59.07 87.83
CA GLU C 155 -2.26 -60.45 88.33
C GLU C 155 -1.60 -60.13 89.68
N SER C 156 -0.98 -61.13 90.27
CA SER C 156 0.05 -60.96 91.31
C SER C 156 0.36 -59.52 91.80
N ALA C 157 -0.51 -58.95 92.64
CA ALA C 157 -0.28 -57.61 93.20
C ALA C 157 -1.26 -57.22 94.30
N THR C 158 -0.92 -57.32 95.60
CA THR C 158 0.23 -58.00 96.20
C THR C 158 -0.14 -58.09 97.68
N GLN C 159 0.54 -58.95 98.44
CA GLN C 159 0.13 -59.35 99.80
C GLN C 159 -1.16 -60.17 99.72
N PRO C 160 -1.16 -61.39 100.29
CA PRO C 160 -1.85 -62.68 100.18
C PRO C 160 -2.32 -63.38 98.87
N PRO C 161 -2.02 -62.89 97.64
CA PRO C 161 -1.50 -61.67 97.03
C PRO C 161 -2.55 -60.96 96.13
N THR C 162 -3.70 -61.59 95.91
CA THR C 162 -4.84 -61.03 95.15
C THR C 162 -4.54 -60.71 93.67
N LYS C 163 -5.59 -60.37 92.91
CA LYS C 163 -5.47 -60.07 91.49
C LYS C 163 -6.08 -58.71 91.17
N VAL C 164 -5.63 -58.09 90.08
CA VAL C 164 -6.07 -56.74 89.72
C VAL C 164 -6.25 -56.63 88.21
N TYR C 165 -7.30 -55.92 87.80
CA TYR C 165 -7.71 -55.83 86.41
C TYR C 165 -7.65 -54.40 85.87
N ASN C 166 -6.90 -54.18 84.79
CA ASN C 166 -6.74 -52.85 84.22
C ASN C 166 -7.28 -52.73 82.82
N ASN C 167 -7.61 -51.52 82.41
CA ASN C 167 -7.99 -51.25 81.02
C ASN C 167 -6.82 -51.15 80.08
N ASP C 168 -6.90 -51.85 78.94
CA ASP C 168 -5.97 -51.60 77.84
C ASP C 168 -6.68 -50.77 76.82
N LEU C 169 -6.51 -49.46 76.87
CA LEU C 169 -7.33 -48.64 76.02
C LEU C 169 -7.06 -48.88 74.55
N THR C 170 -5.79 -49.04 74.18
CA THR C 170 -5.44 -49.21 72.79
C THR C 170 -5.69 -50.60 72.20
N ALA C 171 -6.11 -51.56 73.03
CA ALA C 171 -6.32 -52.94 72.59
C ALA C 171 -7.55 -53.10 71.73
N SER C 172 -7.57 -54.15 70.92
CA SER C 172 -8.61 -54.32 69.92
C SER C 172 -9.36 -55.62 70.06
N LEU C 173 -10.64 -55.61 69.70
CA LEU C 173 -11.44 -56.82 69.60
C LEU C 173 -11.74 -57.11 68.14
N MET C 174 -11.36 -58.29 67.67
CA MET C 174 -11.54 -58.65 66.27
C MET C 174 -12.95 -59.17 66.00
N VAL C 175 -13.63 -58.59 65.02
CA VAL C 175 -14.99 -59.01 64.69
C VAL C 175 -15.14 -59.27 63.22
N ALA C 176 -15.77 -60.39 62.89
CA ALA C 176 -15.89 -60.76 61.49
C ALA C 176 -17.26 -61.27 61.21
N LEU C 177 -17.86 -60.75 60.15
CA LEU C 177 -19.18 -61.19 59.77
C LEU C 177 -19.13 -61.89 58.43
N ASP C 178 -19.41 -63.18 58.41
CA ASP C 178 -19.32 -63.96 57.19
C ASP C 178 -20.57 -63.79 56.38
N SER C 179 -20.75 -62.61 55.81
CA SER C 179 -22.04 -62.26 55.24
C SER C 179 -22.29 -63.03 53.96
N ASN C 180 -21.24 -63.57 53.39
CA ASN C 180 -21.42 -64.38 52.20
C ASN C 180 -21.71 -65.84 52.49
N ASN C 181 -21.84 -66.20 53.77
CA ASN C 181 -21.92 -67.60 54.15
C ASN C 181 -20.87 -68.47 53.49
N THR C 182 -19.62 -68.04 53.61
CA THR C 182 -18.48 -68.76 53.06
C THR C 182 -18.23 -70.04 53.84
N MET C 183 -18.58 -69.98 55.10
CA MET C 183 -18.12 -70.95 56.04
C MET C 183 -19.23 -71.81 56.57
N PRO C 184 -18.86 -73.00 57.07
CA PRO C 184 -19.82 -74.00 57.52
C PRO C 184 -20.77 -73.48 58.58
N PHE C 185 -22.03 -73.84 58.39
CA PHE C 185 -23.12 -73.41 59.24
C PHE C 185 -23.21 -74.26 60.49
N THR C 186 -23.06 -73.62 61.65
CA THR C 186 -23.11 -74.33 62.93
C THR C 186 -24.02 -73.62 63.91
N PRO C 187 -25.33 -73.85 63.80
CA PRO C 187 -26.28 -73.22 64.72
C PRO C 187 -26.10 -73.74 66.13
N ALA C 188 -25.89 -72.84 67.08
CA ALA C 188 -25.46 -73.26 68.41
C ALA C 188 -26.59 -73.79 69.25
N ALA C 189 -27.79 -73.71 68.71
CA ALA C 189 -28.94 -74.15 69.46
C ALA C 189 -28.92 -75.65 69.67
N MET C 190 -28.28 -76.38 68.75
CA MET C 190 -28.30 -77.83 68.77
C MET C 190 -27.54 -78.39 69.94
N ARG C 191 -26.72 -77.54 70.54
CA ARG C 191 -25.90 -77.95 71.64
C ARG C 191 -26.21 -77.10 72.85
N SER C 192 -27.31 -76.36 72.77
CA SER C 192 -27.69 -75.41 73.81
C SER C 192 -26.52 -74.53 74.20
N GLU C 193 -25.91 -73.92 73.21
CA GLU C 193 -24.73 -73.09 73.39
C GLU C 193 -24.97 -71.73 72.75
N THR C 194 -26.21 -71.24 72.78
CA THR C 194 -26.50 -69.93 72.22
C THR C 194 -26.36 -68.88 73.28
N LEU C 195 -26.79 -67.67 72.98
CA LEU C 195 -26.71 -66.62 73.98
C LEU C 195 -27.72 -66.84 75.08
N GLY C 196 -27.53 -66.14 76.19
CA GLY C 196 -28.42 -66.25 77.34
C GLY C 196 -29.85 -65.82 77.15
N PHE C 197 -30.75 -66.43 77.88
CA PHE C 197 -32.16 -66.13 77.70
C PHE C 197 -32.66 -65.06 78.64
N TYR C 198 -31.77 -64.54 79.47
CA TYR C 198 -32.17 -63.54 80.43
C TYR C 198 -31.45 -62.26 80.09
N PRO C 199 -32.19 -61.17 79.93
CA PRO C 199 -31.67 -59.86 79.61
C PRO C 199 -30.75 -59.31 80.67
N TRP C 200 -31.01 -59.62 81.93
CA TRP C 200 -30.20 -58.99 82.96
C TRP C 200 -29.00 -59.80 83.42
N LYS C 201 -28.81 -60.95 82.81
CA LYS C 201 -27.66 -61.79 83.13
C LYS C 201 -26.70 -61.85 81.97
N PRO C 202 -25.45 -61.47 82.19
CA PRO C 202 -24.43 -61.49 81.13
C PRO C 202 -24.25 -62.88 80.53
N THR C 203 -23.61 -62.94 79.38
CA THR C 203 -23.52 -64.20 78.66
C THR C 203 -22.22 -64.27 77.90
N ILE C 204 -22.08 -65.30 77.09
CA ILE C 204 -20.83 -65.57 76.42
C ILE C 204 -21.06 -66.17 75.06
N PRO C 205 -20.11 -66.03 74.16
CA PRO C 205 -20.16 -66.79 72.91
C PRO C 205 -19.73 -68.20 73.14
N THR C 206 -19.62 -69.00 72.09
CA THR C 206 -19.04 -70.34 72.21
C THR C 206 -17.95 -70.52 71.19
N PRO C 207 -16.90 -71.23 71.57
CA PRO C 207 -15.74 -71.44 70.71
C PRO C 207 -16.15 -72.09 69.42
N TRP C 208 -15.71 -71.55 68.29
CA TRP C 208 -16.17 -72.05 67.02
C TRP C 208 -15.35 -73.28 66.59
N ARG C 209 -16.03 -74.20 65.94
CA ARG C 209 -15.51 -75.52 65.59
C ARG C 209 -16.28 -76.05 64.40
N TYR C 210 -15.67 -76.83 63.52
CA TYR C 210 -16.46 -77.38 62.43
C TYR C 210 -15.95 -78.73 61.99
N TYR C 211 -16.81 -79.46 61.31
CA TYR C 211 -16.47 -80.83 61.02
C TYR C 211 -15.39 -80.86 59.95
N PHE C 212 -14.43 -81.74 60.15
CA PHE C 212 -13.39 -82.00 59.16
C PHE C 212 -13.60 -83.44 58.71
N GLN C 213 -13.41 -83.71 57.42
CA GLN C 213 -13.83 -85.02 56.89
C GLN C 213 -13.08 -86.21 57.44
N TRP C 214 -13.79 -87.34 57.57
CA TRP C 214 -13.17 -88.58 58.00
C TRP C 214 -13.92 -89.82 57.51
N ASP C 215 -13.20 -90.86 57.08
CA ASP C 215 -13.79 -92.19 56.80
C ASP C 215 -13.83 -92.99 58.10
N ARG C 216 -14.73 -93.96 58.18
CA ARG C 216 -14.98 -94.67 59.44
C ARG C 216 -15.93 -95.85 59.25
N THR C 217 -15.59 -97.01 59.77
CA THR C 217 -16.51 -98.13 59.68
C THR C 217 -16.79 -98.69 61.06
N LEU C 218 -18.03 -99.09 61.28
CA LEU C 218 -18.42 -99.71 62.54
C LEU C 218 -19.54 -100.73 62.32
N ILE C 219 -19.21 -102.01 62.45
CA ILE C 219 -20.18 -103.08 62.28
C ILE C 219 -20.96 -103.31 63.56
N PRO C 220 -22.28 -103.30 63.47
CA PRO C 220 -23.14 -103.43 64.65
C PRO C 220 -23.09 -104.81 65.28
N SER C 221 -23.57 -104.91 66.52
CA SER C 221 -23.44 -106.15 67.29
C SER C 221 -24.32 -106.14 68.52
N HIS C 222 -24.38 -107.29 69.21
CA HIS C 222 -25.14 -107.40 70.46
C HIS C 222 -24.27 -108.00 71.55
N THR C 223 -24.81 -108.11 72.76
CA THR C 223 -24.00 -108.54 73.89
C THR C 223 -23.45 -109.93 73.69
N GLY C 224 -24.25 -110.78 73.08
CA GLY C 224 -23.82 -112.15 72.83
C GLY C 224 -22.71 -112.29 71.82
N THR C 225 -22.73 -111.47 70.76
CA THR C 225 -21.72 -111.57 69.72
C THR C 225 -20.36 -111.41 70.35
N SER C 226 -19.48 -112.38 70.19
CA SER C 226 -18.12 -112.12 70.59
C SER C 226 -17.19 -112.43 69.42
N GLY C 227 -15.91 -112.22 69.65
CA GLY C 227 -14.98 -111.94 68.59
C GLY C 227 -15.08 -110.43 68.68
N THR C 228 -14.42 -109.69 67.80
CA THR C 228 -14.60 -108.25 67.84
C THR C 228 -14.98 -107.68 66.48
N PRO C 229 -16.17 -107.08 66.43
CA PRO C 229 -16.72 -106.49 65.20
C PRO C 229 -15.83 -105.35 64.74
N THR C 230 -15.50 -105.30 63.45
CA THR C 230 -14.51 -104.34 62.97
C THR C 230 -15.00 -102.93 63.25
N ASN C 231 -14.11 -102.15 63.86
CA ASN C 231 -14.44 -100.86 64.43
C ASN C 231 -13.25 -99.95 64.23
N ILE C 232 -13.15 -99.38 63.04
CA ILE C 232 -11.94 -98.68 62.65
C ILE C 232 -12.19 -97.24 62.19
N TYR C 233 -11.19 -96.40 62.40
CA TYR C 233 -11.13 -95.05 61.87
C TYR C 233 -10.09 -95.07 60.77
N HIS C 234 -10.52 -95.03 59.53
CA HIS C 234 -9.60 -95.15 58.42
C HIS C 234 -8.64 -93.97 58.23
N GLY C 235 -9.14 -92.76 58.43
CA GLY C 235 -8.34 -91.57 58.18
C GLY C 235 -9.14 -90.47 57.52
N THR C 236 -8.64 -89.88 56.43
CA THR C 236 -9.30 -88.76 55.78
C THR C 236 -9.18 -88.80 54.25
N ASP C 237 -10.32 -88.79 53.55
CA ASP C 237 -10.35 -88.78 52.09
C ASP C 237 -9.87 -87.43 51.59
N PRO C 238 -8.73 -87.38 50.89
CA PRO C 238 -8.15 -86.11 50.47
C PRO C 238 -9.07 -85.30 49.58
N ASP C 239 -9.91 -85.99 48.81
CA ASP C 239 -10.76 -85.30 47.87
C ASP C 239 -11.86 -84.56 48.58
N ASP C 240 -11.95 -84.73 49.89
CA ASP C 240 -13.04 -84.13 50.66
C ASP C 240 -12.49 -83.17 51.71
N VAL C 241 -11.23 -82.80 51.56
CA VAL C 241 -10.62 -81.99 52.59
C VAL C 241 -10.90 -80.53 52.41
N GLN C 242 -11.48 -79.92 53.43
CA GLN C 242 -11.68 -78.47 53.42
C GLN C 242 -11.28 -77.79 54.71
N PHE C 243 -10.15 -77.09 54.67
CA PHE C 243 -9.67 -76.29 55.80
C PHE C 243 -10.03 -74.82 55.59
N TYR C 244 -10.94 -74.30 56.41
CA TYR C 244 -11.39 -72.92 56.27
C TYR C 244 -10.70 -72.06 57.30
N THR C 245 -10.36 -70.81 56.96
CA THR C 245 -9.91 -69.86 57.98
C THR C 245 -10.76 -68.62 57.90
N ILE C 246 -11.03 -68.02 59.03
CA ILE C 246 -11.71 -66.74 59.04
C ILE C 246 -10.93 -65.75 58.25
N GLU C 247 -9.64 -65.71 58.52
CA GLU C 247 -8.80 -64.64 58.03
C GLU C 247 -8.78 -64.51 56.52
N ASN C 248 -8.78 -65.63 55.81
CA ASN C 248 -8.69 -65.61 54.35
C ASN C 248 -10.00 -65.49 53.63
N SER C 249 -11.10 -65.49 54.38
CA SER C 249 -12.45 -65.47 53.79
C SER C 249 -13.22 -64.21 54.10
N VAL C 250 -13.01 -63.66 55.28
CA VAL C 250 -13.88 -62.61 55.76
C VAL C 250 -13.09 -61.39 56.12
N PRO C 251 -13.61 -60.22 55.78
CA PRO C 251 -12.92 -59.03 56.26
C PRO C 251 -13.07 -58.93 57.76
N VAL C 252 -11.97 -58.68 58.46
CA VAL C 252 -12.01 -58.60 59.91
C VAL C 252 -11.90 -57.17 60.38
N HIS C 253 -12.76 -56.78 61.30
CA HIS C 253 -12.74 -55.45 61.83
C HIS C 253 -12.04 -55.41 63.17
N LEU C 254 -11.16 -54.46 63.37
CA LEU C 254 -10.58 -54.29 64.69
C LEU C 254 -11.39 -53.25 65.45
N LEU C 255 -11.99 -53.62 66.57
CA LEU C 255 -12.73 -52.64 67.36
C LEU C 255 -12.00 -52.26 68.63
N ARG C 256 -11.69 -50.98 68.80
CA ARG C 256 -11.21 -50.50 70.08
C ARG C 256 -12.41 -49.96 70.85
N THR C 257 -12.19 -49.35 72.00
CA THR C 257 -13.28 -48.92 72.86
C THR C 257 -14.30 -48.00 72.21
N GLY C 258 -13.82 -46.98 71.50
CA GLY C 258 -14.70 -46.00 70.90
C GLY C 258 -15.29 -46.44 69.58
N ASP C 259 -14.99 -47.66 69.17
CA ASP C 259 -15.50 -48.18 67.91
C ASP C 259 -16.79 -48.93 68.14
N GLU C 260 -17.54 -49.13 67.06
CA GLU C 260 -18.74 -49.94 67.07
C GLU C 260 -18.79 -50.62 65.74
N PHE C 261 -19.50 -51.73 65.68
CA PHE C 261 -19.70 -52.45 64.42
C PHE C 261 -21.13 -52.84 64.26
N ALA C 262 -21.72 -52.49 63.14
CA ALA C 262 -23.11 -52.84 62.90
C ALA C 262 -23.26 -53.48 61.55
N THR C 263 -24.17 -54.45 61.47
CA THR C 263 -24.44 -55.17 60.23
C THR C 263 -25.52 -54.46 59.43
N GLY C 264 -25.78 -54.93 58.22
CA GLY C 264 -26.87 -54.34 57.46
C GLY C 264 -28.16 -54.81 58.08
N THR C 265 -29.27 -54.67 57.37
CA THR C 265 -30.49 -55.37 57.74
C THR C 265 -30.75 -56.45 56.73
N PHE C 266 -30.73 -57.69 57.15
CA PHE C 266 -30.95 -58.79 56.23
C PHE C 266 -32.42 -59.07 56.09
N PHE C 267 -32.91 -59.16 54.85
CA PHE C 267 -34.32 -59.44 54.70
C PHE C 267 -34.51 -60.87 54.29
N PHE C 268 -35.36 -61.56 55.03
CA PHE C 268 -35.57 -62.97 54.84
C PHE C 268 -36.53 -63.21 53.71
N ASP C 269 -36.55 -64.46 53.27
CA ASP C 269 -37.66 -64.92 52.46
C ASP C 269 -37.89 -66.41 52.71
N CYS C 270 -39.06 -66.68 53.28
CA CYS C 270 -39.46 -68.03 53.65
C CYS C 270 -40.98 -68.18 53.56
N LYS C 271 -41.44 -69.38 53.90
CA LYS C 271 -42.84 -69.64 54.04
C LYS C 271 -43.25 -69.09 55.39
N PRO C 272 -44.56 -68.98 55.62
CA PRO C 272 -45.08 -68.68 56.95
C PRO C 272 -45.08 -69.89 57.87
N CYS C 273 -44.89 -69.63 59.15
CA CYS C 273 -45.06 -70.67 60.14
C CYS C 273 -46.44 -70.55 60.76
N ARG C 274 -47.16 -71.66 60.88
CA ARG C 274 -48.52 -71.57 61.34
C ARG C 274 -48.58 -71.91 62.80
N LEU C 275 -49.45 -71.24 63.53
CA LEU C 275 -49.54 -71.45 64.96
C LEU C 275 -50.84 -72.14 65.36
N THR C 276 -51.27 -73.06 64.52
CA THR C 276 -52.45 -73.86 64.78
C THR C 276 -52.14 -75.32 64.53
N HIS C 277 -52.71 -76.19 65.36
CA HIS C 277 -52.48 -77.61 65.17
C HIS C 277 -53.68 -78.25 64.51
N THR C 278 -53.42 -79.25 63.68
CA THR C 278 -54.48 -79.99 63.02
C THR C 278 -54.78 -81.26 63.77
N TRP C 279 -56.04 -81.61 63.92
CA TRP C 279 -56.38 -82.75 64.76
C TRP C 279 -56.86 -83.96 64.02
N GLN C 280 -57.09 -83.80 62.74
CA GLN C 280 -57.73 -84.85 61.98
C GLN C 280 -56.71 -85.83 61.47
N THR C 281 -56.98 -87.12 61.71
CA THR C 281 -56.21 -88.21 61.13
C THR C 281 -57.04 -88.69 59.99
N ASN C 282 -56.58 -89.67 59.22
CA ASN C 282 -57.41 -90.15 58.12
C ASN C 282 -58.83 -90.51 58.51
N ARG C 283 -59.00 -90.92 59.75
CA ARG C 283 -60.27 -91.45 60.21
C ARG C 283 -61.31 -90.37 60.38
N ALA C 284 -60.93 -89.12 60.15
CA ALA C 284 -61.89 -88.02 60.28
C ALA C 284 -61.80 -87.07 59.10
N LEU C 285 -61.74 -87.62 57.91
CA LEU C 285 -61.66 -86.79 56.75
C LEU C 285 -62.86 -86.98 55.90
N GLY C 286 -63.70 -85.96 55.85
CA GLY C 286 -64.80 -85.96 54.92
C GLY C 286 -66.13 -86.16 55.58
N LEU C 287 -67.03 -86.75 54.81
CA LEU C 287 -68.39 -86.93 55.24
C LEU C 287 -68.60 -88.17 56.10
N PRO C 288 -68.99 -88.00 57.36
CA PRO C 288 -69.32 -89.14 58.22
C PRO C 288 -70.55 -89.87 57.71
N PRO C 289 -70.63 -91.18 57.97
CA PRO C 289 -71.70 -92.01 57.42
C PRO C 289 -73.00 -91.68 58.11
N PHE C 290 -74.09 -91.72 57.38
CA PHE C 290 -75.38 -91.31 57.93
C PHE C 290 -75.94 -92.27 58.99
N LEU C 291 -76.29 -91.70 60.15
CA LEU C 291 -76.86 -92.48 61.24
C LEU C 291 -78.38 -92.59 61.17
N ASN C 292 -78.84 -93.82 61.01
CA ASN C 292 -80.27 -94.08 60.95
C ASN C 292 -80.90 -94.27 62.34
N SER C 293 -80.06 -94.39 63.38
CA SER C 293 -80.55 -94.51 64.76
C SER C 293 -79.82 -93.61 65.71
N LEU C 294 -80.46 -92.50 66.04
CA LEU C 294 -79.90 -91.53 66.94
C LEU C 294 -80.39 -91.85 68.31
N PRO C 295 -79.55 -91.64 69.31
CA PRO C 295 -79.89 -91.89 70.71
C PRO C 295 -81.08 -91.08 71.17
N GLN C 296 -81.76 -91.54 72.22
CA GLN C 296 -82.95 -90.89 72.74
C GLN C 296 -82.84 -90.56 74.21
N SER C 297 -81.65 -90.74 74.79
CA SER C 297 -81.37 -90.26 76.13
C SER C 297 -79.91 -89.87 76.30
N GLU C 298 -79.65 -88.89 77.16
CA GLU C 298 -78.29 -88.47 77.37
C GLU C 298 -77.56 -89.59 78.06
N GLY C 299 -76.23 -89.56 78.01
CA GLY C 299 -75.47 -90.57 78.71
C GLY C 299 -74.22 -91.05 78.02
N GLY C 300 -73.57 -92.01 78.65
CA GLY C 300 -72.21 -92.39 78.28
C GLY C 300 -72.13 -93.66 77.47
N THR C 301 -73.24 -94.36 77.34
CA THR C 301 -73.26 -95.59 76.54
C THR C 301 -74.44 -95.56 75.60
N ASN C 302 -75.08 -94.40 75.47
CA ASN C 302 -76.16 -94.23 74.52
C ASN C 302 -75.65 -93.91 73.13
N PHE C 303 -75.06 -94.91 72.48
CA PHE C 303 -74.44 -94.69 71.19
C PHE C 303 -75.49 -94.62 70.11
N GLY C 304 -75.14 -94.02 68.99
CA GLY C 304 -75.98 -94.04 67.81
C GLY C 304 -75.49 -95.19 66.95
N TYR C 305 -76.30 -95.66 66.01
CA TYR C 305 -75.88 -96.78 65.20
C TYR C 305 -76.03 -96.41 63.75
N ILE C 306 -75.05 -96.74 62.92
CA ILE C 306 -75.15 -96.44 61.48
C ILE C 306 -76.45 -97.00 60.93
N GLY C 307 -76.67 -98.29 61.16
CA GLY C 307 -77.91 -98.95 60.81
C GLY C 307 -78.01 -99.56 59.44
N VAL C 308 -76.87 -99.90 58.86
CA VAL C 308 -76.85 -100.69 57.63
C VAL C 308 -75.74 -101.74 57.68
N GLN C 309 -76.05 -102.93 57.20
CA GLN C 309 -75.09 -104.03 57.15
C GLN C 309 -73.81 -103.58 56.46
N GLN C 310 -72.68 -103.89 57.08
CA GLN C 310 -71.40 -103.43 56.60
C GLN C 310 -71.09 -103.89 55.18
N ASP C 311 -71.74 -104.95 54.74
CA ASP C 311 -71.47 -105.45 53.41
C ASP C 311 -72.57 -105.03 52.44
N LYS C 312 -73.52 -104.26 52.92
CA LYS C 312 -74.59 -103.80 52.05
C LYS C 312 -74.57 -102.27 51.92
N ARG C 313 -73.41 -101.66 52.18
CA ARG C 313 -73.32 -100.20 52.24
C ARG C 313 -72.84 -99.56 50.94
N ARG C 314 -73.21 -98.29 50.75
CA ARG C 314 -72.78 -97.52 49.57
C ARG C 314 -71.60 -96.62 49.89
N GLY C 315 -70.75 -96.41 48.89
CA GLY C 315 -69.55 -95.62 49.07
C GLY C 315 -68.38 -96.16 48.28
N VAL C 316 -67.19 -95.62 48.54
CA VAL C 316 -66.01 -95.99 47.78
C VAL C 316 -64.92 -96.51 48.67
N THR C 317 -64.32 -97.64 48.31
CA THR C 317 -63.14 -98.14 49.01
C THR C 317 -62.11 -98.54 47.98
N GLN C 318 -60.90 -98.84 48.43
CA GLN C 318 -59.83 -99.29 47.54
C GLN C 318 -59.54 -100.78 47.72
N MET C 319 -60.54 -101.49 48.21
CA MET C 319 -60.40 -102.91 48.43
C MET C 319 -61.28 -103.61 47.43
N GLY C 320 -60.68 -103.95 46.29
CA GLY C 320 -61.41 -104.53 45.17
C GLY C 320 -62.14 -105.79 45.51
N ASN C 321 -61.74 -106.44 46.59
CA ASN C 321 -62.35 -107.70 47.02
C ASN C 321 -63.68 -107.50 47.70
N THR C 322 -63.65 -107.10 48.95
CA THR C 322 -64.86 -107.11 49.75
C THR C 322 -65.85 -106.03 49.37
N ASN C 323 -67.08 -106.22 49.82
CA ASN C 323 -68.13 -105.25 49.72
C ASN C 323 -68.30 -104.58 51.05
N TYR C 324 -67.35 -104.88 51.93
CA TYR C 324 -67.29 -104.28 53.24
C TYR C 324 -66.91 -102.82 53.10
N ILE C 325 -67.69 -101.95 53.72
CA ILE C 325 -67.35 -100.54 53.78
C ILE C 325 -67.42 -100.02 55.18
N THR C 326 -66.27 -99.96 55.85
CA THR C 326 -66.22 -99.45 57.21
C THR C 326 -65.27 -98.28 57.30
N GLU C 327 -65.32 -97.58 58.42
CA GLU C 327 -64.52 -96.38 58.66
C GLU C 327 -63.04 -96.60 58.47
N ALA C 328 -62.56 -97.81 58.73
CA ALA C 328 -61.16 -98.08 58.52
C ALA C 328 -60.94 -98.50 57.09
N THR C 329 -62.04 -98.71 56.38
CA THR C 329 -61.99 -99.26 55.04
C THR C 329 -62.29 -98.21 54.00
N ILE C 330 -63.25 -97.35 54.32
CA ILE C 330 -63.72 -96.32 53.42
C ILE C 330 -62.52 -95.56 52.87
N MET C 331 -62.57 -95.26 51.58
CA MET C 331 -61.50 -94.50 50.95
C MET C 331 -61.37 -93.15 51.62
N ARG C 332 -60.16 -92.64 51.67
CA ARG C 332 -59.91 -91.29 52.10
C ARG C 332 -59.13 -90.65 50.96
N PRO C 333 -59.16 -89.33 50.85
CA PRO C 333 -58.56 -88.64 49.70
C PRO C 333 -57.06 -88.83 49.55
N ALA C 334 -56.36 -88.87 50.67
CA ALA C 334 -54.92 -89.09 50.70
C ALA C 334 -54.51 -89.67 52.06
N GLU C 335 -53.27 -89.45 52.48
CA GLU C 335 -52.90 -89.95 53.80
C GLU C 335 -52.21 -88.90 54.63
N VAL C 336 -52.72 -88.71 55.85
CA VAL C 336 -52.16 -87.77 56.83
C VAL C 336 -51.04 -88.41 57.62
N GLY C 337 -49.84 -87.89 57.50
CA GLY C 337 -48.72 -88.44 58.23
C GLY C 337 -48.14 -89.64 57.51
N TYR C 338 -47.10 -90.22 58.10
CA TYR C 338 -46.51 -91.37 57.47
C TYR C 338 -45.80 -92.20 58.54
N SER C 339 -45.62 -93.49 58.29
CA SER C 339 -44.93 -94.34 59.23
C SER C 339 -43.47 -94.48 58.84
N ALA C 340 -42.57 -94.33 59.82
CA ALA C 340 -41.14 -94.38 59.55
C ALA C 340 -40.43 -95.36 60.45
N PRO C 341 -39.31 -95.90 60.00
CA PRO C 341 -38.53 -96.86 60.77
C PRO C 341 -38.05 -96.29 62.08
N TYR C 342 -38.00 -97.11 63.11
CA TYR C 342 -37.63 -96.62 64.43
C TYR C 342 -37.26 -97.79 65.33
N TYR C 343 -36.16 -97.72 66.09
CA TYR C 343 -35.07 -96.74 66.00
C TYR C 343 -34.13 -97.14 64.88
N SER C 344 -34.26 -96.57 63.68
CA SER C 344 -33.39 -97.02 62.60
C SER C 344 -32.08 -96.29 62.61
N PHE C 345 -30.98 -97.02 62.46
CA PHE C 345 -29.68 -96.39 62.27
C PHE C 345 -29.12 -96.74 60.90
N GLU C 346 -28.61 -95.73 60.20
CA GLU C 346 -28.07 -95.95 58.86
C GLU C 346 -26.62 -95.53 58.85
N ALA C 347 -25.87 -96.01 57.88
CA ALA C 347 -24.47 -95.72 57.93
C ALA C 347 -23.90 -95.35 56.57
N SER C 348 -23.11 -94.30 56.55
CA SER C 348 -22.38 -93.96 55.36
C SER C 348 -21.00 -93.49 55.73
N THR C 349 -20.15 -93.37 54.71
CA THR C 349 -18.77 -92.88 54.77
C THR C 349 -18.21 -92.53 56.14
N GLN C 350 -18.99 -91.84 56.97
CA GLN C 350 -18.49 -91.33 58.23
C GLN C 350 -19.15 -91.96 59.43
N GLY C 351 -19.87 -93.04 59.22
CA GLY C 351 -20.39 -93.77 60.35
C GLY C 351 -21.89 -93.78 60.41
N PRO C 352 -22.42 -94.34 61.49
CA PRO C 352 -23.86 -94.50 61.70
C PRO C 352 -24.53 -93.30 62.36
N PHE C 353 -25.82 -93.14 62.10
CA PHE C 353 -26.63 -92.04 62.63
C PHE C 353 -28.08 -92.45 62.63
N LYS C 354 -28.85 -91.94 63.58
CA LYS C 354 -30.27 -92.28 63.65
C LYS C 354 -31.01 -91.66 62.47
N THR C 355 -32.05 -92.38 62.01
CA THR C 355 -32.94 -91.92 60.97
C THR C 355 -33.95 -90.95 61.56
N PRO C 356 -34.02 -89.74 61.02
CA PRO C 356 -34.88 -88.69 61.54
C PRO C 356 -36.32 -88.85 61.12
N ILE C 357 -37.26 -88.42 61.95
CA ILE C 357 -38.67 -88.60 61.63
C ILE C 357 -39.39 -87.26 61.57
N ALA C 358 -40.44 -87.15 60.76
CA ALA C 358 -41.09 -85.88 60.61
C ALA C 358 -42.25 -85.62 61.57
N ALA C 359 -43.24 -86.49 61.61
CA ALA C 359 -44.52 -86.12 62.23
C ALA C 359 -44.60 -86.12 63.76
N GLY C 360 -45.70 -86.68 64.27
CA GLY C 360 -46.02 -86.84 65.69
C GLY C 360 -46.89 -85.66 66.01
N ARG C 361 -47.77 -85.70 67.01
CA ARG C 361 -48.19 -86.86 67.82
C ARG C 361 -49.09 -87.89 67.13
N GLY C 362 -48.92 -89.17 67.46
CA GLY C 362 -49.81 -90.19 66.92
C GLY C 362 -50.64 -91.00 67.92
N GLY C 363 -50.15 -91.13 69.14
CA GLY C 363 -50.84 -91.91 70.14
C GLY C 363 -52.04 -91.21 70.71
N ALA C 364 -52.93 -91.98 71.37
CA ALA C 364 -54.13 -91.46 72.00
C ALA C 364 -53.82 -90.87 73.38
N GLN C 365 -54.70 -91.14 74.34
CA GLN C 365 -54.58 -90.64 75.72
C GLN C 365 -53.28 -90.98 76.42
N THR C 366 -52.46 -89.96 76.64
CA THR C 366 -51.28 -90.10 77.49
C THR C 366 -50.42 -91.27 77.05
N ASP C 367 -50.52 -91.62 75.78
CA ASP C 367 -49.65 -92.64 75.22
C ASP C 367 -49.27 -92.18 73.84
N GLU C 368 -47.98 -92.34 73.58
CA GLU C 368 -47.32 -91.94 72.39
C GLU C 368 -46.19 -92.90 72.37
N ASN C 369 -45.59 -93.19 71.25
CA ASN C 369 -44.34 -93.90 71.41
C ASN C 369 -43.34 -92.91 70.84
N GLN C 370 -42.78 -92.14 71.76
CA GLN C 370 -41.95 -90.98 71.45
C GLN C 370 -40.76 -91.28 70.55
N ALA C 371 -40.86 -92.31 69.73
CA ALA C 371 -39.77 -92.64 68.82
C ALA C 371 -40.25 -92.92 67.39
N ALA C 372 -41.45 -93.48 67.28
CA ALA C 372 -42.01 -93.76 65.96
C ALA C 372 -42.53 -92.46 65.40
N ASP C 373 -42.63 -91.47 66.29
CA ASP C 373 -42.94 -90.12 65.91
C ASP C 373 -41.64 -89.38 65.92
N GLY C 374 -40.97 -89.35 67.06
CA GLY C 374 -39.66 -88.74 67.07
C GLY C 374 -39.73 -87.39 67.71
N ASP C 375 -40.45 -87.37 68.81
CA ASP C 375 -40.63 -86.19 69.60
C ASP C 375 -39.27 -85.78 70.10
N PRO C 376 -38.94 -84.50 69.93
CA PRO C 376 -37.61 -83.95 70.19
C PRO C 376 -37.31 -83.83 71.68
N ARG C 377 -36.08 -84.15 72.07
CA ARG C 377 -35.72 -84.08 73.47
C ARG C 377 -34.57 -83.05 73.65
N TYR C 378 -34.85 -82.06 74.49
CA TYR C 378 -34.00 -80.89 74.65
C TYR C 378 -33.27 -80.87 75.96
N ALA C 379 -31.96 -80.65 75.92
CA ALA C 379 -31.15 -80.62 77.15
C ALA C 379 -30.41 -79.33 77.31
N PHE C 380 -30.48 -78.71 78.49
CA PHE C 380 -29.96 -77.35 78.62
C PHE C 380 -29.60 -76.92 80.05
N GLY C 381 -28.86 -75.83 80.20
CA GLY C 381 -28.36 -75.49 81.51
C GLY C 381 -28.33 -74.04 81.93
N ARG C 382 -29.03 -73.78 83.02
CA ARG C 382 -29.09 -72.47 83.68
C ARG C 382 -29.21 -71.27 82.75
N GLN C 383 -28.22 -71.08 81.91
CA GLN C 383 -28.25 -70.03 80.90
C GLN C 383 -29.45 -70.13 79.98
N HIS C 384 -29.99 -71.34 79.83
CA HIS C 384 -31.02 -71.57 78.85
C HIS C 384 -32.29 -72.21 79.41
N GLY C 385 -32.56 -72.00 80.69
CA GLY C 385 -33.82 -72.43 81.26
C GLY C 385 -33.77 -73.07 82.62
N GLN C 386 -32.77 -73.91 82.87
CA GLN C 386 -32.68 -74.63 84.14
C GLN C 386 -32.70 -73.64 85.29
N LYS C 387 -33.18 -74.08 86.45
CA LYS C 387 -33.27 -73.23 87.62
C LYS C 387 -31.86 -72.78 87.89
N THR C 388 -31.65 -71.49 87.99
CA THR C 388 -30.29 -70.96 88.00
C THR C 388 -29.59 -71.20 89.32
N THR C 389 -30.35 -71.54 90.36
CA THR C 389 -29.81 -71.83 91.68
C THR C 389 -29.33 -73.27 91.80
N THR C 390 -29.69 -74.08 90.83
CA THR C 390 -29.29 -75.47 90.79
C THR C 390 -27.78 -75.64 90.61
N THR C 391 -27.16 -76.30 91.57
CA THR C 391 -25.75 -76.70 91.45
C THR C 391 -25.66 -78.06 90.78
N GLY C 392 -24.47 -78.42 90.31
CA GLY C 392 -24.33 -79.70 89.66
C GLY C 392 -24.28 -79.73 88.15
N GLU C 393 -23.68 -80.79 87.63
CA GLU C 393 -23.42 -80.92 86.20
C GLU C 393 -24.61 -81.45 85.41
N THR C 394 -25.68 -81.86 86.10
CA THR C 394 -26.76 -82.55 85.40
C THR C 394 -27.74 -81.53 84.78
N PRO C 395 -27.99 -81.67 83.48
CA PRO C 395 -28.82 -80.74 82.72
C PRO C 395 -30.31 -80.94 82.93
N GLU C 396 -31.11 -79.90 82.72
CA GLU C 396 -32.58 -79.99 82.75
C GLU C 396 -33.04 -80.46 81.39
N ARG C 397 -34.17 -81.17 81.35
CA ARG C 397 -34.64 -81.75 80.10
C ARG C 397 -36.16 -81.73 79.96
N PHE C 398 -36.63 -81.96 78.73
CA PHE C 398 -38.04 -82.19 78.45
C PHE C 398 -38.18 -82.81 77.08
N THR C 399 -39.32 -83.45 76.81
CA THR C 399 -39.57 -83.94 75.47
C THR C 399 -40.79 -83.24 74.90
N TYR C 400 -40.61 -82.55 73.79
CA TYR C 400 -41.70 -81.81 73.19
C TYR C 400 -42.61 -82.77 72.44
N ILE C 401 -43.84 -82.95 72.92
CA ILE C 401 -44.82 -83.70 72.15
C ILE C 401 -45.85 -82.70 71.61
N ALA C 402 -45.81 -82.44 70.31
CA ALA C 402 -46.60 -81.39 69.70
C ALA C 402 -48.08 -81.66 69.84
N HIS C 403 -48.90 -80.66 69.54
CA HIS C 403 -50.34 -80.83 69.62
C HIS C 403 -50.91 -81.43 68.34
N GLN C 404 -50.19 -81.32 67.24
CA GLN C 404 -50.72 -81.78 65.97
C GLN C 404 -50.74 -83.29 65.80
N ASP C 405 -51.94 -83.85 65.75
CA ASP C 405 -52.11 -85.29 65.67
C ASP C 405 -51.84 -85.81 64.24
N THR C 406 -50.57 -86.02 63.89
CA THR C 406 -50.21 -86.49 62.54
C THR C 406 -49.22 -87.65 62.54
N GLY C 407 -49.04 -88.28 63.69
CA GLY C 407 -48.08 -89.37 63.84
C GLY C 407 -48.73 -90.72 63.79
N ARG C 408 -48.03 -91.71 64.36
CA ARG C 408 -48.53 -93.08 64.39
C ARG C 408 -48.50 -93.71 65.78
N TYR C 409 -49.35 -94.72 66.00
CA TYR C 409 -49.32 -95.57 67.19
C TYR C 409 -49.17 -96.97 66.69
N PRO C 410 -47.96 -97.35 66.30
CA PRO C 410 -47.64 -98.55 65.55
C PRO C 410 -48.09 -99.81 66.25
N GLU C 411 -48.39 -99.72 67.53
CA GLU C 411 -48.95 -100.86 68.28
C GLU C 411 -50.25 -101.30 67.64
N GLY C 412 -50.92 -100.35 67.00
CA GLY C 412 -52.20 -100.57 66.33
C GLY C 412 -52.17 -100.88 64.85
N ASP C 413 -50.98 -101.04 64.28
CA ASP C 413 -50.83 -101.35 62.86
C ASP C 413 -51.11 -102.83 62.63
N TRP C 414 -51.40 -103.20 61.39
CA TRP C 414 -51.43 -104.60 61.04
C TRP C 414 -51.45 -104.77 59.55
N ILE C 415 -51.30 -106.00 59.09
CA ILE C 415 -51.33 -106.27 57.67
C ILE C 415 -52.06 -107.54 57.33
N GLN C 416 -53.15 -107.45 56.57
CA GLN C 416 -53.89 -108.65 56.23
C GLN C 416 -53.50 -109.18 54.90
N ASN C 417 -53.80 -110.44 54.68
CA ASN C 417 -53.61 -111.07 53.39
C ASN C 417 -54.62 -110.54 52.39
N ILE C 418 -54.28 -110.65 51.13
CA ILE C 418 -55.11 -110.21 50.03
C ILE C 418 -56.56 -110.70 50.10
N ASN C 419 -56.79 -111.88 50.68
CA ASN C 419 -58.10 -112.50 50.57
C ASN C 419 -59.13 -111.91 51.51
N PHE C 420 -58.66 -111.26 52.55
CA PHE C 420 -59.55 -110.59 53.49
C PHE C 420 -60.66 -111.51 53.97
N ASN C 421 -60.27 -112.73 54.33
CA ASN C 421 -61.19 -113.68 54.96
C ASN C 421 -61.21 -113.45 56.45
N LEU C 422 -62.25 -112.78 56.93
CA LEU C 422 -62.20 -112.31 58.29
C LEU C 422 -63.44 -112.71 59.10
N PRO C 423 -63.28 -112.97 60.42
CA PRO C 423 -62.10 -112.91 61.31
C PRO C 423 -60.85 -113.57 60.76
N VAL C 424 -59.72 -112.88 60.84
CA VAL C 424 -58.52 -113.27 60.12
C VAL C 424 -57.66 -114.30 60.87
N THR C 425 -57.18 -115.31 60.13
CA THR C 425 -56.34 -116.36 60.68
C THR C 425 -55.02 -115.79 61.16
N ASP C 426 -54.36 -116.43 62.12
CA ASP C 426 -53.05 -115.99 62.55
C ASP C 426 -52.05 -116.06 61.43
N ASP C 427 -52.27 -116.96 60.48
CA ASP C 427 -51.35 -117.04 59.36
C ASP C 427 -51.66 -116.03 58.28
N ASN C 428 -52.79 -115.35 58.37
CA ASN C 428 -53.15 -114.40 57.33
C ASN C 428 -53.01 -112.94 57.74
N VAL C 429 -52.46 -112.71 58.93
CA VAL C 429 -52.26 -111.37 59.40
C VAL C 429 -50.82 -111.28 59.88
N LEU C 430 -50.23 -110.09 59.80
CA LEU C 430 -48.92 -109.83 60.38
C LEU C 430 -49.06 -108.76 61.43
N LEU C 431 -48.77 -109.06 62.67
CA LEU C 431 -49.00 -108.11 63.73
C LEU C 431 -47.72 -107.42 64.18
N PRO C 432 -47.84 -106.34 64.98
CA PRO C 432 -46.69 -105.76 65.66
C PRO C 432 -46.23 -106.61 66.81
N THR C 433 -46.85 -107.76 66.99
CA THR C 433 -46.47 -108.73 67.99
C THR C 433 -45.59 -109.81 67.41
N ASP C 434 -45.90 -110.21 66.17
CA ASP C 434 -45.14 -111.26 65.55
C ASP C 434 -43.74 -110.77 65.24
N PRO C 435 -42.73 -111.48 65.75
CA PRO C 435 -41.31 -111.18 65.64
C PRO C 435 -40.79 -111.31 64.23
N ILE C 436 -39.78 -110.50 63.92
CA ILE C 436 -39.25 -110.37 62.59
C ILE C 436 -37.81 -110.79 62.57
N GLY C 437 -37.41 -111.59 61.59
CA GLY C 437 -36.04 -112.04 61.53
C GLY C 437 -35.72 -112.82 62.78
N GLY C 438 -36.76 -113.33 63.42
CA GLY C 438 -36.64 -114.16 64.59
C GLY C 438 -36.17 -113.47 65.85
N LYS C 439 -36.50 -112.20 65.99
CA LYS C 439 -36.12 -111.46 67.19
C LYS C 439 -37.33 -111.05 68.00
N THR C 440 -37.35 -111.42 69.27
CA THR C 440 -38.47 -111.13 70.13
C THR C 440 -38.88 -109.65 70.17
N GLY C 441 -37.88 -108.76 70.24
CA GLY C 441 -38.13 -107.34 70.38
C GLY C 441 -38.24 -106.53 69.09
N ILE C 442 -38.41 -107.23 67.98
CA ILE C 442 -38.56 -106.58 66.68
C ILE C 442 -39.82 -107.05 65.97
N ASN C 443 -40.59 -106.11 65.43
CA ASN C 443 -41.76 -106.44 64.66
C ASN C 443 -41.68 -105.66 63.40
N TYR C 444 -42.64 -105.85 62.50
CA TYR C 444 -42.51 -105.28 61.18
C TYR C 444 -42.55 -103.77 61.21
N THR C 445 -43.22 -103.20 62.20
CA THR C 445 -43.37 -101.76 62.21
C THR C 445 -42.03 -101.06 62.38
N ASN C 446 -41.05 -101.77 62.92
CA ASN C 446 -39.74 -101.19 63.14
C ASN C 446 -38.97 -100.93 61.86
N ILE C 447 -39.38 -101.54 60.76
CA ILE C 447 -38.70 -101.30 59.50
C ILE C 447 -39.64 -100.66 58.48
N PHE C 448 -40.85 -100.32 58.93
CA PHE C 448 -41.94 -99.95 58.04
C PHE C 448 -41.80 -98.53 57.51
N ASN C 449 -42.26 -98.31 56.28
CA ASN C 449 -42.21 -96.98 55.70
C ASN C 449 -43.37 -96.72 54.75
N THR C 450 -44.30 -95.86 55.16
CA THR C 450 -45.47 -95.56 54.35
C THR C 450 -45.44 -94.14 53.80
N TYR C 451 -44.25 -93.65 53.54
CA TYR C 451 -44.13 -92.40 52.85
C TYR C 451 -44.53 -92.73 51.43
N GLY C 452 -45.22 -91.81 50.76
CA GLY C 452 -45.71 -92.06 49.42
C GLY C 452 -46.30 -90.81 48.81
N PRO C 453 -46.68 -90.88 47.54
CA PRO C 453 -47.17 -89.69 46.85
C PRO C 453 -48.50 -89.17 47.35
N LEU C 454 -49.08 -89.78 48.36
CA LEU C 454 -50.34 -89.31 48.93
C LEU C 454 -50.13 -88.76 50.31
N THR C 455 -48.87 -88.58 50.68
CA THR C 455 -48.54 -88.21 52.04
C THR C 455 -48.67 -86.72 52.25
N ALA C 456 -49.33 -86.35 53.34
CA ALA C 456 -49.46 -84.96 53.73
C ALA C 456 -48.82 -84.74 55.09
N LEU C 457 -48.19 -83.59 55.28
CA LEU C 457 -47.34 -83.30 56.44
C LEU C 457 -47.44 -81.88 56.94
N ASN C 458 -47.12 -81.65 58.21
CA ASN C 458 -46.89 -80.29 58.67
C ASN C 458 -45.43 -80.03 58.98
N ASN C 459 -45.11 -78.76 59.09
CA ASN C 459 -43.78 -78.36 59.45
C ASN C 459 -43.65 -78.46 60.96
N VAL C 460 -42.43 -78.47 61.47
CA VAL C 460 -42.22 -78.58 62.91
C VAL C 460 -42.75 -77.36 63.63
N PRO C 461 -43.38 -77.56 64.75
CA PRO C 461 -43.85 -76.41 65.50
C PRO C 461 -42.69 -75.79 66.25
N PRO C 462 -42.75 -74.49 66.52
CA PRO C 462 -41.70 -73.78 67.26
C PRO C 462 -41.61 -74.23 68.71
N VAL C 463 -40.39 -74.50 69.16
CA VAL C 463 -40.19 -74.98 70.50
C VAL C 463 -39.59 -73.92 71.43
N TYR C 464 -40.43 -73.30 72.26
CA TYR C 464 -39.94 -72.25 73.14
C TYR C 464 -39.52 -72.76 74.50
N PRO C 465 -38.37 -72.30 75.00
CA PRO C 465 -37.45 -71.32 74.45
C PRO C 465 -36.22 -71.92 73.77
N ASN C 466 -36.06 -73.22 73.83
CA ASN C 466 -34.83 -73.83 73.40
C ASN C 466 -34.75 -74.13 71.91
N GLY C 467 -35.85 -73.93 71.19
CA GLY C 467 -35.89 -74.26 69.78
C GLY C 467 -35.08 -73.32 68.92
N GLN C 468 -34.66 -73.83 67.76
CA GLN C 468 -33.98 -73.02 66.77
C GLN C 468 -35.05 -72.19 66.05
N ILE C 469 -34.67 -71.02 65.53
CA ILE C 469 -35.62 -70.17 64.83
C ILE C 469 -35.50 -70.35 63.33
N TRP C 470 -34.32 -70.10 62.79
CA TRP C 470 -34.13 -70.37 61.36
C TRP C 470 -32.94 -71.27 61.08
N ASP C 471 -32.92 -71.84 59.89
CA ASP C 471 -31.90 -72.81 59.54
C ASP C 471 -31.55 -72.72 58.07
N LYS C 472 -30.28 -72.88 57.72
CA LYS C 472 -29.87 -72.84 56.31
C LYS C 472 -30.35 -74.05 55.56
N GLU C 473 -30.52 -73.92 54.26
CA GLU C 473 -30.94 -75.06 53.51
C GLU C 473 -29.71 -75.79 53.01
N PHE C 474 -29.80 -77.11 52.90
CA PHE C 474 -28.71 -77.92 52.38
C PHE C 474 -28.46 -77.51 50.94
N ASP C 475 -27.20 -77.41 50.54
CA ASP C 475 -26.90 -77.13 49.14
C ASP C 475 -26.87 -78.40 48.31
N THR C 476 -27.93 -79.18 48.36
CA THR C 476 -28.03 -80.37 47.52
C THR C 476 -28.93 -80.07 46.34
N ASP C 477 -28.71 -80.74 45.22
CA ASP C 477 -29.50 -80.45 44.04
C ASP C 477 -30.99 -80.68 44.31
N LEU C 478 -31.34 -81.66 45.12
CA LEU C 478 -32.74 -81.85 45.56
C LEU C 478 -32.85 -81.69 47.06
N LYS C 479 -33.88 -80.98 47.54
CA LYS C 479 -33.85 -80.53 48.93
C LYS C 479 -34.91 -81.17 49.82
N PRO C 480 -34.73 -81.08 51.13
CA PRO C 480 -35.75 -81.62 52.01
C PRO C 480 -36.98 -80.74 52.01
N ARG C 481 -38.15 -81.34 52.18
CA ARG C 481 -39.40 -80.62 52.28
C ARG C 481 -39.53 -79.89 53.63
N LEU C 482 -38.65 -80.18 54.57
CA LEU C 482 -38.59 -79.46 55.83
C LEU C 482 -37.32 -79.77 56.61
N HIS C 483 -37.12 -79.08 57.72
CA HIS C 483 -36.07 -79.41 58.66
C HIS C 483 -36.74 -79.68 59.98
N VAL C 484 -36.12 -80.49 60.82
CA VAL C 484 -36.77 -80.87 62.07
C VAL C 484 -36.30 -80.03 63.22
N ASN C 485 -35.26 -79.22 62.98
CA ASN C 485 -34.67 -78.41 64.02
C ASN C 485 -35.22 -77.00 64.09
N ALA C 486 -35.81 -76.54 63.00
CA ALA C 486 -36.37 -75.18 62.94
C ALA C 486 -37.51 -75.06 61.93
N PRO C 487 -38.45 -74.17 62.21
CA PRO C 487 -39.57 -74.05 61.28
C PRO C 487 -39.21 -73.21 60.06
N PHE C 488 -38.30 -72.27 60.17
CA PHE C 488 -37.94 -71.43 59.00
C PHE C 488 -36.69 -71.87 58.28
N VAL C 489 -36.81 -72.14 57.00
CA VAL C 489 -35.62 -72.47 56.23
C VAL C 489 -35.39 -71.47 55.10
N CYS C 490 -34.23 -70.83 55.13
CA CYS C 490 -33.84 -69.82 54.16
C CYS C 490 -33.46 -70.43 52.84
N GLN C 491 -34.24 -70.17 51.81
CA GLN C 491 -33.93 -70.75 50.52
C GLN C 491 -32.96 -69.99 49.65
N ASN C 492 -32.90 -68.68 49.80
CA ASN C 492 -32.00 -67.96 48.94
C ASN C 492 -30.68 -67.78 49.60
N ASN C 493 -30.69 -67.24 50.81
CA ASN C 493 -29.46 -67.04 51.54
C ASN C 493 -29.83 -66.73 52.97
N CYS C 494 -29.05 -67.22 53.92
CA CYS C 494 -29.30 -66.91 55.31
C CYS C 494 -28.34 -65.83 55.80
N PRO C 495 -28.67 -65.19 56.92
CA PRO C 495 -27.74 -64.26 57.51
C PRO C 495 -26.44 -64.95 57.81
N GLY C 496 -25.33 -64.24 57.69
CA GLY C 496 -24.05 -64.82 57.99
C GLY C 496 -23.82 -64.95 59.46
N GLN C 497 -22.94 -65.88 59.83
CA GLN C 497 -22.61 -66.08 61.21
C GLN C 497 -21.64 -65.01 61.70
N LEU C 498 -21.74 -64.63 62.96
CA LEU C 498 -20.95 -63.55 63.51
C LEU C 498 -19.86 -64.05 64.43
N PHE C 499 -18.60 -63.75 64.12
CA PHE C 499 -17.48 -64.28 64.89
C PHE C 499 -16.69 -63.21 65.64
N VAL C 500 -16.30 -63.52 66.87
CA VAL C 500 -15.44 -62.62 67.63
C VAL C 500 -14.15 -63.33 68.08
N LYS C 501 -13.17 -62.55 68.53
CA LYS C 501 -11.85 -63.05 68.93
C LYS C 501 -11.01 -61.92 69.50
N VAL C 502 -10.39 -62.12 70.66
CA VAL C 502 -9.54 -61.06 71.21
C VAL C 502 -8.23 -60.89 70.43
N ALA C 503 -7.86 -59.64 70.14
CA ALA C 503 -6.63 -59.41 69.36
C ALA C 503 -5.47 -59.77 70.22
N PRO C 504 -4.48 -60.44 69.64
CA PRO C 504 -3.27 -60.90 70.32
C PRO C 504 -2.54 -59.75 70.96
N ASN C 505 -2.49 -59.72 72.29
CA ASN C 505 -1.84 -58.64 73.01
C ASN C 505 -0.44 -59.02 73.45
N LEU C 506 0.56 -58.81 72.59
CA LEU C 506 1.84 -59.42 72.86
C LEU C 506 2.61 -58.81 74.00
N THR C 507 3.49 -59.63 74.57
CA THR C 507 4.47 -59.19 75.55
C THR C 507 5.67 -58.66 74.80
N ASN C 508 6.70 -58.23 75.50
CA ASN C 508 7.87 -57.64 74.84
C ASN C 508 8.77 -58.69 74.26
N GLN C 509 8.66 -59.91 74.75
CA GLN C 509 9.41 -61.01 74.17
C GLN C 509 8.53 -61.87 73.27
N TYR C 510 8.76 -61.80 71.97
CA TYR C 510 8.02 -62.65 71.05
C TYR C 510 8.90 -63.09 69.92
N ASP C 511 9.11 -64.38 69.80
CA ASP C 511 9.87 -64.90 68.68
C ASP C 511 9.04 -65.88 67.93
N PRO C 512 8.64 -65.49 66.74
CA PRO C 512 7.82 -66.35 65.90
C PRO C 512 8.56 -67.59 65.39
N ASP C 513 9.86 -67.47 65.13
CA ASP C 513 10.64 -68.62 64.65
C ASP C 513 10.85 -69.61 65.76
N ALA C 514 10.52 -69.20 66.98
CA ALA C 514 10.62 -70.10 68.12
C ALA C 514 9.39 -70.97 68.20
N SER C 515 9.63 -72.23 68.57
CA SER C 515 8.58 -73.23 68.80
C SER C 515 7.75 -72.94 70.04
N ALA C 516 8.39 -72.34 71.05
CA ALA C 516 7.79 -72.12 72.37
C ALA C 516 6.41 -71.51 72.27
N ASN C 517 5.64 -71.64 73.35
CA ASN C 517 4.32 -71.05 73.38
C ASN C 517 4.43 -69.56 73.12
N MET C 518 3.53 -69.08 72.29
CA MET C 518 3.27 -67.68 72.13
C MET C 518 2.94 -67.05 73.47
N SER C 519 3.79 -66.12 73.92
CA SER C 519 3.55 -65.45 75.17
C SER C 519 2.76 -64.18 74.92
N ARG C 520 1.57 -64.12 75.52
CA ARG C 520 0.65 -63.02 75.33
C ARG C 520 0.23 -62.49 76.68
N ILE C 521 -0.04 -61.20 76.77
CA ILE C 521 -0.61 -60.67 77.99
C ILE C 521 -2.00 -61.22 78.18
N VAL C 522 -2.32 -61.62 79.39
CA VAL C 522 -3.64 -62.15 79.65
C VAL C 522 -4.64 -61.05 79.45
N THR C 523 -5.51 -61.25 78.47
CA THR C 523 -6.46 -60.24 78.11
C THR C 523 -7.84 -60.80 77.90
N TYR C 524 -8.85 -60.01 78.23
CA TYR C 524 -10.22 -60.41 77.97
C TYR C 524 -11.06 -59.20 77.61
N SER C 525 -12.28 -59.47 77.14
CA SER C 525 -13.13 -58.41 76.65
C SER C 525 -14.55 -58.47 77.15
N ASP C 526 -15.13 -57.30 77.37
CA ASP C 526 -16.57 -57.19 77.57
C ASP C 526 -17.15 -56.36 76.44
N PHE C 527 -18.17 -56.87 75.78
CA PHE C 527 -18.85 -56.07 74.79
C PHE C 527 -20.35 -56.29 74.83
N TRP C 528 -21.12 -55.30 74.40
CA TRP C 528 -22.57 -55.44 74.37
C TRP C 528 -23.03 -55.79 72.98
N TRP C 529 -24.06 -56.61 72.90
CA TRP C 529 -24.63 -57.04 71.64
C TRP C 529 -26.08 -56.66 71.58
N LYS C 530 -26.51 -56.09 70.47
CA LYS C 530 -27.93 -55.80 70.29
C LYS C 530 -28.41 -56.35 68.96
N GLY C 531 -29.60 -56.93 68.99
CA GLY C 531 -30.22 -57.47 67.81
C GLY C 531 -31.65 -56.98 67.66
N LYS C 532 -32.13 -57.01 66.42
CA LYS C 532 -33.52 -56.71 66.14
C LYS C 532 -34.05 -57.72 65.14
N LEU C 533 -34.99 -58.53 65.60
CA LEU C 533 -35.58 -59.56 64.76
C LEU C 533 -37.04 -59.17 64.50
N VAL C 534 -37.39 -59.01 63.22
CA VAL C 534 -38.73 -58.52 62.89
C VAL C 534 -39.60 -59.58 62.26
N PHE C 535 -40.77 -59.79 62.84
CA PHE C 535 -41.74 -60.72 62.31
C PHE C 535 -42.95 -59.97 61.83
N LYS C 536 -43.71 -60.60 60.96
CA LYS C 536 -44.99 -60.08 60.55
C LYS C 536 -45.97 -61.21 60.65
N ALA C 537 -46.94 -61.05 61.54
CA ALA C 537 -47.89 -62.12 61.85
C ALA C 537 -49.33 -61.71 61.57
N LYS C 538 -50.25 -62.65 61.74
CA LYS C 538 -51.65 -62.42 61.42
C LYS C 538 -52.57 -62.90 62.53
N LEU C 539 -53.50 -62.04 62.95
CA LEU C 539 -54.38 -62.34 64.05
C LEU C 539 -55.40 -63.43 63.73
N ARG C 540 -55.67 -64.32 64.68
CA ARG C 540 -56.65 -65.36 64.44
C ARG C 540 -58.05 -64.82 64.69
N ALA C 541 -59.06 -65.56 64.24
CA ALA C 541 -60.44 -65.16 64.48
C ALA C 541 -61.24 -66.38 64.85
N SER C 542 -62.27 -66.18 65.67
CA SER C 542 -63.07 -67.29 66.16
C SER C 542 -64.02 -67.90 65.13
N HIS C 543 -63.89 -69.20 64.90
CA HIS C 543 -64.78 -69.88 63.95
C HIS C 543 -65.75 -70.86 64.58
N THR C 544 -65.57 -71.18 65.85
CA THR C 544 -66.38 -72.22 66.43
C THR C 544 -67.19 -71.69 67.59
N TRP C 545 -68.19 -72.45 67.99
CA TRP C 545 -69.02 -72.01 69.08
C TRP C 545 -68.18 -72.06 70.32
N ASN C 546 -67.35 -73.09 70.38
CA ASN C 546 -66.58 -73.36 71.58
C ASN C 546 -65.33 -72.52 71.63
N PRO C 547 -64.80 -72.30 72.83
CA PRO C 547 -63.48 -71.70 73.00
C PRO C 547 -62.45 -72.71 72.65
N ILE C 548 -61.17 -72.41 72.80
CA ILE C 548 -60.15 -73.35 72.39
C ILE C 548 -59.02 -73.38 73.41
N GLN C 549 -58.02 -74.23 73.20
CA GLN C 549 -56.88 -74.22 74.10
C GLN C 549 -56.20 -72.88 74.06
N GLN C 550 -55.84 -72.37 75.23
CA GLN C 550 -54.96 -71.20 75.30
C GLN C 550 -54.12 -71.18 76.58
N MET C 551 -52.88 -70.68 76.50
CA MET C 551 -52.00 -70.65 77.66
C MET C 551 -52.47 -69.72 78.76
N SER C 552 -52.15 -70.05 80.01
CA SER C 552 -52.31 -69.10 81.12
C SER C 552 -51.68 -69.61 82.41
N ILE C 553 -51.91 -68.89 83.49
CA ILE C 553 -51.68 -69.45 84.80
C ILE C 553 -52.98 -69.35 85.60
N ASN C 554 -53.43 -70.34 86.41
CA ASN C 554 -52.83 -71.59 86.94
C ASN C 554 -52.23 -71.41 88.30
N VAL C 555 -52.75 -72.14 89.27
CA VAL C 555 -52.24 -72.14 90.63
C VAL C 555 -51.06 -73.08 90.68
N ASP C 556 -51.13 -74.12 89.85
CA ASP C 556 -49.95 -74.85 89.44
C ASP C 556 -49.20 -73.86 88.59
N ASN C 557 -48.06 -74.23 88.03
CA ASN C 557 -47.57 -73.43 86.91
C ASN C 557 -47.06 -72.04 87.33
N GLN C 558 -47.91 -71.33 88.06
CA GLN C 558 -47.66 -69.99 88.57
C GLN C 558 -46.25 -69.67 89.01
N PHE C 559 -45.47 -70.67 89.41
CA PHE C 559 -44.22 -70.29 90.03
C PHE C 559 -43.03 -70.44 89.11
N ASN C 560 -43.25 -70.83 87.86
CA ASN C 560 -42.16 -70.87 86.88
C ASN C 560 -41.98 -69.54 86.19
N TYR C 561 -42.62 -68.51 86.69
CA TYR C 561 -42.64 -67.27 85.95
C TYR C 561 -42.23 -66.09 86.80
N VAL C 562 -41.68 -66.37 87.96
CA VAL C 562 -41.22 -65.32 88.84
C VAL C 562 -39.94 -65.80 89.47
N PRO C 563 -39.12 -64.87 89.95
CA PRO C 563 -37.90 -65.31 90.63
C PRO C 563 -38.21 -65.85 92.01
N SER C 564 -37.15 -66.12 92.77
CA SER C 564 -37.23 -66.80 94.05
C SER C 564 -36.81 -65.90 95.23
N ASN C 565 -36.60 -66.47 96.41
CA ASN C 565 -36.10 -65.70 97.55
C ASN C 565 -34.69 -65.19 97.30
N ILE C 566 -33.99 -65.94 96.48
CA ILE C 566 -32.68 -65.56 95.97
C ILE C 566 -32.95 -65.06 94.58
N GLY C 567 -31.96 -64.98 93.72
CA GLY C 567 -32.23 -64.50 92.38
C GLY C 567 -32.83 -65.44 91.34
N GLY C 568 -33.83 -66.23 91.71
CA GLY C 568 -34.53 -67.07 90.72
C GLY C 568 -33.51 -67.93 90.03
N MET C 569 -33.72 -68.38 88.79
CA MET C 569 -34.94 -68.25 88.03
C MET C 569 -34.96 -69.32 86.95
N LYS C 570 -36.07 -69.45 86.25
CA LYS C 570 -36.34 -70.61 85.41
C LYS C 570 -37.13 -70.21 84.16
N ILE C 571 -36.83 -70.82 83.01
CA ILE C 571 -37.67 -70.62 81.86
C ILE C 571 -38.15 -71.93 81.28
N VAL C 572 -39.45 -72.08 81.16
CA VAL C 572 -40.00 -73.41 80.93
C VAL C 572 -40.55 -73.59 79.54
N TYR C 573 -40.24 -74.74 78.97
CA TYR C 573 -40.88 -75.29 77.79
C TYR C 573 -42.38 -75.00 77.74
N GLU C 574 -42.89 -74.47 76.60
CA GLU C 574 -44.34 -74.11 76.50
C GLU C 574 -45.08 -74.07 75.15
N LYS C 575 -44.87 -75.09 74.31
CA LYS C 575 -45.73 -75.31 73.15
C LYS C 575 -45.79 -74.14 72.20
N SER C 576 -46.73 -74.15 71.27
CA SER C 576 -46.82 -73.08 70.28
C SER C 576 -48.05 -73.11 69.39
N GLN C 577 -48.61 -74.28 69.15
CA GLN C 577 -49.72 -74.42 68.24
C GLN C 577 -51.02 -74.79 68.96
N LEU C 578 -51.53 -73.87 69.77
CA LEU C 578 -52.60 -74.23 70.68
C LEU C 578 -53.99 -74.29 70.04
N ALA C 579 -54.22 -73.50 69.00
CA ALA C 579 -55.56 -73.41 68.43
C ALA C 579 -55.72 -74.45 67.36
N PRO C 580 -56.89 -75.07 67.32
CA PRO C 580 -57.16 -76.08 66.29
C PRO C 580 -57.29 -75.48 64.90
N ARG C 581 -57.07 -76.27 63.87
CA ARG C 581 -57.14 -75.72 62.55
C ARG C 581 -58.28 -76.33 61.82
N LYS C 582 -57.95 -77.25 60.93
CA LYS C 582 -58.88 -77.92 60.03
C LYS C 582 -58.11 -78.45 58.85
N LEU C 583 -57.93 -79.75 58.78
CA LEU C 583 -57.27 -80.34 57.64
C LEU C 583 -58.11 -80.28 56.39
N TYR C 584 -59.36 -80.69 56.55
CA TYR C 584 -60.20 -80.98 55.43
C TYR C 584 -61.58 -80.50 55.74
N GLY D 37 -9.74 -31.28 74.63
CA GLY D 37 -9.74 -32.54 75.35
C GLY D 37 -8.59 -32.67 76.33
N VAL D 38 -8.23 -33.92 76.67
CA VAL D 38 -7.19 -34.17 77.67
C VAL D 38 -5.88 -33.52 77.29
N GLY D 39 -5.31 -33.97 76.19
CA GLY D 39 -3.97 -33.56 75.84
C GLY D 39 -3.92 -32.25 75.09
N ILE D 40 -4.87 -31.38 75.34
CA ILE D 40 -4.92 -30.16 74.57
C ILE D 40 -5.09 -28.96 75.44
N SER D 41 -4.10 -28.07 75.39
CA SER D 41 -4.11 -26.86 76.20
C SER D 41 -5.24 -25.98 75.79
N THR D 42 -5.69 -25.17 76.72
CA THR D 42 -6.86 -24.35 76.54
C THR D 42 -6.61 -22.86 76.78
N GLY D 43 -5.35 -22.44 76.71
CA GLY D 43 -5.05 -21.04 76.91
C GLY D 43 -3.58 -20.68 76.80
N THR D 44 -3.29 -19.39 76.92
CA THR D 44 -1.92 -18.93 76.78
C THR D 44 -1.52 -17.92 77.86
N PHE D 45 -0.34 -18.15 78.42
CA PHE D 45 0.28 -17.35 79.48
C PHE D 45 0.71 -16.03 78.97
N ASN D 46 0.28 -14.97 79.63
CA ASN D 46 0.68 -13.66 79.19
C ASN D 46 0.72 -12.69 80.33
N ASN D 47 1.93 -12.34 80.76
CA ASN D 47 2.09 -11.39 81.84
C ASN D 47 2.81 -10.18 81.28
N GLN D 48 2.32 -9.73 80.13
CA GLN D 48 3.01 -8.72 79.36
C GLN D 48 2.30 -7.42 79.55
N THR D 49 3.02 -6.32 79.64
CA THR D 49 2.36 -5.06 79.88
C THR D 49 2.55 -4.12 78.71
N GLU D 50 1.45 -3.82 78.00
CA GLU D 50 1.51 -3.03 76.76
C GLU D 50 1.09 -1.57 76.96
N PHE D 51 1.89 -0.67 76.42
CA PHE D 51 1.57 0.76 76.40
C PHE D 51 1.34 1.23 74.98
N LYS D 52 0.09 1.42 74.59
CA LYS D 52 -0.20 1.85 73.22
C LYS D 52 -0.53 3.33 73.19
N PHE D 53 0.34 4.11 72.59
CA PHE D 53 0.18 5.56 72.53
C PHE D 53 -0.73 5.98 71.40
N LEU D 54 -1.61 6.92 71.68
CA LEU D 54 -2.56 7.42 70.71
C LEU D 54 -2.33 8.90 70.51
N GLU D 55 -3.28 9.57 69.89
CA GLU D 55 -3.14 10.98 69.64
C GLU D 55 -3.76 11.79 70.77
N ASN D 56 -3.32 13.03 70.86
CA ASN D 56 -3.61 13.88 71.99
C ASN D 56 -3.03 13.30 73.27
N GLY D 57 -1.95 12.54 73.12
CA GLY D 57 -1.24 12.01 74.26
C GLY D 57 -2.04 11.14 75.20
N TRP D 58 -3.02 10.43 74.68
CA TRP D 58 -3.72 9.44 75.46
C TRP D 58 -3.02 8.11 75.32
N VAL D 59 -2.80 7.42 76.41
CA VAL D 59 -2.17 6.11 76.37
C VAL D 59 -3.19 5.03 76.75
N TYR D 60 -2.92 3.82 76.30
CA TYR D 60 -3.87 2.73 76.39
C TYR D 60 -3.11 1.61 77.04
N ILE D 61 -3.03 1.64 78.36
CA ILE D 61 -2.21 0.66 79.07
C ILE D 61 -2.89 -0.67 79.24
N THR D 62 -2.34 -1.70 78.63
CA THR D 62 -2.92 -3.03 78.74
C THR D 62 -2.10 -3.93 79.62
N ALA D 63 -2.54 -4.14 80.85
CA ALA D 63 -1.79 -4.96 81.76
C ALA D 63 -2.31 -6.37 81.72
N ASN D 64 -1.49 -7.29 81.26
CA ASN D 64 -1.86 -8.68 81.26
C ASN D 64 -1.23 -9.34 82.45
N SER D 65 -1.91 -10.31 83.07
CA SER D 65 -1.36 -11.04 84.21
C SER D 65 -1.73 -12.51 84.21
N SER D 66 -0.76 -13.38 84.46
CA SER D 66 -1.00 -14.83 84.47
C SER D 66 -0.35 -15.51 85.66
N ARG D 67 -1.03 -16.47 86.24
CA ARG D 67 -0.50 -17.15 87.42
C ARG D 67 -0.85 -18.61 87.39
N LEU D 68 -0.03 -19.42 88.02
CA LEU D 68 -0.44 -20.78 88.30
C LEU D 68 -1.05 -20.80 89.68
N VAL D 69 -2.23 -21.39 89.82
CA VAL D 69 -2.92 -21.34 91.08
C VAL D 69 -3.10 -22.74 91.68
N HIS D 70 -2.88 -22.87 92.98
CA HIS D 70 -2.93 -24.18 93.62
C HIS D 70 -4.10 -24.20 94.59
N LEU D 71 -4.87 -25.29 94.62
CA LEU D 71 -6.06 -25.33 95.44
C LEU D 71 -6.34 -26.73 95.98
N ASN D 72 -6.53 -26.84 97.29
CA ASN D 72 -6.84 -28.14 97.89
C ASN D 72 -8.32 -28.28 98.17
N MET D 73 -8.74 -29.50 98.47
CA MET D 73 -10.14 -29.74 98.73
C MET D 73 -10.50 -29.07 100.04
N PRO D 74 -11.78 -28.73 100.22
CA PRO D 74 -12.17 -28.01 101.42
C PRO D 74 -11.90 -28.79 102.67
N GLU D 75 -11.74 -28.09 103.77
CA GLU D 75 -11.55 -28.72 105.06
C GLU D 75 -12.76 -29.60 105.30
N SER D 76 -13.92 -29.09 104.92
CA SER D 76 -15.15 -29.83 104.96
C SER D 76 -16.09 -29.25 103.93
N GLU D 77 -16.97 -30.07 103.38
CA GLU D 77 -17.84 -29.60 102.32
C GLU D 77 -19.02 -28.83 102.87
N ASN D 78 -18.89 -28.32 104.09
CA ASN D 78 -20.00 -27.68 104.79
C ASN D 78 -19.82 -26.20 105.06
N TYR D 79 -20.94 -25.50 105.17
CA TYR D 79 -20.96 -24.12 105.62
C TYR D 79 -21.05 -24.11 107.13
N ARG D 80 -20.32 -23.19 107.77
CA ARG D 80 -20.30 -23.09 109.22
C ARG D 80 -20.53 -21.67 109.74
N ARG D 81 -21.34 -21.52 110.76
CA ARG D 81 -21.38 -20.28 111.50
C ARG D 81 -20.48 -20.37 112.74
N VAL D 82 -19.31 -19.75 112.67
CA VAL D 82 -18.33 -19.77 113.75
C VAL D 82 -18.21 -18.41 114.43
N VAL D 83 -18.12 -18.44 115.75
CA VAL D 83 -17.96 -17.21 116.49
C VAL D 83 -16.59 -17.15 117.12
N VAL D 84 -15.93 -16.00 116.97
CA VAL D 84 -14.66 -15.74 117.59
C VAL D 84 -14.91 -14.78 118.72
N ASN D 85 -14.31 -15.04 119.88
CA ASN D 85 -14.55 -14.19 121.03
C ASN D 85 -13.36 -14.17 121.95
N ASN D 86 -12.56 -13.11 121.90
CA ASN D 86 -11.41 -13.04 122.77
C ASN D 86 -11.70 -12.21 124.02
N LEU D 87 -12.48 -12.79 124.91
CA LEU D 87 -12.62 -12.22 126.24
C LEU D 87 -11.24 -12.33 126.84
N ASP D 88 -10.53 -13.33 126.33
CA ASP D 88 -9.17 -13.63 126.66
C ASP D 88 -8.31 -12.40 126.73
N LYS D 89 -8.59 -11.44 125.87
CA LYS D 89 -7.75 -10.28 125.81
C LYS D 89 -8.50 -9.01 126.17
N THR D 90 -9.81 -9.01 125.96
CA THR D 90 -10.61 -7.79 126.10
C THR D 90 -11.00 -7.51 127.53
N ALA D 91 -11.04 -8.57 128.33
CA ALA D 91 -11.44 -8.43 129.71
C ALA D 91 -10.38 -7.76 130.54
N VAL D 92 -9.21 -7.57 129.95
CA VAL D 92 -8.03 -7.05 130.64
C VAL D 92 -8.18 -5.59 131.09
N ASN D 93 -9.11 -4.85 130.47
CA ASN D 93 -9.37 -3.43 130.76
C ASN D 93 -8.28 -2.57 130.20
N GLY D 94 -8.63 -1.71 129.25
CA GLY D 94 -7.64 -0.93 128.53
C GLY D 94 -7.13 -1.65 127.29
N ASN D 95 -7.66 -2.85 127.05
CA ASN D 95 -7.29 -3.66 125.90
C ASN D 95 -8.45 -3.73 124.92
N MET D 96 -9.34 -2.76 125.04
CA MET D 96 -10.54 -2.68 124.22
C MET D 96 -10.22 -2.67 122.74
N ALA D 97 -9.20 -1.93 122.38
CA ALA D 97 -8.82 -1.79 121.00
C ALA D 97 -8.34 -3.11 120.45
N LEU D 98 -8.22 -4.11 121.31
CA LEU D 98 -7.74 -5.41 120.84
C LEU D 98 -8.91 -6.35 120.55
N ASP D 99 -10.10 -5.79 120.42
CA ASP D 99 -11.29 -6.61 120.18
C ASP D 99 -11.25 -7.37 118.84
N ASP D 100 -11.45 -8.68 118.90
CA ASP D 100 -11.54 -9.54 117.71
C ASP D 100 -12.89 -10.25 117.66
N THR D 101 -13.81 -9.84 118.51
CA THR D 101 -15.08 -10.54 118.62
C THR D 101 -15.92 -10.25 117.41
N HIS D 102 -16.29 -11.31 116.72
CA HIS D 102 -17.13 -11.22 115.55
C HIS D 102 -17.72 -12.57 115.21
N ALA D 103 -18.70 -12.59 114.29
CA ALA D 103 -19.23 -13.85 113.77
C ALA D 103 -19.00 -13.94 112.25
N GLU D 104 -18.96 -15.16 111.75
CA GLU D 104 -18.41 -15.41 110.43
C GLU D 104 -19.00 -16.67 109.77
N ILE D 105 -19.27 -16.62 108.47
CA ILE D 105 -19.67 -17.84 107.77
C ILE D 105 -18.51 -18.38 107.00
N VAL D 106 -18.10 -19.60 107.33
CA VAL D 106 -16.96 -20.21 106.69
C VAL D 106 -17.45 -21.12 105.59
N THR D 107 -17.03 -20.84 104.37
CA THR D 107 -17.58 -21.54 103.22
C THR D 107 -16.54 -22.48 102.69
N PRO D 108 -16.97 -23.53 102.01
CA PRO D 108 -16.03 -24.44 101.38
C PRO D 108 -15.51 -23.89 100.05
N TRP D 109 -15.79 -22.63 99.76
CA TRP D 109 -15.36 -22.05 98.52
C TRP D 109 -14.12 -21.22 98.77
N SER D 110 -13.26 -21.11 97.75
CA SER D 110 -12.06 -20.25 97.78
C SER D 110 -12.19 -19.10 96.80
N LEU D 111 -11.55 -17.98 97.11
CA LEU D 111 -11.72 -16.78 96.30
C LEU D 111 -10.48 -16.39 95.54
N VAL D 112 -10.66 -16.14 94.24
CA VAL D 112 -9.60 -15.64 93.39
C VAL D 112 -9.68 -14.13 93.27
N ASP D 113 -8.92 -13.42 94.10
CA ASP D 113 -8.95 -11.96 94.04
C ASP D 113 -7.64 -11.44 93.50
N ALA D 114 -7.70 -10.65 92.44
CA ALA D 114 -6.51 -10.10 91.84
C ALA D 114 -6.56 -8.60 91.96
N ASN D 115 -7.36 -8.13 92.90
CA ASN D 115 -7.55 -6.72 93.09
C ASN D 115 -6.42 -6.10 93.88
N ALA D 116 -5.26 -5.95 93.24
CA ALA D 116 -4.10 -5.28 93.85
C ALA D 116 -3.07 -4.89 92.80
N TRP D 117 -2.49 -3.70 92.95
CA TRP D 117 -1.63 -3.17 91.91
C TRP D 117 -0.50 -4.10 91.57
N GLY D 118 -0.03 -4.83 92.56
CA GLY D 118 1.14 -5.67 92.41
C GLY D 118 0.92 -6.87 91.55
N VAL D 119 -0.34 -7.18 91.29
CA VAL D 119 -0.68 -8.32 90.45
C VAL D 119 -0.49 -7.95 88.98
N TRP D 120 -0.56 -6.66 88.71
CA TRP D 120 -0.60 -6.20 87.34
C TRP D 120 0.67 -5.52 86.90
N PHE D 121 1.40 -4.87 87.81
CA PHE D 121 2.60 -4.17 87.39
C PHE D 121 3.88 -4.58 88.12
N ASN D 122 4.98 -4.67 87.37
CA ASN D 122 6.28 -4.82 87.99
C ASN D 122 6.77 -3.42 88.30
N PRO D 123 7.86 -3.29 89.05
CA PRO D 123 8.34 -1.94 89.35
C PRO D 123 8.64 -1.03 88.14
N GLY D 124 9.30 -1.57 87.13
CA GLY D 124 9.64 -0.82 85.94
C GLY D 124 8.42 -0.21 85.31
N ASP D 125 7.37 -1.01 85.24
CA ASP D 125 6.10 -0.53 84.74
C ASP D 125 5.61 0.63 85.60
N TRP D 126 5.61 0.45 86.92
CA TRP D 126 5.10 1.48 87.80
C TRP D 126 5.95 2.72 87.66
N GLN D 127 7.25 2.55 87.47
CA GLN D 127 8.13 3.70 87.24
C GLN D 127 7.64 4.50 86.08
N LEU D 128 7.41 3.79 84.98
CA LEU D 128 7.02 4.43 83.75
C LEU D 128 5.76 5.20 83.95
N ILE D 129 4.76 4.51 84.49
CA ILE D 129 3.45 5.11 84.68
C ILE D 129 3.54 6.34 85.55
N VAL D 130 4.19 6.20 86.69
CA VAL D 130 4.22 7.23 87.73
C VAL D 130 5.01 8.49 87.36
N ASN D 131 6.12 8.34 86.63
CA ASN D 131 6.93 9.49 86.30
C ASN D 131 6.42 10.28 85.13
N THR D 132 5.66 9.63 84.26
CA THR D 132 5.38 10.23 82.98
C THR D 132 3.94 10.63 82.72
N MET D 133 3.02 10.23 83.58
CA MET D 133 1.63 10.52 83.30
C MET D 133 0.86 11.22 84.39
N SER D 134 -0.11 12.03 83.96
CA SER D 134 -0.76 12.99 84.83
C SER D 134 -2.05 12.55 85.47
N GLU D 135 -2.74 11.61 84.85
CA GLU D 135 -3.96 11.01 85.42
C GLU D 135 -4.14 9.59 84.91
N LEU D 136 -5.15 8.87 85.40
CA LEU D 136 -5.31 7.44 85.10
C LEU D 136 -6.79 7.04 85.14
N HIS D 137 -7.28 6.42 84.06
CA HIS D 137 -8.66 5.94 84.02
C HIS D 137 -8.71 4.45 84.02
N LEU D 138 -9.75 3.93 84.66
CA LEU D 138 -9.96 2.50 84.71
C LEU D 138 -11.00 2.10 83.66
N VAL D 139 -10.59 1.30 82.68
CA VAL D 139 -11.43 1.04 81.52
C VAL D 139 -12.15 -0.30 81.51
N SER D 140 -11.40 -1.39 81.59
CA SER D 140 -11.98 -2.70 81.44
C SER D 140 -11.23 -3.78 82.20
N PHE D 141 -11.88 -4.91 82.38
CA PHE D 141 -11.27 -6.00 83.13
C PHE D 141 -11.88 -7.30 82.70
N GLU D 142 -11.06 -8.26 82.29
CA GLU D 142 -11.55 -9.56 81.91
C GLU D 142 -10.60 -10.58 82.42
N GLN D 143 -11.05 -11.81 82.59
CA GLN D 143 -10.17 -12.84 83.10
C GLN D 143 -10.65 -14.23 82.71
N GLU D 144 -9.74 -15.19 82.68
CA GLU D 144 -10.15 -16.56 82.38
C GLU D 144 -9.33 -17.58 83.17
N ILE D 145 -9.81 -18.81 83.21
CA ILE D 145 -9.16 -19.95 83.86
C ILE D 145 -8.93 -21.08 82.85
N PHE D 146 -7.72 -21.59 82.74
CA PHE D 146 -7.44 -22.58 81.71
C PHE D 146 -6.38 -23.59 82.10
N ASN D 147 -6.22 -24.61 81.27
CA ASN D 147 -5.31 -25.71 81.54
C ASN D 147 -5.50 -26.25 82.93
N VAL D 148 -6.73 -26.58 83.26
CA VAL D 148 -7.04 -27.09 84.58
C VAL D 148 -6.46 -28.47 84.78
N VAL D 149 -5.91 -28.72 85.97
CA VAL D 149 -5.41 -30.05 86.32
C VAL D 149 -5.89 -30.50 87.68
N LEU D 150 -6.32 -31.75 87.75
CA LEU D 150 -6.69 -32.35 89.01
C LEU D 150 -5.92 -33.62 89.24
N LYS D 151 -5.33 -33.72 90.44
CA LYS D 151 -4.63 -34.92 90.85
C LYS D 151 -5.16 -35.35 92.20
N THR D 152 -5.15 -36.65 92.43
CA THR D 152 -5.47 -37.23 93.71
C THR D 152 -4.19 -37.63 94.40
N VAL D 153 -4.07 -37.43 95.71
CA VAL D 153 -2.86 -37.87 96.41
C VAL D 153 -2.90 -39.38 96.46
N SER D 154 -2.95 -39.98 97.64
CA SER D 154 -3.14 -41.42 97.75
C SER D 154 -2.07 -42.16 96.92
N GLU D 155 -1.07 -42.76 97.55
CA GLU D 155 -1.06 -43.05 98.96
C GLU D 155 0.25 -43.58 99.46
N SER D 156 0.14 -44.04 100.71
CA SER D 156 1.02 -45.04 101.28
C SER D 156 1.34 -46.03 100.17
N ALA D 157 2.44 -45.76 99.47
CA ALA D 157 2.86 -46.65 98.40
C ALA D 157 4.26 -46.33 97.96
N THR D 158 5.28 -47.11 98.32
CA THR D 158 5.43 -48.18 99.33
C THR D 158 6.94 -48.06 99.39
N GLN D 159 7.66 -48.64 100.35
CA GLN D 159 9.09 -48.34 100.52
C GLN D 159 9.20 -47.03 101.32
N PRO D 160 9.53 -47.15 102.62
CA PRO D 160 9.54 -46.36 103.86
C PRO D 160 8.59 -45.19 104.23
N PRO D 161 7.39 -45.04 103.64
CA PRO D 161 6.56 -45.65 102.60
C PRO D 161 6.32 -44.74 101.40
N THR D 162 6.65 -43.44 101.52
CA THR D 162 6.49 -42.46 100.43
C THR D 162 5.02 -42.17 100.02
N LYS D 163 4.78 -41.05 99.33
CA LYS D 163 3.46 -40.74 98.78
C LYS D 163 3.59 -40.59 97.27
N VAL D 164 2.49 -40.77 96.55
CA VAL D 164 2.53 -40.71 95.08
C VAL D 164 1.30 -40.02 94.57
N TYR D 165 1.47 -39.22 93.52
CA TYR D 165 0.39 -38.41 93.02
C TYR D 165 -0.03 -38.77 91.60
N ASN D 166 -1.32 -39.09 91.42
CA ASN D 166 -1.87 -39.46 90.12
C ASN D 166 -2.94 -38.51 89.59
N ASN D 167 -3.09 -38.50 88.27
CA ASN D 167 -4.15 -37.76 87.59
C ASN D 167 -5.50 -38.39 87.74
N ASP D 168 -6.49 -37.61 88.14
CA ASP D 168 -7.88 -38.01 88.02
C ASP D 168 -8.45 -37.28 86.84
N LEU D 169 -8.47 -37.91 85.69
CA LEU D 169 -8.82 -37.18 84.47
C LEU D 169 -10.26 -36.71 84.48
N THR D 170 -11.14 -37.57 84.97
CA THR D 170 -12.59 -37.33 84.99
C THR D 170 -13.01 -36.39 86.11
N ALA D 171 -12.07 -35.99 86.95
CA ALA D 171 -12.37 -35.13 88.07
C ALA D 171 -12.65 -33.70 87.63
N SER D 172 -13.37 -32.95 88.46
CA SER D 172 -13.85 -31.64 88.07
C SER D 172 -13.46 -30.55 89.04
N LEU D 173 -13.25 -29.35 88.51
CA LEU D 173 -13.05 -28.16 89.31
C LEU D 173 -14.25 -27.26 89.23
N MET D 174 -14.83 -26.88 90.35
CA MET D 174 -16.02 -26.04 90.35
C MET D 174 -15.70 -24.55 90.28
N VAL D 175 -16.28 -23.87 89.31
CA VAL D 175 -16.04 -22.44 89.17
C VAL D 175 -17.33 -21.69 89.10
N ALA D 176 -17.42 -20.59 89.83
CA ALA D 176 -18.64 -19.82 89.90
C ALA D 176 -18.30 -18.37 89.90
N LEU D 177 -18.94 -17.60 89.02
CA LEU D 177 -18.68 -16.18 88.93
C LEU D 177 -19.91 -15.40 89.33
N ASP D 178 -19.82 -14.64 90.41
CA ASP D 178 -20.99 -13.96 90.95
C ASP D 178 -21.23 -12.67 90.20
N SER D 179 -21.65 -12.77 88.95
CA SER D 179 -21.62 -11.60 88.09
C SER D 179 -22.66 -10.59 88.46
N ASN D 180 -23.62 -11.03 89.26
CA ASN D 180 -24.68 -10.15 89.73
C ASN D 180 -24.39 -9.50 91.05
N ASN D 181 -23.20 -9.74 91.58
CA ASN D 181 -22.85 -9.25 92.90
C ASN D 181 -23.95 -9.54 93.88
N THR D 182 -24.36 -10.79 93.89
CA THR D 182 -25.39 -11.22 94.82
C THR D 182 -24.80 -11.24 96.20
N MET D 183 -23.49 -11.43 96.27
CA MET D 183 -22.85 -11.83 97.51
C MET D 183 -21.91 -10.83 98.14
N PRO D 184 -21.63 -10.99 99.45
CA PRO D 184 -20.88 -9.99 100.17
C PRO D 184 -19.54 -9.68 99.54
N PHE D 185 -19.25 -8.41 99.36
CA PHE D 185 -18.03 -8.03 98.70
C PHE D 185 -16.89 -8.11 99.69
N THR D 186 -15.89 -8.93 99.37
CA THR D 186 -14.77 -9.14 100.27
C THR D 186 -13.42 -8.95 99.58
N PRO D 187 -12.99 -7.70 99.42
CA PRO D 187 -11.68 -7.49 98.81
C PRO D 187 -10.57 -8.09 99.66
N ALA D 188 -9.76 -8.96 99.06
CA ALA D 188 -8.73 -9.70 99.79
C ALA D 188 -7.48 -8.89 100.01
N ALA D 189 -7.43 -7.71 99.42
CA ALA D 189 -6.26 -6.88 99.54
C ALA D 189 -6.08 -6.42 100.97
N MET D 190 -7.19 -6.34 101.71
CA MET D 190 -7.19 -5.78 103.04
C MET D 190 -6.49 -6.65 104.01
N ARG D 191 -6.38 -7.90 103.66
CA ARG D 191 -5.79 -8.87 104.53
C ARG D 191 -4.55 -9.40 103.83
N SER D 192 -4.13 -8.66 102.81
CA SER D 192 -2.99 -9.03 101.98
C SER D 192 -3.08 -10.47 101.55
N GLU D 193 -4.18 -10.84 100.91
CA GLU D 193 -4.41 -12.21 100.53
C GLU D 193 -4.82 -12.31 99.07
N THR D 194 -4.25 -11.46 98.22
CA THR D 194 -4.57 -11.54 96.82
C THR D 194 -3.68 -12.57 96.16
N LEU D 195 -3.62 -12.53 94.85
CA LEU D 195 -2.72 -13.44 94.17
C LEU D 195 -1.30 -13.01 94.36
N GLY D 196 -0.37 -13.89 94.06
CA GLY D 196 1.03 -13.57 94.19
C GLY D 196 1.49 -12.49 93.24
N PHE D 197 2.52 -11.74 93.64
CA PHE D 197 2.98 -10.62 92.84
C PHE D 197 4.09 -10.99 91.88
N TYR D 198 4.48 -12.25 91.85
CA TYR D 198 5.55 -12.66 90.97
C TYR D 198 5.01 -13.65 89.97
N PRO D 199 5.20 -13.37 88.67
CA PRO D 199 4.76 -14.17 87.54
C PRO D 199 5.36 -15.54 87.53
N TRP D 200 6.59 -15.71 88.02
CA TRP D 200 7.24 -17.02 87.93
C TRP D 200 7.08 -17.82 89.21
N LYS D 201 6.38 -17.28 90.20
CA LYS D 201 6.11 -18.03 91.41
C LYS D 201 4.62 -18.30 91.56
N PRO D 202 4.25 -19.60 91.67
CA PRO D 202 2.85 -20.02 91.75
C PRO D 202 2.18 -19.41 92.96
N THR D 203 0.85 -19.44 93.00
CA THR D 203 0.13 -18.77 94.07
C THR D 203 -1.14 -19.49 94.44
N ILE D 204 -1.94 -18.87 95.29
CA ILE D 204 -3.12 -19.55 95.82
C ILE D 204 -4.27 -18.58 96.04
N PRO D 205 -5.49 -19.10 95.99
CA PRO D 205 -6.65 -18.34 96.44
C PRO D 205 -6.75 -18.37 97.96
N THR D 206 -7.79 -17.78 98.52
CA THR D 206 -8.01 -17.86 99.97
C THR D 206 -9.39 -18.35 100.26
N PRO D 207 -9.52 -19.10 101.36
CA PRO D 207 -10.80 -19.65 101.78
C PRO D 207 -11.78 -18.54 101.94
N TRP D 208 -12.95 -18.70 101.35
CA TRP D 208 -13.90 -17.63 101.40
C TRP D 208 -14.70 -17.67 102.68
N ARG D 209 -15.01 -16.48 103.17
CA ARG D 209 -15.61 -16.31 104.46
C ARG D 209 -16.30 -14.96 104.43
N TYR D 210 -17.41 -14.80 105.12
CA TYR D 210 -18.02 -13.48 105.11
C TYR D 210 -18.74 -13.19 106.39
N TYR D 211 -18.98 -11.91 106.63
CA TYR D 211 -19.52 -11.54 107.91
C TYR D 211 -20.95 -11.99 108.10
N PHE D 212 -21.20 -12.54 109.29
CA PHE D 212 -22.54 -12.92 109.73
C PHE D 212 -22.89 -12.04 110.93
N GLN D 213 -24.15 -11.61 111.06
CA GLN D 213 -24.51 -10.59 112.04
C GLN D 213 -24.37 -11.03 113.48
N TRP D 214 -23.98 -10.10 114.34
CA TRP D 214 -23.86 -10.34 115.77
C TRP D 214 -24.04 -9.04 116.55
N ASP D 215 -24.78 -9.10 117.65
CA ASP D 215 -24.85 -7.98 118.58
C ASP D 215 -23.69 -8.08 119.56
N ARG D 216 -23.28 -6.95 120.13
CA ARG D 216 -22.08 -6.96 120.95
C ARG D 216 -21.89 -5.65 121.70
N THR D 217 -21.64 -5.76 123.00
CA THR D 217 -21.33 -4.58 123.77
C THR D 217 -19.96 -4.78 124.42
N LEU D 218 -19.16 -3.73 124.39
CA LEU D 218 -17.87 -3.72 125.07
C LEU D 218 -17.64 -2.33 125.60
N ILE D 219 -17.75 -2.18 126.91
CA ILE D 219 -17.62 -0.90 127.58
C ILE D 219 -16.18 -0.54 127.84
N PRO D 220 -15.79 0.67 127.45
CA PRO D 220 -14.42 1.12 127.57
C PRO D 220 -13.98 1.26 129.01
N SER D 221 -12.67 1.25 129.19
CA SER D 221 -12.05 1.21 130.51
C SER D 221 -10.58 1.49 130.41
N HIS D 222 -9.96 1.70 131.56
CA HIS D 222 -8.53 1.89 131.62
C HIS D 222 -8.03 0.94 132.67
N THR D 223 -6.72 0.94 132.92
CA THR D 223 -6.14 -0.01 133.85
C THR D 223 -6.80 0.13 135.21
N GLY D 224 -7.13 1.35 135.56
CA GLY D 224 -7.72 1.62 136.86
C GLY D 224 -9.14 1.14 137.06
N THR D 225 -9.93 1.18 135.99
CA THR D 225 -11.32 0.80 136.12
C THR D 225 -11.31 -0.63 136.59
N SER D 226 -11.84 -0.87 137.77
CA SER D 226 -12.13 -2.24 138.12
C SER D 226 -13.52 -2.40 138.69
N GLY D 227 -13.82 -3.63 139.05
CA GLY D 227 -15.15 -4.16 138.86
C GLY D 227 -15.00 -4.73 137.47
N THR D 228 -16.06 -5.25 136.88
CA THR D 228 -15.94 -5.73 135.51
C THR D 228 -16.85 -4.96 134.60
N PRO D 229 -16.25 -4.19 133.69
CA PRO D 229 -16.99 -3.40 132.70
C PRO D 229 -17.69 -4.37 131.79
N THR D 230 -18.95 -4.13 131.45
CA THR D 230 -19.70 -5.12 130.70
C THR D 230 -19.04 -5.42 129.35
N ASN D 231 -18.81 -6.69 129.09
CA ASN D 231 -18.11 -7.17 127.91
C ASN D 231 -18.76 -8.45 127.42
N ILE D 232 -19.82 -8.28 126.65
CA ILE D 232 -20.69 -9.40 126.31
C ILE D 232 -20.98 -9.55 124.80
N TYR D 233 -21.19 -10.78 124.37
CA TYR D 233 -21.64 -11.12 123.03
C TYR D 233 -23.11 -11.52 123.11
N HIS D 234 -24.01 -10.65 122.69
CA HIS D 234 -25.42 -10.90 122.92
C HIS D 234 -26.02 -12.01 122.07
N GLY D 235 -25.56 -12.16 120.84
CA GLY D 235 -26.13 -13.17 119.96
C GLY D 235 -26.32 -12.73 118.52
N THR D 236 -27.52 -12.88 118.00
CA THR D 236 -27.79 -12.53 116.61
C THR D 236 -29.17 -11.92 116.40
N ASP D 237 -29.24 -10.69 115.90
CA ASP D 237 -30.54 -10.04 115.63
C ASP D 237 -31.16 -10.71 114.43
N PRO D 238 -32.27 -11.42 114.66
CA PRO D 238 -32.91 -12.20 113.61
C PRO D 238 -33.33 -11.34 112.43
N ASP D 239 -33.61 -10.07 112.68
CA ASP D 239 -34.01 -9.15 111.62
C ASP D 239 -32.86 -8.86 110.66
N ASP D 240 -31.66 -9.29 111.03
CA ASP D 240 -30.47 -8.96 110.27
C ASP D 240 -29.76 -10.22 109.78
N VAL D 241 -30.45 -11.36 109.80
CA VAL D 241 -29.77 -12.59 109.45
C VAL D 241 -29.74 -12.81 107.95
N GLN D 242 -28.55 -12.92 107.38
CA GLN D 242 -28.42 -13.30 105.97
C GLN D 242 -27.38 -14.37 105.72
N PHE D 243 -27.83 -15.59 105.44
CA PHE D 243 -26.98 -16.74 105.11
C PHE D 243 -26.91 -16.99 103.61
N TYR D 244 -25.75 -16.74 103.02
CA TYR D 244 -25.60 -16.87 101.58
C TYR D 244 -24.95 -18.18 101.18
N THR D 245 -25.35 -18.73 100.05
CA THR D 245 -24.59 -19.82 99.47
C THR D 245 -24.30 -19.55 98.02
N ILE D 246 -23.11 -19.94 97.60
CA ILE D 246 -22.72 -19.93 96.22
C ILE D 246 -23.74 -20.72 95.42
N GLU D 247 -24.09 -21.90 95.94
CA GLU D 247 -24.91 -22.85 95.19
C GLU D 247 -26.26 -22.29 94.82
N ASN D 248 -26.88 -21.53 95.71
CA ASN D 248 -28.23 -21.01 95.46
C ASN D 248 -28.31 -19.67 94.75
N SER D 249 -27.17 -19.03 94.53
CA SER D 249 -27.18 -17.68 93.96
C SER D 249 -26.49 -17.60 92.61
N VAL D 250 -25.51 -18.46 92.37
CA VAL D 250 -24.63 -18.36 91.22
C VAL D 250 -24.60 -19.66 90.40
N PRO D 251 -24.62 -19.56 89.06
CA PRO D 251 -24.48 -20.79 88.29
C PRO D 251 -23.09 -21.35 88.42
N VAL D 252 -22.98 -22.63 88.68
CA VAL D 252 -21.67 -23.20 88.87
C VAL D 252 -21.23 -24.05 87.69
N HIS D 253 -20.02 -23.81 87.22
CA HIS D 253 -19.47 -24.55 86.10
C HIS D 253 -18.50 -25.60 86.57
N LEU D 254 -18.65 -26.82 86.06
CA LEU D 254 -17.69 -27.88 86.34
C LEU D 254 -16.66 -27.94 85.22
N LEU D 255 -15.38 -27.75 85.56
CA LEU D 255 -14.31 -27.79 84.58
C LEU D 255 -13.48 -29.03 84.72
N ARG D 256 -13.44 -29.86 83.69
CA ARG D 256 -12.46 -30.95 83.66
C ARG D 256 -11.22 -30.44 82.93
N THR D 257 -10.25 -31.31 82.68
CA THR D 257 -8.96 -30.87 82.15
C THR D 257 -9.08 -30.04 80.91
N GLY D 258 -9.90 -30.52 79.99
CA GLY D 258 -10.06 -29.89 78.70
C GLY D 258 -11.05 -28.75 78.70
N ASP D 259 -11.64 -28.46 79.85
CA ASP D 259 -12.60 -27.39 79.91
C ASP D 259 -11.88 -26.10 80.22
N GLU D 260 -12.49 -24.97 79.91
CA GLU D 260 -11.94 -23.65 80.20
C GLU D 260 -13.07 -22.71 80.55
N PHE D 261 -12.79 -21.68 81.33
CA PHE D 261 -13.83 -20.73 81.70
C PHE D 261 -13.37 -19.32 81.51
N ALA D 262 -14.11 -18.53 80.74
CA ALA D 262 -13.73 -17.15 80.55
C ALA D 262 -14.90 -16.25 80.81
N THR D 263 -14.61 -15.07 81.35
CA THR D 263 -15.63 -14.09 81.64
C THR D 263 -15.80 -13.19 80.47
N GLY D 264 -16.76 -12.30 80.54
CA GLY D 264 -16.89 -11.33 79.48
C GLY D 264 -15.79 -10.32 79.68
N THR D 265 -15.90 -9.20 78.99
CA THR D 265 -15.08 -8.06 79.31
C THR D 265 -15.96 -7.03 80.00
N PHE D 266 -15.63 -6.72 81.25
CA PHE D 266 -16.39 -5.75 82.02
C PHE D 266 -15.86 -4.36 81.86
N PHE D 267 -16.73 -3.40 81.57
CA PHE D 267 -16.29 -2.04 81.39
C PHE D 267 -16.60 -1.17 82.58
N PHE D 268 -15.59 -0.50 83.10
CA PHE D 268 -15.74 0.25 84.33
C PHE D 268 -16.32 1.59 84.02
N ASP D 269 -16.82 2.25 85.05
CA ASP D 269 -17.10 3.67 84.94
C ASP D 269 -16.86 4.32 86.29
N CYS D 270 -15.79 5.09 86.36
CA CYS D 270 -15.42 5.80 87.57
C CYS D 270 -14.73 7.08 87.16
N LYS D 271 -14.42 7.91 88.15
CA LYS D 271 -13.66 9.12 87.93
C LYS D 271 -12.23 8.77 87.56
N PRO D 272 -11.53 9.73 86.97
CA PRO D 272 -10.09 9.56 86.79
C PRO D 272 -9.32 9.74 88.08
N CYS D 273 -8.26 8.97 88.21
CA CYS D 273 -7.32 9.10 89.31
C CYS D 273 -6.09 9.89 88.87
N ARG D 274 -5.68 10.87 89.66
CA ARG D 274 -4.64 11.79 89.25
C ARG D 274 -3.30 11.31 89.76
N LEU D 275 -2.23 11.59 89.04
CA LEU D 275 -0.91 11.17 89.48
C LEU D 275 -0.09 12.39 89.84
N THR D 276 -0.76 13.38 90.40
CA THR D 276 -0.03 14.54 90.85
C THR D 276 -0.51 14.90 92.23
N HIS D 277 0.44 15.35 93.05
CA HIS D 277 0.15 15.75 94.41
C HIS D 277 0.05 17.25 94.50
N THR D 278 -0.81 17.74 95.38
CA THR D 278 -0.92 19.16 95.60
C THR D 278 -0.11 19.53 96.82
N TRP D 279 0.57 20.66 96.77
CA TRP D 279 1.46 21.03 97.86
C TRP D 279 1.00 22.19 98.69
N GLN D 280 -0.05 22.87 98.25
CA GLN D 280 -0.45 24.11 98.91
C GLN D 280 -1.40 23.83 100.06
N THR D 281 -1.09 24.42 101.22
CA THR D 281 -1.99 24.45 102.36
C THR D 281 -2.66 25.78 102.32
N ASN D 282 -3.55 26.06 103.25
CA ASN D 282 -4.19 27.35 103.21
C ASN D 282 -3.23 28.53 103.16
N ARG D 283 -2.03 28.35 103.67
CA ARG D 283 -1.08 29.45 103.84
C ARG D 283 -0.45 29.89 102.55
N ALA D 284 -0.74 29.18 101.47
CA ALA D 284 -0.19 29.51 100.16
C ALA D 284 -1.25 29.51 99.10
N LEU D 285 -2.35 30.21 99.35
CA LEU D 285 -3.40 30.33 98.38
C LEU D 285 -3.62 31.78 98.07
N GLY D 286 -3.31 32.19 96.86
CA GLY D 286 -3.68 33.51 96.41
C GLY D 286 -2.51 34.44 96.35
N LEU D 287 -2.79 35.74 96.47
CA LEU D 287 -1.77 36.77 96.30
C LEU D 287 -1.00 37.01 97.57
N PRO D 288 0.28 36.66 97.57
CA PRO D 288 1.13 36.93 98.72
C PRO D 288 1.29 38.43 98.92
N PRO D 289 1.59 38.84 100.16
CA PRO D 289 1.64 40.26 100.46
C PRO D 289 2.83 40.92 99.83
N PHE D 290 2.64 42.13 99.30
CA PHE D 290 3.73 42.81 98.62
C PHE D 290 4.80 43.19 99.59
N LEU D 291 6.04 42.86 99.25
CA LEU D 291 7.18 43.20 100.07
C LEU D 291 7.76 44.56 99.70
N ASN D 292 7.74 45.49 100.65
CA ASN D 292 8.31 46.80 100.42
C ASN D 292 9.80 46.83 100.67
N SER D 293 10.32 45.81 101.35
CA SER D 293 11.75 45.72 101.60
C SER D 293 12.31 44.40 101.12
N LEU D 294 12.99 44.44 99.98
CA LEU D 294 13.63 43.27 99.42
C LEU D 294 15.09 43.17 99.83
N PRO D 295 15.59 41.95 99.98
CA PRO D 295 16.98 41.70 100.38
C PRO D 295 17.96 42.29 99.41
N GLN D 296 19.17 42.58 99.87
CA GLN D 296 20.17 43.09 98.96
C GLN D 296 21.53 42.45 99.15
N SER D 297 21.55 41.25 99.75
CA SER D 297 22.68 40.34 99.61
C SER D 297 22.22 38.88 99.72
N GLU D 298 22.91 37.96 99.06
CA GLU D 298 22.53 36.56 99.14
C GLU D 298 22.81 36.10 100.54
N GLY D 299 22.23 34.98 100.93
CA GLY D 299 22.51 34.42 102.23
C GLY D 299 21.30 33.86 102.90
N GLY D 300 21.48 33.38 104.12
CA GLY D 300 20.50 32.52 104.74
C GLY D 300 19.63 33.23 105.75
N THR D 301 19.96 34.47 106.06
CA THR D 301 19.14 35.22 107.01
C THR D 301 18.76 36.53 106.39
N ASN D 302 19.03 36.67 105.10
CA ASN D 302 18.71 37.91 104.41
C ASN D 302 17.24 37.99 104.01
N PHE D 303 16.39 38.15 105.01
CA PHE D 303 14.96 38.08 104.80
C PHE D 303 14.44 39.32 104.15
N GLY D 304 13.27 39.19 103.54
CA GLY D 304 12.56 40.33 103.02
C GLY D 304 11.54 40.71 104.05
N TYR D 305 11.12 41.96 104.02
CA TYR D 305 10.19 42.45 105.01
C TYR D 305 8.99 43.09 104.37
N ILE D 306 7.82 42.76 104.87
CA ILE D 306 6.58 43.32 104.35
C ILE D 306 6.61 44.83 104.39
N GLY D 307 6.98 45.37 105.54
CA GLY D 307 7.21 46.79 105.63
C GLY D 307 5.97 47.60 105.86
N VAL D 308 4.95 46.99 106.46
CA VAL D 308 3.78 47.72 106.90
C VAL D 308 3.32 47.17 108.24
N GLN D 309 2.93 48.04 109.16
CA GLN D 309 2.47 47.62 110.48
C GLN D 309 1.31 46.66 110.40
N GLN D 310 1.35 45.59 111.17
CA GLN D 310 0.33 44.56 111.06
C GLN D 310 -1.10 45.05 111.27
N ASP D 311 -1.27 46.17 111.95
CA ASP D 311 -2.62 46.66 112.21
C ASP D 311 -2.96 47.84 111.29
N LYS D 312 -2.05 48.13 110.37
CA LYS D 312 -2.28 49.23 109.45
C LYS D 312 -2.28 48.70 108.03
N ARG D 313 -2.56 47.42 107.89
CA ARG D 313 -2.49 46.77 106.58
C ARG D 313 -3.86 46.70 105.91
N ARG D 314 -3.84 46.62 104.58
CA ARG D 314 -5.07 46.51 103.80
C ARG D 314 -5.34 45.06 103.46
N GLY D 315 -6.61 44.70 103.33
CA GLY D 315 -6.99 43.34 102.98
C GLY D 315 -8.25 42.82 103.63
N VAL D 316 -8.46 41.51 103.52
CA VAL D 316 -9.68 40.91 104.01
C VAL D 316 -9.46 39.75 104.97
N THR D 317 -10.11 39.82 106.11
CA THR D 317 -10.08 38.72 107.05
C THR D 317 -11.46 38.46 107.55
N GLN D 318 -11.62 37.32 108.21
CA GLN D 318 -12.90 36.95 108.79
C GLN D 318 -12.88 37.22 110.27
N MET D 319 -12.04 38.15 110.69
CA MET D 319 -11.93 38.49 112.10
C MET D 319 -12.48 39.85 112.35
N GLY D 320 -13.75 39.89 112.70
CA GLY D 320 -14.48 41.14 112.87
C GLY D 320 -13.92 42.09 113.90
N ASN D 321 -13.11 41.58 114.82
CA ASN D 321 -12.54 42.38 115.91
C ASN D 321 -11.30 43.18 115.54
N THR D 322 -10.18 42.49 115.39
CA THR D 322 -8.89 43.16 115.25
C THR D 322 -8.64 43.70 113.85
N ASN D 323 -7.70 44.61 113.76
CA ASN D 323 -7.30 45.12 112.48
C ASN D 323 -6.01 44.49 112.04
N TYR D 324 -5.65 43.42 112.74
CA TYR D 324 -4.48 42.64 112.39
C TYR D 324 -4.80 41.87 111.13
N ILE D 325 -3.94 41.97 110.13
CA ILE D 325 -4.10 41.16 108.94
C ILE D 325 -2.78 40.47 108.70
N THR D 326 -2.65 39.22 109.12
CA THR D 326 -1.38 38.54 108.88
C THR D 326 -1.63 37.26 108.16
N GLU D 327 -0.55 36.62 107.70
CA GLU D 327 -0.67 35.39 106.93
C GLU D 327 -1.49 34.29 107.58
N ALA D 328 -1.55 34.25 108.90
CA ALA D 328 -2.39 33.26 109.56
C ALA D 328 -3.79 33.82 109.76
N THR D 329 -3.95 35.11 109.49
CA THR D 329 -5.21 35.80 109.69
C THR D 329 -5.95 36.04 108.38
N ILE D 330 -5.18 36.34 107.35
CA ILE D 330 -5.72 36.71 106.05
C ILE D 330 -6.73 35.71 105.51
N MET D 331 -7.82 36.20 104.93
CA MET D 331 -8.80 35.29 104.37
C MET D 331 -8.21 34.40 103.29
N ARG D 332 -8.74 33.20 103.18
CA ARG D 332 -8.45 32.32 102.07
C ARG D 332 -9.80 31.88 101.51
N PRO D 333 -9.85 31.48 100.23
CA PRO D 333 -11.15 31.18 99.64
C PRO D 333 -11.90 30.05 100.33
N ALA D 334 -11.19 29.02 100.80
CA ALA D 334 -11.83 27.92 101.50
C ALA D 334 -10.83 27.18 102.34
N GLU D 335 -11.09 25.92 102.63
CA GLU D 335 -10.15 25.23 103.47
C GLU D 335 -9.65 23.96 102.86
N VAL D 336 -8.34 23.85 102.82
CA VAL D 336 -7.69 22.69 102.28
C VAL D 336 -7.44 21.67 103.36
N GLY D 337 -8.05 20.50 103.22
CA GLY D 337 -7.91 19.46 104.21
C GLY D 337 -8.83 19.67 105.39
N TYR D 338 -8.81 18.76 106.34
CA TYR D 338 -9.69 18.87 107.47
C TYR D 338 -9.12 18.17 108.70
N SER D 339 -9.53 18.64 109.87
CA SER D 339 -9.09 18.03 111.13
C SER D 339 -10.10 17.03 111.63
N ALA D 340 -9.61 15.88 112.09
CA ALA D 340 -10.44 14.76 112.50
C ALA D 340 -10.02 14.13 113.81
N PRO D 341 -10.94 13.49 114.51
CA PRO D 341 -10.64 12.79 115.74
C PRO D 341 -9.62 11.68 115.56
N TYR D 342 -8.79 11.48 116.57
CA TYR D 342 -7.73 10.48 116.52
C TYR D 342 -7.21 10.26 117.93
N TYR D 343 -6.96 9.00 118.35
CA TYR D 343 -7.41 7.80 117.69
C TYR D 343 -8.85 7.54 118.10
N SER D 344 -9.82 7.98 117.31
CA SER D 344 -11.21 7.85 117.73
C SER D 344 -11.77 6.48 117.45
N PHE D 345 -12.46 5.93 118.45
CA PHE D 345 -13.21 4.71 118.26
C PHE D 345 -14.68 4.96 118.54
N GLU D 346 -15.54 4.43 117.69
CA GLU D 346 -16.97 4.57 117.83
C GLU D 346 -17.57 3.20 117.86
N ALA D 347 -18.77 3.09 118.40
CA ALA D 347 -19.35 1.78 118.56
C ALA D 347 -20.80 1.77 118.14
N SER D 348 -21.16 0.72 117.41
CA SER D 348 -22.53 0.49 117.06
C SER D 348 -22.77 -0.99 117.17
N THR D 349 -24.04 -1.38 117.19
CA THR D 349 -24.51 -2.76 117.20
C THR D 349 -23.49 -3.89 117.39
N GLN D 350 -22.36 -3.82 116.70
CA GLN D 350 -21.46 -4.96 116.64
C GLN D 350 -20.12 -4.74 117.28
N GLY D 351 -19.99 -3.63 117.99
CA GLY D 351 -18.79 -3.38 118.74
C GLY D 351 -18.14 -2.12 118.27
N PRO D 352 -16.97 -1.82 118.81
CA PRO D 352 -16.24 -0.59 118.57
C PRO D 352 -15.30 -0.71 117.39
N PHE D 353 -15.02 0.40 116.72
CA PHE D 353 -14.19 0.41 115.53
C PHE D 353 -13.53 1.77 115.36
N LYS D 354 -12.35 1.81 114.74
CA LYS D 354 -11.65 3.09 114.61
C LYS D 354 -12.39 4.03 113.66
N THR D 355 -12.28 5.31 113.93
CA THR D 355 -12.78 6.33 113.02
C THR D 355 -11.72 6.60 111.98
N PRO D 356 -12.08 6.48 110.70
CA PRO D 356 -11.19 6.64 109.53
C PRO D 356 -10.91 8.09 109.11
N ILE D 357 -9.72 8.33 108.57
CA ILE D 357 -9.34 9.68 108.23
C ILE D 357 -9.07 9.74 106.76
N ALA D 358 -9.33 10.90 106.17
CA ALA D 358 -9.11 11.01 104.75
C ALA D 358 -7.72 11.51 104.43
N ALA D 359 -7.38 12.70 104.91
CA ALA D 359 -6.24 13.46 104.39
C ALA D 359 -4.82 12.88 104.58
N GLY D 360 -3.84 13.77 104.59
CA GLY D 360 -2.43 13.47 104.82
C GLY D 360 -1.65 13.85 103.57
N ARG D 361 -0.33 14.08 103.65
CA ARG D 361 0.40 14.38 104.88
C ARG D 361 0.31 15.85 105.29
N GLY D 362 0.47 16.14 106.57
CA GLY D 362 0.36 17.50 107.05
C GLY D 362 1.51 18.06 107.87
N GLY D 363 2.45 17.20 108.27
CA GLY D 363 3.51 17.67 109.13
C GLY D 363 4.73 18.10 108.36
N ALA D 364 5.54 18.94 108.98
CA ALA D 364 6.68 19.53 108.30
C ALA D 364 7.80 18.52 108.00
N GLN D 365 9.03 19.00 108.13
CA GLN D 365 10.20 18.22 107.77
C GLN D 365 10.30 16.94 108.58
N THR D 366 9.93 15.83 107.95
CA THR D 366 10.05 14.51 108.56
C THR D 366 9.41 14.40 109.92
N ASP D 367 8.30 15.08 110.14
CA ASP D 367 7.54 14.84 111.37
C ASP D 367 6.04 14.82 111.15
N GLU D 368 5.42 13.67 111.27
CA GLU D 368 4.01 13.61 110.96
C GLU D 368 3.20 12.87 111.98
N ASN D 369 1.98 13.34 112.16
CA ASN D 369 1.09 12.63 113.02
C ASN D 369 0.38 11.54 112.25
N GLN D 370 1.04 10.39 112.11
CA GLN D 370 0.59 9.33 111.25
C GLN D 370 -0.80 8.82 111.63
N ALA D 371 -1.39 9.44 112.65
CA ALA D 371 -2.74 9.10 113.09
C ALA D 371 -3.71 10.22 112.77
N ALA D 372 -3.28 11.46 112.93
CA ALA D 372 -4.12 12.61 112.62
C ALA D 372 -4.33 12.73 111.14
N ASP D 373 -3.40 12.14 110.37
CA ASP D 373 -3.53 12.07 108.92
C ASP D 373 -3.95 10.69 108.47
N GLY D 374 -3.96 9.75 109.39
CA GLY D 374 -4.48 8.44 109.11
C GLY D 374 -3.67 7.77 108.03
N ASP D 375 -2.36 7.95 108.07
CA ASP D 375 -1.51 7.34 107.08
C ASP D 375 -1.56 5.85 107.28
N PRO D 376 -1.97 5.12 106.22
CA PRO D 376 -2.26 3.70 106.20
C PRO D 376 -1.04 2.83 106.25
N ARG D 377 -1.14 1.67 106.90
CA ARG D 377 0.02 0.83 107.16
C ARG D 377 -0.23 -0.60 106.71
N TYR D 378 0.65 -1.08 105.84
CA TYR D 378 0.45 -2.34 105.14
C TYR D 378 1.39 -3.43 105.66
N ALA D 379 0.83 -4.57 106.01
CA ALA D 379 1.62 -5.69 106.50
C ALA D 379 1.40 -6.85 105.55
N PHE D 380 2.47 -7.52 105.16
CA PHE D 380 2.38 -8.46 104.06
C PHE D 380 3.50 -9.48 104.10
N GLY D 381 3.36 -10.56 103.36
CA GLY D 381 4.35 -11.62 103.48
C GLY D 381 4.80 -12.33 102.23
N ARG D 382 6.09 -12.32 101.98
CA ARG D 382 6.74 -13.07 100.91
C ARG D 382 6.02 -13.06 99.58
N GLN D 383 4.82 -13.62 99.56
CA GLN D 383 3.95 -13.59 98.39
C GLN D 383 3.64 -12.16 97.97
N HIS D 384 3.71 -11.20 98.89
CA HIS D 384 3.36 -9.87 98.48
C HIS D 384 4.36 -8.84 98.87
N GLY D 385 5.66 -9.17 98.86
CA GLY D 385 6.64 -8.11 99.02
C GLY D 385 7.83 -8.38 99.91
N GLN D 386 7.59 -9.10 100.99
CA GLN D 386 8.63 -9.47 101.91
C GLN D 386 9.68 -10.31 101.22
N LYS D 387 10.93 -10.23 101.68
CA LYS D 387 12.01 -11.04 101.14
C LYS D 387 11.59 -12.50 101.21
N THR D 388 11.67 -13.19 100.09
CA THR D 388 11.09 -14.50 100.03
C THR D 388 11.94 -15.53 100.73
N THR D 389 13.17 -15.16 101.08
CA THR D 389 14.06 -16.05 101.83
C THR D 389 13.87 -15.97 103.34
N THR D 390 13.20 -14.92 103.78
CA THR D 390 13.01 -14.68 105.20
C THR D 390 12.20 -15.76 105.85
N THR D 391 12.79 -16.47 106.78
CA THR D 391 12.04 -17.43 107.57
C THR D 391 11.46 -16.67 108.74
N GLY D 392 10.49 -17.30 109.39
CA GLY D 392 9.86 -16.64 110.51
C GLY D 392 8.50 -16.10 110.15
N GLU D 393 7.66 -16.07 111.17
CA GLU D 393 6.25 -15.71 111.08
C GLU D 393 5.98 -14.21 111.03
N THR D 394 7.02 -13.39 111.15
CA THR D 394 6.79 -11.96 111.26
C THR D 394 6.70 -11.32 109.90
N PRO D 395 5.64 -10.55 109.69
CA PRO D 395 5.34 -9.89 108.41
C PRO D 395 6.23 -8.70 108.13
N GLU D 396 6.36 -8.29 106.87
CA GLU D 396 7.04 -7.02 106.51
C GLU D 396 6.03 -5.88 106.54
N ARG D 397 6.46 -4.66 106.84
CA ARG D 397 5.50 -3.58 107.01
C ARG D 397 6.02 -2.26 106.47
N PHE D 398 5.13 -1.30 106.27
CA PHE D 398 5.56 0.07 105.98
C PHE D 398 4.41 0.99 106.23
N THR D 399 4.68 2.29 106.36
CA THR D 399 3.58 3.24 106.52
C THR D 399 3.60 4.23 105.37
N TYR D 400 2.56 4.23 104.56
CA TYR D 400 2.54 5.08 103.39
C TYR D 400 2.22 6.51 103.79
N ILE D 401 3.19 7.39 103.59
CA ILE D 401 2.95 8.80 103.76
C ILE D 401 2.82 9.47 102.40
N ALA D 402 1.62 9.94 102.08
CA ALA D 402 1.39 10.49 100.75
C ALA D 402 2.27 11.69 100.48
N HIS D 403 2.41 12.08 99.23
CA HIS D 403 3.18 13.28 98.91
C HIS D 403 2.30 14.50 99.04
N GLN D 404 1.00 14.31 98.96
CA GLN D 404 0.12 15.45 98.92
C GLN D 404 -0.09 16.15 100.24
N ASP D 405 0.50 17.33 100.40
CA ASP D 405 0.43 18.06 101.67
C ASP D 405 -0.99 18.63 101.93
N THR D 406 -1.87 17.78 102.43
CA THR D 406 -3.23 18.20 102.75
C THR D 406 -3.69 17.75 104.13
N GLY D 407 -2.75 17.32 104.96
CA GLY D 407 -3.08 16.82 106.27
C GLY D 407 -2.95 17.87 107.34
N ARG D 408 -2.78 17.43 108.58
CA ARG D 408 -2.63 18.34 109.71
C ARG D 408 -1.47 17.99 110.65
N TYR D 409 -0.94 19.01 111.31
CA TYR D 409 0.03 18.84 112.37
C TYR D 409 -0.57 19.46 113.61
N PRO D 410 -1.44 18.72 114.29
CA PRO D 410 -2.30 19.22 115.35
C PRO D 410 -1.50 19.87 116.45
N GLU D 411 -0.24 19.49 116.56
CA GLU D 411 0.66 20.10 117.49
C GLU D 411 0.65 21.59 117.24
N GLY D 412 0.38 22.01 116.01
CA GLY D 412 0.40 23.42 115.69
C GLY D 412 -0.94 24.12 115.81
N ASP D 413 -1.98 23.38 116.22
CA ASP D 413 -3.32 23.95 116.31
C ASP D 413 -3.46 24.80 117.55
N TRP D 414 -4.44 25.69 117.57
CA TRP D 414 -4.83 26.35 118.81
C TRP D 414 -6.14 27.06 118.67
N ILE D 415 -6.68 27.54 119.79
CA ILE D 415 -7.96 28.21 119.78
C ILE D 415 -7.95 29.40 120.72
N GLN D 416 -8.14 30.60 120.18
CA GLN D 416 -8.14 31.79 121.03
C GLN D 416 -9.51 32.26 121.43
N ASN D 417 -9.55 33.15 122.42
CA ASN D 417 -10.78 33.78 122.86
C ASN D 417 -11.26 34.86 121.89
N ILE D 418 -12.57 35.08 121.87
CA ILE D 418 -13.22 36.07 121.02
C ILE D 418 -12.56 37.47 121.01
N ASN D 419 -11.95 37.89 122.12
CA ASN D 419 -11.47 39.27 122.25
C ASN D 419 -10.13 39.53 121.61
N PHE D 420 -9.37 38.46 121.35
CA PHE D 420 -8.11 38.54 120.63
C PHE D 420 -7.19 39.59 121.19
N ASN D 421 -7.12 39.63 122.51
CA ASN D 421 -6.17 40.48 123.20
C ASN D 421 -4.88 39.73 123.23
N LEU D 422 -3.94 40.07 122.37
CA LEU D 422 -2.76 39.23 122.29
C LEU D 422 -1.47 40.05 122.43
N PRO D 423 -0.37 39.43 122.89
CA PRO D 423 -0.06 38.06 123.29
C PRO D 423 -1.08 37.46 124.25
N VAL D 424 -1.45 36.22 124.02
CA VAL D 424 -2.64 35.66 124.66
C VAL D 424 -2.37 35.09 126.06
N THR D 425 -3.30 35.35 126.99
CA THR D 425 -3.29 34.80 128.33
C THR D 425 -3.49 33.29 128.29
N ASP D 426 -2.89 32.54 129.20
CA ASP D 426 -3.18 31.12 129.30
C ASP D 426 -4.65 30.77 129.41
N ASP D 427 -5.42 31.65 130.04
CA ASP D 427 -6.83 31.37 130.24
C ASP D 427 -7.64 31.68 128.98
N ASN D 428 -7.04 32.41 128.04
CA ASN D 428 -7.74 32.86 126.84
C ASN D 428 -7.39 32.06 125.60
N VAL D 429 -6.65 30.99 125.76
CA VAL D 429 -6.29 30.15 124.64
C VAL D 429 -6.40 28.69 125.04
N LEU D 430 -6.77 27.83 124.10
CA LEU D 430 -6.77 26.40 124.34
C LEU D 430 -5.78 25.74 123.41
N LEU D 431 -4.73 25.17 124.01
CA LEU D 431 -3.60 24.57 123.28
C LEU D 431 -3.68 23.07 123.24
N PRO D 432 -2.93 22.45 122.34
CA PRO D 432 -2.75 21.00 122.27
C PRO D 432 -1.86 20.48 123.37
N THR D 433 -1.52 21.34 124.30
CA THR D 433 -0.77 20.95 125.48
C THR D 433 -1.70 20.77 126.69
N ASP D 434 -2.70 21.64 126.78
CA ASP D 434 -3.65 21.62 127.88
C ASP D 434 -4.52 20.37 127.87
N PRO D 435 -4.49 19.63 128.97
CA PRO D 435 -5.30 18.43 129.10
C PRO D 435 -6.80 18.71 129.19
N ILE D 436 -7.55 17.77 128.64
CA ILE D 436 -8.98 17.90 128.47
C ILE D 436 -9.63 16.78 129.25
N GLY D 437 -10.69 17.08 129.99
CA GLY D 437 -11.34 16.07 130.79
C GLY D 437 -10.34 15.57 131.81
N GLY D 438 -9.34 16.41 132.05
CA GLY D 438 -8.35 16.16 133.06
C GLY D 438 -7.46 14.97 132.78
N LYS D 439 -7.20 14.67 131.51
CA LYS D 439 -6.31 13.55 131.20
C LYS D 439 -5.00 14.09 130.68
N THR D 440 -3.91 13.60 131.24
CA THR D 440 -2.59 14.07 130.86
C THR D 440 -2.29 13.94 129.38
N GLY D 441 -2.59 12.77 128.82
CA GLY D 441 -2.29 12.49 127.43
C GLY D 441 -3.39 12.74 126.41
N ILE D 442 -4.35 13.62 126.75
CA ILE D 442 -5.42 13.99 125.83
C ILE D 442 -5.64 15.50 125.75
N ASN D 443 -5.75 16.02 124.54
CA ASN D 443 -6.02 17.44 124.33
C ASN D 443 -7.16 17.62 123.35
N TYR D 444 -7.54 18.86 123.09
CA TYR D 444 -8.77 19.08 122.35
C TYR D 444 -8.71 18.55 120.93
N THR D 445 -7.52 18.53 120.36
CA THR D 445 -7.40 18.13 118.96
C THR D 445 -7.77 16.69 118.74
N ASN D 446 -7.71 15.88 119.80
CA ASN D 446 -8.06 14.47 119.67
C ASN D 446 -9.51 14.25 119.40
N ILE D 447 -10.33 15.24 119.71
CA ILE D 447 -11.75 15.10 119.49
C ILE D 447 -12.20 16.09 118.47
N PHE D 448 -11.24 16.78 117.87
CA PHE D 448 -11.55 17.92 117.04
C PHE D 448 -12.00 17.51 115.64
N ASN D 449 -12.86 18.33 115.03
CA ASN D 449 -13.35 18.07 113.68
C ASN D 449 -13.70 19.34 112.90
N THR D 450 -12.97 19.64 111.84
CA THR D 450 -13.23 20.86 111.09
C THR D 450 -13.70 20.62 109.67
N TYR D 451 -14.40 19.52 109.46
CA TYR D 451 -15.05 19.27 108.20
C TYR D 451 -16.20 20.25 108.09
N GLY D 452 -16.39 20.83 106.92
CA GLY D 452 -17.39 21.86 106.75
C GLY D 452 -17.58 22.15 105.29
N PRO D 453 -18.57 22.97 104.97
CA PRO D 453 -18.93 23.26 103.59
C PRO D 453 -17.84 23.99 102.84
N LEU D 454 -16.71 24.26 103.46
CA LEU D 454 -15.59 24.90 102.79
C LEU D 454 -14.42 23.94 102.61
N THR D 455 -14.65 22.67 102.88
CA THR D 455 -13.58 21.69 102.90
C THR D 455 -13.26 21.22 101.48
N ALA D 456 -11.98 21.14 101.14
CA ALA D 456 -11.51 20.61 99.87
C ALA D 456 -10.62 19.41 100.13
N LEU D 457 -10.63 18.40 99.26
CA LEU D 457 -9.96 17.13 99.52
C LEU D 457 -9.40 16.53 98.26
N ASN D 458 -8.44 15.63 98.37
CA ASN D 458 -8.14 14.79 97.22
C ASN D 458 -8.52 13.37 97.53
N ASN D 459 -8.55 12.53 96.52
CA ASN D 459 -8.79 11.11 96.73
C ASN D 459 -7.49 10.46 97.19
N VAL D 460 -7.56 9.24 97.70
CA VAL D 460 -6.37 8.52 98.13
C VAL D 460 -5.48 8.19 96.95
N PRO D 461 -4.18 8.19 97.17
CA PRO D 461 -3.20 7.82 96.17
C PRO D 461 -3.10 6.33 96.04
N PRO D 462 -2.65 5.86 94.88
CA PRO D 462 -2.47 4.42 94.73
C PRO D 462 -1.28 3.97 95.54
N VAL D 463 -1.44 2.87 96.25
CA VAL D 463 -0.35 2.39 97.04
C VAL D 463 0.27 1.18 96.40
N TYR D 464 1.39 1.38 95.72
CA TYR D 464 2.04 0.26 95.06
C TYR D 464 3.01 -0.43 95.96
N PRO D 465 3.01 -1.76 95.96
CA PRO D 465 2.17 -2.67 95.21
C PRO D 465 1.03 -3.27 96.00
N ASN D 466 0.99 -3.05 97.30
CA ASN D 466 0.05 -3.78 98.11
C ASN D 466 -1.33 -3.15 98.12
N GLY D 467 -1.49 -2.00 97.49
CA GLY D 467 -2.77 -1.34 97.50
C GLY D 467 -3.89 -2.03 96.73
N GLN D 468 -5.12 -1.75 97.12
CA GLN D 468 -6.27 -2.24 96.42
C GLN D 468 -6.39 -1.36 95.19
N ILE D 469 -7.03 -1.85 94.14
CA ILE D 469 -7.17 -1.07 92.91
C ILE D 469 -8.53 -0.42 92.81
N TRP D 470 -9.57 -1.23 92.83
CA TRP D 470 -10.92 -0.70 92.84
C TRP D 470 -11.70 -1.28 94.00
N ASP D 471 -12.83 -0.66 94.33
CA ASP D 471 -13.65 -1.09 95.44
C ASP D 471 -15.12 -0.84 95.14
N LYS D 472 -16.02 -1.73 95.58
CA LYS D 472 -17.45 -1.51 95.36
C LYS D 472 -17.98 -0.41 96.25
N GLU D 473 -19.04 0.27 95.85
CA GLU D 473 -19.58 1.36 96.65
C GLU D 473 -20.66 0.84 97.60
N PHE D 474 -20.80 1.52 98.73
CA PHE D 474 -21.79 1.16 99.74
C PHE D 474 -23.18 1.33 99.17
N ASP D 475 -24.06 0.38 99.41
CA ASP D 475 -25.42 0.52 98.98
C ASP D 475 -26.19 1.34 100.00
N THR D 476 -25.70 2.52 100.30
CA THR D 476 -26.42 3.40 101.19
C THR D 476 -27.05 4.51 100.38
N ASP D 477 -28.17 5.05 100.87
CA ASP D 477 -28.88 6.07 100.12
C ASP D 477 -28.03 7.32 99.88
N LEU D 478 -27.13 7.62 100.81
CA LEU D 478 -26.14 8.68 100.62
C LEU D 478 -24.73 8.11 100.67
N LYS D 479 -23.83 8.54 99.80
CA LYS D 479 -22.59 7.78 99.67
C LYS D 479 -21.35 8.55 100.10
N PRO D 480 -20.27 7.83 100.44
CA PRO D 480 -19.06 8.49 100.88
C PRO D 480 -18.46 9.24 99.74
N ARG D 481 -17.81 10.37 100.02
CA ARG D 481 -17.13 11.08 98.98
C ARG D 481 -15.85 10.41 98.55
N LEU D 482 -15.41 9.38 99.28
CA LEU D 482 -14.29 8.55 98.85
C LEU D 482 -14.15 7.29 99.66
N HIS D 483 -13.22 6.43 99.28
CA HIS D 483 -12.86 5.29 100.13
C HIS D 483 -11.39 5.46 100.38
N VAL D 484 -10.91 4.90 101.47
CA VAL D 484 -9.52 5.08 101.82
C VAL D 484 -8.67 3.89 101.43
N ASN D 485 -9.30 2.83 100.94
CA ASN D 485 -8.54 1.67 100.55
C ASN D 485 -8.24 1.60 99.06
N ALA D 486 -8.96 2.34 98.25
CA ALA D 486 -8.77 2.25 96.82
C ALA D 486 -9.23 3.53 96.15
N PRO D 487 -8.56 3.90 95.05
CA PRO D 487 -8.87 5.14 94.35
C PRO D 487 -10.09 5.03 93.43
N PHE D 488 -10.34 3.83 92.91
CA PHE D 488 -11.48 3.62 92.02
C PHE D 488 -12.66 2.99 92.72
N VAL D 489 -13.78 3.69 92.68
CA VAL D 489 -15.03 3.18 93.26
C VAL D 489 -16.11 3.08 92.19
N CYS D 490 -16.66 1.90 92.01
CA CYS D 490 -17.68 1.68 90.99
C CYS D 490 -19.05 2.05 91.48
N GLN D 491 -19.65 3.13 90.97
CA GLN D 491 -21.04 3.42 91.33
C GLN D 491 -22.03 2.60 90.53
N ASN D 492 -21.71 2.44 89.25
CA ASN D 492 -22.38 1.54 88.32
C ASN D 492 -22.64 0.13 88.86
N ASN D 493 -21.75 -0.79 88.50
CA ASN D 493 -21.83 -2.23 88.76
C ASN D 493 -20.36 -2.59 88.88
N CYS D 494 -19.98 -3.44 89.82
CA CYS D 494 -18.58 -3.88 89.84
C CYS D 494 -18.43 -5.29 89.35
N PRO D 495 -17.23 -5.62 88.88
CA PRO D 495 -16.94 -6.99 88.48
C PRO D 495 -17.34 -7.96 89.57
N GLY D 496 -17.94 -9.06 89.20
CA GLY D 496 -18.33 -10.05 90.17
C GLY D 496 -17.14 -10.78 90.71
N GLN D 497 -17.27 -11.35 91.88
CA GLN D 497 -16.16 -12.09 92.47
C GLN D 497 -16.06 -13.48 91.89
N LEU D 498 -14.84 -13.98 91.81
CA LEU D 498 -14.59 -15.29 91.20
C LEU D 498 -14.23 -16.34 92.25
N PHE D 499 -15.01 -17.41 92.31
CA PHE D 499 -14.85 -18.44 93.32
C PHE D 499 -14.57 -19.79 92.72
N VAL D 500 -13.63 -20.51 93.29
CA VAL D 500 -13.33 -21.83 92.79
C VAL D 500 -13.51 -22.85 93.91
N LYS D 501 -13.52 -24.14 93.58
CA LYS D 501 -13.73 -25.20 94.57
C LYS D 501 -13.50 -26.59 93.99
N VAL D 502 -12.74 -27.41 94.67
CA VAL D 502 -12.54 -28.77 94.20
C VAL D 502 -13.84 -29.53 94.37
N ALA D 503 -14.27 -30.23 93.32
CA ALA D 503 -15.50 -30.99 93.41
C ALA D 503 -15.31 -32.20 94.29
N PRO D 504 -16.34 -32.57 95.06
CA PRO D 504 -16.31 -33.73 95.95
C PRO D 504 -15.97 -35.03 95.26
N ASN D 505 -14.78 -35.54 95.56
CA ASN D 505 -14.31 -36.77 94.95
C ASN D 505 -14.52 -37.96 95.88
N LEU D 506 -15.69 -38.57 95.85
CA LEU D 506 -16.05 -39.55 96.88
C LEU D 506 -15.37 -40.88 96.71
N THR D 507 -15.25 -41.59 97.84
CA THR D 507 -14.82 -42.97 97.84
C THR D 507 -16.06 -43.80 97.66
N ASN D 508 -15.90 -45.13 97.69
CA ASN D 508 -17.02 -46.02 97.45
C ASN D 508 -17.92 -46.15 98.65
N GLN D 509 -17.40 -45.85 99.83
CA GLN D 509 -18.26 -45.88 100.99
C GLN D 509 -18.71 -44.47 101.37
N TYR D 510 -19.98 -44.17 101.13
CA TYR D 510 -20.54 -42.89 101.50
C TYR D 510 -21.97 -43.05 101.96
N ASP D 511 -22.23 -42.65 103.19
CA ASP D 511 -23.57 -42.66 103.73
C ASP D 511 -23.93 -41.30 104.21
N PRO D 512 -24.79 -40.62 103.46
CA PRO D 512 -25.23 -39.28 103.79
C PRO D 512 -26.09 -39.27 105.04
N ASP D 513 -26.80 -40.37 105.30
CA ASP D 513 -27.63 -40.48 106.50
C ASP D 513 -26.75 -40.57 107.74
N ALA D 514 -25.47 -40.85 107.54
CA ALA D 514 -24.52 -40.93 108.64
C ALA D 514 -23.99 -39.56 109.06
N SER D 515 -23.84 -39.37 110.37
CA SER D 515 -23.27 -38.13 110.92
C SER D 515 -21.79 -38.09 110.62
N ALA D 516 -21.20 -39.29 110.65
CA ALA D 516 -19.78 -39.52 110.52
C ALA D 516 -19.10 -38.87 109.30
N ASN D 517 -17.78 -38.79 109.42
CA ASN D 517 -16.86 -38.22 108.43
C ASN D 517 -17.32 -38.24 106.96
N MET D 518 -17.15 -37.11 106.28
CA MET D 518 -17.34 -37.06 104.84
C MET D 518 -16.19 -37.88 104.28
N SER D 519 -16.46 -39.02 103.67
CA SER D 519 -15.36 -39.82 103.16
C SER D 519 -14.99 -39.46 101.72
N ARG D 520 -13.85 -38.78 101.54
CA ARG D 520 -13.42 -38.31 100.23
C ARG D 520 -11.98 -38.66 99.87
N ILE D 521 -11.74 -38.99 98.63
CA ILE D 521 -10.39 -39.16 98.13
C ILE D 521 -9.65 -37.85 98.24
N VAL D 522 -8.42 -37.88 98.71
CA VAL D 522 -7.69 -36.63 98.79
C VAL D 522 -7.43 -36.10 97.41
N THR D 523 -8.01 -34.94 97.11
CA THR D 523 -7.90 -34.38 95.77
C THR D 523 -7.53 -32.92 95.81
N TYR D 524 -6.74 -32.50 94.84
CA TYR D 524 -6.40 -31.09 94.69
C TYR D 524 -6.29 -30.69 93.26
N SER D 525 -6.25 -29.38 93.04
CA SER D 525 -6.21 -28.86 91.69
C SER D 525 -5.16 -27.79 91.46
N ASP D 526 -4.60 -27.83 90.25
CA ASP D 526 -3.75 -26.79 89.71
C ASP D 526 -4.49 -26.22 88.52
N PHE D 527 -4.65 -24.91 88.47
CA PHE D 527 -5.23 -24.30 87.29
C PHE D 527 -4.56 -22.99 87.00
N TRP D 528 -4.55 -22.55 85.75
CA TRP D 528 -3.92 -21.28 85.42
C TRP D 528 -4.98 -20.21 85.29
N TRP D 529 -4.63 -19.00 85.72
CA TRP D 529 -5.50 -17.86 85.63
C TRP D 529 -4.83 -16.76 84.85
N LYS D 530 -5.55 -16.15 83.90
CA LYS D 530 -5.05 -15.02 83.14
C LYS D 530 -6.08 -13.92 83.20
N GLY D 531 -5.62 -12.69 83.40
CA GLY D 531 -6.51 -11.56 83.51
C GLY D 531 -6.04 -10.44 82.63
N LYS D 532 -6.93 -9.53 82.26
CA LYS D 532 -6.55 -8.35 81.51
C LYS D 532 -7.24 -7.12 82.05
N LEU D 533 -6.44 -6.21 82.60
CA LEU D 533 -6.92 -4.96 83.16
C LEU D 533 -6.44 -3.84 82.29
N VAL D 534 -7.36 -3.04 81.75
CA VAL D 534 -6.96 -2.02 80.80
C VAL D 534 -7.13 -0.60 81.34
N PHE D 535 -6.11 0.24 81.22
CA PHE D 535 -6.21 1.63 81.65
C PHE D 535 -6.11 2.60 80.48
N LYS D 536 -6.57 3.81 80.68
CA LYS D 536 -6.37 4.82 79.67
C LYS D 536 -5.80 6.02 80.37
N ALA D 537 -4.55 6.38 80.07
CA ALA D 537 -3.88 7.44 80.80
C ALA D 537 -3.44 8.59 79.93
N LYS D 538 -3.01 9.69 80.54
CA LYS D 538 -2.66 10.91 79.83
C LYS D 538 -1.29 11.47 80.23
N LEU D 539 -0.45 11.77 79.24
CA LEU D 539 0.93 12.20 79.45
C LEU D 539 1.05 13.58 80.07
N ARG D 540 2.03 13.74 80.96
CA ARG D 540 2.21 15.03 81.62
C ARG D 540 3.00 15.98 80.76
N ALA D 541 3.05 17.24 81.16
CA ALA D 541 3.84 18.22 80.45
C ALA D 541 4.55 19.15 81.41
N SER D 542 5.74 19.61 81.02
CA SER D 542 6.54 20.47 81.88
C SER D 542 6.05 21.91 81.91
N HIS D 543 5.67 22.41 83.09
CA HIS D 543 5.11 23.76 83.16
C HIS D 543 5.95 24.71 83.97
N THR D 544 7.06 24.22 84.50
CA THR D 544 7.87 25.03 85.41
C THR D 544 9.27 25.12 84.89
N TRP D 545 10.03 26.05 85.43
CA TRP D 545 11.42 26.14 85.05
C TRP D 545 12.19 24.96 85.63
N ASN D 546 11.83 24.58 86.85
CA ASN D 546 12.57 23.56 87.56
C ASN D 546 12.13 22.17 87.18
N PRO D 547 13.00 21.18 87.36
CA PRO D 547 12.61 19.79 87.25
C PRO D 547 11.77 19.37 88.43
N ILE D 548 11.41 18.10 88.50
CA ILE D 548 10.51 17.62 89.55
C ILE D 548 10.87 16.25 90.10
N GLN D 549 10.13 15.82 91.12
CA GLN D 549 10.26 14.49 91.69
C GLN D 549 10.03 13.39 90.67
N GLN D 550 10.91 12.40 90.63
CA GLN D 550 10.65 11.19 89.83
C GLN D 550 11.38 9.99 90.41
N MET D 551 10.85 8.79 90.25
CA MET D 551 11.58 7.60 90.71
C MET D 551 12.87 7.42 89.97
N SER D 552 13.82 6.76 90.62
CA SER D 552 15.00 6.23 89.93
C SER D 552 15.76 5.31 90.86
N ILE D 553 16.90 4.84 90.39
CA ILE D 553 17.89 4.29 91.27
C ILE D 553 19.17 5.05 90.92
N ASN D 554 20.03 5.54 91.84
CA ASN D 554 20.20 5.34 93.31
C ASN D 554 21.08 4.18 93.66
N VAL D 555 22.16 4.54 94.36
CA VAL D 555 23.19 3.61 94.82
C VAL D 555 22.71 2.92 96.07
N ASP D 556 21.91 3.65 96.85
CA ASP D 556 21.02 3.03 97.81
C ASP D 556 19.99 2.36 96.96
N ASN D 557 18.96 1.78 97.57
CA ASN D 557 17.78 1.49 96.76
C ASN D 557 17.99 0.34 95.77
N GLN D 558 19.02 0.49 94.94
CA GLN D 558 19.38 -0.42 93.87
C GLN D 558 19.22 -1.91 94.17
N PHE D 559 19.14 -2.31 95.42
CA PHE D 559 19.15 -3.74 95.62
C PHE D 559 17.80 -4.31 95.98
N ASN D 560 16.77 -3.47 95.91
CA ASN D 560 15.41 -3.93 96.10
C ASN D 560 14.76 -4.38 94.80
N TYR D 561 15.55 -4.41 93.73
CA TYR D 561 14.99 -4.61 92.41
C TYR D 561 15.68 -5.67 91.62
N VAL D 562 16.44 -6.51 92.29
CA VAL D 562 17.12 -7.60 91.64
C VAL D 562 17.01 -8.72 92.60
N PRO D 563 17.13 -9.96 92.13
CA PRO D 563 17.12 -11.10 93.05
C PRO D 563 18.43 -11.19 93.82
N SER D 564 18.65 -12.29 94.48
CA SER D 564 19.79 -12.42 95.34
C SER D 564 20.68 -13.57 94.88
N ASN D 565 21.67 -13.93 95.69
CA ASN D 565 22.52 -15.09 95.45
C ASN D 565 21.70 -16.34 95.35
N ILE D 566 20.64 -16.40 96.14
CA ILE D 566 19.68 -17.47 96.02
C ILE D 566 18.54 -16.87 95.22
N GLY D 567 17.37 -17.48 95.23
CA GLY D 567 16.29 -16.97 94.41
C GLY D 567 15.57 -15.73 94.92
N GLY D 568 16.30 -14.70 95.32
CA GLY D 568 15.71 -13.41 95.67
C GLY D 568 14.68 -13.66 96.73
N MET D 569 13.63 -12.86 96.88
CA MET D 569 13.43 -11.58 96.23
C MET D 569 12.42 -10.76 97.02
N LYS D 570 12.23 -9.50 96.60
CA LYS D 570 11.56 -8.50 97.37
C LYS D 570 10.84 -7.51 96.46
N ILE D 571 9.66 -7.05 96.86
CA ILE D 571 9.01 -5.94 96.18
C ILE D 571 8.69 -4.83 97.15
N VAL D 572 9.06 -3.61 96.79
CA VAL D 572 9.05 -2.51 97.75
C VAL D 572 7.96 -1.49 97.49
N TYR D 573 7.31 -0.98 98.53
CA TYR D 573 6.31 0.08 98.33
C TYR D 573 6.97 1.28 97.69
N GLU D 574 6.27 2.01 96.80
CA GLU D 574 6.93 3.13 96.13
C GLU D 574 6.09 4.27 95.63
N LYS D 575 5.14 4.75 96.41
CA LYS D 575 4.51 6.02 96.09
C LYS D 575 3.80 6.03 94.75
N SER D 576 3.43 7.22 94.28
CA SER D 576 2.65 7.33 93.06
C SER D 576 2.36 8.74 92.54
N GLN D 577 2.25 9.74 93.41
CA GLN D 577 1.88 11.07 92.94
C GLN D 577 3.08 12.00 93.05
N LEU D 578 4.10 11.74 92.24
CA LEU D 578 5.39 12.37 92.45
C LEU D 578 5.46 13.82 91.99
N ALA D 579 4.74 14.16 90.93
CA ALA D 579 4.87 15.46 90.36
C ALA D 579 3.91 16.38 91.03
N PRO D 580 4.34 17.61 91.24
CA PRO D 580 3.50 18.62 91.88
C PRO D 580 2.33 18.99 91.02
N ARG D 581 1.28 19.55 91.61
CA ARG D 581 0.15 19.95 90.82
C ARG D 581 0.03 21.43 90.88
N LYS D 582 -1.01 21.88 91.56
CA LYS D 582 -1.32 23.29 91.69
C LYS D 582 -2.77 23.33 92.01
N LEU D 583 -3.06 23.69 93.26
CA LEU D 583 -4.40 23.81 93.76
C LEU D 583 -5.11 25.00 93.24
N TYR D 584 -4.45 26.13 93.35
CA TYR D 584 -5.08 27.40 93.17
C TYR D 584 -4.15 28.22 92.33
N GLY E 37 -16.17 -35.89 75.29
CA GLY E 37 -15.20 -36.95 75.56
C GLY E 37 -14.74 -37.06 77.01
N VAL E 38 -13.56 -37.63 77.23
CA VAL E 38 -13.07 -37.85 78.59
C VAL E 38 -13.00 -36.59 79.42
N GLY E 39 -12.12 -35.69 79.04
CA GLY E 39 -11.85 -34.56 79.87
C GLY E 39 -12.73 -33.37 79.59
N ILE E 40 -13.97 -33.56 79.20
CA ILE E 40 -14.83 -32.41 78.92
C ILE E 40 -16.18 -32.55 79.60
N SER E 41 -16.52 -31.59 80.44
CA SER E 41 -17.74 -31.64 81.23
C SER E 41 -18.92 -31.58 80.32
N THR E 42 -20.04 -32.15 80.75
CA THR E 42 -21.24 -32.26 79.93
C THR E 42 -22.47 -31.71 80.59
N GLY E 43 -22.31 -30.76 81.50
CA GLY E 43 -23.46 -30.13 82.12
C GLY E 43 -23.12 -28.98 83.04
N THR E 44 -24.15 -28.37 83.61
CA THR E 44 -23.91 -27.20 84.43
C THR E 44 -24.66 -27.23 85.75
N PHE E 45 -23.97 -27.00 86.86
CA PHE E 45 -24.60 -26.97 88.17
C PHE E 45 -25.43 -25.73 88.28
N ASN E 46 -26.68 -25.90 88.67
CA ASN E 46 -27.54 -24.77 88.89
C ASN E 46 -28.63 -25.11 89.85
N ASN E 47 -28.57 -24.54 91.04
CA ASN E 47 -29.60 -24.76 92.04
C ASN E 47 -30.24 -23.42 92.34
N GLN E 48 -30.54 -22.69 91.29
CA GLN E 48 -30.94 -21.31 91.40
C GLN E 48 -32.44 -21.22 91.22
N THR E 49 -33.07 -20.35 91.99
CA THR E 49 -34.52 -20.25 91.93
C THR E 49 -34.93 -18.89 91.39
N GLU E 50 -35.53 -18.86 90.21
CA GLU E 50 -35.84 -17.61 89.53
C GLU E 50 -37.31 -17.26 89.67
N PHE E 51 -37.61 -16.02 90.02
CA PHE E 51 -39.00 -15.56 90.11
C PHE E 51 -39.26 -14.50 89.07
N LYS E 52 -39.92 -14.85 87.98
CA LYS E 52 -40.10 -13.89 86.90
C LYS E 52 -41.54 -13.43 86.82
N PHE E 53 -41.76 -12.15 87.10
CA PHE E 53 -43.08 -11.55 87.18
C PHE E 53 -43.64 -11.07 85.83
N LEU E 54 -44.91 -11.36 85.59
CA LEU E 54 -45.58 -11.07 84.32
C LEU E 54 -46.76 -10.12 84.54
N GLU E 55 -47.66 -10.00 83.56
CA GLU E 55 -48.79 -9.06 83.72
C GLU E 55 -49.94 -9.59 84.52
N ASN E 56 -50.69 -8.69 85.14
CA ASN E 56 -51.79 -9.04 86.03
C ASN E 56 -51.33 -10.02 87.13
N GLY E 57 -50.12 -9.85 87.61
CA GLY E 57 -49.62 -10.66 88.71
C GLY E 57 -49.48 -12.16 88.55
N TRP E 58 -49.24 -12.63 87.35
CA TRP E 58 -48.89 -14.02 87.20
C TRP E 58 -47.39 -14.13 87.31
N VAL E 59 -46.92 -15.06 88.13
CA VAL E 59 -45.48 -15.25 88.30
C VAL E 59 -45.03 -16.61 87.77
N TYR E 60 -43.78 -16.67 87.38
CA TYR E 60 -43.24 -17.80 86.66
C TYR E 60 -42.04 -18.30 87.44
N ILE E 61 -42.33 -19.14 88.42
CA ILE E 61 -41.31 -19.63 89.33
C ILE E 61 -40.57 -20.80 88.73
N THR E 62 -39.30 -20.60 88.42
CA THR E 62 -38.51 -21.66 87.85
C THR E 62 -37.54 -22.15 88.88
N ALA E 63 -37.85 -23.29 89.47
CA ALA E 63 -36.99 -23.83 90.51
C ALA E 63 -36.00 -24.80 89.92
N ASN E 64 -34.72 -24.45 90.02
CA ASN E 64 -33.65 -25.34 89.60
C ASN E 64 -33.04 -26.07 90.77
N SER E 65 -32.60 -27.29 90.51
CA SER E 65 -32.02 -28.13 91.54
C SER E 65 -30.93 -29.03 90.97
N SER E 66 -29.79 -29.08 91.66
CA SER E 66 -28.70 -29.94 91.23
C SER E 66 -28.07 -30.62 92.44
N ARG E 67 -27.63 -31.86 92.27
CA ARG E 67 -27.02 -32.60 93.36
C ARG E 67 -25.94 -33.48 92.79
N LEU E 68 -24.93 -33.78 93.59
CA LEU E 68 -23.99 -34.82 93.19
C LEU E 68 -24.52 -36.11 93.75
N VAL E 69 -24.61 -37.14 92.92
CA VAL E 69 -25.25 -38.39 93.35
C VAL E 69 -24.29 -39.54 93.39
N HIS E 70 -24.38 -40.34 94.45
CA HIS E 70 -23.45 -41.46 94.66
C HIS E 70 -24.17 -42.80 94.59
N LEU E 71 -23.59 -43.78 93.92
CA LEU E 71 -24.28 -45.04 93.66
C LEU E 71 -23.34 -46.23 93.59
N ASN E 72 -23.67 -47.28 94.34
CA ASN E 72 -22.86 -48.50 94.34
C ASN E 72 -23.48 -49.55 93.48
N MET E 73 -22.71 -50.58 93.15
CA MET E 73 -23.22 -51.63 92.31
C MET E 73 -24.26 -52.42 93.08
N PRO E 74 -25.16 -53.13 92.38
CA PRO E 74 -26.23 -53.85 93.07
C PRO E 74 -25.69 -54.93 93.97
N GLU E 75 -26.43 -55.29 95.01
CA GLU E 75 -25.96 -56.32 95.92
C GLU E 75 -25.92 -57.66 95.20
N SER E 76 -26.82 -57.85 94.25
CA SER E 76 -26.69 -58.93 93.28
C SER E 76 -27.41 -58.47 92.03
N GLU E 77 -26.98 -58.97 90.88
CA GLU E 77 -27.54 -58.51 89.63
C GLU E 77 -28.89 -59.17 89.34
N ASN E 78 -29.56 -59.66 90.38
CA ASN E 78 -30.75 -60.45 90.18
C ASN E 78 -32.03 -59.88 90.77
N TYR E 79 -33.15 -60.24 90.17
CA TYR E 79 -34.44 -59.88 90.72
C TYR E 79 -34.84 -60.95 91.72
N ARG E 80 -35.40 -60.54 92.85
CA ARG E 80 -35.79 -61.47 93.89
C ARG E 80 -37.21 -61.20 94.36
N ARG E 81 -38.01 -62.25 94.55
CA ARG E 81 -39.30 -62.12 95.24
C ARG E 81 -39.14 -62.46 96.70
N VAL E 82 -39.13 -61.47 97.57
CA VAL E 82 -38.92 -61.76 98.98
C VAL E 82 -40.17 -61.53 99.79
N VAL E 83 -40.41 -62.41 100.75
CA VAL E 83 -41.58 -62.26 101.59
C VAL E 83 -41.20 -61.80 102.97
N VAL E 84 -41.96 -60.85 103.49
CA VAL E 84 -41.83 -60.45 104.87
C VAL E 84 -43.00 -60.98 105.69
N ASN E 85 -42.71 -61.57 106.85
CA ASN E 85 -43.77 -62.14 107.70
C ASN E 85 -43.42 -62.04 109.16
N ASN E 86 -44.00 -61.08 109.86
CA ASN E 86 -43.76 -60.91 111.28
C ASN E 86 -44.85 -61.54 112.11
N LEU E 87 -44.88 -62.87 112.12
CA LEU E 87 -45.75 -63.56 113.04
C LEU E 87 -45.28 -63.31 114.46
N ASP E 88 -43.98 -63.10 114.62
CA ASP E 88 -43.38 -62.77 115.92
C ASP E 88 -44.12 -61.62 116.58
N LYS E 89 -44.67 -60.70 115.81
CA LYS E 89 -45.26 -59.54 116.42
C LYS E 89 -46.77 -59.57 116.32
N THR E 90 -47.31 -60.22 115.30
CA THR E 90 -48.76 -60.19 115.06
C THR E 90 -49.48 -61.24 115.89
N ALA E 91 -48.78 -62.32 116.20
CA ALA E 91 -49.35 -63.40 116.98
C ALA E 91 -49.56 -62.99 118.44
N VAL E 92 -49.17 -61.77 118.76
CA VAL E 92 -49.22 -61.27 120.13
C VAL E 92 -50.63 -61.06 120.68
N ASN E 93 -51.62 -60.91 119.81
CA ASN E 93 -53.01 -60.64 120.23
C ASN E 93 -53.10 -59.22 120.77
N GLY E 94 -53.82 -58.36 120.08
CA GLY E 94 -53.84 -56.95 120.46
C GLY E 94 -52.78 -56.20 119.69
N ASN E 95 -52.09 -56.94 118.84
CA ASN E 95 -51.05 -56.38 118.01
C ASN E 95 -51.37 -56.44 116.53
N MET E 96 -52.65 -56.45 116.20
CA MET E 96 -53.04 -56.53 114.80
C MET E 96 -52.52 -55.33 114.04
N ALA E 97 -52.57 -54.17 114.68
CA ALA E 97 -52.19 -52.94 114.00
C ALA E 97 -50.72 -52.87 113.62
N LEU E 98 -49.92 -53.82 114.11
CA LEU E 98 -48.49 -53.79 113.85
C LEU E 98 -48.06 -54.70 112.71
N ASP E 99 -48.99 -55.07 111.85
CA ASP E 99 -48.67 -55.99 110.76
C ASP E 99 -47.73 -55.36 109.75
N ASP E 100 -46.71 -56.12 109.38
CA ASP E 100 -45.77 -55.71 108.33
C ASP E 100 -45.73 -56.75 107.22
N THR E 101 -46.65 -57.70 107.24
CA THR E 101 -46.54 -58.85 106.33
C THR E 101 -46.82 -58.40 104.91
N HIS E 102 -45.87 -58.67 104.01
CA HIS E 102 -46.04 -58.35 102.59
C HIS E 102 -45.03 -59.07 101.71
N ALA E 103 -45.25 -58.97 100.40
CA ALA E 103 -44.32 -59.53 99.43
C ALA E 103 -43.82 -58.44 98.52
N GLU E 104 -42.67 -58.69 97.92
CA GLU E 104 -41.87 -57.63 97.34
C GLU E 104 -40.93 -58.15 96.26
N ILE E 105 -40.78 -57.40 95.18
CA ILE E 105 -39.78 -57.76 94.19
C ILE E 105 -38.57 -56.86 94.30
N VAL E 106 -37.41 -57.45 94.56
CA VAL E 106 -36.23 -56.64 94.75
C VAL E 106 -35.41 -56.59 93.46
N THR E 107 -35.19 -55.37 92.99
CA THR E 107 -34.59 -55.14 91.69
C THR E 107 -33.19 -54.63 91.87
N PRO E 108 -32.33 -54.90 90.89
CA PRO E 108 -30.98 -54.38 90.94
C PRO E 108 -30.94 -52.92 90.55
N TRP E 109 -32.10 -52.29 90.41
CA TRP E 109 -32.11 -50.91 89.97
C TRP E 109 -32.31 -49.98 91.14
N SER E 110 -31.81 -48.76 91.00
CA SER E 110 -32.00 -47.72 91.99
C SER E 110 -32.89 -46.64 91.43
N LEU E 111 -33.63 -45.95 92.29
CA LEU E 111 -34.56 -44.94 91.83
C LEU E 111 -34.11 -43.54 92.17
N VAL E 112 -34.10 -42.67 91.16
CA VAL E 112 -33.83 -41.27 91.38
C VAL E 112 -35.14 -40.50 91.46
N ASP E 113 -35.63 -40.31 92.67
CA ASP E 113 -36.90 -39.61 92.90
C ASP E 113 -36.66 -38.22 93.43
N ALA E 114 -37.20 -37.21 92.77
CA ALA E 114 -36.99 -35.86 93.23
C ALA E 114 -38.29 -35.21 93.64
N ASN E 115 -39.27 -36.05 93.95
CA ASN E 115 -40.62 -35.61 94.25
C ASN E 115 -40.79 -35.22 95.70
N ALA E 116 -40.26 -34.06 96.09
CA ALA E 116 -40.49 -33.57 97.44
C ALA E 116 -40.15 -32.11 97.49
N TRP E 117 -40.95 -31.32 98.19
CA TRP E 117 -40.74 -29.89 98.17
C TRP E 117 -39.35 -29.48 98.61
N GLY E 118 -38.75 -30.27 99.48
CA GLY E 118 -37.45 -29.94 100.01
C GLY E 118 -36.32 -30.05 98.99
N VAL E 119 -36.59 -30.71 97.89
CA VAL E 119 -35.59 -30.83 96.84
C VAL E 119 -35.50 -29.54 96.04
N TRP E 120 -36.57 -28.73 96.08
CA TRP E 120 -36.66 -27.62 95.17
C TRP E 120 -36.56 -26.24 95.78
N PHE E 121 -36.97 -26.09 97.02
CA PHE E 121 -36.90 -24.77 97.60
C PHE E 121 -36.17 -24.76 98.91
N ASN E 122 -35.39 -23.72 99.15
CA ASN E 122 -34.88 -23.47 100.48
C ASN E 122 -35.93 -22.64 101.24
N PRO E 123 -35.77 -22.46 102.55
CA PRO E 123 -36.76 -21.68 103.26
C PRO E 123 -37.00 -20.29 102.70
N GLY E 124 -35.94 -19.63 102.31
CA GLY E 124 -36.07 -18.29 101.77
C GLY E 124 -37.03 -18.31 100.62
N ASP E 125 -36.86 -19.28 99.73
CA ASP E 125 -37.78 -19.46 98.62
C ASP E 125 -39.19 -19.69 99.15
N TRP E 126 -39.33 -20.65 100.06
CA TRP E 126 -40.65 -21.03 100.53
C TRP E 126 -41.36 -19.86 101.18
N GLN E 127 -40.60 -19.05 101.91
CA GLN E 127 -41.18 -17.87 102.52
C GLN E 127 -41.85 -17.01 101.50
N LEU E 128 -41.15 -16.74 100.42
CA LEU E 128 -41.64 -15.86 99.38
C LEU E 128 -42.94 -16.36 98.82
N ILE E 129 -42.94 -17.64 98.46
CA ILE E 129 -44.10 -18.28 97.85
C ILE E 129 -45.32 -18.21 98.74
N VAL E 130 -45.18 -18.68 99.96
CA VAL E 130 -46.32 -18.82 100.84
C VAL E 130 -46.92 -17.48 101.30
N ASN E 131 -46.06 -16.49 101.55
CA ASN E 131 -46.54 -15.21 102.07
C ASN E 131 -47.16 -14.29 101.06
N THR E 132 -46.72 -14.39 99.82
CA THR E 132 -47.06 -13.35 98.86
C THR E 132 -48.00 -13.81 97.75
N MET E 133 -48.16 -15.13 97.61
CA MET E 133 -48.95 -15.67 96.51
C MET E 133 -50.13 -16.52 96.92
N SER E 134 -51.19 -16.48 96.11
CA SER E 134 -52.49 -17.04 96.46
C SER E 134 -52.77 -18.46 95.97
N GLU E 135 -52.19 -18.82 94.84
CA GLU E 135 -52.38 -20.16 94.31
C GLU E 135 -51.14 -20.57 93.53
N LEU E 136 -51.11 -21.81 93.05
CA LEU E 136 -49.88 -22.35 92.50
C LEU E 136 -50.18 -23.42 91.45
N HIS E 137 -49.75 -23.22 90.20
CA HIS E 137 -49.97 -24.23 89.16
C HIS E 137 -48.67 -24.89 88.81
N LEU E 138 -48.79 -26.15 88.45
CA LEU E 138 -47.63 -26.94 88.12
C LEU E 138 -47.43 -26.99 86.61
N VAL E 139 -46.35 -26.43 86.09
CA VAL E 139 -46.24 -26.26 84.64
C VAL E 139 -45.40 -27.27 83.86
N SER E 140 -44.13 -27.41 84.24
CA SER E 140 -43.20 -28.22 83.47
C SER E 140 -42.16 -28.90 84.35
N PHE E 141 -41.54 -29.94 83.85
CA PHE E 141 -40.54 -30.64 84.63
C PHE E 141 -39.56 -31.38 83.74
N GLU E 142 -38.29 -31.05 83.86
CA GLU E 142 -37.26 -31.70 83.08
C GLU E 142 -36.05 -31.98 83.92
N GLN E 143 -35.24 -32.92 83.48
CA GLN E 143 -34.06 -33.27 84.23
C GLN E 143 -33.00 -33.84 83.33
N GLU E 144 -31.74 -33.75 83.75
CA GLU E 144 -30.67 -34.38 83.00
C GLU E 144 -29.58 -34.89 83.92
N ILE E 145 -28.75 -35.78 83.39
CA ILE E 145 -27.65 -36.39 84.12
C ILE E 145 -26.33 -36.14 83.43
N PHE E 146 -25.34 -35.62 84.14
CA PHE E 146 -24.08 -35.23 83.50
C PHE E 146 -22.82 -35.43 84.34
N ASN E 147 -21.68 -35.27 83.69
CA ASN E 147 -20.39 -35.50 84.32
C ASN E 147 -20.34 -36.82 85.03
N VAL E 148 -20.66 -37.90 84.33
CA VAL E 148 -20.60 -39.20 84.95
C VAL E 148 -19.16 -39.60 85.23
N VAL E 149 -18.93 -40.24 86.37
CA VAL E 149 -17.61 -40.76 86.72
C VAL E 149 -17.76 -42.16 87.24
N LEU E 150 -16.94 -43.09 86.76
CA LEU E 150 -16.98 -44.42 87.33
C LEU E 150 -15.61 -44.77 87.86
N LYS E 151 -15.56 -45.27 89.10
CA LYS E 151 -14.30 -45.66 89.74
C LYS E 151 -14.41 -47.08 90.27
N THR E 152 -13.31 -47.83 90.19
CA THR E 152 -13.27 -49.17 90.75
C THR E 152 -12.50 -49.14 92.04
N VAL E 153 -12.97 -49.85 93.06
CA VAL E 153 -12.22 -49.89 94.32
C VAL E 153 -11.03 -50.80 94.08
N SER E 154 -11.03 -51.96 94.71
CA SER E 154 -9.98 -52.94 94.48
C SER E 154 -8.64 -52.21 94.69
N GLU E 155 -8.17 -51.92 95.91
CA GLU E 155 -8.39 -52.43 97.28
C GLU E 155 -6.95 -52.84 97.55
N SER E 156 -6.67 -53.36 98.73
CA SER E 156 -5.46 -54.16 98.97
C SER E 156 -4.15 -53.66 98.35
N ALA E 157 -3.64 -52.50 98.77
CA ALA E 157 -2.38 -52.00 98.21
C ALA E 157 -1.76 -50.81 98.95
N THR E 158 -0.74 -50.96 99.79
CA THR E 158 -0.12 -52.18 100.35
C THR E 158 0.54 -51.66 101.62
N GLN E 159 0.58 -52.48 102.67
CA GLN E 159 0.99 -52.06 104.01
C GLN E 159 -0.12 -51.10 104.55
N PRO E 160 -0.43 -51.23 105.85
CA PRO E 160 -1.47 -51.70 106.79
C PRO E 160 -2.89 -52.17 106.38
N PRO E 161 -3.27 -52.36 105.09
CA PRO E 161 -2.76 -52.27 103.71
C PRO E 161 -3.42 -51.14 102.91
N THR E 162 -4.49 -50.57 103.46
CA THR E 162 -5.25 -49.48 102.86
C THR E 162 -5.81 -49.81 101.47
N LYS E 163 -6.80 -49.04 101.03
CA LYS E 163 -7.48 -49.31 99.77
C LYS E 163 -7.34 -48.15 98.80
N VAL E 164 -7.51 -48.40 97.51
CA VAL E 164 -7.23 -47.37 96.51
C VAL E 164 -8.25 -47.37 95.38
N TYR E 165 -8.61 -46.17 94.95
CA TYR E 165 -9.67 -46.03 93.98
C TYR E 165 -9.24 -45.48 92.63
N ASN E 166 -9.40 -46.25 91.56
CA ASN E 166 -9.02 -45.79 90.23
C ASN E 166 -10.19 -45.59 89.29
N ASN E 167 -10.00 -44.72 88.32
CA ASN E 167 -10.98 -44.50 87.27
C ASN E 167 -11.04 -45.64 86.26
N ASP E 168 -12.25 -46.09 85.99
CA ASP E 168 -12.50 -46.97 84.87
C ASP E 168 -13.09 -46.10 83.78
N LEU E 169 -12.29 -45.68 82.83
CA LEU E 169 -12.79 -44.73 81.87
C LEU E 169 -13.87 -45.34 81.01
N THR E 170 -13.63 -46.56 80.58
CA THR E 170 -14.53 -47.25 79.68
C THR E 170 -15.80 -47.84 80.34
N ALA E 171 -15.93 -47.73 81.65
CA ALA E 171 -17.09 -48.28 82.33
C ALA E 171 -18.33 -47.43 82.10
N SER E 172 -19.50 -48.05 82.26
CA SER E 172 -20.76 -47.41 81.91
C SER E 172 -21.73 -47.36 83.06
N LEU E 173 -22.53 -46.30 83.06
CA LEU E 173 -23.64 -46.17 84.00
C LEU E 173 -24.95 -46.36 83.28
N MET E 174 -25.78 -47.28 83.72
CA MET E 174 -27.02 -47.52 82.99
C MET E 174 -28.11 -46.57 83.44
N VAL E 175 -28.74 -45.90 82.49
CA VAL E 175 -29.84 -45.01 82.80
C VAL E 175 -31.01 -45.36 81.96
N ALA E 176 -32.17 -45.39 82.58
CA ALA E 176 -33.38 -45.77 81.92
C ALA E 176 -34.48 -44.86 82.41
N LEU E 177 -35.23 -44.30 81.47
CA LEU E 177 -36.31 -43.42 81.80
C LEU E 177 -37.62 -44.06 81.40
N ASP E 178 -38.49 -44.37 82.35
CA ASP E 178 -39.78 -45.02 82.05
C ASP E 178 -40.87 -44.01 81.71
N SER E 179 -40.77 -43.38 80.55
CA SER E 179 -41.65 -42.26 80.22
C SER E 179 -43.07 -42.71 79.88
N ASN E 180 -43.22 -43.99 79.61
CA ASN E 180 -44.55 -44.49 79.35
C ASN E 180 -45.29 -44.89 80.62
N ASN E 181 -44.66 -44.70 81.77
CA ASN E 181 -45.21 -45.17 83.04
C ASN E 181 -45.67 -46.60 82.98
N THR E 182 -44.80 -47.45 82.47
CA THR E 182 -45.06 -48.88 82.36
C THR E 182 -45.06 -49.55 83.70
N MET E 183 -44.33 -48.97 84.65
CA MET E 183 -43.98 -49.65 85.89
C MET E 183 -44.56 -49.05 87.14
N PRO E 184 -44.70 -49.85 88.20
CA PRO E 184 -45.46 -49.42 89.37
C PRO E 184 -44.95 -48.12 89.91
N PHE E 185 -45.88 -47.26 90.30
CA PHE E 185 -45.49 -45.95 90.77
C PHE E 185 -45.03 -46.03 92.21
N THR E 186 -43.81 -45.61 92.48
CA THR E 186 -43.28 -45.65 93.85
C THR E 186 -42.71 -44.32 94.26
N PRO E 187 -43.58 -43.39 94.69
CA PRO E 187 -43.10 -42.11 95.17
C PRO E 187 -42.30 -42.32 96.44
N ALA E 188 -41.07 -41.83 96.48
CA ALA E 188 -40.24 -42.16 97.61
C ALA E 188 -40.50 -41.27 98.82
N ALA E 189 -41.28 -40.21 98.64
CA ALA E 189 -41.46 -39.27 99.74
C ALA E 189 -42.10 -39.94 100.92
N MET E 190 -42.81 -41.03 100.66
CA MET E 190 -43.55 -41.75 101.68
C MET E 190 -42.65 -42.48 102.65
N ARG E 191 -41.40 -42.66 102.25
CA ARG E 191 -40.45 -43.41 103.04
C ARG E 191 -39.23 -42.54 103.35
N SER E 192 -39.39 -41.24 103.12
CA SER E 192 -38.34 -40.22 103.23
C SER E 192 -37.05 -40.68 102.57
N GLU E 193 -37.18 -41.11 101.31
CA GLU E 193 -36.07 -41.69 100.58
C GLU E 193 -35.92 -40.97 99.23
N THR E 194 -36.13 -39.66 99.24
CA THR E 194 -35.92 -38.85 98.06
C THR E 194 -34.49 -38.35 98.03
N LEU E 195 -34.20 -37.44 97.11
CA LEU E 195 -32.86 -36.88 97.06
C LEU E 195 -32.67 -35.90 98.22
N GLY E 196 -31.43 -35.57 98.50
CA GLY E 196 -31.09 -34.69 99.60
C GLY E 196 -31.66 -33.30 99.45
N PHE E 197 -31.85 -32.60 100.55
CA PHE E 197 -32.41 -31.25 100.53
C PHE E 197 -31.33 -30.16 100.58
N TYR E 198 -30.07 -30.58 100.60
CA TYR E 198 -29.00 -29.62 100.66
C TYR E 198 -28.22 -29.74 99.39
N PRO E 199 -28.04 -28.60 98.71
CA PRO E 199 -27.31 -28.47 97.46
C PRO E 199 -25.85 -28.82 97.58
N TRP E 200 -25.24 -28.46 98.69
CA TRP E 200 -23.81 -28.67 98.81
C TRP E 200 -23.52 -29.99 99.47
N LYS E 201 -24.56 -30.72 99.82
CA LYS E 201 -24.36 -32.03 100.39
C LYS E 201 -24.80 -33.10 99.41
N PRO E 202 -23.87 -33.99 99.05
CA PRO E 202 -24.14 -35.10 98.14
C PRO E 202 -25.25 -36.01 98.61
N THR E 203 -25.70 -36.88 97.72
CA THR E 203 -26.84 -37.71 98.01
C THR E 203 -26.80 -39.03 97.26
N ILE E 204 -27.86 -39.80 97.40
CA ILE E 204 -27.92 -41.10 96.80
C ILE E 204 -29.31 -41.40 96.33
N PRO E 205 -29.44 -42.27 95.33
CA PRO E 205 -30.76 -42.77 94.96
C PRO E 205 -31.18 -43.84 95.96
N THR E 206 -32.34 -44.47 95.78
CA THR E 206 -32.76 -45.56 96.66
C THR E 206 -33.06 -46.81 95.89
N PRO E 207 -32.74 -47.95 96.48
CA PRO E 207 -32.89 -49.23 95.79
C PRO E 207 -34.34 -49.43 95.42
N TRP E 208 -34.59 -49.77 94.16
CA TRP E 208 -35.97 -49.89 93.74
C TRP E 208 -36.57 -51.25 94.07
N ARG E 209 -37.85 -51.20 94.40
CA ARG E 209 -38.59 -52.37 94.82
C ARG E 209 -40.07 -52.08 94.65
N TYR E 210 -40.86 -53.11 94.41
CA TYR E 210 -42.27 -52.87 94.22
C TYR E 210 -43.07 -54.00 94.78
N TYR E 211 -44.35 -53.72 95.02
CA TYR E 211 -45.23 -54.69 95.63
C TYR E 211 -45.58 -55.83 94.68
N PHE E 212 -45.51 -57.04 95.22
CA PHE E 212 -45.85 -58.25 94.51
C PHE E 212 -47.06 -58.81 95.23
N GLN E 213 -48.00 -59.41 94.51
CA GLN E 213 -49.26 -59.75 95.14
C GLN E 213 -49.13 -60.84 96.18
N TRP E 214 -49.93 -60.73 97.24
CA TRP E 214 -50.00 -61.77 98.26
C TRP E 214 -51.37 -61.75 98.92
N ASP E 215 -51.92 -62.94 99.15
CA ASP E 215 -53.14 -63.15 99.96
C ASP E 215 -52.80 -63.33 101.44
N ARG E 216 -53.71 -62.91 102.32
CA ARG E 216 -53.37 -62.79 103.73
C ARG E 216 -54.58 -62.55 104.60
N THR E 217 -54.72 -63.35 105.65
CA THR E 217 -55.81 -63.17 106.57
C THR E 217 -55.24 -62.93 107.95
N LEU E 218 -55.84 -61.99 108.67
CA LEU E 218 -55.42 -61.72 110.03
C LEU E 218 -56.62 -61.27 110.83
N ILE E 219 -57.06 -62.11 111.78
CA ILE E 219 -58.20 -61.78 112.61
C ILE E 219 -57.85 -60.96 113.83
N PRO E 220 -58.55 -59.86 114.05
CA PRO E 220 -58.24 -59.02 115.20
C PRO E 220 -58.56 -59.68 116.53
N SER E 221 -58.02 -59.11 117.60
CA SER E 221 -58.07 -59.70 118.93
C SER E 221 -57.62 -58.69 119.97
N HIS E 222 -57.73 -59.05 121.24
CA HIS E 222 -57.22 -58.20 122.31
C HIS E 222 -56.41 -59.04 123.27
N THR E 223 -55.87 -58.40 124.29
CA THR E 223 -55.00 -59.08 125.26
C THR E 223 -55.73 -60.21 125.97
N GLY E 224 -56.99 -59.96 126.30
CA GLY E 224 -57.80 -60.93 127.00
C GLY E 224 -58.13 -62.18 126.20
N THR E 225 -58.22 -62.05 124.88
CA THR E 225 -58.66 -63.14 123.99
C THR E 225 -57.87 -64.44 124.14
N SER E 226 -58.62 -65.52 124.34
CA SER E 226 -58.10 -66.89 124.35
C SER E 226 -57.69 -67.39 122.99
N GLY E 227 -57.19 -68.62 122.96
CA GLY E 227 -56.63 -69.22 121.76
C GLY E 227 -55.71 -68.37 120.92
N THR E 228 -55.40 -68.89 119.75
CA THR E 228 -54.58 -68.18 118.78
C THR E 228 -55.50 -67.87 117.60
N PRO E 229 -55.85 -66.58 117.47
CA PRO E 229 -56.71 -66.09 116.40
C PRO E 229 -56.00 -66.26 115.07
N THR E 230 -56.70 -66.72 114.03
CA THR E 230 -56.04 -67.12 112.79
C THR E 230 -55.22 -65.98 112.16
N ASN E 231 -53.99 -66.31 111.78
CA ASN E 231 -53.01 -65.33 111.31
C ASN E 231 -52.08 -65.94 110.27
N ILE E 232 -52.52 -66.01 109.03
CA ILE E 232 -51.77 -66.77 108.04
C ILE E 232 -51.48 -66.00 106.74
N TYR E 233 -50.37 -66.36 106.11
CA TYR E 233 -50.02 -65.86 104.80
C TYR E 233 -50.27 -67.03 103.88
N HIS E 234 -51.38 -66.97 103.16
CA HIS E 234 -51.84 -68.11 102.37
C HIS E 234 -50.99 -68.32 101.13
N GLY E 235 -50.58 -67.21 100.52
CA GLY E 235 -49.76 -67.24 99.31
C GLY E 235 -50.04 -66.21 98.23
N THR E 236 -50.15 -66.64 96.97
CA THR E 236 -50.23 -65.69 95.86
C THR E 236 -51.25 -66.02 94.75
N ASP E 237 -52.23 -65.14 94.57
CA ASP E 237 -53.29 -65.30 93.57
C ASP E 237 -52.72 -65.27 92.17
N PRO E 238 -52.66 -66.42 91.50
CA PRO E 238 -51.99 -66.48 90.21
C PRO E 238 -52.62 -65.54 89.18
N ASP E 239 -53.89 -65.22 89.34
CA ASP E 239 -54.58 -64.35 88.40
C ASP E 239 -54.12 -62.91 88.55
N ASP E 240 -53.34 -62.65 89.59
CA ASP E 240 -52.94 -61.30 89.93
C ASP E 240 -51.42 -61.10 89.89
N VAL E 241 -50.70 -62.00 89.26
CA VAL E 241 -49.25 -61.93 89.30
C VAL E 241 -48.67 -60.98 88.27
N GLN E 242 -47.91 -59.96 88.70
CA GLN E 242 -47.19 -59.09 87.76
C GLN E 242 -45.71 -58.89 88.10
N PHE E 243 -44.84 -59.55 87.36
CA PHE E 243 -43.38 -59.43 87.50
C PHE E 243 -42.78 -58.52 86.43
N TYR E 244 -42.35 -57.34 86.84
CA TYR E 244 -41.82 -56.33 85.94
C TYR E 244 -40.30 -56.31 85.93
N THR E 245 -39.70 -56.03 84.78
CA THR E 245 -38.27 -55.75 84.71
C THR E 245 -38.01 -54.46 83.91
N ILE E 246 -37.01 -53.71 84.32
CA ILE E 246 -36.56 -52.55 83.57
C ILE E 246 -36.15 -52.92 82.19
N GLU E 247 -35.41 -54.01 82.09
CA GLU E 247 -34.81 -54.42 80.84
C GLU E 247 -35.83 -54.65 79.73
N ASN E 248 -36.95 -55.30 80.05
CA ASN E 248 -37.97 -55.63 79.05
C ASN E 248 -39.02 -54.57 78.80
N SER E 249 -38.99 -53.50 79.55
CA SER E 249 -40.05 -52.54 79.44
C SER E 249 -39.50 -51.19 78.93
N VAL E 250 -38.27 -50.89 79.26
CA VAL E 250 -37.70 -49.55 79.06
C VAL E 250 -36.40 -49.54 78.27
N PRO E 251 -36.24 -48.54 77.38
CA PRO E 251 -34.95 -48.40 76.71
C PRO E 251 -33.89 -47.94 77.68
N VAL E 252 -32.76 -48.63 77.66
CA VAL E 252 -31.68 -48.35 78.59
C VAL E 252 -30.51 -47.64 77.96
N HIS E 253 -30.06 -46.55 78.57
CA HIS E 253 -28.92 -45.82 78.06
C HIS E 253 -27.65 -46.16 78.77
N LEU E 254 -26.60 -46.42 78.02
CA LEU E 254 -25.29 -46.59 78.63
C LEU E 254 -24.52 -45.27 78.61
N LEU E 255 -24.21 -44.74 79.78
CA LEU E 255 -23.43 -43.52 79.86
C LEU E 255 -22.01 -43.79 80.36
N ARG E 256 -21.02 -43.46 79.55
CA ARG E 256 -19.63 -43.43 80.02
C ARG E 256 -19.38 -42.00 80.49
N THR E 257 -18.14 -41.66 80.83
CA THR E 257 -17.83 -40.37 81.41
C THR E 257 -18.31 -39.19 80.59
N GLY E 258 -17.99 -39.23 79.31
CA GLY E 258 -18.26 -38.12 78.42
C GLY E 258 -19.68 -38.08 77.88
N ASP E 259 -20.51 -39.03 78.28
CA ASP E 259 -21.89 -39.05 77.82
C ASP E 259 -22.77 -38.30 78.80
N GLU E 260 -23.95 -37.93 78.32
CA GLU E 260 -24.93 -37.22 79.11
C GLU E 260 -26.30 -37.67 78.70
N PHE E 261 -27.26 -37.55 79.59
CA PHE E 261 -28.62 -37.90 79.25
C PHE E 261 -29.61 -36.89 79.73
N ALA E 262 -30.46 -36.40 78.83
CA ALA E 262 -31.48 -35.43 79.23
C ALA E 262 -32.85 -35.87 78.80
N THR E 263 -33.84 -35.58 79.64
CA THR E 263 -35.21 -35.91 79.30
C THR E 263 -35.75 -34.73 78.58
N GLY E 264 -36.96 -34.85 78.06
CA GLY E 264 -37.59 -33.74 77.39
C GLY E 264 -38.07 -32.73 78.40
N THR E 265 -38.98 -31.86 77.99
CA THR E 265 -39.69 -31.05 78.94
C THR E 265 -41.09 -31.62 79.09
N PHE E 266 -41.45 -32.07 80.27
CA PHE E 266 -42.79 -32.62 80.51
C PHE E 266 -43.75 -31.53 80.95
N PHE E 267 -44.91 -31.43 80.32
CA PHE E 267 -45.88 -30.40 80.69
C PHE E 267 -47.03 -30.94 81.48
N PHE E 268 -47.31 -30.35 82.62
CA PHE E 268 -48.35 -30.90 83.47
C PHE E 268 -49.69 -30.42 83.02
N ASP E 269 -50.71 -31.03 83.60
CA ASP E 269 -52.04 -30.48 83.55
C ASP E 269 -52.79 -30.87 84.81
N CYS E 270 -53.03 -29.89 85.67
CA CYS E 270 -53.76 -30.12 86.92
C CYS E 270 -54.51 -28.89 87.35
N LYS E 271 -55.23 -29.04 88.46
CA LYS E 271 -55.91 -27.93 89.10
C LYS E 271 -54.89 -27.10 89.83
N PRO E 272 -55.28 -25.90 90.24
CA PRO E 272 -54.43 -25.07 91.10
C PRO E 272 -54.37 -25.56 92.53
N CYS E 273 -53.23 -25.36 93.19
CA CYS E 273 -53.18 -25.56 94.62
C CYS E 273 -53.25 -24.20 95.28
N ARG E 274 -54.06 -24.04 96.31
CA ARG E 274 -54.27 -22.73 96.90
C ARG E 274 -53.44 -22.51 98.16
N LEU E 275 -52.99 -21.28 98.37
CA LEU E 275 -52.14 -20.97 99.49
C LEU E 275 -52.84 -20.08 100.49
N THR E 276 -54.14 -20.34 100.62
CA THR E 276 -54.96 -19.70 101.62
C THR E 276 -55.80 -20.75 102.29
N HIS E 277 -56.01 -20.59 103.58
CA HIS E 277 -56.83 -21.52 104.35
C HIS E 277 -58.19 -20.90 104.65
N THR E 278 -59.20 -21.75 104.74
CA THR E 278 -60.55 -21.31 105.07
C THR E 278 -60.78 -21.51 106.55
N TRP E 279 -61.44 -20.56 107.18
CA TRP E 279 -61.53 -20.61 108.62
C TRP E 279 -62.90 -20.91 109.11
N GLN E 280 -63.88 -20.84 108.22
CA GLN E 280 -65.27 -20.93 108.60
C GLN E 280 -65.69 -22.36 108.67
N THR E 281 -66.35 -22.69 109.77
CA THR E 281 -67.08 -23.93 109.91
C THR E 281 -68.54 -23.57 109.76
N ASN E 282 -69.40 -24.58 109.80
CA ASN E 282 -70.81 -24.33 109.60
C ASN E 282 -71.33 -23.18 110.43
N ARG E 283 -70.73 -23.00 111.60
CA ARG E 283 -71.29 -22.11 112.59
C ARG E 283 -71.11 -20.68 112.19
N ALA E 284 -70.39 -20.46 111.10
CA ALA E 284 -70.15 -19.11 110.62
C ALA E 284 -70.34 -18.99 109.12
N LEU E 285 -71.45 -19.51 108.61
CA LEU E 285 -71.74 -19.36 107.20
C LEU E 285 -72.97 -18.52 107.07
N GLY E 286 -72.82 -17.30 106.58
CA GLY E 286 -73.98 -16.50 106.23
C GLY E 286 -74.30 -15.36 107.15
N LEU E 287 -75.58 -15.01 107.20
CA LEU E 287 -76.05 -13.84 107.95
C LEU E 287 -76.22 -14.15 109.42
N PRO E 288 -75.42 -13.50 110.27
CA PRO E 288 -75.53 -13.62 111.72
C PRO E 288 -76.82 -13.00 112.20
N PRO E 289 -77.36 -13.50 113.31
CA PRO E 289 -78.64 -13.08 113.84
C PRO E 289 -78.58 -11.70 114.42
N PHE E 290 -79.62 -10.91 114.18
CA PHE E 290 -79.61 -9.50 114.54
C PHE E 290 -79.61 -9.29 116.03
N LEU E 291 -78.70 -8.46 116.52
CA LEU E 291 -78.63 -8.18 117.94
C LEU E 291 -79.47 -6.96 118.34
N ASN E 292 -80.51 -7.15 119.15
CA ASN E 292 -81.34 -6.02 119.55
C ASN E 292 -80.83 -5.27 120.74
N SER E 293 -79.80 -5.83 121.39
CA SER E 293 -79.14 -5.15 122.49
C SER E 293 -77.63 -5.22 122.40
N LEU E 294 -77.03 -4.08 122.06
CA LEU E 294 -75.60 -3.98 121.97
C LEU E 294 -75.04 -3.50 123.30
N PRO E 295 -73.87 -4.01 123.68
CA PRO E 295 -73.17 -3.65 124.91
C PRO E 295 -72.86 -2.19 124.87
N GLN E 296 -72.68 -1.55 126.02
CA GLN E 296 -72.43 -0.12 125.95
C GLN E 296 -71.20 0.29 126.75
N SER E 297 -70.39 -0.69 127.14
CA SER E 297 -69.09 -0.41 127.71
C SER E 297 -68.10 -1.48 127.26
N GLU E 298 -66.82 -1.13 127.11
CA GLU E 298 -65.84 -2.10 126.64
C GLU E 298 -65.63 -3.14 127.71
N GLY E 299 -65.01 -4.25 127.35
CA GLY E 299 -64.72 -5.27 128.34
C GLY E 299 -64.84 -6.69 127.88
N GLY E 300 -64.65 -7.60 128.82
CA GLY E 300 -64.42 -8.99 128.50
C GLY E 300 -65.60 -9.89 128.74
N THR E 301 -66.63 -9.36 129.39
CA THR E 301 -67.83 -10.15 129.62
C THR E 301 -69.03 -9.31 129.27
N ASN E 302 -68.77 -8.17 128.63
CA ASN E 302 -69.83 -7.31 128.15
C ASN E 302 -70.41 -7.82 126.86
N PHE E 303 -71.10 -8.93 126.93
CA PHE E 303 -71.62 -9.58 125.73
C PHE E 303 -72.79 -8.83 125.14
N GLY E 304 -73.11 -9.15 123.90
CA GLY E 304 -74.31 -8.65 123.27
C GLY E 304 -75.36 -9.73 123.30
N TYR E 305 -76.61 -9.31 123.16
CA TYR E 305 -77.74 -10.23 123.25
C TYR E 305 -78.67 -10.10 122.06
N ILE E 306 -79.06 -11.24 121.49
CA ILE E 306 -80.03 -11.28 120.39
C ILE E 306 -81.36 -10.58 120.75
N GLY E 307 -81.93 -10.97 121.88
CA GLY E 307 -83.09 -10.29 122.40
C GLY E 307 -84.42 -10.76 121.87
N VAL E 308 -84.47 -12.01 121.42
CA VAL E 308 -85.73 -12.63 121.04
C VAL E 308 -85.79 -14.05 121.54
N GLN E 309 -86.95 -14.45 122.06
CA GLN E 309 -87.13 -15.78 122.58
C GLN E 309 -86.73 -16.82 121.55
N GLN E 310 -85.96 -17.82 121.96
CA GLN E 310 -85.45 -18.82 121.03
C GLN E 310 -86.56 -19.56 120.28
N ASP E 311 -87.77 -19.50 120.79
CA ASP E 311 -88.88 -20.17 120.15
C ASP E 311 -89.81 -19.17 119.46
N LYS E 312 -89.48 -17.89 119.53
CA LYS E 312 -90.31 -16.87 118.91
C LYS E 312 -89.49 -16.17 117.83
N ARG E 313 -88.49 -16.87 117.29
CA ARG E 313 -87.59 -16.30 116.31
C ARG E 313 -87.95 -16.67 114.88
N ARG E 314 -87.55 -15.81 113.94
CA ARG E 314 -87.76 -16.03 112.51
C ARG E 314 -86.50 -16.59 111.82
N GLY E 315 -86.72 -17.45 110.83
CA GLY E 315 -85.62 -18.07 110.09
C GLY E 315 -85.96 -19.47 109.63
N VAL E 316 -84.97 -20.18 109.11
CA VAL E 316 -85.21 -21.49 108.53
C VAL E 316 -84.40 -22.58 109.16
N THR E 317 -85.03 -23.68 109.53
CA THR E 317 -84.28 -24.79 110.10
C THR E 317 -84.69 -26.06 109.42
N GLN E 318 -83.95 -27.12 109.66
CA GLN E 318 -84.28 -28.43 109.13
C GLN E 318 -84.83 -29.33 110.23
N MET E 319 -85.47 -28.71 111.21
CA MET E 319 -86.10 -29.44 112.29
C MET E 319 -87.60 -29.25 112.25
N GLY E 320 -88.29 -30.19 111.63
CA GLY E 320 -89.74 -30.07 111.50
C GLY E 320 -90.51 -29.96 112.80
N ASN E 321 -89.92 -30.44 113.90
CA ASN E 321 -90.59 -30.41 115.19
C ASN E 321 -90.61 -29.04 115.81
N THR E 322 -89.48 -28.62 116.37
CA THR E 322 -89.47 -27.43 117.23
C THR E 322 -89.51 -26.11 116.51
N ASN E 323 -89.84 -25.08 117.28
CA ASN E 323 -89.80 -23.71 116.80
C ASN E 323 -88.57 -22.99 117.32
N TYR E 324 -87.66 -23.77 117.89
CA TYR E 324 -86.39 -23.22 118.37
C TYR E 324 -85.49 -22.90 117.19
N ILE E 325 -85.04 -21.66 117.11
CA ILE E 325 -84.11 -21.27 116.06
C ILE E 325 -82.85 -20.71 116.67
N THR E 326 -81.86 -21.58 116.78
CA THR E 326 -80.61 -21.24 117.39
C THR E 326 -79.46 -21.47 116.45
N GLU E 327 -78.30 -20.90 116.80
CA GLU E 327 -77.12 -21.01 115.98
C GLU E 327 -76.68 -22.42 115.64
N ALA E 328 -76.93 -23.38 116.51
CA ALA E 328 -76.55 -24.74 116.20
C ALA E 328 -77.66 -25.41 115.43
N THR E 329 -78.78 -24.71 115.32
CA THR E 329 -79.98 -25.28 114.72
C THR E 329 -80.29 -24.68 113.36
N ILE E 330 -80.16 -23.37 113.26
CA ILE E 330 -80.46 -22.63 112.05
C ILE E 330 -79.80 -23.26 110.83
N MET E 331 -80.52 -23.31 109.73
CA MET E 331 -80.00 -23.92 108.51
C MET E 331 -78.72 -23.26 107.99
N ARG E 332 -77.87 -24.06 107.37
CA ARG E 332 -76.70 -23.59 106.65
C ARG E 332 -76.79 -24.16 105.24
N PRO E 333 -76.18 -23.50 104.25
CA PRO E 333 -76.34 -23.97 102.88
C PRO E 333 -75.86 -25.40 102.63
N ALA E 334 -74.81 -25.85 103.30
CA ALA E 334 -74.33 -27.24 103.16
C ALA E 334 -73.52 -27.64 104.38
N GLU E 335 -72.61 -28.59 104.22
CA GLU E 335 -71.81 -28.95 105.38
C GLU E 335 -70.33 -28.89 105.10
N VAL E 336 -69.61 -28.12 105.90
CA VAL E 336 -68.18 -27.99 105.73
C VAL E 336 -67.47 -29.07 106.48
N GLY E 337 -66.79 -29.94 105.76
CA GLY E 337 -66.10 -31.06 106.39
C GLY E 337 -66.99 -32.27 106.57
N TYR E 338 -66.43 -33.31 107.16
CA TYR E 338 -67.16 -34.53 107.40
C TYR E 338 -66.57 -35.31 108.58
N SER E 339 -67.38 -36.18 109.18
CA SER E 339 -66.91 -37.05 110.26
C SER E 339 -66.50 -38.39 109.71
N ALA E 340 -65.40 -38.92 110.21
CA ALA E 340 -64.90 -40.18 109.71
C ALA E 340 -64.57 -41.10 110.85
N PRO E 341 -64.57 -42.39 110.58
CA PRO E 341 -64.16 -43.41 111.53
C PRO E 341 -62.68 -43.33 111.92
N TYR E 342 -62.40 -43.57 113.18
CA TYR E 342 -61.05 -43.44 113.70
C TYR E 342 -60.91 -44.15 115.03
N TYR E 343 -59.84 -44.92 115.25
CA TYR E 343 -58.88 -45.35 114.25
C TYR E 343 -59.44 -46.55 113.50
N SER E 344 -60.05 -46.32 112.34
CA SER E 344 -60.69 -47.43 111.67
C SER E 344 -59.68 -48.23 110.90
N PHE E 345 -59.72 -49.54 111.07
CA PHE E 345 -58.94 -50.40 110.20
C PHE E 345 -59.89 -51.29 109.40
N GLU E 346 -59.61 -51.41 108.12
CA GLU E 346 -60.43 -52.22 107.22
C GLU E 346 -59.54 -53.26 106.63
N ALA E 347 -60.12 -54.31 106.09
CA ALA E 347 -59.27 -55.40 105.62
C ALA E 347 -59.71 -55.93 104.28
N SER E 348 -58.74 -56.19 103.41
CA SER E 348 -59.04 -56.79 102.14
C SER E 348 -57.97 -57.79 101.79
N THR E 349 -58.24 -58.53 100.73
CA THR E 349 -57.34 -59.54 100.17
C THR E 349 -55.94 -59.67 100.78
N GLN E 350 -55.32 -58.56 101.09
CA GLN E 350 -53.91 -58.57 101.48
C GLN E 350 -53.68 -58.10 102.88
N GLY E 351 -54.75 -57.98 103.64
CA GLY E 351 -54.60 -57.65 105.04
C GLY E 351 -55.24 -56.34 105.41
N PRO E 352 -55.06 -55.94 106.66
CA PRO E 352 -55.65 -54.74 107.24
C PRO E 352 -54.85 -53.47 106.97
N PHE E 353 -55.55 -52.34 107.01
CA PHE E 353 -54.94 -51.06 106.76
C PHE E 353 -55.79 -49.96 107.39
N LYS E 354 -55.16 -48.87 107.78
CA LYS E 354 -55.92 -47.78 108.38
C LYS E 354 -56.81 -47.12 107.33
N THR E 355 -57.97 -46.67 107.78
CA THR E 355 -58.86 -45.91 106.95
C THR E 355 -58.36 -44.48 106.99
N PRO E 356 -57.97 -43.94 105.84
CA PRO E 356 -57.38 -42.59 105.76
C PRO E 356 -58.40 -41.46 105.84
N ILE E 357 -57.98 -40.31 106.37
CA ILE E 357 -58.91 -39.21 106.61
C ILE E 357 -58.50 -37.95 105.87
N ALA E 358 -59.50 -37.17 105.44
CA ALA E 358 -59.21 -36.04 104.60
C ALA E 358 -58.95 -34.76 105.36
N ALA E 359 -59.93 -34.28 106.11
CA ALA E 359 -59.91 -32.88 106.52
C ALA E 359 -58.84 -32.50 107.55
N GLY E 360 -59.21 -31.59 108.44
CA GLY E 360 -58.35 -31.14 109.53
C GLY E 360 -58.00 -29.73 109.16
N ARG E 361 -57.86 -28.79 110.11
CA ARG E 361 -57.96 -28.92 111.57
C ARG E 361 -59.39 -28.71 112.10
N GLY E 362 -59.74 -29.33 113.22
CA GLY E 362 -61.09 -29.17 113.74
C GLY E 362 -61.38 -28.66 115.15
N GLY E 363 -60.43 -28.84 116.06
CA GLY E 363 -60.60 -28.44 117.45
C GLY E 363 -60.25 -26.99 117.71
N ALA E 364 -60.58 -26.50 118.89
CA ALA E 364 -60.30 -25.11 119.27
C ALA E 364 -58.86 -24.96 119.73
N GLN E 365 -58.66 -24.13 120.74
CA GLN E 365 -57.33 -23.82 121.25
C GLN E 365 -56.57 -25.07 121.70
N THR E 366 -55.50 -25.40 120.96
CA THR E 366 -54.44 -26.30 121.43
C THR E 366 -54.92 -27.72 121.82
N ASP E 367 -55.97 -28.22 121.17
CA ASP E 367 -56.48 -29.59 121.43
C ASP E 367 -57.23 -30.12 120.20
N GLU E 368 -56.63 -31.04 119.45
CA GLU E 368 -57.18 -31.35 118.12
C GLU E 368 -57.50 -32.81 117.71
N ASN E 369 -57.32 -33.80 118.57
CA ASN E 369 -57.64 -35.17 118.15
C ASN E 369 -56.96 -35.51 116.82
N GLN E 370 -55.65 -35.57 116.84
CA GLN E 370 -54.88 -35.71 115.61
C GLN E 370 -55.21 -36.97 114.79
N ALA E 371 -56.24 -37.71 115.19
CA ALA E 371 -56.62 -38.93 114.48
C ALA E 371 -58.01 -38.86 113.89
N ALA E 372 -58.92 -38.21 114.61
CA ALA E 372 -60.26 -38.03 114.09
C ALA E 372 -60.17 -37.10 112.91
N ASP E 373 -59.17 -36.23 112.94
CA ASP E 373 -58.93 -35.28 111.88
C ASP E 373 -57.86 -35.73 110.92
N GLY E 374 -57.20 -36.83 111.23
CA GLY E 374 -56.25 -37.40 110.31
C GLY E 374 -55.11 -36.50 109.92
N ASP E 375 -54.53 -35.84 110.91
CA ASP E 375 -53.39 -34.98 110.71
C ASP E 375 -52.17 -35.86 110.44
N PRO E 376 -51.39 -35.56 109.39
CA PRO E 376 -50.31 -36.45 108.94
C PRO E 376 -49.04 -36.30 109.78
N ARG E 377 -48.25 -37.37 109.88
CA ARG E 377 -47.08 -37.37 110.76
C ARG E 377 -45.82 -37.85 110.03
N TYR E 378 -44.82 -37.00 110.04
CA TYR E 378 -43.66 -37.19 109.19
C TYR E 378 -42.40 -37.58 109.94
N ALA E 379 -41.72 -38.60 109.45
CA ALA E 379 -40.47 -39.06 110.05
C ALA E 379 -39.36 -39.10 109.01
N PHE E 380 -38.21 -38.53 109.34
CA PHE E 380 -37.21 -38.30 108.32
C PHE E 380 -35.81 -38.22 108.88
N GLY E 381 -34.78 -38.27 108.03
CA GLY E 381 -33.43 -38.38 108.53
C GLY E 381 -32.28 -37.62 107.90
N ARG E 382 -31.64 -36.79 108.73
CA ARG E 382 -30.45 -36.02 108.39
C ARG E 382 -30.38 -35.47 106.97
N GLN E 383 -30.43 -36.36 105.99
CA GLN E 383 -30.51 -35.92 104.60
C GLN E 383 -31.73 -35.04 104.33
N HIS E 384 -32.81 -35.21 105.08
CA HIS E 384 -34.05 -34.52 104.80
C HIS E 384 -34.56 -33.66 105.95
N GLY E 385 -33.69 -33.07 106.75
CA GLY E 385 -34.19 -32.13 107.73
C GLY E 385 -33.67 -32.28 109.13
N GLN E 386 -33.48 -33.52 109.57
CA GLN E 386 -32.93 -33.78 110.89
C GLN E 386 -31.54 -33.19 110.97
N LYS E 387 -31.14 -32.74 112.17
CA LYS E 387 -29.85 -32.10 112.40
C LYS E 387 -28.75 -33.04 111.93
N THR E 388 -27.87 -32.58 111.06
CA THR E 388 -26.94 -33.49 110.41
C THR E 388 -25.85 -33.96 111.36
N THR E 389 -25.73 -33.29 112.49
CA THR E 389 -24.77 -33.63 113.53
C THR E 389 -25.26 -34.71 114.48
N THR E 390 -26.56 -34.93 114.50
CA THR E 390 -27.18 -35.92 115.37
C THR E 390 -26.81 -37.35 115.06
N THR E 391 -26.16 -38.01 116.01
CA THR E 391 -25.90 -39.43 115.91
C THR E 391 -27.06 -40.25 116.46
N GLY E 392 -27.07 -41.54 116.15
CA GLY E 392 -28.13 -42.42 116.61
C GLY E 392 -29.14 -42.65 115.51
N GLU E 393 -29.84 -43.78 115.54
CA GLU E 393 -30.78 -44.10 114.47
C GLU E 393 -32.21 -43.58 114.70
N THR E 394 -32.44 -42.77 115.73
CA THR E 394 -33.79 -42.26 115.97
C THR E 394 -34.07 -41.06 115.09
N PRO E 395 -35.12 -41.13 114.27
CA PRO E 395 -35.47 -40.11 113.29
C PRO E 395 -36.14 -38.91 113.90
N GLU E 396 -36.09 -37.76 113.24
CA GLU E 396 -36.81 -36.59 113.70
C GLU E 396 -38.21 -36.65 113.12
N ARG E 397 -39.18 -36.12 113.85
CA ARG E 397 -40.59 -36.25 113.49
C ARG E 397 -41.39 -34.99 113.77
N PHE E 398 -42.55 -34.90 113.15
CA PHE E 398 -43.50 -33.85 113.47
C PHE E 398 -44.86 -34.22 112.95
N THR E 399 -45.87 -33.55 113.46
CA THR E 399 -47.23 -33.75 112.99
C THR E 399 -47.79 -32.48 112.37
N TYR E 400 -48.13 -32.53 111.08
CA TYR E 400 -48.59 -31.32 110.43
C TYR E 400 -50.02 -31.06 110.83
N ILE E 401 -50.25 -29.97 111.53
CA ILE E 401 -51.60 -29.53 111.81
C ILE E 401 -51.98 -28.37 110.96
N ALA E 402 -52.88 -28.59 110.02
CA ALA E 402 -53.21 -27.56 109.05
C ALA E 402 -53.84 -26.34 109.69
N HIS E 403 -53.85 -25.24 108.96
CA HIS E 403 -54.47 -24.01 109.44
C HIS E 403 -55.92 -23.95 109.11
N GLN E 404 -56.31 -24.67 108.07
CA GLN E 404 -57.68 -24.60 107.58
C GLN E 404 -58.62 -25.33 108.49
N ASP E 405 -59.47 -24.59 109.21
CA ASP E 405 -60.38 -25.16 110.18
C ASP E 405 -61.58 -25.86 109.47
N THR E 406 -61.39 -27.12 109.09
CA THR E 406 -62.43 -27.88 108.42
C THR E 406 -62.61 -29.26 109.00
N GLY E 407 -62.04 -29.52 110.17
CA GLY E 407 -62.12 -30.83 110.79
C GLY E 407 -63.17 -30.95 111.87
N ARG E 408 -63.04 -31.96 112.72
CA ARG E 408 -64.02 -32.21 113.76
C ARG E 408 -63.40 -32.33 115.15
N TYR E 409 -64.20 -32.06 116.18
CA TYR E 409 -63.86 -32.29 117.57
C TYR E 409 -64.90 -33.20 118.17
N PRO E 410 -64.78 -34.51 117.91
CA PRO E 410 -65.84 -35.48 118.22
C PRO E 410 -66.29 -35.47 119.67
N GLU E 411 -65.48 -34.94 120.58
CA GLU E 411 -65.89 -34.81 121.97
C GLU E 411 -67.13 -33.97 122.05
N GLY E 412 -67.31 -33.07 121.07
CA GLY E 412 -68.43 -32.17 121.05
C GLY E 412 -69.62 -32.69 120.27
N ASP E 413 -69.51 -33.90 119.73
CA ASP E 413 -70.61 -34.52 118.99
C ASP E 413 -71.68 -35.05 119.91
N TRP E 414 -72.90 -35.16 119.40
CA TRP E 414 -73.96 -35.87 120.11
C TRP E 414 -75.13 -36.12 119.18
N ILE E 415 -76.08 -36.94 119.63
CA ILE E 415 -77.26 -37.28 118.85
C ILE E 415 -78.53 -37.28 119.69
N GLN E 416 -79.48 -36.42 119.38
CA GLN E 416 -80.72 -36.45 120.16
C GLN E 416 -81.76 -37.31 119.51
N ASN E 417 -82.74 -37.70 120.31
CA ASN E 417 -83.90 -38.43 119.83
C ASN E 417 -84.82 -37.56 119.00
N ILE E 418 -85.57 -38.18 118.12
CA ILE E 418 -86.49 -37.50 117.24
C ILE E 418 -87.36 -36.44 117.94
N ASN E 419 -87.66 -36.64 119.21
CA ASN E 419 -88.67 -35.79 119.85
C ASN E 419 -88.23 -34.39 120.26
N PHE E 420 -86.93 -34.23 120.49
CA PHE E 420 -86.35 -32.94 120.91
C PHE E 420 -87.02 -32.35 122.14
N ASN E 421 -87.30 -33.21 123.10
CA ASN E 421 -87.80 -32.79 124.39
C ASN E 421 -86.62 -32.48 125.25
N LEU E 422 -86.34 -31.21 125.44
CA LEU E 422 -85.09 -30.87 126.09
C LEU E 422 -85.36 -29.83 127.16
N PRO E 423 -84.51 -29.75 128.19
CA PRO E 423 -83.27 -30.49 128.50
C PRO E 423 -83.44 -31.98 128.33
N VAL E 424 -82.48 -32.61 127.66
CA VAL E 424 -82.69 -33.94 127.16
C VAL E 424 -82.34 -35.01 128.20
N THR E 425 -83.17 -36.04 128.26
CA THR E 425 -83.00 -37.17 129.16
C THR E 425 -81.81 -37.99 128.72
N ASP E 426 -81.20 -38.70 129.65
CA ASP E 426 -80.09 -39.57 129.33
C ASP E 426 -80.52 -40.68 128.36
N ASP E 427 -81.81 -41.00 128.39
CA ASP E 427 -82.36 -42.04 127.53
C ASP E 427 -82.55 -41.55 126.12
N ASN E 428 -82.57 -40.24 125.94
CA ASN E 428 -82.83 -39.67 124.63
C ASN E 428 -81.61 -39.12 123.90
N VAL E 429 -80.44 -39.26 124.48
CA VAL E 429 -79.24 -38.73 123.84
C VAL E 429 -78.13 -39.75 123.83
N LEU E 430 -77.33 -39.72 122.78
CA LEU E 430 -76.18 -40.60 122.70
C LEU E 430 -74.94 -39.75 122.70
N LEU E 431 -74.14 -39.92 123.75
CA LEU E 431 -72.95 -39.10 123.93
C LEU E 431 -71.71 -39.83 123.49
N PRO E 432 -70.61 -39.08 123.29
CA PRO E 432 -69.30 -39.68 123.04
C PRO E 432 -68.71 -40.31 124.30
N THR E 433 -69.50 -40.29 125.38
CA THR E 433 -69.15 -40.94 126.64
C THR E 433 -69.78 -42.34 126.73
N ASP E 434 -71.00 -42.47 126.23
CA ASP E 434 -71.74 -43.71 126.31
C ASP E 434 -71.14 -44.77 125.42
N PRO E 435 -70.74 -45.87 126.05
CA PRO E 435 -70.04 -46.99 125.43
C PRO E 435 -70.89 -47.70 124.43
N ILE E 436 -70.22 -48.27 123.43
CA ILE E 436 -70.86 -48.88 122.29
C ILE E 436 -70.42 -50.31 122.23
N GLY E 437 -71.36 -51.23 122.08
CA GLY E 437 -70.98 -52.62 121.99
C GLY E 437 -70.32 -53.09 123.28
N GLY E 438 -70.61 -52.38 124.36
CA GLY E 438 -70.14 -52.76 125.67
C GLY E 438 -68.65 -52.59 125.91
N LYS E 439 -68.05 -51.59 125.27
CA LYS E 439 -66.65 -51.31 125.49
C LYS E 439 -66.54 -49.95 126.09
N THR E 440 -65.86 -49.84 127.22
CA THR E 440 -65.68 -48.57 127.93
C THR E 440 -64.99 -47.52 127.10
N GLY E 441 -64.00 -47.95 126.31
CA GLY E 441 -63.22 -47.04 125.49
C GLY E 441 -63.70 -46.83 124.06
N ILE E 442 -64.96 -47.16 123.78
CA ILE E 442 -65.50 -46.95 122.43
C ILE E 442 -66.84 -46.19 122.48
N ASN E 443 -67.00 -45.21 121.62
CA ASN E 443 -68.27 -44.48 121.52
C ASN E 443 -68.67 -44.40 120.07
N TYR E 444 -69.81 -43.78 119.78
CA TYR E 444 -70.34 -43.84 118.42
C TYR E 444 -69.49 -43.10 117.40
N THR E 445 -68.79 -42.07 117.85
CA THR E 445 -68.00 -41.26 116.94
C THR E 445 -66.87 -42.07 116.33
N ASN E 446 -66.51 -43.18 116.96
CA ASN E 446 -65.43 -43.98 116.43
C ASN E 446 -65.83 -44.68 115.16
N ILE E 447 -67.12 -44.84 114.93
CA ILE E 447 -67.61 -45.49 113.70
C ILE E 447 -68.45 -44.54 112.87
N PHE E 448 -68.45 -43.29 113.26
CA PHE E 448 -69.33 -42.31 112.67
C PHE E 448 -68.82 -41.86 111.31
N ASN E 449 -69.77 -41.53 110.44
CA ASN E 449 -69.48 -41.07 109.07
C ASN E 449 -70.54 -40.12 108.54
N THR E 450 -70.19 -38.85 108.41
CA THR E 450 -71.15 -37.88 107.91
C THR E 450 -70.76 -37.29 106.55
N TYR E 451 -70.06 -38.05 105.75
CA TYR E 451 -69.82 -37.67 104.37
C TYR E 451 -71.16 -37.79 103.68
N GLY E 452 -71.43 -36.88 102.77
CA GLY E 452 -72.73 -36.89 102.13
C GLY E 452 -72.75 -35.89 101.00
N PRO E 453 -73.84 -35.89 100.26
CA PRO E 453 -73.92 -35.03 99.08
C PRO E 453 -73.94 -33.56 99.41
N LEU E 454 -73.82 -33.18 100.68
CA LEU E 454 -73.71 -31.77 101.04
C LEU E 454 -72.34 -31.41 101.55
N THR E 455 -71.41 -32.35 101.46
CA THR E 455 -70.09 -32.20 102.06
C THR E 455 -69.24 -31.29 101.17
N ALA E 456 -68.52 -30.36 101.81
CA ALA E 456 -67.56 -29.49 101.14
C ALA E 456 -66.15 -29.64 101.74
N LEU E 457 -65.12 -29.58 100.89
CA LEU E 457 -63.76 -29.96 101.26
C LEU E 457 -62.68 -29.11 100.65
N ASN E 458 -61.51 -29.09 101.26
CA ASN E 458 -60.32 -28.58 100.58
C ASN E 458 -59.36 -29.69 100.31
N ASN E 459 -58.43 -29.44 99.39
CA ASN E 459 -57.39 -30.39 99.10
C ASN E 459 -56.29 -30.21 100.13
N VAL E 460 -55.40 -31.20 100.25
CA VAL E 460 -54.35 -31.13 101.25
C VAL E 460 -53.43 -29.96 101.01
N PRO E 461 -52.97 -29.34 102.09
CA PRO E 461 -52.00 -28.26 101.97
C PRO E 461 -50.61 -28.83 101.79
N PRO E 462 -49.74 -28.10 101.12
CA PRO E 462 -48.39 -28.59 100.90
C PRO E 462 -47.61 -28.68 102.19
N VAL E 463 -46.87 -29.75 102.32
CA VAL E 463 -46.05 -29.94 103.49
C VAL E 463 -44.58 -29.73 103.18
N TYR E 464 -44.07 -28.56 103.54
CA TYR E 464 -42.66 -28.27 103.34
C TYR E 464 -41.82 -28.64 104.55
N PRO E 465 -40.70 -29.34 104.33
CA PRO E 465 -40.12 -29.81 103.08
C PRO E 465 -40.33 -31.29 102.79
N ASN E 466 -40.92 -32.05 103.69
CA ASN E 466 -41.00 -33.50 103.49
C ASN E 466 -42.20 -33.99 102.67
N GLY E 467 -43.11 -33.10 102.35
CA GLY E 467 -44.29 -33.49 101.60
C GLY E 467 -44.01 -33.85 100.15
N GLN E 468 -44.86 -34.71 99.61
CA GLN E 468 -44.78 -35.06 98.21
C GLN E 468 -45.34 -33.90 97.40
N ILE E 469 -44.91 -33.75 96.15
CA ILE E 469 -45.36 -32.65 95.32
C ILE E 469 -46.46 -33.05 94.38
N TRP E 470 -46.20 -34.04 93.53
CA TRP E 470 -47.25 -34.52 92.65
C TRP E 470 -47.42 -36.03 92.82
N ASP E 471 -48.56 -36.58 92.38
CA ASP E 471 -48.80 -38.01 92.54
C ASP E 471 -49.61 -38.57 91.40
N LYS E 472 -49.35 -39.81 91.02
CA LYS E 472 -50.10 -40.43 89.93
C LYS E 472 -51.52 -40.67 90.37
N GLU E 473 -52.47 -40.70 89.45
CA GLU E 473 -53.85 -40.98 89.81
C GLU E 473 -54.09 -42.47 89.67
N PHE E 474 -54.97 -42.99 90.50
CA PHE E 474 -55.29 -44.41 90.47
C PHE E 474 -55.94 -44.75 89.15
N ASP E 475 -55.57 -45.87 88.55
CA ASP E 475 -56.26 -46.27 87.33
C ASP E 475 -57.50 -47.05 87.69
N THR E 476 -58.36 -46.46 88.50
CA THR E 476 -59.64 -47.06 88.80
C THR E 476 -60.64 -46.33 87.94
N ASP E 477 -61.73 -46.98 87.59
CA ASP E 477 -62.72 -46.35 86.74
C ASP E 477 -63.31 -45.11 87.43
N LEU E 478 -63.41 -45.14 88.75
CA LEU E 478 -63.80 -43.96 89.54
C LEU E 478 -62.72 -43.51 90.50
N LYS E 479 -62.51 -42.20 90.60
CA LYS E 479 -61.29 -41.72 91.24
C LYS E 479 -61.57 -40.93 92.51
N PRO E 480 -60.59 -40.84 93.40
CA PRO E 480 -60.78 -40.07 94.64
C PRO E 480 -60.82 -38.60 94.35
N ARG E 481 -61.57 -37.86 95.13
CA ARG E 481 -61.67 -36.44 94.93
C ARG E 481 -60.38 -35.75 95.33
N LEU E 482 -59.48 -36.47 95.99
CA LEU E 482 -58.16 -35.95 96.31
C LEU E 482 -57.21 -37.00 96.84
N HIS E 483 -55.96 -36.60 97.05
CA HIS E 483 -55.01 -37.50 97.71
C HIS E 483 -54.51 -36.82 98.96
N VAL E 484 -54.07 -37.62 99.92
CA VAL E 484 -53.62 -37.08 101.19
C VAL E 484 -52.12 -36.91 101.25
N ASN E 485 -51.43 -37.46 100.25
CA ASN E 485 -49.98 -37.40 100.22
C ASN E 485 -49.45 -36.26 99.35
N ALA E 486 -50.27 -35.71 98.48
CA ALA E 486 -49.81 -34.64 97.60
C ALA E 486 -50.95 -33.80 97.07
N PRO E 487 -50.72 -32.50 96.85
CA PRO E 487 -51.79 -31.65 96.33
C PRO E 487 -51.96 -31.72 94.80
N PHE E 488 -50.92 -32.04 94.05
CA PHE E 488 -51.09 -32.11 92.62
C PHE E 488 -51.23 -33.53 92.14
N VAL E 489 -52.34 -33.81 91.46
CA VAL E 489 -52.54 -35.13 90.88
C VAL E 489 -52.73 -35.10 89.37
N CYS E 490 -51.83 -35.80 88.70
CA CYS E 490 -51.80 -35.94 87.26
C CYS E 490 -52.91 -36.86 86.81
N GLN E 491 -54.00 -36.35 86.28
CA GLN E 491 -54.94 -37.30 85.70
C GLN E 491 -54.49 -37.57 84.28
N ASN E 492 -53.70 -36.65 83.75
CA ASN E 492 -53.14 -36.81 82.42
C ASN E 492 -52.28 -38.06 82.32
N ASN E 493 -51.01 -37.88 82.67
CA ASN E 493 -50.02 -38.94 82.69
C ASN E 493 -48.93 -38.27 83.48
N CYS E 494 -48.25 -38.98 84.36
CA CYS E 494 -47.22 -38.33 85.15
C CYS E 494 -45.85 -38.58 84.55
N PRO E 495 -44.88 -37.76 84.91
CA PRO E 495 -43.51 -38.00 84.50
C PRO E 495 -43.09 -39.40 84.83
N GLY E 496 -42.28 -39.99 83.97
CA GLY E 496 -41.81 -41.33 84.19
C GLY E 496 -40.81 -41.35 85.30
N GLN E 497 -40.64 -42.52 85.90
CA GLN E 497 -39.67 -42.64 86.94
C GLN E 497 -38.30 -42.83 86.32
N LEU E 498 -37.27 -42.31 86.99
CA LEU E 498 -35.91 -42.40 86.45
C LEU E 498 -35.07 -43.42 87.21
N PHE E 499 -34.51 -44.40 86.49
CA PHE E 499 -33.77 -45.47 87.14
C PHE E 499 -32.31 -45.53 86.71
N VAL E 500 -31.42 -45.70 87.69
CA VAL E 500 -29.99 -45.83 87.41
C VAL E 500 -29.45 -47.14 87.99
N LYS E 501 -28.30 -47.56 87.50
CA LYS E 501 -27.72 -48.84 87.85
C LYS E 501 -26.32 -48.98 87.29
N VAL E 502 -25.36 -49.36 88.11
CA VAL E 502 -23.99 -49.54 87.62
C VAL E 502 -23.89 -50.78 86.75
N ALA E 503 -23.31 -50.64 85.57
CA ALA E 503 -23.19 -51.76 84.67
C ALA E 503 -22.21 -52.78 85.21
N PRO E 504 -22.51 -54.06 85.01
CA PRO E 504 -21.67 -55.17 85.42
C PRO E 504 -20.26 -55.03 84.89
N ASN E 505 -19.31 -54.87 85.79
CA ASN E 505 -17.91 -54.75 85.43
C ASN E 505 -17.20 -56.06 85.64
N LEU E 506 -17.17 -56.92 84.65
CA LEU E 506 -16.71 -58.27 84.89
C LEU E 506 -15.21 -58.47 85.03
N THR E 507 -14.87 -59.48 85.81
CA THR E 507 -13.51 -59.96 85.92
C THR E 507 -13.30 -60.94 84.80
N ASN E 508 -12.11 -61.52 84.69
CA ASN E 508 -11.85 -62.40 83.56
C ASN E 508 -12.42 -63.79 83.73
N GLN E 509 -12.70 -64.17 84.95
CA GLN E 509 -13.34 -65.45 85.17
C GLN E 509 -14.82 -65.28 85.32
N TYR E 510 -15.56 -65.67 84.29
CA TYR E 510 -17.01 -65.58 84.37
C TYR E 510 -17.61 -66.80 83.73
N ASP E 511 -18.40 -67.54 84.49
CA ASP E 511 -19.15 -68.67 83.96
C ASP E 511 -20.61 -68.52 84.30
N PRO E 512 -21.42 -68.18 83.30
CA PRO E 512 -22.85 -67.97 83.49
C PRO E 512 -23.53 -69.28 83.79
N ASP E 513 -23.02 -70.37 83.22
CA ASP E 513 -23.54 -71.71 83.43
C ASP E 513 -23.31 -72.13 84.87
N ALA E 514 -22.39 -71.45 85.52
CA ALA E 514 -22.01 -71.77 86.89
C ALA E 514 -23.02 -71.31 87.90
N SER E 515 -23.22 -72.14 88.91
CA SER E 515 -24.14 -71.82 89.98
C SER E 515 -23.57 -70.77 90.92
N ALA E 516 -22.26 -70.84 91.18
CA ALA E 516 -21.62 -69.88 92.06
C ALA E 516 -21.93 -68.51 91.51
N ASN E 517 -22.08 -67.54 92.40
CA ASN E 517 -22.46 -66.23 91.94
C ASN E 517 -21.29 -65.49 91.27
N MET E 518 -21.71 -64.53 90.47
CA MET E 518 -20.89 -63.62 89.70
C MET E 518 -19.82 -62.84 90.45
N SER E 519 -18.58 -63.03 90.02
CA SER E 519 -17.48 -62.24 90.50
C SER E 519 -17.33 -61.06 89.54
N ARG E 520 -17.54 -59.88 90.09
CA ARG E 520 -17.58 -58.63 89.37
C ARG E 520 -16.58 -57.70 90.00
N ILE E 521 -15.89 -56.88 89.22
CA ILE E 521 -15.03 -55.85 89.79
C ILE E 521 -15.78 -54.83 90.62
N VAL E 522 -15.29 -54.52 91.81
CA VAL E 522 -16.04 -53.63 92.66
C VAL E 522 -16.05 -52.26 92.04
N THR E 523 -17.24 -51.80 91.71
CA THR E 523 -17.38 -50.55 90.99
C THR E 523 -18.46 -49.69 91.59
N TYR E 524 -18.25 -48.38 91.49
CA TYR E 524 -19.26 -47.44 91.91
C TYR E 524 -19.23 -46.20 91.03
N SER E 525 -20.24 -45.37 91.15
CA SER E 525 -20.30 -44.22 90.27
C SER E 525 -20.69 -42.96 90.98
N ASP E 526 -20.12 -41.86 90.55
CA ASP E 526 -20.56 -40.54 90.99
C ASP E 526 -21.08 -39.85 89.76
N PHE E 527 -22.30 -39.32 89.83
CA PHE E 527 -22.82 -38.55 88.70
C PHE E 527 -23.63 -37.38 89.20
N TRP E 528 -23.76 -36.35 88.36
CA TRP E 528 -24.50 -35.15 88.72
C TRP E 528 -25.89 -35.12 88.12
N TRP E 529 -26.85 -34.63 88.90
CA TRP E 529 -28.22 -34.56 88.46
C TRP E 529 -28.71 -33.14 88.51
N LYS E 530 -29.32 -32.68 87.43
CA LYS E 530 -29.92 -31.37 87.43
C LYS E 530 -31.35 -31.49 86.98
N GLY E 531 -32.24 -30.79 87.69
CA GLY E 531 -33.64 -30.82 87.36
C GLY E 531 -34.20 -29.42 87.32
N LYS E 532 -35.26 -29.23 86.54
CA LYS E 532 -35.92 -27.94 86.46
C LYS E 532 -37.42 -28.09 86.55
N LEU E 533 -37.97 -27.54 87.63
CA LEU E 533 -39.39 -27.61 87.89
C LEU E 533 -39.99 -26.21 87.78
N VAL E 534 -40.95 -26.03 86.89
CA VAL E 534 -41.52 -24.71 86.68
C VAL E 534 -42.95 -24.61 87.16
N PHE E 535 -43.21 -23.61 88.01
CA PHE E 535 -44.56 -23.34 88.50
C PHE E 535 -45.05 -22.06 87.91
N LYS E 536 -46.35 -21.85 87.97
CA LYS E 536 -46.91 -20.58 87.60
C LYS E 536 -47.87 -20.18 88.71
N ALA E 537 -47.60 -19.06 89.37
CA ALA E 537 -48.43 -18.66 90.50
C ALA E 537 -49.02 -17.27 90.33
N LYS E 538 -49.90 -16.88 91.25
CA LYS E 538 -50.56 -15.58 91.20
C LYS E 538 -50.49 -14.82 92.51
N LEU E 539 -50.12 -13.54 92.45
CA LEU E 539 -49.90 -12.75 93.65
C LEU E 539 -51.18 -12.46 94.39
N ARG E 540 -51.16 -12.53 95.71
CA ARG E 540 -52.36 -12.25 96.48
C ARG E 540 -52.53 -10.76 96.67
N ALA E 541 -53.70 -10.34 97.14
CA ALA E 541 -53.94 -8.95 97.43
C ALA E 541 -54.72 -8.75 98.73
N SER E 542 -54.44 -7.65 99.39
CA SER E 542 -55.04 -7.32 100.67
C SER E 542 -56.44 -6.85 100.53
N HIS E 543 -57.39 -7.52 101.16
CA HIS E 543 -58.73 -7.00 101.07
C HIS E 543 -59.35 -6.65 102.42
N THR E 544 -58.59 -6.82 103.49
CA THR E 544 -59.12 -6.57 104.83
C THR E 544 -58.38 -5.44 105.50
N TRP E 545 -58.99 -4.90 106.53
CA TRP E 545 -58.38 -3.83 107.26
C TRP E 545 -57.21 -4.39 108.03
N ASN E 546 -57.37 -5.59 108.58
CA ASN E 546 -56.32 -6.16 109.41
C ASN E 546 -55.20 -6.83 108.62
N PRO E 547 -53.99 -6.87 109.18
CA PRO E 547 -52.95 -7.66 108.54
C PRO E 547 -53.23 -9.11 108.76
N ILE E 548 -52.35 -9.98 108.29
CA ILE E 548 -52.65 -11.39 108.38
C ILE E 548 -51.41 -12.23 108.71
N GLN E 549 -51.66 -13.51 108.98
CA GLN E 549 -50.66 -14.55 109.11
C GLN E 549 -49.57 -14.45 108.07
N GLN E 550 -48.30 -14.34 108.47
CA GLN E 550 -47.20 -14.56 107.54
C GLN E 550 -45.94 -15.09 108.25
N MET E 551 -45.15 -15.91 107.56
CA MET E 551 -43.93 -16.48 108.12
C MET E 551 -42.90 -15.39 108.40
N SER E 552 -42.03 -15.59 109.41
CA SER E 552 -40.85 -14.75 109.60
C SER E 552 -39.92 -15.31 110.65
N ILE E 553 -38.87 -14.55 110.96
CA ILE E 553 -38.08 -14.78 112.16
C ILE E 553 -38.09 -13.47 112.93
N ASN E 554 -38.31 -13.40 114.26
CA ASN E 554 -38.38 -14.42 115.34
C ASN E 554 -37.11 -14.63 116.05
N VAL E 555 -37.13 -14.27 117.32
CA VAL E 555 -36.02 -14.45 118.23
C VAL E 555 -35.99 -15.89 118.67
N ASP E 556 -37.16 -16.49 118.82
CA ASP E 556 -37.25 -17.94 118.82
C ASP E 556 -36.97 -18.34 117.40
N ASN E 557 -36.92 -19.64 117.11
CA ASN E 557 -37.02 -20.04 115.71
C ASN E 557 -35.75 -19.65 114.88
N GLN E 558 -35.33 -18.39 114.94
CA GLN E 558 -34.14 -17.87 114.25
C GLN E 558 -32.98 -18.82 113.97
N PHE E 559 -32.83 -19.87 114.74
CA PHE E 559 -31.62 -20.68 114.60
C PHE E 559 -31.77 -21.96 113.80
N ASN E 560 -32.95 -22.19 113.24
CA ASN E 560 -33.17 -23.34 112.40
C ASN E 560 -32.80 -23.08 110.95
N TYR E 561 -32.17 -21.94 110.71
CA TYR E 561 -32.02 -21.48 109.36
C TYR E 561 -30.60 -21.10 109.03
N VAL E 562 -29.67 -21.51 109.88
CA VAL E 562 -28.27 -21.19 109.70
C VAL E 562 -27.51 -22.41 110.14
N PRO E 563 -26.29 -22.58 109.66
CA PRO E 563 -25.53 -23.74 110.10
C PRO E 563 -25.04 -23.55 111.51
N SER E 564 -24.15 -24.42 111.96
CA SER E 564 -23.70 -24.38 113.32
C SER E 564 -22.21 -24.16 113.42
N ASN E 565 -21.71 -24.33 114.63
CA ASN E 565 -20.30 -24.27 114.91
C ASN E 565 -19.57 -25.26 114.04
N ILE E 566 -20.21 -26.40 113.83
CA ILE E 566 -19.73 -27.41 112.89
C ILE E 566 -20.59 -27.25 111.66
N GLY E 567 -20.56 -28.22 110.77
CA GLY E 567 -21.32 -28.11 109.55
C GLY E 567 -22.82 -28.28 109.62
N GLY E 568 -23.49 -27.51 110.48
CA GLY E 568 -24.95 -27.42 110.50
C GLY E 568 -25.49 -28.82 110.56
N MET E 569 -26.70 -29.12 110.09
CA MET E 569 -27.72 -28.16 109.71
C MET E 569 -29.08 -28.86 109.71
N LYS E 570 -30.14 -28.08 109.53
CA LYS E 570 -31.47 -28.50 109.84
C LYS E 570 -32.47 -27.80 108.94
N ILE E 571 -33.49 -28.51 108.48
CA ILE E 571 -34.61 -27.86 107.80
C ILE E 571 -35.88 -28.20 108.55
N VAL E 572 -36.66 -27.19 108.85
CA VAL E 572 -37.78 -27.37 109.74
C VAL E 572 -39.11 -27.29 109.04
N TYR E 573 -40.02 -28.19 109.41
CA TYR E 573 -41.45 -28.08 109.12
C TYR E 573 -41.93 -26.62 109.12
N GLU E 574 -42.70 -26.17 108.12
CA GLU E 574 -43.16 -24.78 108.14
C GLU E 574 -44.44 -24.41 107.43
N LYS E 575 -45.47 -25.25 107.51
CA LYS E 575 -46.81 -24.85 107.05
C LYS E 575 -46.85 -24.49 105.57
N SER E 576 -47.94 -23.87 105.12
CA SER E 576 -48.10 -23.50 103.72
C SER E 576 -49.31 -22.60 103.41
N GLN E 577 -50.42 -22.72 104.11
CA GLN E 577 -51.60 -21.95 103.72
C GLN E 577 -51.88 -20.83 104.71
N LEU E 578 -51.03 -19.81 104.75
CA LEU E 578 -51.05 -18.88 105.86
C LEU E 578 -52.15 -17.83 105.83
N ALA E 579 -52.50 -17.34 104.67
CA ALA E 579 -53.44 -16.24 104.62
C ALA E 579 -54.84 -16.77 104.59
N PRO E 580 -55.75 -16.10 105.29
CA PRO E 580 -57.13 -16.53 105.35
C PRO E 580 -57.80 -16.39 104.01
N ARG E 581 -58.87 -17.12 103.78
CA ARG E 581 -59.61 -17.07 102.52
C ARG E 581 -60.98 -16.51 102.73
N LYS E 582 -61.96 -17.40 102.78
CA LYS E 582 -63.39 -17.13 102.92
C LYS E 582 -64.15 -18.18 102.15
N LEU E 583 -64.96 -18.96 102.86
CA LEU E 583 -65.81 -19.96 102.23
C LEU E 583 -67.04 -19.37 101.56
N TYR E 584 -67.70 -18.53 102.33
CA TYR E 584 -69.03 -18.06 102.04
C TYR E 584 -69.12 -16.61 102.48
N GLY F 37 0.41 73.77 -28.88
CA GLY F 37 0.72 74.26 -30.21
C GLY F 37 1.39 75.61 -30.16
N VAL F 38 1.26 76.37 -31.23
CA VAL F 38 1.89 77.69 -31.29
C VAL F 38 1.47 78.59 -30.16
N GLY F 39 0.22 79.01 -30.15
CA GLY F 39 -0.16 80.05 -29.22
C GLY F 39 -0.62 79.61 -27.85
N ILE F 40 -0.09 78.51 -27.35
CA ILE F 40 -0.52 78.02 -26.04
C ILE F 40 0.65 77.68 -25.13
N SER F 41 0.70 78.34 -23.99
CA SER F 41 1.83 78.22 -23.07
C SER F 41 1.90 76.82 -22.51
N THR F 42 3.10 76.40 -22.10
CA THR F 42 3.31 75.02 -21.71
C THR F 42 3.89 74.82 -20.29
N GLY F 43 3.72 75.81 -19.41
CA GLY F 43 4.17 75.69 -18.04
C GLY F 43 3.84 76.92 -17.21
N THR F 44 4.22 76.96 -15.94
CA THR F 44 3.93 78.13 -15.14
C THR F 44 5.09 78.55 -14.30
N PHE F 45 5.34 79.85 -14.25
CA PHE F 45 6.38 80.41 -13.40
C PHE F 45 6.04 80.30 -11.95
N ASN F 46 6.95 79.75 -11.16
CA ASN F 46 6.75 79.63 -9.73
C ASN F 46 8.04 79.65 -8.94
N ASN F 47 8.30 80.74 -8.26
CA ASN F 47 9.52 80.84 -7.49
C ASN F 47 9.12 81.02 -6.05
N GLN F 48 8.18 80.20 -5.64
CA GLN F 48 7.54 80.35 -4.36
C GLN F 48 8.17 79.34 -3.40
N THR F 49 8.35 79.73 -2.16
CA THR F 49 9.00 78.85 -1.20
C THR F 49 8.05 78.44 -0.08
N GLU F 50 7.70 77.16 -0.02
CA GLU F 50 6.71 76.70 0.93
C GLU F 50 7.34 75.99 2.12
N PHE F 51 6.86 76.32 3.31
CA PHE F 51 7.27 75.65 4.52
C PHE F 51 6.11 74.91 5.12
N LYS F 52 6.06 73.60 4.95
CA LYS F 52 4.91 72.89 5.47
C LYS F 52 5.28 72.08 6.71
N PHE F 53 4.76 72.54 7.85
CA PHE F 53 5.10 71.99 9.16
C PHE F 53 4.24 70.77 9.44
N LEU F 54 4.87 69.73 9.96
CA LEU F 54 4.16 68.50 10.23
C LEU F 54 4.24 68.17 11.69
N GLU F 55 3.88 66.93 11.99
CA GLU F 55 3.94 66.43 13.35
C GLU F 55 5.38 66.06 13.59
N ASN F 56 5.72 65.95 14.87
CA ASN F 56 7.08 65.67 15.33
C ASN F 56 8.07 66.76 14.94
N GLY F 57 7.61 67.99 14.79
CA GLY F 57 8.52 69.07 14.49
C GLY F 57 9.37 68.86 13.24
N TRP F 58 8.89 68.04 12.31
CA TRP F 58 9.55 67.91 11.01
C TRP F 58 8.94 68.90 10.08
N VAL F 59 9.77 69.62 9.34
CA VAL F 59 9.26 70.59 8.39
C VAL F 59 9.60 70.14 6.97
N TYR F 60 8.79 70.57 6.02
CA TYR F 60 8.84 70.03 4.67
C TYR F 60 9.01 71.23 3.76
N ILE F 61 10.26 71.64 3.61
CA ILE F 61 10.58 72.84 2.87
C ILE F 61 10.59 72.55 1.40
N THR F 62 9.62 73.10 0.71
CA THR F 62 9.53 72.89 -0.71
C THR F 62 9.96 74.15 -1.37
N ALA F 63 11.17 74.16 -1.91
CA ALA F 63 11.66 75.35 -2.58
C ALA F 63 11.45 75.26 -4.06
N ASN F 64 10.64 76.18 -4.56
CA ASN F 64 10.44 76.29 -5.98
C ASN F 64 11.32 77.37 -6.56
N SER F 65 11.78 77.13 -7.78
CA SER F 65 12.65 78.06 -8.47
C SER F 65 12.39 78.11 -9.98
N SER F 66 12.24 79.31 -10.52
CA SER F 66 12.02 79.48 -11.95
C SER F 66 12.83 80.63 -12.49
N ARG F 67 13.29 80.46 -13.73
CA ARG F 67 14.10 81.46 -14.41
C ARG F 67 13.76 81.52 -15.89
N LEU F 68 13.92 82.70 -16.48
CA LEU F 68 13.91 82.81 -17.93
C LEU F 68 15.34 82.69 -18.40
N VAL F 69 15.57 81.82 -19.38
CA VAL F 69 16.92 81.48 -19.82
C VAL F 69 17.23 81.83 -21.25
N HIS F 70 18.42 82.38 -21.48
CA HIS F 70 18.81 82.81 -22.81
C HIS F 70 19.98 81.98 -23.34
N LEU F 71 19.92 81.59 -24.62
CA LEU F 71 20.92 80.70 -25.21
C LEU F 71 21.15 80.95 -26.70
N ASN F 72 22.40 81.13 -27.10
CA ASN F 72 22.70 81.30 -28.51
C ASN F 72 23.23 80.02 -29.10
N MET F 73 23.34 79.98 -30.41
CA MET F 73 23.81 78.79 -31.09
C MET F 73 25.27 78.55 -30.79
N PRO F 74 25.74 77.32 -30.98
CA PRO F 74 27.14 77.06 -30.63
C PRO F 74 28.08 77.87 -31.49
N GLU F 75 29.28 78.19 -31.02
CA GLU F 75 30.19 78.94 -31.85
C GLU F 75 30.65 78.05 -32.99
N SER F 76 30.67 76.74 -32.76
CA SER F 76 30.78 75.80 -33.89
C SER F 76 30.11 74.51 -33.47
N GLU F 77 29.59 73.77 -34.42
CA GLU F 77 28.84 72.57 -34.06
C GLU F 77 29.72 71.37 -33.76
N ASN F 78 30.99 71.61 -33.43
CA ASN F 78 31.91 70.50 -33.25
C ASN F 78 32.47 70.34 -31.86
N TYR F 79 32.88 69.12 -31.55
CA TYR F 79 33.62 68.87 -30.32
C TYR F 79 35.09 69.14 -30.59
N ARG F 80 35.76 69.80 -29.64
CA ARG F 80 37.16 70.16 -29.83
C ARG F 80 38.00 69.74 -28.66
N ARG F 81 39.18 69.19 -28.95
CA ARG F 81 40.20 68.95 -27.93
C ARG F 81 41.21 70.11 -27.91
N VAL F 82 41.10 70.96 -26.90
CA VAL F 82 41.95 72.14 -26.83
C VAL F 82 42.93 72.02 -25.67
N VAL F 83 44.17 72.47 -25.85
CA VAL F 83 45.15 72.42 -24.78
C VAL F 83 45.46 73.82 -24.26
N VAL F 84 45.53 73.97 -22.95
CA VAL F 84 46.00 75.21 -22.34
C VAL F 84 47.39 75.01 -21.79
N ASN F 85 48.29 75.93 -22.06
CA ASN F 85 49.67 75.80 -21.63
C ASN F 85 50.27 77.17 -21.38
N ASN F 86 50.35 77.56 -20.11
CA ASN F 86 50.96 78.84 -19.78
C ASN F 86 52.39 78.66 -19.34
N LEU F 87 53.26 78.36 -20.30
CA LEU F 87 54.69 78.43 -20.06
C LEU F 87 55.00 79.91 -19.81
N ASP F 88 54.15 80.75 -20.37
CA ASP F 88 54.18 82.19 -20.20
C ASP F 88 54.38 82.57 -18.74
N LYS F 89 53.82 81.79 -17.84
CA LYS F 89 53.83 82.15 -16.44
C LYS F 89 54.68 81.18 -15.57
N THR F 90 54.79 79.92 -15.97
CA THR F 90 55.46 78.91 -15.13
C THR F 90 56.99 78.88 -15.32
N ALA F 91 57.47 79.32 -16.48
CA ALA F 91 58.91 79.35 -16.69
C ALA F 91 59.55 80.45 -15.82
N VAL F 92 58.72 81.21 -15.12
CA VAL F 92 59.17 82.35 -14.34
C VAL F 92 60.00 81.95 -13.12
N ASN F 93 59.84 80.71 -12.68
CA ASN F 93 60.54 80.18 -11.50
C ASN F 93 60.08 80.86 -10.23
N GLY F 94 59.49 80.10 -9.34
CA GLY F 94 58.88 80.65 -8.15
C GLY F 94 57.42 80.91 -8.45
N ASN F 95 57.04 80.59 -9.68
CA ASN F 95 55.67 80.79 -10.14
C ASN F 95 54.99 79.45 -10.42
N MET F 96 55.47 78.40 -9.76
CA MET F 96 54.92 77.07 -9.99
C MET F 96 53.45 77.06 -9.63
N ALA F 97 53.10 77.72 -8.54
CA ALA F 97 51.73 77.73 -8.02
C ALA F 97 50.75 78.37 -8.97
N LEU F 98 51.25 79.00 -10.03
CA LEU F 98 50.36 79.66 -10.96
C LEU F 98 50.07 78.84 -12.23
N ASP F 99 50.29 77.53 -12.16
CA ASP F 99 50.08 76.66 -13.32
C ASP F 99 48.63 76.58 -13.74
N ASP F 100 48.36 76.70 -15.04
CA ASP F 100 47.00 76.50 -15.56
C ASP F 100 46.97 75.43 -16.63
N THR F 101 48.05 74.70 -16.76
CA THR F 101 48.21 73.78 -17.87
C THR F 101 47.26 72.61 -17.78
N HIS F 102 46.47 72.41 -18.81
CA HIS F 102 45.52 71.32 -18.84
C HIS F 102 44.97 71.05 -20.22
N ALA F 103 44.24 69.96 -20.37
CA ALA F 103 43.56 69.62 -21.62
C ALA F 103 42.05 69.56 -21.38
N GLU F 104 41.27 69.74 -22.43
CA GLU F 104 39.84 70.05 -22.29
C GLU F 104 39.08 69.67 -23.55
N ILE F 105 37.88 69.10 -23.42
CA ILE F 105 37.03 68.88 -24.58
C ILE F 105 35.89 69.89 -24.64
N VAL F 106 35.85 70.69 -25.69
CA VAL F 106 34.88 71.76 -25.74
C VAL F 106 33.70 71.33 -26.56
N THR F 107 32.50 71.43 -25.99
CA THR F 107 31.28 70.93 -26.60
C THR F 107 30.36 72.02 -27.08
N PRO F 108 29.58 71.72 -28.10
CA PRO F 108 28.59 72.70 -28.56
C PRO F 108 27.39 72.81 -27.66
N TRP F 109 27.42 72.13 -26.53
CA TRP F 109 26.29 72.07 -25.61
C TRP F 109 26.47 73.01 -24.41
N SER F 110 25.36 73.48 -23.85
CA SER F 110 25.41 74.27 -22.62
C SER F 110 24.78 73.51 -21.43
N LEU F 111 25.24 73.79 -20.23
CA LEU F 111 24.77 73.07 -19.06
C LEU F 111 23.91 73.93 -18.15
N VAL F 112 22.74 73.40 -17.81
CA VAL F 112 21.85 74.07 -16.88
C VAL F 112 22.11 73.52 -15.49
N ASP F 113 22.93 74.24 -14.74
CA ASP F 113 23.33 73.81 -13.42
C ASP F 113 22.60 74.70 -12.42
N ALA F 114 21.85 74.11 -11.51
CA ALA F 114 21.15 74.91 -10.51
C ALA F 114 21.64 74.55 -9.14
N ASN F 115 22.82 73.96 -9.10
CA ASN F 115 23.38 73.47 -7.85
C ASN F 115 24.11 74.57 -7.11
N ALA F 116 23.36 75.42 -6.45
CA ALA F 116 23.93 76.45 -5.59
C ALA F 116 22.82 77.02 -4.74
N TRP F 117 23.08 77.28 -3.47
CA TRP F 117 22.01 77.68 -2.58
C TRP F 117 21.24 78.90 -3.06
N GLY F 118 21.89 79.81 -3.75
CA GLY F 118 21.24 81.04 -4.14
C GLY F 118 20.15 80.85 -5.18
N VAL F 119 20.17 79.69 -5.82
CA VAL F 119 19.21 79.38 -6.85
C VAL F 119 17.84 79.09 -6.22
N TRP F 120 17.83 78.69 -4.94
CA TRP F 120 16.63 78.20 -4.31
C TRP F 120 16.12 79.06 -3.17
N PHE F 121 17.00 79.78 -2.49
CA PHE F 121 16.54 80.57 -1.36
C PHE F 121 16.93 82.03 -1.41
N ASN F 122 16.01 82.91 -1.02
CA ASN F 122 16.34 84.32 -0.79
C ASN F 122 16.84 84.47 0.62
N PRO F 123 17.39 85.64 0.97
CA PRO F 123 17.85 85.79 2.35
C PRO F 123 16.78 85.53 3.40
N GLY F 124 15.57 86.01 3.14
CA GLY F 124 14.50 85.83 4.09
C GLY F 124 14.30 84.37 4.40
N ASP F 125 14.28 83.55 3.35
CA ASP F 125 14.14 82.10 3.49
C ASP F 125 15.26 81.53 4.34
N TRP F 126 16.49 81.87 4.01
CA TRP F 126 17.65 81.31 4.67
C TRP F 126 17.63 81.67 6.16
N GLN F 127 17.21 82.88 6.46
CA GLN F 127 17.13 83.31 7.85
C GLN F 127 16.30 82.35 8.62
N LEU F 128 15.14 82.06 8.05
CA LEU F 128 14.16 81.19 8.65
C LEU F 128 14.76 79.82 8.90
N ILE F 129 15.41 79.28 7.88
CA ILE F 129 16.00 77.97 7.96
C ILE F 129 17.01 77.88 9.06
N VAL F 130 18.00 78.76 8.96
CA VAL F 130 19.19 78.73 9.80
C VAL F 130 18.88 79.07 11.24
N ASN F 131 17.95 79.97 11.49
CA ASN F 131 17.65 80.34 12.86
C ASN F 131 16.76 79.37 13.61
N THR F 132 15.93 78.64 12.88
CA THR F 132 14.90 77.90 13.58
C THR F 132 15.09 76.40 13.49
N MET F 133 15.94 75.92 12.60
CA MET F 133 16.05 74.48 12.45
C MET F 133 17.40 73.88 12.69
N SER F 134 17.40 72.68 13.25
CA SER F 134 18.60 72.06 13.79
C SER F 134 19.35 71.18 12.82
N GLU F 135 18.62 70.58 11.88
CA GLU F 135 19.26 69.78 10.84
C GLU F 135 18.44 69.86 9.55
N LEU F 136 18.96 69.23 8.50
CA LEU F 136 18.44 69.42 7.16
C LEU F 136 18.67 68.20 6.29
N HIS F 137 17.63 67.62 5.72
CA HIS F 137 17.77 66.52 4.76
C HIS F 137 17.41 66.90 3.34
N LEU F 138 18.08 66.26 2.40
CA LEU F 138 17.84 66.50 0.99
C LEU F 138 16.89 65.44 0.48
N VAL F 139 15.67 65.80 0.10
CA VAL F 139 14.69 64.79 -0.21
C VAL F 139 14.50 64.51 -1.68
N SER F 140 14.15 65.53 -2.46
CA SER F 140 13.79 65.28 -3.83
C SER F 140 14.08 66.45 -4.72
N PHE F 141 14.14 66.18 -6.02
CA PHE F 141 14.49 67.18 -7.00
C PHE F 141 13.92 66.85 -8.37
N GLU F 142 13.13 67.78 -8.90
CA GLU F 142 12.56 67.66 -10.23
C GLU F 142 12.70 69.01 -10.91
N GLN F 143 12.69 69.02 -12.26
CA GLN F 143 12.83 70.26 -13.03
C GLN F 143 12.18 70.12 -14.40
N GLU F 144 11.82 71.25 -15.01
CA GLU F 144 11.26 71.23 -16.38
C GLU F 144 11.61 72.44 -17.26
N ILE F 145 11.38 72.30 -18.56
CA ILE F 145 11.63 73.39 -19.51
C ILE F 145 10.37 73.70 -20.32
N PHE F 146 9.94 74.95 -20.32
CA PHE F 146 8.67 75.29 -20.96
C PHE F 146 8.60 76.67 -21.60
N ASN F 147 7.53 76.91 -22.35
CA ASN F 147 7.37 78.15 -23.10
C ASN F 147 8.61 78.46 -23.89
N VAL F 148 9.03 77.48 -24.69
CA VAL F 148 10.18 77.64 -25.53
C VAL F 148 9.90 78.65 -26.63
N VAL F 149 10.88 79.51 -26.92
CA VAL F 149 10.78 80.48 -28.00
C VAL F 149 12.06 80.46 -28.82
N LEU F 150 11.94 80.37 -30.13
CA LEU F 150 13.11 80.46 -31.00
C LEU F 150 12.93 81.58 -32.00
N LYS F 151 13.95 82.43 -32.10
CA LYS F 151 13.96 83.56 -33.00
C LYS F 151 15.23 83.56 -33.83
N THR F 152 15.14 84.01 -35.08
CA THR F 152 16.28 84.19 -35.97
C THR F 152 16.64 85.66 -36.04
N VAL F 153 17.94 85.95 -36.01
CA VAL F 153 18.42 87.33 -36.07
C VAL F 153 18.04 87.98 -37.39
N SER F 154 18.89 87.95 -38.41
CA SER F 154 18.48 88.49 -39.71
C SER F 154 17.99 89.94 -39.64
N GLU F 155 18.80 91.00 -39.77
CA GLU F 155 20.13 91.20 -40.41
C GLU F 155 19.91 92.44 -41.26
N SER F 156 20.66 93.51 -41.01
CA SER F 156 20.86 94.56 -42.00
C SER F 156 19.61 94.93 -42.79
N ALA F 157 18.65 95.55 -42.13
CA ALA F 157 17.42 95.91 -42.82
C ALA F 157 16.64 96.96 -42.05
N THR F 158 16.66 98.24 -42.46
CA THR F 158 17.45 98.88 -43.54
C THR F 158 17.48 100.36 -43.18
N GLN F 159 18.48 101.16 -43.61
CA GLN F 159 18.59 102.57 -43.20
C GLN F 159 19.19 102.58 -41.78
N PRO F 160 20.48 102.98 -41.66
CA PRO F 160 21.79 102.94 -40.97
C PRO F 160 22.47 101.68 -40.39
N PRO F 161 21.97 100.45 -40.57
CA PRO F 161 20.75 99.83 -41.10
C PRO F 161 19.93 99.12 -40.01
N THR F 162 20.48 98.94 -38.81
CA THR F 162 19.81 98.27 -37.66
C THR F 162 19.34 96.84 -37.97
N LYS F 163 19.01 96.08 -36.93
CA LYS F 163 18.57 94.70 -37.11
C LYS F 163 17.17 94.41 -36.61
N VAL F 164 16.61 93.28 -37.05
CA VAL F 164 15.23 92.93 -36.76
C VAL F 164 15.12 91.45 -36.46
N TYR F 165 14.33 91.08 -35.47
CA TYR F 165 14.28 89.68 -35.06
C TYR F 165 12.94 88.98 -35.30
N ASN F 166 12.97 87.88 -36.04
CA ASN F 166 11.73 87.17 -36.36
C ASN F 166 11.67 85.83 -35.66
N ASN F 167 10.47 85.32 -35.43
CA ASN F 167 10.26 83.97 -34.90
C ASN F 167 10.46 82.90 -35.94
N ASP F 168 11.21 81.85 -35.61
CA ASP F 168 11.21 80.63 -36.40
C ASP F 168 10.31 79.64 -35.71
N LEU F 169 9.07 79.52 -36.17
CA LEU F 169 8.13 78.68 -35.47
C LEU F 169 8.52 77.21 -35.57
N THR F 170 9.04 76.81 -36.72
CA THR F 170 9.41 75.42 -36.91
C THR F 170 10.74 75.01 -36.27
N ALA F 171 11.43 75.97 -35.65
CA ALA F 171 12.74 75.70 -35.05
C ALA F 171 12.65 74.94 -33.74
N SER F 172 13.72 74.24 -33.38
CA SER F 172 13.72 73.33 -32.25
C SER F 172 14.82 73.64 -31.24
N LEU F 173 14.55 73.43 -29.96
CA LEU F 173 15.59 73.53 -28.95
C LEU F 173 15.91 72.13 -28.49
N MET F 174 17.17 71.72 -28.57
CA MET F 174 17.53 70.37 -28.21
C MET F 174 17.76 70.26 -26.73
N VAL F 175 17.12 69.31 -26.08
CA VAL F 175 17.33 69.11 -24.66
C VAL F 175 17.63 67.67 -24.46
N ALA F 176 18.63 67.38 -23.63
CA ALA F 176 19.05 66.02 -23.37
C ALA F 176 19.37 65.87 -21.89
N LEU F 177 18.81 64.85 -21.24
CA LEU F 177 19.06 64.65 -19.83
C LEU F 177 19.83 63.39 -19.58
N ASP F 178 21.01 63.55 -19.00
CA ASP F 178 21.90 62.43 -18.74
C ASP F 178 21.50 61.79 -17.43
N SER F 179 20.38 61.09 -17.44
CA SER F 179 19.84 60.60 -16.19
C SER F 179 20.62 59.42 -15.64
N ASN F 180 21.47 58.81 -16.45
CA ASN F 180 22.31 57.73 -15.97
C ASN F 180 23.62 58.17 -15.38
N ASN F 181 23.87 59.47 -15.36
CA ASN F 181 25.18 60.01 -15.03
C ASN F 181 26.26 59.28 -15.79
N THR F 182 26.06 59.19 -17.10
CA THR F 182 27.00 58.58 -18.03
C THR F 182 28.20 59.46 -18.18
N MET F 183 27.97 60.74 -17.95
CA MET F 183 28.93 61.75 -18.33
C MET F 183 29.55 62.54 -17.22
N PRO F 184 30.74 63.10 -17.49
CA PRO F 184 31.54 63.68 -16.43
C PRO F 184 30.81 64.73 -15.65
N PHE F 185 30.95 64.63 -14.34
CA PHE F 185 30.26 65.50 -13.43
C PHE F 185 31.02 66.79 -13.39
N THR F 186 30.34 67.87 -13.80
CA THR F 186 30.97 69.17 -13.83
C THR F 186 30.06 70.17 -13.17
N PRO F 187 30.08 70.20 -11.84
CA PRO F 187 29.28 71.14 -11.05
C PRO F 187 29.75 72.54 -11.30
N ALA F 188 28.85 73.40 -11.70
CA ALA F 188 29.23 74.73 -12.10
C ALA F 188 29.45 75.66 -10.94
N ALA F 189 29.15 75.22 -9.73
CA ALA F 189 29.25 76.12 -8.60
C ALA F 189 30.70 76.55 -8.35
N MET F 190 31.64 75.72 -8.77
CA MET F 190 33.07 75.93 -8.53
C MET F 190 33.62 77.05 -9.36
N ARG F 191 32.88 77.46 -10.38
CA ARG F 191 33.33 78.48 -11.31
C ARG F 191 32.34 79.64 -11.33
N SER F 192 31.48 79.66 -10.32
CA SER F 192 30.39 80.61 -10.23
C SER F 192 29.62 80.69 -11.51
N GLU F 193 29.23 79.55 -12.05
CA GLU F 193 28.60 79.49 -13.35
C GLU F 193 27.29 78.73 -13.29
N THR F 194 26.52 78.91 -12.23
CA THR F 194 25.19 78.32 -12.16
C THR F 194 24.14 79.28 -12.72
N LEU F 195 22.88 78.95 -12.50
CA LEU F 195 21.81 79.84 -12.95
C LEU F 195 21.78 81.08 -12.07
N GLY F 196 21.06 82.10 -12.49
CA GLY F 196 21.00 83.33 -11.71
C GLY F 196 20.38 83.20 -10.33
N PHE F 197 20.74 84.10 -9.42
CA PHE F 197 20.20 84.05 -8.08
C PHE F 197 19.00 84.95 -7.96
N TYR F 198 18.67 85.64 -9.04
CA TYR F 198 17.55 86.57 -9.01
C TYR F 198 16.46 86.06 -9.91
N PRO F 199 15.24 85.92 -9.36
CA PRO F 199 14.07 85.42 -10.07
C PRO F 199 13.61 86.32 -11.20
N TRP F 200 13.69 87.62 -11.01
CA TRP F 200 13.10 88.54 -11.98
C TRP F 200 14.09 88.96 -13.05
N LYS F 201 15.31 88.46 -12.95
CA LYS F 201 16.37 88.72 -13.91
C LYS F 201 16.68 87.50 -14.75
N PRO F 202 16.61 87.63 -16.08
CA PRO F 202 16.96 86.51 -16.95
C PRO F 202 18.39 86.01 -16.72
N THR F 203 18.72 84.86 -17.32
CA THR F 203 20.01 84.26 -17.12
C THR F 203 20.40 83.41 -18.32
N ILE F 204 21.50 82.66 -18.19
CA ILE F 204 22.05 81.87 -19.26
C ILE F 204 22.64 80.61 -18.67
N PRO F 205 22.73 79.53 -19.46
CA PRO F 205 23.51 78.38 -19.05
C PRO F 205 24.96 78.65 -19.38
N THR F 206 25.85 77.69 -19.15
CA THR F 206 27.25 77.85 -19.53
C THR F 206 27.72 76.75 -20.44
N PRO F 207 28.61 77.09 -21.38
CA PRO F 207 29.05 76.11 -22.36
C PRO F 207 29.66 74.96 -21.62
N TRP F 208 29.29 73.74 -22.01
CA TRP F 208 29.79 72.57 -21.34
C TRP F 208 31.17 72.24 -21.86
N ARG F 209 32.00 71.68 -20.99
CA ARG F 209 33.37 71.34 -21.33
C ARG F 209 33.85 70.35 -20.30
N TYR F 210 34.77 69.46 -20.64
CA TYR F 210 35.19 68.51 -19.63
C TYR F 210 36.67 68.17 -19.80
N TYR F 211 37.26 67.61 -18.76
CA TYR F 211 38.68 67.33 -18.76
C TYR F 211 39.04 66.14 -19.65
N PHE F 212 40.09 66.30 -20.44
CA PHE F 212 40.61 65.24 -21.28
C PHE F 212 41.97 64.91 -20.73
N GLN F 213 42.39 63.66 -20.73
CA GLN F 213 43.60 63.30 -20.02
C GLN F 213 44.84 63.91 -20.64
N TRP F 214 45.81 64.26 -19.79
CA TRP F 214 47.10 64.76 -20.23
C TRP F 214 48.20 64.43 -19.23
N ASP F 215 49.37 64.04 -19.73
CA ASP F 215 50.59 63.91 -18.90
C ASP F 215 51.28 65.26 -18.79
N ARG F 216 51.99 65.49 -17.70
CA ARG F 216 52.52 66.81 -17.41
C ARG F 216 53.47 66.80 -16.23
N THR F 217 54.67 67.34 -16.40
CA THR F 217 55.63 67.42 -15.31
C THR F 217 56.05 68.87 -15.07
N LEU F 218 56.19 69.28 -13.82
CA LEU F 218 56.66 70.64 -13.52
C LEU F 218 57.46 70.65 -12.23
N ILE F 219 58.76 70.90 -12.33
CA ILE F 219 59.61 70.94 -11.14
C ILE F 219 59.59 72.27 -10.46
N PRO F 220 59.35 72.28 -9.14
CA PRO F 220 59.31 73.53 -8.40
C PRO F 220 60.67 74.19 -8.26
N SER F 221 60.66 75.47 -7.90
CA SER F 221 61.86 76.30 -7.87
C SER F 221 61.59 77.61 -7.13
N HIS F 222 62.63 78.42 -6.94
CA HIS F 222 62.48 79.74 -6.34
C HIS F 222 63.15 80.81 -7.17
N THR F 223 63.04 82.06 -6.75
CA THR F 223 63.54 83.16 -7.55
C THR F 223 65.04 83.03 -7.77
N GLY F 224 65.73 82.58 -6.75
CA GLY F 224 67.17 82.43 -6.90
C GLY F 224 67.59 81.34 -7.87
N THR F 225 66.82 80.26 -7.95
CA THR F 225 67.22 79.12 -8.77
C THR F 225 67.44 79.61 -10.18
N SER F 226 68.59 79.28 -10.74
CA SER F 226 68.75 79.59 -12.15
C SER F 226 68.97 78.29 -12.90
N GLY F 227 69.13 78.43 -14.21
CA GLY F 227 68.98 77.31 -15.12
C GLY F 227 67.50 77.26 -15.43
N THR F 228 67.08 76.26 -16.18
CA THR F 228 65.67 76.12 -16.52
C THR F 228 65.14 74.83 -15.92
N PRO F 229 64.32 74.95 -14.86
CA PRO F 229 63.73 73.78 -14.22
C PRO F 229 62.76 73.14 -15.18
N THR F 230 62.80 71.82 -15.32
CA THR F 230 62.04 71.16 -16.39
C THR F 230 60.55 71.45 -16.26
N ASN F 231 59.94 71.82 -17.39
CA ASN F 231 58.56 72.25 -17.42
C ASN F 231 57.93 71.83 -18.73
N ILE F 232 57.43 70.61 -18.78
CA ILE F 232 57.02 70.02 -20.04
C ILE F 232 55.58 69.47 -20.04
N TYR F 233 54.94 69.48 -21.21
CA TYR F 233 53.63 68.85 -21.41
C TYR F 233 53.88 67.61 -22.25
N HIS F 234 53.85 66.44 -21.64
CA HIS F 234 54.28 65.24 -22.34
C HIS F 234 53.31 64.73 -23.40
N GLY F 235 52.01 64.89 -23.17
CA GLY F 235 51.02 64.41 -24.13
C GLY F 235 49.76 63.77 -23.55
N THR F 236 49.40 62.59 -24.04
CA THR F 236 48.15 61.99 -23.58
C THR F 236 48.29 60.48 -23.43
N ASP F 237 48.12 59.96 -22.20
CA ASP F 237 48.22 58.52 -21.92
C ASP F 237 47.08 57.82 -22.64
N PRO F 238 47.39 57.07 -23.72
CA PRO F 238 46.34 56.50 -24.59
C PRO F 238 45.39 55.61 -23.84
N ASP F 239 45.89 55.03 -22.75
CA ASP F 239 45.13 54.13 -21.89
C ASP F 239 44.10 54.90 -21.07
N ASP F 240 44.16 56.23 -21.10
CA ASP F 240 43.28 57.06 -20.27
C ASP F 240 42.37 57.94 -21.13
N VAL F 241 42.24 57.63 -22.40
CA VAL F 241 41.50 58.51 -23.28
C VAL F 241 40.01 58.29 -23.21
N GLN F 242 39.28 59.31 -22.81
CA GLN F 242 37.82 59.20 -22.82
C GLN F 242 37.16 60.38 -23.50
N PHE F 243 36.68 60.15 -24.72
CA PHE F 243 35.95 61.15 -25.47
C PHE F 243 34.44 60.92 -25.42
N TYR F 244 33.72 61.78 -24.72
CA TYR F 244 32.28 61.62 -24.54
C TYR F 244 31.50 62.51 -25.48
N THR F 245 30.37 62.04 -25.99
CA THR F 245 29.47 62.90 -26.73
C THR F 245 28.12 62.76 -26.13
N ILE F 246 27.37 63.84 -26.08
CA ILE F 246 25.98 63.75 -25.67
C ILE F 246 25.21 62.83 -26.59
N GLU F 247 25.46 62.99 -27.88
CA GLU F 247 24.67 62.33 -28.91
C GLU F 247 24.66 60.82 -28.78
N ASN F 248 25.78 60.22 -28.44
CA ASN F 248 25.81 58.77 -28.36
C ASN F 248 25.40 58.17 -27.02
N SER F 249 25.21 59.02 -26.01
CA SER F 249 25.01 58.54 -24.64
C SER F 249 23.64 58.86 -24.09
N VAL F 250 23.05 59.94 -24.57
CA VAL F 250 21.83 60.49 -24.00
C VAL F 250 20.72 60.66 -25.02
N PRO F 251 19.48 60.32 -24.66
CA PRO F 251 18.38 60.60 -25.58
C PRO F 251 18.09 62.09 -25.68
N VAL F 252 18.04 62.62 -26.89
CA VAL F 252 17.81 64.03 -27.10
C VAL F 252 16.41 64.33 -27.58
N HIS F 253 15.74 65.23 -26.88
CA HIS F 253 14.38 65.61 -27.22
C HIS F 253 14.43 66.88 -28.01
N LEU F 254 13.70 66.94 -29.12
CA LEU F 254 13.60 68.19 -29.86
C LEU F 254 12.37 68.95 -29.42
N LEU F 255 12.54 70.13 -28.83
CA LEU F 255 11.40 70.92 -28.41
C LEU F 255 11.16 72.16 -29.26
N ARG F 256 9.99 72.24 -29.89
CA ARG F 256 9.54 73.46 -30.56
C ARG F 256 8.72 74.29 -29.58
N THR F 257 8.10 75.37 -30.06
CA THR F 257 7.41 76.29 -29.17
C THR F 257 6.40 75.61 -28.30
N GLY F 258 5.59 74.77 -28.91
CA GLY F 258 4.51 74.15 -28.18
C GLY F 258 4.94 72.96 -27.36
N ASP F 259 6.23 72.62 -27.36
CA ASP F 259 6.67 71.46 -26.60
C ASP F 259 7.13 71.84 -25.19
N GLU F 260 7.18 70.83 -24.31
CA GLU F 260 7.69 71.00 -22.96
C GLU F 260 8.42 69.75 -22.54
N PHE F 261 9.39 69.89 -21.65
CA PHE F 261 10.14 68.75 -21.15
C PHE F 261 10.22 68.78 -19.67
N ALA F 262 9.79 67.70 -19.05
CA ALA F 262 9.86 67.60 -17.61
C ALA F 262 10.55 66.31 -17.26
N THR F 263 11.34 66.36 -16.19
CA THR F 263 12.08 65.22 -15.70
C THR F 263 11.24 64.46 -14.72
N GLY F 264 11.75 63.34 -14.23
CA GLY F 264 11.00 62.64 -13.22
C GLY F 264 11.06 63.42 -11.92
N THR F 265 10.72 62.77 -10.82
CA THR F 265 11.07 63.29 -9.52
C THR F 265 12.18 62.44 -8.97
N PHE F 266 13.35 63.03 -8.79
CA PHE F 266 14.49 62.29 -8.27
C PHE F 266 14.56 62.32 -6.77
N PHE F 267 14.75 61.15 -6.18
CA PHE F 267 14.83 61.05 -4.75
C PHE F 267 16.23 60.84 -4.27
N PHE F 268 16.65 61.65 -3.30
CA PHE F 268 18.01 61.57 -2.79
C PHE F 268 18.12 60.54 -1.69
N ASP F 269 19.34 60.17 -1.36
CA ASP F 269 19.63 59.52 -0.08
C ASP F 269 21.04 59.85 0.35
N CYS F 270 21.10 60.61 1.44
CA CYS F 270 22.34 61.12 2.01
C CYS F 270 22.17 61.26 3.51
N LYS F 271 23.24 61.68 4.19
CA LYS F 271 23.19 61.97 5.62
C LYS F 271 22.51 63.31 5.80
N PRO F 272 22.06 63.61 7.02
CA PRO F 272 21.57 64.96 7.30
C PRO F 272 22.70 65.96 7.39
N CYS F 273 22.44 67.21 7.02
CA CYS F 273 23.40 68.28 7.27
C CYS F 273 22.99 69.07 8.48
N ARG F 274 23.93 69.34 9.38
CA ARG F 274 23.57 69.92 10.65
C ARG F 274 23.73 71.42 10.66
N LEU F 275 22.86 72.12 11.38
CA LEU F 275 22.87 73.56 11.38
C LEU F 275 23.28 74.14 12.72
N THR F 276 24.18 73.44 13.37
CA THR F 276 24.75 73.87 14.63
C THR F 276 26.26 73.69 14.64
N HIS F 277 26.97 74.62 15.26
CA HIS F 277 28.42 74.53 15.32
C HIS F 277 28.87 74.05 16.68
N THR F 278 29.95 73.30 16.72
CA THR F 278 30.50 72.81 17.98
C THR F 278 31.60 73.73 18.43
N TRP F 279 31.68 74.02 19.71
CA TRP F 279 32.63 75.02 20.13
C TRP F 279 33.82 74.51 20.90
N GLN F 280 33.75 73.25 21.31
CA GLN F 280 34.73 72.70 22.21
C GLN F 280 35.92 72.22 21.42
N THR F 281 37.10 72.58 21.90
CA THR F 281 38.35 71.98 21.46
C THR F 281 38.75 71.01 22.54
N ASN F 282 39.84 70.28 22.35
CA ASN F 282 40.25 69.35 23.38
C ASN F 282 40.32 69.94 24.78
N ARG F 283 40.61 71.23 24.88
CA ARG F 283 40.90 71.81 26.18
C ARG F 283 39.69 71.96 27.03
N ALA F 284 38.53 71.65 26.45
CA ALA F 284 37.26 71.77 27.15
C ALA F 284 36.38 70.57 26.98
N LEU F 285 36.94 69.37 27.15
CA LEU F 285 36.18 68.14 27.06
C LEU F 285 36.16 67.45 28.40
N GLY F 286 35.02 67.38 29.04
CA GLY F 286 34.92 66.52 30.19
C GLY F 286 34.88 67.27 31.49
N LEU F 287 35.34 66.63 32.55
CA LEU F 287 35.20 67.22 33.88
C LEU F 287 36.32 68.21 34.17
N PRO F 288 35.97 69.50 34.33
CA PRO F 288 36.96 70.50 34.71
C PRO F 288 37.49 70.25 36.11
N PRO F 289 38.70 70.70 36.38
CA PRO F 289 39.32 70.41 37.66
C PRO F 289 38.66 71.17 38.77
N PHE F 290 38.53 70.52 39.92
CA PHE F 290 37.79 71.11 41.01
C PHE F 290 38.54 72.29 41.55
N LEU F 291 37.86 73.42 41.70
CA LEU F 291 38.52 74.61 42.20
C LEU F 291 38.43 74.69 43.72
N ASN F 292 39.56 74.61 44.40
CA ASN F 292 39.56 74.63 45.86
C ASN F 292 39.53 76.04 46.40
N SER F 293 39.73 77.01 45.53
CA SER F 293 39.63 78.39 45.94
C SER F 293 38.76 79.16 44.99
N LEU F 294 37.55 79.42 45.42
CA LEU F 294 36.66 80.16 44.58
C LEU F 294 36.80 81.61 44.97
N PRO F 295 36.72 82.49 43.97
CA PRO F 295 36.83 83.93 44.09
C PRO F 295 35.75 84.52 44.96
N GLN F 296 36.01 85.68 45.55
CA GLN F 296 35.08 86.27 46.50
C GLN F 296 34.72 87.74 46.27
N SER F 297 35.12 88.30 45.14
CA SER F 297 34.57 89.59 44.70
C SER F 297 34.53 89.61 43.18
N GLU F 298 33.51 90.24 42.59
CA GLU F 298 33.40 90.25 41.14
C GLU F 298 34.49 91.10 40.58
N GLY F 299 34.71 91.00 39.28
CA GLY F 299 35.75 91.80 38.67
C GLY F 299 36.47 91.03 37.60
N GLY F 300 37.53 91.63 37.08
CA GLY F 300 38.12 91.13 35.86
C GLY F 300 39.36 90.30 36.07
N THR F 301 39.86 90.30 37.29
CA THR F 301 41.03 89.49 37.58
C THR F 301 40.87 88.72 38.88
N ASN F 302 39.65 88.64 39.41
CA ASN F 302 39.45 87.83 40.59
C ASN F 302 39.31 86.38 40.20
N PHE F 303 40.41 85.74 39.80
CA PHE F 303 40.37 84.37 39.31
C PHE F 303 40.15 83.35 40.43
N GLY F 304 39.76 82.14 40.05
CA GLY F 304 39.72 81.03 40.97
C GLY F 304 40.96 80.20 40.70
N TYR F 305 41.39 79.42 41.69
CA TYR F 305 42.62 78.66 41.59
C TYR F 305 42.37 77.22 41.95
N ILE F 306 42.93 76.30 41.16
CA ILE F 306 42.77 74.89 41.45
C ILE F 306 43.18 74.58 42.87
N GLY F 307 44.37 75.02 43.25
CA GLY F 307 44.79 74.92 44.62
C GLY F 307 45.41 73.59 44.93
N VAL F 308 45.99 72.94 43.93
CA VAL F 308 46.77 71.75 44.16
C VAL F 308 48.02 71.76 43.33
N GLN F 309 49.12 71.35 43.95
CA GLN F 309 50.38 71.29 43.25
C GLN F 309 50.25 70.47 41.98
N GLN F 310 50.75 71.02 40.89
CA GLN F 310 50.64 70.41 39.59
C GLN F 310 51.25 69.03 39.52
N ASP F 311 52.08 68.68 40.50
CA ASP F 311 52.69 67.36 40.52
C ASP F 311 52.11 66.43 41.58
N LYS F 312 51.12 66.91 42.33
CA LYS F 312 50.48 66.11 43.39
C LYS F 312 49.01 65.86 43.10
N ARG F 313 48.63 65.94 41.83
CA ARG F 313 47.23 65.87 41.42
C ARG F 313 46.80 64.48 40.99
N ARG F 314 45.50 64.21 41.10
CA ARG F 314 44.95 62.94 40.64
C ARG F 314 44.33 63.07 39.26
N GLY F 315 44.47 62.01 38.48
CA GLY F 315 43.96 62.01 37.12
C GLY F 315 44.80 61.16 36.18
N VAL F 316 44.49 61.25 34.90
CA VAL F 316 45.10 60.40 33.89
C VAL F 316 45.77 61.19 32.79
N THR F 317 46.99 60.83 32.47
CA THR F 317 47.64 61.46 31.34
C THR F 317 48.26 60.37 30.50
N GLN F 318 48.70 60.72 29.30
CA GLN F 318 49.37 59.77 28.45
C GLN F 318 50.85 60.10 28.47
N MET F 319 51.29 60.67 29.58
CA MET F 319 52.68 61.01 29.77
C MET F 319 53.31 60.18 30.88
N GLY F 320 53.93 59.07 30.49
CA GLY F 320 54.52 58.14 31.43
C GLY F 320 55.62 58.67 32.32
N ASN F 321 56.28 59.75 31.92
CA ASN F 321 57.36 60.30 32.72
C ASN F 321 56.86 61.13 33.88
N THR F 322 56.33 62.31 33.60
CA THR F 322 56.06 63.24 34.69
C THR F 322 54.82 62.90 35.48
N ASN F 323 54.74 63.50 36.66
CA ASN F 323 53.59 63.41 37.51
C ASN F 323 52.84 64.71 37.46
N TYR F 324 53.22 65.54 36.49
CA TYR F 324 52.54 66.79 36.25
C TYR F 324 51.18 66.51 35.65
N ILE F 325 50.12 67.06 36.22
CA ILE F 325 48.80 66.93 35.59
C ILE F 325 48.16 68.29 35.39
N THR F 326 48.26 68.79 34.16
CA THR F 326 47.68 70.08 33.83
C THR F 326 46.71 69.99 32.68
N GLU F 327 45.95 71.07 32.49
CA GLU F 327 44.95 71.13 31.45
C GLU F 327 45.48 70.82 30.09
N ALA F 328 46.76 71.10 29.85
CA ALA F 328 47.33 70.74 28.56
C ALA F 328 47.87 69.32 28.53
N THR F 329 47.91 68.67 29.69
CA THR F 329 48.51 67.36 29.79
C THR F 329 47.49 66.23 30.01
N ILE F 330 46.46 66.54 30.79
CA ILE F 330 45.41 65.60 31.13
C ILE F 330 44.88 64.93 29.88
N MET F 331 44.62 63.64 29.97
CA MET F 331 44.08 62.91 28.83
C MET F 331 42.72 63.43 28.41
N ARG F 332 42.44 63.34 27.12
CA ARG F 332 41.10 63.61 26.62
C ARG F 332 40.70 62.38 25.84
N PRO F 333 39.40 62.10 25.73
CA PRO F 333 38.94 60.86 25.11
C PRO F 333 39.41 60.61 23.68
N ALA F 334 39.55 61.63 22.86
CA ALA F 334 40.09 61.49 21.51
C ALA F 334 40.56 62.86 21.06
N GLU F 335 40.68 63.12 19.77
CA GLU F 335 41.15 64.44 19.39
C GLU F 335 40.25 65.14 18.39
N VAL F 336 39.86 66.36 18.75
CA VAL F 336 38.98 67.15 17.91
C VAL F 336 39.71 67.94 16.88
N GLY F 337 39.48 67.62 15.63
CA GLY F 337 40.13 68.30 14.54
C GLY F 337 41.48 67.68 14.31
N TYR F 338 42.19 68.18 13.31
CA TYR F 338 43.46 67.59 12.97
C TYR F 338 44.38 68.60 12.36
N SER F 339 45.66 68.34 12.46
CA SER F 339 46.64 69.24 11.88
C SER F 339 47.06 68.80 10.50
N ALA F 340 47.12 69.75 9.57
CA ALA F 340 47.41 69.45 8.19
C ALA F 340 48.48 70.36 7.62
N PRO F 341 49.16 69.90 6.57
CA PRO F 341 50.16 70.67 5.82
C PRO F 341 49.59 71.91 5.15
N TYR F 342 50.37 72.99 5.10
CA TYR F 342 49.91 74.24 4.51
C TYR F 342 51.09 75.17 4.21
N TYR F 343 51.15 75.79 3.03
CA TYR F 343 50.36 75.51 1.82
C TYR F 343 50.94 74.35 1.02
N SER F 344 50.45 73.14 1.21
CA SER F 344 51.08 72.00 0.58
C SER F 344 50.61 71.76 -0.83
N PHE F 345 51.55 71.55 -1.74
CA PHE F 345 51.20 71.16 -3.09
C PHE F 345 51.78 69.80 -3.43
N GLU F 346 50.95 68.94 -4.02
CA GLU F 346 51.37 67.60 -4.37
C GLU F 346 51.24 67.38 -5.85
N ALA F 347 51.93 66.39 -6.36
CA ALA F 347 51.95 66.25 -7.79
C ALA F 347 51.81 64.81 -8.22
N SER F 348 50.96 64.62 -9.21
CA SER F 348 50.80 63.34 -9.84
C SER F 348 50.59 63.56 -11.31
N THR F 349 50.66 62.47 -12.06
CA THR F 349 50.47 62.39 -13.50
C THR F 349 50.19 63.69 -14.25
N GLN F 350 49.37 64.57 -13.69
CA GLN F 350 48.88 65.72 -14.45
C GLN F 350 49.31 67.07 -13.91
N GLY F 351 50.25 67.06 -12.98
CA GLY F 351 50.83 68.30 -12.51
C GLY F 351 50.50 68.41 -11.06
N PRO F 352 50.85 69.53 -10.46
CA PRO F 352 50.68 69.82 -9.04
C PRO F 352 49.33 70.39 -8.68
N PHE F 353 48.94 70.22 -7.42
CA PHE F 353 47.68 70.73 -6.90
C PHE F 353 47.76 70.93 -5.41
N LYS F 354 46.99 71.87 -4.87
CA LYS F 354 47.02 72.12 -3.43
C LYS F 354 46.44 70.95 -2.65
N THR F 355 46.97 70.71 -1.46
CA THR F 355 46.42 69.72 -0.56
C THR F 355 45.30 70.36 0.24
N PRO F 356 44.10 69.77 0.17
CA PRO F 356 42.88 70.29 0.79
C PRO F 356 42.80 70.05 2.28
N ILE F 357 42.11 70.93 2.98
CA ILE F 357 42.00 70.85 4.43
C ILE F 357 40.55 70.76 4.84
N ALA F 358 40.29 70.07 5.94
CA ALA F 358 38.95 69.84 6.40
C ALA F 358 38.48 70.91 7.37
N ALA F 359 39.24 71.08 8.44
CA ALA F 359 38.72 71.75 9.62
C ALA F 359 38.43 73.25 9.46
N GLY F 360 38.61 73.97 10.57
CA GLY F 360 38.51 75.41 10.60
C GLY F 360 37.22 75.72 11.32
N ARG F 361 37.15 76.79 12.12
CA ARG F 361 38.23 77.72 12.42
C ARG F 361 38.99 77.29 13.66
N GLY F 362 40.24 77.69 13.75
CA GLY F 362 41.06 77.30 14.88
C GLY F 362 41.63 78.42 15.70
N GLY F 363 41.70 79.61 15.11
CA GLY F 363 42.32 80.68 15.85
C GLY F 363 41.35 81.24 16.88
N ALA F 364 41.89 82.04 17.78
CA ALA F 364 41.11 82.68 18.83
C ALA F 364 40.47 83.93 18.29
N GLN F 365 40.45 84.96 19.12
CA GLN F 365 39.80 86.19 18.79
C GLN F 365 40.36 86.81 17.53
N THR F 366 39.46 87.02 16.58
CA THR F 366 39.76 87.60 15.29
C THR F 366 41.14 87.38 14.63
N ASP F 367 41.80 86.26 14.92
CA ASP F 367 43.06 85.94 14.22
C ASP F 367 42.92 84.48 13.82
N GLU F 368 43.26 84.18 12.58
CA GLU F 368 42.95 82.89 11.99
C GLU F 368 43.92 82.50 10.90
N ASN F 369 44.52 81.34 11.01
CA ASN F 369 45.45 80.94 9.99
C ASN F 369 44.70 80.38 8.81
N GLN F 370 43.99 81.25 8.10
CA GLN F 370 43.08 80.84 7.06
C GLN F 370 43.61 79.83 6.06
N ALA F 371 44.83 79.35 6.26
CA ALA F 371 45.40 78.42 5.32
C ALA F 371 45.56 77.08 5.98
N ALA F 372 45.86 77.12 7.28
CA ALA F 372 45.96 75.90 8.06
C ALA F 372 44.59 75.27 8.24
N ASP F 373 43.56 76.12 8.20
CA ASP F 373 42.17 75.70 8.35
C ASP F 373 41.47 75.55 7.00
N GLY F 374 42.16 75.95 5.94
CA GLY F 374 41.67 75.78 4.60
C GLY F 374 40.35 76.48 4.44
N ASP F 375 40.29 77.70 4.97
CA ASP F 375 39.07 78.47 4.88
C ASP F 375 38.91 78.85 3.43
N PRO F 376 37.73 78.58 2.88
CA PRO F 376 37.44 78.74 1.46
C PRO F 376 37.14 80.19 1.11
N ARG F 377 37.39 80.56 -0.14
CA ARG F 377 37.24 81.95 -0.54
C ARG F 377 36.47 82.02 -1.84
N TYR F 378 35.38 82.79 -1.85
CA TYR F 378 34.48 82.74 -3.00
C TYR F 378 34.54 83.99 -3.90
N ALA F 379 34.63 83.77 -5.21
CA ALA F 379 34.68 84.86 -6.16
C ALA F 379 33.59 84.72 -7.20
N PHE F 380 32.84 85.79 -7.43
CA PHE F 380 31.61 85.71 -8.18
C PHE F 380 31.21 87.03 -8.85
N GLY F 381 30.24 87.02 -9.76
CA GLY F 381 29.92 88.23 -10.48
C GLY F 381 28.48 88.57 -10.81
N ARG F 382 28.02 89.69 -10.26
CA ARG F 382 26.70 90.27 -10.54
C ARG F 382 25.54 89.31 -10.58
N GLN F 383 25.60 88.32 -11.47
CA GLN F 383 24.58 87.29 -11.49
C GLN F 383 24.47 86.55 -10.15
N HIS F 384 25.56 86.45 -9.43
CA HIS F 384 25.60 85.62 -8.23
C HIS F 384 26.00 86.37 -6.98
N GLY F 385 25.68 87.65 -6.88
CA GLY F 385 25.92 88.33 -5.62
C GLY F 385 26.54 89.70 -5.67
N GLN F 386 27.47 89.93 -6.60
CA GLN F 386 28.12 91.24 -6.72
C GLN F 386 27.06 92.28 -7.05
N LYS F 387 27.27 93.52 -6.62
CA LYS F 387 26.32 94.59 -6.85
C LYS F 387 26.13 94.67 -8.36
N THR F 388 24.89 94.65 -8.80
CA THR F 388 24.61 94.52 -10.21
C THR F 388 24.92 95.78 -11.00
N THR F 389 25.05 96.91 -10.33
CA THR F 389 25.39 98.19 -10.98
C THR F 389 26.89 98.35 -11.17
N THR F 390 27.67 97.52 -10.51
CA THR F 390 29.12 97.59 -10.59
C THR F 390 29.67 97.28 -11.97
N THR F 391 30.34 98.25 -12.57
CA THR F 391 31.09 98.03 -13.78
C THR F 391 32.50 97.59 -13.45
N GLY F 392 33.20 97.06 -14.45
CA GLY F 392 34.56 96.55 -14.27
C GLY F 392 34.54 95.05 -14.20
N GLU F 393 35.61 94.41 -14.64
CA GLU F 393 35.62 92.95 -14.72
C GLU F 393 36.18 92.32 -13.44
N THR F 394 36.36 93.14 -12.41
CA THR F 394 36.88 92.63 -11.14
C THR F 394 35.73 92.05 -10.28
N PRO F 395 35.86 90.77 -9.90
CA PRO F 395 34.82 90.02 -9.16
C PRO F 395 34.73 90.39 -7.71
N GLU F 396 33.59 90.11 -7.08
CA GLU F 396 33.38 90.30 -5.64
C GLU F 396 33.82 89.07 -4.89
N ARG F 397 34.28 89.23 -3.66
CA ARG F 397 34.84 88.11 -2.97
C ARG F 397 34.48 88.11 -1.48
N PHE F 398 34.66 86.95 -0.87
CA PHE F 398 34.60 86.80 0.59
C PHE F 398 35.26 85.50 0.97
N THR F 399 35.67 85.43 2.23
CA THR F 399 36.25 84.19 2.74
C THR F 399 35.41 83.67 3.88
N TYR F 400 34.87 82.47 3.69
CA TYR F 400 33.96 81.94 4.67
C TYR F 400 34.76 81.40 5.82
N ILE F 401 34.60 82.02 6.98
CA ILE F 401 35.16 81.47 8.19
C ILE F 401 34.05 80.89 9.04
N ALA F 402 34.06 79.57 9.16
CA ALA F 402 33.01 78.84 9.83
C ALA F 402 32.90 79.20 11.30
N HIS F 403 31.78 78.85 11.92
CA HIS F 403 31.63 79.09 13.34
C HIS F 403 32.20 77.94 14.13
N GLN F 404 32.30 76.77 13.52
CA GLN F 404 32.72 75.59 14.25
C GLN F 404 34.20 75.59 14.55
N ASP F 405 34.54 75.76 15.82
CA ASP F 405 35.93 75.83 16.22
C ASP F 405 36.57 74.43 16.25
N THR F 406 37.03 73.93 15.11
CA THR F 406 37.71 72.61 15.08
C THR F 406 39.01 72.66 14.28
N GLY F 407 39.51 73.88 14.02
CA GLY F 407 40.72 74.07 13.27
C GLY F 407 41.94 74.25 14.16
N ARG F 408 43.00 74.81 13.62
CA ARG F 408 44.24 74.95 14.36
C ARG F 408 44.78 76.37 14.35
N TYR F 409 45.59 76.69 15.35
CA TYR F 409 46.36 77.93 15.41
C TYR F 409 47.81 77.55 15.53
N PRO F 410 48.45 77.14 14.41
CA PRO F 410 49.77 76.51 14.39
C PRO F 410 50.87 77.31 15.06
N GLU F 411 50.62 78.58 15.27
CA GLU F 411 51.54 79.43 16.01
C GLU F 411 51.69 78.92 17.43
N GLY F 412 50.65 78.28 17.95
CA GLY F 412 50.66 77.80 19.32
C GLY F 412 51.14 76.37 19.50
N ASP F 413 51.57 75.73 18.42
CA ASP F 413 52.07 74.34 18.44
C ASP F 413 53.48 74.27 18.95
N TRP F 414 53.87 73.09 19.43
CA TRP F 414 55.26 72.80 19.74
C TRP F 414 55.48 71.32 20.00
N ILE F 415 56.74 70.93 20.12
CA ILE F 415 57.11 69.53 20.39
C ILE F 415 58.24 69.44 21.43
N GLN F 416 58.00 68.82 22.59
CA GLN F 416 59.11 68.69 23.54
C GLN F 416 59.80 67.35 23.43
N ASN F 417 61.02 67.32 23.92
CA ASN F 417 61.80 66.10 23.97
C ASN F 417 61.20 65.18 25.00
N ILE F 418 61.43 63.88 24.80
CA ILE F 418 60.93 62.82 25.64
C ILE F 418 61.09 63.11 27.12
N ASN F 419 62.14 63.85 27.48
CA ASN F 419 62.51 63.98 28.89
C ASN F 419 61.62 64.89 29.69
N PHE F 420 61.00 65.83 29.00
CA PHE F 420 60.11 66.75 29.67
C PHE F 420 60.81 67.36 30.87
N ASN F 421 62.05 67.77 30.66
CA ASN F 421 62.79 68.50 31.65
C ASN F 421 62.47 69.97 31.49
N LEU F 422 61.62 70.51 32.37
CA LEU F 422 61.10 71.85 32.08
C LEU F 422 61.18 72.81 33.27
N PRO F 423 61.28 74.14 33.00
CA PRO F 423 61.30 74.94 31.76
C PRO F 423 62.26 74.42 30.72
N VAL F 424 61.81 74.35 29.46
CA VAL F 424 62.49 73.55 28.45
C VAL F 424 63.66 74.24 27.72
N THR F 425 64.73 73.49 27.51
CA THR F 425 65.91 73.97 26.82
C THR F 425 65.58 74.24 25.38
N ASP F 426 66.32 75.13 24.75
CA ASP F 426 66.09 75.44 23.36
C ASP F 426 66.43 74.23 22.51
N ASP F 427 67.32 73.37 23.00
CA ASP F 427 67.69 72.17 22.26
C ASP F 427 66.64 71.08 22.33
N ASN F 428 65.76 71.18 23.31
CA ASN F 428 64.78 70.13 23.58
C ASN F 428 63.37 70.43 23.09
N VAL F 429 63.16 71.57 22.44
CA VAL F 429 61.85 71.92 21.97
C VAL F 429 61.96 72.36 20.54
N LEU F 430 60.93 72.08 19.77
CA LEU F 430 60.90 72.49 18.39
C LEU F 430 59.74 73.46 18.24
N LEU F 431 60.02 74.71 17.92
CA LEU F 431 58.97 75.74 17.86
C LEU F 431 58.54 76.00 16.42
N PRO F 432 57.37 76.65 16.23
CA PRO F 432 56.98 77.13 14.90
C PRO F 432 57.81 78.32 14.45
N THR F 433 58.80 78.68 15.26
CA THR F 433 59.76 79.72 14.98
C THR F 433 61.03 79.17 14.38
N ASP F 434 61.44 78.01 14.87
CA ASP F 434 62.66 77.35 14.42
C ASP F 434 62.56 76.81 13.02
N PRO F 435 63.41 77.32 12.15
CA PRO F 435 63.43 77.00 10.72
C PRO F 435 63.81 75.57 10.44
N ILE F 436 63.27 75.08 9.33
CA ILE F 436 63.35 73.70 8.92
C ILE F 436 64.03 73.56 7.58
N GLY F 437 64.99 72.66 7.45
CA GLY F 437 65.65 72.46 6.18
C GLY F 437 66.38 73.73 5.75
N GLY F 438 66.69 74.57 6.74
CA GLY F 438 67.41 75.79 6.51
C GLY F 438 66.68 76.91 5.79
N LYS F 439 65.39 77.02 6.03
CA LYS F 439 64.61 78.08 5.43
C LYS F 439 64.01 78.99 6.46
N THR F 440 64.20 80.30 6.30
CA THR F 440 63.68 81.27 7.26
C THR F 440 62.19 81.23 7.45
N GLY F 441 61.45 81.14 6.36
CA GLY F 441 60.00 81.16 6.38
C GLY F 441 59.26 79.84 6.43
N ILE F 442 59.94 78.78 6.85
CA ILE F 442 59.35 77.46 6.95
C ILE F 442 59.56 76.86 8.33
N ASN F 443 58.51 76.31 8.93
CA ASN F 443 58.64 75.63 10.23
C ASN F 443 57.98 74.29 10.15
N TYR F 444 58.04 73.52 11.23
CA TYR F 444 57.62 72.14 11.13
C TYR F 444 56.14 72.04 10.86
N THR F 445 55.36 72.99 11.35
CA THR F 445 53.92 72.88 11.23
C THR F 445 53.44 72.87 9.78
N ASN F 446 54.29 73.33 8.86
CA ASN F 446 53.92 73.35 7.46
C ASN F 446 53.88 71.97 6.82
N ILE F 447 54.55 70.98 7.42
CA ILE F 447 54.51 69.64 6.87
C ILE F 447 53.88 68.64 7.88
N PHE F 448 53.33 69.18 8.94
CA PHE F 448 52.83 68.39 10.06
C PHE F 448 51.48 67.81 9.75
N ASN F 449 51.21 66.62 10.29
CA ASN F 449 49.95 65.95 10.04
C ASN F 449 49.53 65.11 11.23
N THR F 450 48.50 65.51 11.96
CA THR F 450 48.08 64.70 13.09
C THR F 450 46.70 64.07 12.93
N TYR F 451 46.32 63.80 11.69
CA TYR F 451 45.13 63.01 11.44
C TYR F 451 45.42 61.64 11.93
N GLY F 452 44.43 61.01 12.54
CA GLY F 452 44.66 59.72 13.14
C GLY F 452 43.39 59.10 13.63
N PRO F 453 43.49 57.87 14.12
CA PRO F 453 42.32 57.12 14.55
C PRO F 453 41.65 57.72 15.77
N LEU F 454 42.10 58.86 16.25
CA LEU F 454 41.36 59.52 17.31
C LEU F 454 40.80 60.85 16.83
N THR F 455 40.90 61.10 15.54
CA THR F 455 40.49 62.38 14.99
C THR F 455 38.98 62.43 14.87
N ALA F 456 38.36 63.53 15.31
CA ALA F 456 36.92 63.74 15.13
C ALA F 456 36.66 65.03 14.34
N LEU F 457 35.63 65.01 13.51
CA LEU F 457 35.42 66.03 12.49
C LEU F 457 33.95 66.38 12.27
N ASN F 458 33.67 67.56 11.75
CA ASN F 458 32.33 67.79 11.24
C ASN F 458 32.39 67.92 9.73
N ASN F 459 31.25 67.85 9.07
CA ASN F 459 31.18 68.06 7.63
C ASN F 459 31.17 69.55 7.38
N VAL F 460 31.45 69.96 6.15
CA VAL F 460 31.50 71.37 5.83
C VAL F 460 30.14 72.04 5.98
N PRO F 461 30.15 73.27 6.49
CA PRO F 461 28.88 73.99 6.63
C PRO F 461 28.47 74.61 5.32
N PRO F 462 27.17 74.76 5.09
CA PRO F 462 26.68 75.32 3.84
C PRO F 462 27.02 76.78 3.71
N VAL F 463 27.46 77.14 2.52
CA VAL F 463 27.87 78.49 2.25
C VAL F 463 26.83 79.18 1.40
N TYR F 464 26.00 80.02 2.02
CA TYR F 464 25.01 80.78 1.28
C TYR F 464 25.57 82.11 0.84
N PRO F 465 25.33 82.48 -0.41
CA PRO F 465 24.57 81.75 -1.41
C PRO F 465 25.39 81.03 -2.45
N ASN F 466 26.69 81.20 -2.43
CA ASN F 466 27.50 80.72 -3.53
C ASN F 466 27.93 79.26 -3.41
N GLY F 467 27.64 78.64 -2.26
CA GLY F 467 28.06 77.27 -2.01
C GLY F 467 27.35 76.23 -2.84
N GLN F 468 28.02 75.12 -3.06
CA GLN F 468 27.41 74.00 -3.75
C GLN F 468 26.47 73.34 -2.74
N ILE F 469 25.43 72.64 -3.22
CA ILE F 469 24.50 71.98 -2.31
C ILE F 469 24.79 70.50 -2.22
N TRP F 470 24.77 69.83 -3.36
CA TRP F 470 25.06 68.42 -3.36
C TRP F 470 26.21 68.14 -4.30
N ASP F 471 26.85 66.98 -4.14
CA ASP F 471 27.98 66.63 -4.99
C ASP F 471 28.03 65.14 -5.21
N LYS F 472 28.48 64.71 -6.38
CA LYS F 472 28.63 63.28 -6.66
C LYS F 472 29.77 62.70 -5.87
N GLU F 473 29.73 61.41 -5.60
CA GLU F 473 30.81 60.78 -4.85
C GLU F 473 31.83 60.22 -5.81
N PHE F 474 33.10 60.21 -5.40
CA PHE F 474 34.12 59.67 -6.25
C PHE F 474 33.87 58.20 -6.43
N ASP F 475 34.06 57.70 -7.63
CA ASP F 475 33.94 56.28 -7.82
C ASP F 475 35.24 55.59 -7.49
N THR F 476 35.75 55.81 -6.29
CA THR F 476 36.92 55.10 -5.87
C THR F 476 36.50 54.01 -4.91
N ASP F 477 37.28 52.94 -4.87
CA ASP F 477 36.97 51.80 -4.03
C ASP F 477 36.90 52.18 -2.54
N LEU F 478 37.71 53.16 -2.13
CA LEU F 478 37.64 53.73 -0.80
C LEU F 478 37.31 55.21 -0.93
N LYS F 479 36.44 55.72 -0.08
CA LYS F 479 35.86 57.02 -0.36
C LYS F 479 36.24 58.06 0.68
N PRO F 480 36.08 59.34 0.33
CA PRO F 480 36.38 60.40 1.27
C PRO F 480 35.37 60.47 2.38
N ARG F 481 35.77 60.82 3.59
CA ARG F 481 34.82 60.97 4.68
C ARG F 481 33.95 62.23 4.52
N LEU F 482 34.32 63.11 3.60
CA LEU F 482 33.47 64.24 3.26
C LEU F 482 33.99 64.89 2.02
N HIS F 483 33.28 65.90 1.50
CA HIS F 483 33.79 66.74 0.42
C HIS F 483 33.78 68.15 0.95
N VAL F 484 34.62 69.03 0.41
CA VAL F 484 34.72 70.36 0.99
C VAL F 484 33.89 71.40 0.30
N ASN F 485 33.38 71.04 -0.87
CA ASN F 485 32.65 71.97 -1.69
C ASN F 485 31.16 71.90 -1.48
N ALA F 486 30.71 70.83 -0.83
CA ALA F 486 29.27 70.63 -0.60
C ALA F 486 28.95 69.73 0.61
N PRO F 487 27.84 70.01 1.29
CA PRO F 487 27.50 69.19 2.45
C PRO F 487 26.80 67.87 2.14
N PHE F 488 26.08 67.74 1.04
CA PHE F 488 25.39 66.50 0.71
C PHE F 488 26.10 65.73 -0.36
N VAL F 489 26.46 64.48 -0.08
CA VAL F 489 27.09 63.65 -1.10
C VAL F 489 26.31 62.38 -1.38
N CYS F 490 25.85 62.22 -2.61
CA CYS F 490 25.11 61.02 -3.01
C CYS F 490 25.99 59.79 -3.30
N GLN F 491 26.02 58.85 -2.37
CA GLN F 491 26.74 57.60 -2.60
C GLN F 491 25.81 56.74 -3.44
N ASN F 492 24.54 57.09 -3.37
CA ASN F 492 23.52 56.45 -4.19
C ASN F 492 23.80 56.71 -5.67
N ASN F 493 23.23 57.77 -6.19
CA ASN F 493 23.34 58.14 -7.60
C ASN F 493 22.82 59.55 -7.56
N CYS F 494 23.44 60.47 -8.30
CA CYS F 494 22.95 61.84 -8.27
C CYS F 494 22.06 62.20 -9.44
N PRO F 495 21.30 63.29 -9.27
CA PRO F 495 20.56 63.80 -10.40
C PRO F 495 21.48 63.98 -11.58
N GLY F 496 20.98 63.67 -12.77
CA GLY F 496 21.74 63.84 -13.99
C GLY F 496 21.91 65.29 -14.40
N GLN F 497 22.91 65.55 -15.21
CA GLN F 497 23.08 66.90 -15.68
C GLN F 497 22.16 67.22 -16.84
N LEU F 498 21.74 68.47 -16.91
CA LEU F 498 20.79 68.84 -17.94
C LEU F 498 21.45 69.67 -18.99
N PHE F 499 21.36 69.24 -20.25
CA PHE F 499 22.03 69.91 -21.35
C PHE F 499 21.07 70.44 -22.41
N VAL F 500 21.32 71.66 -22.86
CA VAL F 500 20.51 72.28 -23.90
C VAL F 500 21.38 72.66 -25.08
N LYS F 501 20.77 72.95 -26.21
CA LYS F 501 21.50 73.28 -27.42
C LYS F 501 20.53 73.75 -28.51
N VAL F 502 20.84 74.86 -29.15
CA VAL F 502 20.04 75.29 -30.28
C VAL F 502 20.26 74.37 -31.47
N ALA F 503 19.17 73.91 -32.05
CA ALA F 503 19.27 73.02 -33.20
C ALA F 503 19.86 73.77 -34.37
N PRO F 504 20.68 73.08 -35.17
CA PRO F 504 21.30 73.62 -36.36
C PRO F 504 20.28 74.16 -37.32
N ASN F 505 20.26 75.47 -37.53
CA ASN F 505 19.28 76.08 -38.42
C ASN F 505 19.86 76.37 -39.78
N LEU F 506 19.80 75.40 -40.67
CA LEU F 506 20.57 75.50 -41.90
C LEU F 506 20.02 76.49 -42.92
N THR F 507 20.92 77.07 -43.70
CA THR F 507 20.59 77.91 -44.85
C THR F 507 20.41 77.02 -46.06
N ASN F 508 20.17 77.61 -47.23
CA ASN F 508 19.89 76.77 -48.39
C ASN F 508 21.13 76.20 -49.00
N GLN F 509 22.26 76.84 -48.74
CA GLN F 509 23.56 76.30 -49.16
C GLN F 509 24.28 75.58 -48.02
N TYR F 510 24.32 74.26 -48.10
CA TYR F 510 25.04 73.45 -47.12
C TYR F 510 25.67 72.27 -47.87
N ASP F 511 26.99 72.18 -47.79
CA ASP F 511 27.74 71.08 -48.34
C ASP F 511 28.61 70.51 -47.24
N PRO F 512 28.21 69.35 -46.72
CA PRO F 512 28.93 68.70 -45.63
C PRO F 512 30.28 68.21 -46.11
N ASP F 513 30.35 67.82 -47.39
CA ASP F 513 31.60 67.37 -47.98
C ASP F 513 32.62 68.50 -48.05
N ALA F 514 32.14 69.74 -48.00
CA ALA F 514 32.99 70.93 -48.05
C ALA F 514 33.66 71.26 -46.73
N SER F 515 34.91 71.73 -46.82
CA SER F 515 35.70 72.15 -45.65
C SER F 515 35.27 73.52 -45.12
N ALA F 516 34.73 74.35 -46.02
CA ALA F 516 34.26 75.70 -45.70
C ALA F 516 33.35 75.66 -44.48
N ASN F 517 33.20 76.79 -43.79
CA ASN F 517 32.44 76.76 -42.56
C ASN F 517 30.99 76.43 -42.80
N MET F 518 30.39 75.83 -41.80
CA MET F 518 28.97 75.64 -41.79
C MET F 518 28.32 77.00 -41.82
N SER F 519 27.56 77.26 -42.88
CA SER F 519 26.78 78.48 -42.91
C SER F 519 25.40 78.18 -42.33
N ARG F 520 25.09 78.89 -41.25
CA ARG F 520 23.87 78.72 -40.51
C ARG F 520 23.14 80.03 -40.32
N ILE F 521 21.82 79.98 -40.34
CA ILE F 521 20.99 81.11 -40.00
C ILE F 521 21.26 81.45 -38.56
N VAL F 522 21.48 82.71 -38.24
CA VAL F 522 21.76 83.00 -36.86
C VAL F 522 20.52 82.83 -36.04
N THR F 523 20.57 81.88 -35.13
CA THR F 523 19.42 81.52 -34.34
C THR F 523 19.76 81.46 -32.89
N TYR F 524 18.80 81.84 -32.06
CA TYR F 524 18.98 81.77 -30.63
C TYR F 524 17.67 81.46 -29.92
N SER F 525 17.73 81.13 -28.62
CA SER F 525 16.52 80.72 -27.91
C SER F 525 16.30 81.33 -26.52
N ASP F 526 15.03 81.59 -26.22
CA ASP F 526 14.59 81.98 -24.90
C ASP F 526 13.76 80.84 -24.41
N PHE F 527 14.05 80.30 -23.23
CA PHE F 527 13.20 79.25 -22.70
C PHE F 527 13.11 79.40 -21.20
N TRP F 528 12.04 78.88 -20.60
CA TRP F 528 11.87 78.99 -19.16
C TRP F 528 12.22 77.68 -18.43
N TRP F 529 12.84 77.83 -17.26
CA TRP F 529 13.24 76.70 -16.43
C TRP F 529 12.56 76.79 -15.08
N LYS F 530 11.99 75.68 -14.63
CA LYS F 530 11.40 75.62 -13.32
C LYS F 530 11.95 74.40 -12.59
N GLY F 531 12.29 74.56 -11.32
CA GLY F 531 12.78 73.45 -10.54
C GLY F 531 12.11 73.36 -9.20
N LYS F 532 12.05 72.16 -8.64
CA LYS F 532 11.49 71.99 -7.30
C LYS F 532 12.41 71.14 -6.45
N LEU F 533 12.96 71.76 -5.42
CA LEU F 533 13.89 71.07 -4.55
C LEU F 533 13.23 70.91 -3.18
N VAL F 534 13.13 69.67 -2.71
CA VAL F 534 12.45 69.42 -1.46
C VAL F 534 13.38 68.99 -0.35
N PHE F 535 13.32 69.72 0.76
CA PHE F 535 14.08 69.39 1.95
C PHE F 535 13.13 68.97 3.04
N LYS F 536 13.65 68.25 4.01
CA LYS F 536 12.88 67.92 5.19
C LYS F 536 13.79 68.26 6.35
N ALA F 537 13.39 69.18 7.20
CA ALA F 537 14.25 69.65 8.27
C ALA F 537 13.61 69.46 9.63
N LYS F 538 14.36 69.73 10.69
CA LYS F 538 13.85 69.52 12.04
C LYS F 538 14.09 70.74 12.93
N LEU F 539 13.07 71.16 13.66
CA LEU F 539 13.12 72.39 14.45
C LEU F 539 14.02 72.29 15.66
N ARG F 540 14.79 73.32 15.96
CA ARG F 540 15.68 73.28 17.12
C ARG F 540 14.94 73.60 18.40
N ALA F 541 15.57 73.33 19.54
CA ALA F 541 14.95 73.68 20.80
C ALA F 541 15.94 74.25 21.80
N SER F 542 15.44 75.12 22.67
CA SER F 542 16.25 75.84 23.63
C SER F 542 16.76 74.95 24.74
N HIS F 543 18.08 74.84 24.88
CA HIS F 543 18.67 73.97 25.92
C HIS F 543 19.49 74.71 26.96
N THR F 544 19.64 76.01 26.80
CA THR F 544 20.46 76.79 27.69
C THR F 544 19.64 77.91 28.28
N TRP F 545 20.13 78.49 29.36
CA TRP F 545 19.46 79.62 29.96
C TRP F 545 19.59 80.81 29.04
N ASN F 546 20.73 80.89 28.40
CA ASN F 546 21.05 82.01 27.55
C ASN F 546 20.48 81.89 26.16
N PRO F 547 20.19 83.03 25.52
CA PRO F 547 19.82 83.04 24.11
C PRO F 547 21.02 82.71 23.28
N ILE F 548 20.91 82.71 21.95
CA ILE F 548 22.03 82.30 21.11
C ILE F 548 22.14 83.09 19.82
N GLN F 549 23.21 82.84 19.10
CA GLN F 549 23.41 83.36 17.75
C GLN F 549 22.20 83.26 16.87
N GLN F 550 21.76 84.36 16.28
CA GLN F 550 20.79 84.31 15.19
C GLN F 550 20.94 85.47 14.19
N MET F 551 20.63 85.25 12.91
CA MET F 551 20.65 86.34 11.91
C MET F 551 19.65 87.41 12.21
N SER F 552 19.94 88.63 11.76
CA SER F 552 18.93 89.67 11.72
C SER F 552 19.50 90.86 11.03
N ILE F 553 18.73 91.94 11.04
CA ILE F 553 19.24 93.27 10.77
C ILE F 553 18.84 94.15 11.95
N ASN F 554 19.64 95.08 12.51
CA ASN F 554 20.93 95.70 12.10
C ASN F 554 20.79 96.99 11.35
N VAL F 555 21.36 98.03 11.94
CA VAL F 555 21.36 99.36 11.37
C VAL F 555 22.44 99.44 10.31
N ASP F 556 23.53 98.72 10.57
CA ASP F 556 24.46 98.31 9.54
C ASP F 556 23.72 97.31 8.72
N ASN F 557 24.35 96.69 7.74
CA ASN F 557 23.78 95.46 7.22
C ASN F 557 22.51 95.68 6.41
N GLN F 558 21.55 96.30 7.07
CA GLN F 558 20.22 96.60 6.53
C GLN F 558 20.13 96.94 5.05
N PHE F 559 21.21 97.35 4.43
CA PHE F 559 21.09 97.82 3.07
C PHE F 559 21.58 96.80 2.08
N ASN F 560 21.96 95.64 2.57
CA ASN F 560 22.33 94.55 1.69
C ASN F 560 21.12 93.71 1.30
N TYR F 561 19.94 94.19 1.62
CA TYR F 561 18.75 93.39 1.44
C TYR F 561 17.60 94.08 0.73
N VAL F 562 17.86 95.24 0.13
CA VAL F 562 16.85 95.99 -0.59
C VAL F 562 17.57 96.56 -1.78
N PRO F 563 16.85 96.84 -2.87
CA PRO F 563 17.58 97.36 -4.03
C PRO F 563 17.93 98.81 -3.81
N SER F 564 18.36 99.48 -4.88
CA SER F 564 18.87 100.85 -4.78
C SER F 564 18.05 101.86 -5.58
N ASN F 565 18.58 103.07 -5.70
CA ASN F 565 17.97 104.10 -6.53
C ASN F 565 17.76 103.62 -7.94
N ILE F 566 18.67 102.78 -8.39
CA ILE F 566 18.51 102.12 -9.67
C ILE F 566 18.06 100.72 -9.36
N GLY F 567 18.15 99.80 -10.32
CA GLY F 567 17.74 98.44 -10.07
C GLY F 567 18.68 97.58 -9.24
N GLY F 568 19.05 98.06 -8.04
CA GLY F 568 19.79 97.28 -7.07
C GLY F 568 21.01 96.71 -7.75
N MET F 569 21.55 95.56 -7.33
CA MET F 569 21.19 94.84 -6.11
C MET F 569 22.32 93.88 -5.78
N LYS F 570 22.21 93.22 -4.64
CA LYS F 570 23.33 92.54 -4.07
C LYS F 570 22.85 91.37 -3.26
N ILE F 571 23.56 90.26 -3.29
CA ILE F 571 23.28 89.18 -2.36
C ILE F 571 24.50 88.85 -1.53
N VAL F 572 24.34 88.80 -0.22
CA VAL F 572 25.48 88.74 0.66
C VAL F 572 25.68 87.41 1.36
N TYR F 573 26.94 86.98 1.36
CA TYR F 573 27.49 85.92 2.20
C TYR F 573 26.86 85.91 3.57
N GLU F 574 26.43 84.74 4.05
CA GLU F 574 25.77 84.68 5.37
C GLU F 574 25.73 83.46 6.27
N LYS F 575 26.85 82.76 6.42
CA LYS F 575 26.98 81.77 7.49
C LYS F 575 25.91 80.70 7.42
N SER F 576 25.77 79.89 8.48
CA SER F 576 24.81 78.78 8.46
C SER F 576 24.66 77.98 9.76
N GLN F 577 25.71 77.83 10.55
CA GLN F 577 25.61 76.97 11.72
C GLN F 577 25.61 77.81 12.98
N LEU F 578 24.55 78.59 13.15
CA LEU F 578 24.59 79.67 14.12
C LEU F 578 24.45 79.18 15.54
N ALA F 579 23.66 78.15 15.75
CA ALA F 579 23.41 77.75 17.12
C ALA F 579 24.46 76.78 17.58
N PRO F 580 24.89 76.89 18.83
CA PRO F 580 25.90 76.02 19.42
C PRO F 580 25.40 74.61 19.60
N ARG F 581 26.29 73.63 19.68
CA ARG F 581 25.87 72.24 19.85
C ARG F 581 26.31 71.69 21.20
N LYS F 582 27.34 70.85 21.17
CA LYS F 582 27.87 70.13 22.32
C LYS F 582 28.57 68.91 21.77
N LEU F 583 29.89 68.85 21.88
CA LEU F 583 30.63 67.67 21.44
C LEU F 583 30.49 66.55 22.42
N TYR F 584 30.71 66.92 23.68
CA TYR F 584 30.92 65.99 24.76
C TYR F 584 30.29 66.58 26.00
N GLY G 37 -5.78 78.09 -29.56
CA GLY G 37 -4.60 78.43 -30.35
C GLY G 37 -4.63 79.86 -30.89
N VAL G 38 -3.87 80.09 -31.95
CA VAL G 38 -3.74 81.43 -32.50
C VAL G 38 -5.07 82.07 -32.85
N GLY G 39 -5.78 81.45 -33.79
CA GLY G 39 -6.96 82.08 -34.34
C GLY G 39 -8.28 81.78 -33.68
N ILE G 40 -8.28 81.51 -32.39
CA ILE G 40 -9.51 81.17 -31.72
C ILE G 40 -9.66 82.01 -30.48
N SER G 41 -10.71 82.81 -30.45
CA SER G 41 -10.94 83.72 -29.34
C SER G 41 -11.09 82.91 -28.10
N THR G 42 -10.85 83.53 -26.96
CA THR G 42 -10.87 82.83 -25.69
C THR G 42 -11.78 83.48 -24.70
N GLY G 43 -12.73 84.26 -25.18
CA GLY G 43 -13.64 84.94 -24.29
C GLY G 43 -14.72 85.75 -24.96
N THR G 44 -15.53 86.39 -24.14
CA THR G 44 -16.65 87.12 -24.66
C THR G 44 -16.82 88.46 -23.99
N PHE G 45 -16.94 89.50 -24.81
CA PHE G 45 -17.17 90.85 -24.31
C PHE G 45 -18.57 90.96 -23.77
N ASN G 46 -18.70 91.42 -22.54
CA ASN G 46 -20.02 91.62 -21.94
C ASN G 46 -20.04 92.72 -20.91
N ASN G 47 -20.62 93.86 -21.29
CA ASN G 47 -20.71 94.98 -20.37
C ASN G 47 -22.17 95.27 -20.12
N GLN G 48 -22.91 94.21 -19.89
CA GLN G 48 -24.34 94.26 -19.79
C GLN G 48 -24.69 94.24 -18.32
N THR G 49 -25.71 94.99 -17.92
CA THR G 49 -26.07 94.99 -16.51
C THR G 49 -27.47 94.41 -16.29
N GLU G 50 -27.52 93.29 -15.60
CA GLU G 50 -28.76 92.56 -15.41
C GLU G 50 -29.39 92.80 -14.04
N PHE G 51 -30.70 93.03 -14.05
CA PHE G 51 -31.48 93.14 -12.84
C PHE G 51 -32.44 91.99 -12.74
N LYS G 52 -32.13 90.99 -11.93
CA LYS G 52 -33.03 89.86 -11.82
C LYS G 52 -33.74 89.91 -10.48
N PHE G 53 -35.05 90.10 -10.54
CA PHE G 53 -35.91 90.28 -9.36
C PHE G 53 -36.35 88.96 -8.77
N LEU G 54 -36.32 88.85 -7.45
CA LEU G 54 -36.77 87.63 -6.78
C LEU G 54 -37.93 87.98 -5.87
N GLU G 55 -38.29 87.04 -5.02
CA GLU G 55 -39.42 87.24 -4.13
C GLU G 55 -38.96 87.97 -2.85
N ASN G 56 -39.92 88.60 -2.17
CA ASN G 56 -39.70 89.52 -1.05
C ASN G 56 -38.93 90.76 -1.45
N GLY G 57 -39.05 91.15 -2.71
CA GLY G 57 -38.42 92.38 -3.15
C GLY G 57 -36.92 92.38 -2.99
N TRP G 58 -36.29 91.22 -3.05
CA TRP G 58 -34.85 91.15 -3.15
C TRP G 58 -34.44 91.14 -4.62
N VAL G 59 -33.51 92.00 -5.02
CA VAL G 59 -33.05 92.02 -6.40
C VAL G 59 -31.60 91.58 -6.51
N TYR G 60 -31.24 91.07 -7.67
CA TYR G 60 -29.98 90.38 -7.87
C TYR G 60 -29.29 91.10 -9.00
N ILE G 61 -28.62 92.19 -8.67
CA ILE G 61 -28.00 93.06 -9.67
C ILE G 61 -26.67 92.49 -10.10
N THR G 62 -26.57 92.10 -11.36
CA THR G 62 -25.36 91.51 -11.84
C THR G 62 -24.66 92.43 -12.79
N ALA G 63 -23.60 93.07 -12.32
CA ALA G 63 -22.89 94.02 -13.15
C ALA G 63 -21.76 93.34 -13.90
N ASN G 64 -21.88 93.28 -15.21
CA ASN G 64 -20.80 92.80 -16.03
C ASN G 64 -20.01 93.98 -16.59
N SER G 65 -18.70 93.80 -16.71
CA SER G 65 -17.81 94.83 -17.16
C SER G 65 -16.74 94.26 -18.05
N SER G 66 -16.52 94.86 -19.20
CA SER G 66 -15.49 94.39 -20.09
C SER G 66 -14.74 95.54 -20.68
N ARG G 67 -13.43 95.39 -20.80
CA ARG G 67 -12.57 96.43 -21.35
C ARG G 67 -11.47 95.83 -22.20
N LEU G 68 -11.03 96.56 -23.21
CA LEU G 68 -9.79 96.20 -23.89
C LEU G 68 -8.64 96.92 -23.21
N VAL G 69 -7.61 96.18 -22.84
CA VAL G 69 -6.54 96.78 -22.07
C VAL G 69 -5.21 96.74 -22.81
N HIS G 70 -4.48 97.84 -22.67
CA HIS G 70 -3.21 98.07 -23.35
C HIS G 70 -2.04 98.17 -22.34
N LEU G 71 -0.94 97.48 -22.65
CA LEU G 71 0.15 97.39 -21.68
C LEU G 71 1.50 97.29 -22.37
N ASN G 72 2.42 98.19 -22.00
CA ASN G 72 3.77 98.20 -22.59
C ASN G 72 4.76 97.56 -21.66
N MET G 73 5.95 97.24 -22.19
CA MET G 73 6.98 96.61 -21.37
C MET G 73 7.49 97.59 -20.34
N PRO G 74 8.00 97.10 -19.22
CA PRO G 74 8.40 97.99 -18.14
C PRO G 74 9.56 98.88 -18.52
N GLU G 75 9.68 99.97 -17.80
CA GLU G 75 10.79 100.88 -17.95
C GLU G 75 12.09 100.11 -17.80
N SER G 76 12.09 99.19 -16.84
CA SER G 76 13.24 98.35 -16.55
C SER G 76 12.73 97.12 -15.85
N GLU G 77 13.38 95.98 -16.07
CA GLU G 77 12.85 94.75 -15.53
C GLU G 77 13.15 94.63 -14.05
N ASN G 78 13.55 95.73 -13.42
CA ASN G 78 14.04 95.70 -12.06
C ASN G 78 13.15 96.40 -11.05
N TYR G 79 13.26 95.96 -9.81
CA TYR G 79 12.62 96.61 -8.67
C TYR G 79 13.55 97.73 -8.22
N ARG G 80 12.97 98.86 -7.83
CA ARG G 80 13.77 99.98 -7.42
C ARG G 80 13.27 100.56 -6.13
N ARG G 81 14.19 100.87 -5.21
CA ARG G 81 13.86 101.64 -4.02
C ARG G 81 14.12 103.11 -4.24
N VAL G 82 13.07 103.89 -4.37
CA VAL G 82 13.22 105.28 -4.67
C VAL G 82 12.81 106.14 -3.50
N VAL G 83 13.52 107.23 -3.32
CA VAL G 83 13.17 108.21 -2.31
C VAL G 83 12.73 109.49 -2.96
N VAL G 84 11.61 110.03 -2.49
CA VAL G 84 11.12 111.34 -2.89
C VAL G 84 11.33 112.34 -1.78
N ASN G 85 11.84 113.51 -2.13
CA ASN G 85 12.14 114.50 -1.11
C ASN G 85 11.99 115.88 -1.70
N ASN G 86 10.90 116.54 -1.33
CA ASN G 86 10.64 117.88 -1.76
C ASN G 86 11.01 118.82 -0.63
N LEU G 87 12.30 118.99 -0.39
CA LEU G 87 12.74 120.05 0.51
C LEU G 87 12.50 121.37 -0.18
N ASP G 88 12.53 121.33 -1.51
CA ASP G 88 12.19 122.45 -2.36
C ASP G 88 11.00 123.23 -1.85
N LYS G 89 10.02 122.54 -1.28
CA LYS G 89 8.79 123.20 -0.93
C LYS G 89 8.59 123.30 0.57
N THR G 90 9.16 122.37 1.33
CA THR G 90 8.87 122.28 2.76
C THR G 90 9.68 123.27 3.58
N ALA G 91 10.87 123.63 3.08
CA ALA G 91 11.76 124.54 3.79
C ALA G 91 11.21 125.96 3.80
N VAL G 92 10.14 126.17 3.04
CA VAL G 92 9.57 127.48 2.80
C VAL G 92 8.93 128.08 4.06
N ASN G 93 8.63 127.24 5.05
CA ASN G 93 8.02 127.69 6.30
C ASN G 93 6.61 128.14 6.11
N GLY G 94 5.70 127.40 6.73
CA GLY G 94 4.29 127.64 6.51
C GLY G 94 3.81 126.74 5.39
N ASN G 95 4.71 125.93 4.86
CA ASN G 95 4.42 125.00 3.77
C ASN G 95 4.52 123.55 4.22
N MET G 96 4.35 123.30 5.50
CA MET G 96 4.51 121.95 6.01
C MET G 96 3.55 121.01 5.31
N ALA G 97 2.33 121.46 5.14
CA ALA G 97 1.29 120.63 4.58
C ALA G 97 1.59 120.17 3.15
N LEU G 98 2.59 120.73 2.50
CA LEU G 98 2.84 120.36 1.11
C LEU G 98 3.88 119.30 1.01
N ASP G 99 4.11 118.61 2.12
CA ASP G 99 5.12 117.58 2.19
C ASP G 99 4.82 116.38 1.31
N ASP G 100 5.78 115.94 0.51
CA ASP G 100 5.62 114.75 -0.32
C ASP G 100 6.69 113.73 -0.01
N THR G 101 7.39 113.92 1.11
CA THR G 101 8.57 113.10 1.33
C THR G 101 8.12 111.71 1.69
N HIS G 102 8.58 110.73 0.91
CA HIS G 102 8.25 109.34 1.15
C HIS G 102 9.20 108.38 0.44
N ALA G 103 9.12 107.09 0.79
CA ALA G 103 9.93 106.07 0.14
C ALA G 103 9.09 104.98 -0.49
N GLU G 104 9.60 104.39 -1.56
CA GLU G 104 8.75 103.65 -2.48
C GLU G 104 9.48 102.53 -3.22
N ILE G 105 8.84 101.39 -3.38
CA ILE G 105 9.42 100.35 -4.21
C ILE G 105 8.74 100.42 -5.55
N VAL G 106 9.54 100.58 -6.60
CA VAL G 106 8.99 100.66 -7.94
C VAL G 106 9.15 99.33 -8.63
N THR G 107 8.05 98.78 -9.11
CA THR G 107 8.07 97.44 -9.65
C THR G 107 7.87 97.43 -11.13
N PRO G 108 8.32 96.36 -11.77
CA PRO G 108 8.02 96.16 -13.18
C PRO G 108 6.59 95.64 -13.45
N TRP G 109 5.77 95.53 -12.41
CA TRP G 109 4.45 94.98 -12.59
C TRP G 109 3.43 96.09 -12.71
N SER G 110 2.35 95.81 -13.44
CA SER G 110 1.23 96.73 -13.48
C SER G 110 0.05 96.11 -12.80
N LEU G 111 -0.78 96.95 -12.19
CA LEU G 111 -1.94 96.52 -11.42
C LEU G 111 -3.23 96.81 -12.15
N VAL G 112 -4.07 95.79 -12.25
CA VAL G 112 -5.39 95.90 -12.86
C VAL G 112 -6.46 96.13 -11.81
N ASP G 113 -6.76 97.38 -11.53
CA ASP G 113 -7.73 97.67 -10.49
C ASP G 113 -9.04 98.14 -11.07
N ALA G 114 -10.11 97.48 -10.68
CA ALA G 114 -11.42 97.86 -11.13
C ALA G 114 -12.32 98.24 -9.96
N ASN G 115 -11.72 98.59 -8.85
CA ASN G 115 -12.48 98.90 -7.67
C ASN G 115 -13.02 100.32 -7.67
N ALA G 116 -14.03 100.57 -8.48
CA ALA G 116 -14.70 101.88 -8.50
C ALA G 116 -16.02 101.80 -9.24
N TRP G 117 -17.01 102.51 -8.73
CA TRP G 117 -18.37 102.37 -9.24
C TRP G 117 -18.47 102.59 -10.74
N GLY G 118 -17.69 103.52 -11.26
CA GLY G 118 -17.80 103.87 -12.64
C GLY G 118 -17.36 102.75 -13.55
N VAL G 119 -16.71 101.75 -12.98
CA VAL G 119 -16.28 100.64 -13.79
C VAL G 119 -17.45 99.72 -14.09
N TRP G 120 -18.45 99.76 -13.21
CA TRP G 120 -19.52 98.77 -13.25
C TRP G 120 -20.89 99.29 -13.66
N PHE G 121 -21.14 100.58 -13.47
CA PHE G 121 -22.44 101.15 -13.85
C PHE G 121 -22.36 102.41 -14.73
N ASN G 122 -23.24 102.49 -15.72
CA ASN G 122 -23.42 103.73 -16.45
C ASN G 122 -24.38 104.58 -15.64
N PRO G 123 -24.56 105.85 -16.00
CA PRO G 123 -25.52 106.63 -15.22
C PRO G 123 -26.91 106.03 -15.11
N GLY G 124 -27.43 105.52 -16.23
CA GLY G 124 -28.77 104.96 -16.24
C GLY G 124 -28.97 103.91 -15.18
N ASP G 125 -28.04 102.98 -15.09
CA ASP G 125 -28.08 101.94 -14.07
C ASP G 125 -28.10 102.55 -12.69
N TRP G 126 -27.24 103.54 -12.47
CA TRP G 126 -27.11 104.15 -11.17
C TRP G 126 -28.42 104.80 -10.77
N GLN G 127 -29.12 105.38 -11.74
CA GLN G 127 -30.41 106.00 -11.49
C GLN G 127 -31.37 105.03 -10.84
N LEU G 128 -31.47 103.89 -11.49
CA LEU G 128 -32.36 102.83 -11.09
C LEU G 128 -32.05 102.41 -9.68
N ILE G 129 -30.78 102.15 -9.43
CA ILE G 129 -30.39 101.63 -8.15
C ILE G 129 -30.78 102.61 -7.06
N VAL G 130 -30.36 103.85 -7.23
CA VAL G 130 -30.45 104.85 -6.19
C VAL G 130 -31.88 105.23 -5.85
N ASN G 131 -32.74 105.28 -6.86
CA ASN G 131 -34.10 105.74 -6.68
C ASN G 131 -35.04 104.70 -6.12
N THR G 132 -34.76 103.43 -6.40
CA THR G 132 -35.74 102.41 -6.16
C THR G 132 -35.38 101.42 -5.06
N MET G 133 -34.13 101.44 -4.62
CA MET G 133 -33.73 100.46 -3.60
C MET G 133 -33.19 101.01 -2.32
N SER G 134 -33.45 100.30 -1.25
CA SER G 134 -33.23 100.82 0.07
C SER G 134 -31.87 100.41 0.61
N GLU G 135 -31.37 99.26 0.17
CA GLU G 135 -30.04 98.84 0.60
C GLU G 135 -29.31 97.99 -0.43
N LEU G 136 -28.08 97.63 -0.13
CA LEU G 136 -27.24 97.03 -1.15
C LEU G 136 -26.17 96.11 -0.54
N HIS G 137 -26.14 94.85 -0.96
CA HIS G 137 -25.12 93.91 -0.47
C HIS G 137 -24.10 93.57 -1.51
N LEU G 138 -22.87 93.40 -1.07
CA LEU G 138 -21.78 93.04 -1.94
C LEU G 138 -21.68 91.53 -1.88
N VAL G 139 -21.96 90.87 -2.99
CA VAL G 139 -22.08 89.42 -2.98
C VAL G 139 -20.87 88.66 -3.49
N SER G 140 -20.49 88.88 -4.74
CA SER G 140 -19.42 88.08 -5.27
C SER G 140 -18.66 88.83 -6.35
N PHE G 141 -17.48 88.34 -6.69
CA PHE G 141 -16.63 89.01 -7.67
C PHE G 141 -15.72 88.02 -8.38
N GLU G 142 -15.77 88.02 -9.70
CA GLU G 142 -14.93 87.17 -10.51
C GLU G 142 -14.45 87.97 -11.70
N GLN G 143 -13.34 87.57 -12.30
CA GLN G 143 -12.80 88.31 -13.42
C GLN G 143 -11.91 87.44 -14.26
N GLU G 144 -11.78 87.75 -15.54
CA GLU G 144 -10.91 86.98 -16.41
C GLU G 144 -10.19 87.81 -17.46
N ILE G 145 -9.18 87.21 -18.05
CA ILE G 145 -8.38 87.86 -19.07
C ILE G 145 -8.37 87.02 -20.32
N PHE G 146 -8.71 87.62 -21.44
CA PHE G 146 -8.83 86.81 -22.63
C PHE G 146 -8.45 87.54 -23.90
N ASN G 147 -8.37 86.76 -24.98
CA ASN G 147 -7.95 87.25 -26.27
C ASN G 147 -6.68 88.09 -26.19
N VAL G 148 -5.67 87.51 -25.56
CA VAL G 148 -4.40 88.17 -25.40
C VAL G 148 -3.69 88.30 -26.73
N VAL G 149 -3.12 89.48 -26.98
CA VAL G 149 -2.32 89.75 -28.18
C VAL G 149 -1.03 90.44 -27.81
N LEU G 150 0.08 89.95 -28.35
CA LEU G 150 1.38 90.58 -28.16
C LEU G 150 1.95 90.95 -29.50
N LYS G 151 2.40 92.19 -29.60
CA LYS G 151 3.00 92.72 -30.81
C LYS G 151 4.37 93.31 -30.51
N THR G 152 5.27 93.24 -31.48
CA THR G 152 6.60 93.86 -31.40
C THR G 152 6.60 95.11 -32.25
N VAL G 153 7.22 96.18 -31.78
CA VAL G 153 7.34 97.36 -32.63
C VAL G 153 8.47 97.09 -33.61
N SER G 154 9.54 97.85 -33.50
CA SER G 154 10.71 97.66 -34.35
C SER G 154 10.30 97.61 -35.84
N GLU G 155 10.15 98.71 -36.58
CA GLU G 155 10.40 100.16 -36.37
C GLU G 155 11.12 100.46 -37.68
N SER G 156 11.23 101.74 -38.04
CA SER G 156 12.15 102.20 -39.07
C SER G 156 12.16 101.31 -40.31
N ALA G 157 11.11 101.43 -41.11
CA ALA G 157 11.02 100.68 -42.35
C ALA G 157 9.90 101.26 -43.21
N THR G 158 10.23 102.03 -44.25
CA THR G 158 11.57 102.51 -44.59
C THR G 158 11.41 103.82 -45.39
N GLN G 159 12.43 104.67 -45.32
CA GLN G 159 12.45 106.10 -45.71
C GLN G 159 11.15 106.89 -45.45
N PRO G 160 11.31 108.16 -45.03
CA PRO G 160 10.79 109.19 -44.13
C PRO G 160 10.78 108.92 -42.59
N PRO G 161 10.87 107.66 -42.08
CA PRO G 161 10.85 106.27 -42.50
C PRO G 161 9.74 105.40 -41.85
N THR G 162 8.93 105.99 -40.96
CA THR G 162 7.74 105.36 -40.34
C THR G 162 8.01 104.07 -39.53
N LYS G 163 6.97 103.57 -38.86
CA LYS G 163 7.06 102.42 -37.94
C LYS G 163 6.25 101.23 -38.41
N VAL G 164 6.57 100.04 -37.93
CA VAL G 164 5.79 98.86 -38.30
C VAL G 164 5.62 97.93 -37.10
N TYR G 165 4.40 97.40 -36.99
CA TYR G 165 3.99 96.58 -35.87
C TYR G 165 3.64 95.15 -36.28
N ASN G 166 4.33 94.16 -35.71
CA ASN G 166 4.06 92.75 -36.01
C ASN G 166 3.63 91.96 -34.79
N ASN G 167 2.94 90.86 -35.02
CA ASN G 167 2.57 89.94 -33.97
C ASN G 167 3.74 89.06 -33.53
N ASP G 168 3.97 88.94 -32.23
CA ASP G 168 4.86 87.88 -31.75
C ASP G 168 4.01 86.77 -31.18
N LEU G 169 3.82 85.73 -31.97
CA LEU G 169 2.87 84.69 -31.59
C LEU G 169 3.29 83.94 -30.34
N THR G 170 4.57 83.63 -30.25
CA THR G 170 5.12 82.88 -29.13
C THR G 170 5.37 83.74 -27.90
N ALA G 171 5.15 85.04 -28.00
CA ALA G 171 5.40 85.92 -26.86
C ALA G 171 4.35 85.72 -25.80
N SER G 172 4.70 86.01 -24.56
CA SER G 172 3.83 85.69 -23.44
C SER G 172 3.51 86.88 -22.60
N LEU G 173 2.29 86.91 -22.05
CA LEU G 173 1.91 87.94 -21.10
C LEU G 173 1.82 87.37 -19.71
N MET G 174 2.57 87.93 -18.77
CA MET G 174 2.59 87.36 -17.42
C MET G 174 1.48 87.88 -16.55
N VAL G 175 0.72 86.99 -15.95
CA VAL G 175 -0.34 87.41 -15.05
C VAL G 175 -0.19 86.68 -13.75
N ALA G 176 -0.34 87.41 -12.66
CA ALA G 176 -0.22 86.80 -11.35
C ALA G 176 -1.30 87.36 -10.46
N LEU G 177 -2.05 86.48 -9.81
CA LEU G 177 -3.16 86.90 -8.96
C LEU G 177 -2.87 86.59 -7.51
N ASP G 178 -2.78 87.62 -6.70
CA ASP G 178 -2.37 87.48 -5.31
C ASP G 178 -3.55 87.08 -4.46
N SER G 179 -4.01 85.85 -4.63
CA SER G 179 -5.26 85.43 -4.03
C SER G 179 -5.13 85.26 -2.53
N ASN G 180 -3.93 85.24 -2.01
CA ASN G 180 -3.72 85.20 -0.57
C ASN G 180 -3.59 86.57 0.11
N ASN G 181 -3.68 87.64 -0.68
CA ASN G 181 -3.37 88.97 -0.18
C ASN G 181 -2.08 88.98 0.60
N THR G 182 -1.01 88.50 -0.04
CA THR G 182 0.35 88.52 0.50
C THR G 182 0.90 89.91 0.48
N MET G 183 0.47 90.68 -0.50
CA MET G 183 1.18 91.88 -0.82
C MET G 183 0.37 93.10 -0.50
N PRO G 184 1.04 94.23 -0.29
CA PRO G 184 0.39 95.41 0.25
C PRO G 184 -0.77 95.84 -0.60
N PHE G 185 -1.84 96.24 0.07
CA PHE G 185 -3.08 96.62 -0.58
C PHE G 185 -2.97 98.03 -1.13
N THR G 186 -3.11 98.20 -2.45
CA THR G 186 -3.00 99.52 -3.03
C THR G 186 -4.18 99.77 -3.93
N PRO G 187 -5.30 100.23 -3.37
CA PRO G 187 -6.48 100.56 -4.17
C PRO G 187 -6.22 101.72 -5.11
N ALA G 188 -6.43 101.53 -6.39
CA ALA G 188 -6.05 102.57 -7.35
C ALA G 188 -7.08 103.68 -7.41
N ALA G 189 -8.15 103.52 -6.65
CA ALA G 189 -9.22 104.50 -6.65
C ALA G 189 -8.77 105.83 -6.04
N MET G 190 -7.81 105.77 -5.12
CA MET G 190 -7.36 106.96 -4.38
C MET G 190 -6.61 107.89 -5.27
N ARG G 191 -6.17 107.37 -6.39
CA ARG G 191 -5.33 108.13 -7.30
C ARG G 191 -5.96 108.24 -8.67
N SER G 192 -7.26 107.97 -8.77
CA SER G 192 -7.95 107.95 -10.07
C SER G 192 -7.17 107.17 -11.10
N GLU G 193 -6.82 105.94 -10.77
CA GLU G 193 -5.99 105.17 -11.66
C GLU G 193 -6.50 103.74 -11.85
N THR G 194 -7.82 103.59 -11.79
CA THR G 194 -8.48 102.32 -12.06
C THR G 194 -8.70 102.14 -13.55
N LEU G 195 -9.54 101.20 -13.94
CA LEU G 195 -9.83 101.08 -15.36
C LEU G 195 -10.73 102.22 -15.84
N GLY G 196 -10.80 102.38 -17.15
CA GLY G 196 -11.66 103.39 -17.74
C GLY G 196 -13.12 103.15 -17.43
N PHE G 197 -13.92 104.20 -17.43
CA PHE G 197 -15.33 104.07 -17.11
C PHE G 197 -16.19 103.88 -18.33
N TYR G 198 -15.58 103.82 -19.50
CA TYR G 198 -16.34 103.71 -20.72
C TYR G 198 -16.05 102.41 -21.40
N PRO G 199 -17.09 101.62 -21.71
CA PRO G 199 -16.98 100.34 -22.40
C PRO G 199 -16.38 100.42 -23.80
N TRP G 200 -16.61 101.50 -24.54
CA TRP G 200 -16.18 101.52 -25.93
C TRP G 200 -14.84 102.19 -26.16
N LYS G 201 -14.25 102.70 -25.07
CA LYS G 201 -12.93 103.31 -25.10
C LYS G 201 -11.90 102.48 -24.30
N PRO G 202 -10.81 102.05 -24.95
CA PRO G 202 -9.75 101.27 -24.29
C PRO G 202 -9.13 101.94 -23.08
N THR G 203 -8.39 101.17 -22.31
CA THR G 203 -7.85 101.66 -21.05
C THR G 203 -6.53 101.00 -20.74
N ILE G 204 -6.02 101.23 -19.54
CA ILE G 204 -4.70 100.77 -19.15
C ILE G 204 -4.66 100.42 -17.68
N PRO G 205 -3.73 99.57 -17.27
CA PRO G 205 -3.46 99.44 -15.84
C PRO G 205 -2.58 100.57 -15.41
N THR G 206 -2.15 100.59 -14.16
CA THR G 206 -1.15 101.55 -13.73
C THR G 206 0.03 100.85 -13.12
N PRO G 207 1.23 101.36 -13.35
CA PRO G 207 2.44 100.72 -12.86
C PRO G 207 2.36 100.55 -11.38
N TRP G 208 2.69 99.37 -10.88
CA TRP G 208 2.51 99.10 -9.47
C TRP G 208 3.68 99.57 -8.61
N ARG G 209 3.35 100.04 -7.43
CA ARG G 209 4.31 100.67 -6.54
C ARG G 209 3.80 100.49 -5.13
N TYR G 210 4.67 100.34 -4.16
CA TYR G 210 4.14 100.23 -2.81
C TYR G 210 5.05 100.89 -1.82
N TYR G 211 4.51 101.24 -0.66
CA TYR G 211 5.27 102.04 0.28
C TYR G 211 6.37 101.24 0.94
N PHE G 212 7.55 101.84 1.02
CA PHE G 212 8.70 101.30 1.70
C PHE G 212 9.00 102.19 2.88
N GLN G 213 9.41 101.62 4.02
CA GLN G 213 9.45 102.39 5.28
C GLN G 213 10.49 103.49 5.28
N TRP G 214 10.20 104.58 5.99
CA TRP G 214 11.17 105.64 6.16
C TRP G 214 10.90 106.39 7.47
N ASP G 215 11.95 106.76 8.19
CA ASP G 215 11.84 107.68 9.33
C ASP G 215 11.94 109.10 8.82
N ARG G 216 11.31 110.03 9.51
CA ARG G 216 11.18 111.38 8.96
C ARG G 216 10.65 112.35 10.00
N THR G 217 11.33 113.47 10.15
CA THR G 217 10.90 114.51 11.08
C THR G 217 10.70 115.81 10.33
N LEU G 218 9.63 116.53 10.66
CA LEU G 218 9.37 117.82 10.07
C LEU G 218 8.63 118.74 11.02
N ILE G 219 9.31 119.78 11.52
CA ILE G 219 8.70 120.72 12.46
C ILE G 219 7.85 121.73 11.76
N PRO G 220 6.64 121.93 12.25
CA PRO G 220 5.72 122.90 11.67
C PRO G 220 6.19 124.32 11.93
N SER G 221 5.60 125.28 11.22
CA SER G 221 6.06 126.66 11.25
C SER G 221 5.05 127.60 10.58
N HIS G 222 5.31 128.91 10.61
CA HIS G 222 4.51 129.87 9.86
C HIS G 222 5.45 130.77 9.09
N THR G 223 4.91 131.69 8.30
CA THR G 223 5.76 132.52 7.45
C THR G 223 6.69 133.46 8.21
N GLY G 224 6.21 134.04 9.31
CA GLY G 224 7.05 134.96 10.07
C GLY G 224 8.27 134.32 10.72
N THR G 225 8.10 133.09 11.19
CA THR G 225 9.17 132.36 11.84
C THR G 225 10.35 132.28 10.88
N SER G 226 11.56 132.53 11.37
CA SER G 226 12.70 132.30 10.51
C SER G 226 13.90 131.81 11.31
N GLY G 227 14.95 131.49 10.58
CA GLY G 227 15.85 130.41 10.92
C GLY G 227 15.23 129.25 10.18
N THR G 228 15.80 128.05 10.32
CA THR G 228 15.25 126.89 9.63
C THR G 228 14.80 125.78 10.57
N PRO G 229 13.49 125.56 10.64
CA PRO G 229 12.86 124.52 11.46
C PRO G 229 13.32 123.18 10.94
N THR G 230 13.63 122.26 11.84
CA THR G 230 14.26 121.01 11.45
C THR G 230 13.41 120.23 10.43
N ASN G 231 14.03 119.82 9.33
CA ASN G 231 13.34 119.19 8.21
C ASN G 231 14.24 118.11 7.63
N ILE G 232 14.19 116.93 8.24
CA ILE G 232 15.15 115.91 7.89
C ILE G 232 14.52 114.57 7.54
N TYR G 233 15.19 113.84 6.66
CA TYR G 233 14.87 112.47 6.30
C TYR G 233 15.91 111.58 6.90
N HIS G 234 15.54 110.88 7.97
CA HIS G 234 16.50 110.13 8.76
C HIS G 234 17.02 108.87 8.09
N GLY G 235 16.18 108.19 7.33
CA GLY G 235 16.63 106.99 6.66
C GLY G 235 15.63 105.87 6.78
N THR G 236 16.08 104.69 7.19
CA THR G 236 15.20 103.55 7.21
C THR G 236 15.40 102.64 8.44
N ASP G 237 14.40 102.54 9.31
CA ASP G 237 14.43 101.68 10.48
C ASP G 237 14.47 100.23 10.06
N PRO G 238 15.62 99.55 10.24
CA PRO G 238 15.82 98.19 9.74
C PRO G 238 14.78 97.20 10.27
N ASP G 239 14.22 97.50 11.43
CA ASP G 239 13.25 96.62 12.06
C ASP G 239 11.92 96.59 11.28
N ASP G 240 11.79 97.52 10.34
CA ASP G 240 10.53 97.70 9.63
C ASP G 240 10.68 97.46 8.14
N VAL G 241 11.77 96.83 7.72
CA VAL G 241 12.00 96.71 6.29
C VAL G 241 11.26 95.55 5.65
N GLN G 242 10.38 95.84 4.69
CA GLN G 242 9.72 94.77 3.93
C GLN G 242 9.78 94.95 2.43
N PHE G 243 10.67 94.21 1.80
CA PHE G 243 10.81 94.19 0.35
C PHE G 243 10.08 92.99 -0.24
N TYR G 244 8.96 93.26 -0.90
CA TYR G 244 8.18 92.19 -1.48
C TYR G 244 8.47 92.06 -2.97
N THR G 245 8.44 90.84 -3.49
CA THR G 245 8.47 90.64 -4.92
C THR G 245 7.26 89.80 -5.29
N ILE G 246 6.67 90.10 -6.44
CA ILE G 246 5.61 89.30 -6.97
C ILE G 246 6.12 87.88 -7.09
N GLU G 247 7.31 87.78 -7.67
CA GLU G 247 7.89 86.49 -8.04
C GLU G 247 8.08 85.51 -6.90
N ASN G 248 8.39 86.01 -5.72
CA ASN G 248 8.62 85.09 -4.63
C ASN G 248 7.38 84.78 -3.82
N SER G 249 6.27 85.45 -4.12
CA SER G 249 5.07 85.29 -3.30
C SER G 249 3.84 84.73 -4.04
N VAL G 250 3.71 85.02 -5.33
CA VAL G 250 2.51 84.69 -6.10
C VAL G 250 2.82 83.83 -7.30
N PRO G 251 2.05 82.77 -7.55
CA PRO G 251 2.32 81.97 -8.74
C PRO G 251 2.04 82.78 -9.98
N VAL G 252 2.94 82.76 -10.93
CA VAL G 252 2.79 83.56 -12.14
C VAL G 252 2.46 82.73 -13.36
N HIS G 253 1.40 83.14 -14.07
CA HIS G 253 0.96 82.47 -15.28
C HIS G 253 1.47 83.13 -16.55
N LEU G 254 1.95 82.32 -17.48
CA LEU G 254 2.32 82.85 -18.78
C LEU G 254 1.19 82.68 -19.77
N LEU G 255 0.66 83.77 -20.28
CA LEU G 255 -0.41 83.69 -21.27
C LEU G 255 0.07 84.00 -22.65
N ARG G 256 -0.09 83.07 -23.58
CA ARG G 256 0.13 83.38 -24.98
C ARG G 256 -1.20 83.80 -25.59
N THR G 257 -1.25 83.96 -26.92
CA THR G 257 -2.48 84.43 -27.55
C THR G 257 -3.68 83.59 -27.22
N GLY G 258 -3.51 82.30 -27.41
CA GLY G 258 -4.61 81.38 -27.30
C GLY G 258 -4.95 81.01 -25.88
N ASP G 259 -4.26 81.62 -24.93
CA ASP G 259 -4.48 81.28 -23.53
C ASP G 259 -5.46 82.22 -22.84
N GLU G 260 -5.94 81.78 -21.70
CA GLU G 260 -6.91 82.47 -20.89
C GLU G 260 -6.60 82.35 -19.43
N PHE G 261 -6.95 83.37 -18.67
CA PHE G 261 -6.84 83.27 -17.25
C PHE G 261 -8.12 83.72 -16.62
N ALA G 262 -8.69 82.86 -15.80
CA ALA G 262 -9.92 83.19 -15.09
C ALA G 262 -9.72 82.95 -13.61
N THR G 263 -10.25 83.84 -12.79
CA THR G 263 -10.10 83.71 -11.36
C THR G 263 -11.23 82.88 -10.87
N GLY G 264 -11.26 82.60 -9.57
CA GLY G 264 -12.40 81.89 -9.03
C GLY G 264 -13.59 82.83 -8.95
N THR G 265 -14.62 82.43 -8.22
CA THR G 265 -15.65 83.37 -7.84
C THR G 265 -15.45 83.66 -6.38
N PHE G 266 -15.16 84.90 -6.05
CA PHE G 266 -14.93 85.25 -4.67
C PHE G 266 -16.22 85.70 -3.96
N PHE G 267 -16.50 85.19 -2.78
CA PHE G 267 -17.69 85.61 -2.04
C PHE G 267 -17.37 86.50 -0.86
N PHE G 268 -18.11 87.60 -0.73
CA PHE G 268 -17.83 88.60 0.28
C PHE G 268 -18.45 88.36 1.65
N ASP G 269 -18.00 89.18 2.60
CA ASP G 269 -18.62 89.33 3.90
C ASP G 269 -18.75 90.80 4.29
N CYS G 270 -19.93 91.35 4.19
CA CYS G 270 -20.07 92.72 4.60
C CYS G 270 -21.43 92.99 5.14
N LYS G 271 -21.55 94.16 5.74
CA LYS G 271 -22.82 94.60 6.26
C LYS G 271 -23.49 95.24 5.06
N PRO G 272 -24.77 95.53 5.16
CA PRO G 272 -25.35 96.17 3.99
C PRO G 272 -24.97 97.62 3.93
N CYS G 273 -24.83 98.16 2.73
CA CYS G 273 -24.70 99.59 2.58
C CYS G 273 -26.06 100.12 2.29
N ARG G 274 -26.46 101.19 2.98
CA ARG G 274 -27.84 101.67 2.85
C ARG G 274 -27.95 102.83 1.89
N LEU G 275 -29.05 102.88 1.15
CA LEU G 275 -29.23 103.91 0.17
C LEU G 275 -30.30 104.88 0.59
N THR G 276 -30.29 105.22 1.88
CA THR G 276 -31.16 106.24 2.40
C THR G 276 -30.36 107.12 3.33
N HIS G 277 -30.69 108.40 3.34
CA HIS G 277 -30.02 109.35 4.22
C HIS G 277 -30.88 109.67 5.43
N THR G 278 -30.24 109.96 6.56
CA THR G 278 -30.96 110.34 7.77
C THR G 278 -30.94 111.83 7.88
N TRP G 279 -32.04 112.44 8.30
CA TRP G 279 -32.06 113.89 8.33
C TRP G 279 -32.05 114.45 9.73
N GLN G 280 -32.25 113.59 10.71
CA GLN G 280 -32.49 114.10 12.05
C GLN G 280 -31.21 114.37 12.77
N THR G 281 -31.14 115.56 13.34
CA THR G 281 -30.09 115.92 14.28
C THR G 281 -30.66 115.82 15.66
N ASN G 282 -29.82 116.00 16.67
CA ASN G 282 -30.29 115.92 18.04
C ASN G 282 -31.48 116.81 18.33
N ARG G 283 -31.63 117.90 17.58
CA ARG G 283 -32.70 118.86 17.88
C ARG G 283 -34.06 118.35 17.46
N ALA G 284 -34.07 117.23 16.76
CA ALA G 284 -35.29 116.64 16.24
C ALA G 284 -35.40 115.17 16.58
N LEU G 285 -35.14 114.80 17.83
CA LEU G 285 -35.28 113.41 18.25
C LEU G 285 -36.32 113.26 19.32
N GLY G 286 -37.47 112.69 18.97
CA GLY G 286 -38.46 112.36 19.97
C GLY G 286 -39.65 113.27 19.93
N LEU G 287 -40.28 113.45 21.07
CA LEU G 287 -41.52 114.20 21.20
C LEU G 287 -41.32 115.70 21.30
N PRO G 288 -41.76 116.44 20.28
CA PRO G 288 -41.70 117.90 20.31
C PRO G 288 -42.61 118.45 21.38
N PRO G 289 -42.30 119.65 21.88
CA PRO G 289 -42.99 120.19 23.05
C PRO G 289 -44.41 120.55 22.71
N PHE G 290 -45.32 120.32 23.64
CA PHE G 290 -46.72 120.54 23.31
C PHE G 290 -46.98 122.02 23.15
N LEU G 291 -47.58 122.40 22.03
CA LEU G 291 -47.90 123.81 21.75
C LEU G 291 -49.28 124.18 22.27
N ASN G 292 -49.35 125.11 23.22
CA ASN G 292 -50.63 125.56 23.77
C ASN G 292 -51.30 126.68 22.99
N SER G 293 -50.57 127.27 22.05
CA SER G 293 -51.15 128.32 21.25
C SER G 293 -50.85 128.10 19.79
N LEU G 294 -51.84 127.60 19.07
CA LEU G 294 -51.68 127.36 17.66
C LEU G 294 -52.21 128.51 16.81
N PRO G 295 -51.56 128.73 15.67
CA PRO G 295 -51.88 129.79 14.72
C PRO G 295 -53.29 129.67 14.20
N GLN G 296 -53.83 130.80 13.76
CA GLN G 296 -55.18 130.85 13.25
C GLN G 296 -55.26 131.54 11.88
N SER G 297 -54.12 131.84 11.26
CA SER G 297 -54.14 132.21 9.86
C SER G 297 -52.86 131.79 9.15
N GLU G 298 -52.98 131.43 7.87
CA GLU G 298 -51.81 130.97 7.15
C GLU G 298 -50.89 132.15 6.94
N GLY G 299 -49.65 131.87 6.57
CA GLY G 299 -48.69 132.92 6.28
C GLY G 299 -47.29 132.56 6.70
N GLY G 300 -46.38 133.51 6.61
CA GLY G 300 -44.97 133.19 6.74
C GLY G 300 -44.39 133.51 8.09
N THR G 301 -45.13 134.24 8.91
CA THR G 301 -44.65 134.56 10.24
C THR G 301 -45.72 134.31 11.28
N ASN G 302 -46.79 133.64 10.88
CA ASN G 302 -47.82 133.31 11.85
C ASN G 302 -47.52 132.00 12.61
N PHE G 303 -46.57 132.07 13.54
CA PHE G 303 -46.03 130.92 14.27
C PHE G 303 -46.92 130.40 15.38
N GLY G 304 -46.60 129.21 15.85
CA GLY G 304 -47.23 128.67 17.04
C GLY G 304 -46.32 128.89 18.20
N TYR G 305 -46.87 128.90 19.41
CA TYR G 305 -46.13 129.18 20.65
C TYR G 305 -46.34 128.12 21.70
N ILE G 306 -45.26 127.67 22.33
CA ILE G 306 -45.38 126.64 23.37
C ILE G 306 -46.28 127.10 24.49
N GLY G 307 -46.05 128.30 24.98
CA GLY G 307 -46.99 128.90 25.90
C GLY G 307 -46.78 128.53 27.35
N VAL G 308 -45.55 128.20 27.70
CA VAL G 308 -45.22 128.07 29.11
C VAL G 308 -43.87 128.72 29.35
N GLN G 309 -43.76 129.41 30.48
CA GLN G 309 -42.53 130.08 30.79
C GLN G 309 -41.44 129.02 30.85
N GLN G 310 -40.34 129.31 30.18
CA GLN G 310 -39.29 128.33 29.96
C GLN G 310 -38.74 127.66 31.22
N ASP G 311 -38.85 128.33 32.36
CA ASP G 311 -38.30 127.77 33.58
C ASP G 311 -39.37 127.14 34.44
N LYS G 312 -40.59 127.12 33.92
CA LYS G 312 -41.67 126.49 34.66
C LYS G 312 -42.24 125.32 33.87
N ARG G 313 -41.39 124.77 33.01
CA ARG G 313 -41.76 123.67 32.12
C ARG G 313 -41.44 122.32 32.74
N ARG G 314 -42.10 121.27 32.25
CA ARG G 314 -41.84 119.90 32.67
C ARG G 314 -40.97 119.15 31.64
N GLY G 315 -40.18 118.20 32.11
CA GLY G 315 -39.30 117.46 31.23
C GLY G 315 -37.99 117.08 31.88
N VAL G 316 -37.05 116.57 31.08
CA VAL G 316 -35.79 116.10 31.62
C VAL G 316 -34.58 116.74 30.98
N THR G 317 -33.69 117.26 31.80
CA THR G 317 -32.43 117.80 31.31
C THR G 317 -31.25 117.30 32.08
N GLN G 318 -30.08 117.51 31.48
CA GLN G 318 -28.83 117.08 32.05
C GLN G 318 -28.10 118.25 32.68
N MET G 319 -28.88 119.24 33.07
CA MET G 319 -28.39 120.43 33.72
C MET G 319 -28.91 120.56 35.14
N GLY G 320 -28.14 120.07 36.10
CA GLY G 320 -28.53 120.10 37.50
C GLY G 320 -28.77 121.49 38.07
N ASN G 321 -28.25 122.52 37.39
CA ASN G 321 -28.39 123.91 37.80
C ASN G 321 -29.72 124.54 37.45
N THR G 322 -29.92 124.88 36.17
CA THR G 322 -31.11 125.64 35.80
C THR G 322 -32.36 124.82 35.67
N ASN G 323 -33.49 125.50 35.78
CA ASN G 323 -34.79 124.89 35.59
C ASN G 323 -35.31 125.26 34.23
N TYR G 324 -34.41 125.83 33.45
CA TYR G 324 -34.70 126.15 32.07
C TYR G 324 -34.82 124.83 31.30
N ILE G 325 -35.89 124.66 30.53
CA ILE G 325 -36.00 123.48 29.68
C ILE G 325 -36.31 123.91 28.24
N THR G 326 -35.28 123.96 27.41
CA THR G 326 -35.49 124.37 26.04
C THR G 326 -35.05 123.32 25.06
N GLU G 327 -35.44 123.52 23.81
CA GLU G 327 -35.08 122.61 22.74
C GLU G 327 -33.58 122.38 22.66
N ALA G 328 -32.80 123.37 23.05
CA ALA G 328 -31.35 123.18 23.09
C ALA G 328 -30.87 122.56 24.42
N THR G 329 -31.77 122.48 25.39
CA THR G 329 -31.41 122.00 26.72
C THR G 329 -31.97 120.59 27.03
N ILE G 330 -33.18 120.32 26.55
CA ILE G 330 -33.88 119.07 26.80
C ILE G 330 -33.02 117.86 26.48
N MET G 331 -33.06 116.86 27.34
CA MET G 331 -32.28 115.65 27.10
C MET G 331 -32.65 114.97 25.78
N ARG G 332 -31.68 114.34 25.14
CA ARG G 332 -31.95 113.48 24.00
C ARG G 332 -31.29 112.14 24.35
N PRO G 333 -31.75 111.03 23.75
CA PRO G 333 -31.23 109.72 24.17
C PRO G 333 -29.72 109.52 23.99
N ALA G 334 -29.14 110.07 22.93
CA ALA G 334 -27.70 110.01 22.71
C ALA G 334 -27.29 111.11 21.77
N GLU G 335 -26.18 110.95 21.08
CA GLU G 335 -25.74 112.03 20.19
C GLU G 335 -25.46 111.68 18.75
N VAL G 336 -26.11 112.39 17.85
CA VAL G 336 -25.97 112.11 16.45
C VAL G 336 -24.83 112.88 15.90
N GLY G 337 -23.83 112.16 15.41
CA GLY G 337 -22.65 112.77 14.85
C GLY G 337 -21.63 113.12 15.92
N TYR G 338 -20.50 113.67 15.51
CA TYR G 338 -19.48 114.00 16.50
C TYR G 338 -18.65 115.17 15.95
N SER G 339 -18.07 115.96 16.86
CA SER G 339 -17.21 117.07 16.46
C SER G 339 -15.74 116.68 16.49
N ALA G 340 -15.04 117.04 15.43
CA ALA G 340 -13.66 116.65 15.25
C ALA G 340 -12.76 117.83 14.89
N PRO G 341 -11.48 117.72 15.23
CA PRO G 341 -10.47 118.72 14.90
C PRO G 341 -10.29 118.90 13.40
N TYR G 342 -10.02 120.14 13.00
CA TYR G 342 -9.90 120.53 11.60
C TYR G 342 -9.16 121.85 11.49
N TYR G 343 -8.23 121.98 10.52
CA TYR G 343 -7.64 120.88 9.75
C TYR G 343 -6.54 120.24 10.57
N SER G 344 -6.83 119.19 11.32
CA SER G 344 -5.80 118.73 12.24
C SER G 344 -4.75 117.91 11.52
N PHE G 345 -3.50 118.20 11.80
CA PHE G 345 -2.41 117.37 11.34
C PHE G 345 -1.71 116.76 12.53
N GLU G 346 -1.45 115.46 12.41
CA GLU G 346 -0.75 114.70 13.43
C GLU G 346 0.47 114.12 12.74
N ALA G 347 1.45 113.71 13.52
CA ALA G 347 2.67 113.22 12.93
C ALA G 347 3.17 111.99 13.66
N SER G 348 3.60 110.99 12.89
CA SER G 348 4.21 109.86 13.52
C SER G 348 5.36 109.44 12.61
N THR G 349 6.28 108.67 13.17
CA THR G 349 7.44 108.08 12.52
C THR G 349 7.77 108.52 11.09
N GLN G 350 6.76 108.67 10.25
CA GLN G 350 7.02 108.90 8.86
C GLN G 350 6.59 110.25 8.39
N GLY G 351 6.22 111.11 9.32
CA GLY G 351 5.87 112.46 8.96
C GLY G 351 4.46 112.80 9.36
N PRO G 352 4.01 114.00 8.97
CA PRO G 352 2.70 114.54 9.33
C PRO G 352 1.65 114.17 8.30
N PHE G 353 0.40 114.11 8.74
CA PHE G 353 -0.73 113.73 7.89
C PHE G 353 -2.02 114.28 8.44
N LYS G 354 -2.99 114.53 7.57
CA LYS G 354 -4.27 115.06 8.02
C LYS G 354 -5.08 114.06 8.83
N THR G 355 -5.79 114.55 9.84
CA THR G 355 -6.73 113.77 10.60
C THR G 355 -8.02 113.62 9.83
N PRO G 356 -8.45 112.39 9.58
CA PRO G 356 -9.65 112.11 8.79
C PRO G 356 -10.95 112.26 9.60
N ILE G 357 -12.02 112.67 8.94
CA ILE G 357 -13.27 112.94 9.62
C ILE G 357 -14.35 112.05 9.08
N ALA G 358 -15.29 111.65 9.92
CA ALA G 358 -16.34 110.75 9.48
C ALA G 358 -17.57 111.44 8.90
N ALA G 359 -18.22 112.31 9.67
CA ALA G 359 -19.60 112.71 9.40
C ALA G 359 -19.91 113.50 8.09
N GLY G 360 -20.84 114.46 8.21
CA GLY G 360 -21.16 115.38 7.12
C GLY G 360 -22.41 114.86 6.47
N ARG G 361 -23.29 115.71 5.94
CA ARG G 361 -23.23 117.18 5.97
C ARG G 361 -23.70 117.70 7.32
N GLY G 362 -23.23 118.87 7.73
CA GLY G 362 -23.73 119.48 8.94
C GLY G 362 -24.28 120.90 8.89
N GLY G 363 -23.88 121.65 7.87
CA GLY G 363 -24.32 123.03 7.76
C GLY G 363 -25.75 123.16 7.26
N ALA G 364 -26.36 124.33 7.42
CA ALA G 364 -27.74 124.49 6.93
C ALA G 364 -27.75 124.73 5.44
N GLN G 365 -28.80 125.42 4.99
CA GLN G 365 -28.98 125.70 3.57
C GLN G 365 -27.81 126.46 2.98
N THR G 366 -27.17 125.88 1.97
CA THR G 366 -26.07 126.51 1.23
C THR G 366 -24.91 126.91 2.15
N ASP G 367 -24.81 126.23 3.29
CA ASP G 367 -24.00 126.73 4.38
C ASP G 367 -23.07 125.75 5.05
N GLU G 368 -21.83 125.55 4.62
CA GLU G 368 -21.07 124.52 5.33
C GLU G 368 -19.58 124.53 5.05
N ASN G 369 -18.84 123.90 5.96
CA ASN G 369 -17.40 123.94 5.95
C ASN G 369 -16.80 122.58 5.67
N GLN G 370 -16.83 122.26 4.39
CA GLN G 370 -16.31 121.03 3.82
C GLN G 370 -15.06 120.47 4.50
N ALA G 371 -14.68 120.98 5.67
CA ALA G 371 -13.49 120.52 6.34
C ALA G 371 -13.80 119.92 7.69
N ALA G 372 -14.73 120.53 8.41
CA ALA G 372 -15.09 120.01 9.73
C ALA G 372 -16.01 118.83 9.66
N ASP G 373 -16.66 118.67 8.50
CA ASP G 373 -17.47 117.51 8.18
C ASP G 373 -16.64 116.55 7.35
N GLY G 374 -15.59 117.07 6.74
CA GLY G 374 -14.65 116.28 5.97
C GLY G 374 -15.19 115.82 4.64
N ASP G 375 -15.92 116.70 3.98
CA ASP G 375 -16.43 116.38 2.67
C ASP G 375 -15.24 116.12 1.76
N PRO G 376 -15.25 114.98 1.08
CA PRO G 376 -14.20 114.48 0.19
C PRO G 376 -14.19 115.20 -1.13
N ARG G 377 -13.03 115.35 -1.72
CA ARG G 377 -12.91 116.05 -2.98
C ARG G 377 -12.17 115.20 -4.00
N TYR G 378 -12.79 114.97 -5.13
CA TYR G 378 -12.27 114.01 -6.07
C TYR G 378 -11.67 114.67 -7.30
N ALA G 379 -10.47 114.26 -7.71
CA ALA G 379 -9.84 114.82 -8.92
C ALA G 379 -9.48 113.75 -9.93
N PHE G 380 -9.89 113.94 -11.18
CA PHE G 380 -9.86 112.85 -12.14
C PHE G 380 -9.75 113.28 -13.58
N GLY G 381 -9.42 112.37 -14.46
CA GLY G 381 -9.12 112.80 -15.81
C GLY G 381 -9.60 111.98 -16.98
N ARG G 382 -10.44 112.62 -17.78
CA ARG G 382 -10.97 112.08 -19.03
C ARG G 382 -11.43 110.64 -18.98
N GLN G 383 -10.52 109.73 -18.66
CA GLN G 383 -10.86 108.33 -18.47
C GLN G 383 -11.89 108.09 -17.37
N HIS G 384 -11.96 108.97 -16.37
CA HIS G 384 -12.76 108.68 -15.21
C HIS G 384 -13.79 109.75 -14.89
N GLY G 385 -14.22 110.47 -15.92
CA GLY G 385 -15.26 111.46 -15.73
C GLY G 385 -15.12 112.78 -16.45
N GLN G 386 -13.90 113.32 -16.50
CA GLN G 386 -13.67 114.59 -17.19
C GLN G 386 -14.04 114.49 -18.67
N LYS G 387 -14.47 115.60 -19.24
CA LYS G 387 -14.81 115.68 -20.65
C LYS G 387 -13.62 115.20 -21.46
N THR G 388 -13.83 114.26 -22.35
CA THR G 388 -12.71 113.62 -23.02
C THR G 388 -12.07 114.50 -24.11
N THR G 389 -12.74 115.58 -24.51
CA THR G 389 -12.22 116.52 -25.51
C THR G 389 -11.30 117.60 -24.95
N THR G 390 -11.33 117.74 -23.64
CA THR G 390 -10.52 118.75 -22.97
C THR G 390 -9.05 118.48 -23.06
N THR G 391 -8.32 119.42 -23.64
CA THR G 391 -6.87 119.41 -23.60
C THR G 391 -6.42 120.15 -22.36
N GLY G 392 -5.15 120.00 -22.04
CA GLY G 392 -4.60 120.63 -20.87
C GLY G 392 -4.56 119.63 -19.74
N GLU G 393 -3.59 119.80 -18.86
CA GLU G 393 -3.33 118.80 -17.84
C GLU G 393 -4.01 119.12 -16.53
N THR G 394 -4.95 120.06 -16.55
CA THR G 394 -5.71 120.38 -15.34
C THR G 394 -6.88 119.42 -15.21
N PRO G 395 -7.03 118.78 -14.05
CA PRO G 395 -8.07 117.77 -13.75
C PRO G 395 -9.44 118.35 -13.43
N GLU G 396 -10.51 117.59 -13.65
CA GLU G 396 -11.85 118.02 -13.23
C GLU G 396 -12.05 117.64 -11.77
N ARG G 397 -12.87 118.39 -11.03
CA ARG G 397 -13.01 118.13 -9.61
C ARG G 397 -14.43 118.30 -9.09
N PHE G 398 -14.67 117.77 -7.90
CA PHE G 398 -15.90 118.02 -7.14
C PHE G 398 -15.78 117.70 -5.64
N THR G 399 -16.67 118.26 -4.85
CA THR G 399 -16.70 117.92 -3.43
C THR G 399 -18.04 117.31 -3.09
N TYR G 400 -18.01 116.04 -2.68
CA TYR G 400 -19.25 115.35 -2.40
C TYR G 400 -19.82 115.83 -1.09
N ILE G 401 -20.97 116.47 -1.15
CA ILE G 401 -21.63 116.80 0.09
C ILE G 401 -22.79 115.89 0.33
N ALA G 402 -22.65 114.98 1.28
CA ALA G 402 -23.66 113.95 1.47
C ALA G 402 -24.98 114.53 1.90
N HIS G 403 -26.05 113.78 1.76
CA HIS G 403 -27.39 114.25 2.10
C HIS G 403 -27.65 114.06 3.56
N GLN G 404 -26.91 113.15 4.17
CA GLN G 404 -27.18 112.78 5.54
C GLN G 404 -26.74 113.86 6.49
N ASP G 405 -27.68 114.53 7.12
CA ASP G 405 -27.30 115.62 7.99
C ASP G 405 -26.80 115.05 9.32
N THR G 406 -25.52 114.72 9.39
CA THR G 406 -24.93 114.25 10.65
C THR G 406 -23.62 114.91 11.03
N GLY G 407 -23.27 116.00 10.34
CA GLY G 407 -22.03 116.72 10.57
C GLY G 407 -22.19 117.89 11.53
N ARG G 408 -21.28 118.86 11.46
CA ARG G 408 -21.35 120.01 12.36
C ARG G 408 -21.26 121.36 11.66
N TYR G 409 -21.79 122.37 12.34
CA TYR G 409 -21.66 123.78 11.99
C TYR G 409 -20.98 124.49 13.14
N PRO G 410 -19.66 124.36 13.23
CA PRO G 410 -18.95 124.76 14.44
C PRO G 410 -19.12 126.21 14.82
N GLU G 411 -19.50 127.05 13.85
CA GLU G 411 -19.78 128.45 14.14
C GLU G 411 -20.87 128.58 15.19
N GLY G 412 -21.77 127.61 15.25
CA GLY G 412 -22.84 127.67 16.20
C GLY G 412 -22.48 126.98 17.49
N ASP G 413 -21.24 126.52 17.58
CA ASP G 413 -20.80 125.85 18.79
C ASP G 413 -20.51 126.91 19.83
N TRP G 414 -20.60 126.55 21.10
CA TRP G 414 -20.17 127.41 22.19
C TRP G 414 -20.07 126.62 23.47
N ILE G 415 -19.53 127.21 24.53
CA ILE G 415 -19.41 126.51 25.80
C ILE G 415 -19.70 127.43 26.97
N GLN G 416 -20.69 127.12 27.79
CA GLN G 416 -20.95 128.01 28.91
C GLN G 416 -20.36 127.56 30.23
N ASN G 417 -20.21 128.51 31.15
CA ASN G 417 -19.77 128.26 32.51
C ASN G 417 -20.82 127.49 33.30
N ILE G 418 -20.37 126.73 34.28
CA ILE G 418 -21.23 125.93 35.16
C ILE G 418 -22.44 126.66 35.71
N ASN G 419 -22.33 127.97 35.92
CA ASN G 419 -23.37 128.64 36.69
C ASN G 419 -24.62 128.93 35.88
N PHE G 420 -24.47 129.03 34.56
CA PHE G 420 -25.60 129.26 33.66
C PHE G 420 -26.40 130.48 34.11
N ASN G 421 -25.69 131.52 34.49
CA ASN G 421 -26.28 132.80 34.80
C ASN G 421 -26.39 133.55 33.49
N LEU G 422 -27.60 133.62 32.95
CA LEU G 422 -27.74 134.13 31.60
C LEU G 422 -28.80 135.22 31.50
N PRO G 423 -28.67 136.14 30.52
CA PRO G 423 -27.72 136.28 29.41
C PRO G 423 -26.27 136.18 29.86
N VAL G 424 -25.47 135.46 29.09
CA VAL G 424 -24.15 135.06 29.52
C VAL G 424 -23.06 136.10 29.17
N THR G 425 -22.16 136.29 30.14
CA THR G 425 -20.99 137.16 30.10
C THR G 425 -19.94 136.77 29.08
N ASP G 426 -19.20 137.72 28.50
CA ASP G 426 -18.08 137.37 27.61
C ASP G 426 -17.04 136.53 28.37
N ASP G 427 -16.93 136.75 29.67
CA ASP G 427 -15.96 135.99 30.48
C ASP G 427 -16.50 134.59 30.89
N ASN G 428 -17.80 134.34 30.73
CA ASN G 428 -18.39 133.02 31.09
C ASN G 428 -18.73 132.11 29.93
N VAL G 429 -18.41 132.51 28.71
CA VAL G 429 -18.68 131.66 27.56
C VAL G 429 -17.43 131.63 26.67
N LEU G 430 -17.24 130.53 25.95
CA LEU G 430 -16.19 130.47 24.96
C LEU G 430 -16.76 130.29 23.57
N LEU G 431 -16.60 131.28 22.72
CA LEU G 431 -17.19 131.24 21.38
C LEU G 431 -16.17 130.77 20.34
N PRO G 432 -16.65 130.43 19.13
CA PRO G 432 -15.77 130.15 18.00
C PRO G 432 -15.18 131.41 17.39
N THR G 433 -15.48 132.53 18.03
CA THR G 433 -14.90 133.82 17.64
C THR G 433 -13.68 134.10 18.50
N ASP G 434 -13.75 133.71 19.78
CA ASP G 434 -12.66 133.94 20.71
C ASP G 434 -11.46 133.12 20.30
N PRO G 435 -10.34 133.79 20.10
CA PRO G 435 -9.10 133.18 19.64
C PRO G 435 -8.50 132.30 20.71
N ILE G 436 -7.81 131.27 20.28
CA ILE G 436 -7.26 130.29 21.20
C ILE G 436 -5.77 130.32 21.07
N GLY G 437 -5.06 130.39 22.19
CA GLY G 437 -3.62 130.49 22.16
C GLY G 437 -3.18 131.78 21.46
N GLY G 438 -4.06 132.79 21.53
CA GLY G 438 -3.76 134.11 21.02
C GLY G 438 -3.60 134.21 19.51
N LYS G 439 -4.32 133.36 18.81
CA LYS G 439 -4.26 133.39 17.36
C LYS G 439 -5.61 133.84 16.82
N THR G 440 -5.58 134.86 15.98
CA THR G 440 -6.79 135.42 15.40
C THR G 440 -7.61 134.38 14.66
N GLY G 441 -6.94 133.52 13.91
CA GLY G 441 -7.62 132.54 13.09
C GLY G 441 -7.90 131.17 13.67
N ILE G 442 -7.84 131.03 14.99
CA ILE G 442 -8.11 129.75 15.64
C ILE G 442 -9.13 129.87 16.78
N ASN G 443 -10.07 128.94 16.84
CA ASN G 443 -11.00 128.87 17.96
C ASN G 443 -11.07 127.46 18.48
N TYR G 444 -11.78 127.27 19.58
CA TYR G 444 -11.69 126.01 20.31
C TYR G 444 -12.23 124.86 19.50
N THR G 445 -13.11 125.18 18.58
CA THR G 445 -13.72 124.13 17.80
C THR G 445 -12.70 123.46 16.91
N ASN G 446 -11.58 124.13 16.65
CA ASN G 446 -10.56 123.53 15.80
C ASN G 446 -9.84 122.37 16.45
N ILE G 447 -9.92 122.29 17.77
CA ILE G 447 -9.25 121.23 18.50
C ILE G 447 -10.25 120.38 19.25
N PHE G 448 -11.53 120.60 18.95
CA PHE G 448 -12.61 120.01 19.71
C PHE G 448 -12.84 118.57 19.31
N ASN G 449 -13.26 117.76 20.26
CA ASN G 449 -13.55 116.35 20.00
C ASN G 449 -14.69 115.87 20.86
N THR G 450 -15.85 115.62 20.24
CA THR G 450 -16.98 115.15 21.00
C THR G 450 -17.40 113.73 20.68
N TYR G 451 -16.45 112.94 20.22
CA TYR G 451 -16.68 111.52 20.09
C TYR G 451 -16.73 110.93 21.50
N GLY G 452 -17.65 110.01 21.70
CA GLY G 452 -17.89 109.49 23.04
C GLY G 452 -18.84 108.34 22.99
N PRO G 453 -19.08 107.70 24.12
CA PRO G 453 -19.91 106.51 24.18
C PRO G 453 -21.38 106.78 23.87
N LEU G 454 -21.74 108.00 23.51
CA LEU G 454 -23.12 108.26 23.14
C LEU G 454 -23.20 108.62 21.69
N THR G 455 -22.08 108.46 21.00
CA THR G 455 -22.00 108.90 19.63
C THR G 455 -22.67 107.91 18.70
N ALA G 456 -23.48 108.42 17.76
CA ALA G 456 -24.09 107.60 16.71
C ALA G 456 -23.69 108.12 15.33
N LEU G 457 -23.50 107.20 14.38
CA LEU G 457 -22.87 107.45 13.10
C LEU G 457 -23.46 106.72 11.94
N ASN G 458 -23.28 107.20 10.72
CA ASN G 458 -23.52 106.34 9.57
C ASN G 458 -22.21 106.03 8.86
N ASN G 459 -22.24 105.04 7.97
CA ASN G 459 -21.11 104.72 7.13
C ASN G 459 -21.11 105.70 5.97
N VAL G 460 -20.01 105.79 5.25
CA VAL G 460 -19.93 106.69 4.12
C VAL G 460 -20.85 106.28 3.00
N PRO G 461 -21.44 107.26 2.33
CA PRO G 461 -22.26 106.98 1.17
C PRO G 461 -21.41 106.72 -0.04
N PRO G 462 -21.90 105.92 -0.97
CA PRO G 462 -21.16 105.61 -2.20
C PRO G 462 -21.05 106.82 -3.06
N VAL G 463 -19.88 107.04 -3.62
CA VAL G 463 -19.67 108.20 -4.45
C VAL G 463 -19.57 107.85 -5.92
N TYR G 464 -20.65 108.05 -6.67
CA TYR G 464 -20.60 107.69 -8.09
C TYR G 464 -20.11 108.86 -8.91
N PRO G 465 -19.20 108.61 -9.85
CA PRO G 465 -18.60 107.32 -10.21
C PRO G 465 -17.20 107.09 -9.69
N ASN G 466 -16.58 108.11 -9.09
CA ASN G 466 -15.14 108.04 -8.81
C ASN G 466 -14.79 107.33 -7.53
N GLY G 467 -15.83 106.97 -6.77
CA GLY G 467 -15.68 106.30 -5.48
C GLY G 467 -15.19 104.87 -5.56
N GLN G 468 -14.53 104.47 -4.47
CA GLN G 468 -14.09 103.10 -4.29
C GLN G 468 -15.27 102.25 -3.85
N ILE G 469 -15.28 100.96 -4.16
CA ILE G 469 -16.39 100.11 -3.75
C ILE G 469 -16.08 99.39 -2.46
N TRP G 470 -15.06 98.55 -2.47
CA TRP G 470 -14.68 97.87 -1.25
C TRP G 470 -13.24 98.16 -0.88
N ASP G 471 -12.91 97.88 0.37
CA ASP G 471 -11.59 98.15 0.92
C ASP G 471 -11.16 97.11 1.92
N LYS G 472 -9.86 96.83 2.00
CA LYS G 472 -9.34 95.86 2.96
C LYS G 472 -9.43 96.41 4.36
N GLU G 473 -9.53 95.54 5.36
CA GLU G 473 -9.56 96.02 6.74
C GLU G 473 -8.16 95.96 7.29
N PHE G 474 -7.84 96.94 8.13
CA PHE G 474 -6.53 97.05 8.75
C PHE G 474 -6.27 95.85 9.58
N ASP G 475 -5.06 95.30 9.52
CA ASP G 475 -4.70 94.17 10.37
C ASP G 475 -4.26 94.68 11.72
N THR G 476 -5.11 95.47 12.34
CA THR G 476 -4.83 95.96 13.67
C THR G 476 -5.64 95.16 14.67
N ASP G 477 -5.11 94.99 15.86
CA ASP G 477 -5.80 94.17 16.84
C ASP G 477 -7.18 94.76 17.10
N LEU G 478 -7.26 96.08 17.09
CA LEU G 478 -8.55 96.74 17.19
C LEU G 478 -8.80 97.53 15.93
N LYS G 479 -10.04 97.51 15.46
CA LYS G 479 -10.30 97.97 14.12
C LYS G 479 -11.19 99.22 14.05
N PRO G 480 -11.17 99.91 12.90
CA PRO G 480 -11.99 101.11 12.75
C PRO G 480 -13.46 100.77 12.55
N ARG G 481 -14.39 101.58 13.06
CA ARG G 481 -15.82 101.33 12.89
C ARG G 481 -16.28 101.58 11.46
N LEU G 482 -15.40 102.18 10.66
CA LEU G 482 -15.66 102.35 9.24
C LEU G 482 -14.40 102.76 8.53
N HIS G 483 -14.49 102.87 7.22
CA HIS G 483 -13.44 103.48 6.42
C HIS G 483 -14.09 104.62 5.69
N VAL G 484 -13.32 105.61 5.26
CA VAL G 484 -13.93 106.75 4.64
C VAL G 484 -13.83 106.65 3.15
N ASN G 485 -13.09 105.68 2.67
CA ASN G 485 -12.88 105.61 1.24
C ASN G 485 -13.81 104.66 0.53
N ALA G 486 -14.47 103.78 1.28
CA ALA G 486 -15.39 102.81 0.68
C ALA G 486 -16.42 102.35 1.69
N PRO G 487 -17.62 102.02 1.22
CA PRO G 487 -18.68 101.56 2.12
C PRO G 487 -18.53 100.10 2.54
N PHE G 488 -17.96 99.26 1.68
CA PHE G 488 -17.81 97.85 2.01
C PHE G 488 -16.42 97.54 2.47
N VAL G 489 -16.29 96.98 3.66
CA VAL G 489 -14.96 96.57 4.13
C VAL G 489 -14.87 95.08 4.48
N CYS G 490 -13.99 94.34 3.79
CA CYS G 490 -13.86 92.91 4.00
C CYS G 490 -13.10 92.64 5.26
N GLN G 491 -13.75 92.18 6.30
CA GLN G 491 -12.96 91.85 7.47
C GLN G 491 -12.46 90.41 7.40
N ASN G 492 -13.01 89.59 6.51
CA ASN G 492 -12.45 88.26 6.38
C ASN G 492 -11.15 88.41 5.58
N ASN G 493 -11.28 88.66 4.27
CA ASN G 493 -10.21 88.67 3.26
C ASN G 493 -10.83 89.31 2.03
N CYS G 494 -10.10 90.18 1.36
CA CYS G 494 -10.60 90.77 0.15
C CYS G 494 -10.05 90.06 -1.06
N PRO G 495 -10.72 90.22 -2.19
CA PRO G 495 -10.21 89.65 -3.43
C PRO G 495 -8.78 90.03 -3.62
N GLY G 496 -7.96 89.12 -4.14
CA GLY G 496 -6.56 89.42 -4.33
C GLY G 496 -6.31 90.41 -5.45
N GLN G 497 -5.20 91.12 -5.40
CA GLN G 497 -4.93 92.07 -6.46
C GLN G 497 -4.44 91.36 -7.69
N LEU G 498 -4.76 91.92 -8.84
CA LEU G 498 -4.42 91.27 -10.09
C LEU G 498 -3.28 91.98 -10.79
N PHE G 499 -2.23 91.26 -11.13
CA PHE G 499 -1.07 91.88 -11.71
C PHE G 499 -0.75 91.33 -13.07
N VAL G 500 -0.39 92.24 -13.97
CA VAL G 500 0.04 91.88 -15.30
C VAL G 500 1.42 92.45 -15.58
N LYS G 501 2.07 91.94 -16.61
CA LYS G 501 3.42 92.35 -16.94
C LYS G 501 3.85 91.74 -18.25
N VAL G 502 4.44 92.53 -19.14
CA VAL G 502 4.92 91.95 -20.39
C VAL G 502 6.19 91.14 -20.19
N ALA G 503 6.23 89.94 -20.75
CA ALA G 503 7.39 89.07 -20.59
C ALA G 503 8.59 89.66 -21.31
N PRO G 504 9.77 89.53 -20.70
CA PRO G 504 11.02 90.00 -21.28
C PRO G 504 11.21 89.39 -22.64
N ASN G 505 11.14 90.19 -23.69
CA ASN G 505 11.33 89.64 -25.02
C ASN G 505 12.74 89.91 -25.53
N LEU G 506 13.66 89.00 -25.26
CA LEU G 506 15.07 89.27 -25.45
C LEU G 506 15.59 89.22 -26.88
N THR G 507 16.63 90.01 -27.13
CA THR G 507 17.37 90.07 -28.40
C THR G 507 18.41 88.98 -28.45
N ASN G 508 19.20 88.93 -29.51
CA ASN G 508 20.11 87.80 -29.61
C ASN G 508 21.32 87.92 -28.73
N GLN G 509 21.69 89.11 -28.30
CA GLN G 509 22.78 89.10 -27.36
C GLN G 509 22.41 89.91 -26.14
N TYR G 510 22.38 89.13 -25.08
CA TYR G 510 22.06 89.48 -23.72
C TYR G 510 23.17 88.88 -22.86
N ASP G 511 23.82 89.74 -22.07
CA ASP G 511 24.82 89.30 -21.11
C ASP G 511 24.45 89.75 -19.73
N PRO G 512 24.07 88.80 -18.89
CA PRO G 512 23.63 89.14 -17.55
C PRO G 512 24.75 89.59 -16.61
N ASP G 513 25.95 89.04 -16.73
CA ASP G 513 27.04 89.51 -15.86
C ASP G 513 27.51 90.87 -16.33
N ALA G 514 27.02 91.30 -17.49
CA ALA G 514 27.31 92.63 -18.01
C ALA G 514 26.45 93.69 -17.32
N SER G 515 27.06 94.84 -17.01
CA SER G 515 26.36 95.92 -16.31
C SER G 515 25.38 96.65 -17.20
N ALA G 516 25.72 96.70 -18.49
CA ALA G 516 24.97 97.47 -19.49
C ALA G 516 23.47 97.22 -19.48
N ASN G 517 22.74 98.14 -20.11
CA ASN G 517 21.32 97.98 -20.34
C ASN G 517 20.94 96.57 -20.79
N MET G 518 19.87 96.06 -20.23
CA MET G 518 19.19 94.91 -20.77
C MET G 518 18.59 95.31 -22.09
N SER G 519 19.09 94.71 -23.18
CA SER G 519 18.53 95.05 -24.47
C SER G 519 17.43 94.06 -24.79
N ARG G 520 16.23 94.60 -24.95
CA ARG G 520 15.02 93.82 -25.15
C ARG G 520 14.38 94.29 -26.43
N ILE G 521 13.70 93.39 -27.12
CA ILE G 521 12.87 93.76 -28.25
C ILE G 521 11.70 94.62 -27.74
N VAL G 522 11.36 95.68 -28.45
CA VAL G 522 10.28 96.51 -27.98
C VAL G 522 8.97 95.75 -28.10
N THR G 523 8.33 95.50 -26.97
CA THR G 523 7.12 94.70 -27.01
C THR G 523 6.00 95.28 -26.18
N TYR G 524 4.77 95.12 -26.66
CA TYR G 524 3.58 95.53 -25.92
C TYR G 524 2.44 94.56 -26.15
N SER G 525 1.41 94.68 -25.30
CA SER G 525 0.30 93.75 -25.38
C SER G 525 -1.09 94.39 -25.30
N ASP G 526 -2.00 93.80 -26.06
CA ASP G 526 -3.43 94.09 -26.02
C ASP G 526 -4.15 92.87 -25.50
N PHE G 527 -4.90 93.05 -24.42
CA PHE G 527 -5.69 91.95 -23.89
C PHE G 527 -6.98 92.48 -23.37
N TRP G 528 -7.97 91.59 -23.31
CA TRP G 528 -9.28 91.95 -22.82
C TRP G 528 -9.49 91.47 -21.39
N TRP G 529 -10.21 92.26 -20.61
CA TRP G 529 -10.52 91.96 -19.24
C TRP G 529 -12.02 91.93 -19.08
N LYS G 530 -12.55 90.89 -18.47
CA LYS G 530 -13.98 90.82 -18.17
C LYS G 530 -14.21 90.55 -16.70
N GLY G 531 -15.15 91.28 -16.11
CA GLY G 531 -15.42 91.11 -14.71
C GLY G 531 -16.90 90.92 -14.39
N LYS G 532 -17.17 90.32 -13.25
CA LYS G 532 -18.53 90.18 -12.80
C LYS G 532 -18.66 90.51 -11.33
N LEU G 533 -19.38 91.59 -11.06
CA LEU G 533 -19.59 92.03 -9.71
C LEU G 533 -21.06 91.87 -9.38
N VAL G 534 -21.35 91.10 -8.34
CA VAL G 534 -22.72 90.77 -7.99
C VAL G 534 -23.23 91.43 -6.73
N PHE G 535 -24.38 92.10 -6.84
CA PHE G 535 -25.00 92.69 -5.67
C PHE G 535 -26.33 92.06 -5.38
N LYS G 536 -26.78 92.20 -4.14
CA LYS G 536 -28.11 91.74 -3.84
C LYS G 536 -28.76 92.92 -3.15
N ALA G 537 -29.84 93.43 -3.72
CA ALA G 537 -30.47 94.61 -3.16
C ALA G 537 -31.92 94.39 -2.77
N LYS G 538 -32.51 95.38 -2.10
CA LYS G 538 -33.86 95.31 -1.59
C LYS G 538 -34.65 96.59 -1.96
N LEU G 539 -35.82 96.42 -2.54
CA LEU G 539 -36.62 97.55 -3.03
C LEU G 539 -37.21 98.41 -1.95
N ARG G 540 -37.20 99.72 -2.14
CA ARG G 540 -37.73 100.63 -1.13
C ARG G 540 -39.24 100.70 -1.21
N ALA G 541 -39.86 101.30 -0.18
CA ALA G 541 -41.30 101.51 -0.15
C ALA G 541 -41.69 102.89 0.38
N SER G 542 -42.79 103.42 -0.13
CA SER G 542 -43.26 104.75 0.27
C SER G 542 -43.88 104.69 1.65
N HIS G 543 -43.41 105.53 2.56
CA HIS G 543 -44.01 105.51 3.89
C HIS G 543 -44.58 106.86 4.28
N THR G 544 -44.50 107.83 3.38
CA THR G 544 -44.97 109.17 3.66
C THR G 544 -46.02 109.61 2.70
N TRP G 545 -46.72 110.69 3.05
CA TRP G 545 -47.74 111.27 2.19
C TRP G 545 -47.07 111.93 1.00
N ASN G 546 -45.93 112.55 1.27
CA ASN G 546 -45.20 113.32 0.29
C ASN G 546 -44.27 112.48 -0.55
N PRO G 547 -43.99 112.91 -1.78
CA PRO G 547 -42.95 112.22 -2.56
C PRO G 547 -41.60 112.53 -1.99
N ILE G 548 -40.52 112.03 -2.61
CA ILE G 548 -39.17 112.20 -2.07
C ILE G 548 -38.16 112.43 -3.19
N GLN G 549 -36.94 112.81 -2.82
CA GLN G 549 -35.91 113.13 -3.82
C GLN G 549 -35.60 111.96 -4.71
N GLN G 550 -35.44 112.21 -6.01
CA GLN G 550 -34.91 111.20 -6.94
C GLN G 550 -34.21 111.85 -8.14
N MET G 551 -33.20 111.18 -8.71
CA MET G 551 -32.52 111.72 -9.91
C MET G 551 -33.42 111.81 -11.08
N SER G 552 -33.14 112.76 -11.96
CA SER G 552 -33.75 112.76 -13.28
C SER G 552 -33.07 113.80 -14.15
N ILE G 553 -33.62 113.98 -15.34
CA ILE G 553 -33.26 115.13 -16.14
C ILE G 553 -34.58 115.82 -16.47
N ASN G 554 -34.76 117.15 -16.41
CA ASN G 554 -33.85 118.30 -16.24
C ASN G 554 -33.41 118.84 -17.56
N VAL G 555 -33.82 120.07 -17.82
CA VAL G 555 -33.51 120.77 -19.05
C VAL G 555 -32.13 121.38 -18.90
N ASP G 556 -31.79 121.72 -17.66
CA ASP G 556 -30.39 121.83 -17.25
C ASP G 556 -29.85 120.42 -17.34
N ASN G 557 -28.59 120.16 -16.98
CA ASN G 557 -28.25 118.77 -16.70
C ASN G 557 -28.22 117.84 -17.92
N GLN G 558 -29.32 117.83 -18.64
CA GLN G 558 -29.54 117.01 -19.81
C GLN G 558 -28.32 116.75 -20.72
N PHE G 559 -27.27 117.55 -20.64
CA PHE G 559 -26.22 117.39 -21.63
C PHE G 559 -24.99 116.70 -21.14
N ASN G 560 -25.02 116.29 -19.87
CA ASN G 560 -23.91 115.53 -19.31
C ASN G 560 -24.05 114.02 -19.51
N TYR G 561 -25.03 113.62 -20.29
CA TYR G 561 -25.34 112.22 -20.41
C TYR G 561 -25.44 111.82 -21.87
N VAL G 562 -24.94 112.67 -22.75
CA VAL G 562 -24.97 112.38 -24.17
C VAL G 562 -23.65 112.81 -24.72
N PRO G 563 -23.23 112.21 -25.83
CA PRO G 563 -22.00 112.71 -26.41
C PRO G 563 -22.19 114.07 -27.08
N SER G 564 -21.21 114.49 -27.87
CA SER G 564 -21.16 115.81 -28.46
C SER G 564 -21.12 115.76 -29.97
N ASN G 565 -20.84 116.91 -30.58
CA ASN G 565 -20.59 117.00 -32.00
C ASN G 565 -19.43 116.10 -32.37
N ILE G 566 -18.46 116.00 -31.48
CA ILE G 566 -17.39 115.04 -31.64
C ILE G 566 -17.68 113.92 -30.67
N GLY G 567 -16.69 113.09 -30.42
CA GLY G 567 -16.92 111.94 -29.57
C GLY G 567 -17.05 112.16 -28.08
N GLY G 568 -17.92 113.10 -27.67
CA GLY G 568 -18.27 113.28 -26.27
C GLY G 568 -16.99 113.43 -25.49
N MET G 569 -16.93 113.06 -24.22
CA MET G 569 -18.04 112.72 -23.38
C MET G 569 -17.64 112.89 -21.93
N LYS G 570 -18.60 112.80 -21.03
CA LYS G 570 -18.45 113.27 -19.68
C LYS G 570 -19.24 112.38 -18.72
N ILE G 571 -18.70 112.12 -17.54
CA ILE G 571 -19.48 111.45 -16.51
C ILE G 571 -19.51 112.28 -15.24
N VAL G 572 -20.70 112.48 -14.71
CA VAL G 572 -20.88 113.44 -13.64
C VAL G 572 -21.15 112.81 -12.28
N TYR G 573 -20.48 113.37 -11.28
CA TYR G 573 -20.78 113.20 -9.87
C TYR G 573 -22.27 113.10 -9.64
N GLU G 574 -22.71 112.12 -8.83
CA GLU G 574 -24.16 111.97 -8.63
C GLU G 574 -24.79 111.25 -7.44
N LYS G 575 -24.24 111.46 -6.25
CA LYS G 575 -24.94 111.11 -5.00
C LYS G 575 -25.36 109.66 -4.92
N SER G 576 -26.18 109.35 -3.90
CA SER G 576 -26.57 107.97 -3.66
C SER G 576 -27.62 107.76 -2.59
N GLN G 577 -27.72 108.62 -1.60
CA GLN G 577 -28.66 108.32 -0.53
C GLN G 577 -29.85 109.27 -0.57
N LEU G 578 -30.61 109.19 -1.65
CA LEU G 578 -31.55 110.23 -1.97
C LEU G 578 -32.81 110.22 -1.14
N ALA G 579 -33.19 109.05 -0.66
CA ALA G 579 -34.43 108.92 0.06
C ALA G 579 -34.19 109.12 1.53
N PRO G 580 -35.14 109.74 2.21
CA PRO G 580 -35.08 109.92 3.66
C PRO G 580 -35.25 108.61 4.42
N ARG G 581 -34.75 108.58 5.65
CA ARG G 581 -34.86 107.41 6.48
C ARG G 581 -35.70 107.70 7.69
N LYS G 582 -35.00 107.89 8.81
CA LYS G 582 -35.59 108.04 10.12
C LYS G 582 -34.56 107.55 11.12
N LEU G 583 -33.99 108.43 11.93
CA LEU G 583 -33.12 107.93 12.99
C LEU G 583 -33.89 107.31 14.10
N TYR G 584 -34.85 108.08 14.57
CA TYR G 584 -35.52 107.83 15.83
C TYR G 584 -36.97 108.14 15.68
N GLY H 37 -9.64 76.62 -36.35
CA GLY H 37 -8.43 77.41 -36.16
C GLY H 37 -8.00 78.20 -37.39
N VAL H 38 -6.72 78.51 -37.46
CA VAL H 38 -6.20 79.33 -38.53
C VAL H 38 -6.48 78.73 -39.89
N GLY H 39 -5.95 77.55 -40.18
CA GLY H 39 -6.07 77.06 -41.55
C GLY H 39 -7.33 76.29 -41.89
N ILE H 40 -8.42 76.56 -41.19
CA ILE H 40 -9.64 75.77 -41.37
C ILE H 40 -10.91 76.57 -41.52
N SER H 41 -11.62 76.40 -42.63
CA SER H 41 -12.86 77.15 -42.85
C SER H 41 -13.90 76.80 -41.83
N THR H 42 -14.81 77.73 -41.60
CA THR H 42 -15.81 77.54 -40.59
C THR H 42 -17.23 77.68 -41.16
N GLY H 43 -17.37 77.44 -42.47
CA GLY H 43 -18.67 77.53 -43.11
C GLY H 43 -18.72 77.30 -44.61
N THR H 44 -19.92 77.37 -45.16
CA THR H 44 -20.11 77.04 -46.55
C THR H 44 -20.92 78.07 -47.33
N PHE H 45 -20.42 78.46 -48.49
CA PHE H 45 -21.13 79.37 -49.36
C PHE H 45 -22.32 78.67 -49.95
N ASN H 46 -23.49 79.29 -49.86
CA ASN H 46 -24.70 78.72 -50.46
C ASN H 46 -25.71 79.78 -50.85
N ASN H 47 -25.88 80.02 -52.15
CA ASN H 47 -26.87 81.01 -52.57
C ASN H 47 -27.93 80.33 -53.41
N GLN H 48 -28.40 79.20 -52.89
CA GLN H 48 -29.23 78.29 -53.66
C GLN H 48 -30.67 78.44 -53.20
N THR H 49 -31.60 78.37 -54.13
CA THR H 49 -33.00 78.55 -53.78
C THR H 49 -33.71 77.24 -54.03
N GLU H 50 -34.16 76.59 -52.96
CA GLU H 50 -34.82 75.28 -53.07
C GLU H 50 -36.33 75.40 -52.97
N PHE H 51 -37.05 74.71 -53.86
CA PHE H 51 -38.50 74.67 -53.80
C PHE H 51 -38.98 73.27 -53.47
N LYS H 52 -39.35 72.99 -52.23
CA LYS H 52 -39.78 71.65 -51.85
C LYS H 52 -41.29 71.57 -51.75
N PHE H 53 -41.88 70.82 -52.67
CA PHE H 53 -43.34 70.71 -52.77
C PHE H 53 -43.90 69.66 -51.82
N LEU H 54 -45.00 69.98 -51.17
CA LEU H 54 -45.64 69.06 -50.26
C LEU H 54 -47.02 68.75 -50.79
N GLU H 55 -47.84 68.07 -49.99
CA GLU H 55 -49.18 67.75 -50.46
C GLU H 55 -50.19 68.76 -49.94
N ASN H 56 -51.35 68.76 -50.58
CA ASN H 56 -52.33 69.83 -50.49
C ASN H 56 -51.72 71.09 -51.08
N GLY H 57 -50.77 70.88 -51.99
CA GLY H 57 -50.13 71.95 -52.74
C GLY H 57 -49.44 73.05 -51.97
N TRP H 58 -48.91 72.75 -50.80
CA TRP H 58 -48.14 73.74 -50.06
C TRP H 58 -46.69 73.65 -50.49
N VAL H 59 -46.05 74.79 -50.72
CA VAL H 59 -44.64 74.80 -51.10
C VAL H 59 -43.78 75.35 -49.96
N TYR H 60 -42.53 74.92 -49.92
CA TYR H 60 -41.61 75.19 -48.82
C TYR H 60 -40.38 75.81 -49.44
N ILE H 61 -40.46 77.11 -49.66
CA ILE H 61 -39.41 77.79 -50.37
C ILE H 61 -38.29 78.16 -49.40
N THR H 62 -37.13 77.56 -49.59
CA THR H 62 -35.97 77.84 -48.77
C THR H 62 -35.00 78.63 -49.59
N ALA H 63 -34.95 79.92 -49.31
CA ALA H 63 -34.06 80.80 -50.04
C ALA H 63 -32.75 80.95 -49.32
N ASN H 64 -31.67 80.45 -49.90
CA ASN H 64 -30.38 80.64 -49.29
C ASN H 64 -29.64 81.78 -49.96
N SER H 65 -28.87 82.51 -49.16
CA SER H 65 -28.14 83.65 -49.68
C SER H 65 -26.78 83.76 -49.04
N SER H 66 -25.75 83.97 -49.84
CA SER H 66 -24.42 84.09 -49.28
C SER H 66 -23.67 85.23 -49.92
N ARG H 67 -22.93 85.99 -49.11
CA ARG H 67 -22.21 87.14 -49.61
C ARG H 67 -20.85 87.24 -48.94
N LEU H 68 -19.87 87.75 -49.67
CA LEU H 68 -18.62 88.12 -49.03
C LEU H 68 -18.73 89.56 -48.63
N VAL H 69 -18.41 89.85 -47.38
CA VAL H 69 -18.66 91.19 -46.86
C VAL H 69 -17.38 91.90 -46.46
N HIS H 70 -17.29 93.18 -46.80
CA HIS H 70 -16.07 93.94 -46.58
C HIS H 70 -16.28 95.03 -45.56
N LEU H 71 -15.33 95.19 -44.65
CA LEU H 71 -15.51 96.16 -43.58
C LEU H 71 -14.22 96.78 -43.11
N ASN H 72 -14.22 98.12 -43.04
CA ASN H 72 -13.07 98.85 -42.53
C ASN H 72 -13.32 99.31 -41.10
N MET H 73 -12.27 99.77 -40.44
CA MET H 73 -12.37 100.22 -39.07
C MET H 73 -13.16 101.53 -38.99
N PRO H 74 -13.74 101.82 -37.84
CA PRO H 74 -14.59 103.01 -37.74
C PRO H 74 -13.87 104.31 -38.02
N GLU H 75 -14.62 105.32 -38.45
CA GLU H 75 -14.05 106.62 -38.64
C GLU H 75 -13.48 107.06 -37.32
N SER H 76 -14.22 106.82 -36.24
CA SER H 76 -13.67 107.03 -34.92
C SER H 76 -14.36 106.10 -33.96
N GLU H 77 -13.66 105.71 -32.91
CA GLU H 77 -14.19 104.72 -32.00
C GLU H 77 -15.17 105.36 -31.04
N ASN H 78 -15.76 106.48 -31.43
CA ASN H 78 -16.64 107.22 -30.53
C ASN H 78 -18.11 107.26 -30.96
N TYR H 79 -19.02 107.38 -30.00
CA TYR H 79 -20.40 107.69 -30.37
C TYR H 79 -20.54 109.20 -30.47
N ARG H 80 -21.26 109.69 -31.47
CA ARG H 80 -21.39 111.13 -31.67
C ARG H 80 -22.83 111.59 -31.86
N ARG H 81 -23.22 112.66 -31.17
CA ARG H 81 -24.50 113.33 -31.43
C ARG H 81 -24.35 114.49 -32.41
N VAL H 82 -24.76 114.26 -33.66
CA VAL H 82 -24.64 115.25 -34.71
C VAL H 82 -25.99 115.81 -35.14
N VAL H 83 -26.06 117.11 -35.37
CA VAL H 83 -27.29 117.74 -35.82
C VAL H 83 -27.09 118.24 -37.24
N VAL H 84 -28.07 118.00 -38.10
CA VAL H 84 -28.06 118.54 -39.44
C VAL H 84 -29.06 119.64 -39.56
N ASN H 85 -28.68 120.73 -40.20
CA ASN H 85 -29.56 121.88 -40.28
C ASN H 85 -29.37 122.67 -41.56
N ASN H 86 -30.27 122.46 -42.51
CA ASN H 86 -30.20 123.19 -43.76
C ASN H 86 -31.16 124.38 -43.76
N LEU H 87 -30.82 125.42 -43.02
CA LEU H 87 -31.52 126.69 -43.14
C LEU H 87 -31.23 127.21 -44.54
N ASP H 88 -30.08 126.78 -45.04
CA ASP H 88 -29.54 127.07 -46.35
C ASP H 88 -30.57 126.86 -47.48
N LYS H 89 -31.48 125.94 -47.24
CA LYS H 89 -32.46 125.60 -48.24
C LYS H 89 -33.85 126.03 -47.76
N THR H 90 -34.07 126.06 -46.46
CA THR H 90 -35.40 126.29 -45.91
C THR H 90 -35.77 127.75 -45.81
N ALA H 91 -34.77 128.62 -45.73
CA ALA H 91 -35.08 130.04 -45.61
C ALA H 91 -35.57 130.59 -46.94
N VAL H 92 -35.54 129.75 -47.97
CA VAL H 92 -35.86 130.15 -49.32
C VAL H 92 -37.34 130.52 -49.50
N ASN H 93 -38.21 129.99 -48.63
CA ASN H 93 -39.67 130.22 -48.70
C ASN H 93 -40.29 129.51 -49.87
N GLY H 94 -41.18 128.57 -49.59
CA GLY H 94 -41.72 127.77 -50.66
C GLY H 94 -40.82 126.57 -50.85
N ASN H 95 -39.80 126.46 -50.00
CA ASN H 95 -38.89 125.33 -50.06
C ASN H 95 -38.97 124.46 -48.83
N MET H 96 -40.09 124.56 -48.11
CA MET H 96 -40.31 123.85 -46.86
C MET H 96 -40.16 122.35 -47.00
N ALA H 97 -40.71 121.84 -48.09
CA ALA H 97 -40.70 120.42 -48.30
C ALA H 97 -39.28 119.91 -48.44
N LEU H 98 -38.30 120.79 -48.47
CA LEU H 98 -36.94 120.31 -48.62
C LEU H 98 -36.21 120.19 -47.27
N ASP H 99 -36.97 120.21 -46.18
CA ASP H 99 -36.39 120.15 -44.84
C ASP H 99 -35.64 118.86 -44.59
N ASP H 100 -34.40 118.97 -44.12
CA ASP H 100 -33.59 117.81 -43.76
C ASP H 100 -33.15 117.90 -42.31
N THR H 101 -33.70 118.83 -41.57
CA THR H 101 -33.21 119.12 -40.23
C THR H 101 -33.53 117.99 -39.27
N HIS H 102 -32.50 117.42 -38.67
CA HIS H 102 -32.69 116.33 -37.73
C HIS H 102 -31.48 116.10 -36.85
N ALA H 103 -31.62 115.26 -35.85
CA ALA H 103 -30.50 114.85 -35.00
C ALA H 103 -30.27 113.33 -35.12
N GLU H 104 -29.05 112.91 -34.85
CA GLU H 104 -28.61 111.57 -35.19
C GLU H 104 -27.50 111.15 -34.24
N ILE H 105 -27.50 109.90 -33.82
CA ILE H 105 -26.35 109.38 -33.07
C ILE H 105 -25.51 108.54 -33.99
N VAL H 106 -24.24 108.90 -34.16
CA VAL H 106 -23.40 108.17 -35.10
C VAL H 106 -22.55 107.13 -34.38
N THR H 107 -22.66 105.88 -34.80
CA THR H 107 -22.02 104.79 -34.07
C THR H 107 -20.88 104.22 -34.86
N PRO H 108 -19.90 103.65 -34.12
CA PRO H 108 -18.74 102.99 -34.72
C PRO H 108 -19.09 101.61 -35.20
N TRP H 109 -20.38 101.33 -35.13
CA TRP H 109 -20.84 100.03 -35.50
C TRP H 109 -21.39 100.05 -36.90
N SER H 110 -21.34 98.91 -37.56
CA SER H 110 -21.94 98.79 -38.85
C SER H 110 -23.10 97.83 -38.74
N LEU H 111 -24.09 97.98 -39.61
CA LEU H 111 -25.29 97.14 -39.56
C LEU H 111 -25.35 96.24 -40.77
N VAL H 112 -25.57 94.97 -40.53
CA VAL H 112 -25.76 94.00 -41.59
C VAL H 112 -27.25 93.75 -41.83
N ASP H 113 -27.82 94.45 -42.81
CA ASP H 113 -29.26 94.32 -43.10
C ASP H 113 -29.49 93.61 -44.42
N ALA H 114 -30.25 92.53 -44.39
CA ALA H 114 -30.54 91.78 -45.61
C ALA H 114 -32.03 91.75 -45.93
N ASN H 115 -32.75 92.70 -45.34
CA ASN H 115 -34.19 92.81 -45.46
C ASN H 115 -34.59 93.49 -46.76
N ALA H 116 -34.50 92.74 -47.85
CA ALA H 116 -34.95 93.20 -49.16
C ALA H 116 -35.02 92.01 -50.13
N TRP H 117 -36.03 91.99 -50.99
CA TRP H 117 -36.25 90.83 -51.83
C TRP H 117 -35.07 90.43 -52.70
N GLY H 118 -34.28 91.40 -53.11
CA GLY H 118 -33.20 91.13 -54.04
C GLY H 118 -32.05 90.35 -53.46
N VAL H 119 -32.02 90.30 -52.14
CA VAL H 119 -30.99 89.62 -51.41
C VAL H 119 -31.16 88.11 -51.50
N TRP H 120 -32.41 87.69 -51.68
CA TRP H 120 -32.76 86.28 -51.60
C TRP H 120 -33.16 85.65 -52.91
N PHE H 121 -33.72 86.44 -53.83
CA PHE H 121 -34.18 85.87 -55.09
C PHE H 121 -33.63 86.53 -56.34
N ASN H 122 -33.32 85.72 -57.35
CA ASN H 122 -32.98 86.23 -58.65
C ASN H 122 -34.24 86.42 -59.45
N PRO H 123 -34.16 87.06 -60.63
CA PRO H 123 -35.38 87.22 -61.40
C PRO H 123 -36.11 85.92 -61.71
N GLY H 124 -35.35 84.90 -62.11
CA GLY H 124 -35.94 83.61 -62.45
C GLY H 124 -36.76 83.01 -61.32
N ASP H 125 -36.23 83.10 -60.10
CA ASP H 125 -36.96 82.65 -58.94
C ASP H 125 -38.28 83.42 -58.85
N TRP H 126 -38.18 84.73 -58.93
CA TRP H 126 -39.33 85.57 -58.72
C TRP H 126 -40.40 85.28 -59.74
N GLN H 127 -39.99 84.93 -60.96
CA GLN H 127 -40.93 84.56 -62.01
C GLN H 127 -41.78 83.45 -61.52
N LEU H 128 -41.10 82.41 -61.06
CA LEU H 128 -41.73 81.20 -60.58
C LEU H 128 -42.71 81.46 -59.45
N ILE H 129 -42.28 82.23 -58.48
CA ILE H 129 -43.11 82.51 -57.33
C ILE H 129 -44.42 83.20 -57.72
N VAL H 130 -44.33 84.30 -58.46
CA VAL H 130 -45.48 85.14 -58.78
C VAL H 130 -46.50 84.53 -59.77
N ASN H 131 -45.99 83.78 -60.73
CA ASN H 131 -46.87 83.21 -61.74
C ASN H 131 -47.62 81.97 -61.30
N THR H 132 -47.06 81.25 -60.34
CA THR H 132 -47.58 79.94 -60.04
C THR H 132 -48.18 79.84 -58.64
N MET H 133 -48.00 80.85 -57.80
CA MET H 133 -48.49 80.73 -56.44
C MET H 133 -49.41 81.84 -55.97
N SER H 134 -50.38 81.48 -55.14
CA SER H 134 -51.47 82.38 -54.82
C SER H 134 -51.28 83.17 -53.55
N GLU H 135 -50.49 82.63 -52.63
CA GLU H 135 -50.16 83.38 -51.43
C GLU H 135 -48.80 82.96 -50.89
N LEU H 136 -48.36 83.63 -49.83
CA LEU H 136 -46.98 83.50 -49.38
C LEU H 136 -46.85 83.72 -47.88
N HIS H 137 -46.26 82.75 -47.17
CA HIS H 137 -46.04 82.89 -45.72
C HIS H 137 -44.59 83.04 -45.36
N LEU H 138 -44.34 83.80 -44.31
CA LEU H 138 -42.98 84.01 -43.85
C LEU H 138 -42.75 83.09 -42.67
N VAL H 139 -41.85 82.13 -42.82
CA VAL H 139 -41.73 81.09 -41.80
C VAL H 139 -40.56 81.24 -40.84
N SER H 140 -39.36 81.34 -41.38
CA SER H 140 -38.18 81.30 -40.53
C SER H 140 -37.03 82.09 -41.07
N PHE H 141 -36.07 82.38 -40.21
CA PHE H 141 -34.93 83.15 -40.60
C PHE H 141 -33.75 82.89 -39.68
N GLU H 142 -32.61 82.51 -40.27
CA GLU H 142 -31.36 82.31 -39.55
C GLU H 142 -30.22 82.84 -40.41
N GLN H 143 -29.10 83.14 -39.77
CA GLN H 143 -27.92 83.64 -40.47
C GLN H 143 -26.63 83.37 -39.69
N GLU H 144 -25.49 83.30 -40.40
CA GLU H 144 -24.21 83.13 -39.72
C GLU H 144 -23.07 83.91 -40.40
N ILE H 145 -21.98 84.12 -39.67
CA ILE H 145 -20.79 84.81 -40.15
C ILE H 145 -19.62 83.87 -40.03
N PHE H 146 -18.90 83.65 -41.12
CA PHE H 146 -17.82 82.66 -41.11
C PHE H 146 -16.64 83.00 -42.02
N ASN H 147 -15.58 82.21 -41.90
CA ASN H 147 -14.35 82.45 -42.61
C ASN H 147 -13.93 83.88 -42.45
N VAL H 148 -13.87 84.30 -41.20
CA VAL H 148 -13.48 85.65 -40.88
C VAL H 148 -12.02 85.85 -41.19
N VAL H 149 -11.72 86.97 -41.82
CA VAL H 149 -10.33 87.35 -42.10
C VAL H 149 -10.09 88.80 -41.70
N LEU H 150 -8.98 89.04 -41.02
CA LEU H 150 -8.59 90.40 -40.70
C LEU H 150 -7.20 90.64 -41.21
N LYS H 151 -7.04 91.75 -41.94
CA LYS H 151 -5.77 92.19 -42.49
C LYS H 151 -5.48 93.64 -42.09
N THR H 152 -4.20 93.96 -41.91
CA THR H 152 -3.73 95.31 -41.65
C THR H 152 -3.11 95.91 -42.89
N VAL H 153 -3.33 97.19 -43.12
CA VAL H 153 -2.72 97.84 -44.27
C VAL H 153 -1.28 98.08 -43.93
N SER H 154 -0.90 99.33 -43.72
CA SER H 154 0.43 99.65 -43.25
C SER H 154 1.49 99.00 -44.15
N GLU H 155 1.81 99.47 -45.35
CA GLU H 155 1.45 100.69 -46.13
C GLU H 155 2.84 100.94 -46.71
N SER H 156 3.03 102.06 -47.40
CA SER H 156 4.37 102.60 -47.71
C SER H 156 5.53 101.59 -47.61
N ALA H 157 5.75 100.82 -48.67
CA ALA H 157 6.87 99.88 -48.71
C ALA H 157 7.07 99.27 -50.08
N THR H 158 8.01 99.77 -50.90
CA THR H 158 8.81 100.98 -50.71
C THR H 158 9.09 101.56 -52.12
N GLN H 159 9.41 102.87 -52.17
CA GLN H 159 9.47 103.82 -53.34
C GLN H 159 8.86 103.32 -54.70
N PRO H 160 8.36 104.26 -55.53
CA PRO H 160 7.11 104.80 -56.10
C PRO H 160 5.85 105.15 -55.25
N PRO H 161 5.63 104.60 -54.03
CA PRO H 161 6.18 103.63 -53.11
C PRO H 161 5.30 102.39 -52.86
N THR H 162 4.04 102.43 -53.29
CA THR H 162 3.08 101.32 -53.14
C THR H 162 2.68 100.93 -51.72
N LYS H 163 1.65 100.09 -51.65
CA LYS H 163 1.04 99.66 -50.40
C LYS H 163 1.07 98.14 -50.24
N VAL H 164 0.98 97.66 -48.99
CA VAL H 164 1.06 96.22 -48.72
C VAL H 164 0.12 95.79 -47.61
N TYR H 165 -0.53 94.65 -47.83
CA TYR H 165 -1.55 94.19 -46.91
C TYR H 165 -1.18 92.87 -46.26
N ASN H 166 -1.17 92.83 -44.93
CA ASN H 166 -0.80 91.62 -44.20
C ASN H 166 -1.92 91.05 -43.35
N ASN H 167 -1.88 89.75 -43.08
CA ASN H 167 -2.79 89.14 -42.13
C ASN H 167 -2.46 89.49 -40.67
N ASP H 168 -3.42 89.95 -39.90
CA ASP H 168 -3.29 90.02 -38.45
C ASP H 168 -4.04 88.86 -37.85
N LEU H 169 -3.34 87.76 -37.58
CA LEU H 169 -4.03 86.55 -37.18
C LEU H 169 -4.74 86.69 -35.86
N THR H 170 -4.11 87.33 -34.90
CA THR H 170 -4.66 87.45 -33.56
C THR H 170 -5.76 88.51 -33.39
N ALA H 171 -6.01 89.31 -34.43
CA ALA H 171 -6.98 90.38 -34.36
C ALA H 171 -8.38 89.80 -34.40
N SER H 172 -9.35 90.60 -33.96
CA SER H 172 -10.73 90.12 -33.81
C SER H 172 -11.72 90.98 -34.55
N LEU H 173 -12.82 90.36 -34.97
CA LEU H 173 -13.95 91.08 -35.53
C LEU H 173 -15.07 91.03 -34.52
N MET H 174 -15.60 92.17 -34.13
CA MET H 174 -16.65 92.22 -33.12
C MET H 174 -18.02 92.03 -33.75
N VAL H 175 -18.81 91.12 -33.22
CA VAL H 175 -20.15 90.86 -33.72
C VAL H 175 -21.14 90.92 -32.58
N ALA H 176 -22.27 91.58 -32.80
CA ALA H 176 -23.27 91.68 -31.76
C ALA H 176 -24.65 91.56 -32.36
N LEU H 177 -25.45 90.67 -31.79
CA LEU H 177 -26.79 90.47 -32.28
C LEU H 177 -27.81 90.92 -31.24
N ASP H 178 -28.59 91.95 -31.58
CA ASP H 178 -29.56 92.52 -30.64
C ASP H 178 -30.81 91.68 -30.65
N SER H 179 -30.72 90.49 -30.05
CA SER H 179 -31.78 89.51 -30.18
C SER H 179 -32.99 89.84 -29.33
N ASN H 180 -32.83 90.78 -28.40
CA ASN H 180 -33.98 91.24 -27.62
C ASN H 180 -34.66 92.48 -28.22
N ASN H 181 -34.19 92.91 -29.39
CA ASN H 181 -34.66 94.16 -29.99
C ASN H 181 -34.67 95.30 -28.98
N THR H 182 -33.54 95.50 -28.32
CA THR H 182 -33.36 96.58 -27.36
C THR H 182 -33.23 97.88 -28.08
N MET H 183 -32.74 97.80 -29.29
CA MET H 183 -32.28 98.98 -29.96
C MET H 183 -33.11 99.39 -31.15
N PRO H 184 -33.07 100.68 -31.49
CA PRO H 184 -33.97 101.23 -32.48
C PRO H 184 -33.89 100.50 -33.78
N PHE H 185 -35.07 100.24 -34.34
CA PHE H 185 -35.17 99.52 -35.58
C PHE H 185 -34.93 100.44 -36.76
N THR H 186 -33.93 100.07 -37.56
CA THR H 186 -33.54 100.84 -38.73
C THR H 186 -33.40 99.99 -39.98
N PRO H 187 -34.52 99.69 -40.64
CA PRO H 187 -34.46 98.93 -41.89
C PRO H 187 -33.71 99.69 -42.97
N ALA H 188 -32.66 99.08 -43.50
CA ALA H 188 -31.79 99.77 -44.45
C ALA H 188 -32.36 99.82 -45.85
N ALA H 189 -33.45 99.11 -46.06
CA ALA H 189 -34.06 99.01 -47.37
C ALA H 189 -34.57 100.37 -47.85
N MET H 190 -34.85 101.24 -46.89
CA MET H 190 -35.40 102.58 -47.11
C MET H 190 -34.39 103.55 -47.69
N ARG H 191 -33.12 103.21 -47.56
CA ARG H 191 -32.06 104.08 -48.05
C ARG H 191 -31.24 103.29 -49.05
N SER H 192 -31.82 102.19 -49.53
CA SER H 192 -31.16 101.28 -50.46
C SER H 192 -29.78 100.92 -50.03
N GLU H 193 -29.67 100.45 -48.80
CA GLU H 193 -28.36 100.20 -48.25
C GLU H 193 -28.30 98.82 -47.58
N THR H 194 -28.97 97.84 -48.16
CA THR H 194 -28.85 96.48 -47.65
C THR H 194 -27.65 95.81 -48.24
N LEU H 195 -27.60 94.52 -48.14
CA LEU H 195 -26.52 93.79 -48.75
C LEU H 195 -26.73 93.82 -50.26
N GLY H 196 -25.68 93.48 -51.02
CA GLY H 196 -25.74 93.43 -52.46
C GLY H 196 -26.71 92.39 -53.02
N PHE H 197 -27.20 92.63 -54.23
CA PHE H 197 -28.17 91.75 -54.84
C PHE H 197 -27.54 90.70 -55.75
N TYR H 198 -26.23 90.73 -55.84
CA TYR H 198 -25.53 89.79 -56.70
C TYR H 198 -24.69 88.91 -55.85
N PRO H 199 -24.85 87.60 -56.01
CA PRO H 199 -24.11 86.59 -55.26
C PRO H 199 -22.63 86.63 -55.55
N TRP H 200 -22.24 86.93 -56.80
CA TRP H 200 -20.83 86.86 -57.16
C TRP H 200 -20.14 88.20 -57.04
N LYS H 201 -20.87 89.21 -56.61
CA LYS H 201 -20.21 90.47 -56.38
C LYS H 201 -20.23 90.79 -54.89
N PRO H 202 -19.05 91.00 -54.31
CA PRO H 202 -18.88 91.28 -52.87
C PRO H 202 -19.64 92.51 -52.40
N THR H 203 -19.75 92.68 -51.09
CA THR H 203 -20.56 93.76 -50.58
C THR H 203 -20.09 94.30 -49.26
N ILE H 204 -20.88 95.19 -48.69
CA ILE H 204 -20.50 95.88 -47.49
C ILE H 204 -21.70 96.16 -46.63
N PRO H 205 -21.50 96.31 -45.33
CA PRO H 205 -22.54 96.79 -44.45
C PRO H 205 -22.70 98.28 -44.59
N THR H 206 -23.51 98.87 -43.74
CA THR H 206 -23.62 100.32 -43.67
C THR H 206 -23.45 100.83 -42.27
N PRO H 207 -22.81 101.99 -42.14
CA PRO H 207 -22.58 102.58 -40.82
C PRO H 207 -23.87 102.74 -40.08
N TRP H 208 -23.93 102.27 -38.85
CA TRP H 208 -25.17 102.32 -38.14
C TRP H 208 -25.34 103.68 -37.48
N ARG H 209 -26.58 104.15 -37.43
CA ARG H 209 -26.92 105.49 -36.99
C ARG H 209 -28.37 105.46 -36.50
N TYR H 210 -28.76 106.30 -35.56
CA TYR H 210 -30.18 106.33 -35.22
C TYR H 210 -30.64 107.68 -34.75
N TYR H 211 -31.94 107.90 -34.80
CA TYR H 211 -32.50 109.19 -34.52
C TYR H 211 -32.37 109.56 -33.07
N PHE H 212 -31.94 110.80 -32.82
CA PHE H 212 -31.88 111.34 -31.47
C PHE H 212 -32.87 112.51 -31.40
N GLN H 213 -33.56 112.66 -30.28
CA GLN H 213 -34.71 113.58 -30.23
C GLN H 213 -34.35 115.03 -30.44
N TRP H 214 -35.27 115.74 -31.07
CA TRP H 214 -35.13 117.18 -31.23
C TRP H 214 -36.47 117.87 -31.38
N ASP H 215 -36.61 119.05 -30.77
CA ASP H 215 -37.75 119.94 -31.04
C ASP H 215 -37.43 120.81 -32.26
N ARG H 216 -38.45 121.30 -32.95
CA ARG H 216 -38.24 121.99 -34.22
C ARG H 216 -39.52 122.60 -34.76
N THR H 217 -39.46 123.87 -35.13
CA THR H 217 -40.62 124.53 -35.72
C THR H 217 -40.31 125.07 -37.11
N LEU H 218 -41.24 124.88 -38.03
CA LEU H 218 -41.08 125.43 -39.37
C LEU H 218 -42.42 125.83 -39.94
N ILE H 219 -42.65 127.14 -40.03
CA ILE H 219 -43.89 127.70 -40.53
C ILE H 219 -43.91 127.78 -42.05
N PRO H 220 -44.99 127.31 -42.67
CA PRO H 220 -45.09 127.30 -44.12
C PRO H 220 -45.17 128.70 -44.78
N SER H 221 -44.91 128.77 -46.09
CA SER H 221 -44.87 130.03 -46.81
C SER H 221 -44.80 129.81 -48.32
N HIS H 222 -44.96 130.88 -49.11
CA HIS H 222 -44.80 130.75 -50.56
C HIS H 222 -43.84 131.78 -51.11
N THR H 223 -43.61 131.72 -52.42
CA THR H 223 -42.65 132.61 -53.06
C THR H 223 -42.97 134.09 -52.88
N GLY H 224 -44.25 134.43 -52.93
CA GLY H 224 -44.64 135.82 -52.79
C GLY H 224 -44.47 136.31 -51.37
N THR H 225 -44.70 135.41 -50.41
CA THR H 225 -44.60 135.78 -49.01
C THR H 225 -43.20 136.23 -48.71
N SER H 226 -43.05 137.45 -48.21
CA SER H 226 -41.77 137.81 -47.63
C SER H 226 -41.97 138.40 -46.23
N GLY H 227 -40.84 138.80 -45.65
CA GLY H 227 -40.59 138.68 -44.22
C GLY H 227 -39.93 137.32 -44.13
N THR H 228 -39.58 136.86 -42.93
CA THR H 228 -39.04 135.51 -42.84
C THR H 228 -39.85 134.66 -41.87
N PRO H 229 -40.50 133.61 -42.41
CA PRO H 229 -41.34 132.73 -41.59
C PRO H 229 -40.46 132.06 -40.58
N THR H 230 -40.94 131.97 -39.34
CA THR H 230 -40.12 131.46 -38.25
C THR H 230 -39.67 130.05 -38.59
N ASN H 231 -38.36 129.83 -38.48
CA ASN H 231 -37.73 128.59 -38.90
C ASN H 231 -36.61 128.26 -37.93
N ILE H 232 -36.94 127.63 -36.81
CA ILE H 232 -35.99 127.49 -35.72
C ILE H 232 -35.80 126.03 -35.29
N TYR H 233 -34.60 125.72 -34.78
CA TYR H 233 -34.30 124.41 -34.17
C TYR H 233 -34.25 124.65 -32.68
N HIS H 234 -35.27 124.22 -31.95
CA HIS H 234 -35.33 124.60 -30.55
C HIS H 234 -34.30 123.88 -29.67
N GLY H 235 -33.99 122.63 -29.98
CA GLY H 235 -33.06 121.88 -29.17
C GLY H 235 -33.47 120.44 -28.91
N THR H 236 -33.45 120.02 -27.64
CA THR H 236 -33.81 118.65 -27.27
C THR H 236 -34.57 118.57 -25.95
N ASP H 237 -35.80 118.02 -25.99
CA ASP H 237 -36.63 117.82 -24.81
C ASP H 237 -36.01 116.72 -23.99
N PRO H 238 -35.49 117.07 -22.80
CA PRO H 238 -34.77 116.09 -22.00
C PRO H 238 -35.60 114.84 -21.65
N ASP H 239 -36.92 114.98 -21.53
CA ASP H 239 -37.77 113.86 -21.20
C ASP H 239 -37.83 112.84 -22.33
N ASP H 240 -37.25 113.15 -23.47
CA ASP H 240 -37.37 112.27 -24.63
C ASP H 240 -35.99 111.74 -25.09
N VAL H 241 -34.99 111.85 -24.23
CA VAL H 241 -33.63 111.48 -24.60
C VAL H 241 -33.27 110.03 -24.41
N GLN H 242 -32.86 109.36 -25.49
CA GLN H 242 -32.37 108.00 -25.38
C GLN H 242 -31.07 107.73 -26.10
N PHE H 243 -30.00 107.61 -25.33
CA PHE H 243 -28.68 107.29 -25.88
C PHE H 243 -28.38 105.81 -25.70
N TYR H 244 -28.34 105.10 -26.80
CA TYR H 244 -28.11 103.66 -26.77
C TYR H 244 -26.64 103.40 -27.09
N THR H 245 -26.07 102.35 -26.49
CA THR H 245 -24.77 101.84 -26.92
C THR H 245 -24.94 100.39 -27.12
N ILE H 246 -24.32 99.88 -28.17
CA ILE H 246 -24.31 98.46 -28.36
C ILE H 246 -23.77 97.81 -27.12
N GLU H 247 -22.68 98.36 -26.66
CA GLU H 247 -21.90 97.76 -25.61
C GLU H 247 -22.69 97.53 -24.32
N ASN H 248 -23.55 98.45 -23.93
CA ASN H 248 -24.22 98.24 -22.65
C ASN H 248 -25.47 97.40 -22.77
N SER H 249 -25.84 97.06 -24.01
CA SER H 249 -27.11 96.39 -24.26
C SER H 249 -27.01 94.99 -24.84
N VAL H 250 -25.97 94.72 -25.61
CA VAL H 250 -25.91 93.47 -26.34
C VAL H 250 -24.64 92.69 -26.06
N PRO H 251 -24.76 91.38 -25.87
CA PRO H 251 -23.52 90.63 -25.71
C PRO H 251 -22.68 90.65 -26.97
N VAL H 252 -21.39 90.95 -26.83
CA VAL H 252 -20.53 91.05 -27.98
C VAL H 252 -19.59 89.85 -28.12
N HIS H 253 -19.56 89.26 -29.30
CA HIS H 253 -18.68 88.13 -29.56
C HIS H 253 -17.45 88.58 -30.34
N LEU H 254 -16.27 88.16 -29.89
CA LEU H 254 -15.05 88.46 -30.63
C LEU H 254 -14.70 87.30 -31.55
N LEU H 255 -14.70 87.53 -32.85
CA LEU H 255 -14.39 86.46 -33.81
C LEU H 255 -13.01 86.60 -34.47
N ARG H 256 -12.13 85.63 -34.21
CA ARG H 256 -10.86 85.54 -34.93
C ARG H 256 -11.03 84.64 -36.14
N THR H 257 -9.95 84.36 -36.86
CA THR H 257 -10.07 83.67 -38.14
C THR H 257 -10.81 82.36 -38.04
N GLY H 258 -10.48 81.59 -37.02
CA GLY H 258 -11.06 80.27 -36.84
C GLY H 258 -12.42 80.28 -36.16
N ASP H 259 -12.91 81.47 -35.81
CA ASP H 259 -14.21 81.58 -35.17
C ASP H 259 -15.34 81.82 -36.17
N GLU H 260 -16.55 81.49 -35.73
CA GLU H 260 -17.78 81.70 -36.48
C GLU H 260 -18.89 82.02 -35.50
N PHE H 261 -19.90 82.73 -35.98
CA PHE H 261 -21.04 83.11 -35.17
C PHE H 261 -22.30 82.78 -35.91
N ALA H 262 -23.17 82.00 -35.29
CA ALA H 262 -24.40 81.65 -35.94
C ALA H 262 -25.55 81.97 -35.04
N THR H 263 -26.67 82.38 -35.64
CA THR H 263 -27.85 82.73 -34.88
C THR H 263 -28.69 81.48 -34.72
N GLY H 264 -29.74 81.56 -33.94
CA GLY H 264 -30.65 80.42 -33.86
C GLY H 264 -31.46 80.45 -35.13
N THR H 265 -32.55 79.71 -35.16
CA THR H 265 -33.52 79.92 -36.23
C THR H 265 -34.69 80.67 -35.65
N PHE H 266 -34.98 81.84 -36.22
CA PHE H 266 -36.10 82.60 -35.74
C PHE H 266 -37.34 82.27 -36.53
N PHE H 267 -38.43 81.97 -35.82
CA PHE H 267 -39.68 81.62 -36.47
C PHE H 267 -40.68 82.74 -36.45
N PHE H 268 -41.19 83.08 -37.62
CA PHE H 268 -42.12 84.18 -37.75
C PHE H 268 -43.51 83.65 -37.54
N ASP H 269 -44.43 84.58 -37.30
CA ASP H 269 -45.83 84.31 -37.57
C ASP H 269 -46.49 85.65 -37.88
N CYS H 270 -46.98 85.77 -39.10
CA CYS H 270 -47.66 86.98 -39.52
C CYS H 270 -48.75 86.49 -40.45
N LYS H 271 -49.64 87.39 -40.87
CA LYS H 271 -50.66 86.99 -41.82
C LYS H 271 -49.99 86.78 -43.18
N PRO H 272 -50.63 86.01 -44.08
CA PRO H 272 -50.11 85.79 -45.43
C PRO H 272 -50.24 86.98 -46.34
N CYS H 273 -49.24 87.09 -47.19
CA CYS H 273 -49.22 88.08 -48.24
C CYS H 273 -49.66 87.43 -49.53
N ARG H 274 -50.58 88.07 -50.22
CA ARG H 274 -51.20 87.43 -51.35
C ARG H 274 -50.53 87.81 -52.67
N LEU H 275 -50.54 86.88 -53.60
CA LEU H 275 -49.94 87.15 -54.89
C LEU H 275 -51.02 87.24 -55.98
N THR H 276 -52.14 87.83 -55.61
CA THR H 276 -53.21 88.12 -56.54
C THR H 276 -53.75 89.51 -56.32
N HIS H 277 -54.08 90.18 -57.42
CA HIS H 277 -54.64 91.53 -57.37
C HIS H 277 -56.15 91.51 -57.56
N THR H 278 -56.82 92.43 -56.89
CA THR H 278 -58.26 92.59 -57.03
C THR H 278 -58.59 93.70 -58.00
N TRP H 279 -59.58 93.51 -58.87
CA TRP H 279 -59.82 94.51 -59.88
C TRP H 279 -61.12 95.25 -59.76
N GLN H 280 -61.97 94.81 -58.86
CA GLN H 280 -63.30 95.35 -58.83
C GLN H 280 -63.26 96.58 -57.96
N THR H 281 -63.81 97.68 -58.48
CA THR H 281 -64.09 98.90 -57.71
C THR H 281 -65.55 98.89 -57.34
N ASN H 282 -66.02 99.87 -56.58
CA ASN H 282 -67.43 99.83 -56.19
C ASN H 282 -68.36 99.63 -57.37
N ARG H 283 -67.95 100.09 -58.54
CA ARG H 283 -68.83 100.09 -59.69
C ARG H 283 -69.03 98.72 -60.26
N ALA H 284 -68.33 97.74 -59.69
CA ALA H 284 -68.44 96.38 -60.15
C ALA H 284 -68.61 95.40 -59.01
N LEU H 285 -69.53 95.67 -58.11
CA LEU H 285 -69.75 94.71 -57.06
C LEU H 285 -71.16 94.16 -57.01
N GLY H 286 -71.31 92.88 -57.35
CA GLY H 286 -72.59 92.26 -57.16
C GLY H 286 -73.29 92.03 -58.46
N LEU H 287 -74.62 92.06 -58.41
CA LEU H 287 -75.47 91.72 -59.55
C LEU H 287 -75.71 92.88 -60.52
N PRO H 288 -75.14 92.77 -61.73
CA PRO H 288 -75.39 93.82 -62.72
C PRO H 288 -76.84 93.88 -63.13
N PRO H 289 -77.28 95.07 -63.53
CA PRO H 289 -78.68 95.30 -63.86
C PRO H 289 -79.06 94.54 -65.11
N PHE H 290 -80.28 94.01 -65.12
CA PHE H 290 -80.72 93.15 -66.19
C PHE H 290 -80.92 93.87 -67.50
N LEU H 291 -80.36 93.34 -68.56
CA LEU H 291 -80.52 93.96 -69.86
C LEU H 291 -81.70 93.43 -70.64
N ASN H 292 -82.64 94.32 -70.95
CA ASN H 292 -83.79 93.97 -71.75
C ASN H 292 -83.52 94.06 -73.26
N SER H 293 -82.47 94.75 -73.66
CA SER H 293 -82.14 94.83 -75.07
C SER H 293 -80.71 94.43 -75.35
N LEU H 294 -80.54 93.23 -75.85
CA LEU H 294 -79.23 92.75 -76.19
C LEU H 294 -78.94 93.00 -77.66
N PRO H 295 -77.70 93.34 -77.96
CA PRO H 295 -77.22 93.61 -79.32
C PRO H 295 -77.35 92.41 -80.24
N GLN H 296 -77.43 92.64 -81.54
CA GLN H 296 -77.58 91.55 -82.49
C GLN H 296 -76.71 91.62 -83.74
N SER H 297 -75.61 92.34 -83.66
CA SER H 297 -74.50 92.15 -84.59
C SER H 297 -73.21 92.49 -83.86
N GLU H 298 -72.10 91.85 -84.21
CA GLU H 298 -70.83 92.12 -83.52
C GLU H 298 -70.36 93.54 -83.82
N GLY H 299 -69.46 94.07 -83.01
CA GLY H 299 -68.94 95.40 -83.28
C GLY H 299 -68.71 96.32 -82.10
N GLY H 300 -68.33 97.56 -82.39
CA GLY H 300 -67.82 98.44 -81.36
C GLY H 300 -68.81 99.49 -80.92
N THR H 301 -69.94 99.57 -81.61
CA THR H 301 -70.96 100.56 -81.27
C THR H 301 -72.28 99.88 -80.99
N ASN H 302 -72.24 98.56 -80.99
CA ASN H 302 -73.43 97.78 -80.76
C ASN H 302 -73.70 97.57 -79.29
N PHE H 303 -74.07 98.62 -78.58
CA PHE H 303 -74.24 98.50 -77.15
C PHE H 303 -75.53 97.81 -76.80
N GLY H 304 -75.57 97.23 -75.61
CA GLY H 304 -76.80 96.69 -75.09
C GLY H 304 -77.40 97.77 -74.20
N TYR H 305 -78.71 97.72 -74.01
CA TYR H 305 -79.38 98.76 -73.28
C TYR H 305 -80.23 98.18 -72.17
N ILE H 306 -80.14 98.77 -70.98
CA ILE H 306 -80.92 98.29 -69.85
C ILE H 306 -82.41 98.20 -70.17
N GLY H 307 -82.96 99.27 -70.71
CA GLY H 307 -84.32 99.27 -71.21
C GLY H 307 -85.39 99.57 -70.18
N VAL H 308 -85.05 100.31 -69.13
CA VAL H 308 -86.06 100.81 -68.19
C VAL H 308 -85.71 102.23 -67.73
N GLN H 309 -86.71 103.09 -67.61
CA GLN H 309 -86.46 104.47 -67.18
C GLN H 309 -85.71 104.54 -65.86
N GLN H 310 -84.69 105.39 -65.79
CA GLN H 310 -83.80 105.42 -64.63
C GLN H 310 -84.56 105.71 -63.34
N ASP H 311 -85.72 106.33 -63.46
CA ASP H 311 -86.49 106.68 -62.29
C ASP H 311 -87.65 105.72 -62.10
N LYS H 312 -87.73 104.70 -62.94
CA LYS H 312 -88.79 103.70 -62.84
C LYS H 312 -88.23 102.30 -62.57
N ARG H 313 -87.01 102.26 -62.02
CA ARG H 313 -86.26 101.02 -61.79
C ARG H 313 -86.41 100.52 -60.37
N ARG H 314 -86.16 99.22 -60.20
CA ARG H 314 -86.18 98.58 -58.89
C ARG H 314 -84.78 98.42 -58.31
N GLY H 315 -84.70 98.48 -56.99
CA GLY H 315 -83.43 98.34 -56.32
C GLY H 315 -83.30 99.21 -55.09
N VAL H 316 -82.07 99.29 -54.59
CA VAL H 316 -81.79 99.99 -53.35
C VAL H 316 -80.72 101.02 -53.55
N THR H 317 -80.95 102.21 -53.04
CA THR H 317 -79.91 103.23 -53.03
C THR H 317 -79.87 103.92 -51.70
N GLN H 318 -78.82 104.70 -51.48
CA GLN H 318 -78.71 105.43 -50.25
C GLN H 318 -79.06 106.88 -50.48
N MET H 319 -79.88 107.11 -51.50
CA MET H 319 -80.31 108.46 -51.85
C MET H 319 -81.79 108.67 -51.56
N GLY H 320 -82.07 109.16 -50.35
CA GLY H 320 -83.43 109.31 -49.87
C GLY H 320 -84.34 110.20 -50.68
N ASN H 321 -83.77 111.06 -51.51
CA ASN H 321 -84.55 111.96 -52.34
C ASN H 321 -85.03 111.31 -53.60
N THR H 322 -84.13 111.11 -54.56
CA THR H 322 -84.54 110.73 -55.90
C THR H 322 -84.91 109.27 -56.02
N ASN H 323 -85.63 108.98 -57.10
CA ASN H 323 -85.99 107.64 -57.45
C ASN H 323 -85.10 107.20 -58.56
N TYR H 324 -84.04 107.97 -58.75
CA TYR H 324 -83.01 107.62 -59.70
C TYR H 324 -82.16 106.48 -59.16
N ILE H 325 -82.06 105.41 -59.93
CA ILE H 325 -81.23 104.29 -59.55
C ILE H 325 -80.26 103.98 -60.66
N THR H 326 -79.04 104.48 -60.54
CA THR H 326 -78.06 104.21 -61.57
C THR H 326 -76.84 103.55 -60.98
N GLU H 327 -76.00 103.01 -61.85
CA GLU H 327 -74.77 102.34 -61.46
C GLU H 327 -73.92 103.21 -60.56
N ALA H 328 -74.05 104.52 -60.69
CA ALA H 328 -73.32 105.43 -59.83
C ALA H 328 -74.12 105.71 -58.58
N THR H 329 -75.38 105.31 -58.59
CA THR H 329 -76.27 105.57 -57.47
C THR H 329 -76.58 104.31 -56.64
N ILE H 330 -76.65 103.18 -57.35
CA ILE H 330 -77.04 101.91 -56.74
C ILE H 330 -76.19 101.63 -55.52
N MET H 331 -76.82 101.17 -54.45
CA MET H 331 -76.11 100.86 -53.23
C MET H 331 -75.06 99.80 -53.52
N ARG H 332 -73.97 99.86 -52.78
CA ARG H 332 -72.97 98.81 -52.81
C ARG H 332 -72.77 98.39 -51.37
N PRO H 333 -72.32 97.16 -51.15
CA PRO H 333 -72.23 96.64 -49.77
C PRO H 333 -71.34 97.46 -48.82
N ALA H 334 -70.23 97.99 -49.34
CA ALA H 334 -69.33 98.87 -48.59
C ALA H 334 -68.48 99.66 -49.57
N GLU H 335 -67.30 100.11 -49.17
CA GLU H 335 -66.49 100.87 -50.10
C GLU H 335 -65.08 100.35 -50.27
N VAL H 336 -64.71 100.12 -51.52
CA VAL H 336 -63.38 99.65 -51.90
C VAL H 336 -62.42 100.82 -52.15
N GLY H 337 -61.35 100.87 -51.37
CA GLY H 337 -60.40 101.96 -51.45
C GLY H 337 -60.86 103.14 -50.62
N TYR H 338 -60.06 104.19 -50.59
CA TYR H 338 -60.43 105.37 -49.82
C TYR H 338 -59.72 106.58 -50.42
N SER H 339 -60.30 107.77 -50.26
CA SER H 339 -59.66 108.99 -50.76
C SER H 339 -58.91 109.66 -49.63
N ALA H 340 -57.68 110.05 -49.91
CA ALA H 340 -56.79 110.62 -48.91
C ALA H 340 -56.15 111.93 -49.38
N PRO H 341 -55.82 112.80 -48.43
CA PRO H 341 -55.22 114.10 -48.78
C PRO H 341 -53.91 113.96 -49.53
N TYR H 342 -53.66 114.88 -50.46
CA TYR H 342 -52.46 114.79 -51.28
C TYR H 342 -52.18 116.14 -51.95
N TYR H 343 -50.93 116.61 -51.96
CA TYR H 343 -49.83 116.11 -51.14
C TYR H 343 -49.90 116.72 -49.74
N SER H 344 -50.48 116.04 -48.76
CA SER H 344 -50.63 116.69 -47.46
C SER H 344 -49.34 116.60 -46.66
N PHE H 345 -48.97 117.70 -46.00
CA PHE H 345 -47.89 117.67 -45.04
C PHE H 345 -48.38 118.07 -43.66
N GLU H 346 -47.99 117.30 -42.66
CA GLU H 346 -48.41 117.55 -41.29
C GLU H 346 -47.19 117.72 -40.45
N ALA H 347 -47.36 118.38 -39.32
CA ALA H 347 -46.23 118.69 -38.50
C ALA H 347 -46.51 118.47 -37.04
N SER H 348 -45.53 117.88 -36.37
CA SER H 348 -45.55 117.74 -34.94
C SER H 348 -44.13 117.97 -34.43
N THR H 349 -44.00 118.15 -33.12
CA THR H 349 -42.72 118.34 -32.41
C THR H 349 -41.43 118.40 -33.21
N GLN H 350 -41.25 117.56 -34.22
CA GLN H 350 -39.96 117.45 -34.87
C GLN H 350 -39.99 117.90 -36.30
N GLY H 351 -41.08 118.54 -36.69
CA GLY H 351 -41.12 119.12 -38.02
C GLY H 351 -42.19 118.54 -38.91
N PRO H 352 -42.21 118.95 -40.16
CA PRO H 352 -43.21 118.54 -41.12
C PRO H 352 -42.84 117.29 -41.90
N PHE H 353 -43.85 116.52 -42.32
CA PHE H 353 -43.65 115.27 -43.04
C PHE H 353 -44.85 114.94 -43.90
N LYS H 354 -44.65 114.23 -45.00
CA LYS H 354 -45.76 113.91 -45.89
C LYS H 354 -46.75 112.95 -45.25
N THR H 355 -48.02 113.12 -45.58
CA THR H 355 -49.05 112.17 -45.20
C THR H 355 -49.10 111.05 -46.19
N PRO H 356 -48.93 109.82 -45.70
CA PRO H 356 -48.86 108.58 -46.47
C PRO H 356 -50.21 108.04 -46.97
N ILE H 357 -50.17 107.37 -48.10
CA ILE H 357 -51.39 106.88 -48.69
C ILE H 357 -51.29 105.37 -48.78
N ALA H 358 -52.42 104.71 -48.68
CA ALA H 358 -52.43 103.27 -48.72
C ALA H 358 -52.66 102.78 -50.14
N ALA H 359 -53.77 103.21 -50.71
CA ALA H 359 -54.36 102.63 -51.90
C ALA H 359 -53.39 102.24 -53.02
N GLY H 360 -53.87 101.42 -53.95
CA GLY H 360 -53.08 100.99 -55.08
C GLY H 360 -53.34 101.88 -56.28
N ARG H 361 -53.66 101.29 -57.44
CA ARG H 361 -53.87 102.12 -58.61
C ARG H 361 -55.27 102.68 -58.57
N GLY H 362 -55.46 103.86 -59.15
CA GLY H 362 -56.71 104.59 -59.07
C GLY H 362 -57.18 105.30 -60.33
N GLY H 363 -56.54 105.05 -61.45
CA GLY H 363 -56.91 105.71 -62.68
C GLY H 363 -56.94 104.70 -63.79
N ALA H 364 -57.70 105.00 -64.83
CA ALA H 364 -57.88 104.02 -65.88
C ALA H 364 -56.72 103.97 -66.86
N GLN H 365 -57.06 104.26 -68.10
CA GLN H 365 -56.14 104.15 -69.22
C GLN H 365 -54.91 105.04 -69.13
N THR H 366 -53.84 104.44 -68.61
CA THR H 366 -52.53 105.07 -68.53
C THR H 366 -52.56 106.50 -68.03
N ASP H 367 -53.51 106.83 -67.16
CA ASP H 367 -53.47 108.09 -66.45
C ASP H 367 -53.83 107.82 -65.01
N GLU H 368 -52.83 107.97 -64.16
CA GLU H 368 -52.90 107.66 -62.75
C GLU H 368 -52.31 108.84 -62.03
N ASN H 369 -52.96 109.38 -61.02
CA ASN H 369 -52.28 110.47 -60.33
C ASN H 369 -51.48 109.98 -59.12
N GLN H 370 -50.23 109.70 -59.43
CA GLN H 370 -49.31 108.99 -58.57
C GLN H 370 -49.16 109.60 -57.18
N ALA H 371 -49.91 110.65 -56.88
CA ALA H 371 -49.81 111.27 -55.56
C ALA H 371 -51.03 111.00 -54.72
N ALA H 372 -52.21 111.02 -55.33
CA ALA H 372 -53.41 110.74 -54.57
C ALA H 372 -53.45 109.29 -54.18
N ASP H 373 -52.72 108.46 -54.91
CA ASP H 373 -52.60 107.03 -54.62
C ASP H 373 -51.30 106.64 -53.94
N GLY H 374 -50.39 107.59 -53.83
CA GLY H 374 -49.17 107.38 -53.07
C GLY H 374 -48.32 106.29 -53.66
N ASP H 375 -48.26 106.22 -54.99
CA ASP H 375 -47.48 105.18 -55.67
C ASP H 375 -46.03 105.41 -55.34
N PRO H 376 -45.38 104.39 -54.76
CA PRO H 376 -44.05 104.49 -54.17
C PRO H 376 -42.96 104.56 -55.24
N ARG H 377 -41.88 105.29 -54.93
CA ARG H 377 -40.84 105.56 -55.92
C ARG H 377 -39.46 105.22 -55.35
N TYR H 378 -38.74 104.38 -56.07
CA TYR H 378 -37.52 103.79 -55.57
C TYR H 378 -36.27 104.32 -56.26
N ALA H 379 -35.29 104.72 -55.45
CA ALA H 379 -34.02 105.22 -55.96
C ALA H 379 -32.87 104.39 -55.43
N PHE H 380 -31.97 103.95 -56.30
CA PHE H 380 -30.99 102.95 -55.88
C PHE H 380 -29.74 102.90 -56.75
N GLY H 381 -28.68 102.22 -56.29
CA GLY H 381 -27.42 102.27 -57.01
C GLY H 381 -26.57 101.02 -57.18
N ARG H 382 -26.29 100.68 -58.44
CA ARG H 382 -25.37 99.61 -58.84
C ARG H 382 -25.41 98.35 -58.03
N GLN H 383 -25.13 98.48 -56.73
CA GLN H 383 -25.25 97.36 -55.81
C GLN H 383 -26.66 96.80 -55.77
N HIS H 384 -27.67 97.61 -56.04
CA HIS H 384 -29.02 97.12 -55.90
C HIS H 384 -29.88 97.30 -57.12
N GLY H 385 -29.31 97.20 -58.32
CA GLY H 385 -30.12 97.15 -59.52
C GLY H 385 -29.69 97.95 -60.73
N GLN H 386 -29.16 99.15 -60.52
CA GLN H 386 -28.68 99.99 -61.61
C GLN H 386 -27.59 99.28 -62.38
N LYS H 387 -27.46 99.55 -63.68
CA LYS H 387 -26.39 98.94 -64.48
C LYS H 387 -25.05 99.21 -63.84
N THR H 388 -24.27 98.16 -63.66
CA THR H 388 -23.05 98.26 -62.88
C THR H 388 -21.94 98.95 -63.66
N THR H 389 -22.14 99.10 -64.97
CA THR H 389 -21.17 99.79 -65.79
C THR H 389 -21.36 101.30 -65.71
N THR H 390 -22.51 101.73 -65.20
CA THR H 390 -22.83 103.13 -65.13
C THR H 390 -21.94 103.91 -64.18
N THR H 391 -21.23 104.90 -64.72
CA THR H 391 -20.51 105.87 -63.89
C THR H 391 -21.41 107.04 -63.57
N GLY H 392 -21.03 107.85 -62.59
CA GLY H 392 -21.84 108.99 -62.25
C GLY H 392 -22.70 108.86 -61.01
N GLU H 393 -22.97 110.00 -60.38
CA GLU H 393 -23.67 110.06 -59.09
C GLU H 393 -25.16 109.85 -59.21
N THR H 394 -25.66 109.73 -60.44
CA THR H 394 -27.10 109.71 -60.61
C THR H 394 -27.66 108.29 -60.46
N PRO H 395 -28.64 108.14 -59.56
CA PRO H 395 -29.27 106.85 -59.26
C PRO H 395 -30.25 106.39 -60.32
N GLU H 396 -30.53 105.09 -60.37
CA GLU H 396 -31.61 104.56 -61.21
C GLU H 396 -32.91 104.60 -60.43
N ARG H 397 -34.03 104.75 -61.12
CA ARG H 397 -35.30 104.94 -60.43
C ARG H 397 -36.47 104.23 -61.10
N PHE H 398 -37.56 104.07 -60.36
CA PHE H 398 -38.82 103.68 -60.92
C PHE H 398 -39.92 103.98 -59.92
N THR H 399 -41.15 104.05 -60.41
CA THR H 399 -42.31 104.27 -59.58
C THR H 399 -43.26 103.08 -59.69
N TYR H 400 -43.45 102.36 -58.59
CA TYR H 400 -44.21 101.14 -58.64
C TYR H 400 -45.69 101.45 -58.65
N ILE H 401 -46.31 101.07 -59.76
CA ILE H 401 -47.75 101.16 -59.86
C ILE H 401 -48.34 99.76 -59.79
N ALA H 402 -49.03 99.49 -58.70
CA ALA H 402 -49.56 98.16 -58.44
C ALA H 402 -50.59 97.74 -59.47
N HIS H 403 -50.88 96.45 -59.53
CA HIS H 403 -51.92 95.95 -60.41
C HIS H 403 -53.26 96.04 -59.72
N GLN H 404 -53.23 96.13 -58.41
CA GLN H 404 -54.45 96.07 -57.64
C GLN H 404 -55.23 97.34 -57.78
N ASP H 405 -56.37 97.22 -58.44
CA ASP H 405 -57.26 98.32 -58.74
C ASP H 405 -58.03 98.90 -57.55
N THR H 406 -57.38 99.65 -56.66
CA THR H 406 -58.07 100.15 -55.46
C THR H 406 -57.89 101.63 -55.09
N GLY H 407 -57.38 102.44 -56.01
CA GLY H 407 -57.12 103.83 -55.70
C GLY H 407 -58.20 104.79 -56.14
N ARG H 408 -57.83 106.05 -56.34
CA ARG H 408 -58.75 107.09 -56.76
C ARG H 408 -58.22 107.85 -57.98
N TYR H 409 -59.14 108.40 -58.76
CA TYR H 409 -58.83 109.34 -59.85
C TYR H 409 -59.58 110.62 -59.59
N PRO H 410 -59.08 111.45 -58.67
CA PRO H 410 -59.81 112.60 -58.12
C PRO H 410 -60.30 113.59 -59.18
N GLU H 411 -59.75 113.53 -60.39
CA GLU H 411 -60.25 114.34 -61.48
C GLU H 411 -61.71 114.03 -61.73
N GLY H 412 -62.09 112.80 -61.43
CA GLY H 412 -63.45 112.33 -61.62
C GLY H 412 -64.37 112.45 -60.43
N ASP H 413 -63.90 113.05 -59.33
CA ASP H 413 -64.71 113.21 -58.13
C ASP H 413 -65.68 114.38 -58.21
N TRP H 414 -66.71 114.39 -57.38
CA TRP H 414 -67.55 115.57 -57.23
C TRP H 414 -68.49 115.48 -56.05
N ILE H 415 -69.18 116.57 -55.78
CA ILE H 415 -70.13 116.66 -54.68
C ILE H 415 -71.39 117.42 -55.07
N GLN H 416 -72.55 116.79 -55.03
CA GLN H 416 -73.75 117.53 -55.36
C GLN H 416 -74.42 117.98 -54.10
N ASN H 417 -75.32 118.93 -54.26
CA ASN H 417 -76.15 119.41 -53.17
C ASN H 417 -77.27 118.43 -52.86
N ILE H 418 -77.73 118.46 -51.62
CA ILE H 418 -78.80 117.61 -51.09
C ILE H 418 -80.02 117.49 -52.00
N ASN H 419 -80.30 118.52 -52.78
CA ASN H 419 -81.56 118.55 -53.50
C ASN H 419 -81.52 117.69 -54.75
N PHE H 420 -80.32 117.43 -55.25
CA PHE H 420 -80.12 116.57 -56.40
C PHE H 420 -81.01 116.97 -57.57
N ASN H 421 -81.14 118.28 -57.80
CA ASN H 421 -81.85 118.79 -58.95
C ASN H 421 -80.95 118.82 -60.15
N LEU H 422 -81.15 117.88 -61.06
CA LEU H 422 -80.18 117.72 -62.13
C LEU H 422 -80.78 117.70 -63.54
N PRO H 423 -80.01 118.11 -64.55
CA PRO H 423 -78.63 118.62 -64.60
C PRO H 423 -78.34 119.69 -63.57
N VAL H 424 -77.19 119.61 -62.93
CA VAL H 424 -76.91 120.38 -61.72
C VAL H 424 -76.35 121.79 -61.98
N THR H 425 -76.84 122.75 -61.19
CA THR H 425 -76.37 124.12 -61.20
C THR H 425 -74.93 124.19 -60.72
N ASP H 426 -74.18 125.11 -61.29
CA ASP H 426 -72.82 125.39 -60.85
C ASP H 426 -72.80 125.76 -59.35
N ASP H 427 -73.86 126.37 -58.84
CA ASP H 427 -73.89 126.73 -57.42
C ASP H 427 -74.23 125.53 -56.55
N ASN H 428 -74.69 124.47 -57.21
CA ASN H 428 -75.09 123.23 -56.54
C ASN H 428 -74.10 122.05 -56.64
N VAL H 429 -72.92 122.28 -57.20
CA VAL H 429 -71.92 121.20 -57.28
C VAL H 429 -70.57 121.75 -56.91
N LEU H 430 -69.72 120.90 -56.34
CA LEU H 430 -68.32 121.26 -56.10
C LEU H 430 -67.40 120.34 -56.90
N LEU H 431 -66.64 120.91 -57.84
CA LEU H 431 -65.80 120.12 -58.72
C LEU H 431 -64.33 120.13 -58.30
N PRO H 432 -63.51 119.22 -58.87
CA PRO H 432 -62.07 119.32 -58.67
C PRO H 432 -61.47 120.46 -59.49
N THR H 433 -62.33 121.25 -60.13
CA THR H 433 -61.88 122.39 -60.87
C THR H 433 -62.03 123.64 -60.05
N ASP H 434 -63.10 123.69 -59.27
CA ASP H 434 -63.38 124.85 -58.44
C ASP H 434 -62.36 124.99 -57.32
N PRO H 435 -61.70 126.15 -57.26
CA PRO H 435 -60.65 126.49 -56.32
C PRO H 435 -61.14 126.66 -54.90
N ILE H 436 -60.26 126.30 -53.98
CA ILE H 436 -60.55 126.24 -52.56
C ILE H 436 -59.64 127.21 -51.83
N GLY H 437 -60.20 128.02 -50.94
CA GLY H 437 -59.43 129.02 -50.24
C GLY H 437 -58.82 130.06 -51.17
N GLY H 438 -59.41 130.18 -52.35
CA GLY H 438 -58.96 131.15 -53.31
C GLY H 438 -57.62 130.85 -53.93
N LYS H 439 -57.29 129.57 -54.09
CA LYS H 439 -56.06 129.18 -54.74
C LYS H 439 -56.35 128.43 -56.02
N THR H 440 -55.75 128.85 -57.12
CA THR H 440 -56.02 128.23 -58.41
C THR H 440 -55.69 126.75 -58.41
N GLY H 441 -54.55 126.39 -57.85
CA GLY H 441 -54.09 125.01 -57.90
C GLY H 441 -54.44 124.10 -56.73
N ILE H 442 -55.48 124.46 -55.99
CA ILE H 442 -55.96 123.63 -54.88
C ILE H 442 -57.47 123.43 -55.03
N ASN H 443 -57.92 122.19 -54.94
CA ASN H 443 -59.35 121.91 -55.02
C ASN H 443 -59.71 121.06 -53.85
N TYR H 444 -60.97 120.72 -53.68
CA TYR H 444 -61.37 120.08 -52.44
C TYR H 444 -60.73 118.71 -52.24
N THR H 445 -60.45 118.00 -53.33
CA THR H 445 -59.94 116.65 -53.22
C THR H 445 -58.58 116.61 -52.57
N ASN H 446 -57.86 117.72 -52.63
CA ASN H 446 -56.53 117.73 -52.04
C ASN H 446 -56.60 117.64 -50.51
N ILE H 447 -57.75 117.92 -49.94
CA ILE H 447 -57.89 117.83 -48.49
C ILE H 447 -58.90 116.77 -48.06
N PHE H 448 -59.33 115.95 -49.01
CA PHE H 448 -60.44 115.04 -48.83
C PHE H 448 -60.03 113.77 -48.07
N ASN H 449 -60.95 113.20 -47.30
CA ASN H 449 -60.67 111.94 -46.60
C ASN H 449 -61.91 111.09 -46.49
N THR H 450 -61.93 109.97 -47.21
CA THR H 450 -63.11 109.11 -47.17
C THR H 450 -62.82 107.75 -46.57
N TYR H 451 -61.86 107.72 -45.68
CA TYR H 451 -61.63 106.55 -44.86
C TYR H 451 -62.81 106.50 -43.92
N GLY H 452 -63.35 105.31 -43.72
CA GLY H 452 -64.54 105.17 -42.91
C GLY H 452 -64.85 103.73 -42.64
N PRO H 453 -65.77 103.49 -41.73
CA PRO H 453 -66.05 102.12 -41.30
C PRO H 453 -66.56 101.24 -42.42
N LEU H 454 -66.67 101.77 -43.62
CA LEU H 454 -67.08 100.93 -44.71
C LEU H 454 -65.93 100.73 -45.66
N THR H 455 -64.75 101.14 -45.22
CA THR H 455 -63.59 101.12 -46.09
C THR H 455 -62.97 99.73 -46.13
N ALA H 456 -62.65 99.23 -47.32
CA ALA H 456 -61.93 97.95 -47.48
C ALA H 456 -60.63 98.14 -48.24
N LEU H 457 -59.62 97.32 -47.95
CA LEU H 457 -58.25 97.57 -48.40
C LEU H 457 -57.43 96.35 -48.73
N ASN H 458 -56.41 96.49 -49.57
CA ASN H 458 -55.39 95.46 -49.60
C ASN H 458 -54.08 95.93 -49.02
N ASN H 459 -53.21 94.98 -48.73
CA ASN H 459 -51.91 95.31 -48.21
C ASN H 459 -51.00 95.67 -49.37
N VAL H 460 -49.87 96.31 -49.07
CA VAL H 460 -48.96 96.72 -50.11
C VAL H 460 -48.41 95.50 -50.81
N PRO H 461 -48.20 95.59 -52.11
CA PRO H 461 -47.61 94.46 -52.83
C PRO H 461 -46.10 94.41 -52.64
N PRO H 462 -45.50 93.23 -52.82
CA PRO H 462 -44.04 93.17 -52.72
C PRO H 462 -43.39 93.88 -53.88
N VAL H 463 -42.38 94.67 -53.59
CA VAL H 463 -41.68 95.38 -54.63
C VAL H 463 -40.32 94.76 -54.87
N TYR H 464 -40.21 93.95 -55.91
CA TYR H 464 -38.96 93.29 -56.21
C TYR H 464 -38.12 94.18 -57.11
N PRO H 465 -36.82 94.29 -56.84
CA PRO H 465 -36.06 93.67 -55.76
C PRO H 465 -35.79 94.61 -54.62
N ASN H 466 -36.14 95.88 -54.81
CA ASN H 466 -35.69 96.88 -53.88
C ASN H 466 -36.55 97.05 -52.64
N GLY H 467 -37.67 96.33 -52.62
CA GLY H 467 -38.62 96.42 -51.52
C GLY H 467 -38.15 95.77 -50.25
N GLN H 468 -38.70 96.23 -49.15
CA GLN H 468 -38.45 95.63 -47.85
C GLN H 468 -39.29 94.37 -47.78
N ILE H 469 -38.91 93.42 -46.95
CA ILE H 469 -39.68 92.19 -46.78
C ILE H 469 -40.51 92.20 -45.52
N TRP H 470 -39.87 92.35 -44.37
CA TRP H 470 -40.60 92.43 -43.12
C TRP H 470 -40.28 93.68 -42.39
N ASP H 471 -41.12 94.05 -41.43
CA ASP H 471 -40.93 95.28 -40.71
C ASP H 471 -41.42 95.13 -39.27
N LYS H 472 -40.79 95.77 -38.31
CA LYS H 472 -41.27 95.69 -36.92
C LYS H 472 -42.50 96.53 -36.76
N GLU H 473 -43.35 96.20 -35.80
CA GLU H 473 -44.56 96.96 -35.57
C GLU H 473 -44.33 98.06 -34.57
N PHE H 474 -45.08 99.15 -34.69
CA PHE H 474 -44.96 100.27 -33.77
C PHE H 474 -45.37 99.84 -32.39
N ASP H 475 -44.61 100.22 -31.37
CA ASP H 475 -44.98 99.88 -30.02
C ASP H 475 -45.98 100.89 -29.52
N THR H 476 -47.06 101.06 -30.26
CA THR H 476 -48.15 101.93 -29.86
C THR H 476 -49.34 101.12 -29.36
N ASP H 477 -50.11 101.69 -28.44
CA ASP H 477 -51.23 100.94 -27.87
C ASP H 477 -52.23 100.56 -28.95
N LEU H 478 -52.38 101.40 -29.96
CA LEU H 478 -53.18 101.08 -31.15
C LEU H 478 -52.30 101.05 -32.39
N LYS H 479 -52.49 100.08 -33.27
CA LYS H 479 -51.52 99.86 -34.33
C LYS H 479 -52.07 100.11 -35.74
N PRO H 480 -51.19 100.36 -36.70
CA PRO H 480 -51.66 100.60 -38.06
C PRO H 480 -52.20 99.34 -38.67
N ARG H 481 -53.22 99.44 -39.52
CA ARG H 481 -53.72 98.27 -40.20
C ARG H 481 -52.75 97.74 -41.23
N LEU H 482 -51.71 98.51 -41.52
CA LEU H 482 -50.65 98.01 -42.37
C LEU H 482 -49.44 98.90 -42.30
N HIS H 483 -48.40 98.49 -43.00
CA HIS H 483 -47.25 99.34 -43.20
C HIS H 483 -47.10 99.48 -44.69
N VAL H 484 -46.52 100.56 -45.15
CA VAL H 484 -46.48 100.77 -46.57
C VAL H 484 -45.16 100.38 -47.17
N ASN H 485 -44.19 100.07 -46.31
CA ASN H 485 -42.85 99.75 -46.78
C ASN H 485 -42.62 98.28 -46.99
N ALA H 486 -43.49 97.46 -46.41
CA ALA H 486 -43.33 96.00 -46.49
C ALA H 486 -44.62 95.22 -46.26
N PRO H 487 -44.74 94.05 -46.88
CA PRO H 487 -45.97 93.32 -46.70
C PRO H 487 -46.06 92.59 -45.37
N PHE H 488 -44.94 92.15 -44.80
CA PHE H 488 -44.99 91.43 -43.53
C PHE H 488 -44.64 92.26 -42.30
N VAL H 489 -45.53 92.29 -41.33
CA VAL H 489 -45.26 92.97 -40.07
C VAL H 489 -45.35 92.00 -38.88
N CYS H 490 -44.29 91.94 -38.06
CA CYS H 490 -44.25 91.03 -36.90
C CYS H 490 -44.93 91.66 -35.70
N GLN H 491 -46.10 91.18 -35.33
CA GLN H 491 -46.74 91.75 -34.16
C GLN H 491 -46.13 91.20 -32.88
N ASN H 492 -45.69 89.95 -32.91
CA ASN H 492 -44.98 89.35 -31.78
C ASN H 492 -43.63 90.01 -31.45
N ASN H 493 -42.60 89.65 -32.21
CA ASN H 493 -41.23 90.12 -32.00
C ASN H 493 -40.49 89.93 -33.31
N CYS H 494 -39.67 90.88 -33.72
CA CYS H 494 -38.95 90.67 -34.96
C CYS H 494 -37.51 90.22 -34.73
N PRO H 495 -36.94 89.52 -35.71
CA PRO H 495 -35.54 89.11 -35.62
C PRO H 495 -34.67 90.32 -35.32
N GLY H 496 -33.68 90.12 -34.45
CA GLY H 496 -32.83 91.20 -34.02
C GLY H 496 -31.87 91.64 -35.11
N GLN H 497 -31.43 92.88 -35.02
CA GLN H 497 -30.52 93.38 -36.01
C GLN H 497 -29.11 92.88 -35.74
N LEU H 498 -28.31 92.76 -36.80
CA LEU H 498 -26.95 92.24 -36.68
C LEU H 498 -25.90 93.33 -36.83
N PHE H 499 -25.06 93.51 -35.82
CA PHE H 499 -24.06 94.56 -35.86
C PHE H 499 -22.63 94.06 -35.84
N VAL H 500 -21.79 94.64 -36.69
CA VAL H 500 -20.39 94.28 -36.73
C VAL H 500 -19.51 95.54 -36.53
N LYS H 501 -18.23 95.32 -36.22
CA LYS H 501 -17.31 96.39 -35.89
C LYS H 501 -15.90 95.85 -35.80
N VAL H 502 -14.94 96.49 -36.43
CA VAL H 502 -13.56 96.03 -36.27
C VAL H 502 -13.01 96.38 -34.91
N ALA H 503 -12.36 95.42 -34.27
CA ALA H 503 -11.79 95.62 -32.95
C ALA H 503 -10.62 96.58 -33.02
N PRO H 504 -10.50 97.44 -32.02
CA PRO H 504 -9.43 98.43 -31.91
C PRO H 504 -8.08 97.79 -31.94
N ASN H 505 -7.34 97.96 -33.03
CA ASN H 505 -6.02 97.35 -33.18
C ASN H 505 -4.95 98.36 -32.84
N LEU H 506 -4.62 98.47 -31.55
CA LEU H 506 -3.80 99.57 -31.07
C LEU H 506 -2.31 99.45 -31.41
N THR H 507 -1.68 100.61 -31.53
CA THR H 507 -0.24 100.70 -31.71
C THR H 507 0.43 100.67 -30.38
N ASN H 508 1.74 100.81 -30.37
CA ASN H 508 2.47 100.78 -29.09
C ASN H 508 2.31 102.06 -28.28
N GLN H 509 2.02 103.17 -28.93
CA GLN H 509 1.77 104.40 -28.18
C GLN H 509 0.26 104.60 -28.08
N TYR H 510 -0.26 104.45 -26.88
CA TYR H 510 -1.67 104.69 -26.64
C TYR H 510 -1.85 105.36 -25.30
N ASP H 511 -2.41 106.57 -25.30
CA ASP H 511 -2.70 107.27 -24.06
C ASP H 511 -4.14 107.68 -24.00
N PRO H 512 -4.92 106.96 -23.18
CA PRO H 512 -6.34 107.26 -23.06
C PRO H 512 -6.55 108.57 -22.33
N ASP H 513 -5.67 108.92 -21.40
CA ASP H 513 -5.82 110.17 -20.68
C ASP H 513 -5.52 111.36 -21.59
N ALA H 514 -4.90 111.07 -22.72
CA ALA H 514 -4.56 112.10 -23.70
C ALA H 514 -5.72 112.47 -24.60
N SER H 515 -5.85 113.76 -24.89
CA SER H 515 -6.91 114.27 -25.75
C SER H 515 -6.70 113.89 -27.20
N ALA H 516 -5.44 113.79 -27.63
CA ALA H 516 -5.10 113.54 -29.03
C ALA H 516 -5.86 112.33 -29.56
N ASN H 517 -6.05 112.29 -30.87
CA ASN H 517 -6.83 111.20 -31.45
C ASN H 517 -6.13 109.88 -31.24
N MET H 518 -6.96 108.87 -31.11
CA MET H 518 -6.52 107.51 -30.96
C MET H 518 -5.74 107.04 -32.18
N SER H 519 -4.48 106.69 -31.98
CA SER H 519 -3.70 106.12 -33.06
C SER H 519 -3.86 104.59 -33.02
N ARG H 520 -4.41 104.03 -34.09
CA ARG H 520 -4.75 102.61 -34.23
C ARG H 520 -4.12 102.10 -35.49
N ILE H 521 -3.72 100.84 -35.51
CA ILE H 521 -3.25 100.27 -36.76
C ILE H 521 -4.36 100.27 -37.80
N VAL H 522 -4.06 100.68 -39.03
CA VAL H 522 -5.10 100.67 -40.05
C VAL H 522 -5.47 99.23 -40.33
N THR H 523 -6.71 98.90 -40.00
CA THR H 523 -7.17 97.54 -40.10
C THR H 523 -8.52 97.40 -40.75
N TYR H 524 -8.72 96.29 -41.44
CA TYR H 524 -10.00 95.98 -42.03
C TYR H 524 -10.31 94.51 -41.97
N SER H 525 -11.55 94.16 -42.28
CA SER H 525 -11.98 92.76 -42.25
C SER H 525 -12.76 92.33 -43.47
N ASP H 526 -12.55 91.08 -43.84
CA ASP H 526 -13.37 90.42 -44.82
C ASP H 526 -14.06 89.28 -44.11
N PHE H 527 -15.38 89.19 -44.22
CA PHE H 527 -16.07 88.02 -43.70
C PHE H 527 -17.24 87.61 -44.54
N TRP H 528 -17.60 86.33 -44.47
CA TRP H 528 -18.70 85.81 -45.24
C TRP H 528 -19.98 85.76 -44.41
N TRP H 529 -21.09 86.06 -45.06
CA TRP H 529 -22.40 86.02 -44.42
C TRP H 529 -23.28 85.09 -45.18
N LYS H 530 -23.96 84.20 -44.47
CA LYS H 530 -24.91 83.28 -45.09
C LYS H 530 -26.19 83.34 -44.32
N GLY H 531 -27.31 83.38 -45.03
CA GLY H 531 -28.60 83.48 -44.39
C GLY H 531 -29.57 82.49 -44.95
N LYS H 532 -30.57 82.13 -44.15
CA LYS H 532 -31.60 81.24 -44.65
C LYS H 532 -32.97 81.77 -44.30
N LEU H 533 -33.71 82.10 -45.34
CA LEU H 533 -35.06 82.61 -45.21
C LEU H 533 -36.03 81.63 -45.84
N VAL H 534 -36.96 81.13 -45.02
CA VAL H 534 -37.89 80.12 -45.46
C VAL H 534 -39.32 80.61 -45.55
N PHE H 535 -39.95 80.34 -46.70
CA PHE H 535 -41.35 80.70 -46.93
C PHE H 535 -42.21 79.48 -47.08
N LYS H 536 -43.50 79.66 -46.89
CA LYS H 536 -44.45 78.60 -47.13
C LYS H 536 -45.52 79.18 -48.03
N ALA H 537 -45.59 78.67 -49.26
CA ALA H 537 -46.51 79.21 -50.26
C ALA H 537 -47.50 78.17 -50.75
N LYS H 538 -48.52 78.65 -51.46
CA LYS H 538 -49.60 77.80 -51.90
C LYS H 538 -49.84 78.01 -53.39
N LEU H 539 -49.92 76.93 -54.13
CA LEU H 539 -50.02 76.99 -55.58
C LEU H 539 -51.35 77.59 -56.01
N ARG H 540 -51.36 78.36 -57.10
CA ARG H 540 -52.60 78.92 -57.58
C ARG H 540 -53.33 77.90 -58.44
N ALA H 541 -54.59 78.19 -58.77
CA ALA H 541 -55.35 77.34 -59.67
C ALA H 541 -56.21 78.15 -60.63
N SER H 542 -56.40 77.62 -61.83
CA SER H 542 -57.19 78.28 -62.87
C SER H 542 -58.68 78.18 -62.62
N HIS H 543 -59.34 79.31 -62.49
CA HIS H 543 -60.78 79.26 -62.24
C HIS H 543 -61.55 79.85 -63.38
N THR H 544 -60.84 80.26 -64.42
CA THR H 544 -61.50 80.92 -65.51
C THR H 544 -61.20 80.24 -66.84
N TRP H 545 -61.98 80.60 -67.86
CA TRP H 545 -61.80 80.09 -69.20
C TRP H 545 -60.56 80.71 -69.78
N ASN H 546 -60.38 81.99 -69.47
CA ASN H 546 -59.29 82.74 -70.05
C ASN H 546 -58.01 82.52 -69.30
N PRO H 547 -56.88 82.71 -69.97
CA PRO H 547 -55.61 82.81 -69.28
C PRO H 547 -55.50 84.18 -68.62
N ILE H 548 -54.36 84.45 -68.00
CA ILE H 548 -54.14 85.69 -67.25
C ILE H 548 -52.73 86.21 -67.39
N GLN H 549 -52.47 87.39 -66.87
CA GLN H 549 -51.13 87.99 -66.91
C GLN H 549 -50.09 87.14 -66.25
N GLN H 550 -48.93 87.00 -66.88
CA GLN H 550 -47.77 86.35 -66.24
C GLN H 550 -46.40 86.88 -66.71
N MET H 551 -45.35 86.85 -65.87
CA MET H 551 -44.03 87.30 -66.35
C MET H 551 -43.51 86.44 -67.46
N SER H 552 -42.73 87.05 -68.35
CA SER H 552 -41.91 86.27 -69.27
C SER H 552 -41.00 87.21 -70.02
N ILE H 553 -40.29 86.66 -70.99
CA ILE H 553 -39.60 87.43 -72.00
C ILE H 553 -40.03 86.91 -73.36
N ASN H 554 -40.37 87.71 -74.40
CA ASN H 554 -40.21 89.16 -74.66
C ASN H 554 -38.93 89.50 -75.36
N VAL H 555 -39.07 90.03 -76.57
CA VAL H 555 -37.92 90.43 -77.36
C VAL H 555 -37.43 91.77 -76.92
N ASP H 556 -38.34 92.61 -76.46
CA ASP H 556 -37.95 93.71 -75.59
C ASP H 556 -37.57 93.02 -74.31
N ASN H 557 -37.23 93.76 -73.27
CA ASN H 557 -37.17 93.10 -71.95
C ASN H 557 -35.98 92.12 -71.81
N GLN H 558 -35.88 91.21 -72.76
CA GLN H 558 -34.86 90.16 -72.85
C GLN H 558 -33.43 90.57 -72.50
N PHE H 559 -33.12 91.84 -72.48
CA PHE H 559 -31.71 92.16 -72.31
C PHE H 559 -31.38 92.64 -70.91
N ASN H 560 -32.39 92.65 -70.06
CA ASN H 560 -32.21 93.01 -68.66
C ASN H 560 -31.91 91.83 -67.76
N TYR H 561 -31.69 90.67 -68.35
CA TYR H 561 -31.57 89.47 -67.55
C TYR H 561 -30.31 88.71 -67.91
N VAL H 562 -29.41 89.36 -68.62
CA VAL H 562 -28.13 88.76 -68.93
C VAL H 562 -27.08 89.83 -68.74
N PRO H 563 -25.85 89.41 -68.48
CA PRO H 563 -24.82 90.44 -68.36
C PRO H 563 -24.51 90.99 -69.74
N SER H 564 -23.44 91.75 -69.84
CA SER H 564 -23.19 92.48 -71.05
C SER H 564 -21.91 92.05 -71.74
N ASN H 565 -21.48 92.90 -72.64
CA ASN H 565 -20.18 92.78 -73.28
C ASN H 565 -19.07 92.68 -72.25
N ILE H 566 -19.21 93.49 -71.22
CA ILE H 566 -18.35 93.53 -70.07
C ILE H 566 -19.08 92.72 -69.03
N GLY H 567 -18.72 92.88 -67.78
CA GLY H 567 -19.39 92.15 -66.73
C GLY H 567 -20.73 92.72 -66.31
N GLY H 568 -21.63 92.98 -67.27
CA GLY H 568 -23.01 93.33 -66.96
C GLY H 568 -23.03 94.48 -65.99
N MET H 569 -24.06 94.64 -65.15
CA MET H 569 -25.30 93.89 -65.21
C MET H 569 -26.38 94.70 -64.49
N LYS H 570 -27.62 94.24 -64.55
CA LYS H 570 -28.78 95.04 -64.15
C LYS H 570 -29.89 94.20 -63.55
N ILE H 571 -30.58 94.71 -62.55
CA ILE H 571 -31.76 94.02 -62.09
C ILE H 571 -32.95 94.95 -62.13
N VAL H 572 -34.04 94.48 -62.72
CA VAL H 572 -35.15 95.37 -62.98
C VAL H 572 -36.36 95.07 -62.11
N TYR H 573 -37.01 96.12 -61.61
CA TYR H 573 -38.20 95.99 -60.79
C TYR H 573 -39.23 95.23 -61.60
N GLU H 574 -40.07 94.39 -60.97
CA GLU H 574 -41.00 93.55 -61.74
C GLU H 574 -42.32 93.07 -61.15
N LYS H 575 -43.05 93.95 -60.47
CA LYS H 575 -44.45 93.68 -60.08
C LYS H 575 -44.54 92.48 -59.17
N SER H 576 -45.74 91.96 -58.92
CA SER H 576 -45.85 90.87 -57.97
C SER H 576 -47.22 90.20 -57.89
N GLN H 577 -48.28 90.93 -58.14
CA GLN H 577 -49.60 90.36 -57.98
C GLN H 577 -50.26 90.23 -59.34
N LEU H 578 -49.71 89.36 -60.18
CA LEU H 578 -50.08 89.41 -61.59
C LEU H 578 -51.44 88.81 -61.92
N ALA H 579 -51.85 87.84 -61.13
CA ALA H 579 -53.08 87.13 -61.40
C ALA H 579 -54.23 87.82 -60.69
N PRO H 580 -55.40 87.85 -61.34
CA PRO H 580 -56.61 88.46 -60.81
C PRO H 580 -57.15 87.69 -59.63
N ARG H 581 -57.96 88.32 -58.81
CA ARG H 581 -58.52 87.60 -57.67
C ARG H 581 -60.01 87.52 -57.85
N LYS H 582 -60.70 88.35 -57.09
CA LYS H 582 -62.14 88.45 -57.07
C LYS H 582 -62.44 89.10 -55.74
N LEU H 583 -62.94 90.33 -55.74
CA LEU H 583 -63.30 90.94 -54.47
C LEU H 583 -64.53 90.32 -53.86
N TYR H 584 -65.54 90.22 -54.69
CA TYR H 584 -66.88 89.94 -54.25
C TYR H 584 -67.48 88.96 -55.20
N GLY I 37 0.83 69.79 -35.14
CA GLY I 37 0.80 71.04 -35.88
C GLY I 37 2.15 71.72 -36.02
N VAL I 38 2.12 73.01 -36.32
CA VAL I 38 3.34 73.78 -36.55
C VAL I 38 4.31 73.71 -35.38
N GLY I 39 3.90 74.19 -34.22
CA GLY I 39 4.83 74.35 -33.12
C GLY I 39 5.03 73.13 -32.25
N ILE I 40 4.85 71.94 -32.83
CA ILE I 40 4.96 70.71 -32.07
C ILE I 40 5.83 69.71 -32.77
N SER I 41 6.89 69.29 -32.09
CA SER I 41 7.83 68.32 -32.64
C SER I 41 7.11 67.04 -32.86
N THR I 42 7.63 66.23 -33.75
CA THR I 42 6.96 65.00 -34.10
C THR I 42 7.84 63.79 -33.86
N GLY I 43 8.90 63.92 -33.07
CA GLY I 43 9.81 62.80 -32.83
C GLY I 43 10.95 63.12 -31.87
N THR I 44 11.83 62.14 -31.64
CA THR I 44 12.96 62.36 -30.76
C THR I 44 14.25 61.80 -31.30
N PHE I 45 15.34 62.56 -31.11
CA PHE I 45 16.69 62.16 -31.49
C PHE I 45 17.22 61.05 -30.62
N ASN I 46 17.72 59.99 -31.23
CA ASN I 46 18.36 58.95 -30.45
C ASN I 46 19.43 58.28 -31.23
N ASN I 47 20.67 58.51 -30.85
CA ASN I 47 21.75 57.85 -31.54
C ASN I 47 22.47 56.97 -30.57
N GLN I 48 21.70 56.22 -29.81
CA GLN I 48 22.23 55.46 -28.68
C GLN I 48 22.33 53.99 -29.03
N THR I 49 23.38 53.34 -28.58
CA THR I 49 23.54 51.94 -28.93
C THR I 49 23.44 51.03 -27.71
N GLU I 50 22.41 50.20 -27.68
CA GLU I 50 22.09 49.37 -26.51
C GLU I 50 22.51 47.94 -26.69
N PHE I 51 23.17 47.42 -25.67
CA PHE I 51 23.57 46.02 -25.66
C PHE I 51 22.81 45.30 -24.57
N LYS I 52 21.76 44.57 -24.92
CA LYS I 52 20.95 43.91 -23.91
C LYS I 52 21.22 42.43 -23.87
N PHE I 53 21.88 42.01 -22.80
CA PHE I 53 22.34 40.64 -22.65
C PHE I 53 21.26 39.72 -22.16
N LEU I 54 21.18 38.54 -22.77
CA LEU I 54 20.17 37.57 -22.40
C LEU I 54 20.87 36.31 -21.90
N GLU I 55 20.11 35.23 -21.74
CA GLU I 55 20.73 34.02 -21.29
C GLU I 55 21.28 33.23 -22.46
N ASN I 56 22.18 32.32 -22.13
CA ASN I 56 22.97 31.58 -23.10
C ASN I 56 23.77 32.53 -23.96
N GLY I 57 24.23 33.60 -23.35
CA GLY I 57 25.17 34.50 -23.99
C GLY I 57 24.72 35.10 -25.30
N TRP I 58 23.42 35.23 -25.51
CA TRP I 58 22.94 35.94 -26.68
C TRP I 58 22.81 37.41 -26.34
N VAL I 59 23.31 38.26 -27.22
CA VAL I 59 23.22 39.69 -27.00
C VAL I 59 22.29 40.30 -28.02
N TYR I 60 21.69 41.41 -27.67
CA TYR I 60 20.62 42.00 -28.43
C TYR I 60 21.03 43.42 -28.72
N ILE I 61 21.83 43.61 -29.76
CA ILE I 61 22.36 44.92 -30.06
C ILE I 61 21.35 45.77 -30.82
N THR I 62 20.92 46.84 -30.16
CA THR I 62 19.95 47.77 -30.71
C THR I 62 20.66 49.05 -31.07
N ALA I 63 20.94 49.24 -32.35
CA ALA I 63 21.66 50.43 -32.77
C ALA I 63 20.72 51.53 -33.20
N ASN I 64 20.72 52.61 -32.46
CA ASN I 64 19.95 53.76 -32.85
C ASN I 64 20.81 54.76 -33.57
N SER I 65 20.18 55.47 -34.50
CA SER I 65 20.84 56.44 -35.35
C SER I 65 19.92 57.61 -35.68
N SER I 66 20.41 58.84 -35.52
CA SER I 66 19.59 59.98 -35.85
C SER I 66 20.42 61.02 -36.58
N ARG I 67 19.83 61.66 -37.58
CA ARG I 67 20.55 62.64 -38.37
C ARG I 67 19.66 63.81 -38.77
N LEU I 68 20.22 65.00 -38.88
CA LEU I 68 19.51 66.13 -39.48
C LEU I 68 19.84 66.17 -40.95
N VAL I 69 18.82 66.25 -41.79
CA VAL I 69 19.02 66.11 -43.22
C VAL I 69 18.70 67.35 -44.00
N HIS I 70 19.54 67.67 -44.97
CA HIS I 70 19.38 68.88 -45.74
C HIS I 70 19.03 68.57 -47.18
N LEU I 71 18.09 69.31 -47.75
CA LEU I 71 17.60 68.99 -49.09
C LEU I 71 17.10 70.18 -49.92
N ASN I 72 17.64 70.32 -51.13
CA ASN I 72 17.20 71.38 -52.04
C ASN I 72 16.28 70.83 -53.12
N MET I 73 15.61 71.74 -53.80
CA MET I 73 14.67 71.35 -54.84
C MET I 73 15.45 70.80 -56.00
N PRO I 74 14.81 69.99 -56.82
CA PRO I 74 15.54 69.38 -57.93
C PRO I 74 16.06 70.40 -58.93
N GLU I 75 17.08 70.01 -59.68
CA GLU I 75 17.63 70.87 -60.71
C GLU I 75 16.52 71.20 -61.65
N SER I 76 15.74 70.17 -61.98
CA SER I 76 14.50 70.31 -62.73
C SER I 76 13.56 69.17 -62.36
N GLU I 77 12.26 69.44 -62.48
CA GLU I 77 11.24 68.52 -62.05
C GLU I 77 11.08 67.38 -63.05
N ASN I 78 12.11 67.12 -63.84
CA ASN I 78 11.98 66.18 -64.94
C ASN I 78 12.83 64.95 -64.79
N TYR I 79 12.37 63.85 -65.41
CA TYR I 79 13.20 62.66 -65.57
C TYR I 79 14.00 62.82 -66.87
N ARG I 80 15.26 62.38 -66.87
CA ARG I 80 16.11 62.50 -68.04
C ARG I 80 16.82 61.21 -68.39
N ARG I 81 16.90 60.90 -69.68
CA ARG I 81 17.79 59.85 -70.12
C ARG I 81 19.08 60.48 -70.60
N VAL I 82 20.13 60.35 -69.82
CA VAL I 82 21.41 60.95 -70.15
C VAL I 82 22.45 59.92 -70.51
N VAL I 83 23.26 60.19 -71.54
CA VAL I 83 24.32 59.27 -71.90
C VAL I 83 25.69 59.86 -71.64
N VAL I 84 26.53 59.07 -70.99
CA VAL I 84 27.90 59.43 -70.74
C VAL I 84 28.78 58.66 -71.68
N ASN I 85 29.69 59.38 -72.34
CA ASN I 85 30.50 58.76 -73.35
C ASN I 85 31.81 59.48 -73.44
N ASN I 86 32.81 58.89 -72.80
CA ASN I 86 34.15 59.44 -72.80
C ASN I 86 34.99 58.73 -73.83
N LEU I 87 34.75 59.04 -75.09
CA LEU I 87 35.63 58.59 -76.13
C LEU I 87 36.93 59.37 -75.93
N ASP I 88 36.79 60.49 -75.24
CA ASP I 88 37.89 61.36 -74.86
C ASP I 88 39.02 60.61 -74.21
N LYS I 89 38.69 59.49 -73.61
CA LYS I 89 39.67 58.73 -72.89
C LYS I 89 39.83 57.34 -73.51
N THR I 90 38.78 56.83 -74.13
CA THR I 90 38.82 55.44 -74.58
C THR I 90 39.49 55.27 -75.92
N ALA I 91 39.45 56.31 -76.75
CA ALA I 91 40.04 56.23 -78.08
C ALA I 91 41.57 56.22 -78.02
N VAL I 92 42.11 56.37 -76.80
CA VAL I 92 43.53 56.51 -76.58
C VAL I 92 44.31 55.24 -76.89
N ASN I 93 43.61 54.12 -76.89
CA ASN I 93 44.21 52.81 -77.14
C ASN I 93 45.11 52.40 -76.01
N GLY I 94 44.75 51.31 -75.37
CA GLY I 94 45.43 50.91 -74.17
C GLY I 94 44.74 51.52 -72.97
N ASN I 95 43.67 52.26 -73.23
CA ASN I 95 42.89 52.86 -72.15
C ASN I 95 41.50 52.27 -71.99
N MET I 96 41.35 51.00 -72.33
CA MET I 96 40.04 50.39 -72.26
C MET I 96 39.52 50.45 -70.86
N ALA I 97 40.38 50.20 -69.88
CA ALA I 97 39.95 50.15 -68.51
C ALA I 97 39.39 51.47 -67.99
N LEU I 98 39.53 52.56 -68.73
CA LEU I 98 39.01 53.83 -68.23
C LEU I 98 37.63 54.13 -68.76
N ASP I 99 36.94 53.10 -69.22
CA ASP I 99 35.63 53.26 -69.83
C ASP I 99 34.60 53.81 -68.86
N ASP I 100 33.88 54.86 -69.26
CA ASP I 100 32.79 55.35 -68.44
C ASP I 100 31.47 55.37 -69.19
N THR I 101 31.43 54.70 -70.34
CA THR I 101 30.28 54.82 -71.21
C THR I 101 29.09 54.03 -70.68
N HIS I 102 27.99 54.75 -70.42
CA HIS I 102 26.78 54.16 -69.89
C HIS I 102 25.58 55.08 -70.06
N ALA I 103 24.38 54.54 -69.84
CA ALA I 103 23.17 55.35 -69.92
C ALA I 103 22.47 55.36 -68.58
N GLU I 104 21.70 56.38 -68.32
CA GLU I 104 21.26 56.65 -66.96
C GLU I 104 19.98 57.48 -66.94
N ILE I 105 19.09 57.18 -66.00
CA ILE I 105 17.89 57.98 -65.82
C ILE I 105 18.06 58.96 -64.67
N VAL I 106 17.95 60.25 -64.93
CA VAL I 106 18.15 61.21 -63.85
C VAL I 106 16.83 61.70 -63.30
N THR I 107 16.59 61.47 -62.03
CA THR I 107 15.29 61.71 -61.44
C THR I 107 15.33 62.93 -60.57
N PRO I 108 14.18 63.54 -60.35
CA PRO I 108 14.07 64.66 -59.42
C PRO I 108 14.06 64.21 -57.97
N TRP I 109 14.27 62.93 -57.71
CA TRP I 109 14.17 62.42 -56.36
C TRP I 109 15.55 62.21 -55.72
N SER I 110 15.59 62.26 -54.40
CA SER I 110 16.80 61.93 -53.65
C SER I 110 16.59 60.66 -52.84
N LEU I 111 17.67 59.93 -52.56
CA LEU I 111 17.60 58.68 -51.81
C LEU I 111 18.22 58.81 -50.43
N VAL I 112 17.49 58.37 -49.42
CA VAL I 112 18.00 58.35 -48.07
C VAL I 112 18.56 56.97 -47.78
N ASP I 113 19.86 56.81 -47.96
CA ASP I 113 20.49 55.52 -47.75
C ASP I 113 21.31 55.49 -46.47
N ALA I 114 20.99 54.52 -45.62
CA ALA I 114 21.72 54.35 -44.39
C ALA I 114 22.35 52.98 -44.31
N ASN I 115 22.54 52.34 -45.47
CA ASN I 115 23.16 51.02 -45.50
C ASN I 115 24.68 51.10 -45.49
N ALA I 116 25.25 51.38 -44.32
CA ALA I 116 26.70 51.41 -44.15
C ALA I 116 27.02 51.44 -42.68
N TRP I 117 28.02 50.66 -42.26
CA TRP I 117 28.25 50.48 -40.83
C TRP I 117 28.44 51.78 -40.11
N GLY I 118 29.09 52.73 -40.75
CA GLY I 118 29.41 53.95 -40.07
C GLY I 118 28.22 54.77 -39.66
N VAL I 119 27.05 54.42 -40.14
CA VAL I 119 25.86 55.16 -39.78
C VAL I 119 25.39 54.76 -38.39
N TRP I 120 25.71 53.53 -38.01
CA TRP I 120 25.11 52.94 -36.82
C TRP I 120 26.05 52.76 -35.63
N PHE I 121 27.33 52.54 -35.89
CA PHE I 121 28.25 52.32 -34.79
C PHE I 121 29.41 53.30 -34.80
N ASN I 122 29.77 53.79 -33.62
CA ASN I 122 30.98 54.58 -33.49
C ASN I 122 32.11 53.59 -33.26
N PRO I 123 33.37 54.07 -33.28
CA PRO I 123 34.49 53.14 -33.10
C PRO I 123 34.43 52.28 -31.84
N GLY I 124 34.12 52.92 -30.72
CA GLY I 124 34.03 52.24 -29.44
C GLY I 124 33.07 51.08 -29.46
N ASP I 125 31.90 51.30 -30.05
CA ASP I 125 30.92 50.24 -30.19
C ASP I 125 31.55 49.08 -30.98
N TRP I 126 32.20 49.40 -32.08
CA TRP I 126 32.76 48.39 -32.94
C TRP I 126 33.80 47.57 -32.20
N GLN I 127 34.59 48.21 -31.35
CA GLN I 127 35.58 47.49 -30.58
C GLN I 127 34.92 46.40 -29.80
N LEU I 128 33.85 46.78 -29.12
CA LEU I 128 33.11 45.87 -28.25
C LEU I 128 32.60 44.67 -29.01
N ILE I 129 31.92 44.95 -30.11
CA ILE I 129 31.34 43.91 -30.93
C ILE I 129 32.38 42.91 -31.40
N VAL I 130 33.42 43.47 -31.99
CA VAL I 130 34.46 42.70 -32.64
C VAL I 130 35.35 41.96 -31.66
N ASN I 131 35.61 42.52 -30.50
CA ASN I 131 36.47 41.85 -29.54
C ASN I 131 35.82 40.71 -28.77
N THR I 132 34.51 40.80 -28.56
CA THR I 132 33.90 39.91 -27.60
C THR I 132 32.90 38.93 -28.19
N MET I 133 32.56 39.07 -29.47
CA MET I 133 31.56 38.18 -30.04
C MET I 133 31.92 37.40 -31.28
N SER I 134 31.36 36.20 -31.38
CA SER I 134 31.82 35.23 -32.37
C SER I 134 31.02 35.30 -33.63
N GLU I 135 29.76 35.74 -33.52
CA GLU I 135 28.93 35.91 -34.71
C GLU I 135 27.90 37.01 -34.55
N LEU I 136 27.17 37.28 -35.63
CA LEU I 136 26.31 38.43 -35.70
C LEU I 136 25.12 38.14 -36.61
N HIS I 137 23.90 38.33 -36.10
CA HIS I 137 22.69 38.17 -36.91
C HIS I 137 22.00 39.48 -37.15
N LEU I 138 21.40 39.60 -38.33
CA LEU I 138 20.66 40.80 -38.67
C LEU I 138 19.18 40.56 -38.44
N VAL I 139 18.58 41.29 -37.52
CA VAL I 139 17.20 41.00 -37.11
C VAL I 139 16.15 41.92 -37.70
N SER I 140 16.29 43.20 -37.49
CA SER I 140 15.25 44.10 -37.88
C SER I 140 15.75 45.49 -38.24
N PHE I 141 14.90 46.24 -38.93
CA PHE I 141 15.23 47.59 -39.35
C PHE I 141 13.96 48.41 -39.53
N GLU I 142 13.91 49.58 -38.90
CA GLU I 142 12.81 50.52 -39.09
C GLU I 142 13.35 51.94 -39.14
N GLN I 143 12.61 52.86 -39.75
CA GLN I 143 13.08 54.23 -39.81
C GLN I 143 11.89 55.17 -39.92
N GLU I 144 12.09 56.42 -39.48
CA GLU I 144 11.05 57.42 -39.58
C GLU I 144 11.65 58.77 -39.92
N ILE I 145 10.80 59.70 -40.37
CA ILE I 145 11.19 61.05 -40.72
C ILE I 145 10.39 61.98 -39.87
N PHE I 146 11.02 62.94 -39.20
CA PHE I 146 10.27 63.83 -38.33
C PHE I 146 10.80 65.25 -38.26
N ASN I 147 10.02 66.09 -37.59
CA ASN I 147 10.31 67.52 -37.46
C ASN I 147 10.68 68.14 -38.79
N VAL I 148 9.80 67.94 -39.76
CA VAL I 148 10.02 68.48 -41.08
C VAL I 148 9.94 69.99 -41.10
N VAL I 149 10.88 70.60 -41.83
CA VAL I 149 10.93 72.05 -41.99
C VAL I 149 11.15 72.43 -43.45
N LEU I 150 10.38 73.41 -43.93
CA LEU I 150 10.61 73.98 -45.26
C LEU I 150 10.73 75.50 -45.21
N LYS I 151 11.78 76.01 -45.84
CA LYS I 151 12.02 77.45 -45.92
C LYS I 151 12.24 77.86 -47.36
N THR I 152 11.84 79.09 -47.67
CA THR I 152 12.10 79.66 -48.98
C THR I 152 13.20 80.66 -48.84
N VAL I 153 14.09 80.69 -49.83
CA VAL I 153 15.15 81.67 -49.84
C VAL I 153 14.50 82.95 -50.28
N SER I 154 14.86 83.43 -51.46
CA SER I 154 14.22 84.59 -52.02
C SER I 154 14.28 85.74 -51.00
N GLU I 155 15.39 86.45 -50.80
CA GLU I 155 16.60 86.68 -51.62
C GLU I 155 16.81 88.17 -51.38
N SER I 156 17.60 88.78 -52.26
CA SER I 156 17.64 90.23 -52.47
C SER I 156 16.79 91.08 -51.55
N ALA I 157 17.20 91.20 -50.30
CA ALA I 157 16.49 92.08 -49.41
C ALA I 157 17.32 92.38 -48.18
N THR I 158 18.00 93.54 -48.09
CA THR I 158 18.26 94.56 -49.13
C THR I 158 19.44 95.24 -48.47
N GLN I 159 20.17 96.11 -49.17
CA GLN I 159 21.43 96.64 -48.65
C GLN I 159 22.46 95.50 -48.84
N PRO I 160 23.50 95.74 -49.67
CA PRO I 160 24.57 95.13 -50.49
C PRO I 160 24.73 93.65 -50.93
N PRO I 161 23.69 92.82 -51.12
CA PRO I 161 22.23 92.82 -50.97
C PRO I 161 21.70 91.83 -49.90
N THR I 162 22.56 90.89 -49.46
CA THR I 162 22.24 89.84 -48.48
C THR I 162 21.04 88.97 -48.88
N LYS I 163 20.92 87.83 -48.23
CA LYS I 163 19.89 86.84 -48.54
C LYS I 163 19.02 86.62 -47.32
N VAL I 164 17.78 86.22 -47.51
CA VAL I 164 16.92 86.02 -46.35
C VAL I 164 16.11 84.77 -46.56
N TYR I 165 15.99 84.02 -45.48
CA TYR I 165 15.34 82.74 -45.48
C TYR I 165 14.07 82.75 -44.59
N ASN I 166 12.91 82.50 -45.20
CA ASN I 166 11.66 82.48 -44.46
C ASN I 166 11.02 81.11 -44.52
N ASN I 167 10.17 80.82 -43.56
CA ASN I 167 9.41 79.60 -43.55
C ASN I 167 8.26 79.64 -44.55
N ASP I 168 8.06 78.57 -45.30
CA ASP I 168 6.78 78.35 -46.00
C ASP I 168 6.02 77.29 -45.24
N LEU I 169 5.10 77.70 -44.37
CA LEU I 169 4.48 76.71 -43.49
C LEU I 169 3.64 75.70 -44.25
N THR I 170 2.96 76.17 -45.28
CA THR I 170 2.07 75.33 -46.07
C THR I 170 2.77 74.43 -47.08
N ALA I 171 4.08 74.53 -47.20
CA ALA I 171 4.85 73.74 -48.16
C ALA I 171 5.01 72.30 -47.72
N SER I 172 5.30 71.43 -48.68
CA SER I 172 5.36 70.01 -48.37
C SER I 172 6.64 69.33 -48.80
N LEU I 173 7.01 68.29 -48.07
CA LEU I 173 8.09 67.41 -48.48
C LEU I 173 7.55 66.06 -48.93
N MET I 174 7.86 65.66 -50.15
CA MET I 174 7.34 64.40 -50.65
C MET I 174 8.20 63.23 -50.23
N VAL I 175 7.59 62.20 -49.69
CA VAL I 175 8.32 61.01 -49.28
C VAL I 175 7.68 59.77 -49.89
N ALA I 176 8.48 58.84 -50.40
CA ALA I 176 7.95 57.63 -51.02
C ALA I 176 8.73 56.42 -50.54
N LEU I 177 8.05 55.37 -50.12
CA LEU I 177 8.78 54.23 -49.63
C LEU I 177 8.53 53.03 -50.50
N ASP I 178 9.53 52.56 -51.23
CA ASP I 178 9.28 51.49 -52.19
C ASP I 178 9.33 50.16 -51.49
N SER I 179 8.32 49.88 -50.69
CA SER I 179 8.34 48.72 -49.81
C SER I 179 8.16 47.41 -50.56
N ASN I 180 7.80 47.49 -51.82
CA ASN I 180 7.74 46.30 -52.65
C ASN I 180 9.01 46.02 -53.42
N ASN I 181 9.99 46.91 -53.24
CA ASN I 181 11.21 46.90 -54.04
C ASN I 181 10.87 46.80 -55.52
N THR I 182 9.99 47.70 -55.95
CA THR I 182 9.58 47.77 -57.34
C THR I 182 10.74 48.27 -58.19
N MET I 183 11.58 49.06 -57.55
CA MET I 183 12.51 49.88 -58.26
C MET I 183 13.95 49.48 -58.12
N PRO I 184 14.78 49.90 -59.08
CA PRO I 184 16.13 49.39 -59.15
C PRO I 184 16.86 49.63 -57.86
N PHE I 185 17.56 48.62 -57.40
CA PHE I 185 18.27 48.73 -56.14
C PHE I 185 19.58 49.47 -56.38
N THR I 186 19.79 50.56 -55.66
CA THR I 186 20.99 51.36 -55.83
C THR I 186 21.61 51.67 -54.49
N PRO I 187 22.38 50.72 -53.93
CA PRO I 187 23.06 50.91 -52.65
C PRO I 187 24.10 52.01 -52.73
N ALA I 188 24.00 52.99 -51.85
CA ALA I 188 24.83 54.17 -51.95
C ALA I 188 26.18 53.94 -51.37
N ALA I 189 26.37 52.79 -50.76
CA ALA I 189 27.63 52.53 -50.12
C ALA I 189 28.75 52.42 -51.15
N MET I 190 28.42 52.04 -52.39
CA MET I 190 29.41 51.80 -53.42
C MET I 190 30.05 53.07 -53.96
N ARG I 191 29.38 54.20 -53.74
CA ARG I 191 29.81 55.49 -54.28
C ARG I 191 30.05 56.44 -53.15
N SER I 192 30.19 55.86 -51.96
CA SER I 192 30.34 56.60 -50.71
C SER I 192 29.31 57.69 -50.57
N GLU I 193 28.05 57.34 -50.75
CA GLU I 193 27.00 58.34 -50.74
C GLU I 193 25.86 57.96 -49.83
N THR I 194 26.18 57.37 -48.69
CA THR I 194 25.17 57.07 -47.69
C THR I 194 25.05 58.29 -46.81
N LEU I 195 24.41 58.14 -45.66
CA LEU I 195 24.30 59.25 -44.73
C LEU I 195 25.64 59.52 -44.03
N GLY I 196 25.75 60.67 -43.37
CA GLY I 196 26.95 60.98 -42.62
C GLY I 196 27.22 60.06 -41.45
N PHE I 197 28.47 59.89 -41.09
CA PHE I 197 28.83 58.98 -40.00
C PHE I 197 28.96 59.70 -38.65
N TYR I 198 28.68 61.00 -38.62
CA TYR I 198 28.79 61.74 -37.37
C TYR I 198 27.44 62.24 -36.95
N PRO I 199 27.02 61.89 -35.73
CA PRO I 199 25.74 62.31 -35.18
C PRO I 199 25.60 63.81 -35.04
N TRP I 200 26.65 64.52 -34.71
CA TRP I 200 26.47 65.93 -34.43
C TRP I 200 26.66 66.77 -35.67
N LYS I 201 26.96 66.10 -36.76
CA LYS I 201 27.13 66.77 -38.03
C LYS I 201 26.01 66.46 -39.01
N PRO I 202 25.32 67.49 -39.49
CA PRO I 202 24.22 67.34 -40.44
C PRO I 202 24.64 66.67 -41.73
N THR I 203 23.69 66.27 -42.56
CA THR I 203 24.01 65.51 -43.76
C THR I 203 23.02 65.71 -44.90
N ILE I 204 23.12 64.90 -45.93
CA ILE I 204 22.31 65.02 -47.13
C ILE I 204 22.04 63.67 -47.73
N PRO I 205 20.95 63.54 -48.48
CA PRO I 205 20.75 62.35 -49.32
C PRO I 205 21.54 62.55 -50.59
N THR I 206 21.39 61.66 -51.57
CA THR I 206 22.01 61.89 -52.87
C THR I 206 20.97 61.81 -53.95
N PRO I 207 21.12 62.62 -55.00
CA PRO I 207 20.15 62.64 -56.10
C PRO I 207 20.05 61.26 -56.72
N TRP I 208 18.84 60.75 -56.88
CA TRP I 208 18.69 59.38 -57.37
C TRP I 208 18.74 59.29 -58.90
N ARG I 209 19.33 58.19 -59.38
CA ARG I 209 19.63 57.98 -60.78
C ARG I 209 19.70 56.49 -60.89
N TYR I 210 19.38 55.94 -62.05
CA TYR I 210 19.49 54.50 -62.15
C TYR I 210 19.83 54.08 -63.53
N TYR I 211 20.29 52.84 -63.63
CA TYR I 211 20.82 52.38 -64.89
C TYR I 211 19.71 52.16 -65.92
N PHE I 212 19.95 52.70 -67.11
CA PHE I 212 19.08 52.56 -68.28
C PHE I 212 19.80 51.77 -69.38
N GLN I 213 19.13 50.87 -70.09
CA GLN I 213 19.87 49.96 -70.97
C GLN I 213 20.56 50.64 -72.15
N TRP I 214 21.73 50.12 -72.53
CA TRP I 214 22.45 50.56 -73.71
C TRP I 214 23.30 49.42 -74.28
N ASP I 215 23.34 49.29 -75.61
CA ASP I 215 24.30 48.40 -76.27
C ASP I 215 25.60 49.18 -76.43
N ARG I 216 26.73 48.47 -76.49
CA ARG I 216 28.03 49.12 -76.48
C ARG I 216 29.11 48.10 -76.77
N THR I 217 29.99 48.41 -77.72
CA THR I 217 31.12 47.52 -77.97
C THR I 217 32.39 48.33 -77.80
N LEU I 218 33.41 47.73 -77.22
CA LEU I 218 34.69 48.38 -77.11
C LEU I 218 35.78 47.33 -77.18
N ILE I 219 36.51 47.32 -78.29
CA ILE I 219 37.58 46.34 -78.48
C ILE I 219 38.87 46.78 -77.83
N PRO I 220 39.45 45.91 -77.01
CA PRO I 220 40.67 46.27 -76.30
C PRO I 220 41.85 46.44 -77.24
N SER I 221 42.89 47.06 -76.73
CA SER I 221 44.03 47.40 -77.53
C SER I 221 45.16 47.80 -76.62
N HIS I 222 46.33 48.02 -77.19
CA HIS I 222 47.47 48.51 -76.45
C HIS I 222 47.90 49.74 -77.19
N THR I 223 48.87 50.46 -76.67
CA THR I 223 49.24 51.71 -77.31
C THR I 223 49.76 51.51 -78.74
N GLY I 224 50.42 50.37 -78.98
CA GLY I 224 50.96 50.06 -80.30
C GLY I 224 49.92 49.80 -81.36
N THR I 225 48.78 49.28 -80.91
CA THR I 225 47.67 49.00 -81.80
C THR I 225 47.34 50.34 -82.43
N SER I 226 47.26 50.38 -83.74
CA SER I 226 46.77 51.58 -84.38
C SER I 226 46.11 51.22 -85.70
N GLY I 227 45.54 52.24 -86.32
CA GLY I 227 44.21 52.16 -86.92
C GLY I 227 43.33 52.47 -85.72
N THR I 228 42.01 52.44 -85.87
CA THR I 228 41.19 52.71 -84.71
C THR I 228 40.35 51.51 -84.34
N PRO I 229 40.67 50.87 -83.21
CA PRO I 229 39.92 49.72 -82.71
C PRO I 229 38.52 50.18 -82.42
N THR I 230 37.53 49.39 -82.82
CA THR I 230 36.14 49.83 -82.79
C THR I 230 35.68 50.21 -81.41
N ASN I 231 35.08 51.40 -81.30
CA ASN I 231 34.68 52.00 -80.04
C ASN I 231 33.39 52.80 -80.20
N ILE I 232 32.27 52.10 -80.14
CA ILE I 232 31.01 52.70 -80.50
C ILE I 232 29.94 52.53 -79.43
N TYR I 233 29.01 53.44 -79.40
CA TYR I 233 27.82 53.33 -78.58
C TYR I 233 26.70 53.02 -79.54
N HIS I 234 26.26 51.76 -79.57
CA HIS I 234 25.32 51.34 -80.59
C HIS I 234 23.93 51.90 -80.45
N GLY I 235 23.50 52.15 -79.23
CA GLY I 235 22.18 52.71 -78.96
C GLY I 235 21.45 52.05 -77.81
N THR I 236 20.20 51.67 -78.02
CA THR I 236 19.43 51.10 -76.94
C THR I 236 18.53 49.99 -77.44
N ASP I 237 18.71 48.80 -76.88
CA ASP I 237 17.89 47.63 -77.22
C ASP I 237 16.48 47.87 -76.71
N PRO I 238 15.52 48.03 -77.62
CA PRO I 238 14.14 48.31 -77.25
C PRO I 238 13.55 47.19 -76.40
N ASP I 239 14.06 45.97 -76.55
CA ASP I 239 13.56 44.81 -75.82
C ASP I 239 13.96 44.88 -74.37
N ASP I 240 14.83 45.83 -74.05
CA ASP I 240 15.40 45.88 -72.73
C ASP I 240 15.13 47.22 -72.10
N VAL I 241 14.20 47.97 -72.66
CA VAL I 241 13.96 49.32 -72.15
C VAL I 241 13.01 49.32 -70.97
N GLN I 242 13.46 49.82 -69.81
CA GLN I 242 12.62 49.95 -68.61
C GLN I 242 12.71 51.32 -67.97
N PHE I 243 11.69 52.13 -68.15
CA PHE I 243 11.66 53.47 -67.58
C PHE I 243 10.82 53.46 -66.32
N TYR I 244 11.44 53.62 -65.16
CA TYR I 244 10.65 53.61 -63.93
C TYR I 244 10.40 55.03 -63.44
N THR I 245 9.25 55.27 -62.82
CA THR I 245 9.05 56.52 -62.07
C THR I 245 8.54 56.21 -60.68
N ILE I 246 8.90 57.05 -59.72
CA ILE I 246 8.35 56.95 -58.41
C ILE I 246 6.84 57.05 -58.47
N GLU I 247 6.37 58.05 -59.20
CA GLU I 247 4.96 58.42 -59.17
C GLU I 247 4.03 57.30 -59.59
N ASN I 248 4.45 56.49 -60.55
CA ASN I 248 3.58 55.41 -61.00
C ASN I 248 3.74 54.11 -60.26
N SER I 249 4.72 54.00 -59.38
CA SER I 249 4.95 52.72 -58.70
C SER I 249 4.71 52.77 -57.21
N VAL I 250 5.03 53.91 -56.59
CA VAL I 250 5.06 54.00 -55.15
C VAL I 250 4.15 55.07 -54.62
N PRO I 251 3.42 54.77 -53.55
CA PRO I 251 2.60 55.84 -52.99
C PRO I 251 3.44 56.92 -52.40
N VAL I 252 3.09 58.16 -52.69
CA VAL I 252 3.80 59.31 -52.20
C VAL I 252 3.06 59.98 -51.08
N HIS I 253 3.74 60.25 -49.97
CA HIS I 253 3.14 60.94 -48.86
C HIS I 253 3.56 62.39 -48.88
N LEU I 254 2.65 63.31 -48.63
CA LEU I 254 3.03 64.71 -48.50
C LEU I 254 3.18 65.11 -47.05
N LEU I 255 4.36 65.56 -46.64
CA LEU I 255 4.60 65.99 -45.27
C LEU I 255 4.77 67.51 -45.09
N ARG I 256 3.92 68.13 -44.27
CA ARG I 256 4.14 69.52 -43.83
C ARG I 256 4.85 69.51 -42.49
N THR I 257 4.96 70.66 -41.82
CA THR I 257 5.76 70.72 -40.59
C THR I 257 5.32 69.71 -39.56
N GLY I 258 4.00 69.64 -39.38
CA GLY I 258 3.40 68.81 -38.35
C GLY I 258 3.22 67.34 -38.66
N ASP I 259 3.61 66.94 -39.86
CA ASP I 259 3.45 65.56 -40.27
C ASP I 259 4.69 64.76 -39.93
N GLU I 260 4.50 63.44 -39.93
CA GLU I 260 5.57 62.49 -39.67
C GLU I 260 5.40 61.31 -40.56
N PHE I 261 6.48 60.61 -40.85
CA PHE I 261 6.35 59.38 -41.60
C PHE I 261 7.15 58.30 -40.97
N ALA I 262 6.53 57.16 -40.70
CA ALA I 262 7.25 56.05 -40.10
C ALA I 262 7.04 54.79 -40.90
N THR I 263 8.06 53.95 -41.01
CA THR I 263 7.91 52.70 -41.74
C THR I 263 7.53 51.65 -40.73
N GLY I 264 7.24 50.45 -41.22
CA GLY I 264 6.95 49.37 -40.29
C GLY I 264 8.21 48.93 -39.60
N THR I 265 8.20 47.75 -39.01
CA THR I 265 9.46 47.14 -38.62
C THR I 265 9.72 45.96 -39.55
N PHE I 266 10.78 46.05 -40.34
CA PHE I 266 11.09 44.98 -41.28
C PHE I 266 11.91 43.90 -40.63
N PHE I 267 11.49 42.65 -40.77
CA PHE I 267 12.28 41.56 -40.20
C PHE I 267 13.06 40.84 -41.29
N PHE I 268 14.35 40.72 -41.06
CA PHE I 268 15.25 40.18 -42.04
C PHE I 268 15.20 38.68 -42.00
N ASP I 269 15.77 38.05 -43.02
CA ASP I 269 16.17 36.67 -42.85
C ASP I 269 17.39 36.40 -43.71
N CYS I 270 18.51 36.13 -43.04
CA CYS I 270 19.80 35.86 -43.66
C CYS I 270 20.65 34.94 -42.76
N LYS I 271 21.81 34.55 -43.27
CA LYS I 271 22.75 33.71 -42.52
C LYS I 271 23.43 34.58 -41.50
N PRO I 272 24.05 33.94 -40.49
CA PRO I 272 24.86 34.74 -39.55
C PRO I 272 26.17 35.20 -40.20
N CYS I 273 26.63 36.37 -39.80
CA CYS I 273 27.93 36.82 -40.22
C CYS I 273 28.92 36.50 -39.12
N ARG I 274 30.04 35.86 -39.42
CA ARG I 274 30.93 35.42 -38.34
C ARG I 274 31.99 36.45 -38.06
N LEU I 275 32.38 36.55 -36.82
CA LEU I 275 33.36 37.54 -36.43
C LEU I 275 34.64 36.83 -36.04
N THR I 276 34.96 35.75 -36.75
CA THR I 276 36.23 35.06 -36.56
C THR I 276 36.83 34.68 -37.90
N HIS I 277 38.16 34.78 -37.99
CA HIS I 277 38.88 34.49 -39.22
C HIS I 277 39.53 33.13 -39.18
N THR I 278 39.65 32.48 -40.32
CA THR I 278 40.30 31.19 -40.35
C THR I 278 41.72 31.37 -40.77
N TRP I 279 42.64 30.60 -40.20
CA TRP I 279 44.03 30.78 -40.53
C TRP I 279 44.59 29.62 -41.31
N GLN I 280 43.85 28.56 -41.40
CA GLN I 280 44.39 27.36 -41.99
C GLN I 280 44.31 27.46 -43.49
N THR I 281 45.41 27.18 -44.16
CA THR I 281 45.43 26.96 -45.60
C THR I 281 45.54 25.47 -45.73
N ASN I 282 45.53 24.94 -46.94
CA ASN I 282 45.65 23.49 -47.11
C ASN I 282 46.86 22.85 -46.39
N ARG I 283 47.94 23.59 -46.25
CA ARG I 283 49.20 23.03 -45.75
C ARG I 283 49.16 22.73 -44.25
N ALA I 284 48.03 23.08 -43.62
CA ALA I 284 47.82 22.86 -42.19
C ALA I 284 46.46 22.24 -41.97
N LEU I 285 46.17 21.18 -42.71
CA LEU I 285 44.93 20.46 -42.50
C LEU I 285 45.13 19.01 -42.12
N GLY I 286 44.84 18.67 -40.87
CA GLY I 286 44.81 17.27 -40.49
C GLY I 286 46.01 16.92 -39.67
N LEU I 287 46.44 15.67 -39.77
CA LEU I 287 47.54 15.18 -38.96
C LEU I 287 48.92 15.51 -39.52
N PRO I 288 49.69 16.35 -38.80
CA PRO I 288 51.07 16.61 -39.21
C PRO I 288 51.93 15.34 -39.15
N PRO I 289 53.00 15.29 -39.94
CA PRO I 289 53.82 14.09 -40.05
C PRO I 289 54.60 13.82 -38.80
N PHE I 290 54.71 12.56 -38.40
CA PHE I 290 55.38 12.28 -37.14
C PHE I 290 56.84 12.59 -37.24
N LEU I 291 57.35 13.34 -36.26
CA LEU I 291 58.76 13.69 -36.22
C LEU I 291 59.59 12.67 -35.47
N ASN I 292 60.56 12.07 -36.13
CA ASN I 292 61.46 11.12 -35.47
C ASN I 292 62.70 11.76 -34.84
N SER I 293 62.96 13.02 -35.13
CA SER I 293 64.07 13.68 -34.49
C SER I 293 63.62 15.01 -33.97
N LEU I 294 63.47 15.09 -32.65
CA LEU I 294 63.07 16.33 -32.02
C LEU I 294 64.31 17.07 -31.57
N PRO I 295 64.28 18.40 -31.57
CA PRO I 295 65.40 19.23 -31.16
C PRO I 295 65.79 18.93 -29.74
N GLN I 296 67.02 19.25 -29.38
CA GLN I 296 67.51 18.99 -28.04
C GLN I 296 68.13 20.23 -27.41
N SER I 297 68.06 21.36 -28.11
CA SER I 297 68.39 22.65 -27.53
C SER I 297 67.56 23.77 -28.18
N GLU I 298 67.22 24.79 -27.40
CA GLU I 298 66.40 25.86 -27.91
C GLU I 298 67.16 26.68 -28.91
N GLY I 299 66.46 27.47 -29.70
CA GLY I 299 67.13 28.35 -30.62
C GLY I 299 66.43 28.52 -31.95
N GLY I 300 67.09 29.18 -32.87
CA GLY I 300 66.41 29.64 -34.06
C GLY I 300 66.61 28.77 -35.26
N THR I 301 67.52 27.81 -35.14
CA THR I 301 67.76 26.91 -36.25
C THR I 301 67.83 25.46 -35.84
N ASN I 302 67.39 25.16 -34.61
CA ASN I 302 67.33 23.78 -34.16
C ASN I 302 66.04 23.12 -34.63
N PHE I 303 65.96 22.82 -35.90
CA PHE I 303 64.76 22.28 -36.47
C PHE I 303 64.60 20.85 -36.05
N GLY I 304 63.39 20.34 -36.11
CA GLY I 304 63.14 18.93 -35.92
C GLY I 304 63.07 18.32 -37.30
N TYR I 305 63.31 17.02 -37.40
CA TYR I 305 63.37 16.40 -38.71
C TYR I 305 62.42 15.24 -38.78
N ILE I 306 61.66 15.15 -39.85
CA ILE I 306 60.73 14.04 -40.00
C ILE I 306 61.46 12.71 -39.87
N GLY I 307 62.54 12.57 -40.60
CA GLY I 307 63.44 11.45 -40.39
C GLY I 307 63.07 10.18 -41.11
N VAL I 308 62.41 10.31 -42.24
CA VAL I 308 62.19 9.18 -43.15
C VAL I 308 62.31 9.64 -44.60
N GLN I 309 62.93 8.83 -45.44
CA GLN I 309 63.09 9.19 -46.84
C GLN I 309 61.76 9.56 -47.45
N GLN I 310 61.75 10.64 -48.22
CA GLN I 310 60.53 11.16 -48.78
C GLN I 310 59.84 10.15 -49.67
N ASP I 311 60.58 9.17 -50.18
CA ASP I 311 59.99 8.18 -51.07
C ASP I 311 59.73 6.83 -50.37
N LYS I 312 60.01 6.75 -49.09
CA LYS I 312 59.75 5.52 -48.34
C LYS I 312 58.73 5.80 -47.27
N ARG I 313 57.93 6.84 -47.48
CA ARG I 313 57.00 7.30 -46.46
C ARG I 313 55.63 6.68 -46.64
N ARG I 314 54.88 6.56 -45.53
CA ARG I 314 53.54 5.99 -45.53
C ARG I 314 52.53 7.12 -45.55
N GLY I 315 51.38 6.91 -46.20
CA GLY I 315 50.37 7.95 -46.31
C GLY I 315 49.62 7.97 -47.63
N VAL I 316 48.84 9.02 -47.88
CA VAL I 316 48.02 9.08 -49.08
C VAL I 316 48.21 10.31 -49.95
N THR I 317 48.44 10.11 -51.24
CA THR I 317 48.49 11.24 -52.17
C THR I 317 47.67 11.00 -53.42
N GLN I 318 47.48 12.07 -54.18
CA GLN I 318 46.72 11.98 -55.42
C GLN I 318 47.66 12.01 -56.64
N MET I 319 48.86 11.51 -56.43
CA MET I 319 49.85 11.44 -57.49
C MET I 319 50.21 10.01 -57.80
N GLY I 320 49.52 9.42 -58.77
CA GLY I 320 49.68 8.01 -59.11
C GLY I 320 51.07 7.54 -59.49
N ASN I 321 51.92 8.49 -59.89
CA ASN I 321 53.30 8.23 -60.30
C ASN I 321 54.28 8.01 -59.14
N THR I 322 54.65 9.11 -58.48
CA THR I 322 55.74 9.06 -57.51
C THR I 322 55.33 8.50 -56.18
N ASN I 323 56.33 8.07 -55.43
CA ASN I 323 56.11 7.58 -54.11
C ASN I 323 56.52 8.63 -53.13
N TYR I 324 56.75 9.81 -53.67
CA TYR I 324 57.05 10.96 -52.86
C TYR I 324 55.80 11.34 -52.08
N ILE I 325 55.92 11.45 -50.76
CA ILE I 325 54.82 11.95 -49.95
C ILE I 325 55.31 13.11 -49.13
N THR I 326 55.08 14.30 -49.61
CA THR I 326 55.55 15.47 -48.92
C THR I 326 54.41 16.37 -48.55
N GLU I 327 54.65 17.34 -47.68
CA GLU I 327 53.58 18.23 -47.26
C GLU I 327 52.91 18.90 -48.43
N ALA I 328 53.66 19.19 -49.48
CA ALA I 328 53.04 19.83 -50.63
C ALA I 328 52.38 18.83 -51.55
N THR I 329 52.58 17.55 -51.27
CA THR I 329 52.06 16.48 -52.10
C THR I 329 50.90 15.72 -51.44
N ILE I 330 50.96 15.59 -50.13
CA ILE I 330 49.96 14.85 -49.36
C ILE I 330 48.54 15.31 -49.60
N MET I 331 47.63 14.34 -49.70
CA MET I 331 46.22 14.62 -49.90
C MET I 331 45.70 15.48 -48.77
N ARG I 332 44.75 16.34 -49.08
CA ARG I 332 44.02 17.04 -48.05
C ARG I 332 42.57 16.79 -48.37
N PRO I 333 41.67 16.94 -47.39
CA PRO I 333 40.29 16.54 -47.65
C PRO I 333 39.67 17.37 -48.78
N ALA I 334 40.03 18.63 -48.85
CA ALA I 334 39.56 19.46 -49.93
C ALA I 334 40.49 20.65 -50.13
N GLU I 335 39.99 21.73 -50.71
CA GLU I 335 40.84 22.87 -50.99
C GLU I 335 40.27 24.15 -50.49
N VAL I 336 41.05 24.85 -49.70
CA VAL I 336 40.64 26.11 -49.11
C VAL I 336 40.99 27.27 -50.01
N GLY I 337 39.98 27.99 -50.44
CA GLY I 337 40.13 29.12 -51.35
C GLY I 337 40.20 28.63 -52.78
N TYR I 338 40.33 29.58 -53.70
CA TYR I 338 40.39 29.22 -55.11
C TYR I 338 41.17 30.29 -55.85
N SER I 339 41.75 29.90 -56.98
CA SER I 339 42.50 30.82 -57.81
C SER I 339 41.63 31.42 -58.90
N ALA I 340 41.72 32.73 -59.06
CA ALA I 340 40.88 33.43 -60.00
C ALA I 340 41.72 34.37 -60.83
N PRO I 341 41.27 34.65 -62.06
CA PRO I 341 41.97 35.52 -63.01
C PRO I 341 42.14 36.93 -62.50
N TYR I 342 43.25 37.57 -62.84
CA TYR I 342 43.55 38.91 -62.36
C TYR I 342 44.58 39.56 -63.26
N TYR I 343 44.44 40.84 -63.62
CA TYR I 343 43.22 41.64 -63.52
C TYR I 343 42.29 41.34 -64.68
N SER I 344 41.34 40.44 -64.52
CA SER I 344 40.55 40.01 -65.66
C SER I 344 39.40 40.94 -65.95
N PHE I 345 39.24 41.27 -67.22
CA PHE I 345 38.08 42.01 -67.70
C PHE I 345 37.28 41.17 -68.70
N GLU I 346 35.96 41.17 -68.54
CA GLU I 346 35.07 40.44 -69.44
C GLU I 346 34.09 41.43 -70.03
N ALA I 347 33.46 41.07 -71.13
CA ALA I 347 32.59 42.00 -71.82
C ALA I 347 31.32 41.34 -72.30
N SER I 348 30.22 42.03 -72.08
CA SER I 348 28.97 41.56 -72.58
C SER I 348 28.22 42.78 -73.05
N THR I 349 27.12 42.57 -73.75
CA THR I 349 26.20 43.61 -74.23
C THR I 349 26.51 45.07 -73.96
N GLN I 350 26.95 45.41 -72.76
CA GLN I 350 27.06 46.83 -72.39
C GLN I 350 28.46 47.34 -72.14
N GLY I 351 29.45 46.54 -72.50
CA GLY I 351 30.82 46.98 -72.38
C GLY I 351 31.58 46.07 -71.46
N PRO I 352 32.85 46.39 -71.21
CA PRO I 352 33.72 45.54 -70.43
C PRO I 352 33.66 45.85 -68.93
N PHE I 353 33.96 44.86 -68.11
CA PHE I 353 33.95 45.02 -66.65
C PHE I 353 34.92 44.08 -65.96
N LYS I 354 35.45 44.51 -64.81
CA LYS I 354 36.38 43.69 -64.07
C LYS I 354 35.69 42.45 -63.55
N THR I 355 36.44 41.35 -63.49
CA THR I 355 35.98 40.13 -62.86
C THR I 355 36.27 40.15 -61.36
N PRO I 356 35.25 39.98 -60.53
CA PRO I 356 35.37 40.07 -59.07
C PRO I 356 35.97 38.81 -58.43
N ILE I 357 36.64 38.96 -57.30
CA ILE I 357 37.27 37.81 -56.66
C ILE I 357 36.72 37.66 -55.25
N ALA I 358 36.71 36.43 -54.75
CA ALA I 358 36.16 36.18 -53.43
C ALA I 358 37.22 36.28 -52.34
N ALA I 359 38.27 35.47 -52.46
CA ALA I 359 39.17 35.13 -51.33
C ALA I 359 39.94 36.28 -50.65
N GLY I 360 41.13 35.93 -50.13
CA GLY I 360 42.06 36.88 -49.53
C GLY I 360 42.06 36.68 -48.03
N ARG I 361 43.18 36.89 -47.32
CA ARG I 361 44.49 37.23 -47.86
C ARG I 361 45.26 35.97 -48.18
N GLY I 362 46.21 36.06 -49.10
CA GLY I 362 46.95 34.87 -49.49
C GLY I 362 48.44 34.95 -49.28
N GLY I 363 48.96 36.17 -49.21
CA GLY I 363 50.38 36.32 -49.02
C GLY I 363 50.87 36.13 -47.59
N ALA I 364 52.16 35.86 -47.48
CA ALA I 364 52.83 35.67 -46.19
C ALA I 364 53.07 37.01 -45.53
N GLN I 365 54.25 37.19 -44.97
CA GLN I 365 54.55 38.37 -44.18
C GLN I 365 54.54 39.64 -45.02
N THR I 366 53.53 40.48 -44.79
CA THR I 366 53.43 41.80 -45.38
C THR I 366 53.57 41.86 -46.90
N ASP I 367 53.40 40.74 -47.60
CA ASP I 367 53.46 40.81 -49.05
C ASP I 367 52.19 40.13 -49.58
N GLU I 368 51.38 40.91 -50.27
CA GLU I 368 50.08 40.44 -50.74
C GLU I 368 49.91 40.70 -52.22
N ASN I 369 49.10 39.89 -52.89
CA ASN I 369 48.82 40.21 -54.27
C ASN I 369 47.47 40.87 -54.35
N GLN I 370 47.34 42.04 -53.73
CA GLN I 370 46.06 42.73 -53.57
C GLN I 370 45.05 42.67 -54.70
N ALA I 371 45.33 41.93 -55.76
CA ALA I 371 44.45 41.88 -56.91
C ALA I 371 44.07 40.46 -57.19
N ALA I 372 44.98 39.54 -56.90
CA ALA I 372 44.67 38.14 -57.07
C ALA I 372 43.73 37.72 -55.98
N ASP I 373 43.78 38.44 -54.85
CA ASP I 373 42.86 38.23 -53.73
C ASP I 373 41.68 39.14 -53.86
N GLY I 374 41.86 40.25 -54.51
CA GLY I 374 40.73 41.11 -54.72
C GLY I 374 40.47 41.87 -53.46
N ASP I 375 41.52 42.36 -52.84
CA ASP I 375 41.32 43.10 -51.63
C ASP I 375 40.69 44.40 -52.09
N PRO I 376 39.53 44.74 -51.52
CA PRO I 376 38.66 45.86 -51.91
C PRO I 376 39.22 47.20 -51.50
N ARG I 377 38.98 48.24 -52.28
CA ARG I 377 39.61 49.51 -51.96
C ARG I 377 38.58 50.62 -51.85
N TYR I 378 38.56 51.27 -50.70
CA TYR I 378 37.51 52.20 -50.35
C TYR I 378 37.96 53.66 -50.45
N ALA I 379 37.16 54.49 -51.12
CA ALA I 379 37.47 55.90 -51.27
C ALA I 379 36.36 56.77 -50.76
N PHE I 380 36.68 57.75 -49.93
CA PHE I 380 35.64 58.46 -49.21
C PHE I 380 36.02 59.86 -48.76
N GLY I 381 35.03 60.62 -48.32
CA GLY I 381 35.23 62.02 -48.04
C GLY I 381 34.51 62.61 -46.84
N ARG I 382 35.29 63.25 -45.99
CA ARG I 382 34.84 64.03 -44.83
C ARG I 382 33.58 63.62 -44.15
N GLN I 383 32.48 63.55 -44.89
CA GLN I 383 31.25 63.00 -44.35
C GLN I 383 31.43 61.56 -43.93
N HIS I 384 32.35 60.85 -44.58
CA HIS I 384 32.49 59.41 -44.38
C HIS I 384 33.87 58.90 -43.97
N GLY I 385 34.64 59.72 -43.27
CA GLY I 385 35.88 59.23 -42.71
C GLY I 385 37.06 60.14 -42.84
N GLN I 386 37.23 60.77 -43.98
CA GLN I 386 38.36 61.67 -44.20
C GLN I 386 38.37 62.77 -43.16
N LYS I 387 39.56 63.29 -42.83
CA LYS I 387 39.68 64.34 -41.82
C LYS I 387 38.80 65.51 -42.24
N THR I 388 37.94 65.98 -41.36
CA THR I 388 36.93 66.92 -41.79
C THR I 388 37.46 68.31 -42.03
N THR I 389 38.69 68.59 -41.62
CA THR I 389 39.32 69.88 -41.87
C THR I 389 40.06 69.95 -43.19
N THR I 390 40.30 68.79 -43.79
CA THR I 390 41.02 68.68 -45.05
C THR I 390 40.33 69.42 -46.19
N THR I 391 41.02 70.40 -46.75
CA THR I 391 40.55 71.03 -47.98
C THR I 391 41.03 70.28 -49.21
N GLY I 392 40.41 70.55 -50.34
CA GLY I 392 40.82 69.93 -51.58
C GLY I 392 39.95 68.75 -51.91
N GLU I 393 39.79 68.45 -53.19
CA GLU I 393 38.86 67.40 -53.59
C GLU I 393 39.53 66.04 -53.66
N THR I 394 40.75 65.91 -53.18
CA THR I 394 41.40 64.62 -53.25
C THR I 394 40.89 63.82 -52.05
N PRO I 395 40.34 62.61 -52.29
CA PRO I 395 39.68 61.74 -51.33
C PRO I 395 40.60 60.96 -50.43
N GLU I 396 40.13 60.51 -49.28
CA GLU I 396 40.90 59.59 -48.45
C GLU I 396 40.62 58.15 -48.92
N ARG I 397 41.58 57.24 -48.76
CA ARG I 397 41.42 55.88 -49.27
C ARG I 397 42.06 54.85 -48.36
N PHE I 398 41.71 53.58 -48.58
CA PHE I 398 42.41 52.48 -47.93
C PHE I 398 42.09 51.18 -48.63
N THR I 399 42.91 50.17 -48.38
CA THR I 399 42.62 48.86 -48.92
C THR I 399 42.51 47.86 -47.78
N TYR I 400 41.34 47.26 -47.63
CA TYR I 400 41.09 46.33 -46.54
C TYR I 400 41.74 44.99 -46.79
N ILE I 401 42.71 44.62 -45.98
CA ILE I 401 43.21 43.25 -46.09
C ILE I 401 42.75 42.37 -44.91
N ALA I 402 41.87 41.42 -45.21
CA ALA I 402 41.22 40.61 -44.17
C ALA I 402 42.21 39.74 -43.43
N HIS I 403 41.79 39.25 -42.28
CA HIS I 403 42.69 38.44 -41.49
C HIS I 403 42.65 37.02 -41.96
N GLN I 404 41.58 36.62 -42.65
CA GLN I 404 41.41 35.21 -42.98
C GLN I 404 42.29 34.74 -44.11
N ASP I 405 43.24 33.88 -43.77
CA ASP I 405 44.20 33.38 -44.76
C ASP I 405 43.57 32.29 -45.66
N THR I 406 42.84 32.74 -46.67
CA THR I 406 42.20 31.87 -47.66
C THR I 406 42.47 32.33 -49.09
N GLY I 407 43.40 33.25 -49.25
CA GLY I 407 43.68 33.81 -50.56
C GLY I 407 44.81 33.09 -51.23
N ARG I 408 45.44 33.73 -52.21
CA ARG I 408 46.53 33.12 -52.96
C ARG I 408 47.76 34.02 -53.05
N TYR I 409 48.92 33.41 -53.23
CA TYR I 409 50.14 34.14 -53.58
C TYR I 409 50.68 33.55 -54.88
N PRO I 410 50.12 33.97 -56.03
CA PRO I 410 50.32 33.33 -57.34
C PRO I 410 51.77 33.24 -57.75
N GLU I 411 52.60 34.12 -57.19
CA GLU I 411 54.02 34.06 -57.44
C GLU I 411 54.56 32.71 -57.02
N GLY I 412 53.83 32.03 -56.14
CA GLY I 412 54.23 30.73 -55.66
C GLY I 412 53.63 29.55 -56.39
N ASP I 413 52.81 29.80 -57.41
CA ASP I 413 52.15 28.71 -58.12
C ASP I 413 53.11 28.08 -59.10
N TRP I 414 52.84 26.86 -59.53
CA TRP I 414 53.56 26.28 -60.65
C TRP I 414 52.85 25.05 -61.12
N ILE I 415 53.27 24.49 -62.26
CA ILE I 415 52.67 23.28 -62.81
C ILE I 415 53.69 22.33 -63.37
N GLN I 416 53.81 21.13 -62.84
CA GLN I 416 54.82 20.20 -63.35
C GLN I 416 54.24 19.25 -64.37
N ASN I 417 55.11 18.66 -65.17
CA ASN I 417 54.70 17.67 -66.14
C ASN I 417 54.27 16.40 -65.44
N ILE I 418 53.42 15.62 -66.11
CA ILE I 418 52.88 14.37 -65.58
C ILE I 418 53.95 13.43 -65.00
N ASN I 419 55.15 13.42 -65.60
CA ASN I 419 56.15 12.42 -65.28
C ASN I 419 56.85 12.68 -63.96
N PHE I 420 56.79 13.92 -63.50
CA PHE I 420 57.34 14.30 -62.20
C PHE I 420 58.77 13.84 -62.06
N ASN I 421 59.54 14.03 -63.12
CA ASN I 421 60.94 13.73 -63.04
C ASN I 421 61.60 14.96 -62.46
N LEU I 422 62.04 14.85 -61.21
CA LEU I 422 62.50 16.04 -60.54
C LEU I 422 63.84 15.83 -59.83
N PRO I 423 64.63 16.90 -59.60
CA PRO I 423 64.49 18.35 -59.85
C PRO I 423 63.98 18.63 -61.24
N VAL I 424 63.02 19.52 -61.40
CA VAL I 424 62.27 19.56 -62.65
C VAL I 424 62.93 20.42 -63.74
N THR I 425 62.86 19.93 -64.97
CA THR I 425 63.40 20.62 -66.15
C THR I 425 62.64 21.91 -66.44
N ASP I 426 63.29 22.87 -67.06
CA ASP I 426 62.54 24.02 -67.46
C ASP I 426 61.45 23.73 -68.49
N ASP I 427 61.62 22.68 -69.28
CA ASP I 427 60.59 22.34 -70.26
C ASP I 427 59.41 21.61 -69.62
N ASN I 428 59.61 21.09 -68.42
CA ASN I 428 58.60 20.28 -67.75
C ASN I 428 57.84 21.06 -66.72
N VAL I 429 58.09 22.36 -66.65
CA VAL I 429 57.36 23.19 -65.70
C VAL I 429 56.92 24.49 -66.33
N LEU I 430 55.78 25.00 -65.87
CA LEU I 430 55.29 26.30 -66.23
C LEU I 430 55.20 27.15 -64.96
N LEU I 431 56.02 28.20 -64.88
CA LEU I 431 56.12 29.09 -63.72
C LEU I 431 55.34 30.37 -63.94
N PRO I 432 55.09 31.14 -62.86
CA PRO I 432 54.54 32.49 -62.98
C PRO I 432 55.54 33.51 -63.47
N THR I 433 56.70 33.01 -63.86
CA THR I 433 57.72 33.83 -64.46
C THR I 433 57.65 33.73 -65.98
N ASP I 434 57.36 32.52 -66.47
CA ASP I 434 57.37 32.28 -67.89
C ASP I 434 56.25 33.02 -68.59
N PRO I 435 56.60 33.85 -69.56
CA PRO I 435 55.61 34.65 -70.27
C PRO I 435 54.69 33.79 -71.09
N ILE I 436 53.48 34.31 -71.24
CA ILE I 436 52.38 33.60 -71.85
C ILE I 436 51.89 34.36 -73.06
N GLY I 437 51.71 33.66 -74.19
CA GLY I 437 51.24 34.33 -75.39
C GLY I 437 52.25 35.38 -75.79
N GLY I 438 53.47 35.12 -75.38
CA GLY I 438 54.60 35.95 -75.68
C GLY I 438 54.59 37.29 -74.98
N LYS I 439 53.95 37.42 -73.83
CA LYS I 439 53.95 38.73 -73.21
C LYS I 439 54.85 38.76 -71.98
N THR I 440 55.74 39.73 -71.90
CA THR I 440 56.64 39.83 -70.74
C THR I 440 55.88 39.93 -69.43
N GLY I 441 54.82 40.73 -69.40
CA GLY I 441 54.11 40.95 -68.16
C GLY I 441 52.91 40.06 -67.87
N ILE I 442 52.80 38.94 -68.56
CA ILE I 442 51.69 38.02 -68.35
C ILE I 442 52.14 36.58 -68.14
N ASN I 443 51.57 35.91 -67.16
CA ASN I 443 51.86 34.49 -66.91
C ASN I 443 50.59 33.69 -66.78
N TYR I 444 50.72 32.40 -66.56
CA TYR I 444 49.54 31.59 -66.62
C TYR I 444 48.59 31.92 -65.48
N THR I 445 49.12 32.34 -64.34
CA THR I 445 48.27 32.58 -63.18
C THR I 445 47.27 33.72 -63.41
N ASN I 446 47.51 34.53 -64.42
CA ASN I 446 46.62 35.64 -64.74
C ASN I 446 45.31 35.22 -65.35
N ILE I 447 45.26 34.01 -65.91
CA ILE I 447 44.05 33.48 -66.50
C ILE I 447 43.57 32.24 -65.77
N PHE I 448 44.17 31.95 -64.61
CA PHE I 448 43.97 30.69 -63.89
C PHE I 448 42.66 30.64 -63.09
N ASN I 449 42.07 29.44 -62.98
CA ASN I 449 40.87 29.24 -62.18
C ASN I 449 40.79 27.83 -61.62
N THR I 450 40.93 27.72 -60.31
CA THR I 450 40.85 26.41 -59.67
C THR I 450 39.62 26.27 -58.80
N TYR I 451 38.57 26.99 -59.14
CA TYR I 451 37.28 26.80 -58.49
C TYR I 451 36.72 25.47 -58.91
N GLY I 452 36.14 24.75 -57.96
CA GLY I 452 35.72 23.41 -58.23
C GLY I 452 34.98 22.79 -57.08
N PRO I 453 34.52 21.58 -57.28
CA PRO I 453 33.69 20.92 -56.29
C PRO I 453 34.40 20.62 -54.98
N LEU I 454 35.67 20.99 -54.84
CA LEU I 454 36.37 20.79 -53.58
C LEU I 454 36.66 22.13 -52.96
N THR I 455 36.08 23.17 -53.53
CA THR I 455 36.37 24.51 -53.05
C THR I 455 35.58 24.85 -51.78
N ALA I 456 36.27 25.41 -50.80
CA ALA I 456 35.68 25.90 -49.56
C ALA I 456 35.96 27.39 -49.41
N LEU I 457 35.04 28.13 -48.81
CA LEU I 457 35.11 29.60 -48.82
C LEU I 457 34.57 30.20 -47.56
N ASN I 458 34.96 31.44 -47.28
CA ASN I 458 34.19 32.22 -46.30
C ASN I 458 33.45 33.33 -47.00
N ASN I 459 32.55 33.98 -46.29
CA ASN I 459 31.86 35.16 -46.79
C ASN I 459 32.76 36.37 -46.54
N VAL I 460 32.48 37.50 -47.18
CA VAL I 460 33.31 38.68 -46.97
C VAL I 460 33.20 39.20 -45.56
N PRO I 461 34.31 39.67 -45.01
CA PRO I 461 34.24 40.26 -43.69
C PRO I 461 33.68 41.66 -43.76
N PRO I 462 33.01 42.09 -42.69
CA PRO I 462 32.43 43.43 -42.65
C PRO I 462 33.52 44.50 -42.62
N VAL I 463 33.33 45.53 -43.43
CA VAL I 463 34.33 46.56 -43.51
C VAL I 463 33.90 47.81 -42.80
N TYR I 464 34.44 48.06 -41.61
CA TYR I 464 34.05 49.26 -40.86
C TYR I 464 34.98 50.41 -41.18
N PRO I 465 34.43 51.63 -41.35
CA PRO I 465 33.03 52.03 -41.32
C PRO I 465 32.37 52.17 -42.68
N ASN I 466 33.15 52.03 -43.73
CA ASN I 466 32.68 52.37 -45.05
C ASN I 466 31.94 51.26 -45.76
N GLY I 467 31.92 50.09 -45.16
CA GLY I 467 31.28 48.94 -45.78
C GLY I 467 29.77 48.99 -45.80
N GLN I 468 29.20 48.29 -46.77
CA GLN I 468 27.77 48.11 -46.88
C GLN I 468 27.38 47.08 -45.81
N ILE I 469 26.11 47.06 -45.40
CA ILE I 469 25.68 46.08 -44.41
C ILE I 469 24.93 44.94 -45.07
N TRP I 470 23.85 45.27 -45.76
CA TRP I 470 23.07 44.27 -46.46
C TRP I 470 22.91 44.61 -47.92
N ASP I 471 22.49 43.61 -48.69
CA ASP I 471 22.41 43.73 -50.13
C ASP I 471 21.31 42.82 -50.66
N LYS I 472 20.60 43.29 -51.68
CA LYS I 472 19.54 42.49 -52.28
C LYS I 472 20.17 41.33 -53.03
N GLU I 473 19.42 40.27 -53.22
CA GLU I 473 19.92 39.15 -53.97
C GLU I 473 19.50 39.32 -55.42
N PHE I 474 20.34 38.87 -56.34
CA PHE I 474 20.01 38.95 -57.76
C PHE I 474 18.77 38.16 -58.09
N ASP I 475 17.86 38.71 -58.88
CA ASP I 475 16.69 37.96 -59.27
C ASP I 475 17.02 37.04 -60.42
N THR I 476 18.08 36.28 -60.27
CA THR I 476 18.47 35.34 -61.28
C THR I 476 18.02 33.94 -60.86
N ASP I 477 17.77 33.07 -61.82
CA ASP I 477 17.30 31.73 -61.50
C ASP I 477 18.28 30.95 -60.65
N LEU I 478 19.58 31.16 -60.87
CA LEU I 478 20.60 30.57 -60.02
C LEU I 478 21.37 31.70 -59.33
N LYS I 479 21.76 31.52 -58.07
CA LYS I 479 22.21 32.70 -57.32
C LYS I 479 23.68 32.63 -56.93
N PRO I 480 24.29 33.77 -56.59
CA PRO I 480 25.69 33.74 -56.18
C PRO I 480 25.87 33.16 -54.80
N ARG I 481 26.96 32.46 -54.52
CA ARG I 481 27.19 31.97 -53.18
C ARG I 481 27.51 33.08 -52.21
N LEU I 482 27.80 34.27 -52.73
CA LEU I 482 27.95 35.44 -51.89
C LEU I 482 28.04 36.67 -52.71
N HIS I 483 28.14 37.81 -52.03
CA HIS I 483 28.41 39.09 -52.68
C HIS I 483 29.65 39.62 -52.02
N VAL I 484 30.40 40.47 -52.71
CA VAL I 484 31.64 40.98 -52.16
C VAL I 484 31.43 42.35 -51.55
N ASN I 485 30.24 42.91 -51.69
CA ASN I 485 30.03 44.25 -51.17
C ASN I 485 29.38 44.27 -49.80
N ALA I 486 28.80 43.15 -49.39
CA ALA I 486 28.10 43.09 -48.11
C ALA I 486 28.05 41.66 -47.58
N PRO I 487 28.05 41.52 -46.26
CA PRO I 487 27.99 40.19 -45.65
C PRO I 487 26.57 39.61 -45.55
N PHE I 488 25.56 40.45 -45.41
CA PHE I 488 24.19 39.95 -45.32
C PHE I 488 23.43 40.12 -46.64
N VAL I 489 22.90 39.02 -47.14
CA VAL I 489 22.11 39.06 -48.36
C VAL I 489 20.69 38.61 -48.12
N CYS I 490 19.75 39.49 -48.45
CA CYS I 490 18.33 39.18 -48.28
C CYS I 490 17.82 38.31 -49.39
N GLN I 491 17.61 37.01 -49.17
CA GLN I 491 17.03 36.28 -50.28
C GLN I 491 15.51 36.52 -50.18
N ASN I 492 15.03 36.61 -48.95
CA ASN I 492 13.68 37.08 -48.64
C ASN I 492 13.14 38.15 -49.57
N ASN I 493 13.39 39.38 -49.16
CA ASN I 493 12.99 40.62 -49.76
C ASN I 493 13.77 41.62 -48.90
N CYS I 494 14.39 42.65 -49.45
CA CYS I 494 15.09 43.58 -48.58
C CYS I 494 14.22 44.76 -48.26
N PRO I 495 14.57 45.50 -47.20
CA PRO I 495 13.80 46.70 -46.95
C PRO I 495 13.76 47.56 -48.19
N GLY I 496 12.66 48.24 -48.42
CA GLY I 496 12.55 49.07 -49.59
C GLY I 496 13.36 50.34 -49.49
N GLN I 497 13.71 50.93 -50.63
CA GLN I 497 14.48 52.15 -50.61
C GLN I 497 13.60 53.34 -50.29
N LEU I 498 14.17 54.32 -49.60
CA LEU I 498 13.40 55.46 -49.15
C LEU I 498 13.73 56.74 -49.91
N PHE I 499 12.74 57.36 -50.55
CA PHE I 499 12.98 58.54 -51.37
C PHE I 499 12.30 59.80 -50.87
N VAL I 500 13.02 60.90 -50.94
CA VAL I 500 12.44 62.17 -50.57
C VAL I 500 12.58 63.11 -51.75
N LYS I 501 11.85 64.23 -51.72
CA LYS I 501 11.81 65.18 -52.83
C LYS I 501 11.09 66.43 -52.41
N VAL I 502 11.64 67.60 -52.71
CA VAL I 502 10.92 68.81 -52.39
C VAL I 502 9.75 68.98 -53.33
N ALA I 503 8.59 69.27 -52.78
CA ALA I 503 7.42 69.47 -53.62
C ALA I 503 7.60 70.74 -54.41
N PRO I 504 7.13 70.75 -55.66
CA PRO I 504 7.19 71.92 -56.52
C PRO I 504 6.52 73.14 -55.92
N ASN I 505 7.27 74.17 -55.55
CA ASN I 505 6.70 75.38 -54.98
C ASN I 505 6.56 76.49 -56.01
N LEU I 506 5.41 76.54 -56.68
CA LEU I 506 5.27 77.38 -57.86
C LEU I 506 5.11 78.86 -57.55
N THR I 507 5.54 79.68 -58.51
CA THR I 507 5.33 81.12 -58.49
C THR I 507 3.98 81.38 -59.10
N ASN I 508 3.60 82.65 -59.28
CA ASN I 508 2.27 82.91 -59.81
C ASN I 508 2.15 82.76 -61.30
N GLN I 509 3.25 82.90 -62.01
CA GLN I 509 3.20 82.66 -63.44
C GLN I 509 3.71 81.27 -63.70
N TYR I 510 2.82 80.40 -64.13
CA TYR I 510 3.20 79.06 -64.50
C TYR I 510 2.39 78.70 -65.72
N ASP I 511 3.05 78.41 -66.82
CA ASP I 511 2.35 77.97 -68.02
C ASP I 511 2.89 76.65 -68.45
N PRO I 512 2.11 75.61 -68.22
CA PRO I 512 2.58 74.29 -68.58
C PRO I 512 2.69 74.10 -70.08
N ASP I 513 1.83 74.72 -70.88
CA ASP I 513 1.92 74.54 -72.33
C ASP I 513 3.09 75.32 -72.88
N ALA I 514 3.73 76.11 -72.03
CA ALA I 514 4.93 76.83 -72.41
C ALA I 514 6.18 75.94 -72.30
N SER I 515 7.03 76.00 -73.32
CA SER I 515 8.32 75.31 -73.34
C SER I 515 9.26 75.80 -72.25
N ALA I 516 9.22 77.11 -72.02
CA ALA I 516 10.14 77.79 -71.11
C ALA I 516 10.31 77.09 -69.77
N ASN I 517 11.40 77.40 -69.08
CA ASN I 517 11.64 76.82 -67.78
C ASN I 517 10.54 77.12 -66.80
N MET I 518 10.29 76.10 -66.00
CA MET I 518 9.40 76.18 -64.88
C MET I 518 10.04 77.10 -63.85
N SER I 519 9.37 78.20 -63.57
CA SER I 519 9.90 79.12 -62.60
C SER I 519 9.25 78.72 -61.29
N ARG I 520 10.10 78.40 -60.34
CA ARG I 520 9.68 77.90 -59.05
C ARG I 520 10.27 78.78 -57.97
N ILE I 521 9.54 78.94 -56.88
CA ILE I 521 10.07 79.62 -55.71
C ILE I 521 11.25 78.82 -55.19
N VAL I 522 12.34 79.51 -54.84
CA VAL I 522 13.49 78.78 -54.37
C VAL I 522 13.20 78.14 -53.02
N THR I 523 13.19 76.82 -52.99
CA THR I 523 12.80 76.11 -51.79
C THR I 523 13.70 74.95 -51.41
N TYR I 524 13.85 74.78 -50.12
CA TYR I 524 14.59 73.66 -49.59
C TYR I 524 13.99 73.21 -48.28
N SER I 525 14.41 72.03 -47.83
CA SER I 525 13.86 71.46 -46.61
C SER I 525 14.93 70.91 -45.68
N ASP I 526 14.67 71.04 -44.39
CA ASP I 526 15.43 70.38 -43.35
C ASP I 526 14.55 69.35 -42.69
N PHE I 527 15.01 68.11 -42.58
CA PHE I 527 14.24 67.13 -41.83
C PHE I 527 15.14 66.13 -41.10
N TRP I 528 14.61 65.57 -40.02
CA TRP I 528 15.35 64.64 -39.22
C TRP I 528 15.00 63.21 -39.56
N TRP I 529 16.00 62.34 -39.52
CA TRP I 529 15.83 60.94 -39.80
C TRP I 529 16.26 60.15 -38.60
N LYS I 530 15.46 59.17 -38.19
CA LYS I 530 15.84 58.25 -37.13
C LYS I 530 15.69 56.81 -37.56
N GLY I 531 16.67 55.98 -37.24
CA GLY I 531 16.60 54.60 -37.63
C GLY I 531 16.88 53.68 -36.48
N LYS I 532 16.41 52.45 -36.59
CA LYS I 532 16.75 51.47 -35.60
C LYS I 532 17.10 50.16 -36.27
N LEU I 533 18.36 49.77 -36.09
CA LEU I 533 18.85 48.55 -36.67
C LEU I 533 19.15 47.59 -35.54
N VAL I 534 18.51 46.43 -35.56
CA VAL I 534 18.70 45.47 -34.49
C VAL I 534 19.47 44.23 -34.93
N PHE I 535 20.53 43.93 -34.19
CA PHE I 535 21.31 42.73 -34.43
C PHE I 535 21.13 41.80 -33.26
N LYS I 536 21.46 40.53 -33.44
CA LYS I 536 21.53 39.67 -32.28
C LYS I 536 22.79 38.83 -32.43
N ALA I 537 23.67 38.94 -31.44
CA ALA I 537 25.00 38.33 -31.51
C ALA I 537 25.26 37.36 -30.37
N LYS I 538 26.40 36.67 -30.44
CA LYS I 538 26.76 35.64 -29.47
C LYS I 538 28.19 35.83 -28.91
N LEU I 539 28.35 35.76 -27.59
CA LEU I 539 29.64 36.01 -26.94
C LEU I 539 30.63 34.90 -27.22
N ARG I 540 31.90 35.23 -27.44
CA ARG I 540 32.92 34.21 -27.72
C ARG I 540 33.46 33.63 -26.45
N ALA I 541 34.20 32.54 -26.59
CA ALA I 541 34.82 31.92 -25.45
C ALA I 541 36.26 31.53 -25.77
N SER I 542 37.10 31.56 -24.74
CA SER I 542 38.49 31.21 -24.92
C SER I 542 38.69 29.72 -25.05
N HIS I 543 39.32 29.29 -26.13
CA HIS I 543 39.61 27.87 -26.29
C HIS I 543 41.09 27.57 -26.38
N THR I 544 41.93 28.57 -26.21
CA THR I 544 43.37 28.35 -26.27
C THR I 544 44.08 28.84 -25.03
N TRP I 545 45.30 28.38 -24.86
CA TRP I 545 46.11 28.83 -23.76
C TRP I 545 46.51 30.26 -23.97
N ASN I 546 46.79 30.61 -25.22
CA ASN I 546 47.31 31.93 -25.53
C ASN I 546 46.20 32.97 -25.63
N PRO I 547 46.53 34.23 -25.36
CA PRO I 547 45.57 35.27 -25.65
C PRO I 547 45.50 35.48 -27.14
N ILE I 548 44.69 36.43 -27.61
CA ILE I 548 44.45 36.60 -29.05
C ILE I 548 44.38 38.05 -29.55
N GLN I 549 44.27 38.18 -30.86
CA GLN I 549 44.14 39.46 -31.54
C GLN I 549 43.03 40.25 -30.90
N GLN I 550 43.22 41.53 -30.55
CA GLN I 550 42.06 42.38 -30.18
C GLN I 550 42.31 43.86 -30.40
N MET I 551 41.28 44.66 -30.69
CA MET I 551 41.51 46.10 -30.87
C MET I 551 41.94 46.81 -29.64
N SER I 552 42.67 47.92 -29.81
CA SER I 552 42.85 48.84 -28.71
C SER I 552 43.56 50.09 -29.17
N ILE I 553 43.89 50.95 -28.23
CA ILE I 553 44.89 51.98 -28.45
C ILE I 553 45.86 51.75 -27.33
N ASN I 554 47.20 51.73 -27.51
CA ASN I 554 48.09 52.19 -28.59
C ASN I 554 48.44 53.63 -28.46
N VAL I 555 49.74 53.87 -28.44
CA VAL I 555 50.31 55.20 -28.32
C VAL I 555 50.38 55.80 -29.69
N ASP I 556 50.66 54.94 -30.67
CA ASP I 556 50.30 55.23 -32.06
C ASP I 556 48.79 55.19 -32.06
N ASN I 557 48.16 55.40 -33.20
CA ASN I 557 46.77 55.03 -33.29
C ASN I 557 45.86 55.99 -32.46
N GLN I 558 46.18 56.14 -31.20
CA GLN I 558 45.47 56.98 -30.26
C GLN I 558 44.87 58.31 -30.73
N PHE I 559 45.31 58.86 -31.84
CA PHE I 559 44.80 60.19 -32.13
C PHE I 559 43.75 60.22 -33.17
N ASN I 560 43.39 59.05 -33.68
CA ASN I 560 42.33 58.94 -34.67
C ASN I 560 40.95 58.77 -34.07
N TYR I 561 40.86 58.95 -32.77
CA TYR I 561 39.63 58.65 -32.09
C TYR I 561 39.22 59.81 -31.22
N VAL I 562 39.82 60.95 -31.50
CA VAL I 562 39.50 62.19 -30.80
C VAL I 562 39.54 63.30 -31.83
N PRO I 563 38.82 64.39 -31.57
CA PRO I 563 38.87 65.54 -32.47
C PRO I 563 40.18 66.25 -32.32
N SER I 564 40.27 67.44 -32.88
CA SER I 564 41.51 68.19 -32.93
C SER I 564 41.36 69.51 -32.22
N ASN I 565 42.37 70.37 -32.32
CA ASN I 565 42.31 71.75 -31.84
C ASN I 565 41.11 72.50 -32.40
N ILE I 566 40.79 72.20 -33.65
CA ILE I 566 39.57 72.72 -34.27
C ILE I 566 38.58 71.59 -34.18
N GLY I 567 37.53 71.63 -34.97
CA GLY I 567 36.53 70.60 -34.86
C GLY I 567 36.82 69.27 -35.51
N GLY I 568 38.00 68.71 -35.28
CA GLY I 568 38.31 67.35 -35.71
C GLY I 568 38.03 67.27 -37.19
N MET I 569 37.72 66.09 -37.75
CA MET I 569 37.76 64.78 -37.12
C MET I 569 37.81 63.70 -38.18
N LYS I 570 37.92 62.45 -37.75
CA LYS I 570 38.34 61.36 -38.60
C LYS I 570 37.70 60.05 -38.15
N ILE I 571 37.37 59.19 -39.10
CA ILE I 571 37.00 57.84 -38.74
C ILE I 571 37.86 56.87 -39.50
N VAL I 572 38.42 55.91 -38.80
CA VAL I 572 39.45 55.10 -39.41
C VAL I 572 39.01 53.66 -39.71
N TYR I 573 39.45 53.18 -40.87
CA TYR I 573 39.29 51.80 -41.31
C TYR I 573 39.65 50.86 -40.20
N GLU I 574 38.92 49.76 -40.00
CA GLU I 574 39.25 48.91 -38.85
C GLU I 574 38.85 47.45 -38.71
N LYS I 575 38.97 46.64 -39.74
CA LYS I 575 38.92 45.19 -39.58
C LYS I 575 37.66 44.71 -38.89
N SER I 576 37.62 43.45 -38.46
CA SER I 576 36.39 42.92 -37.87
C SER I 576 36.45 41.46 -37.43
N GLN I 577 37.31 40.66 -38.05
CA GLN I 577 37.32 39.24 -37.72
C GLN I 577 38.59 38.93 -36.97
N LEU I 578 38.70 39.46 -35.76
CA LEU I 578 39.98 39.47 -35.11
C LEU I 578 40.43 38.14 -34.54
N ALA I 579 39.49 37.36 -34.04
CA ALA I 579 39.81 36.13 -33.33
C ALA I 579 39.89 34.94 -34.26
N PRO I 580 40.81 34.02 -34.00
CA PRO I 580 41.00 32.84 -34.84
C PRO I 580 39.86 31.86 -34.74
N ARG I 581 39.70 31.00 -35.75
CA ARG I 581 38.62 30.05 -35.70
C ARG I 581 39.22 28.68 -35.65
N LYS I 582 39.18 27.97 -36.76
CA LYS I 582 39.63 26.59 -36.88
C LYS I 582 38.87 26.03 -38.03
N LEU I 583 39.54 25.79 -39.14
CA LEU I 583 38.88 25.15 -40.26
C LEU I 583 38.61 23.72 -39.98
N TYR I 584 39.61 23.03 -39.47
CA TYR I 584 39.63 21.57 -39.44
C TYR I 584 40.30 21.07 -38.15
N GLY J 37 -5.13 71.25 -39.86
CA GLY J 37 -4.81 72.66 -39.69
C GLY J 37 -3.70 73.13 -40.62
N VAL J 38 -2.99 74.19 -40.23
CA VAL J 38 -1.95 74.74 -41.10
C VAL J 38 -0.90 73.71 -41.53
N GLY J 39 -0.08 73.26 -40.59
CA GLY J 39 1.05 72.44 -40.97
C GLY J 39 0.77 70.96 -41.05
N ILE J 40 -0.45 70.59 -41.43
CA ILE J 40 -0.79 69.18 -41.49
C ILE J 40 -1.45 68.82 -42.81
N SER J 41 -0.85 67.89 -43.56
CA SER J 41 -1.33 67.54 -44.89
C SER J 41 -2.69 66.92 -44.80
N THR J 42 -3.46 66.99 -45.87
CA THR J 42 -4.84 66.54 -45.87
C THR J 42 -5.10 65.51 -46.95
N GLY J 43 -4.06 64.85 -47.41
CA GLY J 43 -4.24 63.85 -48.44
C GLY J 43 -3.01 63.13 -48.91
N THR J 44 -3.19 62.24 -49.87
CA THR J 44 -2.09 61.44 -50.34
C THR J 44 -1.92 61.36 -51.85
N PHE J 45 -0.71 61.62 -52.32
CA PHE J 45 -0.43 61.50 -53.74
C PHE J 45 -0.43 60.03 -54.15
N ASN J 46 -1.17 59.68 -55.20
CA ASN J 46 -1.18 58.31 -55.71
C ASN J 46 -1.53 58.21 -57.17
N ASN J 47 -0.55 57.91 -58.01
CA ASN J 47 -0.79 57.80 -59.43
C ASN J 47 -0.49 56.39 -59.90
N GLN J 48 -1.00 55.46 -59.13
CA GLN J 48 -0.69 54.05 -59.26
C GLN J 48 -1.81 53.33 -59.98
N THR J 49 -1.48 52.35 -60.80
CA THR J 49 -2.52 51.63 -61.53
C THR J 49 -2.56 50.17 -61.14
N GLU J 50 -3.61 49.73 -60.44
CA GLU J 50 -3.63 48.36 -59.95
C GLU J 50 -4.51 47.45 -60.77
N PHE J 51 -3.99 46.29 -61.08
CA PHE J 51 -4.74 45.32 -61.83
C PHE J 51 -5.07 44.14 -60.98
N LYS J 52 -6.31 44.03 -60.51
CA LYS J 52 -6.62 42.94 -59.61
C LYS J 52 -7.41 41.89 -60.32
N PHE J 53 -6.78 40.74 -60.50
CA PHE J 53 -7.32 39.63 -61.27
C PHE J 53 -8.21 38.75 -60.39
N LEU J 54 -9.39 38.40 -60.88
CA LEU J 54 -10.36 37.62 -60.11
C LEU J 54 -10.63 36.31 -60.84
N GLU J 55 -11.68 35.60 -60.45
CA GLU J 55 -12.00 34.34 -61.11
C GLU J 55 -12.80 34.54 -62.38
N ASN J 56 -12.71 33.53 -63.26
CA ASN J 56 -13.33 33.54 -64.58
C ASN J 56 -12.86 34.70 -65.45
N GLY J 57 -11.60 35.06 -65.27
CA GLY J 57 -10.97 36.07 -66.09
C GLY J 57 -11.56 37.47 -66.05
N TRP J 58 -12.18 37.85 -64.96
CA TRP J 58 -12.59 39.24 -64.81
C TRP J 58 -11.48 39.99 -64.13
N VAL J 59 -11.14 41.15 -64.66
CA VAL J 59 -10.11 41.96 -64.05
C VAL J 59 -10.70 43.28 -63.54
N TYR J 60 -10.05 43.83 -62.52
CA TYR J 60 -10.57 44.96 -61.76
C TYR J 60 -9.51 46.05 -61.80
N ILE J 61 -9.52 46.82 -62.88
CA ILE J 61 -8.50 47.84 -63.13
C ILE J 61 -8.81 49.10 -62.39
N THR J 62 -7.99 49.40 -61.40
CA THR J 62 -8.18 50.58 -60.61
C THR J 62 -7.11 51.60 -60.93
N ALA J 63 -7.47 52.59 -61.74
CA ALA J 63 -6.51 53.58 -62.15
C ALA J 63 -6.58 54.76 -61.24
N ASN J 64 -5.49 54.97 -60.52
CA ASN J 64 -5.34 56.13 -59.67
C ASN J 64 -4.55 57.22 -60.39
N SER J 65 -4.91 58.46 -60.12
CA SER J 65 -4.30 59.60 -60.79
C SER J 65 -4.17 60.77 -59.85
N SER J 66 -3.00 61.39 -59.83
CA SER J 66 -2.83 62.57 -59.01
C SER J 66 -2.04 63.64 -59.72
N ARG J 67 -2.39 64.91 -59.48
CA ARG J 67 -1.70 66.03 -60.10
C ARG J 67 -1.57 67.21 -59.17
N LEU J 68 -0.52 68.01 -59.32
CA LEU J 68 -0.43 69.29 -58.64
C LEU J 68 -1.04 70.35 -59.55
N VAL J 69 -1.93 71.17 -59.01
CA VAL J 69 -2.69 72.06 -59.87
C VAL J 69 -2.45 73.53 -59.59
N HIS J 70 -2.35 74.32 -60.65
CA HIS J 70 -2.08 75.73 -60.50
C HIS J 70 -3.25 76.53 -61.02
N LEU J 71 -3.64 77.58 -60.30
CA LEU J 71 -4.81 78.37 -60.65
C LEU J 71 -4.69 79.83 -60.22
N ASN J 72 -4.87 80.77 -61.14
CA ASN J 72 -4.79 82.19 -60.77
C ASN J 72 -6.16 82.79 -60.61
N MET J 73 -6.20 83.99 -60.05
CA MET J 73 -7.48 84.63 -59.83
C MET J 73 -8.08 85.02 -61.17
N PRO J 74 -9.40 85.18 -61.23
CA PRO J 74 -10.10 85.48 -62.48
C PRO J 74 -9.69 86.82 -63.01
N GLU J 75 -9.82 87.01 -64.32
CA GLU J 75 -9.44 88.26 -64.95
C GLU J 75 -10.37 89.37 -64.47
N SER J 76 -11.62 89.01 -64.24
CA SER J 76 -12.55 89.85 -63.50
C SER J 76 -13.56 88.92 -62.84
N GLU J 77 -14.11 89.37 -61.73
CA GLU J 77 -15.01 88.56 -60.93
C GLU J 77 -16.42 88.54 -61.51
N ASN J 78 -16.55 88.78 -62.81
CA ASN J 78 -17.86 88.90 -63.44
C ASN J 78 -18.18 87.87 -64.49
N TYR J 79 -19.48 87.68 -64.71
CA TYR J 79 -19.96 86.89 -65.83
C TYR J 79 -20.14 87.83 -67.03
N ARG J 80 -19.76 87.39 -68.21
CA ARG J 80 -19.85 88.23 -69.41
C ARG J 80 -20.49 87.53 -70.59
N ARG J 81 -21.39 88.20 -71.31
CA ARG J 81 -21.87 87.67 -72.58
C ARG J 81 -21.08 88.24 -73.74
N VAL J 82 -20.21 87.41 -74.30
CA VAL J 82 -19.35 87.83 -75.39
C VAL J 82 -19.73 87.18 -76.69
N VAL J 83 -19.74 87.95 -77.77
CA VAL J 83 -20.04 87.43 -79.08
C VAL J 83 -18.82 87.41 -79.94
N VAL J 84 -18.63 86.30 -80.64
CA VAL J 84 -17.57 86.22 -81.61
C VAL J 84 -18.14 86.31 -83.02
N ASN J 85 -17.52 87.12 -83.88
CA ASN J 85 -18.01 87.30 -85.24
C ASN J 85 -16.93 87.56 -86.27
N ASN J 86 -16.60 86.53 -87.03
CA ASN J 86 -15.58 86.68 -88.06
C ASN J 86 -16.16 86.90 -89.45
N LEU J 87 -16.73 88.08 -89.72
CA LEU J 87 -17.03 88.41 -91.10
C LEU J 87 -15.73 88.58 -91.86
N ASP J 88 -14.69 88.90 -91.11
CA ASP J 88 -13.34 89.02 -91.63
C ASP J 88 -12.98 87.89 -92.56
N LYS J 89 -13.47 86.70 -92.23
CA LYS J 89 -13.07 85.50 -92.93
C LYS J 89 -14.19 84.93 -93.77
N THR J 90 -15.42 85.17 -93.37
CA THR J 90 -16.59 84.54 -94.00
C THR J 90 -17.05 85.29 -95.24
N ALA J 91 -16.77 86.59 -95.24
CA ALA J 91 -17.21 87.43 -96.34
C ALA J 91 -16.47 87.11 -97.62
N VAL J 92 -15.50 86.21 -97.51
CA VAL J 92 -14.58 85.90 -98.60
C VAL J 92 -15.22 85.16 -99.77
N ASN J 93 -16.35 84.50 -99.53
CA ASN J 93 -17.06 83.73 -100.57
C ASN J 93 -16.24 82.52 -100.92
N GLY J 94 -16.77 81.35 -100.61
CA GLY J 94 -16.04 80.11 -100.75
C GLY J 94 -15.40 79.81 -99.42
N ASN J 95 -15.67 80.68 -98.46
CA ASN J 95 -15.11 80.52 -97.14
C ASN J 95 -16.13 80.23 -96.05
N MET J 96 -17.28 79.68 -96.41
CA MET J 96 -18.32 79.44 -95.42
C MET J 96 -17.82 78.52 -94.31
N ALA J 97 -17.06 77.50 -94.69
CA ALA J 97 -16.59 76.52 -93.73
C ALA J 97 -15.68 77.13 -92.68
N LEU J 98 -15.27 78.38 -92.88
CA LEU J 98 -14.37 78.97 -91.91
C LEU J 98 -15.13 79.82 -90.91
N ASP J 99 -16.43 79.57 -90.79
CA ASP J 99 -17.24 80.32 -89.83
C ASP J 99 -16.85 80.00 -88.39
N ASP J 100 -16.70 81.03 -87.57
CA ASP J 100 -16.47 80.83 -86.13
C ASP J 100 -17.52 81.58 -85.32
N THR J 101 -18.55 82.09 -85.98
CA THR J 101 -19.45 83.03 -85.32
C THR J 101 -20.29 82.39 -84.25
N HIS J 102 -20.18 82.90 -83.02
CA HIS J 102 -20.99 82.41 -81.92
C HIS J 102 -21.03 83.33 -80.69
N ALA J 103 -21.91 82.99 -79.76
CA ALA J 103 -22.05 83.74 -78.50
C ALA J 103 -21.73 82.83 -77.32
N GLU J 104 -21.38 83.44 -76.19
CA GLU J 104 -20.67 82.73 -75.14
C GLU J 104 -20.82 83.45 -73.79
N ILE J 105 -20.98 82.72 -72.67
CA ILE J 105 -21.04 83.40 -71.35
C ILE J 105 -19.79 83.26 -70.49
N VAL J 106 -18.97 84.31 -70.30
CA VAL J 106 -17.66 84.18 -69.62
C VAL J 106 -17.70 83.99 -68.12
N THR J 107 -17.09 82.93 -67.62
CA THR J 107 -17.19 82.72 -66.19
C THR J 107 -15.90 82.97 -65.46
N PRO J 108 -16.01 83.42 -64.21
CA PRO J 108 -14.83 83.56 -63.36
C PRO J 108 -14.39 82.21 -62.83
N TRP J 109 -15.01 81.16 -63.31
CA TRP J 109 -14.71 79.84 -62.81
C TRP J 109 -13.81 79.08 -63.77
N SER J 110 -13.03 78.15 -63.22
CA SER J 110 -12.21 77.26 -64.02
C SER J 110 -12.71 75.81 -63.89
N LEU J 111 -12.54 75.00 -64.92
CA LEU J 111 -13.06 73.64 -64.89
C LEU J 111 -11.98 72.57 -64.81
N VAL J 112 -12.10 71.70 -63.83
CA VAL J 112 -11.17 70.59 -63.70
C VAL J 112 -11.73 69.35 -64.39
N ASP J 113 -11.36 69.15 -65.63
CA ASP J 113 -11.88 68.02 -66.38
C ASP J 113 -10.77 67.01 -66.53
N ALA J 114 -11.04 65.77 -66.15
CA ALA J 114 -10.05 64.69 -66.28
C ALA J 114 -10.53 63.61 -67.24
N ASN J 115 -11.47 63.99 -68.10
CA ASN J 115 -12.12 63.08 -69.03
C ASN J 115 -11.31 62.90 -70.29
N ALA J 116 -10.20 62.17 -70.17
CA ALA J 116 -9.37 61.80 -71.30
C ALA J 116 -8.42 60.70 -70.88
N TRP J 117 -8.23 59.72 -71.75
CA TRP J 117 -7.47 58.53 -71.37
C TRP J 117 -6.09 58.84 -70.84
N GLY J 118 -5.52 59.95 -71.27
CA GLY J 118 -4.16 60.21 -70.87
C GLY J 118 -4.05 60.51 -69.41
N VAL J 119 -5.14 60.90 -68.77
CA VAL J 119 -5.03 61.23 -67.37
C VAL J 119 -4.84 60.00 -66.49
N TRP J 120 -5.28 58.85 -67.00
CA TRP J 120 -5.41 57.66 -66.18
C TRP J 120 -4.42 56.56 -66.54
N PHE J 121 -3.93 56.56 -67.76
CA PHE J 121 -2.97 55.52 -68.11
C PHE J 121 -1.70 56.04 -68.78
N ASN J 122 -0.58 55.43 -68.44
CA ASN J 122 0.65 55.62 -69.20
C ASN J 122 0.63 54.58 -70.32
N PRO J 123 1.56 54.67 -71.28
CA PRO J 123 1.54 53.67 -72.35
C PRO J 123 1.59 52.23 -71.89
N GLY J 124 2.40 51.96 -70.88
CA GLY J 124 2.54 50.60 -70.37
C GLY J 124 1.24 49.97 -69.91
N ASP J 125 0.46 50.73 -69.16
CA ASP J 125 -0.86 50.32 -68.72
C ASP J 125 -1.68 50.04 -69.96
N TRP J 126 -1.66 50.99 -70.88
CA TRP J 126 -2.45 50.88 -72.08
C TRP J 126 -2.05 49.67 -72.89
N GLN J 127 -0.77 49.36 -72.90
CA GLN J 127 -0.32 48.17 -73.59
C GLN J 127 -1.02 46.95 -73.08
N LEU J 128 -0.98 46.83 -71.76
CA LEU J 128 -1.52 45.68 -71.05
C LEU J 128 -2.97 45.47 -71.37
N ILE J 129 -3.74 46.53 -71.23
CA ILE J 129 -5.18 46.50 -71.43
C ILE J 129 -5.50 46.01 -72.82
N VAL J 130 -4.93 46.70 -73.79
CA VAL J 130 -5.29 46.49 -75.16
C VAL J 130 -4.85 45.13 -75.67
N ASN J 131 -3.71 44.62 -75.23
CA ASN J 131 -3.25 43.37 -75.79
C ASN J 131 -3.91 42.13 -75.23
N THR J 132 -4.39 42.22 -73.99
CA THR J 132 -4.76 41.00 -73.30
C THR J 132 -6.24 40.87 -73.01
N MET J 133 -6.98 41.96 -73.13
CA MET J 133 -8.37 41.90 -72.75
C MET J 133 -9.36 42.22 -73.84
N SER J 134 -10.52 41.58 -73.77
CA SER J 134 -11.45 41.61 -74.87
C SER J 134 -12.47 42.73 -74.77
N GLU J 135 -12.80 43.14 -73.55
CA GLU J 135 -13.76 44.23 -73.37
C GLU J 135 -13.49 45.01 -72.10
N LEU J 136 -14.26 46.07 -71.88
CA LEU J 136 -13.98 47.01 -70.83
C LEU J 136 -15.23 47.70 -70.27
N HIS J 137 -15.52 47.54 -68.98
CA HIS J 137 -16.67 48.25 -68.41
C HIS J 137 -16.22 49.38 -67.54
N LEU J 138 -17.03 50.40 -67.52
CA LEU J 138 -16.74 51.57 -66.74
C LEU J 138 -17.47 51.46 -65.44
N VAL J 139 -16.75 51.34 -64.33
CA VAL J 139 -17.42 51.04 -63.08
C VAL J 139 -17.67 52.19 -62.10
N SER J 140 -16.62 52.90 -61.70
CA SER J 140 -16.78 53.94 -60.70
C SER J 140 -15.79 55.05 -60.86
N PHE J 141 -16.11 56.19 -60.27
CA PHE J 141 -15.26 57.36 -60.40
C PHE J 141 -15.40 58.24 -59.20
N GLU J 142 -14.29 58.55 -58.57
CA GLU J 142 -14.30 59.42 -57.42
C GLU J 142 -13.11 60.39 -57.46
N GLN J 143 -13.21 61.52 -56.76
CA GLN J 143 -12.11 62.46 -56.74
C GLN J 143 -12.09 63.36 -55.51
N GLU J 144 -10.91 63.88 -55.18
CA GLU J 144 -10.76 64.81 -54.06
C GLU J 144 -9.68 65.88 -54.29
N ILE J 145 -9.75 66.95 -53.49
CA ILE J 145 -8.82 68.05 -53.56
C ILE J 145 -8.18 68.26 -52.21
N PHE J 146 -6.86 68.28 -52.14
CA PHE J 146 -6.20 68.38 -50.85
C PHE J 146 -4.91 69.18 -50.83
N ASN J 147 -4.40 69.42 -49.62
CA ASN J 147 -3.20 70.21 -49.43
C ASN J 147 -3.23 71.52 -50.18
N VAL J 148 -4.30 72.25 -49.96
CA VAL J 148 -4.48 73.56 -50.55
C VAL J 148 -3.51 74.58 -50.00
N VAL J 149 -3.01 75.41 -50.91
CA VAL J 149 -2.12 76.50 -50.58
C VAL J 149 -2.58 77.74 -51.31
N LEU J 150 -2.67 78.86 -50.61
CA LEU J 150 -2.94 80.14 -51.27
C LEU J 150 -1.84 81.12 -50.95
N LYS J 151 -1.28 81.74 -51.98
CA LYS J 151 -0.18 82.69 -51.83
C LYS J 151 -0.51 84.00 -52.54
N THR J 152 -0.08 85.12 -51.96
CA THR J 152 -0.25 86.40 -52.62
C THR J 152 1.08 86.81 -53.21
N VAL J 153 1.06 87.36 -54.41
CA VAL J 153 2.28 87.87 -54.99
C VAL J 153 2.59 89.11 -54.18
N SER J 154 2.35 90.28 -54.78
CA SER J 154 2.48 91.52 -54.05
C SER J 154 3.82 91.63 -53.30
N GLU J 155 4.95 91.90 -53.97
CA GLU J 155 5.13 92.44 -55.32
C GLU J 155 6.53 93.07 -55.25
N SER J 156 6.57 94.29 -55.74
CA SER J 156 7.57 95.30 -55.49
C SER J 156 8.44 95.22 -54.22
N ALA J 157 9.58 94.52 -54.26
CA ALA J 157 10.51 94.50 -53.10
C ALA J 157 11.89 93.88 -53.34
N THR J 158 13.01 94.61 -53.56
CA THR J 158 13.20 96.06 -53.76
C THR J 158 14.53 96.27 -54.50
N GLN J 159 14.52 97.19 -55.47
CA GLN J 159 15.64 97.49 -56.40
C GLN J 159 16.01 96.16 -57.14
N PRO J 160 16.21 96.24 -58.47
CA PRO J 160 15.84 95.68 -59.78
C PRO J 160 14.37 95.53 -60.26
N PRO J 161 13.34 95.49 -59.39
CA PRO J 161 13.11 95.54 -57.96
C PRO J 161 12.70 94.18 -57.37
N THR J 162 12.47 93.18 -58.24
CA THR J 162 12.14 91.79 -57.87
C THR J 162 10.71 91.58 -57.35
N LYS J 163 10.30 90.32 -57.35
CA LYS J 163 8.97 89.92 -56.92
C LYS J 163 9.10 89.03 -55.70
N VAL J 164 8.08 88.97 -54.86
CA VAL J 164 8.13 88.15 -53.65
C VAL J 164 6.77 87.57 -53.35
N TYR J 165 6.76 86.30 -52.99
CA TYR J 165 5.51 85.59 -52.77
C TYR J 165 5.32 85.14 -51.32
N ASN J 166 4.21 85.56 -50.70
CA ASN J 166 3.91 85.16 -49.32
C ASN J 166 2.68 84.27 -49.23
N ASN J 167 2.61 83.46 -48.19
CA ASN J 167 1.42 82.67 -47.92
C ASN J 167 0.30 83.51 -47.34
N ASP J 168 -0.89 83.39 -47.89
CA ASP J 168 -2.09 83.90 -47.21
C ASP J 168 -2.77 82.72 -46.57
N LEU J 169 -2.52 82.54 -45.28
CA LEU J 169 -3.02 81.36 -44.61
C LEU J 169 -4.52 81.40 -44.53
N THR J 170 -5.06 82.56 -44.21
CA THR J 170 -6.50 82.71 -44.04
C THR J 170 -7.31 82.77 -45.35
N ALA J 171 -6.62 82.69 -46.49
CA ALA J 171 -7.29 82.76 -47.78
C ALA J 171 -7.97 81.44 -48.09
N SER J 172 -8.95 81.51 -48.99
CA SER J 172 -9.80 80.35 -49.27
C SER J 172 -9.78 80.03 -50.74
N LEU J 173 -9.89 78.76 -51.06
CA LEU J 173 -10.08 78.32 -52.43
C LEU J 173 -11.51 77.88 -52.60
N MET J 174 -12.22 78.43 -53.57
CA MET J 174 -13.62 78.04 -53.75
C MET J 174 -13.75 76.82 -54.64
N VAL J 175 -14.45 75.81 -54.15
CA VAL J 175 -14.69 74.59 -54.89
C VAL J 175 -16.16 74.27 -54.91
N ALA J 176 -16.64 73.93 -56.09
CA ALA J 176 -18.06 73.64 -56.28
C ALA J 176 -18.24 72.47 -57.21
N LEU J 177 -19.05 71.52 -56.77
CA LEU J 177 -19.28 70.31 -57.53
C LEU J 177 -20.71 70.21 -57.98
N ASP J 178 -20.92 70.21 -59.30
CA ASP J 178 -22.25 70.16 -59.88
C ASP J 178 -22.74 68.74 -60.05
N SER J 179 -23.08 68.10 -58.94
CA SER J 179 -23.41 66.68 -58.94
C SER J 179 -24.81 66.43 -59.51
N ASN J 180 -25.57 67.51 -59.63
CA ASN J 180 -26.88 67.41 -60.23
C ASN J 180 -26.87 67.57 -61.74
N ASN J 181 -25.68 67.79 -62.31
CA ASN J 181 -25.57 68.13 -63.70
C ASN J 181 -26.57 69.22 -64.03
N THR J 182 -26.59 70.25 -63.20
CA THR J 182 -27.45 71.41 -63.38
C THR J 182 -26.99 72.25 -64.56
N MET J 183 -25.70 72.16 -64.84
CA MET J 183 -25.08 73.10 -65.74
C MET J 183 -24.53 72.46 -66.98
N PRO J 184 -24.39 73.25 -68.04
CA PRO J 184 -24.07 72.71 -69.35
C PRO J 184 -22.83 71.87 -69.35
N PHE J 185 -22.89 70.75 -70.03
CA PHE J 185 -21.78 69.82 -70.08
C PHE J 185 -20.75 70.33 -71.08
N THR J 186 -19.55 70.59 -70.59
CA THR J 186 -18.51 71.12 -71.43
C THR J 186 -17.26 70.29 -71.24
N PRO J 187 -17.21 69.13 -71.89
CA PRO J 187 -16.05 68.24 -71.78
C PRO J 187 -14.85 68.86 -72.43
N ALA J 188 -13.74 68.94 -71.71
CA ALA J 188 -12.60 69.69 -72.20
C ALA J 188 -11.79 68.92 -73.21
N ALA J 189 -12.13 67.66 -73.41
CA ALA J 189 -11.35 66.81 -74.29
C ALA J 189 -11.38 67.28 -75.73
N MET J 190 -12.44 68.00 -76.11
CA MET J 190 -12.61 68.44 -77.50
C MET J 190 -11.66 69.55 -77.86
N ARG J 191 -11.11 70.18 -76.84
CA ARG J 191 -10.29 71.35 -77.05
C ARG J 191 -8.91 71.12 -76.47
N SER J 192 -8.61 69.84 -76.22
CA SER J 192 -7.39 69.42 -75.56
C SER J 192 -7.07 70.28 -74.35
N GLU J 193 -8.05 70.42 -73.48
CA GLU J 193 -7.93 71.31 -72.35
C GLU J 193 -8.27 70.55 -71.06
N THR J 194 -7.84 69.30 -70.97
CA THR J 194 -7.98 68.53 -69.75
C THR J 194 -6.73 68.71 -68.90
N LEU J 195 -6.61 67.92 -67.84
CA LEU J 195 -5.41 67.99 -67.03
C LEU J 195 -4.24 67.35 -67.76
N GLY J 196 -3.04 67.58 -67.24
CA GLY J 196 -1.82 67.06 -67.85
C GLY J 196 -1.75 65.54 -67.89
N PHE J 197 -0.98 65.02 -68.82
CA PHE J 197 -0.90 63.58 -68.93
C PHE J 197 0.33 63.06 -68.18
N TYR J 198 1.06 63.98 -67.56
CA TYR J 198 2.26 63.61 -66.86
C TYR J 198 2.06 63.89 -65.40
N PRO J 199 2.27 62.87 -64.57
CA PRO J 199 2.15 62.89 -63.11
C PRO J 199 3.17 63.79 -62.42
N TRP J 200 4.40 63.83 -62.91
CA TRP J 200 5.44 64.57 -62.22
C TRP J 200 5.57 66.01 -62.71
N LYS J 201 4.74 66.36 -63.69
CA LYS J 201 4.68 67.71 -64.18
C LYS J 201 3.35 68.36 -63.79
N PRO J 202 3.39 69.48 -63.08
CA PRO J 202 2.19 70.20 -62.64
C PRO J 202 1.30 70.64 -63.79
N THR J 203 0.09 71.07 -63.47
CA THR J 203 -0.90 71.38 -64.49
C THR J 203 -1.92 72.44 -64.06
N ILE J 204 -2.90 72.67 -64.91
CA ILE J 204 -3.87 73.73 -64.69
C ILE J 204 -5.26 73.34 -65.17
N PRO J 205 -6.29 73.96 -64.60
CA PRO J 205 -7.64 73.85 -65.15
C PRO J 205 -7.78 74.79 -66.34
N THR J 206 -8.95 74.87 -66.94
CA THR J 206 -9.18 75.81 -68.03
C THR J 206 -10.32 76.68 -67.67
N PRO J 207 -10.28 77.94 -68.10
CA PRO J 207 -11.35 78.84 -67.72
C PRO J 207 -12.61 78.26 -68.28
N TRP J 208 -13.62 78.13 -67.43
CA TRP J 208 -14.82 77.52 -67.89
C TRP J 208 -15.72 78.45 -68.62
N ARG J 209 -16.39 77.90 -69.62
CA ARG J 209 -17.36 78.66 -70.35
C ARG J 209 -18.33 77.93 -71.24
N TYR J 210 -19.50 78.52 -71.49
CA TYR J 210 -20.53 77.77 -72.21
C TYR J 210 -21.34 78.55 -73.24
N TYR J 211 -22.00 77.80 -74.12
CA TYR J 211 -22.70 78.38 -75.23
C TYR J 211 -23.95 79.09 -74.82
N PHE J 212 -24.14 80.28 -75.37
CA PHE J 212 -25.32 81.10 -75.16
C PHE J 212 -26.04 81.26 -76.49
N GLN J 213 -27.36 81.30 -76.50
CA GLN J 213 -28.08 81.23 -77.77
C GLN J 213 -27.91 82.47 -78.66
N TRP J 214 -27.85 82.22 -79.97
CA TRP J 214 -27.76 83.25 -80.99
C TRP J 214 -28.40 82.74 -82.29
N ASP J 215 -29.13 83.62 -82.98
CA ASP J 215 -29.63 83.39 -84.35
C ASP J 215 -28.55 83.78 -85.37
N ARG J 216 -28.52 83.13 -86.53
CA ARG J 216 -27.41 83.32 -87.46
C ARG J 216 -27.66 82.73 -88.85
N THR J 217 -27.48 83.55 -89.88
CA THR J 217 -27.66 83.07 -91.23
C THR J 217 -26.41 83.29 -92.01
N LEU J 218 -26.05 82.29 -92.81
CA LEU J 218 -24.90 82.39 -93.68
C LEU J 218 -25.17 81.55 -94.92
N ILE J 219 -25.37 82.20 -96.07
CA ILE J 219 -25.63 81.51 -97.33
C ILE J 219 -24.36 81.15 -98.08
N PRO J 220 -24.23 79.90 -98.54
CA PRO J 220 -23.04 79.44 -99.25
C PRO J 220 -22.82 80.07 -100.61
N SER J 221 -21.59 79.93 -101.11
CA SER J 221 -21.14 80.64 -102.30
C SER J 221 -19.81 80.08 -102.78
N HIS J 222 -19.31 80.56 -103.92
CA HIS J 222 -17.97 80.17 -104.35
C HIS J 222 -17.13 81.39 -104.75
N THR J 223 -15.90 81.14 -105.18
CA THR J 223 -14.98 82.21 -105.54
C THR J 223 -15.52 83.06 -106.68
N GLY J 224 -16.14 82.38 -107.64
CA GLY J 224 -16.71 83.06 -108.79
C GLY J 224 -17.92 83.93 -108.47
N THR J 225 -18.70 83.53 -107.47
CA THR J 225 -19.91 84.24 -107.12
C THR J 225 -19.58 85.70 -106.80
N SER J 226 -20.31 86.63 -107.41
CA SER J 226 -20.14 88.02 -107.00
C SER J 226 -21.44 88.57 -106.45
N GLY J 227 -21.37 89.80 -105.96
CA GLY J 227 -22.37 90.33 -105.06
C GLY J 227 -21.94 89.87 -103.68
N THR J 228 -22.71 90.19 -102.66
CA THR J 228 -22.38 89.71 -101.31
C THR J 228 -23.48 88.81 -100.77
N PRO J 229 -23.20 87.52 -100.67
CA PRO J 229 -24.18 86.58 -100.14
C PRO J 229 -24.48 86.93 -98.69
N THR J 230 -25.74 86.85 -98.30
CA THR J 230 -26.15 87.33 -96.99
C THR J 230 -25.41 86.61 -95.86
N ASN J 231 -24.89 87.39 -94.93
CA ASN J 231 -24.05 86.86 -93.87
C ASN J 231 -24.24 87.67 -92.60
N ILE J 232 -25.29 87.36 -91.85
CA ILE J 232 -25.75 88.19 -90.75
C ILE J 232 -25.90 87.46 -89.42
N TYR J 233 -25.70 88.21 -88.34
CA TYR J 233 -25.94 87.75 -86.98
C TYR J 233 -27.18 88.47 -86.49
N HIS J 234 -28.29 87.75 -86.40
CA HIS J 234 -29.57 88.37 -86.09
C HIS J 234 -29.74 88.80 -84.66
N GLY J 235 -29.21 88.01 -83.73
CA GLY J 235 -29.32 88.38 -82.32
C GLY J 235 -29.61 87.22 -81.39
N THR J 236 -30.61 87.38 -80.54
CA THR J 236 -30.86 86.34 -79.55
C THR J 236 -32.35 86.03 -79.36
N ASP J 237 -32.74 84.78 -79.69
CA ASP J 237 -34.10 84.29 -79.54
C ASP J 237 -34.43 84.24 -78.06
N PRO J 238 -35.27 85.17 -77.57
CA PRO J 238 -35.49 85.30 -76.13
C PRO J 238 -36.04 84.02 -75.53
N ASP J 239 -36.71 83.24 -76.36
CA ASP J 239 -37.31 82.00 -75.90
C ASP J 239 -36.24 80.98 -75.58
N ASP J 240 -35.00 81.27 -75.94
CA ASP J 240 -33.94 80.28 -75.81
C ASP J 240 -32.81 80.73 -74.87
N VAL J 241 -33.10 81.75 -74.07
CA VAL J 241 -32.07 82.32 -73.24
C VAL J 241 -31.87 81.57 -71.94
N GLN J 242 -30.67 81.03 -71.72
CA GLN J 242 -30.33 80.42 -70.43
C GLN J 242 -28.99 80.90 -69.90
N PHE J 243 -29.06 81.81 -68.95
CA PHE J 243 -27.89 82.34 -68.27
C PHE J 243 -27.64 81.65 -66.93
N TYR J 244 -26.61 80.80 -66.88
CA TYR J 244 -26.34 80.02 -65.69
C TYR J 244 -25.25 80.64 -64.84
N THR J 245 -25.36 80.50 -63.53
CA THR J 245 -24.26 80.85 -62.63
C THR J 245 -24.00 79.70 -61.67
N ILE J 246 -22.74 79.45 -61.35
CA ILE J 246 -22.38 78.48 -60.33
C ILE J 246 -23.00 78.85 -59.01
N GLU J 247 -22.91 80.13 -58.67
CA GLU J 247 -23.32 80.60 -57.36
C GLU J 247 -24.77 80.25 -57.05
N ASN J 248 -25.65 80.34 -58.04
CA ASN J 248 -27.07 80.08 -57.78
C ASN J 248 -27.49 78.63 -57.95
N SER J 249 -26.59 77.78 -58.44
CA SER J 249 -26.98 76.42 -58.79
C SER J 249 -26.30 75.35 -57.95
N VAL J 250 -25.09 75.62 -57.48
CA VAL J 250 -24.24 74.64 -56.83
C VAL J 250 -23.77 75.16 -55.47
N PRO J 251 -23.75 74.29 -54.46
CA PRO J 251 -23.20 74.71 -53.17
C PRO J 251 -21.70 74.90 -53.28
N VAL J 252 -21.19 76.01 -52.78
CA VAL J 252 -19.76 76.27 -52.87
C VAL J 252 -19.04 76.09 -51.57
N HIS J 253 -17.98 75.30 -51.61
CA HIS J 253 -17.17 75.00 -50.47
C HIS J 253 -15.98 75.91 -50.42
N LEU J 254 -15.69 76.46 -49.25
CA LEU J 254 -14.45 77.21 -49.06
C LEU J 254 -13.39 76.36 -48.45
N LEU J 255 -12.27 76.19 -49.14
CA LEU J 255 -11.16 75.44 -48.58
C LEU J 255 -10.00 76.34 -48.18
N ARG J 256 -9.61 76.30 -46.92
CA ARG J 256 -8.37 76.92 -46.50
C ARG J 256 -7.27 75.88 -46.57
N THR J 257 -6.08 76.20 -46.09
CA THR J 257 -4.94 75.29 -46.19
C THR J 257 -5.26 73.93 -45.58
N GLY J 258 -5.82 73.95 -44.38
CA GLY J 258 -6.04 72.73 -43.62
C GLY J 258 -7.28 71.94 -43.98
N ASP J 259 -8.05 72.43 -44.96
CA ASP J 259 -9.27 71.75 -45.38
C ASP J 259 -9.03 70.84 -46.56
N GLU J 260 -10.00 69.98 -46.80
CA GLU J 260 -9.98 69.08 -47.94
C GLU J 260 -11.38 68.86 -48.47
N PHE J 261 -11.50 68.49 -49.73
CA PHE J 261 -12.81 68.22 -50.30
C PHE J 261 -12.81 66.93 -51.10
N ALA J 262 -13.71 66.02 -50.78
CA ALA J 262 -13.81 64.79 -51.55
C ALA J 262 -15.23 64.61 -52.02
N THR J 263 -15.38 64.07 -53.24
CA THR J 263 -16.70 63.80 -53.77
C THR J 263 -16.97 62.41 -53.31
N GLY J 264 -18.17 61.92 -53.54
CA GLY J 264 -18.45 60.54 -53.18
C GLY J 264 -17.79 59.63 -54.18
N THR J 265 -18.24 58.38 -54.19
CA THR J 265 -17.93 57.49 -55.27
C THR J 265 -19.12 57.33 -56.19
N PHE J 266 -18.94 57.78 -57.42
CA PHE J 266 -19.96 57.68 -58.43
C PHE J 266 -19.89 56.37 -59.18
N PHE J 267 -21.03 55.71 -59.31
CA PHE J 267 -21.11 54.47 -60.03
C PHE J 267 -21.75 54.62 -61.38
N PHE J 268 -21.09 54.09 -62.41
CA PHE J 268 -21.57 54.22 -63.77
C PHE J 268 -22.59 53.14 -64.13
N ASP J 269 -23.26 53.33 -65.26
CA ASP J 269 -23.94 52.24 -65.91
C ASP J 269 -23.99 52.50 -67.39
N CYS J 270 -23.26 51.70 -68.15
CA CYS J 270 -23.21 51.89 -69.59
C CYS J 270 -22.96 50.54 -70.22
N LYS J 271 -22.90 50.51 -71.54
CA LYS J 271 -22.56 49.27 -72.21
C LYS J 271 -21.06 49.08 -72.05
N PRO J 272 -20.60 47.87 -72.35
CA PRO J 272 -19.17 47.64 -72.47
C PRO J 272 -18.57 48.22 -73.76
N CYS J 273 -17.33 48.65 -73.67
CA CYS J 273 -16.57 48.98 -74.85
C CYS J 273 -15.67 47.81 -75.20
N ARG J 274 -15.66 47.40 -76.44
CA ARG J 274 -14.96 46.18 -76.79
C ARG J 274 -13.59 46.53 -77.30
N LEU J 275 -12.62 45.66 -77.09
CA LEU J 275 -11.26 45.94 -77.51
C LEU J 275 -10.82 45.02 -78.64
N THR J 276 -11.76 44.71 -79.53
CA THR J 276 -11.43 43.95 -80.73
C THR J 276 -12.08 44.60 -81.93
N HIS J 277 -11.42 44.51 -83.07
CA HIS J 277 -11.95 45.09 -84.30
C HIS J 277 -12.56 43.99 -85.18
N THR J 278 -13.57 44.32 -85.96
CA THR J 278 -14.14 43.35 -86.89
C THR J 278 -13.59 43.60 -88.28
N TRP J 279 -13.33 42.55 -89.04
CA TRP J 279 -12.70 42.78 -90.33
C TRP J 279 -13.56 42.52 -91.55
N GLN J 280 -14.71 41.88 -91.36
CA GLN J 280 -15.49 41.41 -92.48
C GLN J 280 -16.37 42.52 -93.01
N THR J 281 -16.34 42.74 -94.32
CA THR J 281 -17.32 43.58 -95.01
C THR J 281 -18.27 42.60 -95.66
N ASN J 282 -19.33 43.10 -96.28
CA ASN J 282 -20.32 42.20 -96.86
C ASN J 282 -19.73 41.08 -97.71
N ARG J 283 -18.57 41.33 -98.31
CA ARG J 283 -18.01 40.42 -99.29
C ARG J 283 -17.45 39.15 -98.69
N ALA J 284 -17.47 39.09 -97.36
CA ALA J 284 -16.97 37.93 -96.66
C ALA J 284 -17.90 37.49 -95.55
N LEU J 285 -19.19 37.39 -95.85
CA LEU J 285 -20.17 36.92 -94.88
C LEU J 285 -20.83 35.62 -95.28
N GLY J 286 -20.50 34.55 -94.58
CA GLY J 286 -21.25 33.34 -94.76
C GLY J 286 -20.43 32.35 -95.51
N LEU J 287 -21.11 31.52 -96.26
CA LEU J 287 -20.47 30.45 -96.96
C LEU J 287 -19.86 30.88 -98.27
N PRO J 288 -18.53 30.79 -98.39
CA PRO J 288 -17.87 31.06 -99.66
C PRO J 288 -18.26 29.99 -100.67
N PRO J 289 -18.26 30.34 -101.95
CA PRO J 289 -18.75 29.47 -103.00
C PRO J 289 -17.85 28.30 -103.21
N PHE J 290 -18.40 27.13 -103.45
CA PHE J 290 -17.58 25.94 -103.52
C PHE J 290 -16.68 25.99 -104.74
N LEU J 291 -15.40 25.70 -104.56
CA LEU J 291 -14.45 25.70 -105.67
C LEU J 291 -14.32 24.31 -106.30
N ASN J 292 -14.72 24.18 -107.56
CA ASN J 292 -14.61 22.89 -108.26
C ASN J 292 -13.24 22.67 -108.84
N SER J 293 -12.42 23.72 -108.83
CA SER J 293 -11.06 23.64 -109.33
C SER J 293 -10.03 24.24 -108.41
N LEU J 294 -9.30 23.37 -107.72
CA LEU J 294 -8.25 23.81 -106.82
C LEU J 294 -6.90 23.81 -107.48
N PRO J 295 -6.06 24.80 -107.14
CA PRO J 295 -4.71 24.96 -107.66
C PRO J 295 -3.88 23.77 -107.34
N GLN J 296 -2.83 23.54 -108.13
CA GLN J 296 -2.01 22.37 -107.88
C GLN J 296 -0.51 22.69 -107.85
N SER J 297 -0.16 23.97 -107.81
CA SER J 297 1.20 24.36 -107.48
C SER J 297 1.17 25.67 -106.69
N GLU J 298 2.12 25.86 -105.78
CA GLU J 298 2.13 27.07 -104.98
C GLU J 298 2.54 28.25 -105.84
N GLY J 299 2.33 29.47 -105.37
CA GLY J 299 2.70 30.61 -106.19
C GLY J 299 1.75 31.78 -106.12
N GLY J 300 2.00 32.77 -106.97
CA GLY J 300 1.34 34.06 -106.82
C GLY J 300 0.20 34.30 -107.77
N THR J 301 0.05 33.44 -108.76
CA THR J 301 -1.08 33.57 -109.68
C THR J 301 -1.73 32.21 -109.91
N ASN J 302 -1.41 31.24 -109.07
CA ASN J 302 -2.03 29.94 -109.15
C ASN J 302 -3.39 29.97 -108.50
N PHE J 303 -4.33 30.67 -109.12
CA PHE J 303 -5.62 30.86 -108.50
C PHE J 303 -6.43 29.59 -108.52
N GLY J 304 -7.46 29.57 -107.69
CA GLY J 304 -8.46 28.52 -107.76
C GLY J 304 -9.67 29.11 -108.47
N TYR J 305 -10.50 28.25 -109.05
CA TYR J 305 -11.64 28.71 -109.84
C TYR J 305 -12.94 28.07 -109.39
N ILE J 306 -13.98 28.90 -109.27
CA ILE J 306 -15.30 28.39 -108.93
C ILE J 306 -15.71 27.27 -109.86
N GLY J 307 -15.63 27.53 -111.15
CA GLY J 307 -15.81 26.48 -112.13
C GLY J 307 -17.24 26.25 -112.50
N VAL J 308 -18.07 27.28 -112.33
CA VAL J 308 -19.43 27.25 -112.84
C VAL J 308 -19.83 28.56 -113.44
N GLN J 309 -20.48 28.47 -114.59
CA GLN J 309 -20.93 29.66 -115.31
C GLN J 309 -21.76 30.54 -114.44
N GLN J 310 -21.44 31.82 -114.43
CA GLN J 310 -22.05 32.77 -113.52
C GLN J 310 -23.59 32.84 -113.61
N ASP J 311 -24.17 32.30 -114.68
CA ASP J 311 -25.62 32.30 -114.82
C ASP J 311 -26.24 30.93 -114.60
N LYS J 312 -25.43 29.92 -114.30
CA LYS J 312 -25.95 28.57 -114.09
C LYS J 312 -25.70 28.15 -112.64
N ARG J 313 -25.55 29.13 -111.78
CA ARG J 313 -25.16 28.90 -110.39
C ARG J 313 -26.37 28.84 -109.49
N ARG J 314 -26.18 28.15 -108.36
CA ARG J 314 -27.21 28.03 -107.33
C ARG J 314 -26.98 29.01 -106.17
N GLY J 315 -28.04 29.55 -105.61
CA GLY J 315 -27.92 30.51 -104.53
C GLY J 315 -29.02 31.55 -104.56
N VAL J 316 -28.88 32.56 -103.71
CA VAL J 316 -29.93 33.57 -103.56
C VAL J 316 -29.45 35.00 -103.76
N THR J 317 -30.16 35.76 -104.58
CA THR J 317 -29.84 37.17 -104.74
C THR J 317 -31.10 38.04 -104.63
N GLN J 318 -30.89 39.33 -104.45
CA GLN J 318 -31.99 40.26 -104.37
C GLN J 318 -32.11 41.04 -105.66
N MET J 319 -31.69 40.40 -106.75
CA MET J 319 -31.79 40.96 -108.09
C MET J 319 -32.76 40.14 -108.90
N GLY J 320 -34.03 40.56 -108.93
CA GLY J 320 -35.06 39.78 -109.58
C GLY J 320 -34.81 39.47 -111.05
N ASN J 321 -33.97 40.27 -111.71
CA ASN J 321 -33.72 40.15 -113.15
C ASN J 321 -32.80 39.02 -113.56
N THR J 322 -31.51 39.14 -113.27
CA THR J 322 -30.54 38.20 -113.82
C THR J 322 -30.52 36.87 -113.12
N ASN J 323 -29.87 35.91 -113.75
CA ASN J 323 -29.58 34.65 -113.10
C ASN J 323 -28.10 34.66 -112.75
N TYR J 324 -27.48 35.84 -112.85
CA TYR J 324 -26.08 35.99 -112.49
C TYR J 324 -25.91 35.90 -110.98
N ILE J 325 -25.03 35.02 -110.52
CA ILE J 325 -24.74 34.96 -109.09
C ILE J 325 -23.25 35.15 -108.86
N THR J 326 -22.88 36.38 -108.51
CA THR J 326 -21.47 36.68 -108.22
C THR J 326 -21.30 37.22 -106.82
N GLU J 327 -20.07 37.23 -106.31
CA GLU J 327 -19.83 37.68 -104.95
C GLU J 327 -20.34 39.09 -104.70
N ALA J 328 -20.43 39.92 -105.73
CA ALA J 328 -20.97 41.26 -105.52
C ALA J 328 -22.48 41.28 -105.65
N THR J 329 -23.04 40.15 -106.07
CA THR J 329 -24.48 40.01 -106.32
C THR J 329 -25.21 39.16 -105.25
N ILE J 330 -24.54 38.09 -104.80
CA ILE J 330 -25.09 37.16 -103.82
C ILE J 330 -25.63 37.91 -102.60
N MET J 331 -26.77 37.45 -102.09
CA MET J 331 -27.35 38.07 -100.91
C MET J 331 -26.42 37.96 -99.71
N ARG J 332 -26.46 38.97 -98.87
CA ARG J 332 -25.77 38.91 -97.61
C ARG J 332 -26.82 39.20 -96.57
N PRO J 333 -26.68 38.64 -95.37
CA PRO J 333 -27.75 38.76 -94.39
C PRO J 333 -28.15 40.20 -94.06
N ALA J 334 -27.20 41.12 -94.08
CA ALA J 334 -27.54 42.52 -93.87
C ALA J 334 -26.42 43.34 -94.44
N GLU J 335 -26.27 44.57 -93.98
CA GLU J 335 -25.23 45.42 -94.52
C GLU J 335 -24.32 45.96 -93.47
N VAL J 336 -23.04 45.71 -93.63
CA VAL J 336 -22.07 46.22 -92.68
C VAL J 336 -21.65 47.60 -93.10
N GLY J 337 -21.94 48.55 -92.25
CA GLY J 337 -21.58 49.94 -92.50
C GLY J 337 -22.60 50.68 -93.33
N TYR J 338 -22.33 51.95 -93.53
CA TYR J 338 -23.26 52.76 -94.26
C TYR J 338 -22.51 53.89 -94.97
N SER J 339 -23.10 54.40 -96.04
CA SER J 339 -22.52 55.49 -96.81
C SER J 339 -23.08 56.82 -96.36
N ALA J 340 -22.23 57.84 -96.28
CA ALA J 340 -22.68 59.13 -95.78
C ALA J 340 -22.23 60.27 -96.68
N PRO J 341 -22.94 61.40 -96.59
CA PRO J 341 -22.58 62.64 -97.28
C PRO J 341 -21.27 63.23 -96.80
N TYR J 342 -20.47 63.78 -97.70
CA TYR J 342 -19.14 64.30 -97.36
C TYR J 342 -18.57 65.16 -98.48
N TYR J 343 -17.98 66.32 -98.19
CA TYR J 343 -18.05 66.97 -96.89
C TYR J 343 -19.36 67.70 -96.74
N SER J 344 -20.36 67.06 -96.15
CA SER J 344 -21.66 67.70 -96.08
C SER J 344 -21.74 68.66 -94.94
N PHE J 345 -22.24 69.85 -95.21
CA PHE J 345 -22.56 70.81 -94.18
C PHE J 345 -24.05 71.09 -94.16
N GLU J 346 -24.61 71.13 -92.97
CA GLU J 346 -26.03 71.39 -92.81
C GLU J 346 -26.20 72.61 -91.95
N ALA J 347 -27.37 73.22 -91.97
CA ALA J 347 -27.53 74.47 -91.25
C ALA J 347 -28.85 74.57 -90.52
N SER J 348 -28.78 75.08 -89.32
CA SER J 348 -29.97 75.44 -88.60
C SER J 348 -29.66 76.70 -87.86
N THR J 349 -30.70 77.33 -87.35
CA THR J 349 -30.60 78.59 -86.63
C THR J 349 -29.26 79.23 -86.29
N GLN J 350 -28.24 78.43 -85.99
CA GLN J 350 -27.07 79.05 -85.44
C GLN J 350 -25.94 78.88 -86.40
N GLY J 351 -26.26 78.44 -87.60
CA GLY J 351 -25.25 78.38 -88.62
C GLY J 351 -24.98 77.00 -89.13
N PRO J 352 -23.97 76.87 -89.99
CA PRO J 352 -23.63 75.61 -90.64
C PRO J 352 -22.72 74.76 -89.79
N PHE J 353 -22.74 73.44 -90.03
CA PHE J 353 -21.88 72.51 -89.33
C PHE J 353 -21.66 71.24 -90.12
N LYS J 354 -20.52 70.60 -89.94
CA LYS J 354 -20.25 69.41 -90.70
C LYS J 354 -21.17 68.29 -90.29
N THR J 355 -21.56 67.47 -91.24
CA THR J 355 -22.33 66.27 -90.93
C THR J 355 -21.36 65.20 -90.51
N PRO J 356 -21.54 64.67 -89.29
CA PRO J 356 -20.64 63.67 -88.73
C PRO J 356 -20.84 62.27 -89.27
N ILE J 357 -19.76 61.48 -89.31
CA ILE J 357 -19.78 60.16 -89.91
C ILE J 357 -19.40 59.13 -88.88
N ALA J 358 -19.99 57.94 -88.97
CA ALA J 358 -19.75 56.95 -87.95
C ALA J 358 -18.56 56.07 -88.28
N ALA J 359 -18.66 55.33 -89.37
CA ALA J 359 -17.80 54.16 -89.59
C ALA J 359 -16.28 54.39 -89.64
N GLY J 360 -15.63 53.60 -90.48
CA GLY J 360 -14.20 53.69 -90.77
C GLY J 360 -13.63 52.49 -90.08
N ARG J 361 -12.61 51.80 -90.62
CA ARG J 361 -11.90 52.05 -91.87
C ARG J 361 -12.57 51.50 -93.10
N GLY J 362 -12.38 52.14 -94.25
CA GLY J 362 -13.00 51.65 -95.47
C GLY J 362 -12.07 51.35 -96.64
N GLY J 363 -10.90 51.97 -96.64
CA GLY J 363 -10.03 51.74 -97.77
C GLY J 363 -9.24 50.47 -97.62
N ALA J 364 -8.66 50.03 -98.72
CA ALA J 364 -7.82 48.84 -98.77
C ALA J 364 -6.43 49.23 -98.31
N GLN J 365 -5.43 48.75 -99.04
CA GLN J 365 -4.05 48.98 -98.68
C GLN J 365 -3.67 50.45 -98.74
N THR J 366 -3.20 50.98 -97.60
CA THR J 366 -2.92 52.39 -97.36
C THR J 366 -3.68 53.53 -98.06
N ASP J 367 -4.95 53.34 -98.42
CA ASP J 367 -5.71 54.44 -99.04
C ASP J 367 -7.15 54.59 -98.54
N GLU J 368 -7.43 55.56 -97.68
CA GLU J 368 -8.79 55.67 -97.17
C GLU J 368 -9.30 57.08 -97.32
N ASN J 369 -10.59 57.16 -97.53
CA ASN J 369 -11.22 58.44 -97.72
C ASN J 369 -11.47 59.14 -96.39
N GLN J 370 -10.39 59.58 -95.73
CA GLN J 370 -10.46 60.10 -94.36
C GLN J 370 -11.58 61.09 -94.05
N ALA J 371 -12.45 61.35 -95.01
CA ALA J 371 -13.56 62.26 -94.81
C ALA J 371 -14.83 61.48 -94.95
N ALA J 372 -14.80 60.53 -95.88
CA ALA J 372 -15.94 59.65 -96.12
C ALA J 372 -16.16 58.69 -94.96
N ASP J 373 -15.09 58.35 -94.26
CA ASP J 373 -15.21 57.46 -93.11
C ASP J 373 -15.27 58.31 -91.84
N GLY J 374 -15.07 59.61 -92.01
CA GLY J 374 -15.14 60.56 -90.91
C GLY J 374 -14.09 60.23 -89.86
N ASP J 375 -12.91 59.92 -90.36
CA ASP J 375 -11.79 59.57 -89.52
C ASP J 375 -11.39 60.84 -88.82
N PRO J 376 -11.25 60.79 -87.50
CA PRO J 376 -11.05 61.94 -86.62
C PRO J 376 -9.61 62.42 -86.58
N ARG J 377 -9.42 63.70 -86.30
CA ARG J 377 -8.08 64.27 -86.30
C ARG J 377 -7.85 65.11 -85.05
N TYR J 378 -6.82 64.75 -84.29
CA TYR J 378 -6.67 65.32 -82.96
C TYR J 378 -5.51 66.29 -82.89
N ALA J 379 -5.75 67.47 -82.35
CA ALA J 379 -4.69 68.46 -82.24
C ALA J 379 -4.50 68.90 -80.81
N PHE J 380 -3.24 68.90 -80.38
CA PHE J 380 -2.96 69.01 -78.96
C PHE J 380 -1.59 69.59 -78.71
N GLY J 381 -1.33 69.96 -77.46
CA GLY J 381 -0.10 70.65 -77.14
C GLY J 381 0.62 70.31 -75.85
N ARG J 382 1.87 69.88 -76.01
CA ARG J 382 2.81 69.63 -74.91
C ARG J 382 2.26 68.99 -73.64
N GLN J 383 1.30 69.66 -73.00
CA GLN J 383 0.64 69.09 -71.85
C GLN J 383 -0.03 67.77 -72.17
N HIS J 384 -0.45 67.57 -73.41
CA HIS J 384 -1.21 66.37 -73.72
C HIS J 384 -0.60 65.51 -74.82
N GLY J 385 0.73 65.49 -74.93
CA GLY J 385 1.36 64.54 -75.83
C GLY J 385 2.51 65.06 -76.67
N GLN J 386 2.41 66.29 -77.16
CA GLN J 386 3.48 66.89 -77.96
C GLN J 386 4.77 66.98 -77.16
N LYS J 387 5.92 66.90 -77.83
CA LYS J 387 7.22 66.99 -77.18
C LYS J 387 7.29 68.25 -76.33
N THR J 388 7.63 68.09 -75.07
CA THR J 388 7.51 69.20 -74.13
C THR J 388 8.61 70.21 -74.36
N THR J 389 9.64 69.83 -75.11
CA THR J 389 10.74 70.73 -75.43
C THR J 389 10.49 71.61 -76.65
N THR J 390 9.52 71.24 -77.46
CA THR J 390 9.20 71.95 -78.69
C THR J 390 8.74 73.37 -78.45
N THR J 391 9.46 74.34 -79.01
CA THR J 391 9.01 75.72 -78.98
C THR J 391 8.11 76.04 -80.14
N GLY J 392 7.41 77.16 -80.06
CA GLY J 392 6.50 77.53 -81.13
C GLY J 392 5.07 77.20 -80.76
N GLU J 393 4.12 77.93 -81.32
CA GLU J 393 2.72 77.73 -80.96
C GLU J 393 1.97 76.73 -81.86
N THR J 394 2.67 76.06 -82.77
CA THR J 394 2.00 75.12 -83.66
C THR J 394 1.81 73.76 -83.01
N PRO J 395 0.56 73.29 -82.94
CA PRO J 395 0.22 72.03 -82.27
C PRO J 395 0.60 70.78 -83.03
N GLU J 396 0.71 69.66 -82.31
CA GLU J 396 0.96 68.33 -82.90
C GLU J 396 -0.37 67.73 -83.24
N ARG J 397 -0.41 66.90 -84.27
CA ARG J 397 -1.67 66.39 -84.74
C ARG J 397 -1.54 64.94 -85.18
N PHE J 398 -2.66 64.27 -85.31
CA PHE J 398 -2.68 62.94 -85.94
C PHE J 398 -4.09 62.61 -86.35
N THR J 399 -4.23 61.65 -87.26
CA THR J 399 -5.55 61.22 -87.65
C THR J 399 -5.77 59.74 -87.35
N TYR J 400 -6.74 59.45 -86.48
CA TYR J 400 -6.94 58.09 -86.03
C TYR J 400 -7.62 57.26 -87.09
N ILE J 401 -6.91 56.27 -87.60
CA ILE J 401 -7.51 55.34 -88.53
C ILE J 401 -7.78 54.00 -87.88
N ALA J 402 -9.05 53.71 -87.63
CA ALA J 402 -9.42 52.53 -86.87
C ALA J 402 -9.02 51.24 -87.55
N HIS J 403 -9.02 50.16 -86.79
CA HIS J 403 -8.69 48.88 -87.38
C HIS J 403 -9.91 48.19 -87.96
N GLN J 404 -11.09 48.59 -87.48
CA GLN J 404 -12.33 47.92 -87.87
C GLN J 404 -12.77 48.27 -89.28
N ASP J 405 -12.66 47.30 -90.18
CA ASP J 405 -12.98 47.55 -91.58
C ASP J 405 -14.50 47.59 -91.76
N THR J 406 -15.10 48.75 -91.48
CA THR J 406 -16.54 48.95 -91.63
C THR J 406 -16.91 50.23 -92.37
N GLY J 407 -15.93 50.86 -93.00
CA GLY J 407 -16.19 52.11 -93.70
C GLY J 407 -16.41 51.87 -95.18
N ARG J 408 -16.28 52.93 -95.97
CA ARG J 408 -16.55 52.88 -97.40
C ARG J 408 -15.40 53.43 -98.23
N TYR J 409 -15.29 52.98 -99.48
CA TYR J 409 -14.37 53.54 -100.45
C TYR J 409 -15.13 54.05 -101.67
N PRO J 410 -15.74 55.24 -101.53
CA PRO J 410 -16.74 55.78 -102.46
C PRO J 410 -16.27 55.83 -103.90
N GLU J 411 -14.98 55.75 -104.11
CA GLU J 411 -14.44 55.67 -105.46
C GLU J 411 -14.92 54.41 -106.13
N GLY J 412 -15.16 53.38 -105.33
CA GLY J 412 -15.53 52.09 -105.84
C GLY J 412 -17.02 51.80 -105.93
N ASP J 413 -17.83 52.79 -105.56
CA ASP J 413 -19.29 52.70 -105.62
C ASP J 413 -19.82 52.87 -107.02
N TRP J 414 -21.04 52.38 -107.28
CA TRP J 414 -21.71 52.71 -108.54
C TRP J 414 -23.15 52.34 -108.49
N ILE J 415 -23.88 52.74 -109.53
CA ILE J 415 -25.30 52.45 -109.66
C ILE J 415 -25.67 52.06 -111.07
N GLN J 416 -26.16 50.86 -111.28
CA GLN J 416 -26.59 50.46 -112.63
C GLN J 416 -28.08 50.68 -112.83
N ASN J 417 -28.47 50.69 -114.09
CA ASN J 417 -29.87 50.73 -114.45
C ASN J 417 -30.58 49.43 -114.12
N ILE J 418 -31.88 49.52 -113.88
CA ILE J 418 -32.71 48.37 -113.57
C ILE J 418 -32.50 47.17 -114.50
N ASN J 419 -32.15 47.43 -115.76
CA ASN J 419 -32.16 46.37 -116.76
C ASN J 419 -30.98 45.42 -116.65
N PHE J 420 -29.89 45.90 -116.04
CA PHE J 420 -28.69 45.09 -115.85
C PHE J 420 -28.22 44.44 -117.14
N ASN J 421 -28.26 45.22 -118.21
CA ASN J 421 -27.74 44.79 -119.49
C ASN J 421 -26.27 45.08 -119.53
N LEU J 422 -25.48 44.04 -119.40
CA LEU J 422 -24.06 44.27 -119.20
C LEU J 422 -23.20 43.44 -120.16
N PRO J 423 -21.97 43.93 -120.48
CA PRO J 423 -21.24 45.14 -120.06
C PRO J 423 -22.07 46.40 -120.13
N VAL J 424 -22.03 47.24 -119.10
CA VAL J 424 -23.04 48.28 -119.00
C VAL J 424 -22.64 49.53 -119.80
N THR J 425 -23.62 50.09 -120.51
CA THR J 425 -23.46 51.32 -121.28
C THR J 425 -23.33 52.55 -120.38
N ASP J 426 -22.70 53.60 -120.87
CA ASP J 426 -22.48 54.79 -120.09
C ASP J 426 -23.78 55.45 -119.60
N ASP J 427 -24.84 55.28 -120.38
CA ASP J 427 -26.12 55.89 -120.03
C ASP J 427 -26.90 55.13 -118.98
N ASN J 428 -26.51 53.88 -118.76
CA ASN J 428 -27.20 53.01 -117.83
C ASN J 428 -26.49 52.86 -116.50
N VAL J 429 -25.40 53.59 -116.33
CA VAL J 429 -24.67 53.54 -115.07
C VAL J 429 -24.32 54.94 -114.59
N LEU J 430 -24.29 55.10 -113.28
CA LEU J 430 -23.88 56.35 -112.69
C LEU J 430 -22.62 56.11 -111.89
N LEU J 431 -21.52 56.72 -112.32
CA LEU J 431 -20.22 56.52 -111.70
C LEU J 431 -19.89 57.66 -110.74
N PRO J 432 -18.91 57.43 -109.85
CA PRO J 432 -18.42 58.51 -109.00
C PRO J 432 -17.54 59.48 -109.78
N THR J 433 -17.44 59.22 -111.08
CA THR J 433 -16.70 60.03 -112.00
C THR J 433 -17.61 61.06 -112.65
N ASP J 434 -18.83 60.64 -112.96
CA ASP J 434 -19.80 61.47 -113.63
C ASP J 434 -20.26 62.59 -112.73
N PRO J 435 -20.06 63.82 -113.17
CA PRO J 435 -20.38 65.05 -112.45
C PRO J 435 -21.87 65.20 -112.25
N ILE J 436 -22.21 65.91 -111.18
CA ILE J 436 -23.58 66.07 -110.72
C ILE J 436 -23.94 67.52 -110.69
N GLY J 437 -25.09 67.89 -111.23
CA GLY J 437 -25.49 69.29 -111.14
C GLY J 437 -24.48 70.20 -111.82
N GLY J 438 -23.73 69.62 -112.75
CA GLY J 438 -22.80 70.37 -113.55
C GLY J 438 -21.60 70.88 -112.80
N LYS J 439 -21.16 70.12 -111.80
CA LYS J 439 -19.97 70.48 -111.07
C LYS J 439 -18.93 69.40 -111.27
N THR J 440 -17.74 69.80 -111.69
CA THR J 440 -16.69 68.84 -112.01
C THR J 440 -16.27 67.95 -110.84
N GLY J 441 -16.12 68.56 -109.66
CA GLY J 441 -15.61 67.85 -108.50
C GLY J 441 -16.63 67.24 -107.57
N ILE J 442 -17.83 67.04 -108.07
CA ILE J 442 -18.88 66.47 -107.26
C ILE J 442 -19.49 65.30 -107.97
N ASN J 443 -19.70 64.21 -107.25
CA ASN J 443 -20.38 63.05 -107.80
C ASN J 443 -21.43 62.64 -106.84
N TYR J 444 -22.16 61.59 -107.17
CA TYR J 444 -23.32 61.26 -106.37
C TYR J 444 -22.96 60.84 -104.97
N THR J 445 -21.77 60.26 -104.82
CA THR J 445 -21.41 59.71 -103.53
C THR J 445 -21.33 60.82 -102.49
N ASN J 446 -21.15 62.04 -102.93
CA ASN J 446 -21.02 63.13 -101.97
C ASN J 446 -22.32 63.43 -101.27
N ILE J 447 -23.43 63.02 -101.85
CA ILE J 447 -24.71 63.28 -101.21
C ILE J 447 -25.41 62.00 -100.88
N PHE J 448 -24.71 60.91 -101.06
CA PHE J 448 -25.27 59.56 -100.95
C PHE J 448 -25.45 59.16 -99.49
N ASN J 449 -26.45 58.34 -99.24
CA ASN J 449 -26.74 57.85 -97.89
C ASN J 449 -27.42 56.48 -97.89
N THR J 450 -26.70 55.43 -97.50
CA THR J 450 -27.31 54.11 -97.51
C THR J 450 -27.54 53.54 -96.11
N TYR J 451 -27.77 54.42 -95.15
CA TYR J 451 -28.19 53.99 -93.83
C TYR J 451 -29.59 53.44 -93.94
N GLY J 452 -29.86 52.38 -93.20
CA GLY J 452 -31.15 51.75 -93.32
C GLY J 452 -31.29 50.66 -92.31
N PRO J 453 -32.48 50.07 -92.25
CA PRO J 453 -32.81 49.05 -91.26
C PRO J 453 -32.02 47.74 -91.40
N LEU J 454 -31.06 47.68 -92.34
CA LEU J 454 -30.14 46.55 -92.39
C LEU J 454 -28.71 46.97 -92.08
N THR J 455 -28.55 48.21 -91.65
CA THR J 455 -27.23 48.76 -91.40
C THR J 455 -26.74 48.20 -90.09
N ALA J 456 -25.48 47.76 -90.07
CA ALA J 456 -24.84 47.30 -88.85
C ALA J 456 -23.58 48.12 -88.57
N LEU J 457 -23.28 48.35 -87.31
CA LEU J 457 -22.27 49.31 -86.90
C LEU J 457 -21.43 48.87 -85.71
N ASN J 458 -20.25 49.43 -85.53
CA ASN J 458 -19.62 49.31 -84.23
C ASN J 458 -19.55 50.69 -83.64
N ASN J 459 -19.31 50.76 -82.35
CA ASN J 459 -19.12 52.01 -81.63
C ASN J 459 -17.69 52.53 -81.86
N VAL J 460 -17.43 53.81 -81.57
CA VAL J 460 -16.11 54.37 -81.82
C VAL J 460 -15.07 53.74 -80.93
N PRO J 461 -13.91 53.46 -81.51
CA PRO J 461 -12.86 52.89 -80.66
C PRO J 461 -12.20 54.00 -79.88
N PRO J 462 -11.68 53.69 -78.70
CA PRO J 462 -11.02 54.67 -77.85
C PRO J 462 -9.74 55.16 -78.46
N VAL J 463 -9.54 56.45 -78.34
CA VAL J 463 -8.38 57.04 -78.91
C VAL J 463 -7.38 57.40 -77.81
N TYR J 464 -6.35 56.57 -77.63
CA TYR J 464 -5.33 56.86 -76.61
C TYR J 464 -4.24 57.72 -77.18
N PRO J 465 -3.82 58.73 -76.44
CA PRO J 465 -4.23 59.16 -75.10
C PRO J 465 -5.17 60.35 -75.07
N ASN J 466 -5.48 60.92 -76.23
CA ASN J 466 -6.23 62.16 -76.26
C ASN J 466 -7.74 62.02 -76.30
N GLY J 467 -8.24 60.80 -76.47
CA GLY J 467 -9.67 60.58 -76.60
C GLY J 467 -10.44 60.84 -75.32
N GLN J 468 -11.71 61.21 -75.48
CA GLN J 468 -12.58 61.37 -74.34
C GLN J 468 -12.90 59.98 -73.87
N ILE J 469 -13.27 59.83 -72.60
CA ILE J 469 -13.64 58.50 -72.08
C ILE J 469 -15.12 58.30 -72.00
N TRP J 470 -15.79 59.20 -71.28
CA TRP J 470 -17.22 59.11 -71.21
C TRP J 470 -17.83 60.41 -71.65
N ASP J 471 -19.12 60.38 -71.98
CA ASP J 471 -19.85 61.57 -72.44
C ASP J 471 -21.30 61.52 -71.99
N LYS J 472 -21.88 62.67 -71.69
CA LYS J 472 -23.29 62.73 -71.31
C LYS J 472 -24.15 62.41 -72.50
N GLU J 473 -25.34 61.88 -72.26
CA GLU J 473 -26.23 61.58 -73.36
C GLU J 473 -27.10 62.78 -73.59
N PHE J 474 -27.52 62.99 -74.83
CA PHE J 474 -28.38 64.12 -75.18
C PHE J 474 -29.71 64.01 -74.50
N ASP J 475 -30.24 65.12 -74.04
CA ASP J 475 -31.57 65.13 -73.47
C ASP J 475 -32.62 65.33 -74.56
N THR J 476 -32.55 64.53 -75.60
CA THR J 476 -33.55 64.52 -76.65
C THR J 476 -34.43 63.30 -76.41
N ASP J 477 -35.70 63.38 -76.79
CA ASP J 477 -36.63 62.28 -76.58
C ASP J 477 -36.18 61.01 -77.30
N LEU J 478 -35.51 61.16 -78.44
CA LEU J 478 -34.88 60.04 -79.13
C LEU J 478 -33.38 60.23 -79.19
N LYS J 479 -32.61 59.16 -79.00
CA LYS J 479 -31.18 59.31 -78.75
C LYS J 479 -30.31 58.71 -79.86
N PRO J 480 -29.07 59.19 -79.98
CA PRO J 480 -28.17 58.66 -81.00
C PRO J 480 -27.73 57.29 -80.65
N ARG J 481 -27.55 56.44 -81.62
CA ARG J 481 -27.13 55.09 -81.35
C ARG J 481 -25.69 55.05 -80.84
N LEU J 482 -25.00 56.17 -80.91
CA LEU J 482 -23.67 56.30 -80.33
C LEU J 482 -23.19 57.73 -80.33
N HIS J 483 -22.01 57.98 -79.80
CA HIS J 483 -21.35 59.27 -79.95
C HIS J 483 -20.02 59.05 -80.63
N VAL J 484 -19.46 60.07 -81.27
CA VAL J 484 -18.21 59.88 -81.99
C VAL J 484 -16.99 60.32 -81.17
N ASN J 485 -17.22 61.01 -80.07
CA ASN J 485 -16.12 61.50 -79.26
C ASN J 485 -15.76 60.60 -78.08
N ALA J 486 -16.62 59.65 -77.73
CA ALA J 486 -16.36 58.76 -76.60
C ALA J 486 -17.10 57.44 -76.70
N PRO J 487 -16.49 56.36 -76.21
CA PRO J 487 -17.13 55.03 -76.25
C PRO J 487 -18.09 54.81 -75.11
N PHE J 488 -17.95 55.49 -73.98
CA PHE J 488 -18.91 55.31 -72.88
C PHE J 488 -19.90 56.46 -72.82
N VAL J 489 -21.18 56.17 -72.92
CA VAL J 489 -22.18 57.22 -72.80
C VAL J 489 -23.18 56.98 -71.68
N CYS J 490 -23.21 57.92 -70.74
CA CYS J 490 -24.10 57.84 -69.61
C CYS J 490 -25.52 58.18 -69.97
N GLN J 491 -26.40 57.20 -70.10
CA GLN J 491 -27.82 57.55 -70.24
C GLN J 491 -28.38 57.76 -68.86
N ASN J 492 -27.72 57.16 -67.87
CA ASN J 492 -28.06 57.34 -66.47
C ASN J 492 -28.10 58.81 -66.11
N ASN J 493 -26.93 59.25 -65.66
CA ASN J 493 -26.63 60.59 -65.25
C ASN J 493 -25.13 60.55 -65.24
N CYS J 494 -24.46 61.58 -65.68
CA CYS J 494 -23.02 61.48 -65.66
C CYS J 494 -22.47 62.20 -64.44
N PRO J 495 -21.25 61.86 -64.05
CA PRO J 495 -20.60 62.57 -62.96
C PRO J 495 -20.68 64.06 -63.17
N GLY J 496 -20.81 64.77 -62.08
CA GLY J 496 -20.85 66.22 -62.14
C GLY J 496 -19.52 66.87 -62.44
N GLN J 497 -19.59 68.08 -62.95
CA GLN J 497 -18.37 68.80 -63.22
C GLN J 497 -17.82 69.47 -62.01
N LEU J 498 -16.50 69.59 -61.95
CA LEU J 498 -15.82 70.18 -60.81
C LEU J 498 -15.27 71.55 -61.16
N PHE J 499 -15.68 72.56 -60.41
CA PHE J 499 -15.29 73.94 -60.70
C PHE J 499 -14.51 74.57 -59.57
N VAL J 500 -13.42 75.26 -59.91
CA VAL J 500 -12.65 75.97 -58.90
C VAL J 500 -12.53 77.44 -59.23
N LYS J 501 -12.13 78.23 -58.23
CA LYS J 501 -12.07 79.68 -58.35
C LYS J 501 -11.41 80.28 -57.12
N VAL J 502 -10.42 81.14 -57.32
CA VAL J 502 -9.80 81.77 -56.16
C VAL J 502 -10.68 82.82 -55.51
N ALA J 503 -10.81 82.77 -54.19
CA ALA J 503 -11.70 83.68 -53.51
C ALA J 503 -11.27 85.12 -53.68
N PRO J 504 -12.23 86.03 -53.80
CA PRO J 504 -11.91 87.44 -53.90
C PRO J 504 -11.08 87.89 -52.71
N ASN J 505 -9.83 88.26 -52.92
CA ASN J 505 -8.96 88.68 -51.84
C ASN J 505 -8.85 90.19 -51.79
N LEU J 506 -9.76 90.83 -51.08
CA LEU J 506 -9.90 92.27 -51.21
C LEU J 506 -8.81 93.09 -50.53
N THR J 507 -8.57 94.28 -51.09
CA THR J 507 -7.71 95.29 -50.48
C THR J 507 -8.54 96.12 -49.50
N ASN J 508 -7.97 97.12 -48.84
CA ASN J 508 -8.79 97.89 -47.90
C ASN J 508 -9.57 98.90 -48.70
N GLN J 509 -9.18 99.03 -49.97
CA GLN J 509 -9.89 99.88 -50.92
C GLN J 509 -10.99 99.08 -51.53
N TYR J 510 -12.22 99.29 -51.11
CA TYR J 510 -13.26 98.62 -51.84
C TYR J 510 -14.55 99.40 -51.72
N ASP J 511 -15.06 99.86 -52.86
CA ASP J 511 -16.37 100.49 -52.95
C ASP J 511 -17.15 99.84 -54.05
N PRO J 512 -18.12 99.00 -53.68
CA PRO J 512 -18.92 98.30 -54.68
C PRO J 512 -19.85 99.25 -55.44
N ASP J 513 -20.28 100.34 -54.79
CA ASP J 513 -21.16 101.32 -55.43
C ASP J 513 -20.46 102.02 -56.57
N ALA J 514 -19.13 101.99 -56.55
CA ALA J 514 -18.31 102.61 -57.59
C ALA J 514 -18.19 101.73 -58.83
N SER J 515 -18.17 102.37 -60.00
CA SER J 515 -17.99 101.66 -61.27
C SER J 515 -16.53 101.25 -61.48
N ALA J 516 -15.62 102.00 -60.86
CA ALA J 516 -14.17 101.78 -60.93
C ALA J 516 -13.79 100.33 -60.66
N ASN J 517 -12.56 99.95 -61.03
CA ASN J 517 -12.17 98.56 -60.97
C ASN J 517 -12.16 97.98 -59.58
N MET J 518 -12.47 96.69 -59.51
CA MET J 518 -12.26 95.94 -58.31
C MET J 518 -10.77 95.88 -58.06
N SER J 519 -10.32 96.49 -56.99
CA SER J 519 -8.93 96.36 -56.62
C SER J 519 -8.84 95.21 -55.63
N ARG J 520 -8.13 94.17 -56.05
CA ARG J 520 -7.98 92.93 -55.31
C ARG J 520 -6.52 92.62 -55.10
N ILE J 521 -6.18 92.00 -53.98
CA ILE J 521 -4.83 91.50 -53.81
C ILE J 521 -4.55 90.44 -54.84
N VAL J 522 -3.39 90.51 -55.46
CA VAL J 522 -3.07 89.53 -56.47
C VAL J 522 -2.91 88.20 -55.77
N THR J 523 -3.75 87.23 -56.11
CA THR J 523 -3.73 85.98 -55.39
C THR J 523 -3.76 84.80 -56.31
N TYR J 524 -3.14 83.70 -55.91
CA TYR J 524 -3.24 82.47 -56.67
C TYR J 524 -3.17 81.27 -55.76
N SER J 525 -3.45 80.10 -56.32
CA SER J 525 -3.48 78.90 -55.50
C SER J 525 -2.82 77.71 -56.16
N ASP J 526 -2.23 76.89 -55.30
CA ASP J 526 -1.74 75.58 -55.69
C ASP J 526 -2.53 74.55 -54.91
N PHE J 527 -3.05 73.54 -55.58
CA PHE J 527 -3.72 72.45 -54.89
C PHE J 527 -3.47 71.14 -55.57
N TRP J 528 -3.61 70.05 -54.83
CA TRP J 528 -3.41 68.71 -55.37
C TRP J 528 -4.73 68.02 -55.65
N TRP J 529 -4.77 67.29 -56.76
CA TRP J 529 -5.98 66.60 -57.15
C TRP J 529 -5.70 65.13 -57.24
N LYS J 530 -6.57 64.31 -56.67
CA LYS J 530 -6.46 62.84 -56.78
C LYS J 530 -7.76 62.25 -57.27
N GLY J 531 -7.68 61.35 -58.22
CA GLY J 531 -8.88 60.71 -58.74
C GLY J 531 -8.73 59.22 -58.81
N LYS J 532 -9.84 58.51 -58.77
CA LYS J 532 -9.81 57.07 -58.90
C LYS J 532 -10.89 56.58 -59.86
N LEU J 533 -10.46 56.03 -60.99
CA LEU J 533 -11.39 55.56 -62.01
C LEU J 533 -11.29 54.07 -62.06
N VAL J 534 -12.40 53.40 -61.82
CA VAL J 534 -12.33 51.95 -61.75
C VAL J 534 -13.00 51.31 -62.93
N PHE J 535 -12.26 50.42 -63.58
CA PHE J 535 -12.79 49.67 -64.70
C PHE J 535 -12.92 48.22 -64.34
N LYS J 536 -13.72 47.50 -65.11
CA LYS J 536 -13.80 46.07 -64.99
C LYS J 536 -13.67 45.53 -66.39
N ALA J 537 -12.65 44.73 -66.64
CA ALA J 537 -12.39 44.23 -67.98
C ALA J 537 -12.41 42.71 -67.97
N LYS J 538 -12.34 42.10 -69.14
CA LYS J 538 -12.36 40.65 -69.27
C LYS J 538 -11.25 40.15 -70.19
N LEU J 539 -10.54 39.11 -69.79
CA LEU J 539 -9.36 38.65 -70.55
C LEU J 539 -9.72 37.98 -71.86
N ARG J 540 -8.97 38.25 -72.93
CA ARG J 540 -9.26 37.62 -74.24
C ARG J 540 -8.68 36.22 -74.32
N ALA J 541 -9.07 35.48 -75.34
CA ALA J 541 -8.52 34.15 -75.50
C ALA J 541 -8.18 33.80 -76.95
N SER J 542 -7.19 32.91 -77.09
CA SER J 542 -6.72 32.46 -78.39
C SER J 542 -7.70 31.52 -79.04
N HIS J 543 -8.23 31.87 -80.20
CA HIS J 543 -9.15 30.95 -80.86
C HIS J 543 -8.65 30.50 -82.21
N THR J 544 -7.50 31.02 -82.60
CA THR J 544 -6.97 30.78 -83.92
C THR J 544 -5.62 30.10 -83.86
N TRP J 545 -5.21 29.52 -84.99
CA TRP J 545 -3.89 28.93 -85.07
C TRP J 545 -2.86 30.06 -85.11
N ASN J 546 -3.19 31.13 -85.81
CA ASN J 546 -2.26 32.22 -85.97
C ASN J 546 -2.27 33.13 -84.77
N PRO J 547 -1.14 33.81 -84.50
CA PRO J 547 -1.08 34.88 -83.52
C PRO J 547 -1.73 36.11 -84.06
N ILE J 548 -1.75 37.22 -83.33
CA ILE J 548 -2.48 38.41 -83.77
C ILE J 548 -1.81 39.74 -83.47
N GLN J 549 -2.33 40.80 -84.07
CA GLN J 549 -1.94 42.19 -83.82
C GLN J 549 -1.84 42.54 -82.34
N GLN J 550 -0.67 43.01 -81.90
CA GLN J 550 -0.52 43.56 -80.55
C GLN J 550 0.57 44.62 -80.47
N MET J 551 0.45 45.58 -79.53
CA MET J 551 1.51 46.57 -79.36
C MET J 551 2.85 45.98 -78.96
N SER J 552 3.92 46.68 -79.31
CA SER J 552 5.23 46.44 -78.67
C SER J 552 6.22 47.50 -79.14
N ILE J 553 7.47 47.37 -78.69
CA ILE J 553 8.58 48.09 -79.29
C ILE J 553 9.58 47.02 -79.68
N ASN J 554 10.20 47.00 -80.89
CA ASN J 554 10.31 47.97 -82.01
C ASN J 554 11.55 48.81 -81.91
N VAL J 555 12.41 48.67 -82.91
CA VAL J 555 13.64 49.43 -82.99
C VAL J 555 13.27 50.80 -83.46
N ASP J 556 12.23 50.86 -84.29
CA ASP J 556 11.48 52.08 -84.51
C ASP J 556 10.78 52.35 -83.22
N ASN J 557 9.96 53.39 -83.16
CA ASN J 557 8.97 53.43 -82.09
C ASN J 557 9.57 53.68 -80.70
N GLN J 558 10.53 52.83 -80.33
CA GLN J 558 11.23 52.85 -79.06
C GLN J 558 11.54 54.19 -78.39
N PHE J 559 11.54 55.28 -79.12
CA PHE J 559 12.05 56.48 -78.46
C PHE J 559 10.95 57.43 -78.05
N ASN J 560 9.71 57.01 -78.27
CA ASN J 560 8.54 57.79 -77.86
C ASN J 560 8.05 57.47 -76.47
N TYR J 561 8.82 56.68 -75.76
CA TYR J 561 8.36 56.14 -74.51
C TYR J 561 9.36 56.38 -73.41
N VAL J 562 10.28 57.28 -73.67
CA VAL J 562 11.32 57.61 -72.74
C VAL J 562 11.55 59.09 -72.86
N PRO J 563 12.10 59.71 -71.81
CA PRO J 563 12.39 61.13 -71.92
C PRO J 563 13.59 61.40 -72.81
N SER J 564 14.11 62.62 -72.77
CA SER J 564 15.21 62.99 -73.64
C SER J 564 16.44 63.41 -72.84
N ASN J 565 17.42 63.95 -73.54
CA ASN J 565 18.62 64.51 -72.94
C ASN J 565 18.26 65.59 -71.95
N ILE J 566 17.21 66.31 -72.29
CA ILE J 566 16.66 67.33 -71.42
C ILE J 566 15.48 66.67 -70.76
N GLY J 567 14.58 67.44 -70.18
CA GLY J 567 13.42 66.82 -69.57
C GLY J 567 12.33 66.34 -70.51
N GLY J 568 12.68 65.53 -71.53
CA GLY J 568 11.70 64.83 -72.36
C GLY J 568 10.70 65.84 -72.84
N MET J 569 9.45 65.48 -73.17
CA MET J 569 8.95 64.13 -73.33
C MET J 569 7.72 64.16 -74.23
N LYS J 570 7.22 62.99 -74.58
CA LYS J 570 6.27 62.85 -75.66
C LYS J 570 5.33 61.68 -75.37
N ILE J 571 4.04 61.84 -75.66
CA ILE J 571 3.12 60.73 -75.61
C ILE J 571 2.42 60.52 -76.94
N VAL J 572 2.48 59.29 -77.43
CA VAL J 572 2.08 59.05 -78.79
C VAL J 572 0.78 58.30 -78.96
N TYR J 573 -0.03 58.79 -79.87
CA TYR J 573 -1.20 58.14 -80.44
C TYR J 573 -0.99 56.63 -80.56
N GLU J 574 -1.96 55.83 -80.12
CA GLU J 574 -1.72 54.39 -80.21
C GLU J 574 -2.83 53.35 -80.26
N LYS J 575 -3.89 53.60 -81.05
CA LYS J 575 -4.88 52.57 -81.38
C LYS J 575 -5.57 51.96 -80.16
N SER J 576 -6.29 50.85 -80.37
CA SER J 576 -7.02 50.19 -79.27
C SER J 576 -7.68 48.83 -79.58
N GLN J 577 -8.19 48.61 -80.77
CA GLN J 577 -8.93 47.37 -80.97
C GLN J 577 -8.10 46.43 -81.79
N LEU J 578 -6.99 45.99 -81.24
CA LEU J 578 -5.96 45.38 -82.04
C LEU J 578 -6.31 43.99 -82.46
N ALA J 579 -7.03 43.28 -81.62
CA ALA J 579 -7.30 41.89 -81.90
C ALA J 579 -8.54 41.73 -82.76
N PRO J 580 -8.50 40.78 -83.69
CA PRO J 580 -9.62 40.50 -84.58
C PRO J 580 -10.82 39.89 -83.83
N ARG J 581 -12.02 40.03 -84.38
CA ARG J 581 -13.21 39.49 -83.75
C ARG J 581 -13.85 38.43 -84.62
N LYS J 582 -14.99 38.75 -85.19
CA LYS J 582 -15.78 37.83 -86.01
C LYS J 582 -17.15 38.45 -86.12
N LEU J 583 -17.54 38.92 -87.29
CA LEU J 583 -18.89 39.44 -87.46
C LEU J 583 -19.91 38.34 -87.51
N TYR J 584 -19.59 37.34 -88.34
CA TYR J 584 -20.54 36.34 -88.74
C TYR J 584 -19.81 35.02 -88.83
N GLY K 37 36.40 -11.32 -6.80
CA GLY K 37 37.69 -10.64 -6.95
C GLY K 37 38.90 -11.55 -6.77
N VAL K 38 40.02 -10.95 -6.42
CA VAL K 38 41.28 -11.68 -6.25
C VAL K 38 41.22 -12.86 -5.28
N GLY K 39 40.96 -12.57 -4.02
CA GLY K 39 41.06 -13.61 -3.02
C GLY K 39 39.76 -14.34 -2.80
N ILE K 40 38.94 -14.42 -3.83
CA ILE K 40 37.65 -15.07 -3.68
C ILE K 40 37.37 -16.04 -4.81
N SER K 41 37.21 -17.31 -4.45
CA SER K 41 36.96 -18.37 -5.41
C SER K 41 35.66 -18.15 -6.14
N THR K 42 35.56 -18.73 -7.32
CA THR K 42 34.42 -18.50 -8.18
C THR K 42 33.75 -19.79 -8.63
N GLY K 43 33.95 -20.88 -7.91
CA GLY K 43 33.34 -22.14 -8.30
C GLY K 43 33.62 -23.31 -7.39
N THR K 44 33.10 -24.48 -7.76
CA THR K 44 33.26 -25.62 -6.89
C THR K 44 33.63 -26.87 -7.65
N PHE K 45 34.64 -27.57 -7.15
CA PHE K 45 35.06 -28.84 -7.72
C PHE K 45 34.06 -29.93 -7.40
N ASN K 46 33.65 -30.67 -8.43
CA ASN K 46 32.72 -31.78 -8.28
C ASN K 46 32.86 -32.85 -9.32
N ASN K 47 33.35 -34.01 -8.93
CA ASN K 47 33.48 -35.10 -9.88
C ASN K 47 32.63 -36.27 -9.44
N GLN K 48 31.41 -35.96 -9.04
CA GLN K 48 30.53 -36.91 -8.39
C GLN K 48 29.56 -37.43 -9.42
N THR K 49 29.21 -38.70 -9.36
CA THR K 49 28.26 -39.25 -10.33
C THR K 49 26.97 -39.69 -9.64
N GLU K 50 25.88 -38.98 -9.93
CA GLU K 50 24.62 -39.20 -9.22
C GLU K 50 23.68 -40.05 -10.05
N PHE K 51 23.06 -41.04 -9.42
CA PHE K 51 22.04 -41.86 -10.07
C PHE K 51 20.68 -41.62 -9.43
N LYS K 52 19.79 -40.88 -10.08
CA LYS K 52 18.52 -40.60 -9.43
C LYS K 52 17.43 -41.43 -10.09
N PHE K 53 16.87 -42.35 -9.30
CA PHE K 53 15.88 -43.31 -9.79
C PHE K 53 14.47 -42.73 -9.78
N LEU K 54 13.70 -42.96 -10.84
CA LEU K 54 12.35 -42.41 -10.95
C LEU K 54 11.27 -43.47 -11.10
N GLU K 55 10.11 -43.01 -11.56
CA GLU K 55 8.96 -43.88 -11.74
C GLU K 55 9.10 -44.63 -13.06
N ASN K 56 8.52 -45.81 -13.11
CA ASN K 56 8.57 -46.69 -14.29
C ASN K 56 9.99 -47.08 -14.73
N GLY K 57 10.89 -47.16 -13.76
CA GLY K 57 12.26 -47.57 -14.02
C GLY K 57 13.08 -46.68 -14.94
N TRP K 58 12.75 -45.39 -14.96
CA TRP K 58 13.59 -44.44 -15.65
C TRP K 58 14.62 -43.94 -14.66
N VAL K 59 15.89 -43.98 -15.04
CA VAL K 59 16.92 -43.50 -14.16
C VAL K 59 17.54 -42.23 -14.75
N TYR K 60 18.04 -41.36 -13.88
CA TYR K 60 18.41 -40.00 -14.25
C TYR K 60 19.84 -39.79 -13.85
N ILE K 61 20.75 -40.29 -14.70
CA ILE K 61 22.17 -40.27 -14.40
C ILE K 61 22.80 -38.93 -14.70
N THR K 62 23.29 -38.28 -13.65
CA THR K 62 23.93 -37.00 -13.76
C THR K 62 25.38 -37.15 -13.45
N ALA K 63 26.24 -37.19 -14.46
CA ALA K 63 27.68 -37.34 -14.23
C ALA K 63 28.38 -35.99 -14.19
N ASN K 64 28.91 -35.62 -13.04
CA ASN K 64 29.67 -34.38 -12.94
C ASN K 64 31.14 -34.68 -13.07
N SER K 65 31.86 -33.78 -13.73
CA SER K 65 33.29 -33.95 -14.00
C SER K 65 34.04 -32.65 -13.80
N SER K 66 35.16 -32.74 -13.09
CA SER K 66 35.92 -31.54 -12.82
C SER K 66 37.39 -31.79 -13.03
N ARG K 67 38.08 -30.81 -13.62
CA ARG K 67 39.52 -30.92 -13.86
C ARG K 67 40.27 -29.61 -13.65
N LEU K 68 41.51 -29.70 -13.19
CA LEU K 68 42.40 -28.56 -13.21
C LEU K 68 43.19 -28.55 -14.50
N VAL K 69 43.19 -27.42 -15.20
CA VAL K 69 43.76 -27.37 -16.52
C VAL K 69 44.95 -26.44 -16.60
N HIS K 70 45.96 -26.87 -17.34
CA HIS K 70 47.17 -26.10 -17.47
C HIS K 70 47.36 -25.66 -18.88
N LEU K 71 47.75 -24.40 -19.07
CA LEU K 71 47.79 -23.83 -20.40
C LEU K 71 48.86 -22.78 -20.57
N ASN K 72 49.71 -22.95 -21.58
CA ASN K 72 50.74 -21.95 -21.85
C ASN K 72 50.32 -21.11 -23.00
N MET K 73 51.03 -20.00 -23.18
CA MET K 73 50.74 -19.06 -24.23
C MET K 73 51.06 -19.68 -25.59
N PRO K 74 50.47 -19.15 -26.67
CA PRO K 74 50.70 -19.84 -27.94
C PRO K 74 52.16 -19.77 -28.32
N GLU K 75 52.61 -20.72 -29.11
CA GLU K 75 53.95 -20.68 -29.66
C GLU K 75 54.13 -19.39 -30.42
N SER K 76 53.07 -18.95 -31.11
CA SER K 76 53.08 -17.65 -31.80
C SER K 76 51.65 -17.22 -31.94
N GLU K 77 51.42 -15.91 -31.89
CA GLU K 77 50.06 -15.40 -31.84
C GLU K 77 49.38 -15.39 -33.19
N ASN K 78 49.91 -16.13 -34.16
CA ASN K 78 49.43 -16.03 -35.53
C ASN K 78 48.74 -17.28 -36.03
N TYR K 79 47.84 -17.13 -36.99
CA TYR K 79 47.26 -18.30 -37.65
C TYR K 79 48.16 -18.72 -38.80
N ARG K 80 48.30 -20.03 -38.98
CA ARG K 80 49.17 -20.56 -40.02
C ARG K 80 48.56 -21.63 -40.90
N ARG K 81 48.83 -21.53 -42.20
CA ARG K 81 48.55 -22.61 -43.15
C ARG K 81 49.80 -23.41 -43.41
N VAL K 82 49.85 -24.62 -42.85
CA VAL K 82 51.01 -25.47 -42.98
C VAL K 82 50.70 -26.69 -43.84
N VAL K 83 51.65 -27.09 -44.68
CA VAL K 83 51.45 -28.27 -45.50
C VAL K 83 52.35 -29.41 -45.07
N VAL K 84 51.76 -30.58 -44.99
CA VAL K 84 52.48 -31.78 -44.69
C VAL K 84 52.63 -32.56 -45.94
N ASN K 85 53.81 -33.12 -46.17
CA ASN K 85 54.06 -33.89 -47.38
C ASN K 85 55.12 -34.92 -47.17
N ASN K 86 54.73 -36.18 -47.04
CA ASN K 86 55.74 -37.21 -46.90
C ASN K 86 55.91 -37.97 -48.21
N LEU K 87 56.54 -37.33 -49.18
CA LEU K 87 56.96 -38.06 -50.38
C LEU K 87 58.03 -39.01 -49.93
N ASP K 88 58.67 -38.59 -48.85
CA ASP K 88 59.60 -39.35 -48.05
C ASP K 88 59.19 -40.81 -47.93
N LYS K 89 57.90 -41.05 -47.74
CA LYS K 89 57.44 -42.39 -47.43
C LYS K 89 56.65 -42.98 -48.57
N THR K 90 56.03 -42.12 -49.35
CA THR K 90 55.08 -42.59 -50.35
C THR K 90 55.73 -43.01 -51.67
N ALA K 91 56.87 -42.40 -52.01
CA ALA K 91 57.51 -42.70 -53.29
C ALA K 91 58.07 -44.12 -53.31
N VAL K 92 57.98 -44.78 -52.18
CA VAL K 92 58.58 -46.08 -51.99
C VAL K 92 57.97 -47.19 -52.84
N ASN K 93 56.73 -47.01 -53.27
CA ASN K 93 56.00 -48.02 -54.05
C ASN K 93 55.67 -49.21 -53.16
N GLY K 94 54.38 -49.43 -52.97
CA GLY K 94 53.88 -50.40 -52.02
C GLY K 94 53.59 -49.71 -50.71
N ASN K 95 53.82 -48.41 -50.69
CA ASN K 95 53.61 -47.61 -49.50
C ASN K 95 52.50 -46.56 -49.65
N MET K 96 51.56 -46.76 -50.57
CA MET K 96 50.49 -45.77 -50.78
C MET K 96 49.70 -45.57 -49.51
N ALA K 97 49.45 -46.65 -48.81
CA ALA K 97 48.63 -46.60 -47.63
C ALA K 97 49.22 -45.75 -46.51
N LEU K 98 50.49 -45.36 -46.62
CA LEU K 98 51.12 -44.61 -45.53
C LEU K 98 51.12 -43.10 -45.74
N ASP K 99 50.24 -42.65 -46.62
CA ASP K 99 50.15 -41.24 -46.95
C ASP K 99 49.70 -40.40 -45.77
N ASP K 100 50.39 -39.30 -45.53
CA ASP K 100 50.02 -38.34 -44.49
C ASP K 100 49.83 -36.97 -45.10
N THR K 101 49.73 -36.90 -46.42
CA THR K 101 49.76 -35.63 -47.11
C THR K 101 48.48 -34.85 -46.88
N HIS K 102 48.60 -33.66 -46.31
CA HIS K 102 47.45 -32.81 -46.08
C HIS K 102 47.84 -31.37 -45.82
N ALA K 103 46.86 -30.48 -45.76
CA ALA K 103 47.06 -29.08 -45.44
C ALA K 103 46.27 -28.70 -44.19
N GLU K 104 46.72 -27.69 -43.46
CA GLU K 104 46.24 -27.48 -42.09
C GLU K 104 46.33 -26.01 -41.65
N ILE K 105 45.33 -25.53 -40.94
CA ILE K 105 45.40 -24.21 -40.31
C ILE K 105 45.76 -24.38 -38.86
N VAL K 106 46.88 -23.77 -38.47
CA VAL K 106 47.35 -23.87 -37.10
C VAL K 106 46.93 -22.62 -36.36
N THR K 107 46.24 -22.80 -35.23
CA THR K 107 45.66 -21.66 -34.53
C THR K 107 46.37 -21.41 -33.24
N PRO K 108 46.37 -20.16 -32.77
CA PRO K 108 46.94 -19.88 -31.45
C PRO K 108 45.99 -20.27 -30.32
N TRP K 109 44.91 -20.92 -30.68
CA TRP K 109 43.93 -21.30 -29.68
C TRP K 109 44.08 -22.76 -29.29
N SER K 110 43.67 -23.09 -28.07
CA SER K 110 43.56 -24.47 -27.64
C SER K 110 42.08 -24.84 -27.47
N LEU K 111 41.76 -26.13 -27.63
CA LEU K 111 40.39 -26.62 -27.54
C LEU K 111 40.18 -27.44 -26.28
N VAL K 112 39.14 -27.13 -25.52
CA VAL K 112 38.80 -27.95 -24.36
C VAL K 112 37.68 -28.93 -24.68
N ASP K 113 38.06 -30.15 -25.03
CA ASP K 113 37.11 -31.17 -25.45
C ASP K 113 36.97 -32.24 -24.38
N ALA K 114 35.74 -32.52 -23.97
CA ALA K 114 35.52 -33.55 -22.95
C ALA K 114 34.64 -34.66 -23.49
N ASN K 115 34.63 -34.80 -24.81
CA ASN K 115 33.81 -35.80 -25.47
C ASN K 115 34.47 -37.16 -25.52
N ALA K 116 34.46 -37.86 -24.41
CA ALA K 116 34.95 -39.23 -24.34
C ALA K 116 34.47 -39.86 -23.05
N TRP K 117 34.10 -41.13 -23.10
CA TRP K 117 33.44 -41.74 -21.97
C TRP K 117 34.22 -41.58 -20.69
N GLY K 118 35.53 -41.63 -20.78
CA GLY K 118 36.35 -41.58 -19.58
C GLY K 118 36.36 -40.25 -18.85
N VAL K 119 35.88 -39.20 -19.50
CA VAL K 119 35.90 -37.92 -18.86
C VAL K 119 34.84 -37.89 -17.76
N TRP K 120 33.83 -38.73 -17.91
CA TRP K 120 32.65 -38.65 -17.06
C TRP K 120 32.43 -39.82 -16.11
N PHE K 121 32.97 -40.98 -16.45
CA PHE K 121 32.76 -42.15 -15.62
C PHE K 121 34.03 -42.87 -15.21
N ASN K 122 34.10 -43.29 -13.97
CA ASN K 122 35.13 -44.22 -13.55
C ASN K 122 34.65 -45.62 -13.85
N PRO K 123 35.50 -46.64 -13.69
CA PRO K 123 35.07 -48.03 -13.94
C PRO K 123 33.82 -48.47 -13.20
N GLY K 124 33.73 -48.20 -11.90
CA GLY K 124 32.58 -48.56 -11.08
C GLY K 124 31.28 -48.02 -11.65
N ASP K 125 31.30 -46.75 -12.08
CA ASP K 125 30.13 -46.16 -12.70
C ASP K 125 29.73 -46.93 -13.94
N TRP K 126 30.69 -47.22 -14.80
CA TRP K 126 30.39 -47.91 -16.04
C TRP K 126 29.83 -49.28 -15.75
N GLN K 127 30.32 -49.93 -14.72
CA GLN K 127 29.78 -51.23 -14.37
C GLN K 127 28.30 -51.12 -14.15
N LEU K 128 27.91 -50.18 -13.31
CA LEU K 128 26.52 -50.00 -12.93
C LEU K 128 25.65 -49.81 -14.15
N ILE K 129 26.08 -48.91 -15.01
CA ILE K 129 25.33 -48.56 -16.20
C ILE K 129 25.09 -49.76 -17.07
N VAL K 130 26.18 -50.45 -17.39
CA VAL K 130 26.15 -51.53 -18.37
C VAL K 130 25.43 -52.81 -17.90
N ASN K 131 25.58 -53.15 -16.62
CA ASN K 131 25.01 -54.39 -16.13
C ASN K 131 23.53 -54.31 -15.86
N THR K 132 23.05 -53.12 -15.53
CA THR K 132 21.69 -53.03 -15.02
C THR K 132 20.76 -52.27 -15.95
N MET K 133 21.29 -51.62 -16.97
CA MET K 133 20.39 -50.83 -17.81
C MET K 133 20.38 -51.19 -19.27
N SER K 134 19.20 -51.04 -19.86
CA SER K 134 18.90 -51.57 -21.18
C SER K 134 19.14 -50.58 -22.28
N GLU K 135 18.95 -49.30 -22.00
CA GLU K 135 19.22 -48.29 -22.99
C GLU K 135 19.64 -46.99 -22.33
N LEU K 136 19.97 -46.01 -23.16
CA LEU K 136 20.64 -44.82 -22.68
C LEU K 136 20.33 -43.61 -23.57
N HIS K 137 19.82 -42.54 -22.96
CA HIS K 137 19.49 -41.32 -23.69
C HIS K 137 20.43 -40.22 -23.31
N LEU K 138 20.77 -39.41 -24.30
CA LEU K 138 21.67 -38.32 -24.06
C LEU K 138 20.81 -37.09 -23.81
N VAL K 139 20.89 -36.51 -22.62
CA VAL K 139 19.94 -35.46 -22.26
C VAL K 139 20.44 -34.00 -22.33
N SER K 140 21.47 -33.69 -21.59
CA SER K 140 21.88 -32.30 -21.47
C SER K 140 23.35 -32.14 -21.16
N PHE K 141 23.87 -30.94 -21.39
CA PHE K 141 25.29 -30.72 -21.19
C PHE K 141 25.62 -29.26 -20.94
N GLU K 142 26.31 -28.98 -19.85
CA GLU K 142 26.70 -27.61 -19.55
C GLU K 142 28.10 -27.65 -19.01
N GLN K 143 28.79 -26.53 -19.07
CA GLN K 143 30.16 -26.52 -18.58
C GLN K 143 30.54 -25.12 -18.16
N GLU K 144 31.52 -25.03 -17.28
CA GLU K 144 32.04 -23.75 -16.82
C GLU K 144 33.54 -23.79 -16.51
N ILE K 145 34.11 -22.60 -16.40
CA ILE K 145 35.51 -22.41 -16.07
C ILE K 145 35.66 -21.44 -14.90
N PHE K 146 36.38 -21.82 -13.86
CA PHE K 146 36.43 -20.98 -12.69
C PHE K 146 37.78 -20.98 -11.99
N ASN K 147 37.93 -20.10 -11.01
CA ASN K 147 39.20 -19.95 -10.32
C ASN K 147 40.35 -19.83 -11.28
N VAL K 148 40.24 -18.87 -12.18
CA VAL K 148 41.32 -18.64 -13.13
C VAL K 148 42.54 -18.06 -12.44
N VAL K 149 43.72 -18.56 -12.80
CA VAL K 149 44.99 -18.06 -12.28
C VAL K 149 45.97 -17.84 -13.43
N LEU K 150 46.60 -16.68 -13.46
CA LEU K 150 47.66 -16.39 -14.41
C LEU K 150 48.96 -16.00 -13.74
N LYS K 151 50.04 -16.66 -14.14
CA LYS K 151 51.35 -16.42 -13.58
C LYS K 151 52.36 -16.11 -14.70
N THR K 152 53.34 -15.25 -14.43
CA THR K 152 54.43 -15.00 -15.37
C THR K 152 55.67 -15.71 -14.85
N VAL K 153 56.46 -16.34 -15.73
CA VAL K 153 57.70 -16.96 -15.30
C VAL K 153 58.64 -15.83 -14.95
N SER K 154 59.59 -15.58 -15.83
CA SER K 154 60.51 -14.47 -15.65
C SER K 154 61.11 -14.51 -14.24
N GLU K 155 62.18 -15.28 -13.96
CA GLU K 155 63.01 -16.15 -14.81
C GLU K 155 64.29 -16.18 -14.00
N SER K 156 65.40 -16.01 -14.70
CA SER K 156 66.70 -15.65 -14.14
C SER K 156 66.70 -15.03 -12.74
N ALA K 157 66.67 -15.85 -11.68
CA ALA K 157 66.77 -15.29 -10.34
C ALA K 157 67.04 -16.33 -9.25
N THR K 158 68.25 -16.45 -8.70
CA THR K 158 69.51 -15.82 -9.12
C THR K 158 70.68 -16.65 -8.57
N GLN K 159 71.80 -16.69 -9.28
CA GLN K 159 72.91 -17.63 -9.05
C GLN K 159 72.49 -19.12 -8.92
N PRO K 160 73.27 -20.03 -9.53
CA PRO K 160 73.13 -21.32 -10.22
C PRO K 160 72.17 -21.53 -11.43
N PRO K 161 71.16 -20.67 -11.71
CA PRO K 161 70.46 -19.52 -11.15
C PRO K 161 68.95 -19.72 -10.96
N THR K 162 68.41 -20.87 -11.37
CA THR K 162 67.01 -21.25 -11.12
C THR K 162 65.97 -20.27 -11.67
N LYS K 163 64.70 -20.65 -11.55
CA LYS K 163 63.54 -19.91 -12.09
C LYS K 163 62.53 -19.50 -11.02
N VAL K 164 61.72 -18.48 -11.31
CA VAL K 164 60.75 -18.00 -10.33
C VAL K 164 59.45 -17.64 -10.98
N TYR K 165 58.37 -17.99 -10.30
CA TYR K 165 57.02 -17.80 -10.82
C TYR K 165 56.23 -16.85 -9.97
N ASN K 166 55.74 -15.77 -10.60
CA ASN K 166 54.93 -14.75 -9.94
C ASN K 166 53.52 -14.62 -10.50
N ASN K 167 52.60 -14.14 -9.69
CA ASN K 167 51.27 -13.84 -10.16
C ASN K 167 51.19 -12.53 -10.92
N ASP K 168 50.56 -12.54 -12.10
CA ASP K 168 50.13 -11.32 -12.75
C ASP K 168 48.64 -11.17 -12.58
N LEU K 169 48.23 -10.41 -11.57
CA LEU K 169 46.83 -10.32 -11.19
C LEU K 169 45.98 -9.70 -12.27
N THR K 170 46.50 -8.70 -12.97
CA THR K 170 45.73 -8.01 -13.99
C THR K 170 45.64 -8.75 -15.35
N ALA K 171 46.31 -9.88 -15.47
CA ALA K 171 46.33 -10.65 -16.71
C ALA K 171 45.04 -11.41 -16.96
N SER K 172 44.77 -11.72 -18.22
CA SER K 172 43.49 -12.32 -18.61
C SER K 172 43.63 -13.63 -19.38
N LEU K 173 42.66 -14.51 -19.20
CA LEU K 173 42.55 -15.72 -20.00
C LEU K 173 41.38 -15.54 -20.95
N MET K 174 41.63 -15.66 -22.25
CA MET K 174 40.60 -15.47 -23.25
C MET K 174 39.85 -16.76 -23.46
N VAL K 175 38.53 -16.71 -23.33
CA VAL K 175 37.68 -17.87 -23.49
C VAL K 175 36.63 -17.56 -24.52
N ALA K 176 36.38 -18.49 -25.44
CA ALA K 176 35.41 -18.28 -26.49
C ALA K 176 34.63 -19.52 -26.73
N LEU K 177 33.31 -19.42 -26.77
CA LEU K 177 32.47 -20.58 -26.98
C LEU K 177 31.72 -20.47 -28.29
N ASP K 178 32.02 -21.38 -29.21
CA ASP K 178 31.42 -21.32 -30.53
C ASP K 178 30.07 -22.00 -30.50
N SER K 179 29.11 -21.36 -29.86
CA SER K 179 27.82 -21.98 -29.59
C SER K 179 26.93 -22.05 -30.83
N ASN K 180 27.32 -21.37 -31.88
CA ASN K 180 26.58 -21.49 -33.12
C ASN K 180 27.09 -22.59 -34.01
N ASN K 181 28.11 -23.30 -33.55
CA ASN K 181 28.83 -24.22 -34.41
C ASN K 181 29.19 -23.56 -35.74
N THR K 182 29.86 -22.41 -35.65
CA THR K 182 30.35 -21.69 -36.82
C THR K 182 31.55 -22.42 -37.43
N MET K 183 32.30 -23.11 -36.58
CA MET K 183 33.61 -23.59 -36.94
C MET K 183 33.76 -25.08 -36.98
N PRO K 184 34.73 -25.58 -37.76
CA PRO K 184 34.79 -27.01 -38.05
C PRO K 184 34.85 -27.87 -36.82
N PHE K 185 34.07 -28.94 -36.83
CA PHE K 185 33.97 -29.82 -35.70
C PHE K 185 35.19 -30.73 -35.68
N THR K 186 35.96 -30.65 -34.61
CA THR K 186 37.17 -31.44 -34.48
C THR K 186 37.15 -32.15 -33.17
N PRO K 187 36.42 -33.26 -33.10
CA PRO K 187 36.36 -34.04 -31.86
C PRO K 187 37.72 -34.62 -31.55
N ALA K 188 38.22 -34.31 -30.38
CA ALA K 188 39.59 -34.65 -30.03
C ALA K 188 39.77 -36.09 -29.61
N ALA K 189 38.68 -36.84 -29.52
CA ALA K 189 38.76 -38.22 -29.08
C ALA K 189 39.48 -39.11 -30.09
N MET K 190 39.47 -38.70 -31.36
CA MET K 190 40.04 -39.50 -32.43
C MET K 190 41.55 -39.58 -32.36
N ARG K 191 42.12 -38.64 -31.63
CA ARG K 191 43.55 -38.51 -31.58
C ARG K 191 43.98 -38.64 -30.14
N SER K 192 43.07 -39.14 -29.30
CA SER K 192 43.30 -39.21 -27.86
C SER K 192 43.80 -37.88 -27.30
N GLU K 193 43.06 -36.82 -27.53
CA GLU K 193 43.49 -35.50 -27.12
C GLU K 193 42.37 -34.74 -26.40
N THR K 194 41.59 -35.48 -25.62
CA THR K 194 40.59 -34.87 -24.77
C THR K 194 41.20 -34.56 -23.42
N LEU K 195 40.34 -34.26 -22.44
CA LEU K 195 40.79 -34.05 -21.09
C LEU K 195 41.18 -35.35 -20.47
N GLY K 196 41.90 -35.27 -19.36
CA GLY K 196 42.34 -36.45 -18.64
C GLY K 196 41.19 -37.29 -18.12
N PHE K 197 41.47 -38.55 -17.90
CA PHE K 197 40.45 -39.45 -17.38
C PHE K 197 40.52 -39.56 -15.87
N TYR K 198 41.45 -38.84 -15.27
CA TYR K 198 41.63 -38.91 -13.82
C TYR K 198 41.35 -37.58 -13.15
N PRO K 199 40.45 -37.55 -12.16
CA PRO K 199 40.06 -36.37 -11.38
C PRO K 199 41.18 -35.73 -10.59
N TRP K 200 42.07 -36.53 -10.05
CA TRP K 200 43.05 -35.98 -9.14
C TRP K 200 44.35 -35.61 -9.83
N LYS K 201 44.39 -35.84 -11.14
CA LYS K 201 45.54 -35.49 -11.95
C LYS K 201 45.21 -34.36 -12.89
N PRO K 202 45.95 -33.24 -12.82
CA PRO K 202 45.70 -32.11 -13.72
C PRO K 202 45.81 -32.49 -15.19
N THR K 203 45.33 -31.64 -16.08
CA THR K 203 45.30 -31.98 -17.49
C THR K 203 45.48 -30.75 -18.33
N ILE K 204 45.29 -30.90 -19.64
CA ILE K 204 45.60 -29.84 -20.57
C ILE K 204 44.64 -29.83 -21.72
N PRO K 205 44.49 -28.68 -22.38
CA PRO K 205 43.80 -28.66 -23.66
C PRO K 205 44.72 -29.12 -24.76
N THR K 206 44.26 -29.07 -26.02
CA THR K 206 45.14 -29.32 -27.16
C THR K 206 45.05 -28.16 -28.13
N PRO K 207 46.18 -27.82 -28.77
CA PRO K 207 46.26 -26.72 -29.72
C PRO K 207 45.28 -26.93 -30.85
N TRP K 208 44.50 -25.91 -31.16
CA TRP K 208 43.45 -26.12 -32.12
C TRP K 208 43.96 -25.98 -33.53
N ARG K 209 43.45 -26.84 -34.41
CA ARG K 209 43.94 -26.94 -35.77
C ARG K 209 42.83 -27.48 -36.63
N TYR K 210 42.72 -27.10 -37.89
CA TYR K 210 41.66 -27.67 -38.73
C TYR K 210 42.02 -27.85 -40.19
N TYR K 211 41.28 -28.67 -40.92
CA TYR K 211 41.68 -28.96 -42.29
C TYR K 211 41.49 -27.79 -43.26
N PHE K 212 42.53 -27.52 -44.03
CA PHE K 212 42.48 -26.51 -45.07
C PHE K 212 42.59 -27.26 -46.41
N GLN K 213 41.83 -26.86 -47.41
CA GLN K 213 41.66 -27.68 -48.61
C GLN K 213 42.90 -27.84 -49.45
N TRP K 214 43.00 -29.00 -50.09
CA TRP K 214 44.10 -29.26 -51.00
C TRP K 214 43.74 -30.29 -52.07
N ASP K 215 44.20 -30.08 -53.31
CA ASP K 215 44.17 -31.13 -54.35
C ASP K 215 45.41 -32.00 -54.24
N ARG K 216 45.30 -33.25 -54.65
CA ARG K 216 46.34 -34.22 -54.39
C ARG K 216 46.09 -35.54 -55.12
N THR K 217 47.10 -36.02 -55.84
CA THR K 217 46.99 -37.30 -56.55
C THR K 217 48.05 -38.30 -56.12
N LEU K 218 47.66 -39.57 -55.98
CA LEU K 218 48.60 -40.62 -55.66
C LEU K 218 48.19 -41.93 -56.30
N ILE K 219 48.96 -42.36 -57.29
CA ILE K 219 48.67 -43.60 -57.97
C ILE K 219 49.24 -44.78 -57.23
N PRO K 220 48.42 -45.81 -57.06
CA PRO K 220 48.82 -46.98 -56.31
C PRO K 220 49.88 -47.78 -57.03
N SER K 221 50.51 -48.72 -56.34
CA SER K 221 51.63 -49.45 -56.88
C SER K 221 51.98 -50.63 -56.01
N HIS K 222 52.94 -51.44 -56.43
CA HIS K 222 53.48 -52.51 -55.59
C HIS K 222 55.00 -52.46 -55.62
N THR K 223 55.64 -53.36 -54.87
CA THR K 223 57.08 -53.37 -54.76
C THR K 223 57.69 -53.61 -56.12
N GLY K 224 57.06 -54.48 -56.88
CA GLY K 224 57.52 -54.80 -58.22
C GLY K 224 57.45 -53.65 -59.23
N THR K 225 56.47 -52.77 -59.06
CA THR K 225 56.20 -51.72 -60.05
C THR K 225 57.43 -50.91 -60.50
N SER K 226 57.53 -50.79 -61.82
CA SER K 226 58.50 -49.96 -62.55
C SER K 226 58.32 -48.47 -62.30
N GLY K 227 59.25 -47.66 -62.79
CA GLY K 227 59.01 -46.22 -62.85
C GLY K 227 58.70 -45.48 -61.57
N THR K 228 58.27 -44.23 -61.72
CA THR K 228 57.82 -43.43 -60.59
C THR K 228 56.33 -43.17 -60.78
N PRO K 229 55.50 -43.86 -59.97
CA PRO K 229 54.07 -43.63 -60.06
C PRO K 229 53.79 -42.20 -59.65
N THR K 230 52.98 -41.50 -60.43
CA THR K 230 52.80 -40.07 -60.22
C THR K 230 52.26 -39.80 -58.84
N ASN K 231 52.94 -38.89 -58.14
CA ASN K 231 52.66 -38.64 -56.74
C ASN K 231 52.85 -37.16 -56.44
N ILE K 232 51.80 -36.40 -56.69
CA ILE K 232 51.86 -34.95 -56.66
C ILE K 232 50.80 -34.33 -55.73
N TYR K 233 51.13 -33.15 -55.20
CA TYR K 233 50.24 -32.28 -54.44
C TYR K 233 49.92 -31.12 -55.37
N HIS K 234 48.72 -31.08 -55.91
CA HIS K 234 48.42 -30.10 -56.93
C HIS K 234 48.29 -28.68 -56.40
N GLY K 235 47.77 -28.52 -55.19
CA GLY K 235 47.62 -27.19 -54.62
C GLY K 235 46.33 -26.92 -53.88
N THR K 236 45.66 -25.82 -54.20
CA THR K 236 44.47 -25.49 -53.45
C THR K 236 43.39 -24.91 -54.37
N ASP K 237 42.28 -25.63 -54.49
CA ASP K 237 41.11 -25.23 -55.27
C ASP K 237 40.49 -24.00 -54.63
N PRO K 238 40.63 -22.84 -55.27
CA PRO K 238 40.22 -21.57 -54.66
C PRO K 238 38.75 -21.55 -54.30
N ASP K 239 37.96 -22.30 -55.03
CA ASP K 239 36.52 -22.28 -54.78
C ASP K 239 36.19 -22.98 -53.49
N ASP K 240 37.17 -23.65 -52.88
CA ASP K 240 36.91 -24.44 -51.70
C ASP K 240 37.68 -23.91 -50.50
N VAL K 241 38.15 -22.68 -50.58
CA VAL K 241 39.00 -22.15 -49.52
C VAL K 241 38.20 -21.63 -48.33
N GLN K 242 38.39 -22.20 -47.15
CA GLN K 242 37.74 -21.64 -45.95
C GLN K 242 38.68 -21.38 -44.79
N PHE K 243 39.01 -20.11 -44.61
CA PHE K 243 39.86 -19.64 -43.51
C PHE K 243 39.04 -19.05 -42.35
N TYR K 244 38.97 -19.75 -41.23
CA TYR K 244 38.18 -19.30 -40.09
C TYR K 244 39.07 -18.71 -39.03
N THR K 245 38.59 -17.67 -38.36
CA THR K 245 39.24 -17.19 -37.18
C THR K 245 38.23 -17.21 -36.06
N ILE K 246 38.68 -17.55 -34.87
CA ILE K 246 37.84 -17.43 -33.69
C ILE K 246 37.37 -16.00 -33.56
N GLU K 247 38.31 -15.06 -33.71
CA GLU K 247 38.08 -13.65 -33.39
C GLU K 247 36.95 -13.00 -34.18
N ASN K 248 36.79 -13.34 -35.45
CA ASN K 248 35.72 -12.74 -36.25
C ASN K 248 34.41 -13.49 -36.21
N SER K 249 34.38 -14.65 -35.55
CA SER K 249 33.17 -15.46 -35.53
C SER K 249 32.58 -15.58 -34.15
N VAL K 250 33.40 -15.55 -33.10
CA VAL K 250 32.93 -15.84 -31.75
C VAL K 250 33.23 -14.73 -30.73
N PRO K 251 32.26 -14.43 -29.88
CA PRO K 251 32.52 -13.45 -28.83
C PRO K 251 33.50 -14.01 -27.83
N VAL K 252 34.51 -13.23 -27.50
CA VAL K 252 35.53 -13.67 -26.58
C VAL K 252 35.44 -13.01 -25.22
N HIS K 253 35.46 -13.83 -24.18
CA HIS K 253 35.38 -13.32 -22.83
C HIS K 253 36.78 -13.20 -22.26
N LEU K 254 37.08 -12.06 -21.65
CA LEU K 254 38.35 -11.93 -20.96
C LEU K 254 38.14 -12.25 -19.51
N LEU K 255 38.74 -13.33 -19.03
CA LEU K 255 38.61 -13.73 -17.64
C LEU K 255 39.84 -13.42 -16.81
N ARG K 256 39.69 -12.59 -15.77
CA ARG K 256 40.76 -12.42 -14.79
C ARG K 256 40.53 -13.36 -13.60
N THR K 257 41.35 -13.27 -12.57
CA THR K 257 41.27 -14.23 -11.46
C THR K 257 39.88 -14.36 -10.87
N GLY K 258 39.29 -13.22 -10.57
CA GLY K 258 38.00 -13.17 -9.89
C GLY K 258 36.82 -13.37 -10.79
N ASP K 259 37.07 -13.65 -12.06
CA ASP K 259 36.02 -13.86 -13.04
C ASP K 259 35.74 -15.33 -13.25
N GLU K 260 34.57 -15.59 -13.85
CA GLU K 260 34.15 -16.96 -14.17
C GLU K 260 33.30 -16.99 -15.43
N PHE K 261 33.33 -18.12 -16.12
CA PHE K 261 32.50 -18.29 -17.29
C PHE K 261 31.77 -19.60 -17.30
N ALA K 262 30.46 -19.51 -17.51
CA ALA K 262 29.58 -20.68 -17.59
C ALA K 262 28.73 -20.66 -18.84
N THR K 263 28.53 -21.83 -19.43
CA THR K 263 27.73 -21.94 -20.62
C THR K 263 26.31 -22.18 -20.14
N GLY K 264 25.36 -22.18 -21.05
CA GLY K 264 24.00 -22.50 -20.67
C GLY K 264 23.88 -23.99 -20.42
N THR K 265 22.66 -24.49 -20.34
CA THR K 265 22.47 -25.93 -20.42
C THR K 265 21.91 -26.28 -21.78
N PHE K 266 22.68 -27.04 -22.54
CA PHE K 266 22.30 -27.45 -23.87
C PHE K 266 21.52 -28.74 -23.77
N PHE K 267 20.39 -28.78 -24.47
CA PHE K 267 19.58 -29.97 -24.48
C PHE K 267 19.72 -30.72 -25.80
N PHE K 268 19.95 -32.02 -25.70
CA PHE K 268 20.19 -32.82 -26.88
C PHE K 268 18.91 -33.29 -27.56
N ASP K 269 19.05 -33.76 -28.79
CA ASP K 269 17.99 -34.55 -29.35
C ASP K 269 18.61 -35.64 -30.20
N CYS K 270 18.57 -36.89 -29.70
CA CYS K 270 19.14 -38.05 -30.41
C CYS K 270 18.33 -39.31 -30.14
N LYS K 271 18.66 -40.40 -30.84
CA LYS K 271 17.96 -41.66 -30.59
C LYS K 271 18.64 -42.29 -29.38
N PRO K 272 18.01 -43.31 -28.79
CA PRO K 272 18.65 -43.99 -27.65
C PRO K 272 19.74 -44.96 -28.07
N CYS K 273 20.78 -45.06 -27.27
CA CYS K 273 21.82 -46.06 -27.49
C CYS K 273 21.51 -47.28 -26.65
N ARG K 274 21.60 -48.46 -27.25
CA ARG K 274 21.14 -49.65 -26.55
C ARG K 274 22.27 -50.41 -25.92
N LEU K 275 22.02 -51.01 -24.78
CA LEU K 275 23.11 -51.66 -24.08
C LEU K 275 22.91 -53.15 -24.11
N THR K 276 22.43 -53.64 -25.24
CA THR K 276 22.29 -55.07 -25.40
C THR K 276 22.77 -55.47 -26.77
N HIS K 277 23.40 -56.62 -26.86
CA HIS K 277 23.91 -57.11 -28.13
C HIS K 277 23.01 -58.16 -28.69
N THR K 278 22.86 -58.21 -30.01
CA THR K 278 22.04 -59.24 -30.61
C THR K 278 22.91 -60.35 -31.13
N TRP K 279 22.43 -61.57 -31.01
CA TRP K 279 23.29 -62.68 -31.34
C TRP K 279 22.91 -63.42 -32.59
N GLN K 280 21.73 -63.13 -33.12
CA GLN K 280 21.22 -63.96 -34.17
C GLN K 280 21.74 -63.48 -35.51
N THR K 281 22.27 -64.41 -36.29
CA THR K 281 22.60 -64.17 -37.67
C THR K 281 21.46 -64.77 -38.43
N ASN K 282 21.47 -64.68 -39.75
CA ASN K 282 20.36 -65.22 -40.52
C ASN K 282 19.97 -66.64 -40.20
N ARG K 283 20.94 -67.44 -39.79
CA ARG K 283 20.76 -68.88 -39.62
C ARG K 283 19.90 -69.21 -38.41
N ALA K 284 19.54 -68.19 -37.65
CA ALA K 284 18.74 -68.38 -36.45
C ALA K 284 17.54 -67.44 -36.41
N LEU K 285 16.88 -67.27 -37.53
CA LEU K 285 15.72 -66.41 -37.56
C LEU K 285 14.47 -67.19 -37.93
N GLY K 286 13.56 -67.35 -36.98
CA GLY K 286 12.27 -67.93 -37.29
C GLY K 286 12.10 -69.31 -36.72
N LEU K 287 11.29 -70.12 -37.38
CA LEU K 287 10.97 -71.45 -36.85
C LEU K 287 11.99 -72.52 -37.24
N PRO K 288 12.67 -73.13 -36.27
CA PRO K 288 13.60 -74.23 -36.55
C PRO K 288 12.89 -75.44 -37.11
N PRO K 289 13.61 -76.24 -37.91
CA PRO K 289 12.96 -77.35 -38.59
C PRO K 289 12.59 -78.40 -37.57
N PHE K 290 11.41 -78.99 -37.73
CA PHE K 290 10.92 -79.91 -36.74
C PHE K 290 11.70 -81.19 -36.68
N LEU K 291 12.15 -81.57 -35.51
CA LEU K 291 12.95 -82.78 -35.41
C LEU K 291 12.09 -84.02 -35.17
N ASN K 292 12.11 -84.94 -36.12
CA ASN K 292 11.31 -86.16 -36.01
C ASN K 292 11.96 -87.24 -35.20
N SER K 293 13.25 -87.06 -34.91
CA SER K 293 14.01 -88.00 -34.09
C SER K 293 14.87 -87.33 -33.03
N LEU K 294 14.41 -87.37 -31.79
CA LEU K 294 15.11 -86.74 -30.68
C LEU K 294 16.02 -87.74 -30.00
N PRO K 295 17.16 -87.26 -29.51
CA PRO K 295 18.16 -88.11 -28.86
C PRO K 295 17.60 -88.79 -27.65
N GLN K 296 18.16 -89.92 -27.27
CA GLN K 296 17.65 -90.66 -26.11
C GLN K 296 18.75 -91.01 -25.10
N SER K 297 19.92 -90.43 -25.25
CA SER K 297 20.92 -90.41 -24.18
C SER K 297 21.75 -89.12 -24.23
N GLU K 298 22.18 -88.65 -23.06
CA GLU K 298 22.93 -87.40 -22.98
C GLU K 298 24.30 -87.61 -23.56
N GLY K 299 25.00 -86.53 -23.86
CA GLY K 299 26.33 -86.70 -24.37
C GLY K 299 26.62 -85.73 -25.47
N GLY K 300 27.76 -85.91 -26.12
CA GLY K 300 28.29 -84.92 -27.02
C GLY K 300 28.13 -85.18 -28.50
N THR K 301 27.70 -86.38 -28.86
CA THR K 301 27.51 -86.70 -30.28
C THR K 301 26.12 -87.27 -30.49
N ASN K 302 25.31 -87.15 -29.45
CA ASN K 302 23.94 -87.61 -29.48
C ASN K 302 23.05 -86.57 -30.15
N PHE K 303 23.20 -86.45 -31.46
CA PHE K 303 22.47 -85.42 -32.17
C PHE K 303 21.05 -85.87 -32.39
N GLY K 304 20.16 -84.92 -32.62
CA GLY K 304 18.81 -85.24 -33.04
C GLY K 304 18.82 -85.07 -34.52
N TYR K 305 17.89 -85.68 -35.22
CA TYR K 305 17.86 -85.61 -36.67
C TYR K 305 16.51 -85.11 -37.18
N ILE K 306 16.56 -84.18 -38.14
CA ILE K 306 15.36 -83.60 -38.74
C ILE K 306 14.47 -84.73 -39.26
N GLY K 307 15.06 -85.63 -40.04
CA GLY K 307 14.37 -86.85 -40.44
C GLY K 307 13.50 -86.80 -41.68
N VAL K 308 13.80 -85.89 -42.60
CA VAL K 308 13.18 -85.89 -43.90
C VAL K 308 14.23 -85.57 -44.95
N GLN K 309 14.11 -86.22 -46.11
CA GLN K 309 15.03 -85.97 -47.21
C GLN K 309 15.02 -84.50 -47.60
N GLN K 310 16.21 -83.93 -47.75
CA GLN K 310 16.34 -82.50 -47.96
C GLN K 310 15.57 -81.99 -49.15
N ASP K 311 15.28 -82.88 -50.09
CA ASP K 311 14.59 -82.50 -51.33
C ASP K 311 13.11 -82.82 -51.26
N LYS K 312 12.67 -83.35 -50.12
CA LYS K 312 11.29 -83.71 -49.96
C LYS K 312 10.64 -82.92 -48.82
N ARG K 313 11.23 -81.77 -48.51
CA ARG K 313 10.78 -80.96 -47.37
C ARG K 313 9.82 -79.87 -47.78
N ARG K 314 9.02 -79.43 -46.83
CA ARG K 314 8.07 -78.34 -47.04
C ARG K 314 8.62 -77.03 -46.49
N GLY K 315 8.28 -75.93 -47.14
CA GLY K 315 8.80 -74.66 -46.72
C GLY K 315 9.05 -73.71 -47.88
N VAL K 316 9.72 -72.60 -47.61
CA VAL K 316 9.91 -71.59 -48.62
C VAL K 316 11.37 -71.22 -48.83
N THR K 317 11.80 -71.19 -50.10
CA THR K 317 13.13 -70.73 -50.43
C THR K 317 13.10 -69.77 -51.58
N GLN K 318 14.21 -69.07 -51.80
CA GLN K 318 14.32 -68.14 -52.92
C GLN K 318 15.12 -68.75 -54.07
N MET K 319 15.14 -70.06 -54.14
CA MET K 319 15.84 -70.76 -55.20
C MET K 319 14.88 -71.52 -56.10
N GLY K 320 14.48 -70.88 -57.19
CA GLY K 320 13.50 -71.46 -58.08
C GLY K 320 13.88 -72.80 -58.68
N ASN K 321 15.17 -73.13 -58.66
CA ASN K 321 15.62 -74.39 -59.22
C ASN K 321 15.39 -75.56 -58.29
N THR K 322 16.23 -75.70 -57.27
CA THR K 322 16.17 -76.95 -56.51
C THR K 322 15.00 -76.99 -55.56
N ASN K 323 14.69 -78.20 -55.15
CA ASN K 323 13.69 -78.45 -54.13
C ASN K 323 14.44 -78.73 -52.87
N TYR K 324 15.72 -78.41 -52.87
CA TYR K 324 16.49 -78.53 -51.67
C TYR K 324 16.08 -77.46 -50.68
N ILE K 325 15.75 -77.89 -49.47
CA ILE K 325 15.43 -76.99 -48.39
C ILE K 325 16.32 -77.29 -47.20
N THR K 326 17.41 -76.56 -47.08
CA THR K 326 18.33 -76.75 -45.97
C THR K 326 18.48 -75.43 -45.24
N GLU K 327 19.06 -75.47 -44.04
CA GLU K 327 19.19 -74.26 -43.25
C GLU K 327 19.93 -73.13 -43.94
N ALA K 328 20.85 -73.45 -44.82
CA ALA K 328 21.53 -72.38 -45.53
C ALA K 328 20.74 -71.96 -46.75
N THR K 329 19.69 -72.70 -47.06
CA THR K 329 18.91 -72.51 -48.29
C THR K 329 17.58 -71.80 -48.01
N ILE K 330 16.97 -72.17 -46.90
CA ILE K 330 15.68 -71.66 -46.47
C ILE K 330 15.63 -70.14 -46.50
N MET K 331 14.52 -69.61 -46.98
CA MET K 331 14.31 -68.18 -47.00
C MET K 331 14.38 -67.64 -45.57
N ARG K 332 14.89 -66.43 -45.42
CA ARG K 332 14.83 -65.73 -44.15
C ARG K 332 14.19 -64.39 -44.47
N PRO K 333 13.57 -63.74 -43.48
CA PRO K 333 12.79 -62.51 -43.72
C PRO K 333 13.55 -61.36 -44.36
N ALA K 334 14.81 -61.18 -43.97
CA ALA K 334 15.67 -60.17 -44.55
C ALA K 334 17.10 -60.61 -44.30
N GLU K 335 18.04 -59.67 -44.25
CA GLU K 335 19.43 -60.05 -44.03
C GLU K 335 20.10 -59.30 -42.90
N VAL K 336 20.69 -60.05 -41.97
CA VAL K 336 21.39 -59.49 -40.81
C VAL K 336 22.84 -59.19 -41.10
N GLY K 337 23.17 -57.91 -41.12
CA GLY K 337 24.52 -57.49 -41.42
C GLY K 337 24.74 -57.38 -42.91
N TYR K 338 25.99 -57.04 -43.28
CA TYR K 338 26.35 -56.91 -44.67
C TYR K 338 27.82 -57.17 -44.89
N SER K 339 28.17 -57.57 -46.11
CA SER K 339 29.56 -57.78 -46.49
C SER K 339 30.11 -56.56 -47.22
N ALA K 340 31.31 -56.12 -46.83
CA ALA K 340 31.92 -54.91 -47.39
C ALA K 340 33.37 -55.14 -47.78
N PRO K 341 33.89 -54.34 -48.71
CA PRO K 341 35.29 -54.43 -49.16
C PRO K 341 36.30 -54.21 -48.06
N TYR K 342 37.40 -54.93 -48.10
CA TYR K 342 38.42 -54.84 -47.06
C TYR K 342 39.73 -55.40 -47.60
N TYR K 343 40.87 -54.74 -47.35
CA TYR K 343 40.98 -53.36 -46.86
C TYR K 343 40.81 -52.41 -48.02
N SER K 344 39.62 -51.90 -48.25
CA SER K 344 39.44 -51.12 -49.45
C SER K 344 39.89 -49.69 -49.24
N PHE K 345 40.63 -49.16 -50.20
CA PHE K 345 40.95 -47.74 -50.19
C PHE K 345 40.36 -47.06 -51.40
N GLU K 346 39.72 -45.92 -51.20
CA GLU K 346 39.13 -45.20 -52.31
C GLU K 346 39.75 -43.84 -52.35
N ALA K 347 39.60 -43.15 -53.46
CA ALA K 347 40.28 -41.89 -53.60
C ALA K 347 39.45 -40.80 -54.24
N SER K 348 39.51 -39.62 -53.67
CA SER K 348 38.92 -38.45 -54.29
C SER K 348 39.79 -37.24 -54.05
N THR K 349 39.49 -36.19 -54.81
CA THR K 349 40.11 -34.86 -54.70
C THR K 349 41.34 -34.72 -53.80
N GLN K 350 41.33 -35.30 -52.61
CA GLN K 350 42.40 -35.05 -51.65
C GLN K 350 43.21 -36.27 -51.28
N GLY K 351 43.05 -37.34 -52.05
CA GLY K 351 43.87 -38.50 -51.80
C GLY K 351 43.06 -39.68 -51.39
N PRO K 352 43.73 -40.78 -51.08
CA PRO K 352 43.10 -42.05 -50.76
C PRO K 352 42.75 -42.18 -49.30
N PHE K 353 41.75 -43.01 -49.00
CA PHE K 353 41.29 -43.23 -47.63
C PHE K 353 40.62 -44.57 -47.51
N LYS K 354 40.71 -45.18 -46.32
CA LYS K 354 40.13 -46.49 -46.11
C LYS K 354 38.62 -46.44 -46.15
N THR K 355 38.01 -47.50 -46.67
CA THR K 355 36.58 -47.69 -46.66
C THR K 355 36.12 -48.22 -45.31
N PRO K 356 35.20 -47.50 -44.66
CA PRO K 356 34.74 -47.78 -43.31
C PRO K 356 33.69 -48.87 -43.22
N ILE K 357 33.69 -49.63 -42.13
CA ILE K 357 32.80 -50.76 -42.01
C ILE K 357 31.88 -50.62 -40.80
N ALA K 358 30.66 -51.11 -40.93
CA ALA K 358 29.70 -50.98 -39.86
C ALA K 358 29.71 -52.13 -38.88
N ALA K 359 29.51 -53.33 -39.39
CA ALA K 359 29.06 -54.47 -38.58
C ALA K 359 30.06 -55.01 -37.54
N GLY K 360 30.07 -56.33 -37.35
CA GLY K 360 31.06 -56.99 -36.49
C GLY K 360 30.46 -57.27 -35.15
N ARG K 361 30.82 -58.36 -34.44
CA ARG K 361 31.71 -59.43 -34.85
C ARG K 361 30.99 -60.42 -35.73
N GLY K 362 31.71 -61.09 -36.63
CA GLY K 362 31.08 -62.13 -37.41
C GLY K 362 31.72 -63.50 -37.32
N GLY K 363 32.97 -63.54 -36.89
CA GLY K 363 33.64 -64.81 -36.84
C GLY K 363 33.14 -65.66 -35.70
N ALA K 364 33.44 -66.95 -35.75
CA ALA K 364 33.07 -67.89 -34.71
C ALA K 364 34.00 -67.78 -33.51
N GLN K 365 34.23 -68.92 -32.86
CA GLN K 365 35.04 -68.97 -31.65
C GLN K 365 36.45 -68.40 -31.84
N THR K 366 36.72 -67.29 -31.15
CA THR K 366 38.04 -66.69 -31.09
C THR K 366 38.80 -66.42 -32.39
N ASP K 367 38.11 -66.17 -33.51
CA ASP K 367 38.88 -65.77 -34.68
C ASP K 367 38.29 -64.44 -35.13
N GLU K 368 37.45 -64.51 -36.14
CA GLU K 368 36.85 -63.35 -36.77
C GLU K 368 37.88 -62.55 -37.56
N ASN K 369 37.41 -61.70 -38.45
CA ASN K 369 38.25 -61.03 -39.43
C ASN K 369 38.32 -59.52 -39.22
N GLN K 370 39.03 -59.11 -38.18
CA GLN K 370 39.11 -57.72 -37.74
C GLN K 370 39.08 -56.58 -38.77
N ALA K 371 39.05 -56.92 -40.07
CA ALA K 371 39.07 -55.91 -41.11
C ALA K 371 37.81 -55.97 -41.93
N ALA K 372 37.27 -57.18 -42.07
CA ALA K 372 35.98 -57.38 -42.74
C ALA K 372 34.83 -57.03 -41.81
N ASP K 373 35.11 -56.97 -40.51
CA ASP K 373 34.17 -56.46 -39.52
C ASP K 373 34.48 -54.99 -39.25
N GLY K 374 35.72 -54.60 -39.54
CA GLY K 374 36.14 -53.22 -39.38
C GLY K 374 36.22 -52.89 -37.92
N ASP K 375 36.65 -53.85 -37.12
CA ASP K 375 36.80 -53.66 -35.69
C ASP K 375 37.79 -52.55 -35.43
N PRO K 376 37.41 -51.59 -34.58
CA PRO K 376 38.19 -50.40 -34.25
C PRO K 376 39.33 -50.70 -33.31
N ARG K 377 40.43 -49.99 -33.48
CA ARG K 377 41.63 -50.19 -32.68
C ARG K 377 42.08 -48.84 -32.12
N TYR K 378 42.21 -48.79 -30.80
CA TYR K 378 42.44 -47.53 -30.11
C TYR K 378 43.87 -47.37 -29.57
N ALA K 379 44.48 -46.21 -29.82
CA ALA K 379 45.81 -45.92 -29.31
C ALA K 379 45.82 -44.66 -28.45
N PHE K 380 46.41 -44.77 -27.25
CA PHE K 380 46.25 -43.74 -26.24
C PHE K 380 47.38 -43.72 -25.20
N GLY K 381 47.50 -42.63 -24.43
CA GLY K 381 48.67 -42.46 -23.59
C GLY K 381 48.59 -41.85 -22.21
N ARG K 382 48.97 -42.64 -21.20
CA ARG K 382 49.02 -42.23 -19.78
C ARG K 382 47.85 -41.40 -19.31
N GLN K 383 47.66 -40.24 -19.92
CA GLN K 383 46.49 -39.44 -19.64
C GLN K 383 45.17 -40.15 -19.91
N HIS K 384 45.16 -41.14 -20.79
CA HIS K 384 43.90 -41.70 -21.22
C HIS K 384 43.81 -43.20 -21.08
N GLY K 385 44.56 -43.77 -20.15
CA GLY K 385 44.44 -45.21 -19.92
C GLY K 385 45.72 -46.00 -19.68
N GLN K 386 46.78 -45.67 -20.40
CA GLN K 386 48.06 -46.36 -20.25
C GLN K 386 48.55 -46.21 -18.82
N LYS K 387 49.23 -47.21 -18.29
CA LYS K 387 49.71 -47.08 -16.93
C LYS K 387 50.65 -45.89 -16.86
N THR K 388 50.39 -45.01 -15.91
CA THR K 388 51.04 -43.71 -15.89
C THR K 388 52.51 -43.77 -15.51
N THR K 389 52.97 -44.90 -15.00
CA THR K 389 54.39 -45.04 -14.66
C THR K 389 55.24 -45.44 -15.85
N THR K 390 54.60 -45.84 -16.93
CA THR K 390 55.32 -46.26 -18.12
C THR K 390 56.08 -45.12 -18.77
N THR K 391 57.39 -45.27 -18.89
CA THR K 391 58.21 -44.35 -19.70
C THR K 391 58.34 -44.84 -21.13
N GLY K 392 58.82 -43.97 -22.01
CA GLY K 392 58.92 -44.39 -23.40
C GLY K 392 57.72 -43.88 -24.15
N GLU K 393 57.88 -43.68 -25.44
CA GLU K 393 56.83 -43.04 -26.21
C GLU K 393 55.90 -44.02 -26.93
N THR K 394 55.96 -45.29 -26.57
CA THR K 394 55.08 -46.27 -27.19
C THR K 394 53.70 -46.28 -26.51
N PRO K 395 52.63 -46.09 -27.29
CA PRO K 395 51.26 -46.00 -26.78
C PRO K 395 50.69 -47.34 -26.41
N GLU K 396 49.68 -47.36 -25.55
CA GLU K 396 48.94 -48.58 -25.26
C GLU K 396 47.85 -48.75 -26.29
N ARG K 397 47.46 -49.97 -26.57
CA ARG K 397 46.47 -50.22 -27.61
C ARG K 397 45.50 -51.36 -27.26
N PHE K 398 44.39 -51.40 -27.99
CA PHE K 398 43.47 -52.53 -27.93
C PHE K 398 42.59 -52.54 -29.18
N THR K 399 42.00 -53.69 -29.46
CA THR K 399 41.06 -53.78 -30.56
C THR K 399 39.67 -54.17 -30.05
N TYR K 400 38.71 -53.27 -30.22
CA TYR K 400 37.39 -53.52 -29.68
C TYR K 400 36.65 -54.51 -30.56
N ILE K 401 36.36 -55.68 -29.99
CA ILE K 401 35.50 -56.65 -30.65
C ILE K 401 34.12 -56.73 -30.01
N ALA K 402 33.11 -56.22 -30.72
CA ALA K 402 31.78 -56.05 -30.13
C ALA K 402 31.13 -57.38 -29.76
N HIS K 403 30.13 -57.33 -28.91
CA HIS K 403 29.45 -58.56 -28.53
C HIS K 403 28.39 -58.95 -29.53
N GLN K 404 27.92 -57.97 -30.29
CA GLN K 404 26.82 -58.19 -31.20
C GLN K 404 27.24 -58.97 -32.44
N ASP K 405 26.74 -60.19 -32.60
CA ASP K 405 27.15 -60.99 -33.74
C ASP K 405 26.41 -60.55 -35.02
N THR K 406 26.96 -59.53 -35.69
CA THR K 406 26.36 -59.03 -36.92
C THR K 406 27.37 -58.83 -38.06
N GLY K 407 28.57 -59.39 -37.90
CA GLY K 407 29.62 -59.27 -38.90
C GLY K 407 29.71 -60.45 -39.84
N ARG K 408 30.86 -60.60 -40.49
CA ARG K 408 31.06 -61.70 -41.43
C ARG K 408 32.35 -62.46 -41.23
N TYR K 409 32.35 -63.70 -41.70
CA TYR K 409 33.54 -64.52 -41.78
C TYR K 409 33.76 -64.93 -43.22
N PRO K 410 34.33 -64.02 -44.03
CA PRO K 410 34.41 -64.18 -45.49
C PRO K 410 35.14 -65.43 -45.93
N GLU K 411 35.95 -66.01 -45.06
CA GLU K 411 36.64 -67.26 -45.37
C GLU K 411 35.63 -68.32 -45.73
N GLY K 412 34.44 -68.20 -45.16
CA GLY K 412 33.37 -69.15 -45.39
C GLY K 412 32.40 -68.77 -46.49
N ASP K 413 32.64 -67.66 -47.20
CA ASP K 413 31.74 -67.22 -48.28
C ASP K 413 31.92 -68.02 -49.57
N TRP K 414 30.89 -68.05 -50.41
CA TRP K 414 31.03 -68.64 -51.73
C TRP K 414 29.90 -68.27 -52.67
N ILE K 415 30.06 -68.66 -53.93
CA ILE K 415 29.09 -68.39 -54.97
C ILE K 415 28.93 -69.57 -55.94
N GLN K 416 27.72 -70.17 -56.04
CA GLN K 416 27.51 -71.27 -56.99
C GLN K 416 26.89 -70.81 -58.30
N ASN K 417 27.08 -71.63 -59.33
CA ASN K 417 26.46 -71.36 -60.60
C ASN K 417 24.99 -71.57 -60.48
N ILE K 418 24.26 -70.87 -61.33
CA ILE K 418 22.81 -70.93 -61.38
C ILE K 418 22.25 -72.35 -61.37
N ASN K 419 22.98 -73.32 -61.93
CA ASN K 419 22.41 -74.64 -62.20
C ASN K 419 22.32 -75.52 -60.96
N PHE K 420 23.11 -75.21 -59.95
CA PHE K 420 23.03 -75.89 -58.66
C PHE K 420 23.06 -77.39 -58.78
N ASN K 421 23.93 -77.87 -59.66
CA ASN K 421 24.17 -79.28 -59.82
C ASN K 421 25.21 -79.64 -58.79
N LEU K 422 24.83 -80.29 -57.72
CA LEU K 422 25.78 -80.43 -56.64
C LEU K 422 25.95 -81.87 -56.18
N PRO K 423 27.12 -82.21 -55.62
CA PRO K 423 28.36 -81.48 -55.28
C PRO K 423 28.91 -80.63 -56.42
N VAL K 424 29.36 -79.43 -56.10
CA VAL K 424 29.63 -78.45 -57.14
C VAL K 424 31.03 -78.56 -57.76
N THR K 425 31.07 -78.44 -59.09
CA THR K 425 32.34 -78.45 -59.83
C THR K 425 33.17 -77.22 -59.49
N ASP K 426 34.48 -77.35 -59.59
CA ASP K 426 35.38 -76.22 -59.43
C ASP K 426 35.11 -75.10 -60.42
N ASP K 427 34.59 -75.44 -61.59
CA ASP K 427 34.26 -74.44 -62.60
C ASP K 427 32.93 -73.77 -62.32
N ASN K 428 32.14 -74.35 -61.44
CA ASN K 428 30.81 -73.83 -61.18
C ASN K 428 30.69 -73.06 -59.86
N VAL K 429 31.81 -72.91 -59.16
CA VAL K 429 31.84 -72.18 -57.91
C VAL K 429 32.99 -71.18 -57.86
N LEU K 430 32.79 -70.09 -57.16
CA LEU K 430 33.84 -69.14 -56.92
C LEU K 430 34.11 -69.04 -55.44
N LEU K 431 35.28 -69.49 -55.02
CA LEU K 431 35.65 -69.52 -53.61
C LEU K 431 36.50 -68.31 -53.20
N PRO K 432 36.69 -68.10 -51.89
CA PRO K 432 37.66 -67.11 -51.43
C PRO K 432 39.09 -67.63 -51.60
N THR K 433 39.22 -68.81 -52.17
CA THR K 433 40.50 -69.40 -52.46
C THR K 433 40.91 -69.07 -53.86
N ASP K 434 39.94 -69.06 -54.77
CA ASP K 434 40.27 -68.75 -56.14
C ASP K 434 40.65 -67.27 -56.26
N PRO K 435 41.84 -67.04 -56.82
CA PRO K 435 42.44 -65.72 -56.99
C PRO K 435 41.71 -64.90 -58.03
N ILE K 436 41.72 -63.59 -57.83
CA ILE K 436 40.99 -62.64 -58.66
C ILE K 436 41.90 -61.68 -59.37
N GLY K 437 41.71 -61.52 -60.68
CA GLY K 437 42.57 -60.64 -61.43
C GLY K 437 43.99 -61.12 -61.36
N GLY K 438 44.17 -62.43 -61.15
CA GLY K 438 45.47 -63.03 -61.15
C GLY K 438 46.37 -62.64 -60.00
N LYS K 439 45.79 -62.40 -58.83
CA LYS K 439 46.61 -62.11 -57.67
C LYS K 439 46.39 -63.19 -56.62
N THR K 440 47.47 -63.79 -56.14
CA THR K 440 47.39 -64.86 -55.14
C THR K 440 46.67 -64.44 -53.87
N GLY K 441 46.97 -63.24 -53.39
CA GLY K 441 46.44 -62.73 -52.13
C GLY K 441 45.15 -61.91 -52.21
N ILE K 442 44.43 -62.06 -53.30
CA ILE K 442 43.16 -61.39 -53.48
C ILE K 442 42.11 -62.41 -53.91
N ASN K 443 40.90 -62.33 -53.34
CA ASN K 443 39.78 -63.18 -53.75
C ASN K 443 38.56 -62.30 -53.93
N TYR K 444 37.43 -62.87 -54.27
CA TYR K 444 36.30 -62.04 -54.63
C TYR K 444 35.79 -61.26 -53.41
N THR K 445 35.96 -61.83 -52.21
CA THR K 445 35.40 -61.20 -51.01
C THR K 445 36.04 -59.84 -50.69
N ASN K 446 37.21 -59.55 -51.25
CA ASN K 446 37.88 -58.30 -50.96
C ASN K 446 37.18 -57.12 -51.59
N ILE K 447 36.37 -57.37 -52.60
CA ILE K 447 35.67 -56.28 -53.28
C ILE K 447 34.14 -56.42 -53.19
N PHE K 448 33.71 -57.34 -52.35
CA PHE K 448 32.31 -57.75 -52.30
C PHE K 448 31.45 -56.74 -51.54
N ASN K 449 30.20 -56.60 -51.96
CA ASN K 449 29.29 -55.70 -51.27
C ASN K 449 27.87 -56.22 -51.32
N THR K 450 27.35 -56.67 -50.19
CA THR K 450 25.97 -57.16 -50.14
C THR K 450 25.05 -56.29 -49.31
N TYR K 451 25.33 -55.00 -49.31
CA TYR K 451 24.41 -54.05 -48.71
C TYR K 451 23.23 -53.95 -49.61
N GLY K 452 22.05 -53.87 -49.02
CA GLY K 452 20.85 -53.93 -49.81
C GLY K 452 19.59 -53.61 -49.03
N PRO K 453 18.49 -53.49 -49.75
CA PRO K 453 17.24 -53.09 -49.15
C PRO K 453 16.70 -54.15 -48.20
N LEU K 454 17.46 -55.19 -47.92
CA LEU K 454 17.07 -56.17 -46.89
C LEU K 454 18.08 -56.16 -45.75
N THR K 455 18.96 -55.16 -45.73
CA THR K 455 20.04 -55.11 -44.76
C THR K 455 19.57 -54.59 -43.41
N ALA K 456 19.97 -55.28 -42.36
CA ALA K 456 19.68 -54.87 -41.00
C ALA K 456 20.96 -54.64 -40.22
N LEU K 457 20.98 -53.61 -39.36
CA LEU K 457 22.17 -53.10 -38.70
C LEU K 457 21.94 -52.63 -37.29
N ASN K 458 22.98 -52.65 -36.48
CA ASN K 458 22.94 -51.89 -35.24
C ASN K 458 23.89 -50.74 -35.29
N ASN K 459 23.72 -49.83 -34.36
CA ASN K 459 24.62 -48.71 -34.22
C ASN K 459 25.83 -49.19 -33.44
N VAL K 460 26.92 -48.45 -33.52
CA VAL K 460 28.15 -48.83 -32.84
C VAL K 460 28.00 -48.81 -31.34
N PRO K 461 28.58 -49.80 -30.68
CA PRO K 461 28.51 -49.80 -29.24
C PRO K 461 29.50 -48.84 -28.68
N PRO K 462 29.21 -48.32 -27.50
CA PRO K 462 30.09 -47.37 -26.84
C PRO K 462 31.37 -48.03 -26.39
N VAL K 463 32.50 -47.39 -26.69
CA VAL K 463 33.78 -47.96 -26.32
C VAL K 463 34.39 -47.22 -25.15
N TYR K 464 34.27 -47.79 -23.96
CA TYR K 464 34.78 -47.16 -22.75
C TYR K 464 36.24 -47.53 -22.49
N PRO K 465 37.07 -46.54 -22.13
CA PRO K 465 36.84 -45.12 -21.95
C PRO K 465 37.31 -44.22 -23.09
N ASN K 466 37.99 -44.76 -24.07
CA ASN K 466 38.62 -43.92 -25.08
C ASN K 466 37.67 -43.51 -26.19
N GLY K 467 36.46 -44.07 -26.16
CA GLY K 467 35.50 -43.81 -27.20
C GLY K 467 34.93 -42.42 -27.13
N GLN K 468 34.49 -41.93 -28.28
CA GLN K 468 33.81 -40.67 -28.40
C GLN K 468 32.37 -40.88 -27.92
N ILE K 469 31.73 -39.86 -27.38
CA ILE K 469 30.34 -40.01 -26.92
C ILE K 469 29.34 -39.51 -27.95
N TRP K 470 29.41 -38.25 -28.34
CA TRP K 470 28.52 -37.74 -29.39
C TRP K 470 29.26 -37.15 -30.57
N ASP K 471 28.57 -37.01 -31.70
CA ASP K 471 29.23 -36.53 -32.90
C ASP K 471 28.27 -35.69 -33.72
N LYS K 472 28.79 -34.67 -34.41
CA LYS K 472 27.98 -33.82 -35.23
C LYS K 472 27.57 -34.59 -36.47
N GLU K 473 26.46 -34.23 -37.10
CA GLU K 473 26.06 -34.90 -38.32
C GLU K 473 26.59 -34.14 -39.52
N PHE K 474 26.93 -34.87 -40.58
CA PHE K 474 27.43 -34.27 -41.80
C PHE K 474 26.36 -33.38 -42.39
N ASP K 475 26.74 -32.20 -42.85
CA ASP K 475 25.76 -31.36 -43.51
C ASP K 475 25.68 -31.74 -44.99
N THR K 476 25.41 -33.02 -45.22
CA THR K 476 25.20 -33.50 -46.57
C THR K 476 23.70 -33.63 -46.74
N ASP K 477 23.20 -33.43 -47.94
CA ASP K 477 21.76 -33.46 -48.15
C ASP K 477 21.16 -34.81 -47.76
N LEU K 478 21.90 -35.88 -47.96
CA LEU K 478 21.47 -37.18 -47.46
C LEU K 478 22.47 -37.68 -46.42
N LYS K 479 22.00 -38.31 -45.35
CA LYS K 479 22.91 -38.52 -44.24
C LYS K 479 23.23 -39.99 -44.00
N PRO K 480 24.32 -40.26 -43.29
CA PRO K 480 24.65 -41.66 -43.05
C PRO K 480 23.71 -42.26 -42.07
N ARG K 481 23.42 -43.54 -42.19
CA ARG K 481 22.56 -44.18 -41.24
C ARG K 481 23.24 -44.37 -39.89
N LEU K 482 24.54 -44.14 -39.82
CA LEU K 482 25.21 -44.13 -38.54
C LEU K 482 26.59 -43.55 -38.64
N HIS K 483 27.24 -43.41 -37.50
CA HIS K 483 28.65 -43.04 -37.46
C HIS K 483 29.34 -44.13 -36.71
N VAL K 484 30.63 -44.32 -37.00
CA VAL K 484 31.38 -45.41 -36.39
C VAL K 484 32.22 -44.92 -35.22
N ASN K 485 32.28 -43.62 -35.01
CA ASN K 485 33.11 -43.09 -33.95
C ASN K 485 32.35 -42.79 -32.65
N ALA K 486 31.03 -42.65 -32.72
CA ALA K 486 30.21 -42.34 -31.55
C ALA K 486 28.76 -42.81 -31.74
N PRO K 487 28.12 -43.22 -30.65
CA PRO K 487 26.75 -43.72 -30.70
C PRO K 487 25.70 -42.62 -30.81
N PHE K 488 25.93 -41.43 -30.24
CA PHE K 488 24.96 -40.35 -30.32
C PHE K 488 25.34 -39.36 -31.40
N VAL K 489 24.41 -39.13 -32.32
CA VAL K 489 24.66 -38.15 -33.36
C VAL K 489 23.61 -37.05 -33.39
N CYS K 490 24.06 -35.80 -33.26
CA CYS K 490 23.16 -34.65 -33.27
C CYS K 490 22.73 -34.26 -34.67
N GLN K 491 21.49 -34.52 -35.10
CA GLN K 491 21.06 -33.96 -36.39
C GLN K 491 20.43 -32.57 -36.21
N ASN K 492 20.17 -32.23 -34.96
CA ASN K 492 19.71 -30.90 -34.61
C ASN K 492 20.83 -29.86 -34.69
N ASN K 493 21.70 -29.83 -33.70
CA ASN K 493 22.74 -28.83 -33.57
C ASN K 493 23.54 -29.31 -32.38
N CYS K 494 24.86 -29.35 -32.50
CA CYS K 494 25.63 -29.87 -31.39
C CYS K 494 26.16 -28.79 -30.48
N PRO K 495 26.48 -29.16 -29.23
CA PRO K 495 27.07 -28.22 -28.30
C PRO K 495 28.27 -27.57 -28.95
N GLY K 496 28.46 -26.29 -28.75
CA GLY K 496 29.61 -25.64 -29.37
C GLY K 496 30.93 -26.05 -28.77
N GLN K 497 31.99 -25.93 -29.55
CA GLN K 497 33.30 -26.27 -29.03
C GLN K 497 33.79 -25.13 -28.17
N LEU K 498 34.56 -25.46 -27.16
CA LEU K 498 35.05 -24.48 -26.21
C LEU K 498 36.51 -24.18 -26.41
N PHE K 499 36.86 -22.90 -26.61
CA PHE K 499 38.24 -22.48 -26.90
C PHE K 499 38.84 -21.52 -25.89
N VAL K 500 40.08 -21.80 -25.49
CA VAL K 500 40.83 -20.93 -24.58
C VAL K 500 42.18 -20.50 -25.12
N LYS K 501 42.77 -19.48 -24.51
CA LYS K 501 44.02 -18.90 -25.00
C LYS K 501 44.56 -17.89 -24.00
N VAL K 502 45.83 -17.96 -23.68
CA VAL K 502 46.39 -16.98 -22.79
C VAL K 502 46.53 -15.66 -23.54
N ALA K 503 46.01 -14.57 -22.97
CA ALA K 503 46.04 -13.27 -23.63
C ALA K 503 47.44 -12.75 -23.74
N PRO K 504 47.72 -12.03 -24.83
CA PRO K 504 49.02 -11.45 -25.08
C PRO K 504 49.48 -10.57 -23.94
N ASN K 505 50.54 -10.97 -23.24
CA ASN K 505 51.06 -10.17 -22.13
C ASN K 505 52.31 -9.38 -22.54
N LEU K 506 52.12 -8.16 -23.04
CA LEU K 506 53.23 -7.48 -23.67
C LEU K 506 54.29 -6.91 -22.73
N THR K 507 55.49 -6.85 -23.25
CA THR K 507 56.61 -6.19 -22.60
C THR K 507 56.52 -4.73 -22.94
N ASN K 508 57.47 -3.91 -22.52
CA ASN K 508 57.40 -2.48 -22.81
C ASN K 508 57.83 -2.15 -24.23
N GLN K 509 58.54 -3.07 -24.86
CA GLN K 509 58.91 -2.89 -26.26
C GLN K 509 58.05 -3.71 -27.17
N TYR K 510 57.15 -3.05 -27.89
CA TYR K 510 56.35 -3.72 -28.90
C TYR K 510 56.26 -2.77 -30.07
N ASP K 511 56.73 -3.23 -31.22
CA ASP K 511 56.57 -2.50 -32.45
C ASP K 511 55.88 -3.38 -33.45
N PRO K 512 54.61 -3.10 -33.71
CA PRO K 512 53.84 -3.87 -34.66
C PRO K 512 54.32 -3.58 -36.07
N ASP K 513 54.87 -2.39 -36.30
CA ASP K 513 55.33 -2.03 -37.63
C ASP K 513 56.55 -2.87 -38.02
N ALA K 514 57.21 -3.43 -37.00
CA ALA K 514 58.36 -4.32 -37.19
C ALA K 514 58.00 -5.79 -37.44
N SER K 515 58.76 -6.43 -38.33
CA SER K 515 58.59 -7.86 -38.66
C SER K 515 59.09 -8.73 -37.53
N ALA K 516 60.04 -8.18 -36.77
CA ALA K 516 60.73 -8.84 -35.68
C ALA K 516 59.82 -9.56 -34.70
N ASN K 517 60.44 -10.38 -33.88
CA ASN K 517 59.78 -11.14 -32.82
C ASN K 517 58.74 -10.28 -32.10
N MET K 518 57.53 -10.80 -31.95
CA MET K 518 56.60 -10.25 -30.98
C MET K 518 57.17 -10.68 -29.63
N SER K 519 57.60 -9.72 -28.83
CA SER K 519 58.16 -10.05 -27.54
C SER K 519 57.09 -9.92 -26.47
N ARG K 520 56.86 -11.03 -25.78
CA ARG K 520 55.82 -11.14 -24.79
C ARG K 520 56.44 -11.60 -23.49
N ILE K 521 55.88 -11.16 -22.37
CA ILE K 521 56.25 -11.73 -21.07
C ILE K 521 55.80 -13.15 -21.07
N VAL K 522 56.65 -14.08 -20.63
CA VAL K 522 56.23 -15.48 -20.66
C VAL K 522 55.12 -15.69 -19.66
N THR K 523 53.96 -16.10 -20.15
CA THR K 523 52.81 -16.26 -19.28
C THR K 523 52.14 -17.60 -19.52
N TYR K 524 51.63 -18.17 -18.44
CA TYR K 524 50.86 -19.39 -18.52
C TYR K 524 49.71 -19.33 -17.54
N SER K 525 48.72 -20.19 -17.72
CA SER K 525 47.54 -20.13 -16.89
C SER K 525 47.08 -21.45 -16.32
N ASP K 526 46.55 -21.37 -15.12
CA ASP K 526 45.89 -22.48 -14.47
C ASP K 526 44.44 -22.12 -14.27
N PHE K 527 43.54 -22.98 -14.74
CA PHE K 527 42.11 -22.76 -14.50
C PHE K 527 41.42 -24.10 -14.28
N TRP K 528 40.28 -24.08 -13.60
CA TRP K 528 39.50 -25.29 -13.35
C TRP K 528 38.30 -25.43 -14.29
N TRP K 529 37.97 -26.65 -14.65
CA TRP K 529 36.86 -26.88 -15.52
C TRP K 529 35.88 -27.83 -14.90
N LYS K 530 34.61 -27.48 -14.92
CA LYS K 530 33.59 -28.40 -14.42
C LYS K 530 32.53 -28.59 -15.47
N GLY K 531 32.10 -29.82 -15.67
CA GLY K 531 31.08 -30.11 -16.65
C GLY K 531 29.98 -30.96 -16.02
N LYS K 532 28.79 -30.89 -16.60
CA LYS K 532 27.69 -31.71 -16.14
C LYS K 532 26.97 -32.32 -17.34
N LEU K 533 27.07 -33.64 -17.45
CA LEU K 533 26.47 -34.36 -18.56
C LEU K 533 25.36 -35.22 -18.06
N VAL K 534 24.15 -35.03 -18.58
CA VAL K 534 23.04 -35.77 -18.04
C VAL K 534 22.48 -36.85 -18.98
N PHE K 535 22.32 -38.04 -18.44
CA PHE K 535 21.70 -39.14 -19.17
C PHE K 535 20.40 -39.54 -18.50
N LYS K 536 19.54 -40.18 -19.27
CA LYS K 536 18.33 -40.78 -18.77
C LYS K 536 18.35 -42.21 -19.30
N ALA K 537 18.39 -43.19 -18.42
CA ALA K 537 18.48 -44.57 -18.90
C ALA K 537 17.32 -45.40 -18.38
N LYS K 538 17.24 -46.65 -18.81
CA LYS K 538 16.11 -47.50 -18.47
C LYS K 538 16.59 -48.85 -17.95
N LEU K 539 16.07 -49.26 -16.80
CA LEU K 539 16.52 -50.51 -16.17
C LEU K 539 16.08 -51.72 -16.94
N ARG K 540 16.97 -52.70 -17.11
CA ARG K 540 16.61 -53.93 -17.83
C ARG K 540 15.89 -54.87 -16.90
N ALA K 541 15.30 -55.91 -17.45
CA ALA K 541 14.69 -56.94 -16.62
C ALA K 541 14.97 -58.31 -17.21
N SER K 542 15.02 -59.31 -16.34
CA SER K 542 15.33 -60.68 -16.71
C SER K 542 14.23 -61.32 -17.52
N HIS K 543 14.59 -61.89 -18.67
CA HIS K 543 13.60 -62.56 -19.48
C HIS K 543 13.93 -64.02 -19.76
N THR K 544 15.03 -64.50 -19.20
CA THR K 544 15.43 -65.87 -19.43
C THR K 544 15.58 -66.62 -18.11
N TRP K 545 15.60 -67.95 -18.19
CA TRP K 545 15.79 -68.77 -17.02
C TRP K 545 17.22 -68.59 -16.60
N ASN K 546 18.07 -68.45 -17.61
CA ASN K 546 19.50 -68.36 -17.38
C ASN K 546 19.89 -66.97 -17.03
N PRO K 547 20.97 -66.83 -16.26
CA PRO K 547 21.59 -65.53 -15.99
C PRO K 547 22.30 -65.04 -17.22
N ILE K 548 23.00 -63.93 -17.16
CA ILE K 548 23.62 -63.36 -18.36
C ILE K 548 25.00 -62.73 -18.14
N GLN K 549 25.61 -62.29 -19.23
CA GLN K 549 26.92 -61.64 -19.20
C GLN K 549 26.88 -60.45 -18.27
N GLN K 550 27.86 -60.28 -17.38
CA GLN K 550 27.96 -59.03 -16.62
C GLN K 550 29.41 -58.76 -16.16
N MET K 551 29.82 -57.50 -16.03
CA MET K 551 31.15 -57.17 -15.50
C MET K 551 31.37 -57.61 -14.09
N SER K 552 32.63 -57.86 -13.74
CA SER K 552 33.03 -58.00 -12.35
C SER K 552 34.53 -58.10 -12.20
N ILE K 553 34.97 -58.32 -10.96
CA ILE K 553 36.31 -58.82 -10.74
C ILE K 553 36.10 -60.08 -9.90
N ASN K 554 36.75 -61.24 -10.14
CA ASN K 554 37.91 -61.62 -11.00
C ASN K 554 39.23 -61.54 -10.28
N VAL K 555 39.89 -62.69 -10.20
CA VAL K 555 41.21 -62.82 -9.59
C VAL K 555 42.25 -62.43 -10.61
N ASP K 556 41.94 -62.70 -11.88
CA ASP K 556 42.53 -61.99 -13.00
C ASP K 556 41.99 -60.59 -12.88
N ASN K 557 42.34 -59.68 -13.79
CA ASN K 557 41.54 -58.46 -13.89
C ASN K 557 41.68 -57.48 -12.72
N GLN K 558 41.44 -57.98 -11.52
CA GLN K 558 41.46 -57.25 -10.25
C GLN K 558 42.46 -56.11 -10.10
N PHE K 559 43.51 -56.11 -10.89
CA PHE K 559 44.54 -55.15 -10.59
C PHE K 559 44.50 -54.00 -11.55
N ASN K 560 43.50 -53.99 -12.42
CA ASN K 560 43.35 -52.87 -13.30
C ASN K 560 42.49 -51.79 -12.70
N TYR K 561 42.14 -51.93 -11.43
CA TYR K 561 41.17 -51.02 -10.85
C TYR K 561 41.65 -50.40 -9.56
N VAL K 562 42.94 -50.49 -9.31
CA VAL K 562 43.56 -49.93 -8.13
C VAL K 562 44.89 -49.30 -8.52
N PRO K 563 45.38 -48.35 -7.73
CA PRO K 563 46.70 -47.81 -8.04
C PRO K 563 47.76 -48.79 -7.61
N SER K 564 49.01 -48.36 -7.64
CA SER K 564 50.13 -49.25 -7.41
C SER K 564 50.96 -48.82 -6.21
N ASN K 565 52.13 -49.42 -6.04
CA ASN K 565 53.06 -49.03 -4.98
C ASN K 565 53.38 -47.56 -5.07
N ILE K 566 53.48 -47.09 -6.30
CA ILE K 566 53.61 -45.66 -6.53
C ILE K 566 52.23 -45.23 -6.95
N GLY K 567 52.11 -44.03 -7.48
CA GLY K 567 50.79 -43.52 -7.79
C GLY K 567 50.07 -44.07 -9.00
N GLY K 568 50.04 -45.40 -9.15
CA GLY K 568 49.24 -46.05 -10.18
C GLY K 568 49.61 -45.46 -11.52
N MET K 569 48.73 -45.44 -12.52
CA MET K 569 47.44 -46.12 -12.51
C MET K 569 46.99 -46.30 -13.96
N LYS K 570 45.91 -47.04 -14.15
CA LYS K 570 45.59 -47.62 -15.42
C LYS K 570 44.09 -47.63 -15.64
N ILE K 571 43.65 -47.37 -16.87
CA ILE K 571 42.25 -47.59 -17.18
C ILE K 571 42.06 -48.50 -18.40
N VAL K 572 41.25 -49.53 -18.24
CA VAL K 572 41.20 -50.55 -19.24
C VAL K 572 39.91 -50.46 -20.03
N TYR K 573 40.02 -50.53 -21.35
CA TYR K 573 38.88 -50.76 -22.25
C TYR K 573 37.93 -51.78 -21.67
N GLU K 574 36.62 -51.60 -21.83
CA GLU K 574 35.70 -52.57 -21.24
C GLU K 574 34.29 -52.79 -21.74
N LYS K 575 34.11 -52.88 -23.06
CA LYS K 575 32.85 -53.39 -23.61
C LYS K 575 31.65 -52.55 -23.20
N SER K 576 30.43 -53.02 -23.46
CA SER K 576 29.24 -52.22 -23.16
C SER K 576 27.91 -52.91 -23.32
N GLN K 577 27.75 -53.76 -24.31
CA GLN K 577 26.43 -54.34 -24.59
C GLN K 577 26.43 -55.78 -24.12
N LEU K 578 26.50 -55.98 -22.82
CA LEU K 578 26.77 -57.31 -22.30
C LEU K 578 25.56 -58.24 -22.33
N ALA K 579 24.37 -57.67 -22.20
CA ALA K 579 23.20 -58.51 -22.12
C ALA K 579 22.70 -58.76 -23.50
N PRO K 580 22.20 -59.97 -23.74
CA PRO K 580 21.62 -60.41 -25.01
C PRO K 580 20.30 -59.75 -25.31
N ARG K 581 19.91 -59.73 -26.58
CA ARG K 581 18.67 -59.09 -26.91
C ARG K 581 17.66 -60.04 -27.52
N LYS K 582 17.53 -59.95 -28.84
CA LYS K 582 16.49 -60.63 -29.62
C LYS K 582 16.32 -59.90 -30.94
N LEU K 583 16.79 -60.48 -32.03
CA LEU K 583 16.54 -59.86 -33.31
C LEU K 583 15.11 -60.05 -33.72
N TYR K 584 14.68 -61.30 -33.61
CA TYR K 584 13.45 -61.76 -34.21
C TYR K 584 12.79 -62.69 -33.20
N GLY L 37 37.21 -10.71 0.92
CA GLY L 37 38.37 -10.61 0.06
C GLY L 37 39.73 -10.71 0.74
N VAL L 38 40.75 -10.14 0.11
CA VAL L 38 42.11 -10.26 0.61
C VAL L 38 42.30 -9.72 2.02
N GLY L 39 42.11 -8.42 2.20
CA GLY L 39 42.48 -7.82 3.45
C GLY L 39 41.42 -7.87 4.52
N ILE L 40 40.56 -8.88 4.49
CA ILE L 40 39.43 -8.94 5.42
C ILE L 40 39.26 -10.30 6.08
N SER L 41 39.31 -10.33 7.41
CA SER L 41 39.18 -11.59 8.15
C SER L 41 37.82 -12.20 7.97
N THR L 42 37.78 -13.52 8.10
CA THR L 42 36.58 -14.29 7.83
C THR L 42 36.15 -15.11 9.04
N GLY L 43 36.58 -14.73 10.23
CA GLY L 43 36.14 -15.40 11.42
C GLY L 43 36.81 -14.83 12.64
N THR L 44 36.45 -15.36 13.81
CA THR L 44 37.05 -14.89 15.05
C THR L 44 37.43 -16.08 15.93
N PHE L 45 38.61 -16.00 16.54
CA PHE L 45 39.16 -17.01 17.43
C PHE L 45 38.39 -17.11 18.72
N ASN L 46 38.00 -18.32 19.11
CA ASN L 46 37.31 -18.49 20.38
C ASN L 46 37.53 -19.83 21.02
N ASN L 47 38.33 -19.86 22.07
CA ASN L 47 38.59 -21.10 22.76
C ASN L 47 38.05 -20.98 24.16
N GLN L 48 36.83 -20.50 24.23
CA GLN L 48 36.21 -20.15 25.48
C GLN L 48 35.20 -21.21 25.83
N THR L 49 35.08 -21.51 27.11
CA THR L 49 34.18 -22.57 27.54
C THR L 49 33.02 -22.02 28.37
N GLU L 50 31.79 -22.09 27.85
CA GLU L 50 30.64 -21.51 28.54
C GLU L 50 29.78 -22.55 29.25
N PHE L 51 29.45 -22.28 30.51
CA PHE L 51 28.56 -23.13 31.28
C PHE L 51 27.26 -22.39 31.51
N LYS L 52 26.21 -22.73 30.78
CA LYS L 52 24.93 -22.04 30.93
C LYS L 52 23.96 -22.88 31.74
N PHE L 53 23.63 -22.42 32.95
CA PHE L 53 22.76 -23.17 33.84
C PHE L 53 21.30 -22.91 33.59
N LEU L 54 20.51 -23.98 33.61
CA LEU L 54 19.08 -23.87 33.37
C LEU L 54 18.27 -24.35 34.57
N GLU L 55 16.97 -24.59 34.37
CA GLU L 55 16.14 -25.01 35.48
C GLU L 55 16.08 -26.51 35.56
N ASN L 56 15.76 -27.00 36.76
CA ASN L 56 15.86 -28.41 37.12
C ASN L 56 17.29 -28.90 37.02
N GLY L 57 18.23 -27.99 37.19
CA GLY L 57 19.65 -28.31 37.20
C GLY L 57 20.25 -28.94 35.94
N TRP L 58 19.74 -28.59 34.78
CA TRP L 58 20.37 -28.99 33.53
C TRP L 58 21.39 -27.94 33.10
N VAL L 59 22.58 -28.38 32.72
CA VAL L 59 23.62 -27.45 32.31
C VAL L 59 23.85 -27.56 30.81
N TYR L 60 24.36 -26.49 30.22
CA TYR L 60 24.44 -26.38 28.78
C TYR L 60 25.87 -26.02 28.48
N ILE L 61 26.71 -27.05 28.43
CA ILE L 61 28.13 -26.83 28.26
C ILE L 61 28.46 -26.60 26.81
N THR L 62 28.89 -25.39 26.50
CA THR L 62 29.22 -25.03 25.15
C THR L 62 30.71 -24.87 25.05
N ALA L 63 31.37 -25.85 24.46
CA ALA L 63 32.83 -25.81 24.34
C ALA L 63 33.27 -25.27 23.00
N ASN L 64 33.91 -24.11 23.03
CA ASN L 64 34.49 -23.55 21.82
C ASN L 64 35.97 -23.86 21.73
N SER L 65 36.43 -24.11 20.52
CA SER L 65 37.82 -24.47 20.29
C SER L 65 38.32 -23.84 19.02
N SER L 66 39.50 -23.26 19.09
CA SER L 66 40.09 -22.63 17.94
C SER L 66 41.60 -22.93 17.89
N ARG L 67 42.10 -23.20 16.69
CA ARG L 67 43.50 -23.54 16.48
C ARG L 67 44.02 -22.89 15.19
N LEU L 68 45.31 -22.60 15.12
CA LEU L 68 45.94 -22.28 13.85
C LEU L 68 46.53 -23.55 13.30
N VAL L 69 46.23 -23.85 12.04
CA VAL L 69 46.66 -25.11 11.44
C VAL L 69 47.55 -24.94 10.23
N HIS L 70 48.57 -25.79 10.16
CA HIS L 70 49.62 -25.70 9.15
C HIS L 70 49.65 -26.89 8.21
N LEU L 71 49.79 -26.65 6.91
CA LEU L 71 49.67 -27.77 6.00
C LEU L 71 50.55 -27.63 4.80
N ASN L 72 51.36 -28.65 4.53
CA ASN L 72 52.19 -28.62 3.35
C ASN L 72 51.54 -29.45 2.27
N MET L 73 52.00 -29.27 1.05
CA MET L 73 51.45 -29.95 -0.10
C MET L 73 51.76 -31.43 -0.04
N PRO L 74 50.97 -32.25 -0.73
CA PRO L 74 51.19 -33.69 -0.64
C PRO L 74 52.55 -34.11 -1.15
N GLU L 75 53.00 -35.25 -0.68
CA GLU L 75 54.22 -35.84 -1.15
C GLU L 75 54.12 -36.05 -2.66
N SER L 76 52.94 -36.48 -3.11
CA SER L 76 52.62 -36.56 -4.53
C SER L 76 51.12 -36.47 -4.67
N GLU L 77 50.64 -35.99 -5.80
CA GLU L 77 49.23 -35.79 -5.92
C GLU L 77 48.50 -37.10 -6.22
N ASN L 78 49.09 -38.23 -5.88
CA ASN L 78 48.52 -39.51 -6.25
C ASN L 78 48.03 -40.38 -5.10
N TYR L 79 47.07 -41.23 -5.43
CA TYR L 79 46.62 -42.25 -4.50
C TYR L 79 47.55 -43.44 -4.65
N ARG L 80 47.94 -44.06 -3.54
CA ARG L 80 48.84 -45.22 -3.56
C ARG L 80 48.38 -46.40 -2.72
N ARG L 81 48.49 -47.61 -3.27
CA ARG L 81 48.33 -48.86 -2.53
C ARG L 81 49.69 -49.40 -2.07
N VAL L 82 49.98 -49.24 -0.78
CA VAL L 82 51.25 -49.65 -0.22
C VAL L 82 51.06 -50.85 0.68
N VAL L 83 51.94 -51.85 0.61
CA VAL L 83 51.81 -52.99 1.50
C VAL L 83 52.97 -52.98 2.48
N VAL L 84 52.66 -53.18 3.76
CA VAL L 84 53.68 -53.29 4.78
C VAL L 84 53.84 -54.73 5.21
N ASN L 85 55.08 -55.20 5.32
CA ASN L 85 55.32 -56.61 5.60
C ASN L 85 56.61 -56.76 6.40
N ASN L 86 56.47 -56.90 7.71
CA ASN L 86 57.64 -57.07 8.53
C ASN L 86 57.84 -58.55 8.80
N LEU L 87 58.24 -59.27 7.77
CA LEU L 87 58.66 -60.65 7.95
C LEU L 87 59.92 -60.61 8.80
N ASP L 88 60.64 -59.50 8.68
CA ASP L 88 61.85 -59.22 9.44
C ASP L 88 61.69 -59.47 10.92
N LYS L 89 60.47 -59.30 11.42
CA LYS L 89 60.23 -59.41 12.84
C LYS L 89 59.41 -60.63 13.18
N THR L 90 58.58 -61.07 12.24
CA THR L 90 57.63 -62.16 12.48
C THR L 90 58.24 -63.54 12.26
N ALA L 91 59.29 -63.62 11.44
CA ALA L 91 59.93 -64.90 11.16
C ALA L 91 60.71 -65.40 12.39
N VAL L 92 60.75 -64.56 13.42
CA VAL L 92 61.52 -64.82 14.62
C VAL L 92 61.01 -65.99 15.47
N ASN L 93 59.74 -66.33 15.34
CA ASN L 93 59.12 -67.42 16.10
C ASN L 93 59.01 -67.00 17.55
N GLY L 94 57.79 -66.88 18.04
CA GLY L 94 57.56 -66.33 19.36
C GLY L 94 57.35 -64.84 19.27
N ASN L 95 57.35 -64.33 18.04
CA ASN L 95 57.14 -62.90 17.77
C ASN L 95 55.84 -62.64 17.04
N MET L 96 54.88 -63.54 17.20
CA MET L 96 53.61 -63.42 16.52
C MET L 96 52.94 -62.10 16.83
N ALA L 97 52.97 -61.71 18.09
CA ALA L 97 52.28 -60.51 18.52
C ALA L 97 52.88 -59.24 17.93
N LEU L 98 53.99 -59.34 17.22
CA LEU L 98 54.63 -58.14 16.67
C LEU L 98 54.28 -57.84 15.23
N ASP L 99 53.23 -58.48 14.74
CA ASP L 99 52.79 -58.36 13.35
C ASP L 99 52.33 -56.96 12.97
N ASP L 100 52.86 -56.44 11.88
CA ASP L 100 52.42 -55.15 11.38
C ASP L 100 51.94 -55.33 9.94
N THR L 101 51.78 -56.57 9.52
CA THR L 101 51.53 -56.81 8.11
C THR L 101 50.13 -56.33 7.76
N HIS L 102 50.03 -55.40 6.81
CA HIS L 102 48.74 -54.88 6.37
C HIS L 102 48.82 -54.18 5.04
N ALA L 103 47.67 -53.84 4.48
CA ALA L 103 47.65 -53.03 3.26
C ALA L 103 46.94 -51.72 3.53
N GLU L 104 47.21 -50.72 2.71
CA GLU L 104 46.84 -49.36 3.05
C GLU L 104 46.73 -48.49 1.81
N ILE L 105 45.72 -47.63 1.74
CA ILE L 105 45.66 -46.67 0.63
C ILE L 105 46.12 -45.31 1.12
N VAL L 106 47.16 -44.79 0.47
CA VAL L 106 47.73 -43.54 0.89
C VAL L 106 47.24 -42.40 0.03
N THR L 107 46.66 -41.39 0.67
CA THR L 107 45.98 -40.32 -0.05
C THR L 107 46.69 -39.01 -0.03
N PRO L 108 46.47 -38.20 -1.04
CA PRO L 108 47.08 -36.87 -0.99
C PRO L 108 46.33 -35.92 -0.06
N TRP L 109 45.37 -36.45 0.67
CA TRP L 109 44.56 -35.61 1.50
C TRP L 109 45.01 -35.69 2.96
N SER L 110 44.72 -34.67 3.75
CA SER L 110 44.95 -34.71 5.19
C SER L 110 43.63 -34.60 5.96
N LEU L 111 43.59 -35.11 7.20
CA LEU L 111 42.35 -35.11 7.99
C LEU L 111 42.39 -34.20 9.24
N VAL L 112 41.37 -33.36 9.38
CA VAL L 112 41.26 -32.51 10.56
C VAL L 112 40.35 -33.18 11.57
N ASP L 113 40.96 -33.90 12.51
CA ASP L 113 40.21 -34.65 13.52
C ASP L 113 40.31 -33.98 14.88
N ALA L 114 39.16 -33.66 15.47
CA ALA L 114 39.13 -32.98 16.75
C ALA L 114 38.45 -33.81 17.80
N ASN L 115 38.33 -35.08 17.50
CA ASN L 115 37.65 -36.02 18.38
C ASN L 115 38.55 -36.51 19.49
N ALA L 116 38.75 -35.68 20.49
CA ALA L 116 39.47 -36.10 21.68
C ALA L 116 39.25 -35.05 22.78
N TRP L 117 39.09 -35.51 24.01
CA TRP L 117 38.71 -34.59 25.05
C TRP L 117 39.62 -33.39 25.17
N GLY L 118 40.90 -33.56 24.92
CA GLY L 118 41.84 -32.49 25.13
C GLY L 118 41.70 -31.35 24.16
N VAL L 119 40.94 -31.57 23.09
CA VAL L 119 40.75 -30.54 22.10
C VAL L 119 39.79 -29.51 22.60
N TRP L 120 38.95 -29.91 23.54
CA TRP L 120 37.83 -29.06 23.95
C TRP L 120 37.93 -28.48 25.36
N PHE L 121 38.59 -29.20 26.26
CA PHE L 121 38.67 -28.77 27.65
C PHE L 121 40.09 -28.61 28.22
N ASN L 122 40.27 -27.58 29.03
CA ASN L 122 41.51 -27.45 29.79
C ASN L 122 41.33 -28.26 31.05
N PRO L 123 42.38 -28.49 31.81
CA PRO L 123 42.13 -29.23 33.05
C PRO L 123 41.08 -28.60 33.98
N GLY L 124 41.14 -27.29 34.17
CA GLY L 124 40.20 -26.62 35.04
C GLY L 124 38.74 -26.84 34.69
N ASP L 125 38.46 -26.76 33.40
CA ASP L 125 37.14 -27.05 32.92
C ASP L 125 36.77 -28.47 33.32
N TRP L 126 37.66 -29.42 33.04
CA TRP L 126 37.39 -30.83 33.26
C TRP L 126 37.12 -31.09 34.72
N GLN L 127 37.82 -30.36 35.58
CA GLN L 127 37.59 -30.46 37.00
C GLN L 127 36.16 -30.19 37.30
N LEU L 128 35.68 -29.08 36.77
CA LEU L 128 34.34 -28.62 37.06
C LEU L 128 33.35 -29.67 36.66
N ILE L 129 33.50 -30.17 35.44
CA ILE L 129 32.59 -31.15 34.90
C ILE L 129 32.56 -32.40 35.78
N VAL L 130 33.74 -32.95 36.03
CA VAL L 130 33.83 -34.21 36.72
C VAL L 130 33.38 -34.13 38.19
N ASN L 131 33.65 -33.02 38.85
CA ASN L 131 33.30 -32.93 40.26
C ASN L 131 31.87 -32.56 40.59
N THR L 132 31.18 -31.89 39.69
CA THR L 132 29.90 -31.33 40.10
C THR L 132 28.74 -31.94 39.36
N MET L 133 29.00 -32.74 38.33
CA MET L 133 27.89 -33.27 37.55
C MET L 133 27.83 -34.77 37.41
N SER L 134 26.60 -35.28 37.29
CA SER L 134 26.33 -36.71 37.40
C SER L 134 26.22 -37.43 36.08
N GLU L 135 25.88 -36.73 35.01
CA GLU L 135 25.87 -37.36 33.70
C GLU L 135 26.12 -36.36 32.58
N LEU L 136 26.19 -36.86 31.36
CA LEU L 136 26.65 -36.03 30.26
C LEU L 136 26.06 -36.44 28.92
N HIS L 137 25.43 -35.50 28.22
CA HIS L 137 24.89 -35.75 26.90
C HIS L 137 25.66 -35.04 25.84
N LEU L 138 25.73 -35.65 24.67
CA LEU L 138 26.40 -35.06 23.52
C LEU L 138 25.34 -34.48 22.59
N VAL L 139 25.32 -33.16 22.44
CA VAL L 139 24.20 -32.51 21.78
C VAL L 139 24.42 -32.14 20.32
N SER L 140 25.43 -31.33 20.04
CA SER L 140 25.64 -30.80 18.70
C SER L 140 27.11 -30.48 18.44
N PHE L 141 27.46 -30.36 17.17
CA PHE L 141 28.84 -30.14 16.78
C PHE L 141 28.92 -29.44 15.44
N GLU L 142 29.58 -28.28 15.41
CA GLU L 142 29.79 -27.57 14.16
C GLU L 142 31.20 -27.07 14.15
N GLN L 143 31.68 -26.78 12.96
CA GLN L 143 33.04 -26.31 12.83
C GLN L 143 33.18 -25.49 11.56
N GLU L 144 34.16 -24.60 11.52
CA GLU L 144 34.42 -23.83 10.32
C GLU L 144 35.92 -23.61 10.15
N ILE L 145 36.32 -23.24 8.93
CA ILE L 145 37.71 -22.93 8.58
C ILE L 145 37.79 -21.48 8.06
N PHE L 146 38.68 -20.67 8.60
CA PHE L 146 38.66 -19.28 8.19
C PHE L 146 40.03 -18.66 8.20
N ASN L 147 40.13 -17.45 7.64
CA ASN L 147 41.39 -16.77 7.52
C ASN L 147 42.46 -17.64 6.89
N VAL L 148 42.14 -18.16 5.72
CA VAL L 148 43.07 -18.98 4.98
C VAL L 148 44.26 -18.18 4.46
N VAL L 149 45.45 -18.78 4.55
CA VAL L 149 46.65 -18.16 4.03
C VAL L 149 47.36 -19.16 3.16
N LEU L 150 47.77 -18.76 1.97
CA LEU L 150 48.57 -19.65 1.16
C LEU L 150 49.82 -18.91 0.81
N LYS L 151 50.96 -19.56 1.04
CA LYS L 151 52.26 -19.00 0.71
C LYS L 151 53.05 -20.01 -0.12
N THR L 152 53.88 -19.53 -1.02
CA THR L 152 54.82 -20.40 -1.72
C THR L 152 56.17 -20.14 -1.13
N VAL L 153 56.96 -21.19 -0.93
CA VAL L 153 58.32 -21.01 -0.40
C VAL L 153 59.07 -20.25 -1.46
N SER L 154 59.73 -20.95 -2.37
CA SER L 154 60.28 -20.28 -3.54
C SER L 154 61.19 -19.06 -3.31
N GLU L 155 62.43 -19.21 -2.90
CA GLU L 155 63.14 -20.37 -2.38
C GLU L 155 64.44 -19.62 -2.12
N SER L 156 65.56 -20.17 -2.55
CA SER L 156 66.83 -19.45 -2.59
C SER L 156 66.73 -18.01 -3.13
N ALA L 157 67.65 -17.15 -2.67
CA ALA L 157 67.90 -15.75 -3.08
C ALA L 157 68.12 -14.81 -1.89
N THR L 158 69.35 -14.37 -1.58
CA THR L 158 70.63 -14.82 -2.16
C THR L 158 71.76 -14.65 -1.13
N GLN L 159 72.82 -15.43 -1.32
CA GLN L 159 73.97 -15.62 -0.40
C GLN L 159 73.63 -15.63 1.11
N PRO L 160 73.94 -16.73 1.82
CA PRO L 160 74.52 -18.06 1.54
C PRO L 160 73.61 -19.28 1.19
N PRO L 161 72.35 -19.13 0.71
CA PRO L 161 71.47 -18.01 0.36
C PRO L 161 70.20 -17.80 1.21
N THR L 162 69.82 -18.75 2.06
CA THR L 162 68.57 -18.66 2.83
C THR L 162 67.37 -18.68 1.89
N LYS L 163 66.18 -18.85 2.47
CA LYS L 163 64.95 -18.95 1.68
C LYS L 163 63.99 -17.83 2.05
N VAL L 164 63.03 -17.56 1.18
CA VAL L 164 62.11 -16.43 1.35
C VAL L 164 60.73 -16.86 0.96
N TYR L 165 59.73 -16.38 1.69
CA TYR L 165 58.35 -16.80 1.51
C TYR L 165 57.37 -15.70 1.05
N ASN L 166 56.68 -15.91 -0.06
CA ASN L 166 55.73 -14.93 -0.58
C ASN L 166 54.30 -15.44 -0.62
N ASN L 167 53.35 -14.52 -0.54
CA ASN L 167 51.94 -14.86 -0.67
C ASN L 167 51.51 -15.19 -2.08
N ASP L 168 50.80 -16.29 -2.26
CA ASP L 168 50.10 -16.50 -3.52
C ASP L 168 48.64 -16.19 -3.29
N LEU L 169 48.23 -14.98 -3.64
CA LEU L 169 46.88 -14.56 -3.31
C LEU L 169 45.83 -15.37 -4.05
N THR L 170 46.08 -15.67 -5.31
CA THR L 170 45.10 -16.37 -6.11
C THR L 170 45.06 -17.87 -5.85
N ALA L 171 45.97 -18.38 -5.04
CA ALA L 171 46.03 -19.83 -4.75
C ALA L 171 44.93 -20.30 -3.81
N SER L 172 44.64 -21.59 -3.86
CA SER L 172 43.50 -22.16 -3.15
C SER L 172 43.84 -23.32 -2.25
N LEU L 173 43.06 -23.46 -1.19
CA LEU L 173 43.11 -24.62 -0.32
C LEU L 173 41.85 -25.42 -0.52
N MET L 174 41.99 -26.71 -0.82
CA MET L 174 40.82 -27.56 -1.07
C MET L 174 40.24 -28.12 0.22
N VAL L 175 38.95 -27.97 0.41
CA VAL L 175 38.32 -28.47 1.61
C VAL L 175 37.15 -29.35 1.25
N ALA L 176 37.05 -30.51 1.88
CA ALA L 176 35.97 -31.43 1.57
C ALA L 176 35.40 -32.09 2.81
N LEU L 177 34.09 -31.98 2.99
CA LEU L 177 33.43 -32.57 4.13
C LEU L 177 32.53 -33.69 3.67
N ASP L 178 32.87 -34.91 4.09
CA ASP L 178 32.16 -36.12 3.70
C ASP L 178 30.96 -36.34 4.61
N SER L 179 29.93 -35.54 4.44
CA SER L 179 28.87 -35.52 5.43
C SER L 179 27.99 -36.75 5.35
N ASN L 180 28.09 -37.51 4.26
CA ASN L 180 27.29 -38.72 4.15
C ASN L 180 27.98 -39.94 4.71
N ASN L 181 29.16 -39.75 5.28
CA ASN L 181 29.99 -40.87 5.70
C ASN L 181 30.12 -41.91 4.62
N THR L 182 30.51 -41.46 3.43
CA THR L 182 30.73 -42.35 2.30
C THR L 182 32.01 -43.10 2.56
N MET L 183 32.90 -42.46 3.30
CA MET L 183 34.26 -42.94 3.37
C MET L 183 34.63 -43.47 4.73
N PRO L 184 35.63 -44.35 4.77
CA PRO L 184 35.99 -45.12 5.96
C PRO L 184 36.25 -44.24 7.15
N PHE L 185 35.71 -44.64 8.28
CA PHE L 185 35.84 -43.84 9.47
C PHE L 185 37.22 -44.05 10.08
N THR L 186 38.02 -43.01 10.18
CA THR L 186 39.37 -43.14 10.74
C THR L 186 39.63 -42.13 11.84
N PRO L 187 39.12 -42.39 13.05
CA PRO L 187 39.35 -41.49 14.17
C PRO L 187 40.82 -41.38 14.52
N ALA L 188 41.36 -40.18 14.54
CA ALA L 188 42.79 -40.05 14.74
C ALA L 188 43.20 -40.22 16.18
N ALA L 189 42.23 -40.33 17.07
CA ALA L 189 42.51 -40.41 18.49
C ALA L 189 43.31 -41.65 18.84
N MET L 190 43.17 -42.67 18.00
CA MET L 190 43.78 -43.96 18.24
C MET L 190 45.27 -43.93 18.03
N ARG L 191 45.74 -42.94 17.29
CA ARG L 191 47.13 -42.85 16.94
C ARG L 191 47.70 -41.58 17.48
N SER L 192 46.98 -40.99 18.42
CA SER L 192 47.33 -39.70 19.00
C SER L 192 47.66 -38.69 17.93
N GLU L 193 46.75 -38.55 16.99
CA GLU L 193 47.01 -37.73 15.81
C GLU L 193 45.84 -36.79 15.56
N THR L 194 45.27 -36.29 16.65
CA THR L 194 44.22 -35.28 16.61
C THR L 194 44.81 -33.87 16.56
N LEU L 195 43.98 -32.86 16.73
CA LEU L 195 44.52 -31.52 16.82
C LEU L 195 45.21 -31.33 18.16
N GLY L 196 46.03 -30.30 18.27
CA GLY L 196 46.73 -30.01 19.49
C GLY L 196 45.83 -29.64 20.65
N PHE L 197 46.28 -29.87 21.87
CA PHE L 197 45.46 -29.61 23.04
C PHE L 197 45.75 -28.23 23.59
N TYR L 198 46.63 -27.48 22.95
CA TYR L 198 46.97 -26.18 23.46
C TYR L 198 46.48 -25.14 22.48
N PRO L 199 45.66 -24.19 22.97
CA PRO L 199 45.08 -23.10 22.20
C PRO L 199 46.11 -22.17 21.63
N TRP L 200 47.20 -21.92 22.35
CA TRP L 200 48.15 -20.92 21.90
C TRP L 200 49.32 -21.53 21.15
N LYS L 201 49.31 -22.84 20.95
CA LYS L 201 50.32 -23.51 20.16
C LYS L 201 49.71 -24.08 18.87
N PRO L 202 50.27 -23.72 17.71
CA PRO L 202 49.75 -24.16 16.41
C PRO L 202 49.74 -25.68 16.25
N THR L 203 49.07 -26.17 15.22
CA THR L 203 48.93 -27.62 15.05
C THR L 203 48.84 -27.98 13.57
N ILE L 204 48.60 -29.25 13.29
CA ILE L 204 48.58 -29.73 11.93
C ILE L 204 47.58 -30.84 11.83
N PRO L 205 47.04 -31.08 10.65
CA PRO L 205 46.27 -32.29 10.43
C PRO L 205 47.21 -33.44 10.20
N THR L 206 46.68 -34.61 9.88
CA THR L 206 47.51 -35.77 9.58
C THR L 206 47.16 -36.35 8.25
N PRO L 207 48.17 -36.84 7.53
CA PRO L 207 47.94 -37.37 6.19
C PRO L 207 46.92 -38.46 6.25
N TRP L 208 45.91 -38.43 5.40
CA TRP L 208 44.85 -39.42 5.45
C TRP L 208 45.20 -40.66 4.65
N ARG L 209 44.77 -41.80 5.18
CA ARG L 209 45.14 -43.13 4.70
C ARG L 209 44.04 -44.02 5.17
N TYR L 210 43.75 -45.09 4.46
CA TYR L 210 42.75 -46.02 4.97
C TYR L 210 43.08 -47.44 4.59
N TYR L 211 42.42 -48.37 5.26
CA TYR L 211 42.72 -49.78 5.06
C TYR L 211 42.23 -50.32 3.70
N PHE L 212 43.07 -51.14 3.06
CA PHE L 212 42.73 -51.82 1.83
C PHE L 212 42.76 -53.31 2.11
N GLN L 213 41.92 -54.11 1.49
CA GLN L 213 41.79 -55.50 1.89
C GLN L 213 43.04 -56.28 1.56
N TRP L 214 43.36 -57.25 2.38
CA TRP L 214 44.50 -58.13 2.13
C TRP L 214 44.25 -59.47 2.82
N ASP L 215 44.60 -60.57 2.16
CA ASP L 215 44.66 -61.88 2.81
C ASP L 215 46.00 -62.07 3.48
N ARG L 216 46.05 -62.90 4.50
CA ARG L 216 47.25 -63.05 5.30
C ARG L 216 47.11 -64.18 6.31
N THR L 217 48.08 -65.09 6.33
CA THR L 217 48.09 -66.19 7.31
C THR L 217 49.36 -66.12 8.15
N LEU L 218 49.23 -66.33 9.45
CA LEU L 218 50.39 -66.37 10.31
C LEU L 218 50.18 -67.37 11.42
N ILE L 219 50.88 -68.50 11.35
CA ILE L 219 50.73 -69.52 12.36
C ILE L 219 51.60 -69.22 13.56
N PRO L 220 51.00 -69.21 14.74
CA PRO L 220 51.67 -68.91 15.99
C PRO L 220 52.69 -69.97 16.36
N SER L 221 53.59 -69.61 17.27
CA SER L 221 54.75 -70.42 17.60
C SER L 221 55.46 -69.90 18.86
N HIS L 222 56.49 -70.62 19.34
CA HIS L 222 57.31 -70.13 20.45
C HIS L 222 58.79 -70.21 20.09
N THR L 223 59.65 -69.80 21.01
CA THR L 223 61.08 -69.80 20.77
C THR L 223 61.66 -71.18 20.48
N GLY L 224 61.10 -72.18 21.15
CA GLY L 224 61.61 -73.52 20.96
C GLY L 224 61.30 -74.06 19.58
N THR L 225 60.15 -73.68 19.04
CA THR L 225 59.75 -74.17 17.73
C THR L 225 60.77 -73.76 16.68
N SER L 226 61.34 -74.72 15.96
CA SER L 226 62.03 -74.34 14.73
C SER L 226 61.60 -75.19 13.54
N GLY L 227 62.25 -74.92 12.41
CA GLY L 227 61.60 -75.06 11.13
C GLY L 227 61.03 -73.67 10.88
N THR L 228 60.27 -73.50 9.81
CA THR L 228 59.67 -72.20 9.59
C THR L 228 58.14 -72.25 9.57
N PRO L 229 57.52 -71.59 10.55
CA PRO L 229 56.06 -71.55 10.67
C PRO L 229 55.51 -70.81 9.47
N THR L 230 54.44 -71.30 8.87
CA THR L 230 53.94 -70.67 7.66
C THR L 230 53.55 -69.24 7.96
N ASN L 231 54.11 -68.31 7.18
CA ASN L 231 53.95 -66.89 7.43
C ASN L 231 53.88 -66.14 6.12
N ILE L 232 52.68 -66.04 5.57
CA ILE L 232 52.55 -65.56 4.20
C ILE L 232 51.54 -64.41 4.03
N TYR L 233 51.77 -63.57 3.03
CA TYR L 233 50.83 -62.56 2.59
C TYR L 233 50.28 -63.05 1.26
N HIS L 234 49.04 -63.52 1.26
CA HIS L 234 48.47 -64.17 0.09
C HIS L 234 48.12 -63.23 -1.06
N GLY L 235 47.68 -62.02 -0.73
CA GLY L 235 47.33 -61.05 -1.75
C GLY L 235 46.07 -60.27 -1.43
N THR L 236 45.14 -60.19 -2.37
CA THR L 236 43.94 -59.40 -2.17
C THR L 236 42.69 -60.06 -2.76
N ASP L 237 41.69 -60.33 -1.91
CA ASP L 237 40.42 -60.96 -2.33
C ASP L 237 39.64 -59.93 -3.13
N PRO L 238 39.51 -60.15 -4.44
CA PRO L 238 38.89 -59.15 -5.31
C PRO L 238 37.47 -58.82 -4.91
N ASP L 239 36.80 -59.78 -4.28
CA ASP L 239 35.40 -59.62 -3.86
C ASP L 239 35.28 -58.60 -2.76
N ASP L 240 36.42 -58.19 -2.22
CA ASP L 240 36.46 -57.32 -1.05
C ASP L 240 37.18 -56.02 -1.35
N VAL L 241 37.36 -55.72 -2.62
CA VAL L 241 38.16 -54.57 -2.97
C VAL L 241 37.41 -53.28 -2.96
N GLN L 242 37.85 -52.31 -2.15
CA GLN L 242 37.29 -50.97 -2.21
C GLN L 242 38.28 -49.83 -2.22
N PHE L 243 38.43 -49.23 -3.40
CA PHE L 243 39.27 -48.05 -3.61
C PHE L 243 38.42 -46.79 -3.65
N TYR L 244 38.56 -45.97 -2.61
CA TYR L 244 37.80 -44.73 -2.44
C TYR L 244 38.60 -43.52 -2.87
N THR L 245 37.95 -42.52 -3.43
CA THR L 245 38.64 -41.24 -3.59
C THR L 245 37.75 -40.13 -3.08
N ILE L 246 38.36 -39.13 -2.46
CA ILE L 246 37.64 -37.95 -2.06
C ILE L 246 36.93 -37.40 -3.25
N GLU L 247 37.65 -37.30 -4.34
CA GLU L 247 37.18 -36.59 -5.51
C GLU L 247 35.87 -37.16 -6.07
N ASN L 248 35.72 -38.48 -6.07
CA ASN L 248 34.52 -39.07 -6.66
C ASN L 248 33.33 -39.17 -5.75
N SER L 249 33.51 -38.88 -4.47
CA SER L 249 32.45 -39.11 -3.50
C SER L 249 31.93 -37.83 -2.84
N VAL L 250 32.80 -36.83 -2.73
CA VAL L 250 32.52 -35.64 -1.96
C VAL L 250 32.72 -34.39 -2.76
N PRO L 251 31.80 -33.43 -2.61
CA PRO L 251 32.00 -32.13 -3.26
C PRO L 251 33.16 -31.39 -2.63
N VAL L 252 34.04 -30.85 -3.47
CA VAL L 252 35.22 -30.15 -3.01
C VAL L 252 35.14 -28.65 -3.19
N HIS L 253 35.40 -27.93 -2.11
CA HIS L 253 35.37 -26.48 -2.10
C HIS L 253 36.76 -25.93 -2.20
N LEU L 254 36.98 -25.00 -3.11
CA LEU L 254 38.28 -24.34 -3.21
C LEU L 254 38.27 -23.03 -2.45
N LEU L 255 39.11 -22.90 -1.44
CA LEU L 255 39.17 -21.68 -0.65
C LEU L 255 40.41 -20.85 -0.93
N ARG L 256 40.22 -19.62 -1.41
CA ARG L 256 41.31 -18.67 -1.47
C ARG L 256 41.29 -17.85 -0.20
N THR L 257 42.13 -16.83 -0.07
CA THR L 257 42.22 -16.11 1.19
C THR L 257 40.91 -15.58 1.74
N GLY L 258 40.11 -14.96 0.89
CA GLY L 258 38.89 -14.32 1.34
C GLY L 258 37.69 -15.23 1.52
N ASP L 259 37.88 -16.51 1.22
CA ASP L 259 36.79 -17.47 1.33
C ASP L 259 36.82 -18.05 2.74
N GLU L 260 35.70 -18.62 3.15
CA GLU L 260 35.60 -19.27 4.44
C GLU L 260 34.66 -20.42 4.27
N PHE L 261 34.79 -21.45 5.10
CA PHE L 261 33.92 -22.60 4.95
C PHE L 261 33.37 -23.01 6.27
N ALA L 262 32.05 -23.13 6.39
CA ALA L 262 31.49 -23.55 7.65
C ALA L 262 30.55 -24.70 7.45
N THR L 263 30.52 -25.63 8.39
CA THR L 263 29.62 -26.76 8.24
C THR L 263 28.31 -26.38 8.85
N GLY L 264 27.32 -27.25 8.76
CA GLY L 264 26.09 -26.95 9.45
C GLY L 264 26.26 -27.22 10.92
N THR L 265 25.16 -27.24 11.65
CA THR L 265 25.19 -27.74 13.00
C THR L 265 24.62 -29.16 13.03
N PHE L 266 25.45 -30.12 13.38
CA PHE L 266 25.07 -31.53 13.45
C PHE L 266 24.56 -31.88 14.82
N PHE L 267 23.40 -32.51 14.89
CA PHE L 267 22.87 -32.91 16.18
C PHE L 267 23.02 -34.38 16.44
N PHE L 268 23.55 -34.72 17.60
CA PHE L 268 23.78 -36.12 17.89
C PHE L 268 22.53 -36.73 18.42
N ASP L 269 22.52 -38.05 18.44
CA ASP L 269 21.56 -38.75 19.25
C ASP L 269 22.21 -40.01 19.76
N CYS L 270 22.50 -39.99 21.05
CA CYS L 270 23.12 -41.10 21.73
C CYS L 270 22.64 -41.14 23.17
N LYS L 271 23.02 -42.22 23.87
CA LYS L 271 22.72 -42.37 25.28
C LYS L 271 23.56 -41.39 26.08
N PRO L 272 23.19 -41.15 27.34
CA PRO L 272 24.03 -40.38 28.24
C PRO L 272 25.23 -41.16 28.76
N CYS L 273 26.31 -40.43 28.95
CA CYS L 273 27.49 -40.96 29.58
C CYS L 273 27.50 -40.53 31.04
N ARG L 274 27.69 -41.47 31.95
CA ARG L 274 27.54 -41.17 33.37
C ARG L 274 28.86 -40.81 34.02
N LEU L 275 28.81 -39.92 35.00
CA LEU L 275 30.02 -39.49 35.66
C LEU L 275 30.09 -39.95 37.10
N THR L 276 29.60 -41.15 37.34
CA THR L 276 29.70 -41.81 38.64
C THR L 276 30.13 -43.26 38.48
N HIS L 277 30.99 -43.72 39.39
CA HIS L 277 31.49 -45.07 39.32
C HIS L 277 30.77 -45.98 40.30
N THR L 278 30.61 -47.23 39.90
CA THR L 278 29.94 -48.22 40.74
C THR L 278 30.96 -49.00 41.49
N TRP L 279 30.65 -49.33 42.74
CA TRP L 279 31.63 -50.01 43.54
C TRP L 279 31.26 -51.42 43.91
N GLN L 280 30.03 -51.82 43.67
CA GLN L 280 29.61 -53.11 44.16
C GLN L 280 29.93 -54.20 43.17
N THR L 281 30.56 -55.24 43.68
CA THR L 281 30.71 -56.49 42.98
C THR L 281 29.68 -57.36 43.58
N ASN L 282 29.55 -58.59 43.07
CA ASN L 282 28.55 -59.51 43.57
C ASN L 282 28.56 -59.71 45.08
N ARG L 283 29.72 -59.53 45.71
CA ARG L 283 29.83 -59.86 47.13
C ARG L 283 29.16 -58.84 48.01
N ALA L 284 28.68 -57.76 47.39
CA ALA L 284 28.03 -56.68 48.11
C ALA L 284 26.73 -56.25 47.49
N LEU L 285 25.85 -57.19 47.18
CA LEU L 285 24.54 -56.86 46.62
C LEU L 285 23.44 -57.35 47.51
N GLY L 286 22.71 -56.44 48.13
CA GLY L 286 21.52 -56.89 48.82
C GLY L 286 21.65 -56.87 50.30
N LEU L 287 20.93 -57.80 50.94
CA LEU L 287 20.86 -57.83 52.38
C LEU L 287 22.00 -58.59 53.01
N PRO L 288 22.85 -57.87 53.77
CA PRO L 288 23.92 -58.54 54.51
C PRO L 288 23.36 -59.43 55.59
N PRO L 289 24.10 -60.48 55.97
CA PRO L 289 23.64 -61.48 56.92
C PRO L 289 23.58 -60.90 58.32
N PHE L 290 22.56 -61.26 59.09
CA PHE L 290 22.36 -60.64 60.39
C PHE L 290 23.44 -61.02 61.38
N LEU L 291 24.02 -60.03 62.04
CA LEU L 291 25.05 -60.34 63.03
C LEU L 291 24.45 -60.52 64.42
N ASN L 292 24.57 -61.72 64.98
CA ASN L 292 24.04 -62.00 66.32
C ASN L 292 24.98 -61.57 67.43
N SER L 293 26.24 -61.35 67.07
CA SER L 293 27.26 -60.92 68.01
C SER L 293 27.98 -59.68 67.51
N LEU L 294 27.61 -58.53 68.07
CA LEU L 294 28.27 -57.31 67.70
C LEU L 294 29.38 -57.05 68.67
N PRO L 295 30.52 -56.54 68.17
CA PRO L 295 31.72 -56.26 68.95
C PRO L 295 31.44 -55.24 70.00
N GLN L 296 32.21 -55.24 71.08
CA GLN L 296 31.93 -54.30 72.14
C GLN L 296 33.14 -53.57 72.67
N SER L 297 34.18 -53.51 71.87
CA SER L 297 35.23 -52.52 72.09
C SER L 297 35.80 -52.12 70.74
N GLU L 298 36.22 -50.87 70.58
CA GLU L 298 36.73 -50.42 69.28
C GLU L 298 38.01 -51.09 68.96
N GLY L 299 38.40 -51.07 67.70
CA GLY L 299 39.66 -51.66 67.35
C GLY L 299 39.66 -52.43 66.04
N GLY L 300 40.79 -53.06 65.75
CA GLY L 300 41.02 -53.52 64.40
C GLY L 300 40.85 -55.00 64.23
N THR L 301 40.72 -55.71 65.33
CA THR L 301 40.50 -57.14 65.21
C THR L 301 39.24 -57.42 65.96
N ASN L 302 38.55 -56.35 66.34
CA ASN L 302 37.29 -56.48 67.04
C ASN L 302 36.16 -56.73 66.05
N PHE L 303 36.14 -57.93 65.49
CA PHE L 303 35.19 -58.31 64.47
C PHE L 303 33.82 -58.67 65.01
N GLY L 304 32.82 -58.58 64.17
CA GLY L 304 31.51 -59.06 64.53
C GLY L 304 31.40 -60.44 63.93
N TYR L 305 30.51 -61.26 64.47
CA TYR L 305 30.35 -62.63 63.99
C TYR L 305 28.91 -62.91 63.65
N ILE L 306 28.66 -63.57 62.51
CA ILE L 306 27.31 -63.92 62.09
C ILE L 306 26.60 -64.71 63.18
N GLY L 307 27.27 -65.74 63.65
CA GLY L 307 26.79 -66.49 64.80
C GLY L 307 25.82 -67.61 64.51
N VAL L 308 25.91 -68.18 63.31
CA VAL L 308 25.14 -69.37 63.00
C VAL L 308 25.96 -70.31 62.16
N GLN L 309 25.87 -71.59 62.46
CA GLN L 309 26.63 -72.57 61.73
C GLN L 309 26.33 -72.51 60.27
N GLN L 310 27.39 -72.53 59.49
CA GLN L 310 27.31 -72.32 58.07
C GLN L 310 26.37 -73.27 57.36
N ASP L 311 26.09 -74.40 58.00
CA ASP L 311 25.21 -75.37 57.39
C ASP L 311 23.83 -75.34 58.02
N LYS L 312 23.64 -74.44 58.97
CA LYS L 312 22.34 -74.37 59.65
C LYS L 312 21.69 -73.02 59.39
N ARG L 313 22.09 -72.39 58.30
CA ARG L 313 21.67 -71.04 57.98
C ARG L 313 20.48 -71.01 57.04
N ARG L 314 19.72 -69.91 57.09
CA ARG L 314 18.55 -69.71 56.22
C ARG L 314 18.90 -68.83 55.01
N GLY L 315 18.26 -69.09 53.87
CA GLY L 315 18.53 -68.29 52.67
C GLY L 315 18.48 -69.11 51.39
N VAL L 316 18.94 -68.53 50.29
CA VAL L 316 18.85 -69.18 48.99
C VAL L 316 20.19 -69.25 48.29
N THR L 317 20.54 -70.41 47.74
CA THR L 317 21.74 -70.51 46.93
C THR L 317 21.41 -71.26 45.67
N GLN L 318 22.32 -71.24 44.72
CA GLN L 318 22.14 -72.00 43.49
C GLN L 318 22.97 -73.27 43.52
N MET L 319 23.24 -73.75 44.73
CA MET L 319 24.00 -74.99 44.93
C MET L 319 23.16 -76.07 45.58
N GLY L 320 22.55 -76.91 44.74
CA GLY L 320 21.60 -77.91 45.19
C GLY L 320 22.13 -78.94 46.16
N ASN L 321 23.45 -79.09 46.24
CA ASN L 321 24.06 -80.10 47.10
C ASN L 321 24.16 -79.66 48.54
N THR L 322 25.09 -78.76 48.83
CA THR L 322 25.37 -78.49 50.22
C THR L 322 24.32 -77.60 50.83
N ASN L 323 24.32 -77.61 52.16
CA ASN L 323 23.45 -76.80 52.97
C ASN L 323 24.25 -75.63 53.49
N TYR L 324 25.41 -75.43 52.88
CA TYR L 324 26.26 -74.31 53.20
C TYR L 324 25.75 -73.01 52.61
N ILE L 325 25.57 -72.00 53.44
CA ILE L 325 25.15 -70.68 52.97
C ILE L 325 26.11 -69.64 53.45
N THR L 326 27.04 -69.27 52.58
CA THR L 326 28.05 -68.29 52.91
C THR L 326 28.08 -67.15 51.93
N GLU L 327 28.78 -66.08 52.29
CA GLU L 327 28.87 -64.92 51.43
C GLU L 327 29.35 -65.26 50.05
N ALA L 328 30.11 -66.34 49.92
CA ALA L 328 30.57 -66.71 48.59
C ALA L 328 29.59 -67.62 47.86
N THR L 329 28.63 -68.15 48.60
CA THR L 329 27.70 -69.09 48.01
C THR L 329 26.31 -68.47 47.78
N ILE L 330 25.91 -67.58 48.69
CA ILE L 330 24.57 -66.99 48.69
C ILE L 330 24.25 -66.41 47.33
N MET L 331 23.03 -66.66 46.89
CA MET L 331 22.59 -66.16 45.60
C MET L 331 22.63 -64.64 45.52
N ARG L 332 22.91 -64.15 44.33
CA ARG L 332 22.82 -62.74 44.04
C ARG L 332 21.95 -62.64 42.81
N PRO L 333 21.26 -61.50 42.64
CA PRO L 333 20.29 -61.33 41.56
C PRO L 333 20.84 -61.52 40.15
N ALA L 334 22.09 -61.14 39.90
CA ALA L 334 22.73 -61.38 38.62
C ALA L 334 24.22 -61.27 38.78
N GLU L 335 24.95 -61.03 37.71
CA GLU L 335 26.41 -60.96 37.83
C GLU L 335 26.99 -59.68 37.31
N VAL L 336 27.76 -59.01 38.17
CA VAL L 336 28.39 -57.75 37.83
C VAL L 336 29.74 -57.99 37.21
N GLY L 337 29.90 -57.58 35.97
CA GLY L 337 31.16 -57.76 35.28
C GLY L 337 31.25 -59.16 34.70
N TYR L 338 32.34 -59.43 34.01
CA TYR L 338 32.47 -60.74 33.40
C TYR L 338 33.92 -61.06 33.20
N SER L 339 34.21 -62.36 33.12
CA SER L 339 35.57 -62.81 32.90
C SER L 339 35.84 -63.07 31.43
N ALA L 340 36.98 -62.58 30.95
CA ALA L 340 37.33 -62.68 29.54
C ALA L 340 38.77 -63.14 29.38
N PRO L 341 39.07 -63.78 28.24
CA PRO L 341 40.39 -64.27 27.87
C PRO L 341 41.46 -63.19 27.76
N TYR L 342 42.68 -63.57 28.11
CA TYR L 342 43.80 -62.64 28.13
C TYR L 342 45.09 -63.42 28.20
N TYR L 343 46.11 -63.03 27.42
CA TYR L 343 46.01 -62.08 26.31
C TYR L 343 45.55 -62.84 25.12
N SER L 344 44.26 -62.83 24.82
CA SER L 344 43.83 -63.67 23.74
C SER L 344 44.06 -63.01 22.41
N PHE L 345 44.56 -63.80 21.47
CA PHE L 345 44.65 -63.39 20.10
C PHE L 345 43.82 -64.34 19.24
N GLU L 346 43.05 -63.77 18.32
CA GLU L 346 42.20 -64.53 17.41
C GLU L 346 42.60 -64.18 16.01
N ALA L 347 42.24 -64.98 15.04
CA ALA L 347 42.73 -64.70 13.70
C ALA L 347 41.64 -64.86 12.66
N SER L 348 41.58 -63.92 11.73
CA SER L 348 40.69 -64.07 10.61
C SER L 348 41.36 -63.52 9.37
N THR L 349 40.78 -63.86 8.22
CA THR L 349 41.16 -63.36 6.90
C THR L 349 42.41 -62.50 6.78
N GLN L 350 42.60 -61.56 7.71
CA GLN L 350 43.66 -60.57 7.59
C GLN L 350 44.70 -60.65 8.66
N GLY L 351 44.63 -61.70 9.47
CA GLY L 351 45.66 -61.91 10.47
C GLY L 351 45.11 -61.90 11.86
N PRO L 352 46.01 -61.97 12.84
CA PRO L 352 45.70 -62.07 14.27
C PRO L 352 45.55 -60.71 14.93
N PHE L 353 44.77 -60.67 15.99
CA PHE L 353 44.50 -59.44 16.71
C PHE L 353 44.11 -59.72 18.14
N LYS L 354 44.36 -58.78 19.02
CA LYS L 354 44.01 -59.00 20.42
C LYS L 354 42.50 -59.03 20.59
N THR L 355 42.06 -59.79 21.58
CA THR L 355 40.67 -59.78 22.00
C THR L 355 40.42 -58.65 22.99
N PRO L 356 39.44 -57.81 22.71
CA PRO L 356 39.14 -56.69 23.57
C PRO L 356 38.33 -57.07 24.80
N ILE L 357 38.54 -56.35 25.89
CA ILE L 357 37.87 -56.61 27.16
C ILE L 357 37.04 -55.42 27.58
N ALA L 358 35.93 -55.66 28.26
CA ALA L 358 35.04 -54.58 28.60
C ALA L 358 35.29 -54.00 29.96
N ALA L 359 35.19 -54.83 30.99
CA ALA L 359 35.10 -54.29 32.34
C ALA L 359 36.42 -53.63 32.82
N GLY L 360 36.51 -53.40 34.13
CA GLY L 360 37.73 -52.93 34.81
C GLY L 360 37.18 -52.05 35.89
N ARG L 361 37.89 -51.77 36.99
CA ARG L 361 39.02 -52.52 37.54
C ARG L 361 38.53 -53.67 38.42
N GLY L 362 39.36 -54.69 38.61
CA GLY L 362 38.92 -55.85 39.36
C GLY L 362 39.75 -56.27 40.55
N GLY L 363 40.92 -55.70 40.71
CA GLY L 363 41.78 -56.09 41.81
C GLY L 363 41.65 -55.16 42.99
N ALA L 364 42.00 -55.64 44.18
CA ALA L 364 41.86 -54.86 45.40
C ALA L 364 42.97 -53.82 45.56
N GLN L 365 43.65 -53.92 46.70
CA GLN L 365 44.64 -52.93 47.12
C GLN L 365 45.82 -52.84 46.16
N THR L 366 45.78 -51.84 45.29
CA THR L 366 46.86 -51.46 44.37
C THR L 366 47.52 -52.55 43.51
N ASP L 367 46.79 -53.60 43.14
CA ASP L 367 47.28 -54.56 42.16
C ASP L 367 46.16 -55.02 41.24
N GLU L 368 46.34 -54.74 39.96
CA GLU L 368 45.32 -54.92 38.96
C GLU L 368 45.82 -55.80 37.84
N ASN L 369 44.97 -56.71 37.39
CA ASN L 369 45.34 -57.50 36.27
C ASN L 369 45.07 -56.70 35.05
N GLN L 370 45.99 -55.81 34.71
CA GLN L 370 45.71 -54.86 33.68
C GLN L 370 45.42 -55.52 32.37
N ALA L 371 45.48 -56.85 32.34
CA ALA L 371 45.22 -57.59 31.13
C ALA L 371 43.88 -58.28 31.24
N ALA L 372 43.59 -58.80 32.42
CA ALA L 372 42.31 -59.45 32.65
C ALA L 372 41.16 -58.45 32.67
N ASP L 373 41.48 -57.18 32.97
CA ASP L 373 40.52 -56.08 32.97
C ASP L 373 40.64 -55.20 31.75
N GLY L 374 41.67 -55.42 30.95
CA GLY L 374 41.78 -54.72 29.69
C GLY L 374 41.90 -53.23 29.89
N ASP L 375 42.67 -52.86 30.92
CA ASP L 375 42.93 -51.46 31.24
C ASP L 375 43.75 -50.85 30.12
N PRO L 376 43.27 -49.77 29.52
CA PRO L 376 43.78 -49.15 28.32
C PRO L 376 45.05 -48.38 28.56
N ARG L 377 45.93 -48.32 27.56
CA ARG L 377 47.21 -47.68 27.75
C ARG L 377 47.47 -46.72 26.58
N TYR L 378 47.73 -45.47 26.91
CA TYR L 378 47.78 -44.42 25.91
C TYR L 378 49.18 -43.87 25.66
N ALA L 379 49.55 -43.70 24.39
CA ALA L 379 50.85 -43.16 24.03
C ALA L 379 50.73 -41.92 23.16
N PHE L 380 51.48 -40.88 23.50
CA PHE L 380 51.28 -39.58 22.90
C PHE L 380 52.49 -38.71 22.99
N GLY L 381 52.51 -37.64 22.23
CA GLY L 381 53.69 -36.79 22.16
C GLY L 381 53.51 -35.28 22.10
N ARG L 382 54.11 -34.61 23.07
CA ARG L 382 54.19 -33.14 23.17
C ARG L 382 52.98 -32.33 22.74
N GLN L 383 52.51 -32.57 21.52
CA GLN L 383 51.29 -31.94 21.04
C GLN L 383 50.10 -32.30 21.90
N HIS L 384 50.13 -33.46 22.53
CA HIS L 384 48.97 -33.89 23.29
C HIS L 384 49.31 -34.36 24.70
N GLY L 385 50.24 -33.73 25.39
CA GLY L 385 50.36 -34.02 26.80
C GLY L 385 51.76 -34.15 27.31
N GLN L 386 52.63 -34.75 26.51
CA GLN L 386 54.02 -34.90 26.93
C GLN L 386 54.60 -33.53 27.13
N LYS L 387 55.55 -33.42 28.06
CA LYS L 387 56.22 -32.16 28.33
C LYS L 387 56.83 -31.68 27.05
N THR L 388 56.53 -30.45 26.67
CA THR L 388 56.85 -29.97 25.33
C THR L 388 58.30 -29.61 25.15
N THR L 389 59.04 -29.49 26.25
CA THR L 389 60.45 -29.19 26.17
C THR L 389 61.26 -30.44 25.92
N THR L 390 60.64 -31.58 26.16
CA THR L 390 61.31 -32.86 26.06
C THR L 390 61.75 -33.18 24.65
N THR L 391 63.04 -33.37 24.47
CA THR L 391 63.58 -33.86 23.21
C THR L 391 63.57 -35.36 23.24
N GLY L 392 63.76 -35.98 22.08
CA GLY L 392 63.80 -37.43 22.04
C GLY L 392 62.53 -38.08 21.54
N GLU L 393 62.71 -39.24 20.91
CA GLU L 393 61.64 -39.94 20.19
C GLU L 393 60.71 -40.76 21.06
N THR L 394 60.97 -40.83 22.35
CA THR L 394 60.19 -41.70 23.22
C THR L 394 58.92 -41.03 23.71
N PRO L 395 57.78 -41.65 23.44
CA PRO L 395 56.51 -41.05 23.85
C PRO L 395 56.24 -41.11 25.34
N GLU L 396 55.33 -40.26 25.82
CA GLU L 396 54.86 -40.31 27.20
C GLU L 396 53.70 -41.28 27.23
N ARG L 397 53.48 -41.94 28.36
CA ARG L 397 52.47 -42.99 28.44
C ARG L 397 51.75 -43.00 29.78
N PHE L 398 50.60 -43.67 29.80
CA PHE L 398 49.91 -43.97 31.05
C PHE L 398 48.88 -45.08 30.84
N THR L 399 48.49 -45.72 31.94
CA THR L 399 47.46 -46.74 31.88
C THR L 399 46.28 -46.35 32.74
N TYR L 400 45.13 -46.22 32.09
CA TYR L 400 43.96 -45.76 32.79
C TYR L 400 43.37 -46.90 33.59
N ILE L 401 43.42 -46.78 34.90
CA ILE L 401 42.71 -47.73 35.74
C ILE L 401 41.49 -47.07 36.32
N ALA L 402 40.32 -47.49 35.83
CA ALA L 402 39.06 -46.85 36.15
C ALA L 402 38.71 -46.93 37.61
N HIS L 403 37.72 -46.15 38.01
CA HIS L 403 37.27 -46.23 39.38
C HIS L 403 36.23 -47.28 39.56
N GLN L 404 35.57 -47.67 38.48
CA GLN L 404 34.46 -48.60 38.59
C GLN L 404 34.92 -50.02 38.85
N ASP L 405 34.75 -50.50 40.07
CA ASP L 405 35.21 -51.83 40.42
C ASP L 405 34.29 -52.87 39.79
N THR L 406 34.45 -53.17 38.50
CA THR L 406 33.58 -54.18 37.86
C THR L 406 34.38 -55.22 37.11
N GLY L 407 35.66 -55.30 37.39
CA GLY L 407 36.53 -56.23 36.68
C GLY L 407 36.75 -57.51 37.47
N ARG L 408 37.83 -58.20 37.14
CA ARG L 408 38.15 -59.46 37.79
C ARG L 408 39.57 -59.53 38.31
N TYR L 409 39.77 -60.32 39.36
CA TYR L 409 41.09 -60.68 39.85
C TYR L 409 41.26 -62.17 39.77
N PRO L 410 41.56 -62.67 38.56
CA PRO L 410 41.51 -64.10 38.19
C PRO L 410 42.35 -65.00 39.06
N GLU L 411 43.32 -64.43 39.75
CA GLU L 411 44.08 -65.18 40.72
C GLU L 411 43.18 -65.72 41.78
N GLY L 412 42.06 -65.05 42.01
CA GLY L 412 41.13 -65.45 43.05
C GLY L 412 40.03 -66.38 42.58
N ASP L 413 40.05 -66.71 41.29
CA ASP L 413 39.06 -67.61 40.72
C ASP L 413 39.35 -69.05 41.08
N TRP L 414 38.33 -69.90 41.00
CA TRP L 414 38.54 -71.33 41.06
C TRP L 414 37.30 -72.09 40.66
N ILE L 415 37.41 -73.40 40.55
CA ILE L 415 36.30 -74.25 40.15
C ILE L 415 36.23 -75.54 40.94
N GLN L 416 35.17 -75.77 41.70
CA GLN L 416 35.10 -77.02 42.45
C GLN L 416 34.26 -78.08 41.74
N ASN L 417 34.43 -79.31 42.19
CA ASN L 417 33.68 -80.44 41.69
C ASN L 417 32.26 -80.47 42.23
N ILE L 418 31.36 -81.07 41.45
CA ILE L 418 29.94 -81.18 41.77
C ILE L 418 29.63 -81.61 43.20
N ASN L 419 30.49 -82.41 43.81
CA ASN L 419 30.16 -82.97 45.11
C ASN L 419 30.37 -82.00 46.24
N PHE L 420 31.18 -80.97 46.00
CA PHE L 420 31.43 -79.94 47.00
C PHE L 420 31.84 -80.53 48.33
N ASN L 421 32.75 -81.49 48.23
CA ASN L 421 33.35 -82.08 49.41
C ASN L 421 34.52 -81.24 49.86
N LEU L 422 34.31 -80.49 50.93
CA LEU L 422 35.31 -79.54 51.33
C LEU L 422 35.65 -79.68 52.81
N PRO L 423 36.88 -79.35 53.20
CA PRO L 423 38.05 -78.88 52.45
C PRO L 423 38.31 -79.69 51.21
N VAL L 424 38.58 -79.02 50.11
CA VAL L 424 38.54 -79.66 48.82
C VAL L 424 39.86 -80.31 48.37
N THR L 425 39.72 -81.43 47.68
CA THR L 425 40.81 -82.14 47.00
C THR L 425 41.49 -81.39 45.85
N ASP L 426 42.80 -81.59 45.68
CA ASP L 426 43.54 -81.07 44.51
C ASP L 426 42.96 -81.54 43.18
N ASP L 427 42.48 -82.79 43.14
CA ASP L 427 41.90 -83.34 41.93
C ASP L 427 40.44 -82.96 41.82
N ASN L 428 39.87 -82.38 42.89
CA ASN L 428 38.47 -81.94 42.88
C ASN L 428 38.28 -80.43 42.71
N VAL L 429 39.37 -79.69 42.50
CA VAL L 429 39.29 -78.26 42.30
C VAL L 429 40.24 -77.90 41.20
N LEU L 430 39.93 -76.87 40.43
CA LEU L 430 40.86 -76.38 39.43
C LEU L 430 41.23 -74.94 39.76
N LEU L 431 42.51 -74.71 40.01
CA LEU L 431 43.03 -73.40 40.42
C LEU L 431 43.70 -72.61 39.29
N PRO L 432 43.95 -71.30 39.53
CA PRO L 432 44.76 -70.49 38.60
C PRO L 432 46.25 -70.81 38.65
N THR L 433 46.58 -71.85 39.42
CA THR L 433 47.92 -72.34 39.56
C THR L 433 48.18 -73.55 38.69
N ASP L 434 47.19 -74.42 38.62
CA ASP L 434 47.27 -75.63 37.83
C ASP L 434 47.32 -75.28 36.36
N PRO L 435 48.36 -75.73 35.67
CA PRO L 435 48.66 -75.52 34.25
C PRO L 435 47.73 -76.23 33.30
N ILE L 436 47.51 -75.61 32.15
CA ILE L 436 46.55 -76.05 31.18
C ILE L 436 47.28 -76.38 29.90
N GLY L 437 46.97 -77.55 29.34
CA GLY L 437 47.64 -77.99 28.13
C GLY L 437 49.10 -78.18 28.43
N GLY L 438 49.44 -78.30 29.70
CA GLY L 438 50.79 -78.54 30.12
C GLY L 438 51.77 -77.41 29.97
N LYS L 439 51.29 -76.18 30.17
CA LYS L 439 52.15 -75.01 30.12
C LYS L 439 52.20 -74.37 31.49
N THR L 440 53.40 -74.09 31.97
CA THR L 440 53.60 -73.55 33.30
C THR L 440 52.88 -72.23 33.54
N GLY L 441 52.96 -71.33 32.55
CA GLY L 441 52.38 -70.01 32.69
C GLY L 441 50.98 -69.79 32.13
N ILE L 442 50.23 -70.87 31.99
CA ILE L 442 48.87 -70.77 31.48
C ILE L 442 47.93 -71.49 32.41
N ASN L 443 46.83 -70.84 32.77
CA ASN L 443 45.85 -71.48 33.63
C ASN L 443 44.52 -71.30 33.00
N TYR L 444 43.48 -71.83 33.62
CA TYR L 444 42.19 -71.86 32.97
C TYR L 444 41.64 -70.47 32.75
N THR L 445 41.98 -69.54 33.64
CA THR L 445 41.41 -68.21 33.55
C THR L 445 41.79 -67.50 32.26
N ASN L 446 42.89 -67.91 31.64
CA ASN L 446 43.33 -67.29 30.41
C ASN L 446 42.45 -67.59 29.23
N ILE L 447 41.64 -68.64 29.32
CA ILE L 447 40.73 -68.99 28.23
C ILE L 447 39.27 -68.90 28.66
N PHE L 448 39.07 -68.36 29.86
CA PHE L 448 37.78 -68.38 30.52
C PHE L 448 36.88 -67.31 29.99
N ASN L 449 35.58 -67.58 29.93
CA ASN L 449 34.60 -66.60 29.48
C ASN L 449 33.27 -66.80 30.18
N THR L 450 32.92 -65.84 31.02
CA THR L 450 31.68 -65.89 31.79
C THR L 450 30.73 -64.78 31.42
N TYR L 451 30.76 -64.36 30.16
CA TYR L 451 29.72 -63.48 29.70
C TYR L 451 28.48 -64.32 29.57
N GLY L 452 27.36 -63.76 29.99
CA GLY L 452 26.12 -64.51 30.00
C GLY L 452 24.92 -63.65 30.25
N PRO L 453 23.75 -64.24 30.09
CA PRO L 453 22.51 -63.49 30.18
C PRO L 453 22.25 -62.87 31.55
N LEU L 454 23.16 -63.05 32.49
CA LEU L 454 23.05 -62.43 33.80
C LEU L 454 24.12 -61.37 33.96
N THR L 455 24.80 -61.05 32.87
CA THR L 455 25.93 -60.15 32.94
C THR L 455 25.46 -58.72 32.94
N ALA L 456 26.01 -57.93 33.84
CA ALA L 456 25.77 -56.50 33.90
C ALA L 456 27.08 -55.72 33.73
N LEU L 457 27.01 -54.58 33.10
CA LEU L 457 28.18 -53.85 32.63
C LEU L 457 28.02 -52.34 32.71
N ASN L 458 29.12 -51.60 32.67
CA ASN L 458 28.99 -50.19 32.32
C ASN L 458 29.65 -49.87 30.99
N ASN L 459 29.39 -48.67 30.48
CA ASN L 459 30.13 -48.21 29.32
C ASN L 459 31.43 -47.63 29.86
N VAL L 460 32.41 -47.47 28.98
CA VAL L 460 33.74 -46.97 29.34
C VAL L 460 33.71 -45.55 29.82
N PRO L 461 34.58 -45.24 30.79
CA PRO L 461 34.68 -43.88 31.28
C PRO L 461 35.49 -43.03 30.32
N PRO L 462 35.28 -41.72 30.34
CA PRO L 462 36.02 -40.81 29.47
C PRO L 462 37.46 -40.68 29.92
N VAL L 463 38.39 -40.76 28.98
CA VAL L 463 39.80 -40.68 29.30
C VAL L 463 40.36 -39.33 28.90
N TYR L 464 40.52 -38.43 29.85
CA TYR L 464 41.04 -37.09 29.56
C TYR L 464 42.56 -37.05 29.67
N PRO L 465 43.24 -36.43 28.70
CA PRO L 465 42.70 -35.74 27.54
C PRO L 465 42.76 -36.57 26.27
N ASN L 466 43.42 -37.72 26.30
CA ASN L 466 43.73 -38.46 25.08
C ASN L 466 42.62 -39.35 24.55
N GLY L 467 41.53 -39.46 25.30
CA GLY L 467 40.42 -40.30 24.92
C GLY L 467 39.61 -39.78 23.75
N GLN L 468 38.98 -40.70 23.04
CA GLN L 468 38.13 -40.36 21.93
C GLN L 468 36.82 -39.91 22.56
N ILE L 469 36.03 -39.09 21.87
CA ILE L 469 34.78 -38.61 22.45
C ILE L 469 33.60 -39.38 21.88
N TRP L 470 33.47 -39.36 20.56
CA TRP L 470 32.43 -40.13 19.91
C TRP L 470 32.99 -41.06 18.87
N ASP L 471 32.21 -42.08 18.51
CA ASP L 471 32.66 -43.09 17.58
C ASP L 471 31.49 -43.59 16.76
N LYS L 472 31.73 -43.92 15.49
CA LYS L 472 30.68 -44.42 14.62
C LYS L 472 30.35 -45.84 15.02
N GLU L 473 29.16 -46.30 14.69
CA GLU L 473 28.76 -47.66 15.00
C GLU L 473 29.06 -48.57 13.82
N PHE L 474 29.34 -49.83 14.09
CA PHE L 474 29.59 -50.78 13.03
C PHE L 474 28.33 -50.98 12.19
N ASP L 475 28.48 -51.01 10.87
CA ASP L 475 27.34 -51.29 10.02
C ASP L 475 27.11 -52.79 9.95
N THR L 476 26.99 -53.44 11.10
CA THR L 476 26.68 -54.87 11.15
C THR L 476 25.22 -55.09 11.53
N ASP L 477 24.62 -56.18 11.06
CA ASP L 477 23.20 -56.43 11.36
C ASP L 477 22.97 -56.54 12.85
N LEU L 478 23.96 -57.06 13.57
CA LEU L 478 23.89 -57.07 15.02
C LEU L 478 25.04 -56.23 15.60
N LYS L 479 24.79 -55.45 16.64
CA LYS L 479 25.77 -54.44 17.02
C LYS L 479 26.35 -54.65 18.43
N PRO L 480 27.50 -54.04 18.69
CA PRO L 480 28.09 -54.22 20.01
C PRO L 480 27.31 -53.50 21.08
N ARG L 481 27.28 -54.01 22.29
CA ARG L 481 26.61 -53.30 23.36
C ARG L 481 27.38 -52.06 23.79
N LEU L 482 28.62 -51.92 23.33
CA LEU L 482 29.41 -50.72 23.57
C LEU L 482 30.68 -50.69 22.76
N HIS L 483 31.43 -49.59 22.83
CA HIS L 483 32.76 -49.56 22.24
C HIS L 483 33.70 -49.24 23.37
N VAL L 484 34.97 -49.62 23.23
CA VAL L 484 35.93 -49.41 24.30
C VAL L 484 36.78 -48.18 24.06
N ASN L 485 36.69 -47.59 22.89
CA ASN L 485 37.52 -46.44 22.56
C ASN L 485 36.83 -45.14 22.85
N ALA L 486 35.52 -45.19 23.00
CA ALA L 486 34.74 -43.99 23.25
C ALA L 486 33.38 -44.26 23.88
N PRO L 487 32.90 -43.30 24.69
CA PRO L 487 31.62 -43.46 25.37
C PRO L 487 30.37 -43.14 24.51
N PHE L 488 30.45 -42.24 23.54
CA PHE L 488 29.29 -41.92 22.73
C PHE L 488 29.35 -42.61 21.39
N VAL L 489 28.35 -43.41 21.08
CA VAL L 489 28.35 -44.08 19.80
C VAL L 489 27.12 -43.63 19.00
N CYS L 490 27.38 -43.10 17.80
CA CYS L 490 26.31 -42.62 16.97
C CYS L 490 25.75 -43.78 16.20
N GLN L 491 24.57 -44.24 16.60
CA GLN L 491 23.88 -45.27 15.84
C GLN L 491 23.15 -44.55 14.72
N ASN L 492 22.68 -43.36 15.09
CA ASN L 492 22.15 -42.35 14.19
C ASN L 492 22.97 -42.23 12.89
N ASN L 493 23.81 -41.21 12.84
CA ASN L 493 24.66 -40.74 11.74
C ASN L 493 25.76 -40.07 12.52
N CYS L 494 27.00 -40.22 12.10
CA CYS L 494 28.02 -39.45 12.77
C CYS L 494 28.43 -38.29 11.89
N PRO L 495 28.88 -37.21 12.53
CA PRO L 495 29.40 -36.06 11.82
C PRO L 495 30.43 -36.50 10.82
N GLY L 496 30.43 -35.90 9.65
CA GLY L 496 31.39 -36.29 8.63
C GLY L 496 32.81 -35.81 8.92
N GLN L 497 33.75 -36.53 8.35
CA GLN L 497 35.14 -36.20 8.53
C GLN L 497 35.54 -35.03 7.64
N LEU L 498 36.49 -34.22 8.11
CA LEU L 498 36.85 -33.02 7.37
C LEU L 498 38.23 -33.13 6.74
N PHE L 499 38.33 -33.00 5.44
CA PHE L 499 39.60 -33.19 4.77
C PHE L 499 40.09 -31.93 4.12
N VAL L 500 41.36 -31.64 4.26
CA VAL L 500 41.96 -30.49 3.61
C VAL L 500 43.11 -30.95 2.73
N LYS L 501 43.51 -30.09 1.80
CA LYS L 501 44.54 -30.41 0.82
C LYS L 501 44.95 -29.19 0.03
N VAL L 502 46.24 -28.96 -0.12
CA VAL L 502 46.70 -27.84 -0.91
C VAL L 502 46.44 -28.06 -2.38
N ALA L 503 45.88 -27.06 -3.04
CA ALA L 503 45.60 -27.19 -4.46
C ALA L 503 46.90 -27.21 -5.20
N PRO L 504 47.00 -28.04 -6.22
CA PRO L 504 48.20 -28.19 -7.05
C PRO L 504 48.62 -26.87 -7.66
N ASN L 505 49.74 -26.32 -7.20
CA ASN L 505 50.21 -25.05 -7.74
C ASN L 505 51.28 -25.23 -8.79
N LEU L 506 50.88 -25.39 -10.03
CA LEU L 506 51.82 -25.81 -11.06
C LEU L 506 52.80 -24.74 -11.51
N THR L 507 53.93 -25.22 -12.02
CA THR L 507 54.93 -24.40 -12.70
C THR L 507 54.53 -24.24 -14.16
N ASN L 508 55.29 -23.53 -14.97
CA ASN L 508 54.89 -23.38 -16.36
C ASN L 508 55.16 -24.64 -17.15
N GLN L 509 56.01 -25.51 -16.62
CA GLN L 509 56.34 -26.73 -17.33
C GLN L 509 55.50 -27.89 -16.77
N TYR L 510 54.50 -28.31 -17.53
CA TYR L 510 53.73 -29.47 -17.11
C TYR L 510 53.26 -30.28 -18.30
N ASP L 511 53.70 -31.54 -18.36
CA ASP L 511 53.29 -32.46 -19.40
C ASP L 511 52.74 -33.68 -18.74
N PRO L 512 51.42 -33.84 -18.79
CA PRO L 512 50.73 -34.96 -18.17
C PRO L 512 51.05 -36.26 -18.89
N ASP L 513 51.28 -36.20 -20.19
CA ASP L 513 51.62 -37.39 -20.96
C ASP L 513 52.99 -37.88 -20.59
N ALA L 514 53.76 -37.04 -19.92
CA ALA L 514 55.10 -37.38 -19.46
C ALA L 514 55.10 -38.17 -18.15
N SER L 515 55.96 -39.19 -18.08
CA SER L 515 56.10 -40.02 -16.88
C SER L 515 56.75 -39.22 -15.78
N ALA L 516 57.65 -38.33 -16.20
CA ALA L 516 58.49 -37.52 -15.35
C ALA L 516 57.73 -36.73 -14.29
N ASN L 517 58.51 -36.29 -13.31
CA ASN L 517 58.06 -35.54 -12.14
C ASN L 517 56.95 -34.52 -12.39
N MET L 518 55.96 -34.52 -11.51
CA MET L 518 54.98 -33.44 -11.51
C MET L 518 55.74 -32.25 -11.00
N SER L 519 55.94 -31.24 -11.84
CA SER L 519 56.66 -30.08 -11.36
C SER L 519 55.66 -29.12 -10.76
N ARG L 520 55.78 -28.89 -9.46
CA ARG L 520 54.85 -28.03 -8.75
C ARG L 520 55.58 -26.95 -8.00
N ILE L 521 55.00 -25.75 -7.96
CA ILE L 521 55.51 -24.71 -7.09
C ILE L 521 55.36 -25.15 -5.66
N VAL L 522 56.41 -25.01 -4.87
CA VAL L 522 56.36 -25.42 -3.48
C VAL L 522 55.41 -24.52 -2.73
N THR L 523 54.34 -25.11 -2.22
CA THR L 523 53.31 -24.34 -1.57
C THR L 523 52.89 -24.96 -0.26
N TYR L 524 52.53 -24.11 0.69
CA TYR L 524 51.99 -24.59 1.95
C TYR L 524 50.92 -23.66 2.43
N SER L 525 50.16 -24.09 3.42
CA SER L 525 49.05 -23.30 3.89
C SER L 525 48.94 -23.13 5.39
N ASP L 526 48.49 -21.96 5.80
CA ASP L 526 48.06 -21.65 7.17
C ASP L 526 46.57 -21.40 7.15
N PHE L 527 45.82 -22.08 7.99
CA PHE L 527 44.43 -21.70 8.12
C PHE L 527 43.99 -21.89 9.57
N TRP L 528 42.92 -21.18 9.97
CA TRP L 528 42.42 -21.32 11.32
C TRP L 528 41.22 -22.24 11.33
N TRP L 529 41.08 -23.01 12.39
CA TRP L 529 39.98 -23.91 12.55
C TRP L 529 39.26 -23.53 13.81
N LYS L 530 37.93 -23.43 13.75
CA LYS L 530 37.17 -23.18 14.96
C LYS L 530 36.02 -24.16 15.05
N GLY L 531 35.82 -24.69 16.26
CA GLY L 531 34.79 -25.67 16.49
C GLY L 531 33.92 -25.35 17.68
N LYS L 532 32.70 -25.90 17.67
CA LYS L 532 31.79 -25.76 18.78
C LYS L 532 31.11 -27.08 19.08
N LEU L 533 31.39 -27.64 20.25
CA LEU L 533 30.80 -28.89 20.68
C LEU L 533 29.91 -28.61 21.87
N VAL L 534 28.64 -28.96 21.78
CA VAL L 534 27.70 -28.66 22.84
C VAL L 534 27.25 -29.91 23.60
N PHE L 535 27.34 -29.84 24.93
CA PHE L 535 26.91 -30.93 25.80
C PHE L 535 25.73 -30.50 26.65
N LYS L 536 25.06 -31.48 27.24
CA LYS L 536 24.02 -31.19 28.20
C LYS L 536 24.30 -32.03 29.43
N ALA L 537 24.53 -31.38 30.56
CA ALA L 537 24.88 -32.11 31.77
C ALA L 537 23.90 -31.86 32.90
N LYS L 538 24.02 -32.64 33.97
CA LYS L 538 23.13 -32.56 35.12
C LYS L 538 23.91 -32.51 36.45
N LEU L 539 23.58 -31.56 37.32
CA LEU L 539 24.31 -31.39 38.58
C LEU L 539 24.01 -32.49 39.58
N ARG L 540 25.02 -32.92 40.32
CA ARG L 540 24.83 -33.99 41.32
C ARG L 540 24.32 -33.46 42.63
N ALA L 541 23.94 -34.39 43.50
CA ALA L 541 23.50 -34.06 44.86
C ALA L 541 24.01 -35.06 45.86
N SER L 542 24.20 -34.59 47.09
CA SER L 542 24.75 -35.39 48.18
C SER L 542 23.74 -36.36 48.73
N HIS L 543 24.07 -37.64 48.70
CA HIS L 543 23.15 -38.63 49.19
C HIS L 543 23.68 -39.33 50.43
N THR L 544 24.89 -39.01 50.84
CA THR L 544 25.50 -39.71 51.96
C THR L 544 25.96 -38.74 53.01
N TRP L 545 26.29 -39.30 54.17
CA TRP L 545 26.80 -38.49 55.25
C TRP L 545 28.22 -38.06 54.90
N ASN L 546 28.99 -38.95 54.29
CA ASN L 546 30.39 -38.68 54.04
C ASN L 546 30.60 -37.85 52.79
N PRO L 547 31.72 -37.13 52.72
CA PRO L 547 32.10 -36.49 51.46
C PRO L 547 32.61 -37.53 50.52
N ILE L 548 33.04 -37.15 49.33
CA ILE L 548 33.47 -38.13 48.32
C ILE L 548 34.69 -37.67 47.57
N GLN L 549 35.24 -38.56 46.74
CA GLN L 549 36.41 -38.22 45.97
C GLN L 549 36.17 -37.04 45.01
N GLN L 550 37.11 -36.11 44.92
CA GLN L 550 37.07 -35.08 43.89
C GLN L 550 38.46 -34.61 43.47
N MET L 551 38.64 -34.15 42.23
CA MET L 551 39.95 -33.62 41.82
C MET L 551 40.33 -32.42 42.64
N SER L 552 41.64 -32.23 42.83
CA SER L 552 42.15 -30.97 43.34
C SER L 552 43.65 -30.92 43.24
N ILE L 553 44.23 -29.86 43.76
CA ILE L 553 45.65 -29.81 44.04
C ILE L 553 45.81 -29.37 45.49
N ASN L 554 46.68 -29.94 46.35
CA ASN L 554 47.81 -30.90 46.18
C ASN L 554 49.17 -30.26 46.08
N VAL L 555 50.01 -30.61 47.05
CA VAL L 555 51.35 -30.10 47.13
C VAL L 555 52.24 -30.88 46.21
N ASP L 556 51.90 -32.16 46.04
CA ASP L 556 52.31 -32.95 44.89
C ASP L 556 51.52 -32.36 43.76
N ASN L 557 51.60 -32.92 42.56
CA ASN L 557 50.55 -32.58 41.61
C ASN L 557 50.58 -31.13 41.07
N GLN L 558 50.62 -30.16 41.96
CA GLN L 558 50.59 -28.73 41.67
C GLN L 558 51.41 -28.22 40.51
N PHE L 559 52.33 -29.03 40.00
CA PHE L 559 53.20 -28.48 38.99
C PHE L 559 52.89 -28.99 37.61
N ASN L 560 51.82 -29.78 37.46
CA ASN L 560 51.41 -30.25 36.16
C ASN L 560 50.44 -29.33 35.46
N TYR L 561 50.18 -28.18 36.06
CA TYR L 561 49.10 -27.33 35.60
C TYR L 561 49.57 -25.90 35.40
N VAL L 562 50.87 -25.71 35.32
CA VAL L 562 51.45 -24.42 35.05
C VAL L 562 52.61 -24.67 34.14
N PRO L 563 53.00 -23.67 33.35
CA PRO L 563 54.18 -23.81 32.49
C PRO L 563 55.44 -23.75 33.33
N SER L 564 56.59 -23.63 32.67
CA SER L 564 57.86 -23.75 33.38
C SER L 564 58.64 -22.45 33.25
N ASN L 565 59.90 -22.42 33.67
CA ASN L 565 60.72 -21.24 33.41
C ASN L 565 60.81 -20.99 31.92
N ILE L 566 60.80 -22.04 31.11
CA ILE L 566 60.67 -21.85 29.67
C ILE L 566 59.20 -22.03 29.39
N GLY L 567 58.80 -22.22 28.15
CA GLY L 567 57.39 -22.33 27.84
C GLY L 567 56.67 -23.65 28.12
N GLY L 568 56.86 -24.21 29.31
CA GLY L 568 56.11 -25.39 29.75
C GLY L 568 56.29 -26.47 28.71
N MET L 569 55.35 -27.39 28.56
CA MET L 569 54.22 -27.57 29.43
C MET L 569 53.68 -28.99 29.30
N LYS L 570 52.72 -29.35 30.13
CA LYS L 570 52.35 -30.73 30.27
C LYS L 570 50.86 -30.84 30.54
N ILE L 571 50.21 -31.83 29.96
CA ILE L 571 48.84 -32.11 30.36
C ILE L 571 48.71 -33.55 30.83
N VAL L 572 48.16 -33.73 32.02
CA VAL L 572 48.26 -35.02 32.67
C VAL L 572 46.93 -35.71 32.73
N TYR L 573 46.90 -37.03 32.50
CA TYR L 573 45.66 -37.80 32.57
C TYR L 573 44.98 -37.63 33.93
N GLU L 574 43.64 -37.62 33.98
CA GLU L 574 42.92 -37.41 35.26
C GLU L 574 41.51 -38.00 35.46
N LYS L 575 41.24 -39.22 35.05
CA LYS L 575 40.01 -39.89 35.46
C LYS L 575 38.76 -39.16 35.03
N SER L 576 37.61 -39.56 35.57
CA SER L 576 36.34 -39.00 35.12
C SER L 576 35.13 -39.39 35.97
N GLN L 577 35.12 -40.58 36.55
CA GLN L 577 33.94 -41.04 37.27
C GLN L 577 34.23 -41.03 38.76
N LEU L 578 34.38 -39.84 39.33
CA LEU L 578 34.90 -39.74 40.68
C LEU L 578 33.90 -40.00 41.81
N ALA L 579 32.64 -39.66 41.59
CA ALA L 579 31.70 -39.79 42.66
C ALA L 579 31.15 -41.18 42.55
N PRO L 580 30.92 -41.82 43.69
CA PRO L 580 30.35 -43.17 43.76
C PRO L 580 28.87 -43.23 43.37
N ARG L 581 28.38 -44.41 42.98
CA ARG L 581 26.99 -44.52 42.60
C ARG L 581 26.21 -45.39 43.55
N LYS L 582 25.93 -46.62 43.10
CA LYS L 582 25.11 -47.61 43.80
C LYS L 582 24.52 -48.50 42.77
N LEU L 583 25.00 -49.73 42.68
CA LEU L 583 24.43 -50.63 41.72
C LEU L 583 23.02 -51.02 42.10
N TYR L 584 22.87 -51.41 43.36
CA TYR L 584 21.68 -52.10 43.84
C TYR L 584 21.27 -51.54 45.18
N GLY M 37 38.44 -3.15 2.58
CA GLY M 37 39.50 -3.96 1.99
C GLY M 37 40.92 -3.43 2.17
N VAL M 38 41.81 -3.92 1.31
CA VAL M 38 43.21 -3.55 1.35
C VAL M 38 43.42 -2.04 1.31
N GLY M 39 43.01 -1.43 0.22
CA GLY M 39 43.37 -0.05 0.01
C GLY M 39 42.42 0.96 0.61
N ILE M 40 41.76 0.62 1.71
CA ILE M 40 40.75 1.50 2.26
C ILE M 40 40.90 1.71 3.75
N SER M 41 41.06 2.96 4.16
CA SER M 41 41.25 3.29 5.57
C SER M 41 40.03 2.92 6.38
N THR M 42 40.23 2.62 7.66
CA THR M 42 39.17 2.13 8.51
C THR M 42 38.94 2.94 9.79
N GLY M 43 39.43 4.19 9.81
CA GLY M 43 39.24 5.02 10.99
C GLY M 43 39.84 6.39 10.75
N THR M 44 39.74 7.28 11.74
CA THR M 44 40.31 8.60 11.58
C THR M 44 41.06 9.09 12.80
N PHE M 45 42.21 9.71 12.56
CA PHE M 45 43.05 10.28 13.59
C PHE M 45 42.40 11.48 14.21
N ASN M 46 42.33 11.50 15.53
CA ASN M 46 41.79 12.66 16.23
C ASN M 46 42.35 12.84 17.61
N ASN M 47 43.17 13.86 17.81
CA ASN M 47 43.74 14.13 19.12
C ASN M 47 43.28 15.48 19.62
N GLN M 48 42.00 15.72 19.46
CA GLN M 48 41.42 17.01 19.70
C GLN M 48 40.71 17.02 21.03
N THR M 49 40.80 18.10 21.77
CA THR M 49 40.16 18.14 23.07
C THR M 49 39.02 19.14 23.05
N GLU M 50 37.79 18.69 23.22
CA GLU M 50 36.64 19.58 23.09
C GLU M 50 36.01 19.95 24.42
N PHE M 51 35.75 21.23 24.60
CA PHE M 51 35.10 21.72 25.80
C PHE M 51 33.72 22.20 25.48
N LYS M 52 32.71 21.40 25.81
CA LYS M 52 31.34 21.72 25.49
C LYS M 52 30.67 22.24 26.74
N PHE M 53 30.40 23.54 26.76
CA PHE M 53 29.83 24.21 27.93
C PHE M 53 28.30 24.08 27.91
N LEU M 54 27.69 23.77 29.05
CA LEU M 54 26.24 23.59 29.13
C LEU M 54 25.65 24.57 30.13
N GLU M 55 24.40 24.31 30.51
CA GLU M 55 23.74 25.20 31.45
C GLU M 55 24.12 24.85 32.88
N ASN M 56 23.95 25.82 33.77
CA ASN M 56 24.40 25.74 35.14
C ASN M 56 25.89 25.43 35.25
N GLY M 57 26.66 25.93 34.28
CA GLY M 57 28.10 25.83 34.34
C GLY M 57 28.69 24.42 34.40
N TRP M 58 27.96 23.44 33.87
CA TRP M 58 28.54 22.12 33.74
C TRP M 58 29.27 22.03 32.42
N VAL M 59 30.49 21.52 32.45
CA VAL M 59 31.25 21.40 31.23
C VAL M 59 31.40 19.95 30.83
N TYR M 60 31.57 19.71 29.54
CA TYR M 60 31.53 18.40 28.96
C TYR M 60 32.81 18.19 28.21
N ILE M 61 33.84 17.82 28.94
CA ILE M 61 35.15 17.67 28.35
C ILE M 61 35.33 16.36 27.67
N THR M 62 35.51 16.39 26.36
CA THR M 62 35.72 15.19 25.60
C THR M 62 37.15 15.13 25.13
N ALA M 63 37.99 14.35 25.77
CA ALA M 63 39.38 14.31 25.33
C ALA M 63 39.57 13.17 24.38
N ASN M 64 39.95 13.49 23.14
CA ASN M 64 40.29 12.49 22.14
C ASN M 64 41.78 12.30 22.09
N SER M 65 42.19 11.08 21.80
CA SER M 65 43.60 10.76 21.78
C SER M 65 43.88 9.72 20.73
N SER M 66 44.89 9.94 19.91
CA SER M 66 45.20 8.97 18.86
C SER M 66 46.70 8.75 18.73
N ARG M 67 47.13 7.52 18.48
CA ARG M 67 48.55 7.20 18.39
C ARG M 67 48.81 6.17 17.33
N LEU M 68 50.00 6.23 16.73
CA LEU M 68 50.46 5.13 15.90
C LEU M 68 51.20 4.19 16.80
N VAL M 69 50.87 2.90 16.71
CA VAL M 69 51.41 1.93 17.64
C VAL M 69 52.23 0.87 16.93
N HIS M 70 53.36 0.51 17.52
CA HIS M 70 54.28 -0.43 16.93
C HIS M 70 54.40 -1.70 17.76
N LEU M 71 54.44 -2.86 17.11
CA LEU M 71 54.39 -4.13 17.84
C LEU M 71 55.14 -5.25 17.14
N ASN M 72 56.03 -5.93 17.84
CA ASN M 72 56.73 -7.05 17.23
C ASN M 72 56.17 -8.37 17.70
N MET M 73 56.55 -9.45 17.03
CA MET M 73 56.08 -10.75 17.42
C MET M 73 56.73 -11.10 18.75
N PRO M 74 56.13 -12.01 19.51
CA PRO M 74 56.66 -12.29 20.84
C PRO M 74 58.04 -12.91 20.80
N GLU M 75 58.78 -12.82 21.89
CA GLU M 75 60.03 -13.53 21.97
C GLU M 75 59.79 -15.01 21.74
N SER M 76 58.74 -15.53 22.34
CA SER M 76 58.32 -16.89 22.06
C SER M 76 56.83 -16.98 22.24
N GLU M 77 56.19 -17.87 21.51
CA GLU M 77 54.76 -17.93 21.53
C GLU M 77 54.22 -18.60 22.76
N ASN M 78 55.02 -18.66 23.82
CA ASN M 78 54.66 -19.46 24.98
C ASN M 78 54.42 -18.67 26.25
N TYR M 79 53.63 -19.23 27.15
CA TYR M 79 53.52 -18.67 28.48
C TYR M 79 54.62 -19.25 29.33
N ARG M 80 55.23 -18.41 30.17
CA ARG M 80 56.31 -18.83 31.04
C ARG M 80 56.09 -18.42 32.48
N ARG M 81 56.38 -19.32 33.42
CA ARG M 81 56.44 -19.00 34.83
C ARG M 81 57.88 -18.74 35.27
N VAL M 82 58.22 -17.47 35.45
CA VAL M 82 59.60 -17.10 35.76
C VAL M 82 59.74 -16.59 37.19
N VAL M 83 60.83 -16.96 37.86
CA VAL M 83 61.11 -16.52 39.22
C VAL M 83 62.33 -15.62 39.31
N VAL M 84 62.18 -14.50 40.01
CA VAL M 84 63.28 -13.57 40.29
C VAL M 84 63.72 -13.71 41.74
N ASN M 85 65.03 -13.77 41.95
CA ASN M 85 65.51 -13.99 43.29
C ASN M 85 66.87 -13.33 43.45
N ASN M 86 66.87 -12.14 44.05
CA ASN M 86 68.12 -11.42 44.24
C ASN M 86 68.65 -11.61 45.65
N LEU M 87 69.17 -12.79 45.92
CA LEU M 87 69.86 -13.01 47.18
C LEU M 87 71.13 -12.20 47.09
N ASP M 88 71.55 -11.95 45.85
CA ASP M 88 72.74 -11.18 45.59
C ASP M 88 72.72 -9.85 46.32
N LYS M 89 71.52 -9.37 46.63
CA LYS M 89 71.39 -8.08 47.24
C LYS M 89 70.84 -8.16 48.64
N THR M 90 70.03 -9.19 48.90
CA THR M 90 69.32 -9.24 50.17
C THR M 90 70.17 -9.84 51.26
N ALA M 91 71.13 -10.69 50.86
CA ALA M 91 71.97 -11.37 51.84
C ALA M 91 72.93 -10.43 52.50
N VAL M 92 72.93 -9.19 52.06
CA VAL M 92 73.87 -8.18 52.50
C VAL M 92 73.68 -7.71 53.95
N ASN M 93 72.48 -7.91 54.49
CA ASN M 93 72.16 -7.48 55.85
C ASN M 93 72.09 -5.98 55.92
N GLY M 94 70.91 -5.47 56.23
CA GLY M 94 70.65 -4.05 56.19
C GLY M 94 70.12 -3.69 54.81
N ASN M 95 70.01 -4.70 53.96
CA ASN M 95 69.51 -4.49 52.61
C ASN M 95 68.14 -5.14 52.39
N MET M 96 67.37 -5.32 53.45
CA MET M 96 66.07 -5.97 53.31
C MET M 96 65.16 -5.17 52.39
N ALA M 97 65.22 -3.84 52.51
CA ALA M 97 64.37 -2.98 51.72
C ALA M 97 64.63 -3.10 50.22
N LEU M 98 65.69 -3.78 49.84
CA LEU M 98 66.03 -3.90 48.42
C LEU M 98 65.53 -5.21 47.83
N ASP M 99 64.56 -5.83 48.48
CA ASP M 99 64.03 -7.11 48.00
C ASP M 99 63.33 -6.99 46.67
N ASP M 100 63.68 -7.86 45.73
CA ASP M 100 63.00 -7.95 44.44
C ASP M 100 62.46 -9.33 44.15
N THR M 101 62.43 -10.20 45.15
CA THR M 101 62.08 -11.60 44.92
C THR M 101 60.60 -11.75 44.67
N HIS M 102 60.23 -12.35 43.55
CA HIS M 102 58.83 -12.55 43.21
C HIS M 102 58.68 -13.56 42.10
N ALA M 103 57.44 -13.96 41.84
CA ALA M 103 57.15 -14.87 40.74
C ALA M 103 56.20 -14.23 39.73
N GLU M 104 56.25 -14.69 38.49
CA GLU M 104 55.64 -13.94 37.41
C GLU M 104 55.28 -14.81 36.21
N ILE M 105 54.12 -14.56 35.60
CA ILE M 105 53.75 -15.26 34.38
C ILE M 105 53.98 -14.41 33.17
N VAL M 106 54.82 -14.89 32.27
CA VAL M 106 55.18 -14.11 31.11
C VAL M 106 54.41 -14.55 29.88
N THR M 107 53.63 -13.65 29.32
CA THR M 107 52.74 -14.02 28.24
C THR M 107 53.23 -13.41 26.98
N PRO M 108 52.90 -14.01 25.83
CA PRO M 108 53.22 -13.47 24.52
C PRO M 108 52.32 -12.32 24.11
N TRP M 109 51.48 -11.85 25.01
CA TRP M 109 50.54 -10.80 24.65
C TRP M 109 51.12 -9.48 25.08
N SER M 110 50.74 -8.42 24.41
CA SER M 110 51.13 -7.10 24.83
C SER M 110 49.92 -6.32 25.29
N LEU M 111 50.12 -5.35 26.16
CA LEU M 111 49.01 -4.58 26.71
C LEU M 111 48.98 -3.14 26.20
N VAL M 112 47.82 -2.74 25.72
CA VAL M 112 47.63 -1.37 25.31
C VAL M 112 46.97 -0.57 26.43
N ASP M 113 47.76 0.09 27.25
CA ASP M 113 47.23 0.83 28.42
C ASP M 113 47.32 2.33 28.20
N ALA M 114 46.22 3.05 28.35
CA ALA M 114 46.24 4.48 28.16
C ALA M 114 45.81 5.16 29.43
N ASN M 115 45.98 4.44 30.52
CA ASN M 115 45.53 4.92 31.80
C ASN M 115 46.53 5.90 32.39
N ALA M 116 46.55 7.12 31.88
CA ALA M 116 47.43 8.15 32.41
C ALA M 116 47.04 9.51 31.87
N TRP M 117 47.10 10.54 32.71
CA TRP M 117 46.62 11.85 32.32
C TRP M 117 47.30 12.37 31.07
N GLY M 118 48.58 12.08 30.94
CA GLY M 118 49.33 12.61 29.82
C GLY M 118 48.91 12.05 28.48
N VAL M 119 48.09 11.02 28.49
CA VAL M 119 47.63 10.43 27.25
C VAL M 119 46.51 11.25 26.66
N TRP M 120 45.84 11.99 27.52
CA TRP M 120 44.61 12.64 27.14
C TRP M 120 44.72 14.15 27.08
N PHE M 121 45.62 14.73 27.87
CA PHE M 121 45.74 16.18 27.90
C PHE M 121 47.15 16.73 27.67
N ASN M 122 47.22 17.82 26.89
CA ASN M 122 48.47 18.57 26.73
C ASN M 122 48.55 19.55 27.87
N PRO M 123 49.69 20.22 28.05
CA PRO M 123 49.74 21.13 29.19
C PRO M 123 48.62 22.19 29.18
N GLY M 124 48.39 22.79 28.02
CA GLY M 124 47.41 23.84 27.89
C GLY M 124 46.06 23.38 28.33
N ASP M 125 45.67 22.19 27.91
CA ASP M 125 44.39 21.64 28.30
C ASP M 125 44.33 21.61 29.81
N TRP M 126 45.38 21.08 30.43
CA TRP M 126 45.44 20.91 31.87
C TRP M 126 45.33 22.23 32.61
N GLN M 127 45.92 23.27 32.05
CA GLN M 127 45.85 24.59 32.64
C GLN M 127 44.42 25.01 32.75
N LEU M 128 43.71 24.87 31.65
CA LEU M 128 42.34 25.33 31.59
C LEU M 128 41.51 24.65 32.65
N ILE M 129 41.64 23.33 32.67
CA ILE M 129 40.91 22.47 33.58
C ILE M 129 41.16 22.85 35.04
N VAL M 130 42.43 22.94 35.38
CA VAL M 130 42.86 23.18 36.75
C VAL M 130 42.56 24.60 37.25
N ASN M 131 42.64 25.60 36.38
CA ASN M 131 42.40 26.96 36.82
C ASN M 131 40.95 27.34 36.95
N THR M 132 40.08 26.73 36.16
CA THR M 132 38.74 27.28 36.05
C THR M 132 37.64 26.39 36.63
N MET M 133 37.98 25.15 36.95
CA MET M 133 36.94 24.22 37.39
C MET M 133 37.16 23.57 38.73
N SER M 134 36.05 23.34 39.42
CA SER M 134 36.06 22.99 40.82
C SER M 134 36.05 21.49 41.11
N GLU M 135 35.46 20.70 40.23
CA GLU M 135 35.45 19.25 40.39
C GLU M 135 35.41 18.55 39.04
N LEU M 136 35.48 17.23 39.05
CA LEU M 136 35.69 16.50 37.81
C LEU M 136 35.02 15.13 37.90
N HIS M 137 34.15 14.80 36.94
CA HIS M 137 33.52 13.50 36.92
C HIS M 137 34.03 12.67 35.78
N LEU M 138 34.13 11.38 36.00
CA LEU M 138 34.58 10.51 34.95
C LEU M 138 33.33 9.92 34.32
N VAL M 139 33.09 10.19 33.03
CA VAL M 139 31.81 9.83 32.42
C VAL M 139 31.84 8.57 31.55
N SER M 140 32.70 8.56 30.54
CA SER M 140 32.69 7.46 29.57
C SER M 140 34.06 7.23 28.96
N PHE M 141 34.24 6.08 28.36
CA PHE M 141 35.49 5.73 27.73
C PHE M 141 35.33 4.69 26.65
N GLU M 142 35.80 4.99 25.44
CA GLU M 142 35.77 4.03 24.35
C GLU M 142 37.06 4.15 23.56
N GLN M 143 37.40 3.09 22.83
CA GLN M 143 38.62 3.09 22.07
C GLN M 143 38.50 2.16 20.87
N GLU M 144 39.30 2.41 19.85
CA GLU M 144 39.29 1.52 18.69
C GLU M 144 40.67 1.35 18.06
N ILE M 145 40.82 0.31 17.25
CA ILE M 145 42.06 0.00 16.57
C ILE M 145 41.80 -0.04 15.09
N PHE M 146 42.55 0.73 14.31
CA PHE M 146 42.27 0.83 12.88
C PHE M 146 43.52 1.05 12.02
N ASN M 147 43.32 0.97 10.71
CA ASN M 147 44.39 1.06 9.74
C ASN M 147 45.54 0.17 10.13
N VAL M 148 45.21 -1.10 10.39
CA VAL M 148 46.19 -2.10 10.75
C VAL M 148 47.13 -2.38 9.60
N VAL M 149 48.42 -2.51 9.89
CA VAL M 149 49.41 -2.84 8.88
C VAL M 149 50.31 -3.95 9.37
N LEU M 150 50.53 -4.96 8.55
CA LEU M 150 51.46 -6.01 8.91
C LEU M 150 52.53 -6.18 7.86
N LYS M 151 53.79 -6.22 8.30
CA LYS M 151 54.93 -6.39 7.39
C LYS M 151 55.84 -7.55 7.83
N THR M 152 56.45 -8.21 6.85
CA THR M 152 57.43 -9.25 7.15
C THR M 152 58.74 -8.59 6.91
N VAL M 153 59.68 -8.87 7.79
CA VAL M 153 61.00 -8.31 7.69
C VAL M 153 61.75 -9.03 6.61
N SER M 154 62.49 -10.06 7.01
CA SER M 154 63.19 -10.95 6.08
C SER M 154 63.60 -10.26 4.77
N GLU M 155 64.76 -9.61 4.64
CA GLU M 155 66.05 -9.76 5.33
C GLU M 155 66.97 -9.95 4.14
N SER M 156 68.26 -9.98 4.40
CA SER M 156 69.23 -10.61 3.52
C SER M 156 69.02 -10.36 2.03
N ALA M 157 69.10 -9.11 1.60
CA ALA M 157 68.93 -8.85 0.18
C ALA M 157 69.35 -7.48 -0.31
N THR M 158 70.55 -7.28 -0.89
CA THR M 158 71.75 -8.16 -1.00
C THR M 158 72.88 -7.14 -1.27
N GLN M 159 74.15 -7.51 -1.06
CA GLN M 159 75.29 -6.57 -1.14
C GLN M 159 75.16 -5.56 0.04
N PRO M 160 76.21 -5.42 0.87
CA PRO M 160 76.57 -5.01 2.24
C PRO M 160 75.90 -5.57 3.52
N PRO M 161 74.78 -6.31 3.48
CA PRO M 161 73.83 -6.84 2.50
C PRO M 161 72.46 -6.14 2.55
N THR M 162 72.28 -5.22 3.50
CA THR M 162 71.05 -4.44 3.68
C THR M 162 69.77 -5.23 3.96
N LYS M 163 68.72 -4.48 4.34
CA LYS M 163 67.46 -5.08 4.73
C LYS M 163 66.25 -4.60 3.97
N VAL M 164 65.21 -5.43 3.88
CA VAL M 164 64.02 -5.07 3.11
C VAL M 164 62.75 -5.50 3.81
N TYR M 165 61.73 -4.64 3.79
CA TYR M 165 60.48 -4.89 4.48
C TYR M 165 59.25 -4.97 3.56
N ASN M 166 58.56 -6.11 3.53
CA ASN M 166 57.41 -6.27 2.65
C ASN M 166 56.10 -6.39 3.39
N ASN M 167 55.01 -6.03 2.73
CA ASN M 167 53.69 -6.25 3.31
C ASN M 167 53.27 -7.68 3.24
N ASP M 168 52.74 -8.20 4.35
CA ASP M 168 52.00 -9.46 4.34
C ASP M 168 50.53 -9.12 4.41
N LEU M 169 49.87 -9.07 3.26
CA LEU M 169 48.50 -8.58 3.23
C LEU M 169 47.55 -9.51 3.97
N THR M 170 47.74 -10.81 3.82
CA THR M 170 46.87 -11.81 4.44
C THR M 170 47.19 -12.10 5.92
N ALA M 171 48.23 -11.50 6.47
CA ALA M 171 48.62 -11.73 7.86
C ALA M 171 47.67 -11.01 8.79
N SER M 172 47.63 -11.45 10.04
CA SER M 172 46.66 -10.95 11.02
C SER M 172 47.28 -10.40 12.28
N LEU M 173 46.61 -9.42 12.89
CA LEU M 173 46.93 -8.92 14.22
C LEU M 173 45.85 -9.33 15.21
N MET M 174 46.21 -10.03 16.27
CA MET M 174 45.21 -10.53 17.23
C MET M 174 44.86 -9.46 18.26
N VAL M 175 43.57 -9.21 18.46
CA VAL M 175 43.13 -8.23 19.44
C VAL M 175 42.09 -8.86 20.32
N ALA M 176 42.22 -8.67 21.63
CA ALA M 176 41.29 -9.27 22.55
C ALA M 176 40.91 -8.28 23.62
N LEU M 177 39.62 -8.13 23.88
CA LEU M 177 39.17 -7.16 24.85
C LEU M 177 38.59 -7.88 26.03
N ASP M 178 39.20 -7.75 27.20
CA ASP M 178 38.74 -8.49 28.37
C ASP M 178 37.65 -7.67 29.03
N SER M 179 36.49 -7.62 28.39
CA SER M 179 35.43 -6.72 28.79
C SER M 179 34.76 -7.19 30.07
N ASN M 180 35.03 -8.41 30.45
CA ASN M 180 34.55 -8.95 31.71
C ASN M 180 35.52 -8.87 32.90
N ASN M 181 36.67 -8.25 32.70
CA ASN M 181 37.71 -8.22 33.72
C ASN M 181 37.99 -9.58 34.31
N THR M 182 38.21 -10.58 33.47
CA THR M 182 38.53 -11.90 33.98
C THR M 182 39.89 -11.89 34.58
N MET M 183 40.73 -11.04 34.02
CA MET M 183 42.14 -11.19 34.20
C MET M 183 42.74 -10.11 35.06
N PRO M 184 43.89 -10.41 35.67
CA PRO M 184 44.45 -9.57 36.71
C PRO M 184 44.61 -8.16 36.24
N PHE M 185 44.24 -7.22 37.08
CA PHE M 185 44.35 -5.85 36.67
C PHE M 185 45.78 -5.39 36.83
N THR M 186 46.37 -4.91 35.74
CA THR M 186 47.76 -4.46 35.73
C THR M 186 47.90 -3.10 35.06
N PRO M 187 47.61 -2.02 35.79
CA PRO M 187 47.76 -0.67 35.27
C PRO M 187 49.20 -0.34 34.99
N ALA M 188 49.48 0.10 33.77
CA ALA M 188 50.85 0.30 33.35
C ALA M 188 51.42 1.61 33.81
N ALA M 189 50.61 2.44 34.41
CA ALA M 189 51.09 3.75 34.84
C ALA M 189 52.13 3.65 35.97
N MET M 190 52.04 2.58 36.76
CA MET M 190 52.89 2.36 37.93
C MET M 190 54.33 2.04 37.59
N ARG M 191 54.54 1.67 36.34
CA ARG M 191 55.86 1.31 35.86
C ARG M 191 56.20 2.22 34.70
N SER M 192 55.45 3.31 34.60
CA SER M 192 55.61 4.29 33.52
C SER M 192 55.69 3.61 32.18
N GLU M 193 54.70 2.77 31.89
CA GLU M 193 54.71 1.96 30.68
C GLU M 193 53.39 2.06 29.93
N THR M 194 52.80 3.26 29.94
CA THR M 194 51.58 3.54 29.20
C THR M 194 51.91 3.96 27.80
N LEU M 195 50.93 4.50 27.11
CA LEU M 195 51.20 5.02 25.78
C LEU M 195 51.97 6.34 25.86
N GLY M 196 52.55 6.76 24.75
CA GLY M 196 53.29 8.01 24.70
C GLY M 196 52.43 9.22 24.94
N PHE M 197 53.02 10.30 25.41
CA PHE M 197 52.24 11.50 25.72
C PHE M 197 52.23 12.52 24.59
N TYR M 198 52.88 12.20 23.47
CA TYR M 198 52.98 13.15 22.39
C TYR M 198 52.23 12.56 21.23
N PRO M 199 51.27 13.31 20.71
CA PRO M 199 50.41 12.94 19.58
C PRO M 199 51.18 12.68 18.32
N TRP M 200 52.28 13.37 18.09
CA TRP M 200 52.98 13.21 16.83
C TRP M 200 54.14 12.22 16.89
N LYS M 201 54.38 11.62 18.03
CA LYS M 201 55.44 10.63 18.13
C LYS M 201 54.87 9.25 18.37
N PRO M 202 55.23 8.27 17.54
CA PRO M 202 54.72 6.91 17.69
C PRO M 202 55.02 6.30 19.03
N THR M 203 54.37 5.19 19.33
CA THR M 203 54.52 4.54 20.61
C THR M 203 54.28 3.07 20.48
N ILE M 204 54.27 2.39 21.60
CA ILE M 204 54.23 0.95 21.63
C ILE M 204 53.46 0.48 22.84
N PRO M 205 52.93 -0.74 22.79
CA PRO M 205 52.36 -1.36 23.98
C PRO M 205 53.43 -1.91 24.87
N THR M 206 53.09 -2.58 25.96
CA THR M 206 54.11 -3.25 26.73
C THR M 206 53.79 -4.72 26.87
N PRO M 207 54.83 -5.57 26.87
CA PRO M 207 54.62 -7.00 26.99
C PRO M 207 53.88 -7.32 28.28
N TRP M 208 52.82 -8.10 28.19
CA TRP M 208 52.00 -8.36 29.35
C TRP M 208 52.50 -9.52 30.19
N ARG M 209 52.32 -9.37 31.50
CA ARG M 209 52.89 -10.28 32.48
C ARG M 209 52.08 -10.08 33.76
N TYR M 210 51.95 -11.11 34.59
CA TYR M 210 51.17 -10.93 35.80
C TYR M 210 51.73 -11.77 36.93
N TYR M 211 51.30 -11.45 38.14
CA TYR M 211 51.82 -12.09 39.33
C TYR M 211 51.32 -13.51 39.51
N PHE M 212 52.24 -14.42 39.82
CA PHE M 212 51.96 -15.82 40.11
C PHE M 212 52.30 -16.07 41.57
N GLN M 213 51.57 -16.91 42.28
CA GLN M 213 51.79 -16.95 43.73
C GLN M 213 53.12 -17.54 44.14
N TRP M 214 53.67 -17.02 45.23
CA TRP M 214 54.88 -17.55 45.84
C TRP M 214 54.88 -17.27 47.35
N ASP M 215 55.36 -18.24 48.14
CA ASP M 215 55.66 -18.04 49.57
C ASP M 215 57.10 -17.56 49.70
N ARG M 216 57.43 -16.82 50.76
CA ARG M 216 58.74 -16.21 50.86
C ARG M 216 59.00 -15.60 52.22
N THR M 217 60.14 -15.92 52.83
CA THR M 217 60.46 -15.33 54.12
C THR M 217 61.79 -14.59 54.09
N LEU M 218 61.82 -13.41 54.72
CA LEU M 218 63.04 -12.64 54.83
C LEU M 218 63.08 -11.88 56.14
N ILE M 219 63.98 -12.31 57.01
CA ILE M 219 64.15 -11.71 58.32
C ILE M 219 65.04 -10.49 58.25
N PRO M 220 64.57 -9.38 58.83
CA PRO M 220 65.34 -8.14 58.78
C PRO M 220 66.62 -8.19 59.62
N SER M 221 67.54 -7.25 59.35
CA SER M 221 68.84 -7.22 59.98
C SER M 221 69.57 -5.89 59.76
N HIS M 222 70.69 -5.68 60.45
CA HIS M 222 71.49 -4.48 60.27
C HIS M 222 72.94 -4.87 60.01
N THR M 223 73.81 -3.88 59.81
CA THR M 223 75.21 -4.14 59.46
C THR M 223 75.96 -4.86 60.57
N GLY M 224 75.65 -4.51 61.80
CA GLY M 224 76.28 -5.14 62.94
C GLY M 224 75.92 -6.60 63.10
N THR M 225 74.74 -6.98 62.65
CA THR M 225 74.22 -8.33 62.88
C THR M 225 75.10 -9.45 62.39
N SER M 226 75.38 -10.34 63.33
CA SER M 226 76.03 -11.61 63.09
C SER M 226 75.20 -12.60 62.31
N GLY M 227 75.84 -13.65 61.81
CA GLY M 227 75.09 -14.70 61.16
C GLY M 227 74.54 -14.37 59.80
N THR M 228 73.75 -15.31 59.29
CA THR M 228 73.03 -15.11 58.05
C THR M 228 71.55 -15.16 58.41
N PRO M 229 70.90 -14.00 58.41
CA PRO M 229 69.47 -13.95 58.72
C PRO M 229 68.74 -14.75 57.68
N THR M 230 67.76 -15.55 58.10
CA THR M 230 67.11 -16.49 57.20
C THR M 230 66.45 -15.76 56.01
N ASN M 231 66.74 -16.23 54.81
CA ASN M 231 66.32 -15.58 53.58
C ASN M 231 66.00 -16.60 52.49
N ILE M 232 64.78 -17.10 52.50
CA ILE M 232 64.44 -18.23 51.64
C ILE M 232 63.23 -17.97 50.75
N TYR M 233 63.18 -18.62 49.60
CA TYR M 233 62.03 -18.62 48.71
C TYR M 233 61.41 -19.98 48.83
N HIS M 234 60.28 -20.03 49.53
CA HIS M 234 59.72 -21.31 49.87
C HIS M 234 59.08 -22.03 48.68
N GLY M 235 58.50 -21.28 47.75
CA GLY M 235 57.91 -21.93 46.61
C GLY M 235 56.54 -21.42 46.27
N THR M 236 55.58 -22.34 46.13
CA THR M 236 54.25 -21.94 45.67
C THR M 236 53.12 -22.66 46.40
N ASP M 237 52.26 -21.90 47.07
CA ASP M 237 51.09 -22.44 47.78
C ASP M 237 50.08 -22.96 46.76
N PRO M 238 49.91 -24.28 46.70
CA PRO M 238 49.04 -24.86 45.67
C PRO M 238 47.60 -24.36 45.76
N ASP M 239 47.15 -23.97 46.94
CA ASP M 239 45.77 -23.51 47.08
C ASP M 239 45.57 -22.15 46.47
N ASP M 240 46.66 -21.54 46.01
CA ASP M 240 46.65 -20.17 45.54
C ASP M 240 47.09 -20.05 44.09
N VAL M 241 47.15 -21.16 43.40
CA VAL M 241 47.69 -21.18 42.06
C VAL M 241 46.70 -20.72 41.03
N GLN M 242 47.00 -19.64 40.32
CA GLN M 242 46.14 -19.22 39.22
C GLN M 242 46.87 -18.87 37.92
N PHE M 243 46.78 -19.74 36.94
CA PHE M 243 47.37 -19.56 35.62
C PHE M 243 46.33 -19.15 34.59
N TYR M 244 46.42 -17.93 34.09
CA TYR M 244 45.46 -17.40 33.12
C TYR M 244 45.94 -17.45 31.70
N THR M 245 45.02 -17.64 30.76
CA THR M 245 45.34 -17.42 29.36
C THR M 245 44.35 -16.47 28.75
N ILE M 246 44.83 -15.64 27.84
CA ILE M 246 43.95 -14.83 27.06
C ILE M 246 43.01 -15.77 26.32
N GLU M 247 43.60 -16.80 25.74
CA GLU M 247 42.89 -17.69 24.81
C GLU M 247 41.67 -18.36 25.39
N ASN M 248 41.75 -18.77 26.65
CA ASN M 248 40.65 -19.47 27.29
C ASN M 248 39.65 -18.57 27.96
N SER M 249 39.96 -17.29 28.03
CA SER M 249 39.09 -16.39 28.76
C SER M 249 38.42 -15.35 27.90
N VAL M 250 39.11 -14.90 26.85
CA VAL M 250 38.62 -13.75 26.11
C VAL M 250 38.45 -14.08 24.64
N PRO M 251 37.36 -13.60 24.02
CA PRO M 251 37.28 -13.84 22.58
C PRO M 251 38.32 -13.02 21.83
N VAL M 252 39.03 -13.67 20.92
CA VAL M 252 40.08 -13.02 20.14
C VAL M 252 39.68 -12.71 18.71
N HIS M 253 39.92 -11.47 18.30
CA HIS M 253 39.63 -11.05 16.95
C HIS M 253 40.86 -11.08 16.08
N LEU M 254 40.75 -11.61 14.88
CA LEU M 254 41.87 -11.49 13.97
C LEU M 254 41.57 -10.32 13.06
N LEU M 255 42.41 -9.28 13.11
CA LEU M 255 42.24 -8.11 12.26
C LEU M 255 43.28 -8.12 11.17
N ARG M 256 42.87 -8.13 9.90
CA ARG M 256 43.79 -7.92 8.79
C ARG M 256 43.80 -6.44 8.46
N THR M 257 44.42 -6.04 7.36
CA THR M 257 44.58 -4.63 7.07
C THR M 257 43.26 -3.92 7.05
N GLY M 258 42.31 -4.51 6.34
CA GLY M 258 41.04 -3.88 6.10
C GLY M 258 40.07 -4.00 7.24
N ASP M 259 40.44 -4.68 8.30
CA ASP M 259 39.57 -4.83 9.45
C ASP M 259 39.86 -3.73 10.49
N GLU M 260 38.89 -3.50 11.36
CA GLU M 260 39.03 -2.55 12.45
C GLU M 260 38.32 -3.10 13.64
N PHE M 261 38.72 -2.68 14.83
CA PHE M 261 38.05 -3.10 16.05
C PHE M 261 37.75 -1.94 16.99
N ALA M 262 36.50 -1.80 17.37
CA ALA M 262 36.10 -0.74 18.27
C ALA M 262 35.31 -1.34 19.40
N THR M 263 35.49 -0.83 20.62
CA THR M 263 34.75 -1.34 21.76
C THR M 263 33.52 -0.50 21.87
N GLY M 264 32.64 -0.84 22.81
CA GLY M 264 31.46 -0.04 23.01
C GLY M 264 31.84 1.26 23.67
N THR M 265 30.88 1.95 24.26
CA THR M 265 31.17 3.05 25.14
C THR M 265 30.93 2.63 26.56
N PHE M 266 31.97 2.60 27.36
CA PHE M 266 31.84 2.18 28.73
C PHE M 266 31.46 3.33 29.61
N PHE M 267 30.43 3.14 30.41
CA PHE M 267 30.04 4.21 31.29
C PHE M 267 30.49 4.01 32.71
N PHE M 268 31.19 5.00 33.23
CA PHE M 268 31.71 4.90 34.58
C PHE M 268 30.64 5.30 35.56
N ASP M 269 30.90 4.97 36.82
CA ASP M 269 30.26 5.67 37.93
C ASP M 269 31.19 5.64 39.15
N CYS M 270 31.62 6.83 39.56
CA CYS M 270 32.50 7.00 40.71
C CYS M 270 32.18 8.34 41.33
N LYS M 271 32.84 8.65 42.44
CA LYS M 271 32.63 9.95 43.04
C LYS M 271 33.37 10.97 42.21
N PRO M 272 33.00 12.24 42.36
CA PRO M 272 33.74 13.30 41.69
C PRO M 272 35.09 13.50 42.32
N CYS M 273 36.04 13.88 41.50
CA CYS M 273 37.35 14.27 41.97
C CYS M 273 37.40 15.77 42.08
N ARG M 274 37.89 16.30 43.19
CA ARG M 274 37.83 17.75 43.40
C ARG M 274 39.15 18.42 42.97
N LEU M 275 39.05 19.63 42.44
CA LEU M 275 40.23 20.34 41.99
C LEU M 275 40.51 21.55 42.85
N THR M 276 40.29 21.39 44.15
CA THR M 276 40.61 22.40 45.13
C THR M 276 41.30 21.76 46.32
N HIS M 277 42.27 22.48 46.91
CA HIS M 277 42.99 21.96 48.07
C HIS M 277 42.46 22.59 49.35
N THR M 278 42.54 21.85 50.44
CA THR M 278 42.14 22.41 51.72
C THR M 278 43.37 22.88 52.48
N TRP M 279 43.27 23.99 53.20
CA TRP M 279 44.45 24.51 53.88
C TRP M 279 44.41 24.43 55.39
N GLN M 280 43.25 24.12 55.93
CA GLN M 280 43.07 24.19 57.37
C GLN M 280 43.49 22.90 58.01
N THR M 281 44.28 23.01 59.06
CA THR M 281 44.56 21.92 59.97
C THR M 281 43.71 22.16 61.18
N ASN M 282 43.74 21.27 62.15
CA ASN M 282 42.93 21.49 63.33
C ASN M 282 43.11 22.86 63.92
N ARG M 283 44.30 23.43 63.80
CA ARG M 283 44.61 24.67 64.53
C ARG M 283 43.87 25.86 63.98
N ALA M 284 43.14 25.64 62.89
CA ALA M 284 42.39 26.69 62.25
C ALA M 284 41.01 26.27 61.88
N LEU M 285 40.31 25.62 62.79
CA LEU M 285 38.94 25.22 62.53
C LEU M 285 38.02 25.95 63.47
N GLY M 286 37.19 26.83 62.94
CA GLY M 286 36.14 27.40 63.76
C GLY M 286 36.35 28.82 64.19
N LEU M 287 35.80 29.13 65.36
CA LEU M 287 35.80 30.47 65.87
C LEU M 287 37.09 30.75 66.60
N PRO M 288 37.88 31.67 66.08
CA PRO M 288 39.11 32.11 66.73
C PRO M 288 38.79 32.82 68.03
N PRO M 289 39.75 32.88 68.96
CA PRO M 289 39.46 33.50 70.24
C PRO M 289 39.33 35.01 70.12
N PHE M 290 38.41 35.60 70.88
CA PHE M 290 38.22 37.05 70.79
C PHE M 290 39.43 37.81 71.28
N LEU M 291 39.89 38.78 70.50
CA LEU M 291 41.02 39.61 70.90
C LEU M 291 40.60 40.87 71.65
N ASN M 292 41.10 41.02 72.88
CA ASN M 292 40.83 42.19 73.68
C ASN M 292 41.83 43.32 73.48
N SER M 293 42.94 43.03 72.83
CA SER M 293 43.92 44.07 72.51
C SER M 293 44.34 44.01 71.08
N LEU M 294 43.82 44.94 70.28
CA LEU M 294 44.19 44.95 68.88
C LEU M 294 45.33 45.89 68.69
N PRO M 295 46.21 45.58 67.74
CA PRO M 295 47.39 46.39 67.45
C PRO M 295 46.97 47.79 67.06
N GLN M 296 47.87 48.76 67.23
CA GLN M 296 47.51 50.13 66.96
C GLN M 296 48.48 50.86 66.05
N SER M 297 49.44 50.11 65.51
CA SER M 297 50.25 50.61 64.42
C SER M 297 50.66 49.43 63.56
N GLU M 298 50.82 49.67 62.25
CA GLU M 298 51.11 48.59 61.31
C GLU M 298 52.49 48.05 61.57
N GLY M 299 52.80 46.89 61.01
CA GLY M 299 54.15 46.39 61.13
C GLY M 299 54.32 44.92 61.32
N GLY M 300 55.55 44.53 61.60
CA GLY M 300 55.93 43.13 61.52
C GLY M 300 55.95 42.42 62.85
N THR M 301 55.87 43.18 63.94
CA THR M 301 55.79 42.57 65.25
C THR M 301 54.72 43.23 66.11
N ASN M 302 53.82 43.96 65.46
CA ASN M 302 52.69 44.52 66.18
C ASN M 302 51.61 43.47 66.29
N PHE M 303 51.83 42.51 67.18
CA PHE M 303 50.91 41.41 67.36
C PHE M 303 49.69 41.90 68.10
N GLY M 304 48.60 41.15 68.01
CA GLY M 304 47.43 41.41 68.81
C GLY M 304 47.46 40.48 70.00
N TYR M 305 46.77 40.80 71.08
CA TYR M 305 46.85 39.96 72.26
C TYR M 305 45.47 39.55 72.73
N ILE M 306 45.28 38.26 73.01
CA ILE M 306 44.00 37.75 73.50
C ILE M 306 43.54 38.45 74.77
N GLY M 307 44.39 38.50 75.78
CA GLY M 307 44.10 39.31 76.92
C GLY M 307 43.25 38.65 77.97
N VAL M 308 43.36 37.35 78.11
CA VAL M 308 42.75 36.66 79.24
C VAL M 308 43.71 35.59 79.71
N GLN M 309 43.87 35.45 81.03
CA GLN M 309 44.78 34.45 81.56
C GLN M 309 44.41 33.09 81.02
N GLN M 310 45.41 32.32 80.63
CA GLN M 310 45.17 31.03 79.99
C GLN M 310 44.34 30.09 80.88
N ASP M 311 44.38 30.29 82.19
CA ASP M 311 43.63 29.42 83.08
C ASP M 311 42.34 30.08 83.54
N LYS M 312 42.05 31.27 83.02
CA LYS M 312 40.82 31.98 83.36
C LYS M 312 39.94 32.19 82.10
N ARG M 313 40.13 31.33 81.09
CA ARG M 313 39.42 31.46 79.82
C ARG M 313 38.20 30.54 79.75
N ARG M 314 37.24 30.90 78.88
CA ARG M 314 36.00 30.15 78.66
C ARG M 314 36.09 29.24 77.45
N GLY M 315 35.38 28.12 77.44
CA GLY M 315 35.45 27.24 76.31
C GLY M 315 35.49 25.79 76.68
N VAL M 316 35.77 24.96 75.69
CA VAL M 316 35.73 23.52 75.87
C VAL M 316 37.00 22.83 75.46
N THR M 317 37.51 21.96 76.29
CA THR M 317 38.67 21.14 75.94
C THR M 317 38.39 19.70 76.24
N GLN M 318 39.26 18.82 75.78
CA GLN M 318 39.17 17.40 76.11
C GLN M 318 40.21 17.03 77.15
N MET M 319 40.61 18.01 77.96
CA MET M 319 41.57 17.82 79.04
C MET M 319 40.92 18.06 80.38
N GLY M 320 40.38 17.00 80.98
CA GLY M 320 39.63 17.05 82.23
C GLY M 320 40.35 17.65 83.42
N ASN M 321 41.68 17.69 83.38
CA ASN M 321 42.51 18.21 84.46
C ASN M 321 42.58 19.71 84.50
N THR M 322 43.34 20.27 83.56
CA THR M 322 43.66 21.69 83.64
C THR M 322 42.52 22.55 83.19
N ASN M 323 42.62 23.81 83.58
CA ASN M 323 41.67 24.83 83.20
C ASN M 323 42.26 25.67 82.13
N TYR M 324 43.42 25.20 81.66
CA TYR M 324 44.11 25.84 80.54
C TYR M 324 43.33 25.64 79.26
N ILE M 325 43.05 26.72 78.56
CA ILE M 325 42.46 26.63 77.25
C ILE M 325 43.30 27.39 76.27
N THR M 326 44.15 26.68 75.54
CA THR M 326 44.97 27.34 74.55
C THR M 326 44.63 26.72 73.23
N GLU M 327 45.06 27.38 72.16
CA GLU M 327 44.79 26.95 70.80
C GLU M 327 45.22 25.53 70.53
N ALA M 328 46.27 25.08 71.19
CA ALA M 328 46.72 23.72 71.00
C ALA M 328 45.93 22.80 71.90
N THR M 329 45.17 23.37 72.81
CA THR M 329 44.41 22.58 73.76
C THR M 329 42.90 22.60 73.47
N ILE M 330 42.39 23.72 72.97
CA ILE M 330 40.95 23.92 72.69
C ILE M 330 40.41 22.80 71.83
N MET M 331 39.20 22.33 72.14
CA MET M 331 38.56 21.27 71.37
C MET M 331 38.33 21.64 69.90
N ARG M 332 38.42 20.66 69.02
CA ARG M 332 38.04 20.85 67.65
C ARG M 332 37.04 19.76 67.33
N PRO M 333 36.18 19.96 66.33
CA PRO M 333 35.13 19.00 66.08
C PRO M 333 35.65 17.61 65.72
N ALA M 334 36.78 17.51 65.05
CA ALA M 334 37.34 16.21 64.74
C ALA M 334 38.83 16.36 64.53
N GLU M 335 39.43 15.45 63.76
CA GLU M 335 40.86 15.54 63.54
C GLU M 335 41.17 15.49 62.07
N VAL M 336 41.89 16.49 61.58
CA VAL M 336 42.24 16.54 60.16
C VAL M 336 43.56 15.88 59.88
N GLY M 337 43.54 14.84 59.07
CA GLY M 337 44.75 14.12 58.71
C GLY M 337 45.08 13.12 59.79
N TYR M 338 46.12 12.35 59.59
CA TYR M 338 46.46 11.33 60.59
C TYR M 338 47.94 10.99 60.60
N SER M 339 48.45 10.51 61.73
CA SER M 339 49.86 10.12 61.82
C SER M 339 50.06 8.67 61.52
N ALA M 340 51.03 8.36 60.67
CA ALA M 340 51.22 6.99 60.25
C ALA M 340 52.67 6.59 60.32
N PRO M 341 52.92 5.30 60.52
CA PRO M 341 54.29 4.82 60.61
C PRO M 341 55.09 5.06 59.34
N TYR M 342 56.38 5.31 59.55
CA TYR M 342 57.31 5.63 58.50
C TYR M 342 58.72 5.39 58.99
N TYR M 343 59.58 4.78 58.19
CA TYR M 343 59.21 4.01 57.01
C TYR M 343 58.83 2.61 57.44
N SER M 344 57.55 2.31 57.62
CA SER M 344 57.22 1.03 58.18
C SER M 344 57.19 -0.04 57.11
N PHE M 345 57.78 -1.17 57.42
CA PHE M 345 57.66 -2.33 56.57
C PHE M 345 56.93 -3.44 57.31
N GLU M 346 56.00 -4.06 56.61
CA GLU M 346 55.22 -5.15 57.14
C GLU M 346 55.41 -6.33 56.23
N ALA M 347 55.11 -7.51 56.71
CA ALA M 347 55.42 -8.69 55.93
C ALA M 347 54.31 -9.68 55.99
N SER M 348 54.00 -10.25 54.84
CA SER M 348 53.04 -11.33 54.81
C SER M 348 53.52 -12.34 53.82
N THR M 349 52.88 -13.51 53.82
CA THR M 349 53.13 -14.59 52.89
C THR M 349 54.22 -14.44 51.84
N GLN M 350 54.30 -13.29 51.19
CA GLN M 350 55.16 -13.16 50.02
C GLN M 350 56.33 -12.21 50.16
N GLY M 351 56.59 -11.79 51.39
CA GLY M 351 57.73 -10.96 51.67
C GLY M 351 57.25 -9.66 52.27
N PRO M 352 58.17 -8.75 52.53
CA PRO M 352 57.91 -7.49 53.19
C PRO M 352 57.53 -6.41 52.21
N PHE M 353 56.82 -5.39 52.67
CA PHE M 353 56.43 -4.30 51.81
C PHE M 353 56.20 -3.02 52.59
N LYS M 354 56.43 -1.87 51.99
CA LYS M 354 56.23 -0.63 52.69
C LYS M 354 54.77 -0.39 53.02
N THR M 355 54.52 0.23 54.16
CA THR M 355 53.20 0.69 54.56
C THR M 355 52.88 2.05 53.94
N PRO M 356 51.79 2.12 53.18
CA PRO M 356 51.41 3.32 52.42
C PRO M 356 50.77 4.39 53.27
N ILE M 357 50.90 5.63 52.82
CA ILE M 357 50.37 6.73 53.59
C ILE M 357 49.37 7.49 52.75
N ALA M 358 48.40 8.10 53.41
CA ALA M 358 47.38 8.82 52.70
C ALA M 358 47.64 10.29 52.58
N ALA M 359 47.77 10.96 53.72
CA ALA M 359 47.63 12.42 53.76
C ALA M 359 48.73 13.23 53.04
N GLY M 360 49.02 14.43 53.56
CA GLY M 360 50.12 15.24 53.07
C GLY M 360 49.58 16.38 52.27
N ARG M 361 50.22 17.55 52.27
CA ARG M 361 51.47 17.89 52.99
C ARG M 361 51.25 18.40 54.39
N GLY M 362 52.24 18.25 55.26
CA GLY M 362 52.10 18.71 56.62
C GLY M 362 53.13 19.69 57.17
N GLY M 363 54.30 19.75 56.57
CA GLY M 363 55.32 20.62 57.10
C GLY M 363 55.04 22.06 56.75
N ALA M 364 55.65 22.99 57.48
CA ALA M 364 55.42 24.40 57.20
C ALA M 364 56.15 24.76 55.93
N GLN M 365 56.47 26.01 55.68
CA GLN M 365 56.98 26.25 54.34
C GLN M 365 58.49 26.31 54.27
N THR M 366 58.99 25.29 53.57
CA THR M 366 60.37 25.02 53.18
C THR M 366 60.60 23.55 53.46
N ASP M 367 60.04 23.06 54.57
CA ASP M 367 60.41 21.77 55.10
C ASP M 367 59.28 20.76 55.29
N GLU M 368 59.40 19.65 54.56
CA GLU M 368 58.37 18.65 54.54
C GLU M 368 58.95 17.31 54.90
N ASN M 369 58.12 16.45 55.47
CA ASN M 369 58.60 15.13 55.79
C ASN M 369 58.18 14.11 54.76
N GLN M 370 58.74 14.25 53.57
CA GLN M 370 58.36 13.42 52.42
C GLN M 370 58.16 11.91 52.65
N ALA M 371 58.21 11.45 53.89
CA ALA M 371 58.04 10.03 54.17
C ALA M 371 56.92 9.82 55.14
N ALA M 372 56.75 10.76 56.06
CA ALA M 372 55.65 10.72 57.02
C ALA M 372 54.35 11.12 56.36
N ASP M 373 54.44 11.88 55.27
CA ASP M 373 53.29 12.24 54.46
C ASP M 373 53.15 11.30 53.27
N GLY M 374 54.25 10.71 52.86
CA GLY M 374 54.18 9.69 51.85
C GLY M 374 54.00 10.34 50.50
N ASP M 375 54.73 11.40 50.29
CA ASP M 375 54.63 12.14 49.06
C ASP M 375 55.26 11.22 48.05
N PRO M 376 54.54 10.94 46.96
CA PRO M 376 54.88 9.98 45.92
C PRO M 376 55.96 10.49 45.01
N ARG M 377 56.79 9.59 44.49
CA ARG M 377 57.90 9.97 43.64
C ARG M 377 57.83 9.21 42.32
N TYR M 378 57.80 9.95 41.20
CA TYR M 378 57.55 9.38 39.87
C TYR M 378 58.81 9.31 39.00
N ALA M 379 59.05 8.15 38.38
CA ALA M 379 60.23 8.02 37.53
C ALA M 379 59.84 7.61 36.11
N PHE M 380 60.37 8.31 35.12
CA PHE M 380 59.86 8.15 33.76
C PHE M 380 60.86 8.54 32.67
N GLY M 381 60.61 8.12 31.42
CA GLY M 381 61.61 8.33 30.39
C GLY M 381 61.17 8.65 29.00
N ARG M 382 61.65 9.77 28.49
CA ARG M 382 61.43 10.26 27.13
C ARG M 382 60.03 10.10 26.57
N GLN M 383 59.51 8.89 26.50
CA GLN M 383 58.13 8.71 26.06
C GLN M 383 57.13 9.43 26.94
N HIS M 384 57.48 9.66 28.20
CA HIS M 384 56.51 10.18 29.15
C HIS M 384 56.95 11.42 29.90
N GLY M 385 57.79 12.26 29.29
CA GLY M 385 58.10 13.52 29.92
C GLY M 385 59.55 13.98 29.90
N GLN M 386 60.46 13.04 30.09
CA GLN M 386 61.89 13.35 30.10
C GLN M 386 62.25 13.97 28.77
N LYS M 387 63.21 14.90 28.74
CA LYS M 387 63.57 15.58 27.51
C LYS M 387 64.01 14.52 26.51
N THR M 388 63.43 14.55 25.32
CA THR M 388 63.58 13.46 24.37
C THR M 388 64.93 13.41 23.70
N THR M 389 65.73 14.45 23.88
CA THR M 389 67.07 14.44 23.32
C THR M 389 68.12 13.79 24.22
N THR M 390 67.79 13.66 25.50
CA THR M 390 68.70 13.10 26.48
C THR M 390 69.00 11.63 26.25
N THR M 391 70.29 11.33 26.08
CA THR M 391 70.76 9.95 26.07
C THR M 391 71.04 9.50 27.49
N GLY M 392 71.25 8.21 27.67
CA GLY M 392 71.50 7.70 29.01
C GLY M 392 70.33 6.93 29.57
N GLU M 393 70.63 6.04 30.51
CA GLU M 393 69.65 5.13 31.07
C GLU M 393 68.98 5.76 32.28
N THR M 394 69.46 6.93 32.65
CA THR M 394 68.98 7.56 33.87
C THR M 394 67.69 8.34 33.63
N PRO M 395 66.65 8.01 34.38
CA PRO M 395 65.31 8.56 34.29
C PRO M 395 65.15 9.93 34.92
N GLU M 396 64.15 10.68 34.48
CA GLU M 396 63.80 11.94 35.08
C GLU M 396 62.88 11.63 36.22
N ARG M 397 62.90 12.43 37.27
CA ARG M 397 62.11 12.13 38.46
C ARG M 397 61.53 13.38 39.08
N PHE M 398 60.56 13.20 39.95
CA PHE M 398 60.04 14.28 40.77
C PHE M 398 59.28 13.71 41.95
N THR M 399 59.07 14.54 42.97
CA THR M 399 58.29 14.13 44.12
C THR M 399 57.10 15.04 44.25
N TYR M 400 55.91 14.48 44.18
CA TYR M 400 54.75 15.34 44.21
C TYR M 400 54.41 15.78 45.61
N ILE M 401 54.55 17.08 45.86
CA ILE M 401 54.09 17.63 47.11
C ILE M 401 52.80 18.42 46.95
N ALA M 402 51.71 17.86 47.43
CA ALA M 402 50.41 18.42 47.20
C ALA M 402 50.25 19.77 47.87
N HIS M 403 49.21 20.51 47.46
CA HIS M 403 48.96 21.81 48.04
C HIS M 403 48.16 21.70 49.30
N GLN M 404 47.43 20.60 49.45
CA GLN M 404 46.50 20.44 50.55
C GLN M 404 47.19 20.14 51.87
N ASP M 405 47.08 21.06 52.83
CA ASP M 405 47.73 20.88 54.12
C ASP M 405 46.95 19.89 55.02
N THR M 406 47.17 18.60 54.81
CA THR M 406 46.55 17.59 55.66
C THR M 406 47.53 16.55 56.18
N GLY M 407 48.81 16.82 56.08
CA GLY M 407 49.82 15.87 56.53
C GLY M 407 50.33 16.15 57.92
N ARG M 408 51.50 15.61 58.24
CA ARG M 408 52.10 15.78 59.56
C ARG M 408 53.56 16.25 59.50
N TYR M 409 53.97 16.95 60.54
CA TYR M 409 55.37 17.33 60.77
C TYR M 409 55.80 16.77 62.09
N PRO M 410 56.14 15.48 62.09
CA PRO M 410 56.36 14.72 63.31
C PRO M 410 57.39 15.32 64.25
N GLU M 411 58.29 16.16 63.75
CA GLU M 411 59.26 16.83 64.61
C GLU M 411 58.59 17.70 65.66
N GLY M 412 57.36 18.10 65.40
CA GLY M 412 56.62 18.92 66.34
C GLY M 412 55.70 18.13 67.26
N ASP M 413 55.72 16.81 67.16
CA ASP M 413 54.85 15.98 67.99
C ASP M 413 55.41 15.82 69.38
N TRP M 414 54.55 15.50 70.33
CA TRP M 414 55.01 15.11 71.64
C TRP M 414 53.89 14.48 72.39
N ILE M 415 54.22 13.90 73.54
CA ILE M 415 53.26 13.27 74.43
C ILE M 415 53.51 13.61 75.87
N GLN M 416 52.57 14.25 76.55
CA GLN M 416 52.81 14.55 77.96
C GLN M 416 52.17 13.56 78.88
N ASN M 417 52.66 13.52 80.09
CA ASN M 417 52.08 12.70 81.13
C ASN M 417 50.75 13.30 81.58
N ILE M 418 49.90 12.42 82.07
CA ILE M 418 48.54 12.72 82.51
C ILE M 418 48.39 13.94 83.43
N ASN M 419 49.37 14.24 84.26
CA ASN M 419 49.16 15.25 85.29
C ASN M 419 49.20 16.67 84.76
N PHE M 420 49.83 16.85 83.61
CA PHE M 420 49.94 18.16 82.96
C PHE M 420 50.50 19.22 83.89
N ASN M 421 51.56 18.84 84.60
CA ASN M 421 52.33 19.77 85.39
C ASN M 421 53.39 20.38 84.51
N LEU M 422 53.21 21.64 84.15
CA LEU M 422 54.08 22.22 83.14
C LEU M 422 54.58 23.60 83.55
N PRO M 423 55.77 24.00 83.08
CA PRO M 423 56.76 23.38 82.16
C PRO M 423 57.07 21.94 82.48
N VAL M 424 57.06 21.09 81.48
CA VAL M 424 57.03 19.67 81.75
C VAL M 424 58.42 19.07 81.98
N THR M 425 58.52 18.17 82.95
CA THR M 425 59.77 17.48 83.25
C THR M 425 60.20 16.58 82.11
N ASP M 426 61.50 16.33 81.99
CA ASP M 426 62.01 15.40 80.97
C ASP M 426 61.47 13.99 81.11
N ASP M 427 61.14 13.61 82.35
CA ASP M 427 60.57 12.31 82.63
C ASP M 427 59.09 12.25 82.35
N ASN M 428 58.46 13.41 82.21
CA ASN M 428 57.02 13.44 81.98
C ASN M 428 56.63 13.69 80.53
N VAL M 429 57.60 13.75 79.62
CA VAL M 429 57.26 13.93 78.21
C VAL M 429 58.10 13.00 77.33
N LEU M 430 57.52 12.53 76.24
CA LEU M 430 58.24 11.71 75.29
C LEU M 430 58.35 12.47 74.00
N LEU M 431 59.58 12.79 73.62
CA LEU M 431 59.82 13.60 72.44
C LEU M 431 60.20 12.75 71.24
N PRO M 432 60.12 13.35 70.04
CA PRO M 432 60.65 12.71 68.84
C PRO M 432 62.16 12.77 68.83
N THR M 433 62.73 13.26 69.92
CA THR M 433 64.17 13.30 70.14
C THR M 433 64.61 12.06 70.91
N ASP M 434 63.78 11.63 71.87
CA ASP M 434 64.08 10.48 72.71
C ASP M 434 64.01 9.16 71.98
N PRO M 435 65.11 8.42 72.00
CA PRO M 435 65.28 7.14 71.32
C PRO M 435 64.40 6.09 71.91
N ILE M 436 63.99 5.16 71.07
CA ILE M 436 63.02 4.15 71.40
C ILE M 436 63.61 2.79 71.20
N GLY M 437 63.45 1.90 72.17
CA GLY M 437 64.05 0.59 72.05
C GLY M 437 65.56 0.72 72.00
N GLY M 438 66.08 1.81 72.54
CA GLY M 438 67.51 2.03 72.64
C GLY M 438 68.26 2.22 71.34
N LYS M 439 67.59 2.83 70.37
CA LYS M 439 68.20 3.11 69.07
C LYS M 439 68.27 4.61 68.83
N THR M 440 69.44 5.11 68.48
CA THR M 440 69.66 6.54 68.25
C THR M 440 68.73 7.14 67.22
N GLY M 441 68.51 6.42 66.12
CA GLY M 441 67.73 6.94 65.02
C GLY M 441 66.25 6.61 64.94
N ILE M 442 65.68 6.15 66.05
CA ILE M 442 64.26 5.84 66.06
C ILE M 442 63.56 6.52 67.23
N ASN M 443 62.38 7.10 66.99
CA ASN M 443 61.58 7.71 68.05
C ASN M 443 60.17 7.21 67.95
N TYR M 444 59.29 7.68 68.82
CA TYR M 444 57.97 7.10 68.87
C TYR M 444 57.16 7.38 67.60
N THR M 445 57.40 8.53 66.97
CA THR M 445 56.59 8.91 65.83
C THR M 445 56.78 7.95 64.67
N ASN M 446 57.86 7.19 64.69
CA ASN M 446 58.11 6.26 63.63
C ASN M 446 57.17 5.09 63.63
N ILE M 447 56.56 4.81 64.78
CA ILE M 447 55.64 3.70 64.89
C ILE M 447 54.24 4.17 65.23
N PHE M 448 54.07 5.48 65.19
CA PHE M 448 52.86 6.13 65.68
C PHE M 448 51.72 6.00 64.69
N ASN M 449 50.49 5.96 65.19
CA ASN M 449 49.29 5.87 64.36
C ASN M 449 48.08 6.54 64.99
N THR M 450 47.65 7.67 64.45
CA THR M 450 46.51 8.38 65.02
C THR M 450 45.31 8.35 64.11
N TYR M 451 45.22 7.31 63.30
CA TYR M 451 44.02 7.09 62.55
C TYR M 451 42.96 6.72 63.57
N GLY M 452 41.75 7.20 63.38
CA GLY M 452 40.71 6.99 64.36
C GLY M 452 39.38 7.45 63.84
N PRO M 453 38.34 7.21 64.61
CA PRO M 453 36.99 7.51 64.14
C PRO M 453 36.74 8.99 64.00
N LEU M 454 37.71 9.85 64.29
CA LEU M 454 37.49 11.28 64.12
C LEU M 454 38.30 11.82 62.99
N THR M 455 38.88 10.90 62.23
CA THR M 455 39.78 11.25 61.16
C THR M 455 39.07 11.79 59.92
N ALA M 456 39.55 12.89 59.38
CA ALA M 456 39.05 13.38 58.11
C ALA M 456 40.20 13.43 57.08
N LEU M 457 39.87 13.20 55.82
CA LEU M 457 40.84 12.94 54.75
C LEU M 457 40.38 13.50 53.42
N ASN M 458 41.31 13.78 52.50
CA ASN M 458 40.90 13.96 51.11
C ASN M 458 41.40 12.83 50.23
N ASN M 459 40.89 12.73 49.01
CA ASN M 459 41.42 11.75 48.09
C ASN M 459 42.67 12.33 47.44
N VAL M 460 43.48 11.47 46.82
CA VAL M 460 44.72 11.95 46.22
C VAL M 460 44.44 12.89 45.07
N PRO M 461 45.29 13.89 44.92
CA PRO M 461 45.14 14.79 43.80
C PRO M 461 45.72 14.18 42.54
N PRO M 462 45.18 14.54 41.39
CA PRO M 462 45.67 14.02 40.12
C PRO M 462 47.07 14.50 39.85
N VAL M 463 47.91 13.59 39.39
CA VAL M 463 49.28 13.95 39.09
C VAL M 463 49.51 14.04 37.59
N TYR M 464 49.61 15.26 37.06
CA TYR M 464 49.83 15.43 35.63
C TYR M 464 51.30 15.54 35.34
N PRO M 465 51.79 14.84 34.32
CA PRO M 465 51.11 13.95 33.40
C PRO M 465 51.23 12.47 33.71
N ASN M 466 52.06 12.11 34.69
CA ASN M 466 52.42 10.72 34.90
C ASN M 466 51.47 9.91 35.80
N GLY M 467 50.47 10.56 36.39
CA GLY M 467 49.52 9.91 37.27
C GLY M 467 48.52 8.98 36.62
N GLN M 468 47.99 8.04 37.39
CA GLN M 468 46.95 7.17 36.89
C GLN M 468 45.65 7.95 36.95
N ILE M 469 44.67 7.56 36.15
CA ILE M 469 43.37 8.22 36.16
C ILE M 469 42.34 7.45 36.92
N TRP M 470 42.10 6.21 36.53
CA TRP M 470 41.18 5.35 37.26
C TRP M 470 41.83 4.04 37.68
N ASP M 471 41.23 3.36 38.64
CA ASP M 471 41.82 2.15 39.18
C ASP M 471 40.73 1.19 39.67
N LYS M 472 40.92 -0.10 39.46
CA LYS M 472 39.93 -1.09 39.89
C LYS M 472 39.85 -1.14 41.42
N GLU M 473 38.73 -1.56 41.96
CA GLU M 473 38.63 -1.69 43.41
C GLU M 473 39.00 -3.09 43.82
N PHE M 474 39.60 -3.22 44.99
CA PHE M 474 39.97 -4.53 45.47
C PHE M 474 38.72 -5.34 45.65
N ASP M 475 38.76 -6.59 45.25
CA ASP M 475 37.63 -7.47 45.49
C ASP M 475 37.69 -8.03 46.89
N THR M 476 37.78 -7.15 47.86
CA THR M 476 37.77 -7.55 49.25
C THR M 476 36.41 -7.30 49.82
N ASP M 477 36.03 -8.07 50.82
CA ASP M 477 34.73 -7.92 51.42
C ASP M 477 34.63 -6.53 52.03
N LEU M 478 35.72 -6.07 52.63
CA LEU M 478 35.76 -4.69 53.13
C LEU M 478 36.80 -3.91 52.35
N LYS M 479 36.46 -2.68 52.00
CA LYS M 479 37.22 -1.99 50.98
C LYS M 479 37.99 -0.78 51.50
N PRO M 480 38.99 -0.34 50.74
CA PRO M 480 39.77 0.81 51.20
C PRO M 480 38.99 2.09 50.98
N ARG M 481 39.14 3.07 51.85
CA ARG M 481 38.46 4.32 51.63
C ARG M 481 39.04 5.08 50.46
N LEU M 482 40.23 4.71 50.00
CA LEU M 482 40.78 5.36 48.83
C LEU M 482 41.95 4.61 48.25
N HIS M 483 42.46 5.05 47.12
CA HIS M 483 43.68 4.49 46.60
C HIS M 483 44.66 5.62 46.47
N VAL M 484 45.94 5.30 46.51
CA VAL M 484 46.96 6.32 46.46
C VAL M 484 47.49 6.51 45.02
N ASN M 485 47.12 5.61 44.12
CA ASN M 485 47.66 5.71 42.79
C ASN M 485 46.76 6.40 41.80
N ALA M 486 45.49 6.56 42.16
CA ALA M 486 44.52 7.19 41.27
C ALA M 486 43.34 7.83 42.01
N PRO M 487 42.79 8.91 41.45
CA PRO M 487 41.67 9.58 42.08
C PRO M 487 40.32 8.91 41.82
N PHE M 488 40.16 8.22 40.71
CA PHE M 488 38.89 7.54 40.43
C PHE M 488 38.98 6.04 40.66
N VAL M 489 38.10 5.51 41.50
CA VAL M 489 38.03 4.07 41.71
C VAL M 489 36.67 3.52 41.32
N CYS M 490 36.66 2.51 40.47
CA CYS M 490 35.44 1.85 40.02
C CYS M 490 34.84 0.88 41.02
N GLN M 491 33.75 1.27 41.67
CA GLN M 491 33.07 0.36 42.56
C GLN M 491 32.26 -0.55 41.67
N ASN M 492 31.80 0.08 40.60
CA ASN M 492 31.13 -0.55 39.48
C ASN M 492 31.82 -1.83 39.02
N ASN M 493 32.56 -1.65 37.94
CA ASN M 493 33.35 -2.62 37.23
C ASN M 493 34.11 -1.68 36.29
N CYS M 494 35.38 -1.95 36.04
CA CYS M 494 36.16 -1.04 35.22
C CYS M 494 36.27 -1.48 33.77
N PRO M 495 36.62 -0.55 32.87
CA PRO M 495 36.83 -0.90 31.48
C PRO M 495 37.80 -2.03 31.36
N GLY M 496 37.59 -2.94 30.43
CA GLY M 496 38.48 -4.08 30.31
C GLY M 496 39.83 -3.72 29.72
N GLN M 497 40.83 -4.53 30.03
CA GLN M 497 42.13 -4.27 29.48
C GLN M 497 42.19 -4.71 28.03
N LEU M 498 42.98 -4.02 27.22
CA LEU M 498 43.02 -4.32 25.81
C LEU M 498 44.35 -4.94 25.39
N PHE M 499 44.30 -6.14 24.83
CA PHE M 499 45.52 -6.88 24.50
C PHE M 499 45.71 -7.12 23.03
N VAL M 500 46.95 -6.97 22.58
CA VAL M 500 47.29 -7.22 21.19
C VAL M 500 48.42 -8.24 21.08
N LYS M 501 48.61 -8.78 19.87
CA LYS M 501 49.58 -9.85 19.61
C LYS M 501 49.68 -10.14 18.12
N VAL M 502 50.90 -10.23 17.61
CA VAL M 502 51.06 -10.59 16.21
C VAL M 502 50.74 -12.04 15.95
N ALA M 503 49.99 -12.31 14.91
CA ALA M 503 49.64 -13.69 14.62
C ALA M 503 50.88 -14.43 14.21
N PRO M 504 50.96 -15.69 14.64
CA PRO M 504 52.04 -16.59 14.26
C PRO M 504 52.11 -16.76 12.76
N ASN M 505 53.15 -16.20 12.14
CA ASN M 505 53.30 -16.27 10.69
C ASN M 505 54.28 -17.36 10.29
N LEU M 506 53.79 -18.57 10.06
CA LEU M 506 54.71 -19.69 9.98
C LEU M 506 55.48 -19.84 8.67
N THR M 507 56.65 -20.45 8.77
CA THR M 507 57.43 -20.80 7.59
C THR M 507 56.85 -22.09 7.06
N ASN M 508 57.47 -22.69 6.05
CA ASN M 508 56.87 -23.91 5.51
C ASN M 508 57.18 -25.11 6.36
N GLN M 509 58.25 -25.01 7.13
CA GLN M 509 58.60 -26.10 8.02
C GLN M 509 58.20 -25.77 9.44
N TYR M 510 57.21 -26.49 9.93
CA TYR M 510 56.78 -26.36 11.30
C TYR M 510 56.40 -27.73 11.78
N ASP M 511 57.06 -28.20 12.83
CA ASP M 511 56.72 -29.47 13.44
C ASP M 511 56.41 -29.23 14.90
N PRO M 512 55.14 -29.30 15.25
CA PRO M 512 54.69 -29.07 16.62
C PRO M 512 55.17 -30.19 17.52
N ASP M 513 55.35 -31.38 16.96
CA ASP M 513 55.83 -32.52 17.74
C ASP M 513 57.31 -32.34 18.05
N ALA M 514 57.95 -31.36 17.40
CA ALA M 514 59.36 -31.04 17.67
C ALA M 514 59.57 -30.10 18.85
N SER M 515 60.54 -30.44 19.69
CA SER M 515 60.96 -29.59 20.81
C SER M 515 61.48 -28.27 20.30
N ALA M 516 62.26 -28.36 19.22
CA ALA M 516 63.01 -27.25 18.62
C ALA M 516 62.21 -25.97 18.38
N ASN M 517 62.98 -24.89 18.19
CA ASN M 517 62.50 -23.56 17.86
C ASN M 517 61.23 -23.53 17.02
N MET M 518 60.27 -22.69 17.39
CA MET M 518 59.17 -22.47 16.47
C MET M 518 59.77 -21.55 15.45
N SER M 519 59.85 -22.00 14.22
CA SER M 519 60.42 -21.14 13.22
C SER M 519 59.26 -20.41 12.58
N ARG M 520 59.31 -19.09 12.72
CA ARG M 520 58.30 -18.16 12.28
C ARG M 520 58.94 -17.11 11.41
N ILE M 521 58.23 -16.63 10.40
CA ILE M 521 58.68 -15.51 9.60
C ILE M 521 58.78 -14.30 10.48
N VAL M 522 59.83 -13.53 10.36
CA VAL M 522 59.92 -12.38 11.23
C VAL M 522 58.85 -11.38 10.85
N THR M 523 57.94 -11.12 11.79
CA THR M 523 56.81 -10.26 11.50
C THR M 523 56.58 -9.23 12.59
N TYR M 524 56.11 -8.05 12.18
CA TYR M 524 55.74 -6.99 13.12
C TYR M 524 54.56 -6.21 12.59
N SER M 525 53.96 -5.38 13.43
CA SER M 525 52.76 -4.66 13.03
C SER M 525 52.73 -3.17 13.36
N ASP M 526 52.12 -2.41 12.47
CA ASP M 526 51.79 -1.05 12.78
C ASP M 526 50.30 -0.88 12.76
N PHE M 527 49.76 -0.31 13.83
CA PHE M 527 48.35 -0.04 13.86
C PHE M 527 48.10 1.26 14.63
N TRP M 528 46.97 1.91 14.35
CA TRP M 528 46.60 3.16 15.00
C TRP M 528 45.60 2.94 16.11
N TRP M 529 45.71 3.70 17.18
CA TRP M 529 44.79 3.57 18.29
C TRP M 529 44.11 4.89 18.52
N LYS M 530 42.80 4.88 18.65
CA LYS M 530 42.08 6.10 18.98
C LYS M 530 41.22 5.82 20.20
N GLY M 531 41.19 6.77 21.12
CA GLY M 531 40.40 6.64 22.33
C GLY M 531 39.58 7.88 22.54
N LYS M 532 38.52 7.76 23.31
CA LYS M 532 37.73 8.92 23.71
C LYS M 532 37.41 8.84 25.16
N LEU M 533 37.92 9.78 25.94
CA LEU M 533 37.67 9.80 27.36
C LEU M 533 36.80 11.00 27.68
N VAL M 534 35.61 10.79 28.22
CA VAL M 534 34.71 11.89 28.45
C VAL M 534 34.58 12.17 29.91
N PHE M 535 34.81 13.43 30.29
CA PHE M 535 34.66 13.91 31.66
C PHE M 535 33.54 14.88 31.69
N LYS M 536 33.03 15.15 32.88
CA LYS M 536 32.06 16.21 32.99
C LYS M 536 32.41 16.99 34.24
N ALA M 537 32.71 18.27 34.08
CA ALA M 537 33.21 19.07 35.18
C ALA M 537 32.37 20.31 35.40
N LYS M 538 32.68 21.02 36.48
CA LYS M 538 31.89 22.15 36.93
C LYS M 538 32.74 23.36 37.17
N LEU M 539 32.31 24.50 36.63
CA LEU M 539 33.10 25.73 36.71
C LEU M 539 33.21 26.34 38.09
N ARG M 540 34.39 26.83 38.46
CA ARG M 540 34.54 27.42 39.78
C ARG M 540 34.02 28.85 39.79
N ALA M 541 33.86 29.40 40.98
CA ALA M 541 33.46 30.79 41.11
C ALA M 541 34.24 31.44 42.23
N SER M 542 34.48 32.74 42.09
CA SER M 542 35.23 33.50 43.08
C SER M 542 34.41 33.81 44.29
N HIS M 543 34.88 33.45 45.48
CA HIS M 543 34.13 33.75 46.69
C HIS M 543 34.90 34.67 47.61
N THR M 544 36.08 35.11 47.18
CA THR M 544 36.95 35.92 48.04
C THR M 544 37.31 37.27 47.47
N TRP M 545 37.82 38.15 48.33
CA TRP M 545 38.24 39.42 47.81
C TRP M 545 39.52 39.19 47.02
N ASN M 546 40.37 38.33 47.54
CA ASN M 546 41.69 38.12 46.94
C ASN M 546 41.64 37.20 45.78
N PRO M 547 42.59 37.35 44.85
CA PRO M 547 42.74 36.37 43.78
C PRO M 547 43.32 35.12 44.33
N ILE M 548 43.56 34.09 43.54
CA ILE M 548 44.09 32.83 44.07
C ILE M 548 45.10 32.21 43.15
N GLN M 549 45.74 31.15 43.62
CA GLN M 549 46.69 30.41 42.82
C GLN M 549 46.14 29.97 41.49
N GLN M 550 46.89 30.21 40.41
CA GLN M 550 46.58 29.62 39.11
C GLN M 550 47.84 29.42 38.27
N MET M 551 47.85 28.44 37.37
CA MET M 551 49.00 28.23 36.49
C MET M 551 49.23 29.36 35.54
N SER M 552 50.49 29.52 35.13
CA SER M 552 50.82 30.40 34.02
C SER M 552 52.26 30.24 33.63
N ILE M 553 52.69 31.08 32.71
CA ILE M 553 54.10 31.28 32.50
C ILE M 553 54.28 32.79 32.56
N ASN M 554 55.31 33.40 33.18
CA ASN M 554 56.62 32.94 33.72
C ASN M 554 57.74 32.99 32.75
N VAL M 555 58.76 33.75 33.13
CA VAL M 555 59.92 33.95 32.29
C VAL M 555 60.85 32.79 32.53
N ASP M 556 60.86 32.30 33.77
CA ASP M 556 61.29 30.93 34.07
C ASP M 556 60.25 30.08 33.43
N ASN M 557 60.38 28.77 33.55
CA ASN M 557 59.22 27.94 33.25
C ASN M 557 58.90 27.91 31.75
N GLN M 558 58.72 29.07 31.17
CA GLN M 558 58.40 29.27 29.77
C GLN M 558 59.01 28.31 28.77
N PHE M 559 60.12 27.69 29.09
CA PHE M 559 60.75 26.94 28.03
C PHE M 559 60.45 25.48 28.06
N ASN M 560 59.63 25.05 29.02
CA ASN M 560 59.27 23.63 29.13
C ASN M 560 58.10 23.31 28.25
N TYR M 561 57.70 24.27 27.43
CA TYR M 561 56.44 24.14 26.74
C TYR M 561 56.52 24.31 25.24
N VAL M 562 57.73 24.31 24.73
CA VAL M 562 57.94 24.48 23.31
C VAL M 562 59.02 23.53 22.96
N PRO M 563 59.11 23.14 21.71
CA PRO M 563 60.21 22.25 21.38
C PRO M 563 61.51 22.99 21.42
N SER M 564 62.56 22.37 20.91
CA SER M 564 63.86 22.97 21.03
C SER M 564 64.45 23.22 19.68
N ASN M 565 65.73 23.53 19.69
CA ASN M 565 66.50 23.68 18.49
C ASN M 565 66.36 22.47 17.55
N ILE M 566 66.38 21.28 18.16
CA ILE M 566 66.09 20.04 17.49
C ILE M 566 64.66 19.72 17.85
N GLY M 567 64.24 18.47 17.69
CA GLY M 567 62.87 18.13 17.95
C GLY M 567 62.42 18.01 19.38
N GLY M 568 62.76 19.00 20.22
CA GLY M 568 62.26 19.09 21.58
C GLY M 568 62.58 17.78 22.26
N MET M 569 61.83 17.34 23.26
CA MET M 569 60.79 18.10 23.91
C MET M 569 60.53 17.47 25.28
N LYS M 570 59.69 18.11 26.08
CA LYS M 570 59.62 17.84 27.48
C LYS M 570 58.24 18.07 28.04
N ILE M 571 57.80 17.21 28.94
CA ILE M 571 56.58 17.48 29.66
C ILE M 571 56.86 17.45 31.13
N VAL M 572 56.42 18.47 31.82
CA VAL M 572 56.79 18.63 33.22
C VAL M 572 55.58 18.45 34.12
N TYR M 573 55.74 17.78 35.24
CA TYR M 573 54.70 17.77 36.27
C TYR M 573 54.18 19.15 36.66
N GLU M 574 52.87 19.26 36.95
CA GLU M 574 52.23 20.55 37.29
C GLU M 574 51.00 20.56 38.21
N LYS M 575 50.96 19.79 39.29
CA LYS M 575 49.93 19.96 40.33
C LYS M 575 48.55 19.76 39.76
N SER M 576 47.53 20.21 40.49
CA SER M 576 46.15 20.05 40.04
C SER M 576 45.14 20.71 40.95
N GLN M 577 45.45 20.89 42.21
CA GLN M 577 44.45 21.40 43.13
C GLN M 577 44.81 22.81 43.55
N LEU M 578 44.77 23.74 42.60
CA LEU M 578 45.39 25.03 42.83
C LEU M 578 44.56 26.00 43.68
N ALA M 579 43.25 25.91 43.58
CA ALA M 579 42.40 26.86 44.26
C ALA M 579 42.11 26.38 45.63
N PRO M 580 42.03 27.30 46.59
CA PRO M 580 41.73 26.99 47.99
C PRO M 580 40.29 26.53 48.16
N ARG M 581 39.98 25.84 49.25
CA ARG M 581 38.61 25.38 49.47
C ARG M 581 37.99 26.02 50.69
N LYS M 582 37.99 25.25 51.77
CA LYS M 582 37.37 25.58 53.03
C LYS M 582 36.97 24.29 53.66
N LEU M 583 37.68 23.85 54.69
CA LEU M 583 37.27 22.64 55.39
C LEU M 583 36.01 22.82 56.19
N TYR M 584 35.96 23.92 56.92
CA TYR M 584 35.00 24.14 57.98
C TYR M 584 34.65 25.61 58.02
N GLY N 37 37.15 -4.18 -9.54
CA GLY N 37 38.46 -4.07 -8.92
C GLY N 37 39.58 -4.70 -9.72
N VAL N 38 40.65 -5.08 -9.03
CA VAL N 38 41.82 -5.62 -9.69
C VAL N 38 41.52 -6.83 -10.57
N GLY N 39 41.13 -7.94 -9.97
CA GLY N 39 41.04 -9.19 -10.70
C GLY N 39 39.70 -9.43 -11.35
N ILE N 40 39.07 -8.36 -11.79
CA ILE N 40 37.77 -8.47 -12.40
C ILE N 40 37.73 -7.74 -13.72
N SER N 41 37.46 -8.47 -14.79
CA SER N 41 37.48 -7.87 -16.12
C SER N 41 36.35 -6.86 -16.27
N THR N 42 36.52 -5.88 -17.15
CA THR N 42 35.57 -4.78 -17.28
C THR N 42 34.99 -4.61 -18.70
N GLY N 43 35.02 -5.66 -19.51
CA GLY N 43 34.45 -5.61 -20.85
C GLY N 43 34.65 -6.94 -21.56
N THR N 44 34.19 -7.04 -22.80
CA THR N 44 34.40 -8.28 -23.54
C THR N 44 34.84 -8.08 -24.96
N PHE N 45 35.79 -8.90 -25.38
CA PHE N 45 36.29 -8.87 -26.74
C PHE N 45 35.24 -9.35 -27.72
N ASN N 46 34.98 -8.54 -28.74
CA ASN N 46 34.02 -8.87 -29.77
C ASN N 46 34.37 -8.24 -31.11
N ASN N 47 34.84 -9.04 -32.07
CA ASN N 47 35.20 -8.50 -33.37
C ASN N 47 34.33 -9.15 -34.40
N GLN N 48 33.06 -9.25 -34.04
CA GLN N 48 32.09 -10.01 -34.80
C GLN N 48 31.29 -9.04 -35.63
N THR N 49 30.95 -9.42 -36.85
CA THR N 49 30.23 -8.51 -37.70
C THR N 49 28.87 -9.07 -38.05
N GLU N 50 27.81 -8.41 -37.59
CA GLU N 50 26.46 -8.92 -37.78
C GLU N 50 25.63 -8.23 -38.86
N PHE N 51 24.97 -9.08 -39.64
CA PHE N 51 24.08 -8.65 -40.69
C PHE N 51 22.68 -9.04 -40.33
N LYS N 52 21.86 -8.07 -39.93
CA LYS N 52 20.48 -8.34 -39.53
C LYS N 52 19.47 -7.79 -40.53
N PHE N 53 18.76 -8.68 -41.23
CA PHE N 53 17.87 -8.25 -42.30
C PHE N 53 16.48 -7.85 -41.84
N LEU N 54 15.98 -6.76 -42.40
CA LEU N 54 14.68 -6.19 -42.03
C LEU N 54 13.71 -6.19 -43.19
N GLU N 55 12.66 -5.37 -43.08
CA GLU N 55 11.64 -5.27 -44.11
C GLU N 55 12.04 -4.33 -45.25
N ASN N 56 11.47 -4.61 -46.43
CA ASN N 56 11.76 -3.90 -47.67
C ASN N 56 13.22 -3.91 -48.08
N GLY N 57 13.92 -5.01 -47.83
CA GLY N 57 15.32 -5.11 -48.22
C GLY N 57 16.31 -4.12 -47.62
N TRP N 58 16.04 -3.65 -46.40
CA TRP N 58 17.01 -2.86 -45.66
C TRP N 58 17.85 -3.76 -44.77
N VAL N 59 19.16 -3.61 -44.77
CA VAL N 59 20.01 -4.40 -43.87
C VAL N 59 20.71 -3.49 -42.84
N TYR N 60 21.03 -4.07 -41.69
CA TYR N 60 21.45 -3.35 -40.50
C TYR N 60 22.78 -3.93 -40.07
N ILE N 61 23.82 -3.45 -40.71
CA ILE N 61 25.13 -4.00 -40.50
C ILE N 61 25.75 -3.42 -39.26
N THR N 62 25.96 -4.26 -38.26
CA THR N 62 26.58 -3.85 -37.03
C THR N 62 27.98 -4.41 -36.98
N ALA N 63 28.96 -3.55 -37.17
CA ALA N 63 30.34 -4.00 -37.15
C ALA N 63 31.00 -3.80 -35.80
N ASN N 64 31.35 -4.91 -35.16
CA ASN N 64 32.07 -4.85 -33.92
C ASN N 64 33.54 -5.00 -34.20
N SER N 65 34.35 -4.33 -33.39
CA SER N 65 35.80 -4.34 -33.49
C SER N 65 36.46 -4.29 -32.15
N SER N 66 37.45 -5.15 -31.93
CA SER N 66 38.20 -5.13 -30.68
C SER N 66 39.69 -5.33 -30.92
N ARG N 67 40.52 -4.61 -30.17
CA ARG N 67 41.97 -4.70 -30.30
C ARG N 67 42.56 -4.58 -28.93
N LEU N 68 43.72 -5.19 -28.74
CA LEU N 68 44.56 -4.93 -27.58
C LEU N 68 45.53 -3.82 -27.95
N VAL N 69 45.63 -2.80 -27.13
CA VAL N 69 46.40 -1.63 -27.50
C VAL N 69 47.60 -1.46 -26.60
N HIS N 70 48.73 -1.11 -27.18
CA HIS N 70 49.96 -0.98 -26.41
C HIS N 70 50.43 0.45 -26.40
N LEU N 71 50.89 0.93 -25.25
CA LEU N 71 51.21 2.34 -25.14
C LEU N 71 52.29 2.67 -24.13
N ASN N 72 53.31 3.42 -24.54
CA ASN N 72 54.37 3.79 -23.62
C ASN N 72 54.18 5.20 -23.10
N MET N 73 54.94 5.55 -22.07
CA MET N 73 54.85 6.86 -21.47
C MET N 73 55.42 7.85 -22.45
N PRO N 74 55.01 9.11 -22.36
CA PRO N 74 55.49 10.07 -23.35
C PRO N 74 56.99 10.25 -23.28
N GLU N 75 57.54 10.71 -24.38
CA GLU N 75 58.95 10.97 -24.50
C GLU N 75 59.38 12.08 -23.55
N SER N 76 58.48 13.05 -23.33
CA SER N 76 58.61 14.05 -22.28
C SER N 76 57.22 14.54 -21.93
N GLU N 77 57.01 14.99 -20.70
CA GLU N 77 55.68 15.37 -20.29
C GLU N 77 55.27 16.74 -20.80
N ASN N 78 55.90 17.25 -21.86
CA ASN N 78 55.64 18.60 -22.30
C ASN N 78 55.06 18.79 -23.68
N TYR N 79 54.40 19.93 -23.86
CA TYR N 79 53.97 20.34 -25.18
C TYR N 79 55.11 21.07 -25.88
N ARG N 80 55.31 20.79 -27.16
CA ARG N 80 56.41 21.41 -27.89
C ARG N 80 56.00 22.01 -29.23
N ARG N 81 56.46 23.25 -29.48
CA ARG N 81 56.36 23.89 -30.78
C ARG N 81 57.64 23.68 -31.58
N VAL N 82 57.59 22.77 -32.54
CA VAL N 82 58.75 22.39 -33.32
C VAL N 82 58.61 22.87 -34.74
N VAL N 83 59.68 23.37 -35.34
CA VAL N 83 59.60 23.74 -36.74
C VAL N 83 60.44 22.80 -37.56
N VAL N 84 59.88 22.36 -38.67
CA VAL N 84 60.61 21.55 -39.62
C VAL N 84 60.97 22.43 -40.80
N ASN N 85 62.21 22.36 -41.25
CA ASN N 85 62.62 23.20 -42.38
C ASN N 85 63.68 22.53 -43.20
N ASN N 86 63.27 21.97 -44.32
CA ASN N 86 64.21 21.31 -45.19
C ASN N 86 64.62 22.23 -46.31
N LEU N 87 65.46 23.20 -45.96
CA LEU N 87 66.16 23.98 -46.98
C LEU N 87 67.06 23.00 -47.68
N ASP N 88 67.42 21.98 -46.93
CA ASP N 88 68.21 20.86 -47.37
C ASP N 88 67.78 20.36 -48.74
N LYS N 89 66.48 20.40 -49.01
CA LYS N 89 65.97 19.83 -50.25
C LYS N 89 65.35 20.88 -51.19
N THR N 90 64.84 21.98 -50.64
CA THR N 90 64.10 22.97 -51.44
C THR N 90 65.00 23.95 -52.15
N ALA N 91 66.18 24.19 -51.60
CA ALA N 91 67.10 25.13 -52.21
C ALA N 91 67.67 24.59 -53.50
N VAL N 92 67.32 23.34 -53.82
CA VAL N 92 67.86 22.62 -54.97
C VAL N 92 67.41 23.20 -56.32
N ASN N 93 66.28 23.90 -56.32
CA ASN N 93 65.70 24.49 -57.53
C ASN N 93 65.16 23.39 -58.41
N GLY N 94 63.85 23.39 -58.61
CA GLY N 94 63.19 22.31 -59.32
C GLY N 94 62.71 21.28 -58.33
N ASN N 95 62.94 21.58 -57.06
CA ASN N 95 62.53 20.72 -55.96
C ASN N 95 61.49 21.36 -55.05
N MET N 96 60.71 22.30 -55.57
CA MET N 96 59.73 23.00 -54.75
C MET N 96 58.77 22.02 -54.16
N ALA N 97 58.38 21.06 -54.97
CA ALA N 97 57.38 20.08 -54.57
C ALA N 97 57.84 19.21 -53.42
N LEU N 98 59.11 19.24 -53.07
CA LEU N 98 59.57 18.37 -52.00
C LEU N 98 59.60 19.10 -50.65
N ASP N 99 58.84 20.19 -50.58
CA ASP N 99 58.79 21.00 -49.37
C ASP N 99 58.15 20.24 -48.25
N ASP N 100 58.76 20.32 -47.07
CA ASP N 100 58.17 19.74 -45.87
C ASP N 100 58.04 20.78 -44.78
N THR N 101 58.25 22.04 -45.11
CA THR N 101 58.39 23.07 -44.10
C THR N 101 57.06 23.34 -43.42
N HIS N 102 57.05 23.21 -42.09
CA HIS N 102 55.85 23.45 -41.29
C HIS N 102 56.14 23.61 -39.81
N ALA N 103 55.12 23.99 -39.05
CA ALA N 103 55.23 24.06 -37.59
C ALA N 103 54.22 23.12 -36.98
N GLU N 104 54.46 22.69 -35.77
CA GLU N 104 53.78 21.52 -35.23
C GLU N 104 53.79 21.57 -33.70
N ILE N 105 52.68 21.21 -33.07
CA ILE N 105 52.66 21.11 -31.62
C ILE N 105 52.73 19.65 -31.20
N VAL N 106 53.78 19.30 -30.48
CA VAL N 106 53.93 17.90 -30.12
C VAL N 106 53.36 17.70 -28.75
N THR N 107 52.42 16.77 -28.64
CA THR N 107 51.68 16.57 -27.41
C THR N 107 52.12 15.29 -26.76
N PRO N 108 52.04 15.24 -25.43
CA PRO N 108 52.31 14.02 -24.66
C PRO N 108 51.15 13.02 -24.73
N TRP N 109 50.18 13.30 -25.59
CA TRP N 109 49.02 12.45 -25.72
C TRP N 109 49.15 11.63 -26.98
N SER N 110 48.51 10.47 -26.99
CA SER N 110 48.41 9.67 -28.20
C SER N 110 46.96 9.60 -28.67
N LEU N 111 46.73 9.41 -29.96
CA LEU N 111 45.38 9.43 -30.51
C LEU N 111 44.91 8.05 -30.91
N VAL N 112 43.73 7.66 -30.45
CA VAL N 112 43.12 6.39 -30.82
C VAL N 112 42.18 6.59 -31.99
N ASP N 113 42.67 6.39 -33.21
CA ASP N 113 41.85 6.60 -34.40
C ASP N 113 41.49 5.29 -35.09
N ALA N 114 40.20 5.02 -35.24
CA ALA N 114 39.73 3.79 -35.89
C ALA N 114 38.94 4.07 -37.15
N ASN N 115 39.16 5.26 -37.69
CA ASN N 115 38.50 5.76 -38.87
C ASN N 115 39.15 5.21 -40.11
N ALA N 116 38.91 3.94 -40.38
CA ALA N 116 39.43 3.26 -41.57
C ALA N 116 38.71 1.97 -41.81
N TRP N 117 38.39 1.66 -43.06
CA TRP N 117 37.57 0.50 -43.36
C TRP N 117 38.16 -0.80 -42.84
N GLY N 118 39.47 -0.88 -42.82
CA GLY N 118 40.10 -2.11 -42.40
C GLY N 118 39.93 -2.40 -40.94
N VAL N 119 39.57 -1.38 -40.17
CA VAL N 119 39.38 -1.52 -38.73
C VAL N 119 38.11 -2.30 -38.44
N TRP N 120 37.18 -2.27 -39.39
CA TRP N 120 35.85 -2.79 -39.16
C TRP N 120 35.47 -4.04 -39.97
N PHE N 121 36.01 -4.19 -41.16
CA PHE N 121 35.65 -5.33 -41.98
C PHE N 121 36.84 -6.14 -42.47
N ASN N 122 36.70 -7.45 -42.45
CA ASN N 122 37.69 -8.31 -43.09
C ASN N 122 37.27 -8.44 -44.55
N PRO N 123 38.11 -9.07 -45.40
CA PRO N 123 37.78 -9.23 -46.81
C PRO N 123 36.44 -9.91 -47.07
N GLY N 124 36.16 -10.97 -46.32
CA GLY N 124 34.90 -11.69 -46.45
C GLY N 124 33.69 -10.81 -46.23
N ASP N 125 33.73 -10.01 -45.17
CA ASP N 125 32.67 -9.06 -44.87
C ASP N 125 32.51 -8.08 -46.03
N TRP N 126 33.61 -7.56 -46.52
CA TRP N 126 33.57 -6.58 -47.60
C TRP N 126 33.00 -7.14 -48.90
N GLN N 127 33.30 -8.40 -49.20
CA GLN N 127 32.75 -9.03 -50.39
C GLN N 127 31.26 -8.92 -50.36
N LEU N 128 30.69 -9.36 -49.25
CA LEU N 128 29.24 -9.42 -49.10
C LEU N 128 28.63 -8.04 -49.31
N ILE N 129 29.19 -7.05 -48.65
CA ILE N 129 28.64 -5.70 -48.73
C ILE N 129 28.62 -5.20 -50.17
N VAL N 130 29.76 -5.30 -50.81
CA VAL N 130 29.99 -4.77 -52.14
C VAL N 130 29.25 -5.47 -53.27
N ASN N 131 29.10 -6.79 -53.17
CA ASN N 131 28.46 -7.54 -54.22
C ASN N 131 26.93 -7.50 -54.20
N THR N 132 26.36 -7.34 -53.01
CA THR N 132 24.92 -7.56 -52.87
C THR N 132 24.15 -6.29 -52.52
N MET N 133 24.83 -5.20 -52.22
CA MET N 133 24.08 -4.02 -51.83
C MET N 133 24.28 -2.78 -52.66
N SER N 134 23.23 -1.97 -52.75
CA SER N 134 23.21 -0.88 -53.67
C SER N 134 23.64 0.43 -53.04
N GLU N 135 23.38 0.61 -51.74
CA GLU N 135 23.82 1.83 -51.08
C GLU N 135 24.08 1.60 -49.62
N LEU N 136 24.56 2.64 -48.93
CA LEU N 136 25.09 2.49 -47.59
C LEU N 136 24.97 3.75 -46.70
N HIS N 137 24.29 3.63 -45.57
CA HIS N 137 24.18 4.74 -44.62
C HIS N 137 25.02 4.52 -43.37
N LEU N 138 25.50 5.63 -42.84
CA LEU N 138 26.27 5.62 -41.62
C LEU N 138 25.37 5.99 -40.46
N VAL N 139 25.16 5.06 -39.52
CA VAL N 139 24.17 5.30 -38.47
C VAL N 139 24.75 5.66 -37.11
N SER N 140 25.59 4.81 -36.54
CA SER N 140 26.05 5.06 -35.18
C SER N 140 27.44 4.55 -34.92
N PHE N 141 28.01 5.05 -33.84
CA PHE N 141 29.38 4.70 -33.49
C PHE N 141 29.60 4.88 -32.00
N GLU N 142 30.03 3.82 -31.33
CA GLU N 142 30.32 3.91 -29.91
C GLU N 142 31.58 3.18 -29.61
N GLN N 143 32.24 3.54 -28.51
CA GLN N 143 33.49 2.86 -28.17
C GLN N 143 33.75 2.89 -26.69
N GLU N 144 34.53 1.93 -26.20
CA GLU N 144 34.88 1.86 -24.79
C GLU N 144 36.29 1.36 -24.57
N ILE N 145 36.83 1.57 -23.39
CA ILE N 145 38.17 1.11 -23.07
C ILE N 145 38.14 0.28 -21.81
N PHE N 146 38.67 -0.92 -21.85
CA PHE N 146 38.50 -1.77 -20.68
C PHE N 146 39.69 -2.65 -20.40
N ASN N 147 39.66 -3.31 -19.25
CA ASN N 147 40.75 -4.16 -18.80
C ASN N 147 42.09 -3.46 -18.90
N VAL N 148 42.18 -2.28 -18.29
CA VAL N 148 43.41 -1.52 -18.29
C VAL N 148 44.50 -2.20 -17.48
N VAL N 149 45.72 -2.16 -17.98
CA VAL N 149 46.88 -2.71 -17.27
C VAL N 149 48.03 -1.74 -17.33
N LEU N 150 48.66 -1.49 -16.20
CA LEU N 150 49.87 -0.68 -16.15
C LEU N 150 50.97 -1.45 -15.48
N LYS N 151 52.13 -1.47 -16.12
CA LYS N 151 53.27 -2.18 -15.58
C LYS N 151 54.48 -1.25 -15.54
N THR N 152 55.35 -1.47 -14.57
CA THR N 152 56.60 -0.74 -14.51
C THR N 152 57.71 -1.64 -15.01
N VAL N 153 58.64 -1.10 -15.79
CA VAL N 153 59.77 -1.90 -16.23
C VAL N 153 60.68 -2.01 -15.04
N SER N 154 61.80 -1.29 -15.05
CA SER N 154 62.68 -1.28 -13.90
C SER N 154 63.00 -2.74 -13.54
N GLU N 155 63.89 -3.47 -14.21
CA GLU N 155 65.07 -3.15 -15.06
C GLU N 155 66.12 -3.95 -14.35
N SER N 156 67.26 -4.12 -14.99
CA SER N 156 68.47 -4.46 -14.25
C SER N 156 68.26 -5.49 -13.16
N ALA N 157 67.98 -6.74 -13.51
CA ALA N 157 67.80 -7.71 -12.45
C ALA N 157 67.87 -9.18 -12.84
N THR N 158 69.02 -9.86 -12.69
CA THR N 158 70.37 -9.36 -12.37
C THR N 158 71.34 -10.41 -12.94
N GLN N 159 72.53 -9.96 -13.35
CA GLN N 159 73.56 -10.73 -14.08
C GLN N 159 73.00 -11.37 -15.37
N PRO N 160 73.82 -11.38 -16.44
CA PRO N 160 73.77 -11.04 -17.86
C PRO N 160 73.17 -9.70 -18.39
N PRO N 161 72.27 -8.96 -17.70
CA PRO N 161 71.50 -8.95 -16.44
C PRO N 161 69.96 -9.10 -16.57
N THR N 162 69.40 -9.02 -17.78
CA THR N 162 67.96 -9.18 -18.07
C THR N 162 67.06 -8.07 -17.49
N LYS N 163 65.83 -7.99 -18.00
CA LYS N 163 64.86 -6.98 -17.59
C LYS N 163 63.69 -7.67 -16.93
N VAL N 164 62.95 -6.93 -16.11
CA VAL N 164 61.84 -7.50 -15.35
C VAL N 164 60.70 -6.51 -15.26
N TYR N 165 59.50 -7.00 -15.48
CA TYR N 165 58.33 -6.15 -15.54
C TYR N 165 57.33 -6.48 -14.44
N ASN N 166 56.99 -5.50 -13.61
CA ASN N 166 55.98 -5.69 -12.56
C ASN N 166 54.72 -4.86 -12.79
N ASN N 167 53.60 -5.31 -12.25
CA ASN N 167 52.37 -4.55 -12.28
C ASN N 167 52.46 -3.38 -11.32
N ASP N 168 52.10 -2.17 -11.74
CA ASP N 168 51.85 -1.07 -10.81
C ASP N 168 50.37 -0.97 -10.66
N LEU N 169 49.82 -1.54 -9.60
CA LEU N 169 48.37 -1.67 -9.50
C LEU N 169 47.67 -0.33 -9.35
N THR N 170 48.23 0.56 -8.55
CA THR N 170 47.63 1.87 -8.32
C THR N 170 47.88 2.90 -9.42
N ALA N 171 48.59 2.50 -10.46
CA ALA N 171 48.91 3.42 -11.55
C ALA N 171 47.69 3.68 -12.42
N SER N 172 47.69 4.81 -13.09
CA SER N 172 46.49 5.25 -13.80
C SER N 172 46.74 5.53 -15.27
N LEU N 173 45.74 5.24 -16.10
CA LEU N 173 45.79 5.58 -17.52
C LEU N 173 44.84 6.72 -17.78
N MET N 174 45.36 7.80 -18.35
CA MET N 174 44.56 9.00 -18.59
C MET N 174 43.85 8.88 -19.92
N VAL N 175 42.54 9.08 -19.92
CA VAL N 175 41.77 9.02 -21.14
C VAL N 175 40.93 10.27 -21.23
N ALA N 176 40.88 10.89 -22.38
CA ALA N 176 40.13 12.12 -22.53
C ALA N 176 39.42 12.07 -23.86
N LEU N 177 38.12 12.34 -23.84
CA LEU N 177 37.33 12.30 -25.05
C LEU N 177 36.86 13.68 -25.40
N ASP N 178 37.32 14.19 -26.52
CA ASP N 178 36.99 15.55 -26.91
C ASP N 178 35.65 15.58 -27.60
N SER N 179 34.59 15.39 -26.84
CA SER N 179 33.26 15.22 -27.43
C SER N 179 32.67 16.54 -27.95
N ASN N 180 33.26 17.67 -27.59
CA ASN N 180 32.81 18.93 -28.18
C ASN N 180 33.54 19.29 -29.45
N ASN N 181 34.48 18.45 -29.86
CA ASN N 181 35.38 18.76 -30.96
C ASN N 181 35.98 20.14 -30.82
N THR N 182 36.56 20.39 -29.65
CA THR N 182 37.24 21.65 -29.36
C THR N 182 38.55 21.75 -30.12
N MET N 183 39.08 20.59 -30.44
CA MET N 183 40.45 20.47 -30.88
C MET N 183 40.62 20.02 -32.30
N PRO N 184 41.77 20.34 -32.92
CA PRO N 184 41.95 20.14 -34.35
C PRO N 184 41.73 18.71 -34.78
N PHE N 185 41.04 18.57 -35.90
CA PHE N 185 40.72 17.25 -36.40
C PHE N 185 41.95 16.71 -37.12
N THR N 186 42.43 15.57 -36.66
CA THR N 186 43.58 14.94 -37.24
C THR N 186 43.29 13.49 -37.49
N PRO N 187 42.64 13.17 -38.61
CA PRO N 187 42.35 11.79 -38.98
C PRO N 187 43.62 11.02 -39.28
N ALA N 188 43.81 9.88 -38.66
CA ALA N 188 45.08 9.18 -38.77
C ALA N 188 45.16 8.39 -40.05
N ALA N 189 44.06 8.31 -40.75
CA ALA N 189 44.02 7.48 -41.94
C ALA N 189 44.95 7.99 -43.01
N MET N 190 45.22 9.30 -42.98
CA MET N 190 46.02 9.94 -44.02
C MET N 190 47.47 9.57 -43.96
N ARG N 191 47.86 9.01 -42.83
CA ARG N 191 49.23 8.69 -42.58
C ARG N 191 49.40 7.22 -42.30
N SER N 192 48.42 6.42 -42.66
CA SER N 192 48.38 5.01 -42.32
C SER N 192 48.71 4.77 -40.86
N GLU N 193 48.05 5.51 -39.98
CA GLU N 193 48.35 5.49 -38.56
C GLU N 193 47.11 5.24 -37.72
N THR N 194 46.22 4.39 -38.22
CA THR N 194 45.07 4.00 -37.45
C THR N 194 45.38 2.77 -36.64
N LEU N 195 44.35 2.15 -36.10
CA LEU N 195 44.55 0.91 -35.39
C LEU N 195 44.86 -0.21 -36.38
N GLY N 196 45.39 -1.32 -35.86
CA GLY N 196 45.71 -2.46 -36.69
C GLY N 196 44.48 -3.05 -37.35
N PHE N 197 44.67 -3.73 -38.48
CA PHE N 197 43.55 -4.31 -39.19
C PHE N 197 43.35 -5.78 -38.83
N TYR N 198 44.19 -6.32 -37.96
CA TYR N 198 44.05 -7.72 -37.63
C TYR N 198 43.66 -7.80 -36.19
N PRO N 199 42.58 -8.54 -35.92
CA PRO N 199 42.01 -8.78 -34.60
C PRO N 199 42.94 -9.55 -33.66
N TRP N 200 43.68 -10.49 -34.18
CA TRP N 200 44.48 -11.30 -33.29
C TRP N 200 45.87 -10.68 -33.14
N LYS N 201 46.09 -9.57 -33.83
CA LYS N 201 47.35 -8.88 -33.68
C LYS N 201 47.17 -7.56 -32.95
N PRO N 202 47.88 -7.38 -31.84
CA PRO N 202 47.87 -6.16 -31.04
C PRO N 202 48.33 -4.98 -31.83
N THR N 203 48.09 -3.80 -31.30
CA THR N 203 48.33 -2.56 -32.02
C THR N 203 48.68 -1.42 -31.09
N ILE N 204 48.79 -0.23 -31.66
CA ILE N 204 49.21 0.95 -30.94
C ILE N 204 48.44 2.14 -31.42
N PRO N 205 48.32 3.17 -30.57
CA PRO N 205 47.84 4.50 -30.98
C PRO N 205 48.96 5.25 -31.61
N THR N 206 48.74 6.49 -32.06
CA THR N 206 49.85 7.29 -32.58
C THR N 206 49.97 8.57 -31.84
N PRO N 207 51.20 9.02 -31.64
CA PRO N 207 51.44 10.24 -30.87
C PRO N 207 50.72 11.42 -31.47
N TRP N 208 49.95 12.12 -30.67
CA TRP N 208 49.15 13.19 -31.20
C TRP N 208 50.01 14.44 -31.33
N ARG N 209 49.70 15.20 -32.36
CA ARG N 209 50.42 16.40 -32.72
C ARG N 209 49.51 17.18 -33.65
N TYR N 210 49.61 18.51 -33.68
CA TYR N 210 48.73 19.25 -34.56
C TYR N 210 49.39 20.46 -35.15
N TYR N 211 48.82 20.98 -36.22
CA TYR N 211 49.45 22.07 -36.92
C TYR N 211 49.40 23.39 -36.16
N PHE N 212 50.53 24.08 -36.16
CA PHE N 212 50.65 25.39 -35.54
C PHE N 212 50.92 26.40 -36.65
N GLN N 213 50.39 27.61 -36.58
CA GLN N 213 50.48 28.48 -37.76
C GLN N 213 51.89 28.92 -38.07
N TRP N 214 52.20 29.05 -39.35
CA TRP N 214 53.49 29.58 -39.77
C TRP N 214 53.38 30.25 -41.14
N ASP N 215 54.05 31.40 -41.30
CA ASP N 215 54.23 32.10 -42.59
C ASP N 215 55.36 31.47 -43.37
N ARG N 216 55.30 31.55 -44.70
CA ARG N 216 56.25 30.80 -45.50
C ARG N 216 56.16 31.22 -46.96
N THR N 217 57.29 31.56 -47.55
CA THR N 217 57.36 31.92 -48.95
C THR N 217 58.31 30.98 -49.67
N LEU N 218 57.93 30.51 -50.85
CA LEU N 218 58.80 29.68 -51.65
C LEU N 218 58.49 29.93 -53.10
N ILE N 219 59.42 30.56 -53.81
CA ILE N 219 59.21 30.84 -55.20
C ILE N 219 59.64 29.65 -56.02
N PRO N 220 58.77 29.21 -56.93
CA PRO N 220 59.13 28.06 -57.75
C PRO N 220 60.27 28.37 -58.70
N SER N 221 60.85 27.32 -59.26
CA SER N 221 62.06 27.46 -60.05
C SER N 221 62.32 26.19 -60.82
N HIS N 222 63.31 26.21 -61.71
CA HIS N 222 63.69 25.01 -62.43
C HIS N 222 65.18 24.85 -62.30
N THR N 223 65.73 23.82 -62.92
CA THR N 223 67.12 23.49 -62.74
C THR N 223 68.03 24.66 -63.11
N GLY N 224 67.68 25.33 -64.19
CA GLY N 224 68.43 26.47 -64.67
C GLY N 224 68.32 27.76 -63.90
N THR N 225 67.14 28.00 -63.33
CA THR N 225 66.92 29.24 -62.61
C THR N 225 67.99 29.20 -61.57
N SER N 226 68.80 30.24 -61.51
CA SER N 226 69.72 30.30 -60.41
C SER N 226 70.07 31.75 -60.17
N GLY N 227 70.96 31.96 -59.21
CA GLY N 227 70.79 33.00 -58.24
C GLY N 227 70.05 32.18 -57.21
N THR N 228 69.54 32.78 -56.15
CA THR N 228 68.80 32.01 -55.17
C THR N 228 67.36 32.49 -55.08
N PRO N 229 66.42 31.66 -55.57
CA PRO N 229 65.01 32.06 -55.50
C PRO N 229 64.61 32.06 -54.04
N THR N 230 63.91 33.10 -53.62
CA THR N 230 63.66 33.30 -52.19
C THR N 230 62.94 32.11 -51.60
N ASN N 231 63.47 31.63 -50.48
CA ASN N 231 63.04 30.41 -49.85
C ASN N 231 63.18 30.57 -48.35
N ILE N 232 62.17 31.19 -47.74
CA ILE N 232 62.28 31.65 -46.39
C ILE N 232 61.13 31.13 -45.50
N TYR N 233 61.41 30.95 -44.22
CA TYR N 233 60.40 30.65 -43.21
C TYR N 233 60.23 31.89 -42.37
N HIS N 234 59.16 32.62 -42.55
CA HIS N 234 59.08 33.93 -41.90
C HIS N 234 58.90 33.92 -40.40
N GLY N 235 58.18 32.94 -39.87
CA GLY N 235 57.93 32.92 -38.43
C GLY N 235 56.50 32.55 -38.12
N THR N 236 55.81 33.36 -37.33
CA THR N 236 54.44 33.06 -36.98
C THR N 236 53.52 34.29 -36.90
N ASP N 237 52.46 34.33 -37.72
CA ASP N 237 51.49 35.43 -37.71
C ASP N 237 50.79 35.42 -36.38
N PRO N 238 51.07 36.39 -35.54
CA PRO N 238 50.54 36.37 -34.18
C PRO N 238 49.00 36.36 -34.13
N ASP N 239 48.36 36.90 -35.16
CA ASP N 239 46.91 36.97 -35.22
C ASP N 239 46.29 35.59 -35.46
N ASP N 240 47.12 34.61 -35.78
CA ASP N 240 46.65 33.28 -36.16
C ASP N 240 47.12 32.19 -35.18
N VAL N 241 47.58 32.57 -34.00
CA VAL N 241 48.15 31.59 -33.08
C VAL N 241 47.12 30.87 -32.22
N GLN N 242 47.07 29.55 -32.33
CA GLN N 242 46.23 28.75 -31.45
C GLN N 242 46.94 27.57 -30.79
N PHE N 243 47.24 27.70 -29.50
CA PHE N 243 47.85 26.64 -28.73
C PHE N 243 46.80 25.92 -27.89
N TYR N 244 46.47 24.69 -28.28
CA TYR N 244 45.44 23.92 -27.60
C TYR N 244 46.08 22.95 -26.65
N THR N 245 45.46 22.71 -25.50
CA THR N 245 45.89 21.61 -24.64
C THR N 245 44.71 20.74 -24.31
N ILE N 246 44.99 19.45 -24.23
CA ILE N 246 44.02 18.51 -23.78
C ILE N 246 43.58 18.95 -22.39
N GLU N 247 44.55 19.29 -21.56
CA GLU N 247 44.29 19.59 -20.16
C GLU N 247 43.30 20.71 -19.91
N ASN N 248 43.36 21.78 -20.70
CA ASN N 248 42.45 22.94 -20.51
C ASN N 248 41.13 22.88 -21.23
N SER N 249 40.94 21.89 -22.07
CA SER N 249 39.75 21.87 -22.91
C SER N 249 38.84 20.68 -22.63
N VAL N 250 39.42 19.57 -22.20
CA VAL N 250 38.68 18.31 -22.08
C VAL N 250 38.81 17.70 -20.67
N PRO N 251 37.70 17.16 -20.15
CA PRO N 251 37.80 16.50 -18.86
C PRO N 251 38.55 15.21 -19.02
N VAL N 252 39.54 14.99 -18.17
CA VAL N 252 40.34 13.79 -18.30
C VAL N 252 40.01 12.82 -17.20
N HIS N 253 39.78 11.57 -17.58
CA HIS N 253 39.43 10.51 -16.67
C HIS N 253 40.64 9.68 -16.33
N LEU N 254 40.84 9.36 -15.07
CA LEU N 254 41.92 8.46 -14.70
C LEU N 254 41.37 7.04 -14.52
N LEU N 255 41.85 6.09 -15.30
CA LEU N 255 41.41 4.69 -15.20
C LEU N 255 42.47 3.79 -14.60
N ARG N 256 42.20 3.15 -13.47
CA ARG N 256 43.13 2.14 -12.97
C ARG N 256 42.71 0.80 -13.56
N THR N 257 43.30 -0.30 -13.11
CA THR N 257 43.02 -1.60 -13.71
C THR N 257 41.55 -1.92 -13.76
N GLY N 258 40.88 -1.70 -12.63
CA GLY N 258 39.48 -2.06 -12.46
C GLY N 258 38.49 -1.08 -13.04
N ASP N 259 38.98 -0.01 -13.65
CA ASP N 259 38.11 0.99 -14.23
C ASP N 259 37.82 0.73 -15.71
N GLU N 260 36.80 1.42 -16.21
CA GLU N 260 36.41 1.37 -17.60
C GLU N 260 35.99 2.74 -18.06
N PHE N 261 36.12 3.00 -19.35
CA PHE N 261 35.57 4.21 -19.91
C PHE N 261 34.83 3.86 -21.18
N ALA N 262 33.57 4.28 -21.25
CA ALA N 262 32.77 4.07 -22.44
C ALA N 262 32.17 5.38 -22.88
N THR N 263 32.11 5.58 -24.19
CA THR N 263 31.55 6.80 -24.73
C THR N 263 30.10 6.54 -24.91
N GLY N 264 29.34 7.53 -25.32
CA GLY N 264 27.93 7.31 -25.53
C GLY N 264 27.75 6.49 -26.78
N THR N 265 26.54 6.49 -27.32
CA THR N 265 26.36 6.03 -28.68
C THR N 265 26.14 7.28 -29.50
N PHE N 266 27.03 7.56 -30.46
CA PHE N 266 26.90 8.74 -31.33
C PHE N 266 26.10 8.47 -32.58
N PHE N 267 25.15 9.36 -32.86
CA PHE N 267 24.34 9.22 -34.04
C PHE N 267 24.70 10.19 -35.14
N PHE N 268 24.99 9.63 -36.30
CA PHE N 268 25.41 10.40 -37.44
C PHE N 268 24.24 10.95 -38.19
N ASP N 269 24.54 11.86 -39.10
CA ASP N 269 23.65 12.15 -40.22
C ASP N 269 24.44 12.63 -41.41
N CYS N 270 24.39 11.84 -42.47
CA CYS N 270 25.07 12.13 -43.72
C CYS N 270 24.25 11.56 -44.86
N LYS N 271 24.69 11.83 -46.07
CA LYS N 271 24.02 11.28 -47.24
C LYS N 271 24.40 9.83 -47.34
N PRO N 272 23.63 9.06 -48.11
CA PRO N 272 24.07 7.70 -48.36
C PRO N 272 25.22 7.63 -49.33
N CYS N 273 26.05 6.63 -49.13
CA CYS N 273 27.09 6.30 -50.07
C CYS N 273 26.57 5.21 -50.96
N ARG N 274 26.75 5.35 -52.26
CA ARG N 274 26.19 4.39 -53.18
C ARG N 274 27.26 3.38 -53.53
N LEU N 275 26.86 2.15 -53.75
CA LEU N 275 27.83 1.12 -54.06
C LEU N 275 27.67 0.67 -55.48
N THR N 276 27.38 1.61 -56.37
CA THR N 276 27.29 1.34 -57.79
C THR N 276 28.07 2.40 -58.57
N HIS N 277 28.70 2.00 -59.66
CA HIS N 277 29.47 2.93 -60.47
C HIS N 277 28.69 3.32 -61.70
N THR N 278 28.83 4.56 -62.15
CA THR N 278 28.16 4.97 -63.37
C THR N 278 29.15 4.93 -64.52
N TRP N 279 28.71 4.45 -65.69
CA TRP N 279 29.63 4.20 -66.79
C TRP N 279 29.54 5.17 -67.94
N GLN N 280 28.51 6.00 -67.91
CA GLN N 280 28.21 6.85 -69.04
C GLN N 280 28.98 8.15 -68.97
N THR N 281 29.60 8.52 -70.09
CA THR N 281 30.17 9.85 -70.31
C THR N 281 29.21 10.61 -71.19
N ASN N 282 29.51 11.87 -71.48
CA ASN N 282 28.60 12.63 -72.34
C ASN N 282 28.27 11.90 -73.61
N ARG N 283 29.18 11.07 -74.08
CA ARG N 283 29.04 10.49 -75.41
C ARG N 283 27.95 9.44 -75.51
N ALA N 284 27.33 9.11 -74.38
CA ALA N 284 26.26 8.11 -74.37
C ALA N 284 25.09 8.54 -73.54
N LEU N 285 24.65 9.76 -73.75
CA LEU N 285 23.49 10.21 -73.02
C LEU N 285 22.34 10.51 -73.95
N GLY N 286 21.30 9.70 -73.88
CA GLY N 286 20.07 10.06 -74.57
C GLY N 286 19.82 9.20 -75.78
N LEU N 287 19.13 9.76 -76.74
CA LEU N 287 18.74 8.97 -77.88
C LEU N 287 19.86 8.86 -78.90
N PRO N 288 20.34 7.63 -79.14
CA PRO N 288 21.34 7.35 -80.18
C PRO N 288 20.75 7.59 -81.56
N PRO N 289 21.60 7.92 -82.54
CA PRO N 289 21.11 8.29 -83.85
C PRO N 289 20.60 7.07 -84.59
N PHE N 290 19.51 7.22 -85.33
CA PHE N 290 18.89 6.07 -85.97
C PHE N 290 19.72 5.53 -87.10
N LEU N 291 19.97 4.24 -87.07
CA LEU N 291 20.79 3.61 -88.08
C LEU N 291 19.93 3.15 -89.25
N ASN N 292 20.16 3.75 -90.40
CA ASN N 292 19.41 3.38 -91.59
C ASN N 292 20.00 2.19 -92.33
N SER N 293 21.20 1.76 -91.94
CA SER N 293 21.81 0.56 -92.52
C SER N 293 22.34 -0.38 -91.46
N LEU N 294 21.62 -1.46 -91.21
CA LEU N 294 22.06 -2.43 -90.25
C LEU N 294 22.86 -3.54 -90.94
N PRO N 295 23.86 -4.05 -90.26
CA PRO N 295 24.73 -5.12 -90.75
C PRO N 295 23.97 -6.36 -91.10
N GLN N 296 24.52 -7.21 -91.95
CA GLN N 296 23.83 -8.41 -92.34
C GLN N 296 24.66 -9.67 -92.19
N SER N 297 25.82 -9.56 -91.55
CA SER N 297 26.52 -10.75 -91.07
C SER N 297 27.29 -10.43 -89.79
N GLU N 298 27.42 -11.41 -88.89
CA GLU N 298 28.09 -11.18 -87.61
C GLU N 298 29.55 -10.96 -87.92
N GLY N 299 30.30 -10.45 -86.96
CA GLY N 299 31.73 -10.27 -87.20
C GLY N 299 32.26 -8.99 -86.61
N GLY N 300 33.53 -8.71 -86.86
CA GLY N 300 34.22 -7.69 -86.10
C GLY N 300 34.38 -6.37 -86.80
N THR N 301 34.07 -6.37 -88.09
CA THR N 301 34.16 -5.14 -88.86
C THR N 301 32.92 -4.96 -89.69
N ASN N 302 31.90 -5.76 -89.38
CA ASN N 302 30.62 -5.60 -90.04
C ASN N 302 29.79 -4.48 -89.42
N PHE N 303 30.20 -3.24 -89.59
CA PHE N 303 29.54 -2.12 -88.92
C PHE N 303 28.19 -1.74 -89.52
N GLY N 304 27.42 -1.00 -88.74
CA GLY N 304 26.20 -0.37 -89.22
C GLY N 304 26.45 1.10 -89.48
N TYR N 305 25.60 1.72 -90.29
CA TYR N 305 25.85 3.11 -90.69
C TYR N 305 24.65 3.97 -90.42
N ILE N 306 24.87 5.13 -89.83
CA ILE N 306 23.78 6.07 -89.59
C ILE N 306 23.10 6.34 -90.90
N GLY N 307 23.89 6.63 -91.91
CA GLY N 307 23.35 6.68 -93.25
C GLY N 307 22.72 7.98 -93.68
N VAL N 308 23.17 9.08 -93.11
CA VAL N 308 22.76 10.42 -93.56
C VAL N 308 23.95 11.37 -93.57
N GLN N 309 24.04 12.20 -94.59
CA GLN N 309 25.12 13.17 -94.68
C GLN N 309 25.22 13.96 -93.40
N GLN N 310 26.44 14.10 -92.89
CA GLN N 310 26.66 14.74 -91.60
C GLN N 310 26.18 16.19 -91.52
N ASP N 311 25.96 16.81 -92.67
CA ASP N 311 25.48 18.19 -92.70
C ASP N 311 24.02 18.28 -93.12
N LYS N 312 23.38 17.13 -93.32
CA LYS N 312 21.98 17.10 -93.70
C LYS N 312 21.13 16.41 -92.64
N ARG N 313 21.64 16.40 -91.41
CA ARG N 313 21.01 15.68 -90.32
C ARG N 313 20.14 16.57 -89.45
N ARG N 314 19.16 15.95 -88.81
CA ARG N 314 18.25 16.62 -87.89
C ARG N 314 18.69 16.40 -86.45
N GLY N 315 18.48 17.40 -85.61
CA GLY N 315 18.85 17.32 -84.22
C GLY N 315 19.29 18.67 -83.69
N VAL N 316 19.81 18.68 -82.47
CA VAL N 316 20.18 19.93 -81.83
C VAL N 316 21.64 19.94 -81.38
N THR N 317 22.35 21.01 -81.69
CA THR N 317 23.70 21.19 -81.21
C THR N 317 23.85 22.59 -80.70
N GLN N 318 24.98 22.84 -80.07
CA GLN N 318 25.24 24.18 -79.60
C GLN N 318 26.27 24.90 -80.46
N MET N 319 26.32 24.53 -81.73
CA MET N 319 27.25 25.15 -82.65
C MET N 319 26.52 25.96 -83.72
N GLY N 320 26.35 27.25 -83.46
CA GLY N 320 25.58 28.11 -84.35
C GLY N 320 26.03 28.20 -85.81
N ASN N 321 27.29 27.87 -86.08
CA ASN N 321 27.86 27.92 -87.43
C ASN N 321 27.50 26.76 -88.31
N THR N 322 28.08 25.60 -88.03
CA THR N 322 27.91 24.53 -89.00
C THR N 322 26.59 23.86 -88.84
N ASN N 323 26.27 23.09 -89.88
CA ASN N 323 25.10 22.23 -89.89
C ASN N 323 25.54 20.80 -89.67
N TYR N 324 26.77 20.64 -89.21
CA TYR N 324 27.27 19.33 -88.84
C TYR N 324 26.63 18.85 -87.55
N ILE N 325 26.07 17.64 -87.57
CA ILE N 325 25.56 17.03 -86.35
C ILE N 325 26.18 15.69 -86.16
N THR N 326 27.21 15.62 -85.34
CA THR N 326 27.88 14.35 -85.09
C THR N 326 27.85 14.02 -83.62
N GLU N 327 28.13 12.77 -83.28
CA GLU N 327 28.14 12.34 -81.88
C GLU N 327 29.01 13.20 -81.00
N ALA N 328 30.05 13.79 -81.55
CA ALA N 328 30.87 14.69 -80.78
C ALA N 328 30.35 16.11 -80.82
N THR N 329 29.31 16.34 -81.61
CA THR N 329 28.79 17.69 -81.79
C THR N 329 27.44 17.90 -81.10
N ILE N 330 26.62 16.86 -81.16
CA ILE N 330 25.25 16.85 -80.63
C ILE N 330 25.13 17.34 -79.20
N MET N 331 24.09 18.13 -78.93
CA MET N 331 23.86 18.61 -77.59
C MET N 331 23.60 17.46 -76.63
N ARG N 332 24.06 17.61 -75.39
CA ARG N 332 23.72 16.69 -74.32
C ARG N 332 23.14 17.57 -73.22
N PRO N 333 22.31 17.00 -72.34
CA PRO N 333 21.61 17.83 -71.35
C PRO N 333 22.55 18.59 -70.42
N ALA N 334 23.70 17.98 -70.10
CA ALA N 334 24.70 18.62 -69.25
C ALA N 334 26.08 17.99 -69.46
N GLU N 335 26.97 18.13 -68.47
CA GLU N 335 28.30 17.57 -68.60
C GLU N 335 28.71 16.67 -67.46
N VAL N 336 29.12 15.46 -67.78
CA VAL N 336 29.58 14.52 -66.78
C VAL N 336 31.07 14.69 -66.56
N GLY N 337 31.44 15.04 -65.34
CA GLY N 337 32.83 15.23 -65.00
C GLY N 337 33.29 16.63 -65.37
N TYR N 338 34.56 16.90 -65.06
CA TYR N 338 35.11 18.22 -65.33
C TYR N 338 36.59 18.05 -65.53
N SER N 339 37.20 18.96 -66.28
CA SER N 339 38.64 18.93 -66.50
C SER N 339 39.28 19.86 -65.49
N ALA N 340 40.38 19.42 -64.88
CA ALA N 340 41.04 20.19 -63.83
C ALA N 340 42.53 20.27 -64.10
N PRO N 341 43.17 21.31 -63.56
CA PRO N 341 44.61 21.49 -63.69
C PRO N 341 45.40 20.36 -63.07
N TYR N 342 46.52 19.99 -63.66
CA TYR N 342 47.29 18.85 -63.17
C TYR N 342 48.71 18.88 -63.75
N TYR N 343 49.76 18.66 -62.95
CA TYR N 343 49.75 18.64 -61.50
C TYR N 343 49.80 20.08 -61.02
N SER N 344 48.67 20.69 -60.73
CA SER N 344 48.69 22.09 -60.39
C SER N 344 49.06 22.25 -58.94
N PHE N 345 50.00 23.15 -58.64
CA PHE N 345 50.30 23.52 -57.27
C PHE N 345 49.95 24.98 -57.06
N GLU N 346 49.29 25.26 -55.94
CA GLU N 346 48.88 26.62 -55.60
C GLU N 346 49.55 26.98 -54.31
N ALA N 347 49.60 28.27 -54.00
CA ALA N 347 50.31 28.71 -52.82
C ALA N 347 49.59 29.81 -52.08
N SER N 348 49.55 29.65 -50.77
CA SER N 348 49.04 30.68 -49.89
C SER N 348 49.88 30.72 -48.63
N THR N 349 49.67 31.75 -47.82
CA THR N 349 50.36 32.00 -46.54
C THR N 349 51.43 31.01 -46.08
N GLN N 350 51.20 29.73 -46.26
CA GLN N 350 52.07 28.74 -45.65
C GLN N 350 52.80 27.88 -46.66
N GLY N 351 52.74 28.28 -47.91
CA GLY N 351 53.50 27.55 -48.90
C GLY N 351 52.60 26.93 -49.92
N PRO N 352 53.17 26.14 -50.80
CA PRO N 352 52.51 25.50 -51.93
C PRO N 352 51.89 24.15 -51.62
N PHE N 353 50.85 23.77 -52.37
CA PHE N 353 50.15 22.50 -52.21
C PHE N 353 49.49 22.06 -53.50
N LYS N 354 49.34 20.76 -53.70
CA LYS N 354 48.72 20.24 -54.92
C LYS N 354 47.25 20.62 -54.94
N THR N 355 46.73 20.84 -56.14
CA THR N 355 45.32 21.06 -56.38
C THR N 355 44.62 19.71 -56.51
N PRO N 356 43.61 19.48 -55.69
CA PRO N 356 42.91 18.20 -55.62
C PRO N 356 41.84 17.98 -56.71
N ILE N 357 41.68 16.73 -57.13
CA ILE N 357 40.79 16.43 -58.23
C ILE N 357 39.69 15.50 -57.79
N ALA N 358 38.53 15.68 -58.39
CA ALA N 358 37.37 14.93 -58.00
C ALA N 358 37.20 13.64 -58.78
N ALA N 359 37.08 13.75 -60.10
CA ALA N 359 36.52 12.66 -60.91
C ALA N 359 37.39 11.37 -61.02
N GLY N 360 37.31 10.69 -62.15
CA GLY N 360 38.15 9.55 -62.45
C GLY N 360 37.33 8.28 -62.34
N ARG N 361 37.53 7.26 -63.19
CA ARG N 361 38.52 7.20 -64.26
C ARG N 361 38.05 7.77 -65.56
N GLY N 362 38.99 8.21 -66.39
CA GLY N 362 38.66 8.80 -67.67
C GLY N 362 39.24 8.14 -68.90
N GLY N 363 40.32 7.38 -68.72
CA GLY N 363 40.96 6.77 -69.86
C GLY N 363 40.25 5.50 -70.29
N ALA N 364 40.58 5.05 -71.50
CA ALA N 364 39.98 3.86 -72.09
C ALA N 364 40.61 2.58 -71.56
N GLN N 365 40.81 1.62 -72.44
CA GLN N 365 41.33 0.33 -72.04
C GLN N 365 42.76 0.43 -71.51
N THR N 366 42.92 -0.04 -70.28
CA THR N 366 44.17 -0.01 -69.54
C THR N 366 45.11 1.21 -69.64
N ASP N 367 44.60 2.40 -69.96
CA ASP N 367 45.47 3.58 -70.00
C ASP N 367 44.85 4.83 -69.40
N GLU N 368 45.28 5.23 -68.22
CA GLU N 368 44.61 6.33 -67.61
C GLU N 368 45.60 7.43 -67.28
N ASN N 369 45.09 8.60 -66.92
CA ASN N 369 45.95 9.70 -66.60
C ASN N 369 45.90 9.97 -65.13
N GLN N 370 46.46 9.06 -64.35
CA GLN N 370 46.31 9.08 -62.89
C GLN N 370 46.52 10.42 -62.19
N ALA N 371 46.74 11.49 -62.94
CA ALA N 371 46.96 12.80 -62.35
C ALA N 371 45.86 13.72 -62.74
N ALA N 372 45.38 13.55 -63.96
CA ALA N 372 44.27 14.36 -64.43
C ALA N 372 43.04 13.99 -63.66
N ASP N 373 43.00 12.74 -63.21
CA ASP N 373 41.87 12.24 -62.44
C ASP N 373 42.18 12.23 -60.94
N GLY N 374 43.43 12.50 -60.60
CA GLY N 374 43.83 12.60 -59.22
C GLY N 374 43.52 11.33 -58.49
N ASP N 375 43.81 10.19 -59.11
CA ASP N 375 43.52 8.92 -58.48
C ASP N 375 44.43 8.75 -57.31
N PRO N 376 43.87 8.39 -56.16
CA PRO N 376 44.66 8.41 -54.95
C PRO N 376 45.60 7.23 -54.87
N ARG N 377 46.70 7.41 -54.15
CA ARG N 377 47.72 6.39 -54.06
C ARG N 377 48.07 6.19 -52.58
N TYR N 378 47.93 4.96 -52.11
CA TYR N 378 48.04 4.65 -50.69
C TYR N 378 49.30 3.87 -50.36
N ALA N 379 50.02 4.32 -49.33
CA ALA N 379 51.25 3.65 -48.90
C ALA N 379 51.10 3.31 -47.43
N PHE N 380 51.40 2.06 -47.06
CA PHE N 380 51.00 1.55 -45.74
C PHE N 380 51.89 0.42 -45.27
N GLY N 381 51.83 0.07 -43.99
CA GLY N 381 52.79 -0.88 -43.47
C GLY N 381 52.39 -1.95 -42.47
N ARG N 382 52.60 -3.20 -42.90
CA ARG N 382 52.40 -4.42 -42.12
C ARG N 382 51.18 -4.42 -41.23
N GLN N 383 51.09 -3.44 -40.35
CA GLN N 383 49.88 -3.24 -39.57
C GLN N 383 48.67 -3.00 -40.47
N HIS N 384 48.87 -2.42 -41.66
CA HIS N 384 47.72 -2.04 -42.46
C HIS N 384 47.67 -2.62 -43.84
N GLY N 385 48.17 -3.83 -44.01
CA GLY N 385 47.98 -4.49 -45.29
C GLY N 385 49.20 -5.17 -45.85
N GLN N 386 50.35 -4.55 -45.67
CA GLN N 386 51.59 -5.12 -46.17
C GLN N 386 51.85 -6.49 -45.56
N LYS N 387 52.49 -7.35 -46.34
CA LYS N 387 52.81 -8.69 -45.88
C LYS N 387 53.57 -8.54 -44.59
N THR N 388 53.10 -9.21 -43.55
CA THR N 388 53.62 -8.96 -42.24
C THR N 388 54.98 -9.57 -42.04
N THR N 389 55.36 -10.48 -42.91
CA THR N 389 56.68 -11.09 -42.82
C THR N 389 57.78 -10.25 -43.48
N THR N 390 57.36 -9.24 -44.24
CA THR N 390 58.27 -8.37 -44.97
C THR N 390 59.20 -7.53 -44.12
N THR N 391 60.51 -7.73 -44.28
CA THR N 391 61.49 -6.85 -43.66
C THR N 391 61.82 -5.66 -44.55
N GLY N 392 62.42 -4.63 -43.97
CA GLY N 392 62.73 -3.44 -44.74
C GLY N 392 61.75 -2.33 -44.47
N GLU N 393 62.20 -1.08 -44.65
CA GLU N 393 61.41 0.11 -44.33
C GLU N 393 60.58 0.55 -45.55
N THR N 394 60.60 -0.23 -46.61
CA THR N 394 59.89 0.18 -47.81
C THR N 394 58.43 -0.21 -47.73
N PRO N 395 57.54 0.78 -47.83
CA PRO N 395 56.11 0.55 -47.69
C PRO N 395 55.48 -0.11 -48.91
N GLU N 396 54.33 -0.74 -48.71
CA GLU N 396 53.54 -1.32 -49.80
C GLU N 396 52.63 -0.25 -50.36
N ARG N 397 52.31 -0.33 -51.64
CA ARG N 397 51.55 0.73 -52.28
C ARG N 397 50.53 0.23 -53.31
N PHE N 398 49.57 1.09 -53.65
CA PHE N 398 48.64 0.86 -54.75
C PHE N 398 48.01 2.20 -55.14
N THR N 399 47.49 2.28 -56.36
CA THR N 399 46.76 3.47 -56.75
C THR N 399 45.33 3.08 -57.12
N TYR N 400 44.37 3.61 -56.39
CA TYR N 400 42.99 3.22 -56.60
C TYR N 400 42.43 3.91 -57.83
N ILE N 401 42.12 3.09 -58.83
CA ILE N 401 41.41 3.53 -60.02
C ILE N 401 39.96 3.06 -59.98
N ALA N 402 39.03 4.00 -59.80
CA ALA N 402 37.63 3.66 -59.61
C ALA N 402 37.01 3.00 -60.84
N HIS N 403 35.86 2.37 -60.66
CA HIS N 403 35.21 1.76 -61.80
C HIS N 403 34.37 2.80 -62.51
N GLN N 404 34.01 3.87 -61.81
CA GLN N 404 33.10 4.86 -62.38
C GLN N 404 33.74 5.76 -63.43
N ASP N 405 33.36 5.59 -64.68
CA ASP N 405 33.99 6.33 -65.77
C ASP N 405 33.47 7.76 -65.79
N THR N 406 34.07 8.64 -64.97
CA THR N 406 33.67 10.04 -64.96
C THR N 406 34.84 11.03 -65.04
N GLY N 407 36.01 10.51 -65.37
CA GLY N 407 37.21 11.32 -65.45
C GLY N 407 37.52 11.78 -66.85
N ARG N 408 38.78 12.16 -67.10
CA ARG N 408 39.17 12.70 -68.40
C ARG N 408 40.37 11.96 -68.94
N TYR N 409 40.52 11.99 -70.26
CA TYR N 409 41.74 11.51 -70.92
C TYR N 409 42.26 12.67 -71.75
N PRO N 410 42.93 13.63 -71.11
CA PRO N 410 43.29 14.92 -71.68
C PRO N 410 44.05 14.84 -72.98
N GLU N 411 44.59 13.66 -73.27
CA GLU N 411 45.24 13.41 -74.55
C GLU N 411 44.25 13.57 -75.71
N GLY N 412 42.97 13.35 -75.43
CA GLY N 412 41.93 13.43 -76.44
C GLY N 412 41.20 14.75 -76.54
N ASP N 413 41.60 15.73 -75.75
CA ASP N 413 40.97 17.06 -75.76
C ASP N 413 41.43 17.88 -76.96
N TRP N 414 40.67 18.91 -77.33
CA TRP N 414 41.17 19.90 -78.29
C TRP N 414 40.30 21.14 -78.33
N ILE N 415 40.76 22.16 -79.06
CA ILE N 415 40.01 23.41 -79.17
C ILE N 415 40.01 23.96 -80.56
N GLN N 416 38.88 24.08 -81.22
CA GLN N 416 38.90 24.65 -82.56
C GLN N 416 38.55 26.10 -82.59
N ASN N 417 38.92 26.74 -83.68
CA ASN N 417 38.57 28.11 -83.95
C ASN N 417 37.09 28.19 -84.24
N ILE N 418 36.54 29.36 -83.92
CA ILE N 418 35.13 29.68 -84.12
C ILE N 418 34.59 29.29 -85.50
N ASN N 419 35.44 29.35 -86.52
CA ASN N 419 34.94 29.22 -87.88
C ASN N 419 34.65 27.80 -88.24
N PHE N 420 35.27 26.87 -87.52
CA PHE N 420 35.03 25.46 -87.73
C PHE N 420 35.18 25.06 -89.19
N ASN N 421 36.21 25.59 -89.83
CA ASN N 421 36.54 25.20 -91.18
C ASN N 421 37.38 23.96 -91.10
N LEU N 422 36.77 22.82 -91.40
CA LEU N 422 37.47 21.56 -91.14
C LEU N 422 37.45 20.61 -92.36
N PRO N 423 38.46 19.73 -92.48
CA PRO N 423 39.63 19.40 -91.66
C PRO N 423 40.39 20.64 -91.20
N VAL N 424 40.75 20.67 -89.93
CA VAL N 424 41.15 21.91 -89.31
C VAL N 424 42.64 22.20 -89.46
N THR N 425 42.95 23.47 -89.71
CA THR N 425 44.33 23.96 -89.85
C THR N 425 45.09 23.94 -88.52
N ASP N 426 46.41 23.80 -88.56
CA ASP N 426 47.21 23.85 -87.34
C ASP N 426 47.01 25.19 -86.66
N ASP N 427 46.72 26.22 -87.44
CA ASP N 427 46.55 27.55 -86.86
C ASP N 427 45.20 27.74 -86.19
N ASN N 428 44.24 26.88 -86.52
CA ASN N 428 42.89 27.04 -86.00
C ASN N 428 42.53 26.09 -84.87
N VAL N 429 43.48 25.28 -84.43
CA VAL N 429 43.20 24.35 -83.36
C VAL N 429 44.32 24.37 -82.34
N LEU N 430 44.00 24.12 -81.09
CA LEU N 430 44.99 24.00 -80.05
C LEU N 430 44.95 22.61 -79.47
N LEU N 431 46.03 21.86 -79.64
CA LEU N 431 46.09 20.47 -79.20
C LEU N 431 46.83 20.26 -77.89
N PRO N 432 46.63 19.09 -77.26
CA PRO N 432 47.43 18.78 -76.09
C PRO N 432 48.87 18.43 -76.44
N THR N 433 49.23 18.58 -77.71
CA THR N 433 50.60 18.41 -78.15
C THR N 433 51.30 19.75 -78.23
N ASP N 434 50.55 20.76 -78.66
CA ASP N 434 51.11 22.08 -78.85
C ASP N 434 51.48 22.71 -77.52
N PRO N 435 52.76 23.04 -77.37
CA PRO N 435 53.36 23.58 -76.16
C PRO N 435 52.86 24.96 -75.82
N ILE N 436 52.83 25.23 -74.53
CA ILE N 436 52.22 26.43 -73.99
C ILE N 436 53.25 27.24 -73.25
N GLY N 437 53.30 28.53 -73.50
CA GLY N 437 54.24 29.38 -72.81
C GLY N 437 55.64 28.95 -73.12
N GLY N 438 55.77 28.24 -74.24
CA GLY N 438 57.07 27.83 -74.75
C GLY N 438 57.80 26.76 -73.99
N LYS N 439 57.05 25.84 -73.42
CA LYS N 439 57.65 24.72 -72.73
C LYS N 439 57.26 23.48 -73.47
N THR N 440 58.23 22.66 -73.85
CA THR N 440 57.91 21.45 -74.60
C THR N 440 56.94 20.57 -73.87
N GLY N 441 57.11 20.47 -72.55
CA GLY N 441 56.31 19.59 -71.73
C GLY N 441 55.04 20.12 -71.08
N ILE N 442 54.52 21.23 -71.56
CA ILE N 442 53.27 21.81 -71.03
C ILE N 442 52.27 22.12 -72.16
N ASN N 443 51.01 21.73 -71.97
CA ASN N 443 49.98 22.06 -72.95
C ASN N 443 48.83 22.68 -72.22
N TYR N 444 47.79 23.08 -72.95
CA TYR N 444 46.76 23.86 -72.30
C TYR N 444 46.02 23.03 -71.28
N THR N 445 45.93 21.72 -71.48
CA THR N 445 45.13 20.89 -70.59
C THR N 445 45.68 20.86 -69.17
N ASN N 446 46.94 21.19 -69.00
CA ASN N 446 47.50 21.21 -67.67
C ASN N 446 47.01 22.39 -66.86
N ILE N 447 46.47 23.41 -67.51
CA ILE N 447 45.98 24.56 -66.76
C ILE N 447 44.47 24.71 -66.94
N PHE N 448 43.86 23.70 -67.56
CA PHE N 448 42.47 23.73 -68.00
C PHE N 448 41.47 23.48 -66.87
N ASN N 449 40.30 24.10 -66.98
CA ASN N 449 39.26 23.96 -65.97
C ASN N 449 37.88 24.05 -66.57
N THR N 450 37.17 22.93 -66.61
CA THR N 450 35.82 22.88 -67.17
C THR N 450 34.75 22.60 -66.12
N TYR N 451 35.02 23.03 -64.90
CA TYR N 451 33.99 23.02 -63.89
C TYR N 451 33.02 24.12 -64.25
N GLY N 452 31.73 23.88 -64.08
CA GLY N 452 30.74 24.85 -64.49
C GLY N 452 29.35 24.45 -64.05
N PRO N 453 28.37 25.31 -64.28
CA PRO N 453 27.01 25.07 -63.84
C PRO N 453 26.31 23.92 -64.56
N LEU N 454 27.00 23.20 -65.43
CA LEU N 454 26.40 22.01 -65.99
C LEU N 454 27.11 20.75 -65.51
N THR N 455 27.98 20.91 -64.53
CA THR N 455 28.81 19.82 -64.09
C THR N 455 28.06 18.86 -63.18
N ALA N 456 28.21 17.56 -63.45
CA ALA N 456 27.62 16.55 -62.58
C ALA N 456 28.69 15.61 -62.06
N LEU N 457 28.56 15.16 -60.82
CA LEU N 457 29.61 14.44 -60.12
C LEU N 457 29.11 13.31 -59.24
N ASN N 458 30.00 12.35 -58.97
CA ASN N 458 29.76 11.42 -57.89
C ASN N 458 30.75 11.71 -56.78
N ASN N 459 30.47 11.16 -55.61
CA ASN N 459 31.36 11.23 -54.47
C ASN N 459 32.42 10.15 -54.57
N VAL N 460 33.50 10.25 -53.82
CA VAL N 460 34.55 9.26 -53.93
C VAL N 460 34.08 7.90 -53.52
N PRO N 461 34.55 6.86 -54.20
CA PRO N 461 34.21 5.51 -53.78
C PRO N 461 35.08 5.14 -52.61
N PRO N 462 34.60 4.26 -51.75
CA PRO N 462 35.33 3.81 -50.57
C PRO N 462 36.50 2.97 -50.95
N VAL N 463 37.60 3.20 -50.27
CA VAL N 463 38.80 2.48 -50.58
C VAL N 463 39.07 1.46 -49.49
N TYR N 464 38.73 0.21 -49.70
CA TYR N 464 39.02 -0.78 -48.68
C TYR N 464 40.41 -1.36 -48.90
N PRO N 465 41.18 -1.49 -47.83
CA PRO N 465 40.89 -1.16 -46.44
C PRO N 465 41.55 0.12 -45.96
N ASN N 466 42.40 0.70 -46.76
CA ASN N 466 43.24 1.76 -46.28
C ASN N 466 42.57 3.12 -46.31
N GLY N 467 41.39 3.19 -46.91
CA GLY N 467 40.66 4.44 -47.01
C GLY N 467 40.06 4.92 -45.72
N GLN N 468 39.86 6.22 -45.60
CA GLN N 468 39.17 6.80 -44.46
C GLN N 468 37.68 6.50 -44.62
N ILE N 469 36.92 6.49 -43.52
CA ILE N 469 35.48 6.24 -43.59
C ILE N 469 34.67 7.53 -43.50
N TRP N 470 34.83 8.28 -42.42
CA TRP N 470 34.11 9.53 -42.29
C TRP N 470 35.08 10.67 -42.06
N ASP N 471 34.62 11.90 -42.30
CA ASP N 471 35.48 13.07 -42.17
C ASP N 471 34.72 14.29 -41.70
N LYS N 472 35.36 15.16 -40.91
CA LYS N 472 34.70 16.39 -40.46
C LYS N 472 34.53 17.35 -41.58
N GLU N 473 33.54 18.22 -41.48
CA GLU N 473 33.33 19.21 -42.52
C GLU N 473 34.08 20.47 -42.14
N PHE N 474 34.56 21.18 -43.13
CA PHE N 474 35.26 22.43 -42.91
C PHE N 474 34.34 23.46 -42.29
N ASP N 475 34.83 24.23 -41.33
CA ASP N 475 33.99 25.27 -40.78
C ASP N 475 34.13 26.54 -41.61
N THR N 476 33.89 26.41 -42.89
CA THR N 476 33.87 27.57 -43.73
C THR N 476 32.43 27.94 -44.07
N ASP N 477 32.19 29.22 -44.30
CA ASP N 477 30.83 29.67 -44.58
C ASP N 477 30.26 29.00 -45.83
N LEU N 478 31.11 28.68 -46.81
CA LEU N 478 30.66 27.87 -47.94
C LEU N 478 31.45 26.58 -48.00
N LYS N 479 30.79 25.46 -48.30
CA LYS N 479 31.43 24.18 -48.07
C LYS N 479 31.74 23.41 -49.35
N PRO N 480 32.67 22.47 -49.28
CA PRO N 480 32.99 21.70 -50.49
C PRO N 480 31.84 20.81 -50.84
N ARG N 481 31.62 20.56 -52.11
CA ARG N 481 30.58 19.63 -52.46
C ARG N 481 30.97 18.20 -52.12
N LEU N 482 32.23 17.99 -51.77
CA LEU N 482 32.67 16.69 -51.28
C LEU N 482 34.06 16.73 -50.69
N HIS N 483 34.48 15.59 -50.16
CA HIS N 483 35.85 15.43 -49.71
C HIS N 483 36.40 14.25 -50.46
N VAL N 484 37.72 14.23 -50.64
CA VAL N 484 38.34 13.21 -51.44
C VAL N 484 38.89 12.10 -50.58
N ASN N 485 38.91 12.30 -49.27
CA ASN N 485 39.48 11.29 -48.38
C ASN N 485 38.46 10.33 -47.76
N ALA N 486 37.18 10.68 -47.78
CA ALA N 486 36.13 9.86 -47.20
C ALA N 486 34.77 10.17 -47.83
N PRO N 487 33.91 9.15 -47.94
CA PRO N 487 32.59 9.35 -48.54
C PRO N 487 31.54 9.93 -47.58
N PHE N 488 31.66 9.72 -46.28
CA PHE N 488 30.72 10.28 -45.33
C PHE N 488 31.26 11.54 -44.66
N VAL N 489 30.52 12.64 -44.77
CA VAL N 489 30.94 13.86 -44.09
C VAL N 489 29.92 14.39 -43.08
N CYS N 490 30.32 14.44 -41.81
CA CYS N 490 29.42 14.93 -40.76
C CYS N 490 29.34 16.44 -40.84
N GLN N 491 28.23 16.94 -41.39
CA GLN N 491 28.07 18.37 -41.48
C GLN N 491 27.47 18.85 -40.15
N ASN N 492 26.87 17.90 -39.44
CA ASN N 492 26.37 18.13 -38.09
C ASN N 492 27.53 18.51 -37.16
N ASN N 493 28.36 17.52 -36.87
CA ASN N 493 29.55 17.55 -36.01
C ASN N 493 29.85 16.05 -35.81
N CYS N 494 31.11 15.65 -35.87
CA CYS N 494 31.48 14.24 -35.83
C CYS N 494 31.84 13.78 -34.44
N PRO N 495 31.88 12.46 -34.25
CA PRO N 495 32.37 11.94 -32.98
C PRO N 495 33.67 12.58 -32.59
N GLY N 496 33.85 12.77 -31.30
CA GLY N 496 35.08 13.35 -30.80
C GLY N 496 36.27 12.41 -30.90
N GLN N 497 37.44 12.99 -30.87
CA GLN N 497 38.61 12.16 -30.90
C GLN N 497 38.91 11.63 -29.52
N LEU N 498 39.50 10.44 -29.49
CA LEU N 498 39.82 9.76 -28.24
C LEU N 498 41.32 9.80 -27.98
N PHE N 499 41.71 10.35 -26.84
CA PHE N 499 43.12 10.53 -26.52
C PHE N 499 43.51 9.77 -25.28
N VAL N 500 44.66 9.11 -25.30
CA VAL N 500 45.15 8.41 -24.12
C VAL N 500 46.55 8.90 -23.73
N LYS N 501 47.00 8.61 -22.51
CA LYS N 501 48.29 9.08 -22.00
C LYS N 501 48.60 8.41 -20.69
N VAL N 502 49.78 7.83 -20.59
CA VAL N 502 50.16 7.21 -19.33
C VAL N 502 50.44 8.28 -18.29
N ALA N 503 49.81 8.15 -17.12
CA ALA N 503 49.98 9.13 -16.07
C ALA N 503 51.39 9.09 -15.56
N PRO N 504 51.95 10.27 -15.25
CA PRO N 504 53.30 10.44 -14.70
C PRO N 504 53.55 9.62 -13.45
N ASN N 505 54.44 8.63 -13.54
CA ASN N 505 54.73 7.76 -12.41
C ASN N 505 56.05 8.20 -11.80
N LEU N 506 55.99 9.14 -10.86
CA LEU N 506 57.22 9.76 -10.40
C LEU N 506 58.09 8.93 -9.47
N THR N 507 59.39 9.20 -9.48
CA THR N 507 60.31 8.62 -8.51
C THR N 507 60.31 9.47 -7.25
N ASN N 508 61.14 9.15 -6.27
CA ASN N 508 61.08 9.85 -4.99
C ASN N 508 61.75 11.19 -5.02
N GLN N 509 62.69 11.36 -5.94
CA GLN N 509 63.32 12.65 -6.14
C GLN N 509 62.69 13.36 -7.32
N TYR N 510 61.91 14.38 -7.01
CA TYR N 510 61.30 15.20 -8.03
C TYR N 510 61.33 16.62 -7.53
N ASP N 511 61.96 17.49 -8.30
CA ASP N 511 62.00 18.90 -8.01
C ASP N 511 61.51 19.68 -9.19
N PRO N 512 60.30 20.23 -9.07
CA PRO N 512 59.74 20.96 -10.19
C PRO N 512 60.50 22.25 -10.44
N ASP N 513 61.05 22.86 -9.39
CA ASP N 513 61.83 24.10 -9.53
C ASP N 513 63.12 23.86 -10.28
N ALA N 514 63.52 22.61 -10.38
CA ALA N 514 64.73 22.25 -11.10
C ALA N 514 64.51 22.21 -12.62
N SER N 515 65.50 22.67 -13.36
CA SER N 515 65.49 22.63 -14.82
C SER N 515 65.80 21.25 -15.38
N ALA N 516 66.56 20.46 -14.62
CA ALA N 516 66.90 19.11 -15.05
C ALA N 516 65.60 18.41 -15.36
N ASN N 517 65.61 17.60 -16.40
CA ASN N 517 64.36 17.01 -16.82
C ASN N 517 63.82 15.88 -15.94
N MET N 518 62.50 15.82 -16.03
CA MET N 518 61.60 14.83 -15.47
C MET N 518 62.24 13.50 -15.11
N SER N 519 62.23 13.17 -13.83
CA SER N 519 62.61 11.84 -13.40
C SER N 519 61.34 10.99 -13.20
N ARG N 520 61.15 9.98 -14.04
CA ARG N 520 59.96 9.15 -13.94
C ARG N 520 60.26 7.67 -13.93
N ILE N 521 59.49 6.91 -13.17
CA ILE N 521 59.57 5.45 -13.26
C ILE N 521 59.13 5.01 -14.64
N VAL N 522 59.87 4.11 -15.28
CA VAL N 522 59.46 3.70 -16.62
C VAL N 522 58.21 2.88 -16.56
N THR N 523 57.16 3.40 -17.18
CA THR N 523 55.84 2.79 -17.11
C THR N 523 55.23 2.69 -18.47
N TYR N 524 54.44 1.66 -18.68
CA TYR N 524 53.68 1.53 -19.90
C TYR N 524 52.36 0.87 -19.66
N SER N 525 51.49 0.88 -20.66
CA SER N 525 50.14 0.35 -20.47
C SER N 525 49.62 -0.57 -21.55
N ASP N 526 48.86 -1.57 -21.13
CA ASP N 526 48.11 -2.40 -22.06
C ASP N 526 46.63 -2.20 -21.75
N PHE N 527 45.84 -1.86 -22.74
CA PHE N 527 44.42 -1.72 -22.51
C PHE N 527 43.73 -2.22 -23.73
N TRP N 528 42.47 -2.64 -23.58
CA TRP N 528 41.66 -3.11 -24.71
C TRP N 528 40.64 -2.07 -25.19
N TRP N 529 40.50 -1.98 -26.51
CA TRP N 529 39.56 -1.06 -27.09
C TRP N 529 38.56 -1.84 -27.89
N LYS N 530 37.27 -1.53 -27.70
CA LYS N 530 36.20 -2.13 -28.47
C LYS N 530 35.33 -1.01 -29.06
N GLY N 531 34.95 -1.16 -30.31
CA GLY N 531 34.11 -0.18 -30.94
C GLY N 531 32.95 -0.83 -31.68
N LYS N 532 31.86 -0.09 -31.84
CA LYS N 532 30.76 -0.61 -32.60
C LYS N 532 30.30 0.44 -33.58
N LEU N 533 30.46 0.13 -34.85
CA LEU N 533 30.07 1.01 -35.92
C LEU N 533 28.91 0.40 -36.66
N VAL N 534 27.80 1.12 -36.72
CA VAL N 534 26.58 0.58 -37.29
C VAL N 534 26.17 1.22 -38.58
N PHE N 535 25.96 0.39 -39.59
CA PHE N 535 25.49 0.87 -40.89
C PHE N 535 24.08 0.39 -41.18
N LYS N 536 23.40 1.07 -42.10
CA LYS N 536 22.10 0.61 -42.54
C LYS N 536 22.21 0.61 -44.05
N ALA N 537 22.05 -0.57 -44.66
CA ALA N 537 22.26 -0.73 -46.10
C ALA N 537 21.05 -1.25 -46.86
N LYS N 538 21.14 -1.28 -48.20
CA LYS N 538 20.05 -1.72 -49.10
C LYS N 538 20.42 -2.75 -50.16
N LEU N 539 19.63 -3.79 -50.29
CA LEU N 539 19.97 -4.84 -51.25
C LEU N 539 19.74 -4.40 -52.72
N ARG N 540 20.63 -4.80 -53.63
CA ARG N 540 20.47 -4.47 -55.05
C ARG N 540 19.55 -5.47 -55.70
N ALA N 541 19.09 -5.18 -56.91
CA ALA N 541 18.25 -6.12 -57.65
C ALA N 541 18.69 -6.16 -59.10
N SER N 542 18.49 -7.30 -59.74
CA SER N 542 18.94 -7.48 -61.11
C SER N 542 18.07 -6.69 -62.06
N HIS N 543 18.68 -5.79 -62.81
CA HIS N 543 17.92 -4.98 -63.75
C HIS N 543 18.26 -5.27 -65.20
N THR N 544 19.23 -6.15 -65.41
CA THR N 544 19.70 -6.41 -66.76
C THR N 544 19.60 -7.89 -67.12
N TRP N 545 19.66 -8.21 -68.42
CA TRP N 545 19.66 -9.60 -68.85
C TRP N 545 20.97 -10.24 -68.46
N ASN N 546 22.03 -9.46 -68.61
CA ASN N 546 23.38 -9.90 -68.37
C ASN N 546 23.72 -9.83 -66.90
N PRO N 547 24.66 -10.67 -66.46
CA PRO N 547 25.23 -10.52 -65.14
C PRO N 547 26.16 -9.31 -65.07
N ILE N 548 26.84 -9.13 -63.94
CA ILE N 548 27.69 -7.97 -63.70
C ILE N 548 28.98 -8.24 -62.90
N GLN N 549 29.84 -7.23 -62.83
CA GLN N 549 31.01 -7.25 -61.93
C GLN N 549 30.74 -7.72 -60.50
N GLN N 550 31.46 -8.72 -60.02
CA GLN N 550 31.42 -9.05 -58.58
C GLN N 550 32.73 -9.69 -58.08
N MET N 551 33.10 -9.49 -56.81
CA MET N 551 34.35 -10.05 -56.24
C MET N 551 34.35 -11.55 -56.20
N SER N 552 35.54 -12.15 -56.27
CA SER N 552 35.68 -13.57 -55.95
C SER N 552 37.11 -14.06 -55.93
N ILE N 553 37.25 -15.35 -55.72
CA ILE N 553 38.50 -15.98 -56.06
C ILE N 553 38.23 -17.18 -56.96
N ASN N 554 38.94 -17.41 -58.08
CA ASN N 554 40.20 -16.85 -58.66
C ASN N 554 41.34 -17.73 -58.32
N VAL N 555 41.98 -18.25 -59.37
CA VAL N 555 43.12 -19.12 -59.20
C VAL N 555 44.34 -18.28 -58.96
N ASP N 556 44.38 -17.11 -59.61
CA ASP N 556 45.23 -16.00 -59.19
C ASP N 556 44.63 -15.51 -57.90
N ASN N 557 45.17 -14.44 -57.31
CA ASN N 557 44.38 -13.78 -56.28
C ASN N 557 44.26 -14.59 -54.98
N GLN N 558 43.78 -15.81 -55.12
CA GLN N 558 43.50 -16.78 -54.05
C GLN N 558 44.47 -16.82 -52.88
N PHE N 559 45.66 -16.25 -53.00
CA PHE N 559 46.58 -16.44 -51.91
C PHE N 559 46.78 -15.18 -51.07
N ASN N 560 46.02 -14.13 -51.36
CA ASN N 560 46.07 -12.91 -50.55
C ASN N 560 45.11 -12.94 -49.38
N TYR N 561 44.51 -14.09 -49.14
CA TYR N 561 43.42 -14.15 -48.18
C TYR N 561 43.57 -15.27 -47.18
N VAL N 562 44.76 -15.83 -47.07
CA VAL N 562 45.04 -16.90 -46.13
C VAL N 562 46.43 -16.65 -45.60
N PRO N 563 46.77 -17.21 -44.43
CA PRO N 563 48.12 -16.94 -43.94
C PRO N 563 49.15 -17.72 -44.72
N SER N 564 50.36 -17.77 -44.21
CA SER N 564 51.43 -18.42 -44.93
C SER N 564 51.95 -19.59 -44.09
N ASN N 565 53.06 -20.16 -44.51
CA ASN N 565 53.76 -21.19 -43.76
C ASN N 565 54.13 -20.67 -42.39
N ILE N 566 54.44 -19.38 -42.34
CA ILE N 566 54.71 -18.68 -41.10
C ILE N 566 53.41 -17.98 -40.78
N GLY N 567 53.44 -17.01 -39.89
CA GLY N 567 52.21 -16.31 -39.57
C GLY N 567 51.72 -15.28 -40.58
N GLY N 568 51.59 -15.66 -41.86
CA GLY N 568 50.93 -14.81 -42.86
C GLY N 568 51.61 -13.46 -42.82
N MET N 569 50.95 -12.35 -43.17
CA MET N 569 49.64 -12.28 -43.79
C MET N 569 49.49 -10.91 -44.46
N LYS N 570 48.39 -10.75 -45.18
CA LYS N 570 48.27 -9.66 -46.14
C LYS N 570 46.80 -9.21 -46.31
N ILE N 571 46.59 -7.91 -46.41
CA ILE N 571 45.28 -7.41 -46.80
C ILE N 571 45.43 -6.59 -48.06
N VAL N 572 44.61 -6.88 -49.04
CA VAL N 572 44.79 -6.31 -50.33
C VAL N 572 43.72 -5.30 -50.70
N TYR N 573 44.16 -4.18 -51.25
CA TYR N 573 43.32 -3.22 -51.96
C TYR N 573 42.17 -3.88 -52.69
N GLU N 574 40.95 -3.37 -52.58
CA GLU N 574 39.88 -4.07 -53.28
C GLU N 574 38.57 -3.41 -53.74
N LYS N 575 38.64 -2.22 -54.30
CA LYS N 575 37.49 -1.65 -55.00
C LYS N 575 36.27 -1.49 -54.11
N SER N 576 35.11 -1.22 -54.70
CA SER N 576 33.91 -0.94 -53.92
C SER N 576 32.64 -0.79 -54.73
N GLN N 577 32.70 -0.13 -55.88
CA GLN N 577 31.48 0.17 -56.63
C GLN N 577 31.32 -0.75 -57.83
N LEU N 578 31.13 -2.05 -57.61
CA LEU N 578 31.29 -3.00 -58.69
C LEU N 578 30.17 -3.00 -59.73
N ALA N 579 28.94 -2.75 -59.29
CA ALA N 579 27.78 -2.89 -60.15
C ALA N 579 27.50 -1.60 -60.89
N PRO N 580 27.10 -1.73 -62.16
CA PRO N 580 26.81 -0.60 -63.04
C PRO N 580 25.56 0.13 -62.63
N ARG N 581 25.42 1.39 -63.00
CA ARG N 581 24.26 2.13 -62.58
C ARG N 581 23.42 2.58 -63.76
N LYS N 582 23.41 3.88 -64.01
CA LYS N 582 22.54 4.50 -64.99
C LYS N 582 22.60 5.97 -64.70
N LEU N 583 23.30 6.71 -65.52
CA LEU N 583 23.29 8.15 -65.34
C LEU N 583 22.00 8.72 -65.80
N TYR N 584 21.56 8.24 -66.95
CA TYR N 584 20.49 8.86 -67.70
C TYR N 584 19.60 7.81 -68.34
N GLY O 37 38.42 0.82 -3.92
CA GLY O 37 39.47 -0.08 -3.45
C GLY O 37 40.78 0.19 -4.18
N VAL O 38 41.66 -0.80 -4.22
CA VAL O 38 42.98 -0.64 -4.83
C VAL O 38 42.91 -0.19 -6.28
N GLY O 39 42.33 -1.00 -7.16
CA GLY O 39 42.41 -0.70 -8.57
C GLY O 39 41.29 0.17 -9.11
N ILE O 40 40.78 1.08 -8.28
CA ILE O 40 39.69 1.92 -8.72
C ILE O 40 39.89 3.39 -8.39
N SER O 41 39.93 4.23 -9.42
CA SER O 41 40.18 5.66 -9.25
C SER O 41 39.12 6.30 -8.43
N THR O 42 39.40 7.45 -7.84
CA THR O 42 38.44 8.09 -6.95
C THR O 42 38.15 9.52 -7.30
N GLY O 43 38.43 9.92 -8.52
CA GLY O 43 38.22 11.30 -8.89
C GLY O 43 38.49 11.55 -10.35
N THR O 44 38.33 12.81 -10.73
CA THR O 44 38.44 13.17 -12.13
C THR O 44 39.25 14.42 -12.38
N PHE O 45 40.20 14.33 -13.30
CA PHE O 45 41.02 15.47 -13.69
C PHE O 45 40.21 16.43 -14.48
N ASN O 46 40.22 17.69 -14.04
CA ASN O 46 39.49 18.72 -14.75
C ASN O 46 40.10 20.07 -14.54
N ASN O 47 40.72 20.60 -15.59
CA ASN O 47 41.31 21.93 -15.52
C ASN O 47 40.64 22.82 -16.52
N GLN O 48 39.32 22.71 -16.57
CA GLN O 48 38.52 23.33 -17.60
C GLN O 48 37.90 24.59 -17.02
N THR O 49 37.88 25.66 -17.79
CA THR O 49 37.37 26.92 -17.26
C THR O 49 36.12 27.40 -17.98
N GLU O 50 34.98 27.37 -17.29
CA GLU O 50 33.68 27.64 -17.92
C GLU O 50 33.18 29.05 -17.71
N PHE O 51 32.70 29.68 -18.78
CA PHE O 51 32.08 31.00 -18.67
C PHE O 51 30.62 30.86 -19.02
N LYS O 52 29.75 30.87 -18.02
CA LYS O 52 28.33 30.68 -18.28
C LYS O 52 27.61 32.00 -18.09
N PHE O 53 27.12 32.55 -19.19
CA PHE O 53 26.54 33.89 -19.21
C PHE O 53 25.09 33.86 -18.79
N LEU O 54 24.68 34.80 -17.97
CA LEU O 54 23.30 34.82 -17.51
C LEU O 54 22.64 36.12 -17.96
N GLU O 55 21.46 36.44 -17.44
CA GLU O 55 20.79 37.67 -17.87
C GLU O 55 21.22 38.89 -17.05
N ASN O 56 21.07 40.07 -17.65
CA ASN O 56 21.62 41.33 -17.17
C ASN O 56 23.15 41.24 -17.15
N GLY O 57 23.69 40.43 -18.06
CA GLY O 57 25.12 40.38 -18.24
C GLY O 57 25.93 39.97 -17.03
N TRP O 58 25.34 39.17 -16.14
CA TRP O 58 26.13 38.58 -15.08
C TRP O 58 26.67 37.27 -15.60
N VAL O 59 27.98 37.07 -15.44
CA VAL O 59 28.61 35.83 -15.88
C VAL O 59 29.11 35.02 -14.68
N TYR O 60 29.22 33.73 -14.86
CA TYR O 60 29.39 32.80 -13.77
C TYR O 60 30.66 32.03 -14.10
N ILE O 61 31.80 32.61 -13.76
CA ILE O 61 33.07 32.02 -14.12
C ILE O 61 33.42 30.91 -13.15
N THR O 62 33.47 29.69 -13.66
CA THR O 62 33.79 28.52 -12.85
C THR O 62 35.14 27.99 -13.22
N ALA O 63 36.16 28.34 -12.45
CA ALA O 63 37.50 27.93 -12.81
C ALA O 63 37.83 26.64 -12.11
N ASN O 64 38.06 25.60 -12.90
CA ASN O 64 38.50 24.33 -12.37
C ASN O 64 40.01 24.20 -12.50
N SER O 65 40.63 23.54 -11.53
CA SER O 65 42.07 23.38 -11.54
C SER O 65 42.46 22.02 -11.03
N SER O 66 43.37 21.35 -11.70
CA SER O 66 43.78 20.03 -11.26
C SER O 66 45.29 19.85 -11.40
N ARG O 67 45.92 19.18 -10.43
CA ARG O 67 47.37 18.96 -10.45
C ARG O 67 47.75 17.58 -9.92
N LEU O 68 48.85 17.02 -10.39
CA LEU O 68 49.41 15.86 -9.71
C LEU O 68 50.42 16.38 -8.71
N VAL O 69 50.38 15.88 -7.48
CA VAL O 69 51.22 16.43 -6.43
C VAL O 69 52.23 15.42 -5.86
N HIS O 70 53.45 15.87 -5.61
CA HIS O 70 54.53 15.00 -5.15
C HIS O 70 54.98 15.40 -3.74
N LEU O 71 55.14 14.42 -2.87
CA LEU O 71 55.41 14.68 -1.45
C LEU O 71 56.27 13.63 -0.80
N ASN O 72 57.38 14.06 -0.21
CA ASN O 72 58.26 13.13 0.48
C ASN O 72 58.01 13.20 1.96
N MET O 73 58.54 12.23 2.69
CA MET O 73 58.34 12.17 4.13
C MET O 73 59.11 13.32 4.79
N PRO O 74 58.71 13.70 6.01
CA PRO O 74 59.34 14.87 6.61
C PRO O 74 60.79 14.65 6.84
N GLU O 75 61.58 15.72 6.95
CA GLU O 75 62.98 15.59 7.30
C GLU O 75 63.06 14.83 8.63
N SER O 76 62.16 15.14 9.55
CA SER O 76 62.08 14.50 10.85
C SER O 76 60.69 14.71 11.37
N GLU O 77 60.19 13.75 12.13
CA GLU O 77 58.80 13.78 12.53
C GLU O 77 58.51 14.75 13.66
N ASN O 78 59.41 15.69 13.92
CA ASN O 78 59.26 16.55 15.08
C ASN O 78 58.99 18.00 14.76
N TYR O 79 58.38 18.68 15.72
CA TYR O 79 58.25 20.11 15.62
C TYR O 79 59.51 20.72 16.21
N ARG O 80 60.00 21.81 15.61
CA ARG O 80 61.22 22.45 16.06
C ARG O 80 61.07 23.95 16.22
N ARG O 81 61.63 24.51 17.29
CA ARG O 81 61.76 25.95 17.42
C ARG O 81 63.13 26.40 16.97
N VAL O 82 63.20 27.02 15.81
CA VAL O 82 64.48 27.46 15.27
C VAL O 82 64.58 28.99 15.24
N VAL O 83 65.75 29.51 15.58
CA VAL O 83 65.97 30.94 15.49
C VAL O 83 67.01 31.23 14.43
N VAL O 84 66.70 32.21 13.59
CA VAL O 84 67.60 32.67 12.56
C VAL O 84 68.20 34.00 12.99
N ASN O 85 69.50 34.17 12.80
CA ASN O 85 70.17 35.37 13.27
C ASN O 85 71.37 35.73 12.43
N ASN O 86 71.23 36.75 11.61
CA ASN O 86 72.34 37.21 10.79
C ASN O 86 72.98 38.49 11.36
N LEU O 87 73.75 38.33 12.43
CA LEU O 87 74.61 39.41 12.91
C LEU O 87 75.67 39.60 11.84
N ASP O 88 75.91 38.49 11.16
CA ASP O 88 76.72 38.40 9.95
C ASP O 88 76.54 39.61 9.04
N LYS O 89 75.30 40.01 8.85
CA LYS O 89 75.00 41.01 7.84
C LYS O 89 74.55 42.32 8.44
N THR O 90 73.94 42.28 9.61
CA THR O 90 73.36 43.48 10.21
C THR O 90 74.43 44.26 10.94
N ALA O 91 75.48 43.58 11.37
CA ALA O 91 76.54 44.22 12.13
C ALA O 91 77.38 45.17 11.28
N VAL O 92 77.13 45.17 9.98
CA VAL O 92 77.93 45.90 9.00
C VAL O 92 77.81 47.42 9.11
N ASN O 93 76.76 47.91 9.74
CA ASN O 93 76.49 49.35 9.87
C ASN O 93 76.07 49.91 8.54
N GLY O 94 74.84 50.38 8.46
CA GLY O 94 74.32 50.82 7.19
C GLY O 94 73.65 49.65 6.53
N ASN O 95 73.64 48.51 7.21
CA ASN O 95 73.03 47.33 6.67
C ASN O 95 71.76 46.93 7.43
N MET O 96 71.13 47.89 8.11
CA MET O 96 69.95 47.60 8.91
C MET O 96 68.82 46.96 8.07
N ALA O 97 68.64 47.44 6.85
CA ALA O 97 67.58 46.94 6.01
C ALA O 97 67.73 45.46 5.67
N LEU O 98 68.87 44.86 5.95
CA LEU O 98 69.07 43.47 5.57
C LEU O 98 68.80 42.53 6.71
N ASP O 99 68.07 42.98 7.70
CA ASP O 99 67.79 42.14 8.84
C ASP O 99 66.95 40.94 8.46
N ASP O 100 67.37 39.75 8.89
CA ASP O 100 66.58 38.54 8.69
C ASP O 100 66.29 37.86 10.02
N THR O 101 66.53 38.54 11.13
CA THR O 101 66.46 37.89 12.43
C THR O 101 65.05 37.53 12.82
N HIS O 102 64.80 36.24 13.06
CA HIS O 102 63.45 35.83 13.43
C HIS O 102 63.41 34.45 14.06
N ALA O 103 62.26 34.10 14.61
CA ALA O 103 62.07 32.77 15.17
C ALA O 103 60.89 32.08 14.50
N GLU O 104 60.93 30.75 14.48
CA GLU O 104 60.09 30.01 13.57
C GLU O 104 59.79 28.62 14.12
N ILE O 105 58.57 28.14 13.96
CA ILE O 105 58.30 26.74 14.29
C ILE O 105 58.29 25.91 13.01
N VAL O 106 59.12 24.88 12.94
CA VAL O 106 59.18 24.06 11.76
C VAL O 106 58.34 22.83 11.99
N THR O 107 57.38 22.57 11.10
CA THR O 107 56.44 21.51 11.33
C THR O 107 56.74 20.37 10.40
N PRO O 108 56.35 19.16 10.78
CA PRO O 108 56.49 18.02 9.88
C PRO O 108 55.42 18.00 8.84
N TRP O 109 54.60 19.02 8.76
CA TRP O 109 53.51 19.03 7.79
C TRP O 109 53.86 19.90 6.59
N SER O 110 53.27 19.58 5.44
CA SER O 110 53.40 20.42 4.26
C SER O 110 52.07 21.08 3.89
N LEU O 111 52.11 22.27 3.30
CA LEU O 111 50.90 23.04 2.99
C LEU O 111 50.59 23.13 1.50
N VAL O 112 49.34 22.81 1.15
CA VAL O 112 48.83 22.88 -0.22
C VAL O 112 48.11 24.19 -0.44
N ASP O 113 48.80 25.18 -0.97
CA ASP O 113 48.24 26.50 -1.15
C ASP O 113 47.94 26.71 -2.63
N ALA O 114 46.70 27.08 -2.95
CA ALA O 114 46.35 27.34 -4.34
C ALA O 114 45.88 28.78 -4.52
N ASN O 115 46.25 29.61 -3.57
CA ASN O 115 45.88 31.00 -3.56
C ASN O 115 46.82 31.83 -4.39
N ALA O 116 46.65 31.78 -5.71
CA ALA O 116 47.39 32.63 -6.65
C ALA O 116 46.69 32.55 -8.00
N TRP O 117 46.58 33.68 -8.69
CA TRP O 117 45.77 33.71 -9.90
C TRP O 117 46.19 32.65 -10.89
N GLY O 118 47.47 32.38 -10.93
CA GLY O 118 48.00 31.47 -11.91
C GLY O 118 47.59 30.02 -11.76
N VAL O 119 47.03 29.65 -10.62
CA VAL O 119 46.61 28.29 -10.45
C VAL O 119 45.31 28.07 -11.19
N TRP O 120 44.57 29.15 -11.40
CA TRP O 120 43.21 29.03 -11.90
C TRP O 120 43.00 29.50 -13.33
N PHE O 121 43.79 30.45 -13.79
CA PHE O 121 43.58 30.89 -15.14
C PHE O 121 44.82 30.87 -15.99
N ASN O 122 44.66 30.43 -17.22
CA ASN O 122 45.71 30.57 -18.21
C ASN O 122 45.61 31.96 -18.81
N PRO O 123 46.61 32.37 -19.59
CA PRO O 123 46.51 33.71 -20.17
C PRO O 123 45.22 33.95 -20.95
N GLY O 124 44.84 32.99 -21.79
CA GLY O 124 43.66 33.11 -22.61
C GLY O 124 42.44 33.43 -21.78
N ASP O 125 42.29 32.71 -20.67
CA ASP O 125 41.20 32.95 -19.73
C ASP O 125 41.29 34.37 -19.20
N TRP O 126 42.49 34.77 -18.81
CA TRP O 126 42.69 36.09 -18.24
C TRP O 126 42.37 37.20 -19.24
N GLN O 127 42.71 36.97 -20.49
CA GLN O 127 42.40 37.94 -21.50
C GLN O 127 40.92 38.17 -21.51
N LEU O 128 40.17 37.09 -21.57
CA LEU O 128 38.73 37.16 -21.65
C LEU O 128 38.16 37.95 -20.47
N ILE O 129 38.61 37.65 -19.28
CA ILE O 129 38.13 38.34 -18.07
C ILE O 129 38.40 39.83 -18.10
N VAL O 130 39.66 40.15 -18.30
CA VAL O 130 40.19 41.49 -18.16
C VAL O 130 39.68 42.47 -19.20
N ASN O 131 39.54 41.97 -20.42
CA ASN O 131 39.13 42.83 -21.50
C ASN O 131 37.66 43.09 -21.51
N THR O 132 36.87 42.14 -21.06
CA THR O 132 35.45 42.24 -21.34
C THR O 132 34.56 42.47 -20.12
N MET O 133 35.11 42.39 -18.92
CA MET O 133 34.26 42.51 -17.75
C MET O 133 34.65 43.66 -16.85
N SER O 134 33.67 44.22 -16.15
CA SER O 134 33.85 45.46 -15.43
C SER O 134 34.18 45.29 -13.96
N GLU O 135 33.69 44.22 -13.36
CA GLU O 135 33.99 43.92 -11.97
C GLU O 135 33.93 42.43 -11.72
N LEU O 136 34.22 42.01 -10.49
CA LEU O 136 34.45 40.60 -10.22
C LEU O 136 34.09 40.21 -8.80
N HIS O 137 33.22 39.22 -8.64
CA HIS O 137 32.87 38.77 -7.30
C HIS O 137 33.41 37.40 -7.04
N LEU O 138 33.82 37.18 -5.81
CA LEU O 138 34.38 35.91 -5.38
C LEU O 138 33.30 35.08 -4.70
N VAL O 139 32.95 33.96 -5.30
CA VAL O 139 31.77 33.25 -4.86
C VAL O 139 32.01 32.03 -3.97
N SER O 140 32.77 31.06 -4.45
CA SER O 140 32.91 29.85 -3.69
C SER O 140 34.22 29.18 -4.00
N PHE O 141 34.57 28.20 -3.17
CA PHE O 141 35.81 27.44 -3.31
C PHE O 141 35.69 26.08 -2.65
N GLU O 142 35.99 25.02 -3.41
CA GLU O 142 35.98 23.65 -2.88
C GLU O 142 37.17 22.90 -3.46
N GLN O 143 37.61 21.84 -2.80
CA GLN O 143 38.77 21.12 -3.29
C GLN O 143 38.77 19.67 -2.81
N GLU O 144 39.44 18.78 -3.53
CA GLU O 144 39.52 17.39 -3.10
C GLU O 144 40.83 16.76 -3.47
N ILE O 145 41.13 15.64 -2.85
CA ILE O 145 42.37 14.93 -3.09
C ILE O 145 42.04 13.50 -3.44
N PHE O 146 42.54 13.01 -4.57
CA PHE O 146 42.14 11.69 -5.05
C PHE O 146 43.24 10.93 -5.74
N ASN O 147 42.95 9.68 -6.05
CA ASN O 147 43.91 8.74 -6.60
C ASN O 147 45.22 8.78 -5.86
N VAL O 148 45.15 8.57 -4.55
CA VAL O 148 46.33 8.58 -3.71
C VAL O 148 47.21 7.38 -4.00
N VAL O 149 48.52 7.59 -4.07
CA VAL O 149 49.49 6.50 -4.24
C VAL O 149 50.64 6.69 -3.26
N LEU O 150 51.01 5.62 -2.56
CA LEU O 150 52.20 5.66 -1.72
C LEU O 150 53.13 4.56 -2.17
N LYS O 151 54.38 4.95 -2.41
CA LYS O 151 55.44 4.05 -2.84
C LYS O 151 56.64 4.18 -1.89
N THR O 152 57.37 3.08 -1.69
CA THR O 152 58.59 3.08 -0.89
C THR O 152 59.83 3.01 -1.77
N VAL O 153 60.88 3.77 -1.44
CA VAL O 153 62.14 3.64 -2.20
C VAL O 153 62.70 2.27 -1.92
N SER O 154 63.61 2.15 -0.95
CA SER O 154 64.06 0.82 -0.53
C SER O 154 64.52 -0.06 -1.70
N GLU O 155 65.76 -0.02 -2.14
CA GLU O 155 66.94 0.66 -1.66
C GLU O 155 67.67 0.27 -2.93
N SER O 156 68.39 -0.85 -2.86
CA SER O 156 67.97 -2.12 -3.50
C SER O 156 68.90 -2.92 -4.42
N ALA O 157 68.96 -2.66 -5.71
CA ALA O 157 69.05 -3.85 -6.56
C ALA O 157 69.48 -3.70 -8.01
N THR O 158 70.65 -4.21 -8.38
CA THR O 158 71.74 -4.74 -7.53
C THR O 158 72.94 -4.67 -8.46
N GLN O 159 74.15 -4.47 -7.91
CA GLN O 159 75.37 -3.97 -8.59
C GLN O 159 75.12 -2.97 -9.76
N PRO O 160 76.09 -2.07 -10.02
CA PRO O 160 76.16 -0.65 -10.38
C PRO O 160 75.52 0.43 -9.46
N PRO O 161 74.54 0.16 -8.57
CA PRO O 161 73.59 -0.87 -8.15
C PRO O 161 72.12 -0.44 -8.21
N THR O 162 71.88 0.82 -8.59
CA THR O 162 70.54 1.38 -8.85
C THR O 162 69.55 1.30 -7.67
N LYS O 163 68.42 1.98 -7.82
CA LYS O 163 67.36 1.99 -6.80
C LYS O 163 66.03 1.58 -7.43
N VAL O 164 65.09 1.09 -6.63
CA VAL O 164 63.82 0.60 -7.18
C VAL O 164 62.65 0.99 -6.28
N TYR O 165 61.52 1.28 -6.90
CA TYR O 165 60.37 1.78 -6.17
C TYR O 165 59.14 0.86 -6.23
N ASN O 166 58.64 0.39 -5.08
CA ASN O 166 57.45 -0.46 -5.06
C ASN O 166 56.28 0.17 -4.34
N ASN O 167 55.09 -0.30 -4.66
CA ASN O 167 53.88 0.16 -3.98
C ASN O 167 53.74 -0.42 -2.58
N ASP O 168 53.49 0.45 -1.60
CA ASP O 168 53.08 0.03 -0.26
C ASP O 168 51.59 0.24 -0.23
N LEU O 169 50.83 -0.81 -0.45
CA LEU O 169 49.41 -0.62 -0.63
C LEU O 169 48.75 -0.09 0.62
N THR O 170 49.16 -0.63 1.76
CA THR O 170 48.58 -0.31 3.06
C THR O 170 49.03 0.99 3.70
N ALA O 171 49.97 1.70 3.07
CA ALA O 171 50.49 2.93 3.64
C ALA O 171 49.48 4.03 3.53
N SER O 172 49.59 5.04 4.39
CA SER O 172 48.55 6.04 4.46
C SER O 172 49.05 7.43 4.25
N LEU O 173 48.23 8.27 3.63
CA LEU O 173 48.55 9.68 3.50
C LEU O 173 47.70 10.49 4.44
N MET O 174 48.33 11.28 5.29
CA MET O 174 47.62 12.07 6.29
C MET O 174 47.17 13.39 5.69
N VAL O 175 45.89 13.70 5.81
CA VAL O 175 45.35 14.95 5.29
C VAL O 175 44.58 15.64 6.39
N ALA O 176 44.80 16.94 6.55
CA ALA O 176 44.14 17.69 7.60
C ALA O 176 43.70 19.04 7.11
N LEU O 177 42.44 19.37 7.33
CA LEU O 177 41.89 20.63 6.89
C LEU O 177 41.50 21.51 8.04
N ASP O 178 42.15 22.64 8.18
CA ASP O 178 41.92 23.54 9.31
C ASP O 178 40.76 24.45 9.04
N SER O 179 39.56 23.89 9.04
CA SER O 179 38.40 24.63 8.59
C SER O 179 37.94 25.68 9.60
N ASN O 180 38.44 25.62 10.83
CA ASN O 180 38.13 26.66 11.77
C ASN O 180 39.11 27.81 11.80
N ASN O 181 40.08 27.77 10.90
CA ASN O 181 41.16 28.73 10.91
C ASN O 181 41.75 28.86 12.30
N THR O 182 42.12 27.71 12.86
CA THR O 182 42.77 27.65 14.16
C THR O 182 44.20 28.08 14.07
N MET O 183 44.81 27.85 12.92
CA MET O 183 46.25 27.96 12.82
C MET O 183 46.70 29.13 11.99
N PRO O 184 47.92 29.60 12.24
CA PRO O 184 48.38 30.87 11.69
C PRO O 184 48.25 30.92 10.18
N PHE O 185 47.76 32.03 9.65
CA PHE O 185 47.54 32.11 8.22
C PHE O 185 48.85 32.36 7.50
N THR O 186 49.22 31.46 6.61
CA THR O 186 50.47 31.57 5.89
C THR O 186 50.24 31.39 4.42
N PRO O 187 49.84 32.45 3.74
CA PRO O 187 49.66 32.43 2.29
C PRO O 187 51.00 32.29 1.62
N ALA O 188 51.16 31.28 0.80
CA ALA O 188 52.46 30.97 0.24
C ALA O 188 52.80 31.81 -0.98
N ALA O 189 51.87 32.63 -1.41
CA ALA O 189 52.09 33.43 -2.60
C ALA O 189 53.17 34.46 -2.38
N MET O 190 53.35 34.87 -1.13
CA MET O 190 54.30 35.89 -0.80
C MET O 190 55.71 35.40 -0.99
N ARG O 191 55.86 34.09 -1.05
CA ARG O 191 57.16 33.49 -1.14
C ARG O 191 57.22 32.66 -2.41
N SER O 192 56.26 32.92 -3.28
CA SER O 192 56.08 32.22 -4.55
C SER O 192 56.21 30.74 -4.38
N GLU O 193 55.40 30.20 -3.48
CA GLU O 193 55.45 28.80 -3.11
C GLU O 193 54.06 28.16 -3.12
N THR O 194 53.23 28.59 -4.05
CA THR O 194 51.92 27.99 -4.21
C THR O 194 52.07 26.74 -5.06
N LEU O 195 50.96 26.25 -5.59
CA LEU O 195 51.01 25.15 -6.53
C LEU O 195 51.49 25.66 -7.90
N GLY O 196 51.92 24.75 -8.76
CA GLY O 196 52.36 25.09 -10.11
C GLY O 196 51.30 25.69 -11.02
N PHE O 197 51.70 26.50 -11.98
CA PHE O 197 50.73 27.17 -12.83
C PHE O 197 50.44 26.43 -14.12
N TYR O 198 51.06 25.26 -14.31
CA TYR O 198 50.87 24.51 -15.53
C TYR O 198 50.20 23.22 -15.20
N PRO O 199 49.07 22.96 -15.83
CA PRO O 199 48.26 21.75 -15.65
C PRO O 199 48.99 20.48 -16.00
N TRP O 200 49.91 20.52 -16.96
CA TRP O 200 50.54 19.29 -17.40
C TRP O 200 51.86 19.06 -16.69
N LYS O 201 52.26 20.00 -15.87
CA LYS O 201 53.48 19.80 -15.14
C LYS O 201 53.21 19.63 -13.65
N PRO O 202 53.61 18.48 -13.10
CA PRO O 202 53.42 18.14 -11.70
C PRO O 202 53.94 19.19 -10.74
N THR O 203 53.55 19.09 -9.49
CA THR O 203 53.88 20.12 -8.52
C THR O 203 54.03 19.54 -7.13
N ILE O 204 54.24 20.43 -6.17
CA ILE O 204 54.55 20.03 -4.80
C ILE O 204 53.95 21.03 -3.86
N PRO O 205 53.68 20.61 -2.63
CA PRO O 205 53.33 21.56 -1.57
C PRO O 205 54.58 22.20 -1.02
N THR O 206 54.47 23.02 0.01
CA THR O 206 55.67 23.52 0.66
C THR O 206 55.64 23.21 2.14
N PRO O 207 56.80 22.86 2.71
CA PRO O 207 56.89 22.49 4.12
C PRO O 207 56.37 23.63 4.95
N TRP O 208 55.49 23.34 5.90
CA TRP O 208 54.83 24.39 6.64
C TRP O 208 55.68 24.88 7.81
N ARG O 209 55.56 26.16 8.08
CA ARG O 209 56.39 26.86 9.03
C ARG O 209 55.60 28.05 9.50
N TYR O 210 55.75 28.48 10.75
CA TYR O 210 55.05 29.68 11.15
C TYR O 210 55.80 30.46 12.20
N TYR O 211 55.40 31.72 12.36
CA TYR O 211 56.14 32.63 13.22
C TYR O 211 55.93 32.33 14.71
N PHE O 212 57.05 32.26 15.42
CA PHE O 212 57.10 32.06 16.85
C PHE O 212 57.69 33.31 17.46
N GLN O 213 57.20 33.75 18.63
CA GLN O 213 57.54 35.11 19.09
C GLN O 213 59.00 35.31 19.49
N TRP O 214 59.48 36.52 19.27
CA TRP O 214 60.80 36.90 19.70
C TRP O 214 60.88 38.40 19.94
N ASP O 215 61.60 38.82 20.99
CA ASP O 215 61.97 40.23 21.19
C ASP O 215 63.29 40.52 20.47
N ARG O 216 63.53 41.77 20.07
CA ARG O 216 64.68 42.09 19.21
C ARG O 216 64.93 43.59 19.06
N THR O 217 66.16 44.01 19.28
CA THR O 217 66.48 45.41 19.11
C THR O 217 67.61 45.58 18.11
N LEU O 218 67.46 46.58 17.23
CA LEU O 218 68.47 46.90 16.24
C LEU O 218 68.42 48.38 15.94
N ILE O 219 69.44 49.11 16.36
CA ILE O 219 69.56 50.55 16.13
C ILE O 219 70.23 50.85 14.80
N PRO O 220 69.66 51.76 14.01
CA PRO O 220 70.20 52.06 12.68
C PRO O 220 71.52 52.81 12.76
N SER O 221 72.19 52.90 11.61
CA SER O 221 73.51 53.48 11.53
C SER O 221 73.91 53.69 10.08
N HIS O 222 75.07 54.30 9.88
CA HIS O 222 75.62 54.45 8.54
C HIS O 222 77.07 54.03 8.52
N THR O 223 77.70 54.14 7.34
CA THR O 223 79.07 53.69 7.16
C THR O 223 80.07 54.46 8.01
N GLY O 224 79.86 55.76 8.13
CA GLY O 224 80.73 56.60 8.93
C GLY O 224 80.69 56.30 10.41
N THR O 225 79.51 55.89 10.89
CA THR O 225 79.27 55.62 12.31
C THR O 225 80.37 54.70 12.78
N SER O 226 80.98 55.01 13.91
CA SER O 226 81.98 54.10 14.43
C SER O 226 81.52 53.54 15.77
N GLY O 227 82.19 52.49 16.23
CA GLY O 227 81.73 51.81 17.40
C GLY O 227 80.75 50.75 16.92
N THR O 228 80.09 50.07 17.84
CA THR O 228 79.07 49.10 17.47
C THR O 228 77.69 49.43 18.03
N PRO O 229 76.75 49.79 17.14
CA PRO O 229 75.34 50.09 17.46
C PRO O 229 74.65 48.86 17.99
N THR O 230 73.85 48.99 19.06
CA THR O 230 73.31 47.81 19.72
C THR O 230 72.44 46.95 18.82
N ASN O 231 72.74 45.67 18.76
CA ASN O 231 72.12 44.74 17.84
C ASN O 231 71.97 43.39 18.50
N ILE O 232 70.89 43.22 19.24
CA ILE O 232 70.70 42.04 20.06
C ILE O 232 69.38 41.32 19.80
N TYR O 233 69.37 40.02 20.05
CA TYR O 233 68.19 39.17 20.05
C TYR O 233 67.86 38.85 21.50
N HIS O 234 66.83 39.46 22.05
CA HIS O 234 66.59 39.34 23.48
C HIS O 234 66.07 37.99 23.96
N GLY O 235 65.26 37.32 23.15
CA GLY O 235 64.69 36.03 23.55
C GLY O 235 63.23 35.92 23.17
N THR O 236 62.37 35.54 24.10
CA THR O 236 60.94 35.33 23.79
C THR O 236 60.02 35.82 24.93
N ASP O 237 59.15 36.78 24.64
CA ASP O 237 58.19 37.29 25.65
C ASP O 237 57.26 36.15 26.04
N PRO O 238 57.38 35.60 27.25
CA PRO O 238 56.55 34.46 27.63
C PRO O 238 55.06 34.79 27.52
N ASP O 239 54.70 36.05 27.63
CA ASP O 239 53.31 36.46 27.61
C ASP O 239 52.71 36.21 26.23
N ASP O 240 53.56 35.92 25.24
CA ASP O 240 53.17 35.83 23.84
C ASP O 240 53.44 34.47 23.17
N VAL O 241 53.68 33.44 23.96
CA VAL O 241 54.10 32.18 23.37
C VAL O 241 52.98 31.34 22.82
N GLN O 242 53.02 31.05 21.53
CA GLN O 242 52.03 30.17 20.96
C GLN O 242 52.59 29.05 20.09
N PHE O 243 52.65 27.86 20.67
CA PHE O 243 53.07 26.67 19.96
C PHE O 243 51.86 25.88 19.50
N TYR O 244 51.62 25.86 18.18
CA TYR O 244 50.47 25.17 17.59
C TYR O 244 50.85 23.80 17.03
N THR O 245 49.97 22.81 17.15
CA THR O 245 50.15 21.55 16.43
C THR O 245 48.91 21.19 15.65
N ILE O 246 49.15 20.64 14.46
CA ILE O 246 48.08 20.15 13.64
C ILE O 246 47.33 19.17 14.46
N GLU O 247 48.07 18.24 15.06
CA GLU O 247 47.48 17.09 15.72
C GLU O 247 46.48 17.42 16.82
N ASN O 248 46.73 18.49 17.58
CA ASN O 248 45.83 18.89 18.66
C ASN O 248 44.72 19.88 18.27
N SER O 249 44.72 20.35 17.04
CA SER O 249 43.76 21.37 16.66
C SER O 249 42.81 20.88 15.60
N VAL O 250 43.30 20.03 14.71
CA VAL O 250 42.55 19.65 13.54
C VAL O 250 42.42 18.15 13.34
N PRO O 251 41.24 17.71 12.93
CA PRO O 251 41.09 16.30 12.59
C PRO O 251 41.89 15.88 11.36
N VAL O 252 42.61 14.78 11.50
CA VAL O 252 43.46 14.28 10.45
C VAL O 252 42.93 13.01 9.80
N HIS O 253 42.79 13.01 8.49
CA HIS O 253 42.26 11.86 7.79
C HIS O 253 43.36 10.99 7.26
N LEU O 254 43.25 9.68 7.43
CA LEU O 254 44.21 8.79 6.81
C LEU O 254 43.68 8.30 5.48
N LEU O 255 44.33 8.68 4.37
CA LEU O 255 43.88 8.24 3.06
C LEU O 255 44.77 7.19 2.48
N ARG O 256 44.21 6.01 2.20
CA ARG O 256 44.96 5.02 1.46
C ARG O 256 44.61 5.20 0.00
N THR O 257 45.09 4.30 -0.85
CA THR O 257 44.88 4.43 -2.29
C THR O 257 43.43 4.60 -2.68
N GLY O 258 42.59 3.72 -2.17
CA GLY O 258 41.21 3.71 -2.59
C GLY O 258 40.38 4.76 -1.89
N ASP O 259 41.02 5.58 -1.06
CA ASP O 259 40.34 6.63 -0.32
C ASP O 259 40.43 7.99 -0.99
N GLU O 260 39.56 8.90 -0.58
CA GLU O 260 39.55 10.25 -1.10
C GLU O 260 39.10 11.21 -0.03
N PHE O 261 39.50 12.46 -0.16
CA PHE O 261 39.08 13.48 0.79
C PHE O 261 38.54 14.67 0.08
N ALA O 262 37.35 15.07 0.45
CA ALA O 262 36.75 16.22 -0.19
C ALA O 262 36.34 17.24 0.83
N THR O 263 36.49 18.50 0.48
CA THR O 263 36.12 19.57 1.38
C THR O 263 34.70 19.96 1.10
N GLY O 264 34.16 20.85 1.91
CA GLY O 264 32.84 21.34 1.61
C GLY O 264 32.91 22.31 0.46
N THR O 265 31.82 23.02 0.22
CA THR O 265 31.90 24.16 -0.65
C THR O 265 31.85 25.36 0.23
N PHE O 266 32.90 26.14 0.19
CA PHE O 266 32.97 27.32 1.00
C PHE O 266 32.42 28.51 0.25
N PHE O 267 31.56 29.28 0.88
CA PHE O 267 31.05 30.46 0.23
C PHE O 267 31.64 31.73 0.80
N PHE O 268 32.15 32.57 -0.07
CA PHE O 268 32.77 33.81 0.36
C PHE O 268 31.75 34.92 0.52
N ASP O 269 32.15 35.97 1.22
CA ASP O 269 31.51 37.27 1.05
C ASP O 269 32.55 38.34 1.24
N CYS O 270 32.81 39.06 0.17
CA CYS O 270 33.82 40.11 0.10
C CYS O 270 33.27 41.20 -0.79
N LYS O 271 33.98 42.31 -0.95
CA LYS O 271 33.49 43.35 -1.84
C LYS O 271 33.84 42.95 -3.25
N PRO O 272 33.22 43.59 -4.25
CA PRO O 272 33.64 43.27 -5.60
C PRO O 272 34.95 43.95 -5.95
N CYS O 273 35.76 43.27 -6.73
CA CYS O 273 36.98 43.84 -7.25
C CYS O 273 36.72 44.37 -8.64
N ARG O 274 37.21 45.57 -8.93
CA ARG O 274 36.85 46.22 -10.16
C ARG O 274 37.93 46.08 -11.19
N LEU O 275 37.56 45.97 -12.46
CA LEU O 275 38.57 45.79 -13.50
C LEU O 275 38.69 46.99 -14.43
N THR O 276 38.58 48.19 -13.87
CA THR O 276 38.80 49.43 -14.60
C THR O 276 39.61 50.38 -13.76
N HIS O 277 40.52 51.12 -14.39
CA HIS O 277 41.39 52.03 -13.69
C HIS O 277 40.91 53.46 -13.80
N THR O 278 41.22 54.27 -12.80
CA THR O 278 40.87 55.67 -12.88
C THR O 278 42.07 56.49 -13.28
N TRP O 279 41.85 57.52 -14.07
CA TRP O 279 42.97 58.31 -14.58
C TRP O 279 43.03 59.70 -14.00
N GLN O 280 41.97 60.14 -13.34
CA GLN O 280 41.89 61.54 -12.98
C GLN O 280 42.59 61.79 -11.67
N THR O 281 43.47 62.80 -11.66
CA THR O 281 44.07 63.27 -10.42
C THR O 281 43.32 64.53 -10.08
N ASN O 282 43.64 65.14 -8.95
CA ASN O 282 42.94 66.32 -8.53
C ASN O 282 42.86 67.36 -9.61
N ARG O 283 43.85 67.38 -10.48
CA ARG O 283 43.94 68.42 -11.47
C ARG O 283 42.91 68.25 -12.56
N ALA O 284 42.21 67.12 -12.53
CA ALA O 284 41.20 66.81 -13.56
C ALA O 284 39.85 66.41 -12.98
N LEU O 285 39.41 67.16 -11.98
CA LEU O 285 38.13 66.93 -11.35
C LEU O 285 37.22 68.09 -11.54
N GLY O 286 36.17 67.90 -12.31
CA GLY O 286 35.12 68.88 -12.35
C GLY O 286 35.05 69.71 -13.61
N LEU O 287 34.58 70.93 -13.46
CA LEU O 287 34.36 71.81 -14.59
C LEU O 287 35.62 72.54 -14.96
N PRO O 288 36.15 72.29 -16.17
CA PRO O 288 37.31 73.01 -16.69
C PRO O 288 37.05 74.51 -16.89
N PRO O 289 38.11 75.32 -16.81
CA PRO O 289 37.93 76.77 -16.82
C PRO O 289 37.48 77.22 -18.18
N PHE O 290 36.57 78.19 -18.24
CA PHE O 290 36.04 78.55 -19.54
C PHE O 290 37.09 79.19 -20.40
N LEU O 291 37.26 78.67 -21.61
CA LEU O 291 38.24 79.25 -22.51
C LEU O 291 37.66 80.36 -23.38
N ASN O 292 38.18 81.57 -23.20
CA ASN O 292 37.72 82.71 -23.96
C ASN O 292 38.40 82.89 -25.31
N SER O 293 39.49 82.15 -25.55
CA SER O 293 40.18 82.21 -26.84
C SER O 293 40.56 80.84 -27.36
N LEU O 294 39.83 80.36 -28.35
CA LEU O 294 40.07 79.03 -28.91
C LEU O 294 40.98 79.13 -30.11
N PRO O 295 41.81 78.09 -30.32
CA PRO O 295 42.77 78.04 -31.42
C PRO O 295 42.08 78.12 -32.76
N GLN O 296 42.77 78.60 -33.79
CA GLN O 296 42.15 78.64 -35.11
C GLN O 296 42.97 77.98 -36.20
N SER O 297 43.98 77.22 -35.83
CA SER O 297 44.61 76.31 -36.76
C SER O 297 45.09 75.07 -36.03
N GLU O 298 45.13 73.92 -36.71
CA GLU O 298 45.56 72.68 -36.08
C GLU O 298 47.04 72.76 -35.80
N GLY O 299 47.55 71.84 -34.99
CA GLY O 299 48.98 71.82 -34.77
C GLY O 299 49.40 71.51 -33.36
N GLY O 300 50.69 71.64 -33.11
CA GLY O 300 51.25 71.15 -31.87
C GLY O 300 51.50 72.27 -30.89
N THR O 301 51.38 73.51 -31.34
CA THR O 301 51.61 74.61 -30.42
C THR O 301 50.58 75.73 -30.47
N ASN O 302 49.47 75.53 -31.18
CA ASN O 302 48.39 76.52 -31.20
C ASN O 302 47.46 76.32 -30.02
N PHE O 303 47.93 76.72 -28.85
CA PHE O 303 47.19 76.49 -27.62
C PHE O 303 45.98 77.41 -27.54
N GLY O 304 45.05 77.06 -26.66
CA GLY O 304 43.94 77.94 -26.33
C GLY O 304 44.26 78.67 -25.04
N TYR O 305 43.61 79.81 -24.82
CA TYR O 305 43.94 80.64 -23.67
C TYR O 305 42.72 80.97 -22.83
N ILE O 306 42.84 80.84 -21.52
CA ILE O 306 41.73 81.14 -20.63
C ILE O 306 41.28 82.57 -20.87
N GLY O 307 42.23 83.49 -20.87
CA GLY O 307 41.91 84.84 -21.29
C GLY O 307 41.29 85.68 -20.21
N VAL O 308 41.58 85.34 -18.96
CA VAL O 308 41.21 86.21 -17.85
C VAL O 308 42.37 86.29 -16.87
N GLN O 309 42.62 87.48 -16.33
CA GLN O 309 43.73 87.64 -15.43
C GLN O 309 43.57 86.73 -14.24
N GLN O 310 44.64 86.02 -13.92
CA GLN O 310 44.57 85.00 -12.90
C GLN O 310 44.06 85.55 -11.58
N ASP O 311 44.20 86.85 -11.36
CA ASP O 311 43.78 87.39 -10.07
C ASP O 311 42.44 88.06 -10.22
N LYS O 312 41.86 87.97 -11.41
CA LYS O 312 40.56 88.58 -11.61
C LYS O 312 39.51 87.52 -11.95
N ARG O 313 39.78 86.28 -11.56
CA ARG O 313 38.92 85.15 -11.92
C ARG O 313 37.89 84.87 -10.84
N ARG O 314 36.75 84.29 -11.24
CA ARG O 314 35.71 83.92 -10.29
C ARG O 314 35.78 82.43 -10.04
N GLY O 315 35.48 82.00 -8.82
CA GLY O 315 35.59 80.61 -8.47
C GLY O 315 35.99 80.42 -7.02
N VAL O 316 36.28 79.18 -6.66
CA VAL O 316 36.51 78.87 -5.25
C VAL O 316 37.87 78.22 -4.98
N THR O 317 38.58 78.77 -3.99
CA THR O 317 39.80 78.15 -3.50
C THR O 317 39.83 78.14 -1.98
N GLN O 318 40.77 77.38 -1.46
CA GLN O 318 40.98 77.25 -0.04
C GLN O 318 42.18 78.09 0.39
N MET O 319 42.46 79.12 -0.39
CA MET O 319 43.55 80.02 -0.09
C MET O 319 43.02 81.38 0.24
N GLY O 320 42.78 81.61 1.53
CA GLY O 320 42.17 82.82 2.05
C GLY O 320 42.88 84.12 1.76
N ASN O 321 44.16 84.05 1.43
CA ASN O 321 44.96 85.22 1.12
C ASN O 321 44.73 85.79 -0.27
N THR O 322 45.25 85.09 -1.28
CA THR O 322 45.27 85.60 -2.65
C THR O 322 43.95 85.50 -3.38
N ASN O 323 43.86 86.28 -4.46
CA ASN O 323 42.74 86.25 -5.36
C ASN O 323 43.14 85.47 -6.58
N TYR O 324 44.29 84.80 -6.49
CA TYR O 324 44.75 83.95 -7.56
C TYR O 324 43.93 82.69 -7.61
N ILE O 325 43.39 82.37 -8.78
CA ILE O 325 42.68 81.12 -8.96
C ILE O 325 43.27 80.38 -10.13
N THR O 326 44.14 79.43 -9.85
CA THR O 326 44.76 78.70 -10.92
C THR O 326 44.43 77.24 -10.77
N GLU O 327 44.71 76.45 -11.80
CA GLU O 327 44.40 75.04 -11.77
C GLU O 327 45.02 74.31 -10.59
N ALA O 328 46.17 74.77 -10.10
CA ALA O 328 46.78 74.12 -8.94
C ALA O 328 46.21 74.67 -7.64
N THR O 329 45.46 75.75 -7.75
CA THR O 329 44.95 76.45 -6.59
C THR O 329 43.46 76.19 -6.35
N ILE O 330 42.70 76.12 -7.45
CA ILE O 330 41.25 75.94 -7.42
C ILE O 330 40.82 74.77 -6.55
N MET O 331 39.77 74.97 -5.78
CA MET O 331 39.28 73.91 -4.93
C MET O 331 38.91 72.69 -5.73
N ARG O 332 39.12 71.54 -5.13
CA ARG O 332 38.60 70.28 -5.65
C ARG O 332 37.85 69.66 -4.49
N PRO O 333 36.88 68.78 -4.79
CA PRO O 333 36.01 68.22 -3.74
C PRO O 333 36.76 67.43 -2.65
N ALA O 334 37.80 66.72 -3.05
CA ALA O 334 38.61 66.00 -2.09
C ALA O 334 39.98 65.74 -2.66
N GLU O 335 40.67 64.73 -2.16
CA GLU O 335 42.00 64.46 -2.66
C GLU O 335 42.15 63.05 -3.10
N VAL O 336 42.60 62.89 -4.32
CA VAL O 336 42.82 61.60 -4.89
C VAL O 336 44.21 61.15 -4.60
N GLY O 337 44.32 60.10 -3.82
CA GLY O 337 45.61 59.58 -3.42
C GLY O 337 46.20 60.27 -2.22
N TYR O 338 47.36 59.83 -1.79
CA TYR O 338 47.98 60.40 -0.61
C TYR O 338 49.48 60.26 -0.72
N SER O 339 50.21 61.12 -0.03
CA SER O 339 51.66 61.05 -0.01
C SER O 339 52.12 60.31 1.22
N ALA O 340 53.08 59.41 1.05
CA ALA O 340 53.52 58.59 2.15
C ALA O 340 55.04 58.57 2.27
N PRO O 341 55.55 58.31 3.48
CA PRO O 341 56.98 58.22 3.75
C PRO O 341 57.63 57.10 2.98
N TYR O 342 58.86 57.31 2.55
CA TYR O 342 59.55 56.35 1.72
C TYR O 342 61.03 56.68 1.74
N TYR O 343 61.92 55.69 1.84
CA TYR O 343 61.62 54.32 2.25
C TYR O 343 61.56 54.26 3.78
N SER O 344 60.38 54.39 4.37
CA SER O 344 60.33 54.46 5.82
C SER O 344 60.36 53.08 6.40
N PHE O 345 61.23 52.91 7.38
CA PHE O 345 61.25 51.70 8.17
C PHE O 345 60.85 52.10 9.58
N GLU O 346 59.98 51.30 10.18
CA GLU O 346 59.55 51.52 11.55
C GLU O 346 59.89 50.26 12.33
N ALA O 347 59.92 50.35 13.65
CA ALA O 347 60.33 49.20 14.43
C ALA O 347 59.49 49.00 15.66
N SER O 348 59.13 47.76 15.89
CA SER O 348 58.48 47.42 17.12
C SER O 348 59.00 46.10 17.57
N THR O 349 58.75 45.78 18.84
CA THR O 349 59.08 44.51 19.49
C THR O 349 59.99 43.54 18.76
N GLN O 350 59.76 43.30 17.48
CA GLN O 350 60.48 42.23 16.78
C GLN O 350 61.41 42.72 15.71
N GLY O 351 61.67 44.01 15.69
CA GLY O 351 62.62 44.55 14.75
C GLY O 351 61.99 45.57 13.82
N PRO O 352 62.77 46.03 12.84
CA PRO O 352 62.39 47.07 11.89
C PRO O 352 61.77 46.48 10.64
N PHE O 353 60.89 47.23 9.98
CA PHE O 353 60.21 46.75 8.79
C PHE O 353 59.77 47.93 7.95
N LYS O 354 59.66 47.76 6.63
CA LYS O 354 59.27 48.86 5.75
C LYS O 354 57.84 49.31 5.95
N THR O 355 57.62 50.61 5.85
CA THR O 355 56.28 51.17 5.88
C THR O 355 55.65 51.03 4.51
N PRO O 356 54.48 50.40 4.45
CA PRO O 356 53.81 50.10 3.18
C PRO O 356 53.02 51.24 2.55
N ILE O 357 52.92 51.23 1.23
CA ILE O 357 52.23 52.29 0.52
C ILE O 357 51.08 51.73 -0.29
N ALA O 358 50.02 52.50 -0.41
CA ALA O 358 48.81 52.06 -1.10
C ALA O 358 48.81 52.37 -2.59
N ALA O 359 48.99 53.63 -2.91
CA ALA O 359 48.65 54.15 -4.23
C ALA O 359 49.46 53.61 -5.41
N GLY O 360 49.72 54.52 -6.37
CA GLY O 360 50.52 54.27 -7.56
C GLY O 360 49.46 54.05 -8.62
N ARG O 361 49.61 54.45 -9.90
CA ARG O 361 50.70 55.16 -10.56
C ARG O 361 50.67 56.65 -10.22
N GLY O 362 51.83 57.31 -10.14
CA GLY O 362 51.82 58.76 -9.96
C GLY O 362 52.67 59.62 -10.87
N GLY O 363 53.70 59.02 -11.46
CA GLY O 363 54.59 59.76 -12.31
C GLY O 363 53.99 60.01 -13.67
N ALA O 364 54.62 60.90 -14.43
CA ALA O 364 54.20 61.17 -15.78
C ALA O 364 54.76 60.10 -16.73
N GLN O 365 55.04 60.53 -17.96
CA GLN O 365 55.53 59.64 -19.00
C GLN O 365 56.80 58.88 -18.64
N THR O 366 56.67 57.56 -18.51
CA THR O 366 57.79 56.64 -18.31
C THR O 366 58.81 57.00 -17.22
N ASP O 367 58.47 57.84 -16.25
CA ASP O 367 59.41 58.04 -15.14
C ASP O 367 58.61 57.94 -13.88
N GLU O 368 58.89 56.98 -13.04
CA GLU O 368 58.08 56.95 -11.86
C GLU O 368 58.86 56.72 -10.60
N ASN O 369 58.18 56.86 -9.48
CA ASN O 369 58.83 56.79 -8.21
C ASN O 369 58.43 55.53 -7.49
N GLN O 370 58.94 54.43 -8.03
CA GLN O 370 58.63 53.08 -7.58
C GLN O 370 58.70 52.86 -6.06
N ALA O 371 58.96 53.92 -5.30
CA ALA O 371 59.08 53.78 -3.87
C ALA O 371 58.00 54.58 -3.18
N ALA O 372 57.67 55.74 -3.73
CA ALA O 372 56.59 56.53 -3.18
C ALA O 372 55.23 56.02 -3.61
N ASP O 373 55.21 55.18 -4.63
CA ASP O 373 53.98 54.50 -5.05
C ASP O 373 53.90 53.11 -4.45
N GLY O 374 55.06 52.58 -4.11
CA GLY O 374 55.12 51.30 -3.45
C GLY O 374 54.72 50.27 -4.46
N ASP O 375 55.13 50.49 -5.69
CA ASP O 375 54.90 49.50 -6.72
C ASP O 375 55.60 48.21 -6.34
N PRO O 376 54.88 47.10 -6.35
CA PRO O 376 55.32 45.77 -5.94
C PRO O 376 56.23 45.07 -6.92
N ARG O 377 57.14 44.25 -6.40
CA ARG O 377 58.08 43.53 -7.23
C ARG O 377 58.10 42.03 -6.94
N TYR O 378 57.88 41.22 -7.97
CA TYR O 378 57.66 39.79 -7.78
C TYR O 378 58.83 38.94 -8.23
N ALA O 379 59.26 38.00 -7.39
CA ALA O 379 60.35 37.13 -7.77
C ALA O 379 59.90 35.68 -7.69
N PHE O 380 60.11 34.91 -8.76
CA PHE O 380 59.45 33.61 -8.88
C PHE O 380 60.23 32.66 -9.74
N GLY O 381 59.91 31.38 -9.70
CA GLY O 381 60.78 30.41 -10.33
C GLY O 381 60.25 29.19 -11.03
N ARG O 382 60.50 29.13 -12.32
CA ARG O 382 60.12 28.00 -13.16
C ARG O 382 58.73 27.45 -12.94
N GLN O 383 58.44 26.97 -11.74
CA GLN O 383 57.08 26.56 -11.42
C GLN O 383 56.06 27.70 -11.58
N HIS O 384 56.48 28.95 -11.49
CA HIS O 384 55.51 30.04 -11.43
C HIS O 384 55.72 31.13 -12.45
N GLY O 385 56.30 30.82 -13.60
CA GLY O 385 56.40 31.84 -14.64
C GLY O 385 57.71 31.94 -15.37
N GLN O 386 58.81 31.78 -14.64
CA GLN O 386 60.13 31.83 -15.25
C GLN O 386 60.24 30.76 -16.31
N LYS O 387 61.04 31.01 -17.33
CA LYS O 387 61.24 30.04 -18.39
C LYS O 387 61.71 28.71 -17.80
N THR O 388 61.02 27.63 -18.12
CA THR O 388 61.26 26.37 -17.44
C THR O 388 62.56 25.73 -17.89
N THR O 389 63.11 26.21 -18.98
CA THR O 389 64.39 25.70 -19.44
C THR O 389 65.56 26.45 -18.80
N THR O 390 65.27 27.58 -18.17
CA THR O 390 66.33 28.38 -17.56
C THR O 390 67.01 27.69 -16.41
N THR O 391 68.31 27.45 -16.55
CA THR O 391 69.10 26.96 -15.44
C THR O 391 69.66 28.10 -14.63
N GLY O 392 70.19 27.77 -13.45
CA GLY O 392 70.71 28.78 -12.57
C GLY O 392 69.67 29.08 -11.53
N GLU O 393 70.12 29.57 -10.39
CA GLU O 393 69.22 29.82 -9.27
C GLU O 393 68.75 31.28 -9.20
N THR O 394 69.01 32.04 -10.25
CA THR O 394 68.60 33.43 -10.24
C THR O 394 67.16 33.46 -10.70
N PRO O 395 66.28 34.10 -9.90
CA PRO O 395 64.84 34.20 -10.15
C PRO O 395 64.44 35.23 -11.20
N GLU O 396 63.28 35.06 -11.84
CA GLU O 396 62.73 36.04 -12.78
C GLU O 396 61.94 37.09 -12.03
N ARG O 397 61.90 38.30 -12.53
CA ARG O 397 61.27 39.33 -11.74
C ARG O 397 60.51 40.29 -12.61
N PHE O 398 59.66 41.10 -11.97
CA PHE O 398 59.01 42.20 -12.63
C PHE O 398 58.50 43.18 -11.59
N THR O 399 58.24 44.40 -12.00
CA THR O 399 57.61 45.37 -11.12
C THR O 399 56.30 45.82 -11.69
N TYR O 400 55.23 45.56 -10.98
CA TYR O 400 53.91 45.90 -11.49
C TYR O 400 53.67 47.38 -11.32
N ILE O 401 53.58 48.08 -12.45
CA ILE O 401 53.17 49.47 -12.39
C ILE O 401 51.75 49.63 -12.90
N ALA O 402 50.85 49.89 -11.97
CA ALA O 402 49.42 49.89 -12.23
C ALA O 402 49.02 50.96 -13.23
N HIS O 403 47.82 50.81 -13.77
CA HIS O 403 47.32 51.77 -14.73
C HIS O 403 46.63 52.93 -14.05
N GLN O 404 46.15 52.70 -12.84
CA GLN O 404 45.34 53.70 -12.17
C GLN O 404 46.19 54.84 -11.64
N ASP O 405 46.02 56.03 -12.19
CA ASP O 405 46.86 57.13 -11.79
C ASP O 405 46.41 57.75 -10.45
N THR O 406 46.86 57.17 -9.35
CA THR O 406 46.58 57.69 -8.01
C THR O 406 47.81 57.80 -7.09
N GLY O 407 49.01 57.74 -7.67
CA GLY O 407 50.22 57.82 -6.88
C GLY O 407 50.76 59.24 -6.83
N ARG O 408 52.05 59.36 -6.51
CA ARG O 408 52.69 60.66 -6.44
C ARG O 408 54.01 60.74 -7.21
N TYR O 409 54.37 61.95 -7.62
CA TYR O 409 55.67 62.23 -8.19
C TYR O 409 56.28 63.29 -7.32
N PRO O 410 56.83 62.91 -6.17
CA PRO O 410 57.28 63.80 -5.09
C PRO O 410 58.34 64.80 -5.51
N GLU O 411 59.00 64.53 -6.64
CA GLU O 411 59.97 65.46 -7.20
C GLU O 411 59.28 66.79 -7.45
N GLY O 412 58.00 66.73 -7.73
CA GLY O 412 57.21 67.91 -8.00
C GLY O 412 56.46 68.50 -6.83
N ASP O 413 56.70 67.98 -5.64
CA ASP O 413 56.01 68.46 -4.45
C ASP O 413 56.67 69.73 -3.98
N TRP O 414 55.94 70.56 -3.26
CA TRP O 414 56.57 71.72 -2.63
C TRP O 414 55.67 72.30 -1.59
N ILE O 415 56.21 73.25 -0.82
CA ILE O 415 55.48 73.92 0.25
C ILE O 415 55.77 75.41 0.33
N GLN O 416 54.78 76.25 0.13
CA GLN O 416 55.05 77.68 0.22
C GLN O 416 54.67 78.26 1.57
N ASN O 417 55.25 79.41 1.89
CA ASN O 417 54.91 80.12 3.09
C ASN O 417 53.53 80.71 2.97
N ILE O 418 52.92 80.92 4.13
CA ILE O 418 51.59 81.47 4.30
C ILE O 418 51.33 82.72 3.48
N ASN O 419 52.36 83.50 3.20
CA ASN O 419 52.18 84.82 2.62
C ASN O 419 51.92 84.83 1.13
N PHE O 420 52.39 83.79 0.45
CA PHE O 420 52.15 83.64 -0.98
C PHE O 420 52.52 84.89 -1.74
N ASN O 421 53.63 85.48 -1.36
CA ASN O 421 54.21 86.57 -2.10
C ASN O 421 55.08 85.97 -3.16
N LEU O 422 54.61 86.00 -4.39
CA LEU O 422 55.32 85.23 -5.40
C LEU O 422 55.65 86.10 -6.63
N PRO O 423 56.67 85.70 -7.42
CA PRO O 423 57.58 84.56 -7.36
C PRO O 423 58.24 84.40 -6.02
N VAL O 424 58.32 83.17 -5.54
CA VAL O 424 58.64 82.92 -4.14
C VAL O 424 60.14 82.86 -3.80
N THR O 425 60.51 83.49 -2.68
CA THR O 425 61.88 83.54 -2.20
C THR O 425 62.36 82.15 -1.85
N ASP O 426 63.65 81.90 -1.94
CA ASP O 426 64.24 80.63 -1.46
C ASP O 426 63.97 80.39 0.03
N ASP O 427 63.82 81.47 0.78
CA ASP O 427 63.55 81.38 2.19
C ASP O 427 62.09 81.11 2.49
N ASN O 428 61.23 81.26 1.50
CA ASN O 428 59.79 81.09 1.69
C ASN O 428 59.20 79.78 1.15
N VAL O 429 60.02 78.92 0.56
CA VAL O 429 59.52 77.67 0.01
C VAL O 429 60.39 76.50 0.46
N LEU O 430 59.79 75.33 0.59
CA LEU O 430 60.56 74.14 0.89
C LEU O 430 60.47 73.16 -0.27
N LEU O 431 61.59 72.90 -0.92
CA LEU O 431 61.59 72.05 -2.10
C LEU O 431 61.98 70.65 -1.74
N PRO O 432 61.74 69.70 -2.67
CA PRO O 432 62.27 68.36 -2.48
C PRO O 432 63.77 68.32 -2.75
N THR O 433 64.34 69.50 -2.98
CA THR O 433 65.76 69.65 -3.15
C THR O 433 66.41 70.01 -1.85
N ASP O 434 65.74 70.85 -1.09
CA ASP O 434 66.31 71.33 0.16
C ASP O 434 66.46 70.17 1.12
N PRO O 435 67.70 69.93 1.58
CA PRO O 435 68.07 68.83 2.46
C PRO O 435 67.52 69.04 3.83
N ILE O 436 67.26 67.93 4.50
CA ILE O 436 66.59 67.92 5.77
C ILE O 436 67.49 67.37 6.85
N GLY O 437 67.59 68.07 7.98
CA GLY O 437 68.45 67.60 9.05
C GLY O 437 69.89 67.49 8.61
N GLY O 438 70.26 68.30 7.64
CA GLY O 438 71.62 68.36 7.18
C GLY O 438 72.09 67.12 6.46
N LYS O 439 71.18 66.46 5.76
CA LYS O 439 71.57 65.31 4.96
C LYS O 439 71.34 65.62 3.51
N THR O 440 72.38 65.48 2.71
CA THR O 440 72.33 65.77 1.29
C THR O 440 71.22 65.03 0.58
N GLY O 441 71.09 63.74 0.90
CA GLY O 441 70.16 62.86 0.21
C GLY O 441 68.75 62.66 0.76
N ILE O 442 68.30 63.56 1.64
CA ILE O 442 66.96 63.46 2.19
C ILE O 442 66.22 64.79 2.06
N ASN O 443 64.94 64.76 1.67
CA ASN O 443 64.13 65.97 1.61
C ASN O 443 62.82 65.78 2.32
N TYR O 444 61.99 66.80 2.42
CA TYR O 444 60.85 66.69 3.30
C TYR O 444 59.86 65.63 2.83
N THR O 445 59.86 65.32 1.54
CA THR O 445 58.90 64.37 1.00
C THR O 445 59.11 62.94 1.49
N ASN O 446 60.28 62.63 1.99
CA ASN O 446 60.60 61.30 2.50
C ASN O 446 59.89 61.01 3.80
N ILE O 447 59.47 62.06 4.52
CA ILE O 447 58.80 61.86 5.79
C ILE O 447 57.38 62.38 5.74
N PHE O 448 56.97 62.75 4.54
CA PHE O 448 55.71 63.43 4.34
C PHE O 448 54.55 62.46 4.32
N ASN O 449 53.43 62.93 4.85
CA ASN O 449 52.20 62.14 4.92
C ASN O 449 50.96 63.00 4.80
N THR O 450 50.25 62.87 3.68
CA THR O 450 49.04 63.65 3.45
C THR O 450 47.78 62.81 3.42
N TYR O 451 47.79 61.71 4.17
CA TYR O 451 46.59 60.94 4.38
C TYR O 451 45.75 61.82 5.25
N GLY O 452 44.45 61.83 5.00
CA GLY O 452 43.56 62.73 5.70
C GLY O 452 42.14 62.41 5.37
N PRO O 453 41.22 63.06 6.08
CA PRO O 453 39.80 62.77 5.94
C PRO O 453 39.22 63.19 4.60
N LEU O 454 40.04 63.66 3.66
CA LEU O 454 39.58 63.99 2.32
C LEU O 454 40.17 63.07 1.30
N THR O 455 40.80 62.01 1.78
CA THR O 455 41.53 61.09 0.92
C THR O 455 40.67 60.06 0.20
N ALA O 456 40.91 59.84 -1.08
CA ALA O 456 40.21 58.80 -1.83
C ALA O 456 41.20 57.81 -2.45
N LEU O 457 40.80 56.55 -2.53
CA LEU O 457 41.70 55.45 -2.87
C LEU O 457 41.05 54.38 -3.70
N ASN O 458 41.84 53.60 -4.41
CA ASN O 458 41.31 52.35 -4.93
C ASN O 458 41.98 51.19 -4.24
N ASN O 459 41.42 50.01 -4.40
CA ASN O 459 42.05 48.81 -3.91
C ASN O 459 43.08 48.37 -4.91
N VAL O 460 43.97 47.48 -4.48
CA VAL O 460 45.05 47.01 -5.32
C VAL O 460 44.47 46.28 -6.50
N PRO O 461 45.12 46.43 -7.64
CA PRO O 461 44.71 45.67 -8.82
C PRO O 461 45.29 44.28 -8.76
N PRO O 462 44.62 43.29 -9.36
CA PRO O 462 45.13 41.93 -9.35
C PRO O 462 46.36 41.79 -10.22
N VAL O 463 47.34 41.06 -9.70
CA VAL O 463 48.59 40.88 -10.37
C VAL O 463 48.66 39.50 -10.96
N TYR O 464 48.39 39.35 -12.25
CA TYR O 464 48.43 38.02 -12.84
C TYR O 464 49.81 37.70 -13.34
N PRO O 465 50.29 36.48 -13.09
CA PRO O 465 49.70 35.35 -12.38
C PRO O 465 50.20 35.16 -10.97
N ASN O 466 51.20 35.91 -10.57
CA ASN O 466 51.85 35.65 -9.32
C ASN O 466 51.14 36.27 -8.14
N GLY O 467 50.09 37.04 -8.41
CA GLY O 467 49.36 37.74 -7.36
C GLY O 467 48.50 36.86 -6.48
N GLN O 468 48.31 37.28 -5.24
CA GLN O 468 47.43 36.57 -4.33
C GLN O 468 46.00 36.89 -4.70
N ILE O 469 45.09 35.99 -4.38
CA ILE O 469 43.69 36.23 -4.70
C ILE O 469 42.91 36.77 -3.51
N TRP O 470 42.86 35.99 -2.44
CA TRP O 470 42.18 36.41 -1.23
C TRP O 470 43.14 36.35 -0.05
N ASP O 471 42.79 37.03 1.04
CA ASP O 471 43.64 37.11 2.21
C ASP O 471 42.78 37.24 3.45
N LYS O 472 43.21 36.69 4.58
CA LYS O 472 42.48 36.82 5.82
C LYS O 472 42.55 38.22 6.37
N GLU O 473 41.57 38.63 7.13
CA GLU O 473 41.59 39.97 7.71
C GLU O 473 42.24 39.85 9.08
N PHE O 474 42.98 40.89 9.47
CA PHE O 474 43.65 40.91 10.76
C PHE O 474 42.61 40.84 11.84
N ASP O 475 42.84 40.06 12.88
CA ASP O 475 41.88 40.05 13.96
C ASP O 475 42.17 41.17 14.91
N THR O 476 42.24 42.37 14.38
CA THR O 476 42.46 43.56 15.17
C THR O 476 41.15 44.30 15.35
N ASP O 477 40.95 44.96 16.48
CA ASP O 477 39.66 45.59 16.73
C ASP O 477 39.27 46.63 15.66
N LEU O 478 40.25 47.35 15.11
CA LEU O 478 40.00 48.22 13.98
C LEU O 478 40.80 47.69 12.80
N LYS O 479 40.25 47.70 11.59
CA LYS O 479 40.85 46.96 10.47
C LYS O 479 41.35 47.87 9.34
N PRO O 480 42.21 47.35 8.45
CA PRO O 480 42.74 48.17 7.36
C PRO O 480 41.72 48.41 6.27
N ARG O 481 41.77 49.54 5.61
CA ARG O 481 40.85 49.77 4.52
C ARG O 481 41.20 48.93 3.30
N LEU O 482 42.38 48.32 3.29
CA LEU O 482 42.73 47.38 2.24
C LEU O 482 43.95 46.59 2.60
N HIS O 483 44.29 45.61 1.78
CA HIS O 483 45.53 44.89 1.92
C HIS O 483 46.25 45.11 0.64
N VAL O 484 47.56 45.01 0.63
CA VAL O 484 48.29 45.32 -0.56
C VAL O 484 48.65 44.08 -1.34
N ASN O 485 48.42 42.92 -0.75
CA ASN O 485 48.83 41.67 -1.37
C ASN O 485 47.73 40.97 -2.10
N ALA O 486 46.49 41.34 -1.84
CA ALA O 486 45.36 40.71 -2.51
C ALA O 486 44.16 41.63 -2.53
N PRO O 487 43.36 41.54 -3.60
CA PRO O 487 42.24 42.44 -3.68
C PRO O 487 41.09 42.00 -2.80
N PHE O 488 40.88 40.71 -2.62
CA PHE O 488 39.75 40.24 -1.84
C PHE O 488 40.10 39.92 -0.41
N VAL O 489 39.43 40.54 0.56
CA VAL O 489 39.66 40.18 1.96
C VAL O 489 38.40 39.73 2.72
N CYS O 490 38.46 38.51 3.26
CA CYS O 490 37.36 37.90 3.98
C CYS O 490 37.27 38.49 5.35
N GLN O 491 36.27 39.33 5.60
CA GLN O 491 36.13 39.84 6.94
C GLN O 491 35.22 38.88 7.67
N ASN O 492 34.68 37.96 6.88
CA ASN O 492 33.82 36.86 7.32
C ASN O 492 34.66 35.85 8.09
N ASN O 493 35.36 35.02 7.32
CA ASN O 493 36.21 33.91 7.75
C ASN O 493 36.79 33.32 6.46
N CYS O 494 38.08 33.00 6.41
CA CYS O 494 38.58 32.46 5.17
C CYS O 494 38.68 30.96 5.16
N PRO O 495 38.70 30.37 3.96
CA PRO O 495 38.89 28.94 3.83
C PRO O 495 40.08 28.50 4.59
N GLY O 496 39.94 27.34 5.22
CA GLY O 496 41.00 26.75 6.00
C GLY O 496 42.14 26.22 5.16
N GLN O 497 43.31 26.17 5.77
CA GLN O 497 44.46 25.69 5.05
C GLN O 497 44.47 24.19 4.97
N LEU O 498 45.03 23.67 3.89
CA LEU O 498 45.03 22.24 3.69
C LEU O 498 46.42 21.71 3.91
N PHE O 499 46.56 20.74 4.81
CA PHE O 499 47.87 20.20 5.16
C PHE O 499 47.99 18.72 4.89
N VAL O 500 49.11 18.31 4.33
CA VAL O 500 49.39 16.91 4.08
C VAL O 500 50.66 16.47 4.79
N LYS O 501 50.88 15.16 4.85
CA LYS O 501 52.06 14.62 5.53
C LYS O 501 52.12 13.14 5.27
N VAL O 502 53.28 12.61 4.93
CA VAL O 502 53.34 11.16 4.80
C VAL O 502 53.35 10.54 6.17
N ALA O 503 52.49 9.55 6.39
CA ALA O 503 52.42 8.90 7.68
C ALA O 503 53.67 8.09 7.94
N PRO O 504 54.14 8.07 9.17
CA PRO O 504 55.34 7.37 9.57
C PRO O 504 55.32 5.95 9.14
N ASN O 505 56.19 5.56 8.22
CA ASN O 505 56.23 4.18 7.79
C ASN O 505 57.34 3.42 8.49
N LEU O 506 57.08 2.85 9.65
CA LEU O 506 58.17 2.31 10.48
C LEU O 506 58.76 0.98 10.04
N THR O 507 60.04 0.81 10.38
CA THR O 507 60.76 -0.46 10.18
C THR O 507 60.46 -1.37 11.35
N ASN O 508 61.07 -2.55 11.38
CA ASN O 508 60.75 -3.48 12.46
C ASN O 508 61.40 -3.12 13.77
N GLN O 509 62.46 -2.34 13.70
CA GLN O 509 63.11 -1.90 14.91
C GLN O 509 62.72 -0.46 15.17
N TYR O 510 61.91 -0.27 16.19
CA TYR O 510 61.55 1.05 16.62
C TYR O 510 61.57 1.03 18.14
N ASP O 511 62.39 1.89 18.74
CA ASP O 511 62.39 2.04 20.18
C ASP O 511 62.18 3.50 20.48
N PRO O 512 61.00 3.84 20.97
CA PRO O 512 60.64 5.23 21.26
C PRO O 512 61.35 5.79 22.48
N ASP O 513 61.66 4.92 23.45
CA ASP O 513 62.35 5.35 24.65
C ASP O 513 63.77 5.73 24.32
N ALA O 514 64.24 5.34 23.14
CA ALA O 514 65.55 5.74 22.67
C ALA O 514 65.55 7.13 22.06
N SER O 515 66.60 7.88 22.35
CA SER O 515 66.80 9.21 21.79
C SER O 515 67.23 9.09 20.34
N ALA O 516 67.83 7.95 20.01
CA ALA O 516 68.37 7.65 18.69
C ALA O 516 67.40 7.95 17.55
N ASN O 517 67.94 8.06 16.33
CA ASN O 517 67.15 8.26 15.13
C ASN O 517 65.90 7.40 15.04
N MET O 518 64.82 8.02 14.64
CA MET O 518 63.67 7.29 14.18
C MET O 518 64.04 6.69 12.85
N SER O 519 64.07 5.37 12.81
CA SER O 519 64.35 4.70 11.57
C SER O 519 63.04 4.36 10.93
N ARG O 520 62.83 4.91 9.75
CA ARG O 520 61.62 4.75 8.98
C ARG O 520 61.95 4.23 7.62
N ILE O 521 61.07 3.45 7.05
CA ILE O 521 61.17 3.10 5.65
C ILE O 521 61.03 4.35 4.80
N VAL O 522 61.87 4.52 3.80
CA VAL O 522 61.75 5.72 2.99
C VAL O 522 60.50 5.63 2.18
N THR O 523 59.61 6.58 2.40
CA THR O 523 58.32 6.54 1.74
C THR O 523 57.98 7.91 1.18
N TYR O 524 57.25 7.94 0.07
CA TYR O 524 56.75 9.16 -0.54
C TYR O 524 55.40 8.95 -1.19
N SER O 525 54.72 10.05 -1.51
CA SER O 525 53.38 9.95 -2.09
C SER O 525 53.09 10.82 -3.29
N ASP O 526 52.31 10.28 -4.21
CA ASP O 526 51.77 11.02 -5.32
C ASP O 526 50.29 11.07 -5.12
N PHE O 527 49.71 12.27 -5.13
CA PHE O 527 48.27 12.38 -5.06
C PHE O 527 47.77 13.49 -5.95
N TRP O 528 46.52 13.39 -6.39
CA TRP O 528 45.97 14.42 -7.26
C TRP O 528 45.10 15.39 -6.49
N TRP O 529 45.16 16.64 -6.88
CA TRP O 529 44.40 17.67 -6.23
C TRP O 529 43.50 18.34 -7.24
N LYS O 530 42.23 18.49 -6.92
CA LYS O 530 41.31 19.20 -7.81
C LYS O 530 40.64 20.31 -7.02
N GLY O 531 40.52 21.50 -7.61
CA GLY O 531 39.89 22.61 -6.93
C GLY O 531 38.85 23.25 -7.83
N LYS O 532 37.87 23.92 -7.25
CA LYS O 532 36.90 24.66 -8.04
C LYS O 532 36.63 26.01 -7.44
N LEU O 533 37.02 27.04 -8.16
CA LEU O 533 36.89 28.41 -7.70
C LEU O 533 35.91 29.13 -8.57
N VAL O 534 34.87 29.66 -7.97
CA VAL O 534 33.82 30.28 -8.73
C VAL O 534 33.72 31.78 -8.54
N PHE O 535 33.68 32.51 -9.64
CA PHE O 535 33.55 33.95 -9.61
C PHE O 535 32.23 34.36 -10.22
N LYS O 536 31.75 35.55 -9.88
CA LYS O 536 30.56 36.04 -10.54
C LYS O 536 30.88 37.43 -11.04
N ALA O 537 30.82 37.61 -12.36
CA ALA O 537 31.20 38.87 -12.95
C ALA O 537 30.11 39.53 -13.77
N LYS O 538 30.41 40.74 -14.22
CA LYS O 538 29.49 41.64 -14.90
C LYS O 538 30.15 42.23 -16.15
N LEU O 539 29.50 42.16 -17.30
CA LEU O 539 30.08 42.67 -18.54
C LEU O 539 30.12 44.19 -18.61
N ARG O 540 31.21 44.75 -19.14
CA ARG O 540 31.37 46.20 -19.26
C ARG O 540 30.63 46.71 -20.46
N ALA O 541 30.47 48.02 -20.56
CA ALA O 541 29.89 48.57 -21.77
C ALA O 541 30.55 49.87 -22.19
N SER O 542 30.66 50.04 -23.50
CA SER O 542 31.30 51.21 -24.06
C SER O 542 30.43 52.43 -24.03
N HIS O 543 30.91 53.51 -23.43
CA HIS O 543 30.10 54.70 -23.56
C HIS O 543 30.86 55.94 -24.08
N THR O 544 32.02 55.70 -24.67
CA THR O 544 32.84 56.76 -25.25
C THR O 544 32.95 56.50 -26.72
N TRP O 545 33.34 57.51 -27.48
CA TRP O 545 33.51 57.36 -28.92
C TRP O 545 34.75 56.51 -29.26
N ASN O 546 35.81 56.73 -28.50
CA ASN O 546 37.07 56.08 -28.76
C ASN O 546 37.13 54.73 -28.16
N PRO O 547 37.89 53.83 -28.78
CA PRO O 547 38.13 52.55 -28.13
C PRO O 547 39.04 52.76 -26.97
N ILE O 548 39.41 51.67 -26.32
CA ILE O 548 40.17 51.71 -25.09
C ILE O 548 41.21 50.60 -25.04
N GLN O 549 42.06 50.62 -24.02
CA GLN O 549 43.10 49.61 -23.90
C GLN O 549 42.57 48.20 -23.75
N GLN O 550 43.17 47.24 -24.44
CA GLN O 550 42.88 45.82 -24.24
C GLN O 550 44.07 44.90 -24.56
N MET O 551 44.17 43.75 -23.89
CA MET O 551 45.23 42.78 -24.20
C MET O 551 45.15 42.27 -25.60
N SER O 552 46.30 41.91 -26.17
CA SER O 552 46.34 41.16 -27.42
C SER O 552 47.75 40.70 -27.74
N ILE O 553 47.91 40.06 -28.89
CA ILE O 553 49.22 39.90 -29.50
C ILE O 553 49.14 40.40 -30.93
N ASN O 554 50.06 41.23 -31.48
CA ASN O 554 51.42 41.70 -31.09
C ASN O 554 52.45 40.79 -31.64
N VAL O 555 53.33 41.37 -32.46
CA VAL O 555 54.41 40.61 -33.06
C VAL O 555 55.53 40.52 -32.08
N ASP O 556 55.66 41.57 -31.27
CA ASP O 556 56.36 41.47 -30.01
C ASP O 556 55.46 40.58 -29.20
N ASN O 557 55.81 40.26 -27.97
CA ASN O 557 54.81 39.68 -27.07
C ASN O 557 54.41 38.24 -27.47
N GLN O 558 53.99 38.06 -28.70
CA GLN O 558 53.56 36.79 -29.27
C GLN O 558 54.26 35.51 -28.80
N PHE O 559 55.49 35.58 -28.30
CA PHE O 559 56.17 34.32 -28.07
C PHE O 559 56.17 33.91 -26.61
N ASN O 560 55.52 34.68 -25.77
CA ASN O 560 55.44 34.29 -24.37
C ASN O 560 54.26 33.41 -24.11
N TYR O 561 53.62 32.96 -25.18
CA TYR O 561 52.36 32.28 -25.02
C TYR O 561 52.35 30.94 -25.73
N VAL O 562 53.52 30.43 -26.07
CA VAL O 562 53.66 29.13 -26.70
C VAL O 562 54.90 28.50 -26.13
N PRO O 563 55.02 27.18 -26.22
CA PRO O 563 56.25 26.55 -25.78
C PRO O 563 57.41 26.81 -26.75
N SER O 564 58.52 26.10 -26.57
CA SER O 564 59.73 26.33 -27.33
C SER O 564 60.12 25.04 -28.05
N ASN O 565 61.31 24.97 -28.63
CA ASN O 565 61.78 23.73 -29.26
C ASN O 565 61.76 22.56 -28.31
N ILE O 566 62.05 22.86 -27.06
CA ILE O 566 61.94 21.88 -26.00
C ILE O 566 60.61 22.20 -25.32
N GLY O 567 60.37 21.67 -24.13
CA GLY O 567 59.08 21.89 -23.49
C GLY O 567 58.79 23.26 -22.89
N GLY O 568 59.09 24.33 -23.63
CA GLY O 568 58.74 25.68 -23.20
C GLY O 568 59.34 25.86 -21.84
N MET O 569 58.76 26.65 -20.95
CA MET O 569 57.67 27.55 -21.21
C MET O 569 57.66 28.63 -20.17
N LYS O 570 56.81 29.63 -20.35
CA LYS O 570 56.89 30.87 -19.64
C LYS O 570 55.52 31.45 -19.39
N ILE O 571 55.31 32.04 -18.22
CA ILE O 571 54.10 32.80 -18.03
C ILE O 571 54.44 34.21 -17.60
N VAL O 572 53.84 35.17 -18.26
CA VAL O 572 54.28 36.54 -18.16
C VAL O 572 53.34 37.42 -17.40
N TYR O 573 53.92 38.27 -16.56
CA TYR O 573 53.28 39.43 -15.97
C TYR O 573 52.29 40.07 -16.94
N GLU O 574 51.07 40.39 -16.46
CA GLU O 574 50.11 40.95 -17.40
C GLU O 574 48.90 41.78 -16.98
N LYS O 575 49.07 42.66 -16.01
CA LYS O 575 48.09 43.73 -15.75
C LYS O 575 46.67 43.24 -15.50
N SER O 576 45.70 44.15 -15.45
CA SER O 576 44.32 43.78 -15.12
C SER O 576 43.27 44.87 -15.23
N GLN O 577 43.62 46.13 -15.01
CA GLN O 577 42.59 47.16 -15.00
C GLN O 577 42.66 48.03 -16.24
N LEU O 578 42.40 47.42 -17.38
CA LEU O 578 42.77 47.98 -18.66
C LEU O 578 41.89 49.09 -19.21
N ALA O 579 40.61 49.06 -18.89
CA ALA O 579 39.71 50.04 -19.43
C ALA O 579 39.58 51.18 -18.48
N PRO O 580 39.47 52.40 -19.00
CA PRO O 580 39.34 53.58 -18.17
C PRO O 580 38.02 53.62 -17.45
N ARG O 581 37.92 54.38 -16.36
CA ARG O 581 36.70 54.47 -15.59
C ARG O 581 36.13 55.85 -15.62
N LYS O 582 36.32 56.56 -14.52
CA LYS O 582 35.74 57.88 -14.27
C LYS O 582 35.68 58.10 -12.79
N LEU O 583 36.55 58.92 -12.24
CA LEU O 583 36.41 59.22 -10.83
C LEU O 583 35.18 60.04 -10.59
N TYR O 584 35.07 61.09 -11.38
CA TYR O 584 34.17 62.17 -11.12
C TYR O 584 33.60 62.61 -12.43
N GLY P 37 -2.88 59.95 60.04
CA GLY P 37 -1.72 59.85 60.92
C GLY P 37 -1.19 61.19 61.43
N VAL P 38 0.08 61.20 61.81
CA VAL P 38 0.70 62.40 62.33
C VAL P 38 0.62 63.55 61.35
N GLY P 39 1.28 63.41 60.22
CA GLY P 39 1.41 64.55 59.34
C GLY P 39 0.31 64.69 58.31
N ILE P 40 -0.90 64.32 58.68
CA ILE P 40 -2.02 64.38 57.73
C ILE P 40 -3.25 65.05 58.31
N SER P 41 -3.70 66.13 57.68
CA SER P 41 -4.84 66.87 58.17
C SER P 41 -6.10 66.04 58.10
N THR P 42 -7.05 66.34 58.97
CA THR P 42 -8.26 65.56 59.12
C THR P 42 -9.54 66.39 58.99
N GLY P 43 -9.46 67.53 58.30
CA GLY P 43 -10.63 68.36 58.14
C GLY P 43 -10.41 69.63 57.34
N THR P 44 -11.46 70.39 57.14
CA THR P 44 -11.42 71.57 56.30
C THR P 44 -12.05 72.75 56.99
N PHE P 45 -11.38 73.88 56.96
CA PHE P 45 -11.95 75.11 57.49
C PHE P 45 -12.99 75.69 56.55
N ASN P 46 -14.16 76.00 57.09
CA ASN P 46 -15.20 76.63 56.30
C ASN P 46 -16.13 77.47 57.14
N ASN P 47 -16.05 78.79 56.99
CA ASN P 47 -16.97 79.67 57.71
C ASN P 47 -17.79 80.44 56.69
N GLN P 48 -18.30 79.71 55.73
CA GLN P 48 -18.89 80.31 54.55
C GLN P 48 -20.38 80.24 54.75
N THR P 49 -21.13 81.25 54.28
CA THR P 49 -22.57 81.20 54.48
C THR P 49 -23.29 81.08 53.14
N GLU P 50 -23.93 79.94 52.90
CA GLU P 50 -24.56 79.69 51.61
C GLU P 50 -26.07 79.88 51.66
N PHE P 51 -26.59 80.60 50.66
CA PHE P 51 -28.02 80.82 50.50
C PHE P 51 -28.49 80.12 49.24
N LYS P 52 -29.21 79.00 49.37
CA LYS P 52 -29.68 78.27 48.20
C LYS P 52 -31.17 78.55 48.00
N PHE P 53 -31.50 79.22 46.92
CA PHE P 53 -32.89 79.60 46.65
C PHE P 53 -33.65 78.49 45.92
N LEU P 54 -34.89 78.24 46.33
CA LEU P 54 -35.73 77.20 45.73
C LEU P 54 -37.04 77.77 45.14
N GLU P 55 -37.97 76.88 44.79
CA GLU P 55 -39.25 77.31 44.25
C GLU P 55 -40.22 77.64 45.36
N ASN P 56 -41.20 78.48 45.04
CA ASN P 56 -42.16 79.02 46.00
C ASN P 56 -41.52 79.92 47.03
N GLY P 57 -40.36 80.48 46.69
CA GLY P 57 -39.67 81.40 47.56
C GLY P 57 -39.19 80.82 48.88
N TRP P 58 -38.90 79.51 48.92
CA TRP P 58 -38.25 78.94 50.09
C TRP P 58 -36.74 79.01 49.93
N VAL P 59 -36.06 79.53 50.94
CA VAL P 59 -34.62 79.59 50.88
C VAL P 59 -33.99 78.65 51.91
N TYR P 60 -32.77 78.23 51.60
CA TYR P 60 -32.07 77.19 52.32
C TYR P 60 -30.74 77.75 52.73
N ILE P 61 -30.79 78.42 53.87
CA ILE P 61 -29.64 79.11 54.39
C ILE P 61 -28.78 78.12 55.11
N THR P 62 -27.58 77.88 54.58
CA THR P 62 -26.64 76.94 55.22
C THR P 62 -25.45 77.68 55.82
N ALA P 63 -25.46 77.86 57.13
CA ALA P 63 -24.39 78.62 57.76
C ALA P 63 -23.26 77.73 58.24
N ASN P 64 -22.11 77.90 57.62
CA ASN P 64 -20.93 77.18 58.07
C ASN P 64 -20.07 78.00 59.00
N SER P 65 -19.54 77.34 60.01
CA SER P 65 -18.77 78.02 61.02
C SER P 65 -17.61 77.16 61.47
N SER P 66 -16.43 77.79 61.56
CA SER P 66 -15.25 77.08 62.00
C SER P 66 -14.43 77.96 62.93
N ARG P 67 -13.83 77.37 63.96
CA ARG P 67 -13.03 78.16 64.88
C ARG P 67 -11.80 77.36 65.30
N LEU P 68 -10.71 78.05 65.61
CA LEU P 68 -9.61 77.40 66.30
C LEU P 68 -9.79 77.57 67.80
N VAL P 69 -9.74 76.45 68.49
CA VAL P 69 -10.07 76.39 69.90
C VAL P 69 -8.88 76.00 70.77
N HIS P 70 -8.77 76.66 71.92
CA HIS P 70 -7.66 76.47 72.83
C HIS P 70 -8.16 75.89 74.14
N LEU P 71 -7.42 74.97 74.70
CA LEU P 71 -7.90 74.25 75.87
C LEU P 71 -6.77 73.84 76.78
N ASN P 72 -6.88 74.18 78.06
CA ASN P 72 -5.87 73.75 79.00
C ASN P 72 -6.37 72.60 79.85
N MET P 73 -5.45 71.92 80.53
CA MET P 73 -5.82 70.80 81.36
C MET P 73 -6.61 71.33 82.54
N PRO P 74 -7.39 70.46 83.17
CA PRO P 74 -8.26 70.97 84.23
C PRO P 74 -7.44 71.50 85.38
N GLU P 75 -7.95 72.46 86.15
CA GLU P 75 -7.23 72.91 87.32
C GLU P 75 -6.99 71.68 88.19
N SER P 76 -7.98 70.80 88.24
CA SER P 76 -7.80 69.50 88.87
C SER P 76 -8.70 68.47 88.22
N GLU P 77 -8.27 67.21 88.28
CA GLU P 77 -8.99 66.11 87.64
C GLU P 77 -10.15 65.60 88.46
N ASN P 78 -10.65 66.42 89.38
CA ASN P 78 -11.69 65.97 90.30
C ASN P 78 -13.01 66.70 90.13
N TYR P 79 -14.11 66.02 90.47
CA TYR P 79 -15.41 66.68 90.56
C TYR P 79 -15.53 67.29 91.93
N ARG P 80 -16.06 68.50 92.00
CA ARG P 80 -16.18 69.16 93.28
C ARG P 80 -17.57 69.72 93.49
N ARG P 81 -18.10 69.52 94.69
CA ARG P 81 -19.28 70.21 95.12
C ARG P 81 -18.88 71.44 95.92
N VAL P 82 -19.10 72.60 95.33
CA VAL P 82 -18.77 73.88 95.95
C VAL P 82 -20.03 74.67 96.32
N VAL P 83 -20.02 75.40 97.42
CA VAL P 83 -21.14 76.26 97.75
C VAL P 83 -20.74 77.73 97.74
N VAL P 84 -21.58 78.59 97.18
CA VAL P 84 -21.35 80.02 97.26
C VAL P 84 -22.37 80.68 98.17
N ASN P 85 -21.90 81.56 99.06
CA ASN P 85 -22.75 82.13 100.08
C ASN P 85 -22.31 83.54 100.38
N ASN P 86 -23.01 84.53 99.81
CA ASN P 86 -22.65 85.90 100.08
C ASN P 86 -23.56 86.49 101.14
N LEU P 87 -23.36 86.06 102.38
CA LEU P 87 -23.93 86.72 103.54
C LEU P 87 -23.30 88.11 103.53
N ASP P 88 -22.10 88.14 102.98
CA ASP P 88 -21.28 89.31 102.71
C ASP P 88 -22.12 90.49 102.24
N LYS P 89 -23.13 90.20 101.43
CA LYS P 89 -23.94 91.24 100.84
C LYS P 89 -25.39 91.19 101.28
N THR P 90 -25.87 90.01 101.63
CA THR P 90 -27.30 89.84 101.88
C THR P 90 -27.75 90.26 103.28
N ALA P 91 -26.84 90.25 104.22
CA ALA P 91 -27.17 90.64 105.58
C ALA P 91 -27.40 92.16 105.68
N VAL P 92 -27.15 92.86 104.58
CA VAL P 92 -27.19 94.32 104.55
C VAL P 92 -28.58 94.95 104.74
N ASN P 93 -29.64 94.18 104.50
CA ASN P 93 -31.04 94.67 104.57
C ASN P 93 -31.30 95.70 103.49
N GLY P 94 -32.18 95.35 102.57
CA GLY P 94 -32.41 96.18 101.40
C GLY P 94 -31.53 95.69 100.28
N ASN P 95 -30.81 94.63 100.58
CA ASN P 95 -29.91 94.02 99.62
C ASN P 95 -30.34 92.60 99.24
N MET P 96 -31.62 92.28 99.39
CA MET P 96 -32.07 90.92 99.10
C MET P 96 -31.85 90.55 97.64
N ALA P 97 -32.10 91.50 96.75
CA ALA P 97 -32.00 91.24 95.32
C ALA P 97 -30.59 90.87 94.89
N LEU P 98 -29.62 91.06 95.77
CA LEU P 98 -28.23 90.81 95.41
C LEU P 98 -27.75 89.42 95.82
N ASP P 99 -28.68 88.52 96.08
CA ASP P 99 -28.32 87.17 96.49
C ASP P 99 -27.61 86.43 95.38
N ASP P 100 -26.49 85.79 95.69
CA ASP P 100 -25.80 84.97 94.72
C ASP P 100 -25.65 83.56 95.27
N THR P 101 -26.37 83.28 96.34
CA THR P 101 -26.18 82.06 97.08
C THR P 101 -26.67 80.85 96.32
N HIS P 102 -25.80 79.88 96.09
CA HIS P 102 -26.17 78.67 95.36
C HIS P 102 -25.12 77.57 95.50
N ALA P 103 -25.43 76.35 95.06
CA ALA P 103 -24.46 75.25 95.11
C ALA P 103 -24.18 74.77 93.71
N GLU P 104 -23.05 74.10 93.53
CA GLU P 104 -22.51 73.88 92.19
C GLU P 104 -21.58 72.67 92.10
N ILE P 105 -21.69 71.89 91.06
CA ILE P 105 -20.73 70.81 90.83
C ILE P 105 -19.74 71.28 89.78
N VAL P 106 -18.46 71.29 90.13
CA VAL P 106 -17.50 71.77 89.19
C VAL P 106 -16.84 70.58 88.53
N THR P 107 -16.81 70.58 87.20
CA THR P 107 -16.29 69.44 86.46
C THR P 107 -15.00 69.75 85.75
N PRO P 108 -14.17 68.72 85.54
CA PRO P 108 -12.93 68.88 84.77
C PRO P 108 -13.20 68.89 83.29
N TRP P 109 -14.46 68.99 82.91
CA TRP P 109 -14.80 68.97 81.52
C TRP P 109 -15.06 70.37 81.07
N SER P 110 -14.82 70.64 79.80
CA SER P 110 -15.18 71.93 79.23
C SER P 110 -16.32 71.74 78.24
N LEU P 111 -17.11 72.79 78.05
CA LEU P 111 -18.26 72.71 77.18
C LEU P 111 -18.05 73.53 75.95
N VAL P 112 -18.29 72.92 74.80
CA VAL P 112 -18.23 73.61 73.52
C VAL P 112 -19.65 74.00 73.12
N ASP P 113 -19.99 75.26 73.38
CA ASP P 113 -21.32 75.75 73.08
C ASP P 113 -21.27 76.71 71.91
N ALA P 114 -22.06 76.48 70.87
CA ALA P 114 -22.10 77.41 69.74
C ALA P 114 -23.51 77.94 69.51
N ASN P 115 -24.30 77.91 70.58
CA ASN P 115 -25.68 78.33 70.58
C ASN P 115 -25.76 79.83 70.72
N ALA P 116 -25.52 80.55 69.63
CA ALA P 116 -25.71 81.99 69.60
C ALA P 116 -25.62 82.54 68.18
N TRP P 117 -26.46 83.50 67.85
CA TRP P 117 -26.56 83.94 66.47
C TRP P 117 -25.23 84.39 65.91
N GLY P 118 -24.42 84.96 66.79
CA GLY P 118 -23.14 85.53 66.41
C GLY P 118 -22.12 84.49 66.03
N VAL P 119 -22.38 83.23 66.34
CA VAL P 119 -21.45 82.19 65.99
C VAL P 119 -21.58 81.86 64.50
N TRP P 120 -22.74 82.15 63.93
CA TRP P 120 -23.07 81.65 62.62
C TRP P 120 -23.16 82.72 61.57
N PHE P 121 -23.55 83.92 61.96
CA PHE P 121 -23.74 84.96 60.96
C PHE P 121 -22.98 86.24 61.26
N ASN P 122 -22.42 86.81 60.20
CA ASN P 122 -21.82 88.12 60.28
C ASN P 122 -22.90 89.18 60.08
N PRO P 123 -22.56 90.46 60.28
CA PRO P 123 -23.57 91.50 60.04
C PRO P 123 -24.17 91.46 58.65
N GLY P 124 -23.36 91.26 57.62
CA GLY P 124 -23.85 91.18 56.26
C GLY P 124 -24.92 90.13 56.11
N ASP P 125 -24.67 88.95 56.67
CA ASP P 125 -25.63 87.87 56.63
C ASP P 125 -26.94 88.25 57.30
N TRP P 126 -26.87 88.78 58.51
CA TRP P 126 -28.09 89.10 59.25
C TRP P 126 -28.90 90.13 58.49
N GLN P 127 -28.22 91.04 57.81
CA GLN P 127 -28.90 92.04 56.99
C GLN P 127 -29.79 91.36 55.99
N LEU P 128 -29.22 90.42 55.24
CA LEU P 128 -29.97 89.73 54.19
C LEU P 128 -31.17 89.05 54.78
N ILE P 129 -30.94 88.31 55.86
CA ILE P 129 -31.98 87.50 56.47
C ILE P 129 -33.16 88.31 56.93
N VAL P 130 -32.86 89.33 57.72
CA VAL P 130 -33.88 90.14 58.36
C VAL P 130 -34.63 91.00 57.37
N ASN P 131 -33.92 91.53 56.39
CA ASN P 131 -34.56 92.46 55.49
C ASN P 131 -35.41 91.79 54.45
N THR P 132 -35.09 90.56 54.10
CA THR P 132 -35.74 90.03 52.93
C THR P 132 -36.68 88.85 53.18
N MET P 133 -36.67 88.29 54.37
CA MET P 133 -37.47 87.09 54.58
C MET P 133 -38.46 87.15 55.72
N SER P 134 -39.59 86.46 55.56
CA SER P 134 -40.74 86.65 56.43
C SER P 134 -40.77 85.71 57.63
N GLU P 135 -40.17 84.54 57.51
CA GLU P 135 -40.10 83.62 58.66
C GLU P 135 -38.88 82.72 58.60
N LEU P 136 -38.67 81.89 59.61
CA LEU P 136 -37.41 81.18 59.71
C LEU P 136 -37.54 79.84 60.40
N HIS P 137 -37.14 78.76 59.72
CA HIS P 137 -37.20 77.41 60.30
C HIS P 137 -35.85 76.83 60.60
N LEU P 138 -35.79 76.08 61.68
CA LEU P 138 -34.54 75.50 62.13
C LEU P 138 -34.48 74.07 61.61
N VAL P 139 -33.51 73.76 60.76
CA VAL P 139 -33.54 72.48 60.08
C VAL P 139 -32.64 71.39 60.66
N SER P 140 -31.34 71.62 60.64
CA SER P 140 -30.42 70.57 61.08
C SER P 140 -29.13 71.18 61.59
N PHE P 141 -28.37 70.37 62.32
CA PHE P 141 -27.14 70.84 62.94
C PHE P 141 -26.16 69.71 63.14
N GLU P 142 -24.96 69.88 62.62
CA GLU P 142 -23.94 68.87 62.78
C GLU P 142 -22.65 69.60 63.08
N GLN P 143 -21.73 68.91 63.73
CA GLN P 143 -20.46 69.54 64.06
C GLN P 143 -19.37 68.48 64.17
N GLU P 144 -18.13 68.91 63.93
CA GLU P 144 -16.99 67.99 64.05
C GLU P 144 -15.76 68.68 64.62
N ILE P 145 -14.81 67.86 65.07
CA ILE P 145 -13.57 68.33 65.65
C ILE P 145 -12.40 67.72 64.88
N PHE P 146 -11.44 68.52 64.42
CA PHE P 146 -10.37 67.98 63.58
C PHE P 146 -9.04 68.70 63.74
N ASN P 147 -8.01 68.13 63.12
CA ASN P 147 -6.66 68.66 63.27
C ASN P 147 -6.35 68.89 64.74
N VAL P 148 -6.50 67.86 65.53
CA VAL P 148 -6.19 67.96 66.93
C VAL P 148 -4.67 68.05 67.11
N VAL P 149 -4.23 68.95 67.98
CA VAL P 149 -2.82 69.10 68.31
C VAL P 149 -2.66 69.19 69.82
N LEU P 150 -1.76 68.39 70.36
CA LEU P 150 -1.46 68.46 71.78
C LEU P 150 0.00 68.76 71.96
N LYS P 151 0.29 69.75 72.79
CA LYS P 151 1.65 70.16 73.11
C LYS P 151 1.83 70.19 74.61
N THR P 152 3.04 69.90 75.08
CA THR P 152 3.37 70.04 76.49
C THR P 152 4.22 71.25 76.66
N VAL P 153 3.93 71.99 77.72
CA VAL P 153 4.69 73.17 78.10
C VAL P 153 6.05 72.69 78.52
N SER P 154 6.31 72.68 79.82
CA SER P 154 7.52 72.08 80.33
C SER P 154 8.81 72.41 79.56
N GLU P 155 9.47 73.54 79.82
CA GLU P 155 9.37 74.41 81.01
C GLU P 155 10.67 75.17 80.90
N SER P 156 11.22 75.49 82.06
CA SER P 156 12.62 75.76 82.29
C SER P 156 13.69 75.35 81.25
N ALA P 157 14.09 76.27 80.37
CA ALA P 157 15.17 76.03 79.39
C ALA P 157 15.52 77.29 78.60
N THR P 158 16.60 78.05 78.84
CA THR P 158 17.56 78.07 79.96
C THR P 158 18.25 79.44 79.77
N GLN P 159 18.85 80.01 80.81
CA GLN P 159 19.26 81.44 80.85
C GLN P 159 18.11 82.42 80.54
N PRO P 160 17.95 83.45 81.39
CA PRO P 160 16.84 84.30 81.83
C PRO P 160 15.42 83.82 82.21
N PRO P 161 15.04 82.52 82.14
CA PRO P 161 15.49 81.25 81.59
C PRO P 161 14.55 80.79 80.48
N THR P 162 13.45 81.53 80.30
CA THR P 162 12.47 81.31 79.23
C THR P 162 11.76 79.95 79.32
N LYS P 163 10.74 79.77 78.47
CA LYS P 163 9.95 78.55 78.45
C LYS P 163 9.81 77.98 77.04
N VAL P 164 9.53 76.68 76.94
CA VAL P 164 9.53 76.01 75.62
C VAL P 164 8.44 74.96 75.44
N TYR P 165 7.90 74.92 74.22
CA TYR P 165 6.75 74.10 73.89
C TYR P 165 7.04 73.01 72.86
N ASN P 166 6.82 71.76 73.23
CA ASN P 166 7.00 70.62 72.33
C ASN P 166 5.70 69.88 72.09
N ASN P 167 5.64 69.15 70.99
CA ASN P 167 4.51 68.30 70.69
C ASN P 167 4.56 67.01 71.48
N ASP P 168 3.46 66.62 72.11
CA ASP P 168 3.34 65.25 72.62
C ASP P 168 2.50 64.51 71.61
N LEU P 169 3.16 63.79 70.71
CA LEU P 169 2.42 63.19 69.61
C LEU P 169 1.46 62.15 70.13
N THR P 170 1.88 61.34 71.10
CA THR P 170 1.05 60.26 71.61
C THR P 170 -0.07 60.73 72.55
N ALA P 171 -0.08 62.03 72.84
CA ALA P 171 -1.06 62.59 73.75
C ALA P 171 -2.43 62.67 73.15
N SER P 172 -3.45 62.66 74.01
CA SER P 172 -4.83 62.55 73.58
C SER P 172 -5.73 63.65 74.10
N LEU P 173 -6.73 64.00 73.30
CA LEU P 173 -7.83 64.90 73.66
C LEU P 173 -9.13 64.12 73.81
N MET P 174 -9.74 64.19 74.99
CA MET P 174 -10.96 63.44 75.25
C MET P 174 -12.13 64.26 74.74
N VAL P 175 -12.98 63.64 73.92
CA VAL P 175 -14.15 64.32 73.41
C VAL P 175 -15.33 63.43 73.68
N ALA P 176 -16.40 64.02 74.21
CA ALA P 176 -17.58 63.27 74.60
C ALA P 176 -18.82 64.04 74.20
N LEU P 177 -19.75 63.35 73.54
CA LEU P 177 -20.97 63.99 73.08
C LEU P 177 -22.20 63.41 73.74
N ASP P 178 -22.91 64.22 74.50
CA ASP P 178 -24.07 63.75 75.26
C ASP P 178 -25.31 63.75 74.40
N SER P 179 -25.38 62.79 73.49
CA SER P 179 -26.42 62.82 72.46
C SER P 179 -27.78 62.47 73.01
N ASN P 180 -27.79 61.83 74.17
CA ASN P 180 -29.04 61.47 74.80
C ASN P 180 -29.66 62.55 75.69
N ASN P 181 -29.01 63.70 75.76
CA ASN P 181 -29.38 64.73 76.71
C ASN P 181 -29.57 64.13 78.09
N THR P 182 -28.60 63.34 78.51
CA THR P 182 -28.62 62.73 79.84
C THR P 182 -28.36 63.79 80.87
N MET P 183 -27.60 64.80 80.48
CA MET P 183 -27.02 65.72 81.44
C MET P 183 -27.59 67.12 81.39
N PRO P 184 -27.49 67.86 82.51
CA PRO P 184 -28.19 69.13 82.65
C PRO P 184 -27.92 70.11 81.53
N PHE P 185 -28.97 70.72 81.03
CA PHE P 185 -28.82 71.62 79.92
C PHE P 185 -28.35 72.96 80.43
N THR P 186 -27.18 73.38 79.94
CA THR P 186 -26.57 74.66 80.32
C THR P 186 -26.13 75.49 79.11
N PRO P 187 -27.06 76.21 78.49
CA PRO P 187 -26.72 77.07 77.36
C PRO P 187 -25.84 78.19 77.83
N ALA P 188 -24.68 78.36 77.21
CA ALA P 188 -23.68 79.33 77.66
C ALA P 188 -23.98 80.75 77.16
N ALA P 189 -25.02 80.89 76.37
CA ALA P 189 -25.35 82.20 75.84
C ALA P 189 -25.76 83.12 76.99
N MET P 190 -26.28 82.53 78.06
CA MET P 190 -26.79 83.30 79.18
C MET P 190 -25.72 83.98 79.98
N ARG P 191 -24.50 83.50 79.86
CA ARG P 191 -23.39 84.01 80.64
C ARG P 191 -22.36 84.56 79.66
N SER P 192 -22.81 84.73 78.42
CA SER P 192 -21.97 85.18 77.33
C SER P 192 -20.66 84.41 77.32
N GLU P 193 -20.75 83.10 77.29
CA GLU P 193 -19.58 82.23 77.36
C GLU P 193 -19.58 81.21 76.22
N THR P 194 -20.08 81.60 75.05
CA THR P 194 -20.09 80.70 73.91
C THR P 194 -18.79 80.82 73.12
N LEU P 195 -18.75 80.27 71.93
CA LEU P 195 -17.55 80.42 71.12
C LEU P 195 -17.49 81.83 70.57
N GLY P 196 -16.31 82.26 70.11
CA GLY P 196 -16.10 83.60 69.57
C GLY P 196 -16.90 83.91 68.32
N PHE P 197 -17.16 85.18 68.08
CA PHE P 197 -17.99 85.59 66.95
C PHE P 197 -17.18 85.95 65.74
N TYR P 198 -15.86 85.82 65.88
CA TYR P 198 -14.96 86.19 64.82
C TYR P 198 -14.29 84.94 64.35
N PRO P 199 -14.35 84.69 63.04
CA PRO P 199 -13.72 83.55 62.38
C PRO P 199 -12.20 83.55 62.45
N TRP P 200 -11.58 84.72 62.37
CA TRP P 200 -10.13 84.76 62.28
C TRP P 200 -9.49 84.92 63.64
N LYS P 201 -10.30 84.96 64.69
CA LYS P 201 -9.78 85.04 66.04
C LYS P 201 -10.10 83.77 66.83
N PRO P 202 -9.06 83.06 67.32
CA PRO P 202 -9.27 81.81 68.06
C PRO P 202 -10.10 82.00 69.30
N THR P 203 -10.55 80.90 69.87
CA THR P 203 -11.44 80.97 70.99
C THR P 203 -11.26 79.81 71.93
N ILE P 204 -12.16 79.71 72.88
CA ILE P 204 -12.04 78.76 73.96
C ILE P 204 -13.41 78.31 74.36
N PRO P 205 -13.49 77.12 74.94
CA PRO P 205 -14.69 76.60 75.60
C PRO P 205 -14.86 77.17 76.98
N THR P 206 -15.86 76.72 77.74
CA THR P 206 -15.99 77.14 79.12
C THR P 206 -16.07 75.97 80.04
N PRO P 207 -15.41 76.08 81.19
CA PRO P 207 -15.35 75.00 82.15
C PRO P 207 -16.73 74.61 82.51
N TRP P 208 -17.02 73.32 82.47
CA TRP P 208 -18.37 72.90 82.68
C TRP P 208 -18.65 72.70 84.16
N ARG P 209 -19.86 73.11 84.54
CA ARG P 209 -20.33 73.22 85.91
C ARG P 209 -21.84 73.22 85.85
N TYR P 210 -22.51 72.67 86.87
CA TYR P 210 -23.96 72.66 86.84
C TYR P 210 -24.59 72.77 88.22
N TYR P 211 -25.88 73.04 88.28
CA TYR P 211 -26.50 73.25 89.58
C TYR P 211 -26.69 71.95 90.36
N PHE P 212 -26.37 72.01 91.65
CA PHE P 212 -26.57 70.93 92.62
C PHE P 212 -27.57 71.44 93.68
N GLN P 213 -28.48 70.60 94.17
CA GLN P 213 -29.57 71.13 94.99
C GLN P 213 -29.16 71.69 96.35
N TRP P 214 -29.90 72.71 96.78
CA TRP P 214 -29.73 73.32 98.10
C TRP P 214 -31.03 73.94 98.62
N ASP P 215 -31.31 73.80 99.92
CA ASP P 215 -32.40 74.55 100.61
C ASP P 215 -31.85 75.90 101.07
N ARG P 216 -32.71 76.90 101.23
CA ARG P 216 -32.24 78.26 101.47
C ARG P 216 -33.38 79.22 101.77
N THR P 217 -33.25 80.00 102.83
CA THR P 217 -34.28 80.96 103.18
C THR P 217 -33.71 82.35 103.27
N LEU P 218 -34.45 83.34 102.78
CA LEU P 218 -34.05 84.73 102.93
C LEU P 218 -35.29 85.62 102.98
N ILE P 219 -35.57 86.19 104.14
CA ILE P 219 -36.70 87.09 104.32
C ILE P 219 -36.33 88.49 103.89
N PRO P 220 -37.15 89.11 103.03
CA PRO P 220 -36.82 90.43 102.51
C PRO P 220 -36.91 91.49 103.59
N SER P 221 -36.36 92.66 103.31
CA SER P 221 -36.25 93.72 104.29
C SER P 221 -35.89 95.05 103.63
N HIS P 222 -35.88 96.13 104.41
CA HIS P 222 -35.46 97.42 103.89
C HIS P 222 -34.42 98.01 104.81
N THR P 223 -33.93 99.20 104.44
CA THR P 223 -32.83 99.84 105.16
C THR P 223 -33.23 100.19 106.58
N GLY P 224 -34.47 100.62 106.75
CA GLY P 224 -34.98 100.99 108.05
C GLY P 224 -35.13 99.84 109.00
N THR P 225 -35.41 98.66 108.46
CA THR P 225 -35.68 97.45 109.23
C THR P 225 -34.59 97.23 110.27
N SER P 226 -35.01 96.97 111.50
CA SER P 226 -34.06 96.57 112.52
C SER P 226 -34.23 95.10 112.86
N GLY P 227 -33.27 94.59 113.63
CA GLY P 227 -33.10 93.16 113.73
C GLY P 227 -32.17 92.64 112.65
N THR P 228 -32.05 91.32 112.60
CA THR P 228 -31.34 90.67 111.52
C THR P 228 -32.37 89.73 110.92
N PRO P 229 -32.82 90.04 109.69
CA PRO P 229 -33.82 89.21 109.02
C PRO P 229 -33.24 87.84 108.74
N THR P 230 -33.99 86.78 109.00
CA THR P 230 -33.43 85.43 108.93
C THR P 230 -32.91 85.15 107.52
N ASN P 231 -31.66 84.69 107.45
CA ASN P 231 -30.93 84.56 106.20
C ASN P 231 -29.98 83.37 106.26
N ILE P 232 -30.52 82.21 106.00
CA ILE P 232 -29.81 80.96 106.26
C ILE P 232 -29.67 80.09 105.03
N TYR P 233 -28.61 79.27 105.01
CA TYR P 233 -28.40 78.24 104.01
C TYR P 233 -28.64 76.92 104.73
N HIS P 234 -29.80 76.33 104.48
CA HIS P 234 -30.23 75.15 105.21
C HIS P 234 -29.38 73.91 104.94
N GLY P 235 -28.96 73.70 103.70
CA GLY P 235 -28.20 72.51 103.36
C GLY P 235 -28.61 71.88 102.05
N THR P 236 -28.88 70.58 102.06
CA THR P 236 -29.23 69.87 100.84
C THR P 236 -30.26 68.75 101.06
N ASP P 237 -31.40 68.84 100.38
CA ASP P 237 -32.49 67.85 100.44
C ASP P 237 -32.03 66.56 99.81
N PRO P 238 -31.89 65.48 100.60
CA PRO P 238 -31.38 64.22 100.06
C PRO P 238 -32.25 63.66 98.93
N ASP P 239 -33.53 63.98 98.91
CA ASP P 239 -34.44 63.44 97.90
C ASP P 239 -34.23 64.12 96.54
N ASP P 240 -33.41 65.16 96.50
CA ASP P 240 -33.24 65.95 95.29
C ASP P 240 -31.79 65.92 94.76
N VAL P 241 -30.98 64.99 95.27
CA VAL P 241 -29.55 64.96 94.92
C VAL P 241 -29.26 64.27 93.60
N GLN P 242 -28.63 65.02 92.69
CA GLN P 242 -28.20 64.44 91.42
C GLN P 242 -26.77 64.79 91.01
N PHE P 243 -25.88 63.82 91.20
CA PHE P 243 -24.47 63.95 90.83
C PHE P 243 -24.18 63.25 89.50
N TYR P 244 -23.94 64.04 88.47
CA TYR P 244 -23.70 63.51 87.13
C TYR P 244 -22.23 63.47 86.83
N THR P 245 -21.78 62.44 86.11
CA THR P 245 -20.44 62.47 85.53
C THR P 245 -20.54 62.20 84.06
N ILE P 246 -19.67 62.84 83.32
CA ILE P 246 -19.50 62.52 81.94
C ILE P 246 -19.18 61.05 81.79
N GLU P 247 -18.22 60.57 82.57
CA GLU P 247 -17.65 59.24 82.38
C GLU P 247 -18.68 58.13 82.45
N ASN P 248 -19.64 58.23 83.35
CA ASN P 248 -20.64 57.18 83.49
C ASN P 248 -21.89 57.35 82.64
N SER P 249 -21.99 58.43 81.90
CA SER P 249 -23.21 58.69 81.15
C SER P 249 -22.98 58.68 79.64
N VAL P 250 -21.78 59.07 79.22
CA VAL P 250 -21.48 59.32 77.82
C VAL P 250 -20.27 58.54 77.35
N PRO P 251 -20.33 58.01 76.13
CA PRO P 251 -19.13 57.40 75.57
C PRO P 251 -18.10 58.45 75.23
N VAL P 252 -16.87 58.19 75.64
CA VAL P 252 -15.79 59.12 75.46
C VAL P 252 -14.85 58.68 74.36
N HIS P 253 -14.52 59.61 73.46
CA HIS P 253 -13.58 59.33 72.38
C HIS P 253 -12.23 59.92 72.67
N LEU P 254 -11.18 59.12 72.52
CA LEU P 254 -9.84 59.68 72.64
C LEU P 254 -9.33 60.07 71.27
N LEU P 255 -9.04 61.34 71.06
CA LEU P 255 -8.51 61.77 69.77
C LEU P 255 -7.02 62.07 69.87
N ARG P 256 -6.20 61.39 69.08
CA ARG P 256 -4.81 61.80 68.95
C ARG P 256 -4.72 62.71 67.73
N THR P 257 -3.53 63.11 67.35
CA THR P 257 -3.36 64.11 66.31
C THR P 257 -4.08 63.75 65.04
N GLY P 258 -3.87 62.52 64.63
CA GLY P 258 -4.42 62.03 63.38
C GLY P 258 -5.85 61.56 63.47
N ASP P 259 -6.47 61.70 64.65
CA ASP P 259 -7.84 61.28 64.81
C ASP P 259 -8.80 62.43 64.57
N GLU P 260 -10.06 62.11 64.29
CA GLU P 260 -11.11 63.10 64.11
C GLU P 260 -12.45 62.62 64.70
N PHE P 261 -13.30 63.56 65.06
CA PHE P 261 -14.62 63.22 65.57
C PHE P 261 -15.67 64.05 64.94
N ALA P 262 -16.68 63.42 64.38
CA ALA P 262 -17.81 64.17 63.83
C ALA P 262 -19.11 63.57 64.33
N THR P 263 -20.07 64.44 64.55
CA THR P 263 -21.37 64.01 65.01
C THR P 263 -22.21 63.70 63.80
N GLY P 264 -23.40 63.17 64.02
CA GLY P 264 -24.31 62.94 62.91
C GLY P 264 -24.89 64.25 62.45
N THR P 265 -25.99 64.17 61.71
CA THR P 265 -26.76 65.36 61.46
C THR P 265 -28.03 65.28 62.28
N PHE P 266 -28.18 66.21 63.21
CA PHE P 266 -29.36 66.26 64.01
C PHE P 266 -30.40 67.08 63.31
N PHE P 267 -31.61 66.55 63.21
CA PHE P 267 -32.69 67.29 62.59
C PHE P 267 -33.67 67.79 63.60
N PHE P 268 -33.98 69.08 63.52
CA PHE P 268 -34.83 69.70 64.51
C PHE P 268 -36.28 69.47 64.22
N ASP P 269 -37.10 69.79 65.20
CA ASP P 269 -38.52 69.96 64.97
C ASP P 269 -39.06 71.04 65.88
N CYS P 270 -39.48 72.15 65.27
CA CYS P 270 -40.05 73.28 65.99
C CYS P 270 -41.03 74.09 65.15
N LYS P 271 -41.53 75.14 65.77
CA LYS P 271 -42.40 76.15 65.15
C LYS P 271 -41.53 77.09 64.31
N PRO P 272 -42.13 77.84 63.39
CA PRO P 272 -41.38 78.87 62.68
C PRO P 272 -41.13 80.11 63.51
N CYS P 273 -40.00 80.79 63.31
CA CYS P 273 -39.79 82.08 63.93
C CYS P 273 -40.06 83.16 62.89
N ARG P 274 -40.82 84.18 63.26
CA ARG P 274 -41.24 85.17 62.29
C ARG P 274 -40.40 86.42 62.37
N LEU P 275 -40.18 87.04 61.22
CA LEU P 275 -39.33 88.21 61.15
C LEU P 275 -40.15 89.43 60.79
N THR P 276 -41.33 89.49 61.39
CA THR P 276 -42.19 90.65 61.24
C THR P 276 -42.75 91.06 62.59
N HIS P 277 -42.86 92.35 62.83
CA HIS P 277 -43.38 92.83 64.11
C HIS P 277 -44.80 93.31 63.98
N THR P 278 -45.59 93.13 65.03
CA THR P 278 -46.95 93.61 65.00
C THR P 278 -47.08 94.92 65.71
N TRP P 279 -47.85 95.83 65.15
CA TRP P 279 -47.87 97.17 65.72
C TRP P 279 -49.17 97.52 66.39
N GLN P 280 -50.17 96.68 66.19
CA GLN P 280 -51.49 97.02 66.62
C GLN P 280 -51.70 96.62 68.05
N THR P 281 -52.18 97.56 68.84
CA THR P 281 -52.65 97.29 70.19
C THR P 281 -54.16 97.25 70.14
N ASN P 282 -54.79 96.94 71.26
CA ASN P 282 -56.24 96.89 71.29
C ASN P 282 -56.88 98.13 70.71
N ARG P 283 -56.18 99.24 70.79
CA ARG P 283 -56.73 100.50 70.35
C ARG P 283 -56.79 100.63 68.84
N ALA P 284 -56.25 99.63 68.14
CA ALA P 284 -56.28 99.64 66.69
C ALA P 284 -56.69 98.30 66.13
N LEU P 285 -57.72 97.70 66.69
CA LEU P 285 -58.19 96.42 66.19
C LEU P 285 -59.61 96.50 65.67
N GLY P 286 -59.76 96.39 64.36
CA GLY P 286 -61.07 96.30 63.78
C GLY P 286 -61.47 97.55 63.02
N LEU P 287 -62.77 97.80 62.99
CA LEU P 287 -63.32 98.88 62.21
C LEU P 287 -63.27 100.21 62.96
N PRO P 288 -62.55 101.18 62.39
CA PRO P 288 -62.54 102.53 62.95
C PRO P 288 -63.90 103.20 62.84
N PRO P 289 -64.20 104.12 63.75
CA PRO P 289 -65.51 104.75 63.75
C PRO P 289 -65.68 105.68 62.56
N PHE P 290 -66.89 105.71 62.02
CA PHE P 290 -67.15 106.53 60.84
C PHE P 290 -67.10 108.00 61.13
N LEU P 291 -66.29 108.71 60.35
CA LEU P 291 -66.14 110.14 60.53
C LEU P 291 -67.16 110.96 59.74
N ASN P 292 -68.02 111.68 60.44
CA ASN P 292 -69.04 112.47 59.76
C ASN P 292 -68.60 113.87 59.33
N SER P 293 -67.44 114.31 59.81
CA SER P 293 -66.87 115.61 59.39
C SER P 293 -65.40 115.51 59.04
N LEU P 294 -65.09 115.48 57.76
CA LEU P 294 -63.70 115.39 57.34
C LEU P 294 -63.13 116.76 57.10
N PRO P 295 -61.86 116.94 57.48
CA PRO P 295 -61.15 118.20 57.37
C PRO P 295 -61.08 118.68 55.94
N GLN P 296 -60.92 119.98 55.75
CA GLN P 296 -60.89 120.55 54.42
C GLN P 296 -59.60 121.37 54.22
N SER P 297 -58.64 121.24 55.13
CA SER P 297 -57.33 121.81 54.85
C SER P 297 -56.20 120.97 55.44
N GLU P 298 -55.05 120.93 54.75
CA GLU P 298 -53.91 120.15 55.24
C GLU P 298 -53.36 120.81 56.49
N GLY P 299 -52.61 120.08 57.29
CA GLY P 299 -52.00 120.71 58.43
C GLY P 299 -51.96 119.87 59.68
N GLY P 300 -51.50 120.49 60.76
CA GLY P 300 -51.13 119.76 61.96
C GLY P 300 -52.15 119.80 63.06
N THR P 301 -53.20 120.59 62.89
CA THR P 301 -54.25 120.63 63.88
C THR P 301 -55.60 120.53 63.21
N ASN P 302 -55.58 120.14 61.94
CA ASN P 302 -56.82 119.92 61.21
C ASN P 302 -57.39 118.53 61.43
N PHE P 303 -57.95 118.32 62.61
CA PHE P 303 -58.45 117.01 62.98
C PHE P 303 -59.79 116.69 62.31
N GLY P 304 -60.10 115.41 62.24
CA GLY P 304 -61.41 114.98 61.79
C GLY P 304 -62.25 114.73 63.00
N TYR P 305 -63.57 114.76 62.84
CA TYR P 305 -64.46 114.59 63.97
C TYR P 305 -65.51 113.51 63.73
N ILE P 306 -65.68 112.62 64.71
CA ILE P 306 -66.68 111.57 64.64
C ILE P 306 -68.02 112.18 64.32
N GLY P 307 -68.42 113.15 65.12
CA GLY P 307 -69.60 113.92 64.82
C GLY P 307 -70.85 113.26 65.35
N VAL P 308 -70.68 112.46 66.40
CA VAL P 308 -71.82 111.90 67.12
C VAL P 308 -71.60 111.91 68.62
N GLN P 309 -72.62 112.28 69.39
CA GLN P 309 -72.51 112.29 70.85
C GLN P 309 -72.12 110.93 71.38
N GLN P 310 -71.15 110.89 72.27
CA GLN P 310 -70.55 109.65 72.76
C GLN P 310 -71.54 108.65 73.38
N ASP P 311 -72.69 109.13 73.86
CA ASP P 311 -73.67 108.21 74.45
C ASP P 311 -74.86 107.94 73.53
N LYS P 312 -74.81 108.50 72.31
CA LYS P 312 -75.86 108.33 71.31
C LYS P 312 -75.32 107.54 70.12
N ARG P 313 -74.26 106.78 70.39
CA ARG P 313 -73.54 106.05 69.37
C ARG P 313 -73.96 104.59 69.33
N ARG P 314 -73.80 103.96 68.17
CA ARG P 314 -74.14 102.55 67.99
C ARG P 314 -72.90 101.69 68.12
N GLY P 315 -73.05 100.49 68.67
CA GLY P 315 -71.90 99.61 68.86
C GLY P 315 -71.89 98.72 70.10
N VAL P 316 -70.76 98.07 70.33
CA VAL P 316 -70.68 97.11 71.41
C VAL P 316 -69.60 97.42 72.42
N THR P 317 -69.99 97.40 73.68
CA THR P 317 -69.03 97.54 74.75
C THR P 317 -69.31 96.46 75.71
N GLN P 318 -68.40 96.30 76.65
CA GLN P 318 -68.54 95.32 77.68
C GLN P 318 -68.89 96.02 78.98
N MET P 319 -69.47 97.19 78.86
CA MET P 319 -69.86 97.98 80.02
C MET P 319 -71.36 98.10 80.17
N GLY P 320 -71.93 97.20 80.97
CA GLY P 320 -73.37 97.11 81.14
C GLY P 320 -74.08 98.35 81.68
N ASN P 321 -73.33 99.25 82.32
CA ASN P 321 -73.88 100.50 82.85
C ASN P 321 -74.03 101.54 81.78
N THR P 322 -72.92 102.13 81.39
CA THR P 322 -72.96 103.33 80.57
C THR P 322 -73.43 103.08 79.14
N ASN P 323 -73.89 104.16 78.51
CA ASN P 323 -74.22 104.14 77.09
C ASN P 323 -73.11 104.83 76.32
N TYR P 324 -72.03 105.15 77.02
CA TYR P 324 -70.85 105.78 76.41
C TYR P 324 -70.12 104.76 75.55
N ILE P 325 -69.82 105.10 74.31
CA ILE P 325 -69.06 104.22 73.44
C ILE P 325 -67.88 104.97 72.86
N THR P 326 -66.73 104.76 73.46
CA THR P 326 -65.52 105.41 73.00
C THR P 326 -64.44 104.43 72.65
N GLU P 327 -63.39 104.93 72.02
CA GLU P 327 -62.27 104.09 71.62
C GLU P 327 -61.63 103.31 72.77
N ALA P 328 -61.74 103.83 73.98
CA ALA P 328 -61.22 103.08 75.11
C ALA P 328 -62.25 102.14 75.68
N THR P 329 -63.49 102.28 75.23
CA THR P 329 -64.57 101.51 75.82
C THR P 329 -65.10 100.41 74.89
N ILE P 330 -65.13 100.71 73.59
CA ILE P 330 -65.65 99.82 72.56
C ILE P 330 -65.05 98.43 72.67
N MET P 331 -65.88 97.41 72.49
CA MET P 331 -65.39 96.05 72.57
C MET P 331 -64.30 95.79 71.53
N ARG P 332 -63.35 94.95 71.88
CA ARG P 332 -62.35 94.43 70.96
C ARG P 332 -62.40 92.91 71.09
N PRO P 333 -61.98 92.15 70.07
CA PRO P 333 -62.16 90.69 70.09
C PRO P 333 -61.41 89.95 71.21
N ALA P 334 -60.21 90.39 71.56
CA ALA P 334 -59.46 89.80 72.67
C ALA P 334 -58.49 90.83 73.22
N GLU P 335 -57.41 90.40 73.87
CA GLU P 335 -56.47 91.38 74.40
C GLU P 335 -55.04 91.15 73.94
N VAL P 336 -54.46 92.18 73.33
CA VAL P 336 -53.09 92.11 72.86
C VAL P 336 -52.10 92.45 73.95
N GLY P 337 -51.29 91.47 74.33
CA GLY P 337 -50.33 91.65 75.40
C GLY P 337 -50.98 91.45 76.75
N TYR P 338 -50.19 91.61 77.81
CA TYR P 338 -50.74 91.44 79.13
C TYR P 338 -49.92 92.24 80.10
N SER P 339 -50.52 92.63 81.21
CA SER P 339 -49.81 93.40 82.21
C SER P 339 -49.31 92.49 83.31
N ALA P 340 -48.06 92.68 83.74
CA ALA P 340 -47.40 91.81 84.74
C ALA P 340 -46.74 92.58 85.87
N PRO P 341 -46.53 91.90 87.00
CA PRO P 341 -45.84 92.45 88.16
C PRO P 341 -44.42 92.85 87.85
N TYR P 342 -43.94 93.91 88.49
CA TYR P 342 -42.61 94.44 88.24
C TYR P 342 -42.21 95.41 89.33
N TYR P 343 -40.99 95.33 89.85
CA TYR P 343 -40.07 94.19 89.70
C TYR P 343 -40.43 93.09 90.71
N SER P 344 -41.21 92.10 90.33
CA SER P 344 -41.61 91.14 91.35
C SER P 344 -40.58 90.07 91.60
N PHE P 345 -40.39 89.76 92.87
CA PHE P 345 -39.56 88.63 93.23
C PHE P 345 -40.39 87.58 93.95
N GLU P 346 -40.18 86.33 93.58
CA GLU P 346 -40.87 85.22 94.21
C GLU P 346 -39.80 84.30 94.72
N ALA P 347 -40.13 83.44 95.65
CA ALA P 347 -39.11 82.61 96.23
C ALA P 347 -39.61 81.21 96.44
N SER P 348 -38.76 80.23 96.13
CA SER P 348 -39.10 78.87 96.45
C SER P 348 -37.88 78.18 96.98
N THR P 349 -38.09 77.00 97.57
CA THR P 349 -37.06 76.12 98.14
C THR P 349 -35.60 76.62 98.16
N GLN P 350 -35.18 77.26 97.07
CA GLN P 350 -33.79 77.63 96.87
C GLN P 350 -33.59 79.11 96.83
N GLY P 351 -34.58 79.87 97.26
CA GLY P 351 -34.36 81.29 97.36
C GLY P 351 -35.21 82.05 96.39
N PRO P 352 -35.02 83.36 96.36
CA PRO P 352 -35.79 84.29 95.56
C PRO P 352 -35.23 84.47 94.16
N PHE P 353 -36.12 84.87 93.26
CA PHE P 353 -35.76 85.11 91.87
C PHE P 353 -36.77 86.08 91.26
N LYS P 354 -36.35 86.85 90.28
CA LYS P 354 -37.25 87.80 89.64
C LYS P 354 -38.34 87.08 88.87
N THR P 355 -39.53 87.67 88.81
CA THR P 355 -40.60 87.18 87.95
C THR P 355 -40.39 87.68 86.53
N PRO P 356 -40.30 86.76 85.57
CA PRO P 356 -40.03 87.09 84.16
C PRO P 356 -41.26 87.58 83.38
N ILE P 357 -41.04 88.44 82.40
CA ILE P 357 -42.12 89.06 81.65
C ILE P 357 -42.00 88.75 80.18
N ALA P 358 -43.13 88.70 79.48
CA ALA P 358 -43.16 88.33 78.07
C ALA P 358 -43.03 89.51 77.14
N ALA P 359 -43.90 90.49 77.35
CA ALA P 359 -44.19 91.55 76.38
C ALA P 359 -43.02 92.19 75.61
N GLY P 360 -43.37 92.96 74.57
CA GLY P 360 -42.44 93.73 73.76
C GLY P 360 -42.59 95.21 74.10
N ARG P 361 -42.37 96.15 73.16
CA ARG P 361 -42.46 97.56 73.56
C ARG P 361 -43.87 97.96 73.76
N GLY P 362 -44.14 98.71 74.82
CA GLY P 362 -45.47 99.22 75.03
C GLY P 362 -45.54 100.72 75.11
N GLY P 363 -44.44 101.33 75.54
CA GLY P 363 -44.46 102.76 75.74
C GLY P 363 -44.45 103.45 74.41
N ALA P 364 -44.87 104.70 74.39
CA ALA P 364 -44.95 105.43 73.15
C ALA P 364 -43.59 105.95 72.75
N GLN P 365 -43.60 107.17 72.23
CA GLN P 365 -42.41 107.83 71.73
C GLN P 365 -41.28 107.86 72.74
N THR P 366 -40.26 107.04 72.47
CA THR P 366 -39.02 107.07 73.22
C THR P 366 -39.16 106.97 74.73
N ASP P 367 -40.23 106.41 75.23
CA ASP P 367 -40.30 106.22 76.67
C ASP P 367 -41.06 104.96 77.03
N GLU P 368 -40.43 104.06 77.78
CA GLU P 368 -41.20 102.94 78.29
C GLU P 368 -40.59 102.27 79.48
N ASN P 369 -41.45 101.57 80.19
CA ASN P 369 -41.06 100.85 81.37
C ASN P 369 -40.29 99.58 81.06
N GLN P 370 -38.98 99.70 80.90
CA GLN P 370 -38.14 98.54 80.54
C GLN P 370 -38.18 97.42 81.57
N ALA P 371 -39.07 97.54 82.56
CA ALA P 371 -39.17 96.57 83.62
C ALA P 371 -40.56 95.96 83.56
N ALA P 372 -41.50 96.76 83.07
CA ALA P 372 -42.86 96.27 82.86
C ALA P 372 -42.95 95.45 81.59
N ASP P 373 -41.91 95.54 80.76
CA ASP P 373 -41.82 94.74 79.55
C ASP P 373 -40.77 93.66 79.66
N GLY P 374 -39.83 93.87 80.57
CA GLY P 374 -38.79 92.91 80.81
C GLY P 374 -37.93 92.94 79.59
N ASP P 375 -37.68 94.13 79.10
CA ASP P 375 -36.80 94.28 77.97
C ASP P 375 -35.47 93.78 78.46
N PRO P 376 -34.86 92.85 77.71
CA PRO P 376 -33.67 92.10 78.11
C PRO P 376 -32.39 92.92 78.01
N ARG P 377 -31.47 92.79 78.96
CA ARG P 377 -30.24 93.57 78.95
C ARG P 377 -29.03 92.63 78.89
N TYR P 378 -28.17 92.87 77.90
CA TYR P 378 -27.08 91.95 77.57
C TYR P 378 -25.70 92.49 77.93
N ALA P 379 -24.91 91.66 78.60
CA ALA P 379 -23.55 92.03 78.96
C ALA P 379 -22.55 91.02 78.42
N PHE P 380 -21.50 91.49 77.78
CA PHE P 380 -20.63 90.62 77.01
C PHE P 380 -19.23 91.23 76.78
N GLY P 381 -18.26 90.43 76.40
CA GLY P 381 -16.88 90.91 76.35
C GLY P 381 -15.94 90.48 75.24
N ARG P 382 -15.38 91.46 74.56
CA ARG P 382 -14.38 91.28 73.49
C ARG P 382 -14.64 90.13 72.52
N GLN P 383 -14.61 88.90 73.03
CA GLN P 383 -14.96 87.73 72.25
C GLN P 383 -16.36 87.76 71.63
N HIS P 384 -17.28 88.50 72.23
CA HIS P 384 -18.66 88.45 71.80
C HIS P 384 -19.23 89.81 71.48
N GLY P 385 -18.39 90.76 71.06
CA GLY P 385 -18.91 92.04 70.65
C GLY P 385 -18.13 93.29 71.05
N GLN P 386 -17.57 93.33 72.25
CA GLN P 386 -16.84 94.52 72.71
C GLN P 386 -15.77 94.89 71.76
N LYS P 387 -15.45 96.17 71.73
CA LYS P 387 -14.34 96.62 70.91
C LYS P 387 -13.15 95.86 71.51
N THR P 388 -12.44 95.11 70.69
CA THR P 388 -11.46 94.14 71.20
C THR P 388 -10.21 94.80 71.76
N THR P 389 -10.05 96.07 71.45
CA THR P 389 -8.93 96.85 71.94
C THR P 389 -9.24 97.40 73.34
N THR P 390 -10.50 97.34 73.75
CA THR P 390 -10.87 97.85 75.06
C THR P 390 -10.23 97.07 76.16
N THR P 391 -9.41 97.76 76.93
CA THR P 391 -8.83 97.23 78.15
C THR P 391 -9.77 97.51 79.29
N GLY P 392 -9.58 96.81 80.39
CA GLY P 392 -10.44 97.02 81.54
C GLY P 392 -11.49 95.93 81.61
N GLU P 393 -11.96 95.66 82.82
CA GLU P 393 -12.85 94.55 83.05
C GLU P 393 -14.32 94.95 82.89
N THR P 394 -14.58 96.20 82.55
CA THR P 394 -15.94 96.66 82.46
C THR P 394 -16.54 96.26 81.11
N PRO P 395 -17.65 95.52 81.12
CA PRO P 395 -18.29 94.95 79.92
C PRO P 395 -19.11 95.94 79.11
N GLU P 396 -19.30 95.65 77.82
CA GLU P 396 -20.19 96.39 76.95
C GLU P 396 -21.58 95.84 77.12
N ARG P 397 -22.58 96.68 76.95
CA ARG P 397 -23.95 96.28 77.25
C ARG P 397 -24.92 96.92 76.30
N PHE P 398 -26.15 96.40 76.35
CA PHE P 398 -27.29 97.03 75.71
C PHE P 398 -28.57 96.43 76.27
N THR P 399 -29.66 97.13 76.08
CA THR P 399 -30.97 96.60 76.43
C THR P 399 -31.76 96.47 75.15
N TYR P 400 -32.20 95.26 74.83
CA TYR P 400 -32.93 95.05 73.59
C TYR P 400 -34.38 95.51 73.73
N ILE P 401 -34.74 96.54 72.99
CA ILE P 401 -36.14 96.90 72.94
C ILE P 401 -36.75 96.58 71.60
N ALA P 402 -37.67 95.61 71.61
CA ALA P 402 -38.27 94.96 70.43
C ALA P 402 -39.01 95.91 69.52
N HIS P 403 -39.37 95.50 68.31
CA HIS P 403 -40.20 96.38 67.49
C HIS P 403 -41.67 96.10 67.72
N GLN P 404 -41.96 94.92 68.22
CA GLN P 404 -43.35 94.51 68.36
C GLN P 404 -44.04 95.18 69.53
N ASP P 405 -44.96 96.08 69.21
CA ASP P 405 -45.65 96.88 70.21
C ASP P 405 -46.74 96.05 70.90
N THR P 406 -46.36 95.26 71.87
CA THR P 406 -47.31 94.43 72.60
C THR P 406 -47.09 94.55 74.10
N GLY P 407 -46.38 95.60 74.50
CA GLY P 407 -46.07 95.78 75.90
C GLY P 407 -47.03 96.74 76.56
N ARG P 408 -46.61 97.26 77.70
CA ARG P 408 -47.44 98.16 78.47
C ARG P 408 -46.74 99.43 78.87
N TYR P 409 -47.55 100.45 79.13
CA TYR P 409 -47.10 101.70 79.74
C TYR P 409 -47.89 101.97 81.01
N PRO P 410 -47.56 101.28 82.11
CA PRO P 410 -48.38 101.24 83.34
C PRO P 410 -48.70 102.62 83.94
N GLU P 411 -47.96 103.64 83.55
CA GLU P 411 -48.30 105.00 83.93
C GLU P 411 -49.68 105.37 83.43
N GLY P 412 -50.08 104.80 82.30
CA GLY P 412 -51.38 105.12 81.71
C GLY P 412 -52.53 104.23 82.14
N ASP P 413 -52.26 103.32 83.07
CA ASP P 413 -53.28 102.39 83.58
C ASP P 413 -54.18 103.09 84.58
N TRP P 414 -55.38 102.54 84.81
CA TRP P 414 -56.23 102.96 85.93
C TRP P 414 -57.40 102.03 86.15
N ILE P 415 -58.14 102.27 87.22
CA ILE P 415 -59.30 101.48 87.53
C ILE P 415 -60.44 102.34 88.08
N GLN P 416 -61.58 102.42 87.40
CA GLN P 416 -62.70 103.20 87.95
C GLN P 416 -63.67 102.31 88.69
N ASN P 417 -64.49 102.91 89.55
CA ASN P 417 -65.53 102.20 90.28
C ASN P 417 -66.65 101.74 89.36
N ILE P 418 -67.37 100.72 89.82
CA ILE P 418 -68.49 100.13 89.09
C ILE P 418 -69.49 101.14 88.51
N ASN P 419 -69.68 102.26 89.20
CA ASN P 419 -70.75 103.16 88.83
C ASN P 419 -70.43 103.99 87.62
N PHE P 420 -69.15 104.15 87.33
CA PHE P 420 -68.72 104.91 86.17
C PHE P 420 -69.40 106.27 86.13
N ASN P 421 -69.42 106.91 87.29
CA ASN P 421 -69.92 108.27 87.39
C ASN P 421 -68.79 109.25 87.07
N LEU P 422 -68.81 109.83 85.88
CA LEU P 422 -67.64 110.57 85.44
C LEU P 422 -67.96 111.99 84.92
N PRO P 423 -67.03 112.93 85.07
CA PRO P 423 -65.68 112.93 85.66
C PRO P 423 -65.61 112.28 87.04
N VAL P 424 -64.64 111.41 87.22
CA VAL P 424 -64.58 110.50 88.36
C VAL P 424 -63.98 111.12 89.63
N THR P 425 -64.59 110.83 90.77
CA THR P 425 -64.07 111.26 92.06
C THR P 425 -62.76 110.53 92.34
N ASP P 426 -61.87 111.13 93.12
CA ASP P 426 -60.65 110.46 93.51
C ASP P 426 -61.04 109.24 94.35
N ASP P 427 -62.19 109.28 94.99
CA ASP P 427 -62.61 108.15 95.81
C ASP P 427 -63.12 106.98 94.98
N ASN P 428 -63.35 107.22 93.70
CA ASN P 428 -63.88 106.18 92.82
C ASN P 428 -62.87 105.63 91.80
N VAL P 429 -61.63 106.11 91.83
CA VAL P 429 -60.63 105.64 90.88
C VAL P 429 -59.34 105.28 91.59
N LEU P 430 -58.62 104.32 91.03
CA LEU P 430 -57.32 103.93 91.54
C LEU P 430 -56.27 104.25 90.50
N LEU P 431 -55.33 105.09 90.88
CA LEU P 431 -54.29 105.52 89.96
C LEU P 431 -52.92 104.87 90.21
N PRO P 432 -52.01 104.97 89.23
CA PRO P 432 -50.62 104.58 89.42
C PRO P 432 -49.88 105.60 90.27
N THR P 433 -50.64 106.57 90.77
CA THR P 433 -50.14 107.57 91.66
C THR P 433 -50.42 107.16 93.08
N ASP P 434 -51.57 106.58 93.29
CA ASP P 434 -51.98 106.21 94.63
C ASP P 434 -51.19 105.05 95.19
N PRO P 435 -50.53 105.29 96.33
CA PRO P 435 -49.67 104.35 97.01
C PRO P 435 -50.48 103.22 97.59
N ILE P 436 -49.85 102.07 97.67
CA ILE P 436 -50.47 100.83 98.08
C ILE P 436 -49.77 100.32 99.31
N GLY P 437 -50.51 99.87 100.31
CA GLY P 437 -49.87 99.36 101.51
C GLY P 437 -49.05 100.40 102.23
N GLY P 438 -49.40 101.67 102.03
CA GLY P 438 -48.74 102.75 102.73
C GLY P 438 -47.31 102.97 102.30
N LYS P 439 -47.00 102.67 101.04
CA LYS P 439 -45.66 102.91 100.49
C LYS P 439 -45.71 103.89 99.33
N THR P 440 -44.95 104.97 99.41
CA THR P 440 -44.98 105.98 98.36
C THR P 440 -44.59 105.45 96.99
N GLY P 441 -43.57 104.60 96.95
CA GLY P 441 -43.00 104.14 95.69
C GLY P 441 -43.61 102.89 95.10
N ILE P 442 -44.79 102.55 95.59
CA ILE P 442 -45.52 101.40 95.10
C ILE P 442 -46.96 101.78 94.73
N ASN P 443 -47.44 101.32 93.57
CA ASN P 443 -48.82 101.55 93.17
C ASN P 443 -49.40 100.24 92.73
N TYR P 444 -50.65 100.22 92.31
CA TYR P 444 -51.30 98.94 92.04
C TYR P 444 -50.68 98.21 90.88
N THR P 445 -50.12 98.94 89.93
CA THR P 445 -49.62 98.28 88.76
C THR P 445 -48.47 97.35 89.07
N ASN P 446 -47.80 97.55 90.19
CA ASN P 446 -46.66 96.70 90.55
C ASN P 446 -47.03 95.30 90.93
N ILE P 447 -48.28 95.07 91.28
CA ILE P 447 -48.67 93.72 91.62
C ILE P 447 -49.72 93.23 90.63
N PHE P 448 -49.94 94.04 89.60
CA PHE P 448 -51.04 93.84 88.67
C PHE P 448 -50.75 92.71 87.68
N ASN P 449 -51.80 91.95 87.35
CA ASN P 449 -51.70 90.82 86.43
C ASN P 449 -52.97 90.63 85.58
N THR P 450 -52.88 90.96 84.30
CA THR P 450 -54.03 90.81 83.41
C THR P 450 -53.81 89.76 82.33
N TYR P 451 -53.07 88.71 82.66
CA TYR P 451 -52.98 87.55 81.81
C TYR P 451 -54.31 86.82 81.89
N GLY P 452 -54.79 86.31 80.77
CA GLY P 452 -56.10 85.68 80.79
C GLY P 452 -56.46 84.98 79.50
N PRO P 453 -57.59 84.30 79.51
CA PRO P 453 -57.96 83.53 78.32
C PRO P 453 -58.26 84.40 77.11
N LEU P 454 -58.13 85.72 77.20
CA LEU P 454 -58.24 86.55 76.00
C LEU P 454 -56.91 87.13 75.63
N THR P 455 -55.86 86.62 76.26
CA THR P 455 -54.53 87.17 76.09
C THR P 455 -53.92 86.67 74.79
N ALA P 456 -53.32 87.59 74.04
CA ALA P 456 -52.59 87.27 72.80
C ALA P 456 -51.12 87.70 72.92
N LEU P 457 -50.22 86.94 72.29
CA LEU P 457 -48.77 87.08 72.46
C LEU P 457 -47.94 86.86 71.22
N ASN P 458 -46.73 87.40 71.19
CA ASN P 458 -45.77 86.92 70.22
C ASN P 458 -44.63 86.21 70.92
N ASN P 459 -43.81 85.50 70.15
CA ASN P 459 -42.61 84.89 70.68
C ASN P 459 -41.52 85.96 70.72
N VAL P 460 -40.47 85.71 71.51
CA VAL P 460 -39.36 86.67 71.64
C VAL P 460 -38.59 86.83 70.35
N PRO P 461 -38.22 88.06 70.02
CA PRO P 461 -37.46 88.21 68.79
C PRO P 461 -36.03 87.82 68.99
N PRO P 462 -35.41 87.35 67.92
CA PRO P 462 -34.00 86.95 67.95
C PRO P 462 -33.09 88.14 68.21
N VAL P 463 -32.16 87.93 69.13
CA VAL P 463 -31.25 88.99 69.54
C VAL P 463 -29.86 88.80 68.97
N TYR P 464 -29.55 89.52 67.89
CA TYR P 464 -28.23 89.39 67.28
C TYR P 464 -27.23 90.38 67.85
N PRO P 465 -26.01 89.91 68.16
CA PRO P 465 -25.45 88.55 68.01
C PRO P 465 -25.42 87.75 69.30
N ASN P 466 -25.78 88.37 70.41
CA ASN P 466 -25.57 87.75 71.69
C ASN P 466 -26.69 86.84 72.10
N GLY P 467 -27.75 86.80 71.29
CA GLY P 467 -28.91 86.01 71.62
C GLY P 467 -28.69 84.52 71.50
N GLN P 468 -29.47 83.76 72.26
CA GLN P 468 -29.50 82.32 72.14
C GLN P 468 -30.37 81.98 70.94
N ILE P 469 -30.11 80.83 70.34
CA ILE P 469 -30.84 80.39 69.16
C ILE P 469 -31.92 79.40 69.51
N TRP P 470 -31.53 78.27 70.06
CA TRP P 470 -32.52 77.29 70.49
C TRP P 470 -32.38 76.94 71.95
N ASP P 471 -33.43 76.37 72.53
CA ASP P 471 -33.44 76.09 73.96
C ASP P 471 -34.19 74.81 74.22
N LYS P 472 -33.75 74.02 75.20
CA LYS P 472 -34.44 72.78 75.54
C LYS P 472 -35.77 73.10 76.21
N GLU P 473 -36.75 72.21 76.16
CA GLU P 473 -38.02 72.48 76.83
C GLU P 473 -38.01 71.89 78.22
N PHE P 474 -38.66 72.57 79.17
CA PHE P 474 -38.70 72.08 80.54
C PHE P 474 -39.37 70.77 80.49
N ASP P 475 -38.85 69.80 81.23
CA ASP P 475 -39.51 68.50 81.31
C ASP P 475 -40.60 68.54 82.40
N THR P 476 -41.48 69.53 82.27
CA THR P 476 -42.61 69.67 83.15
C THR P 476 -43.82 69.11 82.45
N ASP P 477 -44.79 68.62 83.21
CA ASP P 477 -45.98 68.02 82.62
C ASP P 477 -46.74 69.04 81.78
N LEU P 478 -46.76 70.29 82.25
CA LEU P 478 -47.36 71.37 81.49
C LEU P 478 -46.26 72.36 81.15
N LYS P 479 -46.24 72.88 79.93
CA LYS P 479 -45.04 73.59 79.48
C LYS P 479 -45.29 75.07 79.23
N PRO P 480 -44.22 75.86 79.18
CA PRO P 480 -44.38 77.29 78.91
C PRO P 480 -44.82 77.54 77.49
N ARG P 481 -45.59 78.60 77.26
CA ARG P 481 -46.01 78.92 75.90
C ARG P 481 -44.88 79.49 75.05
N LEU P 482 -43.79 79.88 75.71
CA LEU P 482 -42.58 80.34 75.04
C LEU P 482 -41.44 80.41 76.03
N HIS P 483 -40.23 80.69 75.53
CA HIS P 483 -39.07 80.97 76.38
C HIS P 483 -38.58 82.37 76.03
N VAL P 484 -37.92 83.05 76.97
CA VAL P 484 -37.56 84.44 76.72
C VAL P 484 -36.13 84.58 76.23
N ASN P 485 -35.36 83.51 76.32
CA ASN P 485 -33.95 83.57 75.95
C ASN P 485 -33.69 83.14 74.53
N ALA P 486 -34.63 82.40 73.94
CA ALA P 486 -34.46 81.91 72.58
C ALA P 486 -35.82 81.68 71.89
N PRO P 487 -35.87 81.89 70.57
CA PRO P 487 -37.12 81.71 69.83
C PRO P 487 -37.46 80.27 69.49
N PHE P 488 -36.46 79.41 69.32
CA PHE P 488 -36.74 78.02 68.97
C PHE P 488 -36.64 77.09 70.16
N VAL P 489 -37.71 76.37 70.48
CA VAL P 489 -37.61 75.38 71.53
C VAL P 489 -37.96 73.96 71.05
N CYS P 490 -37.00 73.04 71.20
CA CYS P 490 -37.19 71.65 70.80
C CYS P 490 -37.97 70.90 71.83
N GLN P 491 -39.23 70.54 71.55
CA GLN P 491 -39.92 69.68 72.50
C GLN P 491 -39.58 68.24 72.12
N ASN P 492 -39.20 68.07 70.85
CA ASN P 492 -38.56 66.86 70.39
C ASN P 492 -37.63 66.29 71.44
N ASN P 493 -36.43 66.87 71.40
CA ASN P 493 -35.27 66.59 72.22
C ASN P 493 -34.25 67.42 71.46
N CYS P 494 -33.34 68.07 72.16
CA CYS P 494 -32.38 68.91 71.49
C CYS P 494 -31.01 68.27 71.30
N PRO P 495 -30.20 68.85 70.43
CA PRO P 495 -28.85 68.33 70.23
C PRO P 495 -28.08 68.23 71.52
N GLY P 496 -27.25 67.21 71.61
CA GLY P 496 -26.48 67.02 72.81
C GLY P 496 -25.36 68.01 72.99
N GLN P 497 -24.99 68.22 74.24
CA GLN P 497 -23.90 69.10 74.50
C GLN P 497 -22.59 68.38 74.28
N LEU P 498 -21.59 69.14 73.85
CA LEU P 498 -20.29 68.58 73.48
C LEU P 498 -19.25 68.91 74.50
N PHE P 499 -18.59 67.89 75.05
CA PHE P 499 -17.60 68.12 76.10
C PHE P 499 -16.18 67.69 75.75
N VAL P 500 -15.22 68.55 76.06
CA VAL P 500 -13.82 68.26 75.80
C VAL P 500 -13.06 68.31 77.10
N LYS P 501 -11.86 67.78 77.10
CA LYS P 501 -11.03 67.68 78.30
C LYS P 501 -9.68 67.12 77.92
N VAL P 502 -8.59 67.73 78.36
CA VAL P 502 -7.28 67.17 78.07
C VAL P 502 -7.04 65.93 78.89
N ALA P 503 -6.54 64.88 78.25
CA ALA P 503 -6.34 63.64 78.94
C ALA P 503 -5.22 63.81 79.93
N PRO P 504 -5.32 63.12 81.07
CA PRO P 504 -4.31 63.14 82.11
C PRO P 504 -2.95 62.73 81.60
N ASN P 505 -1.99 63.64 81.56
CA ASN P 505 -0.66 63.33 81.04
C ASN P 505 0.32 63.09 82.18
N LEU P 506 0.41 61.87 82.68
CA LEU P 506 1.13 61.61 83.93
C LEU P 506 2.66 61.63 83.83
N THR P 507 3.30 61.96 84.95
CA THR P 507 4.76 61.91 85.09
C THR P 507 5.13 60.53 85.49
N ASN P 508 6.41 60.27 85.74
CA ASN P 508 6.79 58.92 86.12
C ASN P 508 6.45 58.65 87.57
N GLN P 509 6.26 59.71 88.36
CA GLN P 509 5.81 59.51 89.73
C GLN P 509 4.34 59.81 89.86
N TYR P 510 3.57 58.74 90.05
CA TYR P 510 2.14 58.84 90.30
C TYR P 510 1.77 57.76 91.29
N ASP P 511 1.25 58.19 92.44
CA ASP P 511 0.76 57.25 93.42
C ASP P 511 -0.66 57.66 93.72
N PRO P 512 -1.61 56.86 93.26
CA PRO P 512 -3.04 57.12 93.47
C PRO P 512 -3.41 56.90 94.92
N ASP P 513 -2.70 55.99 95.59
CA ASP P 513 -3.03 55.67 96.97
C ASP P 513 -2.65 56.81 97.91
N ALA P 514 -1.84 57.73 97.42
CA ALA P 514 -1.43 58.93 98.15
C ALA P 514 -2.41 60.08 98.03
N SER P 515 -2.56 60.83 99.12
CA SER P 515 -3.39 62.03 99.15
C SER P 515 -2.82 63.18 98.34
N ALA P 516 -1.49 63.26 98.30
CA ALA P 516 -0.74 64.36 97.68
C ALA P 516 -1.22 64.70 96.27
N ASN P 517 -0.82 65.87 95.78
CA ASN P 517 -1.22 66.30 94.45
C ASN P 517 -0.87 65.27 93.39
N MET P 518 -1.77 65.15 92.45
CA MET P 518 -1.49 64.44 91.23
C MET P 518 -0.55 65.27 90.42
N SER P 519 0.64 64.73 90.23
CA SER P 519 1.62 65.40 89.43
C SER P 519 1.47 64.90 88.00
N ARG P 520 1.17 65.85 87.14
CA ARG P 520 0.92 65.62 85.72
C ARG P 520 1.84 66.53 84.95
N ILE P 521 2.26 66.08 83.77
CA ILE P 521 2.98 66.95 82.87
C ILE P 521 2.08 68.09 82.39
N VAL P 522 2.58 69.31 82.36
CA VAL P 522 1.74 70.40 81.94
C VAL P 522 1.39 70.25 80.48
N THR P 523 0.11 70.09 80.21
CA THR P 523 -0.35 69.82 78.86
C THR P 523 -1.56 70.66 78.45
N TYR P 524 -1.61 71.03 77.19
CA TYR P 524 -2.74 71.76 76.66
C TYR P 524 -3.02 71.39 75.23
N SER P 525 -4.17 71.82 74.72
CA SER P 525 -4.55 71.45 73.36
C SER P 525 -5.08 72.57 72.49
N ASP P 526 -4.75 72.46 71.22
CA ASP P 526 -5.37 73.27 70.19
C ASP P 526 -6.10 72.35 69.26
N PHE P 527 -7.38 72.60 69.02
CA PHE P 527 -8.13 71.81 68.04
C PHE P 527 -9.07 72.68 67.25
N TRP P 528 -9.41 72.23 66.05
CA TRP P 528 -10.34 72.97 65.22
C TRP P 528 -11.75 72.43 65.33
N TRP P 529 -12.73 73.32 65.32
CA TRP P 529 -14.14 72.98 65.38
C TRP P 529 -14.85 73.52 64.17
N LYS P 530 -15.64 72.69 63.51
CA LYS P 530 -16.42 73.16 62.39
C LYS P 530 -17.85 72.76 62.64
N GLY P 531 -18.78 73.67 62.34
CA GLY P 531 -20.18 73.37 62.51
C GLY P 531 -20.96 73.73 61.27
N LYS P 532 -22.11 73.09 61.10
CA LYS P 532 -23.02 73.44 60.02
C LYS P 532 -24.42 73.55 60.58
N LEU P 533 -24.96 74.77 60.57
CA LEU P 533 -26.30 75.04 61.07
C LEU P 533 -27.19 75.44 59.92
N VAL P 534 -28.23 74.64 59.66
CA VAL P 534 -29.08 74.82 58.50
C VAL P 534 -30.49 75.29 58.80
N PHE P 535 -30.88 76.37 58.12
CA PHE P 535 -32.21 76.95 58.27
C PHE P 535 -33.02 76.83 56.98
N LYS P 536 -34.34 76.96 57.07
CA LYS P 536 -35.12 77.03 55.86
C LYS P 536 -36.02 78.25 56.02
N ALA P 537 -35.88 79.21 55.13
CA ALA P 537 -36.59 80.46 55.31
C ALA P 537 -37.55 80.73 54.17
N LYS P 538 -38.32 81.80 54.28
CA LYS P 538 -39.33 82.16 53.30
C LYS P 538 -39.29 83.63 52.94
N LEU P 539 -39.29 83.95 51.65
CA LEU P 539 -39.18 85.35 51.21
C LEU P 539 -40.42 86.18 51.53
N ARG P 540 -40.22 87.43 51.94
CA ARG P 540 -41.35 88.33 52.19
C ARG P 540 -41.81 88.97 50.90
N ALA P 541 -42.97 89.60 50.94
CA ALA P 541 -43.49 90.31 49.79
C ALA P 541 -44.14 91.63 50.20
N SER P 542 -44.09 92.63 49.33
CA SER P 542 -44.67 93.94 49.62
C SER P 542 -46.18 93.99 49.51
N HIS P 543 -46.86 94.37 50.59
CA HIS P 543 -48.32 94.38 50.62
C HIS P 543 -48.85 95.81 50.61
N THR P 544 -47.95 96.75 50.85
CA THR P 544 -48.37 98.12 51.07
C THR P 544 -47.78 99.05 50.04
N TRP P 545 -48.34 100.25 49.98
CA TRP P 545 -47.87 101.25 49.05
C TRP P 545 -46.52 101.78 49.51
N ASN P 546 -46.38 101.91 50.82
CA ASN P 546 -45.17 102.49 51.40
C ASN P 546 -44.11 101.45 51.59
N PRO P 547 -42.85 101.87 51.57
CA PRO P 547 -41.75 100.98 51.95
C PRO P 547 -41.76 100.74 53.44
N ILE P 548 -40.77 100.02 53.95
CA ILE P 548 -40.77 99.67 55.37
C ILE P 548 -39.39 99.75 55.97
N GLN P 549 -39.29 99.50 57.25
CA GLN P 549 -37.98 99.50 57.90
C GLN P 549 -37.05 98.48 57.31
N GLN P 550 -35.80 98.86 57.06
CA GLN P 550 -34.76 97.87 56.75
C GLN P 550 -33.38 98.36 57.15
N MET P 551 -32.48 97.45 57.52
CA MET P 551 -31.13 97.87 57.89
C MET P 551 -30.38 98.49 56.76
N SER P 552 -29.44 99.34 57.11
CA SER P 552 -28.44 99.80 56.17
C SER P 552 -27.39 100.58 56.92
N ILE P 553 -26.47 101.15 56.17
CA ILE P 553 -25.65 102.22 56.69
C ILE P 553 -25.74 103.41 55.73
N ASN P 554 -25.83 104.68 56.15
CA ASN P 554 -25.64 105.35 57.46
C ASN P 554 -24.26 105.85 57.59
N VAL P 555 -24.15 107.17 57.74
CA VAL P 555 -22.86 107.83 57.92
C VAL P 555 -22.51 107.70 59.39
N ASP P 556 -23.54 107.68 60.22
CA ASP P 556 -23.42 107.12 61.54
C ASP P 556 -23.28 105.63 61.33
N ASN P 557 -23.19 104.85 62.39
CA ASN P 557 -23.40 103.40 62.25
C ASN P 557 -22.25 102.73 61.49
N GLN P 558 -21.98 103.27 60.31
CA GLN P 558 -20.95 102.85 59.39
C GLN P 558 -19.67 102.22 59.95
N PHE P 559 -19.25 102.66 61.11
CA PHE P 559 -17.91 102.27 61.50
C PHE P 559 -17.91 101.08 62.43
N ASN P 560 -19.08 100.52 62.69
CA ASN P 560 -19.18 99.33 63.54
C ASN P 560 -19.05 98.04 62.75
N TYR P 561 -18.65 98.16 61.50
CA TYR P 561 -18.68 97.03 60.58
C TYR P 561 -17.36 96.84 59.88
N VAL P 562 -16.33 97.49 60.38
CA VAL P 562 -15.01 97.42 59.80
C VAL P 562 -14.04 97.41 60.94
N PRO P 563 -12.82 96.90 60.72
CA PRO P 563 -11.86 96.95 61.81
C PRO P 563 -11.34 98.37 62.01
N SER P 564 -10.31 98.49 62.83
CA SER P 564 -9.84 99.80 63.20
C SER P 564 -8.47 100.05 62.64
N ASN P 565 -7.84 101.08 63.17
CA ASN P 565 -6.50 101.43 62.80
C ASN P 565 -5.55 100.30 63.18
N ILE P 566 -5.88 99.64 64.28
CA ILE P 566 -5.22 98.42 64.71
C ILE P 566 -6.19 97.31 64.33
N GLY P 567 -6.08 96.16 64.96
CA GLY P 567 -6.96 95.05 64.62
C GLY P 567 -8.38 95.07 65.12
N GLY P 568 -9.06 96.22 65.00
CA GLY P 568 -10.49 96.33 65.28
C GLY P 568 -10.76 95.84 66.68
N MET P 569 -11.95 95.32 66.99
CA MET P 569 -13.14 95.32 66.13
C MET P 569 -14.36 95.13 67.00
N LYS P 570 -15.54 95.27 66.42
CA LYS P 570 -16.74 95.38 67.21
C LYS P 570 -17.90 94.73 66.48
N ILE P 571 -18.76 94.03 67.22
CA ILE P 571 -20.00 93.55 66.63
C ILE P 571 -21.19 94.07 67.41
N VAL P 572 -22.11 94.71 66.72
CA VAL P 572 -23.10 95.51 67.40
C VAL P 572 -24.53 94.96 67.39
N TYR P 573 -25.19 95.01 68.55
CA TYR P 573 -26.64 94.77 68.71
C TYR P 573 -27.44 95.31 67.53
N GLU P 574 -28.35 94.50 66.95
CA GLU P 574 -29.02 94.94 65.72
C GLU P 574 -30.43 94.42 65.31
N LYS P 575 -31.35 94.30 66.26
CA LYS P 575 -32.77 94.03 65.96
C LYS P 575 -32.98 92.80 65.11
N SER P 576 -34.20 92.62 64.60
CA SER P 576 -34.49 91.43 63.79
C SER P 576 -35.87 91.46 63.16
N GLN P 577 -36.85 92.09 63.78
CA GLN P 577 -38.19 91.98 63.23
C GLN P 577 -38.58 93.30 62.60
N LEU P 578 -37.89 93.66 61.53
CA LEU P 578 -37.98 95.03 61.09
C LEU P 578 -39.26 95.37 60.35
N ALA P 579 -39.84 94.39 59.68
CA ALA P 579 -41.01 94.65 58.84
C ALA P 579 -42.28 94.49 59.62
N PRO P 580 -43.26 95.34 59.35
CA PRO P 580 -44.57 95.31 60.00
C PRO P 580 -45.39 94.09 59.59
N ARG P 581 -46.35 93.69 60.41
CA ARG P 581 -47.16 92.53 60.07
C ARG P 581 -48.62 92.92 59.91
N LYS P 582 -49.41 92.55 60.91
CA LYS P 582 -50.87 92.72 60.92
C LYS P 582 -51.44 91.77 61.93
N LEU P 583 -51.94 92.29 63.03
CA LEU P 583 -52.59 91.41 63.98
C LEU P 583 -53.93 90.95 63.47
N TYR P 584 -54.69 91.92 62.99
CA TYR P 584 -56.10 91.76 62.74
C TYR P 584 -56.37 92.50 61.44
N GLY Q 37 2.18 60.69 54.40
CA GLY Q 37 2.56 60.89 55.79
C GLY Q 37 3.77 61.79 55.96
N VAL Q 38 4.40 61.71 57.12
CA VAL Q 38 5.55 62.56 57.41
C VAL Q 38 6.67 62.43 56.40
N GLY Q 39 7.29 61.28 56.34
CA GLY Q 39 8.50 61.15 55.57
C GLY Q 39 8.32 60.83 54.11
N ILE Q 40 7.22 61.26 53.52
CA ILE Q 40 6.96 60.92 52.12
C ILE Q 40 6.56 62.13 51.31
N SER Q 41 7.32 62.40 50.26
CA SER Q 41 7.09 63.57 49.44
C SER Q 41 5.74 63.56 48.76
N THR Q 42 5.26 64.75 48.47
CA THR Q 42 3.92 64.97 47.98
C THR Q 42 3.93 65.72 46.66
N GLY Q 43 5.06 65.70 45.97
CA GLY Q 43 5.14 66.39 44.70
C GLY Q 43 6.48 66.24 44.02
N THR Q 44 6.61 66.87 42.85
CA THR Q 44 7.84 66.83 42.10
C THR Q 44 8.23 68.17 41.53
N PHE Q 45 9.52 68.51 41.66
CA PHE Q 45 10.06 69.74 41.09
C PHE Q 45 10.17 69.69 39.60
N ASN Q 46 9.61 70.68 38.94
CA ASN Q 46 9.73 70.78 37.49
C ASN Q 46 9.63 72.19 36.91
N ASN Q 47 10.74 72.72 36.43
CA ASN Q 47 10.78 74.02 35.80
C ASN Q 47 11.21 73.79 34.37
N GLN Q 48 10.59 72.81 33.74
CA GLN Q 48 10.99 72.38 32.42
C GLN Q 48 10.03 72.95 31.38
N THR Q 49 10.57 73.34 30.24
CA THR Q 49 9.75 73.95 29.21
C THR Q 49 9.70 73.09 27.95
N GLU Q 50 8.50 72.58 27.64
CA GLU Q 50 8.31 71.65 26.54
C GLU Q 50 7.66 72.34 25.34
N PHE Q 51 8.22 72.13 24.16
CA PHE Q 51 7.66 72.66 22.93
C PHE Q 51 7.13 71.53 22.08
N LYS Q 52 5.82 71.32 22.08
CA LYS Q 52 5.28 70.18 21.34
C LYS Q 52 4.60 70.63 20.05
N PHE Q 53 5.25 70.28 18.94
CA PHE Q 53 4.84 70.70 17.60
C PHE Q 53 3.76 69.78 17.03
N LEU Q 54 2.71 70.37 16.45
CA LEU Q 54 1.62 69.59 15.88
C LEU Q 54 1.48 69.88 14.41
N GLU Q 55 0.37 69.47 13.83
CA GLU Q 55 0.18 69.70 12.41
C GLU Q 55 -0.38 71.08 12.17
N ASN Q 56 -0.20 71.55 10.94
CA ASN Q 56 -0.52 72.89 10.52
C ASN Q 56 0.20 73.94 11.34
N GLY Q 57 1.43 73.63 11.70
CA GLY Q 57 2.30 74.58 12.36
C GLY Q 57 1.80 75.13 13.67
N TRP Q 58 0.95 74.40 14.34
CA TRP Q 58 0.56 74.80 15.68
C TRP Q 58 1.47 74.17 16.73
N VAL Q 59 1.98 74.96 17.65
CA VAL Q 59 2.84 74.46 18.71
C VAL Q 59 2.15 74.56 20.06
N TYR Q 60 2.55 73.70 20.99
CA TYR Q 60 1.85 73.47 22.23
C TYR Q 60 2.86 73.72 23.33
N ILE Q 61 3.02 74.98 23.71
CA ILE Q 61 4.06 75.33 24.67
C ILE Q 61 3.62 75.06 26.09
N THR Q 62 4.28 74.11 26.74
CA THR Q 62 3.94 73.77 28.10
C THR Q 62 5.04 74.28 28.98
N ALA Q 63 4.77 75.39 29.67
CA ALA Q 63 5.74 75.99 30.54
C ALA Q 63 5.53 75.53 31.95
N ASN Q 64 6.51 74.80 32.47
CA ASN Q 64 6.46 74.39 33.85
C ASN Q 64 7.31 75.31 34.70
N SER Q 65 6.85 75.50 35.94
CA SER Q 65 7.52 76.37 36.88
C SER Q 65 7.40 75.86 38.29
N SER Q 66 8.54 75.79 38.99
CA SER Q 66 8.57 75.33 40.38
C SER Q 66 9.46 76.21 41.23
N ARG Q 67 9.03 76.48 42.46
CA ARG Q 67 9.76 77.37 43.36
C ARG Q 67 9.67 76.86 44.77
N LEU Q 68 10.71 77.15 45.55
CA LEU Q 68 10.64 76.91 46.98
C LEU Q 68 10.15 78.21 47.60
N VAL Q 69 9.14 78.14 48.45
CA VAL Q 69 8.52 79.35 48.95
C VAL Q 69 8.70 79.48 50.45
N HIS Q 70 8.98 80.68 50.93
CA HIS Q 70 9.19 80.88 52.35
C HIS Q 70 8.11 81.80 52.94
N LEU Q 71 7.60 81.49 54.11
CA LEU Q 71 6.48 82.23 54.65
C LEU Q 71 6.49 82.31 56.15
N ASN Q 72 6.47 83.52 56.70
CA ASN Q 72 6.43 83.68 58.14
C ASN Q 72 5.04 84.00 58.61
N MET Q 73 4.84 83.87 59.91
CA MET Q 73 3.53 84.07 60.46
C MET Q 73 3.18 85.52 60.35
N PRO Q 74 1.88 85.84 60.35
CA PRO Q 74 1.50 87.22 60.16
C PRO Q 74 1.96 88.07 61.28
N GLU Q 75 2.10 89.35 60.98
CA GLU Q 75 2.44 90.37 61.95
C GLU Q 75 1.41 90.36 63.07
N SER Q 76 0.15 90.23 62.70
CA SER Q 76 -0.91 90.00 63.66
C SER Q 76 -1.97 89.21 62.94
N GLU Q 77 -2.73 88.40 63.66
CA GLU Q 77 -3.73 87.54 63.03
C GLU Q 77 -5.01 88.32 62.67
N ASN Q 78 -4.89 89.63 62.54
CA ASN Q 78 -6.03 90.52 62.41
C ASN Q 78 -6.18 91.24 61.11
N TYR Q 79 -7.41 91.59 60.78
CA TYR Q 79 -7.63 92.48 59.67
C TYR Q 79 -7.56 93.89 60.19
N ARG Q 80 -6.94 94.77 59.41
CA ARG Q 80 -6.80 96.17 59.79
C ARG Q 80 -7.19 97.12 58.67
N ARG Q 81 -7.90 98.19 59.01
CA ARG Q 81 -8.13 99.31 58.07
C ARG Q 81 -7.14 100.42 58.32
N VAL Q 82 -6.16 100.56 57.43
CA VAL Q 82 -5.11 101.55 57.63
C VAL Q 82 -5.24 102.69 56.64
N VAL Q 83 -5.00 103.92 57.08
CA VAL Q 83 -5.05 105.06 56.17
C VAL Q 83 -3.68 105.69 55.98
N VAL Q 84 -3.32 105.95 54.73
CA VAL Q 84 -2.09 106.66 54.43
C VAL Q 84 -2.41 108.09 54.00
N ASN Q 85 -1.67 109.03 54.56
CA ASN Q 85 -1.96 110.42 54.30
C ASN Q 85 -0.68 111.22 54.40
N ASN Q 86 -0.12 111.53 53.24
CA ASN Q 86 1.10 112.32 53.18
C ASN Q 86 0.77 113.77 52.84
N LEU Q 87 0.21 114.49 53.82
CA LEU Q 87 0.01 115.91 53.62
C LEU Q 87 1.37 116.59 53.58
N ASP Q 88 2.34 115.97 54.24
CA ASP Q 88 3.71 116.46 54.28
C ASP Q 88 4.33 116.63 52.91
N LYS Q 89 3.80 115.96 51.90
CA LYS Q 89 4.39 116.06 50.57
C LYS Q 89 3.45 116.78 49.62
N THR Q 90 2.15 116.70 49.87
CA THR Q 90 1.17 117.25 48.94
C THR Q 90 0.98 118.73 49.24
N ALA Q 91 1.20 119.09 50.51
CA ALA Q 91 1.00 120.46 50.95
C ALA Q 91 2.07 121.39 50.41
N VAL Q 92 3.01 120.81 49.67
CA VAL Q 92 4.15 121.55 49.17
C VAL Q 92 3.75 122.53 48.07
N ASN Q 93 2.61 122.29 47.44
CA ASN Q 93 2.15 123.10 46.30
C ASN Q 93 3.06 122.89 45.12
N GLY Q 94 2.52 122.34 44.05
CA GLY Q 94 3.33 121.93 42.92
C GLY Q 94 3.71 120.48 43.08
N ASN Q 95 3.24 119.89 44.18
CA ASN Q 95 3.50 118.49 44.45
C ASN Q 95 2.29 117.60 44.39
N MET Q 96 1.27 117.99 43.61
CA MET Q 96 0.05 117.20 43.58
C MET Q 96 0.34 115.81 43.13
N ALA Q 97 1.22 115.68 42.15
CA ALA Q 97 1.46 114.39 41.57
C ALA Q 97 2.05 113.39 42.55
N LEU Q 98 2.53 113.84 43.69
CA LEU Q 98 3.20 112.91 44.59
C LEU Q 98 2.22 112.39 45.62
N ASP Q 99 0.95 112.50 45.30
CA ASP Q 99 -0.09 112.06 46.21
C ASP Q 99 -0.07 110.55 46.40
N ASP Q 100 -0.10 110.14 47.66
CA ASP Q 100 -0.14 108.73 48.06
C ASP Q 100 -1.31 108.42 48.98
N THR Q 101 -2.28 109.33 49.07
CA THR Q 101 -3.32 109.17 50.07
C THR Q 101 -4.26 108.06 49.65
N HIS Q 102 -4.44 107.06 50.52
CA HIS Q 102 -5.33 105.95 50.25
C HIS Q 102 -5.68 105.19 51.49
N ALA Q 103 -6.66 104.30 51.39
CA ALA Q 103 -7.07 103.44 52.49
C ALA Q 103 -6.88 102.02 52.06
N GLU Q 104 -6.78 101.11 53.01
CA GLU Q 104 -6.29 99.79 52.73
C GLU Q 104 -6.75 98.82 53.81
N ILE Q 105 -7.11 97.61 53.43
CA ILE Q 105 -7.39 96.63 54.45
C ILE Q 105 -6.22 95.69 54.48
N VAL Q 106 -5.58 95.57 55.65
CA VAL Q 106 -4.40 94.73 55.77
C VAL Q 106 -4.76 93.37 56.36
N THR Q 107 -4.50 92.33 55.56
CA THR Q 107 -4.96 91.01 55.92
C THR Q 107 -3.80 90.20 56.39
N PRO Q 108 -4.05 89.22 57.24
CA PRO Q 108 -2.97 88.35 57.69
C PRO Q 108 -2.56 87.34 56.64
N TRP Q 109 -3.10 87.46 55.44
CA TRP Q 109 -2.85 86.46 54.42
C TRP Q 109 -1.75 86.94 53.48
N SER Q 110 -1.05 85.99 52.87
CA SER Q 110 -0.07 86.32 51.84
C SER Q 110 -0.56 85.82 50.50
N LEU Q 111 -0.13 86.46 49.42
CA LEU Q 111 -0.61 86.10 48.08
C LEU Q 111 0.47 85.47 47.21
N VAL Q 112 0.13 84.33 46.61
CA VAL Q 112 1.02 83.69 45.66
C VAL Q 112 0.61 84.05 44.24
N ASP Q 113 1.27 85.06 43.68
CA ASP Q 113 1.00 85.53 42.32
C ASP Q 113 2.13 85.10 41.42
N ALA Q 114 1.81 84.38 40.35
CA ALA Q 114 2.82 83.92 39.42
C ALA Q 114 2.54 84.51 38.06
N ASN Q 115 1.80 85.61 38.06
CA ASN Q 115 1.37 86.30 36.85
C ASN Q 115 2.42 87.24 36.31
N ALA Q 116 3.45 86.68 35.70
CA ALA Q 116 4.55 87.44 35.12
C ALA Q 116 5.43 86.55 34.28
N TRP Q 117 5.90 87.07 33.15
CA TRP Q 117 6.60 86.26 32.17
C TRP Q 117 7.82 85.53 32.70
N GLY Q 118 8.58 86.19 33.56
CA GLY Q 118 9.82 85.64 34.08
C GLY Q 118 9.66 84.47 35.02
N VAL Q 119 8.44 84.20 35.42
CA VAL Q 119 8.17 83.07 36.28
C VAL Q 119 8.11 81.78 35.46
N TRP Q 120 7.83 81.94 34.17
CA TRP Q 120 7.57 80.81 33.29
C TRP Q 120 8.68 80.60 32.26
N PHE Q 121 9.35 81.68 31.88
CA PHE Q 121 10.40 81.58 30.88
C PHE Q 121 11.74 82.20 31.23
N ASN Q 122 12.80 81.51 30.86
CA ASN Q 122 14.15 82.05 30.90
C ASN Q 122 14.43 82.77 29.58
N PRO Q 123 15.56 83.48 29.44
CA PRO Q 123 15.83 84.17 28.18
C PRO Q 123 15.85 83.30 26.93
N GLY Q 124 16.52 82.15 27.02
CA GLY Q 124 16.59 81.26 25.88
C GLY Q 124 15.22 80.87 25.36
N ASP Q 125 14.31 80.54 26.26
CA ASP Q 125 12.95 80.25 25.91
C ASP Q 125 12.30 81.42 25.19
N TRP Q 126 12.45 82.61 25.75
CA TRP Q 126 11.79 83.77 25.19
C TRP Q 126 12.26 84.00 23.79
N GLN Q 127 13.54 83.76 23.55
CA GLN Q 127 14.12 83.92 22.24
C GLN Q 127 13.40 83.13 21.20
N LEU Q 128 13.19 81.85 21.50
CA LEU Q 128 12.56 80.92 20.59
C LEU Q 128 11.18 81.40 20.22
N ILE Q 129 10.40 81.72 21.25
CA ILE Q 129 9.02 82.17 21.09
C ILE Q 129 8.93 83.37 20.18
N VAL Q 130 9.72 84.37 20.52
CA VAL Q 130 9.71 85.66 19.86
C VAL Q 130 10.27 85.65 18.45
N ASN Q 131 11.32 84.89 18.21
CA ASN Q 131 11.91 84.91 16.89
C ASN Q 131 11.19 84.06 15.87
N THR Q 132 10.52 83.02 16.32
CA THR Q 132 10.04 81.99 15.40
C THR Q 132 8.50 81.92 15.30
N MET Q 133 7.79 82.66 16.12
CA MET Q 133 6.35 82.56 16.06
C MET Q 133 5.58 83.82 15.83
N SER Q 134 4.43 83.67 15.19
CA SER Q 134 3.65 84.78 14.69
C SER Q 134 2.56 85.22 15.67
N GLU Q 135 2.04 84.30 16.47
CA GLU Q 135 1.03 84.64 17.48
C GLU Q 135 0.99 83.69 18.68
N LEU Q 136 0.14 83.97 19.66
CA LEU Q 136 0.20 83.26 20.91
C LEU Q 136 -1.15 83.12 21.60
N HIS Q 137 -1.57 81.92 21.91
CA HIS Q 137 -2.82 81.74 22.64
C HIS Q 137 -2.59 81.27 24.05
N LEU Q 138 -3.45 81.73 24.94
CA LEU Q 138 -3.37 81.32 26.32
C LEU Q 138 -4.33 80.18 26.54
N VAL Q 139 -3.83 79.02 26.91
CA VAL Q 139 -4.67 77.84 26.94
C VAL Q 139 -5.18 77.46 28.31
N SER Q 140 -4.25 77.16 29.22
CA SER Q 140 -4.65 76.63 30.51
C SER Q 140 -3.66 76.95 31.61
N PHE Q 141 -4.09 76.78 32.85
CA PHE Q 141 -3.25 77.09 33.98
C PHE Q 141 -3.60 76.28 35.20
N GLU Q 142 -2.60 75.63 35.78
CA GLU Q 142 -2.82 74.88 37.00
C GLU Q 142 -1.64 75.05 37.94
N GLN Q 143 -1.87 74.84 39.22
CA GLN Q 143 -0.81 74.99 40.19
C GLN Q 143 -1.09 74.13 41.40
N GLU Q 144 -0.04 73.72 42.12
CA GLU Q 144 -0.21 72.94 43.35
C GLU Q 144 0.83 73.32 44.38
N ILE Q 145 0.57 72.95 45.63
CA ILE Q 145 1.50 73.22 46.70
C ILE Q 145 1.86 71.91 47.33
N PHE Q 146 3.14 71.62 47.48
CA PHE Q 146 3.53 70.32 48.01
C PHE Q 146 4.80 70.32 48.89
N ASN Q 147 5.07 69.18 49.52
CA ASN Q 147 6.19 69.04 50.44
C ASN Q 147 6.22 70.18 51.42
N VAL Q 148 5.09 70.38 52.08
CA VAL Q 148 4.98 71.41 53.08
C VAL Q 148 5.79 71.08 54.32
N VAL Q 149 6.46 72.08 54.87
CA VAL Q 149 7.24 71.94 56.10
C VAL Q 149 6.93 73.10 57.06
N LEU Q 150 6.76 72.81 58.34
CA LEU Q 150 6.61 73.87 59.32
C LEU Q 150 7.63 73.71 60.43
N LYS Q 151 8.31 74.81 60.75
CA LYS Q 151 9.30 74.81 61.80
C LYS Q 151 9.01 75.92 62.80
N THR Q 152 9.33 75.68 64.07
CA THR Q 152 9.24 76.70 65.10
C THR Q 152 10.64 77.12 65.42
N VAL Q 153 10.83 78.41 65.64
CA VAL Q 153 12.13 78.92 65.99
C VAL Q 153 12.26 78.68 67.46
N SER Q 154 12.34 79.76 68.23
CA SER Q 154 12.37 79.62 69.67
C SER Q 154 13.54 78.68 70.03
N GLU Q 155 14.82 79.07 70.00
CA GLU Q 155 15.49 80.40 70.17
C GLU Q 155 16.26 80.10 71.45
N SER Q 156 17.06 81.06 71.92
CA SER Q 156 17.54 81.07 73.30
C SER Q 156 18.00 79.72 73.81
N ALA Q 157 19.03 79.16 73.19
CA ALA Q 157 19.57 77.88 73.65
C ALA Q 157 20.89 77.54 73.00
N THR Q 158 22.03 77.68 73.68
CA THR Q 158 22.32 78.28 74.98
C THR Q 158 23.81 78.46 74.66
N GLN Q 159 24.54 79.31 75.37
CA GLN Q 159 25.91 79.73 75.00
C GLN Q 159 25.86 80.83 73.95
N PRO Q 160 26.37 82.02 74.31
CA PRO Q 160 26.29 83.40 73.84
C PRO Q 160 25.14 84.02 73.00
N PRO Q 161 23.91 83.46 72.91
CA PRO Q 161 23.15 82.26 73.26
C PRO Q 161 22.67 81.46 72.01
N THR Q 162 22.82 82.01 70.81
CA THR Q 162 22.44 81.38 69.52
C THR Q 162 20.96 80.99 69.39
N LYS Q 163 20.54 80.64 68.18
CA LYS Q 163 19.14 80.30 67.88
C LYS Q 163 19.01 78.88 67.33
N VAL Q 164 17.86 78.24 67.53
CA VAL Q 164 17.64 76.85 67.08
C VAL Q 164 16.26 76.60 66.51
N TYR Q 165 16.23 75.82 65.42
CA TYR Q 165 15.00 75.57 64.66
C TYR Q 165 14.52 74.14 64.64
N ASN Q 166 13.31 73.89 65.11
CA ASN Q 166 12.76 72.55 65.11
C ASN Q 166 11.55 72.38 64.23
N ASN Q 167 11.32 71.14 63.81
CA ASN Q 167 10.12 70.82 63.08
C ASN Q 167 8.92 70.79 64.03
N ASP Q 168 7.81 71.40 63.61
CA ASP Q 168 6.52 71.18 64.26
C ASP Q 168 5.71 70.25 63.39
N LEU Q 169 5.72 68.95 63.69
CA LEU Q 169 5.10 68.01 62.77
C LEU Q 169 3.60 68.17 62.67
N THR Q 170 2.91 68.43 63.76
CA THR Q 170 1.45 68.56 63.73
C THR Q 170 0.94 69.94 63.29
N ALA Q 171 1.82 70.89 63.02
CA ALA Q 171 1.39 72.23 62.63
C ALA Q 171 0.85 72.27 61.21
N SER Q 172 0.01 73.27 60.94
CA SER Q 172 -0.68 73.31 59.66
C SER Q 172 -0.42 74.61 58.92
N LEU Q 173 -0.44 74.52 57.60
CA LEU Q 173 -0.38 75.67 56.72
C LEU Q 173 -1.71 75.88 56.05
N MET Q 174 -2.29 77.06 56.23
CA MET Q 174 -3.60 77.32 55.69
C MET Q 174 -3.48 77.76 54.24
N VAL Q 175 -4.26 77.14 53.38
CA VAL Q 175 -4.25 77.49 51.97
C VAL Q 175 -5.66 77.75 51.51
N ALA Q 176 -5.87 78.82 50.76
CA ALA Q 176 -7.23 79.13 50.34
C ALA Q 176 -7.28 79.58 48.90
N LEU Q 177 -8.18 79.00 48.11
CA LEU Q 177 -8.28 79.31 46.70
C LEU Q 177 -9.60 79.96 46.36
N ASP Q 178 -9.56 81.22 45.96
CA ASP Q 178 -10.76 81.99 45.68
C ASP Q 178 -11.18 81.72 44.25
N SER Q 179 -11.72 80.54 43.98
CA SER Q 179 -11.98 80.11 42.62
C SER Q 179 -13.18 80.80 42.00
N ASN Q 180 -13.97 81.47 42.83
CA ASN Q 180 -15.09 82.25 42.31
C ASN Q 180 -14.73 83.69 42.02
N ASN Q 181 -13.47 84.04 42.23
CA ASN Q 181 -13.05 85.43 42.17
C ASN Q 181 -13.96 86.32 43.01
N THR Q 182 -14.17 85.91 44.25
CA THR Q 182 -15.00 86.66 45.18
C THR Q 182 -14.33 87.93 45.61
N MET Q 183 -13.01 87.88 45.61
CA MET Q 183 -12.25 88.91 46.28
C MET Q 183 -11.46 89.79 45.33
N PRO Q 184 -11.15 91.00 45.76
CA PRO Q 184 -10.60 91.99 44.85
C PRO Q 184 -9.36 91.50 44.14
N PHE Q 185 -9.30 91.76 42.86
CA PHE Q 185 -8.18 91.29 42.08
C PHE Q 185 -6.99 92.19 42.32
N THR Q 186 -5.88 91.59 42.76
CA THR Q 186 -4.67 92.34 43.05
C THR Q 186 -3.44 91.68 42.43
N PRO Q 187 -3.21 91.92 41.13
CA PRO Q 187 -2.04 91.39 40.44
C PRO Q 187 -0.75 91.96 40.97
N ALA Q 188 0.19 91.10 41.31
CA ALA Q 188 1.42 91.52 41.97
C ALA Q 188 2.43 92.04 40.99
N ALA Q 189 2.18 91.92 39.70
CA ALA Q 189 3.17 92.36 38.74
C ALA Q 189 3.32 93.87 38.80
N MET Q 190 2.27 94.55 39.23
CA MET Q 190 2.26 96.01 39.23
C MET Q 190 3.19 96.60 40.26
N ARG Q 191 3.58 95.79 41.22
CA ARG Q 191 4.42 96.25 42.29
C ARG Q 191 5.70 95.44 42.33
N SER Q 192 5.99 94.75 41.23
CA SER Q 192 7.14 93.86 41.13
C SER Q 192 7.27 92.94 42.33
N GLU Q 193 6.17 92.28 42.66
CA GLU Q 193 6.08 91.45 43.86
C GLU Q 193 5.53 90.05 43.57
N THR Q 194 5.87 89.49 42.42
CA THR Q 194 5.46 88.15 42.08
C THR Q 194 6.49 87.21 42.62
N LEU Q 195 6.46 85.98 42.15
CA LEU Q 195 7.49 85.03 42.53
C LEU Q 195 8.82 85.33 41.87
N GLY Q 196 9.86 84.70 42.38
CA GLY Q 196 11.19 84.88 41.84
C GLY Q 196 11.33 84.38 40.42
N PHE Q 197 12.27 84.94 39.67
CA PHE Q 197 12.42 84.55 38.27
C PHE Q 197 13.49 83.50 38.07
N TYR Q 198 14.11 83.05 39.15
CA TYR Q 198 15.16 82.06 39.06
C TYR Q 198 14.70 80.83 39.76
N PRO Q 199 14.75 79.68 39.07
CA PRO Q 199 14.30 78.39 39.59
C PRO Q 199 15.11 77.92 40.78
N TRP Q 200 16.41 78.22 40.81
CA TRP Q 200 17.24 77.65 41.87
C TRP Q 200 17.35 78.57 43.07
N LYS Q 201 16.78 79.76 42.98
CA LYS Q 201 16.81 80.67 44.09
C LYS Q 201 15.44 80.81 44.68
N PRO Q 202 15.30 80.52 45.98
CA PRO Q 202 14.01 80.57 46.67
C PRO Q 202 13.31 81.94 46.59
N THR Q 203 12.04 81.96 47.00
CA THR Q 203 11.22 83.14 46.88
C THR Q 203 10.16 83.17 47.96
N ILE Q 204 9.26 84.13 47.85
CA ILE Q 204 8.27 84.38 48.88
C ILE Q 204 7.02 84.87 48.24
N PRO Q 205 5.90 84.74 48.95
CA PRO Q 205 4.67 85.43 48.56
C PRO Q 205 4.74 86.88 48.98
N THR Q 206 3.66 87.63 48.80
CA THR Q 206 3.60 88.98 49.35
C THR Q 206 2.39 89.16 50.21
N PRO Q 207 2.52 89.95 51.27
CA PRO Q 207 1.38 90.16 52.17
C PRO Q 207 0.18 90.69 51.41
N TRP Q 208 -0.97 90.07 51.59
CA TRP Q 208 -2.13 90.51 50.84
C TRP Q 208 -2.84 91.68 51.51
N ARG Q 209 -3.31 92.61 50.69
CA ARG Q 209 -3.85 93.86 51.18
C ARG Q 209 -4.72 94.35 50.04
N TYR Q 210 -5.78 95.09 50.31
CA TYR Q 210 -6.63 95.56 49.21
C TYR Q 210 -7.24 96.90 49.52
N TYR Q 211 -7.74 97.55 48.47
CA TYR Q 211 -8.22 98.91 48.59
C TYR Q 211 -9.56 98.98 49.31
N PHE Q 212 -9.64 99.90 50.27
CA PHE Q 212 -10.85 100.20 51.02
C PHE Q 212 -11.29 101.62 50.66
N GLN Q 213 -12.59 101.87 50.55
CA GLN Q 213 -13.05 103.14 49.95
C GLN Q 213 -12.75 104.35 50.80
N TRP Q 214 -12.44 105.46 50.13
CA TRP Q 214 -12.22 106.74 50.80
C TRP Q 214 -12.57 107.91 49.88
N ASP Q 215 -13.19 108.95 50.44
CA ASP Q 215 -13.40 110.24 49.75
C ASP Q 215 -12.18 111.11 49.97
N ARG Q 216 -11.86 111.99 49.03
CA ARG Q 216 -10.59 112.71 49.06
C ARG Q 216 -10.54 113.83 48.03
N THR Q 217 -10.18 115.02 48.48
CA THR Q 217 -10.08 116.17 47.60
C THR Q 217 -8.69 116.73 47.65
N LEU Q 218 -8.18 117.11 46.48
CA LEU Q 218 -6.90 117.79 46.36
C LEU Q 218 -6.91 118.73 45.17
N ILE Q 219 -6.92 120.05 45.39
CA ILE Q 219 -6.89 120.99 44.28
C ILE Q 219 -5.47 121.26 43.82
N PRO Q 220 -5.18 121.17 42.51
CA PRO Q 220 -3.82 121.39 42.04
C PRO Q 220 -3.34 122.82 42.22
N SER Q 221 -2.03 123.02 42.10
CA SER Q 221 -1.39 124.30 42.38
C SER Q 221 0.02 124.30 41.84
N HIS Q 222 0.69 125.45 41.90
CA HIS Q 222 2.09 125.52 41.51
C HIS Q 222 2.84 126.20 42.63
N THR Q 223 4.14 126.32 42.47
CA THR Q 223 4.98 126.93 43.50
C THR Q 223 4.59 128.37 43.76
N GLY Q 224 4.18 129.07 42.72
CA GLY Q 224 3.77 130.45 42.84
C GLY Q 224 2.50 130.62 43.63
N THR Q 225 1.64 129.60 43.60
CA THR Q 225 0.37 129.68 44.31
C THR Q 225 0.67 129.92 45.78
N SER Q 226 0.07 130.96 46.35
CA SER Q 226 0.17 131.11 47.79
C SER Q 226 -1.17 130.85 48.44
N GLY Q 227 -1.15 130.84 49.76
CA GLY Q 227 -2.32 130.43 50.52
C GLY Q 227 -2.21 128.92 50.53
N THR Q 228 -3.21 128.25 51.08
CA THR Q 228 -3.17 126.80 51.12
C THR Q 228 -4.31 126.23 50.28
N PRO Q 229 -3.95 125.58 49.16
CA PRO Q 229 -4.90 124.93 48.26
C PRO Q 229 -5.59 123.81 49.01
N THR Q 230 -6.90 123.68 48.89
CA THR Q 230 -7.64 122.74 49.74
C THR Q 230 -7.15 121.29 49.55
N ASN Q 231 -6.80 120.64 50.66
CA ASN Q 231 -6.17 119.32 50.61
C ASN Q 231 -6.63 118.45 51.76
N ILE Q 232 -7.80 117.84 51.63
CA ILE Q 232 -8.46 117.19 52.75
C ILE Q 232 -8.81 115.73 52.48
N TYR Q 233 -8.87 114.93 53.55
CA TYR Q 233 -9.30 113.54 53.51
C TYR Q 233 -10.68 113.52 54.13
N HIS Q 234 -11.69 113.35 53.31
CA HIS Q 234 -13.05 113.52 53.79
C HIS Q 234 -13.54 112.39 54.68
N GLY Q 235 -13.08 111.17 54.44
CA GLY Q 235 -13.53 110.03 55.24
C GLY Q 235 -13.88 108.84 54.39
N THR Q 236 -15.10 108.32 54.57
CA THR Q 236 -15.53 107.12 53.86
C THR Q 236 -17.02 107.19 53.44
N ASP Q 237 -17.31 107.06 52.14
CA ASP Q 237 -18.70 107.00 51.68
C ASP Q 237 -19.25 105.69 52.21
N PRO Q 238 -20.19 105.75 53.15
CA PRO Q 238 -20.68 104.51 53.76
C PRO Q 238 -21.33 103.59 52.71
N ASP Q 239 -21.85 104.18 51.64
CA ASP Q 239 -22.55 103.44 50.61
C ASP Q 239 -21.60 102.60 49.76
N ASP Q 240 -20.31 102.73 50.02
CA ASP Q 240 -19.31 102.09 49.18
C ASP Q 240 -18.43 101.14 49.98
N VAL Q 241 -18.84 100.82 51.19
CA VAL Q 241 -17.99 100.00 52.06
C VAL Q 241 -18.07 98.51 51.82
N GLN Q 242 -16.94 97.92 51.48
CA GLN Q 242 -16.82 96.48 51.35
C GLN Q 242 -15.63 95.86 52.08
N PHE Q 243 -15.91 95.27 53.23
CA PHE Q 243 -14.90 94.59 54.01
C PHE Q 243 -15.00 93.09 53.80
N TYR Q 244 -14.02 92.55 53.12
CA TYR Q 244 -13.94 91.15 52.77
C TYR Q 244 -13.04 90.40 53.74
N THR Q 245 -13.34 89.14 53.98
CA THR Q 245 -12.40 88.26 54.65
C THR Q 245 -12.22 87.01 53.82
N ILE Q 246 -11.02 86.47 53.86
CA ILE Q 246 -10.75 85.19 53.27
C ILE Q 246 -11.71 84.21 53.89
N GLU Q 247 -11.82 84.29 55.21
CA GLU Q 247 -12.54 83.33 56.01
C GLU Q 247 -14.05 83.19 55.67
N ASN Q 248 -14.71 84.28 55.33
CA ASN Q 248 -16.14 84.19 55.02
C ASN Q 248 -16.51 83.91 53.58
N SER Q 249 -15.53 83.91 52.70
CA SER Q 249 -15.78 83.80 51.26
C SER Q 249 -15.25 82.51 50.62
N VAL Q 250 -14.13 82.02 51.14
CA VAL Q 250 -13.38 80.94 50.53
C VAL Q 250 -13.13 79.80 51.50
N PRO Q 251 -13.26 78.55 51.03
CA PRO Q 251 -12.91 77.43 51.90
C PRO Q 251 -11.41 77.33 52.12
N VAL Q 252 -11.03 77.16 53.38
CA VAL Q 252 -9.63 77.06 53.75
C VAL Q 252 -9.24 75.62 54.04
N HIS Q 253 -8.14 75.19 53.42
CA HIS Q 253 -7.58 73.87 53.62
C HIS Q 253 -6.42 73.96 54.58
N LEU Q 254 -6.33 73.03 55.51
CA LEU Q 254 -5.16 72.94 56.38
C LEU Q 254 -4.20 71.89 55.83
N LEU Q 255 -2.99 72.29 55.50
CA LEU Q 255 -2.02 71.32 55.03
C LEU Q 255 -0.94 71.10 56.06
N ARG Q 256 -0.77 69.87 56.54
CA ARG Q 256 0.38 69.51 57.35
C ARG Q 256 1.44 68.98 56.42
N THR Q 257 2.52 68.43 56.95
CA THR Q 257 3.64 68.02 56.11
C THR Q 257 3.26 67.06 55.02
N GLY Q 258 2.44 66.07 55.37
CA GLY Q 258 2.05 65.03 54.43
C GLY Q 258 0.88 65.37 53.52
N ASP Q 259 0.28 66.55 53.67
CA ASP Q 259 -0.85 66.94 52.86
C ASP Q 259 -0.35 67.66 51.63
N GLU Q 260 -1.18 67.73 50.60
CA GLU Q 260 -0.83 68.51 49.42
C GLU Q 260 -2.09 69.17 48.93
N PHE Q 261 -1.97 70.28 48.23
CA PHE Q 261 -3.13 70.93 47.65
C PHE Q 261 -2.93 71.29 46.22
N ALA Q 262 -3.85 70.86 45.38
CA ALA Q 262 -3.76 71.15 43.96
C ALA Q 262 -5.05 71.74 43.49
N THR Q 263 -4.97 72.67 42.55
CA THR Q 263 -6.15 73.28 41.98
C THR Q 263 -6.51 72.47 40.78
N GLY Q 264 -7.64 72.76 40.15
CA GLY Q 264 -7.97 72.06 38.94
C GLY Q 264 -7.08 72.54 37.80
N THR Q 265 -7.50 72.29 36.58
CA THR Q 265 -6.90 72.95 35.44
C THR Q 265 -7.91 73.96 34.96
N PHE Q 266 -7.53 75.21 35.00
CA PHE Q 266 -8.37 76.29 34.51
C PHE Q 266 -8.12 76.52 33.03
N PHE Q 267 -9.20 76.58 32.25
CA PHE Q 267 -9.09 76.86 30.82
C PHE Q 267 -9.46 78.27 30.45
N PHE Q 268 -8.57 78.93 29.73
CA PHE Q 268 -8.78 80.32 29.39
C PHE Q 268 -9.65 80.47 28.16
N ASP Q 269 -10.12 81.68 27.93
CA ASP Q 269 -10.52 82.08 26.59
C ASP Q 269 -10.36 83.56 26.43
N CYS Q 270 -9.48 83.91 25.51
CA CYS Q 270 -9.20 85.29 25.15
C CYS Q 270 -8.76 85.30 23.69
N LYS Q 271 -8.52 86.48 23.13
CA LYS Q 271 -8.06 86.57 21.74
C LYS Q 271 -6.59 86.25 21.65
N PRO Q 272 -6.11 85.95 20.45
CA PRO Q 272 -4.67 85.74 20.35
C PRO Q 272 -3.86 87.02 20.50
N CYS Q 273 -2.69 86.86 21.10
CA CYS Q 273 -1.71 87.93 21.19
C CYS Q 273 -0.68 87.78 20.10
N ARG Q 274 -0.39 88.86 19.37
CA ARG Q 274 0.46 88.74 18.20
C ARG Q 274 1.91 89.11 18.50
N LEU Q 275 2.83 88.41 17.85
CA LEU Q 275 4.23 88.64 18.09
C LEU Q 275 4.86 89.28 16.89
N THR Q 276 4.12 90.19 16.28
CA THR Q 276 4.60 91.00 15.18
C THR Q 276 4.17 92.45 15.34
N HIS Q 277 5.06 93.36 14.95
CA HIS Q 277 4.77 94.79 15.03
C HIS Q 277 4.41 95.35 13.66
N THR Q 278 3.53 96.34 13.66
CA THR Q 278 3.13 97.02 12.45
C THR Q 278 3.96 98.26 12.32
N TRP Q 279 4.40 98.56 11.11
CA TRP Q 279 5.28 99.69 10.95
C TRP Q 279 4.64 100.86 10.25
N GLN Q 280 3.46 100.65 9.70
CA GLN Q 280 2.86 101.67 8.86
C GLN Q 280 2.11 102.64 9.72
N THR Q 281 2.37 103.93 9.46
CA THR Q 281 1.57 105.03 9.97
C THR Q 281 0.73 105.46 8.80
N ASN Q 282 -0.14 106.43 9.00
CA ASN Q 282 -0.99 106.89 7.91
C ASN Q 282 -0.24 107.23 6.64
N ARG Q 283 1.00 107.69 6.75
CA ARG Q 283 1.71 108.19 5.59
C ARG Q 283 2.17 107.12 4.63
N ALA Q 284 1.93 105.87 5.01
CA ALA Q 284 2.32 104.73 4.18
C ALA Q 284 1.20 103.74 4.07
N LEU Q 285 0.01 104.21 3.77
CA LEU Q 285 -1.14 103.36 3.53
C LEU Q 285 -1.64 103.53 2.13
N GLY Q 286 -1.54 102.49 1.32
CA GLY Q 286 -2.23 102.52 0.06
C GLY Q 286 -1.29 102.73 -1.07
N LEU Q 287 -1.80 103.29 -2.16
CA LEU Q 287 -1.00 103.40 -3.36
C LEU Q 287 -0.13 104.65 -3.38
N PRO Q 288 1.19 104.48 -3.38
CA PRO Q 288 2.05 105.65 -3.47
C PRO Q 288 1.85 106.40 -4.79
N PRO Q 289 2.16 107.69 -4.82
CA PRO Q 289 1.97 108.45 -6.03
C PRO Q 289 2.95 108.04 -7.08
N PHE Q 290 2.50 107.95 -8.32
CA PHE Q 290 3.35 107.50 -9.41
C PHE Q 290 4.51 108.44 -9.67
N LEU Q 291 5.72 107.93 -9.76
CA LEU Q 291 6.85 108.82 -10.02
C LEU Q 291 7.12 108.97 -11.50
N ASN Q 292 7.04 110.20 -12.02
CA ASN Q 292 7.34 110.44 -13.43
C ASN Q 292 8.80 110.72 -13.75
N SER Q 293 9.59 110.98 -12.72
CA SER Q 293 11.02 111.20 -12.89
C SER Q 293 11.79 110.34 -11.93
N LEU Q 294 12.39 109.28 -12.47
CA LEU Q 294 13.18 108.36 -11.67
C LEU Q 294 14.67 108.70 -11.73
N PRO Q 295 15.37 108.48 -10.61
CA PRO Q 295 16.80 108.76 -10.55
C PRO Q 295 17.56 107.94 -11.57
N GLN Q 296 18.72 108.44 -11.96
CA GLN Q 296 19.50 107.77 -12.98
C GLN Q 296 20.93 107.48 -12.54
N SER Q 297 21.23 107.72 -11.28
CA SER Q 297 22.48 107.24 -10.69
C SER Q 297 22.31 106.95 -9.19
N GLU Q 298 23.05 105.97 -8.67
CA GLU Q 298 22.91 105.59 -7.26
C GLU Q 298 23.44 106.70 -6.40
N GLY Q 299 23.07 106.70 -5.12
CA GLY Q 299 23.60 107.69 -4.21
C GLY Q 299 22.63 108.21 -3.18
N GLY Q 300 23.04 109.25 -2.47
CA GLY Q 300 22.33 109.71 -1.30
C GLY Q 300 21.46 110.92 -1.55
N THR Q 301 21.61 111.55 -2.71
CA THR Q 301 20.77 112.68 -3.02
C THR Q 301 20.20 112.61 -4.42
N ASN Q 302 20.29 111.42 -5.03
CA ASN Q 302 19.62 111.21 -6.30
C ASN Q 302 18.19 110.86 -6.07
N PHE Q 303 17.40 111.86 -5.71
CA PHE Q 303 16.00 111.63 -5.40
C PHE Q 303 15.18 111.41 -6.67
N GLY Q 304 14.03 110.76 -6.53
CA GLY Q 304 13.08 110.66 -7.63
C GLY Q 304 12.04 111.72 -7.41
N TYR Q 305 11.38 112.16 -8.48
CA TYR Q 305 10.42 113.24 -8.36
C TYR Q 305 9.07 112.85 -8.92
N ILE Q 306 8.01 113.17 -8.17
CA ILE Q 306 6.64 112.89 -8.61
C ILE Q 306 6.42 113.48 -9.99
N GLY Q 307 6.70 114.77 -10.11
CA GLY Q 307 6.73 115.40 -11.41
C GLY Q 307 5.41 115.89 -11.93
N VAL Q 308 4.50 116.25 -11.04
CA VAL Q 308 3.28 116.95 -11.43
C VAL Q 308 2.94 118.02 -10.42
N GLN Q 309 2.53 119.19 -10.89
CA GLN Q 309 2.22 120.28 -9.98
C GLN Q 309 1.23 119.86 -8.93
N GLN Q 310 1.55 120.20 -7.69
CA GLN Q 310 0.78 119.76 -6.54
C GLN Q 310 -0.69 120.15 -6.61
N ASP Q 311 -1.02 121.17 -7.40
CA ASP Q 311 -2.40 121.63 -7.44
C ASP Q 311 -3.11 121.11 -8.68
N LYS Q 312 -2.43 120.31 -9.48
CA LYS Q 312 -3.03 119.78 -10.68
C LYS Q 312 -3.03 118.26 -10.68
N ARG Q 313 -3.02 117.68 -9.49
CA ARG Q 313 -2.89 116.24 -9.31
C ARG Q 313 -4.24 115.58 -9.18
N ARG Q 314 -4.30 114.30 -9.55
CA ARG Q 314 -5.53 113.51 -9.50
C ARG Q 314 -5.59 112.68 -8.21
N GLY Q 315 -6.78 112.46 -7.67
CA GLY Q 315 -6.90 111.70 -6.44
C GLY Q 315 -7.95 112.25 -5.50
N VAL Q 316 -7.96 111.75 -4.26
CA VAL Q 316 -8.99 112.11 -3.28
C VAL Q 316 -8.45 112.67 -1.98
N THR Q 317 -8.98 113.80 -1.52
CA THR Q 317 -8.63 114.28 -0.18
C THR Q 317 -9.87 114.68 0.55
N GLN Q 318 -9.72 114.94 1.85
CA GLN Q 318 -10.84 115.39 2.65
C GLN Q 318 -10.74 116.89 2.90
N MET Q 319 -10.17 117.60 1.94
CA MET Q 319 -10.05 119.05 1.98
C MET Q 319 -10.82 119.72 0.87
N GLY Q 320 -12.07 120.09 1.14
CA GLY Q 320 -12.94 120.65 0.13
C GLY Q 320 -12.43 121.89 -0.58
N ASN Q 321 -11.53 122.63 0.08
CA ASN Q 321 -11.02 123.89 -0.44
C ASN Q 321 -9.98 123.75 -1.53
N THR Q 322 -8.76 123.40 -1.13
CA THR Q 322 -7.64 123.47 -2.05
C THR Q 322 -7.62 122.30 -2.98
N ASN Q 323 -6.84 122.46 -4.03
CA ASN Q 323 -6.62 121.41 -5.00
C ASN Q 323 -5.25 120.80 -4.77
N TYR Q 324 -4.65 121.18 -3.66
CA TYR Q 324 -3.37 120.60 -3.33
C TYR Q 324 -3.55 119.16 -2.96
N ILE Q 325 -2.83 118.26 -3.60
CA ILE Q 325 -2.86 116.88 -3.17
C ILE Q 325 -1.47 116.39 -2.90
N THR Q 326 -1.07 116.41 -1.64
CA THR Q 326 0.26 115.95 -1.26
C THR Q 326 0.12 114.82 -0.31
N GLU Q 327 1.22 114.13 -0.05
CA GLU Q 327 1.19 112.98 0.84
C GLU Q 327 0.61 113.26 2.20
N ALA Q 328 0.72 114.49 2.71
CA ALA Q 328 0.15 114.79 4.01
C ALA Q 328 -1.33 115.18 3.86
N THR Q 329 -1.74 115.35 2.62
CA THR Q 329 -3.07 115.83 2.29
C THR Q 329 -3.99 114.70 1.80
N ILE Q 330 -3.42 113.75 1.07
CA ILE Q 330 -4.17 112.64 0.48
C ILE Q 330 -4.99 111.86 1.50
N MET Q 331 -6.22 111.50 1.14
CA MET Q 331 -7.08 110.72 2.01
C MET Q 331 -6.45 109.40 2.35
N ARG Q 332 -6.67 108.89 3.55
CA ARG Q 332 -6.27 107.51 3.87
C ARG Q 332 -7.53 106.87 4.39
N PRO Q 333 -7.66 105.54 4.29
CA PRO Q 333 -8.91 104.85 4.62
C PRO Q 333 -9.37 105.02 6.05
N ALA Q 334 -8.45 105.14 7.00
CA ALA Q 334 -8.78 105.41 8.40
C ALA Q 334 -7.59 106.04 9.10
N GLU Q 335 -7.51 105.93 10.40
CA GLU Q 335 -6.38 106.55 11.10
C GLU Q 335 -5.70 105.61 12.03
N VAL Q 336 -4.40 105.48 11.83
CA VAL Q 336 -3.61 104.60 12.64
C VAL Q 336 -3.12 105.32 13.86
N GLY Q 337 -3.55 104.86 15.03
CA GLY Q 337 -3.18 105.48 16.28
C GLY Q 337 -4.03 106.69 16.62
N TYR Q 338 -3.73 107.28 17.77
CA TYR Q 338 -4.48 108.44 18.22
C TYR Q 338 -3.64 109.32 19.12
N SER Q 339 -4.00 110.59 19.18
CA SER Q 339 -3.31 111.53 20.04
C SER Q 339 -4.03 111.64 21.37
N ALA Q 340 -3.28 111.59 22.46
CA ALA Q 340 -3.90 111.58 23.77
C ALA Q 340 -3.22 112.56 24.69
N PRO Q 341 -3.97 113.05 25.68
CA PRO Q 341 -3.47 114.00 26.68
C PRO Q 341 -2.29 113.47 27.50
N TYR Q 342 -1.34 114.34 27.78
CA TYR Q 342 -0.11 113.96 28.48
C TYR Q 342 0.51 115.21 29.05
N TYR Q 343 1.03 115.18 30.29
CA TYR Q 343 0.75 114.15 31.30
C TYR Q 343 -0.59 114.47 31.94
N SER Q 344 -1.69 113.89 31.44
CA SER Q 344 -2.98 114.33 31.96
C SER Q 344 -3.32 113.59 33.21
N PHE Q 345 -3.74 114.37 34.19
CA PHE Q 345 -4.25 113.84 35.43
C PHE Q 345 -5.73 114.24 35.56
N GLU Q 346 -6.53 113.25 35.96
CA GLU Q 346 -7.93 113.44 36.14
C GLU Q 346 -8.22 113.08 37.56
N ALA Q 347 -9.34 113.54 38.07
CA ALA Q 347 -9.59 113.31 39.47
C ALA Q 347 -11.01 112.91 39.67
N SER Q 348 -11.21 111.93 40.52
CA SER Q 348 -12.54 111.53 40.92
C SER Q 348 -12.54 111.21 42.39
N THR Q 349 -13.73 111.06 42.95
CA THR Q 349 -14.00 110.72 44.35
C THR Q 349 -12.81 110.47 45.28
N GLN Q 350 -11.77 109.81 44.77
CA GLN Q 350 -10.69 109.33 45.62
C GLN Q 350 -9.33 109.96 45.33
N GLY Q 351 -9.34 111.00 44.51
CA GLY Q 351 -8.13 111.73 44.23
C GLY Q 351 -7.81 111.72 42.77
N PRO Q 352 -6.67 112.31 42.42
CA PRO Q 352 -6.24 112.47 41.05
C PRO Q 352 -5.42 111.28 40.60
N PHE Q 353 -5.38 111.03 39.30
CA PHE Q 353 -4.61 109.93 38.74
C PHE Q 353 -4.23 110.21 37.30
N LYS Q 354 -3.14 109.62 36.84
CA LYS Q 354 -2.72 109.86 35.46
C LYS Q 354 -3.72 109.28 34.47
N THR Q 355 -3.86 109.96 33.33
CA THR Q 355 -4.63 109.45 32.23
C THR Q 355 -3.75 108.54 31.39
N PRO Q 356 -4.16 107.27 31.23
CA PRO Q 356 -3.38 106.25 30.52
C PRO Q 356 -3.47 106.35 29.01
N ILE Q 357 -2.42 105.90 28.34
CA ILE Q 357 -2.30 105.97 26.88
C ILE Q 357 -2.09 104.61 26.25
N ALA Q 358 -2.57 104.43 25.03
CA ALA Q 358 -2.43 103.12 24.41
C ALA Q 358 -1.23 102.99 23.51
N ALA Q 359 -1.14 103.84 22.50
CA ALA Q 359 -0.28 103.57 21.34
C ALA Q 359 1.24 103.50 21.64
N GLY Q 360 2.05 103.88 20.66
CA GLY Q 360 3.50 103.95 20.84
C GLY Q 360 4.05 102.75 20.11
N ARG Q 361 5.23 102.82 19.50
CA ARG Q 361 6.10 103.99 19.48
C ARG Q 361 5.75 104.98 18.38
N GLY Q 362 6.03 106.27 18.59
CA GLY Q 362 5.68 107.28 17.60
C GLY Q 362 6.75 108.19 17.01
N GLY Q 363 7.87 108.37 17.70
CA GLY Q 363 8.92 109.23 17.19
C GLY Q 363 9.80 108.57 16.15
N ALA Q 364 10.52 109.36 15.37
CA ALA Q 364 11.41 108.84 14.34
C ALA Q 364 12.67 108.30 14.98
N GLN Q 365 13.80 108.64 14.39
CA GLN Q 365 15.09 108.09 14.82
C GLN Q 365 15.52 108.55 16.20
N THR Q 366 15.51 107.61 17.14
CA THR Q 366 16.00 107.78 18.52
C THR Q 366 15.39 108.91 19.37
N ASP Q 367 14.23 109.45 19.01
CA ASP Q 367 13.68 110.53 19.84
C ASP Q 367 12.20 110.36 20.24
N GLU Q 368 11.87 109.33 21.01
CA GLU Q 368 10.48 109.16 21.37
C GLU Q 368 9.99 110.24 22.30
N ASN Q 369 8.69 110.48 22.25
CA ASN Q 369 8.06 111.35 23.21
C ASN Q 369 7.40 110.49 24.27
N GLN Q 370 8.21 109.76 25.03
CA GLN Q 370 7.75 108.78 26.00
C GLN Q 370 6.54 109.14 26.86
N ALA Q 371 5.86 110.23 26.53
CA ALA Q 371 4.76 110.66 27.37
C ALA Q 371 3.52 110.72 26.55
N ALA Q 372 3.66 111.09 25.29
CA ALA Q 372 2.52 111.10 24.41
C ALA Q 372 2.15 109.68 24.06
N ASP Q 373 3.13 108.79 24.16
CA ASP Q 373 2.97 107.38 23.85
C ASP Q 373 2.62 106.49 25.04
N GLY Q 374 3.01 106.92 26.22
CA GLY Q 374 2.63 106.20 27.41
C GLY Q 374 3.53 105.00 27.51
N ASP Q 375 4.80 105.19 27.17
CA ASP Q 375 5.75 104.10 27.21
C ASP Q 375 5.95 103.85 28.67
N PRO Q 376 5.77 102.60 29.07
CA PRO Q 376 5.77 102.10 30.44
C PRO Q 376 7.18 101.98 31.02
N ARG Q 377 7.32 102.21 32.32
CA ARG Q 377 8.64 102.17 32.94
C ARG Q 377 8.62 101.22 34.14
N TYR Q 378 9.48 100.21 34.11
CA TYR Q 378 9.40 99.14 35.09
C TYR Q 378 10.52 99.26 36.13
N ALA Q 379 10.16 99.14 37.40
CA ALA Q 379 11.15 99.17 38.47
C ALA Q 379 11.01 97.92 39.25
N PHE Q 380 12.13 97.25 39.51
CA PHE Q 380 12.11 95.90 40.06
C PHE Q 380 13.38 95.61 40.85
N GLY Q 381 13.39 94.49 41.57
CA GLY Q 381 14.51 94.24 42.45
C GLY Q 381 15.00 92.81 42.57
N ARG Q 382 16.29 92.65 42.33
CA ARG Q 382 17.07 91.40 42.49
C ARG Q 382 16.34 90.08 42.25
N GLN Q 383 15.26 89.85 42.98
CA GLN Q 383 14.41 88.68 42.75
C GLN Q 383 13.87 88.68 41.33
N HIS Q 384 13.72 89.85 40.74
CA HIS Q 384 13.06 89.97 39.47
C HIS Q 384 13.90 90.65 38.43
N GLY Q 385 15.20 90.53 38.49
CA GLY Q 385 15.98 91.03 37.37
C GLY Q 385 17.20 91.82 37.74
N GLN Q 386 17.09 92.65 38.76
CA GLN Q 386 18.20 93.47 39.19
C GLN Q 386 19.35 92.54 39.49
N LYS Q 387 20.57 92.98 39.23
CA LYS Q 387 21.72 92.13 39.45
C LYS Q 387 21.74 91.77 40.93
N THR Q 388 21.81 90.48 41.20
CA THR Q 388 21.56 89.98 42.54
C THR Q 388 22.66 90.28 43.55
N THR Q 389 23.82 90.70 43.07
CA THR Q 389 24.92 91.07 43.96
C THR Q 389 24.80 92.52 44.38
N THR Q 390 23.96 93.26 43.70
CA THR Q 390 23.79 94.67 43.97
C THR Q 390 23.20 94.99 45.32
N THR Q 391 23.99 95.71 46.11
CA THR Q 391 23.50 96.33 47.34
C THR Q 391 22.95 97.71 47.04
N GLY Q 392 22.25 98.27 48.02
CA GLY Q 392 21.62 99.57 47.88
C GLY Q 392 20.17 99.27 47.69
N GLU Q 393 19.30 100.17 48.15
CA GLU Q 393 17.88 99.89 48.10
C GLU Q 393 17.28 100.46 46.83
N THR Q 394 18.12 101.00 45.97
CA THR Q 394 17.68 101.61 44.74
C THR Q 394 17.43 100.54 43.69
N PRO Q 395 16.22 100.52 43.11
CA PRO Q 395 15.76 99.51 42.15
C PRO Q 395 16.34 99.66 40.76
N GLU Q 396 16.37 98.58 40.00
CA GLU Q 396 16.77 98.63 38.60
C GLU Q 396 15.57 99.04 37.78
N ARG Q 397 15.80 99.71 36.66
CA ARG Q 397 14.70 100.24 35.88
C ARG Q 397 14.92 100.16 34.40
N PHE Q 398 13.83 100.29 33.64
CA PHE Q 398 13.91 100.43 32.19
C PHE Q 398 12.61 100.97 31.62
N THR Q 399 12.66 101.51 30.41
CA THR Q 399 11.45 101.98 29.74
C THR Q 399 11.22 101.26 28.42
N TYR Q 400 10.14 100.51 28.34
CA TYR Q 400 9.88 99.69 27.18
C TYR Q 400 9.38 100.54 26.02
N ILE Q 401 10.19 100.63 24.98
CA ILE Q 401 9.72 101.28 23.77
C ILE Q 401 9.42 100.26 22.70
N ALA Q 402 8.12 100.07 22.43
CA ALA Q 402 7.65 99.00 21.55
C ALA Q 402 8.12 99.19 20.13
N HIS Q 403 8.07 98.15 19.33
CA HIS Q 403 8.55 98.28 17.97
C HIS Q 403 7.47 98.84 17.08
N GLN Q 404 6.22 98.69 17.50
CA GLN Q 404 5.11 99.01 16.62
C GLN Q 404 4.91 100.51 16.49
N ASP Q 405 5.16 101.03 15.30
CA ASP Q 405 5.05 102.47 15.05
C ASP Q 405 3.58 102.89 14.93
N THR Q 406 2.92 103.09 16.07
CA THR Q 406 1.54 103.52 16.07
C THR Q 406 1.31 104.69 17.01
N GLY Q 407 2.39 105.31 17.45
CA GLY Q 407 2.31 106.43 18.36
C GLY Q 407 2.37 107.78 17.68
N ARG Q 408 2.69 108.81 18.45
CA ARG Q 408 2.72 110.18 17.95
C ARG Q 408 4.02 110.91 18.30
N TYR Q 409 4.37 111.88 17.47
CA TYR Q 409 5.45 112.84 17.75
C TYR Q 409 4.86 114.22 17.72
N PRO Q 410 4.23 114.64 18.82
CA PRO Q 410 3.41 115.86 18.90
C PRO Q 410 4.16 117.12 18.48
N GLU Q 411 5.49 117.08 18.53
CA GLU Q 411 6.30 118.16 18.03
C GLU Q 411 6.01 118.37 16.56
N GLY Q 412 5.52 117.34 15.90
CA GLY Q 412 5.21 117.43 14.48
C GLY Q 412 3.77 117.79 14.14
N ASP Q 413 2.96 117.99 15.17
CA ASP Q 413 1.55 118.33 14.99
C ASP Q 413 1.34 119.79 14.64
N TRP Q 414 0.20 120.07 14.04
CA TRP Q 414 -0.24 121.44 13.87
C TRP Q 414 -1.68 121.48 13.47
N ILE Q 415 -2.24 122.69 13.47
CA ILE Q 415 -3.63 122.91 13.08
C ILE Q 415 -3.81 124.14 12.22
N GLN Q 416 -4.26 124.00 10.98
CA GLN Q 416 -4.44 125.17 10.14
C GLN Q 416 -5.86 125.65 10.08
N ASN Q 417 -5.99 126.91 9.69
CA ASN Q 417 -7.26 127.55 9.48
C ASN Q 417 -7.95 127.03 8.23
N ILE Q 418 -9.28 127.14 8.24
CA ILE Q 418 -10.15 126.67 7.17
C ILE Q 418 -9.79 127.13 5.76
N ASN Q 419 -9.24 128.34 5.61
CA ASN Q 419 -9.07 128.90 4.29
C ASN Q 419 -7.85 128.36 3.55
N PHE Q 420 -6.90 127.82 4.31
CA PHE Q 420 -5.69 127.18 3.76
C PHE Q 420 -4.94 128.09 2.79
N ASN Q 421 -4.77 129.34 3.20
CA ASN Q 421 -3.92 130.26 2.47
C ASN Q 421 -2.50 130.10 2.93
N LEU Q 422 -1.68 129.56 2.04
CA LEU Q 422 -0.35 129.13 2.41
C LEU Q 422 0.71 129.66 1.45
N PRO Q 423 1.96 129.82 1.93
CA PRO Q 423 2.54 129.60 3.26
C PRO Q 423 1.72 130.25 4.36
N VAL Q 424 1.50 129.56 5.46
CA VAL Q 424 0.45 129.96 6.40
C VAL Q 424 0.85 131.07 7.39
N THR Q 425 -0.09 132.00 7.64
CA THR Q 425 0.06 133.08 8.62
C THR Q 425 0.16 132.58 10.04
N ASP Q 426 0.87 133.32 10.89
CA ASP Q 426 0.98 132.97 12.30
C ASP Q 426 -0.36 133.02 13.06
N ASP Q 427 -1.28 133.88 12.63
CA ASP Q 427 -2.57 133.96 13.31
C ASP Q 427 -3.44 132.78 12.84
N ASN Q 428 -3.02 132.15 11.75
CA ASN Q 428 -3.80 131.08 11.14
C ASN Q 428 -3.33 129.63 11.36
N VAL Q 429 -2.30 129.41 12.16
CA VAL Q 429 -1.85 128.05 12.45
C VAL Q 429 -1.62 127.94 13.92
N LEU Q 430 -1.90 126.78 14.49
CA LEU Q 430 -1.65 126.59 15.90
C LEU Q 430 -0.57 125.56 16.06
N LEU Q 431 0.57 125.99 16.57
CA LEU Q 431 1.72 125.14 16.70
C LEU Q 431 1.82 124.56 18.08
N PRO Q 432 2.62 123.50 18.23
CA PRO Q 432 2.96 123.02 19.56
C PRO Q 432 4.00 123.93 20.22
N THR Q 433 4.32 125.02 19.54
CA THR Q 433 5.20 126.04 20.07
C THR Q 433 4.36 127.12 20.76
N ASP Q 434 3.21 127.46 20.18
CA ASP Q 434 2.33 128.50 20.72
C ASP Q 434 1.63 128.01 21.98
N PRO Q 435 1.86 128.73 23.07
CA PRO Q 435 1.39 128.40 24.41
C PRO Q 435 -0.12 128.55 24.57
N ILE Q 436 -0.65 127.75 25.48
CA ILE Q 436 -2.07 127.61 25.66
C ILE Q 436 -2.46 128.04 27.07
N GLY Q 437 -3.47 128.89 27.19
CA GLY Q 437 -3.88 129.35 28.50
C GLY Q 437 -2.85 130.19 29.23
N GLY Q 438 -1.96 130.80 28.44
CA GLY Q 438 -0.95 131.71 28.96
C GLY Q 438 0.15 131.10 29.78
N LYS Q 439 0.49 129.86 29.41
CA LYS Q 439 1.56 129.12 30.02
C LYS Q 439 2.60 128.75 28.99
N THR Q 440 3.84 129.09 29.27
CA THR Q 440 4.98 128.87 28.38
C THR Q 440 5.21 127.41 27.98
N GLY Q 441 5.06 126.52 28.96
CA GLY Q 441 5.31 125.09 28.81
C GLY Q 441 4.15 124.16 28.52
N ILE Q 442 3.03 124.71 28.07
CA ILE Q 442 1.87 123.91 27.66
C ILE Q 442 1.43 124.39 26.29
N ASN Q 443 1.12 123.47 25.39
CA ASN Q 443 0.61 123.81 24.07
C ASN Q 443 -0.62 122.97 23.81
N TYR Q 444 -1.21 123.06 22.64
CA TYR Q 444 -2.49 122.40 22.48
C TYR Q 444 -2.41 120.89 22.56
N THR Q 445 -1.30 120.32 22.10
CA THR Q 445 -1.19 118.87 22.05
C THR Q 445 -1.23 118.23 23.44
N ASN Q 446 -1.05 119.01 24.48
CA ASN Q 446 -1.15 118.47 25.84
C ASN Q 446 -2.57 118.13 26.26
N ILE Q 447 -3.56 118.66 25.58
CA ILE Q 447 -4.94 118.36 25.92
C ILE Q 447 -5.69 117.69 24.77
N PHE Q 448 -4.95 117.35 23.72
CA PHE Q 448 -5.50 116.90 22.44
C PHE Q 448 -5.95 115.45 22.50
N ASN Q 449 -6.98 115.14 21.72
CA ASN Q 449 -7.53 113.80 21.67
C ASN Q 449 -8.11 113.52 20.30
N THR Q 450 -7.47 112.65 19.54
CA THR Q 450 -7.95 112.31 18.20
C THR Q 450 -8.45 110.89 18.16
N TYR Q 451 -8.94 110.41 19.28
CA TYR Q 451 -9.63 109.14 19.28
C TYR Q 451 -10.94 109.36 18.57
N GLY Q 452 -11.31 108.41 17.73
CA GLY Q 452 -12.52 108.56 16.93
C GLY Q 452 -12.90 107.31 16.15
N PRO Q 453 -14.07 107.33 15.53
CA PRO Q 453 -14.57 106.13 14.89
C PRO Q 453 -13.71 105.66 13.72
N LEU Q 454 -12.61 106.34 13.43
CA LEU Q 454 -11.74 105.87 12.36
C LEU Q 454 -10.43 105.37 12.93
N THR Q 455 -10.38 105.30 14.25
CA THR Q 455 -9.16 104.96 14.96
C THR Q 455 -8.84 103.48 14.92
N ALA Q 456 -7.58 103.14 14.62
CA ALA Q 456 -7.09 101.74 14.64
C ALA Q 456 -5.95 101.55 15.68
N LEU Q 457 -5.88 100.37 16.28
CA LEU Q 457 -5.04 100.14 17.44
C LEU Q 457 -4.50 98.76 17.47
N ASN Q 458 -3.41 98.56 18.17
CA ASN Q 458 -3.04 97.21 18.53
C ASN Q 458 -3.17 97.04 20.03
N ASN Q 459 -3.03 95.81 20.52
CA ASN Q 459 -2.97 95.56 21.95
C ASN Q 459 -1.53 95.76 22.43
N VAL Q 460 -1.33 95.89 23.74
CA VAL Q 460 0.02 96.09 24.29
C VAL Q 460 0.87 94.88 24.03
N PRO Q 461 2.15 95.10 23.71
CA PRO Q 461 3.03 93.96 23.53
C PRO Q 461 3.53 93.48 24.87
N PRO Q 462 3.81 92.18 25.00
CA PRO Q 462 4.27 91.60 26.25
C PRO Q 462 5.67 92.05 26.60
N VAL Q 463 5.86 92.45 27.85
CA VAL Q 463 7.15 92.95 28.28
C VAL Q 463 7.89 91.90 29.10
N TYR Q 464 8.90 91.27 28.52
CA TYR Q 464 9.66 90.25 29.27
C TYR Q 464 10.80 90.84 30.03
N PRO Q 465 10.99 90.40 31.28
CA PRO Q 465 10.26 89.41 32.07
C PRO Q 465 9.29 89.99 33.09
N ASN Q 466 9.28 91.31 33.26
CA ASN Q 466 8.54 91.91 34.35
C ASN Q 466 7.08 92.16 34.05
N GLY Q 467 6.69 91.98 32.79
CA GLY Q 467 5.32 92.24 32.39
C GLY Q 467 4.29 91.27 32.96
N GLN Q 468 3.06 91.72 33.07
CA GLN Q 468 1.98 90.88 33.50
C GLN Q 468 1.58 90.04 32.30
N ILE Q 469 0.95 88.89 32.55
CA ILE Q 469 0.52 88.00 31.48
C ILE Q 469 -0.96 88.08 31.21
N TRP Q 470 -1.77 87.79 32.21
CA TRP Q 470 -3.20 87.91 32.04
C TRP Q 470 -3.74 88.82 33.12
N ASP Q 471 -4.94 89.34 32.89
CA ASP Q 471 -5.54 90.34 33.76
C ASP Q 471 -7.05 90.21 33.70
N LYS Q 472 -7.73 90.43 34.83
CA LYS Q 472 -9.19 90.34 34.88
C LYS Q 472 -9.85 91.48 34.12
N GLU Q 473 -11.06 91.26 33.63
CA GLU Q 473 -11.75 92.34 32.94
C GLU Q 473 -12.61 93.08 33.90
N PHE Q 474 -12.75 94.38 33.67
CA PHE Q 474 -13.58 95.22 34.51
C PHE Q 474 -15.03 94.81 34.47
N ASP Q 475 -15.67 94.73 35.63
CA ASP Q 475 -17.10 94.40 35.68
C ASP Q 475 -17.94 95.65 35.43
N THR Q 476 -17.65 96.32 34.32
CA THR Q 476 -18.42 97.46 33.91
C THR Q 476 -19.36 97.06 32.79
N ASP Q 477 -20.48 97.76 32.68
CA ASP Q 477 -21.45 97.44 31.65
C ASP Q 477 -20.81 97.67 30.30
N LEU Q 478 -19.99 98.71 30.17
CA LEU Q 478 -19.21 98.88 28.95
C LEU Q 478 -17.72 98.72 29.23
N LYS Q 479 -17.00 98.06 28.32
CA LYS Q 479 -15.67 97.59 28.68
C LYS Q 479 -14.55 98.24 27.88
N PRO Q 480 -13.32 98.11 28.37
CA PRO Q 480 -12.18 98.65 27.66
C PRO Q 480 -11.83 97.85 26.43
N ARG Q 481 -11.33 98.46 25.38
CA ARG Q 481 -10.87 97.68 24.24
C ARG Q 481 -9.52 96.98 24.50
N LEU Q 482 -8.84 97.35 25.58
CA LEU Q 482 -7.63 96.67 26.00
C LEU Q 482 -7.20 97.06 27.41
N HIS Q 483 -6.17 96.44 27.94
CA HIS Q 483 -5.58 96.86 29.21
C HIS Q 483 -4.14 97.14 28.92
N VAL Q 484 -3.51 98.01 29.69
CA VAL Q 484 -2.16 98.38 29.35
C VAL Q 484 -1.13 97.58 30.12
N ASN Q 485 -1.58 96.82 31.11
CA ASN Q 485 -0.67 96.07 31.94
C ASN Q 485 -0.49 94.61 31.50
N ALA Q 486 -1.38 94.14 30.63
CA ALA Q 486 -1.34 92.75 30.16
C ALA Q 486 -1.99 92.54 28.79
N PRO Q 487 -1.47 91.58 28.02
CA PRO Q 487 -2.01 91.25 26.69
C PRO Q 487 -3.25 90.33 26.69
N PHE Q 488 -3.42 89.46 27.68
CA PHE Q 488 -4.61 88.61 27.72
C PHE Q 488 -5.59 89.09 28.76
N VAL Q 489 -6.83 89.34 28.37
CA VAL Q 489 -7.86 89.74 29.32
C VAL Q 489 -9.04 88.76 29.39
N CYS Q 490 -9.30 88.25 30.58
CA CYS Q 490 -10.40 87.33 30.81
C CYS Q 490 -11.77 87.97 30.93
N GLN Q 491 -12.58 87.97 29.88
CA GLN Q 491 -13.96 88.44 30.04
C GLN Q 491 -14.76 87.26 30.57
N ASN Q 492 -14.30 86.07 30.22
CA ASN Q 492 -14.73 84.81 30.82
C ASN Q 492 -14.90 84.96 32.32
N ASN Q 493 -13.85 84.54 33.01
CA ASN Q 493 -13.68 84.53 34.45
C ASN Q 493 -12.21 84.19 34.53
N CYS Q 494 -11.45 84.82 35.41
CA CYS Q 494 -10.04 84.49 35.49
C CYS Q 494 -9.78 83.51 36.61
N PRO Q 495 -8.64 82.83 36.54
CA PRO Q 495 -8.22 81.94 37.61
C PRO Q 495 -8.26 82.63 38.96
N GLY Q 496 -8.63 81.91 40.00
CA GLY Q 496 -8.71 82.52 41.32
C GLY Q 496 -7.37 82.84 41.97
N GLN Q 497 -7.38 83.77 42.90
CA GLN Q 497 -6.13 84.06 43.59
C GLN Q 497 -5.84 83.08 44.71
N LEU Q 498 -4.56 82.82 44.92
CA LEU Q 498 -4.17 81.81 45.88
C LEU Q 498 -3.52 82.41 47.13
N PHE Q 499 -4.12 82.14 48.29
CA PHE Q 499 -3.68 82.71 49.54
C PHE Q 499 -3.18 81.67 50.55
N VAL Q 500 -2.07 81.98 51.19
CA VAL Q 500 -1.49 81.13 52.20
C VAL Q 500 -1.36 81.91 53.48
N LYS Q 501 -1.14 81.19 54.58
CA LYS Q 501 -1.07 81.78 55.91
C LYS Q 501 -0.68 80.72 56.92
N VAL Q 502 0.26 81.02 57.80
CA VAL Q 502 0.59 80.04 58.82
C VAL Q 502 -0.55 79.98 59.84
N ALA Q 503 -0.91 78.76 60.25
CA ALA Q 503 -1.98 78.60 61.22
C ALA Q 503 -1.52 79.11 62.56
N PRO Q 504 -2.42 79.76 63.30
CA PRO Q 504 -2.09 80.24 64.63
C PRO Q 504 -1.62 79.12 65.55
N ASN Q 505 -0.34 79.16 65.87
CA ASN Q 505 0.31 78.15 66.68
C ASN Q 505 0.40 78.64 68.13
N LEU Q 506 -0.61 78.38 68.94
CA LEU Q 506 -0.71 79.04 70.24
C LEU Q 506 0.24 78.52 71.32
N THR Q 507 0.53 79.39 72.29
CA THR Q 507 1.27 78.98 73.48
C THR Q 507 0.24 78.43 74.44
N ASN Q 508 0.64 78.05 75.65
CA ASN Q 508 -0.35 77.51 76.57
C ASN Q 508 -1.13 78.62 77.24
N GLN Q 509 -0.57 79.80 77.28
CA GLN Q 509 -1.29 80.90 77.87
C GLN Q 509 -1.93 81.70 76.76
N TYR Q 510 -3.23 81.56 76.65
CA TYR Q 510 -4.00 82.29 75.68
C TYR Q 510 -5.37 82.65 76.24
N ASP Q 511 -5.62 83.94 76.32
CA ASP Q 511 -6.91 84.46 76.75
C ASP Q 511 -7.43 85.40 75.69
N PRO Q 512 -8.47 84.98 74.99
CA PRO Q 512 -9.07 85.81 73.94
C PRO Q 512 -9.82 87.00 74.54
N ASP Q 513 -10.38 86.80 75.74
CA ASP Q 513 -11.18 87.83 76.39
C ASP Q 513 -10.25 88.91 76.87
N ALA Q 514 -8.97 88.62 76.82
CA ALA Q 514 -7.92 89.56 77.18
C ALA Q 514 -7.54 90.51 76.06
N SER Q 515 -7.36 91.75 76.45
CA SER Q 515 -6.84 92.80 75.58
C SER Q 515 -5.44 92.46 75.07
N ALA Q 516 -4.64 91.87 75.95
CA ALA Q 516 -3.21 91.59 75.74
C ALA Q 516 -2.85 90.94 74.41
N ASN Q 517 -1.55 90.98 74.13
CA ASN Q 517 -0.96 90.43 72.94
C ASN Q 517 -1.35 88.97 72.75
N MET Q 518 -1.64 88.61 71.52
CA MET Q 518 -1.85 87.22 71.20
C MET Q 518 -0.51 86.57 71.26
N SER Q 519 -0.35 85.65 72.21
CA SER Q 519 0.92 85.00 72.35
C SER Q 519 0.89 83.70 71.58
N ARG Q 520 1.78 83.66 70.60
CA ARG Q 520 1.90 82.57 69.67
C ARG Q 520 3.33 82.07 69.61
N ILE Q 521 3.49 80.78 69.39
CA ILE Q 521 4.79 80.22 69.12
C ILE Q 521 5.37 80.77 67.81
N VAL Q 522 6.63 81.16 67.83
CA VAL Q 522 7.22 81.68 66.62
C VAL Q 522 7.31 80.56 65.61
N THR Q 523 6.55 80.67 64.53
CA THR Q 523 6.47 79.57 63.60
C THR Q 523 6.58 80.08 62.18
N TYR Q 524 7.19 79.28 61.30
CA TYR Q 524 7.22 79.65 59.89
C TYR Q 524 7.14 78.42 59.01
N SER Q 525 6.92 78.64 57.71
CA SER Q 525 6.80 77.51 56.77
C SER Q 525 7.57 77.62 55.46
N ASP Q 526 8.03 76.46 55.04
CA ASP Q 526 8.62 76.24 53.75
C ASP Q 526 7.69 75.31 53.01
N PHE Q 527 7.31 75.66 51.78
CA PHE Q 527 6.51 74.76 50.96
C PHE Q 527 6.92 74.95 49.54
N TRP Q 528 6.75 73.94 48.71
CA TRP Q 528 7.12 74.08 47.30
C TRP Q 528 5.87 74.37 46.48
N TRP Q 529 6.05 75.17 45.46
CA TRP Q 529 4.98 75.52 44.56
C TRP Q 529 5.36 75.07 43.17
N LYS Q 530 4.45 74.41 42.46
CA LYS Q 530 4.68 74.04 41.05
C LYS Q 530 3.52 74.53 40.20
N GLY Q 531 3.80 75.08 39.04
CA GLY Q 531 2.70 75.52 38.21
C GLY Q 531 2.84 75.05 36.78
N LYS Q 532 1.71 74.99 36.06
CA LYS Q 532 1.76 74.68 34.64
C LYS Q 532 0.89 75.62 33.82
N LEU Q 533 1.56 76.42 32.99
CA LEU Q 533 0.89 77.37 32.12
C LEU Q 533 1.10 76.93 30.68
N VAL Q 534 -0.01 76.70 29.98
CA VAL Q 534 0.03 76.17 28.63
C VAL Q 534 -0.37 77.18 27.60
N PHE Q 535 0.46 77.34 26.57
CA PHE Q 535 0.17 78.23 25.48
C PHE Q 535 0.01 77.42 24.24
N LYS Q 536 -0.58 78.00 23.21
CA LYS Q 536 -0.55 77.33 21.94
C LYS Q 536 -0.22 78.43 20.97
N ALA Q 537 0.85 78.23 20.21
CA ALA Q 537 1.34 79.28 19.32
C ALA Q 537 1.41 78.83 17.86
N LYS Q 538 1.68 79.76 16.96
CA LYS Q 538 1.69 79.44 15.55
C LYS Q 538 2.95 79.93 14.87
N LEU Q 539 3.61 79.08 14.10
CA LEU Q 539 4.90 79.41 13.49
C LEU Q 539 4.84 80.45 12.37
N ARG Q 540 5.79 81.40 12.36
CA ARG Q 540 5.78 82.46 11.35
C ARG Q 540 6.40 81.95 10.07
N ALA Q 541 6.23 82.71 9.00
CA ALA Q 541 6.81 82.32 7.73
C ALA Q 541 7.41 83.52 7.03
N SER Q 542 8.41 83.27 6.20
CA SER Q 542 9.09 84.35 5.49
C SER Q 542 8.23 84.89 4.36
N HIS Q 543 7.98 86.19 4.35
CA HIS Q 543 7.17 86.73 3.27
C HIS Q 543 7.91 87.76 2.43
N THR Q 544 9.14 88.04 2.82
CA THR Q 544 9.91 89.06 2.13
C THR Q 544 11.25 88.55 1.67
N TRP Q 545 11.87 89.31 0.79
CA TRP Q 545 13.20 88.98 0.30
C TRP Q 545 14.22 89.22 1.40
N ASN Q 546 14.02 90.27 2.18
CA ASN Q 546 14.96 90.62 3.21
C ASN Q 546 14.70 89.84 4.45
N PRO Q 547 15.71 89.61 5.28
CA PRO Q 547 15.51 89.03 6.60
C PRO Q 547 14.88 90.03 7.52
N ILE Q 548 14.75 89.69 8.79
CA ILE Q 548 14.09 90.59 9.72
C ILE Q 548 14.75 90.59 11.09
N GLN Q 549 14.30 91.49 11.95
CA GLN Q 549 14.74 91.52 13.35
C GLN Q 549 14.62 90.21 14.10
N GLN Q 550 15.67 89.78 14.80
CA GLN Q 550 15.54 88.64 15.72
C GLN Q 550 16.54 88.75 16.87
N MET Q 551 16.26 88.17 18.04
CA MET Q 551 17.24 88.24 19.13
C MET Q 551 18.50 87.44 18.87
N SER Q 552 19.60 87.89 19.45
CA SER Q 552 20.78 87.05 19.55
C SER Q 552 21.83 87.72 20.40
N ILE Q 553 22.99 87.11 20.47
CA ILE Q 553 24.16 87.75 21.02
C ILE Q 553 25.22 87.66 19.95
N ASN Q 554 26.05 88.68 19.66
CA ASN Q 554 26.39 89.95 20.34
C ASN Q 554 27.51 89.87 21.33
N VAL Q 555 28.53 90.66 21.02
CA VAL Q 555 29.74 90.76 21.79
C VAL Q 555 29.49 91.74 22.91
N ASP Q 556 28.65 92.72 22.62
CA ASP Q 556 27.93 93.45 23.66
C ASP Q 556 26.96 92.44 24.23
N ASN Q 557 26.15 92.83 25.21
CA ASN Q 557 24.98 92.02 25.48
C ASN Q 557 25.32 90.67 26.13
N GLN Q 558 26.24 89.95 25.49
CA GLN Q 558 26.72 88.62 25.88
C GLN Q 558 26.88 88.33 27.37
N PHE Q 559 26.99 89.34 28.20
CA PHE Q 559 27.29 89.01 29.57
C PHE Q 559 26.06 89.08 30.46
N ASN Q 560 24.89 89.38 29.89
CA ASN Q 560 23.67 89.42 30.69
C ASN Q 560 22.98 88.09 30.82
N TYR Q 561 23.63 87.04 30.35
CA TYR Q 561 22.92 85.80 30.28
C TYR Q 561 23.70 84.67 30.93
N VAL Q 562 24.68 85.04 31.74
CA VAL Q 562 25.49 84.06 32.43
C VAL Q 562 25.71 84.60 33.82
N PRO Q 563 25.98 83.72 34.79
CA PRO Q 563 26.25 84.25 36.12
C PRO Q 563 27.60 84.92 36.14
N SER Q 564 28.06 85.24 37.33
CA SER Q 564 29.25 86.04 37.45
C SER Q 564 30.35 85.31 38.17
N ASN Q 565 31.35 86.09 38.50
CA ASN Q 565 32.44 85.64 39.32
C ASN Q 565 31.94 85.01 40.61
N ILE Q 566 30.94 85.62 41.23
CA ILE Q 566 30.24 85.05 42.39
C ILE Q 566 28.95 84.51 41.84
N GLY Q 567 27.93 84.33 42.67
CA GLY Q 567 26.71 83.74 42.17
C GLY Q 567 25.80 84.61 41.33
N GLY Q 568 26.36 85.30 40.33
CA GLY Q 568 25.59 86.03 39.32
C GLY Q 568 24.67 86.97 40.04
N MET Q 569 23.53 87.38 39.48
CA MET Q 569 23.11 87.16 38.11
C MET Q 569 22.03 88.19 37.81
N LYS Q 570 21.56 88.24 36.57
CA LYS Q 570 20.78 89.35 36.08
C LYS Q 570 19.76 88.89 35.02
N ILE Q 571 18.58 89.47 35.01
CA ILE Q 571 17.66 89.22 33.90
C ILE Q 571 17.28 90.50 33.21
N VAL Q 572 17.46 90.51 31.90
CA VAL Q 572 17.38 91.77 31.18
C VAL Q 572 16.15 91.89 30.31
N TYR Q 573 15.56 93.07 30.34
CA TYR Q 573 14.46 93.49 29.49
C TYR Q 573 14.73 93.15 28.05
N GLU Q 574 13.73 92.63 27.32
CA GLU Q 574 13.96 92.20 25.93
C GLU Q 574 12.85 92.07 24.88
N LYS Q 575 11.96 93.04 24.79
CA LYS Q 575 11.05 93.16 23.63
C LYS Q 575 10.18 91.93 23.40
N SER Q 576 9.52 91.87 22.24
CA SER Q 576 8.60 90.75 21.96
C SER Q 576 8.04 90.70 20.55
N GLN Q 577 7.86 91.83 19.89
CA GLN Q 577 7.22 91.80 18.59
C GLN Q 577 8.20 92.14 17.51
N LEU Q 578 9.17 91.28 17.30
CA LEU Q 578 10.32 91.68 16.52
C LEU Q 578 10.06 91.72 15.01
N ALA Q 579 9.19 90.85 14.53
CA ALA Q 579 9.02 90.75 13.11
C ALA Q 579 7.95 91.71 12.64
N PRO Q 580 8.16 92.35 11.49
CA PRO Q 580 7.25 93.31 10.90
C PRO Q 580 6.01 92.66 10.44
N ARG Q 581 4.93 93.40 10.32
CA ARG Q 581 3.68 92.80 9.84
C ARG Q 581 3.26 93.40 8.50
N LYS Q 582 2.23 94.22 8.56
CA LYS Q 582 1.61 94.76 7.39
C LYS Q 582 0.26 95.21 7.85
N LEU Q 583 0.09 96.51 7.98
CA LEU Q 583 -1.22 97.06 8.30
C LEU Q 583 -2.22 96.94 7.19
N TYR Q 584 -1.75 97.23 5.99
CA TYR Q 584 -2.60 97.45 4.86
C TYR Q 584 -1.92 96.86 3.65
N GLY R 37 7.57 54.62 54.58
CA GLY R 37 7.45 55.78 55.45
C GLY R 37 8.68 56.01 56.29
N VAL R 38 8.54 56.73 57.39
CA VAL R 38 9.68 57.09 58.20
C VAL R 38 10.51 55.88 58.62
N GLY R 39 9.92 54.99 59.41
CA GLY R 39 10.72 53.92 59.99
C GLY R 39 10.78 52.64 59.17
N ILE R 40 10.70 52.77 57.86
CA ILE R 40 10.67 51.61 56.98
C ILE R 40 11.62 51.77 55.83
N SER R 41 12.60 50.87 55.77
CA SER R 41 13.62 50.95 54.73
C SER R 41 12.99 50.76 53.39
N THR R 42 13.64 51.28 52.36
CA THR R 42 13.10 51.31 51.03
C THR R 42 14.01 50.66 50.00
N GLY R 43 14.93 49.82 50.45
CA GLY R 43 15.88 49.19 49.54
C GLY R 43 16.82 48.19 50.17
N THR R 44 17.69 47.63 49.37
CA THR R 44 18.52 46.56 49.84
C THR R 44 19.98 46.71 49.47
N PHE R 45 20.88 46.55 50.43
CA PHE R 45 22.29 46.56 50.16
C PHE R 45 22.71 45.27 49.45
N ASN R 46 23.37 45.39 48.30
CA ASN R 46 23.84 44.21 47.60
C ASN R 46 25.07 44.47 46.75
N ASN R 47 26.22 43.94 47.16
CA ASN R 47 27.45 44.11 46.42
C ASN R 47 27.96 42.76 45.97
N GLN R 48 27.04 41.95 45.48
CA GLN R 48 27.31 40.56 45.18
C GLN R 48 27.56 40.41 43.69
N THR R 49 28.53 39.59 43.30
CA THR R 49 28.81 39.47 41.88
C THR R 49 28.50 38.08 41.35
N GLU R 50 27.46 37.99 40.52
CA GLU R 50 26.94 36.72 40.05
C GLU R 50 27.44 36.39 38.68
N PHE R 51 27.85 35.14 38.51
CA PHE R 51 28.25 34.62 37.23
C PHE R 51 27.25 33.54 36.82
N LYS R 52 26.35 33.81 35.88
CA LYS R 52 25.42 32.77 35.49
C LYS R 52 25.77 32.21 34.12
N PHE R 53 26.17 30.94 34.09
CA PHE R 53 26.62 30.30 32.87
C PHE R 53 25.45 29.75 32.05
N LEU R 54 25.50 29.94 30.73
CA LEU R 54 24.44 29.51 29.82
C LEU R 54 24.99 28.52 28.79
N GLU R 55 24.24 28.26 27.73
CA GLU R 55 24.73 27.36 26.69
C GLU R 55 25.61 28.05 25.67
N ASN R 56 26.45 27.24 25.02
CA ASN R 56 27.46 27.66 24.07
C ASN R 56 28.52 28.57 24.67
N GLY R 57 28.77 28.36 25.96
CA GLY R 57 29.81 29.09 26.67
C GLY R 57 29.62 30.58 26.77
N TRP R 58 28.37 31.03 26.76
CA TRP R 58 28.07 32.44 27.03
C TRP R 58 27.78 32.62 28.50
N VAL R 59 28.41 33.60 29.13
CA VAL R 59 28.18 33.88 30.54
C VAL R 59 27.52 35.23 30.74
N TYR R 60 26.81 35.35 31.85
CA TYR R 60 25.90 36.44 32.12
C TYR R 60 26.33 37.07 33.42
N ILE R 61 27.34 37.91 33.36
CA ILE R 61 27.92 38.45 34.58
C ILE R 61 27.08 39.59 35.12
N THR R 62 26.55 39.42 36.32
CA THR R 62 25.74 40.47 36.92
C THR R 62 26.47 41.09 38.05
N ALA R 63 27.04 42.26 37.86
CA ALA R 63 27.78 42.88 38.94
C ALA R 63 26.94 43.86 39.72
N ASN R 64 26.73 43.54 40.99
CA ASN R 64 26.00 44.43 41.86
C ASN R 64 26.96 45.25 42.69
N SER R 65 26.60 46.50 42.95
CA SER R 65 27.43 47.42 43.68
C SER R 65 26.55 48.30 44.56
N SER R 66 26.90 48.42 45.83
CA SER R 66 26.13 49.26 46.72
C SER R 66 27.07 50.05 47.61
N ARG R 67 26.71 51.30 47.90
CA ARG R 67 27.53 52.16 48.74
C ARG R 67 26.68 53.04 49.64
N LEU R 68 27.21 53.40 50.81
CA LEU R 68 26.63 54.49 51.60
C LEU R 68 27.29 55.75 51.17
N VAL R 69 26.50 56.77 50.89
CA VAL R 69 27.02 58.00 50.32
C VAL R 69 26.85 59.20 51.23
N HIS R 70 27.85 60.05 51.29
CA HIS R 70 27.82 61.20 52.19
C HIS R 70 27.83 62.50 51.40
N LEU R 71 26.96 63.45 51.78
CA LEU R 71 26.77 64.66 50.99
C LEU R 71 26.34 65.90 51.79
N ASN R 72 27.09 66.99 51.65
CA ASN R 72 26.72 68.24 52.34
C ASN R 72 26.04 69.22 51.43
N MET R 73 25.43 70.23 52.04
CA MET R 73 24.75 71.25 51.28
C MET R 73 25.77 72.07 50.51
N PRO R 74 25.35 72.73 49.43
CA PRO R 74 26.34 73.41 48.58
C PRO R 74 27.02 74.54 49.29
N GLU R 75 28.21 74.88 48.80
CA GLU R 75 28.95 76.03 49.29
C GLU R 75 28.04 77.23 49.16
N SER R 76 27.29 77.29 48.07
CA SER R 76 26.29 78.32 47.88
C SER R 76 25.31 77.82 46.85
N GLU R 77 24.08 78.26 46.95
CA GLU R 77 23.04 77.71 46.11
C GLU R 77 23.09 78.25 44.69
N ASN R 78 24.21 78.81 44.29
CA ASN R 78 24.24 79.53 43.03
C ASN R 78 25.10 78.89 41.97
N TYR R 79 24.79 79.17 40.71
CA TYR R 79 25.69 78.78 39.65
C TYR R 79 26.71 79.88 39.50
N ARG R 80 27.96 79.51 39.23
CA ARG R 80 29.02 80.48 39.10
C ARG R 80 29.86 80.29 37.84
N ARG R 81 30.20 81.38 37.17
CA ARG R 81 31.18 81.35 36.11
C ARG R 81 32.55 81.78 36.65
N VAL R 82 33.45 80.83 36.80
CA VAL R 82 34.77 81.11 37.35
C VAL R 82 35.84 80.93 36.28
N VAL R 83 36.85 81.79 36.28
CA VAL R 83 37.95 81.63 35.36
C VAL R 83 39.23 81.35 36.11
N VAL R 84 39.98 80.37 35.65
CA VAL R 84 41.29 80.05 36.20
C VAL R 84 42.39 80.50 35.26
N ASN R 85 43.42 81.14 35.80
CA ASN R 85 44.47 81.67 34.96
C ASN R 85 45.79 81.74 35.69
N ASN R 86 46.71 80.83 35.36
CA ASN R 86 48.01 80.84 35.99
C ASN R 86 49.07 81.45 35.09
N LEU R 87 49.05 82.77 34.96
CA LEU R 87 50.15 83.46 34.28
C LEU R 87 51.36 83.29 35.16
N ASP R 88 51.05 83.14 36.43
CA ASP R 88 51.98 82.82 37.49
C ASP R 88 52.98 81.77 37.05
N LYS R 89 52.53 80.81 36.25
CA LYS R 89 53.38 79.68 35.89
C LYS R 89 53.73 79.67 34.41
N THR R 90 52.87 80.22 33.57
CA THR R 90 53.08 80.11 32.12
C THR R 90 54.03 81.16 31.60
N ALA R 91 54.10 82.28 32.30
CA ALA R 91 54.92 83.38 31.85
C ALA R 91 56.40 83.04 31.93
N VAL R 92 56.68 81.89 32.54
CA VAL R 92 58.04 81.47 32.86
C VAL R 92 58.90 81.14 31.64
N ASN R 93 58.27 80.86 30.50
CA ASN R 93 58.97 80.53 29.25
C ASN R 93 59.62 79.16 29.30
N GLY R 94 59.13 78.27 28.47
CA GLY R 94 59.54 76.87 28.52
C GLY R 94 58.58 76.11 29.39
N ASN R 95 57.61 76.84 29.93
CA ASN R 95 56.60 76.27 30.80
C ASN R 95 55.26 76.30 30.11
N MET R 96 55.26 76.32 28.78
CA MET R 96 53.99 76.39 28.05
C MET R 96 53.14 75.23 28.48
N ALA R 97 53.79 74.09 28.62
CA ALA R 97 53.10 72.85 28.93
C ALA R 97 52.38 72.85 30.28
N LEU R 98 52.64 73.81 31.17
CA LEU R 98 52.04 73.77 32.50
C LEU R 98 50.79 74.63 32.60
N ASP R 99 50.20 74.90 31.46
CA ASP R 99 49.00 75.72 31.39
C ASP R 99 47.75 75.09 32.03
N ASP R 100 47.07 75.88 32.85
CA ASP R 100 45.82 75.45 33.47
C ASP R 100 44.71 76.44 33.17
N THR R 101 44.93 77.37 32.25
CA THR R 101 43.98 78.46 32.05
C THR R 101 42.73 77.98 31.34
N HIS R 102 41.58 78.19 32.00
CA HIS R 102 40.28 77.78 31.49
C HIS R 102 39.12 78.47 32.19
N ALA R 103 37.91 78.28 31.68
CA ALA R 103 36.71 78.81 32.32
C ALA R 103 35.75 77.68 32.64
N GLU R 104 34.92 77.86 33.66
CA GLU R 104 34.22 76.75 34.30
C GLU R 104 32.89 77.19 34.90
N ILE R 105 31.84 76.39 34.78
CA ILE R 105 30.60 76.71 35.48
C ILE R 105 30.49 75.85 36.74
N VAL R 106 30.37 76.50 37.89
CA VAL R 106 30.30 75.79 39.15
C VAL R 106 28.87 75.65 39.63
N THR R 107 28.43 74.42 39.86
CA THR R 107 27.03 74.12 40.16
C THR R 107 26.85 73.72 41.59
N PRO R 108 25.64 73.92 42.13
CA PRO R 108 25.31 73.44 43.47
C PRO R 108 25.00 71.95 43.49
N TRP R 109 25.19 71.28 42.38
CA TRP R 109 24.84 69.89 42.31
C TRP R 109 26.07 69.03 42.48
N SER R 110 25.88 67.81 42.99
CA SER R 110 26.94 66.82 43.02
C SER R 110 26.63 65.66 42.07
N LEU R 111 27.67 65.02 41.53
CA LEU R 111 27.52 63.97 40.53
C LEU R 111 27.87 62.60 41.06
N VAL R 112 26.99 61.63 40.85
CA VAL R 112 27.30 60.26 41.23
C VAL R 112 27.78 59.44 40.06
N ASP R 113 29.09 59.36 39.86
CA ASP R 113 29.63 58.61 38.72
C ASP R 113 30.23 57.31 39.23
N ALA R 114 29.80 56.18 38.69
CA ALA R 114 30.34 54.89 39.12
C ALA R 114 30.99 54.25 37.92
N ASN R 115 31.38 55.09 36.97
CA ASN R 115 31.96 54.64 35.75
C ASN R 115 33.44 54.38 35.95
N ALA R 116 33.74 53.26 36.60
CA ALA R 116 35.10 52.79 36.80
C ALA R 116 35.05 51.36 37.26
N TRP R 117 35.95 50.53 36.76
CA TRP R 117 35.88 49.10 37.03
C TRP R 117 35.86 48.73 38.49
N GLY R 118 36.62 49.44 39.30
CA GLY R 118 36.75 49.10 40.70
C GLY R 118 35.48 49.27 41.50
N VAL R 119 34.48 49.93 40.93
CA VAL R 119 33.23 50.14 41.61
C VAL R 119 32.43 48.88 41.61
N TRP R 120 32.74 48.02 40.64
CA TRP R 120 31.94 46.84 40.37
C TRP R 120 32.62 45.50 40.67
N PHE R 121 33.94 45.44 40.61
CA PHE R 121 34.62 44.17 40.88
C PHE R 121 35.70 44.25 41.93
N ASN R 122 35.79 43.23 42.76
CA ASN R 122 36.93 43.10 43.64
C ASN R 122 38.00 42.42 42.83
N PRO R 123 39.23 42.34 43.34
CA PRO R 123 40.28 41.69 42.55
C PRO R 123 39.94 40.29 42.08
N GLY R 124 39.43 39.49 43.01
CA GLY R 124 39.05 38.11 42.74
C GLY R 124 38.11 37.99 41.56
N ASP R 125 37.11 38.85 41.52
CA ASP R 125 36.19 38.89 40.40
C ASP R 125 36.99 39.12 39.15
N TRP R 126 37.87 40.10 39.22
CA TRP R 126 38.61 40.50 38.05
C TRP R 126 39.48 39.38 37.55
N GLN R 127 40.05 38.63 38.49
CA GLN R 127 40.86 37.49 38.12
C GLN R 127 40.10 36.55 37.24
N LEU R 128 38.91 36.17 37.68
CA LEU R 128 38.07 35.19 37.02
C LEU R 128 37.76 35.62 35.61
N ILE R 129 37.35 36.87 35.47
CA ILE R 129 36.97 37.44 34.22
C ILE R 129 38.10 37.37 33.21
N VAL R 130 39.25 37.85 33.64
CA VAL R 130 40.42 38.02 32.79
C VAL R 130 41.07 36.73 32.35
N ASN R 131 41.11 35.77 33.25
CA ASN R 131 41.78 34.51 33.00
C ASN R 131 40.98 33.51 32.21
N THR R 132 39.66 33.57 32.31
CA THR R 132 38.86 32.49 31.78
C THR R 132 38.02 32.90 30.58
N MET R 133 37.90 34.20 30.33
CA MET R 133 37.01 34.63 29.27
C MET R 133 37.66 35.42 28.18
N SER R 134 37.15 35.26 26.96
CA SER R 134 37.82 35.76 25.76
C SER R 134 37.33 37.12 25.30
N GLU R 135 36.08 37.44 25.57
CA GLU R 135 35.54 38.75 25.22
C GLU R 135 34.47 39.19 26.21
N LEU R 136 33.94 40.38 26.01
CA LEU R 136 33.09 40.99 27.02
C LEU R 136 32.12 41.96 26.40
N HIS R 137 30.81 41.79 26.62
CA HIS R 137 29.81 42.71 26.09
C HIS R 137 29.14 43.52 27.15
N LEU R 138 28.82 44.76 26.81
CA LEU R 138 28.19 45.62 27.78
C LEU R 138 26.70 45.48 27.56
N VAL R 139 25.99 44.99 28.57
CA VAL R 139 24.59 44.64 28.38
C VAL R 139 23.59 45.66 28.89
N SER R 140 23.65 45.94 30.19
CA SER R 140 22.66 46.81 30.80
C SER R 140 23.21 47.48 32.00
N PHE R 141 22.50 48.49 32.46
CA PHE R 141 22.89 49.27 33.62
C PHE R 141 21.69 49.96 34.25
N GLU R 142 21.47 49.72 35.53
CA GLU R 142 20.39 50.36 36.28
C GLU R 142 20.89 50.74 37.66
N GLN R 143 20.24 51.71 38.29
CA GLN R 143 20.68 52.16 39.60
C GLN R 143 19.54 52.78 40.43
N GLU R 144 19.66 52.78 41.76
CA GLU R 144 18.63 53.40 42.61
C GLU R 144 19.22 54.03 43.85
N ILE R 145 18.44 54.90 44.48
CA ILE R 145 18.85 55.61 45.69
C ILE R 145 17.85 55.36 46.79
N PHE R 146 18.28 54.86 47.93
CA PHE R 146 17.33 54.42 48.94
C PHE R 146 17.79 54.69 50.35
N ASN R 147 16.89 54.49 51.31
CA ASN R 147 17.15 54.79 52.71
C ASN R 147 17.79 56.16 52.85
N VAL R 148 17.14 57.17 52.32
CA VAL R 148 17.63 58.51 52.42
C VAL R 148 17.50 59.03 53.84
N VAL R 149 18.53 59.74 54.32
CA VAL R 149 18.50 60.35 55.64
C VAL R 149 18.95 61.79 55.60
N LEU R 150 18.20 62.68 56.25
CA LEU R 150 18.67 64.05 56.35
C LEU R 150 18.78 64.48 57.80
N LYS R 151 19.95 65.01 58.15
CA LYS R 151 20.23 65.46 59.50
C LYS R 151 20.71 66.90 59.43
N THR R 152 20.36 67.66 60.47
CA THR R 152 20.84 69.02 60.65
C THR R 152 21.93 68.97 61.69
N VAL R 153 23.03 69.69 61.50
CA VAL R 153 24.07 69.74 62.53
C VAL R 153 23.47 70.57 63.61
N SER R 154 23.92 71.81 63.70
CA SER R 154 23.26 72.76 64.56
C SER R 154 23.00 72.33 66.02
N GLU R 155 23.92 72.53 66.96
CA GLU R 155 25.24 73.15 66.88
C GLU R 155 25.74 73.03 68.31
N SER R 156 26.38 74.13 68.69
CA SER R 156 26.71 74.51 70.05
C SER R 156 25.75 73.98 71.12
N ALA R 157 26.16 72.92 71.82
CA ALA R 157 25.37 72.41 72.94
C ALA R 157 26.12 71.39 73.77
N THR R 158 26.65 71.72 74.97
CA THR R 158 26.85 73.05 75.56
C THR R 158 27.93 72.87 76.64
N GLN R 159 28.71 73.92 76.90
CA GLN R 159 29.98 73.89 77.64
C GLN R 159 30.96 72.77 77.20
N PRO R 160 32.26 73.12 77.08
CA PRO R 160 33.47 72.83 76.29
C PRO R 160 33.54 72.99 74.74
N PRO R 161 32.45 73.08 73.95
CA PRO R 161 30.99 72.92 74.02
C PRO R 161 30.39 71.88 73.08
N THR R 162 31.20 71.28 72.21
CA THR R 162 30.80 70.18 71.32
C THR R 162 29.60 70.48 70.40
N LYS R 163 29.32 69.53 69.51
CA LYS R 163 28.28 69.65 68.49
C LYS R 163 27.26 68.52 68.57
N VAL R 164 26.06 68.73 68.00
CA VAL R 164 25.01 67.71 68.04
C VAL R 164 24.23 67.62 66.72
N TYR R 165 23.89 66.40 66.34
CA TYR R 165 23.24 66.12 65.07
C TYR R 165 21.84 65.54 65.19
N ASN R 166 20.83 66.20 64.64
CA ASN R 166 19.45 65.73 64.74
C ASN R 166 18.79 65.36 63.42
N ASN R 167 17.78 64.50 63.46
CA ASN R 167 17.02 64.14 62.26
C ASN R 167 16.05 65.22 61.85
N ASP R 168 16.13 65.62 60.59
CA ASP R 168 15.08 66.46 60.00
C ASP R 168 14.22 65.57 59.14
N LEU R 169 13.13 65.08 59.71
CA LEU R 169 12.36 64.07 59.02
C LEU R 169 11.74 64.64 57.74
N THR R 170 11.25 65.87 57.82
CA THR R 170 10.58 66.54 56.70
C THR R 170 11.48 67.18 55.63
N ALA R 171 12.80 67.10 55.83
CA ALA R 171 13.77 67.65 54.89
C ALA R 171 13.86 66.79 53.65
N SER R 172 14.29 67.38 52.53
CA SER R 172 14.27 66.68 51.24
C SER R 172 15.64 66.67 50.60
N LEU R 173 15.95 65.59 49.88
CA LEU R 173 17.16 65.47 49.08
C LEU R 173 16.74 65.54 47.62
N MET R 174 17.29 66.45 46.84
CA MET R 174 16.90 66.61 45.45
C MET R 174 17.66 65.69 44.53
N VAL R 175 16.96 64.91 43.72
CA VAL R 175 17.62 64.01 42.80
C VAL R 175 17.14 64.18 41.37
N ALA R 176 18.08 64.24 40.44
CA ALA R 176 17.71 64.42 39.04
C ALA R 176 18.55 63.57 38.13
N LEU R 177 17.89 62.84 37.24
CA LEU R 177 18.55 61.94 36.33
C LEU R 177 18.41 62.48 34.94
N ASP R 178 19.54 62.86 34.35
CA ASP R 178 19.55 63.50 33.05
C ASP R 178 19.52 62.46 31.97
N SER R 179 18.39 61.80 31.82
CA SER R 179 18.34 60.65 30.93
C SER R 179 18.30 61.05 29.47
N ASN R 180 18.03 62.32 29.20
CA ASN R 180 18.02 62.77 27.82
C ASN R 180 19.40 63.17 27.35
N ASN R 181 20.38 63.03 28.23
CA ASN R 181 21.72 63.51 27.97
C ASN R 181 21.68 64.93 27.44
N THR R 182 21.01 65.82 28.16
CA THR R 182 20.96 67.24 27.80
C THR R 182 22.25 67.95 28.10
N MET R 183 22.94 67.45 29.12
CA MET R 183 24.01 68.19 29.74
C MET R 183 25.37 67.58 29.54
N PRO R 184 26.41 68.40 29.64
CA PRO R 184 27.74 67.99 29.22
C PRO R 184 28.22 66.76 29.92
N PHE R 185 28.81 65.86 29.18
CA PHE R 185 29.30 64.62 29.73
C PHE R 185 30.62 64.87 30.45
N THR R 186 30.62 64.59 31.73
CA THR R 186 31.79 64.79 32.57
C THR R 186 32.07 63.54 33.38
N PRO R 187 32.73 62.57 32.75
CA PRO R 187 33.09 61.33 33.44
C PRO R 187 34.12 61.60 34.54
N ALA R 188 33.80 61.22 35.77
CA ALA R 188 34.62 61.56 36.93
C ALA R 188 35.81 60.64 37.08
N ALA R 189 35.90 59.63 36.23
CA ALA R 189 37.00 58.69 36.33
C ALA R 189 38.31 59.40 35.97
N MET R 190 38.24 60.42 35.14
CA MET R 190 39.44 61.11 34.67
C MET R 190 40.11 61.90 35.74
N ARG R 191 39.38 62.15 36.82
CA ARG R 191 39.87 62.98 37.88
C ARG R 191 39.89 62.21 39.16
N SER R 192 39.79 60.88 39.03
CA SER R 192 39.71 59.97 40.16
C SER R 192 38.67 60.46 41.15
N GLU R 193 37.46 60.67 40.65
CA GLU R 193 36.42 61.26 41.46
C GLU R 193 35.10 60.51 41.34
N THR R 194 35.17 59.20 41.19
CA THR R 194 34.00 58.36 41.22
C THR R 194 33.69 57.93 42.63
N LEU R 195 32.85 56.93 42.77
CA LEU R 195 32.56 56.37 44.07
C LEU R 195 33.69 55.50 44.57
N GLY R 196 33.67 55.24 45.87
CA GLY R 196 34.69 54.44 46.51
C GLY R 196 34.77 53.04 45.96
N PHE R 197 35.93 52.44 46.06
CA PHE R 197 36.12 51.10 45.53
C PHE R 197 35.94 50.00 46.56
N TYR R 198 35.63 50.38 47.81
CA TYR R 198 35.47 49.41 48.90
C TYR R 198 34.02 49.47 49.34
N PRO R 199 33.33 48.31 49.33
CA PRO R 199 31.93 48.21 49.70
C PRO R 199 31.65 48.59 51.13
N TRP R 200 32.57 48.29 52.04
CA TRP R 200 32.28 48.49 53.43
C TRP R 200 32.72 49.85 53.92
N LYS R 201 33.30 50.62 53.02
CA LYS R 201 33.72 51.96 53.37
C LYS R 201 32.86 53.00 52.64
N PRO R 202 32.22 53.91 53.40
CA PRO R 202 31.36 54.96 52.85
C PRO R 202 32.09 55.86 51.87
N THR R 203 31.33 56.62 51.11
CA THR R 203 31.87 57.44 50.06
C THR R 203 31.02 58.70 49.83
N ILE R 204 31.36 59.43 48.78
CA ILE R 204 30.77 60.74 48.47
C ILE R 204 30.65 60.93 46.98
N PRO R 205 29.77 61.83 46.55
CA PRO R 205 29.79 62.27 45.16
C PRO R 205 30.84 63.36 44.98
N THR R 206 30.95 63.93 43.79
CA THR R 206 31.83 65.10 43.57
C THR R 206 31.04 66.24 43.00
N PRO R 207 31.36 67.46 43.44
CA PRO R 207 30.65 68.68 43.07
C PRO R 207 30.68 68.86 41.59
N TRP R 208 29.54 69.13 40.98
CA TRP R 208 29.48 69.15 39.54
C TRP R 208 29.92 70.50 38.96
N ARG R 209 30.64 70.43 37.85
CA ARG R 209 31.27 71.59 37.23
C ARG R 209 31.44 71.28 35.77
N TYR R 210 31.31 72.26 34.90
CA TYR R 210 31.53 71.98 33.49
C TYR R 210 32.13 73.14 32.72
N TYR R 211 32.69 72.81 31.56
CA TYR R 211 33.45 73.78 30.80
C TYR R 211 32.55 74.81 30.19
N PHE R 212 32.96 76.06 30.34
CA PHE R 212 32.31 77.21 29.74
C PHE R 212 33.28 77.81 28.74
N GLN R 213 32.82 78.29 27.59
CA GLN R 213 33.76 78.63 26.53
C GLN R 213 34.67 79.80 26.86
N TRP R 214 35.89 79.75 26.32
CA TRP R 214 36.84 80.83 26.46
C TRP R 214 37.83 80.83 25.27
N ASP R 215 38.20 82.02 24.76
CA ASP R 215 39.32 82.18 23.81
C ASP R 215 40.66 82.39 24.53
N ARG R 216 41.75 81.97 23.91
CA ARG R 216 43.03 81.94 24.62
C ARG R 216 44.20 81.69 23.70
N THR R 217 45.21 82.54 23.79
CA THR R 217 46.41 82.40 22.97
C THR R 217 47.61 82.28 23.86
N LEU R 218 48.53 81.39 23.49
CA LEU R 218 49.79 81.20 24.20
C LEU R 218 50.86 80.75 23.24
N ILE R 219 51.83 81.63 23.01
CA ILE R 219 52.92 81.32 22.11
C ILE R 219 54.00 80.56 22.83
N PRO R 220 54.47 79.46 22.24
CA PRO R 220 55.49 78.67 22.90
C PRO R 220 56.83 79.39 22.96
N SER R 221 57.73 78.84 23.78
CA SER R 221 59.00 79.47 24.06
C SER R 221 59.92 78.52 24.79
N HIS R 222 61.17 78.94 24.97
CA HIS R 222 62.13 78.17 25.74
C HIS R 222 62.82 79.07 26.73
N THR R 223 63.73 78.50 27.51
CA THR R 223 64.39 79.23 28.57
C THR R 223 65.21 80.39 28.03
N GLY R 224 65.88 80.17 26.91
CA GLY R 224 66.68 81.23 26.33
C GLY R 224 65.82 82.37 25.80
N THR R 225 64.69 82.02 25.20
CA THR R 225 63.80 83.00 24.61
C THR R 225 63.47 84.03 25.66
N SER R 226 63.59 85.30 25.32
CA SER R 226 63.14 86.32 26.25
C SER R 226 62.70 87.57 25.51
N GLY R 227 62.18 88.51 26.28
CA GLY R 227 61.04 89.31 25.89
C GLY R 227 59.90 88.49 26.47
N THR R 228 58.66 88.91 26.27
CA THR R 228 57.53 88.15 26.82
C THR R 228 56.67 87.61 25.71
N PRO R 229 56.66 86.28 25.55
CA PRO R 229 55.83 85.62 24.55
C PRO R 229 54.37 85.86 24.88
N THR R 230 53.57 86.21 23.87
CA THR R 230 52.21 86.64 24.10
C THR R 230 51.42 85.54 24.77
N ASN R 231 50.78 85.91 25.88
CA ASN R 231 50.10 84.98 26.76
C ASN R 231 48.89 85.65 27.33
N ILE R 232 47.79 85.61 26.60
CA ILE R 232 46.63 86.35 27.01
C ILE R 232 45.39 85.46 27.01
N TYR R 233 44.42 85.82 27.83
CA TYR R 233 43.09 85.23 27.88
C TYR R 233 42.15 86.24 27.26
N HIS R 234 41.67 85.96 26.06
CA HIS R 234 40.90 86.96 25.32
C HIS R 234 39.50 87.22 25.86
N GLY R 235 38.84 86.19 26.36
CA GLY R 235 37.49 86.36 26.87
C GLY R 235 36.56 85.26 26.44
N THR R 236 35.39 85.60 25.92
CA THR R 236 34.41 84.57 25.61
C THR R 236 33.68 84.85 24.29
N ASP R 237 33.81 83.91 23.35
CA ASP R 237 33.14 83.97 22.05
C ASP R 237 31.64 83.86 22.27
N PRO R 238 30.90 84.96 22.11
CA PRO R 238 29.48 84.93 22.44
C PRO R 238 28.70 83.86 21.68
N ASP R 239 29.17 83.52 20.49
CA ASP R 239 28.47 82.56 19.65
C ASP R 239 28.59 81.15 20.19
N ASP R 240 29.45 80.97 21.19
CA ASP R 240 29.74 79.62 21.69
C ASP R 240 29.31 79.46 23.12
N VAL R 241 28.50 80.40 23.59
CA VAL R 241 28.18 80.41 25.00
C VAL R 241 27.05 79.47 25.36
N GLN R 242 27.33 78.50 26.22
CA GLN R 242 26.28 77.60 26.71
C GLN R 242 26.25 77.41 28.22
N PHE R 243 25.30 78.10 28.86
CA PHE R 243 25.03 78.01 30.30
C PHE R 243 23.88 77.08 30.59
N TYR R 244 24.19 75.90 31.15
CA TYR R 244 23.18 74.88 31.42
C TYR R 244 22.78 74.92 32.89
N THR R 245 21.51 74.69 33.20
CA THR R 245 21.08 74.51 34.58
C THR R 245 20.38 73.20 34.70
N ILE R 246 20.58 72.52 35.80
CA ILE R 246 19.85 71.30 36.04
C ILE R 246 18.38 71.64 36.02
N GLU R 247 18.02 72.68 36.75
CA GLU R 247 16.63 73.01 37.02
C GLU R 247 15.75 73.22 35.81
N ASN R 248 16.29 73.79 34.74
CA ASN R 248 15.51 74.02 33.54
C ASN R 248 15.53 72.87 32.55
N SER R 249 16.31 71.84 32.82
CA SER R 249 16.47 70.76 31.82
C SER R 249 15.98 69.38 32.26
N VAL R 250 16.06 69.09 33.55
CA VAL R 250 15.75 67.76 34.05
C VAL R 250 14.71 67.81 35.17
N PRO R 251 13.77 66.86 35.18
CA PRO R 251 12.82 66.82 36.30
C PRO R 251 13.52 66.47 37.60
N VAL R 252 13.23 67.22 38.65
CA VAL R 252 13.87 66.96 39.91
C VAL R 252 12.90 66.35 40.89
N HIS R 253 13.32 65.24 41.50
CA HIS R 253 12.51 64.50 42.48
C HIS R 253 12.88 64.91 43.89
N LEU R 254 11.91 65.19 44.74
CA LEU R 254 12.25 65.45 46.12
C LEU R 254 12.10 64.18 46.92
N LEU R 255 13.19 63.67 47.48
CA LEU R 255 13.15 62.47 48.30
C LEU R 255 13.27 62.77 49.78
N ARG R 256 12.27 62.38 50.56
CA ARG R 256 12.36 62.42 52.01
C ARG R 256 12.82 61.04 52.47
N THR R 257 12.81 60.77 53.76
CA THR R 257 13.33 59.50 54.26
C THR R 257 12.72 58.30 53.61
N GLY R 258 11.38 58.27 53.59
CA GLY R 258 10.65 57.11 53.14
C GLY R 258 10.49 56.93 51.65
N ASP R 259 11.10 57.84 50.91
CA ASP R 259 11.03 57.83 49.47
C ASP R 259 12.21 57.11 48.85
N GLU R 260 12.05 56.79 47.58
CA GLU R 260 13.01 56.09 46.75
C GLU R 260 13.05 56.63 45.35
N PHE R 261 14.23 56.58 44.74
CA PHE R 261 14.30 56.87 43.35
C PHE R 261 15.09 55.82 42.64
N ALA R 262 14.45 55.19 41.67
CA ALA R 262 15.12 54.13 40.92
C ALA R 262 15.02 54.41 39.45
N THR R 263 16.09 54.15 38.70
CA THR R 263 16.11 54.45 37.29
C THR R 263 15.54 53.29 36.53
N GLY R 264 15.46 53.42 35.22
CA GLY R 264 15.03 52.29 34.44
C GLY R 264 16.14 51.29 34.35
N THR R 265 16.01 50.33 33.45
CA THR R 265 17.15 49.53 33.07
C THR R 265 17.59 49.93 31.67
N PHE R 266 18.76 50.51 31.57
CA PHE R 266 19.27 51.00 30.30
C PHE R 266 20.03 49.92 29.61
N PHE R 267 19.76 49.74 28.33
CA PHE R 267 20.46 48.73 27.57
C PHE R 267 21.46 49.36 26.63
N PHE R 268 22.67 48.83 26.66
CA PHE R 268 23.72 49.38 25.86
C PHE R 268 23.69 48.76 24.50
N ASP R 269 24.39 49.38 23.55
CA ASP R 269 24.78 48.66 22.35
C ASP R 269 26.13 49.17 21.88
N CYS R 270 27.13 48.33 22.04
CA CYS R 270 28.50 48.68 21.65
C CYS R 270 29.17 47.42 21.15
N LYS R 271 30.38 47.56 20.63
CA LYS R 271 31.05 46.39 20.13
C LYS R 271 31.66 45.69 21.32
N PRO R 272 32.10 44.45 21.13
CA PRO R 272 32.70 43.78 22.29
C PRO R 272 34.11 44.26 22.57
N CYS R 273 34.46 44.24 23.85
CA CYS R 273 35.82 44.46 24.30
C CYS R 273 36.50 43.11 24.47
N ARG R 274 37.71 42.96 23.95
CA ARG R 274 38.31 41.65 23.96
C ARG R 274 39.31 41.53 25.08
N LEU R 275 39.43 40.33 25.63
CA LEU R 275 40.32 40.10 26.74
C LEU R 275 41.50 39.25 26.31
N THR R 276 42.00 39.51 25.09
CA THR R 276 43.19 38.83 24.61
C THR R 276 44.11 39.86 23.96
N HIS R 277 45.41 39.67 24.11
CA HIS R 277 46.36 40.58 23.50
C HIS R 277 46.94 39.98 22.25
N THR R 278 47.29 40.83 21.30
CA THR R 278 47.95 40.40 20.09
C THR R 278 49.47 40.61 20.20
N TRP R 279 50.25 39.68 19.68
CA TRP R 279 51.68 39.78 19.83
C TRP R 279 52.43 40.05 18.57
N GLN R 280 51.76 39.95 17.43
CA GLN R 280 52.47 40.02 16.18
C GLN R 280 52.60 41.47 15.74
N THR R 281 53.82 41.85 15.36
CA THR R 281 54.08 43.11 14.67
C THR R 281 54.26 42.73 13.22
N ASN R 282 54.48 43.68 12.34
CA ASN R 282 54.67 43.31 10.94
C ASN R 282 55.65 42.20 10.71
N ARG R 283 56.63 42.04 11.60
CA ARG R 283 57.73 41.12 11.31
C ARG R 283 57.33 39.65 11.39
N ALA R 284 56.12 39.39 11.85
CA ALA R 284 55.65 38.03 12.02
C ALA R 284 54.31 37.81 11.41
N LEU R 285 54.09 38.33 10.21
CA LEU R 285 52.81 38.13 9.57
C LEU R 285 53.02 37.31 8.37
N GLY R 286 52.53 36.09 8.39
CA GLY R 286 52.52 35.29 7.18
C GLY R 286 53.54 34.20 7.21
N LEU R 287 54.02 33.80 6.04
CA LEU R 287 54.90 32.65 5.91
C LEU R 287 56.38 32.97 6.14
N PRO R 288 56.96 32.40 7.19
CA PRO R 288 58.38 32.59 7.42
C PRO R 288 59.12 31.95 6.30
N PRO R 289 60.31 32.44 5.98
CA PRO R 289 61.08 32.01 4.83
C PRO R 289 61.63 30.63 5.04
N PHE R 290 61.68 29.83 3.98
CA PHE R 290 62.06 28.44 4.15
C PHE R 290 63.51 28.29 4.54
N LEU R 291 63.77 27.55 5.61
CA LEU R 291 65.15 27.34 6.05
C LEU R 291 65.79 26.11 5.43
N ASN R 292 66.84 26.32 4.65
CA ASN R 292 67.56 25.25 4.00
C ASN R 292 68.61 24.63 4.90
N SER R 293 68.89 25.27 6.03
CA SER R 293 69.85 24.70 6.98
C SER R 293 69.40 24.75 8.41
N LEU R 294 68.96 23.61 8.92
CA LEU R 294 68.52 23.53 10.27
C LEU R 294 69.66 23.05 11.11
N PRO R 295 69.74 23.55 12.35
CA PRO R 295 70.78 23.21 13.31
C PRO R 295 70.77 21.74 13.64
N GLN R 296 71.90 21.21 14.11
CA GLN R 296 72.04 19.80 14.43
C GLN R 296 72.54 19.52 15.86
N SER R 297 72.53 20.55 16.71
CA SER R 297 72.72 20.35 18.15
C SER R 297 71.96 21.40 18.97
N GLU R 298 71.51 21.06 20.17
CA GLU R 298 70.73 22.03 20.95
C GLU R 298 71.61 23.15 21.41
N GLY R 299 70.99 24.24 21.82
CA GLY R 299 71.76 25.35 22.37
C GLY R 299 71.28 26.72 22.03
N GLY R 300 72.07 27.71 22.42
CA GLY R 300 71.65 29.09 22.43
C GLY R 300 72.26 29.86 21.28
N THR R 301 73.19 29.25 20.57
CA THR R 301 73.83 29.90 19.45
C THR R 301 73.87 29.00 18.22
N ASN R 302 73.13 27.90 18.26
CA ASN R 302 73.02 27.02 17.11
C ASN R 302 71.89 27.50 16.21
N PHE R 303 72.09 28.60 15.52
CA PHE R 303 71.01 29.18 14.75
C PHE R 303 70.76 28.36 13.50
N GLY R 304 69.60 28.55 12.88
CA GLY R 304 69.33 27.97 11.58
C GLY R 304 69.60 29.05 10.55
N TYR R 305 69.84 28.66 9.30
CA TYR R 305 70.18 29.64 8.28
C TYR R 305 69.26 29.50 7.09
N ILE R 306 68.76 30.62 6.56
CA ILE R 306 67.86 30.57 5.41
C ILE R 306 68.50 29.83 4.24
N GLY R 307 69.70 30.25 3.88
CA GLY R 307 70.46 29.52 2.88
C GLY R 307 70.21 29.90 1.44
N VAL R 308 69.78 31.13 1.21
CA VAL R 308 69.73 31.67 -0.15
C VAL R 308 70.22 33.10 -0.10
N GLN R 309 71.01 33.50 -1.11
CA GLN R 309 71.54 34.85 -1.18
C GLN R 309 70.41 35.86 -1.18
N GLN R 310 70.55 36.89 -0.38
CA GLN R 310 69.48 37.86 -0.20
C GLN R 310 68.98 38.49 -1.49
N ASP R 311 69.82 38.53 -2.52
CA ASP R 311 69.43 39.17 -3.77
C ASP R 311 69.05 38.14 -4.82
N LYS R 312 69.05 36.88 -4.46
CA LYS R 312 68.66 35.84 -5.39
C LYS R 312 67.43 35.07 -4.88
N ARG R 313 66.66 35.70 -3.98
CA ARG R 313 65.52 35.07 -3.31
C ARG R 313 64.20 35.30 -4.01
N ARG R 314 63.22 34.43 -3.73
CA ARG R 314 61.90 34.54 -4.35
C ARG R 314 60.91 35.21 -3.39
N GLY R 315 59.95 35.94 -3.94
CA GLY R 315 58.99 36.61 -3.10
C GLY R 315 58.55 37.96 -3.61
N VAL R 316 57.81 38.70 -2.78
CA VAL R 316 57.24 39.97 -3.20
C VAL R 316 57.65 41.08 -2.24
N THR R 317 58.16 42.18 -2.79
CA THR R 317 58.44 43.34 -1.95
C THR R 317 57.89 44.59 -2.59
N GLN R 318 57.86 45.66 -1.82
CA GLN R 318 57.38 46.93 -2.31
C GLN R 318 58.53 47.86 -2.65
N MET R 319 59.68 47.27 -2.94
CA MET R 319 60.86 48.03 -3.31
C MET R 319 61.26 47.73 -4.74
N GLY R 320 60.75 48.54 -5.66
CA GLY R 320 60.96 48.32 -7.08
C GLY R 320 62.40 48.32 -7.52
N ASN R 321 63.27 48.89 -6.69
CA ASN R 321 64.69 49.01 -7.01
C ASN R 321 65.43 47.71 -6.80
N THR R 322 65.67 47.36 -5.55
CA THR R 322 66.54 46.24 -5.24
C THR R 322 65.87 44.93 -5.45
N ASN R 323 66.70 43.90 -5.53
CA ASN R 323 66.23 42.52 -5.57
C ASN R 323 66.45 41.86 -4.21
N TYR R 324 66.80 42.67 -3.24
CA TYR R 324 66.97 42.20 -1.89
C TYR R 324 65.62 41.85 -1.29
N ILE R 325 65.51 40.66 -0.74
CA ILE R 325 64.30 40.29 -0.02
C ILE R 325 64.66 39.85 1.37
N THR R 326 64.50 40.73 2.33
CA THR R 326 64.80 40.41 3.71
C THR R 326 63.56 40.62 4.54
N GLU R 327 63.56 40.11 5.76
CA GLU R 327 62.41 40.24 6.63
C GLU R 327 61.98 41.68 6.84
N ALA R 328 62.90 42.60 6.78
CA ALA R 328 62.52 44.00 6.92
C ALA R 328 62.08 44.58 5.61
N THR R 329 62.26 43.80 4.56
CA THR R 329 61.96 44.26 3.21
C THR R 329 60.70 43.64 2.62
N ILE R 330 60.49 42.35 2.91
CA ILE R 330 59.37 41.57 2.40
C ILE R 330 58.02 42.22 2.62
N MET R 331 57.17 42.19 1.61
CA MET R 331 55.84 42.77 1.72
C MET R 331 55.05 42.11 2.83
N ARG R 332 54.23 42.90 3.51
CA ARG R 332 53.28 42.37 4.48
C ARG R 332 51.93 42.88 4.02
N PRO R 333 50.85 42.19 4.39
CA PRO R 333 49.53 42.58 3.92
C PRO R 333 49.10 44.00 4.29
N ALA R 334 49.47 44.46 5.45
CA ALA R 334 49.14 45.81 5.86
C ALA R 334 50.14 46.30 6.88
N GLU R 335 49.76 47.22 7.73
CA GLU R 335 50.69 47.71 8.74
C GLU R 335 50.10 47.66 10.11
N VAL R 336 50.79 47.03 11.06
CA VAL R 336 50.29 46.92 12.42
C VAL R 336 50.73 48.05 13.34
N GLY R 337 49.79 48.85 13.78
CA GLY R 337 50.10 49.95 14.66
C GLY R 337 50.55 51.11 13.81
N TYR R 338 50.89 52.22 14.45
CA TYR R 338 51.28 53.37 13.69
C TYR R 338 52.19 54.29 14.46
N SER R 339 52.95 55.10 13.73
CA SER R 339 53.81 56.09 14.33
C SER R 339 53.09 57.42 14.41
N ALA R 340 53.19 58.07 15.57
CA ALA R 340 52.56 59.34 15.83
C ALA R 340 53.52 60.31 16.49
N PRO R 341 53.25 61.61 16.37
CA PRO R 341 54.06 62.64 17.00
C PRO R 341 54.10 62.57 18.53
N TYR R 342 55.24 62.90 19.11
CA TYR R 342 55.45 62.86 20.55
C TYR R 342 56.66 63.70 20.96
N TYR R 343 56.59 64.50 22.03
CA TYR R 343 55.35 64.91 22.71
C TYR R 343 54.80 66.07 21.93
N SER R 344 53.87 65.82 21.02
CA SER R 344 53.39 66.88 20.18
C SER R 344 52.33 67.65 20.91
N PHE R 345 52.42 68.97 20.90
CA PHE R 345 51.34 69.77 21.43
C PHE R 345 50.76 70.57 20.29
N GLU R 346 49.43 70.63 20.26
CA GLU R 346 48.72 71.38 19.25
C GLU R 346 47.88 72.42 19.93
N ALA R 347 47.46 73.42 19.19
CA ALA R 347 46.73 74.52 19.79
C ALA R 347 45.53 74.92 18.97
N SER R 348 44.41 75.15 19.65
CA SER R 348 43.24 75.67 19.00
C SER R 348 42.55 76.62 19.93
N THR R 349 41.66 77.43 19.38
CA THR R 349 40.81 78.38 20.09
C THR R 349 41.05 78.61 21.58
N GLN R 350 41.24 77.55 22.35
CA GLN R 350 41.27 77.63 23.81
C GLN R 350 42.62 77.29 24.39
N GLY R 351 43.61 77.19 23.53
CA GLY R 351 44.93 76.92 24.04
C GLY R 351 45.47 75.64 23.47
N PRO R 352 46.62 75.25 23.98
CA PRO R 352 47.36 74.08 23.53
C PRO R 352 46.93 72.83 24.29
N PHE R 353 47.16 71.67 23.68
CA PHE R 353 46.82 70.42 24.31
C PHE R 353 47.66 69.29 23.70
N LYS R 354 47.90 68.23 24.46
CA LYS R 354 48.68 67.11 23.93
C LYS R 354 47.94 66.29 22.86
N THR R 355 48.70 65.84 21.88
CA THR R 355 48.23 64.91 20.87
C THR R 355 48.21 63.52 21.47
N PRO R 356 47.05 62.86 21.45
CA PRO R 356 46.90 61.53 22.01
C PRO R 356 47.38 60.41 21.10
N ILE R 357 47.80 59.30 21.68
CA ILE R 357 48.32 58.19 20.90
C ILE R 357 47.47 56.97 21.17
N ALA R 358 47.31 56.10 20.18
CA ALA R 358 46.48 54.94 20.39
C ALA R 358 47.29 53.76 20.90
N ALA R 359 48.29 53.37 20.14
CA ALA R 359 48.89 52.04 20.25
C ALA R 359 49.54 51.63 21.59
N GLY R 360 50.60 50.85 21.48
CA GLY R 360 51.45 50.49 22.62
C GLY R 360 51.09 49.12 23.11
N ARG R 361 52.02 48.31 23.62
CA ARG R 361 53.47 48.55 23.70
C ARG R 361 54.24 48.22 22.43
N GLY R 362 55.37 48.89 22.22
CA GLY R 362 56.21 48.59 21.08
C GLY R 362 57.65 48.23 21.38
N GLY R 363 58.10 48.53 22.59
CA GLY R 363 59.48 48.26 22.94
C GLY R 363 59.81 46.79 23.16
N ALA R 364 61.10 46.48 23.15
CA ALA R 364 61.55 45.11 23.40
C ALA R 364 61.56 44.83 24.90
N GLN R 365 62.44 43.93 25.32
CA GLN R 365 62.53 43.53 26.72
C GLN R 365 62.76 44.70 27.69
N THR R 366 61.74 45.00 28.50
CA THR R 366 61.80 46.06 29.52
C THR R 366 62.29 47.40 28.94
N ASP R 367 61.98 47.62 27.66
CA ASP R 367 62.32 48.84 26.95
C ASP R 367 61.00 49.33 26.46
N GLU R 368 60.83 50.64 26.43
CA GLU R 368 59.54 51.18 26.07
C GLU R 368 59.64 52.66 26.05
N ASN R 369 58.98 53.24 25.08
CA ASN R 369 59.07 54.65 24.83
C ASN R 369 57.76 55.18 25.30
N GLN R 370 57.58 55.16 26.60
CA GLN R 370 56.30 55.44 27.23
C GLN R 370 55.56 56.69 26.74
N ALA R 371 56.08 57.38 25.72
CA ALA R 371 55.45 58.59 25.27
C ALA R 371 54.99 58.42 23.85
N ALA R 372 55.77 57.66 23.08
CA ALA R 372 55.44 57.39 21.68
C ALA R 372 54.38 56.33 21.52
N ASP R 373 54.12 55.58 22.58
CA ASP R 373 52.98 54.68 22.62
C ASP R 373 51.85 55.32 23.38
N GLY R 374 52.19 56.30 24.19
CA GLY R 374 51.20 57.06 24.91
C GLY R 374 50.55 56.21 25.98
N ASP R 375 51.34 55.35 26.61
CA ASP R 375 50.87 54.53 27.72
C ASP R 375 50.38 55.45 28.79
N PRO R 376 49.17 55.19 29.28
CA PRO R 376 48.46 56.02 30.25
C PRO R 376 49.01 55.94 31.66
N ARG R 377 48.95 57.03 32.40
CA ARG R 377 49.47 57.05 33.74
C ARG R 377 48.41 57.57 34.70
N TYR R 378 48.09 56.75 35.68
CA TYR R 378 46.93 56.98 36.54
C TYR R 378 47.30 57.44 37.94
N ALA R 379 46.66 58.51 38.39
CA ALA R 379 46.96 59.03 39.70
C ALA R 379 45.70 59.07 40.51
N PHE R 380 45.73 58.56 41.73
CA PHE R 380 44.51 58.33 42.47
C PHE R 380 44.74 58.32 43.96
N GLY R 381 43.68 58.38 44.75
CA GLY R 381 43.83 58.55 46.18
C GLY R 381 42.95 57.79 47.15
N ARG R 382 43.59 56.95 47.97
CA ARG R 382 42.97 56.16 49.04
C ARG R 382 41.62 55.56 48.77
N GLN R 383 40.66 56.41 48.43
CA GLN R 383 39.35 55.96 48.03
C GLN R 383 39.42 55.03 46.86
N HIS R 384 40.46 55.13 46.05
CA HIS R 384 40.46 54.43 44.78
C HIS R 384 41.66 53.55 44.62
N GLY R 385 42.27 53.13 45.71
CA GLY R 385 43.35 52.20 45.57
C GLY R 385 44.57 52.40 46.44
N GLN R 386 44.98 53.64 46.65
CA GLN R 386 46.14 53.89 47.50
C GLN R 386 45.91 53.29 48.87
N LYS R 387 47.00 52.91 49.54
CA LYS R 387 46.93 52.36 50.89
C LYS R 387 46.17 53.32 51.79
N THR R 388 45.12 52.83 52.44
CA THR R 388 44.21 53.72 53.12
C THR R 388 44.78 54.29 54.40
N THR R 389 45.88 53.71 54.87
CA THR R 389 46.55 54.20 56.07
C THR R 389 47.51 55.34 55.77
N THR R 390 47.83 55.53 54.50
CA THR R 390 48.77 56.55 54.10
C THR R 390 48.32 57.97 54.34
N THR R 391 49.09 58.72 55.11
CA THR R 391 48.88 60.16 55.26
C THR R 391 49.63 60.90 54.19
N GLY R 392 49.31 62.18 54.04
CA GLY R 392 49.94 62.99 53.02
C GLY R 392 49.07 63.17 51.79
N GLU R 393 49.32 64.27 51.09
CA GLU R 393 48.51 64.63 49.94
C GLU R 393 49.16 64.17 48.62
N THR R 394 50.17 63.32 48.71
CA THR R 394 50.81 62.78 47.52
C THR R 394 50.06 61.56 47.03
N PRO R 395 49.65 61.57 45.76
CA PRO R 395 48.86 60.48 45.19
C PRO R 395 49.68 59.29 44.83
N GLU R 396 49.08 58.11 44.77
CA GLU R 396 49.74 56.90 44.29
C GLU R 396 49.60 56.90 42.77
N ARG R 397 50.55 56.27 42.07
CA ARG R 397 50.53 56.31 40.62
C ARG R 397 50.95 54.99 40.00
N PHE R 398 50.63 54.82 38.72
CA PHE R 398 51.17 53.71 37.95
C PHE R 398 51.04 54.02 36.46
N THR R 399 51.83 53.32 35.65
CA THR R 399 51.74 53.50 34.22
C THR R 399 51.36 52.18 33.55
N TYR R 400 50.19 52.14 32.91
CA TYR R 400 49.72 50.91 32.31
C TYR R 400 50.45 50.65 31.01
N ILE R 401 51.22 49.58 31.00
CA ILE R 401 51.85 49.12 29.79
C ILE R 401 51.13 47.87 29.29
N ALA R 402 50.40 48.02 28.19
CA ALA R 402 49.55 46.94 27.71
C ALA R 402 50.38 45.73 27.32
N HIS R 403 49.73 44.59 27.19
CA HIS R 403 50.45 43.41 26.80
C HIS R 403 50.54 43.36 25.29
N GLN R 404 49.62 44.05 24.63
CA GLN R 404 49.51 43.97 23.18
C GLN R 404 50.61 44.68 22.42
N ASP R 405 51.45 43.93 21.71
CA ASP R 405 52.56 44.53 21.00
C ASP R 405 52.14 45.19 19.68
N THR R 406 51.68 46.44 19.74
CA THR R 406 51.34 47.18 18.53
C THR R 406 51.88 48.61 18.53
N GLY R 407 52.82 48.90 19.42
CA GLY R 407 53.40 50.23 19.50
C GLY R 407 54.71 50.37 18.74
N ARG R 408 55.50 51.38 19.07
CA ARG R 408 56.74 51.59 18.34
C ARG R 408 57.92 51.78 19.27
N TYR R 409 59.11 51.52 18.75
CA TYR R 409 60.38 51.83 19.40
C TYR R 409 61.12 52.76 18.47
N PRO R 410 60.77 54.05 18.48
CA PRO R 410 61.21 54.95 17.42
C PRO R 410 62.71 55.03 17.29
N GLU R 411 63.43 54.64 18.33
CA GLU R 411 64.87 54.60 18.28
C GLU R 411 65.37 53.73 17.13
N GLY R 412 64.57 52.73 16.76
CA GLY R 412 64.94 51.79 15.73
C GLY R 412 64.43 52.15 14.35
N ASP R 413 63.80 53.32 14.22
CA ASP R 413 63.26 53.84 12.96
C ASP R 413 64.38 54.41 12.09
N TRP R 414 64.17 54.48 10.78
CA TRP R 414 65.11 55.20 9.92
C TRP R 414 64.50 55.45 8.57
N ILE R 415 65.19 56.23 7.75
CA ILE R 415 64.73 56.58 6.41
C ILE R 415 65.86 56.60 5.40
N GLN R 416 65.82 55.75 4.38
CA GLN R 416 66.90 55.75 3.37
C GLN R 416 66.56 56.52 2.14
N ASN R 417 67.56 56.89 1.38
CA ASN R 417 67.33 57.48 0.09
C ASN R 417 66.83 56.45 -0.90
N ILE R 418 66.09 56.94 -1.87
CA ILE R 418 65.48 56.17 -2.95
C ILE R 418 66.43 55.17 -3.60
N ASN R 419 67.73 55.46 -3.60
CA ASN R 419 68.65 54.68 -4.40
C ASN R 419 69.04 53.35 -3.77
N PHE R 420 68.89 53.26 -2.46
CA PHE R 420 69.19 52.02 -1.75
C PHE R 420 70.57 51.48 -2.10
N ASN R 421 71.55 52.38 -2.15
CA ASN R 421 72.94 51.97 -2.26
C ASN R 421 73.46 51.71 -0.87
N LEU R 422 73.61 50.43 -0.53
CA LEU R 422 73.93 50.07 0.85
C LEU R 422 75.13 49.12 0.95
N PRO R 423 75.88 49.19 2.05
CA PRO R 423 75.77 49.99 3.30
C PRO R 423 75.54 51.46 3.04
N VAL R 424 74.64 52.07 3.79
CA VAL R 424 74.16 53.39 3.44
C VAL R 424 75.05 54.52 3.97
N THR R 425 75.28 55.52 3.13
CA THR R 425 76.06 56.71 3.46
C THR R 425 75.38 57.56 4.51
N ASP R 426 76.16 58.27 5.32
CA ASP R 426 75.60 59.20 6.31
C ASP R 426 74.70 60.22 5.64
N ASP R 427 74.97 60.50 4.38
CA ASP R 427 74.15 61.45 3.64
C ASP R 427 72.87 60.85 3.09
N ASN R 428 72.78 59.52 3.04
CA ASN R 428 71.62 58.88 2.43
C ASN R 428 70.61 58.36 3.43
N VAL R 429 70.86 58.58 4.71
CA VAL R 429 69.91 58.09 5.70
C VAL R 429 69.57 59.18 6.69
N LEU R 430 68.36 59.13 7.20
CA LEU R 430 67.95 60.03 8.26
C LEU R 430 67.68 59.17 9.48
N LEU R 431 68.49 59.33 10.52
CA LEU R 431 68.37 58.54 11.73
C LEU R 431 67.63 59.31 12.78
N PRO R 432 67.16 58.64 13.84
CA PRO R 432 66.61 59.36 14.97
C PRO R 432 67.69 60.01 15.81
N THR R 433 68.92 59.93 15.34
CA THR R 433 70.02 60.59 16.00
C THR R 433 70.19 61.96 15.38
N ASP R 434 69.98 62.04 14.07
CA ASP R 434 70.16 63.29 13.37
C ASP R 434 69.12 64.32 13.76
N PRO R 435 69.60 65.50 14.20
CA PRO R 435 68.79 66.61 14.68
C PRO R 435 68.04 67.25 13.55
N ILE R 436 66.87 67.74 13.92
CA ILE R 436 65.90 68.27 13.00
C ILE R 436 65.70 69.71 13.34
N GLY R 437 65.78 70.58 12.35
CA GLY R 437 65.62 72.00 12.62
C GLY R 437 66.69 72.51 13.56
N GLY R 438 67.83 71.84 13.57
CA GLY R 438 69.01 72.27 14.32
C GLY R 438 68.87 72.21 15.83
N LYS R 439 68.08 71.26 16.30
CA LYS R 439 67.91 71.08 17.73
C LYS R 439 68.46 69.73 18.13
N THR R 440 69.32 69.72 19.12
CA THR R 440 69.93 68.49 19.60
C THR R 440 68.95 67.43 20.05
N GLY R 441 67.92 67.84 20.78
CA GLY R 441 66.98 66.90 21.36
C GLY R 441 65.76 66.55 20.54
N ILE R 442 65.80 66.86 19.25
CA ILE R 442 64.69 66.55 18.36
C ILE R 442 65.18 65.78 17.16
N ASN R 443 64.46 64.74 16.80
CA ASN R 443 64.80 63.98 15.61
C ASN R 443 63.55 63.81 14.83
N TYR R 444 63.63 63.19 13.66
CA TYR R 444 62.50 63.24 12.77
C TYR R 444 61.28 62.54 13.33
N THR R 445 61.48 61.52 14.15
CA THR R 445 60.35 60.78 14.64
C THR R 445 59.47 61.62 15.54
N ASN R 446 59.97 62.71 16.09
CA ASN R 446 59.15 63.49 17.00
C ASN R 446 58.02 64.15 16.27
N ILE R 447 58.12 64.25 14.95
CA ILE R 447 57.07 64.86 14.17
C ILE R 447 56.44 63.90 13.15
N PHE R 448 56.78 62.61 13.28
CA PHE R 448 56.42 61.56 12.32
C PHE R 448 55.00 61.05 12.49
N ASN R 449 54.39 60.63 11.38
CA ASN R 449 53.06 60.04 11.37
C ASN R 449 52.86 59.05 10.23
N THR R 450 52.74 57.78 10.55
CA THR R 450 52.53 56.78 9.52
C THR R 450 51.17 56.15 9.55
N TYR R 451 50.19 56.89 10.04
CA TYR R 451 48.81 56.44 9.96
C TYR R 451 48.42 56.49 8.52
N GLY R 452 47.64 55.51 8.09
CA GLY R 452 47.35 55.38 6.67
C GLY R 452 46.29 54.35 6.42
N PRO R 453 45.87 54.23 5.18
CA PRO R 453 44.80 53.32 4.85
C PRO R 453 45.23 51.88 5.00
N LEU R 454 46.42 51.62 5.51
CA LEU R 454 46.85 50.25 5.81
C LEU R 454 47.04 50.03 7.29
N THR R 455 46.57 50.97 8.08
CA THR R 455 46.77 50.91 9.52
C THR R 455 45.78 49.97 10.16
N ALA R 456 46.29 49.12 11.04
CA ALA R 456 45.47 48.23 11.85
C ALA R 456 45.71 48.51 13.32
N LEU R 457 44.68 48.42 14.14
CA LEU R 457 44.70 48.91 15.52
C LEU R 457 43.92 48.03 16.45
N ASN R 458 44.20 48.06 17.73
CA ASN R 458 43.24 47.49 18.66
C ASN R 458 42.68 48.61 19.50
N ASN R 459 41.58 48.36 20.17
CA ASN R 459 41.01 49.33 21.10
C ASN R 459 41.75 49.26 22.43
N VAL R 460 41.58 50.26 23.29
CA VAL R 460 42.28 50.27 24.58
C VAL R 460 41.85 49.15 25.49
N PRO R 461 42.79 48.55 26.20
CA PRO R 461 42.42 47.50 27.13
C PRO R 461 41.86 48.09 28.41
N PRO R 462 41.03 47.34 29.13
CA PRO R 462 40.47 47.86 30.37
C PRO R 462 41.54 47.95 31.41
N VAL R 463 41.55 49.05 32.13
CA VAL R 463 42.53 49.29 33.15
C VAL R 463 41.93 49.18 34.53
N TYR R 464 42.13 48.05 35.21
CA TYR R 464 41.54 47.84 36.51
C TYR R 464 42.42 48.33 37.65
N PRO R 465 41.84 49.05 38.63
CA PRO R 465 40.45 49.45 38.81
C PRO R 465 40.12 50.88 38.40
N ASN R 466 41.11 51.67 38.04
CA ASN R 466 40.87 53.08 37.88
C ASN R 466 40.35 53.47 36.51
N GLY R 467 40.35 52.53 35.58
CA GLY R 467 39.92 52.81 34.22
C GLY R 467 38.44 53.07 34.09
N GLN R 468 38.08 53.85 33.09
CA GLN R 468 36.69 54.14 32.77
C GLN R 468 36.10 52.94 32.07
N ILE R 469 34.80 52.72 32.20
CA ILE R 469 34.18 51.56 31.57
C ILE R 469 33.62 51.92 30.21
N TRP R 470 32.65 52.82 30.20
CA TRP R 470 32.04 53.29 28.96
C TRP R 470 32.17 54.78 28.85
N ASP R 471 32.01 55.29 27.64
CA ASP R 471 32.19 56.71 27.37
C ASP R 471 31.27 57.18 26.25
N LYS R 472 30.80 58.44 26.33
CA LYS R 472 29.92 58.98 25.30
C LYS R 472 30.68 59.22 24.02
N GLU R 473 30.00 59.14 22.89
CA GLU R 473 30.69 59.39 21.64
C GLU R 473 30.51 60.85 21.30
N PHE R 474 31.53 61.41 20.66
CA PHE R 474 31.51 62.80 20.25
C PHE R 474 30.41 63.01 19.27
N ASP R 475 29.69 64.13 19.40
CA ASP R 475 28.67 64.44 18.45
C ASP R 475 29.25 65.17 17.27
N THR R 476 30.25 64.59 16.66
CA THR R 476 30.82 65.14 15.46
C THR R 476 30.33 64.37 14.25
N ASP R 477 30.23 65.04 13.11
CA ASP R 477 29.71 64.39 11.92
C ASP R 477 30.59 63.20 11.53
N LEU R 478 31.89 63.29 11.78
CA LEU R 478 32.79 62.15 11.63
C LEU R 478 33.43 61.82 12.96
N LYS R 479 33.50 60.53 13.31
CA LYS R 479 33.78 60.15 14.69
C LYS R 479 35.11 59.44 14.88
N PRO R 480 35.60 59.41 16.12
CA PRO R 480 36.87 58.72 16.30
C PRO R 480 36.68 57.22 16.21
N ARG R 481 37.66 56.50 15.69
CA ARG R 481 37.61 55.05 15.63
C ARG R 481 37.77 54.39 17.00
N LEU R 482 38.17 55.18 18.00
CA LEU R 482 38.22 54.71 19.37
C LEU R 482 38.40 55.86 20.35
N HIS R 483 38.29 55.57 21.64
CA HIS R 483 38.63 56.55 22.66
C HIS R 483 39.71 55.93 23.49
N VAL R 484 40.55 56.75 24.11
CA VAL R 484 41.66 56.19 24.82
C VAL R 484 41.35 56.09 26.31
N ASN R 485 40.21 56.64 26.72
CA ASN R 485 39.88 56.61 28.14
C ASN R 485 38.96 55.46 28.51
N ALA R 486 38.32 54.84 27.54
CA ALA R 486 37.41 53.72 27.81
C ALA R 486 37.23 52.80 26.61
N PRO R 487 37.03 51.51 26.85
CA PRO R 487 36.86 50.54 25.76
C PRO R 487 35.44 50.53 25.14
N PHE R 488 34.41 50.82 25.91
CA PHE R 488 33.05 50.83 25.38
C PHE R 488 32.61 52.24 25.09
N VAL R 489 32.18 52.49 23.85
CA VAL R 489 31.65 53.79 23.47
C VAL R 489 30.26 53.71 22.87
N CYS R 490 29.31 54.43 23.47
CA CYS R 490 27.91 54.42 23.03
C CYS R 490 27.64 55.29 21.82
N GLN R 491 27.38 54.74 20.64
CA GLN R 491 27.01 55.68 19.58
C GLN R 491 25.50 55.93 19.51
N ASN R 492 24.72 55.06 20.12
CA ASN R 492 23.28 55.26 20.18
C ASN R 492 22.91 56.36 21.18
N ASN R 493 23.09 56.05 22.47
CA ASN R 493 22.64 56.93 23.51
C ASN R 493 23.27 56.42 24.79
N CYS R 494 23.84 57.29 25.61
CA CYS R 494 24.41 56.81 26.86
C CYS R 494 23.52 57.06 28.07
N PRO R 495 23.72 56.27 29.13
CA PRO R 495 22.99 56.49 30.37
C PRO R 495 23.17 57.91 30.83
N GLY R 496 22.12 58.51 31.35
CA GLY R 496 22.18 59.88 31.82
C GLY R 496 22.99 60.02 33.09
N GLN R 497 23.53 61.20 33.33
CA GLN R 497 24.32 61.41 34.52
C GLN R 497 23.36 61.61 35.67
N LEU R 498 23.76 61.19 36.87
CA LEU R 498 22.88 61.24 38.05
C LEU R 498 23.32 62.35 39.03
N PHE R 499 22.41 63.26 39.35
CA PHE R 499 22.76 64.42 40.17
C PHE R 499 22.00 64.53 41.47
N VAL R 500 22.70 64.84 42.55
CA VAL R 500 22.08 65.04 43.85
C VAL R 500 22.41 66.42 44.40
N LYS R 501 21.68 66.83 45.42
CA LYS R 501 21.81 68.16 46.00
C LYS R 501 20.94 68.27 47.24
N VAL R 502 21.45 68.76 48.35
CA VAL R 502 20.60 68.93 49.53
C VAL R 502 19.64 70.12 49.34
N ALA R 503 18.36 69.91 49.63
CA ALA R 503 17.39 70.98 49.45
C ALA R 503 17.64 72.11 50.44
N PRO R 504 17.45 73.35 49.99
CA PRO R 504 17.63 74.53 50.82
C PRO R 504 16.77 74.47 52.05
N ASN R 505 17.42 74.34 53.21
CA ASN R 505 16.71 74.24 54.46
C ASN R 505 16.70 75.59 55.15
N LEU R 506 15.70 76.40 54.85
CA LEU R 506 15.75 77.79 55.26
C LEU R 506 15.48 78.04 56.75
N THR R 507 16.09 79.09 57.27
CA THR R 507 15.84 79.56 58.62
C THR R 507 14.65 80.49 58.55
N ASN R 508 14.27 81.10 59.67
CA ASN R 508 13.12 81.99 59.62
C ASN R 508 13.55 83.30 59.00
N GLN R 509 14.85 83.55 58.92
CA GLN R 509 15.32 84.82 58.40
C GLN R 509 15.67 84.60 56.95
N TYR R 510 14.78 85.02 56.07
CA TYR R 510 15.14 84.97 54.67
C TYR R 510 14.48 86.14 53.92
N ASP R 511 15.32 86.95 53.31
CA ASP R 511 14.88 88.02 52.44
C ASP R 511 15.61 87.83 51.13
N PRO R 512 14.90 87.35 50.12
CA PRO R 512 15.51 87.11 48.82
C PRO R 512 15.88 88.42 48.16
N ASP R 513 15.15 89.48 48.47
CA ASP R 513 15.44 90.80 47.91
C ASP R 513 16.73 91.36 48.47
N ALA R 514 17.20 90.78 49.57
CA ALA R 514 18.49 91.17 50.12
C ALA R 514 19.63 90.44 49.41
N SER R 515 20.70 91.18 49.17
CA SER R 515 21.88 90.59 48.55
C SER R 515 22.61 89.75 49.60
N ALA R 516 22.51 90.21 50.84
CA ALA R 516 23.13 89.59 52.00
C ALA R 516 22.77 88.13 52.21
N ASN R 517 23.57 87.46 53.04
CA ASN R 517 23.30 86.15 53.61
C ASN R 517 22.14 85.25 53.15
N MET R 518 22.40 84.29 52.29
CA MET R 518 21.47 83.19 52.30
C MET R 518 21.78 82.45 53.58
N SER R 519 20.90 82.55 54.56
CA SER R 519 21.12 81.83 55.79
C SER R 519 20.29 80.57 55.81
N ARG R 520 20.98 79.43 55.90
CA ARG R 520 20.39 78.11 55.82
C ARG R 520 20.75 77.34 57.06
N ILE R 521 19.86 76.45 57.46
CA ILE R 521 20.22 75.50 58.48
C ILE R 521 21.26 74.58 57.91
N VAL R 522 22.29 74.32 58.68
CA VAL R 522 23.31 73.45 58.17
C VAL R 522 22.70 72.06 58.06
N THR R 523 22.66 71.53 56.85
CA THR R 523 22.05 70.24 56.61
C THR R 523 22.91 69.34 55.76
N TYR R 524 22.88 68.05 56.04
CA TYR R 524 23.60 67.12 55.19
C TYR R 524 22.81 65.84 55.05
N SER R 525 23.19 65.01 54.09
CA SER R 525 22.44 63.79 53.89
C SER R 525 23.25 62.53 53.70
N ASP R 526 22.72 61.45 54.23
CA ASP R 526 23.27 60.14 53.98
C ASP R 526 22.26 59.35 53.18
N PHE R 527 22.69 58.81 52.06
CA PHE R 527 21.83 57.96 51.29
C PHE R 527 22.64 56.83 50.74
N TRP R 528 21.96 55.73 50.48
CA TRP R 528 22.59 54.56 49.92
C TRP R 528 22.33 54.50 48.42
N TRP R 529 23.32 54.01 47.68
CA TRP R 529 23.22 53.87 46.24
C TRP R 529 23.48 52.44 45.86
N LYS R 530 22.62 51.88 45.04
CA LYS R 530 22.85 50.53 44.58
C LYS R 530 22.80 50.55 43.07
N GLY R 531 23.73 49.87 42.44
CA GLY R 531 23.75 49.80 40.99
C GLY R 531 23.88 48.37 40.52
N LYS R 532 23.40 48.09 39.31
CA LYS R 532 23.54 46.76 38.71
C LYS R 532 24.02 46.89 37.28
N LEU R 533 25.22 46.39 37.03
CA LEU R 533 25.81 46.45 35.70
C LEU R 533 25.92 45.05 35.17
N VAL R 534 25.32 44.79 34.01
CA VAL R 534 25.29 43.45 33.46
C VAL R 534 26.14 43.30 32.21
N PHE R 535 26.99 42.28 32.19
CA PHE R 535 27.80 41.98 31.03
C PHE R 535 27.42 40.63 30.45
N LYS R 536 27.77 40.40 29.20
CA LYS R 536 27.60 39.09 28.62
C LYS R 536 28.94 38.74 28.04
N ALA R 537 29.59 37.71 28.58
CA ALA R 537 30.93 37.35 28.14
C ALA R 537 31.01 35.93 27.64
N LYS R 538 32.17 35.58 27.10
CA LYS R 538 32.38 34.33 26.42
C LYS R 538 33.63 33.62 26.93
N LEU R 539 33.50 32.34 27.23
CA LEU R 539 34.61 31.56 27.78
C LEU R 539 35.72 31.28 26.77
N ARG R 540 36.99 31.41 27.16
CA ARG R 540 38.10 31.21 26.22
C ARG R 540 38.36 29.74 26.05
N ALA R 541 39.19 29.40 25.07
CA ALA R 541 39.55 28.01 24.88
C ALA R 541 41.03 27.82 24.55
N SER R 542 41.55 26.68 24.97
CA SER R 542 42.95 26.35 24.73
C SER R 542 43.15 25.96 23.28
N HIS R 543 44.09 26.62 22.61
CA HIS R 543 44.40 26.28 21.24
C HIS R 543 45.85 25.96 21.07
N THR R 544 46.60 26.03 22.16
CA THR R 544 48.03 25.78 22.09
C THR R 544 48.47 24.63 22.97
N TRP R 545 49.63 24.09 22.67
CA TRP R 545 50.19 23.04 23.47
C TRP R 545 50.61 23.62 24.79
N ASN R 546 51.09 24.86 24.74
CA ASN R 546 51.59 25.55 25.93
C ASN R 546 50.47 26.21 26.70
N PRO R 547 50.67 26.36 28.00
CA PRO R 547 49.79 27.19 28.80
C PRO R 547 50.08 28.65 28.53
N ILE R 548 49.40 29.58 29.19
CA ILE R 548 49.51 30.98 28.83
C ILE R 548 49.51 31.85 30.07
N GLN R 549 49.73 33.15 29.92
CA GLN R 549 49.73 34.05 31.08
C GLN R 549 48.40 34.04 31.78
N GLN R 550 48.41 34.01 33.12
CA GLN R 550 47.17 34.19 33.89
C GLN R 550 47.50 34.79 35.25
N MET R 551 46.59 35.57 35.86
CA MET R 551 46.86 36.12 37.20
C MET R 551 46.91 35.06 38.27
N SER R 552 47.65 35.36 39.32
CA SER R 552 47.59 34.57 40.55
C SER R 552 48.37 35.25 41.65
N ILE R 553 48.44 34.61 42.79
CA ILE R 553 49.42 34.99 43.77
C ILE R 553 50.21 33.73 44.04
N ASN R 554 51.55 33.70 44.11
CA ASN R 554 52.61 34.74 44.21
C ASN R 554 52.95 35.06 45.62
N VAL R 555 54.20 34.81 45.98
CA VAL R 555 54.70 35.06 47.33
C VAL R 555 55.08 36.52 47.48
N ASP R 556 55.53 37.12 46.38
CA ASP R 556 55.45 38.58 46.21
C ASP R 556 53.97 38.83 46.07
N ASN R 557 53.54 40.06 45.87
CA ASN R 557 52.18 40.20 45.37
C ASN R 557 51.12 39.87 46.44
N GLN R 558 51.24 38.69 47.02
CA GLN R 558 50.32 38.16 48.02
C GLN R 558 49.72 39.15 49.01
N PHE R 559 50.40 40.24 49.31
CA PHE R 559 49.93 41.08 50.38
C PHE R 559 49.18 42.30 49.92
N ASN R 560 48.94 42.42 48.63
CA ASN R 560 48.16 43.54 48.15
C ASN R 560 46.68 43.23 48.16
N TYR R 561 46.30 42.11 48.72
CA TYR R 561 44.94 41.65 48.56
C TYR R 561 44.29 41.31 49.88
N VAL R 562 44.89 41.75 50.98
CA VAL R 562 44.33 41.50 52.30
C VAL R 562 44.57 42.75 53.10
N PRO R 563 43.80 42.96 54.17
CA PRO R 563 44.05 44.13 55.00
C PRO R 563 45.32 44.00 55.82
N SER R 564 45.48 44.90 56.78
CA SER R 564 46.70 44.98 57.55
C SER R 564 46.42 44.77 59.03
N ASN R 565 47.41 45.03 59.84
CA ASN R 565 47.23 44.99 61.28
C ASN R 565 46.11 45.92 61.71
N ILE R 566 46.02 47.07 61.05
CA ILE R 566 44.92 47.99 61.25
C ILE R 566 44.03 47.77 60.05
N GLY R 567 43.12 48.69 59.78
CA GLY R 567 42.18 48.45 58.70
C GLY R 567 42.66 48.56 57.27
N GLY R 568 43.78 47.93 56.93
CA GLY R 568 44.23 47.81 55.54
C GLY R 568 44.28 49.21 54.98
N MET R 569 44.07 49.43 53.68
CA MET R 569 43.99 48.42 52.64
C MET R 569 44.26 49.07 51.29
N LYS R 570 44.38 48.27 50.25
CA LYS R 570 44.96 48.65 48.98
C LYS R 570 44.31 47.91 47.80
N ILE R 571 44.12 48.59 46.68
CA ILE R 571 43.72 47.92 45.45
C ILE R 571 44.66 48.22 44.31
N VAL R 572 45.14 47.19 43.65
CA VAL R 572 46.27 47.36 42.76
C VAL R 572 45.94 47.26 41.29
N TYR R 573 46.51 48.18 40.52
CA TYR R 573 46.60 48.08 39.06
C TYR R 573 46.82 46.65 38.63
N GLU R 574 46.09 46.19 37.62
CA GLU R 574 46.27 44.79 37.22
C GLU R 574 45.90 44.28 35.84
N LYS R 575 46.24 45.00 34.77
CA LYS R 575 46.19 44.44 33.42
C LYS R 575 44.81 43.93 33.04
N SER R 576 44.72 43.18 31.94
CA SER R 576 43.42 42.73 31.45
C SER R 576 43.47 41.78 30.26
N GLN R 577 44.48 41.88 29.42
CA GLN R 577 44.46 41.06 28.22
C GLN R 577 45.52 39.99 28.24
N LEU R 578 45.39 39.03 29.14
CA LEU R 578 46.49 38.12 29.45
C LEU R 578 46.76 37.01 28.45
N ALA R 579 45.74 36.56 27.75
CA ALA R 579 45.94 35.44 26.86
C ALA R 579 46.27 35.96 25.48
N PRO R 580 47.18 35.27 24.78
CA PRO R 580 47.53 35.70 23.43
C PRO R 580 46.41 35.44 22.44
N ARG R 581 46.41 36.17 21.32
CA ARG R 581 45.39 35.96 20.29
C ARG R 581 45.99 35.42 19.01
N LYS R 582 46.07 36.28 18.01
CA LYS R 582 46.52 35.87 16.70
C LYS R 582 46.07 36.96 15.79
N LEU R 583 46.98 37.70 15.22
CA LEU R 583 46.60 38.69 14.25
C LEU R 583 46.21 38.08 12.94
N TYR R 584 47.09 37.22 12.46
CA TYR R 584 47.04 36.77 11.10
C TYR R 584 47.40 35.30 11.01
N GLY S 37 -1.10 53.76 63.78
CA GLY S 37 0.25 54.27 63.94
C GLY S 37 0.45 55.17 65.16
N VAL S 38 1.46 56.04 65.07
CA VAL S 38 1.81 56.91 66.18
C VAL S 38 0.63 57.75 66.60
N GLY S 39 0.20 58.63 65.70
CA GLY S 39 -0.78 59.62 66.06
C GLY S 39 -2.21 59.21 65.92
N ILE S 40 -2.51 57.93 66.06
CA ILE S 40 -3.88 57.47 65.81
C ILE S 40 -4.34 56.60 66.96
N SER S 41 -5.43 56.97 67.62
CA SER S 41 -5.93 56.22 68.77
C SER S 41 -6.37 54.84 68.39
N THR S 42 -6.29 53.91 69.33
CA THR S 42 -6.58 52.50 69.09
C THR S 42 -7.65 51.94 70.02
N GLY S 43 -8.52 52.79 70.55
CA GLY S 43 -9.59 52.30 71.38
C GLY S 43 -10.51 53.41 71.87
N THR S 44 -11.56 53.05 72.59
CA THR S 44 -12.48 54.07 73.03
C THR S 44 -12.92 53.91 74.47
N PHE S 45 -12.86 55.02 75.20
CA PHE S 45 -13.24 55.07 76.60
C PHE S 45 -14.73 54.93 76.74
N ASN S 46 -15.13 53.99 77.60
CA ASN S 46 -16.53 53.76 77.88
C ASN S 46 -16.74 53.22 79.25
N ASN S 47 -17.28 54.01 80.16
CA ASN S 47 -17.54 53.48 81.48
C ASN S 47 -19.02 53.52 81.74
N GLN S 48 -19.77 53.04 80.76
CA GLN S 48 -21.20 53.20 80.72
C GLN S 48 -21.85 51.91 81.12
N THR S 49 -22.95 52.00 81.85
CA THR S 49 -23.59 50.79 82.34
C THR S 49 -24.98 50.63 81.72
N GLU S 50 -25.16 49.60 80.89
CA GLU S 50 -26.41 49.42 80.14
C GLU S 50 -27.33 48.35 80.71
N PHE S 51 -28.61 48.71 80.85
CA PHE S 51 -29.65 47.79 81.27
C PHE S 51 -30.61 47.54 80.13
N LYS S 52 -30.48 46.38 79.50
CA LYS S 52 -31.33 46.01 78.37
C LYS S 52 -32.40 45.06 78.84
N PHE S 53 -33.65 45.50 78.81
CA PHE S 53 -34.75 44.66 79.26
C PHE S 53 -35.30 43.74 78.17
N LEU S 54 -35.56 42.48 78.53
CA LEU S 54 -36.08 41.52 77.58
C LEU S 54 -37.43 41.03 78.04
N GLU S 55 -37.94 39.97 77.43
CA GLU S 55 -39.24 39.49 77.84
C GLU S 55 -39.06 38.43 78.89
N ASN S 56 -40.14 38.16 79.63
CA ASN S 56 -40.11 37.31 80.82
C ASN S 56 -39.27 37.95 81.92
N GLY S 57 -39.17 39.27 81.91
CA GLY S 57 -38.46 39.98 82.93
C GLY S 57 -37.00 39.62 83.15
N TRP S 58 -36.33 39.19 82.10
CA TRP S 58 -34.89 38.99 82.18
C TRP S 58 -34.16 40.24 81.78
N VAL S 59 -33.17 40.65 82.55
CA VAL S 59 -32.42 41.83 82.19
C VAL S 59 -30.99 41.48 81.76
N TYR S 60 -30.41 42.36 80.97
CA TYR S 60 -29.17 42.06 80.30
C TYR S 60 -28.23 43.19 80.67
N ILE S 61 -27.60 43.04 81.83
CA ILE S 61 -26.75 44.11 82.35
C ILE S 61 -25.39 44.07 81.71
N THR S 62 -25.06 45.13 80.97
CA THR S 62 -23.76 45.20 80.36
C THR S 62 -22.94 46.31 80.98
N ALA S 63 -21.99 45.93 81.84
CA ALA S 63 -21.17 46.90 82.58
C ALA S 63 -19.87 47.17 81.87
N ASN S 64 -19.69 48.41 81.45
CA ASN S 64 -18.45 48.81 80.81
C ASN S 64 -17.52 49.54 81.77
N SER S 65 -16.23 49.29 81.67
CA SER S 65 -15.29 49.94 82.57
C SER S 65 -14.00 50.33 81.88
N SER S 66 -13.55 51.55 82.10
CA SER S 66 -12.35 52.00 81.45
C SER S 66 -11.49 52.80 82.39
N ARG S 67 -10.18 52.61 82.30
CA ARG S 67 -9.25 53.31 83.18
C ARG S 67 -7.98 53.72 82.46
N LEU S 68 -7.36 54.80 82.92
CA LEU S 68 -6.00 55.09 82.50
C LEU S 68 -5.06 54.47 83.51
N VAL S 69 -4.10 53.70 83.02
CA VAL S 69 -3.23 52.92 83.89
C VAL S 69 -1.78 53.34 83.78
N HIS S 70 -1.11 53.46 84.92
CA HIS S 70 0.25 53.96 84.96
C HIS S 70 1.22 52.89 85.43
N LEU S 71 2.37 52.75 84.78
CA LEU S 71 3.25 51.63 85.10
C LEU S 71 4.73 51.97 84.94
N ASN S 72 5.53 51.70 85.98
CA ASN S 72 6.96 51.97 85.92
C ASN S 72 7.72 50.70 85.61
N MET S 73 8.99 50.85 85.27
CA MET S 73 9.80 49.69 84.94
C MET S 73 10.04 48.92 86.21
N PRO S 74 10.33 47.61 86.09
CA PRO S 74 10.48 46.78 87.29
C PRO S 74 11.61 47.28 88.16
N GLU S 75 11.56 46.96 89.45
CA GLU S 75 12.67 47.30 90.32
C GLU S 75 13.91 46.61 89.76
N SER S 76 13.76 45.38 89.30
CA SER S 76 14.81 44.68 88.58
C SER S 76 14.19 43.65 87.67
N GLU S 77 14.89 43.34 86.59
CA GLU S 77 14.41 42.44 85.57
C GLU S 77 14.58 40.98 85.98
N ASN S 78 14.69 40.71 87.28
CA ASN S 78 14.95 39.36 87.71
C ASN S 78 13.81 38.76 88.50
N TYR S 79 13.71 37.43 88.45
CA TYR S 79 12.85 36.68 89.33
C TYR S 79 13.66 36.42 90.59
N ARG S 80 13.03 36.54 91.75
CA ARG S 80 13.71 36.35 93.03
C ARG S 80 12.94 35.44 93.94
N ARG S 81 13.62 34.52 94.61
CA ARG S 81 12.96 33.81 95.69
C ARG S 81 13.25 34.52 97.01
N VAL S 82 12.28 35.24 97.53
CA VAL S 82 12.47 35.99 98.77
C VAL S 82 11.69 35.36 99.92
N VAL S 83 12.33 35.27 101.10
CA VAL S 83 11.70 34.70 102.28
C VAL S 83 11.40 35.73 103.34
N VAL S 84 10.19 35.71 103.89
CA VAL S 84 9.85 36.60 104.98
C VAL S 84 9.74 35.82 106.27
N ASN S 85 10.34 36.33 107.35
CA ASN S 85 10.37 35.60 108.61
C ASN S 85 10.39 36.56 109.78
N ASN S 86 9.24 36.80 110.40
CA ASN S 86 9.20 37.72 111.52
C ASN S 86 9.26 36.97 112.84
N LEU S 87 10.43 36.42 113.14
CA LEU S 87 10.68 35.84 114.45
C LEU S 87 10.57 36.97 115.45
N ASP S 88 10.85 38.17 114.95
CA ASP S 88 10.69 39.40 115.69
C ASP S 88 9.37 39.42 116.41
N LYS S 89 8.35 38.85 115.80
CA LYS S 89 7.05 38.98 116.39
C LYS S 89 6.57 37.65 116.91
N THR S 90 7.02 36.55 116.31
CA THR S 90 6.47 35.25 116.67
C THR S 90 7.14 34.63 117.88
N ALA S 91 8.38 35.01 118.14
CA ALA S 91 9.07 34.42 119.26
C ALA S 91 8.52 34.95 120.58
N VAL S 92 7.61 35.90 120.50
CA VAL S 92 7.06 36.59 121.66
C VAL S 92 6.23 35.71 122.59
N ASN S 93 5.69 34.61 122.07
CA ASN S 93 4.83 33.70 122.83
C ASN S 93 3.49 34.34 123.06
N GLY S 94 2.45 33.72 122.53
CA GLY S 94 1.11 34.27 122.55
C GLY S 94 0.89 35.14 121.34
N ASN S 95 1.92 35.24 120.50
CA ASN S 95 1.85 36.05 119.30
C ASN S 95 1.87 35.16 118.07
N MET S 96 1.52 33.90 118.26
CA MET S 96 1.49 32.90 117.20
C MET S 96 0.63 33.37 116.07
N ALA S 97 -0.52 33.94 116.41
CA ALA S 97 -1.48 34.37 115.41
C ALA S 97 -0.95 35.50 114.55
N LEU S 98 0.21 36.03 114.87
CA LEU S 98 0.76 37.12 114.09
C LEU S 98 1.78 36.65 113.05
N ASP S 99 1.78 35.36 112.76
CA ASP S 99 2.77 34.79 111.85
C ASP S 99 2.70 35.39 110.47
N ASP S 100 3.83 35.78 109.92
CA ASP S 100 3.85 36.25 108.56
C ASP S 100 4.86 35.45 107.76
N THR S 101 5.34 34.36 108.34
CA THR S 101 6.44 33.64 107.74
C THR S 101 5.98 32.91 106.50
N HIS S 102 6.60 33.24 105.38
CA HIS S 102 6.29 32.58 104.12
C HIS S 102 7.37 32.79 103.07
N ALA S 103 7.27 32.07 101.96
CA ALA S 103 8.19 32.26 100.85
C ALA S 103 7.43 32.76 99.65
N GLU S 104 8.12 33.44 98.75
CA GLU S 104 7.43 34.20 97.74
C GLU S 104 8.32 34.35 96.50
N ILE S 105 7.75 34.26 95.31
CA ILE S 105 8.48 34.54 94.09
C ILE S 105 8.17 35.95 93.61
N VAL S 106 9.18 36.79 93.51
CA VAL S 106 8.93 38.16 93.10
C VAL S 106 9.23 38.35 91.63
N THR S 107 8.25 38.82 90.88
CA THR S 107 8.37 38.91 89.44
C THR S 107 8.42 40.33 89.00
N PRO S 108 9.05 40.56 87.84
CA PRO S 108 9.07 41.88 87.22
C PRO S 108 7.77 42.20 86.52
N TRP S 109 6.74 41.39 86.70
CA TRP S 109 5.50 41.63 85.99
C TRP S 109 4.56 42.34 86.91
N SER S 110 3.61 43.05 86.32
CA SER S 110 2.53 43.68 87.05
C SER S 110 1.23 43.04 86.62
N LEU S 111 0.23 43.01 87.50
CA LEU S 111 -1.03 42.33 87.20
C LEU S 111 -2.23 43.28 87.10
N VAL S 112 -2.99 43.17 86.03
CA VAL S 112 -4.18 43.98 85.87
C VAL S 112 -5.44 43.23 86.31
N ASP S 113 -5.83 43.42 87.57
CA ASP S 113 -6.96 42.69 88.14
C ASP S 113 -8.14 43.62 88.30
N ALA S 114 -9.24 43.24 87.67
CA ALA S 114 -10.42 44.07 87.76
C ALA S 114 -11.52 43.29 88.41
N ASN S 115 -11.14 42.24 89.11
CA ASN S 115 -12.09 41.36 89.74
C ASN S 115 -12.62 41.93 91.05
N ALA S 116 -13.47 42.93 90.98
CA ALA S 116 -14.08 43.49 92.16
C ALA S 116 -15.26 44.34 91.78
N TRP S 117 -16.32 44.30 92.57
CA TRP S 117 -17.55 44.97 92.19
C TRP S 117 -17.40 46.46 91.89
N GLY S 118 -16.51 47.11 92.60
CA GLY S 118 -16.35 48.55 92.49
C GLY S 118 -15.75 48.99 91.17
N VAL S 119 -15.21 48.02 90.43
CA VAL S 119 -14.60 48.33 89.16
C VAL S 119 -15.69 48.60 88.14
N TRP S 120 -16.84 48.00 88.39
CA TRP S 120 -17.91 47.94 87.39
C TRP S 120 -19.13 48.74 87.74
N PHE S 121 -19.43 48.91 89.01
CA PHE S 121 -20.63 49.66 89.34
C PHE S 121 -20.41 50.86 90.27
N ASN S 122 -21.12 51.95 89.98
CA ASN S 122 -21.19 53.09 90.88
C ASN S 122 -22.35 52.79 91.81
N PRO S 123 -22.49 53.55 92.91
CA PRO S 123 -23.61 53.34 93.84
C PRO S 123 -24.98 53.39 93.17
N GLY S 124 -25.19 54.35 92.26
CA GLY S 124 -26.46 54.45 91.58
C GLY S 124 -26.80 53.16 90.86
N ASP S 125 -25.82 52.58 90.17
CA ASP S 125 -26.02 51.31 89.51
C ASP S 125 -26.44 50.21 90.51
N TRP S 126 -25.69 50.10 91.59
CA TRP S 126 -25.88 49.01 92.52
C TRP S 126 -27.25 49.08 93.16
N GLN S 127 -27.73 50.29 93.44
CA GLN S 127 -29.05 50.47 94.02
C GLN S 127 -30.08 49.81 93.16
N LEU S 128 -30.01 50.14 91.88
CA LEU S 128 -30.93 49.64 90.91
C LEU S 128 -30.94 48.13 90.95
N ILE S 129 -29.76 47.55 90.88
CA ILE S 129 -29.63 46.11 90.83
C ILE S 129 -30.24 45.46 92.06
N VAL S 130 -29.83 45.94 93.22
CA VAL S 130 -30.19 45.32 94.48
C VAL S 130 -31.67 45.48 94.80
N ASN S 131 -32.25 46.62 94.46
CA ASN S 131 -33.64 46.91 94.78
C ASN S 131 -34.65 46.27 93.86
N THR S 132 -34.24 45.94 92.66
CA THR S 132 -35.23 45.54 91.68
C THR S 132 -35.06 44.11 91.23
N MET S 133 -33.95 43.48 91.59
CA MET S 133 -33.74 42.13 91.06
C MET S 133 -33.42 41.01 92.05
N SER S 134 -33.89 39.82 91.69
CA SER S 134 -33.95 38.66 92.58
C SER S 134 -32.83 37.65 92.42
N GLU S 135 -32.21 37.61 91.25
CA GLU S 135 -31.03 36.78 91.09
C GLU S 135 -30.12 37.38 90.04
N LEU S 136 -28.96 36.77 89.85
CA LEU S 136 -27.91 37.39 89.05
C LEU S 136 -27.01 36.35 88.40
N HIS S 137 -26.86 36.38 87.08
CA HIS S 137 -25.95 35.46 86.39
C HIS S 137 -24.74 36.12 85.82
N LEU S 138 -23.65 35.39 85.85
CA LEU S 138 -22.41 35.87 85.29
C LEU S 138 -22.27 35.27 83.93
N VAL S 139 -22.24 36.10 82.89
CA VAL S 139 -22.32 35.61 81.52
C VAL S 139 -21.01 35.58 80.76
N SER S 140 -20.39 36.73 80.66
CA SER S 140 -19.22 36.91 79.82
C SER S 140 -18.30 37.99 80.31
N PHE S 141 -17.08 38.00 79.80
CA PHE S 141 -16.09 38.97 80.20
C PHE S 141 -15.09 39.12 79.08
N GLU S 142 -14.90 40.37 78.64
CA GLU S 142 -13.87 40.68 77.64
C GLU S 142 -13.16 41.96 78.04
N GLN S 143 -11.94 42.13 77.55
CA GLN S 143 -11.17 43.30 77.92
C GLN S 143 -10.11 43.60 76.86
N GLU S 144 -9.64 44.85 76.83
CA GLU S 144 -8.58 45.26 75.91
C GLU S 144 -7.62 46.33 76.47
N ILE S 145 -6.48 46.48 75.82
CA ILE S 145 -5.50 47.50 76.17
C ILE S 145 -5.26 48.39 74.94
N PHE S 146 -5.36 49.70 75.10
CA PHE S 146 -5.21 50.56 73.95
C PHE S 146 -4.60 51.92 74.28
N ASN S 147 -4.29 52.68 73.25
CA ASN S 147 -3.64 53.97 73.39
C ASN S 147 -2.46 53.87 74.31
N VAL S 148 -1.55 52.98 73.96
CA VAL S 148 -0.34 52.82 74.73
C VAL S 148 0.60 54.02 74.57
N VAL S 149 1.19 54.47 75.67
CA VAL S 149 2.16 55.55 75.65
C VAL S 149 3.36 55.13 76.46
N LEU S 150 4.56 55.35 75.93
CA LEU S 150 5.75 55.08 76.71
C LEU S 150 6.59 56.33 76.73
N LYS S 151 7.00 56.74 77.93
CA LYS S 151 7.87 57.91 78.08
C LYS S 151 9.10 57.52 78.89
N THR S 152 10.23 58.12 78.56
CA THR S 152 11.44 57.97 79.35
C THR S 152 11.62 59.24 80.14
N VAL S 153 12.03 59.11 81.40
CA VAL S 153 12.29 60.27 82.26
C VAL S 153 13.45 61.04 81.65
N SER S 154 14.65 60.86 82.16
CA SER S 154 15.83 61.38 81.45
C SER S 154 15.85 62.87 81.12
N GLU S 155 16.19 63.77 82.03
CA GLU S 155 16.11 63.74 83.50
C GLU S 155 16.70 65.13 83.63
N SER S 156 17.66 65.30 84.54
CA SER S 156 18.63 66.39 84.53
C SER S 156 18.57 67.42 83.39
N ALA S 157 17.75 68.48 83.50
CA ALA S 157 17.76 69.54 82.46
C ALA S 157 16.93 70.79 82.74
N THR S 158 17.46 71.96 83.13
CA THR S 158 18.81 72.32 83.61
C THR S 158 18.60 73.63 84.38
N GLN S 159 19.46 73.92 85.37
CA GLN S 159 19.29 75.03 86.32
C GLN S 159 18.01 74.78 87.18
N PRO S 160 18.09 75.05 88.51
CA PRO S 160 18.03 74.36 89.81
C PRO S 160 17.61 72.89 90.07
N PRO S 161 17.61 71.93 89.13
CA PRO S 161 17.85 71.67 87.71
C PRO S 161 16.60 71.16 86.95
N THR S 162 15.53 70.78 87.67
CA THR S 162 14.29 70.24 87.07
C THR S 162 14.41 68.89 86.36
N LYS S 163 13.26 68.30 86.09
CA LYS S 163 13.16 66.99 85.44
C LYS S 163 12.38 67.17 84.14
N VAL S 164 12.58 66.27 83.18
CA VAL S 164 11.91 66.40 81.88
C VAL S 164 11.52 65.04 81.34
N TYR S 165 10.34 64.96 80.76
CA TYR S 165 9.81 63.70 80.25
C TYR S 165 9.56 63.70 78.74
N ASN S 166 10.17 62.75 78.02
CA ASN S 166 9.98 62.62 76.57
C ASN S 166 9.39 61.30 76.13
N ASN S 167 8.75 61.28 74.98
CA ASN S 167 8.26 60.07 74.35
C ASN S 167 9.34 59.22 73.71
N ASP S 168 9.37 57.94 74.03
CA ASP S 168 10.18 56.98 73.28
C ASP S 168 9.25 56.26 72.34
N LEU S 169 9.15 56.72 71.11
CA LEU S 169 8.09 56.18 70.28
C LEU S 169 8.28 54.72 69.95
N THR S 170 9.52 54.34 69.69
CA THR S 170 9.81 52.98 69.29
C THR S 170 9.82 51.97 70.45
N ALA S 171 9.62 52.45 71.67
CA ALA S 171 9.63 51.59 72.85
C ALA S 171 8.36 50.76 72.97
N SER S 172 8.45 49.67 73.73
CA SER S 172 7.38 48.68 73.79
C SER S 172 6.87 48.37 75.19
N LEU S 173 5.58 48.05 75.28
CA LEU S 173 4.96 47.55 76.49
C LEU S 173 4.59 46.08 76.35
N MET S 174 5.06 45.25 77.27
CA MET S 174 4.82 43.83 77.19
C MET S 174 3.50 43.42 77.81
N VAL S 175 2.69 42.72 77.03
CA VAL S 175 1.41 42.23 77.52
C VAL S 175 1.30 40.77 77.24
N ALA S 176 0.86 40.03 78.26
CA ALA S 176 0.74 38.58 78.21
C ALA S 176 -0.51 38.16 78.94
N LEU S 177 -1.30 37.33 78.29
CA LEU S 177 -2.54 36.86 78.89
C LEU S 177 -2.46 35.36 79.14
N ASP S 178 -2.54 34.95 80.39
CA ASP S 178 -2.39 33.53 80.71
C ASP S 178 -3.71 32.83 80.51
N SER S 179 -4.12 32.70 79.25
CA SER S 179 -5.50 32.30 78.94
C SER S 179 -5.72 30.83 79.24
N ASN S 180 -4.62 30.10 79.45
CA ASN S 180 -4.72 28.71 79.85
C ASN S 180 -4.71 28.50 81.36
N ASN S 181 -4.66 29.60 82.11
CA ASN S 181 -4.49 29.53 83.54
C ASN S 181 -3.37 28.56 83.93
N THR S 182 -2.20 28.79 83.34
CA THR S 182 -1.04 27.98 83.65
C THR S 182 -0.55 28.34 85.02
N MET S 183 -0.78 29.58 85.36
CA MET S 183 -0.06 30.17 86.45
C MET S 183 -0.90 30.47 87.62
N PRO S 184 -0.28 30.51 88.80
CA PRO S 184 -1.03 30.57 90.06
C PRO S 184 -2.05 31.67 90.07
N PHE S 185 -3.24 31.36 90.55
CA PHE S 185 -4.31 32.32 90.56
C PHE S 185 -4.14 33.26 91.74
N THR S 186 -4.04 34.55 91.46
CA THR S 186 -3.82 35.54 92.50
C THR S 186 -4.81 36.69 92.43
N PRO S 187 -6.04 36.47 92.91
CA PRO S 187 -7.00 37.57 92.90
C PRO S 187 -6.52 38.66 93.82
N ALA S 188 -6.42 39.86 93.28
CA ALA S 188 -5.89 40.98 94.03
C ALA S 188 -6.94 41.55 94.95
N ALA S 189 -8.16 41.06 94.86
CA ALA S 189 -9.22 41.63 95.67
C ALA S 189 -8.94 41.41 97.14
N MET S 190 -8.15 40.38 97.43
CA MET S 190 -7.88 39.99 98.80
C MET S 190 -6.99 40.97 99.52
N ARG S 191 -6.25 41.75 98.76
CA ARG S 191 -5.27 42.66 99.32
C ARG S 191 -5.66 44.08 98.98
N SER S 192 -6.90 44.25 98.53
CA SER S 192 -7.43 45.52 98.05
C SER S 192 -6.46 46.20 97.11
N GLU S 193 -6.05 45.47 96.09
CA GLU S 193 -5.06 45.94 95.15
C GLU S 193 -5.58 45.70 93.75
N THR S 194 -6.88 45.88 93.56
CA THR S 194 -7.47 45.77 92.24
C THR S 194 -7.36 47.11 91.51
N LEU S 195 -8.08 47.26 90.42
CA LEU S 195 -8.05 48.53 89.74
C LEU S 195 -8.84 49.55 90.54
N GLY S 196 -8.63 50.83 90.25
CA GLY S 196 -9.34 51.90 90.92
C GLY S 196 -10.83 51.87 90.69
N PHE S 197 -11.59 52.42 91.63
CA PHE S 197 -13.05 52.39 91.53
C PHE S 197 -13.66 53.66 90.96
N TYR S 198 -12.84 54.64 90.62
CA TYR S 198 -13.37 55.89 90.11
C TYR S 198 -12.92 56.03 88.68
N PRO S 199 -13.87 56.24 87.77
CA PRO S 199 -13.60 56.37 86.35
C PRO S 199 -12.72 57.55 85.98
N TRP S 200 -12.81 58.67 86.68
CA TRP S 200 -12.08 59.86 86.25
C TRP S 200 -10.74 60.00 86.92
N LYS S 201 -10.41 59.04 87.78
CA LYS S 201 -9.12 59.00 88.45
C LYS S 201 -8.30 57.81 87.98
N PRO S 202 -7.08 58.07 87.49
CA PRO S 202 -6.17 57.05 86.96
C PRO S 202 -5.79 56.03 88.00
N THR S 203 -5.18 54.94 87.56
CA THR S 203 -4.90 53.87 88.48
C THR S 203 -3.67 53.09 88.10
N ILE S 204 -3.42 52.01 88.83
CA ILE S 204 -2.22 51.22 88.65
C ILE S 204 -2.50 49.75 88.88
N PRO S 205 -1.69 48.87 88.26
CA PRO S 205 -1.66 47.44 88.54
C PRO S 205 -0.85 47.16 89.78
N THR S 206 -0.66 45.90 90.16
CA THR S 206 0.23 45.63 91.28
C THR S 206 1.26 44.62 90.89
N PRO S 207 2.47 44.79 91.42
CA PRO S 207 3.58 43.91 91.05
C PRO S 207 3.20 42.49 91.32
N TRP S 208 3.43 41.61 90.36
CA TRP S 208 2.97 40.26 90.53
C TRP S 208 3.96 39.45 91.36
N ARG S 209 3.39 38.56 92.17
CA ARG S 209 4.13 37.79 93.15
C ARG S 209 3.31 36.56 93.41
N TYR S 210 3.94 35.44 93.71
CA TYR S 210 3.17 34.26 94.05
C TYR S 210 3.85 33.37 95.06
N TYR S 211 3.09 32.50 95.69
CA TYR S 211 3.62 31.70 96.77
C TYR S 211 4.57 30.62 96.30
N PHE S 212 5.69 30.47 97.01
CA PHE S 212 6.68 29.41 96.78
C PHE S 212 6.78 28.51 98.01
N GLN S 213 6.98 27.20 97.83
CA GLN S 213 6.78 26.26 98.93
C GLN S 213 7.79 26.42 100.04
N TRP S 214 7.32 26.20 101.26
CA TRP S 214 8.19 26.21 102.41
C TRP S 214 7.61 25.34 103.48
N ASP S 215 8.47 24.56 104.15
CA ASP S 215 8.11 23.84 105.35
C ASP S 215 8.28 24.81 106.49
N ARG S 216 7.57 24.60 107.58
CA ARG S 216 7.55 25.57 108.68
C ARG S 216 6.81 24.98 109.86
N THR S 217 7.42 25.05 111.04
CA THR S 217 6.74 24.58 112.23
C THR S 217 6.64 25.73 113.22
N LEU S 218 5.50 25.87 113.86
CA LEU S 218 5.32 26.90 114.86
C LEU S 218 4.45 26.35 115.95
N ILE S 219 5.05 26.05 117.09
CA ILE S 219 4.31 25.50 118.22
C ILE S 219 3.64 26.59 119.02
N PRO S 220 2.35 26.43 119.27
CA PRO S 220 1.54 27.39 120.00
C PRO S 220 1.94 27.52 121.47
N SER S 221 1.54 28.62 122.08
CA SER S 221 2.02 28.93 123.40
C SER S 221 1.24 30.09 123.98
N HIS S 222 1.45 30.39 125.24
CA HIS S 222 0.84 31.57 125.83
C HIS S 222 1.90 32.38 126.52
N THR S 223 1.50 33.48 127.16
CA THR S 223 2.47 34.35 127.77
C THR S 223 3.30 33.57 128.77
N GLY S 224 2.66 32.63 129.45
CA GLY S 224 3.34 31.87 130.48
C GLY S 224 4.34 30.86 129.98
N THR S 225 4.07 30.30 128.82
CA THR S 225 4.94 29.28 128.30
C THR S 225 6.29 29.92 128.14
N SER S 226 7.27 29.44 128.87
CA SER S 226 8.64 29.75 128.50
C SER S 226 9.50 28.50 128.56
N GLY S 227 10.78 28.72 128.28
CA GLY S 227 11.54 27.80 127.47
C GLY S 227 11.24 28.45 126.13
N THR S 228 11.71 27.88 125.04
CA THR S 228 11.34 28.47 123.77
C THR S 228 10.59 27.46 122.94
N PRO S 229 9.31 27.75 122.69
CA PRO S 229 8.52 26.85 121.87
C PRO S 229 9.14 26.88 120.49
N THR S 230 9.29 25.70 119.87
CA THR S 230 10.00 25.61 118.62
C THR S 230 9.35 26.44 117.53
N ASN S 231 10.15 27.27 116.90
CA ASN S 231 9.67 28.24 115.93
C ASN S 231 10.70 28.35 114.83
N ILE S 232 10.60 27.45 113.85
CA ILE S 232 11.63 27.28 112.85
C ILE S 232 11.04 27.34 111.45
N TYR S 233 11.86 27.76 110.49
CA TYR S 233 11.56 27.70 109.06
C TYR S 233 12.43 26.59 108.51
N HIS S 234 11.87 25.43 108.20
CA HIS S 234 12.71 24.28 107.84
C HIS S 234 13.38 24.35 106.49
N GLY S 235 12.75 25.00 105.53
CA GLY S 235 13.33 25.09 104.20
C GLY S 235 12.32 24.90 103.09
N THR S 236 12.61 24.00 102.15
CA THR S 236 11.70 23.79 101.01
C THR S 236 11.66 22.30 100.61
N ASP S 237 10.48 21.70 100.63
CA ASP S 237 10.32 20.30 100.21
C ASP S 237 10.51 20.27 98.70
N PRO S 238 11.62 19.67 98.23
CA PRO S 238 11.93 19.70 96.80
C PRO S 238 10.83 19.07 95.95
N ASP S 239 10.09 18.16 96.55
CA ASP S 239 9.01 17.47 95.85
C ASP S 239 7.90 18.44 95.52
N ASP S 240 7.96 19.64 96.11
CA ASP S 240 6.86 20.58 95.99
C ASP S 240 7.29 21.87 95.36
N VAL S 241 8.45 21.86 94.73
CA VAL S 241 8.98 23.10 94.18
C VAL S 241 8.40 23.42 92.81
N GLN S 242 7.78 24.58 92.66
CA GLN S 242 7.31 25.06 91.35
C GLN S 242 7.66 26.51 91.07
N PHE S 243 8.62 26.70 90.17
CA PHE S 243 9.08 28.01 89.72
C PHE S 243 8.49 28.39 88.36
N TYR S 244 7.55 29.34 88.35
CA TYR S 244 6.89 29.72 87.11
C TYR S 244 7.44 30.98 86.52
N THR S 245 7.49 31.06 85.19
CA THR S 245 7.80 32.33 84.53
C THR S 245 6.78 32.63 83.44
N ILE S 246 6.41 33.89 83.31
CA ILE S 246 5.55 34.32 82.24
C ILE S 246 6.13 33.92 80.91
N GLU S 247 7.43 34.15 80.78
CA GLU S 247 8.12 33.99 79.51
C GLU S 247 8.01 32.60 78.94
N ASN S 248 8.09 31.58 79.79
CA ASN S 248 8.09 30.19 79.32
C ASN S 248 6.73 29.55 79.19
N SER S 249 5.70 30.21 79.68
CA SER S 249 4.37 29.62 79.67
C SER S 249 3.38 30.40 78.82
N VAL S 250 3.56 31.71 78.74
CA VAL S 250 2.58 32.56 78.12
C VAL S 250 3.21 33.37 77.01
N PRO S 251 2.52 33.47 75.88
CA PRO S 251 2.99 34.31 74.79
C PRO S 251 2.92 35.77 75.13
N VAL S 252 3.98 36.49 74.84
CA VAL S 252 4.06 37.91 75.14
C VAL S 252 3.92 38.78 73.90
N HIS S 253 3.03 39.76 73.97
CA HIS S 253 2.81 40.71 72.90
C HIS S 253 3.55 41.99 73.19
N LEU S 254 4.31 42.50 72.22
CA LEU S 254 4.95 43.78 72.40
C LEU S 254 4.09 44.85 71.77
N LEU S 255 3.61 45.77 72.59
CA LEU S 255 2.74 46.83 72.09
C LEU S 255 3.47 48.14 72.04
N ARG S 256 3.63 48.72 70.85
CA ARG S 256 4.12 50.08 70.76
C ARG S 256 2.94 51.05 70.73
N THR S 257 3.18 52.33 70.52
CA THR S 257 2.11 53.30 70.62
C THR S 257 0.91 52.96 69.77
N GLY S 258 1.16 52.58 68.53
CA GLY S 258 0.04 52.35 67.65
C GLY S 258 -0.59 50.98 67.82
N ASP S 259 -0.05 50.16 68.70
CA ASP S 259 -0.58 48.81 68.88
C ASP S 259 -1.65 48.76 69.95
N GLU S 260 -2.48 47.72 69.87
CA GLU S 260 -3.52 47.48 70.85
C GLU S 260 -3.69 45.99 71.05
N PHE S 261 -4.20 45.60 72.21
CA PHE S 261 -4.41 44.20 72.49
C PHE S 261 -5.77 43.98 73.07
N ALA S 262 -6.54 43.08 72.46
CA ALA S 262 -7.87 42.76 72.97
C ALA S 262 -7.97 41.28 73.08
N THR S 263 -8.67 40.83 74.12
CA THR S 263 -8.86 39.41 74.40
C THR S 263 -10.12 38.98 73.72
N GLY S 264 -10.43 37.71 73.81
CA GLY S 264 -11.69 37.27 73.25
C GLY S 264 -12.82 37.66 74.15
N THR S 265 -13.99 37.09 73.91
CA THR S 265 -15.07 37.15 74.87
C THR S 265 -15.16 35.80 75.56
N PHE S 266 -14.96 35.79 76.87
CA PHE S 266 -15.03 34.57 77.66
C PHE S 266 -16.43 34.33 78.19
N PHE S 267 -16.98 33.14 78.01
CA PHE S 267 -18.30 32.90 78.54
C PHE S 267 -18.24 32.07 79.79
N PHE S 268 -18.89 32.56 80.83
CA PHE S 268 -18.83 31.89 82.12
C PHE S 268 -19.86 30.79 82.19
N ASP S 269 -19.69 29.90 83.16
CA ASP S 269 -20.80 29.09 83.60
C ASP S 269 -20.65 28.75 85.07
N CYS S 270 -21.56 29.29 85.85
CA CYS S 270 -21.62 29.07 87.29
C CYS S 270 -23.10 29.12 87.68
N LYS S 271 -23.41 28.85 88.94
CA LYS S 271 -24.78 29.02 89.42
C LYS S 271 -25.13 30.49 89.48
N PRO S 272 -26.43 30.79 89.51
CA PRO S 272 -26.88 32.16 89.74
C PRO S 272 -26.69 32.56 91.16
N CYS S 273 -26.38 33.83 91.36
CA CYS S 273 -26.27 34.40 92.68
C CYS S 273 -27.56 35.13 93.00
N ARG S 274 -28.12 34.88 94.18
CA ARG S 274 -29.44 35.37 94.52
C ARG S 274 -29.35 36.70 95.23
N LEU S 275 -30.34 37.57 95.08
CA LEU S 275 -30.26 38.86 95.74
C LEU S 275 -31.33 39.00 96.80
N THR S 276 -31.62 37.89 97.47
CA THR S 276 -32.54 37.90 98.58
C THR S 276 -31.99 37.11 99.74
N HIS S 277 -32.25 37.59 100.94
CA HIS S 277 -31.76 36.94 102.14
C HIS S 277 -32.85 36.11 102.79
N THR S 278 -32.48 35.01 103.41
CA THR S 278 -33.46 34.19 104.09
C THR S 278 -33.49 34.56 105.55
N TRP S 279 -34.67 34.58 106.16
CA TRP S 279 -34.74 35.01 107.54
C TRP S 279 -35.09 33.91 108.50
N GLN S 280 -35.44 32.75 107.99
CA GLN S 280 -35.93 31.74 108.89
C GLN S 280 -34.78 30.94 109.45
N THR S 281 -34.75 30.80 110.77
CA THR S 281 -33.87 29.85 111.42
C THR S 281 -34.73 28.67 111.74
N ASN S 282 -34.15 27.63 112.29
CA ASN S 282 -34.94 26.45 112.58
C ASN S 282 -36.19 26.74 113.40
N ARG S 283 -36.16 27.78 114.21
CA ARG S 283 -37.26 28.03 115.15
C ARG S 283 -38.50 28.54 114.44
N ALA S 284 -38.37 28.79 113.14
CA ALA S 284 -39.48 29.28 112.32
C ALA S 284 -39.64 28.51 111.02
N LEU S 285 -39.67 27.19 111.10
CA LEU S 285 -39.88 26.38 109.92
C LEU S 285 -41.11 25.54 110.07
N GLY S 286 -42.13 25.84 109.28
CA GLY S 286 -43.27 24.96 109.21
C GLY S 286 -44.48 25.52 109.91
N LEU S 287 -45.31 24.61 110.40
CA LEU S 287 -46.59 24.95 111.00
C LEU S 287 -46.50 25.32 112.48
N PRO S 288 -46.80 26.57 112.81
CA PRO S 288 -46.83 27.00 114.21
C PRO S 288 -47.92 26.29 114.98
N PRO S 289 -47.74 26.14 116.30
CA PRO S 289 -48.68 25.42 117.15
C PRO S 289 -49.96 26.19 117.29
N PHE S 290 -51.08 25.48 117.30
CA PHE S 290 -52.36 26.17 117.33
C PHE S 290 -52.53 26.91 118.64
N LEU S 291 -52.91 28.17 118.57
CA LEU S 291 -53.13 28.94 119.79
C LEU S 291 -54.58 28.85 120.26
N ASN S 292 -54.80 28.29 121.44
CA ASN S 292 -56.15 28.15 121.99
C ASN S 292 -56.68 29.38 122.68
N SER S 293 -55.79 30.29 123.04
CA SER S 293 -56.25 31.51 123.68
C SER S 293 -55.68 32.69 122.99
N LEU S 294 -56.49 33.37 122.18
CA LEU S 294 -56.01 34.53 121.47
C LEU S 294 -56.29 35.76 122.30
N PRO S 295 -55.39 36.73 122.25
CA PRO S 295 -55.54 37.97 123.00
C PRO S 295 -56.78 38.73 122.58
N GLN S 296 -57.32 39.56 123.47
CA GLN S 296 -58.51 40.34 123.16
C GLN S 296 -58.41 41.79 123.59
N SER S 297 -57.18 42.28 123.68
CA SER S 297 -56.92 43.73 123.67
C SER S 297 -55.58 44.01 122.99
N GLU S 298 -55.46 45.13 122.27
CA GLU S 298 -54.20 45.44 121.63
C GLU S 298 -53.18 45.79 122.70
N GLY S 299 -51.91 45.75 122.36
CA GLY S 299 -50.91 46.13 123.34
C GLY S 299 -49.70 45.24 123.38
N GLY S 300 -48.84 45.46 124.35
CA GLY S 300 -47.52 44.90 124.34
C GLY S 300 -47.25 43.70 125.24
N THR S 301 -48.18 43.34 126.12
CA THR S 301 -47.95 42.18 126.97
C THR S 301 -49.14 41.22 126.86
N ASN S 302 -50.05 41.56 125.95
CA ASN S 302 -51.22 40.72 125.74
C ASN S 302 -50.88 39.57 124.81
N PHE S 303 -50.11 38.61 125.32
CA PHE S 303 -49.64 37.49 124.54
C PHE S 303 -50.75 36.51 124.35
N GLY S 304 -50.63 35.68 123.31
CA GLY S 304 -51.57 34.60 123.14
C GLY S 304 -50.93 33.39 123.75
N TYR S 305 -51.72 32.40 124.12
CA TYR S 305 -51.17 31.24 124.79
C TYR S 305 -51.56 29.99 124.05
N ILE S 306 -50.62 29.09 123.87
CA ILE S 306 -50.90 27.80 123.27
C ILE S 306 -52.01 27.14 124.05
N GLY S 307 -51.87 27.09 125.37
CA GLY S 307 -52.97 26.63 126.20
C GLY S 307 -53.05 25.14 126.34
N VAL S 308 -51.93 24.43 126.25
CA VAL S 308 -51.93 23.00 126.53
C VAL S 308 -50.69 22.62 127.31
N GLN S 309 -50.84 21.73 128.28
CA GLN S 309 -49.68 21.33 129.04
C GLN S 309 -48.63 20.78 128.14
N GLN S 310 -47.41 21.24 128.35
CA GLN S 310 -46.30 20.93 127.46
C GLN S 310 -46.01 19.44 127.35
N ASP S 311 -46.46 18.66 128.33
CA ASP S 311 -46.19 17.22 128.29
C ASP S 311 -47.45 16.46 127.89
N LYS S 312 -48.49 17.20 127.55
CA LYS S 312 -49.73 16.57 127.14
C LYS S 312 -50.03 17.00 125.70
N ARG S 313 -48.99 17.39 124.97
CA ARG S 313 -49.17 17.92 123.62
C ARG S 313 -48.95 16.89 122.52
N ARG S 314 -49.53 17.18 121.34
CA ARG S 314 -49.41 16.34 120.13
C ARG S 314 -48.32 16.83 119.19
N GLY S 315 -47.61 15.92 118.53
CA GLY S 315 -46.54 16.29 117.61
C GLY S 315 -45.32 15.37 117.59
N VAL S 316 -44.24 15.80 116.96
CA VAL S 316 -43.07 14.94 116.80
C VAL S 316 -41.77 15.57 117.28
N THR S 317 -41.00 14.83 118.07
CA THR S 317 -39.66 15.29 118.44
C THR S 317 -38.67 14.16 118.32
N GLN S 318 -37.39 14.49 118.39
CA GLN S 318 -36.35 13.47 118.29
C GLN S 318 -35.74 13.18 119.65
N MET S 319 -36.55 13.37 120.69
CA MET S 319 -36.13 13.14 122.05
C MET S 319 -36.92 11.97 122.67
N GLY S 320 -36.37 10.77 122.54
CA GLY S 320 -37.06 9.55 122.95
C GLY S 320 -37.51 9.44 124.39
N ASN S 321 -36.96 10.29 125.25
CA ASN S 321 -37.26 10.27 126.67
C ASN S 321 -38.54 11.02 127.04
N THR S 322 -38.49 12.35 126.97
CA THR S 322 -39.59 13.18 127.47
C THR S 322 -40.74 13.31 126.52
N ASN S 323 -41.88 13.66 127.09
CA ASN S 323 -43.10 13.89 126.34
C ASN S 323 -43.31 15.37 126.19
N TYR S 324 -42.28 16.13 126.53
CA TYR S 324 -42.30 17.57 126.35
C TYR S 324 -42.23 17.89 124.88
N ILE S 325 -43.15 18.69 124.38
CA ILE S 325 -43.08 19.10 122.98
C ILE S 325 -43.16 20.60 122.90
N THR S 326 -42.01 21.22 122.75
CA THR S 326 -41.95 22.68 122.68
C THR S 326 -41.27 23.19 121.44
N GLU S 327 -41.41 24.47 121.17
CA GLU S 327 -40.82 25.06 119.98
C GLU S 327 -39.35 24.80 119.85
N ALA S 328 -38.69 24.62 120.98
CA ALA S 328 -37.26 24.31 120.97
C ALA S 328 -37.03 22.82 120.89
N THR S 329 -38.08 22.04 121.08
CA THR S 329 -37.93 20.60 121.11
C THR S 329 -38.45 19.97 119.83
N ILE S 330 -39.52 20.57 119.32
CA ILE S 330 -40.25 20.07 118.15
C ILE S 330 -39.35 19.80 116.96
N MET S 331 -39.59 18.69 116.27
CA MET S 331 -38.78 18.35 115.12
C MET S 331 -38.87 19.39 114.01
N ARG S 332 -37.76 19.61 113.31
CA ARG S 332 -37.76 20.42 112.13
C ARG S 332 -37.16 19.54 111.07
N PRO S 333 -37.48 19.80 109.79
CA PRO S 333 -37.08 18.96 108.66
C PRO S 333 -35.56 18.79 108.49
N ALA S 334 -34.79 19.83 108.77
CA ALA S 334 -33.34 19.75 108.72
C ALA S 334 -32.72 20.88 109.54
N GLU S 335 -31.49 21.26 109.25
CA GLU S 335 -30.88 22.32 110.03
C GLU S 335 -30.34 23.46 109.18
N VAL S 336 -30.74 24.68 109.52
CA VAL S 336 -30.28 25.89 108.84
C VAL S 336 -29.06 26.49 109.52
N GLY S 337 -27.94 26.54 108.80
CA GLY S 337 -26.69 27.04 109.33
C GLY S 337 -25.97 25.94 110.08
N TYR S 338 -24.79 26.24 110.61
CA TYR S 338 -24.02 25.24 111.33
C TYR S 338 -23.08 25.92 112.29
N SER S 339 -22.68 25.21 113.35
CA SER S 339 -21.74 25.75 114.33
C SER S 339 -20.34 25.36 114.00
N ALA S 340 -19.41 26.32 114.06
CA ALA S 340 -18.02 26.08 113.71
C ALA S 340 -17.08 26.65 114.74
N PRO S 341 -15.89 26.07 114.86
CA PRO S 341 -14.88 26.56 115.79
C PRO S 341 -14.48 27.98 115.49
N TYR S 342 -14.22 28.73 116.54
CA TYR S 342 -13.87 30.14 116.42
C TYR S 342 -13.24 30.57 117.75
N TYR S 343 -12.13 31.29 117.75
CA TYR S 343 -11.25 31.51 116.61
C TYR S 343 -10.28 30.35 116.43
N SER S 344 -10.61 29.37 115.59
CA SER S 344 -9.74 28.20 115.50
C SER S 344 -8.62 28.43 114.55
N PHE S 345 -7.43 27.99 114.95
CA PHE S 345 -6.30 27.94 114.05
C PHE S 345 -5.85 26.50 113.91
N GLU S 346 -5.58 26.09 112.67
CA GLU S 346 -5.12 24.74 112.37
C GLU S 346 -3.80 24.86 111.66
N ALA S 347 -3.04 23.78 111.66
CA ALA S 347 -1.69 23.86 111.16
C ALA S 347 -1.38 22.73 110.25
N SER S 348 -0.74 23.04 109.14
CA SER S 348 -0.20 22.05 108.24
C SER S 348 1.13 22.51 107.71
N THR S 349 1.85 21.58 107.10
CA THR S 349 3.14 21.79 106.43
C THR S 349 3.76 23.19 106.50
N GLN S 350 2.96 24.22 106.30
CA GLN S 350 3.51 25.55 106.15
C GLN S 350 3.15 26.48 107.26
N GLY S 351 2.57 25.94 108.31
CA GLY S 351 2.30 26.77 109.45
C GLY S 351 0.83 26.83 109.69
N PRO S 352 0.41 27.67 110.63
CA PRO S 352 -0.96 27.83 111.08
C PRO S 352 -1.80 28.85 110.31
N PHE S 353 -3.10 28.60 110.29
CA PHE S 353 -4.06 29.42 109.58
C PHE S 353 -5.42 29.33 110.20
N LYS S 354 -6.21 30.39 110.09
CA LYS S 354 -7.53 30.42 110.70
C LYS S 354 -8.48 29.46 110.00
N THR S 355 -9.42 28.90 110.75
CA THR S 355 -10.48 28.10 110.16
C THR S 355 -11.60 29.01 109.66
N PRO S 356 -11.95 28.89 108.38
CA PRO S 356 -12.97 29.73 107.74
C PRO S 356 -14.44 29.33 108.02
N ILE S 357 -15.33 30.32 108.02
CA ILE S 357 -16.73 30.07 108.32
C ILE S 357 -17.62 30.48 107.17
N ALA S 358 -18.72 29.75 106.99
CA ALA S 358 -19.65 29.99 105.91
C ALA S 358 -20.76 30.94 106.30
N ALA S 359 -21.49 30.62 107.36
CA ALA S 359 -22.78 31.26 107.62
C ALA S 359 -22.75 32.76 108.03
N GLY S 360 -23.70 33.11 108.89
CA GLY S 360 -23.87 34.43 109.48
C GLY S 360 -25.08 35.05 108.83
N ARG S 361 -25.73 36.05 109.45
CA ARG S 361 -25.59 36.42 110.85
C ARG S 361 -26.49 35.57 111.73
N GLY S 362 -26.15 35.44 113.01
CA GLY S 362 -26.91 34.59 113.91
C GLY S 362 -27.44 35.23 115.20
N GLY S 363 -27.02 36.45 115.49
CA GLY S 363 -27.45 37.09 116.71
C GLY S 363 -28.62 38.04 116.52
N ALA S 364 -29.35 38.25 117.62
CA ALA S 364 -30.57 39.06 117.61
C ALA S 364 -30.34 40.53 117.33
N GLN S 365 -31.01 41.36 118.11
CA GLN S 365 -31.02 42.81 117.93
C GLN S 365 -29.63 43.44 118.08
N THR S 366 -28.99 43.78 116.96
CA THR S 366 -27.68 44.45 116.95
C THR S 366 -26.67 43.73 117.84
N ASP S 367 -26.77 42.41 117.87
CA ASP S 367 -25.88 41.56 118.66
C ASP S 367 -25.36 40.54 117.72
N GLU S 368 -24.06 40.58 117.51
CA GLU S 368 -23.52 39.71 116.52
C GLU S 368 -22.14 39.20 116.90
N ASN S 369 -21.95 37.89 116.84
CA ASN S 369 -20.65 37.31 117.09
C ASN S 369 -19.88 37.26 115.81
N GLN S 370 -19.24 38.36 115.47
CA GLN S 370 -18.63 38.51 114.17
C GLN S 370 -17.55 37.46 113.92
N ALA S 371 -17.32 36.57 114.88
CA ALA S 371 -16.28 35.55 114.76
C ALA S 371 -16.85 34.16 114.60
N ALA S 372 -17.94 33.90 115.32
CA ALA S 372 -18.63 32.64 115.21
C ALA S 372 -19.37 32.57 113.89
N ASP S 373 -19.64 33.74 113.31
CA ASP S 373 -20.31 33.86 112.01
C ASP S 373 -19.35 34.13 110.86
N GLY S 374 -18.11 34.41 111.19
CA GLY S 374 -17.08 34.58 110.18
C GLY S 374 -17.39 35.75 109.29
N ASP S 375 -17.92 36.81 109.90
CA ASP S 375 -18.28 38.01 109.17
C ASP S 375 -17.01 38.65 108.68
N PRO S 376 -16.90 38.85 107.36
CA PRO S 376 -15.67 39.33 106.73
C PRO S 376 -15.43 40.80 106.99
N ARG S 377 -14.16 41.18 107.07
CA ARG S 377 -13.80 42.56 107.41
C ARG S 377 -12.83 43.08 106.36
N TYR S 378 -13.17 44.21 105.76
CA TYR S 378 -12.42 44.69 104.63
C TYR S 378 -11.62 45.93 104.96
N ALA S 379 -10.35 45.93 104.59
CA ALA S 379 -9.48 47.08 104.84
C ALA S 379 -8.94 47.60 103.53
N PHE S 380 -9.01 48.90 103.30
CA PHE S 380 -8.75 49.45 101.97
C PHE S 380 -8.35 50.91 101.94
N GLY S 381 -7.86 51.40 100.80
CA GLY S 381 -7.35 52.76 100.74
C GLY S 381 -7.66 53.65 99.53
N ARG S 382 -8.25 54.80 99.82
CA ARG S 382 -8.52 55.88 98.87
C ARG S 382 -8.93 55.50 97.47
N GLN S 383 -8.06 54.78 96.79
CA GLN S 383 -8.37 54.20 95.50
C GLN S 383 -9.58 53.28 95.58
N HIS S 384 -9.85 52.68 96.75
CA HIS S 384 -10.98 51.77 96.77
C HIS S 384 -11.97 52.10 97.87
N GLY S 385 -12.17 53.38 98.18
CA GLY S 385 -13.28 53.72 99.05
C GLY S 385 -13.01 54.73 100.13
N GLN S 386 -11.84 54.69 100.75
CA GLN S 386 -11.51 55.61 101.84
C GLN S 386 -11.57 57.00 101.30
N LYS S 387 -11.88 57.98 102.14
CA LYS S 387 -11.96 59.37 101.69
C LYS S 387 -10.66 59.73 100.99
N THR S 388 -10.76 60.27 99.79
CA THR S 388 -9.56 60.44 99.00
C THR S 388 -8.75 61.61 99.53
N THR S 389 -9.35 62.42 100.39
CA THR S 389 -8.66 63.54 101.02
C THR S 389 -7.86 63.16 102.27
N THR S 390 -8.13 61.98 102.81
CA THR S 390 -7.47 61.50 104.02
C THR S 390 -5.99 61.25 103.88
N THR S 391 -5.19 61.98 104.66
CA THR S 391 -3.77 61.70 104.74
C THR S 391 -3.47 60.68 105.83
N GLY S 392 -2.29 60.08 105.75
CA GLY S 392 -1.91 59.08 106.74
C GLY S 392 -2.07 57.67 106.24
N GLU S 393 -1.23 56.77 106.72
CA GLU S 393 -1.21 55.45 106.16
C GLU S 393 -2.31 54.53 106.75
N THR S 394 -3.18 55.07 107.60
CA THR S 394 -4.17 54.22 108.25
C THR S 394 -5.35 53.99 107.32
N PRO S 395 -5.68 52.71 107.05
CA PRO S 395 -6.74 52.30 106.13
C PRO S 395 -8.12 52.45 106.69
N GLU S 396 -9.11 52.53 105.79
CA GLU S 396 -10.52 52.53 106.15
C GLU S 396 -10.97 51.08 106.24
N ARG S 397 -11.97 50.83 107.06
CA ARG S 397 -12.40 49.47 107.30
C ARG S 397 -13.89 49.40 107.44
N PHE S 398 -14.43 48.18 107.35
CA PHE S 398 -15.81 47.88 107.74
C PHE S 398 -15.96 46.39 107.92
N THR S 399 -17.01 45.99 108.62
CA THR S 399 -17.27 44.57 108.77
C THR S 399 -18.64 44.25 108.19
N TYR S 400 -18.65 43.42 107.16
CA TYR S 400 -19.89 43.12 106.47
C TYR S 400 -20.72 42.13 107.25
N ILE S 401 -21.86 42.59 107.75
CA ILE S 401 -22.80 41.69 108.37
C ILE S 401 -24.01 41.44 107.49
N ALA S 402 -24.12 40.23 106.98
CA ALA S 402 -25.16 39.88 106.01
C ALA S 402 -26.55 40.03 106.59
N HIS S 403 -27.54 40.09 105.72
CA HIS S 403 -28.92 40.18 106.16
C HIS S 403 -29.48 38.82 106.42
N GLN S 404 -28.86 37.80 105.83
CA GLN S 404 -29.43 36.46 105.92
C GLN S 404 -29.20 35.79 107.26
N ASP S 405 -30.25 35.75 108.07
CA ASP S 405 -30.14 35.26 109.41
C ASP S 405 -29.93 33.74 109.38
N THR S 406 -28.70 33.30 109.14
CA THR S 406 -28.41 31.87 109.08
C THR S 406 -27.22 31.42 109.94
N GLY S 407 -26.78 32.31 110.83
CA GLY S 407 -25.61 32.07 111.66
C GLY S 407 -25.95 31.54 113.04
N ARG S 408 -25.04 31.77 113.99
CA ARG S 408 -25.25 31.32 115.37
C ARG S 408 -24.96 32.42 116.40
N TYR S 409 -25.60 32.31 117.56
CA TYR S 409 -25.29 33.15 118.72
C TYR S 409 -24.86 32.22 119.83
N PRO S 410 -23.61 31.74 119.77
CA PRO S 410 -23.12 30.64 120.63
C PRO S 410 -23.33 30.88 122.11
N GLU S 411 -23.56 32.13 122.49
CA GLU S 411 -23.94 32.45 123.85
C GLU S 411 -25.20 31.70 124.27
N GLY S 412 -26.05 31.40 123.30
CA GLY S 412 -27.29 30.73 123.58
C GLY S 412 -27.32 29.23 123.46
N ASP S 413 -26.18 28.61 123.14
CA ASP S 413 -26.13 27.16 122.98
C ASP S 413 -26.11 26.48 124.32
N TRP S 414 -26.48 25.20 124.35
CA TRP S 414 -26.25 24.39 125.54
C TRP S 414 -26.43 22.92 125.23
N ILE S 415 -26.08 22.09 126.21
CA ILE S 415 -26.16 20.65 126.05
C ILE S 415 -26.69 20.01 127.30
N GLN S 416 -27.80 19.32 127.22
CA GLN S 416 -28.30 18.66 128.41
C GLN S 416 -27.95 17.20 128.43
N ASN S 417 -28.09 16.60 129.60
CA ASN S 417 -27.90 15.19 129.79
C ASN S 417 -29.06 14.38 129.26
N ILE S 418 -28.75 13.15 128.84
CA ILE S 418 -29.70 12.20 128.27
C ILE S 418 -31.02 12.13 129.04
N ASN S 419 -30.99 12.36 130.33
CA ASN S 419 -32.16 12.10 131.12
C ASN S 419 -33.18 13.20 131.03
N PHE S 420 -32.74 14.38 130.62
CA PHE S 420 -33.65 15.50 130.43
C PHE S 420 -34.53 15.70 131.64
N ASN S 421 -33.94 15.59 132.81
CA ASN S 421 -34.61 15.91 134.04
C ASN S 421 -34.51 17.39 134.27
N LEU S 422 -35.58 18.12 134.04
CA LEU S 422 -35.43 19.55 134.07
C LEU S 422 -36.49 20.23 134.93
N PRO S 423 -36.19 21.43 135.48
CA PRO S 423 -35.02 22.33 135.44
C PRO S 423 -33.72 21.61 135.67
N VAL S 424 -32.70 21.93 134.90
CA VAL S 424 -31.50 21.09 134.83
C VAL S 424 -30.43 21.44 135.87
N THR S 425 -29.85 20.38 136.45
CA THR S 425 -28.73 20.50 137.35
C THR S 425 -27.55 21.05 136.61
N ASP S 426 -26.77 21.80 137.32
CA ASP S 426 -25.50 22.22 136.80
C ASP S 426 -24.56 21.07 136.34
N ASP S 427 -24.77 19.88 136.91
CA ASP S 427 -24.03 18.67 136.53
C ASP S 427 -24.48 17.98 135.27
N ASN S 428 -25.70 18.32 134.91
CA ASN S 428 -26.38 17.74 133.80
C ASN S 428 -26.45 18.64 132.59
N VAL S 429 -25.74 19.76 132.60
CA VAL S 429 -25.73 20.63 131.44
C VAL S 429 -24.34 21.15 131.21
N LEU S 430 -24.00 21.44 129.97
CA LEU S 430 -22.76 22.14 129.65
C LEU S 430 -23.06 23.45 128.93
N LEU S 431 -22.68 24.57 129.55
CA LEU S 431 -23.00 25.92 129.05
C LEU S 431 -21.87 26.60 128.31
N PRO S 432 -22.17 27.70 127.61
CA PRO S 432 -21.12 28.54 127.03
C PRO S 432 -20.40 29.38 128.07
N THR S 433 -20.73 29.14 129.33
CA THR S 433 -20.08 29.80 130.45
C THR S 433 -19.06 28.88 131.09
N ASP S 434 -19.38 27.60 131.16
CA ASP S 434 -18.48 26.63 131.79
C ASP S 434 -17.20 26.46 130.99
N PRO S 435 -16.07 26.69 131.65
CA PRO S 435 -14.74 26.62 131.10
C PRO S 435 -14.35 25.21 130.75
N ILE S 436 -13.52 25.08 129.73
CA ILE S 436 -13.14 23.80 129.17
C ILE S 436 -11.65 23.58 129.25
N GLY S 437 -11.23 22.41 129.70
CA GLY S 437 -9.81 22.14 129.80
C GLY S 437 -9.16 23.10 130.78
N GLY S 438 -10.02 23.65 131.63
CA GLY S 438 -9.61 24.56 132.69
C GLY S 438 -9.20 25.94 132.29
N LYS S 439 -9.76 26.52 131.25
CA LYS S 439 -9.43 27.88 130.87
C LYS S 439 -10.64 28.78 131.07
N THR S 440 -10.51 29.89 131.79
CA THR S 440 -11.66 30.76 132.06
C THR S 440 -12.32 31.26 130.79
N GLY S 441 -11.51 31.65 129.81
CA GLY S 441 -12.02 32.24 128.58
C GLY S 441 -12.27 31.31 127.40
N ILE S 442 -12.48 30.02 127.68
CA ILE S 442 -12.80 29.02 126.67
C ILE S 442 -14.02 28.19 127.09
N ASN S 443 -14.98 28.00 126.20
CA ASN S 443 -16.16 27.19 126.51
C ASN S 443 -16.34 26.17 125.44
N TYR S 444 -17.34 25.31 125.55
CA TYR S 444 -17.38 24.19 124.63
C TYR S 444 -17.60 24.69 123.21
N THR S 445 -18.33 25.79 123.07
CA THR S 445 -18.71 26.25 121.74
C THR S 445 -17.53 26.60 120.88
N ASN S 446 -16.40 26.88 121.50
CA ASN S 446 -15.23 27.28 120.75
C ASN S 446 -14.65 26.16 119.92
N ILE S 447 -14.95 24.91 120.23
CA ILE S 447 -14.42 23.82 119.45
C ILE S 447 -15.53 23.05 118.78
N PHE S 448 -16.74 23.59 118.86
CA PHE S 448 -17.96 22.89 118.48
C PHE S 448 -18.17 22.88 116.99
N ASN S 449 -18.76 21.79 116.48
CA ASN S 449 -19.03 21.65 115.05
C ASN S 449 -20.28 20.84 114.75
N THR S 450 -21.28 21.51 114.20
CA THR S 450 -22.56 20.87 113.88
C THR S 450 -22.87 20.80 112.39
N TYR S 451 -21.82 20.73 111.58
CA TYR S 451 -22.00 20.45 110.17
C TYR S 451 -22.43 19.01 110.05
N GLY S 452 -23.35 18.73 109.15
CA GLY S 452 -23.89 17.39 109.05
C GLY S 452 -24.78 17.24 107.86
N PRO S 453 -25.21 16.01 107.60
CA PRO S 453 -26.01 15.67 106.44
C PRO S 453 -27.36 16.33 106.46
N LEU S 454 -27.67 17.11 107.47
CA LEU S 454 -28.93 17.84 107.50
C LEU S 454 -28.70 19.33 107.36
N THR S 455 -27.46 19.73 107.07
CA THR S 455 -27.14 21.14 107.12
C THR S 455 -27.60 21.84 105.85
N ALA S 456 -28.23 23.00 105.98
CA ALA S 456 -28.61 23.77 104.82
C ALA S 456 -27.93 25.14 104.88
N LEU S 457 -27.54 25.69 103.72
CA LEU S 457 -26.67 26.86 103.64
C LEU S 457 -26.97 27.78 102.50
N ASN S 458 -26.54 29.04 102.59
CA ASN S 458 -26.49 29.89 101.42
C ASN S 458 -25.05 30.23 101.00
N ASN S 459 -24.90 30.73 99.78
CA ASN S 459 -23.60 31.18 99.29
C ASN S 459 -23.41 32.57 99.81
N VAL S 460 -22.18 33.07 99.75
CA VAL S 460 -21.86 34.38 100.27
C VAL S 460 -22.58 35.46 99.50
N PRO S 461 -22.96 36.52 100.19
CA PRO S 461 -23.58 37.65 99.51
C PRO S 461 -22.54 38.53 98.86
N PRO S 462 -22.91 39.28 97.83
CA PRO S 462 -21.91 40.17 97.24
C PRO S 462 -21.58 41.33 98.17
N VAL S 463 -20.30 41.64 98.29
CA VAL S 463 -19.85 42.73 99.13
C VAL S 463 -19.41 43.89 98.29
N TYR S 464 -20.27 44.90 98.15
CA TYR S 464 -19.95 46.10 97.35
C TYR S 464 -19.30 47.21 98.14
N PRO S 465 -18.22 47.82 97.61
CA PRO S 465 -17.49 47.62 96.37
C PRO S 465 -16.23 46.78 96.52
N ASN S 466 -15.88 46.44 97.74
CA ASN S 466 -14.60 45.83 97.96
C ASN S 466 -14.58 44.32 97.76
N GLY S 467 -15.74 43.70 97.57
CA GLY S 467 -15.79 42.27 97.41
C GLY S 467 -15.27 41.74 96.09
N GLN S 468 -14.84 40.48 96.08
CA GLN S 468 -14.41 39.81 94.86
C GLN S 468 -15.67 39.38 94.11
N ILE S 469 -15.58 39.21 92.79
CA ILE S 469 -16.75 38.81 91.98
C ILE S 469 -16.75 37.34 91.65
N TRP S 470 -15.71 36.87 90.97
CA TRP S 470 -15.60 35.45 90.67
C TRP S 470 -14.27 34.93 91.19
N ASP S 471 -14.17 33.61 91.34
CA ASP S 471 -12.97 32.98 91.87
C ASP S 471 -12.80 31.61 91.21
N LYS S 472 -11.56 31.18 91.02
CA LYS S 472 -11.26 29.86 90.45
C LYS S 472 -11.60 28.75 91.43
N GLU S 473 -11.89 27.55 90.96
CA GLU S 473 -12.15 26.45 91.89
C GLU S 473 -10.86 25.71 92.13
N PHE S 474 -10.70 25.15 93.33
CA PHE S 474 -9.51 24.39 93.67
C PHE S 474 -9.43 23.14 92.83
N ASP S 475 -8.26 22.81 92.34
CA ASP S 475 -8.15 21.58 91.62
C ASP S 475 -7.98 20.40 92.60
N THR S 476 -8.92 20.27 93.53
CA THR S 476 -8.93 19.13 94.41
C THR S 476 -10.00 18.15 93.91
N ASP S 477 -9.78 16.86 94.10
CA ASP S 477 -10.70 15.86 93.60
C ASP S 477 -12.07 16.03 94.21
N LEU S 478 -12.12 16.50 95.44
CA LEU S 478 -13.40 16.83 96.06
C LEU S 478 -13.42 18.33 96.31
N LYS S 479 -14.54 18.99 96.02
CA LYS S 479 -14.46 20.44 95.99
C LYS S 479 -15.32 21.10 97.05
N PRO S 480 -15.00 22.34 97.38
CA PRO S 480 -15.79 23.05 98.38
C PRO S 480 -17.15 23.40 97.86
N ARG S 481 -18.14 23.39 98.74
CA ARG S 481 -19.49 23.75 98.34
C ARG S 481 -19.68 25.23 98.09
N LEU S 482 -18.69 26.03 98.48
CA LEU S 482 -18.73 27.45 98.17
C LEU S 482 -17.37 28.02 98.45
N HIS S 483 -17.18 29.30 98.15
CA HIS S 483 -16.00 30.04 98.56
C HIS S 483 -16.49 31.22 99.37
N VAL S 484 -15.64 31.77 100.23
CA VAL S 484 -16.08 32.84 101.11
C VAL S 484 -15.69 34.20 100.58
N ASN S 485 -14.86 34.22 99.56
CA ASN S 485 -14.38 35.48 99.02
C ASN S 485 -15.19 36.02 97.86
N ALA S 486 -15.98 35.15 97.25
CA ALA S 486 -16.72 35.53 96.05
C ALA S 486 -17.92 34.63 95.88
N PRO S 487 -18.99 35.16 95.27
CA PRO S 487 -20.22 34.40 95.02
C PRO S 487 -20.18 33.50 93.77
N PHE S 488 -19.43 33.87 92.75
CA PHE S 488 -19.36 33.07 91.53
C PHE S 488 -18.10 32.23 91.47
N VAL S 489 -18.23 30.91 91.34
CA VAL S 489 -17.03 30.08 91.18
C VAL S 489 -17.06 29.29 89.87
N CYS S 490 -16.01 29.42 89.07
CA CYS S 490 -15.94 28.76 87.77
C CYS S 490 -15.51 27.32 87.91
N GLN S 491 -16.43 26.39 87.61
CA GLN S 491 -16.04 25.00 87.67
C GLN S 491 -15.19 24.48 86.51
N ASN S 492 -15.55 24.82 85.28
CA ASN S 492 -14.68 24.45 84.16
C ASN S 492 -13.40 25.27 84.03
N ASN S 493 -13.54 26.56 83.73
CA ASN S 493 -12.39 27.38 83.40
C ASN S 493 -12.69 28.84 83.66
N CYS S 494 -11.73 29.54 84.24
CA CYS S 494 -11.85 30.97 84.48
C CYS S 494 -11.02 31.79 83.53
N PRO S 495 -11.41 33.06 83.32
CA PRO S 495 -10.64 33.97 82.50
C PRO S 495 -9.20 33.99 82.91
N GLY S 496 -8.29 34.13 81.95
CA GLY S 496 -6.89 34.18 82.25
C GLY S 496 -6.46 35.49 82.91
N GLN S 497 -5.35 35.46 83.63
CA GLN S 497 -4.89 36.68 84.25
C GLN S 497 -4.17 37.54 83.23
N LEU S 498 -4.28 38.85 83.37
CA LEU S 498 -3.68 39.75 82.40
C LEU S 498 -2.44 40.44 82.99
N PHE S 499 -1.29 40.23 82.38
CA PHE S 499 -0.05 40.76 82.92
C PHE S 499 0.62 41.78 82.02
N VAL S 500 1.15 42.84 82.62
CA VAL S 500 1.87 43.86 81.88
C VAL S 500 3.28 44.03 82.43
N LYS S 501 4.14 44.69 81.67
CA LYS S 501 5.54 44.91 82.05
C LYS S 501 6.23 45.83 81.05
N VAL S 502 6.92 46.85 81.52
CA VAL S 502 7.64 47.72 80.61
C VAL S 502 8.82 46.96 80.01
N ALA S 503 9.02 47.09 78.71
CA ALA S 503 10.14 46.41 78.09
C ALA S 503 11.45 47.04 78.49
N PRO S 504 12.49 46.21 78.66
CA PRO S 504 13.82 46.70 79.00
C PRO S 504 14.36 47.71 78.01
N ASN S 505 14.47 48.96 78.43
CA ASN S 505 14.99 50.03 77.58
C ASN S 505 16.46 50.32 77.89
N LEU S 506 17.36 49.60 77.25
CA LEU S 506 18.77 49.64 77.64
C LEU S 506 19.53 50.91 77.23
N THR S 507 20.58 51.22 77.97
CA THR S 507 21.53 52.26 77.62
C THR S 507 22.56 51.69 76.68
N ASN S 508 23.55 52.49 76.28
CA ASN S 508 24.51 51.97 75.30
C ASN S 508 25.51 51.03 75.91
N GLN S 509 25.73 51.17 77.21
CA GLN S 509 26.62 50.24 77.88
C GLN S 509 25.82 49.17 78.58
N TYR S 510 25.91 47.96 78.06
CA TYR S 510 25.29 46.83 78.69
C TYR S 510 26.22 45.67 78.51
N ASP S 511 26.59 45.06 79.61
CA ASP S 511 27.40 43.86 79.55
C ASP S 511 26.70 42.80 80.34
N PRO S 512 26.14 41.82 79.65
CA PRO S 512 25.44 40.77 80.35
C PRO S 512 26.42 39.90 81.15
N ASP S 513 27.65 39.76 80.69
CA ASP S 513 28.64 38.95 81.41
C ASP S 513 29.05 39.58 82.72
N ALA S 514 28.72 40.85 82.90
CA ALA S 514 29.00 41.58 84.13
C ALA S 514 27.96 41.36 85.22
N SER S 515 28.44 41.23 86.46
CA SER S 515 27.60 41.01 87.61
C SER S 515 26.76 42.22 87.93
N ALA S 516 27.33 43.39 87.64
CA ALA S 516 26.73 44.67 88.01
C ALA S 516 25.29 44.76 87.54
N ASN S 517 24.52 45.61 88.23
CA ASN S 517 23.11 45.78 87.92
C ASN S 517 22.91 46.30 86.51
N MET S 518 21.81 45.88 85.92
CA MET S 518 21.41 46.33 84.61
C MET S 518 21.13 47.82 84.60
N SER S 519 21.92 48.56 83.83
CA SER S 519 21.70 49.98 83.68
C SER S 519 20.76 50.19 82.50
N ARG S 520 19.58 50.73 82.80
CA ARG S 520 18.50 50.89 81.84
C ARG S 520 18.04 52.32 81.80
N ILE S 521 17.60 52.78 80.63
CA ILE S 521 16.95 54.08 80.57
C ILE S 521 15.70 54.04 81.43
N VAL S 522 15.52 55.05 82.28
CA VAL S 522 14.34 55.05 83.13
C VAL S 522 13.13 55.29 82.29
N THR S 523 12.24 54.31 82.28
CA THR S 523 11.07 54.33 81.42
C THR S 523 9.85 54.01 82.23
N TYR S 524 8.71 54.58 81.83
CA TYR S 524 7.44 54.24 82.43
C TYR S 524 6.37 54.30 81.37
N SER S 525 5.19 53.76 81.66
CA SER S 525 4.16 53.72 80.63
C SER S 525 2.76 54.17 81.07
N ASP S 526 2.04 54.81 80.16
CA ASP S 526 0.63 55.12 80.34
C ASP S 526 -0.18 54.31 79.37
N PHE S 527 -1.15 53.54 79.83
CA PHE S 527 -2.04 52.86 78.89
C PHE S 527 -3.46 52.79 79.40
N TRP S 528 -4.41 52.69 78.47
CA TRP S 528 -5.82 52.65 78.82
C TRP S 528 -6.35 51.22 78.84
N TRP S 529 -7.24 50.91 79.77
CA TRP S 529 -7.83 49.58 79.85
C TRP S 529 -9.33 49.68 79.78
N LYS S 530 -9.95 48.83 78.98
CA LYS S 530 -11.41 48.79 78.90
C LYS S 530 -11.88 47.35 79.06
N GLY S 531 -12.93 47.15 79.82
CA GLY S 531 -13.45 45.81 80.03
C GLY S 531 -14.96 45.73 79.85
N LYS S 532 -15.49 44.55 79.55
CA LYS S 532 -16.92 44.40 79.47
C LYS S 532 -17.36 43.14 80.18
N LEU S 533 -18.10 43.37 81.25
CA LEU S 533 -18.60 42.30 82.06
C LEU S 533 -20.10 42.30 81.93
N VAL S 534 -20.66 41.20 81.45
CA VAL S 534 -22.09 41.11 81.19
C VAL S 534 -22.77 40.16 82.15
N PHE S 535 -23.84 40.64 82.76
CA PHE S 535 -24.66 39.85 83.65
C PHE S 535 -26.03 39.63 83.05
N LYS S 536 -26.72 38.65 83.59
CA LYS S 536 -28.11 38.40 83.22
C LYS S 536 -28.87 38.29 84.53
N ALA S 537 -29.79 39.21 84.76
CA ALA S 537 -30.53 39.20 86.01
C ALA S 537 -32.03 39.10 85.77
N LYS S 538 -32.78 38.86 86.83
CA LYS S 538 -34.22 38.68 86.71
C LYS S 538 -34.94 39.58 87.71
N LEU S 539 -35.96 40.30 87.24
CA LEU S 539 -36.68 41.26 88.08
C LEU S 539 -37.46 40.58 89.18
N ARG S 540 -37.51 41.19 90.36
CA ARG S 540 -38.28 40.64 91.47
C ARG S 540 -39.74 41.06 91.38
N ALA S 541 -40.59 40.43 92.19
CA ALA S 541 -42.00 40.80 92.24
C ALA S 541 -42.56 40.80 93.66
N SER S 542 -43.51 41.70 93.90
CA SER S 542 -44.08 41.90 95.23
C SER S 542 -45.02 40.80 95.60
N HIS S 543 -44.69 40.06 96.65
CA HIS S 543 -45.56 38.95 97.02
C HIS S 543 -46.17 39.03 98.41
N THR S 544 -45.94 40.13 99.10
CA THR S 544 -46.44 40.30 100.44
C THR S 544 -47.30 41.56 100.51
N TRP S 545 -48.05 41.70 101.60
CA TRP S 545 -48.84 42.90 101.82
C TRP S 545 -47.91 44.05 102.18
N ASN S 546 -46.87 43.73 102.93
CA ASN S 546 -45.96 44.74 103.44
C ASN S 546 -44.93 45.08 102.40
N PRO S 547 -44.38 46.29 102.46
CA PRO S 547 -43.21 46.63 101.62
C PRO S 547 -41.97 45.98 102.18
N ILE S 548 -40.78 46.23 101.63
CA ILE S 548 -39.58 45.52 102.09
C ILE S 548 -38.33 46.39 102.17
N GLN S 549 -37.25 45.81 102.65
CA GLN S 549 -35.97 46.53 102.70
C GLN S 549 -35.54 47.04 101.35
N GLN S 550 -35.13 48.30 101.26
CA GLN S 550 -34.50 48.77 100.02
C GLN S 550 -33.53 49.95 100.26
N MET S 551 -32.48 50.08 99.45
CA MET S 551 -31.56 51.22 99.54
C MET S 551 -32.20 52.54 99.30
N SER S 552 -31.67 53.58 99.93
CA SER S 552 -32.02 54.94 99.56
C SER S 552 -31.12 55.94 100.22
N ILE S 553 -31.42 57.22 100.00
CA ILE S 553 -30.91 58.29 100.82
C ILE S 553 -32.12 59.10 101.25
N ASN S 554 -32.37 59.48 102.51
CA ASN S 554 -31.57 59.49 103.77
C ASN S 554 -30.90 60.81 104.01
N VAL S 555 -31.31 61.43 105.10
CA VAL S 555 -30.79 62.73 105.49
C VAL S 555 -29.45 62.51 106.14
N ASP S 556 -29.32 61.36 106.80
CA ASP S 556 -28.01 60.79 107.09
C ASP S 556 -27.49 60.34 105.75
N ASN S 557 -26.36 59.67 105.69
CA ASN S 557 -26.07 58.92 104.46
C ASN S 557 -25.75 59.81 103.25
N GLN S 558 -26.69 60.71 102.96
CA GLN S 558 -26.64 61.61 101.82
C GLN S 558 -25.27 62.14 101.42
N PHE S 559 -24.30 62.10 102.30
CA PHE S 559 -23.06 62.75 101.94
C PHE S 559 -21.94 61.80 101.57
N ASN S 560 -22.23 60.51 101.50
CA ASN S 560 -21.23 59.58 101.02
C ASN S 560 -21.28 59.41 99.51
N TYR S 561 -22.11 60.20 98.86
CA TYR S 561 -22.37 59.92 97.47
C TYR S 561 -22.20 61.14 96.60
N VAL S 562 -21.55 62.15 97.14
CA VAL S 562 -21.28 63.35 96.37
C VAL S 562 -19.89 63.70 96.75
N PRO S 563 -19.20 64.43 95.88
CA PRO S 563 -17.86 64.86 96.27
C PRO S 563 -17.92 65.94 97.34
N SER S 564 -16.78 66.56 97.59
CA SER S 564 -16.65 67.46 98.70
C SER S 564 -16.32 68.84 98.23
N ASN S 565 -15.95 69.70 99.17
CA ASN S 565 -15.45 71.02 98.85
C ASN S 565 -14.29 70.97 97.88
N ILE S 566 -13.41 70.00 98.10
CA ILE S 566 -12.32 69.71 97.21
C ILE S 566 -12.79 68.49 96.43
N GLY S 567 -11.87 67.76 95.82
CA GLY S 567 -12.26 66.60 95.03
C GLY S 567 -12.67 65.34 95.74
N GLY S 568 -13.57 65.44 96.73
CA GLY S 568 -14.19 64.27 97.34
C GLY S 568 -13.07 63.38 97.80
N MET S 569 -13.25 62.07 97.85
CA MET S 569 -14.51 61.39 97.69
C MET S 569 -14.40 60.04 98.35
N LYS S 570 -15.50 59.32 98.41
CA LYS S 570 -15.65 58.16 99.24
C LYS S 570 -16.59 57.18 98.56
N ILE S 571 -16.32 55.89 98.68
CA ILE S 571 -17.29 54.90 98.25
C ILE S 571 -17.58 54.00 99.43
N VAL S 572 -18.87 53.79 99.71
CA VAL S 572 -19.24 53.20 100.98
C VAL S 572 -19.81 51.78 100.89
N TYR S 573 -19.46 50.98 101.88
CA TYR S 573 -19.93 49.61 102.02
C TYR S 573 -21.44 49.60 101.91
N GLU S 574 -22.02 48.60 101.22
CA GLU S 574 -23.48 48.67 101.03
C GLU S 574 -24.34 47.45 100.74
N LYS S 575 -24.05 46.30 101.33
CA LYS S 575 -25.00 45.19 101.31
C LYS S 575 -25.39 44.71 99.90
N SER S 576 -26.42 43.87 99.82
CA SER S 576 -26.76 43.25 98.55
C SER S 576 -28.01 42.40 98.55
N GLN S 577 -28.34 41.73 99.64
CA GLN S 577 -29.48 40.85 99.55
C GLN S 577 -30.61 41.44 100.35
N LEU S 578 -31.16 42.52 99.84
CA LEU S 578 -32.07 43.30 100.67
C LEU S 578 -33.46 42.73 100.82
N ALA S 579 -33.93 42.02 99.81
CA ALA S 579 -35.29 41.55 99.84
C ALA S 579 -35.37 40.21 100.55
N PRO S 580 -36.42 40.01 101.33
CA PRO S 580 -36.64 38.77 102.08
C PRO S 580 -36.93 37.61 101.17
N ARG S 581 -36.71 36.37 101.59
CA ARG S 581 -36.98 35.28 100.68
C ARG S 581 -38.09 34.41 101.22
N LYS S 582 -37.71 33.26 101.77
CA LYS S 582 -38.60 32.22 102.28
C LYS S 582 -37.87 30.93 102.08
N LEU S 583 -37.42 30.33 103.17
CA LEU S 583 -36.73 29.04 103.10
C LEU S 583 -37.66 27.90 102.83
N TYR S 584 -38.72 27.89 103.62
CA TYR S 584 -39.62 26.77 103.76
C TYR S 584 -41.02 27.33 103.82
N GLY T 37 5.41 50.31 60.53
CA GLY T 37 5.99 51.64 60.66
C GLY T 37 6.58 51.91 62.04
N VAL T 38 6.72 53.18 62.39
CA VAL T 38 7.35 53.55 63.65
C VAL T 38 6.67 52.97 64.88
N GLY T 39 5.46 53.41 65.17
CA GLY T 39 4.85 53.06 66.43
C GLY T 39 4.06 51.78 66.36
N ILE T 40 4.54 50.83 65.56
CA ILE T 40 3.85 49.56 65.37
C ILE T 40 4.75 48.34 65.44
N SER T 41 4.50 47.43 66.36
CA SER T 41 5.37 46.29 66.56
C SER T 41 5.38 45.38 65.38
N THR T 42 6.46 44.64 65.21
CA THR T 42 6.64 43.81 64.03
C THR T 42 6.88 42.35 64.38
N GLY T 43 6.45 41.92 65.56
CA GLY T 43 6.66 40.54 65.95
C GLY T 43 6.13 40.16 67.33
N THR T 44 6.31 38.90 67.70
CA THR T 44 5.80 38.45 68.96
C THR T 44 6.82 37.67 69.77
N PHE T 45 6.94 38.02 71.05
CA PHE T 45 7.82 37.31 71.97
C PHE T 45 7.24 35.98 72.33
N ASN T 46 8.03 34.92 72.18
CA ASN T 46 7.57 33.59 72.54
C ASN T 46 8.70 32.68 72.91
N ASN T 47 8.77 32.30 74.18
CA ASN T 47 9.79 31.36 74.60
C ASN T 47 9.08 30.12 75.14
N GLN T 48 8.09 29.65 74.41
CA GLN T 48 7.22 28.60 74.89
C GLN T 48 7.68 27.28 74.29
N THR T 49 7.58 26.21 75.06
CA THR T 49 8.00 24.90 74.56
C THR T 49 6.83 23.92 74.48
N GLU T 50 6.44 23.53 73.28
CA GLU T 50 5.25 22.71 73.05
C GLU T 50 5.58 21.25 72.80
N PHE T 51 4.88 20.35 73.48
CA PHE T 51 5.03 18.93 73.22
C PHE T 51 3.77 18.37 72.60
N LYS T 52 3.78 18.11 71.30
CA LYS T 52 2.56 17.62 70.66
C LYS T 52 2.70 16.17 70.34
N PHE T 53 1.93 15.35 71.04
CA PHE T 53 2.03 13.89 70.93
C PHE T 53 1.24 13.38 69.76
N LEU T 54 1.80 12.41 69.04
CA LEU T 54 1.12 11.84 67.89
C LEU T 54 0.91 10.36 68.14
N GLU T 55 0.41 9.62 67.14
CA GLU T 55 0.16 8.21 67.37
C GLU T 55 1.44 7.42 67.05
N ASN T 56 1.53 6.22 67.62
CA ASN T 56 2.72 5.37 67.59
C ASN T 56 3.86 5.98 68.37
N GLY T 57 3.52 6.84 69.33
CA GLY T 57 4.49 7.40 70.23
C GLY T 57 5.58 8.28 69.69
N TRP T 58 5.32 8.92 68.56
CA TRP T 58 6.23 9.95 68.08
C TRP T 58 5.74 11.25 68.68
N VAL T 59 6.68 12.02 69.21
CA VAL T 59 6.35 13.29 69.80
C VAL T 59 6.93 14.37 68.89
N TYR T 60 6.38 15.57 68.96
CA TYR T 60 6.71 16.64 68.03
C TYR T 60 7.09 17.86 68.84
N ILE T 61 8.36 17.92 69.25
CA ILE T 61 8.80 18.96 70.16
C ILE T 61 9.13 20.25 69.46
N THR T 62 8.36 21.28 69.77
CA THR T 62 8.57 22.58 69.18
C THR T 62 9.11 23.54 70.20
N ALA T 63 10.41 23.80 70.14
CA ALA T 63 11.03 24.69 71.09
C ALA T 63 11.05 26.10 70.53
N ASN T 64 10.33 27.00 71.17
CA ASN T 64 10.39 28.40 70.81
C ASN T 64 11.34 29.17 71.70
N SER T 65 12.05 30.13 71.13
CA SER T 65 13.01 30.90 71.90
C SER T 65 13.03 32.37 71.46
N SER T 66 13.01 33.28 72.43
CA SER T 66 13.08 34.71 72.14
C SER T 66 13.97 35.42 73.13
N ARG T 67 14.68 36.43 72.67
CA ARG T 67 15.60 37.17 73.52
C ARG T 67 15.57 38.64 73.16
N LEU T 68 15.90 39.50 74.11
CA LEU T 68 16.22 40.89 73.76
C LEU T 68 17.74 41.02 73.53
N VAL T 69 18.12 41.60 72.40
CA VAL T 69 19.53 41.63 72.02
C VAL T 69 20.10 43.02 71.92
N HIS T 70 21.32 43.19 72.44
CA HIS T 70 21.98 44.48 72.47
C HIS T 70 23.22 44.48 71.57
N LEU T 71 23.43 45.55 70.81
CA LEU T 71 24.51 45.60 69.83
C LEU T 71 25.03 47.02 69.69
N ASN T 72 26.35 47.19 69.82
CA ASN T 72 26.99 48.50 69.65
C ASN T 72 27.67 48.55 68.32
N MET T 73 28.00 49.76 67.90
CA MET T 73 28.63 49.90 66.62
C MET T 73 30.03 49.32 66.67
N PRO T 74 30.58 48.99 65.52
CA PRO T 74 31.89 48.35 65.48
C PRO T 74 33.01 49.25 65.97
N GLU T 75 34.07 48.65 66.48
CA GLU T 75 35.28 49.35 66.93
C GLU T 75 35.80 50.23 65.79
N SER T 76 35.83 49.67 64.59
CA SER T 76 36.16 50.38 63.38
C SER T 76 35.47 49.68 62.22
N GLU T 77 35.11 50.42 61.20
CA GLU T 77 34.35 49.85 60.13
C GLU T 77 35.23 49.04 59.19
N ASN T 78 36.37 48.60 59.67
CA ASN T 78 37.32 47.90 58.82
C ASN T 78 37.57 46.46 59.17
N TYR T 79 37.93 45.69 58.16
CA TYR T 79 38.39 44.34 58.37
C TYR T 79 39.86 44.43 58.70
N ARG T 80 40.31 43.61 59.63
CA ARG T 80 41.71 43.63 59.98
C ARG T 80 42.25 42.21 60.03
N ARG T 81 43.46 42.03 59.51
CA ARG T 81 44.20 40.78 59.69
C ARG T 81 45.18 40.92 60.85
N VAL T 82 44.86 40.26 61.96
CA VAL T 82 45.70 40.35 63.17
C VAL T 82 46.42 39.05 63.45
N VAL T 83 47.64 39.14 63.95
CA VAL T 83 48.39 37.96 64.35
C VAL T 83 48.63 37.95 65.85
N VAL T 84 48.44 36.78 66.43
CA VAL T 84 48.75 36.52 67.82
C VAL T 84 49.97 35.64 67.94
N ASN T 85 50.93 36.04 68.77
CA ASN T 85 52.18 35.30 68.89
C ASN T 85 52.73 35.45 70.28
N ASN T 86 52.51 34.43 71.10
CA ASN T 86 52.99 34.43 72.46
C ASN T 86 54.28 33.63 72.56
N LEU T 87 55.36 34.19 72.03
CA LEU T 87 56.70 33.66 72.27
C LEU T 87 56.97 33.78 73.75
N ASP T 88 56.34 34.80 74.32
CA ASP T 88 56.35 35.09 75.74
C ASP T 88 56.21 33.84 76.58
N LYS T 89 55.40 32.92 76.10
CA LYS T 89 55.04 31.77 76.89
C LYS T 89 55.59 30.50 76.32
N THR T 90 55.81 30.46 75.02
CA THR T 90 56.23 29.21 74.41
C THR T 90 57.73 29.05 74.59
N ALA T 91 58.42 30.17 74.78
CA ALA T 91 59.86 30.16 74.88
C ALA T 91 60.38 29.49 76.14
N VAL T 92 59.47 29.13 77.03
CA VAL T 92 59.80 28.62 78.35
C VAL T 92 60.43 27.21 78.38
N ASN T 93 60.28 26.44 77.31
CA ASN T 93 60.77 25.05 77.25
C ASN T 93 59.96 24.22 78.19
N GLY T 94 59.15 23.35 77.62
CA GLY T 94 58.18 22.62 78.42
C GLY T 94 56.85 23.32 78.42
N ASN T 95 56.74 24.40 77.67
CA ASN T 95 55.48 25.10 77.60
C ASN T 95 54.90 25.02 76.21
N MET T 96 55.27 24.00 75.47
CA MET T 96 54.80 23.87 74.10
C MET T 96 53.31 23.83 74.08
N ALA T 97 52.71 23.17 75.06
CA ALA T 97 51.28 23.05 75.09
C ALA T 97 50.55 24.37 75.28
N LEU T 98 51.25 25.44 75.60
CA LEU T 98 50.53 26.69 75.86
C LEU T 98 50.45 27.62 74.66
N ASP T 99 50.64 27.07 73.46
CA ASP T 99 50.69 27.87 72.25
C ASP T 99 49.39 28.56 71.90
N ASP T 100 49.48 29.85 71.61
CA ASP T 100 48.30 30.58 71.17
C ASP T 100 48.55 31.23 69.82
N THR T 101 49.62 30.84 69.15
CA THR T 101 50.04 31.51 67.92
C THR T 101 49.08 31.21 66.79
N HIS T 102 48.50 32.25 66.22
CA HIS T 102 47.56 32.09 65.11
C HIS T 102 47.29 33.43 64.44
N ALA T 103 46.65 33.41 63.27
CA ALA T 103 46.27 34.64 62.57
C ALA T 103 44.77 34.65 62.36
N GLU T 104 44.20 35.82 62.15
CA GLU T 104 42.77 35.98 62.30
C GLU T 104 42.24 37.17 61.50
N ILE T 105 41.09 37.04 60.88
CA ILE T 105 40.48 38.21 60.25
C ILE T 105 39.41 38.77 61.16
N VAL T 106 39.57 40.02 61.55
CA VAL T 106 38.60 40.63 62.45
C VAL T 106 37.66 41.50 61.67
N THR T 107 36.37 41.25 61.83
CA THR T 107 35.36 41.91 61.04
C THR T 107 34.54 42.85 61.89
N PRO T 108 33.95 43.88 61.26
CA PRO T 108 33.01 44.79 61.90
C PRO T 108 31.62 44.19 62.05
N TRP T 109 31.47 42.89 61.82
CA TRP T 109 30.18 42.24 61.90
C TRP T 109 30.07 41.46 63.20
N SER T 110 28.86 41.29 63.72
CA SER T 110 28.63 40.44 64.88
C SER T 110 27.81 39.22 64.52
N LEU T 111 27.99 38.10 65.24
CA LEU T 111 27.30 36.85 64.90
C LEU T 111 26.23 36.44 65.91
N VAL T 112 25.01 36.18 65.44
CA VAL T 112 23.94 35.72 66.30
C VAL T 112 23.80 34.22 66.23
N ASP T 113 24.42 33.55 67.19
CA ASP T 113 24.47 32.11 67.22
C ASP T 113 23.58 31.54 68.33
N ALA T 114 22.67 30.65 67.97
CA ALA T 114 21.81 30.06 68.99
C ALA T 114 22.00 28.56 69.06
N ASN T 115 23.13 28.11 68.55
CA ASN T 115 23.45 26.69 68.50
C ASN T 115 24.02 26.20 69.81
N ALA T 116 23.15 26.01 70.78
CA ALA T 116 23.52 25.44 72.07
C ALA T 116 22.25 25.08 72.78
N TRP T 117 22.24 23.98 73.50
CA TRP T 117 21.01 23.49 74.09
C TRP T 117 20.33 24.48 75.01
N GLY T 118 21.10 25.24 75.75
CA GLY T 118 20.51 26.11 76.74
C GLY T 118 19.69 27.23 76.14
N VAL T 119 19.84 27.45 74.85
CA VAL T 119 19.12 28.51 74.18
C VAL T 119 17.66 28.13 74.04
N TRP T 120 17.40 26.83 74.06
CA TRP T 120 16.08 26.30 73.68
C TRP T 120 15.26 25.63 74.78
N PHE T 121 15.94 25.07 75.77
CA PHE T 121 15.25 24.35 76.82
C PHE T 121 15.64 24.81 78.22
N ASN T 122 14.65 24.95 79.09
CA ASN T 122 14.94 25.18 80.48
C ASN T 122 15.17 23.80 81.07
N PRO T 123 15.67 23.72 82.30
CA PRO T 123 15.89 22.39 82.87
C PRO T 123 14.66 21.48 82.85
N GLY T 124 13.50 22.02 83.22
CA GLY T 124 12.29 21.23 83.25
C GLY T 124 12.02 20.56 81.93
N ASP T 125 12.19 21.31 80.86
CA ASP T 125 12.03 20.79 79.52
C ASP T 125 13.00 19.65 79.32
N TRP T 126 14.25 19.87 79.71
CA TRP T 126 15.27 18.85 79.52
C TRP T 126 14.96 17.58 80.28
N GLN T 127 14.39 17.72 81.47
CA GLN T 127 14.03 16.55 82.24
C GLN T 127 13.11 15.67 81.46
N LEU T 128 12.04 16.26 80.95
CA LEU T 128 11.00 15.53 80.25
C LEU T 128 11.59 14.76 79.11
N ILE T 129 12.41 15.44 78.35
CA ILE T 129 12.99 14.82 77.18
C ILE T 129 13.79 13.61 77.56
N VAL T 130 14.67 13.77 78.52
CA VAL T 130 15.63 12.74 78.86
C VAL T 130 15.01 11.52 79.56
N ASN T 131 14.03 11.75 80.42
CA ASN T 131 13.47 10.64 81.17
C ASN T 131 12.49 9.80 80.38
N THR T 132 11.83 10.38 79.39
CA THR T 132 10.71 9.67 78.80
C THR T 132 10.91 9.26 77.35
N MET T 133 11.96 9.76 76.70
CA MET T 133 12.11 9.47 75.28
C MET T 133 13.41 8.79 74.92
N SER T 134 13.36 7.91 73.92
CA SER T 134 14.47 7.00 73.63
C SER T 134 15.41 7.50 72.56
N GLU T 135 14.93 8.33 71.65
CA GLU T 135 15.76 8.91 70.59
C GLU T 135 15.28 10.28 70.21
N LEU T 136 16.01 10.95 69.33
CA LEU T 136 15.78 12.37 69.07
C LEU T 136 16.17 12.79 67.67
N HIS T 137 15.23 13.33 66.92
CA HIS T 137 15.51 13.79 65.58
C HIS T 137 15.47 15.28 65.48
N LEU T 138 16.33 15.82 64.63
CA LEU T 138 16.37 17.24 64.41
C LEU T 138 15.59 17.54 63.16
N VAL T 139 14.52 18.32 63.27
CA VAL T 139 13.63 18.52 62.14
C VAL T 139 13.73 19.85 61.38
N SER T 140 13.55 20.97 62.05
CA SER T 140 13.52 22.24 61.33
C SER T 140 14.02 23.38 62.17
N PHE T 141 14.32 24.50 61.52
CA PHE T 141 14.84 25.65 62.22
C PHE T 141 14.54 26.92 61.47
N GLU T 142 13.91 27.86 62.15
CA GLU T 142 13.62 29.16 61.57
C GLU T 142 13.87 30.26 62.59
N GLN T 143 14.15 31.45 62.12
CA GLN T 143 14.41 32.54 63.03
C GLN T 143 14.07 33.87 62.38
N GLU T 144 13.72 34.86 63.20
CA GLU T 144 13.42 36.20 62.72
C GLU T 144 13.90 37.26 63.68
N ILE T 145 13.98 38.49 63.20
CA ILE T 145 14.44 39.66 63.97
C ILE T 145 13.40 40.73 63.90
N PHE T 146 12.97 41.27 65.03
CA PHE T 146 11.87 42.22 64.97
C PHE T 146 11.94 43.28 66.04
N ASN T 147 11.04 44.26 65.93
CA ASN T 147 11.01 45.39 66.82
C ASN T 147 12.37 46.02 66.99
N VAL T 148 12.98 46.36 65.88
CA VAL T 148 14.29 47.00 65.92
C VAL T 148 14.20 48.43 66.45
N VAL T 149 15.15 48.78 67.31
CA VAL T 149 15.30 50.13 67.83
C VAL T 149 16.73 50.56 67.72
N LEU T 150 16.96 51.77 67.21
CA LEU T 150 18.28 52.36 67.15
C LEU T 150 18.31 53.67 67.88
N LYS T 151 19.30 53.84 68.76
CA LYS T 151 19.43 55.06 69.56
C LYS T 151 20.83 55.62 69.39
N THR T 152 20.96 56.94 69.48
CA THR T 152 22.28 57.56 69.52
C THR T 152 22.52 58.01 70.93
N VAL T 153 23.75 57.82 71.41
CA VAL T 153 24.11 58.27 72.73
C VAL T 153 24.18 59.77 72.62
N SER T 154 25.41 60.30 72.53
CA SER T 154 25.58 61.73 72.31
C SER T 154 24.65 62.61 73.17
N GLU T 155 24.90 62.90 74.46
CA GLU T 155 26.11 62.89 75.29
C GLU T 155 25.92 64.24 75.97
N SER T 156 26.87 64.66 76.78
CA SER T 156 27.07 66.10 77.03
C SER T 156 25.84 66.91 77.43
N ALA T 157 25.09 66.49 78.44
CA ALA T 157 23.91 67.29 78.71
C ALA T 157 23.25 67.02 80.03
N THR T 158 23.44 67.88 81.05
CA THR T 158 24.39 68.99 81.15
C THR T 158 24.38 69.28 82.65
N GLN T 159 25.43 69.91 83.19
CA GLN T 159 25.59 70.05 84.64
C GLN T 159 25.85 68.65 85.25
N PRO T 160 26.96 68.49 85.98
CA PRO T 160 27.86 67.41 86.37
C PRO T 160 28.32 66.21 85.47
N PRO T 161 28.02 66.12 84.16
CA PRO T 161 27.17 66.67 83.11
C PRO T 161 26.17 65.62 82.54
N THR T 162 26.28 64.38 82.99
CA THR T 162 25.37 63.26 82.62
C THR T 162 25.40 62.93 81.14
N LYS T 163 24.70 61.85 80.78
CA LYS T 163 24.65 61.38 79.39
C LYS T 163 23.19 61.23 79.00
N VAL T 164 22.86 61.27 77.71
CA VAL T 164 21.46 61.17 77.28
C VAL T 164 21.29 60.41 75.97
N TYR T 165 20.23 59.61 75.89
CA TYR T 165 20.00 58.74 74.75
C TYR T 165 18.73 59.05 73.95
N ASN T 166 18.86 59.35 72.66
CA ASN T 166 17.70 59.62 71.80
C ASN T 166 17.52 58.60 70.67
N ASN T 167 16.29 58.48 70.20
CA ASN T 167 15.98 57.60 69.08
C ASN T 167 16.43 58.19 67.77
N ASP T 168 17.12 57.39 66.97
CA ASP T 168 17.33 57.78 65.57
C ASP T 168 16.36 56.99 64.74
N LEU T 169 15.24 57.61 64.39
CA LEU T 169 14.20 56.86 63.71
C LEU T 169 14.66 56.40 62.34
N THR T 170 15.37 57.25 61.64
CA THR T 170 15.79 56.96 60.29
C THR T 170 16.95 55.98 60.20
N ALA T 171 17.51 55.60 61.33
CA ALA T 171 18.69 54.73 61.35
C ALA T 171 18.39 53.29 61.02
N SER T 172 19.41 52.57 60.56
CA SER T 172 19.26 51.19 60.09
C SER T 172 20.15 50.19 60.80
N LEU T 173 19.65 48.99 60.99
CA LEU T 173 20.46 47.88 61.46
C LEU T 173 20.67 46.94 60.30
N MET T 174 21.91 46.63 59.99
CA MET T 174 22.22 45.77 58.85
C MET T 174 22.15 44.29 59.23
N VAL T 175 21.41 43.51 58.46
CA VAL T 175 21.27 42.09 58.76
C VAL T 175 21.55 41.25 57.55
N ALA T 176 22.35 40.22 57.72
CA ALA T 176 22.76 39.40 56.60
C ALA T 176 22.76 37.95 56.96
N LEU T 177 22.13 37.16 56.11
CA LEU T 177 22.04 35.73 56.34
C LEU T 177 22.80 34.99 55.28
N ASP T 178 23.87 34.30 55.65
CA ASP T 178 24.71 33.60 54.69
C ASP T 178 24.10 32.27 54.40
N SER T 179 22.99 32.28 53.68
CA SER T 179 22.19 31.09 53.57
C SER T 179 22.89 30.08 52.72
N ASN T 180 23.86 30.55 51.95
CA ASN T 180 24.64 29.66 51.13
C ASN T 180 25.84 29.04 51.80
N ASN T 181 26.01 29.31 53.08
CA ASN T 181 27.20 28.89 53.80
C ASN T 181 28.45 29.18 52.99
N THR T 182 28.56 30.42 52.52
CA THR T 182 29.71 30.84 51.76
C THR T 182 30.88 30.96 52.71
N MET T 183 30.56 31.26 53.95
CA MET T 183 31.58 31.72 54.86
C MET T 183 31.92 30.80 56.01
N PRO T 184 33.14 30.94 56.53
CA PRO T 184 33.69 29.96 57.46
C PRO T 184 32.78 29.70 58.62
N PHE T 185 32.67 28.43 58.94
CA PHE T 185 31.76 28.03 59.97
C PHE T 185 32.42 28.27 61.29
N THR T 186 31.80 29.11 62.12
CA THR T 186 32.31 29.45 63.43
C THR T 186 31.26 29.32 64.51
N PRO T 187 31.06 28.10 65.01
CA PRO T 187 30.09 27.87 66.08
C PRO T 187 30.55 28.54 67.36
N ALA T 188 29.69 29.38 67.93
CA ALA T 188 30.09 30.18 69.06
C ALA T 188 30.03 29.37 70.33
N ALA T 189 29.58 28.13 70.23
CA ALA T 189 29.46 27.28 71.40
C ALA T 189 30.81 26.85 72.01
N MET T 190 31.84 26.75 71.19
CA MET T 190 33.15 26.27 71.62
C MET T 190 33.85 27.28 72.47
N ARG T 191 33.34 28.50 72.45
CA ARG T 191 33.92 29.60 73.16
C ARG T 191 32.92 30.18 74.15
N SER T 192 31.85 29.43 74.39
CA SER T 192 30.77 29.90 75.26
C SER T 192 30.33 31.30 74.95
N GLU T 193 30.06 31.57 73.67
CA GLU T 193 29.74 32.90 73.21
C GLU T 193 28.46 32.91 72.39
N THR T 194 27.51 32.08 72.81
CA THR T 194 26.22 32.04 72.17
C THR T 194 25.27 33.07 72.78
N LEU T 195 23.99 32.93 72.49
CA LEU T 195 23.01 33.79 73.12
C LEU T 195 22.79 33.36 74.55
N GLY T 196 22.19 34.25 75.33
CA GLY T 196 21.92 33.97 76.73
C GLY T 196 20.98 32.81 76.97
N PHE T 197 21.14 32.14 78.10
CA PHE T 197 20.31 30.98 78.40
C PHE T 197 19.11 31.38 79.21
N TYR T 198 18.96 32.67 79.47
CA TYR T 198 17.82 33.13 80.23
C TYR T 198 16.95 34.02 79.36
N PRO T 199 15.65 33.68 79.25
CA PRO T 199 14.66 34.42 78.49
C PRO T 199 14.39 35.81 79.02
N TRP T 200 14.42 36.00 80.31
CA TRP T 200 14.04 37.28 80.86
C TRP T 200 15.24 38.21 81.05
N LYS T 201 16.41 37.73 80.65
CA LYS T 201 17.64 38.52 80.66
C LYS T 201 18.14 38.81 79.23
N PRO T 202 18.31 40.09 78.89
CA PRO T 202 18.82 40.45 77.57
C PRO T 202 20.20 39.89 77.30
N THR T 203 20.62 39.88 76.04
CA THR T 203 21.85 39.23 75.64
C THR T 203 22.45 39.99 74.48
N ILE T 204 23.50 39.42 73.90
CA ILE T 204 24.28 40.10 72.88
C ILE T 204 24.84 39.13 71.87
N PRO T 205 25.16 39.62 70.66
CA PRO T 205 25.95 38.80 69.74
C PRO T 205 27.43 38.83 70.12
N THR T 206 28.30 38.19 69.35
CA THR T 206 29.74 38.29 69.57
C THR T 206 30.46 38.70 68.32
N PRO T 207 31.51 39.52 68.46
CA PRO T 207 32.24 40.03 67.30
C PRO T 207 32.71 38.90 66.43
N TRP T 208 32.43 38.98 65.15
CA TRP T 208 32.74 37.88 64.27
C TRP T 208 34.17 37.98 63.81
N ARG T 209 34.81 36.81 63.71
CA ARG T 209 36.23 36.69 63.46
C ARG T 209 36.49 35.31 62.93
N TYR T 210 37.44 35.16 62.03
CA TYR T 210 37.72 33.83 61.51
C TYR T 210 39.18 33.62 61.22
N TYR T 211 39.54 32.37 61.08
CA TYR T 211 40.94 32.03 60.92
C TYR T 211 41.47 32.43 59.53
N PHE T 212 42.66 33.00 59.53
CA PHE T 212 43.38 33.35 58.32
C PHE T 212 44.67 32.52 58.31
N GLN T 213 45.11 32.04 57.15
CA GLN T 213 46.17 31.03 57.13
C GLN T 213 47.52 31.51 57.65
N TRP T 214 48.26 30.63 58.30
CA TRP T 214 49.62 30.93 58.72
C TRP T 214 50.46 29.65 58.85
N ASP T 215 51.70 29.69 58.36
CA ASP T 215 52.67 28.61 58.58
C ASP T 215 53.37 28.87 59.92
N ARG T 216 53.88 27.83 60.55
CA ARG T 216 54.36 27.96 61.94
C ARG T 216 55.09 26.70 62.40
N THR T 217 56.23 26.89 63.03
CA THR T 217 56.97 25.75 63.54
C THR T 217 57.23 25.92 65.02
N LEU T 218 57.11 24.84 65.77
CA LEU T 218 57.45 24.83 67.18
C LEU T 218 57.93 23.46 67.61
N ILE T 219 59.22 23.34 67.91
CA ILE T 219 59.82 22.09 68.35
C ILE T 219 59.65 21.88 69.85
N PRO T 220 59.17 20.70 70.26
CA PRO T 220 58.94 20.43 71.67
C PRO T 220 60.23 20.33 72.47
N SER T 221 60.10 20.40 73.79
CA SER T 221 61.25 20.44 74.67
C SER T 221 60.81 20.19 76.09
N HIS T 222 61.77 20.06 77.00
CA HIS T 222 61.47 19.92 78.42
C HIS T 222 62.30 20.91 79.22
N THR T 223 62.12 20.90 80.54
CA THR T 223 62.75 21.91 81.37
C THR T 223 64.26 21.82 81.31
N GLY T 224 64.76 20.60 81.26
CA GLY T 224 66.18 20.39 81.19
C GLY T 224 66.79 20.83 79.87
N THR T 225 66.08 20.64 78.75
CA THR T 225 66.61 21.05 77.46
C THR T 225 66.86 22.53 77.53
N SER T 226 68.08 22.94 77.28
CA SER T 226 68.32 24.35 77.12
C SER T 226 69.08 24.63 75.84
N GLY T 227 69.32 25.91 75.60
CA GLY T 227 69.56 26.39 74.26
C GLY T 227 68.17 26.81 73.86
N THR T 228 67.97 27.16 72.59
CA THR T 228 66.62 27.50 72.17
C THR T 228 66.10 26.64 71.02
N PRO T 229 65.11 25.78 71.31
CA PRO T 229 64.45 24.93 70.32
C PRO T 229 63.66 25.82 69.39
N THR T 230 63.76 25.62 68.09
CA THR T 230 63.23 26.60 67.14
C THR T 230 61.73 26.85 67.27
N ASN T 231 61.36 28.13 67.29
CA ASN T 231 60.01 28.57 67.58
C ASN T 231 59.67 29.81 66.76
N ILE T 232 59.26 29.61 65.51
CA ILE T 232 59.11 30.72 64.57
C ILE T 232 57.74 30.78 63.89
N TYR T 233 57.33 31.99 63.51
CA TYR T 233 56.13 32.21 62.72
C TYR T 233 56.61 32.53 61.32
N HIS T 234 56.47 31.56 60.43
CA HIS T 234 57.01 31.69 59.09
C HIS T 234 56.34 32.75 58.28
N GLY T 235 55.03 32.85 58.39
CA GLY T 235 54.28 33.81 57.61
C GLY T 235 52.98 33.27 57.07
N THR T 236 52.75 33.44 55.77
CA THR T 236 51.50 33.02 55.16
C THR T 236 51.67 32.44 53.77
N ASP T 237 51.26 31.20 53.59
CA ASP T 237 51.34 30.50 52.33
C ASP T 237 50.35 31.18 51.38
N PRO T 238 50.85 31.84 50.33
CA PRO T 238 49.98 32.60 49.45
C PRO T 238 48.87 31.77 48.82
N ASP T 239 49.12 30.48 48.63
CA ASP T 239 48.19 29.58 47.94
C ASP T 239 46.99 29.23 48.80
N ASP T 240 47.04 29.64 50.05
CA ASP T 240 46.03 29.26 51.02
C ASP T 240 45.33 30.50 51.54
N VAL T 241 45.47 31.60 50.85
CA VAL T 241 44.92 32.82 51.38
C VAL T 241 43.45 32.95 51.04
N GLN T 242 42.61 33.11 52.05
CA GLN T 242 41.21 33.40 51.75
C GLN T 242 40.64 34.54 52.56
N PHE T 243 40.46 35.71 51.93
CA PHE T 243 39.89 36.87 52.60
C PHE T 243 38.44 37.02 52.24
N TYR T 244 37.57 36.74 53.19
CA TYR T 244 36.14 36.78 52.98
C TYR T 244 35.59 38.08 53.51
N THR T 245 34.58 38.63 52.83
CA THR T 245 33.81 39.74 53.35
C THR T 245 32.34 39.40 53.31
N ILE T 246 31.59 39.87 54.29
CA ILE T 246 30.14 39.76 54.23
C ILE T 246 29.62 40.45 53.00
N GLU T 247 30.09 41.67 52.79
CA GLU T 247 29.55 42.53 51.75
C GLU T 247 29.62 41.94 50.36
N ASN T 248 30.71 41.28 50.01
CA ASN T 248 30.80 40.72 48.67
C ASN T 248 30.23 39.33 48.54
N SER T 249 29.75 38.76 49.64
CA SER T 249 29.30 37.37 49.59
C SER T 249 27.80 37.22 49.82
N VAL T 250 27.23 38.08 50.66
CA VAL T 250 25.85 37.93 51.15
C VAL T 250 25.00 39.20 50.99
N PRO T 251 23.74 39.05 50.57
CA PRO T 251 22.87 40.23 50.54
C PRO T 251 22.52 40.69 51.92
N VAL T 252 22.68 41.97 52.13
CA VAL T 252 22.44 42.56 53.42
C VAL T 252 21.16 43.33 53.41
N HIS T 253 20.35 43.13 54.43
CA HIS T 253 19.12 43.84 54.54
C HIS T 253 19.28 44.96 55.50
N LEU T 254 18.79 46.14 55.13
CA LEU T 254 18.74 47.26 56.05
C LEU T 254 17.39 47.28 56.73
N LEU T 255 17.41 47.16 58.05
CA LEU T 255 16.19 47.22 58.86
C LEU T 255 16.07 48.51 59.64
N ARG T 256 15.00 49.26 59.46
CA ARG T 256 14.69 50.37 60.36
C ARG T 256 13.69 49.90 61.41
N THR T 257 13.15 50.81 62.22
CA THR T 257 12.27 50.44 63.33
C THR T 257 11.09 49.57 62.90
N GLY T 258 10.43 49.99 61.83
CA GLY T 258 9.23 49.33 61.35
C GLY T 258 9.45 48.10 60.49
N ASP T 259 10.72 47.74 60.30
CA ASP T 259 11.08 46.58 59.51
C ASP T 259 11.29 45.32 60.32
N GLU T 260 11.21 44.22 59.60
CA GLU T 260 11.45 42.92 60.17
C GLU T 260 12.16 42.04 59.16
N PHE T 261 12.88 41.06 59.64
CA PHE T 261 13.52 40.10 58.77
C PHE T 261 13.26 38.73 59.29
N ALA T 262 12.77 37.83 58.44
CA ALA T 262 12.54 36.46 58.86
C ALA T 262 13.19 35.51 57.89
N THR T 263 13.73 34.44 58.42
CA THR T 263 14.37 33.43 57.57
C THR T 263 13.33 32.46 57.12
N GLY T 264 13.70 31.56 56.24
CA GLY T 264 12.75 30.55 55.82
C GLY T 264 12.54 29.56 56.94
N THR T 265 12.04 28.39 56.59
CA THR T 265 12.11 27.25 57.49
C THR T 265 13.15 26.31 56.90
N PHE T 266 14.24 26.11 57.62
CA PHE T 266 15.26 25.20 57.15
C PHE T 266 14.93 23.79 57.65
N PHE T 267 14.97 22.80 56.76
CA PHE T 267 14.74 21.43 57.15
C PHE T 267 15.99 20.62 57.19
N PHE T 268 16.24 19.97 58.30
CA PHE T 268 17.47 19.23 58.48
C PHE T 268 17.38 17.84 57.86
N ASP T 269 18.52 17.21 57.77
CA ASP T 269 18.57 15.77 57.57
C ASP T 269 19.80 15.20 58.24
N CYS T 270 19.57 14.38 59.28
CA CYS T 270 20.65 13.73 60.03
C CYS T 270 20.15 12.39 60.56
N LYS T 271 21.04 11.65 61.23
CA LYS T 271 20.63 10.42 61.88
C LYS T 271 20.02 10.82 63.23
N PRO T 272 19.33 9.91 63.93
CA PRO T 272 18.85 10.22 65.27
C PRO T 272 19.90 10.17 66.36
N CYS T 273 19.71 10.99 67.38
CA CYS T 273 20.54 10.93 68.57
C CYS T 273 19.81 10.14 69.63
N ARG T 274 20.51 9.23 70.29
CA ARG T 274 19.84 8.32 71.21
C ARG T 274 19.95 8.75 72.65
N LEU T 275 18.92 8.55 73.44
CA LEU T 275 18.94 9.02 74.81
C LEU T 275 19.04 7.85 75.77
N THR T 276 19.83 6.88 75.36
CA THR T 276 20.16 5.73 76.17
C THR T 276 21.66 5.43 76.11
N HIS T 277 22.22 5.01 77.23
CA HIS T 277 23.64 4.66 77.30
C HIS T 277 23.85 3.16 77.35
N THR T 278 24.94 2.67 76.76
CA THR T 278 25.21 1.23 76.80
C THR T 278 26.22 0.92 77.89
N TRP T 279 26.01 -0.18 78.61
CA TRP T 279 26.86 -0.45 79.76
C TRP T 279 27.84 -1.57 79.58
N GLN T 280 27.69 -2.33 78.51
CA GLN T 280 28.46 -3.55 78.34
C GLN T 280 29.81 -3.29 77.75
N THR T 281 30.85 -3.86 78.36
CA THR T 281 32.17 -3.84 77.78
C THR T 281 32.35 -5.21 77.17
N ASN T 282 33.43 -5.46 76.47
CA ASN T 282 33.59 -6.78 75.89
C ASN T 282 33.39 -7.89 76.88
N ARG T 283 33.64 -7.64 78.15
CA ARG T 283 33.61 -8.70 79.15
C ARG T 283 32.20 -9.15 79.46
N ALA T 284 31.22 -8.47 78.87
CA ALA T 284 29.81 -8.79 79.10
C ALA T 284 29.02 -8.91 77.83
N LEU T 285 29.57 -9.61 76.84
CA LEU T 285 28.87 -9.81 75.59
C LEU T 285 28.62 -11.25 75.35
N GLY T 286 27.36 -11.65 75.44
CA GLY T 286 27.02 -13.00 75.06
C GLY T 286 26.65 -13.87 76.23
N LEU T 287 26.91 -15.16 76.06
CA LEU T 287 26.53 -16.18 77.00
C LEU T 287 27.53 -16.31 78.10
N PRO T 288 27.12 -16.02 79.35
CA PRO T 288 27.95 -16.23 80.53
C PRO T 288 28.19 -17.69 80.74
N PRO T 289 29.32 -18.05 81.35
CA PRO T 289 29.72 -19.44 81.45
C PRO T 289 28.81 -20.19 82.38
N PHE T 290 28.53 -21.43 82.05
CA PHE T 290 27.58 -22.17 82.85
C PHE T 290 28.15 -22.45 84.21
N LEU T 291 27.43 -22.05 85.25
CA LEU T 291 27.89 -22.29 86.61
C LEU T 291 27.45 -23.63 87.17
N ASN T 292 28.42 -24.50 87.43
CA ASN T 292 28.16 -25.81 87.98
C ASN T 292 28.06 -25.81 89.51
N SER T 293 28.37 -24.69 90.13
CA SER T 293 28.19 -24.60 91.57
C SER T 293 27.57 -23.29 91.97
N LEU T 294 26.30 -23.35 92.29
CA LEU T 294 25.57 -22.17 92.67
C LEU T 294 25.63 -22.03 94.16
N PRO T 295 25.65 -20.81 94.64
CA PRO T 295 25.69 -20.51 96.07
C PRO T 295 24.50 -21.10 96.77
N GLN T 296 24.62 -21.37 98.07
CA GLN T 296 23.55 -21.96 98.85
C GLN T 296 23.22 -21.12 100.05
N SER T 297 23.78 -19.94 100.15
CA SER T 297 23.36 -18.97 101.14
C SER T 297 23.55 -17.52 100.68
N GLU T 298 22.68 -16.61 101.12
CA GLU T 298 22.80 -15.21 100.74
C GLU T 298 24.03 -14.68 101.42
N GLY T 299 24.55 -13.55 100.95
CA GLY T 299 25.71 -12.97 101.59
C GLY T 299 26.68 -12.38 100.60
N GLY T 300 27.82 -11.91 101.09
CA GLY T 300 28.64 -11.07 100.24
C GLY T 300 29.85 -11.76 99.64
N THR T 301 30.13 -12.97 100.08
CA THR T 301 31.26 -13.72 99.55
C THR T 301 30.88 -15.14 99.18
N ASN T 302 29.58 -15.39 99.10
CA ASN T 302 29.07 -16.67 98.63
C ASN T 302 29.02 -16.71 97.11
N PHE T 303 30.20 -16.76 96.51
CA PHE T 303 30.30 -16.69 95.06
C PHE T 303 29.89 -18.00 94.46
N GLY T 304 29.53 -17.98 93.19
CA GLY T 304 29.29 -19.20 92.47
C GLY T 304 30.58 -19.54 91.76
N TYR T 305 30.74 -20.79 91.39
CA TYR T 305 31.97 -21.20 90.75
C TYR T 305 31.67 -21.89 89.46
N ILE T 306 32.37 -21.53 88.40
CA ILE T 306 32.18 -22.17 87.11
C ILE T 306 32.31 -23.66 87.27
N GLY T 307 33.41 -24.07 87.87
CA GLY T 307 33.54 -25.46 88.23
C GLY T 307 34.11 -26.32 87.14
N VAL T 308 34.89 -25.71 86.25
CA VAL T 308 35.65 -26.52 85.32
C VAL T 308 37.07 -25.95 85.18
N GLN T 309 38.07 -26.82 85.15
CA GLN T 309 39.44 -26.39 84.99
C GLN T 309 39.57 -25.52 83.77
N GLN T 310 40.21 -24.38 83.95
CA GLN T 310 40.26 -23.35 82.93
C GLN T 310 40.79 -23.87 81.61
N ASP T 311 41.58 -24.95 81.65
CA ASP T 311 42.16 -25.45 80.43
C ASP T 311 41.45 -26.69 79.92
N LYS T 312 40.38 -27.06 80.60
CA LYS T 312 39.59 -28.22 80.18
C LYS T 312 38.21 -27.78 79.76
N ARG T 313 38.12 -26.50 79.37
CA ARG T 313 36.85 -25.89 79.07
C ARG T 313 36.55 -25.91 77.57
N ARG T 314 35.26 -25.84 77.24
CA ARG T 314 34.78 -25.76 75.86
C ARG T 314 34.45 -24.33 75.49
N GLY T 315 34.67 -23.98 74.23
CA GLY T 315 34.44 -22.63 73.78
C GLY T 315 35.40 -22.18 72.70
N VAL T 316 35.36 -20.88 72.38
CA VAL T 316 36.14 -20.35 71.27
C VAL T 316 37.00 -19.20 71.73
N THR T 317 38.29 -19.25 71.39
CA THR T 317 39.16 -18.12 71.68
C THR T 317 40.00 -17.78 70.47
N GLN T 318 40.70 -16.66 70.54
CA GLN T 318 41.62 -16.30 69.47
C GLN T 318 43.07 -16.48 69.88
N MET T 319 43.31 -17.40 70.81
CA MET T 319 44.66 -17.70 71.26
C MET T 319 45.04 -19.07 70.80
N GLY T 320 45.72 -19.13 69.66
CA GLY T 320 46.11 -20.38 69.03
C GLY T 320 46.99 -21.27 69.88
N ASN T 321 47.63 -20.69 70.89
CA ASN T 321 48.49 -21.43 71.79
C ASN T 321 47.75 -22.20 72.86
N THR T 322 47.29 -21.49 73.89
CA THR T 322 46.76 -22.13 75.09
C THR T 322 45.42 -22.77 74.87
N ASN T 323 45.07 -23.64 75.80
CA ASN T 323 43.73 -24.20 75.89
C ASN T 323 42.98 -23.51 77.00
N TYR T 324 43.60 -22.46 77.54
CA TYR T 324 42.97 -21.67 78.58
C TYR T 324 41.81 -20.95 77.98
N ILE T 325 40.65 -21.11 78.60
CA ILE T 325 39.47 -20.40 78.17
C ILE T 325 38.89 -19.66 79.35
N THR T 326 39.23 -18.39 79.45
CA THR T 326 38.74 -17.56 80.53
C THR T 326 38.05 -16.34 80.01
N GLU T 327 37.38 -15.63 80.91
CA GLU T 327 36.61 -14.44 80.55
C GLU T 327 37.42 -13.35 79.88
N ALA T 328 38.69 -13.26 80.16
CA ALA T 328 39.50 -12.27 79.48
C ALA T 328 40.07 -12.82 78.17
N THR T 329 39.86 -14.11 77.96
CA THR T 329 40.42 -14.83 76.81
C THR T 329 39.37 -15.18 75.75
N ILE T 330 38.20 -15.56 76.23
CA ILE T 330 37.10 -16.01 75.40
C ILE T 330 36.80 -15.02 74.30
N MET T 331 36.52 -15.52 73.11
CA MET T 331 36.17 -14.66 72.00
C MET T 331 34.92 -13.81 72.24
N ARG T 332 34.94 -12.60 71.69
CA ARG T 332 33.76 -11.77 71.64
C ARG T 332 33.58 -11.42 70.19
N PRO T 333 32.36 -11.09 69.78
CA PRO T 333 32.08 -10.83 68.37
C PRO T 333 32.85 -9.67 67.75
N ALA T 334 33.10 -8.64 68.54
CA ALA T 334 33.87 -7.49 68.10
C ALA T 334 34.48 -6.79 69.30
N GLU T 335 34.77 -5.50 69.16
CA GLU T 335 35.35 -4.77 70.28
C GLU T 335 34.62 -3.48 70.57
N VAL T 336 34.20 -3.31 71.81
CA VAL T 336 33.52 -2.08 72.19
C VAL T 336 34.49 -1.01 72.61
N GLY T 337 34.49 0.11 71.89
CA GLY T 337 35.37 1.20 72.24
C GLY T 337 36.75 0.99 71.68
N TYR T 338 37.64 1.94 71.91
CA TYR T 338 38.98 1.78 71.38
C TYR T 338 39.96 2.55 72.24
N SER T 339 41.24 2.17 72.14
CA SER T 339 42.32 2.82 72.86
C SER T 339 43.01 3.86 71.98
N ALA T 340 43.25 5.04 72.54
CA ALA T 340 43.84 6.14 71.81
C ALA T 340 44.96 6.76 72.62
N PRO T 341 45.90 7.41 71.94
CA PRO T 341 47.04 8.14 72.54
C PRO T 341 46.66 9.32 73.44
N TYR T 342 47.43 9.57 74.49
CA TYR T 342 47.08 10.60 75.45
C TYR T 342 48.25 10.97 76.34
N TYR T 343 48.48 12.25 76.60
CA TYR T 343 47.90 13.37 75.86
C TYR T 343 48.67 13.61 74.59
N SER T 344 48.23 13.08 73.46
CA SER T 344 49.06 13.20 72.29
C SER T 344 48.84 14.53 71.62
N PHE T 345 49.95 15.18 71.27
CA PHE T 345 49.87 16.37 70.47
C PHE T 345 50.54 16.09 69.13
N GLU T 346 49.88 16.50 68.05
CA GLU T 346 50.39 16.34 66.69
C GLU T 346 50.52 17.72 66.07
N ALA T 347 51.33 17.83 65.03
CA ALA T 347 51.61 19.12 64.45
C ALA T 347 51.55 19.05 62.96
N SER T 348 50.97 20.07 62.36
CA SER T 348 50.95 20.21 60.92
C SER T 348 51.12 21.67 60.59
N THR T 349 51.29 21.96 59.30
CA THR T 349 51.41 23.29 58.74
C THR T 349 51.28 24.44 59.72
N GLN T 350 50.30 24.40 60.60
CA GLN T 350 50.02 25.55 61.43
C GLN T 350 50.30 25.38 62.90
N GLY T 351 51.00 24.31 63.24
CA GLY T 351 51.41 24.13 64.61
C GLY T 351 50.83 22.88 65.24
N PRO T 352 51.11 22.68 66.52
CA PRO T 352 50.68 21.48 67.23
C PRO T 352 49.30 21.61 67.84
N PHE T 353 48.65 20.48 68.05
CA PHE T 353 47.32 20.43 68.64
C PHE T 353 47.11 19.08 69.27
N LYS T 354 46.25 19.00 70.27
CA LYS T 354 45.94 17.75 70.93
C LYS T 354 45.17 16.82 69.98
N THR T 355 45.39 15.52 70.11
CA THR T 355 44.62 14.49 69.40
C THR T 355 43.31 14.23 70.12
N PRO T 356 42.17 14.38 69.44
CA PRO T 356 40.90 14.17 70.11
C PRO T 356 40.48 12.70 70.29
N ILE T 357 39.70 12.43 71.32
CA ILE T 357 39.33 11.06 71.63
C ILE T 357 37.83 10.91 71.56
N ALA T 358 37.36 9.74 71.19
CA ALA T 358 35.95 9.56 71.01
C ALA T 358 35.26 9.09 72.26
N ALA T 359 35.67 7.94 72.79
CA ALA T 359 34.83 7.20 73.73
C ALA T 359 34.59 7.80 75.11
N GLY T 360 34.67 6.93 76.12
CA GLY T 360 34.54 7.28 77.54
C GLY T 360 33.15 6.93 77.96
N ARG T 361 32.87 6.73 79.26
CA ARG T 361 33.84 6.46 80.33
C ARG T 361 34.27 5.01 80.38
N GLY T 362 35.50 4.76 80.76
CA GLY T 362 35.98 3.40 80.84
C GLY T 362 36.30 2.95 82.24
N GLY T 363 36.56 3.90 83.12
CA GLY T 363 36.94 3.53 84.46
C GLY T 363 35.74 3.04 85.24
N ALA T 364 36.01 2.28 86.31
CA ALA T 364 34.97 1.72 87.16
C ALA T 364 34.50 2.74 88.17
N GLN T 365 34.26 2.23 89.38
CA GLN T 365 33.85 3.03 90.52
C GLN T 365 34.83 4.17 90.81
N THR T 366 34.33 5.41 90.80
CA THR T 366 35.02 6.63 91.24
C THR T 366 36.37 6.96 90.65
N ASP T 367 36.72 6.37 89.53
CA ASP T 367 37.96 6.78 88.93
C ASP T 367 37.91 6.63 87.42
N GLU T 368 38.40 7.62 86.70
CA GLU T 368 38.38 7.43 85.29
C GLU T 368 39.54 8.26 84.79
N ASN T 369 40.05 7.88 83.63
CA ASN T 369 41.19 8.57 83.08
C ASN T 369 40.66 9.63 82.15
N GLN T 370 40.30 10.77 82.71
CA GLN T 370 39.62 11.82 81.98
C GLN T 370 40.41 12.32 80.75
N ALA T 371 41.51 11.65 80.45
CA ALA T 371 42.35 12.05 79.34
C ALA T 371 42.45 10.93 78.37
N ALA T 372 42.38 9.72 78.89
CA ALA T 372 42.36 8.52 78.06
C ALA T 372 40.97 8.29 77.50
N ASP T 373 39.98 8.98 78.06
CA ASP T 373 38.60 8.96 77.56
C ASP T 373 38.26 10.29 76.88
N GLY T 374 39.00 11.32 77.22
CA GLY T 374 38.84 12.59 76.56
C GLY T 374 37.52 13.17 76.97
N ASP T 375 37.24 13.03 78.24
CA ASP T 375 36.03 13.57 78.81
C ASP T 375 36.09 15.06 78.64
N PRO T 376 35.01 15.65 78.12
CA PRO T 376 34.94 17.04 77.71
C PRO T 376 34.87 17.97 78.91
N ARG T 377 35.58 19.10 78.87
CA ARG T 377 35.57 20.04 79.98
C ARG T 377 35.09 21.44 79.55
N TYR T 378 34.05 21.93 80.18
CA TYR T 378 33.37 23.12 79.74
C TYR T 378 33.57 24.31 80.67
N ALA T 379 33.93 25.46 80.11
CA ALA T 379 34.11 26.67 80.90
C ALA T 379 33.21 27.76 80.37
N PHE T 380 32.52 28.46 81.26
CA PHE T 380 31.45 29.34 80.85
C PHE T 380 31.15 30.42 81.87
N GLY T 381 30.38 31.43 81.48
CA GLY T 381 30.19 32.58 82.34
C GLY T 381 28.84 33.22 82.40
N ARG T 382 28.33 33.31 83.62
CA ARG T 382 27.08 33.98 83.97
C ARG T 382 25.95 33.88 82.96
N GLN T 383 26.15 34.47 81.80
CA GLN T 383 25.16 34.35 80.73
C GLN T 383 24.85 32.90 80.39
N HIS T 384 25.78 32.00 80.68
CA HIS T 384 25.60 30.63 80.21
C HIS T 384 25.62 29.61 81.34
N GLY T 385 25.26 30.01 82.55
CA GLY T 385 25.14 29.01 83.59
C GLY T 385 25.70 29.40 84.93
N GLN T 386 26.84 30.10 84.93
CA GLN T 386 27.48 30.50 86.18
C GLN T 386 26.49 31.33 86.97
N LYS T 387 26.61 31.28 88.30
CA LYS T 387 25.72 32.02 89.18
C LYS T 387 25.87 33.49 88.80
N THR T 388 24.75 34.13 88.49
CA THR T 388 24.79 35.46 87.89
C THR T 388 25.14 36.58 88.87
N THR T 389 25.10 36.29 90.17
CA THR T 389 25.48 37.24 91.19
C THR T 389 27.00 37.22 91.44
N THR T 390 27.66 36.21 90.91
CA THR T 390 29.09 36.02 91.05
C THR T 390 29.94 37.11 90.41
N THR T 391 30.74 37.82 91.21
CA THR T 391 31.72 38.72 90.65
C THR T 391 33.05 38.01 90.39
N GLY T 392 33.91 38.65 89.62
CA GLY T 392 35.20 38.06 89.30
C GLY T 392 35.22 37.48 87.91
N GLU T 393 36.40 37.43 87.30
CA GLU T 393 36.52 37.03 85.91
C GLU T 393 36.70 35.52 85.76
N THR T 394 36.68 34.82 86.89
CA THR T 394 36.97 33.39 86.89
C THR T 394 35.74 32.60 86.46
N PRO T 395 35.89 31.77 85.43
CA PRO T 395 34.79 31.03 84.84
C PRO T 395 34.31 29.84 85.65
N GLU T 396 33.05 29.44 85.50
CA GLU T 396 32.54 28.22 86.14
C GLU T 396 32.84 27.04 85.22
N ARG T 397 33.03 25.85 85.77
CA ARG T 397 33.47 24.75 84.92
C ARG T 397 32.84 23.42 85.31
N PHE T 398 32.95 22.43 84.44
CA PHE T 398 32.60 21.05 84.80
C PHE T 398 33.20 20.11 83.79
N THR T 399 33.35 18.85 84.16
CA THR T 399 33.84 17.85 83.23
C THR T 399 32.75 16.80 83.01
N TYR T 400 32.28 16.68 81.78
CA TYR T 400 31.19 15.77 81.52
C TYR T 400 31.71 14.37 81.46
N ILE T 401 31.28 13.54 82.40
CA ILE T 401 31.54 12.11 82.32
C ILE T 401 30.30 11.29 81.95
N ALA T 402 30.33 10.74 80.74
CA ALA T 402 29.17 10.08 80.16
C ALA T 402 28.71 8.87 80.95
N HIS T 403 27.52 8.38 80.65
CA HIS T 403 27.04 7.20 81.33
C HIS T 403 27.43 5.94 80.58
N GLN T 404 27.70 6.08 79.28
CA GLN T 404 27.99 4.94 78.43
C GLN T 404 29.36 4.35 78.60
N ASP T 405 29.45 3.16 79.17
CA ASP T 405 30.73 2.58 79.52
C ASP T 405 31.44 2.00 78.28
N THR T 406 32.14 2.85 77.54
CA THR T 406 32.91 2.42 76.37
C THR T 406 34.32 2.98 76.26
N GLY T 407 34.84 3.52 77.35
CA GLY T 407 36.16 4.10 77.34
C GLY T 407 37.14 3.09 77.86
N ARG T 408 38.31 3.53 78.30
CA ARG T 408 39.33 2.62 78.82
C ARG T 408 39.90 3.06 80.16
N TYR T 409 40.43 2.09 80.90
CA TYR T 409 41.17 2.34 82.12
C TYR T 409 42.55 1.75 81.96
N PRO T 410 43.43 2.46 81.25
CA PRO T 410 44.72 1.95 80.78
C PRO T 410 45.64 1.43 81.89
N GLU T 411 45.40 1.83 83.12
CA GLU T 411 46.14 1.30 84.24
C GLU T 411 46.00 -0.21 84.29
N GLY T 412 44.91 -0.70 83.73
CA GLY T 412 44.69 -2.13 83.69
C GLY T 412 45.11 -2.84 82.41
N ASP T 413 45.70 -2.12 81.45
CA ASP T 413 46.13 -2.75 80.18
C ASP T 413 47.39 -3.53 80.35
N TRP T 414 47.67 -4.46 79.45
CA TRP T 414 48.98 -5.08 79.46
C TRP T 414 49.20 -5.84 78.17
N ILE T 415 50.42 -6.31 77.96
CA ILE T 415 50.77 -7.07 76.77
C ILE T 415 51.67 -8.21 77.09
N GLN T 416 51.25 -9.44 76.84
CA GLN T 416 52.11 -10.58 77.06
C GLN T 416 52.80 -11.02 75.80
N ASN T 417 53.86 -11.77 75.98
CA ASN T 417 54.56 -12.38 74.87
C ASN T 417 53.75 -13.48 74.22
N ILE T 418 54.08 -13.76 72.96
CA ILE T 418 53.42 -14.79 72.17
C ILE T 418 53.29 -16.13 72.89
N ASN T 419 54.24 -16.45 73.76
CA ASN T 419 54.31 -17.79 74.33
C ASN T 419 53.33 -18.05 75.45
N PHE T 420 52.88 -17.00 76.12
CA PHE T 420 51.89 -17.13 77.18
C PHE T 420 52.30 -18.16 78.20
N ASN T 421 53.56 -18.13 78.59
CA ASN T 421 54.03 -18.96 79.69
C ASN T 421 53.72 -18.21 80.96
N LEU T 422 52.71 -18.66 81.70
CA LEU T 422 52.23 -17.85 82.81
C LEU T 422 52.16 -18.67 84.09
N PRO T 423 52.29 -18.03 85.26
CA PRO T 423 52.50 -16.63 85.61
C PRO T 423 53.60 -16.02 84.79
N VAL T 424 53.38 -14.84 84.23
CA VAL T 424 54.24 -14.33 83.19
C VAL T 424 55.49 -13.62 83.73
N THR T 425 56.63 -13.91 83.11
CA THR T 425 57.91 -13.34 83.49
C THR T 425 57.88 -11.85 83.29
N ASP T 426 58.69 -11.10 84.04
CA ASP T 426 58.75 -9.67 83.82
C ASP T 426 59.32 -9.35 82.45
N ASP T 427 60.11 -10.29 81.92
CA ASP T 427 60.68 -10.13 80.59
C ASP T 427 59.68 -10.42 79.51
N ASN T 428 58.56 -11.01 79.89
CA ASN T 428 57.56 -11.41 78.93
C ASN T 428 56.27 -10.59 78.94
N VAL T 429 56.24 -9.55 79.75
CA VAL T 429 55.05 -8.72 79.79
C VAL T 429 55.42 -7.26 79.74
N LEU T 430 54.57 -6.45 79.13
CA LEU T 430 54.78 -5.03 79.12
C LEU T 430 53.63 -4.37 79.86
N LEU T 431 53.94 -3.70 80.96
CA LEU T 431 52.92 -3.11 81.80
C LEU T 431 52.85 -1.62 81.59
N PRO T 432 51.78 -0.98 82.09
CA PRO T 432 51.72 0.46 82.13
C PRO T 432 52.61 1.06 83.19
N THR T 433 53.40 0.22 83.85
CA THR T 433 54.39 0.70 84.80
C THR T 433 55.75 0.80 84.15
N ASP T 434 56.06 -0.16 83.29
CA ASP T 434 57.37 -0.20 82.64
C ASP T 434 57.52 0.97 81.68
N PRO T 435 58.59 1.73 81.88
CA PRO T 435 58.94 2.95 81.15
C PRO T 435 59.32 2.72 79.70
N ILE T 436 59.00 3.72 78.87
CA ILE T 436 59.21 3.64 77.45
C ILE T 436 60.15 4.74 77.01
N GLY T 437 61.12 4.40 76.19
CA GLY T 437 62.06 5.41 75.73
C GLY T 437 62.84 6.03 76.86
N GLY T 438 62.93 5.31 77.96
CA GLY T 438 63.68 5.75 79.12
C GLY T 438 63.06 6.90 79.89
N LYS T 439 61.74 6.97 79.92
CA LYS T 439 61.06 8.02 80.66
C LYS T 439 60.22 7.49 81.79
N THR T 440 60.44 8.02 82.98
CA THR T 440 59.68 7.60 84.14
C THR T 440 58.17 7.75 83.99
N GLY T 441 57.73 8.88 83.45
CA GLY T 441 56.31 9.20 83.37
C GLY T 441 55.56 8.78 82.12
N ILE T 442 56.16 7.88 81.35
CA ILE T 442 55.55 7.42 80.13
C ILE T 442 55.53 5.90 80.04
N ASN T 443 54.41 5.33 79.61
CA ASN T 443 54.29 3.89 79.39
C ASN T 443 53.68 3.64 78.02
N TYR T 444 53.50 2.37 77.65
CA TYR T 444 53.11 2.08 76.28
C TYR T 444 51.73 2.56 75.96
N THR T 445 50.88 2.64 76.97
CA THR T 445 49.50 3.03 76.76
C THR T 445 49.36 4.47 76.29
N ASN T 446 50.37 5.29 76.51
CA ASN T 446 50.30 6.67 76.08
C ASN T 446 50.34 6.82 74.60
N ILE T 447 50.87 5.81 73.92
CA ILE T 447 51.01 5.88 72.48
C ILE T 447 50.15 4.83 71.79
N PHE T 448 49.32 4.17 72.58
CA PHE T 448 48.57 3.01 72.11
C PHE T 448 47.31 3.40 71.30
N ASN T 449 47.02 2.60 70.29
CA ASN T 449 45.86 2.79 69.43
C ASN T 449 45.32 1.46 68.96
N THR T 450 44.14 1.09 69.44
CA THR T 450 43.51 -0.16 69.06
C THR T 450 42.23 0.07 68.27
N TYR T 451 42.22 1.14 67.50
CA TYR T 451 41.14 1.35 66.56
C TYR T 451 41.33 0.36 65.44
N GLY T 452 40.24 -0.20 64.95
CA GLY T 452 40.35 -1.28 63.99
C GLY T 452 39.02 -1.66 63.43
N PRO T 453 39.03 -2.59 62.48
CA PRO T 453 37.81 -2.95 61.76
C PRO T 453 36.81 -3.64 62.63
N LEU T 454 37.15 -3.87 63.89
CA LEU T 454 36.22 -4.51 64.80
C LEU T 454 35.72 -3.53 65.85
N THR T 455 36.04 -2.24 65.67
CA THR T 455 35.74 -1.27 66.70
C THR T 455 34.31 -0.83 66.62
N ALA T 456 33.64 -0.78 67.78
CA ALA T 456 32.28 -0.28 67.89
C ALA T 456 32.22 0.93 68.83
N LEU T 457 31.36 1.88 68.50
CA LEU T 457 31.33 3.18 69.13
C LEU T 457 29.94 3.77 69.28
N ASN T 458 29.79 4.72 70.19
CA ASN T 458 28.60 5.56 70.15
C ASN T 458 28.95 6.97 69.76
N ASN T 459 27.92 7.73 69.43
CA ASN T 459 28.09 9.14 69.16
C ASN T 459 28.15 9.90 70.49
N VAL T 460 28.65 11.13 70.48
CA VAL T 460 28.76 11.90 71.70
C VAL T 460 27.39 12.20 72.23
N PRO T 461 27.26 12.17 73.55
CA PRO T 461 25.98 12.51 74.14
C PRO T 461 25.79 14.02 74.18
N PRO T 462 24.55 14.46 74.15
CA PRO T 462 24.26 15.89 74.23
C PRO T 462 24.66 16.39 75.59
N VAL T 463 25.32 17.53 75.61
CA VAL T 463 25.73 18.09 76.87
C VAL T 463 24.90 19.31 77.23
N TYR T 464 23.97 19.15 78.16
CA TYR T 464 23.12 20.28 78.55
C TYR T 464 23.74 21.06 79.68
N PRO T 465 23.70 22.39 79.59
CA PRO T 465 23.14 23.23 78.54
C PRO T 465 24.18 23.81 77.61
N ASN T 466 25.45 23.61 77.92
CA ASN T 466 26.52 24.27 77.23
C ASN T 466 26.93 23.59 75.95
N GLY T 467 26.34 22.45 75.64
CA GLY T 467 26.72 21.73 74.44
C GLY T 467 26.27 22.36 73.14
N GLN T 468 26.99 22.06 72.09
CA GLN T 468 26.60 22.46 70.75
C GLN T 468 25.50 21.50 70.36
N ILE T 469 24.59 21.88 69.47
CA ILE T 469 23.48 21.01 69.08
C ILE T 469 23.75 20.30 67.76
N TRP T 470 23.96 21.09 66.72
CA TRP T 470 24.30 20.57 65.41
C TRP T 470 25.61 21.17 64.94
N ASP T 471 26.24 20.57 63.94
CA ASP T 471 27.53 21.06 63.47
C ASP T 471 27.68 20.80 61.97
N LYS T 472 28.40 21.67 61.26
CA LYS T 472 28.66 21.43 59.84
C LYS T 472 29.65 20.30 59.72
N GLU T 473 29.60 19.58 58.61
CA GLU T 473 30.54 18.51 58.37
C GLU T 473 31.72 19.05 57.59
N PHE T 474 32.90 18.50 57.84
CA PHE T 474 34.09 18.91 57.14
C PHE T 474 33.92 18.63 55.67
N ASP T 475 34.36 19.54 54.83
CA ASP T 475 34.29 19.32 53.40
C ASP T 475 35.50 18.57 52.91
N THR T 476 35.79 17.44 53.55
CA THR T 476 36.86 16.57 53.11
C THR T 476 36.30 15.38 52.36
N ASP T 477 37.05 14.86 51.41
CA ASP T 477 36.54 13.79 50.57
C ASP T 477 36.13 12.61 51.43
N LEU T 478 36.87 12.34 52.50
CA LEU T 478 36.47 11.30 53.44
C LEU T 478 36.17 11.90 54.79
N LYS T 479 35.11 11.41 55.44
CA LYS T 479 34.54 12.16 56.56
C LYS T 479 34.68 11.48 57.91
N PRO T 480 34.58 12.25 58.99
CA PRO T 480 34.71 11.62 60.30
C PRO T 480 33.47 10.81 60.68
N ARG T 481 33.65 9.71 61.39
CA ARG T 481 32.51 8.91 61.80
C ARG T 481 31.70 9.59 62.85
N LEU T 482 32.21 10.70 63.39
CA LEU T 482 31.41 11.55 64.26
C LEU T 482 32.08 12.86 64.54
N HIS T 483 31.41 13.71 65.31
CA HIS T 483 32.07 14.90 65.80
C HIS T 483 31.98 14.82 67.30
N VAL T 484 32.90 15.48 68.00
CA VAL T 484 32.90 15.40 69.44
C VAL T 484 32.26 16.63 70.06
N ASN T 485 31.98 17.65 69.27
CA ASN T 485 31.44 18.85 69.84
C ASN T 485 29.94 18.89 69.81
N ALA T 486 29.34 18.08 68.95
CA ALA T 486 27.89 18.03 68.82
C ALA T 486 27.43 16.68 68.25
N PRO T 487 26.22 16.25 68.61
CA PRO T 487 25.64 14.99 68.14
C PRO T 487 25.01 15.05 66.74
N PHE T 488 24.52 16.21 66.32
CA PHE T 488 23.92 16.32 65.00
C PHE T 488 24.85 16.94 63.98
N VAL T 489 25.15 16.18 62.94
CA VAL T 489 25.99 16.69 61.85
C VAL T 489 25.27 16.70 60.52
N CYS T 490 25.12 17.89 59.94
CA CYS T 490 24.44 18.04 58.65
C CYS T 490 25.36 17.52 57.60
N GLN T 491 24.96 16.42 56.98
CA GLN T 491 25.80 15.83 56.00
C GLN T 491 25.62 16.48 54.64
N ASN T 492 24.45 17.04 54.35
CA ASN T 492 24.36 17.82 53.12
C ASN T 492 24.27 19.34 53.28
N ASN T 493 23.33 19.87 54.06
CA ASN T 493 23.24 21.33 54.22
C ASN T 493 23.01 21.78 55.66
N CYS T 494 23.71 22.81 56.10
CA CYS T 494 23.42 23.38 57.42
C CYS T 494 22.80 24.75 57.28
N PRO T 495 22.08 25.19 58.31
CA PRO T 495 21.56 26.55 58.32
C PRO T 495 22.69 27.54 58.22
N GLY T 496 22.43 28.63 57.54
CA GLY T 496 23.43 29.67 57.35
C GLY T 496 23.66 30.48 58.59
N GLN T 497 24.81 31.13 58.67
CA GLN T 497 25.08 31.97 59.83
C GLN T 497 24.40 33.31 59.72
N LEU T 498 23.99 33.86 60.86
CA LEU T 498 23.26 35.11 60.86
C LEU T 498 24.10 36.24 61.42
N PHE T 499 24.32 37.27 60.62
CA PHE T 499 25.20 38.36 61.01
C PHE T 499 24.51 39.72 61.10
N VAL T 500 24.80 40.47 62.16
CA VAL T 500 24.25 41.81 62.31
C VAL T 500 25.34 42.86 62.49
N LYS T 501 24.97 44.12 62.32
CA LYS T 501 25.93 45.23 62.33
C LYS T 501 25.20 46.57 62.27
N VAL T 502 25.55 47.50 63.13
CA VAL T 502 24.91 48.80 63.06
C VAL T 502 25.37 49.54 61.83
N ALA T 503 24.44 50.14 61.11
CA ALA T 503 24.82 50.87 59.91
C ALA T 503 25.53 52.14 60.30
N PRO T 504 26.58 52.48 59.55
CA PRO T 504 27.41 53.66 59.79
C PRO T 504 26.59 54.92 59.83
N ASN T 505 26.50 55.54 60.99
CA ASN T 505 25.73 56.78 61.14
C ASN T 505 26.60 58.03 61.15
N LEU T 506 26.86 58.60 59.99
CA LEU T 506 27.90 59.61 59.88
C LEU T 506 27.57 60.98 60.46
N THR T 507 28.62 61.70 60.83
CA THR T 507 28.53 63.10 61.24
C THR T 507 28.56 63.94 59.98
N ASN T 508 28.55 65.26 60.10
CA ASN T 508 28.53 66.09 58.90
C ASN T 508 29.91 66.27 58.25
N GLN T 509 30.96 66.07 59.01
CA GLN T 509 32.29 66.14 58.44
C GLN T 509 32.74 64.72 58.16
N TYR T 510 32.82 64.38 56.89
CA TYR T 510 33.32 63.09 56.53
C TYR T 510 34.14 63.26 55.28
N ASP T 511 35.40 62.88 55.39
CA ASP T 511 36.32 62.88 54.27
C ASP T 511 36.90 61.50 54.16
N PRO T 512 36.47 60.75 53.15
CA PRO T 512 36.93 59.41 52.85
C PRO T 512 38.36 59.42 52.35
N ASP T 513 38.76 60.50 51.68
CA ASP T 513 40.13 60.63 51.16
C ASP T 513 41.11 60.90 52.28
N ALA T 514 40.60 61.22 53.46
CA ALA T 514 41.44 61.44 54.64
C ALA T 514 41.80 60.14 55.36
N SER T 515 43.05 60.06 55.84
CA SER T 515 43.54 58.95 56.65
C SER T 515 42.90 58.94 58.03
N ALA T 516 42.59 60.14 58.52
CA ALA T 516 42.07 60.36 59.88
C ALA T 516 40.87 59.46 60.21
N ASN T 517 40.56 59.39 61.50
CA ASN T 517 39.41 58.63 62.00
C ASN T 517 38.12 58.97 61.30
N MET T 518 37.39 57.91 61.00
CA MET T 518 36.00 58.02 60.64
C MET T 518 35.25 58.49 61.85
N SER T 519 34.71 59.69 61.74
CA SER T 519 33.93 60.24 62.82
C SER T 519 32.46 59.90 62.58
N ARG T 520 31.91 59.14 63.53
CA ARG T 520 30.54 58.64 63.48
C ARG T 520 29.80 59.02 64.74
N ILE T 521 28.51 59.24 64.60
CA ILE T 521 27.67 59.43 65.75
C ILE T 521 27.64 58.15 66.53
N VAL T 522 27.76 58.25 67.83
CA VAL T 522 27.74 57.06 68.63
C VAL T 522 26.35 56.48 68.55
N THR T 523 26.26 55.26 68.05
CA THR T 523 24.98 54.60 67.88
C THR T 523 25.01 53.16 68.33
N TYR T 524 23.89 52.67 68.84
CA TYR T 524 23.79 51.26 69.18
C TYR T 524 22.40 50.76 68.88
N SER T 525 22.20 49.44 68.96
CA SER T 525 20.91 48.88 68.63
C SER T 525 20.38 47.86 69.64
N ASP T 526 19.07 47.91 69.85
CA ASP T 526 18.35 46.90 70.59
C ASP T 526 17.42 46.27 69.60
N PHE T 527 17.47 44.96 69.46
CA PHE T 527 16.49 44.30 68.60
C PHE T 527 16.09 42.97 69.20
N TRP T 528 14.92 42.46 68.81
CA TRP T 528 14.46 41.16 69.32
C TRP T 528 14.70 40.01 68.35
N TRP T 529 15.05 38.86 68.90
CA TRP T 529 15.29 37.68 68.12
C TRP T 529 14.37 36.59 68.59
N LYS T 530 13.68 35.95 67.66
CA LYS T 530 12.82 34.81 68.00
C LYS T 530 13.19 33.64 67.15
N GLY T 531 13.25 32.46 67.74
CA GLY T 531 13.62 31.28 66.97
C GLY T 531 12.65 30.15 67.19
N LYS T 532 12.59 29.24 66.22
CA LYS T 532 11.81 28.03 66.42
C LYS T 532 12.60 26.83 65.93
N LEU T 533 12.94 25.97 66.87
CA LEU T 533 13.68 24.76 66.60
C LEU T 533 12.80 23.56 66.89
N VAL T 534 12.58 22.76 65.86
CA VAL T 534 11.67 21.64 65.97
C VAL T 534 12.39 20.30 65.93
N PHE T 535 12.11 19.49 66.94
CA PHE T 535 12.64 18.14 67.04
C PHE T 535 11.50 17.18 66.91
N LYS T 536 11.80 15.95 66.59
CA LYS T 536 10.78 14.93 66.60
C LYS T 536 11.36 13.77 67.37
N ALA T 537 10.74 13.39 68.49
CA ALA T 537 11.29 12.37 69.38
C ALA T 537 10.35 11.16 69.53
N LYS T 538 10.83 10.11 70.21
CA LYS T 538 10.10 8.84 70.35
C LYS T 538 10.07 8.34 71.79
N LEU T 539 8.89 7.98 72.28
CA LEU T 539 8.72 7.59 73.68
C LEU T 539 9.34 6.24 74.00
N ARG T 540 9.96 6.15 75.18
CA ARG T 540 10.59 4.91 75.61
C ARG T 540 9.61 3.95 76.26
N ALA T 541 10.08 2.74 76.48
CA ALA T 541 9.24 1.73 77.09
C ALA T 541 10.01 0.93 78.13
N SER T 542 9.27 0.43 79.11
CA SER T 542 9.85 -0.40 80.15
C SER T 542 10.15 -1.79 79.66
N HIS T 543 11.40 -2.22 79.73
CA HIS T 543 11.73 -3.58 79.28
C HIS T 543 12.14 -4.51 80.42
N THR T 544 12.41 -3.95 81.58
CA THR T 544 13.00 -4.72 82.66
C THR T 544 12.14 -4.69 83.88
N TRP T 545 12.43 -5.58 84.84
CA TRP T 545 11.71 -5.65 86.10
C TRP T 545 12.06 -4.44 86.94
N ASN T 546 13.31 -4.03 86.88
CA ASN T 546 13.77 -2.96 87.71
C ASN T 546 13.47 -1.63 87.11
N PRO T 547 13.34 -0.61 87.95
CA PRO T 547 13.26 0.75 87.43
C PRO T 547 14.62 1.18 86.94
N ILE T 548 14.80 2.42 86.49
CA ILE T 548 16.08 2.82 85.90
C ILE T 548 16.48 4.23 86.32
N GLN T 549 17.64 4.70 85.87
CA GLN T 549 18.07 6.06 86.20
C GLN T 549 17.12 7.09 85.63
N GLN T 550 16.79 8.12 86.40
CA GLN T 550 16.07 9.29 85.87
C GLN T 550 16.35 10.60 86.66
N MET T 551 16.33 11.77 86.01
CA MET T 551 16.54 13.03 86.74
C MET T 551 15.48 13.28 87.78
N SER T 552 15.83 14.04 88.81
CA SER T 552 14.85 14.61 89.72
C SER T 552 15.49 15.63 90.65
N ILE T 553 14.70 16.11 91.60
CA ILE T 553 15.27 16.73 92.78
C ILE T 553 14.63 15.98 93.93
N ASN T 554 15.31 15.56 95.02
CA ASN T 554 16.66 15.81 95.55
C ASN T 554 16.68 17.00 96.45
N VAL T 555 17.06 16.74 97.69
CA VAL T 555 17.20 17.75 98.73
C VAL T 555 18.53 18.44 98.62
N ASP T 556 19.53 17.71 98.17
CA ASP T 556 20.68 18.34 97.53
C ASP T 556 20.07 18.87 96.27
N ASN T 557 20.84 19.50 95.39
CA ASN T 557 20.32 19.65 94.02
C ASN T 557 19.16 20.67 93.89
N GLN T 558 18.12 20.50 94.70
CA GLN T 558 16.97 21.40 94.74
C GLN T 558 17.21 22.90 94.54
N PHE T 559 18.38 23.39 94.84
CA PHE T 559 18.52 24.83 94.84
C PHE T 559 19.18 25.39 93.59
N ASN T 560 19.52 24.53 92.63
CA ASN T 560 20.09 24.98 91.37
C ASN T 560 19.04 25.30 90.33
N TYR T 561 17.78 25.35 90.75
CA TYR T 561 16.71 25.43 89.78
C TYR T 561 15.75 26.54 90.08
N VAL T 562 16.18 27.41 90.96
CA VAL T 562 15.34 28.49 91.43
C VAL T 562 16.24 29.68 91.58
N PRO T 563 15.68 30.89 91.60
CA PRO T 563 16.52 32.06 91.82
C PRO T 563 16.92 32.20 93.29
N SER T 564 17.52 33.32 93.62
CA SER T 564 18.08 33.56 94.94
C SER T 564 17.34 34.69 95.65
N ASN T 565 17.89 35.18 96.76
CA ASN T 565 17.30 36.32 97.46
C ASN T 565 17.38 37.54 96.60
N ILE T 566 18.42 37.54 95.77
CA ILE T 566 18.62 38.55 94.76
C ILE T 566 18.11 37.91 93.50
N GLY T 567 18.49 38.41 92.36
CA GLY T 567 18.00 37.82 91.13
C GLY T 567 18.64 36.55 90.66
N GLY T 568 18.85 35.57 91.55
CA GLY T 568 19.34 34.27 91.14
C GLY T 568 20.66 34.54 90.43
N MET T 569 21.12 33.72 89.49
CA MET T 569 20.59 32.41 89.16
C MET T 569 21.64 31.57 88.45
N LYS T 570 21.32 30.30 88.24
CA LYS T 570 22.27 29.28 87.85
C LYS T 570 21.63 28.24 86.94
N ILE T 571 22.36 27.76 85.94
CA ILE T 571 21.89 26.62 85.18
C ILE T 571 22.95 25.55 85.20
N VAL T 572 22.57 24.34 85.56
CA VAL T 572 23.58 23.36 85.88
C VAL T 572 23.70 22.24 84.87
N TYR T 573 24.94 21.87 84.57
CA TYR T 573 25.32 20.64 83.86
C TYR T 573 24.38 19.53 84.24
N GLU T 574 23.83 18.77 83.27
CA GLU T 574 22.88 17.73 83.67
C GLU T 574 22.69 16.51 82.76
N LYS T 575 23.78 15.96 82.21
CA LYS T 575 23.72 14.63 81.57
C LYS T 575 22.69 14.54 80.45
N SER T 576 22.40 13.31 80.01
CA SER T 576 21.45 13.14 78.91
C SER T 576 21.05 11.71 78.55
N GLN T 577 21.91 10.71 78.75
CA GLN T 577 21.56 9.38 78.31
C GLN T 577 21.29 8.47 79.48
N LEU T 578 20.23 8.75 80.22
CA LEU T 578 20.08 8.15 81.54
C LEU T 578 19.63 6.70 81.58
N ALA T 579 18.85 6.29 80.61
CA ALA T 579 18.29 4.96 80.63
C ALA T 579 19.24 4.01 79.94
N PRO T 580 19.35 2.78 80.44
CA PRO T 580 20.22 1.76 79.86
C PRO T 580 19.75 1.27 78.52
N ARG T 581 20.63 0.71 77.70
CA ARG T 581 20.19 0.27 76.40
C ARG T 581 20.33 -1.22 76.31
N LYS T 582 21.37 -1.68 75.62
CA LYS T 582 21.65 -3.09 75.37
C LYS T 582 22.50 -3.13 74.15
N LEU T 583 23.76 -3.50 74.28
CA LEU T 583 24.57 -3.65 73.08
C LEU T 583 24.19 -4.85 72.31
N TYR T 584 24.09 -5.96 73.03
CA TYR T 584 24.07 -7.30 72.49
C TYR T 584 23.10 -8.10 73.32
N GLY U 37 -24.32 -77.86 -6.29
CA GLY U 37 -24.38 -78.79 -7.41
C GLY U 37 -23.46 -79.98 -7.23
N VAL U 38 -23.15 -80.68 -8.33
CA VAL U 38 -22.30 -81.87 -8.27
C VAL U 38 -20.96 -81.55 -7.63
N GLY U 39 -20.21 -80.68 -8.31
CA GLY U 39 -18.84 -80.42 -7.94
C GLY U 39 -18.60 -79.33 -6.93
N ILE U 40 -19.55 -79.07 -6.04
CA ILE U 40 -19.40 -77.99 -5.09
C ILE U 40 -19.75 -78.40 -3.66
N SER U 41 -18.79 -78.23 -2.75
CA SER U 41 -18.99 -78.61 -1.36
C SER U 41 -20.06 -77.76 -0.72
N THR U 42 -20.73 -78.33 0.26
CA THR U 42 -21.88 -77.71 0.86
C THR U 42 -21.73 -77.54 2.37
N GLY U 43 -20.50 -77.59 2.88
CA GLY U 43 -20.28 -77.41 4.31
C GLY U 43 -18.81 -77.41 4.68
N THR U 44 -18.50 -77.20 5.96
CA THR U 44 -17.10 -77.22 6.38
C THR U 44 -16.94 -78.03 7.65
N PHE U 45 -15.92 -78.87 7.66
CA PHE U 45 -15.61 -79.69 8.80
C PHE U 45 -15.13 -78.79 9.91
N ASN U 46 -15.70 -78.94 11.10
CA ASN U 46 -15.23 -78.19 12.24
C ASN U 46 -15.42 -78.95 13.51
N ASN U 47 -14.34 -79.44 14.08
CA ASN U 47 -14.44 -80.15 15.34
C ASN U 47 -13.70 -79.37 16.39
N GLN U 48 -13.94 -78.06 16.39
CA GLN U 48 -13.16 -77.15 17.20
C GLN U 48 -13.93 -76.77 18.45
N THR U 49 -13.22 -76.67 19.58
CA THR U 49 -13.85 -76.35 20.86
C THR U 49 -13.43 -74.98 21.35
N GLU U 50 -14.38 -74.04 21.40
CA GLU U 50 -14.07 -72.67 21.80
C GLU U 50 -14.59 -72.33 23.19
N PHE U 51 -13.73 -71.71 23.97
CA PHE U 51 -14.06 -71.25 25.29
C PHE U 51 -14.08 -69.75 25.32
N LYS U 52 -15.25 -69.12 25.29
CA LYS U 52 -15.28 -67.66 25.26
C LYS U 52 -15.66 -67.11 26.61
N PHE U 53 -14.69 -66.47 27.27
CA PHE U 53 -14.89 -65.98 28.62
C PHE U 53 -15.58 -64.63 28.64
N LEU U 54 -16.56 -64.47 29.53
CA LEU U 54 -17.35 -63.24 29.61
C LEU U 54 -17.21 -62.58 30.96
N GLU U 55 -18.05 -61.59 31.27
CA GLU U 55 -17.88 -60.92 32.54
C GLU U 55 -18.56 -61.63 33.66
N ASN U 56 -18.04 -61.38 34.87
CA ASN U 56 -18.45 -62.10 36.06
C ASN U 56 -18.32 -63.60 35.92
N GLY U 57 -17.23 -64.01 35.29
CA GLY U 57 -16.81 -65.40 35.21
C GLY U 57 -17.76 -66.40 34.59
N TRP U 58 -18.61 -65.94 33.69
CA TRP U 58 -19.44 -66.84 32.92
C TRP U 58 -18.68 -67.18 31.67
N VAL U 59 -18.61 -68.45 31.34
CA VAL U 59 -17.89 -68.87 30.15
C VAL U 59 -18.86 -69.41 29.10
N TYR U 60 -18.44 -69.37 27.85
CA TYR U 60 -19.34 -69.63 26.75
C TYR U 60 -18.68 -70.73 25.97
N ILE U 61 -18.89 -71.95 26.43
CA ILE U 61 -18.25 -73.07 25.80
C ILE U 61 -19.04 -73.49 24.56
N THR U 62 -18.43 -73.35 23.38
CA THR U 62 -19.06 -73.72 22.13
C THR U 62 -18.39 -74.95 21.57
N ALA U 63 -18.97 -76.14 21.74
CA ALA U 63 -18.28 -77.35 21.29
C ALA U 63 -18.71 -77.78 19.92
N ASN U 64 -17.80 -77.74 18.97
CA ASN U 64 -18.10 -78.21 17.62
C ASN U 64 -17.65 -79.64 17.40
N SER U 65 -18.39 -80.36 16.56
CA SER U 65 -18.10 -81.76 16.26
C SER U 65 -18.46 -82.13 14.83
N SER U 66 -17.54 -82.79 14.15
CA SER U 66 -17.82 -83.21 12.79
C SER U 66 -17.32 -84.62 12.55
N ARG U 67 -18.09 -85.37 11.76
CA ARG U 67 -17.82 -86.78 11.50
C ARG U 67 -18.14 -87.13 10.05
N LEU U 68 -17.42 -88.09 9.49
CA LEU U 68 -17.83 -88.67 8.23
C LEU U 68 -18.65 -89.88 8.56
N VAL U 69 -19.86 -89.96 8.01
CA VAL U 69 -20.79 -91.01 8.39
C VAL U 69 -21.11 -91.95 7.25
N HIS U 70 -21.17 -93.23 7.59
CA HIS U 70 -21.35 -94.24 6.58
C HIS U 70 -22.70 -94.93 6.75
N LEU U 71 -23.38 -95.19 5.63
CA LEU U 71 -24.74 -95.69 5.68
C LEU U 71 -25.11 -96.56 4.52
N ASN U 72 -25.57 -97.77 4.81
CA ASN U 72 -26.01 -98.69 3.76
C ASN U 72 -27.54 -98.70 3.66
N MET U 73 -28.07 -99.31 2.60
CA MET U 73 -29.51 -99.39 2.45
C MET U 73 -30.10 -100.36 3.49
N PRO U 74 -31.39 -100.21 3.81
CA PRO U 74 -31.98 -101.04 4.86
C PRO U 74 -31.96 -102.50 4.46
N GLU U 75 -32.11 -103.38 5.44
CA GLU U 75 -32.20 -104.79 5.16
C GLU U 75 -33.41 -105.07 4.25
N SER U 76 -34.53 -104.43 4.58
CA SER U 76 -35.69 -104.46 3.73
C SER U 76 -36.43 -103.17 3.99
N GLU U 77 -37.14 -102.70 2.98
CA GLU U 77 -37.73 -101.39 3.10
C GLU U 77 -38.98 -101.44 3.96
N ASN U 78 -39.11 -102.43 4.81
CA ASN U 78 -40.36 -102.60 5.56
C ASN U 78 -40.24 -102.42 7.07
N TYR U 79 -41.32 -101.99 7.69
CA TYR U 79 -41.37 -101.96 9.14
C TYR U 79 -41.79 -103.34 9.59
N ARG U 80 -41.17 -103.85 10.63
CA ARG U 80 -41.46 -105.18 11.13
C ARG U 80 -41.74 -105.15 12.61
N ARG U 81 -42.75 -105.89 13.03
CA ARG U 81 -42.96 -106.14 14.45
C ARG U 81 -42.36 -107.47 14.82
N VAL U 82 -41.25 -107.44 15.57
CA VAL U 82 -40.55 -108.65 15.95
C VAL U 82 -40.67 -108.91 17.45
N VAL U 83 -40.85 -110.18 17.84
CA VAL U 83 -40.92 -110.52 19.26
C VAL U 83 -39.71 -111.36 19.63
N VAL U 84 -39.08 -110.98 20.73
CA VAL U 84 -37.97 -111.72 21.32
C VAL U 84 -38.42 -112.45 22.56
N ASN U 85 -38.05 -113.72 22.67
CA ASN U 85 -38.50 -114.55 23.78
C ASN U 85 -37.48 -115.59 24.14
N ASN U 86 -36.71 -115.35 25.19
CA ASN U 86 -35.70 -116.30 25.60
C ASN U 86 -36.20 -117.13 26.77
N LEU U 87 -37.14 -118.03 26.51
CA LEU U 87 -37.54 -119.01 27.51
C LEU U 87 -36.40 -120.01 27.66
N ASP U 88 -35.58 -120.10 26.60
CA ASP U 88 -34.39 -120.94 26.57
C ASP U 88 -33.52 -120.69 27.79
N LYS U 89 -33.65 -119.50 28.37
CA LYS U 89 -32.84 -119.10 29.49
C LYS U 89 -33.67 -118.89 30.77
N THR U 90 -34.94 -118.50 30.65
CA THR U 90 -35.74 -118.13 31.83
C THR U 90 -36.35 -119.35 32.48
N ALA U 91 -36.54 -120.41 31.70
CA ALA U 91 -37.15 -121.61 32.24
C ALA U 91 -36.20 -122.35 33.20
N VAL U 92 -34.98 -121.84 33.31
CA VAL U 92 -33.93 -122.47 34.09
C VAL U 92 -34.19 -122.45 35.60
N ASN U 93 -35.07 -121.56 36.06
CA ASN U 93 -35.38 -121.40 37.49
C ASN U 93 -34.23 -120.81 38.26
N GLY U 94 -34.43 -119.61 38.78
CA GLY U 94 -33.36 -118.86 39.41
C GLY U 94 -32.69 -117.97 38.38
N ASN U 95 -33.16 -118.05 37.15
CA ASN U 95 -32.60 -117.26 36.08
C ASN U 95 -33.58 -116.19 35.67
N MET U 96 -34.41 -115.75 36.61
CA MET U 96 -35.41 -114.73 36.28
C MET U 96 -34.76 -113.43 35.80
N ALA U 97 -33.68 -113.05 36.45
CA ALA U 97 -33.02 -111.80 36.11
C ALA U 97 -32.43 -111.79 34.69
N LEU U 98 -32.41 -112.92 34.01
CA LEU U 98 -31.81 -112.95 32.68
C LEU U 98 -32.85 -112.78 31.59
N ASP U 99 -34.00 -112.25 31.96
CA ASP U 99 -35.08 -112.07 31.02
C ASP U 99 -34.76 -111.09 29.90
N ASP U 100 -35.01 -111.51 28.67
CA ASP U 100 -34.86 -110.61 27.51
C ASP U 100 -36.14 -110.54 26.71
N THR U 101 -37.24 -110.99 27.30
CA THR U 101 -38.51 -111.11 26.59
C THR U 101 -39.12 -109.74 26.35
N HIS U 102 -39.35 -109.40 25.08
CA HIS U 102 -39.94 -108.12 24.74
C HIS U 102 -40.41 -108.05 23.29
N ALA U 103 -41.13 -107.00 22.94
CA ALA U 103 -41.58 -106.79 21.57
C ALA U 103 -41.04 -105.47 20.98
N GLU U 104 -40.94 -105.41 19.66
CA GLU U 104 -40.17 -104.35 19.02
C GLU U 104 -40.56 -104.03 17.58
N ILE U 105 -40.53 -102.75 17.20
CA ILE U 105 -40.76 -102.39 15.81
C ILE U 105 -39.46 -102.07 15.13
N VAL U 106 -39.14 -102.79 14.08
CA VAL U 106 -37.89 -102.61 13.37
C VAL U 106 -38.09 -101.76 12.14
N THR U 107 -37.40 -100.64 12.07
CA THR U 107 -37.68 -99.70 11.02
C THR U 107 -36.55 -99.72 10.04
N PRO U 108 -36.80 -99.31 8.79
CA PRO U 108 -35.72 -99.17 7.81
C PRO U 108 -34.91 -97.91 8.00
N TRP U 109 -35.20 -97.18 9.07
CA TRP U 109 -34.54 -95.91 9.30
C TRP U 109 -33.43 -96.11 10.32
N SER U 110 -32.39 -95.29 10.19
CA SER U 110 -31.29 -95.26 11.16
C SER U 110 -31.27 -93.95 11.89
N LEU U 111 -30.71 -93.95 13.09
CA LEU U 111 -30.68 -92.77 13.96
C LEU U 111 -29.29 -92.16 14.13
N VAL U 112 -29.21 -90.86 13.97
CA VAL U 112 -27.99 -90.14 14.26
C VAL U 112 -28.04 -89.55 15.66
N ASP U 113 -27.50 -90.27 16.63
CA ASP U 113 -27.54 -89.80 18.01
C ASP U 113 -26.14 -89.33 18.44
N ALA U 114 -26.04 -88.08 18.87
CA ALA U 114 -24.76 -87.55 19.31
C ALA U 114 -24.92 -87.13 20.75
N ASN U 115 -25.89 -87.71 21.42
CA ASN U 115 -26.12 -87.41 22.82
C ASN U 115 -25.19 -88.17 23.73
N ALA U 116 -23.94 -87.72 23.80
CA ALA U 116 -22.95 -88.30 24.69
C ALA U 116 -21.73 -87.39 24.79
N TRP U 117 -21.16 -87.29 25.98
CA TRP U 117 -20.09 -86.33 26.18
C TRP U 117 -18.95 -86.53 25.21
N GLY U 118 -18.66 -87.78 24.91
CA GLY U 118 -17.53 -88.12 24.08
C GLY U 118 -17.62 -87.69 22.64
N VAL U 119 -18.81 -87.28 22.22
CA VAL U 119 -18.99 -86.85 20.85
C VAL U 119 -18.48 -85.44 20.73
N TRP U 120 -18.49 -84.74 21.87
CA TRP U 120 -18.27 -83.29 21.91
C TRP U 120 -16.96 -82.86 22.53
N PHE U 121 -16.45 -83.63 23.48
CA PHE U 121 -15.22 -83.21 24.12
C PHE U 121 -14.14 -84.26 24.07
N ASN U 122 -12.91 -83.82 23.85
CA ASN U 122 -11.74 -84.67 24.00
C ASN U 122 -11.29 -84.60 25.45
N PRO U 123 -10.36 -85.45 25.86
CA PRO U 123 -9.94 -85.38 27.26
C PRO U 123 -9.46 -84.00 27.67
N GLY U 124 -8.65 -83.36 26.83
CA GLY U 124 -8.12 -82.04 27.14
C GLY U 124 -9.21 -81.04 27.43
N ASP U 125 -10.25 -81.05 26.61
CA ASP U 125 -11.42 -80.20 26.84
C ASP U 125 -12.05 -80.50 28.20
N TRP U 126 -12.31 -81.78 28.47
CA TRP U 126 -13.00 -82.22 29.67
C TRP U 126 -12.21 -81.82 30.87
N GLN U 127 -10.89 -81.88 30.76
CA GLN U 127 -10.05 -81.46 31.87
C GLN U 127 -10.31 -80.01 32.25
N LEU U 128 -10.29 -79.16 31.24
CA LEU U 128 -10.44 -77.73 31.45
C LEU U 128 -11.73 -77.47 32.17
N ILE U 129 -12.79 -78.05 31.63
CA ILE U 129 -14.12 -77.91 32.17
C ILE U 129 -14.22 -78.33 33.63
N VAL U 130 -13.79 -79.56 33.92
CA VAL U 130 -13.98 -80.16 35.24
C VAL U 130 -13.11 -79.51 36.31
N ASN U 131 -11.91 -79.10 35.94
CA ASN U 131 -10.99 -78.51 36.92
C ASN U 131 -11.23 -77.05 37.27
N THR U 132 -11.79 -76.27 36.36
CA THR U 132 -11.75 -74.85 36.61
C THR U 132 -13.13 -74.28 36.85
N MET U 133 -14.18 -75.06 36.59
CA MET U 133 -15.53 -74.51 36.65
C MET U 133 -16.49 -75.17 37.59
N SER U 134 -17.39 -74.35 38.13
CA SER U 134 -18.23 -74.73 39.24
C SER U 134 -19.59 -75.31 38.90
N GLU U 135 -20.16 -74.87 37.78
CA GLU U 135 -21.46 -75.38 37.38
C GLU U 135 -21.58 -75.31 35.88
N LEU U 136 -22.69 -75.79 35.34
CA LEU U 136 -22.79 -76.00 33.91
C LEU U 136 -24.22 -75.86 33.40
N HIS U 137 -24.46 -74.97 32.44
CA HIS U 137 -25.78 -74.83 31.81
C HIS U 137 -25.77 -75.29 30.38
N LEU U 138 -26.89 -75.83 29.96
CA LEU U 138 -27.03 -76.29 28.60
C LEU U 138 -27.77 -75.24 27.81
N VAL U 139 -27.14 -74.69 26.78
CA VAL U 139 -27.72 -73.53 26.08
C VAL U 139 -28.44 -73.79 24.75
N SER U 140 -27.74 -74.38 23.79
CA SER U 140 -28.30 -74.53 22.47
C SER U 140 -27.73 -75.71 21.72
N PHE U 141 -28.44 -76.18 20.69
CA PHE U 141 -27.98 -77.32 19.91
C PHE U 141 -28.49 -77.26 18.49
N GLU U 142 -27.56 -77.31 17.55
CA GLU U 142 -27.86 -77.30 16.14
C GLU U 142 -26.93 -78.26 15.42
N GLN U 143 -27.36 -78.74 14.26
CA GLN U 143 -26.57 -79.70 13.52
C GLN U 143 -26.92 -79.62 12.05
N GLU U 144 -26.01 -80.04 11.19
CA GLU U 144 -26.32 -80.07 9.78
C GLU U 144 -25.68 -81.26 9.10
N ILE U 145 -26.15 -81.58 7.91
CA ILE U 145 -25.61 -82.67 7.12
C ILE U 145 -25.19 -82.13 5.77
N PHE U 146 -23.97 -82.41 5.32
CA PHE U 146 -23.45 -81.83 4.08
C PHE U 146 -22.49 -82.72 3.29
N ASN U 147 -22.15 -82.27 2.09
CA ASN U 147 -21.30 -83.02 1.17
C ASN U 147 -21.75 -84.47 1.05
N VAL U 148 -23.02 -84.65 0.72
CA VAL U 148 -23.59 -85.97 0.56
C VAL U 148 -23.05 -86.70 -0.66
N VAL U 149 -22.71 -87.98 -0.50
CA VAL U 149 -22.26 -88.79 -1.64
C VAL U 149 -22.99 -90.11 -1.63
N LEU U 150 -23.46 -90.52 -2.79
CA LEU U 150 -24.11 -91.81 -2.92
C LEU U 150 -23.39 -92.58 -3.99
N LYS U 151 -23.06 -93.83 -3.67
CA LYS U 151 -22.39 -94.74 -4.58
C LYS U 151 -23.14 -96.06 -4.62
N THR U 152 -23.15 -96.73 -5.78
CA THR U 152 -23.72 -98.07 -5.93
C THR U 152 -22.59 -99.04 -6.06
N VAL U 153 -22.73 -100.22 -5.46
CA VAL U 153 -21.71 -101.24 -5.59
C VAL U 153 -21.77 -101.73 -7.01
N SER U 154 -22.30 -102.92 -7.21
CA SER U 154 -22.48 -103.42 -8.55
C SER U 154 -21.13 -103.40 -9.31
N GLU U 155 -20.14 -104.26 -9.05
CA GLU U 155 -20.12 -105.60 -8.40
C GLU U 155 -19.39 -106.36 -9.49
N SER U 156 -18.91 -107.57 -9.20
CA SER U 156 -18.65 -108.54 -10.26
C SER U 156 -18.02 -107.97 -11.53
N ALA U 157 -16.81 -107.41 -11.47
CA ALA U 157 -16.27 -106.86 -12.72
C ALA U 157 -14.77 -106.59 -12.73
N THR U 158 -13.92 -107.45 -13.31
CA THR U 158 -14.19 -108.79 -13.87
C THR U 158 -12.80 -109.41 -13.76
N GLN U 159 -12.70 -110.74 -13.83
CA GLN U 159 -11.46 -111.45 -13.48
C GLN U 159 -11.21 -111.35 -11.96
N PRO U 160 -10.95 -112.49 -11.29
CA PRO U 160 -10.95 -113.11 -9.96
C PRO U 160 -11.77 -112.73 -8.68
N PRO U 161 -12.86 -111.92 -8.71
CA PRO U 161 -13.64 -111.07 -9.62
C PRO U 161 -13.58 -109.58 -9.27
N THR U 162 -13.19 -109.25 -8.04
CA THR U 162 -13.15 -107.89 -7.49
C THR U 162 -14.48 -107.15 -7.58
N LYS U 163 -14.57 -106.05 -6.84
CA LYS U 163 -15.81 -105.31 -6.72
C LYS U 163 -15.54 -103.90 -7.21
N VAL U 164 -16.55 -103.21 -7.69
CA VAL U 164 -16.30 -101.88 -8.22
C VAL U 164 -17.41 -100.96 -7.76
N TYR U 165 -17.02 -99.75 -7.38
CA TYR U 165 -17.92 -98.77 -6.80
C TYR U 165 -18.07 -97.52 -7.65
N ASN U 166 -19.29 -97.22 -8.09
CA ASN U 166 -19.53 -96.03 -8.91
C ASN U 166 -20.42 -95.00 -8.25
N ASN U 167 -20.28 -93.75 -8.70
CA ASN U 167 -21.17 -92.70 -8.27
C ASN U 167 -22.54 -92.77 -8.94
N ASP U 168 -23.59 -92.66 -8.14
CA ASP U 168 -24.93 -92.37 -8.65
C ASP U 168 -25.23 -90.92 -8.31
N LEU U 169 -25.03 -90.04 -9.28
CA LEU U 169 -25.14 -88.63 -9.02
C LEU U 169 -26.59 -88.25 -8.72
N THR U 170 -27.52 -88.87 -9.43
CA THR U 170 -28.94 -88.57 -9.30
C THR U 170 -29.66 -89.24 -8.11
N ALA U 171 -28.96 -90.10 -7.38
CA ALA U 171 -29.55 -90.78 -6.24
C ALA U 171 -29.68 -89.86 -5.05
N SER U 172 -30.58 -90.22 -4.13
CA SER U 172 -30.90 -89.34 -2.99
C SER U 172 -30.72 -89.98 -1.62
N LEU U 173 -30.40 -89.16 -0.63
CA LEU U 173 -30.34 -89.60 0.76
C LEU U 173 -31.47 -88.97 1.53
N MET U 174 -32.32 -89.78 2.14
CA MET U 174 -33.49 -89.25 2.83
C MET U 174 -33.21 -88.81 4.25
N VAL U 175 -33.53 -87.57 4.59
CA VAL U 175 -33.27 -87.11 5.93
C VAL U 175 -34.52 -86.50 6.53
N ALA U 176 -34.82 -86.86 7.77
CA ALA U 176 -35.99 -86.39 8.43
C ALA U 176 -35.70 -86.00 9.87
N LEU U 177 -36.16 -84.82 10.26
CA LEU U 177 -35.93 -84.34 11.62
C LEU U 177 -37.24 -84.22 12.37
N ASP U 178 -37.37 -84.99 13.44
CA ASP U 178 -38.61 -85.07 14.21
C ASP U 178 -38.66 -83.95 15.21
N SER U 179 -38.85 -82.74 14.71
CA SER U 179 -38.72 -81.58 15.55
C SER U 179 -39.88 -81.46 16.51
N ASN U 180 -40.94 -82.21 16.27
CA ASN U 180 -42.07 -82.20 17.19
C ASN U 180 -42.03 -83.26 18.28
N ASN U 181 -40.96 -84.05 18.31
CA ASN U 181 -40.87 -85.19 19.21
C ASN U 181 -42.13 -86.04 19.13
N THR U 182 -42.53 -86.35 17.91
CA THR U 182 -43.69 -87.19 17.69
C THR U 182 -43.40 -88.61 18.07
N MET U 183 -42.14 -89.00 17.94
CA MET U 183 -41.82 -90.40 17.99
C MET U 183 -41.05 -90.75 19.22
N PRO U 184 -41.10 -92.02 19.64
CA PRO U 184 -40.57 -92.45 20.92
C PRO U 184 -39.10 -92.10 21.06
N PHE U 185 -38.74 -91.61 22.23
CA PHE U 185 -37.40 -91.19 22.48
C PHE U 185 -36.49 -92.39 22.74
N THR U 186 -35.43 -92.53 21.95
CA THR U 186 -34.50 -93.63 22.13
C THR U 186 -33.07 -93.16 22.12
N PRO U 187 -32.61 -92.70 23.27
CA PRO U 187 -31.22 -92.27 23.41
C PRO U 187 -30.30 -93.46 23.19
N ALA U 188 -29.33 -93.30 22.30
CA ALA U 188 -28.44 -94.41 21.92
C ALA U 188 -27.32 -94.62 22.93
N ALA U 189 -27.20 -93.72 23.89
CA ALA U 189 -26.14 -93.79 24.86
C ALA U 189 -26.30 -95.03 25.73
N MET U 190 -27.53 -95.50 25.87
CA MET U 190 -27.79 -96.64 26.75
C MET U 190 -27.27 -97.92 26.18
N ARG U 191 -26.99 -97.91 24.88
CA ARG U 191 -26.57 -99.11 24.19
C ARG U 191 -25.20 -98.88 23.56
N SER U 192 -24.55 -97.80 23.99
CA SER U 192 -23.26 -97.39 23.45
C SER U 192 -23.32 -97.40 21.95
N GLU U 193 -24.33 -96.74 21.40
CA GLU U 193 -24.51 -96.79 19.97
C GLU U 193 -24.69 -95.38 19.41
N THR U 194 -23.98 -94.42 19.98
CA THR U 194 -24.03 -93.06 19.50
C THR U 194 -23.02 -92.88 18.41
N LEU U 195 -22.73 -91.63 18.06
CA LEU U 195 -21.70 -91.39 17.06
C LEU U 195 -20.34 -91.71 17.60
N GLY U 196 -19.35 -91.80 16.72
CA GLY U 196 -17.98 -92.05 17.13
C GLY U 196 -17.34 -90.94 17.95
N PHE U 197 -16.40 -91.29 18.83
CA PHE U 197 -15.77 -90.31 19.70
C PHE U 197 -14.48 -89.74 19.14
N TYR U 198 -14.10 -90.17 17.95
CA TYR U 198 -12.85 -89.72 17.36
C TYR U 198 -13.16 -88.99 16.07
N PRO U 199 -12.71 -87.73 15.96
CA PRO U 199 -12.91 -86.85 14.81
C PRO U 199 -12.30 -87.34 13.53
N TRP U 200 -11.16 -88.01 13.60
CA TRP U 200 -10.47 -88.37 12.37
C TRP U 200 -10.83 -89.75 11.85
N LYS U 201 -11.69 -90.43 12.58
CA LYS U 201 -12.17 -91.76 12.24
C LYS U 201 -13.65 -91.75 11.89
N PRO U 202 -14.02 -92.25 10.73
CA PRO U 202 -15.43 -92.28 10.34
C PRO U 202 -16.30 -93.05 11.32
N THR U 203 -17.61 -92.93 11.14
CA THR U 203 -18.58 -93.54 12.03
C THR U 203 -19.88 -93.87 11.28
N ILE U 204 -20.89 -94.28 12.04
CA ILE U 204 -22.16 -94.75 11.49
C ILE U 204 -23.30 -94.41 12.42
N PRO U 205 -24.52 -94.32 11.87
CA PRO U 205 -25.70 -94.27 12.73
C PRO U 205 -26.07 -95.66 13.19
N THR U 206 -27.18 -95.80 13.89
CA THR U 206 -27.68 -97.12 14.26
C THR U 206 -29.08 -97.32 13.76
N PRO U 207 -29.39 -98.55 13.36
CA PRO U 207 -30.73 -98.86 12.87
C PRO U 207 -31.72 -98.51 13.94
N TRP U 208 -32.78 -97.80 13.57
CA TRP U 208 -33.74 -97.37 14.54
C TRP U 208 -34.80 -98.45 14.84
N ARG U 209 -35.22 -98.50 16.10
CA ARG U 209 -36.07 -99.56 16.65
C ARG U 209 -36.77 -99.00 17.86
N TYR U 210 -38.00 -99.41 18.14
CA TYR U 210 -38.65 -98.88 19.35
C TYR U 210 -39.61 -99.86 19.94
N TYR U 211 -39.96 -99.62 21.19
CA TYR U 211 -40.76 -100.58 21.90
C TYR U 211 -42.22 -100.62 21.46
N PHE U 212 -42.74 -101.83 21.26
CA PHE U 212 -44.12 -102.10 20.92
C PHE U 212 -44.78 -102.86 22.08
N GLN U 213 -46.04 -102.61 22.40
CA GLN U 213 -46.58 -103.13 23.66
C GLN U 213 -46.74 -104.64 23.72
N TRP U 214 -46.47 -105.21 24.88
CA TRP U 214 -46.67 -106.65 25.10
C TRP U 214 -46.99 -106.95 26.56
N ASP U 215 -47.91 -107.89 26.80
CA ASP U 215 -48.14 -108.46 28.13
C ASP U 215 -47.19 -109.63 28.35
N ARG U 216 -46.88 -109.93 29.60
CA ARG U 216 -45.84 -110.91 29.92
C ARG U 216 -45.83 -111.27 31.39
N THR U 217 -45.84 -112.55 31.71
CA THR U 217 -45.72 -112.92 33.11
C THR U 217 -44.55 -113.86 33.35
N LEU U 218 -43.84 -113.62 34.43
CA LEU U 218 -42.76 -114.49 34.85
C LEU U 218 -42.66 -114.54 36.36
N ILE U 219 -42.99 -115.69 36.92
CA ILE U 219 -42.91 -115.91 38.35
C ILE U 219 -41.50 -116.33 38.72
N PRO U 220 -40.93 -115.68 39.74
CA PRO U 220 -39.56 -115.96 40.19
C PRO U 220 -39.43 -117.34 40.82
N SER U 221 -38.20 -117.83 40.98
CA SER U 221 -37.93 -119.16 41.52
C SER U 221 -36.48 -119.29 41.91
N HIS U 222 -36.12 -120.41 42.52
CA HIS U 222 -34.72 -120.69 42.84
C HIS U 222 -34.34 -122.04 42.28
N THR U 223 -33.09 -122.43 42.46
CA THR U 223 -32.59 -123.66 41.87
C THR U 223 -33.33 -124.87 42.43
N GLY U 224 -33.67 -124.80 43.72
CA GLY U 224 -34.39 -125.90 44.35
C GLY U 224 -35.81 -126.07 43.86
N THR U 225 -36.45 -124.97 43.50
CA THR U 225 -37.84 -125.01 43.02
C THR U 225 -37.92 -125.90 41.77
N SER U 226 -38.80 -126.90 41.79
CA SER U 226 -39.07 -127.63 40.56
C SER U 226 -40.57 -127.86 40.40
N GLY U 227 -40.92 -128.47 39.28
CA GLY U 227 -42.17 -128.17 38.61
C GLY U 227 -41.85 -126.98 37.73
N THR U 228 -42.83 -126.44 37.04
CA THR U 228 -42.56 -125.31 36.16
C THR U 228 -43.27 -124.04 36.61
N PRO U 229 -42.50 -123.06 37.12
CA PRO U 229 -43.07 -121.77 37.49
C PRO U 229 -43.60 -121.10 36.23
N THR U 230 -44.81 -120.53 36.29
CA THR U 230 -45.46 -120.01 35.11
C THR U 230 -44.63 -118.90 34.46
N ASN U 231 -44.39 -119.03 33.17
CA ASN U 231 -43.50 -118.17 32.42
C ASN U 231 -44.01 -117.97 30.99
N ILE U 232 -44.91 -117.00 30.84
CA ILE U 232 -45.69 -116.89 29.63
C ILE U 232 -45.58 -115.53 28.96
N TYR U 233 -45.73 -115.50 27.64
CA TYR U 233 -45.83 -114.27 26.87
C TYR U 233 -47.25 -114.16 26.44
N HIS U 234 -48.01 -113.27 27.07
CA HIS U 234 -49.45 -113.25 26.83
C HIS U 234 -49.85 -112.71 25.47
N GLY U 235 -49.10 -111.74 24.93
CA GLY U 235 -49.47 -111.18 23.64
C GLY U 235 -49.39 -109.68 23.59
N THR U 236 -50.47 -109.02 23.16
CA THR U 236 -50.47 -107.58 23.01
C THR U 236 -51.80 -106.93 23.41
N ASP U 237 -51.81 -106.06 24.43
CA ASP U 237 -53.02 -105.33 24.82
C ASP U 237 -53.35 -104.26 23.80
N PRO U 238 -54.47 -104.43 23.10
CA PRO U 238 -54.84 -103.54 21.99
C PRO U 238 -55.01 -102.08 22.38
N ASP U 239 -55.40 -101.83 23.63
CA ASP U 239 -55.67 -100.47 24.06
C ASP U 239 -54.39 -99.69 24.16
N ASP U 240 -53.27 -100.39 23.99
CA ASP U 240 -51.94 -99.82 24.21
C ASP U 240 -51.12 -99.91 22.94
N VAL U 241 -51.75 -100.18 21.81
CA VAL U 241 -51.00 -100.38 20.57
C VAL U 241 -50.65 -99.07 19.88
N GLN U 242 -49.35 -98.81 19.69
CA GLN U 242 -48.91 -97.64 18.94
C GLN U 242 -47.86 -97.92 17.90
N PHE U 243 -48.24 -97.94 16.64
CA PHE U 243 -47.31 -98.17 15.53
C PHE U 243 -46.93 -96.86 14.86
N TYR U 244 -45.68 -96.45 14.98
CA TYR U 244 -45.24 -95.18 14.39
C TYR U 244 -44.46 -95.32 13.10
N THR U 245 -44.62 -94.37 12.19
CA THR U 245 -43.71 -94.28 11.06
C THR U 245 -43.17 -92.87 10.87
N ILE U 246 -41.96 -92.81 10.36
CA ILE U 246 -41.40 -91.55 9.96
C ILE U 246 -42.26 -90.88 8.94
N GLU U 247 -42.66 -91.65 7.93
CA GLU U 247 -43.31 -91.08 6.75
C GLU U 247 -44.63 -90.35 7.03
N ASN U 248 -45.44 -90.87 7.94
CA ASN U 248 -46.71 -90.21 8.21
C ASN U 248 -46.63 -89.12 9.26
N SER U 249 -45.49 -89.00 9.93
CA SER U 249 -45.36 -88.07 11.04
C SER U 249 -44.38 -86.92 10.76
N VAL U 250 -43.36 -87.19 9.96
CA VAL U 250 -42.28 -86.25 9.76
C VAL U 250 -42.00 -85.91 8.30
N PRO U 251 -41.79 -84.64 8.01
CA PRO U 251 -41.41 -84.25 6.64
C PRO U 251 -40.03 -84.74 6.30
N VAL U 252 -39.92 -85.36 5.13
CA VAL U 252 -38.64 -85.90 4.67
C VAL U 252 -37.98 -85.10 3.55
N HIS U 253 -36.70 -84.77 3.74
CA HIS U 253 -35.94 -84.05 2.74
C HIS U 253 -35.14 -85.03 1.92
N LEU U 254 -35.16 -84.87 0.62
CA LEU U 254 -34.31 -85.72 -0.22
C LEU U 254 -33.04 -84.97 -0.57
N LEU U 255 -31.90 -85.52 -0.20
CA LEU U 255 -30.62 -84.88 -0.46
C LEU U 255 -29.84 -85.57 -1.54
N ARG U 256 -29.55 -84.87 -2.62
CA ARG U 256 -28.58 -85.39 -3.59
C ARG U 256 -27.22 -84.77 -3.22
N THR U 257 -26.20 -84.92 -4.07
CA THR U 257 -24.85 -84.46 -3.73
C THR U 257 -24.76 -83.00 -3.37
N GLY U 258 -25.36 -82.17 -4.21
CA GLY U 258 -25.26 -80.73 -4.07
C GLY U 258 -26.17 -80.11 -3.06
N ASP U 259 -26.97 -80.94 -2.41
CA ASP U 259 -27.93 -80.51 -1.39
C ASP U 259 -27.32 -80.60 0.01
N GLU U 260 -27.90 -79.87 0.96
CA GLU U 260 -27.47 -79.88 2.36
C GLU U 260 -28.69 -79.76 3.27
N PHE U 261 -28.58 -80.20 4.52
CA PHE U 261 -29.70 -80.06 5.43
C PHE U 261 -29.22 -79.46 6.72
N ALA U 262 -29.87 -78.41 7.18
CA ALA U 262 -29.46 -77.79 8.44
C ALA U 262 -30.64 -77.68 9.37
N THR U 263 -30.44 -77.89 10.67
CA THR U 263 -31.56 -77.75 11.58
C THR U 263 -31.52 -76.36 12.10
N GLY U 264 -32.52 -75.98 12.86
CA GLY U 264 -32.54 -74.65 13.44
C GLY U 264 -31.55 -74.60 14.56
N THR U 265 -31.66 -73.61 15.42
CA THR U 265 -30.94 -73.65 16.67
C THR U 265 -31.91 -73.90 17.81
N PHE U 266 -31.80 -75.04 18.44
CA PHE U 266 -32.69 -75.34 19.54
C PHE U 266 -32.14 -74.78 20.84
N PHE U 267 -32.96 -74.07 21.61
CA PHE U 267 -32.49 -73.57 22.89
C PHE U 267 -33.03 -74.32 24.06
N PHE U 268 -32.16 -74.76 24.95
CA PHE U 268 -32.59 -75.56 26.07
C PHE U 268 -33.11 -74.69 27.18
N ASP U 269 -33.73 -75.33 28.16
CA ASP U 269 -33.87 -74.76 29.49
C ASP U 269 -33.89 -75.88 30.49
N CYS U 270 -32.89 -75.90 31.36
CA CYS U 270 -32.83 -76.91 32.40
C CYS U 270 -32.13 -76.30 33.59
N LYS U 271 -32.04 -77.06 34.68
CA LYS U 271 -31.33 -76.60 35.85
C LYS U 271 -29.85 -76.67 35.56
N PRO U 272 -29.05 -75.96 36.34
CA PRO U 272 -27.61 -76.12 36.18
C PRO U 272 -27.14 -77.45 36.78
N CYS U 273 -26.15 -78.03 36.15
CA CYS U 273 -25.47 -79.22 36.66
C CYS U 273 -24.25 -78.76 37.42
N ARG U 274 -24.04 -79.27 38.62
CA ARG U 274 -22.95 -78.76 39.43
C ARG U 274 -21.71 -79.61 39.28
N LEU U 275 -20.53 -79.00 39.34
CA LEU U 275 -19.31 -79.77 39.18
C LEU U 275 -18.54 -79.86 40.46
N THR U 276 -19.26 -80.01 41.56
CA THR U 276 -18.65 -80.22 42.85
C THR U 276 -19.38 -81.36 43.53
N HIS U 277 -18.66 -82.12 44.32
CA HIS U 277 -19.24 -83.20 45.10
C HIS U 277 -19.38 -82.79 46.54
N THR U 278 -20.38 -83.30 47.22
CA THR U 278 -20.54 -83.02 48.64
C THR U 278 -19.96 -84.18 49.41
N TRP U 279 -19.32 -83.90 50.54
CA TRP U 279 -18.67 -84.95 51.29
C TRP U 279 -19.35 -85.27 52.59
N GLN U 280 -20.27 -84.40 52.98
CA GLN U 280 -20.80 -84.48 54.32
C GLN U 280 -21.90 -85.50 54.36
N THR U 281 -21.84 -86.41 55.32
CA THR U 281 -22.99 -87.26 55.59
C THR U 281 -23.60 -86.67 56.83
N ASN U 282 -24.70 -87.25 57.30
CA ASN U 282 -25.35 -86.72 58.50
C ASN U 282 -24.41 -86.50 59.64
N ARG U 283 -23.37 -87.33 59.71
CA ARG U 283 -22.49 -87.35 60.85
C ARG U 283 -21.59 -86.14 60.90
N ALA U 284 -21.67 -85.30 59.87
CA ALA U 284 -20.85 -84.10 59.77
C ALA U 284 -21.69 -82.92 59.34
N LEU U 285 -22.83 -82.73 59.99
CA LEU U 285 -23.67 -81.59 59.71
C LEU U 285 -23.76 -80.74 60.93
N GLY U 286 -23.19 -79.54 60.89
CA GLY U 286 -23.46 -78.59 61.95
C GLY U 286 -22.33 -78.40 62.93
N LEU U 287 -22.70 -78.08 64.17
CA LEU U 287 -21.73 -77.77 65.20
C LEU U 287 -21.18 -79.01 65.92
N PRO U 288 -19.89 -79.29 65.76
CA PRO U 288 -19.26 -80.38 66.50
C PRO U 288 -19.25 -80.11 67.99
N PRO U 289 -19.22 -81.17 68.81
CA PRO U 289 -19.30 -81.02 70.26
C PRO U 289 -18.03 -80.41 70.81
N PHE U 290 -18.17 -79.53 71.79
CA PHE U 290 -17.00 -78.86 72.30
C PHE U 290 -16.11 -79.84 73.03
N LEU U 291 -14.82 -79.83 72.71
CA LEU U 291 -13.87 -80.71 73.39
C LEU U 291 -13.28 -80.04 74.62
N ASN U 292 -13.45 -80.64 75.78
CA ASN U 292 -12.84 -80.09 76.99
C ASN U 292 -11.40 -80.52 77.22
N SER U 293 -10.95 -81.51 76.47
CA SER U 293 -9.57 -81.99 76.61
C SER U 293 -8.87 -82.10 75.26
N LEU U 294 -7.99 -81.14 74.98
CA LEU U 294 -7.25 -81.14 73.72
C LEU U 294 -5.89 -81.81 73.86
N PRO U 295 -5.44 -82.51 72.80
CA PRO U 295 -4.18 -83.24 72.81
C PRO U 295 -3.03 -82.30 73.06
N GLN U 296 -1.91 -82.82 73.55
CA GLN U 296 -0.76 -81.98 73.87
C GLN U 296 0.52 -82.49 73.24
N SER U 297 0.42 -83.46 72.34
CA SER U 297 1.57 -83.83 71.49
C SER U 297 1.10 -84.37 70.14
N GLU U 298 1.90 -84.18 69.10
CA GLU U 298 1.49 -84.64 67.76
C GLU U 298 1.49 -86.13 67.75
N GLY U 299 0.85 -86.71 66.74
CA GLY U 299 0.89 -88.15 66.59
C GLY U 299 -0.37 -88.82 66.11
N GLY U 300 -0.37 -90.15 66.15
CA GLY U 300 -1.41 -90.92 65.50
C GLY U 300 -2.47 -91.42 66.44
N THR U 301 -2.23 -91.33 67.74
CA THR U 301 -3.24 -91.76 68.69
C THR U 301 -3.48 -90.79 69.82
N ASN U 302 -3.01 -89.57 69.64
CA ASN U 302 -3.28 -88.51 70.63
C ASN U 302 -4.64 -87.87 70.40
N PHE U 303 -5.70 -88.59 70.76
CA PHE U 303 -7.05 -88.13 70.53
C PHE U 303 -7.42 -87.06 71.52
N GLY U 304 -8.41 -86.28 71.16
CA GLY U 304 -9.01 -85.33 72.07
C GLY U 304 -10.27 -85.97 72.60
N TYR U 305 -10.72 -85.53 73.75
CA TYR U 305 -11.88 -86.16 74.36
C TYR U 305 -12.95 -85.13 74.71
N ILE U 306 -14.21 -85.42 74.37
CA ILE U 306 -15.29 -84.47 74.64
C ILE U 306 -15.30 -84.10 76.10
N GLY U 307 -15.30 -85.11 76.94
CA GLY U 307 -15.12 -84.83 78.34
C GLY U 307 -16.38 -84.46 79.07
N VAL U 308 -17.51 -84.97 78.61
CA VAL U 308 -18.73 -84.92 79.41
C VAL U 308 -19.45 -86.24 79.22
N GLN U 309 -19.96 -86.77 80.32
CA GLN U 309 -20.63 -88.05 80.32
C GLN U 309 -21.79 -88.09 79.36
N GLN U 310 -21.87 -89.15 78.58
CA GLN U 310 -22.82 -89.24 77.49
C GLN U 310 -24.25 -89.04 77.96
N ASP U 311 -24.50 -89.28 79.24
CA ASP U 311 -25.85 -89.15 79.74
C ASP U 311 -25.99 -87.83 80.47
N LYS U 312 -24.95 -87.02 80.47
CA LYS U 312 -25.06 -85.74 81.14
C LYS U 312 -24.83 -84.58 80.18
N ARG U 313 -25.04 -84.82 78.91
CA ARG U 313 -24.70 -83.82 77.89
C ARG U 313 -25.90 -82.96 77.55
N ARG U 314 -25.64 -81.77 76.99
CA ARG U 314 -26.69 -80.85 76.52
C ARG U 314 -26.88 -80.98 75.02
N GLY U 315 -28.10 -80.75 74.56
CA GLY U 315 -28.39 -80.86 73.13
C GLY U 315 -29.75 -81.44 72.79
N VAL U 316 -29.97 -81.71 71.51
CA VAL U 316 -31.28 -82.15 71.05
C VAL U 316 -31.22 -83.43 70.26
N THR U 317 -32.04 -84.38 70.64
CA THR U 317 -32.18 -85.60 69.86
C THR U 317 -33.63 -85.94 69.63
N GLN U 318 -33.84 -86.92 68.77
CA GLN U 318 -35.17 -87.41 68.48
C GLN U 318 -35.43 -88.76 69.16
N MET U 319 -34.79 -88.96 70.30
CA MET U 319 -34.98 -90.16 71.12
C MET U 319 -35.57 -89.84 72.48
N GLY U 320 -36.89 -89.86 72.56
CA GLY U 320 -37.57 -89.45 73.76
C GLY U 320 -37.22 -90.17 75.04
N ASN U 321 -36.67 -91.37 74.93
CA ASN U 321 -36.36 -92.19 76.10
C ASN U 321 -35.12 -91.74 76.86
N THR U 322 -33.96 -92.07 76.30
CA THR U 322 -32.69 -91.94 77.00
C THR U 322 -32.22 -90.51 77.01
N ASN U 323 -31.28 -90.22 77.92
CA ASN U 323 -30.66 -88.90 78.02
C ASN U 323 -29.28 -88.90 77.40
N TYR U 324 -28.99 -89.98 76.71
CA TYR U 324 -27.77 -90.12 75.97
C TYR U 324 -27.75 -89.16 74.79
N ILE U 325 -26.68 -88.39 74.62
CA ILE U 325 -26.54 -87.57 73.43
C ILE U 325 -25.24 -87.85 72.73
N THR U 326 -25.26 -88.65 71.67
CA THR U 326 -24.03 -88.99 70.98
C THR U 326 -24.06 -88.54 69.54
N GLU U 327 -22.90 -88.58 68.88
CA GLU U 327 -22.83 -88.15 67.50
C GLU U 327 -23.78 -88.90 66.59
N ALA U 328 -24.02 -90.15 66.92
CA ALA U 328 -24.95 -90.94 66.15
C ALA U 328 -26.39 -90.75 66.64
N THR U 329 -26.54 -90.06 67.76
CA THR U 329 -27.83 -89.86 68.41
C THR U 329 -28.38 -88.47 68.18
N ILE U 330 -27.44 -87.54 68.21
CA ILE U 330 -27.74 -86.12 68.09
C ILE U 330 -28.53 -85.76 66.85
N MET U 331 -29.49 -84.87 67.03
CA MET U 331 -30.30 -84.42 65.92
C MET U 331 -29.48 -83.80 64.80
N ARG U 332 -29.96 -84.00 63.60
CA ARG U 332 -29.44 -83.30 62.45
C ARG U 332 -30.68 -82.66 61.86
N PRO U 333 -30.52 -81.60 61.06
CA PRO U 333 -31.68 -80.89 60.54
C PRO U 333 -32.53 -81.74 59.59
N ALA U 334 -31.90 -82.64 58.84
CA ALA U 334 -32.62 -83.53 57.95
C ALA U 334 -31.78 -84.77 57.68
N GLU U 335 -31.99 -85.43 56.55
CA GLU U 335 -31.22 -86.63 56.23
C GLU U 335 -30.59 -86.58 54.86
N VAL U 336 -29.28 -86.80 54.81
CA VAL U 336 -28.55 -86.79 53.55
C VAL U 336 -28.59 -88.15 52.91
N GLY U 337 -29.16 -88.26 51.73
CA GLY U 337 -29.21 -89.54 51.05
C GLY U 337 -30.32 -90.41 51.59
N TYR U 338 -30.44 -91.61 51.02
CA TYR U 338 -31.51 -92.50 51.45
C TYR U 338 -31.16 -93.96 51.21
N SER U 339 -31.83 -94.85 51.96
CA SER U 339 -31.64 -96.29 51.80
C SER U 339 -32.70 -96.89 50.86
N ALA U 340 -32.22 -97.71 49.93
CA ALA U 340 -33.08 -98.27 48.92
C ALA U 340 -32.85 -99.75 48.77
N PRO U 341 -33.87 -100.47 48.35
CA PRO U 341 -33.82 -101.90 48.15
C PRO U 341 -32.78 -102.32 47.11
N TYR U 342 -32.15 -103.47 47.34
CA TYR U 342 -31.08 -104.00 46.50
C TYR U 342 -30.93 -105.48 46.76
N TYR U 343 -30.75 -106.32 45.74
CA TYR U 343 -31.04 -106.02 44.34
C TYR U 343 -32.51 -106.25 44.07
N SER U 344 -33.33 -105.21 44.14
CA SER U 344 -34.76 -105.43 44.05
C SER U 344 -35.23 -105.52 42.62
N PHE U 345 -36.07 -106.51 42.34
CA PHE U 345 -36.76 -106.57 41.06
C PHE U 345 -38.26 -106.44 41.27
N GLU U 346 -38.88 -105.63 40.43
CA GLU U 346 -40.32 -105.41 40.50
C GLU U 346 -40.93 -105.78 39.18
N ALA U 347 -42.23 -106.00 39.18
CA ALA U 347 -42.88 -106.49 37.98
C ALA U 347 -44.18 -105.75 37.68
N SER U 348 -44.31 -105.39 36.42
CA SER U 348 -45.51 -104.77 35.97
C SER U 348 -45.81 -105.33 34.61
N THR U 349 -47.02 -105.03 34.15
CA THR U 349 -47.57 -105.44 32.87
C THR U 349 -46.65 -106.18 31.92
N GLN U 350 -45.39 -105.77 31.79
CA GLN U 350 -44.58 -106.34 30.74
C GLN U 350 -43.41 -107.13 31.23
N GLY U 351 -43.40 -107.41 32.52
CA GLY U 351 -42.34 -108.24 33.04
C GLY U 351 -41.59 -107.53 34.11
N PRO U 352 -40.54 -108.17 34.60
CA PRO U 352 -39.77 -107.66 35.73
C PRO U 352 -38.64 -106.75 35.26
N PHE U 353 -38.22 -105.87 36.16
CA PHE U 353 -37.16 -104.90 35.90
C PHE U 353 -36.47 -104.56 37.22
N LYS U 354 -35.19 -104.22 37.15
CA LYS U 354 -34.46 -103.87 38.35
C LYS U 354 -34.96 -102.55 38.90
N THR U 355 -34.94 -102.44 40.22
CA THR U 355 -35.26 -101.18 40.88
C THR U 355 -34.04 -100.29 40.94
N PRO U 356 -34.15 -99.10 40.35
CA PRO U 356 -33.04 -98.17 40.28
C PRO U 356 -32.81 -97.39 41.57
N ILE U 357 -31.56 -97.01 41.81
CA ILE U 357 -31.17 -96.31 43.02
C ILE U 357 -30.56 -94.98 42.62
N ALA U 358 -30.69 -93.99 43.48
CA ALA U 358 -30.17 -92.70 43.14
C ALA U 358 -28.77 -92.48 43.64
N ALA U 359 -28.59 -92.55 44.95
CA ALA U 359 -27.43 -91.95 45.64
C ALA U 359 -26.01 -92.51 45.30
N GLY U 360 -25.13 -92.55 46.30
CA GLY U 360 -23.82 -93.15 46.15
C GLY U 360 -22.79 -92.07 46.07
N ARG U 361 -21.54 -92.23 46.54
CA ARG U 361 -21.01 -93.44 47.18
C ARG U 361 -21.24 -93.38 48.67
N GLY U 362 -21.35 -94.53 49.32
CA GLY U 362 -21.60 -94.57 50.74
C GLY U 362 -20.56 -95.28 51.57
N GLY U 363 -19.78 -96.15 50.94
CA GLY U 363 -18.78 -96.88 51.68
C GLY U 363 -17.53 -96.06 51.97
N ALA U 364 -16.80 -96.47 52.99
CA ALA U 364 -15.58 -95.80 53.41
C ALA U 364 -14.42 -96.12 52.48
N GLN U 365 -13.25 -96.32 53.09
CA GLN U 365 -12.03 -96.52 52.35
C GLN U 365 -12.09 -97.84 51.60
N THR U 366 -12.03 -97.74 50.27
CA THR U 366 -11.91 -98.86 49.34
C THR U 366 -12.98 -99.94 49.47
N ASP U 367 -14.06 -99.68 50.19
CA ASP U 367 -15.09 -100.69 50.29
C ASP U 367 -16.41 -100.06 49.95
N GLU U 368 -16.92 -100.44 48.78
CA GLU U 368 -18.11 -99.81 48.29
C GLU U 368 -19.11 -100.87 47.93
N ASN U 369 -20.31 -100.71 48.45
CA ASN U 369 -21.40 -101.63 48.20
C ASN U 369 -22.16 -101.22 46.95
N GLN U 370 -21.48 -101.31 45.82
CA GLN U 370 -21.99 -100.77 44.58
C GLN U 370 -23.33 -101.31 44.09
N ALA U 371 -24.22 -101.69 45.02
CA ALA U 371 -25.56 -102.11 44.63
C ALA U 371 -26.57 -101.34 45.45
N ALA U 372 -26.20 -101.10 46.69
CA ALA U 372 -27.00 -100.30 47.60
C ALA U 372 -26.86 -98.85 47.20
N ASP U 373 -25.75 -98.51 46.56
CA ASP U 373 -25.56 -97.15 46.05
C ASP U 373 -26.00 -97.05 44.62
N GLY U 374 -25.93 -98.15 43.88
CA GLY U 374 -26.47 -98.16 42.54
C GLY U 374 -25.53 -97.49 41.57
N ASP U 375 -24.27 -97.84 41.72
CA ASP U 375 -23.22 -97.26 40.92
C ASP U 375 -23.30 -97.82 39.52
N PRO U 376 -23.29 -96.94 38.53
CA PRO U 376 -23.48 -97.30 37.12
C PRO U 376 -22.28 -98.00 36.52
N ARG U 377 -22.56 -98.93 35.62
CA ARG U 377 -21.52 -99.72 34.99
C ARG U 377 -21.64 -99.67 33.47
N TYR U 378 -20.58 -99.22 32.83
CA TYR U 378 -20.62 -98.93 31.40
C TYR U 378 -19.87 -99.95 30.56
N ALA U 379 -20.53 -100.41 29.51
CA ALA U 379 -19.93 -101.36 28.60
C ALA U 379 -19.91 -100.78 27.20
N PHE U 380 -18.77 -100.81 26.52
CA PHE U 380 -18.63 -100.09 25.26
C PHE U 380 -17.54 -100.66 24.40
N GLY U 381 -17.48 -100.21 23.16
CA GLY U 381 -16.59 -100.85 22.21
C GLY U 381 -15.89 -99.95 21.23
N ARG U 382 -14.58 -100.08 21.19
CA ARG U 382 -13.71 -99.41 20.22
C ARG U 382 -14.11 -98.03 19.74
N GLN U 383 -15.28 -97.93 19.10
CA GLN U 383 -15.80 -96.65 18.68
C GLN U 383 -15.96 -95.68 19.84
N HIS U 384 -16.16 -96.19 21.05
CA HIS U 384 -16.49 -95.31 22.15
C HIS U 384 -15.56 -95.45 23.32
N GLY U 385 -14.31 -95.83 23.08
CA GLY U 385 -13.35 -95.86 24.16
C GLY U 385 -12.40 -97.03 24.22
N GLN U 386 -12.88 -98.24 23.93
CA GLN U 386 -12.01 -99.42 23.97
C GLN U 386 -10.86 -99.28 22.98
N LYS U 387 -9.70 -99.88 23.30
CA LYS U 387 -8.56 -99.77 22.42
C LYS U 387 -8.89 -100.28 21.05
N THR U 388 -8.65 -99.46 20.04
CA THR U 388 -9.16 -99.73 18.71
C THR U 388 -8.38 -100.87 18.05
N THR U 389 -7.26 -101.25 18.66
CA THR U 389 -6.46 -102.39 18.19
C THR U 389 -6.90 -103.72 18.78
N THR U 390 -7.69 -103.67 19.84
CA THR U 390 -8.17 -104.88 20.46
C THR U 390 -9.05 -105.66 19.51
N THR U 391 -8.62 -106.86 19.18
CA THR U 391 -9.47 -107.77 18.43
C THR U 391 -10.31 -108.54 19.42
N GLY U 392 -11.37 -109.17 18.94
CA GLY U 392 -12.23 -109.92 19.83
C GLY U 392 -13.44 -109.11 20.17
N GLU U 393 -14.55 -109.78 20.44
CA GLU U 393 -15.81 -109.09 20.60
C GLU U 393 -16.16 -108.74 22.06
N THR U 394 -15.24 -108.97 22.99
CA THR U 394 -15.57 -108.68 24.37
C THR U 394 -15.35 -107.20 24.63
N PRO U 395 -16.38 -106.50 25.13
CA PRO U 395 -16.37 -105.04 25.34
C PRO U 395 -15.55 -104.62 26.53
N GLU U 396 -15.11 -103.36 26.55
CA GLU U 396 -14.44 -102.78 27.72
C GLU U 396 -15.49 -102.27 28.71
N ARG U 397 -15.16 -102.25 29.99
CA ARG U 397 -16.15 -101.88 31.00
C ARG U 397 -15.51 -101.06 32.10
N PHE U 398 -16.34 -100.42 32.90
CA PHE U 398 -15.90 -99.75 34.12
C PHE U 398 -17.09 -99.50 34.99
N THR U 399 -16.87 -99.25 36.27
CA THR U 399 -17.98 -98.90 37.14
C THR U 399 -17.71 -97.52 37.76
N TYR U 400 -18.56 -96.56 37.46
CA TYR U 400 -18.34 -95.22 37.96
C TYR U 400 -18.74 -95.09 39.42
N ILE U 401 -17.77 -94.88 40.29
CA ILE U 401 -18.11 -94.54 41.66
C ILE U 401 -17.86 -93.06 41.95
N ALA U 402 -18.95 -92.33 42.12
CA ALA U 402 -18.91 -90.87 42.22
C ALA U 402 -18.18 -90.39 43.45
N HIS U 403 -17.82 -89.11 43.42
CA HIS U 403 -17.07 -88.54 44.52
C HIS U 403 -17.98 -88.13 45.62
N GLN U 404 -19.24 -87.91 45.30
CA GLN U 404 -20.14 -87.39 46.31
C GLN U 404 -20.55 -88.43 47.35
N ASP U 405 -20.09 -88.26 48.59
CA ASP U 405 -20.40 -89.23 49.61
C ASP U 405 -21.84 -89.01 50.06
N THR U 406 -22.80 -89.54 49.31
CA THR U 406 -24.21 -89.44 49.70
C THR U 406 -24.93 -90.79 49.65
N GLY U 407 -24.16 -91.87 49.57
CA GLY U 407 -24.73 -93.20 49.51
C GLY U 407 -24.82 -93.89 50.85
N ARG U 408 -24.96 -95.22 50.84
CA ARG U 408 -25.07 -95.99 52.06
C ARG U 408 -24.15 -97.20 52.15
N TYR U 409 -23.81 -97.60 53.36
CA TYR U 409 -23.08 -98.83 53.65
C TYR U 409 -23.90 -99.70 54.57
N PRO U 410 -24.85 -100.48 54.00
CA PRO U 410 -25.88 -101.18 54.77
C PRO U 410 -25.29 -102.09 55.82
N GLU U 411 -24.04 -102.50 55.68
CA GLU U 411 -23.37 -103.31 56.68
C GLU U 411 -23.33 -102.60 58.02
N GLY U 412 -23.37 -101.28 58.01
CA GLY U 412 -23.31 -100.53 59.26
C GLY U 412 -24.66 -100.17 59.85
N ASP U 413 -25.74 -100.63 59.21
CA ASP U 413 -27.11 -100.34 59.66
C ASP U 413 -27.57 -101.25 60.77
N TRP U 414 -28.54 -100.79 61.55
CA TRP U 414 -29.21 -101.64 62.50
C TRP U 414 -30.47 -101.02 63.04
N ILE U 415 -31.25 -101.81 63.77
CA ILE U 415 -32.50 -101.32 64.34
C ILE U 415 -32.68 -101.79 65.77
N GLN U 416 -32.75 -100.86 66.72
CA GLN U 416 -32.92 -101.26 68.11
C GLN U 416 -34.36 -101.16 68.55
N ASN U 417 -34.67 -101.91 69.58
CA ASN U 417 -35.96 -101.84 70.19
C ASN U 417 -36.16 -100.50 70.87
N ILE U 418 -37.42 -100.12 71.00
CA ILE U 418 -37.82 -98.87 71.60
C ILE U 418 -37.16 -98.58 72.95
N ASN U 419 -36.85 -99.63 73.70
CA ASN U 419 -36.45 -99.40 75.07
C ASN U 419 -35.07 -98.86 75.25
N PHE U 420 -34.23 -99.10 74.24
CA PHE U 420 -32.87 -98.58 74.26
C PHE U 420 -32.16 -98.94 75.56
N ASN U 421 -32.37 -100.18 75.98
CA ASN U 421 -31.61 -100.76 77.06
C ASN U 421 -30.39 -101.40 76.44
N LEU U 422 -29.24 -100.75 76.65
CA LEU U 422 -28.03 -101.14 75.97
C LEU U 422 -26.89 -101.23 76.97
N PRO U 423 -25.87 -102.06 76.68
CA PRO U 423 -25.62 -102.95 75.53
C PRO U 423 -26.82 -103.82 75.22
N VAL U 424 -27.15 -103.88 73.94
CA VAL U 424 -28.44 -104.38 73.51
C VAL U 424 -28.44 -105.91 73.36
N THR U 425 -29.54 -106.52 73.79
CA THR U 425 -29.76 -107.97 73.68
C THR U 425 -29.88 -108.40 72.22
N ASP U 426 -29.50 -109.64 71.90
CA ASP U 426 -29.66 -110.18 70.54
C ASP U 426 -31.13 -110.18 70.18
N ASP U 427 -31.98 -110.22 71.20
CA ASP U 427 -33.42 -110.16 70.99
C ASP U 427 -33.89 -108.73 70.72
N ASN U 428 -33.10 -107.72 71.10
CA ASN U 428 -33.58 -106.36 70.93
C ASN U 428 -32.98 -105.61 69.75
N VAL U 429 -32.20 -106.30 68.95
CA VAL U 429 -31.62 -105.66 67.80
C VAL U 429 -31.77 -106.52 66.55
N LEU U 430 -31.95 -105.86 65.42
CA LEU U 430 -32.00 -106.55 64.17
C LEU U 430 -30.81 -106.09 63.34
N LEU U 431 -29.92 -107.03 63.05
CA LEU U 431 -28.70 -106.73 62.32
C LEU U 431 -28.86 -107.10 60.86
N PRO U 432 -27.94 -106.60 60.04
CA PRO U 432 -27.85 -107.07 58.66
C PRO U 432 -27.24 -108.46 58.60
N THR U 433 -27.06 -109.06 59.76
CA THR U 433 -26.62 -110.43 59.85
C THR U 433 -27.80 -111.37 59.95
N ASP U 434 -28.80 -110.94 60.70
CA ASP U 434 -29.98 -111.75 60.95
C ASP U 434 -30.81 -111.92 59.71
N PRO U 435 -31.03 -113.18 59.33
CA PRO U 435 -31.76 -113.57 58.12
C PRO U 435 -33.22 -113.20 58.21
N ILE U 436 -33.77 -112.94 57.05
CA ILE U 436 -35.13 -112.47 56.92
C ILE U 436 -35.81 -113.48 56.08
N GLY U 437 -37.00 -113.91 56.49
CA GLY U 437 -37.69 -114.90 55.71
C GLY U 437 -36.90 -116.19 55.70
N GLY U 438 -36.05 -116.35 56.72
CA GLY U 438 -35.33 -117.59 56.90
C GLY U 438 -34.37 -117.85 55.77
N LYS U 439 -33.82 -116.79 55.21
CA LYS U 439 -32.88 -116.97 54.13
C LYS U 439 -31.53 -116.48 54.57
N THR U 440 -30.53 -117.32 54.39
CA THR U 440 -29.16 -117.01 54.78
C THR U 440 -28.61 -115.76 54.13
N GLY U 441 -28.86 -115.61 52.84
CA GLY U 441 -28.26 -114.52 52.09
C GLY U 441 -29.10 -113.27 51.99
N ILE U 442 -30.11 -113.16 52.85
CA ILE U 442 -30.97 -111.98 52.86
C ILE U 442 -31.11 -111.42 54.26
N ASN U 443 -31.01 -110.10 54.39
CA ASN U 443 -31.23 -109.42 55.67
C ASN U 443 -32.17 -108.26 55.47
N TYR U 444 -32.47 -107.52 56.53
CA TYR U 444 -33.53 -106.54 56.41
C TYR U 444 -33.12 -105.41 55.47
N THR U 445 -31.84 -105.09 55.42
CA THR U 445 -31.44 -103.96 54.60
C THR U 445 -31.69 -104.18 53.13
N ASN U 446 -31.90 -105.43 52.71
CA ASN U 446 -32.17 -105.70 51.31
C ASN U 446 -33.52 -105.18 50.85
N ILE U 447 -34.44 -104.96 51.79
CA ILE U 447 -35.77 -104.47 51.46
C ILE U 447 -36.08 -103.13 52.06
N PHE U 448 -35.08 -102.51 52.66
CA PHE U 448 -35.24 -101.31 53.47
C PHE U 448 -35.44 -100.10 52.56
N ASN U 449 -36.19 -99.13 53.06
CA ASN U 449 -36.41 -97.89 52.30
C ASN U 449 -36.61 -96.71 53.21
N THR U 450 -35.62 -95.82 53.23
CA THR U 450 -35.69 -94.64 54.09
C THR U 450 -35.82 -93.34 53.34
N TYR U 451 -36.41 -93.40 52.16
CA TYR U 451 -36.76 -92.18 51.46
C TYR U 451 -37.86 -91.55 52.25
N GLY U 452 -37.84 -90.23 52.34
CA GLY U 452 -38.79 -89.55 53.20
C GLY U 452 -38.76 -88.05 53.06
N PRO U 453 -39.65 -87.38 53.77
CA PRO U 453 -39.79 -85.94 53.63
C PRO U 453 -38.61 -85.13 54.12
N LEU U 454 -37.56 -85.76 54.63
CA LEU U 454 -36.36 -85.05 55.09
C LEU U 454 -35.17 -85.39 54.22
N THR U 455 -35.43 -86.10 53.13
CA THR U 455 -34.37 -86.61 52.31
C THR U 455 -33.78 -85.54 51.42
N ALA U 456 -32.45 -85.49 51.40
CA ALA U 456 -31.72 -84.57 50.56
C ALA U 456 -30.87 -85.37 49.57
N LEU U 457 -30.73 -84.84 48.36
CA LEU U 457 -30.14 -85.55 47.24
C LEU U 457 -29.39 -84.67 46.28
N ASN U 458 -28.45 -85.23 45.53
CA ASN U 458 -27.93 -84.55 44.36
C ASN U 458 -28.38 -85.23 43.10
N ASN U 459 -28.18 -84.55 41.98
CA ASN U 459 -28.40 -85.12 40.67
C ASN U 459 -27.17 -85.91 40.28
N VAL U 460 -27.33 -86.77 39.29
CA VAL U 460 -26.22 -87.59 38.86
C VAL U 460 -25.12 -86.75 38.31
N PRO U 461 -23.89 -87.16 38.56
CA PRO U 461 -22.73 -86.48 37.98
C PRO U 461 -22.48 -86.95 36.56
N PRO U 462 -21.98 -86.07 35.69
CA PRO U 462 -21.74 -86.46 34.31
C PRO U 462 -20.66 -87.50 34.22
N VAL U 463 -20.91 -88.53 33.44
CA VAL U 463 -19.94 -89.59 33.27
C VAL U 463 -19.27 -89.51 31.92
N TYR U 464 -18.05 -89.02 31.91
CA TYR U 464 -17.32 -88.88 30.66
C TYR U 464 -16.52 -90.11 30.31
N PRO U 465 -16.53 -90.53 29.04
CA PRO U 465 -17.19 -90.01 27.86
C PRO U 465 -18.45 -90.74 27.47
N ASN U 466 -18.75 -91.84 28.13
CA ASN U 466 -19.83 -92.69 27.66
C ASN U 466 -21.19 -92.28 28.18
N GLY U 467 -21.23 -91.28 29.04
CA GLY U 467 -22.49 -90.84 29.60
C GLY U 467 -23.42 -90.17 28.61
N GLN U 468 -24.69 -90.18 28.95
CA GLN U 468 -25.67 -89.44 28.18
C GLN U 468 -25.53 -87.99 28.64
N ILE U 469 -25.93 -87.02 27.81
CA ILE U 469 -25.84 -85.60 28.18
C ILE U 469 -27.17 -85.02 28.61
N TRP U 470 -28.15 -85.09 27.72
CA TRP U 470 -29.49 -84.66 28.06
C TRP U 470 -30.51 -85.78 27.77
N ASP U 471 -31.69 -85.68 28.37
CA ASP U 471 -32.68 -86.74 28.33
C ASP U 471 -34.07 -86.16 28.40
N LYS U 472 -35.03 -86.73 27.67
CA LYS U 472 -36.40 -86.23 27.69
C LYS U 472 -37.06 -86.46 29.05
N GLU U 473 -38.06 -85.65 29.43
CA GLU U 473 -38.72 -85.90 30.71
C GLU U 473 -39.95 -86.76 30.48
N PHE U 474 -40.26 -87.62 31.44
CA PHE U 474 -41.42 -88.50 31.33
C PHE U 474 -42.69 -87.69 31.22
N ASP U 475 -43.58 -88.08 30.33
CA ASP U 475 -44.86 -87.39 30.26
C ASP U 475 -45.85 -87.95 31.28
N THR U 476 -45.47 -88.00 32.54
CA THR U 476 -46.38 -88.44 33.56
C THR U 476 -46.90 -87.22 34.31
N ASP U 477 -48.08 -87.33 34.89
CA ASP U 477 -48.66 -86.17 35.56
C ASP U 477 -47.76 -85.69 36.69
N LEU U 478 -47.11 -86.63 37.37
CA LEU U 478 -46.10 -86.32 38.39
C LEU U 478 -44.73 -86.88 37.98
N LYS U 479 -43.66 -86.11 38.19
CA LYS U 479 -42.39 -86.44 37.53
C LYS U 479 -41.29 -86.83 38.51
N PRO U 480 -40.25 -87.48 38.01
CA PRO U 480 -39.12 -87.88 38.86
C PRO U 480 -38.25 -86.69 39.21
N ARG U 481 -37.68 -86.66 40.40
CA ARG U 481 -36.82 -85.55 40.80
C ARG U 481 -35.48 -85.56 40.07
N LEU U 482 -35.18 -86.68 39.42
CA LEU U 482 -33.98 -86.78 38.58
C LEU U 482 -33.98 -88.01 37.72
N HIS U 483 -33.01 -88.13 36.85
CA HIS U 483 -32.86 -89.34 36.07
C HIS U 483 -31.48 -89.85 36.37
N VAL U 484 -31.27 -91.13 36.21
CA VAL U 484 -29.98 -91.65 36.57
C VAL U 484 -29.13 -91.75 35.36
N ASN U 485 -29.70 -91.51 34.19
CA ASN U 485 -28.88 -91.66 32.99
C ASN U 485 -28.35 -90.36 32.44
N ALA U 486 -28.87 -89.22 32.90
CA ALA U 486 -28.40 -87.96 32.35
C ALA U 486 -28.54 -86.80 33.33
N PRO U 487 -27.62 -85.84 33.25
CA PRO U 487 -27.72 -84.74 34.20
C PRO U 487 -28.71 -83.69 33.75
N PHE U 488 -28.89 -83.50 32.45
CA PHE U 488 -29.82 -82.50 31.97
C PHE U 488 -31.12 -83.09 31.47
N VAL U 489 -32.23 -82.64 32.02
CA VAL U 489 -33.54 -83.11 31.58
C VAL U 489 -34.43 -82.01 31.02
N CYS U 490 -34.85 -82.18 29.76
CA CYS U 490 -35.72 -81.22 29.09
C CYS U 490 -37.17 -81.41 29.48
N GLN U 491 -37.68 -80.61 30.40
CA GLN U 491 -39.09 -80.71 30.69
C GLN U 491 -39.79 -79.85 29.65
N ASN U 492 -39.08 -78.82 29.20
CA ASN U 492 -39.44 -78.00 28.05
C ASN U 492 -40.02 -78.81 26.90
N ASN U 493 -39.09 -79.21 26.05
CA ASN U 493 -39.28 -79.92 24.82
C ASN U 493 -37.84 -80.28 24.49
N CYS U 494 -37.57 -81.51 24.08
CA CYS U 494 -36.19 -81.80 23.77
C CYS U 494 -35.95 -81.76 22.28
N PRO U 495 -34.69 -81.58 21.88
CA PRO U 495 -34.39 -81.60 20.47
C PRO U 495 -34.94 -82.84 19.84
N GLY U 496 -35.40 -82.74 18.62
CA GLY U 496 -35.93 -83.90 17.95
C GLY U 496 -34.84 -84.85 17.50
N GLN U 497 -35.23 -86.10 17.32
CA GLN U 497 -34.29 -87.08 16.84
C GLN U 497 -34.10 -86.96 15.34
N LEU U 498 -32.88 -87.25 14.90
CA LEU U 498 -32.52 -87.10 13.51
C LEU U 498 -32.34 -88.45 12.87
N PHE U 499 -33.11 -88.69 11.79
CA PHE U 499 -33.12 -89.98 11.09
C PHE U 499 -32.66 -89.87 9.63
N VAL U 500 -31.86 -90.83 9.19
CA VAL U 500 -31.43 -90.87 7.80
C VAL U 500 -31.82 -92.20 7.22
N LYS U 501 -31.76 -92.30 5.90
CA LYS U 501 -32.14 -93.53 5.21
C LYS U 501 -31.80 -93.43 3.73
N VAL U 502 -31.18 -94.46 3.17
CA VAL U 502 -30.85 -94.41 1.76
C VAL U 502 -32.12 -94.51 0.94
N ALA U 503 -32.25 -93.68 -0.08
CA ALA U 503 -33.44 -93.77 -0.91
C ALA U 503 -33.39 -95.02 -1.74
N PRO U 504 -34.54 -95.67 -1.88
CA PRO U 504 -34.73 -96.87 -2.70
C PRO U 504 -34.31 -96.64 -4.14
N ASN U 505 -33.22 -97.29 -4.54
CA ASN U 505 -32.64 -97.18 -5.88
C ASN U 505 -32.98 -98.34 -6.77
N LEU U 506 -34.10 -98.27 -7.46
CA LEU U 506 -34.63 -99.46 -8.10
C LEU U 506 -33.90 -99.88 -9.36
N THR U 507 -34.01 -101.17 -9.64
CA THR U 507 -33.55 -101.78 -10.87
C THR U 507 -34.63 -101.60 -11.90
N ASN U 508 -34.45 -102.14 -13.10
CA ASN U 508 -35.44 -101.93 -14.14
C ASN U 508 -36.63 -102.82 -14.01
N GLN U 509 -36.47 -103.93 -13.30
CA GLN U 509 -37.58 -104.81 -13.05
C GLN U 509 -38.14 -104.58 -11.67
N TYR U 510 -39.34 -104.03 -11.58
CA TYR U 510 -39.95 -103.87 -10.29
C TYR U 510 -41.44 -104.10 -10.40
N ASP U 511 -41.94 -105.06 -9.64
CA ASP U 511 -43.37 -105.32 -9.61
C ASP U 511 -43.80 -105.27 -8.16
N PRO U 512 -44.50 -104.20 -7.78
CA PRO U 512 -44.88 -104.02 -6.39
C PRO U 512 -45.92 -105.00 -5.90
N ASP U 513 -46.85 -105.39 -6.77
CA ASP U 513 -47.92 -106.34 -6.42
C ASP U 513 -47.43 -107.79 -6.39
N ALA U 514 -46.19 -107.99 -6.80
CA ALA U 514 -45.56 -109.31 -6.75
C ALA U 514 -45.07 -109.63 -5.35
N SER U 515 -45.31 -110.88 -4.93
CA SER U 515 -44.87 -111.41 -3.64
C SER U 515 -43.35 -111.41 -3.41
N ALA U 516 -42.57 -111.81 -4.41
CA ALA U 516 -41.11 -111.88 -4.28
C ALA U 516 -40.67 -110.52 -3.76
N ASN U 517 -39.51 -110.39 -3.14
CA ASN U 517 -39.27 -109.04 -2.70
C ASN U 517 -38.16 -108.27 -3.37
N MET U 518 -38.62 -107.06 -3.69
CA MET U 518 -37.90 -105.93 -4.20
C MET U 518 -36.43 -106.10 -4.42
N SER U 519 -36.09 -106.00 -5.69
CA SER U 519 -34.71 -106.01 -6.13
C SER U 519 -34.35 -104.54 -6.32
N ARG U 520 -33.31 -104.12 -5.60
CA ARG U 520 -32.84 -102.75 -5.57
C ARG U 520 -31.38 -102.73 -5.95
N ILE U 521 -30.93 -101.69 -6.65
CA ILE U 521 -29.50 -101.56 -6.90
C ILE U 521 -28.85 -101.39 -5.55
N VAL U 522 -27.72 -102.08 -5.33
CA VAL U 522 -27.06 -101.98 -4.05
C VAL U 522 -26.49 -100.59 -3.94
N THR U 523 -26.99 -99.87 -2.96
CA THR U 523 -26.64 -98.48 -2.80
C THR U 523 -26.30 -98.24 -1.34
N TYR U 524 -25.29 -97.39 -1.14
CA TYR U 524 -24.89 -96.93 0.18
C TYR U 524 -24.43 -95.49 0.09
N SER U 525 -24.36 -94.83 1.24
CA SER U 525 -23.98 -93.43 1.23
C SER U 525 -23.00 -92.99 2.30
N ASP U 526 -22.18 -92.02 1.93
CA ASP U 526 -21.28 -91.30 2.82
C ASP U 526 -21.75 -89.87 2.92
N PHE U 527 -21.93 -89.37 4.13
CA PHE U 527 -22.29 -87.99 4.27
C PHE U 527 -21.61 -87.46 5.52
N TRP U 528 -21.37 -86.17 5.55
CA TRP U 528 -20.70 -85.56 6.69
C TRP U 528 -21.69 -84.93 7.65
N TRP U 529 -21.39 -85.00 8.94
CA TRP U 529 -22.24 -84.44 9.97
C TRP U 529 -21.50 -83.45 10.83
N LYS U 530 -22.09 -82.30 11.07
CA LYS U 530 -21.50 -81.33 11.98
C LYS U 530 -22.51 -80.89 12.98
N GLY U 531 -22.10 -80.75 14.23
CA GLY U 531 -23.02 -80.31 15.26
C GLY U 531 -22.42 -79.18 16.07
N LYS U 532 -23.27 -78.37 16.67
CA LYS U 532 -22.79 -77.34 17.55
C LYS U 532 -23.61 -77.29 18.81
N LEU U 533 -22.95 -77.63 19.91
CA LEU U 533 -23.57 -77.66 21.21
C LEU U 533 -22.99 -76.56 22.06
N VAL U 534 -23.83 -75.66 22.57
CA VAL U 534 -23.32 -74.53 23.34
C VAL U 534 -23.67 -74.64 24.82
N PHE U 535 -22.65 -74.52 25.67
CA PHE U 535 -22.85 -74.52 27.10
C PHE U 535 -22.53 -73.14 27.62
N LYS U 536 -22.96 -72.87 28.84
CA LYS U 536 -22.59 -71.66 29.53
C LYS U 536 -22.23 -72.09 30.93
N ALA U 537 -20.99 -71.87 31.34
CA ALA U 537 -20.53 -72.36 32.62
C ALA U 537 -19.97 -71.23 33.51
N LYS U 538 -19.65 -71.55 34.76
CA LYS U 538 -19.17 -70.55 35.70
C LYS U 538 -17.89 -70.97 36.41
N LEU U 539 -16.91 -70.07 36.42
CA LEU U 539 -15.60 -70.36 36.98
C LEU U 539 -15.66 -70.46 38.48
N ARG U 540 -14.94 -71.42 39.06
CA ARG U 540 -14.92 -71.63 40.50
C ARG U 540 -13.98 -70.69 41.24
N ALA U 541 -14.09 -70.63 42.56
CA ALA U 541 -13.11 -69.86 43.32
C ALA U 541 -12.70 -70.58 44.59
N SER U 542 -11.44 -70.39 44.97
CA SER U 542 -10.87 -71.01 46.16
C SER U 542 -11.25 -70.32 47.44
N HIS U 543 -11.87 -71.04 48.36
CA HIS U 543 -12.16 -70.43 49.65
C HIS U 543 -11.52 -71.21 50.81
N THR U 544 -10.67 -72.19 50.47
CA THR U 544 -10.00 -72.98 51.52
C THR U 544 -8.50 -72.78 51.47
N TRP U 545 -7.84 -73.13 52.56
CA TRP U 545 -6.40 -72.98 52.62
C TRP U 545 -5.77 -74.01 51.73
N ASN U 546 -6.35 -75.20 51.77
CA ASN U 546 -5.80 -76.32 51.06
C ASN U 546 -6.21 -76.30 49.63
N PRO U 547 -5.39 -76.90 48.77
CA PRO U 547 -5.76 -77.13 47.38
C PRO U 547 -6.75 -78.23 47.34
N ILE U 548 -7.16 -78.66 46.15
CA ILE U 548 -8.17 -79.71 46.03
C ILE U 548 -7.87 -80.63 44.87
N GLN U 549 -8.62 -81.72 44.78
CA GLN U 549 -8.52 -82.64 43.65
C GLN U 549 -8.66 -81.97 42.29
N GLN U 550 -7.78 -82.30 41.35
CA GLN U 550 -7.95 -81.91 39.95
C GLN U 550 -7.26 -82.92 39.02
N MET U 551 -7.77 -83.12 37.80
CA MET U 551 -7.16 -84.08 36.86
C MET U 551 -5.79 -83.68 36.44
N SER U 552 -4.99 -84.68 36.09
CA SER U 552 -3.73 -84.47 35.39
C SER U 552 -3.10 -85.76 34.94
N ILE U 553 -1.88 -85.66 34.43
CA ILE U 553 -1.05 -86.83 34.33
C ILE U 553 0.24 -86.49 35.03
N ASN U 554 0.85 -87.32 35.88
CA ASN U 554 0.71 -88.76 36.18
C ASN U 554 1.53 -89.63 35.26
N VAL U 555 2.42 -90.38 35.90
CA VAL U 555 3.36 -91.24 35.21
C VAL U 555 2.69 -92.52 34.87
N ASP U 556 1.78 -92.93 35.75
CA ASP U 556 0.73 -93.86 35.40
C ASP U 556 -0.10 -93.09 34.41
N ASN U 557 -1.18 -93.68 33.89
CA ASN U 557 -2.19 -92.82 33.28
C ASN U 557 -1.75 -92.19 31.93
N GLN U 558 -0.63 -91.51 31.96
CA GLN U 558 -0.05 -90.84 30.81
C GLN U 558 -0.26 -91.48 29.43
N PHE U 559 -0.50 -92.78 29.36
CA PHE U 559 -0.48 -93.40 28.06
C PHE U 559 -1.86 -93.63 27.51
N ASN U 560 -2.87 -93.22 28.28
CA ASN U 560 -4.24 -93.34 27.83
C ASN U 560 -4.67 -92.15 26.98
N TYR U 561 -3.71 -91.30 26.63
CA TYR U 561 -4.05 -90.04 25.99
C TYR U 561 -3.28 -89.76 24.71
N VAL U 562 -2.65 -90.80 24.17
CA VAL U 562 -1.87 -90.72 22.96
C VAL U 562 -2.12 -92.00 22.17
N PRO U 563 -1.86 -92.00 20.87
CA PRO U 563 -2.03 -93.23 20.11
C PRO U 563 -0.95 -94.23 20.47
N SER U 564 -0.80 -95.25 19.64
CA SER U 564 0.14 -96.33 19.91
C SER U 564 1.17 -96.39 18.78
N ASN U 565 1.95 -97.47 18.76
CA ASN U 565 2.85 -97.75 17.64
C ASN U 565 2.13 -97.72 16.31
N ILE U 566 0.93 -98.27 16.32
CA ILE U 566 0.07 -98.22 15.16
C ILE U 566 -0.92 -97.13 15.51
N GLY U 567 -2.08 -97.12 14.87
CA GLY U 567 -3.04 -96.07 15.10
C GLY U 567 -3.86 -96.09 16.39
N GLY U 568 -3.21 -96.25 17.54
CA GLY U 568 -3.88 -96.08 18.83
C GLY U 568 -5.10 -96.96 18.87
N MET U 569 -6.12 -96.64 19.66
CA MET U 569 -6.15 -95.56 20.62
C MET U 569 -7.28 -95.85 21.58
N LYS U 570 -7.40 -95.04 22.62
CA LYS U 570 -8.19 -95.40 23.77
C LYS U 570 -8.78 -94.15 24.41
N ILE U 571 -10.02 -94.22 24.88
CA ILE U 571 -10.54 -93.13 25.68
C ILE U 571 -11.04 -93.60 27.02
N VAL U 572 -10.57 -92.98 28.08
CA VAL U 572 -10.80 -93.50 29.41
C VAL U 572 -11.76 -92.73 30.29
N TYR U 573 -12.59 -93.47 31.01
CA TYR U 573 -13.50 -92.96 32.04
C TYR U 573 -12.81 -92.00 32.98
N GLU U 574 -13.46 -90.89 33.34
CA GLU U 574 -12.76 -89.91 34.19
C GLU U 574 -13.48 -88.86 35.05
N LYS U 575 -14.52 -89.26 35.76
CA LYS U 575 -15.09 -88.44 36.82
C LYS U 575 -15.51 -87.07 36.33
N SER U 576 -15.83 -86.18 37.28
CA SER U 576 -16.36 -84.87 36.90
C SER U 576 -16.63 -83.93 38.07
N GLN U 577 -16.93 -84.45 39.24
CA GLN U 577 -17.27 -83.54 40.33
C GLN U 577 -16.11 -83.52 41.30
N LEU U 578 -14.97 -83.00 40.86
CA LEU U 578 -13.73 -83.21 41.58
C LEU U 578 -13.57 -82.33 42.80
N ALA U 579 -14.08 -81.12 42.74
CA ALA U 579 -13.85 -80.18 43.80
C ALA U 579 -14.91 -80.35 44.82
N PRO U 580 -14.56 -80.20 46.08
CA PRO U 580 -15.54 -80.30 47.15
C PRO U 580 -16.51 -79.10 47.20
N ARG U 581 -17.64 -79.28 47.85
CA ARG U 581 -18.63 -78.22 47.91
C ARG U 581 -18.79 -77.72 49.33
N LYS U 582 -19.83 -78.18 50.00
CA LYS U 582 -20.25 -77.76 51.35
C LYS U 582 -21.74 -77.89 51.39
N LEU U 583 -22.24 -78.90 52.09
CA LEU U 583 -23.67 -79.08 52.25
C LEU U 583 -24.26 -78.05 53.15
N TYR U 584 -23.63 -77.93 54.30
CA TYR U 584 -24.23 -77.25 55.41
C TYR U 584 -23.11 -76.55 56.12
N GLY V 37 -18.48 -74.88 -11.16
CA GLY V 37 -18.89 -76.28 -11.19
C GLY V 37 -17.84 -77.23 -11.73
N VAL V 38 -18.29 -78.38 -12.24
CA VAL V 38 -17.41 -79.42 -12.76
C VAL V 38 -16.49 -78.89 -13.87
N GLY V 39 -17.07 -78.47 -14.97
CA GLY V 39 -16.26 -78.11 -16.12
C GLY V 39 -15.84 -76.64 -16.14
N ILE V 40 -15.63 -76.04 -14.98
CA ILE V 40 -15.23 -74.65 -14.93
C ILE V 40 -14.04 -74.40 -14.01
N SER V 41 -12.97 -73.86 -14.57
CA SER V 41 -11.72 -73.65 -13.83
C SER V 41 -11.88 -72.64 -12.70
N THR V 42 -11.04 -72.73 -11.68
CA THR V 42 -11.17 -71.87 -10.51
C THR V 42 -9.89 -71.10 -10.19
N GLY V 43 -9.03 -70.96 -11.18
CA GLY V 43 -7.81 -70.20 -10.99
C GLY V 43 -6.95 -70.12 -12.23
N THR V 44 -5.84 -69.40 -12.12
CA THR V 44 -4.95 -69.23 -13.26
C THR V 44 -3.50 -69.41 -12.86
N PHE V 45 -2.80 -70.16 -13.70
CA PHE V 45 -1.38 -70.46 -13.54
C PHE V 45 -0.55 -69.23 -13.77
N ASN V 46 0.31 -68.94 -12.81
CA ASN V 46 1.17 -67.78 -12.96
C ASN V 46 2.48 -67.93 -12.19
N ASN V 47 3.57 -68.16 -12.90
CA ASN V 47 4.88 -68.27 -12.27
C ASN V 47 5.76 -67.17 -12.81
N GLN V 48 5.19 -65.97 -12.83
CA GLN V 48 5.77 -64.81 -13.48
C GLN V 48 6.37 -63.95 -12.38
N THR V 49 7.51 -63.33 -12.67
CA THR V 49 8.22 -62.52 -11.68
C THR V 49 8.25 -61.08 -12.10
N GLU V 50 7.58 -60.21 -11.36
CA GLU V 50 7.43 -58.82 -11.76
C GLU V 50 8.35 -57.89 -10.96
N PHE V 51 9.04 -56.99 -11.65
CA PHE V 51 9.89 -56.01 -10.97
C PHE V 51 9.33 -54.62 -11.19
N LYS V 52 8.66 -54.07 -10.20
CA LYS V 52 8.02 -52.80 -10.39
C LYS V 52 8.76 -51.74 -9.61
N PHE V 53 9.38 -50.83 -10.37
CA PHE V 53 10.24 -49.78 -9.85
C PHE V 53 9.47 -48.53 -9.46
N LEU V 54 9.79 -47.97 -8.31
CA LEU V 54 9.09 -46.81 -7.79
C LEU V 54 10.08 -45.67 -7.67
N GLU V 55 9.71 -44.60 -6.99
CA GLU V 55 10.62 -43.48 -6.82
C GLU V 55 11.55 -43.71 -5.62
N ASN V 56 12.68 -43.00 -5.65
CA ASN V 56 13.77 -43.16 -4.68
C ASN V 56 14.34 -44.57 -4.67
N GLY V 57 14.35 -45.19 -5.83
CA GLY V 57 14.97 -46.49 -6.01
C GLY V 57 14.45 -47.65 -5.19
N TRP V 58 13.18 -47.61 -4.78
CA TRP V 58 12.57 -48.77 -4.14
C TRP V 58 11.89 -49.65 -5.16
N VAL V 59 12.12 -50.95 -5.08
CA VAL V 59 11.51 -51.86 -6.03
C VAL V 59 10.52 -52.75 -5.34
N TYR V 60 9.55 -53.20 -6.11
CA TYR V 60 8.37 -53.87 -5.62
C TYR V 60 8.38 -55.22 -6.33
N ILE V 61 9.14 -56.15 -5.79
CA ILE V 61 9.32 -57.44 -6.46
C ILE V 61 8.21 -58.41 -6.14
N THR V 62 7.39 -58.72 -7.13
CA THR V 62 6.30 -59.65 -6.89
C THR V 62 6.58 -60.97 -7.54
N ALA V 63 6.97 -61.95 -6.74
CA ALA V 63 7.31 -63.26 -7.28
C ALA V 63 6.11 -64.16 -7.18
N ASN V 64 5.63 -64.58 -8.35
CA ASN V 64 4.51 -65.50 -8.41
C ASN V 64 5.02 -66.92 -8.58
N SER V 65 4.32 -67.87 -8.01
CA SER V 65 4.72 -69.27 -8.11
C SER V 65 3.50 -70.15 -8.23
N SER V 66 3.54 -71.07 -9.19
CA SER V 66 2.43 -71.97 -9.45
C SER V 66 2.96 -73.37 -9.67
N ARG V 67 2.25 -74.36 -9.18
CA ARG V 67 2.69 -75.75 -9.34
C ARG V 67 1.51 -76.67 -9.47
N LEU V 68 1.68 -77.77 -10.17
CA LEU V 68 0.71 -78.84 -10.07
C LEU V 68 1.17 -79.77 -8.96
N VAL V 69 0.26 -80.07 -8.06
CA VAL V 69 0.60 -80.82 -6.87
C VAL V 69 -0.19 -82.14 -6.85
N HIS V 70 0.50 -83.22 -6.51
CA HIS V 70 -0.03 -84.57 -6.54
C HIS V 70 -0.08 -85.16 -5.12
N LEU V 71 -1.13 -85.88 -4.76
CA LEU V 71 -1.24 -86.35 -3.40
C LEU V 71 -2.00 -87.65 -3.31
N ASN V 72 -1.42 -88.66 -2.66
CA ASN V 72 -2.11 -89.92 -2.52
C ASN V 72 -2.74 -89.99 -1.16
N MET V 73 -3.63 -90.94 -0.96
CA MET V 73 -4.31 -91.05 0.31
C MET V 73 -3.35 -91.57 1.37
N PRO V 74 -3.62 -91.27 2.65
CA PRO V 74 -2.69 -91.68 3.70
C PRO V 74 -2.59 -93.18 3.72
N GLU V 75 -1.47 -93.74 4.18
CA GLU V 75 -1.42 -95.19 4.21
C GLU V 75 -2.38 -95.65 5.32
N SER V 76 -2.63 -94.79 6.30
CA SER V 76 -3.74 -95.04 7.24
C SER V 76 -4.33 -93.75 7.76
N GLU V 77 -5.61 -93.80 8.11
CA GLU V 77 -6.33 -92.63 8.55
C GLU V 77 -6.08 -92.32 10.00
N ASN V 78 -4.97 -92.82 10.54
CA ASN V 78 -4.73 -92.68 11.97
C ASN V 78 -3.49 -91.89 12.34
N TYR V 79 -3.54 -91.31 13.54
CA TYR V 79 -2.37 -90.70 14.11
C TYR V 79 -1.60 -91.80 14.84
N ARG V 80 -0.28 -91.79 14.73
CA ARG V 80 0.54 -92.83 15.36
C ARG V 80 1.70 -92.23 16.15
N ARG V 81 1.93 -92.71 17.37
CA ARG V 81 3.14 -92.34 18.09
C ARG V 81 4.25 -93.34 17.86
N VAL V 82 5.22 -92.96 17.03
CA VAL V 82 6.29 -93.85 16.67
C VAL V 82 7.61 -93.45 17.28
N VAL V 83 8.38 -94.42 17.73
CA VAL V 83 9.72 -94.19 18.25
C VAL V 83 10.79 -94.79 17.32
N VAL V 84 11.84 -94.02 17.07
CA VAL V 84 13.03 -94.49 16.36
C VAL V 84 14.18 -94.70 17.34
N ASN V 85 14.87 -95.82 17.19
CA ASN V 85 15.95 -96.13 18.10
C ASN V 85 17.01 -96.95 17.40
N ASN V 86 18.13 -96.32 17.08
CA ASN V 86 19.26 -97.02 16.45
C ASN V 86 20.32 -97.37 17.48
N LEU V 87 20.04 -98.34 18.32
CA LEU V 87 21.07 -98.86 19.21
C LEU V 87 22.15 -99.53 18.38
N ASP V 88 21.71 -100.07 17.24
CA ASP V 88 22.58 -100.69 16.25
C ASP V 88 23.79 -99.86 15.88
N LYS V 89 23.63 -98.55 15.91
CA LYS V 89 24.71 -97.69 15.47
C LYS V 89 25.34 -96.96 16.64
N THR V 90 24.58 -96.71 17.70
CA THR V 90 25.09 -95.88 18.78
C THR V 90 25.93 -96.67 19.76
N ALA V 91 25.59 -97.95 19.91
CA ALA V 91 26.27 -98.81 20.87
C ALA V 91 27.70 -99.12 20.44
N VAL V 92 28.07 -98.60 19.28
CA VAL V 92 29.37 -98.85 18.67
C VAL V 92 30.53 -98.21 19.44
N ASN V 93 30.23 -97.18 20.23
CA ASN V 93 31.22 -96.44 21.00
C ASN V 93 32.10 -95.67 20.02
N GLY V 94 32.04 -94.36 20.11
CA GLY V 94 32.70 -93.52 19.12
C GLY V 94 31.70 -93.15 18.05
N ASN V 95 30.46 -93.63 18.21
CA ASN V 95 29.43 -93.32 17.26
C ASN V 95 28.29 -92.50 17.85
N MET V 96 28.56 -91.74 18.91
CA MET V 96 27.52 -90.99 19.59
C MET V 96 26.82 -90.02 18.66
N ALA V 97 27.60 -89.40 17.79
CA ALA V 97 27.07 -88.40 16.86
C ALA V 97 26.09 -88.94 15.82
N LEU V 98 25.97 -90.25 15.71
CA LEU V 98 25.09 -90.80 14.69
C LEU V 98 23.74 -91.14 15.27
N ASP V 99 23.45 -90.53 16.41
CA ASP V 99 22.20 -90.78 17.10
C ASP V 99 20.99 -90.32 16.32
N ASP V 100 19.99 -91.19 16.22
CA ASP V 100 18.73 -90.83 15.57
C ASP V 100 17.55 -91.05 16.49
N THR V 101 17.81 -91.29 17.77
CA THR V 101 16.74 -91.71 18.65
C THR V 101 15.76 -90.60 18.89
N HIS V 102 14.50 -90.82 18.53
CA HIS V 102 13.52 -89.80 18.76
C HIS V 102 12.10 -90.33 18.68
N ALA V 103 11.15 -89.53 19.12
CA ALA V 103 9.74 -89.88 19.06
C ALA V 103 9.00 -88.88 18.18
N GLU V 104 7.91 -89.33 17.62
CA GLU V 104 7.31 -88.66 16.50
C GLU V 104 5.84 -89.02 16.41
N ILE V 105 5.02 -88.04 16.07
CA ILE V 105 3.61 -88.30 15.80
C ILE V 105 3.40 -88.31 14.30
N VAL V 106 2.93 -89.42 13.76
CA VAL V 106 2.74 -89.50 12.32
C VAL V 106 1.29 -89.22 11.98
N THR V 107 1.07 -88.23 11.14
CA THR V 107 -0.27 -87.77 10.85
C THR V 107 -0.65 -88.16 9.45
N PRO V 108 -1.95 -88.36 9.22
CA PRO V 108 -2.46 -88.67 7.88
C PRO V 108 -2.52 -87.44 7.00
N TRP V 109 -1.94 -86.34 7.49
CA TRP V 109 -1.99 -85.11 6.77
C TRP V 109 -0.70 -84.87 6.03
N SER V 110 -0.77 -84.14 4.93
CA SER V 110 0.42 -83.73 4.23
C SER V 110 0.59 -82.22 4.37
N LEU V 111 1.84 -81.78 4.29
CA LEU V 111 2.16 -80.37 4.47
C LEU V 111 2.62 -79.72 3.18
N VAL V 112 2.01 -78.59 2.85
CA VAL V 112 2.42 -77.78 1.71
C VAL V 112 3.29 -76.58 2.09
N ASP V 113 4.61 -76.78 2.00
CA ASP V 113 5.59 -75.75 2.33
C ASP V 113 6.32 -75.25 1.08
N ALA V 114 6.29 -73.93 0.85
CA ALA V 114 6.96 -73.32 -0.29
C ALA V 114 7.99 -72.34 0.20
N ASN V 115 8.39 -72.53 1.44
CA ASN V 115 9.35 -71.69 2.09
C ASN V 115 10.75 -72.07 1.66
N ALA V 116 11.14 -71.67 0.45
CA ALA V 116 12.49 -71.88 -0.07
C ALA V 116 12.72 -71.01 -1.31
N TRP V 117 13.89 -70.40 -1.45
CA TRP V 117 14.15 -69.44 -2.52
C TRP V 117 13.90 -70.03 -3.90
N GLY V 118 14.15 -71.32 -4.03
CA GLY V 118 14.01 -71.98 -5.32
C GLY V 118 12.59 -72.13 -5.81
N VAL V 119 11.64 -71.95 -4.90
CA VAL V 119 10.24 -72.08 -5.23
C VAL V 119 9.83 -70.86 -6.02
N TRP V 120 10.54 -69.76 -5.79
CA TRP V 120 10.08 -68.46 -6.24
C TRP V 120 10.91 -67.81 -7.34
N PHE V 121 12.20 -68.08 -7.36
CA PHE V 121 13.03 -67.41 -8.34
C PHE V 121 13.81 -68.37 -9.19
N ASN V 122 13.90 -68.04 -10.48
CA ASN V 122 14.79 -68.74 -11.38
C ASN V 122 16.17 -68.09 -11.26
N PRO V 123 17.21 -68.73 -11.84
CA PRO V 123 18.51 -68.08 -11.70
C PRO V 123 18.56 -66.66 -12.24
N GLY V 124 17.98 -66.43 -13.41
CA GLY V 124 18.01 -65.11 -14.01
C GLY V 124 17.48 -64.05 -13.07
N ASP V 125 16.37 -64.37 -12.41
CA ASP V 125 15.77 -63.48 -11.41
C ASP V 125 16.75 -63.18 -10.32
N TRP V 126 17.36 -64.23 -9.77
CA TRP V 126 18.29 -64.08 -8.66
C TRP V 126 19.50 -63.25 -9.07
N GLN V 127 19.95 -63.44 -10.30
CA GLN V 127 21.05 -62.66 -10.83
C GLN V 127 20.71 -61.21 -10.71
N LEU V 128 19.53 -60.88 -11.18
CA LEU V 128 19.10 -59.51 -11.19
C LEU V 128 19.11 -58.94 -9.79
N ILE V 129 18.47 -59.65 -8.88
CA ILE V 129 18.32 -59.19 -7.54
C ILE V 129 19.65 -58.92 -6.86
N VAL V 130 20.50 -59.93 -6.88
CA VAL V 130 21.76 -59.94 -6.15
C VAL V 130 22.81 -58.96 -6.71
N ASN V 131 22.81 -58.75 -8.02
CA ASN V 131 23.79 -57.88 -8.59
C ASN V 131 23.42 -56.44 -8.39
N THR V 132 22.13 -56.16 -8.33
CA THR V 132 21.69 -54.78 -8.48
C THR V 132 21.08 -54.16 -7.24
N MET V 133 20.71 -54.96 -6.24
CA MET V 133 20.04 -54.37 -5.08
C MET V 133 20.72 -54.60 -3.73
N SER V 134 20.61 -53.62 -2.85
CA SER V 134 21.43 -53.55 -1.64
C SER V 134 20.80 -54.17 -0.41
N GLU V 135 19.47 -54.15 -0.35
CA GLU V 135 18.75 -54.77 0.75
C GLU V 135 17.43 -55.29 0.23
N LEU V 136 16.69 -55.97 1.09
CA LEU V 136 15.52 -56.73 0.68
C LEU V 136 14.47 -56.83 1.78
N HIS V 137 13.25 -56.35 1.58
CA HIS V 137 12.25 -56.58 2.64
C HIS V 137 11.20 -57.60 2.27
N LEU V 138 10.74 -58.31 3.28
CA LEU V 138 9.69 -59.30 3.10
C LEU V 138 8.37 -58.62 3.45
N VAL V 139 7.51 -58.46 2.46
CA VAL V 139 6.31 -57.69 2.64
C VAL V 139 5.05 -58.48 2.85
N SER V 140 4.73 -59.34 1.89
CA SER V 140 3.47 -60.03 1.94
C SER V 140 3.51 -61.40 1.26
N PHE V 141 2.53 -62.23 1.61
CA PHE V 141 2.48 -63.60 1.15
C PHE V 141 1.08 -64.16 1.12
N GLU V 142 0.62 -64.59 -0.05
CA GLU V 142 -0.70 -65.17 -0.17
C GLU V 142 -0.61 -66.42 -1.04
N GLN V 143 -1.58 -67.32 -0.90
CA GLN V 143 -1.58 -68.55 -1.70
C GLN V 143 -2.98 -69.12 -1.88
N GLU V 144 -3.20 -69.89 -2.94
CA GLU V 144 -4.49 -70.52 -3.19
C GLU V 144 -4.39 -71.91 -3.84
N ILE V 145 -5.47 -72.65 -3.74
CA ILE V 145 -5.54 -73.99 -4.30
C ILE V 145 -6.68 -74.02 -5.29
N PHE V 146 -6.41 -74.49 -6.50
CA PHE V 146 -7.46 -74.45 -7.50
C PHE V 146 -7.37 -75.58 -8.49
N ASN V 147 -8.42 -75.70 -9.30
CA ASN V 147 -8.59 -76.74 -10.28
C ASN V 147 -8.28 -78.07 -9.64
N VAL V 148 -8.98 -78.32 -8.53
CA VAL V 148 -8.82 -79.56 -7.81
C VAL V 148 -9.42 -80.72 -8.62
N VAL V 149 -8.73 -81.87 -8.61
CA VAL V 149 -9.21 -83.09 -9.28
C VAL V 149 -9.02 -84.31 -8.42
N LEU V 150 -10.05 -85.13 -8.34
CA LEU V 150 -9.91 -86.37 -7.63
C LEU V 150 -10.25 -87.51 -8.55
N LYS V 151 -9.40 -88.52 -8.54
CA LYS V 151 -9.56 -89.73 -9.33
C LYS V 151 -9.42 -90.98 -8.47
N THR V 152 -10.14 -92.04 -8.83
CA THR V 152 -9.97 -93.33 -8.19
C THR V 152 -9.24 -94.25 -9.14
N VAL V 153 -8.28 -95.02 -8.63
CA VAL V 153 -7.58 -95.98 -9.48
C VAL V 153 -8.60 -97.04 -9.75
N SER V 154 -8.53 -98.10 -8.96
CA SER V 154 -9.56 -99.11 -8.99
C SER V 154 -9.84 -99.66 -10.40
N GLU V 155 -9.02 -100.59 -10.91
CA GLU V 155 -8.07 -101.47 -10.22
C GLU V 155 -8.01 -102.69 -11.08
N SER V 156 -7.99 -102.45 -12.38
CA SER V 156 -7.64 -103.38 -13.45
C SER V 156 -8.87 -103.66 -14.31
N ALA V 157 -8.77 -104.73 -15.12
CA ALA V 157 -9.80 -105.20 -16.07
C ALA V 157 -9.56 -104.56 -17.45
N THR V 158 -9.09 -105.34 -18.44
CA THR V 158 -8.72 -106.76 -18.32
C THR V 158 -7.72 -107.19 -19.37
N GLN V 159 -6.94 -108.21 -19.05
CA GLN V 159 -5.84 -108.74 -19.88
C GLN V 159 -4.74 -107.70 -20.11
N PRO V 160 -3.52 -108.01 -19.61
CA PRO V 160 -3.11 -109.13 -18.76
C PRO V 160 -3.11 -108.96 -17.21
N PRO V 161 -3.75 -107.95 -16.60
CA PRO V 161 -4.62 -106.87 -17.07
C PRO V 161 -3.95 -105.51 -17.18
N THR V 162 -4.70 -104.46 -16.89
CA THR V 162 -4.23 -103.08 -17.00
C THR V 162 -4.82 -102.33 -15.84
N LYS V 163 -4.39 -101.13 -15.52
CA LYS V 163 -5.06 -100.41 -14.43
C LYS V 163 -5.85 -99.30 -15.09
N VAL V 164 -6.86 -98.78 -14.42
CA VAL V 164 -7.72 -97.76 -15.02
C VAL V 164 -8.11 -96.72 -14.02
N TYR V 165 -8.10 -95.47 -14.44
CA TYR V 165 -8.34 -94.34 -13.56
C TYR V 165 -9.58 -93.54 -13.95
N ASN V 166 -10.52 -93.45 -13.02
CA ASN V 166 -11.74 -92.68 -13.23
C ASN V 166 -11.83 -91.50 -12.28
N ASN V 167 -12.55 -90.46 -12.69
CA ASN V 167 -12.84 -89.32 -11.82
C ASN V 167 -13.91 -89.61 -10.79
N ASP V 168 -13.67 -89.23 -9.54
CA ASP V 168 -14.73 -89.20 -8.54
C ASP V 168 -15.18 -87.76 -8.38
N LEU V 169 -16.26 -87.39 -9.06
CA LEU V 169 -16.61 -85.99 -9.08
C LEU V 169 -17.06 -85.51 -7.72
N THR V 170 -17.85 -86.32 -7.03
CA THR V 170 -18.35 -85.92 -5.73
C THR V 170 -17.30 -86.04 -4.65
N ALA V 171 -16.11 -86.51 -4.99
CA ALA V 171 -15.07 -86.67 -3.99
C ALA V 171 -14.43 -85.36 -3.57
N SER V 172 -13.86 -85.36 -2.38
CA SER V 172 -13.35 -84.14 -1.75
C SER V 172 -11.90 -84.21 -1.36
N LEU V 173 -11.26 -83.05 -1.42
CA LEU V 173 -9.92 -82.82 -0.90
C LEU V 173 -10.01 -81.96 0.34
N MET V 174 -9.42 -82.41 1.44
CA MET V 174 -9.45 -81.66 2.68
C MET V 174 -8.31 -80.65 2.72
N VAL V 175 -8.63 -79.41 3.02
CA VAL V 175 -7.62 -78.38 3.12
C VAL V 175 -7.78 -77.65 4.42
N ALA V 176 -6.67 -77.41 5.11
CA ALA V 176 -6.71 -76.75 6.41
C ALA V 176 -5.59 -75.76 6.54
N LEU V 177 -5.91 -74.54 6.96
CA LEU V 177 -4.89 -73.52 7.12
C LEU V 177 -4.77 -73.13 8.58
N ASP V 178 -3.61 -73.38 9.21
CA ASP V 178 -3.45 -73.10 10.64
C ASP V 178 -3.02 -71.68 10.85
N SER V 179 -3.92 -70.74 10.60
CA SER V 179 -3.51 -69.35 10.56
C SER V 179 -3.21 -68.81 11.95
N ASN V 180 -3.61 -69.54 12.99
CA ASN V 180 -3.26 -69.17 14.36
C ASN V 180 -1.94 -69.72 14.83
N ASN V 181 -1.27 -70.46 13.96
CA ASN V 181 -0.06 -71.15 14.35
C ASN V 181 -0.26 -71.92 15.61
N THR V 182 -1.35 -72.69 15.66
CA THR V 182 -1.66 -73.53 16.80
C THR V 182 -0.71 -74.70 16.89
N MET V 183 -0.16 -75.07 15.75
CA MET V 183 0.54 -76.34 15.65
C MET V 183 2.00 -76.21 15.38
N PRO V 184 2.77 -77.25 15.75
CA PRO V 184 4.22 -77.12 15.74
C PRO V 184 4.72 -76.68 14.39
N PHE V 185 5.68 -75.76 14.39
CA PHE V 185 6.21 -75.25 13.15
C PHE V 185 7.26 -76.22 12.62
N THR V 186 7.05 -76.70 11.39
CA THR V 186 7.96 -77.68 10.81
C THR V 186 8.36 -77.26 9.40
N PRO V 187 9.32 -76.33 9.28
CA PRO V 187 9.75 -75.88 7.96
C PRO V 187 10.39 -76.99 7.17
N ALA V 188 9.91 -77.23 5.95
CA ALA V 188 10.33 -78.39 5.18
C ALA V 188 11.63 -78.17 4.47
N ALA V 189 12.12 -76.95 4.50
CA ALA V 189 13.35 -76.66 3.80
C ALA V 189 14.53 -77.42 4.44
N MET V 190 14.41 -77.76 5.72
CA MET V 190 15.49 -78.39 6.46
C MET V 190 15.77 -79.82 6.04
N ARG V 191 14.81 -80.42 5.36
CA ARG V 191 14.93 -81.80 4.96
C ARG V 191 14.83 -81.83 3.45
N SER V 192 15.03 -80.68 2.84
CA SER V 192 14.89 -80.51 1.40
C SER V 192 13.61 -81.12 0.90
N GLU V 193 12.50 -80.78 1.54
CA GLU V 193 11.20 -81.39 1.25
C GLU V 193 10.11 -80.34 0.97
N THR V 194 10.51 -79.28 0.27
CA THR V 194 9.63 -78.20 -0.13
C THR V 194 8.99 -78.51 -1.47
N LEU V 195 8.35 -77.54 -2.09
CA LEU V 195 7.81 -77.79 -3.42
C LEU V 195 8.92 -77.83 -4.46
N GLY V 196 8.62 -78.33 -5.65
CA GLY V 196 9.61 -78.39 -6.71
C GLY V 196 10.08 -77.00 -7.11
N PHE V 197 11.28 -76.90 -7.68
CA PHE V 197 11.81 -75.61 -8.08
C PHE V 197 11.58 -75.33 -9.56
N TYR V 198 10.92 -76.26 -10.24
CA TYR V 198 10.70 -76.13 -11.66
C TYR V 198 9.21 -75.98 -11.87
N PRO V 199 8.80 -74.94 -12.60
CA PRO V 199 7.43 -74.61 -12.95
C PRO V 199 6.76 -75.65 -13.83
N TRP V 200 7.50 -76.24 -14.76
CA TRP V 200 6.91 -77.16 -15.74
C TRP V 200 6.97 -78.59 -15.26
N LYS V 201 7.53 -78.79 -14.08
CA LYS V 201 7.57 -80.11 -13.48
C LYS V 201 6.64 -80.17 -12.27
N PRO V 202 5.69 -81.12 -12.29
CA PRO V 202 4.76 -81.36 -11.19
C PRO V 202 5.50 -81.68 -9.91
N THR V 203 4.80 -81.67 -8.79
CA THR V 203 5.46 -81.84 -7.49
C THR V 203 4.54 -82.46 -6.49
N ILE V 204 5.00 -82.57 -5.25
CA ILE V 204 4.22 -83.20 -4.20
C ILE V 204 4.54 -82.50 -2.91
N PRO V 205 3.62 -82.56 -1.94
CA PRO V 205 3.84 -82.15 -0.54
C PRO V 205 4.54 -83.22 0.26
N THR V 206 4.76 -83.03 1.55
CA THR V 206 5.35 -84.11 2.33
C THR V 206 4.48 -84.46 3.48
N PRO V 207 4.47 -85.74 3.82
CA PRO V 207 3.63 -86.21 4.92
C PRO V 207 3.96 -85.45 6.17
N TRP V 208 2.97 -84.93 6.86
CA TRP V 208 3.27 -84.16 8.04
C TRP V 208 3.49 -85.06 9.28
N ARG V 209 4.41 -84.65 10.15
CA ARG V 209 4.82 -85.43 11.32
C ARG V 209 5.48 -84.50 12.31
N TYR V 210 5.38 -84.74 13.61
CA TYR V 210 5.98 -83.79 14.53
C TYR V 210 6.54 -84.43 15.77
N TYR V 211 7.41 -83.70 16.45
CA TYR V 211 8.14 -84.26 17.57
C TYR V 211 7.25 -84.45 18.79
N PHE V 212 7.39 -85.61 19.41
CA PHE V 212 6.68 -85.97 20.63
C PHE V 212 7.72 -86.12 21.70
N GLN V 213 7.48 -85.68 22.93
CA GLN V 213 8.57 -85.62 23.92
C GLN V 213 9.11 -86.99 24.30
N TRP V 214 10.40 -87.05 24.61
CA TRP V 214 10.99 -88.27 25.10
C TRP V 214 12.20 -87.97 25.99
N ASP V 215 12.37 -88.70 27.10
CA ASP V 215 13.60 -88.65 27.91
C ASP V 215 14.63 -89.64 27.35
N ARG V 216 15.92 -89.33 27.49
CA ARG V 216 16.96 -90.07 26.77
C ARG V 216 18.37 -89.74 27.23
N THR V 217 19.15 -90.77 27.53
CA THR V 217 20.53 -90.56 27.94
C THR V 217 21.48 -91.29 27.02
N LEU V 218 22.59 -90.66 26.69
CA LEU V 218 23.62 -91.28 25.89
C LEU V 218 24.97 -90.74 26.26
N ILE V 219 25.78 -91.58 26.90
CA ILE V 219 27.12 -91.19 27.33
C ILE V 219 28.12 -91.34 26.21
N PRO V 220 28.92 -90.29 25.98
CA PRO V 220 29.91 -90.32 24.91
C PRO V 220 31.02 -91.31 25.22
N SER V 221 31.78 -91.68 24.20
CA SER V 221 32.76 -92.73 24.30
C SER V 221 33.65 -92.73 23.08
N HIS V 222 34.69 -93.54 23.10
CA HIS V 222 35.57 -93.68 21.95
C HIS V 222 35.79 -95.14 21.67
N THR V 223 36.57 -95.44 20.62
CA THR V 223 36.80 -96.82 20.23
C THR V 223 37.47 -97.61 21.34
N GLY V 224 38.43 -97.00 22.02
CA GLY V 224 39.11 -97.69 23.09
C GLY V 224 38.26 -97.98 24.31
N THR V 225 37.32 -97.09 24.62
CA THR V 225 36.50 -97.29 25.81
C THR V 225 35.77 -98.60 25.66
N SER V 226 35.94 -99.50 26.60
CA SER V 226 35.11 -100.69 26.60
C SER V 226 34.35 -100.83 27.88
N GLY V 227 33.57 -101.89 27.93
CA GLY V 227 32.44 -101.97 28.84
C GLY V 227 31.37 -101.36 27.94
N THR V 228 30.18 -101.15 28.47
CA THR V 228 29.12 -100.53 27.68
C THR V 228 28.66 -99.20 28.29
N PRO V 229 28.97 -98.07 27.63
CA PRO V 229 28.58 -96.75 28.12
C PRO V 229 27.06 -96.62 28.09
N THR V 230 26.44 -96.07 29.14
CA THR V 230 24.98 -96.11 29.26
C THR V 230 24.29 -95.42 28.07
N ASN V 231 23.34 -96.12 27.48
CA ASN V 231 22.69 -95.71 26.25
C ASN V 231 21.24 -96.14 26.23
N ILE V 232 20.39 -95.38 26.90
CA ILE V 232 19.03 -95.83 27.18
C ILE V 232 17.96 -94.83 26.73
N TYR V 233 16.78 -95.35 26.42
CA TYR V 233 15.60 -94.54 26.11
C TYR V 233 14.68 -94.64 27.31
N HIS V 234 14.62 -93.59 28.11
CA HIS V 234 13.87 -93.65 29.37
C HIS V 234 12.36 -93.67 29.21
N GLY V 235 11.85 -92.98 28.20
CA GLY V 235 10.42 -92.97 28.01
C GLY V 235 9.85 -91.62 27.66
N THR V 236 8.83 -91.20 28.38
CA THR V 236 8.17 -89.96 28.05
C THR V 236 7.75 -89.19 29.31
N ASP V 237 8.27 -87.97 29.46
CA ASP V 237 7.96 -87.09 30.59
C ASP V 237 6.48 -86.72 30.52
N PRO V 238 5.65 -87.25 31.44
CA PRO V 238 4.22 -86.98 31.27
C PRO V 238 3.89 -85.49 31.31
N ASP V 239 4.67 -84.67 32.00
CA ASP V 239 4.37 -83.26 32.12
C ASP V 239 4.59 -82.48 30.82
N ASP V 240 5.16 -83.17 29.83
CA ASP V 240 5.54 -82.52 28.57
C ASP V 240 4.79 -83.12 27.37
N VAL V 241 3.70 -83.84 27.61
CA VAL V 241 3.02 -84.55 26.52
C VAL V 241 2.07 -83.66 25.74
N GLN V 242 2.29 -83.51 24.44
CA GLN V 242 1.34 -82.76 23.60
C GLN V 242 0.95 -83.49 22.33
N PHE V 243 -0.25 -84.03 22.29
CA PHE V 243 -0.75 -84.68 21.09
C PHE V 243 -1.66 -83.73 20.35
N TYR V 244 -1.19 -83.22 19.21
CA TYR V 244 -1.96 -82.26 18.44
C TYR V 244 -2.64 -82.97 17.31
N THR V 245 -3.85 -82.54 16.94
CA THR V 245 -4.51 -83.02 15.74
C THR V 245 -4.94 -81.84 14.91
N ILE V 246 -4.90 -81.98 13.61
CA ILE V 246 -5.43 -80.96 12.73
C ILE V 246 -6.89 -80.73 13.07
N GLU V 247 -7.61 -81.81 13.29
CA GLU V 247 -9.05 -81.78 13.44
C GLU V 247 -9.57 -80.91 14.58
N ASN V 248 -8.93 -80.98 15.73
CA ASN V 248 -9.39 -80.26 16.91
C ASN V 248 -8.90 -78.85 17.00
N SER V 249 -8.05 -78.45 16.07
CA SER V 249 -7.42 -77.15 16.16
C SER V 249 -7.80 -76.24 15.03
N VAL V 250 -8.06 -76.82 13.86
CA VAL V 250 -8.19 -76.01 12.65
C VAL V 250 -9.49 -76.26 11.87
N PRO V 251 -10.13 -75.18 11.40
CA PRO V 251 -11.29 -75.44 10.58
C PRO V 251 -10.89 -76.02 9.26
N VAL V 252 -11.50 -77.13 8.89
CA VAL V 252 -11.16 -77.87 7.69
C VAL V 252 -12.13 -77.67 6.56
N HIS V 253 -11.62 -77.32 5.39
CA HIS V 253 -12.45 -77.09 4.23
C HIS V 253 -12.48 -78.29 3.35
N LEU V 254 -13.65 -78.70 2.90
CA LEU V 254 -13.69 -79.77 1.93
C LEU V 254 -13.79 -79.16 0.54
N LEU V 255 -12.84 -79.44 -0.34
CA LEU V 255 -12.90 -78.93 -1.71
C LEU V 255 -13.21 -79.99 -2.74
N ARG V 256 -14.32 -79.84 -3.46
CA ARG V 256 -14.55 -80.70 -4.61
C ARG V 256 -14.01 -80.04 -5.88
N THR V 257 -14.23 -80.64 -7.04
CA THR V 257 -13.59 -80.18 -8.27
C THR V 257 -13.75 -78.70 -8.53
N GLY V 258 -15.01 -78.28 -8.44
CA GLY V 258 -15.42 -76.93 -8.76
C GLY V 258 -15.19 -75.96 -7.62
N ASP V 259 -14.60 -76.45 -6.53
CA ASP V 259 -14.29 -75.57 -5.43
C ASP V 259 -12.87 -75.01 -5.54
N GLU V 260 -12.63 -73.92 -4.82
CA GLU V 260 -11.32 -73.31 -4.74
C GLU V 260 -11.15 -72.76 -3.34
N PHE V 261 -9.91 -72.69 -2.88
CA PHE V 261 -9.62 -72.18 -1.54
C PHE V 261 -8.47 -71.23 -1.61
N ALA V 262 -8.68 -70.00 -1.12
CA ALA V 262 -7.59 -69.04 -1.09
C ALA V 262 -7.44 -68.42 0.28
N THR V 263 -6.22 -68.17 0.70
CA THR V 263 -5.98 -67.52 1.96
C THR V 263 -5.92 -66.04 1.74
N GLY V 264 -5.85 -65.28 2.83
CA GLY V 264 -5.75 -63.85 2.71
C GLY V 264 -4.37 -63.44 2.24
N THR V 265 -4.06 -62.16 2.39
CA THR V 265 -2.70 -61.72 2.23
C THR V 265 -2.12 -61.45 3.60
N PHE V 266 -1.11 -62.22 3.95
CA PHE V 266 -0.45 -62.05 5.23
C PHE V 266 0.64 -61.01 5.06
N PHE V 267 0.69 -60.04 5.96
CA PHE V 267 1.72 -59.01 5.91
C PHE V 267 2.77 -59.21 6.96
N PHE V 268 4.03 -59.23 6.54
CA PHE V 268 5.12 -59.52 7.46
C PHE V 268 5.55 -58.32 8.24
N ASP V 269 6.37 -58.56 9.26
CA ASP V 269 7.15 -57.50 9.84
C ASP V 269 8.45 -58.10 10.35
N CYS V 270 9.54 -57.72 9.71
CA CYS V 270 10.87 -58.17 10.09
C CYS V 270 11.88 -57.09 9.76
N LYS V 271 13.14 -57.35 10.10
CA LYS V 271 14.22 -56.43 9.77
C LYS V 271 14.53 -56.57 8.30
N PRO V 272 15.28 -55.62 7.75
CA PRO V 272 15.73 -55.82 6.38
C PRO V 272 16.84 -56.86 6.33
N CYS V 273 16.86 -57.58 5.22
CA CYS V 273 17.95 -58.46 4.89
C CYS V 273 18.84 -57.72 3.91
N ARG V 274 20.14 -57.69 4.17
CA ARG V 274 21.04 -56.90 3.36
C ARG V 274 21.71 -57.77 2.32
N LEU V 275 22.00 -57.23 1.16
CA LEU V 275 22.65 -58.02 0.13
C LEU V 275 24.06 -57.54 -0.16
N THR V 276 24.76 -57.10 0.88
CA THR V 276 26.16 -56.71 0.78
C THR V 276 26.94 -57.34 1.91
N HIS V 277 28.17 -57.75 1.62
CA HIS V 277 29.03 -58.38 2.61
C HIS V 277 30.08 -57.43 3.14
N THR V 278 30.46 -57.60 4.39
CA THR V 278 31.50 -56.80 4.97
C THR V 278 32.79 -57.59 4.96
N TRP V 279 33.88 -56.93 4.63
CA TRP V 279 35.16 -57.62 4.46
C TRP V 279 36.16 -57.33 5.53
N GLN V 280 35.85 -56.37 6.38
CA GLN V 280 36.80 -55.89 7.35
C GLN V 280 36.72 -56.74 8.60
N THR V 281 37.89 -57.17 9.06
CA THR V 281 38.06 -57.78 10.37
C THR V 281 38.66 -56.74 11.27
N ASN V 282 38.85 -57.08 12.54
CA ASN V 282 39.44 -56.14 13.50
C ASN V 282 40.73 -55.54 12.99
N ARG V 283 41.46 -56.28 12.17
CA ARG V 283 42.79 -55.87 11.75
C ARG V 283 42.72 -54.74 10.75
N ALA V 284 41.50 -54.43 10.34
CA ALA V 284 41.26 -53.38 9.36
C ALA V 284 40.14 -52.48 9.78
N LEU V 285 40.15 -52.06 11.04
CA LEU V 285 39.19 -51.08 11.52
C LEU V 285 39.89 -49.82 11.93
N GLY V 286 39.69 -48.76 11.18
CA GLY V 286 40.14 -47.47 11.65
C GLY V 286 41.33 -46.93 10.89
N LEU V 287 42.09 -46.10 11.58
CA LEU V 287 43.17 -45.38 10.94
C LEU V 287 44.44 -46.20 10.85
N PRO V 288 44.87 -46.48 9.63
CA PRO V 288 46.12 -47.22 9.44
C PRO V 288 47.32 -46.44 9.94
N PRO V 289 48.38 -47.13 10.33
CA PRO V 289 49.57 -46.50 10.90
C PRO V 289 50.34 -45.77 9.82
N PHE V 290 50.88 -44.59 10.17
CA PHE V 290 51.52 -43.72 9.18
C PHE V 290 52.85 -44.26 8.72
N LEU V 291 53.02 -44.30 7.40
CA LEU V 291 54.26 -44.81 6.81
C LEU V 291 55.30 -43.73 6.56
N ASN V 292 56.44 -43.82 7.26
CA ASN V 292 57.49 -42.83 7.09
C ASN V 292 58.43 -43.15 5.96
N SER V 293 58.29 -44.33 5.39
CA SER V 293 59.09 -44.72 4.24
C SER V 293 58.23 -45.33 3.17
N LEU V 294 57.96 -44.58 2.12
CA LEU V 294 57.16 -45.10 1.02
C LEU V 294 58.07 -45.62 -0.08
N PRO V 295 57.63 -46.70 -0.74
CA PRO V 295 58.35 -47.35 -1.83
C PRO V 295 58.61 -46.43 -2.97
N GLN V 296 59.63 -46.71 -3.77
CA GLN V 296 59.98 -45.85 -4.87
C GLN V 296 60.13 -46.64 -6.17
N SER V 297 59.74 -47.90 -6.17
CA SER V 297 59.60 -48.66 -7.41
C SER V 297 58.44 -49.65 -7.35
N GLU V 298 57.81 -49.90 -8.51
CA GLU V 298 56.69 -50.84 -8.55
C GLU V 298 57.26 -52.23 -8.35
N GLY V 299 56.40 -53.20 -8.06
CA GLY V 299 56.89 -54.55 -7.85
C GLY V 299 56.21 -55.31 -6.74
N GLY V 300 56.75 -56.48 -6.44
CA GLY V 300 56.08 -57.43 -5.58
C GLY V 300 56.68 -57.54 -4.20
N THR V 301 57.85 -56.96 -4.00
CA THR V 301 58.46 -57.01 -2.68
C THR V 301 58.92 -55.63 -2.25
N ASN V 302 58.48 -54.62 -3.00
CA ASN V 302 58.76 -53.23 -2.66
C ASN V 302 57.84 -52.71 -1.58
N PHE V 303 58.08 -53.15 -0.36
CA PHE V 303 57.22 -52.82 0.75
C PHE V 303 57.39 -51.39 1.26
N GLY V 304 56.41 -50.92 2.01
CA GLY V 304 56.51 -49.67 2.73
C GLY V 304 56.81 -50.01 4.18
N TYR V 305 57.38 -49.06 4.90
CA TYR V 305 57.82 -49.32 6.27
C TYR V 305 57.27 -48.26 7.17
N ILE V 306 56.72 -48.67 8.30
CA ILE V 306 56.19 -47.72 9.26
C ILE V 306 57.28 -46.75 9.66
N GLY V 307 58.41 -47.29 10.08
CA GLY V 307 59.54 -46.46 10.35
C GLY V 307 59.58 -45.90 11.75
N VAL V 308 58.98 -46.61 12.70
CA VAL V 308 59.10 -46.25 14.09
C VAL V 308 59.28 -47.49 14.93
N GLN V 309 60.19 -47.45 15.90
CA GLN V 309 60.40 -48.59 16.76
C GLN V 309 59.09 -48.99 17.39
N GLN V 310 58.81 -50.28 17.34
CA GLN V 310 57.54 -50.80 17.82
C GLN V 310 57.29 -50.49 19.29
N ASP V 311 58.33 -50.11 20.04
CA ASP V 311 58.11 -49.78 21.43
C ASP V 311 58.16 -48.27 21.69
N LYS V 312 58.36 -47.49 20.63
CA LYS V 312 58.43 -46.05 20.75
C LYS V 312 57.32 -45.38 19.97
N ARG V 313 56.23 -46.11 19.76
CA ARG V 313 55.12 -45.62 18.95
C ARG V 313 54.06 -44.98 19.81
N ARG V 314 53.28 -44.11 19.18
CA ARG V 314 52.19 -43.43 19.84
C ARG V 314 50.89 -44.16 19.52
N GLY V 315 49.93 -44.18 20.45
CA GLY V 315 48.68 -44.86 20.19
C GLY V 315 48.01 -45.51 21.38
N VAL V 316 46.96 -46.29 21.14
CA VAL V 316 46.21 -46.89 22.23
C VAL V 316 46.10 -48.39 22.09
N THR V 317 46.44 -49.06 23.18
CA THR V 317 46.31 -50.50 23.27
C THR V 317 45.65 -50.84 24.58
N GLN V 318 45.22 -52.09 24.71
CA GLN V 318 44.64 -52.57 25.95
C GLN V 318 45.60 -53.48 26.68
N MET V 319 46.89 -53.28 26.49
CA MET V 319 47.90 -54.10 27.15
C MET V 319 48.64 -53.26 28.14
N GLY V 320 48.22 -53.32 29.39
CA GLY V 320 48.81 -52.47 30.41
C GLY V 320 50.31 -52.62 30.57
N ASN V 321 50.85 -53.76 30.14
CA ASN V 321 52.27 -54.06 30.28
C ASN V 321 53.19 -53.44 29.24
N THR V 322 53.17 -53.95 28.00
CA THR V 322 54.21 -53.54 27.06
C THR V 322 53.95 -52.20 26.40
N ASN V 323 55.01 -51.62 25.84
CA ASN V 323 54.95 -50.35 25.12
C ASN V 323 54.94 -50.62 23.64
N TYR V 324 54.77 -51.90 23.32
CA TYR V 324 54.66 -52.35 21.95
C TYR V 324 53.31 -51.94 21.38
N ILE V 325 53.32 -51.25 20.25
CA ILE V 325 52.08 -50.92 19.59
C ILE V 325 52.11 -51.43 18.17
N THR V 326 51.51 -52.59 17.96
CA THR V 326 51.48 -53.17 16.65
C THR V 326 50.05 -53.41 16.20
N GLU V 327 49.92 -53.69 14.91
CA GLU V 327 48.63 -53.94 14.29
C GLU V 327 47.83 -55.04 14.95
N ALA V 328 48.51 -55.98 15.58
CA ALA V 328 47.80 -57.03 16.30
C ALA V 328 47.52 -56.59 17.71
N THR V 329 48.12 -55.47 18.08
CA THR V 329 48.08 -55.01 19.45
C THR V 329 47.18 -53.80 19.62
N ILE V 330 47.23 -52.91 18.64
CA ILE V 330 46.51 -51.64 18.68
C ILE V 330 45.02 -51.80 19.02
N MET V 331 44.50 -50.91 19.84
CA MET V 331 43.09 -50.99 20.21
C MET V 331 42.21 -50.92 19.00
N ARG V 332 41.10 -51.64 19.04
CA ARG V 332 40.07 -51.52 18.03
C ARG V 332 38.80 -51.27 18.81
N PRO V 333 37.81 -50.60 18.21
CA PRO V 333 36.59 -50.18 18.91
C PRO V 333 35.71 -51.31 19.50
N ALA V 334 35.62 -52.44 18.81
CA ALA V 334 34.91 -53.60 19.33
C ALA V 334 35.40 -54.81 18.59
N GLU V 335 34.62 -55.87 18.59
CA GLU V 335 35.12 -57.05 17.91
C GLU V 335 34.18 -57.62 16.87
N VAL V 336 34.73 -57.81 15.68
CA VAL V 336 34.00 -58.39 14.60
C VAL V 336 34.10 -59.90 14.60
N GLY V 337 32.97 -60.55 14.77
CA GLY V 337 32.89 -61.98 14.81
C GLY V 337 33.16 -62.48 16.21
N TYR V 338 33.07 -63.79 16.38
CA TYR V 338 33.30 -64.38 17.68
C TYR V 338 33.81 -65.77 17.49
N SER V 339 34.55 -66.29 18.45
CA SER V 339 35.05 -67.65 18.36
C SER V 339 34.16 -68.59 19.14
N ALA V 340 33.83 -69.73 18.54
CA ALA V 340 32.86 -70.68 19.10
C ALA V 340 33.39 -72.08 19.11
N PRO V 341 32.86 -72.93 20.01
CA PRO V 341 33.23 -74.35 20.11
C PRO V 341 32.92 -75.16 18.87
N TYR V 342 33.79 -76.11 18.54
CA TYR V 342 33.64 -76.86 17.29
C TYR V 342 34.50 -78.12 17.35
N TYR V 343 33.95 -79.29 16.99
CA TYR V 343 32.52 -79.55 16.80
C TYR V 343 31.86 -79.80 18.15
N SER V 344 31.22 -78.81 18.75
CA SER V 344 30.71 -79.06 20.10
C SER V 344 29.37 -79.76 20.08
N PHE V 345 29.23 -80.78 20.91
CA PHE V 345 27.95 -81.41 21.15
C PHE V 345 27.56 -81.22 22.61
N GLU V 346 26.31 -80.81 22.83
CA GLU V 346 25.79 -80.60 24.18
C GLU V 346 24.58 -81.49 24.33
N ALA V 347 24.16 -81.75 25.56
CA ALA V 347 23.08 -82.68 25.74
C ALA V 347 22.12 -82.22 26.81
N SER V 348 20.84 -82.39 26.53
CA SER V 348 19.77 -82.10 27.47
C SER V 348 18.69 -83.16 27.34
N THR V 349 17.77 -83.19 28.30
CA THR V 349 16.60 -84.09 28.39
C THR V 349 16.46 -85.17 27.32
N GLN V 350 16.65 -84.78 26.07
CA GLN V 350 16.33 -85.66 24.94
C GLN V 350 17.53 -86.02 24.10
N GLY V 351 18.72 -85.74 24.61
CA GLY V 351 19.92 -86.16 23.93
C GLY V 351 20.87 -85.08 23.47
N PRO V 352 21.91 -85.48 22.74
CA PRO V 352 22.98 -84.63 22.25
C PRO V 352 22.68 -83.98 20.92
N PHE V 353 23.28 -82.81 20.68
CA PHE V 353 23.09 -82.04 19.45
C PHE V 353 24.27 -81.10 19.25
N LYS V 354 24.59 -80.78 18.00
CA LYS V 354 25.71 -79.86 17.73
C LYS V 354 25.39 -78.44 18.15
N THR V 355 26.39 -77.75 18.64
CA THR V 355 26.24 -76.36 18.98
C THR V 355 26.41 -75.59 17.70
N PRO V 356 25.43 -74.78 17.37
CA PRO V 356 25.38 -74.02 16.13
C PRO V 356 26.24 -72.78 16.17
N ILE V 357 26.73 -72.35 15.02
CA ILE V 357 27.63 -71.21 14.92
C ILE V 357 27.04 -70.13 14.06
N ALA V 358 27.34 -68.88 14.38
CA ALA V 358 26.76 -67.79 13.64
C ALA V 358 27.62 -67.38 12.46
N ALA V 359 28.86 -67.01 12.72
CA ALA V 359 29.65 -66.25 11.75
C ALA V 359 30.07 -67.02 10.49
N GLY V 360 31.23 -66.65 9.92
CA GLY V 360 31.84 -67.36 8.80
C GLY V 360 31.70 -66.53 7.57
N ARG V 361 32.67 -66.50 6.63
CA ARG V 361 33.94 -67.24 6.63
C ARG V 361 35.07 -66.50 7.31
N GLY V 362 36.06 -67.24 7.77
CA GLY V 362 37.18 -66.62 8.46
C GLY V 362 38.56 -66.87 7.88
N GLY V 363 38.69 -67.89 7.06
CA GLY V 363 40.01 -68.26 6.57
C GLY V 363 40.52 -67.38 5.46
N ALA V 364 41.79 -67.55 5.11
CA ALA V 364 42.38 -66.76 4.05
C ALA V 364 41.93 -67.29 2.70
N GLN V 365 42.80 -67.25 1.72
CA GLN V 365 42.40 -67.70 0.40
C GLN V 365 42.26 -69.21 0.47
N THR V 366 41.08 -69.67 0.07
CA THR V 366 40.69 -71.07 0.10
C THR V 366 41.26 -71.90 1.26
N ASP V 367 41.30 -71.29 2.44
CA ASP V 367 41.81 -71.92 3.66
C ASP V 367 40.74 -71.91 4.71
N GLU V 368 39.62 -72.55 4.41
CA GLU V 368 38.45 -72.49 5.26
C GLU V 368 38.62 -73.23 6.56
N ASN V 369 37.53 -73.30 7.30
CA ASN V 369 37.45 -74.16 8.45
C ASN V 369 35.99 -74.41 8.62
N GLN V 370 35.45 -75.15 7.67
CA GLN V 370 34.01 -75.35 7.53
C GLN V 370 33.41 -75.99 8.79
N ALA V 371 33.86 -75.52 9.95
CA ALA V 371 33.39 -76.04 11.21
C ALA V 371 33.66 -74.98 12.24
N ALA V 372 34.78 -74.29 12.06
CA ALA V 372 35.07 -73.19 12.95
C ALA V 372 34.11 -72.07 12.65
N ASP V 373 33.67 -72.03 11.39
CA ASP V 373 32.74 -71.02 10.92
C ASP V 373 31.29 -71.49 10.88
N GLY V 374 31.09 -72.78 11.08
CA GLY V 374 29.76 -73.35 11.06
C GLY V 374 29.14 -73.11 9.70
N ASP V 375 29.92 -73.32 8.66
CA ASP V 375 29.47 -73.13 7.30
C ASP V 375 28.49 -74.23 6.96
N PRO V 376 27.36 -73.88 6.35
CA PRO V 376 26.24 -74.79 6.14
C PRO V 376 26.48 -75.72 4.98
N ARG V 377 25.86 -76.90 5.02
CA ARG V 377 26.03 -77.89 3.95
C ARG V 377 24.66 -78.45 3.56
N TYR V 378 24.32 -78.33 2.29
CA TYR V 378 22.97 -78.64 1.83
C TYR V 378 22.92 -79.91 0.98
N ALA V 379 21.95 -80.77 1.29
CA ALA V 379 21.75 -82.03 0.57
C ALA V 379 20.35 -82.09 -0.01
N PHE V 380 20.23 -82.40 -1.29
CA PHE V 380 18.95 -82.22 -1.96
C PHE V 380 18.83 -83.11 -3.20
N GLY V 381 17.61 -83.25 -3.73
CA GLY V 381 17.41 -84.21 -4.80
C GLY V 381 16.48 -83.88 -5.96
N ARG V 382 17.03 -83.89 -7.17
CA ARG V 382 16.30 -83.74 -8.44
C ARG V 382 15.18 -82.73 -8.44
N GLN V 383 14.20 -82.93 -7.56
CA GLN V 383 13.15 -81.95 -7.35
C GLN V 383 13.71 -80.59 -6.95
N HIS V 384 14.89 -80.58 -6.32
CA HIS V 384 15.43 -79.33 -5.81
C HIS V 384 16.82 -78.99 -6.29
N GLY V 385 17.19 -79.39 -7.50
CA GLY V 385 18.45 -78.89 -8.01
C GLY V 385 19.37 -79.92 -8.63
N GLN V 386 19.40 -81.12 -8.05
CA GLN V 386 20.22 -82.19 -8.57
C GLN V 386 19.83 -82.48 -10.00
N LYS V 387 20.79 -82.91 -10.81
CA LYS V 387 20.52 -83.22 -12.21
C LYS V 387 19.40 -84.23 -12.24
N THR V 388 18.36 -83.90 -12.97
CA THR V 388 17.11 -84.66 -12.89
C THR V 388 17.18 -86.00 -13.59
N THR V 389 18.15 -86.18 -14.47
CA THR V 389 18.31 -87.45 -15.17
C THR V 389 19.13 -88.41 -14.34
N THR V 390 19.82 -87.87 -13.36
CA THR V 390 20.68 -88.69 -12.56
C THR V 390 19.93 -89.73 -11.75
N THR V 391 20.29 -90.99 -12.01
CA THR V 391 19.81 -92.11 -11.22
C THR V 391 20.65 -92.32 -9.99
N GLY V 392 20.15 -93.15 -9.08
CA GLY V 392 20.88 -93.40 -7.85
C GLY V 392 20.30 -92.68 -6.66
N GLU V 393 20.54 -93.29 -5.51
CA GLU V 393 19.99 -92.87 -4.23
C GLU V 393 20.92 -91.84 -3.61
N THR V 394 21.97 -91.47 -4.34
CA THR V 394 22.92 -90.50 -3.82
C THR V 394 22.55 -89.07 -4.10
N PRO V 395 22.41 -88.26 -3.04
CA PRO V 395 21.98 -86.86 -3.11
C PRO V 395 23.06 -85.94 -3.62
N GLU V 396 22.68 -84.79 -4.16
CA GLU V 396 23.63 -83.75 -4.57
C GLU V 396 23.90 -82.83 -3.39
N ARG V 397 25.11 -82.29 -3.32
CA ARG V 397 25.49 -81.52 -2.14
C ARG V 397 26.36 -80.30 -2.47
N PHE V 398 26.42 -79.37 -1.52
CA PHE V 398 27.36 -78.25 -1.61
C PHE V 398 27.52 -77.64 -0.23
N THR V 399 28.61 -76.90 -0.02
CA THR V 399 28.77 -76.18 1.23
C THR V 399 28.87 -74.69 0.98
N TYR V 400 27.93 -73.94 1.52
CA TYR V 400 27.90 -72.52 1.27
C TYR V 400 28.96 -71.81 2.11
N ILE V 401 29.95 -71.25 1.44
CA ILE V 401 30.93 -70.42 2.13
C ILE V 401 30.70 -68.95 1.85
N ALA V 402 30.24 -68.22 2.85
CA ALA V 402 29.79 -66.84 2.64
C ALA V 402 30.92 -65.91 2.23
N HIS V 403 30.55 -64.77 1.65
CA HIS V 403 31.53 -63.80 1.21
C HIS V 403 31.93 -62.92 2.38
N GLN V 404 31.08 -62.82 3.38
CA GLN V 404 31.31 -61.90 4.48
C GLN V 404 32.38 -62.36 5.46
N ASP V 405 33.53 -61.71 5.45
CA ASP V 405 34.64 -62.13 6.28
C ASP V 405 34.37 -61.75 7.73
N THR V 406 33.65 -62.60 8.44
CA THR V 406 33.38 -62.37 9.86
C THR V 406 33.64 -63.62 10.69
N GLY V 407 34.33 -64.59 10.11
CA GLY V 407 34.61 -65.85 10.79
C GLY V 407 35.98 -65.97 11.45
N ARG V 408 36.39 -67.21 11.71
CA ARG V 408 37.68 -67.43 12.36
C ARG V 408 38.55 -68.47 11.65
N TYR V 409 39.86 -68.32 11.82
CA TYR V 409 40.87 -69.28 11.39
C TYR V 409 41.67 -69.68 12.60
N PRO V 410 41.09 -70.54 13.45
CA PRO V 410 41.58 -70.88 14.79
C PRO V 410 43.01 -71.37 14.78
N GLU V 411 43.52 -71.77 13.63
CA GLU V 411 44.91 -72.13 13.53
C GLU V 411 45.79 -70.95 13.91
N GLY V 412 45.30 -69.74 13.68
CA GLY V 412 46.10 -68.55 13.96
C GLY V 412 45.90 -67.95 15.33
N ASP V 413 45.08 -68.60 16.15
CA ASP V 413 44.78 -68.10 17.49
C ASP V 413 45.96 -68.38 18.39
N TRP V 414 46.06 -67.64 19.49
CA TRP V 414 47.00 -68.00 20.54
C TRP V 414 46.76 -67.23 21.81
N ILE V 415 47.44 -67.62 22.88
CA ILE V 415 47.28 -66.99 24.18
C ILE V 415 48.60 -66.76 24.92
N GLN V 416 49.01 -65.52 25.14
CA GLN V 416 50.28 -65.32 25.84
C GLN V 416 50.10 -65.05 27.29
N ASN V 417 51.14 -65.26 28.06
CA ASN V 417 51.11 -64.94 29.47
C ASN V 417 51.12 -63.45 29.72
N ILE V 418 50.58 -63.07 30.86
CA ILE V 418 50.49 -61.68 31.33
C ILE V 418 51.78 -60.88 31.21
N ASN V 419 52.93 -61.50 31.33
CA ASN V 419 54.15 -60.72 31.41
C ASN V 419 54.61 -60.24 30.06
N PHE V 420 54.20 -60.92 29.00
CA PHE V 420 54.51 -60.54 27.63
C PHE V 420 56.00 -60.31 27.41
N ASN V 421 56.81 -61.24 27.91
CA ASN V 421 58.24 -61.25 27.66
C ASN V 421 58.49 -62.01 26.38
N LEU V 422 58.75 -61.29 25.31
CA LEU V 422 58.75 -61.93 24.01
C LEU V 422 60.00 -61.63 23.23
N PRO V 423 60.39 -62.53 22.31
CA PRO V 423 59.82 -63.80 21.83
C PRO V 423 59.39 -64.74 22.94
N VAL V 424 58.24 -65.37 22.77
CA VAL V 424 57.56 -66.03 23.88
C VAL V 424 58.02 -67.47 24.18
N THR V 425 58.15 -67.79 25.47
CA THR V 425 58.51 -69.12 25.93
C THR V 425 57.42 -70.14 25.68
N ASP V 426 57.79 -71.39 25.49
CA ASP V 426 56.79 -72.43 25.32
C ASP V 426 55.96 -72.60 26.58
N ASP V 427 56.56 -72.34 27.74
CA ASP V 427 55.77 -72.55 28.95
C ASP V 427 54.84 -71.32 29.10
N ASN V 428 55.10 -70.24 28.35
CA ASN V 428 54.32 -68.98 28.44
C ASN V 428 53.27 -68.71 27.35
N VAL V 429 53.09 -69.62 26.41
CA VAL V 429 52.11 -69.43 25.36
C VAL V 429 51.28 -70.70 25.18
N LEU V 430 50.02 -70.54 24.79
CA LEU V 430 49.14 -71.66 24.49
C LEU V 430 48.72 -71.64 23.03
N LEU V 431 49.14 -72.66 22.29
CA LEU V 431 48.89 -72.75 20.87
C LEU V 431 47.73 -73.67 20.56
N PRO V 432 47.18 -73.57 19.35
CA PRO V 432 46.20 -74.54 18.87
C PRO V 432 46.86 -75.86 18.51
N THR V 433 48.16 -75.97 18.78
CA THR V 433 48.93 -77.19 18.60
C THR V 433 48.97 -77.96 19.90
N ASP V 434 49.12 -77.21 20.98
CA ASP V 434 49.25 -77.80 22.30
C ASP V 434 47.93 -78.44 22.69
N PRO V 435 47.96 -79.76 22.90
CA PRO V 435 46.80 -80.59 23.21
C PRO V 435 46.24 -80.29 24.57
N ILE V 436 44.94 -80.52 24.69
CA ILE V 436 44.18 -80.17 25.85
C ILE V 436 43.62 -81.43 26.44
N GLY V 437 43.74 -81.60 27.75
CA GLY V 437 43.20 -82.81 28.36
C GLY V 437 43.87 -84.06 27.83
N GLY V 438 45.09 -83.90 27.34
CA GLY V 438 45.89 -85.03 26.91
C GLY V 438 45.39 -85.74 25.68
N LYS V 439 44.76 -84.99 24.80
CA LYS V 439 44.31 -85.56 23.56
C LYS V 439 45.04 -84.91 22.42
N THR V 440 45.69 -85.73 21.61
CA THR V 440 46.49 -85.25 20.50
C THR V 440 45.73 -84.38 19.53
N GLY V 441 44.49 -84.76 19.26
CA GLY V 441 43.65 -84.03 18.30
C GLY V 441 42.71 -82.96 18.83
N ILE V 442 42.95 -82.50 20.06
CA ILE V 442 42.12 -81.45 20.66
C ILE V 442 42.99 -80.33 21.23
N ASN V 443 42.65 -79.08 20.91
CA ASN V 443 43.38 -77.91 21.42
C ASN V 443 42.41 -76.92 22.02
N TYR V 444 42.92 -75.83 22.57
CA TYR V 444 42.06 -74.96 23.35
C TYR V 444 41.00 -74.32 22.48
N THR V 445 41.28 -74.13 21.20
CA THR V 445 40.32 -73.41 20.37
C THR V 445 39.00 -74.15 20.20
N ASN V 446 39.02 -75.45 20.43
CA ASN V 446 37.82 -76.25 20.29
C ASN V 446 36.79 -76.01 21.38
N ILE V 447 37.20 -75.48 22.51
CA ILE V 447 36.27 -75.20 23.59
C ILE V 447 36.19 -73.70 23.84
N PHE V 448 36.82 -72.97 22.93
CA PHE V 448 36.97 -71.55 23.12
C PHE V 448 35.72 -70.80 22.74
N ASN V 449 35.49 -69.68 23.44
CA ASN V 449 34.30 -68.86 23.25
C ASN V 449 34.55 -67.39 23.54
N THR V 450 34.57 -66.56 22.50
CA THR V 450 34.83 -65.14 22.69
C THR V 450 33.63 -64.29 22.35
N TYR V 451 32.45 -64.84 22.57
CA TYR V 451 31.27 -64.02 22.46
C TYR V 451 31.36 -63.11 23.63
N GLY V 452 30.96 -61.86 23.45
CA GLY V 452 31.04 -60.90 24.52
C GLY V 452 30.37 -59.61 24.13
N PRO V 453 30.25 -58.69 25.07
CA PRO V 453 29.54 -57.44 24.83
C PRO V 453 30.22 -56.53 23.84
N LEU V 454 31.31 -56.93 23.22
CA LEU V 454 31.92 -56.13 22.17
C LEU V 454 31.78 -56.80 20.83
N THR V 455 31.04 -57.89 20.79
CA THR V 455 30.94 -58.70 19.61
C THR V 455 29.99 -58.07 18.61
N ALA V 456 30.37 -58.02 17.33
CA ALA V 456 29.46 -57.55 16.27
C ALA V 456 29.27 -58.61 15.19
N LEU V 457 28.07 -58.71 14.61
CA LEU V 457 27.67 -59.81 13.74
C LEU V 457 26.83 -59.41 12.57
N ASN V 458 26.80 -60.25 11.54
CA ASN V 458 25.75 -60.11 10.55
C ASN V 458 24.75 -61.26 10.61
N ASN V 459 23.61 -61.08 9.96
CA ASN V 459 22.66 -62.15 9.86
C ASN V 459 23.13 -63.04 8.72
N VAL V 460 22.63 -64.26 8.68
CA VAL V 460 23.02 -65.23 7.67
C VAL V 460 22.56 -64.77 6.30
N PRO V 461 23.35 -65.04 5.28
CA PRO V 461 22.98 -64.66 3.92
C PRO V 461 21.99 -65.62 3.32
N PRO V 462 21.15 -65.16 2.39
CA PRO V 462 20.21 -66.07 1.77
C PRO V 462 20.93 -67.08 0.91
N VAL V 463 20.52 -68.33 1.03
CA VAL V 463 21.17 -69.42 0.33
C VAL V 463 20.30 -69.90 -0.83
N TYR V 464 20.61 -69.47 -2.04
CA TYR V 464 19.82 -69.88 -3.18
C TYR V 464 20.38 -71.16 -3.74
N PRO V 465 19.49 -72.11 -4.10
CA PRO V 465 18.04 -72.07 -4.01
C PRO V 465 17.51 -72.88 -2.85
N ASN V 466 18.38 -73.58 -2.13
CA ASN V 466 17.92 -74.51 -1.12
C ASN V 466 17.66 -73.87 0.22
N GLY V 467 18.00 -72.59 0.36
CA GLY V 467 17.82 -71.93 1.64
C GLY V 467 16.39 -71.66 2.03
N GLN V 468 16.15 -71.64 3.34
CA GLN V 468 14.85 -71.29 3.87
C GLN V 468 14.73 -69.79 3.75
N ILE V 469 13.51 -69.28 3.66
CA ILE V 469 13.30 -67.84 3.55
C ILE V 469 12.91 -67.17 4.85
N TRP V 470 11.83 -67.61 5.44
CA TRP V 470 11.43 -67.05 6.71
C TRP V 470 11.34 -68.17 7.72
N ASP V 471 11.34 -67.83 9.01
CA ASP V 471 11.29 -68.80 10.08
C ASP V 471 10.53 -68.26 11.28
N LYS V 472 9.83 -69.11 12.02
CA LYS V 472 9.12 -68.65 13.20
C LYS V 472 10.11 -68.33 14.28
N GLU V 473 9.75 -67.45 15.20
CA GLU V 473 10.63 -67.13 16.30
C GLU V 473 10.35 -68.04 17.48
N PHE V 474 11.36 -68.38 18.27
CA PHE V 474 11.14 -69.23 19.43
C PHE V 474 10.30 -68.50 20.43
N ASP V 475 9.33 -69.19 21.02
CA ASP V 475 8.53 -68.57 22.05
C ASP V 475 9.21 -68.70 23.38
N THR V 476 10.42 -68.19 23.45
CA THR V 476 11.15 -68.14 24.70
C THR V 476 11.15 -66.71 25.27
N ASP V 477 11.20 -66.56 26.59
CA ASP V 477 11.14 -65.23 27.21
C ASP V 477 12.27 -64.36 26.74
N LEU V 478 13.44 -64.94 26.50
CA LEU V 478 14.55 -64.21 25.93
C LEU V 478 14.85 -64.86 24.60
N LYS V 479 15.13 -64.06 23.56
CA LYS V 479 15.15 -64.62 22.21
C LYS V 479 16.52 -64.56 21.56
N PRO V 480 16.74 -65.36 20.53
CA PRO V 480 18.00 -65.32 19.80
C PRO V 480 18.13 -64.07 18.96
N ARG V 481 19.35 -63.57 18.79
CA ARG V 481 19.60 -62.42 17.92
C ARG V 481 19.52 -62.72 16.41
N LEU V 482 19.46 -64.00 16.05
CA LEU V 482 19.20 -64.42 14.68
C LEU V 482 18.93 -65.92 14.63
N HIS V 483 18.58 -66.43 13.46
CA HIS V 483 18.47 -67.86 13.24
C HIS V 483 19.41 -68.17 12.10
N VAL V 484 19.92 -69.39 12.03
CA VAL V 484 20.98 -69.70 11.08
C VAL V 484 20.49 -70.29 9.78
N ASN V 485 19.22 -70.65 9.79
CA ASN V 485 18.59 -71.34 8.67
C ASN V 485 17.84 -70.39 7.77
N ALA V 486 17.59 -69.17 8.26
CA ALA V 486 16.85 -68.18 7.49
C ALA V 486 17.19 -66.75 7.90
N PRO V 487 17.13 -65.83 6.93
CA PRO V 487 17.39 -64.41 7.13
C PRO V 487 16.19 -63.62 7.68
N PHE V 488 14.97 -64.08 7.41
CA PHE V 488 13.78 -63.41 7.93
C PHE V 488 13.13 -64.13 9.08
N VAL V 489 13.01 -63.47 10.22
CA VAL V 489 12.32 -64.07 11.33
C VAL V 489 11.10 -63.27 11.79
N CYS V 490 9.99 -63.98 11.75
CA CYS V 490 8.67 -63.50 12.13
C CYS V 490 8.71 -63.27 13.60
N GLN V 491 8.83 -62.04 14.09
CA GLN V 491 8.82 -61.99 15.53
C GLN V 491 7.44 -61.89 16.14
N ASN V 492 6.51 -61.22 15.47
CA ASN V 492 5.13 -61.23 15.97
C ASN V 492 4.35 -62.49 15.63
N ASN V 493 3.89 -62.58 14.39
CA ASN V 493 3.07 -63.70 13.93
C ASN V 493 3.52 -64.16 12.55
N CYS V 494 3.64 -65.47 12.35
CA CYS V 494 4.05 -66.01 11.06
C CYS V 494 2.88 -66.56 10.28
N PRO V 495 3.04 -66.68 8.96
CA PRO V 495 2.02 -67.35 8.15
C PRO V 495 1.76 -68.74 8.67
N GLY V 496 0.49 -69.16 8.66
CA GLY V 496 0.13 -70.49 9.10
C GLY V 496 0.53 -71.57 8.11
N GLN V 497 0.65 -72.80 8.60
CA GLN V 497 0.98 -73.89 7.71
C GLN V 497 -0.23 -74.44 6.96
N LEU V 498 0.01 -74.90 5.74
CA LEU V 498 -1.07 -75.38 4.90
C LEU V 498 -1.05 -76.89 4.77
N PHE V 499 -2.15 -77.52 5.14
CA PHE V 499 -2.24 -78.99 5.17
C PHE V 499 -3.32 -79.52 4.23
N VAL V 500 -2.98 -80.58 3.52
CA VAL V 500 -3.91 -81.22 2.61
C VAL V 500 -4.07 -82.67 2.99
N LYS V 501 -5.12 -83.30 2.49
CA LYS V 501 -5.44 -84.69 2.82
C LYS V 501 -6.60 -85.19 2.00
N VAL V 502 -6.46 -86.35 1.38
CA VAL V 502 -7.57 -86.90 0.64
C VAL V 502 -8.64 -87.37 1.61
N ALA V 503 -9.89 -86.99 1.35
CA ALA V 503 -11.00 -87.39 2.20
C ALA V 503 -11.22 -88.87 2.07
N PRO V 504 -11.50 -89.54 3.19
CA PRO V 504 -11.76 -90.97 3.25
C PRO V 504 -12.86 -91.39 2.31
N ASN V 505 -12.48 -92.15 1.30
CA ASN V 505 -13.43 -92.61 0.32
C ASN V 505 -13.86 -94.05 0.56
N LEU V 506 -14.89 -94.25 1.36
CA LEU V 506 -15.22 -95.59 1.82
C LEU V 506 -15.90 -96.50 0.78
N THR V 507 -15.67 -97.80 0.96
CA THR V 507 -16.39 -98.81 0.21
C THR V 507 -17.68 -99.08 0.94
N ASN V 508 -18.48 -100.02 0.45
CA ASN V 508 -19.81 -100.20 1.03
C ASN V 508 -19.83 -101.00 2.31
N GLN V 509 -18.82 -101.82 2.56
CA GLN V 509 -18.71 -102.46 3.88
C GLN V 509 -17.66 -101.77 4.75
N TYR V 510 -18.13 -101.10 5.78
CA TYR V 510 -17.27 -100.42 6.71
C TYR V 510 -17.80 -100.67 8.11
N ASP V 511 -16.96 -101.23 8.97
CA ASP V 511 -17.34 -101.44 10.35
C ASP V 511 -16.33 -100.82 11.28
N PRO V 512 -16.72 -99.71 11.90
CA PRO V 512 -15.82 -99.00 12.80
C PRO V 512 -15.56 -99.82 14.06
N ASP V 513 -16.56 -100.57 14.50
CA ASP V 513 -16.41 -101.44 15.67
C ASP V 513 -15.43 -102.55 15.38
N ALA V 514 -15.20 -102.80 14.09
CA ALA V 514 -14.28 -103.85 13.70
C ALA V 514 -12.85 -103.39 13.81
N SER V 515 -12.02 -104.30 14.30
CA SER V 515 -10.59 -104.05 14.41
C SER V 515 -9.91 -104.16 13.06
N ALA V 516 -10.48 -104.95 12.14
CA ALA V 516 -9.89 -105.09 10.81
C ALA V 516 -9.69 -103.69 10.24
N ASN V 517 -8.63 -103.51 9.47
CA ASN V 517 -8.31 -102.19 8.97
C ASN V 517 -9.14 -101.65 7.82
N MET V 518 -9.20 -100.33 7.77
CA MET V 518 -9.85 -99.53 6.73
C MET V 518 -9.94 -100.16 5.35
N SER V 519 -11.17 -100.38 4.92
CA SER V 519 -11.40 -100.69 3.53
C SER V 519 -11.87 -99.39 2.87
N ARG V 520 -11.03 -98.81 2.02
CA ARG V 520 -11.30 -97.54 1.35
C ARG V 520 -11.06 -97.68 -0.13
N ILE V 521 -11.84 -97.00 -0.95
CA ILE V 521 -11.55 -96.98 -2.36
C ILE V 521 -10.23 -96.27 -2.57
N VAL V 522 -9.40 -96.83 -3.42
CA VAL V 522 -8.12 -96.23 -3.68
C VAL V 522 -8.31 -94.91 -4.39
N THR V 523 -7.93 -93.83 -3.71
CA THR V 523 -8.17 -92.52 -4.25
C THR V 523 -6.93 -91.65 -4.12
N TYR V 524 -6.74 -90.75 -5.08
CA TYR V 524 -5.66 -89.80 -5.03
C TYR V 524 -6.08 -88.51 -5.69
N SER V 525 -5.28 -87.46 -5.55
CA SER V 525 -5.67 -86.16 -6.05
C SER V 525 -4.59 -85.34 -6.79
N ASP V 526 -5.02 -84.57 -7.78
CA ASP V 526 -4.18 -83.58 -8.40
C ASP V 526 -4.76 -82.23 -8.11
N PHE V 527 -3.95 -81.30 -7.62
CA PHE V 527 -4.45 -79.95 -7.48
C PHE V 527 -3.36 -78.97 -7.76
N TRP V 528 -3.75 -77.76 -8.17
CA TRP V 528 -2.79 -76.73 -8.48
C TRP V 528 -2.65 -75.77 -7.32
N TRP V 529 -1.42 -75.30 -7.11
CA TRP V 529 -1.09 -74.35 -6.05
C TRP V 529 -0.51 -73.12 -6.68
N LYS V 530 -0.97 -71.96 -6.22
CA LYS V 530 -0.40 -70.71 -6.69
C LYS V 530 0.00 -69.85 -5.50
N GLY V 531 1.17 -69.23 -5.58
CA GLY V 531 1.59 -68.36 -4.51
C GLY V 531 2.04 -67.01 -5.03
N LYS V 532 1.95 -66.00 -4.17
CA LYS V 532 2.47 -64.69 -4.48
C LYS V 532 3.25 -64.20 -3.29
N LEU V 533 4.55 -64.05 -3.45
CA LEU V 533 5.40 -63.62 -2.35
C LEU V 533 5.89 -62.25 -2.73
N VAL V 534 5.61 -61.25 -1.90
CA VAL V 534 5.97 -59.90 -2.29
C VAL V 534 7.11 -59.32 -1.50
N PHE V 535 8.15 -58.89 -2.21
CA PHE V 535 9.29 -58.24 -1.61
C PHE V 535 9.33 -56.78 -2.01
N LYS V 536 10.05 -56.02 -1.21
CA LYS V 536 10.34 -54.64 -1.52
C LYS V 536 11.84 -54.43 -1.29
N ALA V 537 12.56 -54.12 -2.36
CA ALA V 537 14.00 -54.01 -2.27
C ALA V 537 14.48 -52.64 -2.72
N LYS V 538 15.78 -52.39 -2.55
CA LYS V 538 16.37 -51.09 -2.87
C LYS V 538 17.64 -51.19 -3.71
N LEU V 539 17.72 -50.37 -4.75
CA LEU V 539 18.82 -50.37 -5.69
C LEU V 539 20.11 -49.84 -5.09
N ARG V 540 21.22 -50.48 -5.41
CA ARG V 540 22.52 -50.02 -4.94
C ARG V 540 23.08 -48.93 -5.86
N ALA V 541 24.13 -48.24 -5.40
CA ALA V 541 24.82 -47.24 -6.20
C ALA V 541 26.31 -47.40 -5.96
N SER V 542 27.13 -47.04 -6.96
CA SER V 542 28.59 -47.20 -6.87
C SER V 542 29.26 -46.15 -6.01
N HIS V 543 30.05 -46.58 -5.02
CA HIS V 543 30.69 -45.62 -4.14
C HIS V 543 32.21 -45.65 -4.32
N THR V 544 32.68 -46.56 -5.17
CA THR V 544 34.11 -46.76 -5.32
C THR V 544 34.55 -46.58 -6.75
N TRP V 545 35.85 -46.42 -6.92
CA TRP V 545 36.45 -46.30 -8.24
C TRP V 545 36.40 -47.64 -8.97
N ASN V 546 36.63 -48.71 -8.23
CA ASN V 546 36.68 -50.03 -8.80
C ASN V 546 35.31 -50.67 -8.95
N PRO V 547 35.14 -51.55 -9.95
CA PRO V 547 33.91 -52.34 -10.00
C PRO V 547 33.91 -53.38 -8.92
N ILE V 548 32.91 -54.26 -8.93
CA ILE V 548 32.76 -55.21 -7.84
C ILE V 548 32.29 -56.57 -8.32
N GLN V 549 32.31 -57.51 -7.40
CA GLN V 549 31.72 -58.83 -7.57
C GLN V 549 30.36 -58.78 -8.20
N GLN V 550 30.15 -59.49 -9.31
CA GLN V 550 28.77 -59.73 -9.77
C GLN V 550 28.63 -61.06 -10.52
N MET V 551 27.46 -61.70 -10.43
CA MET V 551 27.23 -62.95 -11.14
C MET V 551 27.31 -62.81 -12.64
N SER V 552 27.70 -63.88 -13.32
CA SER V 552 27.52 -63.97 -14.78
C SER V 552 27.86 -65.34 -15.35
N ILE V 553 27.79 -65.46 -16.67
CA ILE V 553 28.43 -66.56 -17.37
C ILE V 553 29.34 -65.99 -18.45
N ASN V 554 30.62 -66.41 -18.65
CA ASN V 554 31.41 -67.57 -18.16
C ASN V 554 31.28 -68.73 -19.12
N VAL V 555 32.41 -69.16 -19.66
CA VAL V 555 32.47 -70.29 -20.58
C VAL V 555 32.44 -71.58 -19.77
N ASP V 556 32.97 -71.53 -18.58
CA ASP V 556 32.61 -72.48 -17.54
C ASP V 556 31.17 -72.09 -17.20
N ASN V 557 30.53 -72.78 -16.26
CA ASN V 557 29.32 -72.25 -15.65
C ASN V 557 28.10 -72.29 -16.61
N GLN V 558 28.28 -71.73 -17.80
CA GLN V 558 27.26 -71.67 -18.85
C GLN V 558 26.32 -72.86 -18.98
N PHE V 559 26.72 -74.03 -18.50
CA PHE V 559 25.89 -75.17 -18.79
C PHE V 559 25.05 -75.62 -17.62
N ASN V 560 25.04 -74.86 -16.53
CA ASN V 560 24.13 -75.16 -15.44
C ASN V 560 22.81 -74.46 -15.60
N TYR V 561 22.59 -73.86 -16.76
CA TYR V 561 21.46 -72.96 -16.92
C TYR V 561 20.63 -73.25 -18.16
N VAL V 562 20.84 -74.42 -18.74
CA VAL V 562 20.12 -74.81 -19.92
C VAL V 562 19.84 -76.26 -19.77
N PRO V 563 18.82 -76.75 -20.45
CA PRO V 563 18.56 -78.18 -20.31
C PRO V 563 19.61 -78.97 -21.07
N SER V 564 19.37 -80.25 -21.23
CA SER V 564 20.37 -81.12 -21.80
C SER V 564 19.88 -81.73 -23.08
N ASN V 565 20.60 -82.74 -23.52
CA ASN V 565 20.24 -83.52 -24.67
C ASN V 565 18.81 -84.09 -24.51
N ILE V 566 18.49 -84.47 -23.30
CA ILE V 566 17.14 -84.91 -22.90
C ILE V 566 16.54 -83.74 -22.17
N GLY V 567 15.53 -83.95 -21.35
CA GLY V 567 14.93 -82.87 -20.61
C GLY V 567 15.67 -82.34 -19.40
N GLY V 568 16.95 -81.95 -19.56
CA GLY V 568 17.71 -81.27 -18.53
C GLY V 568 17.66 -82.11 -17.28
N MET V 569 17.79 -81.54 -16.08
CA MET V 569 18.17 -80.16 -15.83
C MET V 569 18.69 -80.03 -14.39
N LYS V 570 19.19 -78.84 -14.05
CA LYS V 570 19.99 -78.64 -12.85
C LYS V 570 19.80 -77.23 -12.31
N ILE V 571 19.75 -77.07 -11.00
CA ILE V 571 19.80 -75.74 -10.40
C ILE V 571 20.94 -75.63 -9.39
N VAL V 572 21.78 -74.62 -9.53
CA VAL V 572 23.03 -74.59 -8.81
C VAL V 572 23.12 -73.53 -7.71
N TYR V 573 23.65 -73.89 -6.53
CA TYR V 573 24.06 -72.92 -5.47
C TYR V 573 24.67 -71.66 -6.07
N GLU V 574 24.31 -70.47 -5.56
CA GLU V 574 24.86 -69.25 -6.16
C GLU V 574 24.98 -67.99 -5.31
N LYS V 575 25.38 -68.14 -4.06
CA LYS V 575 25.77 -66.99 -3.25
C LYS V 575 24.61 -66.02 -3.11
N SER V 576 24.90 -64.81 -2.64
CA SER V 576 23.85 -63.81 -2.44
C SER V 576 24.38 -62.45 -2.08
N GLN V 577 25.47 -62.37 -1.32
CA GLN V 577 25.89 -61.07 -0.85
C GLN V 577 27.11 -60.59 -1.60
N LEU V 578 26.94 -60.33 -2.88
CA LEU V 578 28.11 -60.16 -3.73
C LEU V 578 28.88 -58.86 -3.55
N ALA V 579 28.20 -57.76 -3.30
CA ALA V 579 28.85 -56.46 -3.28
C ALA V 579 29.38 -56.18 -1.89
N PRO V 580 30.57 -55.58 -1.81
CA PRO V 580 31.20 -55.24 -0.54
C PRO V 580 30.44 -54.15 0.16
N ARG V 581 30.59 -54.03 1.46
CA ARG V 581 29.88 -53.00 2.20
C ARG V 581 30.90 -52.03 2.77
N LYS V 582 31.12 -52.14 4.06
CA LYS V 582 32.00 -51.29 4.82
C LYS V 582 31.52 -51.40 6.23
N LEU V 583 32.35 -51.93 7.12
CA LEU V 583 31.96 -51.97 8.52
C LEU V 583 32.08 -50.64 9.20
N TYR V 584 33.22 -50.00 8.98
CA TYR V 584 33.64 -48.87 9.78
C TYR V 584 34.32 -47.87 8.88
N GLY W 37 -20.83 -74.33 -17.78
CA GLY W 37 -20.51 -75.62 -17.19
C GLY W 37 -20.27 -76.67 -18.26
N VAL W 38 -20.45 -77.93 -17.89
CA VAL W 38 -20.21 -79.03 -18.81
C VAL W 38 -20.99 -78.92 -20.11
N GLY W 39 -22.30 -78.98 -20.01
CA GLY W 39 -23.09 -79.15 -21.22
C GLY W 39 -23.51 -77.90 -21.94
N ILE W 40 -22.71 -76.85 -21.88
CA ILE W 40 -23.12 -75.63 -22.54
C ILE W 40 -21.99 -75.08 -23.36
N SER W 41 -22.22 -74.96 -24.66
CA SER W 41 -21.21 -74.49 -25.57
C SER W 41 -20.83 -73.09 -25.21
N THR W 42 -19.62 -72.70 -25.63
CA THR W 42 -19.02 -71.42 -25.28
C THR W 42 -18.54 -70.60 -26.46
N GLY W 43 -19.06 -70.83 -27.66
CA GLY W 43 -18.61 -70.06 -28.81
C GLY W 43 -19.34 -70.37 -30.10
N THR W 44 -18.96 -69.71 -31.18
CA THR W 44 -19.67 -69.87 -32.42
C THR W 44 -18.77 -70.09 -33.62
N PHE W 45 -19.06 -71.13 -34.39
CA PHE W 45 -18.31 -71.40 -35.61
C PHE W 45 -18.67 -70.39 -36.66
N ASN W 46 -17.66 -69.76 -37.25
CA ASN W 46 -17.90 -68.80 -38.29
C ASN W 46 -16.75 -68.64 -39.25
N ASN W 47 -16.88 -69.10 -40.49
CA ASN W 47 -15.80 -68.92 -41.43
C ASN W 47 -16.23 -68.02 -42.57
N GLN W 48 -16.88 -66.93 -42.20
CA GLN W 48 -17.60 -66.09 -43.14
C GLN W 48 -16.78 -64.86 -43.50
N THR W 49 -16.79 -64.47 -44.77
CA THR W 49 -15.99 -63.33 -45.17
C THR W 49 -16.81 -62.15 -45.69
N GLU W 50 -16.85 -61.10 -44.89
CA GLU W 50 -17.74 -59.99 -45.15
C GLU W 50 -17.04 -58.85 -45.83
N PHE W 51 -17.68 -58.31 -46.86
CA PHE W 51 -17.22 -57.10 -47.51
C PHE W 51 -18.21 -55.99 -47.29
N LYS W 52 -17.91 -55.07 -46.37
CA LYS W 52 -18.84 -53.99 -46.10
C LYS W 52 -18.35 -52.70 -46.71
N PHE W 53 -19.06 -52.21 -47.71
CA PHE W 53 -18.63 -51.06 -48.50
C PHE W 53 -19.02 -49.73 -47.86
N LEU W 54 -18.10 -48.76 -47.88
CA LEU W 54 -18.32 -47.46 -47.24
C LEU W 54 -18.24 -46.32 -48.25
N GLU W 55 -18.15 -45.09 -47.77
CA GLU W 55 -18.10 -43.96 -48.68
C GLU W 55 -16.68 -43.68 -49.13
N ASN W 56 -16.57 -43.02 -50.28
CA ASN W 56 -15.30 -42.75 -50.94
C ASN W 56 -14.58 -44.03 -51.36
N GLY W 57 -15.37 -45.06 -51.64
CA GLY W 57 -14.83 -46.32 -52.14
C GLY W 57 -13.88 -47.06 -51.22
N TRP W 58 -14.02 -46.85 -49.92
CA TRP W 58 -13.28 -47.65 -48.95
C TRP W 58 -14.09 -48.87 -48.52
N VAL W 59 -13.47 -50.04 -48.57
CA VAL W 59 -14.16 -51.27 -48.16
C VAL W 59 -13.55 -51.84 -46.88
N TYR W 60 -14.37 -52.57 -46.13
CA TYR W 60 -14.06 -52.96 -44.78
C TYR W 60 -14.16 -54.47 -44.73
N ILE W 61 -13.12 -55.15 -45.15
CA ILE W 61 -13.17 -56.60 -45.28
C ILE W 61 -12.99 -57.33 -43.98
N THR W 62 -14.01 -58.07 -43.59
CA THR W 62 -13.94 -58.83 -42.35
C THR W 62 -13.84 -60.33 -42.58
N ALA W 63 -12.64 -60.87 -42.49
CA ALA W 63 -12.44 -62.30 -42.73
C ALA W 63 -12.49 -63.07 -41.44
N ASN W 64 -13.52 -63.89 -41.31
CA ASN W 64 -13.66 -64.78 -40.17
C ASN W 64 -13.18 -66.18 -40.51
N SER W 65 -12.61 -66.85 -39.52
CA SER W 65 -12.07 -68.16 -39.73
C SER W 65 -12.29 -69.03 -38.50
N SER W 66 -12.73 -70.26 -38.71
CA SER W 66 -12.95 -71.18 -37.62
C SER W 66 -12.40 -72.54 -38.00
N ARG W 67 -11.80 -73.21 -37.02
CA ARG W 67 -11.21 -74.52 -37.22
C ARG W 67 -11.48 -75.41 -36.01
N LEU W 68 -11.59 -76.69 -36.23
CA LEU W 68 -11.55 -77.61 -35.12
C LEU W 68 -10.10 -78.00 -35.00
N VAL W 69 -9.55 -77.97 -33.79
CA VAL W 69 -8.13 -78.24 -33.62
C VAL W 69 -7.87 -79.44 -32.73
N HIS W 70 -6.90 -80.24 -33.13
CA HIS W 70 -6.59 -81.49 -32.46
C HIS W 70 -5.20 -81.40 -31.83
N LEU W 71 -5.09 -81.87 -30.59
CA LEU W 71 -3.84 -81.72 -29.86
C LEU W 71 -3.62 -82.89 -28.92
N ASN W 72 -2.44 -83.51 -29.03
CA ASN W 72 -2.09 -84.62 -28.15
C ASN W 72 -1.20 -84.08 -27.06
N MET W 73 -1.00 -84.87 -26.00
CA MET W 73 -0.12 -84.44 -24.93
C MET W 73 1.33 -84.44 -25.41
N PRO W 74 2.21 -83.68 -24.75
CA PRO W 74 3.56 -83.63 -25.32
C PRO W 74 4.27 -84.98 -25.22
N GLU W 75 5.25 -85.24 -26.09
CA GLU W 75 6.08 -86.44 -26.02
C GLU W 75 6.75 -86.50 -24.67
N SER W 76 7.11 -85.32 -24.18
CA SER W 76 7.70 -85.19 -22.85
C SER W 76 7.44 -83.82 -22.31
N GLU W 77 7.24 -83.73 -21.00
CA GLU W 77 6.85 -82.48 -20.36
C GLU W 77 8.03 -81.58 -20.13
N ASN W 78 9.14 -81.87 -20.81
CA ASN W 78 10.37 -81.16 -20.54
C ASN W 78 10.88 -80.32 -21.70
N TYR W 79 11.65 -79.28 -21.39
CA TYR W 79 12.36 -78.53 -22.41
C TYR W 79 13.68 -79.23 -22.70
N ARG W 80 14.08 -79.26 -23.97
CA ARG W 80 15.32 -79.93 -24.34
C ARG W 80 16.15 -79.04 -25.22
N ARG W 81 17.46 -79.00 -24.97
CA ARG W 81 18.40 -78.38 -25.90
C ARG W 81 19.00 -79.42 -26.82
N VAL W 82 18.59 -79.41 -28.07
CA VAL W 82 19.07 -80.40 -29.01
C VAL W 82 19.96 -79.79 -30.10
N VAL W 83 21.00 -80.51 -30.54
CA VAL W 83 21.82 -80.09 -31.67
C VAL W 83 21.74 -81.05 -32.87
N VAL W 84 21.53 -80.49 -34.05
CA VAL W 84 21.51 -81.27 -35.29
C VAL W 84 22.80 -81.01 -36.03
N ASN W 85 23.38 -82.06 -36.56
CA ASN W 85 24.66 -81.94 -37.22
C ASN W 85 24.81 -82.97 -38.32
N ASN W 86 24.72 -82.51 -39.56
CA ASN W 86 24.92 -83.42 -40.68
C ASN W 86 26.31 -83.25 -41.28
N LEU W 87 27.32 -83.75 -40.58
CA LEU W 87 28.65 -83.86 -41.16
C LEU W 87 28.53 -84.91 -42.24
N ASP W 88 27.59 -85.82 -42.01
CA ASP W 88 27.15 -86.84 -42.96
C ASP W 88 27.09 -86.32 -44.37
N LYS W 89 26.61 -85.10 -44.54
CA LYS W 89 26.34 -84.57 -45.85
C LYS W 89 27.31 -83.44 -46.19
N THR W 90 27.80 -82.77 -45.16
CA THR W 90 28.63 -81.58 -45.39
C THR W 90 30.05 -81.95 -45.68
N ALA W 91 30.48 -83.09 -45.17
CA ALA W 91 31.86 -83.51 -45.33
C ALA W 91 32.15 -83.87 -46.78
N VAL W 92 31.11 -83.87 -47.60
CA VAL W 92 31.18 -84.33 -48.98
C VAL W 92 32.03 -83.42 -49.89
N ASN W 93 32.20 -82.16 -49.51
CA ASN W 93 32.98 -81.18 -50.28
C ASN W 93 32.24 -80.80 -51.54
N GLY W 94 31.79 -79.56 -51.62
CA GLY W 94 30.94 -79.13 -52.72
C GLY W 94 29.48 -79.28 -52.32
N ASN W 95 29.26 -79.72 -51.10
CA ASN W 95 27.94 -79.90 -50.56
C ASN W 95 27.68 -78.90 -49.44
N MET W 96 28.44 -77.82 -49.41
CA MET W 96 28.33 -76.86 -48.30
C MET W 96 26.92 -76.34 -48.15
N ALA W 97 26.29 -76.11 -49.30
CA ALA W 97 24.97 -75.53 -49.32
C ALA W 97 23.91 -76.40 -48.66
N LEU W 98 24.23 -77.65 -48.40
CA LEU W 98 23.25 -78.55 -47.82
C LEU W 98 23.43 -78.58 -46.32
N ASP W 99 24.02 -77.52 -45.79
CA ASP W 99 24.26 -77.45 -44.36
C ASP W 99 22.94 -77.41 -43.58
N ASP W 100 22.84 -78.25 -42.57
CA ASP W 100 21.69 -78.23 -41.68
C ASP W 100 22.11 -78.05 -40.22
N THR W 101 23.36 -77.72 -39.96
CA THR W 101 23.85 -77.76 -38.60
C THR W 101 23.28 -76.62 -37.79
N HIS W 102 22.60 -76.94 -36.70
CA HIS W 102 22.01 -75.92 -35.83
C HIS W 102 21.63 -76.46 -34.45
N ALA W 103 21.26 -75.56 -33.54
CA ALA W 103 20.78 -75.93 -32.20
C ALA W 103 19.40 -75.36 -31.95
N GLU W 104 18.66 -75.98 -31.05
CA GLU W 104 17.23 -75.77 -30.97
C GLU W 104 16.71 -76.03 -29.57
N ILE W 105 15.78 -75.21 -29.09
CA ILE W 105 15.11 -75.55 -27.84
C ILE W 105 13.77 -76.15 -28.13
N VAL W 106 13.55 -77.36 -27.64
CA VAL W 106 12.30 -78.06 -27.89
C VAL W 106 11.38 -77.89 -26.70
N THR W 107 10.19 -77.33 -26.94
CA THR W 107 9.29 -76.99 -25.86
C THR W 107 8.16 -77.94 -25.92
N PRO W 108 7.54 -78.18 -24.77
CA PRO W 108 6.35 -79.02 -24.70
C PRO W 108 5.09 -78.29 -25.16
N TRP W 109 5.27 -77.09 -25.69
CA TRP W 109 4.13 -76.31 -26.10
C TRP W 109 3.91 -76.46 -27.59
N SER W 110 2.65 -76.31 -28.02
CA SER W 110 2.32 -76.22 -29.43
C SER W 110 1.88 -74.83 -29.81
N LEU W 111 2.09 -74.47 -31.05
CA LEU W 111 1.79 -73.13 -31.50
C LEU W 111 0.61 -73.08 -32.45
N VAL W 112 -0.33 -72.19 -32.17
CA VAL W 112 -1.45 -71.94 -33.06
C VAL W 112 -1.16 -70.73 -33.93
N ASP W 113 -0.64 -70.96 -35.13
CA ASP W 113 -0.31 -69.88 -36.06
C ASP W 113 -1.27 -69.87 -37.23
N ALA W 114 -1.93 -68.75 -37.47
CA ALA W 114 -2.84 -68.65 -38.61
C ALA W 114 -2.37 -67.58 -39.59
N ASN W 115 -1.08 -67.28 -39.51
CA ASN W 115 -0.50 -66.21 -40.28
C ASN W 115 -0.22 -66.66 -41.71
N ALA W 116 -1.27 -66.80 -42.50
CA ALA W 116 -1.15 -67.16 -43.91
C ALA W 116 -2.46 -66.89 -44.63
N TRP W 117 -2.37 -66.39 -45.86
CA TRP W 117 -3.54 -65.96 -46.59
C TRP W 117 -4.58 -67.06 -46.68
N GLY W 118 -4.11 -68.29 -46.79
CA GLY W 118 -5.01 -69.39 -47.02
C GLY W 118 -5.93 -69.67 -45.85
N VAL W 119 -5.61 -69.12 -44.69
CA VAL W 119 -6.44 -69.37 -43.51
C VAL W 119 -7.69 -68.51 -43.57
N TRP W 120 -7.58 -67.41 -44.32
CA TRP W 120 -8.60 -66.40 -44.26
C TRP W 120 -9.45 -66.29 -45.50
N PHE W 121 -8.92 -66.68 -46.66
CA PHE W 121 -9.71 -66.54 -47.88
C PHE W 121 -9.82 -67.82 -48.70
N ASN W 122 -11.00 -68.07 -49.22
CA ASN W 122 -11.13 -69.11 -50.23
C ASN W 122 -10.77 -68.48 -51.57
N PRO W 123 -10.61 -69.32 -52.60
CA PRO W 123 -10.27 -68.73 -53.90
C PRO W 123 -11.24 -67.65 -54.33
N GLY W 124 -12.53 -67.87 -54.17
CA GLY W 124 -13.53 -66.90 -54.55
C GLY W 124 -13.31 -65.54 -53.94
N ASP W 125 -13.01 -65.51 -52.65
CA ASP W 125 -12.72 -64.24 -51.98
C ASP W 125 -11.52 -63.55 -52.63
N TRP W 126 -10.47 -64.32 -52.83
CA TRP W 126 -9.24 -63.76 -53.31
C TRP W 126 -9.46 -63.12 -54.64
N GLN W 127 -10.29 -63.75 -55.46
CA GLN W 127 -10.63 -63.22 -56.77
C GLN W 127 -11.18 -61.84 -56.63
N LEU W 128 -12.17 -61.72 -55.74
CA LEU W 128 -12.87 -60.48 -55.53
C LEU W 128 -11.87 -59.42 -55.13
N ILE W 129 -11.07 -59.78 -54.14
CA ILE W 129 -10.09 -58.89 -53.60
C ILE W 129 -9.14 -58.43 -54.68
N VAL W 130 -8.55 -59.39 -55.40
CA VAL W 130 -7.50 -59.09 -56.37
C VAL W 130 -7.96 -58.36 -57.62
N ASN W 131 -9.12 -58.70 -58.15
CA ASN W 131 -9.54 -58.11 -59.40
C ASN W 131 -10.08 -56.71 -59.26
N THR W 132 -10.60 -56.41 -58.09
CA THR W 132 -11.41 -55.21 -57.98
C THR W 132 -10.83 -54.09 -57.13
N MET W 133 -9.78 -54.36 -56.37
CA MET W 133 -9.28 -53.32 -55.48
C MET W 133 -7.83 -52.97 -55.67
N SER W 134 -7.50 -51.73 -55.39
CA SER W 134 -6.19 -51.19 -55.75
C SER W 134 -5.18 -51.27 -54.62
N GLU W 135 -5.63 -51.24 -53.37
CA GLU W 135 -4.74 -51.38 -52.23
C GLU W 135 -5.39 -52.02 -51.02
N LEU W 136 -4.63 -52.20 -49.94
CA LEU W 136 -5.11 -53.02 -48.86
C LEU W 136 -4.45 -52.60 -47.54
N HIS W 137 -5.26 -52.29 -46.53
CA HIS W 137 -4.72 -51.95 -45.19
C HIS W 137 -5.07 -53.01 -44.18
N LEU W 138 -4.14 -53.25 -43.25
CA LEU W 138 -4.32 -54.23 -42.19
C LEU W 138 -4.84 -53.49 -40.96
N VAL W 139 -6.03 -53.84 -40.49
CA VAL W 139 -6.70 -53.07 -39.45
C VAL W 139 -6.58 -53.66 -38.04
N SER W 140 -7.08 -54.89 -37.90
CA SER W 140 -7.19 -55.51 -36.59
C SER W 140 -7.14 -57.02 -36.64
N PHE W 141 -6.92 -57.64 -35.49
CA PHE W 141 -6.86 -59.08 -35.41
C PHE W 141 -7.22 -59.56 -34.05
N GLU W 142 -8.20 -60.45 -33.96
CA GLU W 142 -8.62 -61.05 -32.69
C GLU W 142 -8.90 -62.54 -32.86
N GLN W 143 -8.82 -63.29 -31.77
CA GLN W 143 -9.05 -64.72 -31.83
C GLN W 143 -9.49 -65.30 -30.50
N GLU W 144 -10.20 -66.41 -30.52
CA GLU W 144 -10.63 -67.06 -29.28
C GLU W 144 -10.64 -68.59 -29.36
N ILE W 145 -10.66 -69.23 -28.21
CA ILE W 145 -10.69 -70.68 -28.13
C ILE W 145 -11.88 -71.13 -27.32
N PHE W 146 -12.71 -72.02 -27.87
CA PHE W 146 -13.94 -72.40 -27.20
C PHE W 146 -14.36 -73.86 -27.41
N ASN W 147 -15.38 -74.27 -26.69
CA ASN W 147 -15.86 -75.64 -26.68
C ASN W 147 -14.67 -76.55 -26.49
N VAL W 148 -13.92 -76.33 -25.42
CA VAL W 148 -12.76 -77.16 -25.16
C VAL W 148 -13.21 -78.55 -24.77
N VAL W 149 -12.56 -79.58 -25.30
CA VAL W 149 -12.88 -80.96 -24.92
C VAL W 149 -11.63 -81.76 -24.61
N LEU W 150 -11.64 -82.49 -23.51
CA LEU W 150 -10.54 -83.36 -23.17
C LEU W 150 -11.00 -84.78 -22.98
N LYS W 151 -10.33 -85.73 -23.63
CA LYS W 151 -10.65 -87.15 -23.53
C LYS W 151 -9.40 -87.94 -23.14
N THR W 152 -9.58 -89.01 -22.38
CA THR W 152 -8.47 -89.90 -22.11
C THR W 152 -8.63 -91.13 -22.97
N VAL W 153 -7.53 -91.65 -23.51
CA VAL W 153 -7.62 -92.92 -24.22
C VAL W 153 -7.86 -93.96 -23.14
N SER W 154 -6.85 -94.76 -22.84
CA SER W 154 -6.99 -95.76 -21.80
C SER W 154 -8.26 -96.62 -21.96
N GLU W 155 -8.29 -97.64 -22.83
CA GLU W 155 -7.23 -98.16 -23.70
C GLU W 155 -7.86 -99.53 -23.93
N SER W 156 -7.02 -100.55 -23.92
CA SER W 156 -7.38 -101.95 -23.73
C SER W 156 -8.81 -102.32 -23.30
N ALA W 157 -9.77 -102.43 -24.23
CA ALA W 157 -11.09 -102.88 -23.79
C ALA W 157 -12.07 -103.36 -24.88
N THR W 158 -12.26 -104.67 -25.09
CA THR W 158 -11.46 -105.84 -24.65
C THR W 158 -11.89 -106.95 -25.63
N GLN W 159 -10.94 -107.81 -26.00
CA GLN W 159 -10.99 -108.64 -27.23
C GLN W 159 -11.02 -107.64 -28.42
N PRO W 160 -10.53 -108.08 -29.61
CA PRO W 160 -9.69 -107.67 -30.73
C PRO W 160 -8.30 -107.03 -30.50
N PRO W 161 -7.97 -106.40 -29.35
CA PRO W 161 -8.53 -106.00 -28.05
C PRO W 161 -9.05 -104.55 -28.00
N THR W 162 -8.93 -103.83 -29.12
CA THR W 162 -9.54 -102.51 -29.39
C THR W 162 -9.27 -101.38 -28.37
N LYS W 163 -9.65 -100.16 -28.73
CA LYS W 163 -9.41 -98.97 -27.90
C LYS W 163 -10.71 -98.25 -27.55
N VAL W 164 -10.70 -97.49 -26.47
CA VAL W 164 -11.92 -96.79 -26.04
C VAL W 164 -11.58 -95.41 -25.52
N TYR W 165 -12.39 -94.43 -25.86
CA TYR W 165 -12.08 -93.06 -25.49
C TYR W 165 -13.15 -92.45 -24.59
N ASN W 166 -12.77 -92.01 -23.40
CA ASN W 166 -13.76 -91.41 -22.52
C ASN W 166 -13.46 -89.96 -22.25
N ASN W 167 -14.49 -89.22 -21.85
CA ASN W 167 -14.29 -87.84 -21.43
C ASN W 167 -13.70 -87.74 -20.03
N ASP W 168 -12.64 -86.95 -19.89
CA ASP W 168 -12.15 -86.51 -18.58
C ASP W 168 -12.64 -85.09 -18.41
N LEU W 169 -13.76 -84.95 -17.72
CA LEU W 169 -14.39 -83.66 -17.67
C LEU W 169 -13.54 -82.63 -16.96
N THR W 170 -12.94 -83.07 -15.87
CA THR W 170 -12.16 -82.19 -15.02
C THR W 170 -10.76 -81.85 -15.55
N ALA W 171 -10.36 -82.48 -16.65
CA ALA W 171 -9.03 -82.26 -17.22
C ALA W 171 -8.96 -80.88 -17.83
N SER W 172 -7.77 -80.34 -17.94
CA SER W 172 -7.61 -78.96 -18.33
C SER W 172 -6.71 -78.78 -19.53
N LEU W 173 -6.99 -77.78 -20.35
CA LEU W 173 -6.12 -77.38 -21.46
C LEU W 173 -5.40 -76.06 -21.15
N MET W 174 -4.07 -76.05 -21.22
CA MET W 174 -3.30 -74.86 -20.88
C MET W 174 -3.22 -73.95 -22.08
N VAL W 175 -3.57 -72.70 -21.90
CA VAL W 175 -3.50 -71.75 -22.99
C VAL W 175 -2.72 -70.56 -22.52
N ALA W 176 -1.79 -70.09 -23.35
CA ALA W 176 -0.98 -68.95 -22.97
C ALA W 176 -0.78 -68.07 -24.15
N LEU W 177 -1.03 -66.78 -23.94
CA LEU W 177 -0.90 -65.81 -25.00
C LEU W 177 0.20 -64.83 -24.71
N ASP W 178 1.25 -64.81 -25.52
CA ASP W 178 2.39 -63.96 -25.25
C ASP W 178 2.20 -62.60 -25.85
N SER W 179 1.33 -61.80 -25.28
CA SER W 179 0.98 -60.54 -25.92
C SER W 179 2.07 -59.48 -25.78
N ASN W 180 3.04 -59.72 -24.92
CA ASN W 180 4.14 -58.77 -24.80
C ASN W 180 5.22 -59.03 -25.82
N ASN W 181 5.01 -60.06 -26.64
CA ASN W 181 6.05 -60.56 -27.52
C ASN W 181 7.37 -60.76 -26.76
N THR W 182 7.29 -61.51 -25.67
CA THR W 182 8.44 -61.86 -24.84
C THR W 182 9.37 -62.84 -25.52
N MET W 183 8.79 -63.67 -26.36
CA MET W 183 9.46 -64.86 -26.83
C MET W 183 9.75 -64.84 -28.32
N PRO W 184 10.70 -65.68 -28.76
CA PRO W 184 11.18 -65.57 -30.13
C PRO W 184 10.05 -65.76 -31.12
N PHE W 185 10.05 -64.92 -32.14
CA PHE W 185 9.02 -64.94 -33.15
C PHE W 185 9.27 -66.04 -34.17
N THR W 186 8.35 -66.98 -34.28
CA THR W 186 8.50 -68.08 -35.21
C THR W 186 7.26 -68.26 -36.08
N PRO W 187 7.16 -67.48 -37.16
CA PRO W 187 6.01 -67.62 -38.06
C PRO W 187 6.03 -69.00 -38.71
N ALA W 188 4.94 -69.76 -38.59
CA ALA W 188 4.91 -71.14 -39.07
C ALA W 188 4.68 -71.25 -40.56
N ALA W 189 4.44 -70.12 -41.20
CA ALA W 189 4.19 -70.17 -42.62
C ALA W 189 5.45 -70.58 -43.39
N MET W 190 6.62 -70.26 -42.84
CA MET W 190 7.89 -70.49 -43.52
C MET W 190 8.14 -71.96 -43.65
N ARG W 191 7.45 -72.72 -42.81
CA ARG W 191 7.66 -74.13 -42.78
C ARG W 191 6.37 -74.79 -43.12
N SER W 192 5.47 -73.99 -43.71
CA SER W 192 4.16 -74.46 -44.11
C SER W 192 3.54 -75.26 -43.01
N GLU W 193 3.48 -74.66 -41.83
CA GLU W 193 2.98 -75.36 -40.66
C GLU W 193 1.96 -74.53 -39.91
N THR W 194 1.16 -73.76 -40.64
CA THR W 194 0.10 -73.00 -40.03
C THR W 194 -1.15 -73.83 -39.89
N LEU W 195 -2.26 -73.18 -39.60
CA LEU W 195 -3.52 -73.91 -39.54
C LEU W 195 -3.98 -74.26 -40.96
N GLY W 196 -4.88 -75.23 -41.05
CA GLY W 196 -5.41 -75.69 -42.32
C GLY W 196 -6.14 -74.66 -43.13
N PHE W 197 -6.18 -74.85 -44.44
CA PHE W 197 -6.81 -73.88 -45.31
C PHE W 197 -8.27 -74.27 -45.62
N TYR W 198 -8.75 -75.38 -45.04
CA TYR W 198 -10.12 -75.83 -45.31
C TYR W 198 -10.92 -75.79 -44.04
N PRO W 199 -12.05 -75.07 -44.07
CA PRO W 199 -13.02 -74.81 -43.01
C PRO W 199 -13.69 -76.06 -42.51
N TRP W 200 -13.92 -77.02 -43.39
CA TRP W 200 -14.66 -78.19 -42.99
C TRP W 200 -13.74 -79.32 -42.60
N LYS W 201 -12.43 -79.09 -42.76
CA LYS W 201 -11.48 -80.13 -42.41
C LYS W 201 -10.70 -79.77 -41.16
N PRO W 202 -10.77 -80.61 -40.12
CA PRO W 202 -10.06 -80.35 -38.87
C PRO W 202 -8.56 -80.20 -39.08
N THR W 203 -7.88 -79.65 -38.08
CA THR W 203 -6.46 -79.30 -38.18
C THR W 203 -5.74 -79.43 -36.87
N ILE W 204 -4.48 -78.99 -36.87
CA ILE W 204 -3.64 -79.15 -35.70
C ILE W 204 -2.69 -77.98 -35.64
N PRO W 205 -2.17 -77.69 -34.44
CA PRO W 205 -1.06 -76.76 -34.26
C PRO W 205 0.25 -77.46 -34.58
N THR W 206 1.37 -76.79 -34.37
CA THR W 206 2.67 -77.45 -34.50
C THR W 206 3.48 -77.31 -33.23
N PRO W 207 4.24 -78.34 -32.87
CA PRO W 207 5.05 -78.30 -31.65
C PRO W 207 6.04 -77.15 -31.69
N TRP W 208 6.12 -76.37 -30.61
CA TRP W 208 6.92 -75.17 -30.66
C TRP W 208 8.39 -75.36 -30.33
N ARG W 209 9.23 -74.63 -31.06
CA ARG W 209 10.66 -74.78 -30.99
C ARG W 209 11.27 -73.44 -31.39
N TYR W 210 12.41 -73.08 -30.83
CA TYR W 210 13.05 -71.83 -31.22
C TYR W 210 14.56 -71.98 -31.20
N TYR W 211 15.25 -71.06 -31.86
CA TYR W 211 16.70 -71.17 -32.02
C TYR W 211 17.50 -70.84 -30.77
N PHE W 212 18.47 -71.70 -30.47
CA PHE W 212 19.39 -71.55 -29.35
C PHE W 212 20.79 -71.31 -29.90
N GLN W 213 21.60 -70.43 -29.30
CA GLN W 213 22.84 -69.98 -29.97
C GLN W 213 23.90 -71.07 -30.18
N TRP W 214 24.63 -70.99 -31.29
CA TRP W 214 25.72 -71.91 -31.56
C TRP W 214 26.78 -71.27 -32.45
N ASP W 215 28.06 -71.53 -32.16
CA ASP W 215 29.18 -71.20 -33.06
C ASP W 215 29.48 -72.32 -34.06
N ARG W 216 29.97 -71.98 -35.25
CA ARG W 216 30.03 -72.95 -36.32
C ARG W 216 30.86 -72.48 -37.49
N THR W 217 31.82 -73.29 -37.91
CA THR W 217 32.61 -72.93 -39.08
C THR W 217 32.59 -74.03 -40.12
N LEU W 218 32.47 -73.61 -41.37
CA LEU W 218 32.49 -74.51 -42.52
C LEU W 218 33.13 -73.79 -43.68
N ILE W 219 34.32 -74.22 -44.06
CA ILE W 219 35.01 -73.62 -45.20
C ILE W 219 34.52 -74.26 -46.47
N PRO W 220 34.19 -73.44 -47.48
CA PRO W 220 33.63 -74.00 -48.72
C PRO W 220 34.65 -74.80 -49.52
N SER W 221 34.17 -75.53 -50.52
CA SER W 221 35.02 -76.44 -51.26
C SER W 221 34.35 -76.91 -52.53
N HIS W 222 35.07 -77.67 -53.34
CA HIS W 222 34.47 -78.27 -54.52
C HIS W 222 34.83 -79.74 -54.57
N THR W 223 34.34 -80.42 -55.61
CA THR W 223 34.54 -81.87 -55.76
C THR W 223 35.99 -82.23 -55.95
N GLY W 224 36.70 -81.42 -56.71
CA GLY W 224 38.11 -81.68 -56.95
C GLY W 224 38.97 -81.52 -55.71
N THR W 225 38.63 -80.57 -54.85
CA THR W 225 39.41 -80.30 -53.65
C THR W 225 39.59 -81.57 -52.85
N SER W 226 40.81 -81.84 -52.43
CA SER W 226 41.02 -82.99 -51.56
C SER W 226 41.56 -82.53 -50.23
N GLY W 227 41.63 -83.47 -49.31
CA GLY W 227 41.95 -83.18 -47.94
C GLY W 227 40.59 -82.96 -47.31
N THR W 228 40.54 -82.59 -46.04
CA THR W 228 39.27 -82.34 -45.40
C THR W 228 39.17 -80.89 -44.96
N PRO W 229 38.32 -80.11 -45.65
CA PRO W 229 38.10 -78.70 -45.29
C PRO W 229 37.42 -78.64 -43.92
N THR W 230 37.89 -77.72 -43.06
CA THR W 230 37.45 -77.68 -41.67
C THR W 230 35.95 -77.48 -41.55
N ASN W 231 35.33 -78.35 -40.78
CA ASN W 231 33.90 -78.43 -40.70
C ASN W 231 33.53 -78.77 -39.28
N ILE W 232 33.50 -77.75 -38.43
CA ILE W 232 33.38 -77.99 -37.00
C ILE W 232 32.23 -77.23 -36.34
N TYR W 233 31.68 -77.81 -35.29
CA TYR W 233 30.67 -77.20 -34.45
C TYR W 233 31.33 -76.84 -33.14
N HIS W 234 31.59 -75.55 -32.94
CA HIS W 234 32.39 -75.14 -31.80
C HIS W 234 31.68 -75.25 -30.46
N GLY W 235 30.40 -74.93 -30.43
CA GLY W 235 29.64 -75.00 -29.20
C GLY W 235 28.75 -73.80 -29.01
N THR W 236 28.81 -73.17 -27.84
CA THR W 236 27.85 -72.13 -27.53
C THR W 236 28.45 -70.90 -26.82
N ASP W 237 28.41 -69.75 -27.50
CA ASP W 237 28.90 -68.47 -26.97
C ASP W 237 28.07 -68.10 -25.76
N PRO W 238 28.63 -68.26 -24.56
CA PRO W 238 27.83 -68.07 -23.35
C PRO W 238 27.19 -66.69 -23.30
N ASP W 239 27.78 -65.71 -23.98
CA ASP W 239 27.29 -64.35 -23.92
C ASP W 239 25.95 -64.22 -24.63
N ASP W 240 25.59 -65.26 -25.38
CA ASP W 240 24.44 -65.19 -26.25
C ASP W 240 23.35 -66.21 -25.87
N VAL W 241 23.45 -66.75 -24.68
CA VAL W 241 22.55 -67.82 -24.26
C VAL W 241 21.24 -67.27 -23.80
N GLN W 242 20.16 -67.67 -24.45
CA GLN W 242 18.82 -67.32 -24.01
C GLN W 242 17.85 -68.50 -23.95
N PHE W 243 17.62 -69.00 -22.73
CA PHE W 243 16.69 -70.08 -22.49
C PHE W 243 15.36 -69.54 -21.95
N TYR W 244 14.31 -69.61 -22.77
CA TYR W 244 12.98 -69.10 -22.40
C TYR W 244 12.00 -70.21 -21.95
N THR W 245 11.12 -69.89 -21.02
CA THR W 245 9.99 -70.78 -20.77
C THR W 245 8.70 -70.02 -20.85
N ILE W 246 7.69 -70.67 -21.42
CA ILE W 246 6.37 -70.14 -21.43
C ILE W 246 6.00 -69.85 -19.99
N GLU W 247 6.32 -70.79 -19.12
CA GLU W 247 5.93 -70.76 -17.73
C GLU W 247 6.39 -69.55 -16.92
N ASN W 248 7.60 -69.05 -17.19
CA ASN W 248 8.13 -67.90 -16.45
C ASN W 248 7.87 -66.55 -17.06
N SER W 249 7.31 -66.54 -18.25
CA SER W 249 7.16 -65.29 -19.00
C SER W 249 5.73 -64.89 -19.28
N VAL W 250 4.85 -65.88 -19.43
CA VAL W 250 3.46 -65.64 -19.86
C VAL W 250 2.42 -66.21 -18.91
N PRO W 251 1.35 -65.46 -18.67
CA PRO W 251 0.27 -66.00 -17.84
C PRO W 251 -0.45 -67.16 -18.51
N VAL W 252 -0.67 -68.21 -17.76
CA VAL W 252 -1.34 -69.38 -18.31
C VAL W 252 -2.75 -69.62 -17.79
N HIS W 253 -3.69 -69.76 -18.71
CA HIS W 253 -5.07 -70.00 -18.36
C HIS W 253 -5.33 -71.49 -18.46
N LEU W 254 -5.97 -72.06 -17.45
CA LEU W 254 -6.39 -73.45 -17.54
C LEU W 254 -7.83 -73.50 -18.02
N LEU W 255 -8.08 -74.07 -19.18
CA LEU W 255 -9.43 -74.16 -19.68
C LEU W 255 -9.99 -75.55 -19.47
N ARG W 256 -11.11 -75.66 -18.76
CA ARG W 256 -11.86 -76.90 -18.74
C ARG W 256 -12.94 -76.83 -19.82
N THR W 257 -13.85 -77.81 -19.87
CA THR W 257 -14.85 -77.88 -20.93
C THR W 257 -15.69 -76.61 -21.09
N GLY W 258 -16.22 -76.14 -19.97
CA GLY W 258 -17.10 -74.99 -19.97
C GLY W 258 -16.36 -73.67 -19.99
N ASP W 259 -15.03 -73.68 -20.05
CA ASP W 259 -14.28 -72.43 -20.07
C ASP W 259 -13.97 -72.04 -21.48
N GLU W 260 -13.66 -70.77 -21.64
CA GLU W 260 -13.33 -70.23 -22.95
C GLU W 260 -12.24 -69.19 -22.76
N PHE W 261 -11.44 -68.98 -23.79
CA PHE W 261 -10.42 -67.95 -23.75
C PHE W 261 -10.46 -67.06 -24.95
N ALA W 262 -10.55 -65.77 -24.73
CA ALA W 262 -10.57 -64.85 -25.85
C ALA W 262 -9.51 -63.80 -25.68
N THR W 263 -8.88 -63.39 -26.78
CA THR W 263 -7.86 -62.37 -26.72
C THR W 263 -8.54 -61.05 -26.90
N GLY W 264 -7.80 -59.97 -26.79
CA GLY W 264 -8.39 -58.68 -27.07
C GLY W 264 -8.56 -58.52 -28.56
N THR W 265 -8.81 -57.31 -29.02
CA THR W 265 -8.66 -57.01 -30.43
C THR W 265 -7.43 -56.15 -30.63
N PHE W 266 -6.43 -56.70 -31.31
CA PHE W 266 -5.18 -56.02 -31.55
C PHE W 266 -5.27 -55.21 -32.82
N PHE W 267 -4.88 -53.94 -32.74
CA PHE W 267 -4.92 -53.04 -33.88
C PHE W 267 -3.56 -52.83 -34.49
N PHE W 268 -3.52 -52.94 -35.81
CA PHE W 268 -2.25 -52.84 -36.51
C PHE W 268 -1.88 -51.41 -36.76
N ASP W 269 -0.62 -51.20 -37.10
CA ASP W 269 -0.24 -49.98 -37.78
C ASP W 269 0.87 -50.34 -38.74
N CYS W 270 0.53 -50.33 -40.03
CA CYS W 270 1.45 -50.66 -41.10
C CYS W 270 1.13 -49.82 -42.31
N LYS W 271 1.98 -49.94 -43.33
CA LYS W 271 1.76 -49.22 -44.55
C LYS W 271 0.79 -50.02 -45.41
N PRO W 272 0.26 -49.41 -46.46
CA PRO W 272 -0.62 -50.21 -47.30
C PRO W 272 0.15 -51.12 -48.22
N CYS W 273 -0.43 -52.29 -48.49
CA CYS W 273 0.08 -53.17 -49.53
C CYS W 273 -0.72 -52.93 -50.80
N ARG W 274 -0.05 -52.84 -51.95
CA ARG W 274 -0.77 -52.46 -53.15
C ARG W 274 -1.10 -53.67 -54.03
N LEU W 275 -2.24 -53.64 -54.72
CA LEU W 275 -2.64 -54.76 -55.56
C LEU W 275 -2.52 -54.40 -57.05
N THR W 276 -1.46 -53.70 -57.37
CA THR W 276 -1.11 -53.39 -58.74
C THR W 276 0.37 -53.61 -58.94
N HIS W 277 0.72 -54.08 -60.13
CA HIS W 277 2.12 -54.29 -60.48
C HIS W 277 2.58 -53.12 -61.36
N THR W 278 3.87 -52.81 -61.29
CA THR W 278 4.45 -51.79 -62.14
C THR W 278 5.11 -52.50 -63.30
N TRP W 279 5.03 -51.94 -64.49
CA TRP W 279 5.56 -52.63 -65.66
C TRP W 279 6.78 -52.00 -66.30
N GLN W 280 7.10 -50.78 -65.87
CA GLN W 280 8.13 -49.99 -66.51
C GLN W 280 9.48 -50.33 -65.89
N THR W 281 10.48 -50.56 -66.73
CA THR W 281 11.87 -50.61 -66.30
C THR W 281 12.44 -49.28 -66.72
N ASN W 282 13.69 -49.02 -66.42
CA ASN W 282 14.27 -47.73 -66.77
C ASN W 282 14.07 -47.32 -68.23
N ARG W 283 13.93 -48.29 -69.12
CA ARG W 283 13.95 -48.02 -70.56
C ARG W 283 12.71 -47.34 -71.06
N ALA W 284 11.71 -47.22 -70.19
CA ALA W 284 10.43 -46.61 -70.53
C ALA W 284 9.98 -45.58 -69.51
N LEU W 285 10.90 -44.71 -69.11
CA LEU W 285 10.57 -43.68 -68.14
C LEU W 285 10.70 -42.33 -68.76
N GLY W 286 9.59 -41.65 -68.91
CA GLY W 286 9.65 -40.27 -69.30
C GLY W 286 9.23 -40.09 -70.73
N LEU W 287 9.78 -39.08 -71.37
CA LEU W 287 9.39 -38.73 -72.71
C LEU W 287 10.16 -39.52 -73.75
N PRO W 288 9.46 -40.38 -74.51
CA PRO W 288 10.06 -41.08 -75.63
C PRO W 288 10.43 -40.11 -76.74
N PRO W 289 11.44 -40.45 -77.53
CA PRO W 289 12.00 -39.58 -78.54
C PRO W 289 11.08 -39.38 -79.71
N PHE W 290 11.08 -38.18 -80.27
CA PHE W 290 10.18 -37.83 -81.35
C PHE W 290 10.53 -38.58 -82.61
N LEU W 291 9.55 -39.25 -83.20
CA LEU W 291 9.76 -39.97 -84.44
C LEU W 291 9.45 -39.06 -85.60
N ASN W 292 10.43 -38.78 -86.46
CA ASN W 292 10.17 -37.93 -87.63
C ASN W 292 9.62 -38.71 -88.83
N SER W 293 9.70 -40.04 -88.75
CA SER W 293 9.21 -40.89 -89.84
C SER W 293 8.30 -41.99 -89.32
N LEU W 294 7.00 -41.78 -89.52
CA LEU W 294 5.99 -42.72 -89.09
C LEU W 294 5.57 -43.64 -90.22
N PRO W 295 5.26 -44.90 -89.87
CA PRO W 295 4.84 -45.96 -90.80
C PRO W 295 3.60 -45.58 -91.58
N GLN W 296 3.42 -46.14 -92.77
CA GLN W 296 2.28 -45.77 -93.61
C GLN W 296 1.46 -46.95 -94.13
N SER W 297 1.71 -48.14 -93.61
CA SER W 297 0.80 -49.25 -93.78
C SER W 297 0.86 -50.15 -92.55
N GLU W 298 -0.23 -50.84 -92.23
CA GLU W 298 -0.24 -51.69 -91.04
C GLU W 298 0.67 -52.88 -91.26
N GLY W 299 1.00 -53.59 -90.19
CA GLY W 299 1.80 -54.80 -90.31
C GLY W 299 2.81 -55.01 -89.21
N GLY W 300 3.66 -56.01 -89.40
CA GLY W 300 4.56 -56.47 -88.36
C GLY W 300 6.00 -56.02 -88.54
N THR W 301 6.30 -55.42 -89.68
CA THR W 301 7.65 -54.95 -89.94
C THR W 301 7.64 -53.52 -90.39
N ASN W 302 6.49 -52.87 -90.22
CA ASN W 302 6.39 -51.45 -90.50
C ASN W 302 6.83 -50.60 -89.34
N PHE W 303 8.13 -50.55 -89.12
CA PHE W 303 8.65 -49.81 -87.98
C PHE W 303 8.65 -48.33 -88.24
N GLY W 304 8.71 -47.56 -87.17
CA GLY W 304 8.90 -46.13 -87.29
C GLY W 304 10.36 -45.81 -87.02
N TYR W 305 10.81 -44.68 -87.54
CA TYR W 305 12.21 -44.30 -87.39
C TYR W 305 12.34 -42.90 -86.80
N ILE W 306 13.21 -42.75 -85.79
CA ILE W 306 13.44 -41.46 -85.13
C ILE W 306 13.87 -40.40 -86.12
N GLY W 307 14.88 -40.75 -86.90
CA GLY W 307 15.28 -39.92 -88.01
C GLY W 307 16.26 -38.81 -87.73
N VAL W 308 17.08 -38.98 -86.71
CA VAL W 308 18.26 -38.13 -86.56
C VAL W 308 19.42 -39.01 -86.17
N GLN W 309 20.55 -38.76 -86.82
CA GLN W 309 21.76 -39.54 -86.63
C GLN W 309 22.17 -39.50 -85.16
N GLN W 310 22.45 -40.67 -84.58
CA GLN W 310 22.58 -40.82 -83.15
C GLN W 310 23.51 -39.86 -82.43
N ASP W 311 24.48 -39.30 -83.14
CA ASP W 311 25.42 -38.43 -82.47
C ASP W 311 25.12 -36.95 -82.71
N LYS W 312 24.00 -36.67 -83.36
CA LYS W 312 23.62 -35.28 -83.57
C LYS W 312 22.30 -34.99 -82.86
N ARG W 313 22.01 -35.78 -81.84
CA ARG W 313 20.73 -35.70 -81.15
C ARG W 313 20.80 -34.77 -79.94
N ARG W 314 19.63 -34.25 -79.54
CA ARG W 314 19.50 -33.36 -78.39
C ARG W 314 19.00 -34.11 -77.17
N GLY W 315 19.45 -33.69 -75.98
CA GLY W 315 19.08 -34.38 -74.76
C GLY W 315 20.17 -34.45 -73.70
N VAL W 316 19.92 -35.25 -72.67
CA VAL W 316 20.84 -35.35 -71.53
C VAL W 316 21.29 -36.76 -71.22
N THR W 317 22.59 -36.95 -71.08
CA THR W 317 23.12 -38.23 -70.67
C THR W 317 24.16 -38.09 -69.57
N GLN W 318 24.51 -39.22 -68.95
CA GLN W 318 25.53 -39.21 -67.92
C GLN W 318 26.85 -39.74 -68.46
N MET W 319 27.03 -39.63 -69.77
CA MET W 319 28.25 -40.09 -70.41
C MET W 319 29.00 -38.90 -70.94
N GLY W 320 29.91 -38.38 -70.15
CA GLY W 320 30.63 -37.17 -70.53
C GLY W 320 31.42 -37.19 -71.82
N ASN W 321 31.76 -38.38 -72.31
CA ASN W 321 32.55 -38.52 -73.52
C ASN W 321 31.77 -38.30 -74.80
N THR W 322 30.95 -39.29 -75.15
CA THR W 322 30.31 -39.33 -76.46
C THR W 322 29.12 -38.40 -76.59
N ASN W 323 28.78 -38.13 -77.84
CA ASN W 323 27.63 -37.33 -78.10
C ASN W 323 26.50 -38.20 -78.58
N TYR W 324 26.69 -39.51 -78.41
CA TYR W 324 25.65 -40.47 -78.72
C TYR W 324 24.54 -40.32 -77.71
N ILE W 325 23.31 -40.19 -78.17
CA ILE W 325 22.18 -40.19 -77.25
C ILE W 325 21.20 -41.25 -77.70
N THR W 326 21.25 -42.41 -77.07
CA THR W 326 20.33 -43.47 -77.43
C THR W 326 19.54 -43.88 -76.22
N GLU W 327 18.50 -44.69 -76.43
CA GLU W 327 17.63 -45.13 -75.35
C GLU W 327 18.36 -45.83 -74.20
N ALA W 328 19.46 -46.52 -74.50
CA ALA W 328 20.22 -47.17 -73.45
C ALA W 328 21.21 -46.20 -72.83
N THR W 329 21.33 -45.04 -73.45
CA THR W 329 22.30 -44.05 -73.03
C THR W 329 21.64 -42.87 -72.35
N ILE W 330 20.49 -42.47 -72.87
CA ILE W 330 19.76 -41.32 -72.36
C ILE W 330 19.56 -41.45 -70.86
N MET W 331 19.76 -40.35 -70.15
CA MET W 331 19.57 -40.34 -68.72
C MET W 331 18.15 -40.71 -68.31
N ARG W 332 18.03 -41.35 -67.16
CA ARG W 332 16.73 -41.57 -66.55
C ARG W 332 16.83 -40.98 -65.15
N PRO W 333 15.70 -40.55 -64.57
CA PRO W 333 15.71 -39.89 -63.26
C PRO W 333 16.32 -40.71 -62.11
N ALA W 334 16.17 -42.02 -62.13
CA ALA W 334 16.80 -42.87 -61.12
C ALA W 334 16.97 -44.28 -61.65
N GLU W 335 17.00 -45.27 -60.77
CA GLU W 335 17.11 -46.63 -61.25
C GLU W 335 16.09 -47.55 -60.61
N VAL W 336 15.32 -48.22 -61.45
CA VAL W 336 14.29 -49.15 -61.00
C VAL W 336 14.83 -50.54 -60.81
N GLY W 337 14.85 -51.00 -59.59
CA GLY W 337 15.38 -52.31 -59.28
C GLY W 337 16.88 -52.28 -59.12
N TYR W 338 17.44 -53.43 -58.80
CA TYR W 338 18.86 -53.50 -58.53
C TYR W 338 19.41 -54.87 -58.86
N SER W 339 20.70 -54.94 -59.10
CA SER W 339 21.37 -56.18 -59.40
C SER W 339 21.96 -56.80 -58.15
N ALA W 340 21.77 -58.09 -57.92
CA ALA W 340 22.29 -58.67 -56.68
C ALA W 340 23.08 -59.96 -56.87
N PRO W 341 23.99 -60.25 -55.93
CA PRO W 341 24.76 -61.49 -56.05
C PRO W 341 23.91 -62.75 -56.06
N TYR W 342 24.31 -63.71 -56.87
CA TYR W 342 23.55 -64.94 -57.00
C TYR W 342 24.40 -66.05 -57.61
N TYR W 343 24.31 -67.28 -57.08
CA TYR W 343 23.68 -67.57 -55.80
C TYR W 343 24.67 -67.25 -54.68
N SER W 344 24.63 -66.07 -54.09
CA SER W 344 25.68 -65.78 -53.12
C SER W 344 25.32 -66.35 -51.77
N PHE W 345 26.32 -66.95 -51.15
CA PHE W 345 26.19 -67.40 -49.78
C PHE W 345 27.14 -66.59 -48.94
N GLU W 346 26.68 -66.16 -47.77
CA GLU W 346 27.52 -65.42 -46.85
C GLU W 346 27.59 -66.18 -45.54
N ALA W 347 28.57 -65.86 -44.72
CA ALA W 347 28.75 -66.65 -43.53
C ALA W 347 29.04 -65.79 -42.33
N SER W 348 28.41 -66.15 -41.22
CA SER W 348 28.73 -65.55 -39.95
C SER W 348 28.61 -66.58 -38.85
N THR W 349 29.15 -66.23 -37.69
CA THR W 349 29.06 -67.00 -36.44
C THR W 349 28.42 -68.39 -36.44
N GLN W 350 27.30 -68.54 -37.15
CA GLN W 350 26.52 -69.77 -37.05
C GLN W 350 26.44 -70.56 -38.33
N GLY W 351 27.23 -70.17 -39.31
CA GLY W 351 27.27 -70.92 -40.55
C GLY W 351 26.87 -70.05 -41.71
N PRO W 352 26.77 -70.66 -42.89
CA PRO W 352 26.44 -70.01 -44.15
C PRO W 352 24.93 -69.92 -44.44
N PHE W 353 24.57 -68.93 -45.27
CA PHE W 353 23.19 -68.70 -45.66
C PHE W 353 23.10 -67.93 -46.98
N LYS W 354 22.04 -68.18 -47.75
CA LYS W 354 21.90 -67.49 -49.03
C LYS W 354 21.63 -66.00 -48.83
N THR W 355 22.15 -65.21 -49.75
CA THR W 355 21.85 -63.79 -49.79
C THR W 355 20.49 -63.59 -50.44
N PRO W 356 19.56 -62.97 -49.71
CA PRO W 356 18.21 -62.80 -50.25
C PRO W 356 18.12 -61.63 -51.21
N ILE W 357 17.21 -61.77 -52.16
CA ILE W 357 17.05 -60.79 -53.22
C ILE W 357 15.67 -60.20 -53.20
N ALA W 358 15.55 -58.94 -53.57
CA ALA W 358 14.26 -58.32 -53.48
C ALA W 358 13.47 -58.48 -54.76
N ALA W 359 14.03 -58.04 -55.86
CA ALA W 359 13.26 -57.76 -57.07
C ALA W 359 12.47 -58.92 -57.74
N GLY W 360 12.33 -58.80 -59.06
CA GLY W 360 11.67 -59.77 -59.94
C GLY W 360 10.33 -59.14 -60.21
N ARG W 361 9.71 -59.26 -61.40
CA ARG W 361 10.16 -59.92 -62.63
C ARG W 361 11.30 -59.21 -63.34
N GLY W 362 12.20 -59.98 -63.97
CA GLY W 362 13.22 -59.37 -64.80
C GLY W 362 13.35 -59.88 -66.22
N GLY W 363 12.90 -61.12 -66.43
CA GLY W 363 13.03 -61.72 -67.75
C GLY W 363 12.00 -61.24 -68.75
N ALA W 364 12.28 -61.45 -70.03
CA ALA W 364 11.32 -61.12 -71.08
C ALA W 364 10.29 -62.25 -71.21
N GLN W 365 9.80 -62.46 -72.42
CA GLN W 365 8.79 -63.49 -72.69
C GLN W 365 9.24 -64.88 -72.26
N THR W 366 8.66 -65.37 -71.17
CA THR W 366 8.90 -66.72 -70.67
C THR W 366 10.36 -67.18 -70.48
N ASP W 367 11.29 -66.24 -70.27
CA ASP W 367 12.63 -66.63 -69.84
C ASP W 367 12.93 -65.66 -68.71
N GLU W 368 13.73 -66.09 -67.74
CA GLU W 368 14.03 -65.24 -66.59
C GLU W 368 15.07 -65.93 -65.75
N ASN W 369 15.64 -65.18 -64.82
CA ASN W 369 16.74 -65.67 -64.05
C ASN W 369 16.28 -65.87 -62.63
N GLN W 370 15.46 -66.89 -62.42
CA GLN W 370 14.82 -67.16 -61.14
C GLN W 370 15.70 -67.10 -59.88
N ALA W 371 16.96 -66.68 -60.04
CA ALA W 371 17.84 -66.61 -58.89
C ALA W 371 18.29 -65.19 -58.74
N ALA W 372 18.46 -64.51 -59.87
CA ALA W 372 18.85 -63.12 -59.87
C ALA W 372 17.67 -62.26 -59.53
N ASP W 373 16.47 -62.82 -59.65
CA ASP W 373 15.25 -62.18 -59.18
C ASP W 373 14.81 -62.71 -57.82
N GLY W 374 15.29 -63.89 -57.47
CA GLY W 374 15.07 -64.38 -56.13
C GLY W 374 13.63 -64.72 -55.93
N ASP W 375 13.04 -65.28 -56.98
CA ASP W 375 11.67 -65.78 -56.93
C ASP W 375 11.53 -66.88 -55.93
N PRO W 376 10.54 -66.75 -55.05
CA PRO W 376 10.28 -67.65 -53.94
C PRO W 376 9.64 -68.95 -54.38
N ARG W 377 9.98 -70.04 -53.72
CA ARG W 377 9.46 -71.35 -54.11
C ARG W 377 8.83 -72.07 -52.91
N TYR W 378 7.56 -72.41 -53.05
CA TYR W 378 6.77 -72.86 -51.91
C TYR W 378 6.48 -74.35 -51.92
N ALA W 379 6.72 -75.00 -50.80
CA ALA W 379 6.46 -76.43 -50.69
C ALA W 379 5.52 -76.72 -49.53
N PHE W 380 4.47 -77.51 -49.79
CA PHE W 380 3.35 -77.66 -48.86
C PHE W 380 2.61 -78.98 -48.97
N GLY W 381 1.77 -79.31 -47.99
CA GLY W 381 1.22 -80.65 -47.96
C GLY W 381 -0.23 -80.81 -47.58
N ARG W 382 -1.02 -81.33 -48.53
CA ARG W 382 -2.45 -81.63 -48.38
C ARG W 382 -3.26 -80.58 -47.65
N GLN W 383 -2.89 -80.37 -46.39
CA GLN W 383 -3.49 -79.35 -45.56
C GLN W 383 -3.39 -77.97 -46.17
N HIS W 384 -2.42 -77.73 -47.04
CA HIS W 384 -2.17 -76.36 -47.45
C HIS W 384 -2.16 -76.15 -48.94
N GLY W 385 -2.87 -76.99 -49.67
CA GLY W 385 -3.00 -76.76 -51.11
C GLY W 385 -2.90 -78.02 -51.96
N GLN W 386 -1.98 -78.91 -51.60
CA GLN W 386 -1.79 -80.17 -52.31
C GLN W 386 -3.06 -81.01 -52.33
N LYS W 387 -3.23 -81.78 -53.41
CA LYS W 387 -4.38 -82.66 -53.57
C LYS W 387 -4.48 -83.56 -52.36
N THR W 388 -5.63 -83.54 -51.68
CA THR W 388 -5.77 -84.22 -50.39
C THR W 388 -5.84 -85.71 -50.55
N THR W 389 -6.05 -86.17 -51.79
CA THR W 389 -6.10 -87.58 -52.10
C THR W 389 -4.70 -88.15 -52.33
N THR W 390 -3.74 -87.26 -52.56
CA THR W 390 -2.38 -87.68 -52.86
C THR W 390 -1.75 -88.36 -51.70
N THR W 391 -1.42 -89.63 -51.88
CA THR W 391 -0.60 -90.32 -50.91
C THR W 391 0.85 -90.12 -51.33
N GLY W 392 1.78 -90.43 -50.42
CA GLY W 392 3.18 -90.21 -50.68
C GLY W 392 3.67 -88.93 -50.01
N GLU W 393 4.96 -88.90 -49.66
CA GLU W 393 5.52 -87.84 -48.84
C GLU W 393 6.15 -86.71 -49.66
N THR W 394 5.97 -86.73 -50.98
CA THR W 394 6.54 -85.68 -51.81
C THR W 394 5.60 -84.50 -51.83
N PRO W 395 6.11 -83.31 -51.48
CA PRO W 395 5.29 -82.11 -51.38
C PRO W 395 4.99 -81.49 -52.71
N GLU W 396 3.88 -80.76 -52.80
CA GLU W 396 3.57 -80.01 -54.01
C GLU W 396 4.32 -78.71 -53.88
N ARG W 397 4.73 -78.15 -55.00
CA ARG W 397 5.59 -76.98 -54.99
C ARG W 397 5.21 -76.04 -56.11
N PHE W 398 5.67 -74.80 -56.05
CA PHE W 398 5.55 -73.88 -57.19
C PHE W 398 6.54 -72.75 -57.02
N THR W 399 6.81 -72.03 -58.10
CA THR W 399 7.67 -70.87 -57.97
C THR W 399 6.92 -69.59 -58.34
N TYR W 400 6.75 -68.68 -57.38
CA TYR W 400 5.97 -67.49 -57.64
C TYR W 400 6.76 -66.50 -58.47
N ILE W 401 6.32 -66.30 -59.71
CA ILE W 401 6.92 -65.30 -60.55
C ILE W 401 6.03 -64.07 -60.66
N ALA W 402 6.46 -63.01 -59.98
CA ALA W 402 5.63 -61.82 -59.82
C ALA W 402 5.31 -61.13 -61.13
N HIS W 403 4.32 -60.26 -61.12
CA HIS W 403 3.93 -59.55 -62.33
C HIS W 403 4.73 -58.30 -62.52
N GLN W 404 5.27 -57.76 -61.42
CA GLN W 404 5.96 -56.47 -61.47
C GLN W 404 7.34 -56.58 -62.09
N ASP W 405 7.53 -55.97 -63.24
CA ASP W 405 8.81 -56.05 -63.92
C ASP W 405 9.83 -55.08 -63.31
N THR W 406 10.51 -55.53 -62.26
CA THR W 406 11.57 -54.74 -61.63
C THR W 406 12.85 -55.57 -61.36
N GLY W 407 12.94 -56.73 -61.97
CA GLY W 407 14.08 -57.60 -61.77
C GLY W 407 15.10 -57.39 -62.86
N ARG W 408 15.98 -58.36 -63.04
CA ARG W 408 17.06 -58.25 -64.01
C ARG W 408 17.22 -59.47 -64.91
N TYR W 409 17.79 -59.26 -66.10
CA TYR W 409 18.17 -60.35 -66.99
C TYR W 409 19.67 -60.23 -67.20
N PRO W 410 20.46 -60.77 -66.25
CA PRO W 410 21.90 -60.54 -66.22
C PRO W 410 22.62 -61.00 -67.48
N GLU W 411 22.00 -61.87 -68.27
CA GLU W 411 22.55 -62.25 -69.55
C GLU W 411 22.72 -61.02 -70.39
N GLY W 412 21.89 -60.03 -70.15
CA GLY W 412 21.94 -58.78 -70.91
C GLY W 412 22.79 -57.68 -70.32
N ASP W 413 23.49 -57.98 -69.21
CA ASP W 413 24.37 -57.00 -68.57
C ASP W 413 25.67 -56.90 -69.30
N TRP W 414 26.33 -55.75 -69.21
CA TRP W 414 27.70 -55.64 -69.69
C TRP W 414 28.35 -54.39 -69.15
N ILE W 415 29.66 -54.27 -69.35
CA ILE W 415 30.44 -53.15 -68.85
C ILE W 415 31.47 -52.68 -69.86
N GLN W 416 31.37 -51.44 -70.33
CA GLN W 416 32.37 -50.96 -71.27
C GLN W 416 33.43 -50.12 -70.61
N ASN W 417 34.55 -50.02 -71.29
CA ASN W 417 35.64 -49.16 -70.87
C ASN W 417 35.30 -47.69 -71.02
N ILE W 418 35.96 -46.86 -70.22
CA ILE W 418 35.77 -45.42 -70.22
C ILE W 418 35.75 -44.75 -71.60
N ASN W 419 36.46 -45.33 -72.57
CA ASN W 419 36.66 -44.62 -73.83
C ASN W 419 35.50 -44.67 -74.80
N PHE W 420 34.68 -45.71 -74.69
CA PHE W 420 33.51 -45.86 -75.54
C PHE W 420 33.88 -45.73 -77.02
N ASN W 421 34.97 -46.37 -77.38
CA ASN W 421 35.34 -46.52 -78.78
C ASN W 421 34.66 -47.76 -79.30
N LEU W 422 33.59 -47.58 -80.04
CA LEU W 422 32.74 -48.71 -80.40
C LEU W 422 32.49 -48.74 -81.91
N PRO W 423 32.19 -49.93 -82.47
CA PRO W 423 32.01 -51.28 -81.90
C PRO W 423 33.14 -51.68 -80.95
N VAL W 424 32.80 -52.27 -79.81
CA VAL W 424 33.76 -52.43 -78.73
C VAL W 424 34.62 -53.70 -78.86
N THR W 425 35.90 -53.54 -78.55
CA THR W 425 36.89 -54.61 -78.54
C THR W 425 36.58 -55.66 -77.47
N ASP W 426 36.97 -56.91 -77.70
CA ASP W 426 36.86 -57.93 -76.66
C ASP W 426 37.64 -57.54 -75.41
N ASP W 427 38.67 -56.72 -75.59
CA ASP W 427 39.49 -56.26 -74.47
C ASP W 427 38.94 -55.03 -73.74
N ASN W 428 37.96 -54.34 -74.32
CA ASN W 428 37.42 -53.17 -73.65
C ASN W 428 36.07 -53.41 -72.95
N VAL W 429 35.57 -54.65 -73.00
CA VAL W 429 34.30 -54.98 -72.38
C VAL W 429 34.34 -56.25 -71.57
N LEU W 430 33.53 -56.29 -70.52
CA LEU W 430 33.37 -57.49 -69.72
C LEU W 430 31.96 -58.02 -69.87
N LEU W 431 31.83 -59.21 -70.41
CA LEU W 431 30.53 -59.83 -70.67
C LEU W 431 30.16 -60.78 -69.55
N PRO W 432 28.89 -61.20 -69.52
CA PRO W 432 28.54 -62.30 -68.63
C PRO W 432 29.03 -63.64 -69.18
N THR W 433 29.77 -63.56 -70.28
CA THR W 433 30.37 -64.73 -70.90
C THR W 433 31.79 -64.90 -70.37
N ASP W 434 32.47 -63.78 -70.17
CA ASP W 434 33.85 -63.79 -69.68
C ASP W 434 33.92 -64.28 -68.26
N PRO W 435 34.70 -65.34 -68.05
CA PRO W 435 34.87 -66.00 -66.76
C PRO W 435 35.66 -65.16 -65.77
N ILE W 436 35.33 -65.34 -64.49
CA ILE W 436 35.88 -64.52 -63.45
C ILE W 436 36.68 -65.39 -62.52
N GLY W 437 37.92 -64.99 -62.27
CA GLY W 437 38.78 -65.80 -61.43
C GLY W 437 39.08 -67.15 -62.05
N GLY W 438 39.03 -67.22 -63.38
CA GLY W 438 39.38 -68.42 -64.10
C GLY W 438 38.41 -69.57 -63.92
N LYS W 439 37.14 -69.23 -63.73
CA LYS W 439 36.07 -70.21 -63.61
C LYS W 439 35.05 -70.10 -64.74
N THR W 440 34.79 -71.23 -65.40
CA THR W 440 33.86 -71.31 -66.53
C THR W 440 32.44 -70.82 -66.26
N GLY W 441 31.89 -71.26 -65.12
CA GLY W 441 30.50 -70.98 -64.76
C GLY W 441 30.30 -69.76 -63.88
N ILE W 442 31.30 -68.90 -63.81
CA ILE W 442 31.18 -67.70 -63.02
C ILE W 442 31.53 -66.52 -63.88
N ASN W 443 30.71 -65.49 -63.80
CA ASN W 443 30.96 -64.24 -64.50
C ASN W 443 30.72 -63.13 -63.54
N TYR W 444 30.92 -61.91 -63.97
CA TYR W 444 30.93 -60.83 -63.01
C TYR W 444 29.56 -60.57 -62.39
N THR W 445 28.50 -60.88 -63.11
CA THR W 445 27.17 -60.60 -62.60
C THR W 445 26.86 -61.39 -61.34
N ASN W 446 27.55 -62.48 -61.11
CA ASN W 446 27.28 -63.30 -59.94
C ASN W 446 27.71 -62.61 -58.65
N ILE W 447 28.60 -61.64 -58.77
CA ILE W 447 29.07 -60.94 -57.61
C ILE W 447 28.68 -59.49 -57.68
N PHE W 448 27.86 -59.17 -58.66
CA PHE W 448 27.53 -57.79 -58.98
C PHE W 448 26.50 -57.18 -58.02
N ASN W 449 26.59 -55.88 -57.81
CA ASN W 449 25.62 -55.19 -56.97
C ASN W 449 25.44 -53.74 -57.36
N THR W 450 24.26 -53.40 -57.88
CA THR W 450 23.98 -52.02 -58.24
C THR W 450 22.93 -51.39 -57.35
N TYR W 451 22.88 -51.81 -56.10
CA TYR W 451 22.08 -51.11 -55.12
C TYR W 451 22.76 -49.78 -54.85
N GLY W 452 21.97 -48.73 -54.72
CA GLY W 452 22.53 -47.39 -54.61
C GLY W 452 21.46 -46.39 -54.28
N PRO W 453 21.86 -45.17 -53.97
CA PRO W 453 20.95 -44.13 -53.53
C PRO W 453 19.99 -43.67 -54.62
N LEU W 454 19.98 -44.34 -55.75
CA LEU W 454 19.00 -44.05 -56.79
C LEU W 454 18.03 -45.20 -57.03
N THR W 455 18.10 -46.22 -56.19
CA THR W 455 17.33 -47.43 -56.41
C THR W 455 15.88 -47.22 -56.00
N ALA W 456 14.95 -47.72 -56.80
CA ALA W 456 13.54 -47.72 -56.48
C ALA W 456 13.02 -49.16 -56.43
N LEU W 457 12.08 -49.45 -55.54
CA LEU W 457 11.64 -50.81 -55.26
C LEU W 457 10.18 -50.93 -54.93
N ASN W 458 9.62 -52.12 -55.11
CA ASN W 458 8.32 -52.39 -54.52
C ASN W 458 8.51 -53.39 -53.41
N ASN W 459 7.51 -53.51 -52.56
CA ASN W 459 7.51 -54.53 -51.54
C ASN W 459 7.05 -55.84 -52.18
N VAL W 460 7.22 -56.95 -51.48
CA VAL W 460 6.80 -58.23 -52.01
C VAL W 460 5.31 -58.25 -52.27
N PRO W 461 4.91 -58.96 -53.32
CA PRO W 461 3.49 -59.15 -53.59
C PRO W 461 2.97 -60.28 -52.71
N PRO W 462 1.69 -60.25 -52.36
CA PRO W 462 1.13 -61.31 -51.54
C PRO W 462 1.09 -62.64 -52.28
N VAL W 463 1.49 -63.70 -51.60
CA VAL W 463 1.51 -65.00 -52.22
C VAL W 463 0.37 -65.89 -51.70
N TYR W 464 -0.73 -65.97 -52.46
CA TYR W 464 -1.87 -66.78 -52.02
C TYR W 464 -1.75 -68.19 -52.55
N PRO W 465 -2.02 -69.18 -51.71
CA PRO W 465 -2.46 -69.14 -50.33
C PRO W 465 -1.37 -69.38 -49.27
N ASN W 466 -0.18 -69.72 -49.73
CA ASN W 466 0.82 -70.17 -48.79
C ASN W 466 1.63 -69.04 -48.17
N GLY W 467 1.46 -67.83 -48.70
CA GLY W 467 2.24 -66.69 -48.25
C GLY W 467 1.91 -66.22 -46.85
N GLN W 468 2.89 -65.63 -46.20
CA GLN W 468 2.70 -65.06 -44.88
C GLN W 468 1.99 -63.73 -45.00
N ILE W 469 1.23 -63.32 -43.99
CA ILE W 469 0.54 -62.04 -44.10
C ILE W 469 1.35 -60.96 -43.43
N TRP W 470 1.60 -61.10 -42.14
CA TRP W 470 2.41 -60.12 -41.44
C TRP W 470 3.61 -60.75 -40.79
N ASP W 471 4.61 -59.91 -40.46
CA ASP W 471 5.88 -60.38 -39.92
C ASP W 471 6.45 -59.38 -38.92
N LYS W 472 7.14 -59.87 -37.90
CA LYS W 472 7.73 -58.97 -36.90
C LYS W 472 8.91 -58.20 -37.49
N GLU W 473 9.17 -57.00 -36.99
CA GLU W 473 10.29 -56.22 -37.50
C GLU W 473 11.50 -56.49 -36.67
N PHE W 474 12.66 -56.51 -37.31
CA PHE W 474 13.90 -56.77 -36.59
C PHE W 474 14.13 -55.71 -35.55
N ASP W 475 14.58 -56.13 -34.37
CA ASP W 475 14.93 -55.17 -33.34
C ASP W 475 16.36 -54.74 -33.54
N THR W 476 16.67 -54.30 -34.74
CA THR W 476 17.97 -53.77 -35.03
C THR W 476 17.89 -52.24 -35.11
N ASP W 477 18.95 -51.55 -34.74
CA ASP W 477 18.91 -50.10 -34.73
C ASP W 477 18.58 -49.55 -36.10
N LEU W 478 19.06 -50.23 -37.14
CA LEU W 478 18.68 -49.86 -38.49
C LEU W 478 17.91 -50.99 -39.18
N LYS W 479 16.83 -50.66 -39.88
CA LYS W 479 15.89 -51.71 -40.29
C LYS W 479 15.79 -51.92 -41.79
N PRO W 480 15.29 -53.09 -42.20
CA PRO W 480 15.20 -53.42 -43.61
C PRO W 480 14.10 -52.61 -44.23
N ARG W 481 14.24 -52.21 -45.47
CA ARG W 481 13.19 -51.47 -46.10
C ARG W 481 12.00 -52.36 -46.43
N LEU W 482 12.20 -53.68 -46.35
CA LEU W 482 11.08 -54.62 -46.51
C LEU W 482 11.46 -56.03 -46.06
N HIS W 483 10.51 -56.95 -46.07
CA HIS W 483 10.83 -58.36 -45.82
C HIS W 483 10.40 -59.13 -47.06
N VAL W 484 10.97 -60.31 -47.24
CA VAL W 484 10.67 -61.08 -48.43
C VAL W 484 9.61 -62.13 -48.18
N ASN W 485 9.22 -62.31 -46.94
CA ASN W 485 8.26 -63.36 -46.58
C ASN W 485 6.82 -62.90 -46.39
N ALA W 486 6.62 -61.60 -46.18
CA ALA W 486 5.29 -61.05 -45.97
C ALA W 486 5.24 -59.56 -46.34
N PRO W 487 4.09 -59.08 -46.80
CA PRO W 487 3.98 -57.66 -47.18
C PRO W 487 3.79 -56.72 -45.98
N PHE W 488 3.16 -57.18 -44.92
CA PHE W 488 2.96 -56.32 -43.76
C PHE W 488 4.00 -56.56 -42.66
N VAL W 489 4.70 -55.49 -42.28
CA VAL W 489 5.64 -55.56 -41.17
C VAL W 489 5.36 -54.55 -40.07
N CYS W 490 5.12 -55.04 -38.87
CA CYS W 490 4.81 -54.19 -37.72
C CYS W 490 6.02 -53.55 -37.09
N GLN W 491 6.20 -52.25 -37.22
CA GLN W 491 7.25 -51.63 -36.41
C GLN W 491 6.66 -51.26 -35.07
N ASN W 492 5.34 -51.37 -35.00
CA ASN W 492 4.58 -51.11 -33.79
C ASN W 492 5.01 -52.10 -32.73
N ASN W 493 4.47 -53.29 -32.88
CA ASN W 493 4.62 -54.42 -32.00
C ASN W 493 3.61 -55.34 -32.63
N CYS W 494 3.91 -56.61 -32.79
CA CYS W 494 2.96 -57.50 -33.43
C CYS W 494 2.13 -58.32 -32.47
N PRO W 495 1.01 -58.86 -32.94
CA PRO W 495 0.21 -59.74 -32.11
C PRO W 495 1.04 -60.80 -31.47
N GLY W 496 0.77 -61.10 -30.21
CA GLY W 496 1.54 -62.08 -29.50
C GLY W 496 1.28 -63.47 -30.02
N GLN W 497 2.21 -64.38 -29.81
CA GLN W 497 1.97 -65.72 -30.29
C GLN W 497 1.10 -66.52 -29.32
N LEU W 498 0.29 -67.43 -29.85
CA LEU W 498 -0.64 -68.20 -29.01
C LEU W 498 -0.22 -69.66 -28.86
N PHE W 499 -0.11 -70.13 -27.62
CA PHE W 499 0.38 -71.48 -27.40
C PHE W 499 -0.57 -72.34 -26.61
N VAL W 500 -0.69 -73.59 -27.00
CA VAL W 500 -1.50 -74.53 -26.24
C VAL W 500 -0.68 -75.75 -25.80
N LYS W 501 -1.22 -76.50 -24.85
CA LYS W 501 -0.53 -77.63 -24.26
C LYS W 501 -1.46 -78.40 -23.36
N VAL W 502 -1.49 -79.71 -23.48
CA VAL W 502 -2.34 -80.47 -22.58
C VAL W 502 -1.77 -80.51 -21.18
N ALA W 503 -2.60 -80.23 -20.19
CA ALA W 503 -2.11 -80.24 -18.82
C ALA W 503 -1.74 -81.64 -18.44
N PRO W 504 -0.70 -81.79 -17.62
CA PRO W 504 -0.25 -83.09 -17.12
C PRO W 504 -1.37 -83.85 -16.41
N ASN W 505 -1.82 -84.95 -16.99
CA ASN W 505 -2.90 -85.72 -16.40
C ASN W 505 -2.36 -86.92 -15.66
N LEU W 506 -2.10 -86.76 -14.36
CA LEU W 506 -1.32 -87.77 -13.65
C LEU W 506 -2.04 -89.05 -13.25
N THR W 507 -1.29 -90.14 -13.20
CA THR W 507 -1.78 -91.38 -12.63
C THR W 507 -1.51 -91.29 -11.15
N ASN W 508 -1.86 -92.33 -10.40
CA ASN W 508 -1.69 -92.30 -8.95
C ASN W 508 -0.26 -92.53 -8.56
N GLN W 509 0.51 -93.05 -9.49
CA GLN W 509 1.89 -93.34 -9.21
C GLN W 509 2.67 -92.22 -9.85
N TYR W 510 3.12 -91.31 -9.01
CA TYR W 510 3.97 -90.24 -9.49
C TYR W 510 4.98 -89.93 -8.43
N ASP W 511 6.25 -90.06 -8.79
CA ASP W 511 7.36 -89.67 -7.93
C ASP W 511 8.30 -88.74 -8.69
N PRO W 512 8.33 -87.46 -8.31
CA PRO W 512 9.17 -86.49 -9.00
C PRO W 512 10.63 -86.75 -8.69
N ASP W 513 10.91 -87.28 -7.52
CA ASP W 513 12.28 -87.59 -7.14
C ASP W 513 12.79 -88.77 -7.94
N ALA W 514 11.87 -89.48 -8.58
CA ALA W 514 12.27 -90.58 -9.42
C ALA W 514 12.72 -90.08 -10.79
N SER W 515 13.80 -90.70 -11.28
CA SER W 515 14.35 -90.39 -12.58
C SER W 515 13.51 -90.99 -13.70
N ALA W 516 12.86 -92.11 -13.37
CA ALA W 516 12.05 -92.91 -14.30
C ALA W 516 11.05 -92.09 -15.09
N ASN W 517 10.51 -92.68 -16.15
CA ASN W 517 9.48 -92.03 -16.94
C ASN W 517 8.44 -91.36 -16.08
N MET W 518 8.05 -90.18 -16.50
CA MET W 518 6.85 -89.57 -16.00
C MET W 518 5.66 -90.38 -16.48
N SER W 519 4.93 -90.95 -15.54
CA SER W 519 3.75 -91.73 -15.89
C SER W 519 2.52 -90.86 -15.80
N ARG W 520 1.88 -90.68 -16.97
CA ARG W 520 0.70 -89.85 -17.16
C ARG W 520 -0.38 -90.64 -17.88
N ILE W 521 -1.64 -90.37 -17.60
CA ILE W 521 -2.74 -90.91 -18.41
C ILE W 521 -2.66 -90.37 -19.83
N VAL W 522 -2.87 -91.22 -20.82
CA VAL W 522 -2.84 -90.75 -22.20
C VAL W 522 -4.05 -89.84 -22.45
N THR W 523 -3.77 -88.58 -22.75
CA THR W 523 -4.82 -87.57 -22.90
C THR W 523 -4.62 -86.73 -24.14
N TYR W 524 -5.72 -86.31 -24.76
CA TYR W 524 -5.65 -85.38 -25.87
C TYR W 524 -6.81 -84.43 -25.82
N SER W 525 -6.73 -83.35 -26.59
CA SER W 525 -7.80 -82.39 -26.55
C SER W 525 -8.26 -81.92 -27.93
N ASP W 526 -9.55 -81.71 -28.02
CA ASP W 526 -10.14 -81.09 -29.19
C ASP W 526 -10.66 -79.74 -28.74
N PHE W 527 -10.29 -78.68 -29.45
CA PHE W 527 -10.83 -77.36 -29.16
C PHE W 527 -11.07 -76.63 -30.48
N TRP W 528 -11.98 -75.66 -30.47
CA TRP W 528 -12.28 -74.91 -31.68
C TRP W 528 -11.56 -73.59 -31.65
N TRP W 529 -11.13 -73.12 -32.80
CA TRP W 529 -10.45 -71.84 -32.88
C TRP W 529 -11.19 -70.93 -33.82
N LYS W 530 -11.46 -69.71 -33.38
CA LYS W 530 -12.13 -68.73 -34.23
C LYS W 530 -11.26 -67.49 -34.29
N GLY W 531 -11.11 -66.92 -35.48
CA GLY W 531 -10.31 -65.71 -35.64
C GLY W 531 -11.03 -64.68 -36.45
N LYS W 532 -10.69 -63.41 -36.25
CA LYS W 532 -11.26 -62.34 -37.08
C LYS W 532 -10.18 -61.37 -37.49
N LEU W 533 -9.88 -61.34 -38.77
CA LEU W 533 -8.85 -60.50 -39.32
C LEU W 533 -9.48 -59.43 -40.17
N VAL W 534 -9.27 -58.18 -39.81
CA VAL W 534 -9.97 -57.11 -40.50
C VAL W 534 -9.08 -56.28 -41.40
N PHE W 535 -9.50 -56.12 -42.65
CA PHE W 535 -8.78 -55.29 -43.58
C PHE W 535 -9.63 -54.09 -43.99
N LYS W 536 -8.94 -53.08 -44.51
CA LYS W 536 -9.57 -51.91 -45.08
C LYS W 536 -8.98 -51.72 -46.45
N ALA W 537 -9.79 -51.83 -47.49
CA ALA W 537 -9.28 -51.70 -48.85
C ALA W 537 -10.00 -50.62 -49.63
N LYS W 538 -9.49 -50.35 -50.84
CA LYS W 538 -9.95 -49.26 -51.70
C LYS W 538 -10.20 -49.75 -53.11
N LEU W 539 -11.35 -49.41 -53.66
CA LEU W 539 -11.71 -49.88 -54.98
C LEU W 539 -10.92 -49.19 -56.10
N ARG W 540 -10.50 -49.95 -57.10
CA ARG W 540 -9.73 -49.39 -58.21
C ARG W 540 -10.70 -48.74 -59.18
N ALA W 541 -10.16 -48.00 -60.15
CA ALA W 541 -10.97 -47.43 -61.22
C ALA W 541 -10.20 -47.46 -62.53
N SER W 542 -10.93 -47.52 -63.64
CA SER W 542 -10.34 -47.59 -64.97
C SER W 542 -9.68 -46.30 -65.41
N HIS W 543 -8.44 -46.37 -65.86
CA HIS W 543 -7.80 -45.17 -66.38
C HIS W 543 -7.34 -45.34 -67.81
N THR W 544 -7.57 -46.52 -68.35
CA THR W 544 -7.10 -46.80 -69.69
C THR W 544 -8.24 -47.20 -70.59
N TRP W 545 -8.00 -47.12 -71.90
CA TRP W 545 -9.02 -47.49 -72.85
C TRP W 545 -9.20 -48.98 -72.81
N ASN W 546 -8.09 -49.67 -72.63
CA ASN W 546 -8.07 -51.12 -72.66
C ASN W 546 -8.46 -51.75 -71.35
N PRO W 547 -8.98 -52.97 -71.41
CA PRO W 547 -9.13 -53.75 -70.19
C PRO W 547 -7.79 -54.23 -69.70
N ILE W 548 -7.79 -55.01 -68.63
CA ILE W 548 -6.57 -55.40 -67.97
C ILE W 548 -6.69 -56.84 -67.47
N GLN W 549 -5.61 -57.41 -66.97
CA GLN W 549 -5.66 -58.76 -66.42
C GLN W 549 -6.61 -58.89 -65.27
N GLN W 550 -7.35 -59.99 -65.18
CA GLN W 550 -8.14 -60.32 -63.98
C GLN W 550 -8.31 -61.83 -63.86
N MET W 551 -8.48 -62.36 -62.65
CA MET W 551 -8.71 -63.80 -62.52
C MET W 551 -10.03 -64.21 -63.15
N SER W 552 -10.09 -65.46 -63.59
CA SER W 552 -11.36 -66.08 -63.93
C SER W 552 -11.13 -67.55 -64.17
N ILE W 553 -12.19 -68.23 -64.57
CA ILE W 553 -12.06 -69.52 -65.19
C ILE W 553 -12.80 -69.41 -66.52
N ASN W 554 -12.30 -69.90 -67.67
CA ASN W 554 -11.17 -70.81 -67.99
C ASN W 554 -11.61 -72.23 -68.00
N VAL W 555 -11.48 -72.83 -69.17
CA VAL W 555 -11.86 -74.21 -69.40
C VAL W 555 -10.77 -75.15 -68.93
N ASP W 556 -9.53 -74.68 -69.03
CA ASP W 556 -8.43 -75.17 -68.23
C ASP W 556 -8.80 -74.73 -66.83
N ASN W 557 -7.96 -74.97 -65.85
CA ASN W 557 -8.13 -74.19 -64.63
C ASN W 557 -9.37 -74.60 -63.80
N GLN W 558 -10.52 -74.60 -64.46
CA GLN W 558 -11.82 -74.93 -63.88
C GLN W 558 -11.90 -76.10 -62.89
N PHE W 559 -10.92 -76.96 -62.82
CA PHE W 559 -11.13 -78.11 -61.97
C PHE W 559 -10.34 -78.01 -60.67
N ASN W 560 -9.65 -76.90 -60.50
CA ASN W 560 -8.88 -76.69 -59.28
C ASN W 560 -9.71 -76.06 -58.19
N TYR W 561 -11.00 -75.94 -58.45
CA TYR W 561 -11.83 -75.16 -57.56
C TYR W 561 -13.08 -75.88 -57.13
N VAL W 562 -13.10 -77.19 -57.33
CA VAL W 562 -14.23 -78.00 -56.97
C VAL W 562 -13.69 -79.29 -56.44
N PRO W 563 -14.48 -80.01 -55.64
CA PRO W 563 -13.95 -81.31 -55.23
C PRO W 563 -14.02 -82.31 -56.39
N SER W 564 -13.79 -83.57 -56.05
CA SER W 564 -13.68 -84.63 -57.03
C SER W 564 -14.72 -85.72 -56.76
N ASN W 565 -14.56 -86.87 -57.41
CA ASN W 565 -15.40 -88.03 -57.17
C ASN W 565 -15.41 -88.44 -55.72
N ILE W 566 -14.25 -88.35 -55.07
CA ILE W 566 -14.17 -88.54 -53.63
C ILE W 566 -14.07 -87.16 -53.05
N GLY W 567 -13.65 -87.04 -51.80
CA GLY W 567 -13.66 -85.75 -51.17
C GLY W 567 -12.60 -84.75 -51.59
N GLY W 568 -12.43 -84.54 -52.90
CA GLY W 568 -11.57 -83.48 -53.42
C GLY W 568 -10.22 -83.68 -52.79
N MET W 569 -9.41 -82.65 -52.57
CA MET W 569 -9.58 -81.30 -53.09
C MET W 569 -8.22 -80.61 -53.05
N LYS W 570 -8.14 -79.43 -53.64
CA LYS W 570 -6.87 -78.81 -53.97
C LYS W 570 -7.01 -77.30 -53.85
N ILE W 571 -5.98 -76.60 -53.37
CA ILE W 571 -5.96 -75.13 -53.47
C ILE W 571 -4.72 -74.65 -54.19
N VAL W 572 -4.92 -73.80 -55.18
CA VAL W 572 -3.82 -73.49 -56.10
C VAL W 572 -3.24 -72.10 -55.93
N TYR W 573 -1.92 -72.01 -55.96
CA TYR W 573 -1.18 -70.78 -56.17
C TYR W 573 -1.86 -69.81 -57.14
N GLU W 574 -1.94 -68.51 -56.81
CA GLU W 574 -2.60 -67.58 -57.75
C GLU W 574 -2.36 -66.07 -57.75
N LYS W 575 -1.11 -65.63 -57.67
CA LYS W 575 -0.76 -64.23 -58.00
C LYS W 575 -1.50 -63.21 -57.16
N SER W 576 -1.38 -61.93 -57.52
CA SER W 576 -2.01 -60.87 -56.72
C SER W 576 -2.03 -59.44 -57.31
N GLN W 577 -1.05 -59.07 -58.11
CA GLN W 577 -1.00 -57.68 -58.57
C GLN W 577 -1.31 -57.61 -60.07
N LEU W 578 -2.53 -57.98 -60.41
CA LEU W 578 -2.88 -58.28 -61.79
C LEU W 578 -3.07 -57.02 -62.60
N ALA W 579 -3.43 -55.93 -61.94
CA ALA W 579 -3.71 -54.72 -62.68
C ALA W 579 -2.44 -53.94 -62.82
N PRO W 580 -2.27 -53.32 -63.97
CA PRO W 580 -1.09 -52.48 -64.22
C PRO W 580 -1.14 -51.21 -63.36
N ARG W 581 0.00 -50.56 -63.12
CA ARG W 581 0.01 -49.33 -62.33
C ARG W 581 0.48 -48.16 -63.16
N LYS W 582 1.71 -47.74 -62.93
CA LYS W 582 2.33 -46.55 -63.54
C LYS W 582 3.43 -46.13 -62.62
N LEU W 583 4.66 -46.33 -63.03
CA LEU W 583 5.80 -45.83 -62.28
C LEU W 583 5.95 -44.34 -62.39
N TYR W 584 5.91 -43.89 -63.63
CA TYR W 584 6.33 -42.55 -63.92
C TYR W 584 5.40 -41.97 -64.99
N GLY X 37 -29.91 -78.29 -11.83
CA GLY X 37 -29.17 -79.33 -12.52
C GLY X 37 -29.15 -80.70 -11.87
N VAL X 38 -28.12 -81.46 -12.23
CA VAL X 38 -28.02 -82.86 -11.83
C VAL X 38 -28.08 -83.12 -10.35
N GLY X 39 -27.10 -82.64 -9.60
CA GLY X 39 -26.99 -83.10 -8.24
C GLY X 39 -27.81 -82.36 -7.20
N ILE X 40 -28.93 -81.79 -7.62
CA ILE X 40 -29.74 -80.97 -6.70
C ILE X 40 -31.20 -81.35 -6.74
N SER X 41 -31.73 -81.75 -5.59
CA SER X 41 -33.11 -82.19 -5.51
C SER X 41 -34.05 -81.09 -5.90
N THR X 42 -35.23 -81.45 -6.39
CA THR X 42 -36.19 -80.50 -6.88
C THR X 42 -37.56 -80.61 -6.21
N GLY X 43 -37.60 -81.21 -5.02
CA GLY X 43 -38.84 -81.29 -4.26
C GLY X 43 -38.64 -82.05 -2.96
N THR X 44 -39.68 -82.12 -2.15
CA THR X 44 -39.57 -82.77 -0.86
C THR X 44 -40.71 -83.73 -0.49
N PHE X 45 -40.32 -84.86 0.07
CA PHE X 45 -41.26 -85.89 0.47
C PHE X 45 -42.11 -85.44 1.64
N ASN X 46 -43.42 -85.56 1.50
CA ASN X 46 -44.31 -85.24 2.60
C ASN X 46 -45.59 -86.04 2.54
N ASN X 47 -45.71 -86.98 3.46
CA ASN X 47 -46.91 -87.80 3.51
C ASN X 47 -47.56 -87.58 4.85
N GLN X 48 -47.68 -86.31 5.20
CA GLN X 48 -48.13 -85.90 6.51
C GLN X 48 -49.56 -85.40 6.42
N THR X 49 -50.37 -85.73 7.42
CA THR X 49 -51.77 -85.37 7.41
C THR X 49 -52.11 -84.38 8.53
N GLU X 50 -52.42 -83.15 8.16
CA GLU X 50 -52.64 -82.08 9.12
C GLU X 50 -54.11 -81.80 9.34
N PHE X 51 -54.51 -81.68 10.60
CA PHE X 51 -55.87 -81.32 10.94
C PHE X 51 -55.89 -79.92 11.56
N LYS X 52 -56.25 -78.90 10.79
CA LYS X 52 -56.20 -77.54 11.32
C LYS X 52 -57.58 -77.05 11.74
N PHE X 53 -57.78 -76.87 13.03
CA PHE X 53 -59.08 -76.48 13.54
C PHE X 53 -59.31 -74.97 13.50
N LEU X 54 -60.50 -74.57 13.04
CA LEU X 54 -60.86 -73.17 12.92
C LEU X 54 -62.02 -72.93 13.85
N GLU X 55 -62.68 -71.80 13.72
CA GLU X 55 -63.81 -71.50 14.58
C GLU X 55 -65.14 -71.90 13.97
N ASN X 56 -66.12 -72.02 14.85
CA ASN X 56 -67.43 -72.60 14.57
C ASN X 56 -67.28 -74.07 14.22
N GLY X 57 -66.23 -74.69 14.76
CA GLY X 57 -65.99 -76.10 14.55
C GLY X 57 -65.79 -76.56 13.12
N TRP X 58 -65.22 -75.69 12.29
CA TRP X 58 -64.79 -76.12 10.98
C TRP X 58 -63.35 -76.58 11.02
N VAL X 59 -63.08 -77.72 10.43
CA VAL X 59 -61.74 -78.27 10.39
C VAL X 59 -61.16 -78.20 8.99
N TYR X 60 -59.86 -78.16 8.90
CA TYR X 60 -59.19 -77.89 7.64
C TYR X 60 -58.17 -78.99 7.45
N ILE X 61 -58.65 -80.09 6.89
CA ILE X 61 -57.82 -81.28 6.76
C ILE X 61 -56.96 -81.16 5.51
N THR X 62 -55.65 -81.07 5.71
CA THR X 62 -54.74 -80.99 4.59
C THR X 62 -54.03 -82.30 4.49
N ALA X 63 -54.41 -83.11 3.52
CA ALA X 63 -53.80 -84.41 3.36
C ALA X 63 -52.69 -84.36 2.33
N ASN X 64 -51.48 -84.62 2.78
CA ASN X 64 -50.33 -84.74 1.89
C ASN X 64 -50.03 -86.18 1.58
N SER X 65 -49.58 -86.45 0.37
CA SER X 65 -49.23 -87.80 -0.03
C SER X 65 -48.01 -87.84 -0.93
N SER X 66 -47.09 -88.75 -0.64
CA SER X 66 -45.89 -88.82 -1.45
C SER X 66 -45.51 -90.26 -1.75
N ARG X 67 -45.07 -90.50 -2.98
CA ARG X 67 -44.71 -91.85 -3.41
C ARG X 67 -43.50 -91.87 -4.30
N LEU X 68 -42.76 -92.97 -4.26
CA LEU X 68 -41.74 -93.20 -5.27
C LEU X 68 -42.34 -94.02 -6.39
N VAL X 69 -42.17 -93.56 -7.61
CA VAL X 69 -42.84 -94.18 -8.72
C VAL X 69 -41.90 -94.75 -9.76
N HIS X 70 -42.24 -95.93 -10.23
CA HIS X 70 -41.40 -96.69 -11.14
C HIS X 70 -42.04 -96.85 -12.50
N LEU X 71 -41.29 -96.64 -13.57
CA LEU X 71 -41.88 -96.66 -14.90
C LEU X 71 -40.92 -97.10 -15.98
N ASN X 72 -41.34 -98.07 -16.78
CA ASN X 72 -40.51 -98.53 -17.88
C ASN X 72 -40.99 -97.88 -19.13
N MET X 73 -40.21 -98.00 -20.19
CA MET X 73 -40.57 -97.44 -21.48
C MET X 73 -41.73 -98.24 -22.07
N PRO X 74 -42.45 -97.68 -23.04
CA PRO X 74 -43.59 -98.42 -23.59
C PRO X 74 -43.19 -99.73 -24.24
N GLU X 75 -44.12 -100.67 -24.30
CA GLU X 75 -43.88 -101.92 -25.01
C GLU X 75 -43.58 -101.61 -26.46
N SER X 76 -44.28 -100.63 -27.00
CA SER X 76 -43.94 -100.07 -28.30
C SER X 76 -44.42 -98.64 -28.32
N GLU X 77 -43.76 -97.81 -29.10
CA GLU X 77 -44.05 -96.39 -29.11
C GLU X 77 -45.28 -96.09 -29.95
N ASN X 78 -46.14 -97.07 -30.14
CA ASN X 78 -47.25 -96.94 -31.07
C ASN X 78 -48.62 -96.96 -30.43
N TYR X 79 -49.59 -96.32 -31.09
CA TYR X 79 -50.97 -96.49 -30.67
C TYR X 79 -51.59 -97.70 -31.38
N ARG X 80 -52.39 -98.47 -30.65
CA ARG X 80 -53.04 -99.66 -31.21
C ARG X 80 -54.53 -99.74 -30.91
N ARG X 81 -55.31 -100.08 -31.93
CA ARG X 81 -56.70 -100.45 -31.77
C ARG X 81 -56.79 -101.95 -31.64
N VAL X 82 -57.02 -102.40 -30.43
CA VAL X 82 -57.06 -103.82 -30.15
C VAL X 82 -58.47 -104.23 -29.81
N VAL X 83 -58.93 -105.38 -30.30
CA VAL X 83 -60.26 -105.85 -29.95
C VAL X 83 -60.23 -107.09 -29.09
N VAL X 84 -61.02 -107.11 -28.05
CA VAL X 84 -61.14 -108.30 -27.26
C VAL X 84 -62.45 -108.95 -27.56
N ASN X 85 -62.42 -110.26 -27.76
CA ASN X 85 -63.63 -110.99 -28.13
C ASN X 85 -63.57 -112.41 -27.62
N ASN X 86 -64.23 -112.66 -26.50
CA ASN X 86 -64.20 -113.97 -25.93
C ASN X 86 -65.41 -114.77 -26.36
N LEU X 87 -65.44 -115.18 -27.62
CA LEU X 87 -66.47 -116.13 -28.04
C LEU X 87 -66.29 -117.44 -27.31
N ASP X 88 -65.04 -117.72 -26.97
CA ASP X 88 -64.68 -118.90 -26.20
C ASP X 88 -65.56 -119.12 -24.96
N LYS X 89 -66.09 -118.04 -24.41
CA LYS X 89 -66.90 -118.15 -23.20
C LYS X 89 -68.38 -117.82 -23.41
N THR X 90 -68.71 -116.96 -24.39
CA THR X 90 -70.09 -116.49 -24.55
C THR X 90 -70.94 -117.45 -25.36
N ALA X 91 -70.27 -118.20 -26.21
CA ALA X 91 -70.96 -119.15 -27.08
C ALA X 91 -71.50 -120.33 -26.29
N VAL X 92 -71.19 -120.36 -25.00
CA VAL X 92 -71.58 -121.46 -24.15
C VAL X 92 -73.08 -121.54 -23.90
N ASN X 93 -73.78 -120.40 -24.04
CA ASN X 93 -75.22 -120.30 -23.76
C ASN X 93 -75.47 -120.35 -22.25
N GLY X 94 -76.02 -119.27 -21.71
CA GLY X 94 -76.16 -119.16 -20.28
C GLY X 94 -74.93 -118.48 -19.72
N ASN X 95 -74.03 -118.11 -20.62
CA ASN X 95 -72.81 -117.40 -20.28
C ASN X 95 -72.78 -115.99 -20.83
N MET X 96 -73.97 -115.42 -21.06
CA MET X 96 -74.08 -114.07 -21.57
C MET X 96 -73.37 -113.09 -20.66
N ALA X 97 -73.55 -113.26 -19.37
CA ALA X 97 -72.98 -112.33 -18.40
C ALA X 97 -71.45 -112.34 -18.36
N LEU X 98 -70.80 -113.26 -19.04
CA LEU X 98 -69.34 -113.32 -18.97
C LEU X 98 -68.72 -112.62 -20.16
N ASP X 99 -69.50 -111.80 -20.81
CA ASP X 99 -69.03 -111.10 -21.98
C ASP X 99 -67.87 -110.16 -21.63
N ASP X 100 -66.78 -110.23 -22.38
CA ASP X 100 -65.72 -109.27 -22.18
C ASP X 100 -65.43 -108.55 -23.47
N THR X 101 -66.31 -108.71 -24.44
CA THR X 101 -66.08 -108.23 -25.79
C THR X 101 -66.11 -106.72 -25.86
N HIS X 102 -65.01 -106.15 -26.33
CA HIS X 102 -64.86 -104.70 -26.47
C HIS X 102 -63.70 -104.30 -27.37
N ALA X 103 -63.63 -103.01 -27.71
CA ALA X 103 -62.52 -102.43 -28.47
C ALA X 103 -61.82 -101.40 -27.62
N GLU X 104 -60.56 -101.14 -27.90
CA GLU X 104 -59.70 -100.41 -26.98
C GLU X 104 -58.54 -99.77 -27.75
N ILE X 105 -58.17 -98.57 -27.37
CA ILE X 105 -56.97 -97.92 -27.90
C ILE X 105 -55.84 -98.05 -26.91
N VAL X 106 -54.76 -98.73 -27.28
CA VAL X 106 -53.73 -98.91 -26.29
C VAL X 106 -52.67 -97.86 -26.52
N THR X 107 -52.34 -97.13 -25.47
CA THR X 107 -51.46 -95.99 -25.61
C THR X 107 -50.12 -96.27 -25.02
N PRO X 108 -49.08 -95.64 -25.55
CA PRO X 108 -47.76 -95.76 -24.97
C PRO X 108 -47.60 -94.93 -23.72
N TRP X 109 -48.70 -94.37 -23.24
CA TRP X 109 -48.64 -93.50 -22.08
C TRP X 109 -49.09 -94.21 -20.84
N SER X 110 -48.63 -93.76 -19.68
CA SER X 110 -49.09 -94.27 -18.39
C SER X 110 -49.83 -93.20 -17.61
N LEU X 111 -50.75 -93.63 -16.75
CA LEU X 111 -51.59 -92.68 -16.01
C LEU X 111 -51.27 -92.66 -14.53
N VAL X 112 -51.05 -91.47 -13.99
CA VAL X 112 -50.82 -91.32 -12.56
C VAL X 112 -52.09 -90.94 -11.87
N ASP X 113 -52.76 -91.94 -11.33
CA ASP X 113 -54.05 -91.73 -10.71
C ASP X 113 -53.92 -91.93 -9.20
N ALA X 114 -54.33 -90.92 -8.44
CA ALA X 114 -54.24 -91.00 -6.98
C ALA X 114 -55.62 -90.89 -6.33
N ASN X 115 -56.64 -91.18 -7.14
CA ASN X 115 -58.05 -91.06 -6.76
C ASN X 115 -58.63 -92.23 -6.01
N ALA X 116 -58.24 -92.37 -4.74
CA ALA X 116 -58.78 -93.37 -3.84
C ALA X 116 -58.37 -93.07 -2.42
N TRP X 117 -59.26 -93.28 -1.46
CA TRP X 117 -59.03 -92.85 -0.08
C TRP X 117 -57.70 -93.34 0.51
N GLY X 118 -57.25 -94.50 0.05
CA GLY X 118 -56.06 -95.08 0.60
C GLY X 118 -54.80 -94.35 0.22
N VAL X 119 -54.87 -93.51 -0.79
CA VAL X 119 -53.70 -92.80 -1.22
C VAL X 119 -53.39 -91.71 -0.21
N TRP X 120 -54.42 -91.27 0.50
CA TRP X 120 -54.30 -90.07 1.30
C TRP X 120 -54.34 -90.27 2.80
N PHE X 121 -55.08 -91.27 3.23
CA PHE X 121 -55.25 -91.48 4.66
C PHE X 121 -54.85 -92.87 5.12
N ASN X 122 -54.19 -92.91 6.27
CA ASN X 122 -53.96 -94.16 6.94
C ASN X 122 -55.16 -94.42 7.81
N PRO X 123 -55.27 -95.63 8.37
CA PRO X 123 -56.41 -95.92 9.24
C PRO X 123 -56.59 -94.97 10.41
N GLY X 124 -55.51 -94.59 11.07
CA GLY X 124 -55.59 -93.70 12.21
C GLY X 124 -56.27 -92.39 11.86
N ASP X 125 -55.87 -91.84 10.73
CA ASP X 125 -56.48 -90.63 10.17
C ASP X 125 -57.96 -90.88 9.95
N TRP X 126 -58.26 -91.98 9.27
CA TRP X 126 -59.64 -92.29 8.93
C TRP X 126 -60.46 -92.49 10.18
N GLN X 127 -59.88 -93.08 11.22
CA GLN X 127 -60.60 -93.20 12.48
C GLN X 127 -61.06 -91.86 12.95
N LEU X 128 -60.13 -90.92 12.98
CA LEU X 128 -60.38 -89.59 13.52
C LEU X 128 -61.53 -88.95 12.77
N ILE X 129 -61.39 -88.97 11.45
CA ILE X 129 -62.33 -88.34 10.56
C ILE X 129 -63.76 -88.83 10.77
N VAL X 130 -63.91 -90.15 10.72
CA VAL X 130 -65.18 -90.82 10.76
C VAL X 130 -65.90 -90.77 12.10
N ASN X 131 -65.16 -90.83 13.21
CA ASN X 131 -65.82 -90.86 14.51
C ASN X 131 -66.25 -89.50 15.01
N THR X 132 -65.60 -88.46 14.52
CA THR X 132 -65.79 -87.16 15.13
C THR X 132 -66.45 -86.10 14.24
N MET X 133 -66.55 -86.33 12.94
CA MET X 133 -67.09 -85.27 12.10
C MET X 133 -68.26 -85.63 11.25
N SER X 134 -69.14 -84.65 11.06
CA SER X 134 -70.46 -84.93 10.54
C SER X 134 -70.60 -84.75 9.04
N GLU X 135 -69.75 -83.92 8.45
CA GLU X 135 -69.78 -83.80 7.01
C GLU X 135 -68.42 -83.48 6.47
N LEU X 136 -68.30 -83.42 5.14
CA LEU X 136 -66.99 -83.35 4.50
C LEU X 136 -67.02 -82.62 3.16
N HIS X 137 -66.21 -81.57 2.99
CA HIS X 137 -66.16 -80.88 1.69
C HIS X 137 -64.83 -81.10 0.99
N LEU X 138 -64.90 -81.16 -0.33
CA LEU X 138 -63.72 -81.35 -1.12
C LEU X 138 -63.29 -79.99 -1.65
N VAL X 139 -62.14 -79.50 -1.23
CA VAL X 139 -61.77 -78.12 -1.50
C VAL X 139 -60.81 -77.88 -2.64
N SER X 140 -59.64 -78.50 -2.53
CA SER X 140 -58.56 -78.24 -3.48
C SER X 140 -57.64 -79.44 -3.62
N PHE X 141 -56.88 -79.44 -4.72
CA PHE X 141 -56.01 -80.55 -5.07
C PHE X 141 -54.88 -80.08 -5.95
N GLU X 142 -53.63 -80.33 -5.55
CA GLU X 142 -52.49 -80.00 -6.39
C GLU X 142 -51.50 -81.13 -6.31
N GLN X 143 -50.64 -81.21 -7.31
CA GLN X 143 -49.68 -82.30 -7.32
C GLN X 143 -48.47 -81.87 -8.11
N GLU X 144 -47.32 -82.50 -7.83
CA GLU X 144 -46.08 -82.24 -8.56
C GLU X 144 -45.24 -83.50 -8.75
N ILE X 145 -44.31 -83.44 -9.67
CA ILE X 145 -43.40 -84.54 -9.91
C ILE X 145 -41.97 -84.08 -9.77
N PHE X 146 -41.16 -84.76 -8.98
CA PHE X 146 -39.82 -84.30 -8.76
C PHE X 146 -38.82 -85.37 -8.54
N ASN X 147 -37.55 -84.97 -8.52
CA ASN X 147 -36.42 -85.88 -8.38
C ASN X 147 -36.52 -87.01 -9.37
N VAL X 148 -36.64 -86.61 -10.61
CA VAL X 148 -36.72 -87.56 -11.70
C VAL X 148 -35.37 -88.20 -11.94
N VAL X 149 -35.39 -89.49 -12.19
CA VAL X 149 -34.19 -90.24 -12.50
C VAL X 149 -34.42 -91.09 -13.72
N LEU X 150 -33.47 -91.11 -14.65
CA LEU X 150 -33.58 -92.02 -15.77
C LEU X 150 -32.35 -92.88 -15.88
N LYS X 151 -32.56 -94.20 -16.02
CA LYS X 151 -31.47 -95.16 -16.14
C LYS X 151 -31.61 -96.00 -17.38
N THR X 152 -30.48 -96.37 -17.98
CA THR X 152 -30.47 -97.31 -19.08
C THR X 152 -29.97 -98.63 -18.53
N VAL X 153 -30.55 -99.75 -18.96
CA VAL X 153 -30.05 -101.03 -18.47
C VAL X 153 -28.73 -101.32 -19.17
N SER X 154 -28.68 -102.28 -20.10
CA SER X 154 -27.46 -102.53 -20.86
C SER X 154 -26.31 -102.80 -19.87
N GLU X 155 -26.12 -103.98 -19.26
CA GLU X 155 -26.69 -105.33 -19.43
C GLU X 155 -25.46 -106.06 -19.90
N SER X 156 -25.44 -107.37 -19.73
CA SER X 156 -24.45 -108.24 -20.34
C SER X 156 -23.06 -107.70 -20.06
N ALA X 157 -22.63 -107.81 -18.81
CA ALA X 157 -21.30 -107.36 -18.43
C ALA X 157 -21.00 -107.73 -17.00
N THR X 158 -20.19 -108.76 -16.72
CA THR X 158 -19.63 -109.74 -17.65
C THR X 158 -19.31 -110.98 -16.82
N GLN X 159 -19.37 -112.15 -17.44
CA GLN X 159 -19.20 -113.42 -16.75
C GLN X 159 -20.28 -113.55 -15.62
N PRO X 160 -21.14 -114.60 -15.70
CA PRO X 160 -22.42 -115.32 -15.45
C PRO X 160 -23.83 -114.74 -15.62
N PRO X 161 -24.08 -113.61 -16.30
CA PRO X 161 -23.40 -112.53 -17.01
C PRO X 161 -23.56 -111.19 -16.29
N THR X 162 -24.50 -111.16 -15.34
CA THR X 162 -24.93 -110.05 -14.48
C THR X 162 -25.44 -108.87 -15.31
N LYS X 163 -26.17 -107.99 -14.65
CA LYS X 163 -26.80 -106.88 -15.32
C LYS X 163 -26.25 -105.62 -14.69
N VAL X 164 -26.27 -104.52 -15.42
CA VAL X 164 -25.70 -103.29 -14.89
C VAL X 164 -26.54 -102.11 -15.31
N TYR X 165 -26.74 -101.21 -14.36
CA TYR X 165 -27.60 -100.07 -14.58
C TYR X 165 -26.86 -98.74 -14.47
N ASN X 166 -26.91 -97.93 -15.52
CA ASN X 166 -26.27 -96.62 -15.49
C ASN X 166 -27.26 -95.49 -15.67
N ASN X 167 -26.92 -94.33 -15.12
CA ASN X 167 -27.72 -93.15 -15.32
C ASN X 167 -27.58 -92.63 -16.74
N ASP X 168 -28.68 -92.29 -17.40
CA ASP X 168 -28.60 -91.48 -18.62
C ASP X 168 -28.98 -90.06 -18.24
N LEU X 169 -27.99 -89.21 -18.02
CA LEU X 169 -28.26 -87.88 -17.47
C LEU X 169 -29.04 -87.03 -18.43
N THR X 170 -28.71 -87.11 -19.71
CA THR X 170 -29.34 -86.29 -20.74
C THR X 170 -30.72 -86.77 -21.15
N ALA X 171 -31.13 -87.92 -20.61
CA ALA X 171 -32.42 -88.52 -20.94
C ALA X 171 -33.60 -87.83 -20.29
N SER X 172 -34.78 -88.00 -20.90
CA SER X 172 -35.95 -87.24 -20.51
C SER X 172 -37.14 -88.10 -20.15
N LEU X 173 -37.96 -87.60 -19.26
CA LEU X 173 -39.25 -88.20 -18.98
C LEU X 173 -40.35 -87.30 -19.52
N MET X 174 -41.25 -87.84 -20.33
CA MET X 174 -42.32 -87.03 -20.89
C MET X 174 -43.48 -86.98 -19.94
N VAL X 175 -43.94 -85.77 -19.62
CA VAL X 175 -45.08 -85.59 -18.72
C VAL X 175 -46.09 -84.64 -19.36
N ALA X 176 -47.37 -84.99 -19.29
CA ALA X 176 -48.42 -84.16 -19.88
C ALA X 176 -49.65 -84.13 -18.98
N LEU X 177 -50.11 -82.91 -18.72
CA LEU X 177 -51.27 -82.70 -17.87
C LEU X 177 -52.40 -82.18 -18.72
N ASP X 178 -53.44 -82.99 -18.84
CA ASP X 178 -54.59 -82.70 -19.67
C ASP X 178 -55.56 -81.86 -18.87
N SER X 179 -55.21 -80.61 -18.65
CA SER X 179 -55.96 -79.80 -17.71
C SER X 179 -57.29 -79.39 -18.32
N ASN X 180 -57.43 -79.54 -19.63
CA ASN X 180 -58.70 -79.22 -20.26
C ASN X 180 -59.70 -80.38 -20.30
N ASN X 181 -59.33 -81.51 -19.70
CA ASN X 181 -60.11 -82.74 -19.81
C ASN X 181 -60.54 -82.98 -21.25
N THR X 182 -59.57 -82.93 -22.14
CA THR X 182 -59.81 -83.16 -23.56
C THR X 182 -60.15 -84.61 -23.77
N MET X 183 -59.60 -85.42 -22.88
CA MET X 183 -59.52 -86.85 -23.11
C MET X 183 -60.30 -87.71 -22.16
N PRO X 184 -60.62 -88.95 -22.59
CA PRO X 184 -61.53 -89.80 -21.84
C PRO X 184 -61.13 -89.98 -20.40
N PHE X 185 -62.12 -89.88 -19.54
CA PHE X 185 -61.89 -90.01 -18.14
C PHE X 185 -61.79 -91.45 -17.76
N THR X 186 -60.65 -91.88 -17.24
CA THR X 186 -60.43 -93.27 -16.88
C THR X 186 -59.92 -93.39 -15.48
N PRO X 187 -60.81 -93.28 -14.50
CA PRO X 187 -60.43 -93.44 -13.09
C PRO X 187 -59.94 -94.84 -12.83
N ALA X 188 -58.72 -94.94 -12.31
CA ALA X 188 -58.09 -96.24 -12.11
C ALA X 188 -58.60 -96.90 -10.87
N ALA X 189 -59.42 -96.20 -10.13
CA ALA X 189 -59.89 -96.73 -8.88
C ALA X 189 -60.76 -97.95 -9.11
N MET X 190 -61.39 -98.00 -10.29
CA MET X 190 -62.36 -99.04 -10.67
C MET X 190 -61.72 -100.36 -10.98
N ARG X 191 -60.42 -100.33 -11.23
CA ARG X 191 -59.72 -101.53 -11.59
C ARG X 191 -58.65 -101.81 -10.56
N SER X 192 -58.75 -101.14 -9.41
CA SER X 192 -57.73 -101.18 -8.36
C SER X 192 -56.34 -100.97 -8.92
N GLU X 193 -56.17 -99.89 -9.67
CA GLU X 193 -54.93 -99.61 -10.36
C GLU X 193 -54.46 -98.18 -10.09
N THR X 194 -54.70 -97.71 -8.88
CA THR X 194 -54.19 -96.40 -8.48
C THR X 194 -52.77 -96.55 -7.97
N LEU X 195 -52.26 -95.49 -7.37
CA LEU X 195 -50.96 -95.56 -6.74
C LEU X 195 -51.07 -96.36 -5.48
N GLY X 196 -49.95 -96.82 -4.95
CA GLY X 196 -49.97 -97.60 -3.73
C GLY X 196 -50.52 -96.90 -2.51
N PHE X 197 -50.98 -97.66 -1.54
CA PHE X 197 -51.53 -97.09 -0.32
C PHE X 197 -50.51 -97.01 0.83
N TYR X 198 -49.27 -97.41 0.56
CA TYR X 198 -48.23 -97.38 1.58
C TYR X 198 -47.18 -96.39 1.14
N PRO X 199 -46.88 -95.42 2.01
CA PRO X 199 -45.89 -94.34 1.80
C PRO X 199 -44.47 -94.82 1.64
N TRP X 200 -44.09 -95.86 2.35
CA TRP X 200 -42.70 -96.25 2.36
C TRP X 200 -42.36 -97.31 1.32
N LYS X 201 -43.38 -97.73 0.58
CA LYS X 201 -43.19 -98.70 -0.49
C LYS X 201 -43.43 -98.07 -1.86
N PRO X 202 -42.43 -98.17 -2.77
CA PRO X 202 -42.57 -97.59 -4.10
C PRO X 202 -43.75 -98.17 -4.84
N THR X 203 -44.16 -97.51 -5.92
CA THR X 203 -45.36 -97.88 -6.65
C THR X 203 -45.21 -97.56 -8.11
N ILE X 204 -46.32 -97.72 -8.83
CA ILE X 204 -46.32 -97.57 -10.27
C ILE X 204 -47.62 -97.01 -10.79
N PRO X 205 -47.55 -96.32 -11.94
CA PRO X 205 -48.74 -95.91 -12.70
C PRO X 205 -49.26 -97.10 -13.49
N THR X 206 -50.28 -96.90 -14.32
CA THR X 206 -50.76 -98.00 -15.15
C THR X 206 -50.83 -97.61 -16.59
N PRO X 207 -50.60 -98.57 -17.48
CA PRO X 207 -50.61 -98.30 -18.92
C PRO X 207 -51.94 -97.71 -19.30
N TRP X 208 -51.92 -96.58 -19.99
CA TRP X 208 -53.18 -95.92 -20.29
C TRP X 208 -53.83 -96.49 -21.54
N ARG X 209 -55.15 -96.57 -21.50
CA ARG X 209 -55.94 -97.27 -22.51
C ARG X 209 -57.35 -96.70 -22.45
N TYR X 210 -58.06 -96.62 -23.56
CA TYR X 210 -59.41 -96.10 -23.47
C TYR X 210 -60.35 -96.71 -24.48
N TYR X 211 -61.64 -96.55 -24.23
CA TYR X 211 -62.61 -97.23 -25.04
C TYR X 211 -62.64 -96.67 -26.43
N PHE X 212 -62.68 -97.58 -27.40
CA PHE X 212 -62.87 -97.21 -28.78
C PHE X 212 -64.18 -97.84 -29.23
N GLN X 213 -64.96 -97.16 -30.05
CA GLN X 213 -66.32 -97.63 -30.29
C GLN X 213 -66.40 -98.95 -31.05
N TRP X 214 -67.45 -99.71 -30.73
CA TRP X 214 -67.74 -100.96 -31.41
C TRP X 214 -69.24 -101.26 -31.31
N ASP X 215 -69.82 -101.78 -32.40
CA ASP X 215 -71.18 -102.37 -32.41
C ASP X 215 -71.08 -103.83 -31.98
N ARG X 216 -72.15 -104.37 -31.42
CA ARG X 216 -72.07 -105.69 -30.83
C ARG X 216 -73.44 -106.20 -30.48
N THR X 217 -73.73 -107.42 -30.90
CA THR X 217 -75.00 -108.01 -30.57
C THR X 217 -74.78 -109.30 -29.80
N LEU X 218 -75.54 -109.48 -28.73
CA LEU X 218 -75.45 -110.70 -27.98
C LEU X 218 -76.80 -111.09 -27.44
N ILE X 219 -77.41 -112.11 -28.03
CA ILE X 219 -78.70 -112.57 -27.59
C ILE X 219 -78.59 -113.53 -26.44
N PRO X 220 -79.30 -113.26 -25.35
CA PRO X 220 -79.22 -114.10 -24.17
C PRO X 220 -79.79 -115.48 -24.44
N SER X 221 -79.48 -116.40 -23.54
CA SER X 221 -79.83 -117.78 -23.72
C SER X 221 -79.62 -118.52 -22.42
N HIS X 222 -80.07 -119.75 -22.36
CA HIS X 222 -79.82 -120.56 -21.19
C HIS X 222 -79.20 -121.84 -21.69
N THR X 223 -78.88 -122.76 -20.79
CA THR X 223 -78.15 -123.95 -21.14
C THR X 223 -78.84 -124.71 -22.27
N GLY X 224 -80.16 -124.73 -22.19
CA GLY X 224 -80.98 -125.45 -23.14
C GLY X 224 -81.14 -124.84 -24.50
N THR X 225 -81.15 -123.52 -24.57
CA THR X 225 -81.38 -122.88 -25.84
C THR X 225 -80.27 -123.40 -26.70
N SER X 226 -80.62 -124.13 -27.73
CA SER X 226 -79.64 -124.44 -28.72
C SER X 226 -80.20 -124.16 -30.10
N GLY X 227 -79.38 -124.49 -31.09
CA GLY X 227 -79.24 -123.67 -32.27
C GLY X 227 -78.12 -122.76 -31.79
N THR X 228 -77.72 -121.79 -32.58
CA THR X 228 -76.72 -120.88 -32.08
C THR X 228 -77.27 -119.45 -32.05
N PRO X 229 -77.46 -118.91 -30.83
CA PRO X 229 -78.02 -117.58 -30.62
C PRO X 229 -77.07 -116.55 -31.18
N THR X 230 -77.56 -115.53 -31.87
CA THR X 230 -76.67 -114.59 -32.54
C THR X 230 -75.76 -113.93 -31.52
N ASN X 231 -74.47 -114.02 -31.81
CA ASN X 231 -73.42 -113.55 -30.95
C ASN X 231 -72.32 -113.02 -31.82
N ILE X 232 -72.43 -111.76 -32.23
CA ILE X 232 -71.54 -111.20 -33.23
C ILE X 232 -70.91 -109.87 -32.79
N TYR X 233 -69.70 -109.61 -33.29
CA TYR X 233 -69.03 -108.34 -33.16
C TYR X 233 -69.12 -107.70 -34.53
N HIS X 234 -69.97 -106.68 -34.67
CA HIS X 234 -70.27 -106.10 -35.97
C HIS X 234 -69.16 -105.26 -36.57
N GLY X 235 -68.43 -104.54 -35.73
CA GLY X 235 -67.36 -103.67 -36.19
C GLY X 235 -67.34 -102.33 -35.49
N THR X 236 -67.32 -101.25 -36.26
CA THR X 236 -67.26 -99.93 -35.67
C THR X 236 -68.09 -98.90 -36.46
N ASP X 237 -69.04 -98.26 -35.78
CA ASP X 237 -69.89 -97.25 -36.39
C ASP X 237 -69.01 -96.05 -36.65
N PRO X 238 -68.76 -95.72 -37.91
CA PRO X 238 -67.86 -94.60 -38.23
C PRO X 238 -68.29 -93.25 -37.65
N ASP X 239 -69.58 -93.09 -37.42
CA ASP X 239 -70.10 -91.84 -36.91
C ASP X 239 -69.64 -91.64 -35.48
N ASP X 240 -69.08 -92.68 -34.89
CA ASP X 240 -68.75 -92.63 -33.49
C ASP X 240 -67.27 -92.84 -33.29
N VAL X 241 -66.50 -92.68 -34.33
CA VAL X 241 -65.09 -92.97 -34.19
C VAL X 241 -64.40 -91.78 -33.56
N GLN X 242 -63.77 -92.00 -32.42
CA GLN X 242 -62.93 -90.96 -31.82
C GLN X 242 -61.58 -91.50 -31.41
N PHE X 243 -60.55 -91.13 -32.17
CA PHE X 243 -59.16 -91.52 -31.87
C PHE X 243 -58.37 -90.38 -31.22
N TYR X 244 -58.01 -90.52 -29.95
CA TYR X 244 -57.27 -89.45 -29.30
C TYR X 244 -55.78 -89.75 -29.21
N THR X 245 -54.95 -88.71 -29.26
CA THR X 245 -53.56 -88.85 -28.87
C THR X 245 -53.22 -87.76 -27.87
N ILE X 246 -52.38 -88.10 -26.90
CA ILE X 246 -51.83 -87.11 -26.01
C ILE X 246 -51.14 -86.03 -26.81
N GLU X 247 -50.36 -86.45 -27.79
CA GLU X 247 -49.49 -85.55 -28.52
C GLU X 247 -50.23 -84.40 -29.17
N ASN X 248 -51.39 -84.68 -29.76
CA ASN X 248 -52.14 -83.63 -30.47
C ASN X 248 -53.12 -82.83 -29.61
N SER X 249 -53.30 -83.21 -28.35
CA SER X 249 -54.30 -82.54 -27.54
C SER X 249 -53.68 -81.77 -26.39
N VAL X 250 -52.54 -82.24 -25.89
CA VAL X 250 -51.93 -81.74 -24.67
C VAL X 250 -50.45 -81.35 -24.84
N PRO X 251 -50.05 -80.23 -24.25
CA PRO X 251 -48.63 -79.88 -24.28
C PRO X 251 -47.82 -80.82 -23.43
N VAL X 252 -46.71 -81.32 -23.97
CA VAL X 252 -45.86 -82.29 -23.29
C VAL X 252 -44.58 -81.67 -22.77
N HIS X 253 -44.29 -81.91 -21.50
CA HIS X 253 -43.09 -81.41 -20.88
C HIS X 253 -42.02 -82.48 -20.80
N LEU X 254 -40.81 -82.16 -21.23
CA LEU X 254 -39.70 -83.10 -21.10
C LEU X 254 -38.91 -82.81 -19.84
N LEU X 255 -38.89 -83.76 -18.91
CA LEU X 255 -38.18 -83.55 -17.68
C LEU X 255 -36.88 -84.34 -17.63
N ARG X 256 -35.73 -83.67 -17.52
CA ARG X 256 -34.48 -84.37 -17.21
C ARG X 256 -34.32 -84.38 -15.70
N THR X 257 -33.20 -84.85 -15.19
CA THR X 257 -33.06 -85.04 -13.75
C THR X 257 -33.35 -83.78 -12.95
N GLY X 258 -32.84 -82.66 -13.43
CA GLY X 258 -32.95 -81.39 -12.74
C GLY X 258 -34.22 -80.62 -12.94
N ASP X 259 -35.13 -81.15 -13.75
CA ASP X 259 -36.41 -80.51 -14.00
C ASP X 259 -37.45 -81.01 -13.01
N GLU X 260 -38.51 -80.23 -12.83
CA GLU X 260 -39.60 -80.65 -11.98
C GLU X 260 -40.88 -80.07 -12.58
N PHE X 261 -42.00 -80.74 -12.32
CA PHE X 261 -43.26 -80.28 -12.85
C PHE X 261 -44.31 -80.28 -11.79
N ALA X 262 -44.95 -79.12 -11.63
CA ALA X 262 -46.00 -78.97 -10.67
C ALA X 262 -47.21 -78.37 -11.33
N THR X 263 -48.37 -78.79 -10.86
CA THR X 263 -49.63 -78.33 -11.38
C THR X 263 -50.04 -77.13 -10.60
N GLY X 264 -51.12 -76.50 -11.02
CA GLY X 264 -51.65 -75.39 -10.25
C GLY X 264 -52.33 -75.97 -9.04
N THR X 265 -53.14 -75.16 -8.37
CA THR X 265 -54.05 -75.68 -7.37
C THR X 265 -55.45 -75.66 -7.92
N PHE X 266 -56.08 -76.82 -8.03
CA PHE X 266 -57.46 -76.92 -8.52
C PHE X 266 -58.47 -76.85 -7.39
N PHE X 267 -59.47 -75.98 -7.53
CA PHE X 267 -60.51 -75.84 -6.51
C PHE X 267 -61.78 -76.50 -6.97
N PHE X 268 -62.36 -77.31 -6.11
CA PHE X 268 -63.52 -78.08 -6.51
C PHE X 268 -64.80 -77.31 -6.42
N ASP X 269 -65.84 -77.88 -7.02
CA ASP X 269 -67.19 -77.40 -6.85
C ASP X 269 -68.09 -78.58 -6.51
N CYS X 270 -68.41 -78.73 -5.24
CA CYS X 270 -69.24 -79.85 -4.84
C CYS X 270 -70.11 -79.70 -3.63
N LYS X 271 -70.81 -80.81 -3.44
CA LYS X 271 -71.66 -81.14 -2.34
C LYS X 271 -70.83 -81.31 -1.11
N PRO X 272 -71.46 -81.25 0.04
CA PRO X 272 -70.88 -81.87 1.21
C PRO X 272 -71.16 -83.38 1.18
N CYS X 273 -70.22 -84.18 1.64
CA CYS X 273 -70.46 -85.60 1.85
C CYS X 273 -70.71 -85.85 3.31
N ARG X 274 -71.76 -86.57 3.65
CA ARG X 274 -72.12 -86.66 5.07
C ARG X 274 -71.53 -87.89 5.73
N LEU X 275 -71.20 -87.75 7.01
CA LEU X 275 -70.58 -88.85 7.72
C LEU X 275 -71.53 -89.36 8.78
N THR X 276 -72.82 -89.34 8.44
CA THR X 276 -73.83 -89.92 9.31
C THR X 276 -74.77 -90.75 8.47
N HIS X 277 -75.22 -91.87 9.03
CA HIS X 277 -76.15 -92.76 8.36
C HIS X 277 -77.56 -92.58 8.90
N THR X 278 -78.55 -92.78 8.03
CA THR X 278 -79.95 -92.66 8.42
C THR X 278 -80.50 -94.02 8.78
N TRP X 279 -81.33 -94.11 9.80
CA TRP X 279 -81.76 -95.43 10.21
C TRP X 279 -83.23 -95.68 9.97
N GLN X 280 -83.95 -94.64 9.61
CA GLN X 280 -85.38 -94.77 9.51
C GLN X 280 -85.78 -95.26 8.13
N THR X 281 -86.63 -96.28 8.11
CA THR X 281 -87.35 -96.70 6.91
C THR X 281 -88.73 -96.13 7.05
N ASN X 282 -89.59 -96.30 6.05
CA ASN X 282 -90.89 -95.70 6.17
C ASN X 282 -91.64 -96.04 7.44
N ARG X 283 -91.35 -97.20 8.00
CA ARG X 283 -92.14 -97.72 9.13
C ARG X 283 -91.87 -96.98 10.43
N ALA X 284 -90.92 -96.05 10.39
CA ALA X 284 -90.57 -95.24 11.56
C ALA X 284 -90.49 -93.77 11.22
N LEU X 285 -91.50 -93.24 10.55
CA LEU X 285 -91.56 -91.83 10.21
C LEU X 285 -92.78 -91.20 10.83
N GLY X 286 -92.58 -90.32 11.79
CA GLY X 286 -93.70 -89.53 12.26
C GLY X 286 -94.17 -89.98 13.60
N LEU X 287 -95.45 -89.77 13.87
CA LEU X 287 -96.00 -90.03 15.19
C LEU X 287 -96.43 -91.47 15.35
N PRO X 288 -95.75 -92.23 16.22
CA PRO X 288 -96.14 -93.60 16.52
C PRO X 288 -97.50 -93.67 17.22
N PRO X 289 -98.20 -94.79 17.09
CA PRO X 289 -99.56 -94.87 17.62
C PRO X 289 -99.63 -94.90 19.12
N PHE X 290 -100.56 -94.16 19.69
CA PHE X 290 -100.64 -94.05 21.14
C PHE X 290 -101.01 -95.34 21.75
N LEU X 291 -100.24 -95.79 22.71
CA LEU X 291 -100.53 -97.06 23.34
C LEU X 291 -101.44 -96.89 24.52
N ASN X 292 -102.63 -97.48 24.45
CA ASN X 292 -103.58 -97.40 25.56
C ASN X 292 -103.28 -98.41 26.67
N SER X 293 -102.44 -99.39 26.34
CA SER X 293 -102.02 -100.42 27.29
C SER X 293 -100.52 -100.56 27.34
N LEU X 294 -99.93 -99.98 28.37
CA LEU X 294 -98.51 -100.09 28.61
C LEU X 294 -98.24 -101.21 29.58
N PRO X 295 -97.12 -101.92 29.39
CA PRO X 295 -96.68 -103.06 30.21
C PRO X 295 -96.47 -102.68 31.66
N GLN X 296 -96.52 -103.66 32.55
CA GLN X 296 -96.33 -103.40 33.98
C GLN X 296 -95.37 -104.40 34.56
N SER X 297 -94.57 -105.02 33.71
CA SER X 297 -93.38 -105.71 34.17
C SER X 297 -92.28 -105.70 33.10
N GLU X 298 -91.02 -105.68 33.54
CA GLU X 298 -89.93 -105.73 32.59
C GLU X 298 -89.90 -107.12 32.00
N GLY X 299 -89.21 -107.30 30.89
CA GLY X 299 -89.11 -108.62 30.32
C GLY X 299 -89.21 -108.60 28.82
N GLY X 300 -89.16 -109.78 28.22
CA GLY X 300 -88.91 -109.86 26.79
C GLY X 300 -90.14 -110.13 25.97
N THR X 301 -91.24 -110.44 26.61
CA THR X 301 -92.48 -110.63 25.89
C THR X 301 -93.55 -109.78 26.49
N ASN X 302 -93.14 -108.87 27.36
CA ASN X 302 -94.08 -107.97 28.01
C ASN X 302 -94.40 -106.78 27.11
N PHE X 303 -95.16 -107.02 26.05
CA PHE X 303 -95.47 -106.00 25.03
C PHE X 303 -96.51 -104.97 25.45
N GLY X 304 -96.52 -103.84 24.78
CA GLY X 304 -97.57 -102.85 24.94
C GLY X 304 -98.55 -103.03 23.81
N TYR X 305 -99.79 -102.58 23.99
CA TYR X 305 -100.81 -102.80 22.97
C TYR X 305 -101.49 -101.50 22.57
N ILE X 306 -101.68 -101.29 21.27
CA ILE X 306 -102.34 -100.09 20.79
C ILE X 306 -103.66 -99.91 21.47
N GLY X 307 -104.44 -100.98 21.49
CA GLY X 307 -105.64 -101.00 22.29
C GLY X 307 -106.89 -100.44 21.64
N VAL X 308 -106.92 -100.49 20.32
CA VAL X 308 -108.11 -100.16 19.56
C VAL X 308 -108.24 -101.10 18.37
N GLN X 309 -109.47 -101.52 18.07
CA GLN X 309 -109.73 -102.43 16.95
C GLN X 309 -109.21 -101.86 15.65
N GLN X 310 -108.50 -102.67 14.89
CA GLN X 310 -107.80 -102.17 13.72
C GLN X 310 -108.65 -101.45 12.71
N ASP X 311 -109.95 -101.70 12.70
CA ASP X 311 -110.75 -101.07 11.69
C ASP X 311 -111.52 -99.90 12.24
N LYS X 312 -111.29 -99.57 13.51
CA LYS X 312 -111.98 -98.42 14.07
C LYS X 312 -111.05 -97.34 14.58
N ARG X 313 -109.85 -97.30 14.02
CA ARG X 313 -108.81 -96.41 14.49
C ARG X 313 -108.89 -95.11 13.69
N ARG X 314 -108.34 -94.05 14.24
CA ARG X 314 -108.33 -92.74 13.59
C ARG X 314 -106.98 -92.51 12.89
N GLY X 315 -106.97 -91.78 11.78
CA GLY X 315 -105.73 -91.55 11.06
C GLY X 315 -105.88 -91.48 9.55
N VAL X 316 -104.77 -91.53 8.81
CA VAL X 316 -104.81 -91.35 7.37
C VAL X 316 -104.15 -92.47 6.58
N THR X 317 -104.84 -93.01 5.58
CA THR X 317 -104.20 -93.98 4.72
C THR X 317 -104.49 -93.67 3.27
N GLN X 318 -103.74 -94.31 2.39
CA GLN X 318 -103.95 -94.13 0.96
C GLN X 318 -104.71 -95.34 0.41
N MET X 319 -105.53 -95.93 1.26
CA MET X 319 -106.35 -97.08 0.91
C MET X 319 -107.83 -96.76 0.93
N GLY X 320 -108.36 -96.39 -0.24
CA GLY X 320 -109.74 -95.94 -0.33
C GLY X 320 -110.77 -96.95 0.12
N ASN X 321 -110.38 -98.22 0.16
CA ASN X 321 -111.30 -99.29 0.56
C ASN X 321 -111.42 -99.48 2.06
N THR X 322 -110.40 -100.06 2.68
CA THR X 322 -110.55 -100.50 4.05
C THR X 322 -110.49 -99.38 5.05
N ASN X 323 -110.99 -99.68 6.24
CA ASN X 323 -110.89 -98.76 7.34
C ASN X 323 -109.77 -99.25 8.23
N TYR X 324 -108.99 -100.19 7.70
CA TYR X 324 -107.85 -100.70 8.43
C TYR X 324 -106.76 -99.68 8.46
N ILE X 325 -106.32 -99.35 9.66
CA ILE X 325 -105.24 -98.39 9.84
C ILE X 325 -104.18 -99.06 10.66
N THR X 326 -103.19 -99.59 9.95
CA THR X 326 -102.08 -100.25 10.58
C THR X 326 -100.76 -99.66 10.14
N GLU X 327 -99.72 -100.01 10.87
CA GLU X 327 -98.39 -99.51 10.60
C GLU X 327 -97.94 -99.78 9.18
N ALA X 328 -98.47 -100.82 8.57
CA ALA X 328 -98.12 -101.13 7.20
C ALA X 328 -99.03 -100.40 6.23
N THR X 329 -100.10 -99.84 6.77
CA THR X 329 -101.10 -99.20 5.94
C THR X 329 -101.02 -97.70 6.03
N ILE X 330 -100.69 -97.22 7.21
CA ILE X 330 -100.65 -95.81 7.52
C ILE X 330 -99.82 -94.96 6.53
N MET X 331 -100.36 -93.81 6.15
CA MET X 331 -99.67 -92.92 5.27
C MET X 331 -98.36 -92.46 5.88
N ARG X 332 -97.36 -92.26 5.04
CA ARG X 332 -96.12 -91.61 5.44
C ARG X 332 -95.93 -90.51 4.41
N PRO X 333 -95.18 -89.45 4.74
CA PRO X 333 -95.04 -88.31 3.86
C PRO X 333 -94.48 -88.65 2.50
N ALA X 334 -93.59 -89.62 2.44
CA ALA X 334 -93.03 -90.07 1.17
C ALA X 334 -92.46 -91.46 1.29
N GLU X 335 -91.54 -91.82 0.42
CA GLU X 335 -90.98 -93.15 0.49
C GLU X 335 -89.47 -93.11 0.56
N VAL X 336 -88.92 -93.80 1.54
CA VAL X 336 -87.48 -93.85 1.74
C VAL X 336 -86.89 -94.98 0.98
N GLY X 337 -86.03 -94.67 0.01
CA GLY X 337 -85.41 -95.68 -0.80
C GLY X 337 -86.33 -96.12 -1.92
N TYR X 338 -85.86 -97.07 -2.72
CA TYR X 338 -86.66 -97.56 -3.83
C TYR X 338 -86.24 -98.96 -4.21
N SER X 339 -87.16 -99.70 -4.83
CA SER X 339 -86.89 -101.07 -5.27
C SER X 339 -86.48 -101.07 -6.71
N ALA X 340 -85.45 -101.84 -7.01
CA ALA X 340 -84.91 -101.84 -8.37
C ALA X 340 -84.69 -103.25 -8.86
N PRO X 341 -84.68 -103.45 -10.17
CA PRO X 341 -84.47 -104.75 -10.80
C PRO X 341 -83.12 -105.38 -10.45
N TYR X 342 -83.11 -106.70 -10.33
CA TYR X 342 -81.91 -107.40 -9.92
C TYR X 342 -82.01 -108.87 -10.22
N TYR X 343 -80.96 -109.50 -10.75
CA TYR X 343 -79.81 -108.84 -11.34
C TYR X 343 -80.16 -108.46 -12.74
N SER X 344 -80.62 -107.24 -12.97
CA SER X 344 -81.07 -106.94 -14.30
C SER X 344 -79.91 -106.55 -15.22
N PHE X 345 -79.89 -107.09 -16.43
CA PHE X 345 -78.94 -106.67 -17.46
C PHE X 345 -79.69 -106.07 -18.63
N GLU X 346 -79.20 -104.95 -19.14
CA GLU X 346 -79.84 -104.30 -20.27
C GLU X 346 -78.80 -104.22 -21.36
N ALA X 347 -79.23 -104.03 -22.60
CA ALA X 347 -78.28 -104.03 -23.68
C ALA X 347 -78.52 -102.91 -24.67
N SER X 348 -77.45 -102.25 -25.09
CA SER X 348 -77.53 -101.26 -26.14
C SER X 348 -76.35 -101.40 -27.05
N THR X 349 -76.40 -100.72 -28.19
CA THR X 349 -75.34 -100.64 -29.19
C THR X 349 -74.09 -101.48 -28.98
N GLN X 350 -73.59 -101.51 -27.75
CA GLN X 350 -72.29 -102.13 -27.48
C GLN X 350 -72.34 -103.35 -26.57
N GLY X 351 -73.54 -103.84 -26.31
CA GLY X 351 -73.70 -105.06 -25.56
C GLY X 351 -74.43 -104.88 -24.26
N PRO X 352 -74.52 -105.95 -23.49
CA PRO X 352 -75.27 -105.98 -22.23
C PRO X 352 -74.46 -105.57 -21.01
N PHE X 353 -75.15 -105.03 -20.01
CA PHE X 353 -74.51 -104.54 -18.79
C PHE X 353 -75.46 -104.56 -17.62
N LYS X 354 -74.94 -104.71 -16.40
CA LYS X 354 -75.83 -104.74 -15.23
C LYS X 354 -76.44 -103.37 -14.95
N THR X 355 -77.64 -103.38 -14.40
CA THR X 355 -78.33 -102.19 -13.94
C THR X 355 -77.85 -101.81 -12.55
N PRO X 356 -77.34 -100.59 -12.39
CA PRO X 356 -76.79 -100.17 -11.10
C PRO X 356 -77.84 -99.76 -10.09
N ILE X 357 -77.58 -100.01 -8.82
CA ILE X 357 -78.56 -99.71 -7.79
C ILE X 357 -77.98 -98.72 -6.82
N ALA X 358 -78.82 -97.86 -6.28
CA ALA X 358 -78.36 -96.81 -5.41
C ALA X 358 -78.33 -97.24 -3.97
N ALA X 359 -79.47 -97.65 -3.45
CA ALA X 359 -79.66 -97.76 -2.01
C ALA X 359 -78.78 -98.81 -1.29
N GLY X 360 -79.28 -99.25 -0.15
CA GLY X 360 -78.67 -100.29 0.65
C GLY X 360 -78.56 -99.63 1.98
N ARG X 361 -78.40 -100.38 3.06
CA ARG X 361 -78.77 -101.80 3.15
C ARG X 361 -80.23 -101.85 3.47
N GLY X 362 -80.87 -102.97 3.18
CA GLY X 362 -82.29 -103.10 3.41
C GLY X 362 -82.75 -104.26 4.28
N GLY X 363 -81.85 -105.18 4.58
CA GLY X 363 -82.27 -106.33 5.32
C GLY X 363 -82.03 -106.18 6.81
N ALA X 364 -82.76 -106.96 7.60
CA ALA X 364 -82.69 -106.86 9.05
C ALA X 364 -81.41 -107.48 9.61
N GLN X 365 -81.58 -108.32 10.62
CA GLN X 365 -80.47 -108.92 11.33
C GLN X 365 -79.62 -109.81 10.42
N THR X 366 -78.49 -109.29 9.96
CA THR X 366 -77.54 -110.03 9.12
C THR X 366 -78.13 -110.65 7.86
N ASP X 367 -79.44 -110.54 7.69
CA ASP X 367 -80.12 -110.95 6.47
C ASP X 367 -80.04 -109.81 5.49
N GLU X 368 -79.28 -109.95 4.42
CA GLU X 368 -79.08 -108.82 3.52
C GLU X 368 -79.26 -109.31 2.10
N ASN X 369 -80.02 -108.60 1.28
CA ASN X 369 -80.09 -108.99 -0.11
C ASN X 369 -79.09 -108.22 -0.96
N GLN X 370 -77.84 -108.67 -0.94
CA GLN X 370 -76.73 -107.90 -1.48
C GLN X 370 -76.78 -107.54 -2.96
N ALA X 371 -77.82 -107.97 -3.66
CA ALA X 371 -77.90 -107.69 -5.07
C ALA X 371 -78.97 -106.65 -5.29
N ALA X 372 -80.02 -106.77 -4.49
CA ALA X 372 -81.11 -105.85 -4.53
C ALA X 372 -80.67 -104.51 -4.00
N ASP X 373 -79.63 -104.52 -3.18
CA ASP X 373 -79.10 -103.27 -2.65
C ASP X 373 -77.87 -102.88 -3.43
N GLY X 374 -77.41 -103.79 -4.25
CA GLY X 374 -76.32 -103.49 -5.14
C GLY X 374 -75.13 -103.12 -4.30
N ASP X 375 -74.97 -103.82 -3.19
CA ASP X 375 -73.86 -103.56 -2.30
C ASP X 375 -72.62 -103.93 -3.06
N PRO X 376 -71.68 -102.99 -3.19
CA PRO X 376 -70.50 -103.06 -4.07
C PRO X 376 -69.44 -104.00 -3.53
N ARG X 377 -68.69 -104.63 -4.41
CA ARG X 377 -67.74 -105.64 -3.97
C ARG X 377 -66.35 -105.34 -4.52
N TYR X 378 -65.38 -105.22 -3.63
CA TYR X 378 -64.09 -104.74 -4.08
C TYR X 378 -63.04 -105.83 -4.08
N ALA X 379 -62.32 -105.93 -5.20
CA ALA X 379 -61.24 -106.91 -5.37
C ALA X 379 -59.94 -106.19 -5.67
N PHE X 380 -58.88 -106.55 -4.96
CA PHE X 380 -57.65 -105.78 -4.98
C PHE X 380 -56.43 -106.59 -4.57
N GLY X 381 -55.23 -106.08 -4.83
CA GLY X 381 -54.02 -106.83 -4.56
C GLY X 381 -52.80 -106.16 -3.96
N ARG X 382 -52.40 -106.65 -2.80
CA ARG X 382 -51.19 -106.26 -2.05
C ARG X 382 -50.86 -104.78 -2.05
N GLN X 383 -50.75 -104.19 -3.23
CA GLN X 383 -50.52 -102.75 -3.33
C GLN X 383 -51.62 -101.91 -2.69
N HIS X 384 -52.84 -102.41 -2.63
CA HIS X 384 -53.93 -101.63 -2.05
C HIS X 384 -54.73 -102.42 -1.02
N GLY X 385 -54.09 -103.23 -0.20
CA GLY X 385 -54.78 -103.78 0.94
C GLY X 385 -54.54 -105.22 1.28
N GLN X 386 -54.44 -106.08 0.26
CA GLN X 386 -54.21 -107.50 0.51
C GLN X 386 -52.90 -107.65 1.25
N LYS X 387 -52.81 -108.66 2.13
CA LYS X 387 -51.58 -108.88 2.87
C LYS X 387 -50.45 -109.01 1.87
N THR X 388 -49.40 -108.23 2.06
CA THR X 388 -48.35 -108.10 1.06
C THR X 388 -47.40 -109.30 0.98
N THR X 389 -47.43 -110.17 1.98
CA THR X 389 -46.60 -111.37 1.98
C THR X 389 -47.23 -112.47 1.17
N THR X 390 -48.52 -112.31 0.90
CA THR X 390 -49.30 -113.32 0.22
C THR X 390 -48.85 -113.60 -1.20
N THR X 391 -48.48 -114.85 -1.45
CA THR X 391 -48.19 -115.31 -2.79
C THR X 391 -49.45 -115.77 -3.50
N GLY X 392 -49.36 -115.83 -4.82
CA GLY X 392 -50.49 -116.26 -5.63
C GLY X 392 -51.26 -115.09 -6.22
N GLU X 393 -51.83 -115.30 -7.39
CA GLU X 393 -52.55 -114.24 -8.11
C GLU X 393 -54.00 -114.03 -7.65
N THR X 394 -54.39 -114.70 -6.57
CA THR X 394 -55.75 -114.60 -6.08
C THR X 394 -55.89 -113.32 -5.30
N PRO X 395 -56.84 -112.47 -5.70
CA PRO X 395 -57.07 -111.18 -5.03
C PRO X 395 -57.78 -111.32 -3.69
N GLU X 396 -57.67 -110.29 -2.86
CA GLU X 396 -58.46 -110.17 -1.64
C GLU X 396 -59.73 -109.42 -2.01
N ARG X 397 -60.83 -109.68 -1.33
CA ARG X 397 -62.09 -109.07 -1.73
C ARG X 397 -62.92 -108.71 -0.53
N PHE X 398 -63.90 -107.83 -0.73
CA PHE X 398 -64.95 -107.57 0.28
C PHE X 398 -66.16 -106.91 -0.35
N THR X 399 -67.27 -107.02 0.36
CA THR X 399 -68.52 -106.44 -0.09
C THR X 399 -68.97 -105.41 0.95
N TYR X 400 -69.03 -104.15 0.54
CA TYR X 400 -69.34 -103.09 1.47
C TYR X 400 -70.84 -103.02 1.73
N ILE X 401 -71.22 -103.30 2.97
CA ILE X 401 -72.60 -103.09 3.37
C ILE X 401 -72.72 -101.86 4.23
N ALA X 402 -73.32 -100.80 3.68
CA ALA X 402 -73.39 -99.51 4.34
C ALA X 402 -74.17 -99.57 5.62
N HIS X 403 -74.07 -98.54 6.45
CA HIS X 403 -74.83 -98.54 7.68
C HIS X 403 -76.22 -97.96 7.46
N GLN X 404 -76.38 -97.20 6.39
CA GLN X 404 -77.64 -96.51 6.18
C GLN X 404 -78.76 -97.41 5.70
N ASP X 405 -79.72 -97.67 6.58
CA ASP X 405 -80.84 -98.54 6.28
C ASP X 405 -81.81 -97.85 5.29
N THR X 406 -81.48 -97.91 3.99
CA THR X 406 -82.37 -97.34 2.98
C THR X 406 -82.63 -98.28 1.79
N GLY X 407 -82.29 -99.56 1.95
CA GLY X 407 -82.42 -100.52 0.89
C GLY X 407 -83.69 -101.34 0.99
N ARG X 408 -83.71 -102.51 0.37
CA ARG X 408 -84.88 -103.37 0.39
C ARG X 408 -84.58 -104.82 0.76
N TYR X 409 -85.56 -105.49 1.33
CA TYR X 409 -85.49 -106.92 1.56
C TYR X 409 -86.62 -107.54 0.80
N PRO X 410 -86.43 -107.72 -0.52
CA PRO X 410 -87.51 -108.06 -1.43
C PRO X 410 -88.29 -109.31 -1.05
N GLU X 411 -87.69 -110.16 -0.23
CA GLU X 411 -88.36 -111.33 0.30
C GLU X 411 -89.62 -110.96 1.06
N GLY X 412 -89.64 -109.74 1.61
CA GLY X 412 -90.76 -109.26 2.40
C GLY X 412 -91.78 -108.43 1.64
N ASP X 413 -91.59 -108.28 0.33
CA ASP X 413 -92.49 -107.51 -0.53
C ASP X 413 -93.75 -108.29 -0.82
N TRP X 414 -94.80 -107.60 -1.26
CA TRP X 414 -95.96 -108.27 -1.83
C TRP X 414 -96.89 -107.29 -2.50
N ILE X 415 -97.90 -107.82 -3.19
CA ILE X 415 -98.88 -107.01 -3.90
C ILE X 415 -100.27 -107.57 -3.77
N GLN X 416 -101.19 -106.85 -3.15
CA GLN X 416 -102.54 -107.38 -3.06
C GLN X 416 -103.50 -106.85 -4.11
N ASN X 417 -104.61 -107.56 -4.27
CA ASN X 417 -105.65 -107.13 -5.14
C ASN X 417 -106.38 -105.98 -4.52
N ILE X 418 -106.93 -105.16 -5.40
CA ILE X 418 -107.67 -103.97 -5.07
C ILE X 418 -108.70 -104.16 -3.95
N ASN X 419 -109.26 -105.36 -3.82
CA ASN X 419 -110.40 -105.52 -2.93
C ASN X 419 -110.01 -105.64 -1.46
N PHE X 420 -108.76 -105.99 -1.21
CA PHE X 420 -108.25 -106.07 0.14
C PHE X 420 -109.15 -106.89 1.04
N ASN X 421 -109.61 -108.01 0.52
CA ASN X 421 -110.33 -108.99 1.31
C ASN X 421 -109.32 -109.88 1.98
N LEU X 422 -109.09 -109.63 3.26
CA LEU X 422 -108.00 -110.30 3.92
C LEU X 422 -108.51 -110.94 5.19
N PRO X 423 -107.86 -112.03 5.64
CA PRO X 423 -106.68 -112.76 5.14
C PRO X 423 -106.74 -113.06 3.65
N VAL X 424 -105.65 -112.84 2.93
CA VAL X 424 -105.74 -112.82 1.48
C VAL X 424 -105.59 -114.21 0.81
N THR X 425 -106.47 -114.47 -0.18
CA THR X 425 -106.41 -115.69 -0.99
C THR X 425 -105.21 -115.69 -1.87
N ASP X 426 -104.67 -116.84 -2.09
CA ASP X 426 -103.59 -116.92 -3.00
C ASP X 426 -103.77 -116.36 -4.43
N ASP X 427 -104.99 -116.38 -4.94
CA ASP X 427 -105.26 -115.83 -6.26
C ASP X 427 -105.36 -114.29 -6.14
N ASN X 428 -105.46 -113.80 -4.91
CA ASN X 428 -105.57 -112.35 -4.67
C ASN X 428 -104.28 -111.67 -4.24
N VAL X 429 -103.17 -112.36 -4.28
CA VAL X 429 -101.89 -111.74 -3.93
C VAL X 429 -100.78 -112.20 -4.85
N LEU X 430 -99.78 -111.36 -5.06
CA LEU X 430 -98.60 -111.80 -5.78
C LEU X 430 -97.43 -111.70 -4.82
N LEU X 431 -96.82 -112.84 -4.52
CA LEU X 431 -95.72 -112.93 -3.56
C LEU X 431 -94.38 -113.03 -4.27
N PRO X 432 -93.28 -112.85 -3.52
CA PRO X 432 -91.98 -113.12 -4.09
C PRO X 432 -91.69 -114.60 -4.20
N THR X 433 -92.69 -115.42 -3.90
CA THR X 433 -92.61 -116.86 -3.99
C THR X 433 -93.18 -117.33 -5.32
N ASP X 434 -94.21 -116.64 -5.78
CA ASP X 434 -94.86 -116.97 -7.03
C ASP X 434 -93.96 -116.68 -8.24
N PRO X 435 -93.72 -117.71 -9.06
CA PRO X 435 -92.89 -117.64 -10.26
C PRO X 435 -93.52 -116.82 -11.37
N ILE X 436 -92.65 -116.14 -12.12
CA ILE X 436 -93.06 -115.19 -13.11
C ILE X 436 -92.59 -115.62 -14.48
N GLY X 437 -93.49 -115.61 -15.46
CA GLY X 437 -93.14 -116.05 -16.79
C GLY X 437 -92.78 -117.51 -16.79
N GLY X 438 -93.24 -118.20 -15.76
CA GLY X 438 -93.04 -119.63 -15.60
C GLY X 438 -91.64 -120.14 -15.29
N LYS X 439 -90.88 -119.32 -14.55
CA LYS X 439 -89.53 -119.67 -14.11
C LYS X 439 -89.55 -119.83 -12.61
N THR X 440 -89.03 -120.95 -12.14
CA THR X 440 -89.03 -121.23 -10.72
C THR X 440 -88.28 -120.17 -9.94
N GLY X 441 -87.15 -119.76 -10.48
CA GLY X 441 -86.25 -118.84 -9.81
C GLY X 441 -86.37 -117.36 -10.14
N ILE X 442 -87.52 -116.93 -10.64
CA ILE X 442 -87.76 -115.53 -10.91
C ILE X 442 -89.11 -115.14 -10.30
N ASN X 443 -89.21 -114.01 -9.62
CA ASN X 443 -90.51 -113.55 -9.11
C ASN X 443 -90.68 -112.09 -9.50
N TYR X 444 -91.78 -111.48 -9.09
CA TYR X 444 -92.11 -110.16 -9.59
C TYR X 444 -91.09 -109.14 -9.14
N THR X 445 -90.52 -109.34 -7.97
CA THR X 445 -89.58 -108.38 -7.45
C THR X 445 -88.31 -108.29 -8.29
N ASN X 446 -87.99 -109.30 -9.07
CA ASN X 446 -86.79 -109.21 -9.90
C ASN X 446 -86.91 -108.19 -10.98
N ILE X 447 -88.13 -107.79 -11.31
CA ILE X 447 -88.28 -106.82 -12.37
C ILE X 447 -88.87 -105.51 -11.86
N PHE X 448 -88.99 -105.42 -10.54
CA PHE X 448 -89.76 -104.37 -9.88
C PHE X 448 -89.00 -103.05 -9.82
N ASN X 449 -89.73 -101.95 -9.83
CA ASN X 449 -89.16 -100.62 -9.76
C ASN X 449 -90.07 -99.65 -9.05
N THR X 450 -89.69 -99.19 -7.87
CA THR X 450 -90.56 -98.26 -7.16
C THR X 450 -89.93 -96.91 -7.03
N TYR X 451 -89.11 -96.56 -8.02
CA TYR X 451 -88.63 -95.21 -8.10
C TYR X 451 -89.76 -94.30 -8.51
N GLY X 452 -89.84 -93.16 -7.87
CA GLY X 452 -90.95 -92.27 -8.12
C GLY X 452 -90.71 -90.93 -7.49
N PRO X 453 -91.59 -89.99 -7.79
CA PRO X 453 -91.48 -88.62 -7.32
C PRO X 453 -91.63 -88.52 -5.82
N LEU X 454 -91.80 -89.63 -5.12
CA LEU X 454 -91.90 -89.62 -3.66
C LEU X 454 -90.65 -90.27 -3.03
N THR X 455 -89.67 -90.56 -3.87
CA THR X 455 -88.50 -91.30 -3.44
C THR X 455 -87.48 -90.40 -2.81
N ALA X 456 -86.92 -90.89 -1.72
CA ALA X 456 -85.84 -90.23 -1.03
C ALA X 456 -84.60 -91.13 -1.03
N LEU X 457 -83.43 -90.53 -1.10
CA LEU X 457 -82.15 -91.21 -1.29
C LEU X 457 -81.01 -90.56 -0.56
N ASN X 458 -79.97 -91.32 -0.28
CA ASN X 458 -78.72 -90.71 0.10
C ASN X 458 -77.69 -90.93 -0.98
N ASN X 459 -76.59 -90.22 -0.91
CA ASN X 459 -75.49 -90.50 -1.79
C ASN X 459 -74.73 -91.68 -1.23
N VAL X 460 -73.85 -92.26 -2.03
CA VAL X 460 -73.05 -93.38 -1.59
C VAL X 460 -72.08 -92.97 -0.50
N PRO X 461 -71.86 -93.86 0.47
CA PRO X 461 -70.88 -93.57 1.50
C PRO X 461 -69.48 -93.85 0.97
N PRO X 462 -68.46 -93.22 1.57
CA PRO X 462 -67.08 -93.47 1.18
C PRO X 462 -66.61 -94.86 1.58
N VAL X 463 -65.94 -95.54 0.66
CA VAL X 463 -65.48 -96.86 0.94
C VAL X 463 -63.98 -96.82 1.17
N TYR X 464 -63.56 -96.82 2.43
CA TYR X 464 -62.14 -96.77 2.74
C TYR X 464 -61.58 -98.17 2.81
N PRO X 465 -60.43 -98.42 2.19
CA PRO X 465 -59.58 -97.51 1.43
C PRO X 465 -59.68 -97.62 -0.07
N ASN X 466 -60.40 -98.60 -0.58
CA ASN X 466 -60.36 -98.85 -2.00
C ASN X 466 -61.31 -97.98 -2.81
N GLY X 467 -62.13 -97.19 -2.13
CA GLY X 467 -63.10 -96.36 -2.82
C GLY X 467 -62.53 -95.21 -3.61
N GLN X 468 -63.26 -94.79 -4.64
CA GLN X 468 -62.91 -93.61 -5.43
C GLN X 468 -63.31 -92.41 -4.63
N ILE X 469 -62.66 -91.27 -4.87
CA ILE X 469 -63.00 -90.07 -4.10
C ILE X 469 -63.86 -89.11 -4.90
N TRP X 470 -63.39 -88.67 -6.05
CA TRP X 470 -64.23 -87.81 -6.86
C TRP X 470 -64.38 -88.40 -8.26
N ASP X 471 -65.41 -87.97 -8.99
CA ASP X 471 -65.65 -88.47 -10.32
C ASP X 471 -66.22 -87.39 -11.22
N LYS X 472 -65.90 -87.42 -12.51
CA LYS X 472 -66.43 -86.44 -13.45
C LYS X 472 -67.88 -86.71 -13.71
N GLU X 473 -68.63 -85.71 -14.11
CA GLU X 473 -70.04 -85.89 -14.41
C GLU X 473 -70.25 -86.18 -15.88
N PHE X 474 -71.29 -86.94 -16.17
CA PHE X 474 -71.59 -87.30 -17.54
C PHE X 474 -71.95 -86.05 -18.32
N ASP X 475 -71.43 -85.91 -19.53
CA ASP X 475 -71.81 -84.75 -20.32
C ASP X 475 -73.12 -84.98 -21.03
N THR X 476 -74.13 -85.34 -20.28
CA THR X 476 -75.44 -85.52 -20.85
C THR X 476 -76.33 -84.35 -20.52
N ASP X 477 -77.26 -84.05 -21.39
CA ASP X 477 -78.12 -82.90 -21.19
C ASP X 477 -78.90 -83.01 -19.88
N LEU X 478 -79.24 -84.23 -19.47
CA LEU X 478 -79.80 -84.48 -18.14
C LEU X 478 -78.88 -85.42 -17.38
N LYS X 479 -78.62 -85.16 -16.10
CA LYS X 479 -77.51 -85.84 -15.42
C LYS X 479 -77.98 -86.72 -14.29
N PRO X 480 -77.15 -87.65 -13.88
CA PRO X 480 -77.54 -88.55 -12.79
C PRO X 480 -77.67 -87.83 -11.47
N ARG X 481 -78.57 -88.26 -10.61
CA ARG X 481 -78.67 -87.63 -9.31
C ARG X 481 -77.49 -88.00 -8.41
N LEU X 482 -76.73 -89.02 -8.81
CA LEU X 482 -75.52 -89.40 -8.09
C LEU X 482 -74.68 -90.37 -8.89
N HIS X 483 -73.54 -90.76 -8.35
CA HIS X 483 -72.78 -91.81 -8.97
C HIS X 483 -72.59 -92.83 -7.88
N VAL X 484 -72.35 -94.08 -8.26
CA VAL X 484 -72.19 -95.10 -7.23
C VAL X 484 -70.72 -95.37 -6.97
N ASN X 485 -69.84 -94.77 -7.76
CA ASN X 485 -68.42 -95.05 -7.59
C ASN X 485 -67.70 -94.07 -6.69
N ALA X 486 -68.27 -92.88 -6.50
CA ALA X 486 -67.60 -91.89 -5.68
C ALA X 486 -68.59 -90.90 -5.15
N PRO X 487 -68.34 -90.38 -3.94
CA PRO X 487 -69.32 -89.43 -3.41
C PRO X 487 -69.20 -88.02 -3.95
N PHE X 488 -68.03 -87.55 -4.35
CA PHE X 488 -67.96 -86.19 -4.87
C PHE X 488 -68.00 -86.19 -6.38
N VAL X 489 -68.98 -85.50 -6.94
CA VAL X 489 -69.09 -85.42 -8.39
C VAL X 489 -68.95 -83.96 -8.83
N CYS X 490 -67.95 -83.71 -9.66
CA CYS X 490 -67.61 -82.38 -10.14
C CYS X 490 -68.40 -82.00 -11.36
N GLN X 491 -69.22 -80.97 -11.23
CA GLN X 491 -69.95 -80.47 -12.38
C GLN X 491 -69.09 -79.72 -13.38
N ASN X 492 -69.02 -78.42 -13.25
CA ASN X 492 -68.13 -77.66 -14.10
C ASN X 492 -66.69 -78.01 -13.75
N ASN X 493 -65.88 -78.12 -14.81
CA ASN X 493 -64.50 -78.63 -14.81
C ASN X 493 -63.98 -79.48 -13.64
N CYS X 494 -63.33 -80.57 -14.04
CA CYS X 494 -62.68 -81.52 -13.15
C CYS X 494 -61.15 -81.46 -13.24
N PRO X 495 -60.44 -81.91 -12.18
CA PRO X 495 -59.00 -82.04 -12.30
C PRO X 495 -58.60 -82.87 -13.50
N GLY X 496 -57.58 -82.42 -14.21
CA GLY X 496 -57.09 -83.14 -15.37
C GLY X 496 -56.27 -84.39 -15.03
N GLN X 497 -56.22 -85.33 -15.96
CA GLN X 497 -55.46 -86.53 -15.69
C GLN X 497 -53.98 -86.32 -15.95
N LEU X 498 -53.14 -87.01 -15.21
CA LEU X 498 -51.71 -86.82 -15.32
C LEU X 498 -51.04 -87.99 -16.03
N PHE X 499 -50.40 -87.71 -17.16
CA PHE X 499 -49.82 -88.77 -17.94
C PHE X 499 -48.31 -88.69 -18.02
N VAL X 500 -47.67 -89.83 -17.82
CA VAL X 500 -46.22 -89.91 -17.94
C VAL X 500 -45.84 -90.95 -18.97
N LYS X 501 -44.59 -90.90 -19.43
CA LYS X 501 -44.08 -91.76 -20.49
C LYS X 501 -42.59 -91.54 -20.68
N VAL X 502 -41.82 -92.61 -20.78
CA VAL X 502 -40.39 -92.50 -21.02
C VAL X 502 -40.07 -92.02 -22.44
N ALA X 503 -39.17 -91.05 -22.57
CA ALA X 503 -38.83 -90.55 -23.89
C ALA X 503 -38.07 -91.60 -24.67
N PRO X 504 -38.32 -91.66 -25.98
CA PRO X 504 -37.63 -92.58 -26.90
C PRO X 504 -36.12 -92.44 -26.86
N ASN X 505 -35.44 -93.44 -26.31
CA ASN X 505 -33.98 -93.44 -26.20
C ASN X 505 -33.35 -94.24 -27.30
N LEU X 506 -33.11 -93.61 -28.43
CA LEU X 506 -32.72 -94.32 -29.63
C LEU X 506 -31.29 -94.83 -29.60
N THR X 507 -31.03 -95.90 -30.34
CA THR X 507 -29.69 -96.39 -30.61
C THR X 507 -29.17 -95.68 -31.82
N ASN X 508 -27.98 -96.05 -32.28
CA ASN X 508 -27.43 -95.40 -33.45
C ASN X 508 -28.02 -95.86 -34.76
N GLN X 509 -28.56 -97.08 -34.80
CA GLN X 509 -29.23 -97.49 -36.02
C GLN X 509 -30.74 -97.35 -35.85
N TYR X 510 -31.29 -96.36 -36.55
CA TYR X 510 -32.72 -96.12 -36.55
C TYR X 510 -33.09 -95.76 -37.97
N ASP X 511 -33.98 -96.53 -38.57
CA ASP X 511 -34.52 -96.23 -39.89
C ASP X 511 -36.03 -96.24 -39.78
N PRO X 512 -36.63 -95.05 -39.84
CA PRO X 512 -38.09 -94.93 -39.74
C PRO X 512 -38.77 -95.48 -40.99
N ASP X 513 -38.13 -95.34 -42.15
CA ASP X 513 -38.70 -95.85 -43.40
C ASP X 513 -38.73 -97.36 -43.36
N ALA X 514 -37.99 -97.94 -42.43
CA ALA X 514 -37.96 -99.38 -42.25
C ALA X 514 -39.14 -99.83 -41.41
N SER X 515 -39.75 -100.93 -41.80
CA SER X 515 -40.88 -101.53 -41.09
C SER X 515 -40.43 -102.21 -39.79
N ALA X 516 -39.21 -102.77 -39.81
CA ALA X 516 -38.67 -103.55 -38.70
C ALA X 516 -38.79 -102.78 -37.39
N ASN X 517 -38.73 -103.51 -36.28
CA ASN X 517 -39.00 -102.92 -34.98
C ASN X 517 -38.05 -101.77 -34.65
N MET X 518 -38.60 -100.79 -33.96
CA MET X 518 -37.85 -99.68 -33.43
C MET X 518 -36.86 -100.22 -32.41
N SER X 519 -35.58 -100.09 -32.69
CA SER X 519 -34.59 -100.51 -31.72
C SER X 519 -34.29 -99.32 -30.81
N ARG X 520 -34.58 -99.49 -29.52
CA ARG X 520 -34.41 -98.44 -28.54
C ARG X 520 -33.55 -98.94 -27.39
N ILE X 521 -32.72 -98.07 -26.82
CA ILE X 521 -31.97 -98.41 -25.63
C ILE X 521 -32.94 -98.68 -24.53
N VAL X 522 -32.74 -99.77 -23.82
CA VAL X 522 -33.64 -100.11 -22.75
C VAL X 522 -33.53 -99.08 -21.64
N THR X 523 -34.61 -98.35 -21.42
CA THR X 523 -34.61 -97.28 -20.43
C THR X 523 -35.83 -97.33 -19.52
N TYR X 524 -35.65 -96.93 -18.27
CA TYR X 524 -36.76 -96.84 -17.34
C TYR X 524 -36.58 -95.64 -16.44
N SER X 525 -37.63 -95.27 -15.72
CA SER X 525 -37.53 -94.10 -14.89
C SER X 525 -38.11 -94.29 -13.49
N ASP X 526 -37.45 -93.69 -12.52
CA ASP X 526 -37.95 -93.60 -11.17
C ASP X 526 -38.21 -92.15 -10.96
N PHE X 527 -39.39 -91.80 -10.48
CA PHE X 527 -39.64 -90.43 -10.10
C PHE X 527 -40.53 -90.39 -8.87
N TRP X 528 -40.49 -89.28 -8.15
CA TRP X 528 -41.32 -89.09 -6.97
C TRP X 528 -42.55 -88.25 -7.31
N TRP X 529 -43.66 -88.53 -6.64
CA TRP X 529 -44.90 -87.79 -6.79
C TRP X 529 -45.36 -87.28 -5.46
N LYS X 530 -45.78 -86.02 -5.40
CA LYS X 530 -46.35 -85.46 -4.18
C LYS X 530 -47.66 -84.79 -4.47
N GLY X 531 -48.65 -85.04 -3.63
CA GLY X 531 -49.97 -84.47 -3.79
C GLY X 531 -50.53 -83.89 -2.51
N LYS X 532 -51.42 -82.92 -2.68
CA LYS X 532 -52.08 -82.31 -1.53
C LYS X 532 -53.55 -82.18 -1.79
N LEU X 533 -54.35 -82.89 -0.99
CA LEU X 533 -55.78 -82.82 -1.14
C LEU X 533 -56.33 -82.15 0.10
N VAL X 534 -57.09 -81.07 -0.08
CA VAL X 534 -57.57 -80.33 1.07
C VAL X 534 -59.05 -80.51 1.24
N PHE X 535 -59.45 -80.90 2.43
CA PHE X 535 -60.85 -81.05 2.75
C PHE X 535 -61.20 -80.05 3.82
N LYS X 536 -62.48 -79.77 3.96
CA LYS X 536 -62.98 -78.97 5.06
C LYS X 536 -64.20 -79.69 5.67
N ALA X 537 -64.07 -80.13 6.90
CA ALA X 537 -65.09 -80.93 7.56
C ALA X 537 -65.63 -80.24 8.79
N LYS X 538 -66.67 -80.79 9.39
CA LYS X 538 -67.32 -80.17 10.54
C LYS X 538 -67.51 -81.13 11.71
N LEU X 539 -67.18 -80.66 12.92
CA LEU X 539 -67.22 -81.49 14.12
C LEU X 539 -68.63 -81.87 14.53
N ARG X 540 -68.80 -83.11 14.98
CA ARG X 540 -70.14 -83.55 15.38
C ARG X 540 -70.44 -83.12 16.80
N ALA X 541 -71.69 -83.26 17.22
CA ALA X 541 -72.07 -82.99 18.60
C ALA X 541 -73.07 -84.02 19.07
N SER X 542 -73.04 -84.31 20.37
CA SER X 542 -73.89 -85.34 20.94
C SER X 542 -75.32 -84.89 21.09
N HIS X 543 -76.26 -85.62 20.48
CA HIS X 543 -77.66 -85.22 20.56
C HIS X 543 -78.56 -86.20 21.28
N THR X 544 -77.97 -87.30 21.72
CA THR X 544 -78.74 -88.36 22.35
C THR X 544 -78.19 -88.68 23.70
N TRP X 545 -78.99 -89.38 24.50
CA TRP X 545 -78.56 -89.84 25.80
C TRP X 545 -77.58 -90.99 25.63
N ASN X 546 -77.82 -91.82 24.64
CA ASN X 546 -76.98 -92.99 24.45
C ASN X 546 -75.74 -92.64 23.69
N PRO X 547 -74.68 -93.42 23.87
CA PRO X 547 -73.49 -93.27 23.04
C PRO X 547 -73.79 -93.81 21.68
N ILE X 548 -72.80 -93.83 20.79
CA ILE X 548 -73.08 -94.27 19.45
C ILE X 548 -71.96 -95.12 18.91
N GLN X 549 -72.16 -95.69 17.73
CA GLN X 549 -71.13 -96.48 17.08
C GLN X 549 -69.93 -95.62 16.78
N GLN X 550 -68.73 -96.14 17.06
CA GLN X 550 -67.48 -95.53 16.63
C GLN X 550 -66.33 -96.55 16.47
N MET X 551 -65.39 -96.29 15.57
CA MET X 551 -64.24 -97.19 15.40
C MET X 551 -63.36 -97.35 16.60
N SER X 552 -62.73 -98.52 16.70
CA SER X 552 -61.63 -98.73 17.65
C SER X 552 -60.97 -100.04 17.38
N ILE X 553 -60.03 -100.41 18.25
CA ILE X 553 -59.60 -101.79 18.37
C ILE X 553 -59.67 -102.07 19.84
N ASN X 554 -60.19 -103.20 20.35
CA ASN X 554 -60.59 -104.51 19.77
C ASN X 554 -59.53 -105.54 19.90
N VAL X 555 -59.87 -106.62 20.59
CA VAL X 555 -58.97 -107.74 20.79
C VAL X 555 -58.95 -108.58 19.55
N ASP X 556 -60.09 -108.63 18.88
CA ASP X 556 -60.13 -109.02 17.49
C ASP X 556 -59.53 -107.85 16.78
N ASN X 557 -59.50 -107.89 15.46
CA ASN X 557 -59.28 -106.64 14.74
C ASN X 557 -57.85 -106.12 14.86
N GLN X 558 -57.40 -105.96 16.10
CA GLN X 558 -56.11 -105.41 16.49
C GLN X 558 -54.87 -105.79 15.68
N PHE X 559 -54.90 -106.86 14.92
CA PHE X 559 -53.67 -107.24 14.26
C PHE X 559 -53.70 -106.90 12.79
N ASN X 560 -54.73 -106.20 12.34
CA ASN X 560 -54.75 -105.74 10.96
C ASN X 560 -54.11 -104.39 10.82
N TYR X 561 -53.54 -103.89 11.89
CA TYR X 561 -53.08 -102.51 11.89
C TYR X 561 -51.64 -102.37 12.33
N VAL X 562 -50.93 -103.47 12.34
CA VAL X 562 -49.54 -103.45 12.68
C VAL X 562 -48.89 -104.36 11.68
N PRO X 563 -47.61 -104.16 11.40
CA PRO X 563 -46.99 -105.09 10.47
C PRO X 563 -46.76 -106.44 11.13
N SER X 564 -46.00 -107.29 10.46
CA SER X 564 -45.88 -108.66 10.89
C SER X 564 -44.47 -109.03 11.28
N ASN X 565 -44.27 -110.32 11.43
CA ASN X 565 -42.98 -110.90 11.70
C ASN X 565 -41.97 -110.46 10.66
N ILE X 566 -42.44 -110.46 9.43
CA ILE X 566 -41.69 -109.99 8.29
C ILE X 566 -42.21 -108.60 8.04
N GLY X 567 -42.04 -108.09 6.83
CA GLY X 567 -42.51 -106.77 6.52
C GLY X 567 -44.00 -106.62 6.29
N GLY X 568 -44.83 -107.16 7.20
CA GLY X 568 -46.28 -106.92 7.20
C GLY X 568 -46.77 -107.30 5.83
N MET X 569 -47.84 -106.71 5.30
CA MET X 569 -48.77 -105.84 6.00
C MET X 569 -50.10 -105.81 5.22
N LYS X 570 -51.10 -105.17 5.81
CA LYS X 570 -52.48 -105.26 5.38
C LYS X 570 -53.22 -103.95 5.63
N ILE X 571 -54.11 -103.54 4.73
CA ILE X 571 -55.04 -102.46 5.04
C ILE X 571 -56.47 -102.91 4.84
N VAL X 572 -57.33 -102.70 5.83
CA VAL X 572 -58.65 -103.30 5.78
C VAL X 572 -59.77 -102.29 5.57
N TYR X 573 -60.74 -102.63 4.73
CA TYR X 573 -61.93 -101.78 4.54
C TYR X 573 -62.61 -101.47 5.84
N GLU X 574 -63.16 -100.25 5.99
CA GLU X 574 -63.72 -99.86 7.28
C GLU X 574 -64.84 -98.86 7.33
N LYS X 575 -65.82 -98.95 6.45
CA LYS X 575 -67.04 -98.18 6.63
C LYS X 575 -66.73 -96.68 6.62
N SER X 576 -67.69 -95.86 7.06
CA SER X 576 -67.53 -94.41 7.05
C SER X 576 -68.68 -93.63 7.67
N GLN X 577 -69.89 -94.15 7.67
CA GLN X 577 -70.97 -93.36 8.21
C GLN X 577 -71.47 -93.91 9.53
N LEU X 578 -70.64 -93.82 10.55
CA LEU X 578 -70.92 -94.55 11.77
C LEU X 578 -71.97 -93.94 12.68
N ALA X 579 -72.10 -92.63 12.65
CA ALA X 579 -72.99 -92.00 13.60
C ALA X 579 -74.38 -91.87 13.03
N PRO X 580 -75.39 -92.11 13.86
CA PRO X 580 -76.78 -91.99 13.41
C PRO X 580 -77.17 -90.55 13.12
N ARG X 581 -78.18 -90.36 12.28
CA ARG X 581 -78.61 -89.04 11.89
C ARG X 581 -80.02 -88.81 12.40
N LYS X 582 -80.97 -88.92 11.49
CA LYS X 582 -82.42 -88.76 11.69
C LYS X 582 -82.97 -88.17 10.39
N LEU X 583 -83.88 -88.92 9.79
CA LEU X 583 -84.56 -88.51 8.58
C LEU X 583 -85.61 -87.48 8.81
N TYR X 584 -86.44 -87.76 9.79
CA TYR X 584 -87.67 -87.06 9.95
C TYR X 584 -87.81 -86.78 11.42
N GLY Y 37 -28.08 -76.28 -18.63
CA GLY Y 37 -26.97 -77.20 -18.39
C GLY Y 37 -27.27 -78.65 -18.73
N VAL Y 38 -26.51 -79.55 -18.12
CA VAL Y 38 -26.65 -80.98 -18.40
C VAL Y 38 -28.06 -81.49 -18.17
N GLY Y 39 -28.49 -81.51 -16.92
CA GLY Y 39 -29.72 -82.18 -16.58
C GLY Y 39 -30.97 -81.34 -16.62
N ILE Y 40 -31.01 -80.38 -17.54
CA ILE Y 40 -32.15 -79.46 -17.60
C ILE Y 40 -32.67 -79.24 -19.02
N SER Y 41 -33.95 -79.53 -19.23
CA SER Y 41 -34.55 -79.43 -20.56
C SER Y 41 -34.59 -78.01 -21.03
N THR Y 42 -34.60 -77.82 -22.35
CA THR Y 42 -34.45 -76.53 -22.98
C THR Y 42 -35.56 -76.18 -23.97
N GLY Y 43 -36.72 -76.82 -23.81
CA GLY Y 43 -37.85 -76.60 -24.68
C GLY Y 43 -39.05 -77.47 -24.31
N THR Y 44 -40.13 -77.32 -25.07
CA THR Y 44 -41.35 -78.03 -24.76
C THR Y 44 -41.96 -78.68 -25.97
N PHE Y 45 -42.35 -79.93 -25.86
CA PHE Y 45 -43.00 -80.64 -26.96
C PHE Y 45 -44.40 -80.09 -27.17
N ASN Y 46 -44.73 -79.75 -28.40
CA ASN Y 46 -46.08 -79.30 -28.68
C ASN Y 46 -46.54 -79.56 -30.11
N ASN Y 47 -47.48 -80.49 -30.28
CA ASN Y 47 -48.04 -80.80 -31.59
C ASN Y 47 -49.52 -80.51 -31.59
N GLN Y 48 -49.84 -79.32 -31.14
CA GLN Y 48 -51.22 -78.93 -30.90
C GLN Y 48 -51.69 -77.98 -31.99
N THR Y 49 -52.95 -78.09 -32.40
CA THR Y 49 -53.45 -77.22 -33.44
C THR Y 49 -54.57 -76.34 -32.90
N GLU Y 50 -54.31 -75.03 -32.82
CA GLU Y 50 -55.26 -74.07 -32.22
C GLU Y 50 -56.01 -73.29 -33.27
N PHE Y 51 -57.33 -73.22 -33.10
CA PHE Y 51 -58.20 -72.44 -33.96
C PHE Y 51 -58.77 -71.27 -33.19
N LYS Y 52 -58.23 -70.07 -33.41
CA LYS Y 52 -58.72 -68.92 -32.66
C LYS Y 52 -59.56 -68.01 -33.55
N PHE Y 53 -60.85 -68.02 -33.28
CA PHE Y 53 -61.84 -67.28 -34.07
C PHE Y 53 -61.94 -65.84 -33.63
N LEU Y 54 -62.02 -64.93 -34.58
CA LEU Y 54 -62.08 -63.51 -34.30
C LEU Y 54 -63.38 -62.90 -34.80
N GLU Y 55 -63.47 -61.57 -34.78
CA GLU Y 55 -64.66 -60.88 -35.27
C GLU Y 55 -64.38 -60.89 -36.75
N ASN Y 56 -65.43 -60.76 -37.57
CA ASN Y 56 -65.48 -60.83 -39.05
C ASN Y 56 -65.24 -62.21 -39.70
N GLY Y 57 -65.35 -63.28 -38.94
CA GLY Y 57 -65.13 -64.60 -39.51
C GLY Y 57 -63.75 -64.89 -40.10
N TRP Y 58 -62.72 -64.19 -39.66
CA TRP Y 58 -61.34 -64.55 -39.98
C TRP Y 58 -60.86 -65.43 -38.86
N VAL Y 59 -60.26 -66.58 -39.19
CA VAL Y 59 -59.75 -67.48 -38.16
C VAL Y 59 -58.22 -67.47 -38.15
N TYR Y 60 -57.62 -67.86 -37.03
CA TYR Y 60 -56.20 -67.69 -36.81
C TYR Y 60 -55.62 -69.05 -36.48
N ILE Y 61 -55.28 -69.82 -37.51
CA ILE Y 61 -54.88 -71.21 -37.29
C ILE Y 61 -53.41 -71.34 -36.91
N THR Y 62 -53.15 -71.81 -35.70
CA THR Y 62 -51.78 -71.98 -35.26
C THR Y 62 -51.42 -73.44 -35.17
N ALA Y 63 -50.69 -73.94 -36.15
CA ALA Y 63 -50.35 -75.34 -36.12
C ALA Y 63 -49.01 -75.50 -35.49
N ASN Y 64 -48.97 -76.18 -34.36
CA ASN Y 64 -47.71 -76.48 -33.71
C ASN Y 64 -47.28 -77.87 -34.08
N SER Y 65 -45.99 -78.06 -34.24
CA SER Y 65 -45.49 -79.33 -34.68
C SER Y 65 -44.21 -79.71 -33.99
N SER Y 66 -44.13 -80.93 -33.52
CA SER Y 66 -42.92 -81.37 -32.86
C SER Y 66 -42.55 -82.78 -33.25
N ARG Y 67 -41.24 -83.03 -33.39
CA ARG Y 67 -40.74 -84.35 -33.72
C ARG Y 67 -39.47 -84.60 -32.98
N LEU Y 68 -39.20 -85.86 -32.68
CA LEU Y 68 -37.88 -86.28 -32.22
C LEU Y 68 -37.05 -86.67 -33.41
N VAL Y 69 -35.84 -86.14 -33.50
CA VAL Y 69 -35.07 -86.34 -34.71
C VAL Y 69 -33.78 -87.11 -34.48
N HIS Y 70 -33.49 -88.01 -35.43
CA HIS Y 70 -32.33 -88.86 -35.31
C HIS Y 70 -31.32 -88.55 -36.40
N LEU Y 71 -30.05 -88.48 -36.01
CA LEU Y 71 -29.01 -88.07 -36.94
C LEU Y 71 -27.70 -88.74 -36.67
N ASN Y 72 -27.13 -89.38 -37.70
CA ASN Y 72 -25.86 -90.04 -37.55
C ASN Y 72 -24.77 -89.19 -38.13
N MET Y 73 -23.54 -89.51 -37.75
CA MET Y 73 -22.42 -88.72 -38.19
C MET Y 73 -22.27 -88.94 -39.69
N PRO Y 74 -21.65 -87.99 -40.37
CA PRO Y 74 -21.54 -87.99 -41.81
C PRO Y 74 -20.76 -89.11 -42.41
N GLU Y 75 -21.06 -89.32 -43.69
CA GLU Y 75 -20.38 -90.25 -44.56
C GLU Y 75 -18.86 -90.11 -44.51
N SER Y 76 -18.40 -88.87 -44.62
CA SER Y 76 -17.03 -88.46 -44.41
C SER Y 76 -17.15 -86.94 -44.42
N GLU Y 77 -16.26 -86.25 -43.74
CA GLU Y 77 -16.45 -84.83 -43.55
C GLU Y 77 -16.21 -84.00 -44.79
N ASN Y 78 -16.37 -84.58 -45.97
CA ASN Y 78 -16.00 -83.89 -47.21
C ASN Y 78 -17.13 -83.55 -48.16
N TYR Y 79 -16.94 -82.51 -48.95
CA TYR Y 79 -17.85 -82.25 -50.04
C TYR Y 79 -17.36 -83.03 -51.26
N ARG Y 80 -18.30 -83.60 -52.00
CA ARG Y 80 -17.94 -84.36 -53.20
C ARG Y 80 -18.77 -83.98 -54.41
N ARG Y 81 -18.11 -83.86 -55.57
CA ARG Y 81 -18.78 -83.74 -56.86
C ARG Y 81 -18.88 -85.10 -57.54
N VAL Y 82 -20.11 -85.63 -57.60
CA VAL Y 82 -20.39 -86.93 -58.19
C VAL Y 82 -21.15 -86.77 -59.50
N VAL Y 83 -20.86 -87.62 -60.48
CA VAL Y 83 -21.66 -87.63 -61.69
C VAL Y 83 -22.38 -88.94 -61.83
N VAL Y 84 -23.67 -88.86 -62.17
CA VAL Y 84 -24.47 -90.04 -62.43
C VAL Y 84 -24.75 -90.14 -63.92
N ASN Y 85 -24.56 -91.33 -64.47
CA ASN Y 85 -24.66 -91.52 -65.89
C ASN Y 85 -25.12 -92.91 -66.24
N ASN Y 86 -26.40 -93.01 -66.61
CA ASN Y 86 -26.96 -94.29 -67.00
C ASN Y 86 -26.98 -94.42 -68.54
N LEU Y 87 -25.81 -94.64 -69.12
CA LEU Y 87 -25.72 -95.07 -70.51
C LEU Y 87 -26.40 -96.40 -70.59
N ASP Y 88 -26.28 -97.11 -69.46
CA ASP Y 88 -26.90 -98.39 -69.20
C ASP Y 88 -28.33 -98.46 -69.71
N LYS Y 89 -29.06 -97.37 -69.59
CA LYS Y 89 -30.48 -97.40 -69.89
C LYS Y 89 -30.85 -96.56 -71.10
N THR Y 90 -30.07 -95.53 -71.39
CA THR Y 90 -30.40 -94.57 -72.45
C THR Y 90 -29.98 -95.02 -73.83
N ALA Y 91 -28.97 -95.90 -73.88
CA ALA Y 91 -28.48 -96.41 -75.14
C ALA Y 91 -29.47 -97.38 -75.79
N VAL Y 92 -30.53 -97.70 -75.06
CA VAL Y 92 -31.53 -98.68 -75.46
C VAL Y 92 -32.38 -98.23 -76.66
N ASN Y 93 -32.40 -96.92 -76.92
CA ASN Y 93 -33.18 -96.31 -78.02
C ASN Y 93 -34.65 -96.44 -77.78
N GLY Y 94 -35.33 -95.32 -77.61
CA GLY Y 94 -36.72 -95.35 -77.21
C GLY Y 94 -36.80 -95.30 -75.70
N ASN Y 95 -35.65 -95.17 -75.05
CA ASN Y 95 -35.59 -95.06 -73.60
C ASN Y 95 -35.08 -93.69 -73.20
N MET Y 96 -35.25 -92.70 -74.06
CA MET Y 96 -34.74 -91.37 -73.77
C MET Y 96 -35.36 -90.82 -72.50
N ALA Y 97 -36.65 -91.04 -72.31
CA ALA Y 97 -37.33 -90.49 -71.16
C ALA Y 97 -36.81 -91.04 -69.84
N LEU Y 98 -35.97 -92.07 -69.88
CA LEU Y 98 -35.48 -92.65 -68.63
C LEU Y 98 -34.16 -92.06 -68.21
N ASP Y 99 -33.84 -90.90 -68.76
CA ASP Y 99 -32.57 -90.27 -68.48
C ASP Y 99 -32.43 -89.90 -67.03
N ASP Y 100 -31.31 -90.30 -66.44
CA ASP Y 100 -31.01 -89.93 -65.07
C ASP Y 100 -29.68 -89.18 -65.00
N THR Y 101 -29.16 -88.77 -66.16
CA THR Y 101 -27.83 -88.20 -66.23
C THR Y 101 -27.79 -86.83 -65.62
N HIS Y 102 -26.94 -86.68 -64.60
CA HIS Y 102 -26.79 -85.41 -63.90
C HIS Y 102 -25.53 -85.35 -63.04
N ALA Y 103 -25.18 -84.16 -62.57
CA ALA Y 103 -24.05 -84.00 -61.67
C ALA Y 103 -24.53 -83.42 -60.35
N GLU Y 104 -23.81 -83.64 -59.27
CA GLU Y 104 -24.36 -83.39 -57.95
C GLU Y 104 -23.24 -83.12 -56.96
N ILE Y 105 -23.44 -82.16 -56.06
CA ILE Y 105 -22.49 -81.96 -54.97
C ILE Y 105 -23.04 -82.62 -53.72
N VAL Y 106 -22.26 -83.50 -53.13
CA VAL Y 106 -22.71 -84.16 -51.95
C VAL Y 106 -22.10 -83.46 -50.77
N THR Y 107 -22.93 -83.06 -49.82
CA THR Y 107 -22.46 -82.25 -48.74
C THR Y 107 -22.49 -83.10 -47.50
N PRO Y 108 -21.65 -82.77 -46.52
CA PRO Y 108 -21.70 -83.51 -45.25
C PRO Y 108 -22.85 -83.09 -44.34
N TRP Y 109 -23.75 -82.27 -44.86
CA TRP Y 109 -24.82 -81.73 -44.04
C TRP Y 109 -26.15 -82.42 -44.30
N SER Y 110 -27.02 -82.43 -43.31
CA SER Y 110 -28.37 -82.91 -43.50
C SER Y 110 -29.35 -81.74 -43.46
N LEU Y 111 -30.49 -81.89 -44.12
CA LEU Y 111 -31.49 -80.82 -44.19
C LEU Y 111 -32.75 -81.17 -43.43
N VAL Y 112 -33.19 -80.24 -42.58
CA VAL Y 112 -34.46 -80.36 -41.87
C VAL Y 112 -35.54 -79.58 -42.60
N ASP Y 113 -36.33 -80.30 -43.40
CA ASP Y 113 -37.39 -79.67 -44.17
C ASP Y 113 -38.75 -80.08 -43.62
N ALA Y 114 -39.60 -79.11 -43.31
CA ALA Y 114 -40.94 -79.41 -42.82
C ALA Y 114 -42.02 -78.83 -43.75
N ASN Y 115 -41.62 -78.61 -44.99
CA ASN Y 115 -42.48 -78.02 -46.00
C ASN Y 115 -43.38 -79.05 -46.66
N ALA Y 116 -44.41 -79.48 -45.93
CA ALA Y 116 -45.46 -80.37 -46.43
C ALA Y 116 -46.60 -80.47 -45.43
N TRP Y 117 -47.81 -80.49 -45.94
CA TRP Y 117 -49.01 -80.38 -45.13
C TRP Y 117 -49.05 -81.42 -44.02
N GLY Y 118 -48.53 -82.58 -44.29
CA GLY Y 118 -48.61 -83.65 -43.34
C GLY Y 118 -47.78 -83.40 -42.10
N VAL Y 119 -46.88 -82.44 -42.18
CA VAL Y 119 -46.01 -82.17 -41.03
C VAL Y 119 -46.80 -81.44 -39.95
N TRP Y 120 -47.85 -80.75 -40.38
CA TRP Y 120 -48.54 -79.77 -39.56
C TRP Y 120 -49.96 -80.14 -39.17
N PHE Y 121 -50.66 -80.89 -40.00
CA PHE Y 121 -52.06 -81.22 -39.72
C PHE Y 121 -52.39 -82.71 -39.73
N ASN Y 122 -53.20 -83.14 -38.79
CA ASN Y 122 -53.75 -84.49 -38.85
C ASN Y 122 -54.96 -84.45 -39.77
N PRO Y 123 -55.52 -85.61 -40.11
CA PRO Y 123 -56.71 -85.56 -40.95
C PRO Y 123 -57.79 -84.70 -40.35
N GLY Y 124 -58.03 -84.86 -39.05
CA GLY Y 124 -59.05 -84.11 -38.36
C GLY Y 124 -58.89 -82.63 -38.53
N ASP Y 125 -57.68 -82.13 -38.35
CA ASP Y 125 -57.44 -80.70 -38.54
C ASP Y 125 -57.82 -80.34 -39.96
N TRP Y 126 -57.35 -81.15 -40.92
CA TRP Y 126 -57.60 -80.87 -42.31
C TRP Y 126 -59.07 -80.86 -42.68
N GLN Y 127 -59.85 -81.73 -42.04
CA GLN Y 127 -61.27 -81.77 -42.30
C GLN Y 127 -61.82 -80.42 -42.05
N LEU Y 128 -61.53 -79.89 -40.88
CA LEU Y 128 -62.09 -78.63 -40.43
C LEU Y 128 -61.78 -77.52 -41.42
N ILE Y 129 -60.52 -77.45 -41.83
CA ILE Y 129 -60.11 -76.37 -42.69
C ILE Y 129 -60.87 -76.33 -44.01
N VAL Y 130 -60.89 -77.47 -44.67
CA VAL Y 130 -61.39 -77.61 -46.04
C VAL Y 130 -62.90 -77.50 -46.19
N ASN Y 131 -63.62 -78.01 -45.20
CA ASN Y 131 -65.07 -78.03 -45.24
C ASN Y 131 -65.69 -76.70 -44.88
N THR Y 132 -65.00 -75.94 -44.05
CA THR Y 132 -65.64 -74.78 -43.46
C THR Y 132 -65.04 -73.46 -43.89
N MET Y 133 -63.88 -73.48 -44.53
CA MET Y 133 -63.29 -72.21 -44.84
C MET Y 133 -62.98 -72.00 -46.29
N SER Y 134 -63.11 -70.76 -46.71
CA SER Y 134 -63.15 -70.42 -48.11
C SER Y 134 -61.80 -70.05 -48.70
N GLU Y 135 -60.90 -69.52 -47.90
CA GLU Y 135 -59.58 -69.19 -48.40
C GLU Y 135 -58.56 -69.32 -47.29
N LEU Y 136 -57.29 -69.11 -47.62
CA LEU Y 136 -56.21 -69.43 -46.70
C LEU Y 136 -54.99 -68.53 -46.91
N HIS Y 137 -54.55 -67.87 -45.84
CA HIS Y 137 -53.38 -66.99 -45.90
C HIS Y 137 -52.22 -67.59 -45.16
N LEU Y 138 -51.03 -67.40 -45.70
CA LEU Y 138 -49.84 -67.92 -45.04
C LEU Y 138 -49.21 -66.77 -44.27
N VAL Y 139 -49.16 -66.89 -42.95
CA VAL Y 139 -48.79 -65.75 -42.11
C VAL Y 139 -47.34 -65.70 -41.57
N SER Y 140 -46.95 -66.73 -40.83
CA SER Y 140 -45.68 -66.72 -40.14
C SER Y 140 -45.12 -68.10 -39.91
N PHE Y 141 -43.83 -68.18 -39.62
CA PHE Y 141 -43.18 -69.48 -39.45
C PHE Y 141 -41.93 -69.37 -38.61
N GLU Y 142 -41.87 -70.15 -37.53
CA GLU Y 142 -40.71 -70.21 -36.65
C GLU Y 142 -40.46 -71.63 -36.19
N GLN Y 143 -39.22 -71.89 -35.81
CA GLN Y 143 -38.85 -73.23 -35.38
C GLN Y 143 -37.69 -73.17 -34.42
N GLU Y 144 -37.56 -74.19 -33.58
CA GLU Y 144 -36.44 -74.26 -32.65
C GLU Y 144 -35.98 -75.69 -32.48
N ILE Y 145 -34.76 -75.86 -31.98
CA ILE Y 145 -34.20 -77.18 -31.77
C ILE Y 145 -33.75 -77.28 -30.33
N PHE Y 146 -34.18 -78.30 -29.60
CA PHE Y 146 -33.89 -78.33 -28.17
C PHE Y 146 -33.69 -79.74 -27.61
N ASN Y 147 -33.30 -79.82 -26.34
CA ASN Y 147 -32.96 -81.09 -25.70
C ASN Y 147 -32.04 -81.89 -26.58
N VAL Y 148 -30.94 -81.27 -26.96
CA VAL Y 148 -29.98 -81.94 -27.81
C VAL Y 148 -29.25 -83.01 -27.02
N VAL Y 149 -29.03 -84.16 -27.64
CA VAL Y 149 -28.27 -85.24 -27.03
C VAL Y 149 -27.29 -85.83 -28.03
N LEU Y 150 -26.06 -86.07 -27.59
CA LEU Y 150 -25.08 -86.77 -28.40
C LEU Y 150 -24.56 -88.04 -27.71
N LYS Y 151 -24.55 -89.14 -28.44
CA LYS Y 151 -24.07 -90.40 -27.90
C LYS Y 151 -23.02 -91.03 -28.81
N THR Y 152 -22.08 -91.75 -28.19
CA THR Y 152 -21.08 -92.50 -28.94
C THR Y 152 -21.44 -93.96 -28.87
N VAL Y 153 -21.29 -94.68 -29.98
CA VAL Y 153 -21.52 -96.12 -29.94
C VAL Y 153 -20.40 -96.72 -29.11
N SER Y 154 -19.38 -97.25 -29.76
CA SER Y 154 -18.24 -97.81 -29.07
C SER Y 154 -18.72 -98.69 -27.90
N GLU Y 155 -19.28 -99.89 -28.07
CA GLU Y 155 -19.30 -100.87 -29.18
C GLU Y 155 -18.70 -102.03 -28.39
N SER Y 156 -18.64 -103.25 -28.94
CA SER Y 156 -17.61 -104.19 -28.52
C SER Y 156 -17.48 -104.50 -27.02
N ALA Y 157 -18.54 -104.86 -26.31
CA ALA Y 157 -18.38 -105.09 -24.87
C ALA Y 157 -19.53 -105.83 -24.19
N THR Y 158 -19.42 -107.14 -23.92
CA THR Y 158 -18.35 -108.03 -24.38
C THR Y 158 -18.90 -109.46 -24.25
N GLN Y 159 -18.32 -110.39 -25.02
CA GLN Y 159 -18.89 -111.73 -25.30
C GLN Y 159 -20.37 -111.65 -25.73
N PRO Y 160 -20.73 -112.53 -26.70
CA PRO Y 160 -21.59 -112.54 -27.88
C PRO Y 160 -21.44 -111.47 -29.00
N PRO Y 161 -20.75 -110.31 -28.82
CA PRO Y 161 -20.09 -109.50 -27.80
C PRO Y 161 -20.87 -108.21 -27.50
N THR Y 162 -21.98 -108.00 -28.21
CA THR Y 162 -22.91 -106.88 -27.99
C THR Y 162 -22.31 -105.49 -28.24
N LYS Y 163 -23.20 -104.50 -28.20
CA LYS Y 163 -22.85 -103.12 -28.46
C LYS Y 163 -23.35 -102.27 -27.30
N VAL Y 164 -22.73 -101.12 -27.05
CA VAL Y 164 -23.09 -100.29 -25.90
C VAL Y 164 -23.00 -98.79 -26.24
N TYR Y 165 -23.96 -98.01 -25.73
CA TYR Y 165 -24.08 -96.59 -26.07
C TYR Y 165 -23.93 -95.66 -24.88
N ASN Y 166 -22.97 -94.73 -24.93
CA ASN Y 166 -22.75 -93.77 -23.85
C ASN Y 166 -22.98 -92.32 -24.25
N ASN Y 167 -23.27 -91.46 -23.28
CA ASN Y 167 -23.37 -90.04 -23.57
C ASN Y 167 -21.98 -89.40 -23.71
N ASP Y 168 -21.76 -88.66 -24.79
CA ASP Y 168 -20.61 -87.79 -24.88
C ASP Y 168 -21.10 -86.40 -24.55
N LEU Y 169 -21.00 -86.04 -23.27
CA LEU Y 169 -21.65 -84.82 -22.78
C LEU Y 169 -21.10 -83.58 -23.46
N THR Y 170 -19.78 -83.55 -23.61
CA THR Y 170 -19.09 -82.41 -24.17
C THR Y 170 -19.18 -82.29 -25.70
N ALA Y 171 -19.82 -83.27 -26.33
CA ALA Y 171 -19.92 -83.31 -27.79
C ALA Y 171 -20.88 -82.27 -28.30
N SER Y 172 -20.75 -81.89 -29.57
CA SER Y 172 -21.59 -80.82 -30.08
C SER Y 172 -22.37 -81.22 -31.31
N LEU Y 173 -23.56 -80.64 -31.46
CA LEU Y 173 -24.35 -80.75 -32.67
C LEU Y 173 -24.30 -79.43 -33.44
N MET Y 174 -23.87 -79.49 -34.68
CA MET Y 174 -23.73 -78.30 -35.46
C MET Y 174 -25.03 -77.95 -36.12
N VAL Y 175 -25.45 -76.70 -35.96
CA VAL Y 175 -26.70 -76.23 -36.52
C VAL Y 175 -26.46 -74.96 -37.33
N ALA Y 176 -27.03 -74.90 -38.53
CA ALA Y 176 -26.84 -73.72 -39.37
C ALA Y 176 -28.13 -73.36 -40.11
N LEU Y 177 -28.51 -72.09 -40.00
CA LEU Y 177 -29.72 -71.59 -40.63
C LEU Y 177 -29.40 -70.58 -41.70
N ASP Y 178 -29.70 -70.93 -42.95
CA ASP Y 178 -29.33 -70.12 -44.07
C ASP Y 178 -30.36 -69.04 -44.31
N SER Y 179 -30.41 -68.06 -43.42
CA SER Y 179 -31.52 -67.12 -43.43
C SER Y 179 -31.46 -66.13 -44.58
N ASN Y 180 -30.29 -65.95 -45.18
CA ASN Y 180 -30.20 -65.05 -46.32
C ASN Y 180 -30.51 -65.74 -47.64
N ASN Y 181 -30.93 -67.00 -47.54
CA ASN Y 181 -31.14 -67.84 -48.71
C ASN Y 181 -29.96 -67.78 -49.68
N THR Y 182 -28.78 -68.00 -49.13
CA THR Y 182 -27.55 -68.01 -49.91
C THR Y 182 -27.48 -69.23 -50.79
N MET Y 183 -28.07 -70.31 -50.31
CA MET Y 183 -27.84 -71.62 -50.88
C MET Y 183 -29.02 -72.18 -51.65
N PRO Y 184 -28.75 -73.09 -52.60
CA PRO Y 184 -29.78 -73.50 -53.53
C PRO Y 184 -30.99 -74.02 -52.80
N PHE Y 185 -32.17 -73.68 -53.29
CA PHE Y 185 -33.40 -74.09 -52.64
C PHE Y 185 -33.72 -75.52 -53.02
N THR Y 186 -33.75 -76.39 -52.04
CA THR Y 186 -34.00 -77.81 -52.30
C THR Y 186 -35.09 -78.36 -51.40
N PRO Y 187 -36.35 -78.14 -51.77
CA PRO Y 187 -37.51 -78.62 -51.02
C PRO Y 187 -37.62 -80.14 -51.02
N ALA Y 188 -37.71 -80.73 -49.84
CA ALA Y 188 -37.63 -82.18 -49.71
C ALA Y 188 -38.94 -82.85 -50.03
N ALA Y 189 -39.97 -82.07 -50.28
CA ALA Y 189 -41.27 -82.64 -50.56
C ALA Y 189 -41.25 -83.39 -51.89
N MET Y 190 -40.40 -82.97 -52.82
CA MET Y 190 -40.39 -83.54 -54.16
C MET Y 190 -39.87 -84.95 -54.17
N ARG Y 191 -39.22 -85.32 -53.09
CA ARG Y 191 -38.61 -86.62 -52.99
C ARG Y 191 -39.20 -87.40 -51.84
N SER Y 192 -40.33 -86.90 -51.35
CA SER Y 192 -40.98 -87.44 -50.18
C SER Y 192 -39.98 -87.65 -49.07
N GLU Y 193 -39.22 -86.60 -48.77
CA GLU Y 193 -38.13 -86.66 -47.80
C GLU Y 193 -38.19 -85.57 -46.74
N THR Y 194 -39.41 -85.26 -46.32
CA THR Y 194 -39.62 -84.29 -45.26
C THR Y 194 -39.56 -84.99 -43.91
N LEU Y 195 -39.97 -84.30 -42.86
CA LEU Y 195 -40.03 -84.95 -41.57
C LEU Y 195 -41.21 -85.88 -41.50
N GLY Y 196 -41.20 -86.72 -40.48
CA GLY Y 196 -42.28 -87.67 -40.29
C GLY Y 196 -43.60 -86.98 -40.08
N PHE Y 197 -44.67 -87.67 -40.47
CA PHE Y 197 -46.02 -87.14 -40.37
C PHE Y 197 -46.72 -87.57 -39.12
N TYR Y 198 -46.04 -88.36 -38.30
CA TYR Y 198 -46.64 -88.82 -37.05
C TYR Y 198 -45.85 -88.26 -35.89
N PRO Y 199 -46.53 -87.55 -35.01
CA PRO Y 199 -45.92 -86.92 -33.84
C PRO Y 199 -45.28 -87.89 -32.88
N TRP Y 200 -45.91 -89.04 -32.69
CA TRP Y 200 -45.39 -89.94 -31.68
C TRP Y 200 -44.37 -90.88 -32.26
N LYS Y 201 -44.10 -90.73 -33.56
CA LYS Y 201 -43.10 -91.56 -34.21
C LYS Y 201 -41.95 -90.71 -34.65
N PRO Y 202 -40.73 -91.03 -34.17
CA PRO Y 202 -39.51 -90.28 -34.49
C PRO Y 202 -39.17 -90.22 -35.97
N THR Y 203 -38.28 -89.31 -36.32
CA THR Y 203 -37.95 -89.06 -37.71
C THR Y 203 -36.51 -88.62 -37.92
N ILE Y 204 -36.20 -88.24 -39.15
CA ILE Y 204 -34.83 -87.96 -39.55
C ILE Y 204 -34.82 -86.86 -40.58
N PRO Y 205 -33.71 -86.13 -40.67
CA PRO Y 205 -33.50 -85.18 -41.76
C PRO Y 205 -33.06 -85.91 -43.00
N THR Y 206 -32.74 -85.21 -44.08
CA THR Y 206 -32.21 -85.89 -45.26
C THR Y 206 -30.88 -85.31 -45.68
N PRO Y 207 -29.98 -86.18 -46.12
CA PRO Y 207 -28.64 -85.77 -46.51
C PRO Y 207 -28.74 -84.72 -47.58
N TRP Y 208 -28.04 -83.63 -47.40
CA TRP Y 208 -28.19 -82.50 -48.31
C TRP Y 208 -27.31 -82.64 -49.56
N ARG Y 209 -27.86 -82.19 -50.69
CA ARG Y 209 -27.31 -82.43 -52.01
C ARG Y 209 -27.77 -81.33 -52.91
N TYR Y 210 -26.96 -80.91 -53.86
CA TYR Y 210 -27.49 -79.94 -54.77
C TYR Y 210 -26.89 -80.06 -56.14
N TYR Y 211 -27.58 -79.49 -57.11
CA TYR Y 211 -27.19 -79.66 -58.48
C TYR Y 211 -25.94 -78.85 -58.80
N PHE Y 212 -24.99 -79.51 -59.47
CA PHE Y 212 -23.77 -78.88 -59.96
C PHE Y 212 -23.85 -78.92 -61.46
N GLN Y 213 -23.44 -77.87 -62.15
CA GLN Y 213 -23.75 -77.74 -63.58
C GLN Y 213 -23.10 -78.83 -64.42
N TRP Y 214 -23.78 -79.19 -65.51
CA TRP Y 214 -23.27 -80.14 -66.49
C TRP Y 214 -23.92 -79.88 -67.85
N ASP Y 215 -23.13 -79.95 -68.93
CA ASP Y 215 -23.65 -79.97 -70.32
C ASP Y 215 -23.93 -81.41 -70.74
N ARG Y 216 -24.84 -81.62 -71.68
CA ARG Y 216 -25.30 -82.96 -71.99
C ARG Y 216 -26.23 -83.02 -73.20
N THR Y 217 -25.99 -83.99 -74.07
CA THR Y 217 -26.83 -84.18 -75.24
C THR Y 217 -27.37 -85.59 -75.30
N LEU Y 218 -28.62 -85.72 -75.73
CA LEU Y 218 -29.24 -87.01 -75.98
C LEU Y 218 -30.28 -86.87 -77.08
N ILE Y 219 -29.98 -87.44 -78.25
CA ILE Y 219 -30.91 -87.41 -79.37
C ILE Y 219 -31.93 -88.53 -79.27
N PRO Y 220 -33.22 -88.17 -79.38
CA PRO Y 220 -34.28 -89.18 -79.23
C PRO Y 220 -34.29 -90.17 -80.38
N SER Y 221 -35.03 -91.25 -80.20
CA SER Y 221 -35.02 -92.34 -81.15
C SER Y 221 -36.20 -93.25 -80.85
N HIS Y 222 -36.40 -94.26 -81.69
CA HIS Y 222 -37.44 -95.25 -81.43
C HIS Y 222 -36.86 -96.65 -81.53
N THR Y 223 -37.69 -97.66 -81.31
CA THR Y 223 -37.20 -99.03 -81.27
C THR Y 223 -36.65 -99.43 -82.62
N GLY Y 224 -37.29 -98.95 -83.68
CA GLY Y 224 -36.82 -99.26 -85.00
C GLY Y 224 -35.47 -98.66 -85.37
N THR Y 225 -35.18 -97.46 -84.88
CA THR Y 225 -33.93 -96.77 -85.19
C THR Y 225 -32.75 -97.65 -84.83
N SER Y 226 -31.85 -97.87 -85.77
CA SER Y 226 -30.59 -98.50 -85.40
C SER Y 226 -29.44 -97.61 -85.83
N GLY Y 227 -28.22 -98.04 -85.51
CA GLY Y 227 -27.09 -97.14 -85.42
C GLY Y 227 -27.04 -96.75 -83.96
N THR Y 228 -26.15 -95.83 -83.59
CA THR Y 228 -26.12 -95.38 -82.21
C THR Y 228 -26.40 -93.90 -82.16
N PRO Y 229 -27.56 -93.53 -81.61
CA PRO Y 229 -28.00 -92.13 -81.49
C PRO Y 229 -27.07 -91.40 -80.54
N THR Y 230 -26.65 -90.19 -80.88
CA THR Y 230 -25.62 -89.53 -80.08
C THR Y 230 -26.10 -89.33 -78.66
N ASN Y 231 -25.30 -89.79 -77.69
CA ASN Y 231 -25.68 -89.83 -76.29
C ASN Y 231 -24.46 -89.58 -75.44
N ILE Y 232 -24.12 -88.32 -75.27
CA ILE Y 232 -22.85 -87.98 -74.65
C ILE Y 232 -23.04 -87.06 -73.44
N TYR Y 233 -22.10 -87.18 -72.51
CA TYR Y 233 -22.00 -86.30 -71.36
C TYR Y 233 -20.81 -85.38 -71.65
N HIS Y 234 -21.07 -84.13 -72.00
CA HIS Y 234 -19.99 -83.23 -72.43
C HIS Y 234 -18.96 -82.84 -71.36
N GLY Y 235 -19.42 -82.61 -70.14
CA GLY Y 235 -18.53 -82.14 -69.09
C GLY Y 235 -19.21 -81.04 -68.31
N THR Y 236 -18.53 -79.91 -68.12
CA THR Y 236 -19.12 -78.80 -67.33
C THR Y 236 -18.70 -77.40 -67.82
N ASP Y 237 -19.68 -76.55 -68.15
CA ASP Y 237 -19.38 -75.19 -68.61
C ASP Y 237 -18.77 -74.40 -67.45
N PRO Y 238 -17.51 -73.99 -67.60
CA PRO Y 238 -16.79 -73.30 -66.53
C PRO Y 238 -17.49 -71.99 -66.11
N ASP Y 239 -18.19 -71.35 -67.04
CA ASP Y 239 -18.81 -70.06 -66.75
C ASP Y 239 -20.01 -70.22 -65.83
N ASP Y 240 -20.40 -71.46 -65.54
CA ASP Y 240 -21.60 -71.76 -64.77
C ASP Y 240 -21.30 -72.50 -63.48
N VAL Y 241 -20.04 -72.52 -63.04
CA VAL Y 241 -19.71 -73.34 -61.88
C VAL Y 241 -19.98 -72.67 -60.51
N GLN Y 242 -20.79 -73.32 -59.68
CA GLN Y 242 -21.02 -72.83 -58.31
C GLN Y 242 -20.94 -73.92 -57.21
N PHE Y 243 -19.84 -73.89 -56.48
CA PHE Y 243 -19.61 -74.80 -55.36
C PHE Y 243 -19.92 -74.08 -54.09
N TYR Y 244 -20.98 -74.49 -53.40
CA TYR Y 244 -21.34 -73.84 -52.16
C TYR Y 244 -20.85 -74.65 -50.96
N THR Y 245 -20.41 -73.99 -49.88
CA THR Y 245 -20.23 -74.72 -48.62
C THR Y 245 -21.03 -74.01 -47.57
N ILE Y 246 -21.57 -74.77 -46.63
CA ILE Y 246 -22.22 -74.20 -45.47
C ILE Y 246 -21.28 -73.28 -44.75
N GLU Y 247 -20.07 -73.79 -44.55
CA GLU Y 247 -19.08 -73.14 -43.70
C GLU Y 247 -18.74 -71.75 -44.15
N ASN Y 248 -18.64 -71.50 -45.45
CA ASN Y 248 -18.31 -70.16 -45.88
C ASN Y 248 -19.49 -69.21 -46.08
N SER Y 249 -20.71 -69.68 -45.91
CA SER Y 249 -21.83 -68.78 -46.16
C SER Y 249 -22.61 -68.48 -44.90
N VAL Y 250 -22.66 -69.43 -43.99
CA VAL Y 250 -23.61 -69.37 -42.88
C VAL Y 250 -22.95 -69.49 -41.52
N PRO Y 251 -23.42 -68.72 -40.55
CA PRO Y 251 -22.94 -68.92 -39.18
C PRO Y 251 -23.45 -70.21 -38.61
N VAL Y 252 -22.55 -70.99 -38.05
CA VAL Y 252 -22.89 -72.28 -37.51
C VAL Y 252 -22.86 -72.19 -36.01
N HIS Y 253 -23.88 -72.74 -35.36
CA HIS Y 253 -24.00 -72.75 -33.92
C HIS Y 253 -23.61 -74.12 -33.41
N LEU Y 254 -22.81 -74.19 -32.35
CA LEU Y 254 -22.55 -75.49 -31.72
C LEU Y 254 -23.47 -75.68 -30.53
N LEU Y 255 -24.26 -76.74 -30.57
CA LEU Y 255 -25.16 -77.05 -29.46
C LEU Y 255 -24.72 -78.27 -28.68
N ARG Y 256 -24.49 -78.10 -27.37
CA ARG Y 256 -24.30 -79.24 -26.46
C ARG Y 256 -25.62 -79.61 -25.80
N THR Y 257 -25.61 -80.51 -24.82
CA THR Y 257 -26.87 -80.94 -24.23
C THR Y 257 -27.73 -79.80 -23.73
N GLY Y 258 -27.11 -78.88 -23.00
CA GLY Y 258 -27.81 -77.79 -22.37
C GLY Y 258 -28.12 -76.58 -23.22
N ASP Y 259 -27.75 -76.64 -24.49
CA ASP Y 259 -28.01 -75.53 -25.38
C ASP Y 259 -29.32 -75.75 -26.10
N GLU Y 260 -29.83 -74.65 -26.66
CA GLU Y 260 -31.00 -74.65 -27.53
C GLU Y 260 -30.79 -73.63 -28.66
N PHE Y 261 -31.51 -73.82 -29.76
CA PHE Y 261 -31.44 -72.86 -30.84
C PHE Y 261 -32.79 -72.51 -31.39
N ALA Y 262 -33.06 -71.23 -31.54
CA ALA Y 262 -34.33 -70.78 -32.12
C ALA Y 262 -34.13 -69.80 -33.26
N THR Y 263 -35.01 -69.91 -34.26
CA THR Y 263 -35.01 -69.02 -35.40
C THR Y 263 -35.84 -67.86 -35.00
N GLY Y 264 -35.88 -66.83 -35.81
CA GLY Y 264 -36.79 -65.75 -35.53
C GLY Y 264 -38.21 -66.20 -35.81
N THR Y 265 -39.11 -65.24 -35.98
CA THR Y 265 -40.40 -65.53 -36.58
C THR Y 265 -40.42 -64.92 -37.96
N PHE Y 266 -40.54 -65.75 -38.98
CA PHE Y 266 -40.54 -65.26 -40.35
C PHE Y 266 -41.95 -64.91 -40.80
N PHE Y 267 -42.11 -63.74 -41.40
CA PHE Y 267 -43.40 -63.35 -41.90
C PHE Y 267 -43.50 -63.45 -43.41
N PHE Y 268 -44.52 -64.15 -43.89
CA PHE Y 268 -44.67 -64.38 -45.32
C PHE Y 268 -45.35 -63.18 -45.95
N ASP Y 269 -45.31 -63.09 -47.27
CA ASP Y 269 -46.18 -62.19 -48.01
C ASP Y 269 -46.56 -62.83 -49.36
N CYS Y 270 -47.82 -63.21 -49.49
CA CYS Y 270 -48.33 -63.87 -50.70
C CYS Y 270 -49.82 -63.60 -50.91
N LYS Y 271 -50.36 -64.10 -52.03
CA LYS Y 271 -51.79 -64.08 -52.28
C LYS Y 271 -52.41 -65.21 -51.48
N PRO Y 272 -53.73 -65.18 -51.28
CA PRO Y 272 -54.42 -66.32 -50.66
C PRO Y 272 -54.62 -67.53 -51.53
N CYS Y 273 -54.64 -68.69 -50.88
CA CYS Y 273 -55.01 -69.90 -51.55
C CYS Y 273 -56.49 -70.14 -51.29
N ARG Y 274 -57.25 -70.53 -52.31
CA ARG Y 274 -58.70 -70.64 -52.14
C ARG Y 274 -59.09 -72.10 -51.90
N LEU Y 275 -60.13 -72.35 -51.13
CA LEU Y 275 -60.52 -73.72 -50.87
C LEU Y 275 -61.83 -74.07 -51.56
N THR Y 276 -62.00 -73.51 -52.74
CA THR Y 276 -63.14 -73.81 -53.55
C THR Y 276 -62.71 -74.04 -54.98
N HIS Y 277 -63.37 -74.98 -55.64
CA HIS Y 277 -63.07 -75.32 -57.01
C HIS Y 277 -64.09 -74.69 -57.94
N THR Y 278 -63.69 -74.37 -59.17
CA THR Y 278 -64.65 -73.82 -60.13
C THR Y 278 -65.11 -74.89 -61.12
N TRP Y 279 -66.40 -74.89 -61.46
CA TRP Y 279 -66.94 -75.98 -62.28
C TRP Y 279 -67.29 -75.59 -63.69
N GLN Y 280 -67.31 -74.32 -63.98
CA GLN Y 280 -67.81 -73.90 -65.26
C GLN Y 280 -66.69 -73.98 -66.27
N THR Y 281 -66.99 -74.59 -67.41
CA THR Y 281 -66.09 -74.58 -68.56
C THR Y 281 -66.66 -73.53 -69.45
N ASN Y 282 -66.04 -73.24 -70.57
CA ASN Y 282 -66.62 -72.24 -71.46
C ASN Y 282 -68.08 -72.46 -71.79
N ARG Y 283 -68.51 -73.71 -71.77
CA ARG Y 283 -69.84 -74.06 -72.23
C ARG Y 283 -70.91 -73.60 -71.28
N ALA Y 284 -70.52 -73.09 -70.12
CA ALA Y 284 -71.49 -72.64 -69.11
C ALA Y 284 -71.14 -71.27 -68.55
N LEU Y 285 -70.85 -70.32 -69.45
CA LEU Y 285 -70.58 -68.96 -69.03
C LEU Y 285 -71.62 -68.07 -69.61
N GLY Y 286 -72.49 -67.55 -68.76
CA GLY Y 286 -73.41 -66.53 -69.20
C GLY Y 286 -74.85 -66.94 -69.29
N LEU Y 287 -75.54 -66.29 -70.21
CA LEU Y 287 -76.96 -66.47 -70.34
C LEU Y 287 -77.29 -67.66 -71.20
N PRO Y 288 -77.96 -68.68 -70.63
CA PRO Y 288 -78.42 -69.83 -71.39
C PRO Y 288 -79.44 -69.44 -72.45
N PRO Y 289 -79.57 -70.23 -73.53
CA PRO Y 289 -80.43 -69.77 -74.62
C PRO Y 289 -81.86 -69.88 -74.17
N PHE Y 290 -82.73 -68.95 -74.58
CA PHE Y 290 -84.09 -69.02 -74.08
C PHE Y 290 -84.87 -70.21 -74.63
N LEU Y 291 -85.48 -71.00 -73.75
CA LEU Y 291 -86.24 -72.16 -74.20
C LEU Y 291 -87.71 -71.85 -74.50
N ASN Y 292 -88.11 -72.02 -75.76
CA ASN Y 292 -89.47 -71.74 -76.18
C ASN Y 292 -90.44 -72.88 -75.98
N SER Y 293 -89.92 -74.07 -75.69
CA SER Y 293 -90.75 -75.22 -75.38
C SER Y 293 -90.23 -75.97 -74.16
N LEU Y 294 -90.91 -75.80 -73.04
CA LEU Y 294 -90.49 -76.48 -71.82
C LEU Y 294 -91.23 -77.79 -71.69
N PRO Y 295 -90.56 -78.83 -71.20
CA PRO Y 295 -91.14 -80.15 -71.03
C PRO Y 295 -92.30 -80.14 -70.07
N GLN Y 296 -93.24 -81.07 -70.22
CA GLN Y 296 -94.44 -81.08 -69.39
C GLN Y 296 -94.69 -82.39 -68.65
N SER Y 297 -93.71 -83.28 -68.63
CA SER Y 297 -93.81 -84.43 -67.76
C SER Y 297 -92.42 -84.81 -67.23
N GLU Y 298 -92.39 -85.32 -66.01
CA GLU Y 298 -91.14 -85.66 -65.33
C GLU Y 298 -90.48 -86.73 -66.15
N GLY Y 299 -89.19 -86.94 -65.98
CA GLY Y 299 -88.61 -88.07 -66.67
C GLY Y 299 -87.24 -87.91 -67.27
N GLY Y 300 -86.82 -88.97 -67.96
CA GLY Y 300 -85.42 -89.11 -68.33
C GLY Y 300 -85.11 -88.77 -69.77
N THR Y 301 -86.15 -88.56 -70.57
CA THR Y 301 -85.92 -88.15 -71.94
C THR Y 301 -86.85 -87.02 -72.35
N ASN Y 302 -87.49 -86.39 -71.36
CA ASN Y 302 -88.29 -85.20 -71.60
C ASN Y 302 -87.49 -83.91 -71.66
N PHE Y 303 -86.76 -83.72 -72.75
CA PHE Y 303 -85.89 -82.56 -72.90
C PHE Y 303 -86.69 -81.32 -73.24
N GLY Y 304 -86.08 -80.18 -72.97
CA GLY Y 304 -86.64 -78.92 -73.40
C GLY Y 304 -85.99 -78.64 -74.73
N TYR Y 305 -86.60 -77.76 -75.50
CA TYR Y 305 -86.06 -77.43 -76.81
C TYR Y 305 -85.96 -75.94 -76.98
N ILE Y 306 -84.83 -75.47 -77.49
CA ILE Y 306 -84.65 -74.04 -77.73
C ILE Y 306 -85.79 -73.52 -78.58
N GLY Y 307 -86.01 -74.17 -79.71
CA GLY Y 307 -87.16 -73.86 -80.53
C GLY Y 307 -86.95 -72.76 -81.55
N VAL Y 308 -85.70 -72.55 -81.97
CA VAL Y 308 -85.45 -71.64 -83.08
C VAL Y 308 -84.39 -72.23 -83.99
N GLN Y 309 -84.60 -72.09 -85.30
CA GLN Y 309 -83.64 -72.60 -86.27
C GLN Y 309 -82.26 -72.07 -85.96
N GLN Y 310 -81.29 -72.96 -85.95
CA GLN Y 310 -79.93 -72.60 -85.58
C GLN Y 310 -79.36 -71.47 -86.43
N ASP Y 311 -79.87 -71.29 -87.63
CA ASP Y 311 -79.31 -70.26 -88.49
C ASP Y 311 -80.19 -69.04 -88.48
N LYS Y 312 -81.24 -69.06 -87.68
CA LYS Y 312 -82.13 -67.92 -87.60
C LYS Y 312 -82.09 -67.30 -86.22
N ARG Y 313 -81.01 -67.53 -85.50
CA ARG Y 313 -80.95 -67.12 -84.11
C ARG Y 313 -80.25 -65.77 -83.94
N ARG Y 314 -80.54 -65.09 -82.83
CA ARG Y 314 -79.87 -63.85 -82.45
C ARG Y 314 -78.81 -64.13 -81.38
N GLY Y 315 -77.75 -63.33 -81.40
CA GLY Y 315 -76.65 -63.49 -80.46
C GLY Y 315 -75.35 -63.11 -81.12
N VAL Y 316 -74.23 -63.37 -80.45
CA VAL Y 316 -72.92 -62.97 -80.97
C VAL Y 316 -71.89 -64.10 -81.06
N THR Y 317 -71.24 -64.22 -82.21
CA THR Y 317 -70.15 -65.17 -82.38
C THR Y 317 -68.92 -64.59 -83.03
N GLN Y 318 -67.86 -65.40 -83.02
CA GLN Y 318 -66.59 -65.06 -83.63
C GLN Y 318 -66.35 -65.84 -84.93
N MET Y 319 -67.45 -66.22 -85.57
CA MET Y 319 -67.40 -66.90 -86.84
C MET Y 319 -68.02 -66.01 -87.91
N GLY Y 320 -67.16 -65.27 -88.60
CA GLY Y 320 -67.58 -64.31 -89.60
C GLY Y 320 -68.37 -64.90 -90.74
N ASN Y 321 -68.25 -66.21 -90.91
CA ASN Y 321 -68.95 -66.93 -91.96
C ASN Y 321 -70.41 -67.28 -91.69
N THR Y 322 -70.65 -68.31 -90.89
CA THR Y 322 -72.00 -68.82 -90.76
C THR Y 322 -72.89 -67.91 -89.95
N ASN Y 323 -74.19 -68.16 -90.05
CA ASN Y 323 -75.18 -67.55 -89.22
C ASN Y 323 -75.58 -68.53 -88.15
N TYR Y 324 -74.83 -69.63 -88.09
CA TYR Y 324 -75.04 -70.64 -87.09
C TYR Y 324 -74.64 -70.11 -85.72
N ILE Y 325 -75.56 -70.22 -84.77
CA ILE Y 325 -75.28 -69.83 -83.41
C ILE Y 325 -75.62 -70.96 -82.46
N THR Y 326 -74.63 -71.77 -82.11
CA THR Y 326 -74.85 -72.88 -81.22
C THR Y 326 -73.95 -72.78 -80.00
N GLU Y 327 -74.23 -73.57 -78.98
CA GLU Y 327 -73.48 -73.54 -77.72
C GLU Y 327 -71.96 -73.72 -77.88
N ALA Y 328 -71.55 -74.38 -78.95
CA ALA Y 328 -70.14 -74.52 -79.28
C ALA Y 328 -69.66 -73.35 -80.12
N THR Y 329 -70.60 -72.53 -80.53
CA THR Y 329 -70.31 -71.44 -81.44
C THR Y 329 -70.40 -70.05 -80.79
N ILE Y 330 -71.39 -69.87 -79.92
CA ILE Y 330 -71.63 -68.59 -79.27
C ILE Y 330 -70.39 -68.04 -78.60
N MET Y 331 -70.19 -66.74 -78.71
CA MET Y 331 -69.04 -66.12 -78.06
C MET Y 331 -69.09 -66.33 -76.55
N ARG Y 332 -67.92 -66.49 -75.94
CA ARG Y 332 -67.83 -66.49 -74.49
C ARG Y 332 -66.84 -65.38 -74.22
N PRO Y 333 -66.89 -64.77 -73.04
CA PRO Y 333 -66.09 -63.57 -72.78
C PRO Y 333 -64.61 -63.84 -72.89
N ALA Y 334 -64.19 -65.04 -72.52
CA ALA Y 334 -62.79 -65.43 -72.64
C ALA Y 334 -62.70 -66.94 -72.70
N GLU Y 335 -61.56 -67.51 -72.31
CA GLU Y 335 -61.39 -68.96 -72.31
C GLU Y 335 -60.88 -69.49 -71.01
N VAL Y 336 -61.60 -70.45 -70.46
CA VAL Y 336 -61.26 -71.12 -69.22
C VAL Y 336 -60.33 -72.28 -69.49
N GLY Y 337 -59.12 -72.23 -68.93
CA GLY Y 337 -58.15 -73.28 -69.15
C GLY Y 337 -57.38 -73.12 -70.45
N TYR Y 338 -56.48 -74.05 -70.69
CA TYR Y 338 -55.70 -74.00 -71.91
C TYR Y 338 -55.31 -75.44 -72.27
N SER Y 339 -55.04 -75.65 -73.55
CA SER Y 339 -54.58 -76.95 -74.03
C SER Y 339 -53.06 -76.92 -74.19
N ALA Y 340 -52.39 -77.95 -73.71
CA ALA Y 340 -50.95 -77.95 -73.76
C ALA Y 340 -50.42 -79.24 -74.33
N PRO Y 341 -49.20 -79.21 -74.88
CA PRO Y 341 -48.57 -80.40 -75.43
C PRO Y 341 -48.42 -81.50 -74.39
N TYR Y 342 -48.53 -82.74 -74.84
CA TYR Y 342 -48.48 -83.90 -73.95
C TYR Y 342 -48.23 -85.15 -74.80
N TYR Y 343 -47.35 -86.06 -74.39
CA TYR Y 343 -46.33 -85.84 -73.36
C TYR Y 343 -45.16 -85.13 -74.04
N SER Y 344 -45.07 -83.81 -73.99
CA SER Y 344 -44.00 -83.16 -74.71
C SER Y 344 -42.73 -83.13 -73.90
N PHE Y 345 -41.62 -83.44 -74.53
CA PHE Y 345 -40.32 -83.30 -73.91
C PHE Y 345 -39.52 -82.23 -74.68
N GLU Y 346 -38.90 -81.33 -73.92
CA GLU Y 346 -38.08 -80.30 -74.53
C GLU Y 346 -36.70 -80.47 -73.96
N ALA Y 347 -35.69 -79.95 -74.65
CA ALA Y 347 -34.32 -80.17 -74.23
C ALA Y 347 -33.48 -78.92 -74.32
N SER Y 348 -32.69 -78.71 -73.28
CA SER Y 348 -31.75 -77.63 -73.29
C SER Y 348 -30.50 -78.10 -72.61
N THR Y 349 -29.46 -77.30 -72.77
CA THR Y 349 -28.13 -77.47 -72.18
C THR Y 349 -27.85 -78.75 -71.38
N GLN Y 350 -28.76 -79.14 -70.50
CA GLN Y 350 -28.50 -80.20 -69.56
C GLN Y 350 -29.37 -81.42 -69.83
N GLY Y 351 -30.00 -81.42 -70.99
CA GLY Y 351 -30.79 -82.57 -71.38
C GLY Y 351 -32.26 -82.27 -71.56
N PRO Y 352 -33.03 -83.32 -71.77
CA PRO Y 352 -34.47 -83.26 -72.00
C PRO Y 352 -35.25 -83.32 -70.69
N PHE Y 353 -36.47 -82.77 -70.71
CA PHE Y 353 -37.35 -82.75 -69.55
C PHE Y 353 -38.80 -82.60 -70.01
N LYS Y 354 -39.72 -83.15 -69.23
CA LYS Y 354 -41.12 -83.12 -69.59
C LYS Y 354 -41.61 -81.70 -69.52
N THR Y 355 -42.52 -81.35 -70.41
CA THR Y 355 -43.21 -80.06 -70.32
C THR Y 355 -44.33 -80.19 -69.32
N PRO Y 356 -44.36 -79.32 -68.31
CA PRO Y 356 -45.36 -79.33 -67.24
C PRO Y 356 -46.71 -78.66 -67.62
N ILE Y 357 -47.79 -79.15 -67.03
CA ILE Y 357 -49.12 -78.66 -67.37
C ILE Y 357 -49.79 -78.09 -66.15
N ALA Y 358 -50.58 -77.04 -66.33
CA ALA Y 358 -51.18 -76.35 -65.21
C ALA Y 358 -52.54 -76.93 -64.84
N ALA Y 359 -53.45 -77.00 -65.80
CA ALA Y 359 -54.87 -77.19 -65.52
C ALA Y 359 -55.30 -78.52 -64.86
N GLY Y 360 -56.48 -78.96 -65.28
CA GLY Y 360 -57.14 -80.20 -64.90
C GLY Y 360 -58.09 -79.86 -63.79
N ARG Y 361 -59.18 -80.59 -63.58
CA ARG Y 361 -59.70 -81.74 -64.35
C ARG Y 361 -60.32 -81.36 -65.68
N GLY Y 362 -60.16 -82.22 -66.70
CA GLY Y 362 -60.81 -81.93 -67.96
C GLY Y 362 -61.84 -82.94 -68.43
N GLY Y 363 -61.66 -84.18 -68.02
CA GLY Y 363 -62.56 -85.22 -68.47
C GLY Y 363 -63.92 -85.16 -67.81
N ALA Y 364 -64.88 -85.82 -68.43
CA ALA Y 364 -66.22 -85.92 -67.89
C ALA Y 364 -66.24 -87.06 -66.88
N GLN Y 365 -67.31 -87.85 -66.94
CA GLN Y 365 -67.54 -88.97 -66.04
C GLN Y 365 -66.39 -89.99 -66.03
N THR Y 366 -65.59 -89.99 -64.97
CA THR Y 366 -64.53 -90.98 -64.71
C THR Y 366 -63.60 -91.21 -65.92
N ASP Y 367 -63.58 -90.24 -66.83
CA ASP Y 367 -62.67 -90.22 -67.97
C ASP Y 367 -61.63 -89.17 -67.67
N GLU Y 368 -60.38 -89.45 -67.97
CA GLU Y 368 -59.46 -88.37 -67.82
C GLU Y 368 -58.30 -88.60 -68.73
N ASN Y 369 -57.63 -87.53 -69.13
CA ASN Y 369 -56.41 -87.68 -69.86
C ASN Y 369 -55.30 -87.20 -68.97
N GLN Y 370 -54.94 -88.02 -67.98
CA GLN Y 370 -53.98 -87.58 -66.97
C GLN Y 370 -52.62 -87.27 -67.58
N ALA Y 371 -52.61 -86.36 -68.54
CA ALA Y 371 -51.39 -86.02 -69.21
C ALA Y 371 -51.62 -84.69 -69.91
N ALA Y 372 -52.86 -84.48 -70.35
CA ALA Y 372 -53.23 -83.19 -70.90
C ALA Y 372 -53.54 -82.26 -69.75
N ASP Y 373 -53.69 -82.86 -68.57
CA ASP Y 373 -53.90 -82.09 -67.38
C ASP Y 373 -52.70 -82.13 -66.44
N GLY Y 374 -51.90 -83.18 -66.54
CA GLY Y 374 -50.73 -83.27 -65.72
C GLY Y 374 -51.21 -83.45 -64.30
N ASP Y 375 -52.20 -84.31 -64.15
CA ASP Y 375 -52.65 -84.60 -62.82
C ASP Y 375 -51.47 -85.24 -62.13
N PRO Y 376 -51.05 -84.67 -61.00
CA PRO Y 376 -49.82 -85.03 -60.30
C PRO Y 376 -49.89 -86.34 -59.55
N ARG Y 377 -48.82 -87.13 -59.60
CA ARG Y 377 -48.78 -88.47 -59.01
C ARG Y 377 -47.70 -88.60 -57.95
N TYR Y 378 -48.13 -88.98 -56.76
CA TYR Y 378 -47.27 -88.92 -55.59
C TYR Y 378 -46.81 -90.30 -55.08
N ALA Y 379 -45.51 -90.45 -54.84
CA ALA Y 379 -44.99 -91.71 -54.35
C ALA Y 379 -44.27 -91.53 -53.03
N PHE Y 380 -44.57 -92.37 -52.05
CA PHE Y 380 -44.11 -92.09 -50.69
C PHE Y 380 -44.05 -93.31 -49.79
N GLY Y 381 -43.39 -93.19 -48.64
CA GLY Y 381 -43.11 -94.36 -47.86
C GLY Y 381 -43.24 -94.25 -46.36
N ARG Y 382 -44.03 -95.15 -45.80
CA ARG Y 382 -44.24 -95.33 -44.35
C ARG Y 382 -44.20 -94.07 -43.52
N GLN Y 383 -43.06 -93.39 -43.56
CA GLN Y 383 -42.92 -92.09 -42.90
C GLN Y 383 -43.93 -91.07 -43.41
N HIS Y 384 -44.40 -91.18 -44.65
CA HIS Y 384 -45.24 -90.12 -45.16
C HIS Y 384 -46.58 -90.62 -45.65
N GLY Y 385 -47.07 -91.71 -45.08
CA GLY Y 385 -48.40 -92.12 -45.44
C GLY Y 385 -48.63 -93.58 -45.67
N GLN Y 386 -47.67 -94.26 -46.29
CA GLN Y 386 -47.80 -95.69 -46.57
C GLN Y 386 -48.05 -96.40 -45.26
N LYS Y 387 -48.80 -97.50 -45.29
CA LYS Y 387 -49.08 -98.22 -44.07
C LYS Y 387 -47.77 -98.65 -43.44
N THR Y 388 -47.59 -98.33 -42.17
CA THR Y 388 -46.27 -98.45 -41.57
C THR Y 388 -45.89 -99.90 -41.33
N THR Y 389 -46.86 -100.81 -41.36
CA THR Y 389 -46.55 -102.22 -41.17
C THR Y 389 -46.12 -102.90 -42.46
N THR Y 390 -46.34 -102.24 -43.58
CA THR Y 390 -45.98 -102.78 -44.88
C THR Y 390 -44.48 -102.98 -45.05
N THR Y 391 -44.08 -104.23 -45.25
CA THR Y 391 -42.69 -104.52 -45.59
C THR Y 391 -42.51 -104.43 -47.10
N GLY Y 392 -41.26 -104.36 -47.53
CA GLY Y 392 -40.97 -104.25 -48.95
C GLY Y 392 -40.64 -102.84 -49.35
N GLU Y 393 -39.86 -102.71 -50.42
CA GLU Y 393 -39.33 -101.42 -50.83
C GLU Y 393 -40.28 -100.67 -51.76
N THR Y 394 -41.40 -101.28 -52.10
CA THR Y 394 -42.26 -100.69 -53.12
C THR Y 394 -43.12 -99.61 -52.48
N PRO Y 395 -43.07 -98.39 -53.05
CA PRO Y 395 -43.75 -97.21 -52.50
C PRO Y 395 -45.25 -97.21 -52.71
N GLU Y 396 -45.99 -96.51 -51.85
CA GLU Y 396 -47.43 -96.32 -52.04
C GLU Y 396 -47.61 -95.09 -52.93
N ARG Y 397 -48.70 -95.04 -53.66
CA ARG Y 397 -48.87 -93.94 -54.60
C ARG Y 397 -50.30 -93.48 -54.71
N PHE Y 398 -50.48 -92.33 -55.35
CA PHE Y 398 -51.79 -91.86 -55.78
C PHE Y 398 -51.64 -90.78 -56.83
N THR Y 399 -52.72 -90.53 -57.56
CA THR Y 399 -52.75 -89.44 -58.51
C THR Y 399 -53.83 -88.44 -58.14
N TYR Y 400 -53.45 -87.19 -57.88
CA TYR Y 400 -54.43 -86.20 -57.50
C TYR Y 400 -55.21 -85.65 -58.69
N ILE Y 401 -56.51 -85.93 -58.72
CA ILE Y 401 -57.40 -85.33 -59.70
C ILE Y 401 -58.30 -84.25 -59.09
N ALA Y 402 -57.99 -83.00 -59.44
CA ALA Y 402 -58.60 -81.85 -58.81
C ALA Y 402 -60.09 -81.82 -59.05
N HIS Y 403 -60.80 -81.03 -58.25
CA HIS Y 403 -62.24 -80.89 -58.42
C HIS Y 403 -62.55 -79.79 -59.40
N GLN Y 404 -61.61 -78.88 -59.59
CA GLN Y 404 -61.88 -77.72 -60.42
C GLN Y 404 -61.86 -78.06 -61.90
N ASP Y 405 -63.02 -78.03 -62.52
CA ASP Y 405 -63.16 -78.44 -63.91
C ASP Y 405 -62.63 -77.32 -64.83
N THR Y 406 -61.32 -77.34 -65.06
CA THR Y 406 -60.65 -76.37 -65.93
C THR Y 406 -59.65 -77.01 -66.90
N GLY Y 407 -59.71 -78.33 -67.04
CA GLY Y 407 -58.77 -79.04 -67.90
C GLY Y 407 -59.28 -79.35 -69.30
N ARG Y 408 -58.66 -80.33 -69.96
CA ARG Y 408 -59.07 -80.70 -71.32
C ARG Y 408 -59.31 -82.19 -71.54
N TYR Y 409 -60.15 -82.49 -72.53
CA TYR Y 409 -60.37 -83.83 -73.04
C TYR Y 409 -60.11 -83.80 -74.54
N PRO Y 410 -58.83 -83.79 -74.94
CA PRO Y 410 -58.40 -83.55 -76.32
C PRO Y 410 -59.01 -84.50 -77.33
N GLU Y 411 -59.54 -85.63 -76.85
CA GLU Y 411 -60.25 -86.58 -77.71
C GLU Y 411 -61.41 -85.93 -78.43
N GLY Y 412 -61.99 -84.90 -77.81
CA GLY Y 412 -63.12 -84.23 -78.37
C GLY Y 412 -62.77 -83.01 -79.20
N ASP Y 413 -61.48 -82.74 -79.37
CA ASP Y 413 -61.04 -81.55 -80.13
C ASP Y 413 -61.21 -81.73 -81.61
N TRP Y 414 -61.26 -80.63 -82.33
CA TRP Y 414 -61.20 -80.70 -83.78
C TRP Y 414 -60.92 -79.35 -84.38
N ILE Y 415 -60.62 -79.32 -85.68
CA ILE Y 415 -60.34 -78.09 -86.37
C ILE Y 415 -60.98 -78.07 -87.74
N GLN Y 416 -61.93 -77.18 -87.96
CA GLN Y 416 -62.56 -77.16 -89.27
C GLN Y 416 -61.92 -76.15 -90.16
N ASN Y 417 -62.08 -76.35 -91.45
CA ASN Y 417 -61.60 -75.40 -92.43
C ASN Y 417 -62.37 -74.11 -92.33
N ILE Y 418 -61.77 -73.04 -92.83
CA ILE Y 418 -62.37 -71.72 -92.85
C ILE Y 418 -63.81 -71.71 -93.39
N ASN Y 419 -64.13 -72.59 -94.32
CA ASN Y 419 -65.41 -72.47 -95.05
C ASN Y 419 -66.63 -72.92 -94.29
N PHE Y 420 -66.44 -73.81 -93.33
CA PHE Y 420 -67.53 -74.29 -92.48
C PHE Y 420 -68.71 -74.80 -93.30
N ASN Y 421 -68.41 -75.54 -94.36
CA ASN Y 421 -69.44 -76.23 -95.09
C ASN Y 421 -69.61 -77.58 -94.45
N LEU Y 422 -70.71 -77.70 -93.70
CA LEU Y 422 -70.92 -78.84 -92.83
C LEU Y 422 -72.30 -79.45 -93.09
N PRO Y 423 -72.49 -80.75 -92.80
CA PRO Y 423 -71.57 -81.75 -92.24
C PRO Y 423 -70.23 -81.75 -92.94
N VAL Y 424 -69.17 -81.76 -92.16
CA VAL Y 424 -67.86 -81.45 -92.69
C VAL Y 424 -67.20 -82.64 -93.41
N THR Y 425 -66.55 -82.34 -94.53
CA THR Y 425 -65.78 -83.31 -95.33
C THR Y 425 -64.58 -83.85 -94.55
N ASP Y 426 -64.12 -85.06 -94.87
CA ASP Y 426 -62.94 -85.60 -94.22
C ASP Y 426 -61.74 -84.72 -94.59
N ASP Y 427 -61.81 -84.12 -95.78
CA ASP Y 427 -60.73 -83.27 -96.22
C ASP Y 427 -60.78 -81.89 -95.60
N ASN Y 428 -61.90 -81.57 -94.96
CA ASN Y 428 -62.04 -80.26 -94.38
C ASN Y 428 -61.95 -80.21 -92.84
N VAL Y 429 -61.67 -81.35 -92.21
CA VAL Y 429 -61.55 -81.34 -90.76
C VAL Y 429 -60.29 -82.08 -90.32
N LEU Y 430 -59.70 -81.65 -89.22
CA LEU Y 430 -58.57 -82.33 -88.63
C LEU Y 430 -58.96 -82.86 -87.26
N LEU Y 431 -58.96 -84.18 -87.11
CA LEU Y 431 -59.39 -84.83 -85.88
C LEU Y 431 -58.22 -85.33 -85.05
N PRO Y 432 -58.47 -85.66 -83.77
CA PRO Y 432 -57.51 -86.36 -82.93
C PRO Y 432 -57.36 -87.83 -83.30
N THR Y 433 -58.00 -88.24 -84.38
CA THR Y 433 -57.80 -89.59 -84.90
C THR Y 433 -56.76 -89.54 -86.01
N ASP Y 434 -56.81 -88.46 -86.79
CA ASP Y 434 -55.92 -88.31 -87.92
C ASP Y 434 -54.47 -88.13 -87.49
N PRO Y 435 -53.60 -89.01 -88.00
CA PRO Y 435 -52.18 -89.07 -87.69
C PRO Y 435 -51.40 -87.90 -88.24
N ILE Y 436 -50.35 -87.57 -87.50
CA ILE Y 436 -49.53 -86.41 -87.78
C ILE Y 436 -48.12 -86.86 -88.03
N GLY Y 437 -47.51 -86.34 -89.08
CA GLY Y 437 -46.14 -86.71 -89.38
C GLY Y 437 -46.06 -88.20 -89.65
N GLY Y 438 -47.19 -88.76 -90.03
CA GLY Y 438 -47.26 -90.17 -90.41
C GLY Y 438 -47.09 -91.13 -89.28
N LYS Y 439 -47.55 -90.76 -88.08
CA LYS Y 439 -47.43 -91.66 -86.95
C LYS Y 439 -48.80 -92.10 -86.45
N THR Y 440 -48.99 -93.41 -86.31
CA THR Y 440 -50.26 -93.97 -85.87
C THR Y 440 -50.73 -93.38 -84.54
N GLY Y 441 -49.81 -93.27 -83.58
CA GLY Y 441 -50.11 -92.82 -82.22
C GLY Y 441 -49.95 -91.34 -81.86
N ILE Y 442 -49.84 -90.49 -82.88
CA ILE Y 442 -49.69 -89.05 -82.69
C ILE Y 442 -50.71 -88.28 -83.49
N ASN Y 443 -51.34 -87.31 -82.85
CA ASN Y 443 -52.30 -86.44 -83.53
C ASN Y 443 -51.98 -85.00 -83.21
N TYR Y 444 -52.78 -84.09 -83.74
CA TYR Y 444 -52.43 -82.68 -83.65
C TYR Y 444 -52.51 -82.22 -82.20
N THR Y 445 -53.34 -82.85 -81.39
CA THR Y 445 -53.52 -82.41 -80.02
C THR Y 445 -52.25 -82.57 -79.17
N ASN Y 446 -51.34 -83.45 -79.59
CA ASN Y 446 -50.11 -83.69 -78.84
C ASN Y 446 -49.11 -82.55 -78.92
N ILE Y 447 -49.24 -81.70 -79.92
CA ILE Y 447 -48.31 -80.60 -80.07
C ILE Y 447 -49.04 -79.29 -79.94
N PHE Y 448 -50.29 -79.40 -79.51
CA PHE Y 448 -51.21 -78.28 -79.49
C PHE Y 448 -51.01 -77.36 -78.28
N ASN Y 449 -51.24 -76.07 -78.49
CA ASN Y 449 -51.10 -75.07 -77.44
C ASN Y 449 -52.04 -73.90 -77.60
N THR Y 450 -53.03 -73.81 -76.72
CA THR Y 450 -53.99 -72.70 -76.79
C THR Y 450 -53.87 -71.72 -75.63
N TYR Y 451 -52.66 -71.60 -75.10
CA TYR Y 451 -52.41 -70.58 -74.13
C TYR Y 451 -52.47 -69.31 -74.92
N GLY Y 452 -53.08 -68.28 -74.33
CA GLY Y 452 -53.33 -67.04 -75.04
C GLY Y 452 -53.84 -65.95 -74.14
N PRO Y 453 -54.00 -64.74 -74.69
CA PRO Y 453 -54.34 -63.58 -73.87
C PRO Y 453 -55.73 -63.61 -73.32
N LEU Y 454 -56.51 -64.65 -73.64
CA LEU Y 454 -57.85 -64.77 -73.08
C LEU Y 454 -57.88 -65.94 -72.11
N THR Y 455 -56.72 -66.48 -71.81
CA THR Y 455 -56.66 -67.68 -71.01
C THR Y 455 -56.89 -67.35 -69.55
N ALA Y 456 -57.76 -68.11 -68.89
CA ALA Y 456 -57.98 -67.94 -67.44
C ALA Y 456 -57.61 -69.21 -66.70
N LEU Y 457 -57.09 -69.06 -65.48
CA LEU Y 457 -56.46 -70.16 -64.74
C LEU Y 457 -56.73 -70.12 -63.25
N ASN Y 458 -56.62 -71.27 -62.59
CA ASN Y 458 -56.51 -71.28 -61.14
C ASN Y 458 -55.14 -71.76 -60.73
N ASN Y 459 -54.79 -71.54 -59.47
CA ASN Y 459 -53.56 -72.06 -58.91
C ASN Y 459 -53.76 -73.52 -58.52
N VAL Y 460 -52.67 -74.26 -58.33
CA VAL Y 460 -52.79 -75.66 -57.94
C VAL Y 460 -53.40 -75.79 -56.60
N PRO Y 461 -54.22 -76.80 -56.44
CA PRO Y 461 -54.82 -77.06 -55.13
C PRO Y 461 -53.85 -77.76 -54.21
N PRO Y 462 -54.03 -77.57 -52.92
CA PRO Y 462 -53.21 -78.23 -51.91
C PRO Y 462 -53.41 -79.72 -51.89
N VAL Y 463 -52.32 -80.46 -51.89
CA VAL Y 463 -52.44 -81.90 -51.90
C VAL Y 463 -52.09 -82.46 -50.53
N TYR Y 464 -53.08 -82.82 -49.74
CA TYR Y 464 -52.79 -83.35 -48.41
C TYR Y 464 -52.61 -84.84 -48.46
N PRO Y 465 -51.62 -85.36 -47.75
CA PRO Y 465 -50.64 -84.69 -46.90
C PRO Y 465 -49.25 -84.55 -47.50
N ASN Y 466 -49.04 -85.13 -48.65
CA ASN Y 466 -47.70 -85.22 -49.20
C ASN Y 466 -47.27 -84.01 -50.01
N GLY Y 467 -48.21 -83.10 -50.24
CA GLY Y 467 -47.98 -81.92 -51.05
C GLY Y 467 -47.09 -80.88 -50.38
N GLN Y 468 -46.45 -80.05 -51.17
CA GLN Y 468 -45.63 -78.96 -50.67
C GLN Y 468 -46.53 -77.81 -50.23
N ILE Y 469 -46.09 -77.01 -49.27
CA ILE Y 469 -46.87 -75.87 -48.79
C ILE Y 469 -46.38 -74.57 -49.41
N TRP Y 470 -45.12 -74.25 -49.24
CA TRP Y 470 -44.62 -73.06 -49.91
C TRP Y 470 -43.39 -73.36 -50.75
N ASP Y 471 -43.08 -72.46 -51.67
CA ASP Y 471 -41.99 -72.62 -52.62
C ASP Y 471 -41.33 -71.29 -52.92
N LYS Y 472 -40.01 -71.28 -53.11
CA LYS Y 472 -39.31 -70.04 -53.46
C LYS Y 472 -39.65 -69.63 -54.85
N GLU Y 473 -39.51 -68.35 -55.15
CA GLU Y 473 -39.75 -67.92 -56.50
C GLU Y 473 -38.45 -67.96 -57.29
N PHE Y 474 -38.56 -68.28 -58.58
CA PHE Y 474 -37.42 -68.28 -59.48
C PHE Y 474 -36.87 -66.88 -59.50
N ASP Y 475 -35.55 -66.75 -59.51
CA ASP Y 475 -34.96 -65.44 -59.63
C ASP Y 475 -34.83 -65.09 -61.09
N THR Y 476 -35.92 -65.18 -61.83
CA THR Y 476 -35.93 -64.79 -63.24
C THR Y 476 -36.57 -63.40 -63.44
N ASP Y 477 -36.13 -62.69 -64.46
CA ASP Y 477 -36.56 -61.34 -64.67
C ASP Y 477 -38.08 -61.30 -64.86
N LEU Y 478 -38.61 -62.34 -65.50
CA LEU Y 478 -40.07 -62.55 -65.63
C LEU Y 478 -40.47 -63.86 -64.94
N LYS Y 479 -41.59 -63.90 -64.24
CA LYS Y 479 -41.82 -65.04 -63.35
C LYS Y 479 -42.99 -65.91 -63.79
N PRO Y 480 -43.08 -67.16 -63.28
CA PRO Y 480 -44.21 -67.99 -63.69
C PRO Y 480 -45.48 -67.47 -63.07
N ARG Y 481 -46.62 -67.60 -63.74
CA ARG Y 481 -47.85 -67.15 -63.13
C ARG Y 481 -48.26 -68.08 -62.00
N LEU Y 482 -47.64 -69.25 -61.92
CA LEU Y 482 -47.81 -70.12 -60.76
C LEU Y 482 -46.75 -71.18 -60.74
N HIS Y 483 -46.77 -72.00 -59.70
CA HIS Y 483 -45.91 -73.16 -59.63
C HIS Y 483 -46.82 -74.34 -59.50
N VAL Y 484 -46.36 -75.52 -59.88
CA VAL Y 484 -47.25 -76.67 -59.85
C VAL Y 484 -47.03 -77.55 -58.62
N ASN Y 485 -45.99 -77.26 -57.85
CA ASN Y 485 -45.65 -78.10 -56.70
C ASN Y 485 -46.18 -77.62 -55.35
N ALA Y 486 -46.53 -76.34 -55.26
CA ALA Y 486 -47.02 -75.75 -54.00
C ALA Y 486 -47.89 -74.56 -54.33
N PRO Y 487 -48.89 -74.28 -53.48
CA PRO Y 487 -49.78 -73.16 -53.77
C PRO Y 487 -49.22 -71.80 -53.36
N PHE Y 488 -48.39 -71.73 -52.33
CA PHE Y 488 -47.87 -70.44 -51.88
C PHE Y 488 -46.45 -70.18 -52.37
N VAL Y 489 -46.26 -69.08 -53.09
CA VAL Y 489 -44.92 -68.70 -53.56
C VAL Y 489 -44.47 -67.35 -53.04
N CYS Y 490 -43.35 -67.35 -52.31
CA CYS Y 490 -42.80 -66.13 -51.73
C CYS Y 490 -42.07 -65.32 -52.77
N GLN Y 491 -42.61 -64.19 -53.20
CA GLN Y 491 -41.81 -63.43 -54.14
C GLN Y 491 -40.86 -62.54 -53.34
N ASN Y 492 -41.27 -62.28 -52.11
CA ASN Y 492 -40.44 -61.65 -51.09
C ASN Y 492 -39.08 -62.29 -51.04
N ASN Y 493 -38.99 -63.24 -50.11
CA ASN Y 493 -37.83 -64.06 -49.81
C ASN Y 493 -38.46 -65.14 -48.96
N CYS Y 494 -37.99 -66.37 -49.07
CA CYS Y 494 -38.57 -67.43 -48.28
C CYS Y 494 -37.73 -67.69 -47.05
N PRO Y 495 -38.30 -68.39 -46.07
CA PRO Y 495 -37.52 -68.78 -44.91
C PRO Y 495 -36.28 -69.53 -45.33
N GLY Y 496 -35.20 -69.34 -44.60
CA GLY Y 496 -33.98 -70.03 -44.94
C GLY Y 496 -34.09 -71.50 -44.62
N GLN Y 497 -33.26 -72.29 -45.29
CA GLN Y 497 -33.25 -73.72 -45.04
C GLN Y 497 -32.45 -74.03 -43.77
N LEU Y 498 -32.85 -75.07 -43.05
CA LEU Y 498 -32.22 -75.40 -41.78
C LEU Y 498 -31.35 -76.65 -41.85
N PHE Y 499 -30.06 -76.50 -41.54
CA PHE Y 499 -29.12 -77.61 -41.66
C PHE Y 499 -28.46 -78.09 -40.38
N VAL Y 500 -28.39 -79.40 -40.22
CA VAL Y 500 -27.70 -79.96 -39.07
C VAL Y 500 -26.60 -80.89 -39.52
N LYS Y 501 -25.74 -81.26 -38.57
CA LYS Y 501 -24.55 -82.08 -38.80
C LYS Y 501 -23.86 -82.44 -37.50
N VAL Y 502 -23.52 -83.69 -37.30
CA VAL Y 502 -22.81 -84.04 -36.08
C VAL Y 502 -21.39 -83.50 -36.12
N ALA Y 503 -20.93 -82.94 -35.00
CA ALA Y 503 -19.58 -82.39 -34.94
C ALA Y 503 -18.57 -83.50 -34.97
N PRO Y 504 -17.48 -83.31 -35.70
CA PRO Y 504 -16.44 -84.32 -35.85
C PRO Y 504 -15.89 -84.73 -34.51
N ASN Y 505 -16.13 -85.96 -34.11
CA ASN Y 505 -15.65 -86.44 -32.82
C ASN Y 505 -14.37 -87.29 -32.91
N LEU Y 506 -13.21 -86.64 -32.89
CA LEU Y 506 -11.96 -87.31 -33.21
C LEU Y 506 -11.44 -88.24 -32.13
N THR Y 507 -10.67 -89.23 -32.57
CA THR Y 507 -9.91 -90.11 -31.69
C THR Y 507 -8.60 -89.44 -31.40
N ASN Y 508 -7.73 -90.12 -30.65
CA ASN Y 508 -6.48 -89.50 -30.26
C ASN Y 508 -5.46 -89.43 -31.36
N GLN Y 509 -5.55 -90.35 -32.31
CA GLN Y 509 -4.64 -90.30 -33.44
C GLN Y 509 -5.36 -89.75 -34.66
N TYR Y 510 -4.96 -88.54 -35.04
CA TYR Y 510 -5.49 -87.84 -36.19
C TYR Y 510 -4.34 -87.12 -36.83
N ASP Y 511 -4.09 -87.40 -38.11
CA ASP Y 511 -3.08 -86.68 -38.86
C ASP Y 511 -3.69 -86.10 -40.11
N PRO Y 512 -3.87 -84.79 -40.14
CA PRO Y 512 -4.47 -84.11 -41.30
C PRO Y 512 -3.58 -84.17 -42.54
N ASP Y 513 -2.25 -84.21 -42.37
CA ASP Y 513 -1.34 -84.28 -43.51
C ASP Y 513 -1.33 -85.65 -44.16
N ALA Y 514 -1.93 -86.65 -43.51
CA ALA Y 514 -2.06 -87.96 -44.14
C ALA Y 514 -3.29 -87.95 -45.04
N SER Y 515 -3.19 -88.52 -46.23
CA SER Y 515 -4.36 -88.63 -47.10
C SER Y 515 -5.30 -89.69 -46.51
N ALA Y 516 -4.70 -90.78 -46.06
CA ALA Y 516 -5.43 -91.89 -45.47
C ALA Y 516 -6.23 -91.42 -44.28
N ASN Y 517 -7.21 -92.21 -43.90
CA ASN Y 517 -7.95 -92.08 -42.66
C ASN Y 517 -8.65 -90.76 -42.37
N MET Y 518 -9.88 -90.89 -41.89
CA MET Y 518 -10.34 -90.02 -40.84
C MET Y 518 -10.94 -90.96 -39.84
N SER Y 519 -10.25 -91.10 -38.73
CA SER Y 519 -10.78 -91.93 -37.68
C SER Y 519 -11.52 -91.02 -36.71
N ARG Y 520 -12.81 -91.25 -36.60
CA ARG Y 520 -13.67 -90.46 -35.73
C ARG Y 520 -14.39 -91.41 -34.82
N ILE Y 521 -14.65 -90.97 -33.61
CA ILE Y 521 -15.47 -91.74 -32.71
C ILE Y 521 -16.84 -91.81 -33.33
N VAL Y 522 -17.43 -93.00 -33.29
CA VAL Y 522 -18.73 -93.19 -33.85
C VAL Y 522 -19.71 -92.40 -33.01
N THR Y 523 -20.33 -91.39 -33.62
CA THR Y 523 -21.21 -90.52 -32.87
C THR Y 523 -22.53 -90.28 -33.60
N TYR Y 524 -23.60 -90.11 -32.83
CA TYR Y 524 -24.90 -89.76 -33.39
C TYR Y 524 -25.63 -88.82 -32.46
N SER Y 525 -26.70 -88.23 -32.94
CA SER Y 525 -27.42 -87.26 -32.12
C SER Y 525 -28.90 -87.50 -32.11
N ASP Y 526 -29.49 -87.27 -30.96
CA ASP Y 526 -30.92 -87.20 -30.86
C ASP Y 526 -31.25 -85.80 -30.45
N PHE Y 527 -32.10 -85.12 -31.22
CA PHE Y 527 -32.58 -83.81 -30.81
C PHE Y 527 -34.03 -83.61 -31.19
N TRP Y 528 -34.70 -82.72 -30.46
CA TRP Y 528 -36.10 -82.44 -30.73
C TRP Y 528 -36.26 -81.17 -31.54
N TRP Y 529 -37.21 -81.19 -32.46
CA TRP Y 529 -37.52 -80.06 -33.29
C TRP Y 529 -38.97 -79.64 -33.12
N LYS Y 530 -39.21 -78.36 -32.90
CA LYS Y 530 -40.58 -77.86 -32.79
C LYS Y 530 -40.77 -76.71 -33.72
N GLY Y 531 -41.91 -76.67 -34.39
CA GLY Y 531 -42.20 -75.59 -35.31
C GLY Y 531 -43.56 -74.99 -35.06
N LYS Y 532 -43.72 -73.73 -35.44
CA LYS Y 532 -45.02 -73.09 -35.32
C LYS Y 532 -45.36 -72.37 -36.59
N LEU Y 533 -46.40 -72.84 -37.25
CA LEU Y 533 -46.84 -72.29 -38.50
C LEU Y 533 -48.23 -71.70 -38.32
N VAL Y 534 -48.36 -70.41 -38.60
CA VAL Y 534 -49.62 -69.69 -38.39
C VAL Y 534 -50.28 -69.27 -39.68
N PHE Y 535 -51.57 -69.61 -39.80
CA PHE Y 535 -52.37 -69.23 -40.94
C PHE Y 535 -53.46 -68.27 -40.52
N LYS Y 536 -53.99 -67.56 -41.49
CA LYS Y 536 -55.14 -66.72 -41.23
C LYS Y 536 -56.16 -67.08 -42.30
N ALA Y 537 -57.32 -67.60 -41.90
CA ALA Y 537 -58.30 -68.07 -42.87
C ALA Y 537 -59.63 -67.35 -42.72
N LYS Y 538 -60.58 -67.65 -43.61
CA LYS Y 538 -61.87 -66.97 -43.63
C LYS Y 538 -63.02 -67.98 -43.77
N LEU Y 539 -64.05 -67.87 -42.94
CA LEU Y 539 -65.14 -68.85 -42.97
C LEU Y 539 -66.03 -68.73 -44.22
N ARG Y 540 -66.42 -69.85 -44.82
CA ARG Y 540 -67.28 -69.82 -46.02
C ARG Y 540 -68.71 -69.64 -45.64
N ALA Y 541 -69.56 -69.36 -46.62
CA ALA Y 541 -70.97 -69.17 -46.36
C ALA Y 541 -71.86 -69.82 -47.42
N SER Y 542 -73.04 -70.26 -46.99
CA SER Y 542 -73.97 -70.93 -47.87
C SER Y 542 -74.66 -69.96 -48.79
N HIS Y 543 -74.49 -70.17 -50.10
CA HIS Y 543 -75.16 -69.30 -51.06
C HIS Y 543 -76.24 -70.00 -51.86
N THR Y 544 -76.33 -71.32 -51.70
CA THR Y 544 -77.20 -72.10 -52.55
C THR Y 544 -78.27 -72.78 -51.74
N TRP Y 545 -79.33 -73.23 -52.41
CA TRP Y 545 -80.37 -73.97 -51.71
C TRP Y 545 -79.81 -75.32 -51.34
N ASN Y 546 -79.01 -75.87 -52.24
CA ASN Y 546 -78.49 -77.22 -52.07
C ASN Y 546 -77.29 -77.22 -51.17
N PRO Y 547 -77.06 -78.33 -50.48
CA PRO Y 547 -75.81 -78.54 -49.76
C PRO Y 547 -74.70 -78.85 -50.72
N ILE Y 548 -73.50 -79.12 -50.20
CA ILE Y 548 -72.34 -79.27 -51.06
C ILE Y 548 -71.40 -80.37 -50.62
N GLN Y 549 -70.32 -80.55 -51.38
CA GLN Y 549 -69.26 -81.49 -51.05
C GLN Y 549 -68.62 -81.20 -49.74
N GLN Y 550 -68.49 -82.19 -48.86
CA GLN Y 550 -67.64 -82.05 -47.66
C GLN Y 550 -67.10 -83.39 -47.15
N MET Y 551 -65.89 -83.43 -46.58
CA MET Y 551 -65.32 -84.72 -46.10
C MET Y 551 -66.06 -85.35 -44.97
N SER Y 552 -66.00 -86.68 -44.92
CA SER Y 552 -66.43 -87.39 -43.73
C SER Y 552 -66.05 -88.84 -43.77
N ILE Y 553 -66.50 -89.57 -42.75
CA ILE Y 553 -66.54 -91.02 -42.81
C ILE Y 553 -67.96 -91.46 -42.46
N ASN Y 554 -68.62 -92.41 -43.15
CA ASN Y 554 -68.23 -93.40 -44.19
C ASN Y 554 -67.91 -94.74 -43.61
N VAL Y 555 -68.64 -95.75 -44.05
CA VAL Y 555 -68.41 -97.12 -43.61
C VAL Y 555 -67.27 -97.67 -44.42
N ASP Y 556 -67.15 -97.20 -45.67
CA ASP Y 556 -65.90 -97.26 -46.41
C ASP Y 556 -65.02 -96.29 -45.68
N ASN Y 557 -63.78 -96.09 -46.14
CA ASN Y 557 -63.07 -94.89 -45.69
C ASN Y 557 -62.67 -94.96 -44.20
N GLN Y 558 -63.65 -95.20 -43.34
CA GLN Y 558 -63.49 -95.30 -41.89
C GLN Y 558 -62.18 -95.88 -41.38
N PHE Y 559 -61.55 -96.75 -42.14
CA PHE Y 559 -60.43 -97.45 -41.54
C PHE Y 559 -59.10 -96.87 -41.94
N ASN Y 560 -59.13 -95.76 -42.67
CA ASN Y 560 -57.89 -95.09 -42.98
C ASN Y 560 -57.49 -94.05 -41.96
N TYR Y 561 -58.18 -94.06 -40.83
CA TYR Y 561 -58.02 -92.98 -39.86
C TYR Y 561 -57.79 -93.44 -38.43
N VAL Y 562 -57.46 -94.71 -38.26
CA VAL Y 562 -57.21 -95.25 -36.93
C VAL Y 562 -56.06 -96.21 -37.05
N PRO Y 563 -55.39 -96.52 -35.94
CA PRO Y 563 -54.31 -97.50 -36.05
C PRO Y 563 -54.85 -98.91 -36.23
N SER Y 564 -53.97 -99.88 -36.12
CA SER Y 564 -54.30 -101.26 -36.42
C SER Y 564 -54.25 -102.18 -35.22
N ASN Y 565 -54.26 -103.45 -35.53
CA ASN Y 565 -54.10 -104.50 -34.57
C ASN Y 565 -52.70 -104.39 -33.96
N ILE Y 566 -51.75 -103.94 -34.80
CA ILE Y 566 -50.39 -103.59 -34.41
C ILE Y 566 -50.32 -102.08 -34.36
N GLY Y 567 -49.12 -101.51 -34.47
CA GLY Y 567 -49.00 -100.08 -34.44
C GLY Y 567 -49.37 -99.33 -35.70
N GLY Y 568 -50.52 -99.67 -36.30
CA GLY Y 568 -51.05 -98.92 -37.44
C GLY Y 568 -49.97 -98.89 -38.48
N MET Y 569 -49.89 -97.86 -39.34
CA MET Y 569 -50.88 -96.82 -39.54
C MET Y 569 -50.67 -96.16 -40.90
N LYS Y 570 -51.64 -95.32 -41.28
CA LYS Y 570 -51.79 -94.85 -42.64
C LYS Y 570 -52.29 -93.42 -42.69
N ILE Y 571 -51.77 -92.64 -43.61
CA ILE Y 571 -52.33 -91.32 -43.85
C ILE Y 571 -52.71 -91.19 -45.29
N VAL Y 572 -53.95 -90.79 -45.55
CA VAL Y 572 -54.48 -90.93 -46.89
C VAL Y 572 -54.69 -89.63 -47.65
N TYR Y 573 -54.31 -89.64 -48.92
CA TYR Y 573 -54.66 -88.63 -49.94
C TYR Y 573 -56.07 -88.13 -49.77
N GLU Y 574 -56.27 -86.80 -49.73
CA GLU Y 574 -57.62 -86.26 -49.48
C GLU Y 574 -58.03 -84.89 -49.97
N LYS Y 575 -57.71 -84.54 -51.20
CA LYS Y 575 -58.34 -83.38 -51.86
C LYS Y 575 -58.17 -82.09 -51.10
N SER Y 576 -58.94 -81.06 -51.47
CA SER Y 576 -58.81 -79.77 -50.82
C SER Y 576 -59.81 -78.69 -51.22
N GLN Y 577 -60.28 -78.68 -52.46
CA GLN Y 577 -61.17 -77.60 -52.88
C GLN Y 577 -62.58 -78.12 -53.09
N LEU Y 578 -63.23 -78.56 -52.01
CA LEU Y 578 -64.42 -79.38 -52.12
C LEU Y 578 -65.68 -78.61 -52.48
N ALA Y 579 -65.74 -77.36 -52.05
CA ALA Y 579 -66.95 -76.59 -52.23
C ALA Y 579 -66.90 -75.87 -53.56
N PRO Y 580 -68.05 -75.75 -54.20
CA PRO Y 580 -68.15 -75.07 -55.48
C PRO Y 580 -67.91 -73.57 -55.36
N ARG Y 581 -67.50 -72.92 -56.45
CA ARG Y 581 -67.25 -71.48 -56.41
C ARG Y 581 -68.23 -70.77 -57.32
N LYS Y 582 -67.75 -70.32 -58.47
CA LYS Y 582 -68.52 -69.54 -59.42
C LYS Y 582 -67.55 -68.74 -60.23
N LEU Y 583 -67.32 -69.13 -61.47
CA LEU Y 583 -66.44 -68.32 -62.30
C LEU Y 583 -67.13 -67.07 -62.67
N TYR Y 584 -68.36 -67.22 -63.14
CA TYR Y 584 -69.04 -66.17 -63.83
C TYR Y 584 -70.53 -66.16 -63.48
N GLY Z 37 -26.58 -9.77 -80.34
CA GLY Z 37 -25.48 -9.30 -81.16
C GLY Z 37 -25.33 -10.13 -82.43
N VAL Z 38 -24.15 -10.07 -83.05
CA VAL Z 38 -23.91 -10.78 -84.31
C VAL Z 38 -24.19 -12.27 -84.18
N GLY Z 39 -23.44 -12.96 -83.33
CA GLY Z 39 -23.53 -14.40 -83.25
C GLY Z 39 -24.56 -14.92 -82.28
N ILE Z 40 -25.60 -14.14 -82.05
CA ILE Z 40 -26.65 -14.53 -81.09
C ILE Z 40 -28.06 -14.37 -81.67
N SER Z 41 -28.81 -15.47 -81.68
CA SER Z 41 -30.18 -15.47 -82.21
C SER Z 41 -31.07 -14.57 -81.39
N THR Z 42 -32.11 -14.04 -82.02
CA THR Z 42 -32.95 -13.07 -81.34
C THR Z 42 -34.40 -13.52 -81.30
N GLY Z 43 -34.62 -14.81 -81.47
CA GLY Z 43 -35.96 -15.37 -81.46
C GLY Z 43 -36.01 -16.88 -81.65
N THR Z 44 -37.22 -17.43 -81.64
CA THR Z 44 -37.39 -18.85 -81.81
C THR Z 44 -38.53 -19.23 -82.74
N PHE Z 45 -38.25 -20.17 -83.62
CA PHE Z 45 -39.26 -20.67 -84.54
C PHE Z 45 -40.33 -21.49 -83.83
N ASN Z 46 -41.59 -21.10 -84.03
CA ASN Z 46 -42.73 -21.88 -83.49
C ASN Z 46 -43.98 -21.80 -84.35
N ASN Z 47 -44.30 -22.92 -85.01
CA ASN Z 47 -45.48 -23.03 -85.86
C ASN Z 47 -46.40 -24.08 -85.27
N GLN Z 48 -46.62 -23.96 -83.97
CA GLN Z 48 -47.31 -24.98 -83.19
C GLN Z 48 -48.73 -24.50 -82.89
N THR Z 49 -49.71 -25.40 -82.93
CA THR Z 49 -51.10 -24.99 -82.68
C THR Z 49 -51.65 -25.62 -81.40
N GLU Z 50 -51.92 -24.78 -80.42
CA GLU Z 50 -52.30 -25.24 -79.09
C GLU Z 50 -53.78 -25.03 -78.82
N PHE Z 51 -54.42 -26.08 -78.31
CA PHE Z 51 -55.83 -26.06 -77.93
C PHE Z 51 -55.93 -26.17 -76.44
N LYS Z 52 -56.19 -25.07 -75.75
CA LYS Z 52 -56.24 -25.12 -74.29
C LYS Z 52 -57.68 -25.05 -73.79
N PHE Z 53 -58.20 -26.16 -73.29
CA PHE Z 53 -59.61 -26.25 -72.93
C PHE Z 53 -59.91 -25.71 -71.55
N LEU Z 54 -61.01 -24.96 -71.43
CA LEU Z 54 -61.41 -24.38 -70.15
C LEU Z 54 -62.77 -24.93 -69.75
N GLU Z 55 -63.40 -24.37 -68.73
CA GLU Z 55 -64.71 -24.91 -68.34
C GLU Z 55 -65.85 -24.23 -69.08
N ASN Z 56 -67.01 -24.90 -69.05
CA ASN Z 56 -68.17 -24.51 -69.83
C ASN Z 56 -67.80 -24.45 -71.31
N GLY Z 57 -66.97 -25.41 -71.71
CA GLY Z 57 -66.66 -25.67 -73.08
C GLY Z 57 -66.07 -24.53 -73.88
N TRP Z 58 -65.46 -23.56 -73.22
CA TRP Z 58 -64.76 -22.55 -73.97
C TRP Z 58 -63.33 -23.02 -74.19
N VAL Z 59 -62.88 -22.94 -75.43
CA VAL Z 59 -61.54 -23.37 -75.79
C VAL Z 59 -60.67 -22.17 -76.17
N TYR Z 60 -59.37 -22.34 -76.08
CA TYR Z 60 -58.44 -21.25 -76.20
C TYR Z 60 -57.44 -21.64 -77.29
N ILE Z 61 -57.79 -21.36 -78.54
CA ILE Z 61 -56.95 -21.76 -79.64
C ILE Z 61 -55.85 -20.76 -79.87
N THR Z 62 -54.63 -21.17 -79.61
CA THR Z 62 -53.50 -20.28 -79.79
C THR Z 62 -52.70 -20.82 -80.94
N ALA Z 63 -52.82 -20.13 -82.08
CA ALA Z 63 -52.15 -20.54 -83.29
C ALA Z 63 -50.84 -19.79 -83.49
N ASN Z 64 -49.75 -20.53 -83.44
CA ASN Z 64 -48.45 -19.96 -83.71
C ASN Z 64 -48.03 -20.24 -85.13
N SER Z 65 -47.35 -19.27 -85.73
CA SER Z 65 -46.94 -19.35 -87.11
C SER Z 65 -45.58 -18.72 -87.29
N SER Z 66 -44.67 -19.45 -87.90
CA SER Z 66 -43.34 -18.91 -88.09
C SER Z 66 -42.87 -19.17 -89.50
N ARG Z 67 -42.23 -18.19 -90.10
CA ARG Z 67 -41.80 -18.30 -91.50
C ARG Z 67 -40.45 -17.69 -91.70
N LEU Z 68 -39.69 -18.22 -92.65
CA LEU Z 68 -38.47 -17.55 -93.08
C LEU Z 68 -38.79 -16.68 -94.28
N VAL Z 69 -38.39 -15.43 -94.25
CA VAL Z 69 -38.78 -14.46 -95.26
C VAL Z 69 -37.60 -13.94 -96.07
N HIS Z 70 -37.81 -13.83 -97.37
CA HIS Z 70 -36.78 -13.42 -98.31
C HIS Z 70 -37.13 -12.07 -98.90
N LEU Z 71 -36.18 -11.15 -99.01
CA LEU Z 71 -36.53 -9.81 -99.48
C LEU Z 71 -35.42 -9.14 -100.24
N ASN Z 72 -35.69 -8.70 -101.47
CA ASN Z 72 -34.70 -7.99 -102.25
C ASN Z 72 -34.91 -6.51 -102.22
N MET Z 73 -33.89 -5.78 -102.62
CA MET Z 73 -33.97 -4.34 -102.56
C MET Z 73 -34.95 -3.84 -103.58
N PRO Z 74 -35.47 -2.63 -103.39
CA PRO Z 74 -36.45 -2.13 -104.36
C PRO Z 74 -35.85 -1.93 -105.73
N GLU Z 75 -36.72 -1.97 -106.74
CA GLU Z 75 -36.34 -1.63 -108.10
C GLU Z 75 -35.83 -0.20 -108.14
N SER Z 76 -36.52 0.69 -107.44
CA SER Z 76 -35.98 2.03 -107.26
C SER Z 76 -36.48 2.57 -105.93
N GLU Z 77 -35.71 3.47 -105.34
CA GLU Z 77 -36.02 3.98 -104.02
C GLU Z 77 -37.10 5.03 -104.09
N ASN Z 78 -37.91 5.00 -105.14
CA ASN Z 78 -38.86 6.07 -105.36
C ASN Z 78 -40.33 5.72 -105.23
N TYR Z 79 -41.12 6.72 -104.88
CA TYR Z 79 -42.56 6.59 -104.97
C TYR Z 79 -42.94 7.00 -106.39
N ARG Z 80 -43.85 6.24 -107.00
CA ARG Z 80 -44.26 6.50 -108.35
C ARG Z 80 -45.78 6.52 -108.52
N ARG Z 81 -46.29 7.49 -109.27
CA ARG Z 81 -47.69 7.47 -109.69
C ARG Z 81 -47.83 6.87 -111.09
N VAL Z 82 -48.32 5.64 -111.16
CA VAL Z 82 -48.41 4.93 -112.41
C VAL Z 82 -49.85 4.81 -112.90
N VAL Z 83 -50.09 4.94 -114.20
CA VAL Z 83 -51.45 4.71 -114.68
C VAL Z 83 -51.50 3.48 -115.57
N VAL Z 84 -52.50 2.64 -115.36
CA VAL Z 84 -52.75 1.52 -116.25
C VAL Z 84 -53.96 1.83 -117.10
N ASN Z 85 -53.89 1.56 -118.38
CA ASN Z 85 -54.99 1.86 -119.28
C ASN Z 85 -54.95 0.91 -120.45
N ASN Z 86 -55.80 -0.10 -120.41
CA ASN Z 86 -55.88 -1.07 -121.49
C ASN Z 86 -57.03 -0.77 -122.46
N LEU Z 87 -56.85 0.23 -123.32
CA LEU Z 87 -57.81 0.49 -124.37
C LEU Z 87 -57.76 -0.66 -125.35
N ASP Z 88 -56.61 -1.33 -125.35
CA ASP Z 88 -56.35 -2.51 -126.15
C ASP Z 88 -57.40 -3.60 -125.97
N LYS Z 89 -58.09 -3.59 -124.84
CA LYS Z 89 -59.07 -4.61 -124.56
C LYS Z 89 -60.47 -4.02 -124.48
N THR Z 90 -60.57 -2.75 -124.08
CA THR Z 90 -61.87 -2.14 -123.85
C THR Z 90 -62.46 -1.57 -125.13
N ALA Z 91 -61.59 -1.19 -126.08
CA ALA Z 91 -62.07 -0.61 -127.33
C ALA Z 91 -62.74 -1.66 -128.21
N VAL Z 92 -62.73 -2.91 -127.75
CA VAL Z 92 -63.22 -4.05 -128.49
C VAL Z 92 -64.74 -4.02 -128.68
N ASN Z 93 -65.42 -3.29 -127.80
CA ASN Z 93 -66.89 -3.23 -127.77
C ASN Z 93 -67.44 -4.60 -127.43
N GLY Z 94 -68.15 -4.66 -126.30
CA GLY Z 94 -68.58 -5.93 -125.78
C GLY Z 94 -67.53 -6.44 -124.82
N ASN Z 95 -66.49 -5.64 -124.61
CA ASN Z 95 -65.47 -6.01 -123.64
C ASN Z 95 -65.39 -5.06 -122.45
N MET Z 96 -66.51 -4.43 -122.07
CA MET Z 96 -66.49 -3.46 -120.97
C MET Z 96 -66.03 -4.11 -119.69
N ALA Z 97 -66.49 -5.33 -119.47
CA ALA Z 97 -66.19 -6.03 -118.24
C ALA Z 97 -64.70 -6.34 -118.03
N LEU Z 98 -63.86 -6.16 -119.05
CA LEU Z 98 -62.45 -6.49 -118.92
C LEU Z 98 -61.57 -5.29 -118.58
N ASP Z 99 -62.21 -4.24 -118.08
CA ASP Z 99 -61.48 -3.03 -117.74
C ASP Z 99 -60.45 -3.26 -116.64
N ASP Z 100 -59.24 -2.77 -116.87
CA ASP Z 100 -58.21 -2.79 -115.85
C ASP Z 100 -57.71 -1.38 -115.60
N THR Z 101 -58.40 -0.39 -116.14
CA THR Z 101 -57.89 0.98 -116.13
C THR Z 101 -57.96 1.59 -114.72
N HIS Z 102 -56.80 2.00 -114.21
CA HIS Z 102 -56.68 2.60 -112.88
C HIS Z 102 -55.36 3.29 -112.65
N ALA Z 103 -55.26 4.02 -111.53
CA ALA Z 103 -54.01 4.69 -111.14
C ALA Z 103 -53.50 4.15 -109.79
N GLU Z 104 -52.21 4.27 -109.55
CA GLU Z 104 -51.56 3.50 -108.50
C GLU Z 104 -50.27 4.17 -108.03
N ILE Z 105 -50.01 4.14 -106.72
CA ILE Z 105 -48.74 4.60 -106.21
C ILE Z 105 -47.89 3.40 -105.89
N VAL Z 106 -46.72 3.34 -106.49
CA VAL Z 106 -45.81 2.21 -106.32
C VAL Z 106 -44.74 2.57 -105.29
N THR Z 107 -44.61 1.77 -104.24
CA THR Z 107 -43.73 2.11 -103.12
C THR Z 107 -42.48 1.24 -103.06
N PRO Z 108 -41.40 1.76 -102.46
CA PRO Z 108 -40.18 0.97 -102.29
C PRO Z 108 -40.25 -0.03 -101.13
N TRP Z 109 -41.44 -0.10 -100.57
CA TRP Z 109 -41.69 -0.91 -99.40
C TRP Z 109 -42.36 -2.19 -99.80
N SER Z 110 -42.21 -3.22 -98.98
CA SER Z 110 -42.96 -4.44 -99.15
C SER Z 110 -43.90 -4.63 -97.95
N LEU Z 111 -44.99 -5.36 -98.15
CA LEU Z 111 -45.95 -5.59 -97.07
C LEU Z 111 -45.94 -7.03 -96.60
N VAL Z 112 -45.88 -7.19 -95.29
CA VAL Z 112 -46.01 -8.51 -94.69
C VAL Z 112 -47.44 -8.71 -94.19
N ASP Z 113 -48.26 -9.37 -95.01
CA ASP Z 113 -49.66 -9.60 -94.64
C ASP Z 113 -49.77 -11.07 -94.30
N ALA Z 114 -50.34 -11.38 -93.14
CA ALA Z 114 -50.54 -12.79 -92.77
C ALA Z 114 -51.99 -13.08 -92.56
N ASN Z 115 -52.82 -12.23 -93.15
CA ASN Z 115 -54.27 -12.29 -93.01
C ASN Z 115 -54.89 -13.29 -93.97
N ALA Z 116 -54.77 -14.58 -93.63
CA ALA Z 116 -55.37 -15.66 -94.40
C ALA Z 116 -55.30 -16.97 -93.63
N TRP Z 117 -56.35 -17.78 -93.69
CA TRP Z 117 -56.45 -18.96 -92.84
C TRP Z 117 -55.26 -19.89 -92.99
N GLY Z 118 -54.70 -19.97 -94.17
CA GLY Z 118 -53.62 -20.91 -94.38
C GLY Z 118 -52.31 -20.61 -93.68
N VAL Z 119 -52.20 -19.40 -93.16
CA VAL Z 119 -50.99 -18.96 -92.49
C VAL Z 119 -50.93 -19.58 -91.11
N TRP Z 120 -52.10 -19.92 -90.58
CA TRP Z 120 -52.18 -20.30 -89.19
C TRP Z 120 -52.55 -21.78 -88.94
N PHE Z 121 -53.31 -22.37 -89.86
CA PHE Z 121 -53.78 -23.75 -89.65
C PHE Z 121 -53.46 -24.73 -90.79
N ASN Z 122 -53.03 -25.92 -90.41
CA ASN Z 122 -52.89 -26.99 -91.37
C ASN Z 122 -54.23 -27.69 -91.52
N PRO Z 123 -54.36 -28.60 -92.48
CA PRO Z 123 -55.65 -29.26 -92.64
C PRO Z 123 -56.19 -29.93 -91.39
N GLY Z 124 -55.32 -30.71 -90.74
CA GLY Z 124 -55.69 -31.40 -89.53
C GLY Z 124 -56.25 -30.51 -88.43
N ASP Z 125 -55.61 -29.37 -88.20
CA ASP Z 125 -56.14 -28.41 -87.25
C ASP Z 125 -57.52 -27.96 -87.67
N TRP Z 126 -57.65 -27.58 -88.93
CA TRP Z 126 -58.90 -27.08 -89.42
C TRP Z 126 -59.97 -28.11 -89.25
N GLN Z 127 -59.61 -29.38 -89.41
CA GLN Z 127 -60.57 -30.45 -89.23
C GLN Z 127 -61.19 -30.31 -87.88
N LEU Z 128 -60.31 -30.19 -86.87
CA LEU Z 128 -60.70 -30.14 -85.48
C LEU Z 128 -61.62 -28.97 -85.19
N ILE Z 129 -61.20 -27.80 -85.62
CA ILE Z 129 -61.96 -26.60 -85.37
C ILE Z 129 -63.36 -26.75 -85.89
N VAL Z 130 -63.44 -27.11 -87.16
CA VAL Z 130 -64.69 -27.17 -87.89
C VAL Z 130 -65.62 -28.31 -87.49
N ASN Z 131 -65.06 -29.47 -87.19
CA ASN Z 131 -65.90 -30.59 -86.83
C ASN Z 131 -66.42 -30.51 -85.41
N THR Z 132 -65.71 -29.80 -84.54
CA THR Z 132 -66.03 -29.91 -83.12
C THR Z 132 -66.54 -28.65 -82.44
N MET Z 133 -66.47 -27.49 -83.07
CA MET Z 133 -66.84 -26.31 -82.33
C MET Z 133 -67.89 -25.46 -82.99
N SER Z 134 -68.72 -24.82 -82.18
CA SER Z 134 -69.94 -24.21 -82.71
C SER Z 134 -69.73 -22.79 -83.12
N GLU Z 135 -68.81 -22.10 -82.46
CA GLU Z 135 -68.52 -20.75 -82.87
C GLU Z 135 -67.08 -20.36 -82.57
N LEU Z 136 -66.69 -19.17 -82.98
CA LEU Z 136 -65.29 -18.78 -83.02
C LEU Z 136 -65.07 -17.29 -82.75
N HIS Z 137 -64.28 -16.96 -81.74
CA HIS Z 137 -63.98 -15.56 -81.49
C HIS Z 137 -62.55 -15.22 -81.83
N LEU Z 138 -62.38 -14.01 -82.33
CA LEU Z 138 -61.08 -13.50 -82.68
C LEU Z 138 -60.60 -12.71 -81.50
N VAL Z 139 -59.51 -13.17 -80.87
CA VAL Z 139 -59.11 -12.61 -79.59
C VAL Z 139 -57.97 -11.60 -79.64
N SER Z 140 -56.82 -12.06 -80.13
CA SER Z 140 -55.59 -11.24 -80.07
C SER Z 140 -54.63 -11.56 -81.18
N PHE Z 141 -53.68 -10.68 -81.39
CA PHE Z 141 -52.73 -10.86 -82.47
C PHE Z 141 -51.39 -10.19 -82.18
N GLU Z 142 -50.30 -10.95 -82.27
CA GLU Z 142 -49.00 -10.35 -82.09
C GLU Z 142 -48.00 -10.96 -83.08
N GLN Z 143 -46.96 -10.21 -83.40
CA GLN Z 143 -45.97 -10.64 -84.35
C GLN Z 143 -44.67 -9.95 -84.09
N GLU Z 144 -43.58 -10.63 -84.45
CA GLU Z 144 -42.21 -10.11 -84.33
C GLU Z 144 -41.32 -10.56 -85.48
N ILE Z 145 -40.21 -9.83 -85.67
CA ILE Z 145 -39.23 -10.12 -86.71
C ILE Z 145 -37.89 -10.39 -86.06
N PHE Z 146 -37.24 -11.50 -86.39
CA PHE Z 146 -36.00 -11.82 -85.72
C PHE Z 146 -34.99 -12.53 -86.60
N ASN Z 147 -33.77 -12.67 -86.08
CA ASN Z 147 -32.66 -13.24 -86.83
C ASN Z 147 -32.53 -12.62 -88.19
N VAL Z 148 -32.47 -11.30 -88.20
CA VAL Z 148 -32.32 -10.55 -89.43
C VAL Z 148 -30.96 -10.82 -90.02
N VAL Z 149 -30.92 -10.99 -91.34
CA VAL Z 149 -29.69 -11.21 -92.06
C VAL Z 149 -29.67 -10.32 -93.28
N LEU Z 150 -28.54 -9.68 -93.52
CA LEU Z 150 -28.34 -8.92 -94.74
C LEU Z 150 -27.10 -9.38 -95.44
N LYS Z 151 -27.24 -9.66 -96.72
CA LYS Z 151 -26.13 -10.10 -97.55
C LYS Z 151 -26.05 -9.24 -98.80
N THR Z 152 -24.83 -9.06 -99.31
CA THR Z 152 -24.62 -8.38 -100.57
C THR Z 152 -24.25 -9.42 -101.60
N VAL Z 153 -24.74 -9.26 -102.83
CA VAL Z 153 -24.33 -10.18 -103.90
C VAL Z 153 -22.90 -9.85 -104.19
N SER Z 154 -22.63 -9.10 -105.26
CA SER Z 154 -21.28 -8.63 -105.48
C SER Z 154 -20.25 -9.78 -105.54
N GLU Z 155 -20.16 -10.59 -106.60
CA GLU Z 155 -20.64 -10.38 -107.98
C GLU Z 155 -19.75 -11.34 -108.78
N SER Z 156 -19.39 -10.91 -110.00
CA SER Z 156 -18.33 -11.53 -110.80
C SER Z 156 -17.05 -11.92 -110.04
N ALA Z 157 -16.89 -13.20 -109.74
CA ALA Z 157 -15.69 -13.74 -109.12
C ALA Z 157 -15.66 -15.28 -109.10
N THR Z 158 -14.92 -15.99 -109.96
CA THR Z 158 -14.15 -15.48 -111.09
C THR Z 158 -14.07 -16.65 -112.09
N GLN Z 159 -13.87 -16.27 -113.34
CA GLN Z 159 -14.05 -17.05 -114.57
C GLN Z 159 -14.56 -18.51 -114.68
N PRO Z 160 -15.87 -18.64 -114.78
CA PRO Z 160 -16.86 -19.07 -115.77
C PRO Z 160 -18.08 -18.15 -115.93
N PRO Z 161 -18.24 -17.11 -115.09
CA PRO Z 161 -17.55 -16.54 -113.92
C PRO Z 161 -18.16 -16.71 -112.53
N THR Z 162 -19.37 -17.24 -112.45
CA THR Z 162 -20.10 -17.50 -111.19
C THR Z 162 -20.34 -16.27 -110.30
N LYS Z 163 -21.20 -16.43 -109.28
CA LYS Z 163 -21.55 -15.36 -108.32
C LYS Z 163 -21.21 -15.76 -106.88
N VAL Z 164 -21.00 -14.76 -106.02
CA VAL Z 164 -20.63 -14.99 -104.64
C VAL Z 164 -21.33 -14.01 -103.71
N TYR Z 165 -21.78 -14.53 -102.57
CA TYR Z 165 -22.60 -13.79 -101.62
C TYR Z 165 -21.95 -13.56 -100.25
N ASN Z 166 -21.83 -12.30 -99.85
CA ASN Z 166 -21.22 -11.97 -98.56
C ASN Z 166 -22.19 -11.31 -97.58
N ASN Z 167 -21.87 -11.40 -96.30
CA ASN Z 167 -22.59 -10.68 -95.28
C ASN Z 167 -22.23 -9.22 -95.23
N ASP Z 168 -23.21 -8.33 -95.14
CA ASP Z 168 -22.94 -6.95 -94.72
C ASP Z 168 -23.39 -6.79 -93.31
N LEU Z 169 -22.47 -6.96 -92.37
CA LEU Z 169 -22.84 -7.01 -90.96
C LEU Z 169 -23.41 -5.70 -90.47
N THR Z 170 -22.88 -4.59 -90.95
CA THR Z 170 -23.35 -3.30 -90.53
C THR Z 170 -24.61 -2.82 -91.22
N ALA Z 171 -25.08 -3.55 -92.22
CA ALA Z 171 -26.25 -3.13 -92.98
C ALA Z 171 -27.54 -3.36 -92.23
N SER Z 172 -28.58 -2.59 -92.58
CA SER Z 172 -29.85 -2.59 -91.85
C SER Z 172 -31.06 -2.91 -92.70
N LEU Z 173 -32.07 -3.51 -92.07
CA LEU Z 173 -33.38 -3.75 -92.67
C LEU Z 173 -34.41 -2.82 -92.05
N MET Z 174 -35.08 -2.03 -92.87
CA MET Z 174 -36.03 -1.04 -92.37
C MET Z 174 -37.39 -1.67 -92.11
N VAL Z 175 -37.93 -1.45 -90.92
CA VAL Z 175 -39.24 -1.97 -90.55
C VAL Z 175 -40.08 -0.84 -89.99
N ALA Z 176 -41.34 -0.80 -90.40
CA ALA Z 176 -42.26 0.22 -89.94
C ALA Z 176 -43.60 -0.42 -89.67
N LEU Z 177 -44.20 -0.12 -88.53
CA LEU Z 177 -45.50 -0.68 -88.19
C LEU Z 177 -46.50 0.45 -88.13
N ASP Z 178 -47.46 0.48 -89.05
CA ASP Z 178 -48.41 1.59 -89.13
C ASP Z 178 -49.51 1.30 -88.18
N SER Z 179 -49.18 1.46 -86.91
CA SER Z 179 -50.06 1.05 -85.84
C SER Z 179 -51.25 1.98 -85.68
N ASN Z 180 -51.22 3.14 -86.32
CA ASN Z 180 -52.39 4.01 -86.29
C ASN Z 180 -53.36 3.79 -87.43
N ASN Z 181 -53.03 2.83 -88.29
CA ASN Z 181 -53.74 2.63 -89.55
C ASN Z 181 -53.89 3.98 -90.28
N THR Z 182 -52.75 4.67 -90.41
CA THR Z 182 -52.68 5.95 -91.12
C THR Z 182 -52.87 5.73 -92.59
N MET Z 183 -52.48 4.55 -93.03
CA MET Z 183 -52.32 4.29 -94.43
C MET Z 183 -53.27 3.30 -95.04
N PRO Z 184 -53.45 3.37 -96.37
CA PRO Z 184 -54.52 2.59 -96.97
C PRO Z 184 -54.42 1.11 -96.64
N PHE Z 185 -55.56 0.53 -96.32
CA PHE Z 185 -55.63 -0.86 -95.94
C PHE Z 185 -55.60 -1.67 -97.23
N THR Z 186 -54.61 -2.53 -97.37
CA THR Z 186 -54.48 -3.33 -98.56
C THR Z 186 -54.23 -4.76 -98.17
N PRO Z 187 -55.29 -5.49 -97.83
CA PRO Z 187 -55.14 -6.91 -97.49
C PRO Z 187 -54.66 -7.73 -98.68
N ALA Z 188 -53.61 -8.50 -98.47
CA ALA Z 188 -52.97 -9.18 -99.58
C ALA Z 188 -53.69 -10.42 -99.96
N ALA Z 189 -54.69 -10.80 -99.19
CA ALA Z 189 -55.43 -12.03 -99.46
C ALA Z 189 -56.25 -11.96 -100.76
N MET Z 190 -56.67 -10.76 -101.14
CA MET Z 190 -57.53 -10.58 -102.29
C MET Z 190 -56.81 -10.89 -103.56
N ARG Z 191 -55.49 -10.86 -103.49
CA ARG Z 191 -54.63 -11.05 -104.64
C ARG Z 191 -53.73 -12.24 -104.44
N SER Z 192 -54.09 -13.08 -103.47
CA SER Z 192 -53.31 -14.27 -103.08
C SER Z 192 -51.83 -13.97 -102.93
N GLU Z 193 -51.52 -12.94 -102.17
CA GLU Z 193 -50.15 -12.46 -102.05
C GLU Z 193 -49.76 -12.31 -100.58
N THR Z 194 -50.26 -13.24 -99.76
CA THR Z 194 -49.92 -13.25 -98.35
C THR Z 194 -48.66 -14.05 -98.15
N LEU Z 195 -48.37 -14.41 -96.90
CA LEU Z 195 -47.22 -15.27 -96.66
C LEU Z 195 -47.56 -16.68 -97.10
N GLY Z 196 -46.56 -17.54 -97.20
CA GLY Z 196 -46.77 -18.93 -97.57
C GLY Z 196 -47.59 -19.71 -96.56
N PHE Z 197 -48.27 -20.75 -97.03
CA PHE Z 197 -49.09 -21.58 -96.15
C PHE Z 197 -48.34 -22.79 -95.67
N TYR Z 198 -47.05 -22.86 -96.00
CA TYR Z 198 -46.23 -23.99 -95.57
C TYR Z 198 -45.10 -23.49 -94.66
N PRO Z 199 -44.97 -24.07 -93.46
CA PRO Z 199 -43.93 -23.71 -92.49
C PRO Z 199 -42.53 -24.04 -93.00
N TRP Z 200 -42.37 -25.16 -93.68
CA TRP Z 200 -41.04 -25.62 -94.01
C TRP Z 200 -40.58 -25.08 -95.35
N LYS Z 201 -41.42 -24.28 -95.98
CA LYS Z 201 -41.03 -23.65 -97.21
C LYS Z 201 -40.91 -22.16 -97.00
N PRO Z 202 -39.74 -21.59 -97.31
CA PRO Z 202 -39.53 -20.13 -97.20
C PRO Z 202 -40.50 -19.33 -98.06
N THR Z 203 -40.59 -18.03 -97.84
CA THR Z 203 -41.54 -17.18 -98.55
C THR Z 203 -41.11 -15.72 -98.69
N ILE Z 204 -42.02 -14.87 -99.14
CA ILE Z 204 -41.67 -13.49 -99.40
C ILE Z 204 -42.86 -12.61 -99.11
N PRO Z 205 -42.60 -11.32 -98.84
CA PRO Z 205 -43.67 -10.33 -98.83
C PRO Z 205 -44.01 -9.96 -100.23
N THR Z 206 -44.91 -9.00 -100.38
CA THR Z 206 -45.18 -8.48 -101.70
C THR Z 206 -45.02 -6.98 -101.69
N PRO Z 207 -44.54 -6.44 -102.79
CA PRO Z 207 -44.32 -5.00 -102.94
C PRO Z 207 -45.59 -4.25 -102.71
N TRP Z 208 -45.53 -3.22 -101.88
CA TRP Z 208 -46.71 -2.48 -101.52
C TRP Z 208 -47.05 -1.39 -102.53
N ARG Z 209 -48.34 -1.18 -102.75
CA ARG Z 209 -48.83 -0.27 -103.77
C ARG Z 209 -50.22 0.14 -103.34
N TYR Z 210 -50.70 1.34 -103.67
CA TYR Z 210 -52.05 1.66 -103.25
C TYR Z 210 -52.75 2.59 -104.23
N TYR Z 211 -54.06 2.66 -104.13
CA TYR Z 211 -54.82 3.37 -105.15
C TYR Z 211 -54.66 4.88 -105.06
N PHE Z 212 -54.42 5.49 -106.21
CA PHE Z 212 -54.35 6.93 -106.34
C PHE Z 212 -55.55 7.35 -107.17
N GLN Z 213 -56.21 8.45 -106.83
CA GLN Z 213 -57.50 8.75 -107.45
C GLN Z 213 -57.40 9.03 -108.95
N TRP Z 214 -58.42 8.60 -109.69
CA TRP Z 214 -58.51 8.90 -111.13
C TRP Z 214 -59.96 8.93 -111.56
N ASP Z 215 -60.31 9.87 -112.43
CA ASP Z 215 -61.62 9.90 -113.07
C ASP Z 215 -61.61 9.02 -114.30
N ARG Z 216 -62.77 8.52 -114.71
CA ARG Z 216 -62.80 7.51 -115.76
C ARG Z 216 -64.21 7.24 -116.24
N THR Z 217 -64.41 7.28 -117.56
CA THR Z 217 -65.71 6.95 -118.13
C THR Z 217 -65.54 5.78 -119.09
N LEU Z 218 -66.51 4.87 -119.08
CA LEU Z 218 -66.55 3.79 -120.04
C LEU Z 218 -67.99 3.45 -120.32
N ILE Z 219 -68.46 3.76 -121.52
CA ILE Z 219 -69.83 3.43 -121.89
C ILE Z 219 -69.89 1.99 -122.36
N PRO Z 220 -70.79 1.19 -121.79
CA PRO Z 220 -70.90 -0.21 -122.15
C PRO Z 220 -71.39 -0.42 -123.59
N SER Z 221 -71.25 -1.64 -124.10
CA SER Z 221 -71.54 -1.89 -125.51
C SER Z 221 -71.72 -3.37 -125.84
N HIS Z 222 -72.11 -3.66 -127.08
CA HIS Z 222 -72.23 -5.03 -127.57
C HIS Z 222 -71.38 -5.17 -128.81
N THR Z 223 -71.23 -6.41 -129.30
CA THR Z 223 -70.34 -6.67 -130.42
C THR Z 223 -70.79 -5.93 -131.66
N GLY Z 224 -72.10 -5.79 -131.76
CA GLY Z 224 -72.73 -5.12 -132.87
C GLY Z 224 -72.53 -3.63 -133.03
N THR Z 225 -72.24 -2.97 -131.92
CA THR Z 225 -72.25 -1.52 -131.85
C THR Z 225 -71.41 -0.84 -132.93
N SER Z 226 -72.05 0.10 -133.63
CA SER Z 226 -71.36 0.99 -134.56
C SER Z 226 -70.46 1.98 -133.85
N GLY Z 227 -69.64 2.71 -134.61
CA GLY Z 227 -68.82 3.74 -134.02
C GLY Z 227 -67.94 3.36 -132.84
N THR Z 228 -67.37 4.39 -132.21
CA THR Z 228 -66.53 4.21 -131.04
C THR Z 228 -67.22 4.75 -129.79
N PRO Z 229 -67.65 3.83 -128.93
CA PRO Z 229 -68.29 4.16 -127.65
C PRO Z 229 -67.26 4.88 -126.79
N THR Z 230 -67.68 6.00 -126.19
CA THR Z 230 -66.73 6.87 -125.51
C THR Z 230 -66.00 6.16 -124.38
N ASN Z 231 -64.68 6.23 -124.43
CA ASN Z 231 -63.81 5.48 -123.54
C ASN Z 231 -62.58 6.25 -123.18
N ILE Z 232 -62.69 7.10 -122.16
CA ILE Z 232 -61.64 8.05 -121.84
C ILE Z 232 -61.21 7.93 -120.38
N TYR Z 233 -59.95 8.29 -120.14
CA TYR Z 233 -59.38 8.45 -118.82
C TYR Z 233 -59.22 9.96 -118.63
N HIS Z 234 -60.07 10.56 -117.80
CA HIS Z 234 -60.14 12.01 -117.71
C HIS Z 234 -58.97 12.69 -117.02
N GLY Z 235 -58.38 12.01 -116.04
CA GLY Z 235 -57.27 12.57 -115.29
C GLY Z 235 -57.42 12.34 -113.80
N THR Z 236 -57.29 13.40 -113.02
CA THR Z 236 -57.33 13.27 -111.56
C THR Z 236 -58.01 14.44 -110.87
N ASP Z 237 -59.07 14.17 -110.12
CA ASP Z 237 -59.78 15.20 -109.35
C ASP Z 237 -58.84 15.66 -108.25
N PRO Z 238 -58.39 16.92 -108.32
CA PRO Z 238 -57.40 17.40 -107.35
C PRO Z 238 -57.88 17.31 -105.92
N ASP Z 239 -59.19 17.43 -105.75
CA ASP Z 239 -59.77 17.45 -104.42
C ASP Z 239 -59.73 16.08 -103.78
N ASP Z 240 -59.28 15.09 -104.53
CA ASP Z 240 -59.33 13.72 -104.07
C ASP Z 240 -57.92 13.14 -104.00
N VAL Z 241 -56.90 14.00 -104.05
CA VAL Z 241 -55.53 13.50 -104.09
C VAL Z 241 -54.98 13.15 -102.73
N GLN Z 242 -54.58 11.88 -102.55
CA GLN Z 242 -53.86 11.53 -101.33
C GLN Z 242 -52.59 10.73 -101.57
N PHE Z 243 -51.46 11.41 -101.43
CA PHE Z 243 -50.14 10.81 -101.59
C PHE Z 243 -49.51 10.53 -100.23
N TYR Z 244 -49.44 9.24 -99.87
CA TYR Z 244 -48.93 8.84 -98.58
C TYR Z 244 -47.51 8.39 -98.80
N THR Z 245 -46.65 8.60 -97.81
CA THR Z 245 -45.33 7.96 -97.78
C THR Z 245 -45.22 7.33 -96.45
N ILE Z 246 -44.56 6.19 -96.38
CA ILE Z 246 -44.27 5.58 -95.09
C ILE Z 246 -43.50 6.56 -94.23
N GLU Z 247 -42.50 7.19 -94.84
CA GLU Z 247 -41.55 7.97 -94.09
C GLU Z 247 -42.17 9.09 -93.29
N ASN Z 248 -43.19 9.74 -93.82
CA ASN Z 248 -43.75 10.86 -93.09
C ASN Z 248 -44.89 10.49 -92.13
N SER Z 249 -45.31 9.23 -92.13
CA SER Z 249 -46.47 8.81 -91.34
C SER Z 249 -46.11 7.85 -90.22
N VAL Z 250 -45.12 7.00 -90.45
CA VAL Z 250 -44.83 5.90 -89.52
C VAL Z 250 -43.36 5.92 -89.06
N PRO Z 251 -43.13 5.72 -87.76
CA PRO Z 251 -41.74 5.63 -87.28
C PRO Z 251 -41.09 4.36 -87.77
N VAL Z 252 -39.88 4.50 -88.32
CA VAL Z 252 -39.13 3.38 -88.87
C VAL Z 252 -37.98 2.93 -88.00
N HIS Z 253 -37.93 1.62 -87.74
CA HIS Z 253 -36.86 1.04 -86.95
C HIS Z 253 -35.83 0.47 -87.90
N LEU Z 254 -34.56 0.66 -87.59
CA LEU Z 254 -33.51 0.03 -88.38
C LEU Z 254 -32.99 -1.21 -87.69
N LEU Z 255 -33.13 -2.37 -88.32
CA LEU Z 255 -32.65 -3.60 -87.70
C LEU Z 255 -31.39 -4.16 -88.35
N ARG Z 256 -30.30 -4.29 -87.58
CA ARG Z 256 -29.12 -5.02 -88.03
C ARG Z 256 -29.23 -6.48 -87.57
N THR Z 257 -28.19 -7.28 -87.73
CA THR Z 257 -28.33 -8.71 -87.46
C THR Z 257 -28.80 -9.02 -86.07
N GLY Z 258 -28.24 -8.34 -85.08
CA GLY Z 258 -28.58 -8.62 -83.71
C GLY Z 258 -29.85 -7.98 -83.19
N ASP Z 259 -30.52 -7.19 -84.02
CA ASP Z 259 -31.70 -6.48 -83.56
C ASP Z 259 -32.93 -7.35 -83.77
N GLU Z 260 -33.99 -7.01 -83.07
CA GLU Z 260 -35.25 -7.68 -83.24
C GLU Z 260 -36.34 -6.64 -83.10
N PHE Z 261 -37.50 -6.89 -83.71
CA PHE Z 261 -38.63 -6.00 -83.57
C PHE Z 261 -39.90 -6.74 -83.30
N ALA Z 262 -40.57 -6.35 -82.23
CA ALA Z 262 -41.83 -6.98 -81.84
C ALA Z 262 -42.94 -5.97 -81.70
N THR Z 263 -44.14 -6.39 -82.06
CA THR Z 263 -45.32 -5.56 -81.97
C THR Z 263 -45.92 -5.80 -80.62
N GLY Z 264 -46.95 -5.03 -80.28
CA GLY Z 264 -47.61 -5.27 -79.02
C GLY Z 264 -48.42 -6.55 -79.07
N THR Z 265 -49.39 -6.67 -78.18
CA THR Z 265 -50.42 -7.65 -78.39
C THR Z 265 -51.73 -6.90 -78.65
N PHE Z 266 -52.25 -7.02 -79.87
CA PHE Z 266 -53.47 -6.33 -80.22
C PHE Z 266 -54.70 -7.15 -79.87
N PHE Z 267 -55.66 -6.50 -79.22
CA PHE Z 267 -56.91 -7.15 -78.87
C PHE Z 267 -58.05 -6.72 -79.75
N PHE Z 268 -58.76 -7.70 -80.31
CA PHE Z 268 -59.83 -7.41 -81.26
C PHE Z 268 -61.15 -7.07 -80.62
N ASP Z 269 -62.07 -6.54 -81.41
CA ASP Z 269 -63.47 -6.63 -81.02
C ASP Z 269 -64.35 -6.69 -82.24
N CYS Z 270 -65.01 -7.84 -82.40
CA CYS Z 270 -65.91 -8.12 -83.49
C CYS Z 270 -66.95 -9.13 -82.98
N LYS Z 271 -67.93 -9.47 -83.81
CA LYS Z 271 -68.89 -10.50 -83.43
C LYS Z 271 -68.21 -11.85 -83.63
N PRO Z 272 -68.76 -12.90 -83.03
CA PRO Z 272 -68.29 -14.27 -83.29
C PRO Z 272 -68.71 -14.82 -84.63
N CYS Z 273 -67.85 -15.63 -85.21
CA CYS Z 273 -68.15 -16.32 -86.44
C CYS Z 273 -68.68 -17.70 -86.15
N ARG Z 274 -69.83 -18.06 -86.73
CA ARG Z 274 -70.47 -19.32 -86.34
C ARG Z 274 -70.04 -20.43 -87.26
N LEU Z 275 -69.91 -21.63 -86.74
CA LEU Z 275 -69.44 -22.73 -87.55
C LEU Z 275 -70.54 -23.71 -87.80
N THR Z 276 -71.74 -23.18 -88.02
CA THR Z 276 -72.88 -23.99 -88.38
C THR Z 276 -73.68 -23.33 -89.52
N HIS Z 277 -74.23 -24.16 -90.39
CA HIS Z 277 -75.01 -23.67 -91.51
C HIS Z 277 -76.50 -23.78 -91.24
N THR Z 278 -77.27 -22.84 -91.77
CA THR Z 278 -78.72 -22.92 -91.66
C THR Z 278 -79.30 -23.45 -92.96
N TRP Z 279 -80.30 -24.32 -92.85
CA TRP Z 279 -80.81 -24.95 -94.04
C TRP Z 279 -82.21 -24.52 -94.39
N GLN Z 280 -82.87 -23.83 -93.49
CA GLN Z 280 -84.28 -23.56 -93.72
C GLN Z 280 -84.47 -22.34 -94.57
N THR Z 281 -85.29 -22.48 -95.60
CA THR Z 281 -85.78 -21.37 -96.39
C THR Z 281 -87.16 -21.10 -95.93
N ASN Z 282 -87.80 -20.08 -96.49
CA ASN Z 282 -89.15 -19.77 -96.12
C ASN Z 282 -90.07 -20.97 -96.15
N ARG Z 283 -89.85 -21.89 -97.07
CA ARG Z 283 -90.80 -22.98 -97.27
C ARG Z 283 -90.79 -23.96 -96.13
N ALA Z 284 -89.89 -23.75 -95.17
CA ALA Z 284 -89.80 -24.62 -94.01
C ALA Z 284 -89.66 -23.85 -92.71
N LEU Z 285 -90.51 -22.85 -92.50
CA LEU Z 285 -90.51 -22.10 -91.26
C LEU Z 285 -91.82 -22.26 -90.52
N GLY Z 286 -91.78 -22.92 -89.38
CA GLY Z 286 -92.93 -22.95 -88.53
C GLY Z 286 -93.67 -24.27 -88.57
N LEU Z 287 -94.96 -24.18 -88.35
CA LEU Z 287 -95.80 -25.36 -88.25
C LEU Z 287 -96.22 -25.89 -89.60
N PRO Z 288 -95.82 -27.12 -89.91
CA PRO Z 288 -96.27 -27.76 -91.15
C PRO Z 288 -97.78 -27.98 -91.14
N PRO Z 289 -98.39 -28.05 -92.33
CA PRO Z 289 -99.83 -28.21 -92.33
C PRO Z 289 -100.16 -29.60 -91.87
N PHE Z 290 -101.21 -29.76 -91.08
CA PHE Z 290 -101.54 -31.06 -90.51
C PHE Z 290 -101.96 -32.04 -91.56
N LEU Z 291 -101.39 -33.24 -91.56
CA LEU Z 291 -101.79 -34.26 -92.54
C LEU Z 291 -102.93 -35.15 -92.07
N ASN Z 292 -104.04 -35.13 -92.79
CA ASN Z 292 -105.20 -35.94 -92.44
C ASN Z 292 -105.15 -37.35 -93.04
N SER Z 293 -104.22 -37.57 -93.96
CA SER Z 293 -104.04 -38.89 -94.56
C SER Z 293 -102.59 -39.29 -94.57
N LEU Z 294 -102.23 -40.19 -93.65
CA LEU Z 294 -100.86 -40.63 -93.60
C LEU Z 294 -100.69 -41.92 -94.38
N PRO Z 295 -99.54 -42.08 -95.03
CA PRO Z 295 -99.25 -43.25 -95.86
C PRO Z 295 -99.31 -44.52 -95.08
N GLN Z 296 -99.51 -45.63 -95.76
CA GLN Z 296 -99.71 -46.88 -95.08
C GLN Z 296 -98.81 -48.01 -95.56
N SER Z 297 -97.87 -47.69 -96.45
CA SER Z 297 -96.80 -48.62 -96.79
C SER Z 297 -95.56 -47.83 -97.14
N GLU Z 298 -94.39 -48.39 -96.88
CA GLU Z 298 -93.12 -47.72 -97.11
C GLU Z 298 -92.94 -47.56 -98.61
N GLY Z 299 -92.06 -46.69 -99.05
CA GLY Z 299 -91.79 -46.64 -100.47
C GLY Z 299 -91.56 -45.30 -101.08
N GLY Z 300 -91.50 -45.25 -102.41
CA GLY Z 300 -91.00 -44.08 -103.09
C GLY Z 300 -92.08 -43.17 -103.63
N THR Z 301 -93.32 -43.64 -103.66
CA THR Z 301 -94.41 -42.79 -104.12
C THR Z 301 -95.63 -42.87 -103.22
N ASN Z 302 -95.47 -43.45 -102.03
CA ASN Z 302 -96.56 -43.48 -101.06
C ASN Z 302 -96.61 -42.20 -100.28
N PHE Z 303 -97.05 -41.15 -100.93
CA PHE Z 303 -97.06 -39.84 -100.32
C PHE Z 303 -98.16 -39.72 -99.28
N GLY Z 304 -98.02 -38.75 -98.38
CA GLY Z 304 -99.09 -38.43 -97.47
C GLY Z 304 -99.83 -37.25 -98.06
N TYR Z 305 -101.08 -37.08 -97.68
CA TYR Z 305 -101.87 -36.03 -98.28
C TYR Z 305 -102.47 -35.13 -97.22
N ILE Z 306 -102.36 -33.82 -97.43
CA ILE Z 306 -102.96 -32.85 -96.52
C ILE Z 306 -104.42 -33.15 -96.37
N GLY Z 307 -105.13 -33.27 -97.49
CA GLY Z 307 -106.48 -33.75 -97.40
C GLY Z 307 -107.51 -32.69 -97.08
N VAL Z 308 -107.27 -31.47 -97.50
CA VAL Z 308 -108.30 -30.44 -97.45
C VAL Z 308 -108.22 -29.59 -98.71
N GLN Z 309 -109.37 -29.23 -99.30
CA GLN Z 309 -109.35 -28.39 -100.49
C GLN Z 309 -108.58 -27.11 -100.24
N GLN Z 310 -107.73 -26.75 -101.20
CA GLN Z 310 -106.83 -25.65 -101.02
C GLN Z 310 -107.54 -24.34 -100.72
N ASP Z 311 -108.79 -24.23 -101.13
CA ASP Z 311 -109.49 -22.98 -100.92
C ASP Z 311 -110.45 -23.02 -99.74
N LYS Z 312 -110.44 -24.13 -99.00
CA LYS Z 312 -111.28 -24.24 -97.83
C LYS Z 312 -110.41 -24.43 -96.59
N ARG Z 313 -109.16 -23.97 -96.67
CA ARG Z 313 -108.18 -24.21 -95.62
C ARG Z 313 -108.10 -23.06 -94.64
N ARG Z 314 -107.64 -23.36 -93.42
CA ARG Z 314 -107.48 -22.37 -92.38
C ARG Z 314 -106.05 -21.90 -92.26
N GLY Z 315 -105.85 -20.64 -91.88
CA GLY Z 315 -104.52 -20.08 -91.74
C GLY Z 315 -104.41 -18.64 -92.17
N VAL Z 316 -103.16 -18.15 -92.30
CA VAL Z 316 -102.90 -16.74 -92.63
C VAL Z 316 -102.04 -16.59 -93.87
N THR Z 317 -102.46 -15.72 -94.78
CA THR Z 317 -101.63 -15.39 -95.93
C THR Z 317 -101.63 -13.90 -96.09
N GLN Z 318 -100.79 -13.41 -96.99
CA GLN Z 318 -100.78 -11.98 -97.29
C GLN Z 318 -101.42 -11.69 -98.63
N MET Z 319 -102.34 -12.55 -99.01
CA MET Z 319 -103.02 -12.40 -100.26
C MET Z 319 -104.49 -12.11 -100.11
N GLY Z 320 -104.84 -10.83 -100.04
CA GLY Z 320 -106.20 -10.40 -99.85
C GLY Z 320 -107.18 -10.95 -100.88
N ASN Z 321 -106.67 -11.44 -102.01
CA ASN Z 321 -107.53 -11.96 -103.08
C ASN Z 321 -108.09 -13.36 -102.82
N THR Z 322 -107.29 -14.39 -103.05
CA THR Z 322 -107.81 -15.76 -103.03
C THR Z 322 -107.93 -16.30 -101.63
N ASN Z 323 -108.69 -17.38 -101.49
CA ASN Z 323 -108.78 -18.07 -100.22
C ASN Z 323 -107.91 -19.31 -100.27
N TYR Z 324 -107.10 -19.38 -101.32
CA TYR Z 324 -106.13 -20.45 -101.46
C TYR Z 324 -105.09 -20.30 -100.35
N ILE Z 325 -104.84 -21.37 -99.61
CA ILE Z 325 -103.74 -21.37 -98.65
C ILE Z 325 -102.84 -22.53 -98.94
N THR Z 326 -101.74 -22.25 -99.62
CA THR Z 326 -100.81 -23.30 -99.97
C THR Z 326 -99.44 -23.02 -99.41
N GLU Z 327 -98.56 -24.01 -99.44
CA GLU Z 327 -97.21 -23.83 -98.93
C GLU Z 327 -96.45 -22.68 -99.59
N ALA Z 328 -96.71 -22.37 -100.85
CA ALA Z 328 -96.03 -21.24 -101.49
C ALA Z 328 -96.73 -19.95 -101.20
N THR Z 329 -97.90 -20.06 -100.59
CA THR Z 329 -98.76 -18.92 -100.36
C THR Z 329 -98.77 -18.46 -98.90
N ILE Z 330 -98.69 -19.44 -98.01
CA ILE Z 330 -98.81 -19.24 -96.57
C ILE Z 330 -97.85 -18.20 -96.00
N MET Z 331 -98.35 -17.38 -95.08
CA MET Z 331 -97.52 -16.37 -94.47
C MET Z 331 -96.33 -16.99 -93.79
N ARG Z 332 -95.20 -16.31 -93.85
CA ARG Z 332 -94.05 -16.72 -93.08
C ARG Z 332 -93.64 -15.49 -92.31
N PRO Z 333 -92.96 -15.68 -91.18
CA PRO Z 333 -92.64 -14.56 -90.28
C PRO Z 333 -91.75 -13.48 -90.86
N ALA Z 334 -90.80 -13.84 -91.71
CA ALA Z 334 -89.98 -12.86 -92.43
C ALA Z 334 -89.34 -13.53 -93.63
N GLU Z 335 -88.23 -12.99 -94.14
CA GLU Z 335 -87.63 -13.62 -95.30
C GLU Z 335 -86.14 -13.94 -95.23
N VAL Z 336 -85.86 -15.20 -95.49
CA VAL Z 336 -84.53 -15.74 -95.45
C VAL Z 336 -83.84 -15.53 -96.78
N GLY Z 337 -82.76 -14.76 -96.76
CA GLY Z 337 -82.00 -14.45 -97.96
C GLY Z 337 -82.62 -13.32 -98.76
N TYR Z 338 -81.99 -12.96 -99.86
CA TYR Z 338 -82.54 -11.91 -100.67
C TYR Z 338 -82.12 -12.10 -102.12
N SER Z 339 -82.94 -11.58 -103.02
CA SER Z 339 -82.63 -11.65 -104.44
C SER Z 339 -81.93 -10.36 -104.87
N ALA Z 340 -80.80 -10.51 -105.54
CA ALA Z 340 -79.97 -9.37 -105.92
C ALA Z 340 -79.57 -9.44 -107.37
N PRO Z 341 -79.37 -8.28 -108.00
CA PRO Z 341 -79.05 -8.21 -109.41
C PRO Z 341 -77.81 -8.99 -109.78
N TYR Z 342 -77.78 -9.59 -110.95
CA TYR Z 342 -76.66 -10.43 -111.35
C TYR Z 342 -76.68 -10.57 -112.87
N TYR Z 343 -75.53 -10.53 -113.56
CA TYR Z 343 -74.22 -10.06 -113.08
C TYR Z 343 -74.21 -8.55 -113.16
N SER Z 344 -74.51 -7.86 -112.07
CA SER Z 344 -74.69 -6.42 -112.17
C SER Z 344 -73.39 -5.64 -112.10
N PHE Z 345 -73.20 -4.69 -113.02
CA PHE Z 345 -72.08 -3.76 -112.94
C PHE Z 345 -72.60 -2.33 -112.81
N GLU Z 346 -72.03 -1.57 -111.87
CA GLU Z 346 -72.44 -0.18 -111.64
C GLU Z 346 -71.22 0.69 -111.85
N ALA Z 347 -71.41 1.97 -112.08
CA ALA Z 347 -70.26 2.80 -112.39
C ALA Z 347 -70.35 4.12 -111.67
N SER Z 348 -69.22 4.52 -111.08
CA SER Z 348 -69.11 5.82 -110.48
C SER Z 348 -67.73 6.34 -110.77
N THR Z 349 -67.54 7.63 -110.55
CA THR Z 349 -66.26 8.34 -110.71
C THR Z 349 -65.07 7.58 -111.34
N GLN Z 350 -64.80 6.37 -110.89
CA GLN Z 350 -63.59 5.66 -111.30
C GLN Z 350 -63.81 4.45 -112.18
N GLY Z 351 -65.01 4.30 -112.69
CA GLY Z 351 -65.25 3.23 -113.62
C GLY Z 351 -66.27 2.27 -113.08
N PRO Z 352 -66.54 1.22 -113.83
CA PRO Z 352 -67.59 0.28 -113.46
C PRO Z 352 -67.05 -0.87 -112.63
N PHE Z 353 -67.92 -1.50 -111.83
CA PHE Z 353 -67.53 -2.61 -110.99
C PHE Z 353 -68.69 -3.56 -110.72
N LYS Z 354 -68.40 -4.84 -110.50
CA LYS Z 354 -69.46 -5.80 -110.23
C LYS Z 354 -70.14 -5.46 -108.93
N THR Z 355 -71.43 -5.71 -108.89
CA THR Z 355 -72.19 -5.57 -107.68
C THR Z 355 -72.10 -6.86 -106.88
N PRO Z 356 -71.67 -6.77 -105.63
CA PRO Z 356 -71.45 -7.94 -104.79
C PRO Z 356 -72.72 -8.52 -104.19
N ILE Z 357 -72.74 -9.82 -103.95
CA ILE Z 357 -73.93 -10.46 -103.44
C ILE Z 357 -73.56 -11.13 -102.13
N ALA Z 358 -74.54 -11.29 -101.24
CA ALA Z 358 -74.28 -11.89 -99.93
C ALA Z 358 -74.51 -13.40 -99.84
N ALA Z 359 -75.71 -13.86 -100.17
CA ALA Z 359 -76.15 -15.20 -99.77
C ALA Z 359 -75.42 -16.41 -100.39
N GLY Z 360 -76.20 -17.45 -100.71
CA GLY Z 360 -75.74 -18.67 -101.37
C GLY Z 360 -75.75 -19.60 -100.21
N ARG Z 361 -76.07 -20.89 -100.32
CA ARG Z 361 -76.41 -21.70 -101.50
C ARG Z 361 -77.86 -21.48 -101.88
N GLY Z 362 -78.22 -21.59 -103.15
CA GLY Z 362 -79.62 -21.42 -103.50
C GLY Z 362 -80.26 -22.55 -104.30
N GLY Z 363 -79.45 -23.26 -105.04
CA GLY Z 363 -79.95 -24.34 -105.86
C GLY Z 363 -80.14 -25.64 -105.15
N ALA Z 364 -81.01 -26.46 -105.72
CA ALA Z 364 -81.36 -27.76 -105.16
C ALA Z 364 -80.25 -28.76 -105.42
N GLN Z 365 -80.64 -29.90 -105.95
CA GLN Z 365 -79.73 -31.02 -106.13
C GLN Z 365 -78.70 -30.68 -107.20
N THR Z 366 -77.56 -30.18 -106.75
CA THR Z 366 -76.43 -29.85 -107.61
C THR Z 366 -76.79 -28.88 -108.74
N ASP Z 367 -77.93 -28.23 -108.61
CA ASP Z 367 -78.28 -27.14 -109.50
C ASP Z 367 -77.76 -26.00 -108.68
N GLU Z 368 -77.35 -24.92 -109.32
CA GLU Z 368 -76.85 -23.77 -108.59
C GLU Z 368 -76.57 -22.67 -109.56
N ASN Z 369 -77.07 -21.50 -109.24
CA ASN Z 369 -76.86 -20.35 -110.07
C ASN Z 369 -75.64 -19.60 -109.59
N GLN Z 370 -74.48 -20.25 -109.68
CA GLN Z 370 -73.22 -19.75 -109.13
C GLN Z 370 -72.99 -18.25 -109.07
N ALA Z 371 -73.88 -17.46 -109.67
CA ALA Z 371 -73.69 -16.02 -109.79
C ALA Z 371 -74.81 -15.28 -109.13
N ALA Z 372 -75.99 -15.89 -109.14
CA ALA Z 372 -77.14 -15.31 -108.49
C ALA Z 372 -76.94 -15.36 -107.00
N ASP Z 373 -76.12 -16.32 -106.58
CA ASP Z 373 -75.72 -16.45 -105.18
C ASP Z 373 -74.43 -15.70 -104.94
N GLY Z 374 -73.63 -15.53 -105.98
CA GLY Z 374 -72.44 -14.73 -105.82
C GLY Z 374 -71.38 -15.54 -105.13
N ASP Z 375 -71.28 -16.81 -105.50
CA ASP Z 375 -70.29 -17.69 -104.91
C ASP Z 375 -68.96 -17.31 -105.43
N PRO Z 376 -68.03 -17.12 -104.50
CA PRO Z 376 -66.67 -16.62 -104.68
C PRO Z 376 -65.74 -17.65 -105.30
N ARG Z 377 -64.83 -17.18 -106.14
CA ARG Z 377 -63.91 -18.06 -106.84
C ARG Z 377 -62.48 -17.58 -106.62
N TYR Z 378 -61.65 -18.50 -106.13
CA TYR Z 378 -60.29 -18.20 -105.67
C TYR Z 378 -59.20 -18.66 -106.63
N ALA Z 379 -58.25 -17.78 -106.95
CA ALA Z 379 -57.16 -18.17 -107.84
C ALA Z 379 -55.80 -17.95 -107.18
N PHE Z 380 -54.95 -18.98 -107.18
CA PHE Z 380 -53.74 -18.92 -106.35
C PHE Z 380 -52.59 -19.80 -106.82
N GLY Z 381 -51.41 -19.62 -106.27
CA GLY Z 381 -50.25 -20.29 -106.82
C GLY Z 381 -49.19 -20.87 -105.90
N ARG Z 382 -48.93 -22.17 -106.07
CA ARG Z 382 -47.91 -22.98 -105.37
C ARG Z 382 -47.62 -22.59 -103.94
N GLN Z 383 -47.33 -21.32 -103.74
CA GLN Z 383 -47.19 -20.78 -102.42
C GLN Z 383 -48.46 -20.97 -101.60
N HIS Z 384 -49.62 -21.02 -102.24
CA HIS Z 384 -50.87 -20.99 -101.48
C HIS Z 384 -51.84 -22.13 -101.78
N GLY Z 385 -51.35 -23.30 -102.15
CA GLY Z 385 -52.25 -24.43 -102.30
C GLY Z 385 -52.02 -25.24 -103.55
N GLN Z 386 -51.72 -24.58 -104.68
CA GLN Z 386 -51.49 -25.26 -105.97
C GLN Z 386 -50.40 -26.30 -105.78
N LYS Z 387 -50.48 -27.41 -106.51
CA LYS Z 387 -49.48 -28.47 -106.35
C LYS Z 387 -48.14 -27.85 -106.67
N THR Z 388 -47.20 -27.98 -105.75
CA THR Z 388 -45.96 -27.20 -105.82
C THR Z 388 -45.02 -27.65 -106.91
N THR Z 389 -45.29 -28.83 -107.46
CA THR Z 389 -44.51 -29.38 -108.56
C THR Z 389 -44.95 -28.87 -109.94
N THR Z 390 -46.13 -28.28 -110.01
CA THR Z 390 -46.67 -27.79 -111.26
C THR Z 390 -45.86 -26.66 -111.88
N THR Z 391 -45.37 -26.87 -113.10
CA THR Z 391 -44.77 -25.81 -113.89
C THR Z 391 -45.85 -25.08 -114.67
N GLY Z 392 -45.53 -23.90 -115.20
CA GLY Z 392 -46.50 -23.15 -115.98
C GLY Z 392 -47.15 -22.03 -115.18
N GLU Z 393 -47.61 -20.98 -115.86
CA GLU Z 393 -48.13 -19.81 -115.15
C GLU Z 393 -49.64 -19.84 -114.85
N THR Z 394 -50.29 -20.95 -115.17
CA THR Z 394 -51.74 -21.06 -114.96
C THR Z 394 -52.02 -21.51 -113.51
N PRO Z 395 -52.84 -20.72 -112.78
CA PRO Z 395 -53.17 -20.88 -111.36
C PRO Z 395 -54.14 -22.00 -111.08
N GLU Z 396 -54.16 -22.52 -109.86
CA GLU Z 396 -55.18 -23.48 -109.43
C GLU Z 396 -56.38 -22.68 -108.94
N ARG Z 397 -57.58 -23.26 -109.05
CA ARG Z 397 -58.79 -22.52 -108.74
C ARG Z 397 -59.85 -23.38 -108.06
N PHE Z 398 -60.84 -22.72 -107.48
CA PHE Z 398 -62.04 -23.39 -106.98
C PHE Z 398 -63.11 -22.35 -106.73
N THR Z 399 -64.37 -22.79 -106.68
CA THR Z 399 -65.45 -21.88 -106.32
C THR Z 399 -66.15 -22.39 -105.08
N TYR Z 400 -66.16 -21.56 -104.05
CA TYR Z 400 -66.71 -21.95 -102.77
C TYR Z 400 -68.23 -21.86 -102.77
N ILE Z 401 -68.88 -23.01 -102.70
CA ILE Z 401 -70.31 -22.98 -102.54
C ILE Z 401 -70.64 -23.41 -101.10
N ALA Z 402 -71.09 -22.42 -100.32
CA ALA Z 402 -71.27 -22.54 -98.87
C ALA Z 402 -72.33 -23.54 -98.47
N HIS Z 403 -72.32 -23.99 -97.23
CA HIS Z 403 -73.33 -24.97 -96.80
C HIS Z 403 -74.65 -24.37 -96.40
N GLN Z 404 -74.66 -23.08 -96.08
CA GLN Z 404 -75.87 -22.45 -95.60
C GLN Z 404 -76.87 -22.18 -96.74
N ASP Z 405 -78.00 -22.87 -96.74
CA ASP Z 405 -78.99 -22.71 -97.82
C ASP Z 405 -79.84 -21.44 -97.70
N THR Z 406 -79.29 -20.29 -98.12
CA THR Z 406 -80.02 -19.01 -98.08
C THR Z 406 -79.98 -18.19 -99.36
N GLY Z 407 -79.60 -18.82 -100.47
CA GLY Z 407 -79.50 -18.16 -101.76
C GLY Z 407 -80.75 -18.30 -102.63
N ARG Z 408 -80.59 -18.14 -103.94
CA ARG Z 408 -81.72 -18.20 -104.84
C ARG Z 408 -81.50 -19.13 -106.02
N TYR Z 409 -82.60 -19.65 -106.56
CA TYR Z 409 -82.62 -20.34 -107.84
C TYR Z 409 -83.59 -19.59 -108.72
N PRO Z 410 -83.16 -18.43 -109.24
CA PRO Z 410 -84.03 -17.45 -109.92
C PRO Z 410 -84.80 -18.02 -111.09
N GLU Z 411 -84.33 -19.14 -111.63
CA GLU Z 411 -85.05 -19.80 -112.69
C GLU Z 411 -86.44 -20.16 -112.20
N GLY Z 412 -86.57 -20.32 -110.89
CA GLY Z 412 -87.84 -20.65 -110.26
C GLY Z 412 -88.68 -19.50 -109.75
N ASP Z 413 -88.26 -18.26 -109.96
CA ASP Z 413 -88.98 -17.08 -109.50
C ASP Z 413 -90.12 -16.80 -110.46
N TRP Z 414 -91.13 -16.06 -110.04
CA TRP Z 414 -92.12 -15.53 -110.98
C TRP Z 414 -92.96 -14.45 -110.35
N ILE Z 415 -93.76 -13.77 -111.15
CA ILE Z 415 -94.63 -12.69 -110.66
C ILE Z 415 -96.01 -12.68 -111.28
N GLN Z 416 -97.05 -12.83 -110.48
CA GLN Z 416 -98.41 -12.85 -111.04
C GLN Z 416 -99.14 -11.52 -110.97
N ASN Z 417 -100.17 -11.40 -111.80
CA ASN Z 417 -101.02 -10.24 -111.81
C ASN Z 417 -101.82 -10.18 -110.55
N ILE Z 418 -102.24 -8.98 -110.17
CA ILE Z 418 -103.05 -8.76 -108.99
C ILE Z 418 -104.25 -9.69 -108.90
N ASN Z 419 -104.82 -10.11 -110.04
CA ASN Z 419 -106.12 -10.78 -110.02
C ASN Z 419 -106.07 -12.25 -109.59
N PHE Z 420 -104.92 -12.87 -109.76
CA PHE Z 420 -104.69 -14.23 -109.32
C PHE Z 420 -105.71 -15.23 -109.81
N ASN Z 421 -106.13 -15.11 -111.07
CA ASN Z 421 -106.97 -16.14 -111.65
C ASN Z 421 -106.10 -17.19 -112.32
N LEU Z 422 -106.10 -18.39 -111.76
CA LEU Z 422 -105.12 -19.38 -112.17
C LEU Z 422 -105.82 -20.70 -112.47
N PRO Z 423 -105.20 -21.56 -113.31
CA PRO Z 423 -103.93 -21.50 -114.05
C PRO Z 423 -103.74 -20.20 -114.82
N VAL Z 424 -102.56 -19.62 -114.70
CA VAL Z 424 -102.40 -18.22 -115.05
C VAL Z 424 -102.11 -18.00 -116.53
N THR Z 425 -102.71 -16.95 -117.08
CA THR Z 425 -102.45 -16.55 -118.44
C THR Z 425 -101.04 -16.01 -118.59
N ASP Z 426 -100.44 -16.22 -119.75
CA ASP Z 426 -99.14 -15.68 -120.06
C ASP Z 426 -99.18 -14.14 -120.05
N ASP Z 427 -100.35 -13.57 -120.26
CA ASP Z 427 -100.47 -12.12 -120.21
C ASP Z 427 -100.45 -11.67 -118.77
N ASN Z 428 -100.72 -12.60 -117.85
CA ASN Z 428 -100.81 -12.27 -116.42
C ASN Z 428 -99.63 -12.68 -115.53
N VAL Z 429 -98.56 -13.21 -116.10
CA VAL Z 429 -97.40 -13.59 -115.31
C VAL Z 429 -96.12 -13.14 -115.98
N LEU Z 430 -95.10 -12.85 -115.18
CA LEU Z 430 -93.78 -12.53 -115.73
C LEU Z 430 -92.80 -13.63 -115.30
N LEU Z 431 -92.34 -14.41 -116.26
CA LEU Z 431 -91.46 -15.52 -115.97
C LEU Z 431 -90.03 -15.12 -116.24
N PRO Z 432 -89.08 -15.89 -115.69
CA PRO Z 432 -87.69 -15.66 -116.08
C PRO Z 432 -87.38 -16.12 -117.50
N THR Z 433 -88.41 -16.52 -118.24
CA THR Z 433 -88.27 -16.87 -119.64
C THR Z 433 -88.55 -15.65 -120.47
N ASP Z 434 -89.48 -14.83 -120.02
CA ASP Z 434 -89.85 -13.65 -120.77
C ASP Z 434 -88.73 -12.63 -120.75
N PRO Z 435 -88.25 -12.26 -121.94
CA PRO Z 435 -87.16 -11.34 -122.18
C PRO Z 435 -87.49 -9.92 -121.79
N ILE Z 436 -86.45 -9.17 -121.42
CA ILE Z 436 -86.58 -7.83 -120.87
C ILE Z 436 -85.90 -6.83 -121.77
N GLY Z 437 -86.56 -5.73 -122.10
CA GLY Z 437 -85.94 -4.73 -122.95
C GLY Z 437 -85.59 -5.32 -124.30
N GLY Z 438 -86.28 -6.39 -124.68
CA GLY Z 438 -86.06 -7.01 -125.96
C GLY Z 438 -84.76 -7.76 -126.04
N LYS Z 439 -84.35 -8.37 -124.94
CA LYS Z 439 -83.14 -9.16 -124.97
C LYS Z 439 -83.39 -10.63 -124.67
N THR Z 440 -82.96 -11.49 -125.57
CA THR Z 440 -83.18 -12.93 -125.44
C THR Z 440 -82.64 -13.52 -124.15
N GLY Z 441 -81.43 -13.12 -123.76
CA GLY Z 441 -80.73 -13.66 -122.61
C GLY Z 441 -80.83 -12.90 -121.30
N ILE Z 442 -81.79 -12.00 -121.22
CA ILE Z 442 -82.01 -11.22 -120.01
C ILE Z 442 -83.45 -11.33 -119.57
N ASN Z 443 -83.67 -11.55 -118.28
CA ASN Z 443 -85.02 -11.59 -117.75
C ASN Z 443 -85.09 -10.71 -116.52
N TYR Z 444 -86.26 -10.65 -115.90
CA TYR Z 444 -86.46 -9.66 -114.86
C TYR Z 444 -85.60 -9.97 -113.65
N THR Z 445 -85.33 -11.24 -113.42
CA THR Z 445 -84.57 -11.61 -112.23
C THR Z 445 -83.14 -11.07 -112.28
N ASN Z 446 -82.68 -10.69 -113.46
CA ASN Z 446 -81.34 -10.17 -113.57
C ASN Z 446 -81.23 -8.79 -112.96
N ILE Z 447 -82.35 -8.10 -112.81
CA ILE Z 447 -82.33 -6.75 -112.22
C ILE Z 447 -83.10 -6.69 -110.92
N PHE Z 448 -83.51 -7.85 -110.43
CA PHE Z 448 -84.42 -7.95 -109.32
C PHE Z 448 -83.73 -7.68 -108.02
N ASN Z 449 -84.46 -7.14 -107.05
CA ASN Z 449 -83.91 -6.89 -105.72
C ASN Z 449 -84.95 -7.00 -104.59
N THR Z 450 -84.88 -8.07 -103.81
CA THR Z 450 -85.88 -8.29 -102.75
C THR Z 450 -85.31 -8.15 -101.36
N TYR Z 451 -84.30 -7.31 -101.24
CA TYR Z 451 -83.83 -6.93 -99.94
C TYR Z 451 -84.86 -6.03 -99.31
N GLY Z 452 -85.08 -6.20 -98.03
CA GLY Z 452 -86.10 -5.42 -97.38
C GLY Z 452 -86.10 -5.65 -95.90
N PRO Z 453 -86.91 -4.88 -95.19
CA PRO Z 453 -86.94 -4.91 -93.73
C PRO Z 453 -87.41 -6.23 -93.14
N LEU Z 454 -87.69 -7.23 -93.94
CA LEU Z 454 -87.99 -8.54 -93.38
C LEU Z 454 -86.88 -9.50 -93.74
N THR Z 455 -85.78 -8.95 -94.26
CA THR Z 455 -84.68 -9.78 -94.74
C THR Z 455 -83.83 -10.27 -93.58
N ALA Z 456 -83.54 -11.56 -93.58
CA ALA Z 456 -82.63 -12.13 -92.60
C ALA Z 456 -81.47 -12.77 -93.32
N LEU Z 457 -80.29 -12.72 -92.71
CA LEU Z 457 -79.02 -13.10 -93.34
C LEU Z 457 -77.97 -13.74 -92.44
N ASN Z 458 -77.03 -14.46 -93.03
CA ASN Z 458 -75.83 -14.79 -92.29
C ASN Z 458 -74.61 -14.05 -92.80
N ASN Z 459 -73.54 -14.14 -92.02
CA ASN Z 459 -72.27 -13.59 -92.43
C ASN Z 459 -71.59 -14.58 -93.35
N VAL Z 460 -70.58 -14.14 -94.09
CA VAL Z 460 -69.88 -15.03 -95.03
C VAL Z 460 -69.18 -16.07 -94.25
N PRO Z 461 -69.18 -17.29 -94.76
CA PRO Z 461 -68.43 -18.35 -94.08
C PRO Z 461 -66.95 -18.25 -94.39
N PRO Z 462 -66.12 -18.69 -93.46
CA PRO Z 462 -64.66 -18.67 -93.59
C PRO Z 462 -64.21 -19.66 -94.64
N VAL Z 463 -63.34 -19.19 -95.53
CA VAL Z 463 -62.88 -20.03 -96.61
C VAL Z 463 -61.43 -20.49 -96.39
N TYR Z 464 -61.24 -21.75 -96.01
CA TYR Z 464 -59.89 -22.27 -95.80
C TYR Z 464 -59.32 -22.91 -97.07
N PRO Z 465 -58.03 -22.66 -97.37
CA PRO Z 465 -57.11 -21.82 -96.63
C PRO Z 465 -56.93 -20.42 -97.22
N ASN Z 466 -57.49 -20.18 -98.40
CA ASN Z 466 -57.18 -18.96 -99.11
C ASN Z 466 -57.98 -17.77 -98.69
N GLY Z 467 -58.94 -17.99 -97.80
CA GLY Z 467 -59.78 -16.92 -97.32
C GLY Z 467 -59.11 -15.92 -96.40
N GLN Z 468 -59.65 -14.70 -96.38
CA GLN Z 468 -59.21 -13.63 -95.50
C GLN Z 468 -59.81 -13.90 -94.12
N ILE Z 469 -59.18 -13.38 -93.07
CA ILE Z 469 -59.68 -13.56 -91.71
C ILE Z 469 -60.34 -12.35 -91.10
N TRP Z 470 -59.63 -11.24 -91.03
CA TRP Z 470 -60.26 -10.04 -90.52
C TRP Z 470 -60.15 -8.92 -91.53
N ASP Z 471 -60.93 -7.87 -91.34
CA ASP Z 471 -60.96 -6.83 -92.34
C ASP Z 471 -61.32 -5.52 -91.66
N LYS Z 472 -60.71 -4.43 -92.07
CA LYS Z 472 -61.01 -3.12 -91.52
C LYS Z 472 -62.39 -2.72 -91.93
N GLU Z 473 -63.02 -1.83 -91.19
CA GLU Z 473 -64.35 -1.37 -91.55
C GLU Z 473 -64.23 -0.12 -92.40
N PHE Z 474 -65.17 0.07 -93.32
CA PHE Z 474 -65.18 1.27 -94.14
C PHE Z 474 -65.42 2.45 -93.23
N ASP Z 475 -64.70 3.55 -93.43
CA ASP Z 475 -64.94 4.72 -92.62
C ASP Z 475 -66.08 5.56 -93.18
N THR Z 476 -67.22 4.92 -93.40
CA THR Z 476 -68.40 5.65 -93.86
C THR Z 476 -69.33 5.87 -92.68
N ASP Z 477 -70.11 6.94 -92.70
CA ASP Z 477 -70.98 7.25 -91.59
C ASP Z 477 -71.97 6.13 -91.32
N LEU Z 478 -72.44 5.45 -92.37
CA LEU Z 478 -73.28 4.25 -92.23
C LEU Z 478 -72.55 3.05 -92.80
N LYS Z 479 -72.63 1.91 -92.13
CA LYS Z 479 -71.71 0.84 -92.43
C LYS Z 479 -72.35 -0.41 -92.98
N PRO Z 480 -71.55 -1.27 -93.64
CA PRO Z 480 -72.14 -2.47 -94.19
C PRO Z 480 -72.44 -3.44 -93.09
N ARG Z 481 -73.52 -4.19 -93.23
CA ARG Z 481 -73.89 -5.18 -92.24
C ARG Z 481 -72.95 -6.37 -92.27
N LEU Z 482 -72.11 -6.46 -93.30
CA LEU Z 482 -71.07 -7.47 -93.35
C LEU Z 482 -70.08 -7.15 -94.46
N HIS Z 483 -69.03 -7.96 -94.55
CA HIS Z 483 -68.10 -7.86 -95.67
C HIS Z 483 -68.12 -9.21 -96.29
N VAL Z 484 -67.81 -9.27 -97.58
CA VAL Z 484 -67.89 -10.54 -98.26
C VAL Z 484 -66.54 -11.20 -98.35
N ASN Z 485 -65.49 -10.48 -98.01
CA ASN Z 485 -64.16 -11.04 -98.13
C ASN Z 485 -63.65 -11.66 -96.86
N ALA Z 486 -64.30 -11.37 -95.73
CA ALA Z 486 -63.87 -11.85 -94.41
C ALA Z 486 -64.97 -11.95 -93.38
N PRO Z 487 -64.86 -12.91 -92.46
CA PRO Z 487 -65.87 -13.08 -91.42
C PRO Z 487 -65.79 -12.11 -90.23
N PHE Z 488 -64.61 -11.65 -89.87
CA PHE Z 488 -64.46 -10.70 -88.75
C PHE Z 488 -64.18 -9.28 -89.22
N VAL Z 489 -65.00 -8.32 -88.80
CA VAL Z 489 -64.74 -6.93 -89.16
C VAL Z 489 -64.51 -6.05 -87.94
N CYS Z 490 -63.39 -5.33 -87.95
CA CYS Z 490 -63.01 -4.44 -86.87
C CYS Z 490 -63.80 -3.15 -86.91
N GLN Z 491 -64.82 -3.01 -86.07
CA GLN Z 491 -65.57 -1.76 -86.03
C GLN Z 491 -64.66 -0.87 -85.23
N ASN Z 492 -64.02 -1.54 -84.29
CA ASN Z 492 -62.94 -1.04 -83.43
C ASN Z 492 -61.80 -0.29 -84.14
N ASN Z 493 -60.66 -0.97 -84.27
CA ASN Z 493 -59.40 -0.49 -84.83
C ASN Z 493 -58.78 -1.75 -85.35
N CYS Z 494 -58.19 -1.78 -86.53
CA CYS Z 494 -57.57 -3.03 -86.93
C CYS Z 494 -56.09 -2.97 -86.65
N PRO Z 495 -55.46 -4.15 -86.53
CA PRO Z 495 -54.02 -4.21 -86.38
C PRO Z 495 -53.37 -3.47 -87.51
N GLY Z 496 -52.28 -2.77 -87.24
CA GLY Z 496 -51.62 -2.00 -88.27
C GLY Z 496 -50.88 -2.86 -89.26
N GLN Z 497 -50.71 -2.34 -90.45
CA GLN Z 497 -50.00 -3.10 -91.45
C GLN Z 497 -48.52 -2.99 -91.23
N LEU Z 498 -47.81 -4.08 -91.53
CA LEU Z 498 -46.38 -4.18 -91.28
C LEU Z 498 -45.55 -4.12 -92.56
N PHE Z 499 -44.66 -3.15 -92.63
CA PHE Z 499 -43.91 -2.94 -93.85
C PHE Z 499 -42.44 -3.16 -93.60
N VAL Z 500 -41.77 -3.78 -94.56
CA VAL Z 500 -40.33 -3.98 -94.48
C VAL Z 500 -39.70 -3.31 -95.68
N LYS Z 501 -38.39 -3.13 -95.69
CA LYS Z 501 -37.68 -2.48 -96.80
C LYS Z 501 -36.18 -2.54 -96.59
N VAL Z 502 -35.45 -2.93 -97.62
CA VAL Z 502 -34.01 -2.96 -97.49
C VAL Z 502 -33.47 -1.55 -97.48
N ALA Z 503 -32.56 -1.30 -96.55
CA ALA Z 503 -31.93 0.01 -96.42
C ALA Z 503 -31.01 0.25 -97.60
N PRO Z 504 -31.00 1.49 -98.09
CA PRO Z 504 -30.16 1.90 -99.19
C PRO Z 504 -28.70 1.63 -98.90
N ASN Z 505 -28.10 0.68 -99.60
CA ASN Z 505 -26.70 0.34 -99.38
C ASN Z 505 -25.78 0.98 -100.41
N LEU Z 506 -25.35 2.22 -100.20
CA LEU Z 506 -24.73 2.96 -101.28
C LEU Z 506 -23.29 2.55 -101.58
N THR Z 507 -22.87 2.77 -102.81
CA THR Z 507 -21.46 2.64 -103.21
C THR Z 507 -20.78 3.96 -102.94
N ASN Z 508 -19.51 4.11 -103.31
CA ASN Z 508 -18.80 5.35 -102.95
C ASN Z 508 -19.06 6.56 -103.83
N GLN Z 509 -19.48 6.35 -105.07
CA GLN Z 509 -19.86 7.49 -105.89
C GLN Z 509 -21.37 7.61 -105.90
N TYR Z 510 -21.86 8.65 -105.25
CA TYR Z 510 -23.27 8.92 -105.17
C TYR Z 510 -23.42 10.43 -105.24
N ASP Z 511 -24.14 10.88 -106.25
CA ASP Z 511 -24.40 12.29 -106.41
C ASP Z 511 -25.89 12.51 -106.45
N PRO Z 512 -26.45 13.03 -105.36
CA PRO Z 512 -27.90 13.22 -105.39
C PRO Z 512 -28.28 14.28 -106.42
N ASP Z 513 -27.41 15.26 -106.69
CA ASP Z 513 -27.73 16.28 -107.70
C ASP Z 513 -27.68 15.73 -109.10
N ALA Z 514 -27.18 14.51 -109.24
CA ALA Z 514 -27.20 13.85 -110.55
C ALA Z 514 -28.53 13.18 -110.83
N SER Z 515 -29.05 13.40 -112.02
CA SER Z 515 -30.23 12.69 -112.51
C SER Z 515 -29.95 11.20 -112.61
N ALA Z 516 -28.69 10.90 -112.95
CA ALA Z 516 -28.22 9.55 -113.25
C ALA Z 516 -28.67 8.49 -112.26
N ASN Z 517 -28.55 7.23 -112.68
CA ASN Z 517 -28.99 6.12 -111.86
C ASN Z 517 -28.26 6.14 -110.52
N MET Z 518 -29.04 6.00 -109.46
CA MET Z 518 -28.45 5.90 -108.15
C MET Z 518 -27.86 4.51 -108.08
N SER Z 519 -26.56 4.48 -107.86
CA SER Z 519 -25.84 3.24 -107.80
C SER Z 519 -25.77 2.74 -106.38
N ARG Z 520 -26.30 1.56 -106.16
CA ARG Z 520 -26.38 0.96 -104.85
C ARG Z 520 -25.72 -0.41 -104.88
N ILE Z 521 -25.12 -0.84 -103.78
CA ILE Z 521 -24.67 -2.22 -103.72
C ILE Z 521 -25.87 -3.16 -103.76
N VAL Z 522 -25.77 -4.22 -104.56
CA VAL Z 522 -26.86 -5.15 -104.67
C VAL Z 522 -27.03 -5.86 -103.35
N THR Z 523 -28.17 -5.64 -102.73
CA THR Z 523 -28.38 -6.17 -101.39
C THR Z 523 -29.72 -6.86 -101.23
N TYR Z 524 -29.74 -7.88 -100.40
CA TYR Z 524 -31.00 -8.52 -100.08
C TYR Z 524 -31.03 -8.97 -98.63
N SER Z 525 -32.21 -9.33 -98.14
CA SER Z 525 -32.34 -9.71 -96.75
C SER Z 525 -33.09 -11.02 -96.51
N ASP Z 526 -32.61 -11.77 -95.52
CA ASP Z 526 -33.30 -12.92 -94.99
C ASP Z 526 -33.68 -12.58 -93.59
N PHE Z 527 -34.94 -12.76 -93.23
CA PHE Z 527 -35.32 -12.60 -91.83
C PHE Z 527 -36.46 -13.52 -91.49
N TRP Z 528 -36.59 -13.86 -90.22
CA TRP Z 528 -37.66 -14.73 -89.78
C TRP Z 528 -38.83 -13.93 -89.21
N TRP Z 529 -40.04 -14.42 -89.43
CA TRP Z 529 -41.28 -13.81 -88.93
C TRP Z 529 -42.04 -14.79 -88.09
N LYS Z 530 -42.47 -14.37 -86.90
CA LYS Z 530 -43.34 -15.19 -86.05
C LYS Z 530 -44.54 -14.38 -85.61
N GLY Z 531 -45.71 -15.01 -85.62
CA GLY Z 531 -46.94 -14.35 -85.23
C GLY Z 531 -47.70 -15.22 -84.25
N LYS Z 532 -48.58 -14.60 -83.48
CA LYS Z 532 -49.46 -15.38 -82.61
C LYS Z 532 -50.91 -14.88 -82.76
N LEU Z 533 -51.77 -15.76 -83.23
CA LEU Z 533 -53.17 -15.44 -83.41
C LEU Z 533 -53.99 -16.29 -82.45
N VAL Z 534 -54.76 -15.65 -81.58
CA VAL Z 534 -55.51 -16.38 -80.57
C VAL Z 534 -57.02 -16.36 -80.77
N PHE Z 535 -57.62 -17.55 -80.75
CA PHE Z 535 -59.06 -17.66 -80.83
C PHE Z 535 -59.63 -18.27 -79.57
N LYS Z 536 -60.92 -18.05 -79.37
CA LYS Z 536 -61.60 -18.67 -78.28
C LYS Z 536 -62.87 -19.19 -78.88
N ALA Z 537 -63.05 -20.51 -78.82
CA ALA Z 537 -64.16 -21.14 -79.50
C ALA Z 537 -65.01 -21.89 -78.51
N LYS Z 538 -66.16 -22.39 -78.96
CA LYS Z 538 -67.08 -23.07 -78.06
C LYS Z 538 -67.50 -24.41 -78.64
N LEU Z 539 -67.45 -25.46 -77.82
CA LEU Z 539 -67.74 -26.80 -78.29
C LEU Z 539 -69.22 -27.01 -78.63
N ARG Z 540 -69.49 -27.70 -79.74
CA ARG Z 540 -70.87 -27.95 -80.12
C ARG Z 540 -71.39 -29.15 -79.36
N ALA Z 541 -72.69 -29.33 -79.42
CA ALA Z 541 -73.36 -30.46 -78.79
C ALA Z 541 -74.39 -31.06 -79.73
N SER Z 542 -74.61 -32.36 -79.57
CA SER Z 542 -75.55 -33.10 -80.40
C SER Z 542 -76.98 -32.77 -79.98
N HIS Z 543 -77.81 -32.37 -80.94
CA HIS Z 543 -79.18 -32.05 -80.63
C HIS Z 543 -80.15 -32.99 -81.33
N THR Z 544 -79.59 -33.89 -82.12
CA THR Z 544 -80.41 -34.78 -82.90
C THR Z 544 -80.09 -36.25 -82.73
N TRP Z 545 -81.01 -37.09 -83.18
CA TRP Z 545 -80.83 -38.52 -83.15
C TRP Z 545 -79.78 -38.90 -84.19
N ASN Z 546 -79.82 -38.19 -85.31
CA ASN Z 546 -78.96 -38.49 -86.42
C ASN Z 546 -77.62 -37.83 -86.27
N PRO Z 547 -76.58 -38.44 -86.85
CA PRO Z 547 -75.29 -37.78 -86.94
C PRO Z 547 -75.31 -36.67 -87.97
N ILE Z 548 -74.17 -36.04 -88.23
CA ILE Z 548 -74.11 -34.89 -89.14
C ILE Z 548 -72.88 -34.83 -90.01
N GLN Z 549 -72.85 -33.84 -90.90
CA GLN Z 549 -71.72 -33.55 -91.77
C GLN Z 549 -70.43 -33.46 -90.96
N GLN Z 550 -69.34 -34.12 -91.33
CA GLN Z 550 -68.01 -33.82 -90.72
C GLN Z 550 -66.83 -34.14 -91.66
N MET Z 551 -65.70 -33.42 -91.58
CA MET Z 551 -64.58 -33.76 -92.46
C MET Z 551 -63.95 -35.09 -92.15
N SER Z 552 -63.40 -35.71 -93.18
CA SER Z 552 -62.52 -36.84 -92.99
C SER Z 552 -61.88 -37.24 -94.29
N ILE Z 553 -61.16 -38.35 -94.24
CA ILE Z 553 -60.74 -39.04 -95.43
C ILE Z 553 -61.20 -40.49 -95.28
N ASN Z 554 -61.76 -41.18 -96.28
CA ASN Z 554 -61.88 -40.97 -97.76
C ASN Z 554 -60.79 -41.69 -98.53
N VAL Z 555 -61.19 -42.61 -99.42
CA VAL Z 555 -60.22 -43.33 -100.24
C VAL Z 555 -59.98 -42.46 -101.44
N ASP Z 556 -61.01 -41.72 -101.84
CA ASP Z 556 -60.81 -40.52 -102.62
C ASP Z 556 -60.13 -39.55 -101.67
N ASN Z 557 -59.79 -38.35 -102.13
CA ASN Z 557 -59.44 -37.28 -101.18
C ASN Z 557 -58.07 -37.51 -100.48
N GLN Z 558 -57.89 -38.68 -99.89
CA GLN Z 558 -56.68 -39.09 -99.15
C GLN Z 558 -55.31 -38.65 -99.65
N PHE Z 559 -55.19 -38.20 -100.88
CA PHE Z 559 -53.85 -37.90 -101.38
C PHE Z 559 -53.56 -36.42 -101.41
N ASN Z 560 -54.54 -35.63 -100.98
CA ASN Z 560 -54.34 -34.20 -100.95
C ASN Z 560 -53.73 -33.72 -99.66
N TYR Z 561 -53.31 -34.66 -98.83
CA TYR Z 561 -52.88 -34.31 -97.49
C TYR Z 561 -51.54 -34.91 -97.15
N VAL Z 562 -50.85 -35.42 -98.15
CA VAL Z 562 -49.55 -36.00 -97.94
C VAL Z 562 -48.74 -35.51 -99.10
N PRO Z 563 -47.43 -35.46 -98.93
CA PRO Z 563 -46.60 -35.04 -100.04
C PRO Z 563 -46.52 -36.14 -101.07
N SER Z 564 -45.64 -35.97 -102.04
CA SER Z 564 -45.60 -36.87 -103.17
C SER Z 564 -44.29 -37.60 -103.28
N ASN Z 565 -44.15 -38.25 -104.42
CA ASN Z 565 -42.91 -38.89 -104.81
C ASN Z 565 -41.75 -37.91 -104.71
N ILE Z 566 -42.01 -36.66 -105.09
CA ILE Z 566 -41.06 -35.57 -104.94
C ILE Z 566 -41.51 -34.78 -103.74
N GLY Z 567 -41.08 -33.54 -103.59
CA GLY Z 567 -41.47 -32.80 -102.42
C GLY Z 567 -42.89 -32.25 -102.41
N GLY Z 568 -43.88 -33.08 -102.74
CA GLY Z 568 -45.29 -32.69 -102.61
C GLY Z 568 -45.46 -31.41 -103.40
N MET Z 569 -46.43 -30.55 -103.10
CA MET Z 569 -47.50 -30.79 -102.15
C MET Z 569 -48.64 -29.82 -102.45
N LYS Z 570 -49.75 -29.98 -101.74
CA LYS Z 570 -51.02 -29.38 -102.13
C LYS Z 570 -51.85 -29.03 -100.92
N ILE Z 571 -52.54 -27.91 -100.96
CA ILE Z 571 -53.51 -27.63 -99.90
C ILE Z 571 -54.88 -27.41 -100.51
N VAL Z 572 -55.89 -28.10 -99.99
CA VAL Z 572 -57.18 -28.12 -100.67
C VAL Z 572 -58.23 -27.28 -99.95
N TYR Z 573 -58.96 -26.46 -100.71
CA TYR Z 573 -60.07 -25.67 -100.15
C TYR Z 573 -60.98 -26.60 -99.38
N GLU Z 574 -61.57 -26.15 -98.28
CA GLU Z 574 -62.35 -27.10 -97.54
C GLU Z 574 -63.47 -26.67 -96.61
N LYS Z 575 -64.33 -25.79 -97.08
CA LYS Z 575 -65.60 -25.53 -96.37
C LYS Z 575 -65.33 -25.04 -94.97
N SER Z 576 -66.36 -25.04 -94.12
CA SER Z 576 -66.21 -24.50 -92.78
C SER Z 576 -67.39 -24.72 -91.85
N GLN Z 577 -68.62 -24.62 -92.35
CA GLN Z 577 -69.78 -24.64 -91.48
C GLN Z 577 -70.57 -25.94 -91.62
N LEU Z 578 -69.95 -27.02 -91.18
CA LEU Z 578 -70.45 -28.32 -91.56
C LEU Z 578 -71.72 -28.77 -90.84
N ALA Z 579 -71.91 -28.37 -89.59
CA ALA Z 579 -73.04 -28.84 -88.80
C ALA Z 579 -74.26 -27.92 -88.97
N PRO Z 580 -75.48 -28.51 -89.00
CA PRO Z 580 -76.72 -27.76 -89.21
C PRO Z 580 -77.09 -26.92 -88.01
N ARG Z 581 -77.89 -25.88 -88.19
CA ARG Z 581 -78.25 -25.02 -87.08
C ARG Z 581 -79.73 -25.15 -86.80
N LYS Z 582 -80.49 -24.17 -87.25
CA LYS Z 582 -81.91 -24.06 -86.99
C LYS Z 582 -82.26 -22.63 -87.13
N LEU Z 583 -82.90 -22.23 -88.21
CA LEU Z 583 -83.29 -20.84 -88.26
C LEU Z 583 -84.36 -20.54 -87.24
N TYR Z 584 -85.38 -21.40 -87.22
CA TYR Z 584 -86.64 -21.14 -86.54
C TYR Z 584 -87.20 -22.42 -85.95
N GLY AA 37 -21.29 -14.39 -77.67
CA GLY AA 37 -21.15 -13.75 -78.96
C GLY AA 37 -20.30 -14.56 -79.92
N VAL AA 38 -19.69 -13.88 -80.89
CA VAL AA 38 -18.87 -14.56 -81.88
C VAL AA 38 -17.77 -15.37 -81.25
N GLY AA 39 -16.82 -14.70 -80.64
CA GLY AA 39 -15.64 -15.42 -80.21
C GLY AA 39 -15.64 -16.02 -78.82
N ILE AA 40 -16.78 -16.46 -78.30
CA ILE AA 40 -16.77 -17.01 -76.95
C ILE AA 40 -17.46 -18.35 -76.90
N SER AA 41 -16.72 -19.36 -76.46
CA SER AA 41 -17.20 -20.73 -76.46
C SER AA 41 -18.37 -20.87 -75.54
N THR AA 42 -19.21 -21.86 -75.82
CA THR AA 42 -20.46 -22.02 -75.11
C THR AA 42 -20.64 -23.39 -74.49
N GLY AA 43 -19.55 -24.10 -74.27
CA GLY AA 43 -19.68 -25.39 -73.64
C GLY AA 43 -18.35 -26.04 -73.44
N THR AA 44 -18.35 -27.24 -72.88
CA THR AA 44 -17.10 -27.90 -72.58
C THR AA 44 -17.04 -29.37 -72.95
N PHE AA 45 -15.95 -29.79 -73.60
CA PHE AA 45 -15.76 -31.18 -73.97
C PHE AA 45 -15.54 -32.04 -72.75
N ASN AA 46 -16.31 -33.10 -72.63
CA ASN AA 46 -16.13 -34.01 -71.50
C ASN AA 46 -16.58 -35.43 -71.80
N ASN AA 47 -15.63 -36.32 -71.96
CA ASN AA 47 -15.93 -37.70 -72.24
C ASN AA 47 -15.37 -38.54 -71.12
N GLN AA 48 -15.59 -38.09 -69.90
CA GLN AA 48 -14.97 -38.71 -68.73
C GLN AA 48 -15.98 -39.58 -68.03
N THR AA 49 -15.54 -40.71 -67.51
CA THR AA 49 -16.48 -41.61 -66.85
C THR AA 49 -16.18 -41.80 -65.37
N GLU AA 50 -17.04 -41.26 -64.53
CA GLU AA 50 -16.79 -41.25 -63.10
C GLU AA 50 -17.62 -42.28 -62.37
N PHE AA 51 -16.98 -42.96 -61.44
CA PHE AA 51 -17.60 -43.95 -60.58
C PHE AA 51 -17.60 -43.46 -59.15
N LYS AA 52 -18.76 -43.02 -58.63
CA LYS AA 52 -18.83 -42.45 -57.28
C LYS AA 52 -19.49 -43.45 -56.33
N PHE AA 53 -18.71 -43.97 -55.40
CA PHE AA 53 -19.15 -45.03 -54.50
C PHE AA 53 -19.86 -44.53 -53.26
N LEU AA 54 -20.96 -45.18 -52.89
CA LEU AA 54 -21.75 -44.74 -51.74
C LEU AA 54 -21.82 -45.82 -50.67
N GLU AA 55 -22.71 -45.63 -49.71
CA GLU AA 55 -22.85 -46.62 -48.68
C GLU AA 55 -23.74 -47.73 -49.19
N ASN AA 56 -23.65 -48.88 -48.52
CA ASN AA 56 -24.36 -50.10 -48.89
C ASN AA 56 -24.02 -50.57 -50.30
N GLY AA 57 -22.81 -50.30 -50.74
CA GLY AA 57 -22.35 -50.77 -52.04
C GLY AA 57 -23.13 -50.31 -53.26
N TRP AA 58 -23.74 -49.14 -53.19
CA TRP AA 58 -24.37 -48.56 -54.36
C TRP AA 58 -23.39 -47.67 -55.10
N VAL AA 59 -23.33 -47.80 -56.42
CA VAL AA 59 -22.44 -46.97 -57.19
C VAL AA 59 -23.20 -46.01 -58.10
N TYR AA 60 -22.59 -44.87 -58.38
CA TYR AA 60 -23.24 -43.74 -59.04
C TYR AA 60 -22.42 -43.46 -60.25
N ILE AA 61 -22.67 -44.23 -61.30
CA ILE AA 61 -21.87 -44.17 -62.50
C ILE AA 61 -22.31 -43.06 -63.41
N THR AA 62 -21.48 -42.05 -63.54
CA THR AA 62 -21.85 -40.92 -64.37
C THR AA 62 -21.03 -40.97 -65.63
N ALA AA 63 -21.64 -41.39 -66.73
CA ALA AA 63 -20.92 -41.48 -68.00
C ALA AA 63 -21.09 -40.22 -68.83
N ASN AA 64 -19.98 -39.53 -69.07
CA ASN AA 64 -19.99 -38.37 -69.95
C ASN AA 64 -19.56 -38.74 -71.34
N SER AA 65 -20.16 -38.06 -72.31
CA SER AA 65 -19.87 -38.31 -73.70
C SER AA 65 -19.93 -37.02 -74.50
N SER AA 66 -18.91 -36.79 -75.31
CA SER AA 66 -18.85 -35.62 -76.16
C SER AA 66 -18.31 -35.99 -77.52
N ARG AA 67 -18.80 -35.34 -78.55
CA ARG AA 67 -18.36 -35.61 -79.91
C ARG AA 67 -18.40 -34.33 -80.70
N LEU AA 68 -17.57 -34.24 -81.73
CA LEU AA 68 -17.74 -33.19 -82.73
C LEU AA 68 -18.64 -33.72 -83.83
N VAL AA 69 -19.67 -32.97 -84.20
CA VAL AA 69 -20.64 -33.48 -85.15
C VAL AA 69 -20.71 -32.66 -86.43
N HIS AA 70 -20.79 -33.37 -87.55
CA HIS AA 70 -20.76 -32.73 -88.85
C HIS AA 70 -22.10 -32.95 -89.60
N LEU AA 71 -22.62 -31.91 -90.23
CA LEU AA 71 -23.95 -31.97 -90.86
C LEU AA 71 -24.07 -31.04 -92.07
N ASN AA 72 -24.55 -31.56 -93.21
CA ASN AA 72 -24.76 -30.71 -94.38
C ASN AA 72 -26.22 -30.37 -94.58
N MET AA 73 -26.48 -29.41 -95.45
CA MET AA 73 -27.84 -29.00 -95.70
C MET AA 73 -28.56 -30.14 -96.38
N PRO AA 74 -29.88 -30.24 -96.20
CA PRO AA 74 -30.64 -31.36 -96.76
C PRO AA 74 -30.61 -31.32 -98.26
N GLU AA 75 -30.78 -32.46 -98.92
CA GLU AA 75 -30.75 -32.46 -100.35
C GLU AA 75 -31.93 -31.65 -100.88
N SER AA 76 -33.03 -31.65 -100.13
CA SER AA 76 -34.11 -30.72 -100.42
C SER AA 76 -34.89 -30.37 -99.16
N GLU AA 77 -35.46 -29.18 -99.13
CA GLU AA 77 -36.13 -28.70 -97.94
C GLU AA 77 -37.54 -29.28 -97.81
N ASN AA 78 -37.81 -30.39 -98.49
CA ASN AA 78 -39.17 -30.90 -98.56
C ASN AA 78 -39.35 -32.23 -97.90
N TYR AA 79 -40.56 -32.48 -97.43
CA TYR AA 79 -40.88 -33.80 -96.94
C TYR AA 79 -41.35 -34.60 -98.14
N ARG AA 80 -40.93 -35.86 -98.22
CA ARG AA 80 -41.26 -36.73 -99.35
C ARG AA 80 -41.85 -38.06 -98.93
N ARG AA 81 -42.92 -38.46 -99.59
CA ARG AA 81 -43.45 -39.81 -99.44
C ARG AA 81 -42.88 -40.71 -100.53
N VAL AA 82 -41.95 -41.57 -100.15
CA VAL AA 82 -41.30 -42.43 -101.11
C VAL AA 82 -41.68 -43.88 -100.87
N VAL AA 83 -41.89 -44.63 -101.94
CA VAL AA 83 -42.16 -46.06 -101.83
C VAL AA 83 -41.01 -46.90 -102.38
N VAL AA 84 -40.65 -47.93 -101.66
CA VAL AA 84 -39.70 -48.92 -102.12
C VAL AA 84 -40.39 -50.20 -102.50
N ASN AA 85 -40.03 -50.75 -103.66
CA ASN AA 85 -40.69 -51.94 -104.13
C ASN AA 85 -39.75 -52.85 -104.90
N ASN AA 86 -39.31 -53.91 -104.24
CA ASN AA 86 -38.45 -54.87 -104.88
C ASN AA 86 -39.26 -56.08 -105.38
N LEU AA 87 -40.03 -55.85 -106.43
CA LEU AA 87 -40.60 -56.96 -107.18
C LEU AA 87 -39.41 -57.64 -107.86
N ASP AA 88 -38.39 -56.84 -108.11
CA ASP AA 88 -37.13 -57.30 -108.67
C ASP AA 88 -36.66 -58.58 -107.99
N LYS AA 89 -36.89 -58.70 -106.69
CA LYS AA 89 -36.31 -59.79 -105.93
C LYS AA 89 -37.34 -60.79 -105.42
N THR AA 90 -38.57 -60.33 -105.21
CA THR AA 90 -39.62 -61.16 -104.58
C THR AA 90 -40.34 -62.03 -105.59
N ALA AA 91 -40.39 -61.60 -106.84
CA ALA AA 91 -41.10 -62.34 -107.89
C ALA AA 91 -40.38 -63.64 -108.23
N VAL AA 92 -39.22 -63.84 -107.64
CA VAL AA 92 -38.34 -64.96 -107.93
C VAL AA 92 -38.91 -66.29 -107.47
N ASN AA 93 -39.84 -66.26 -106.51
CA ASN AA 93 -40.45 -67.46 -105.91
C ASN AA 93 -39.48 -68.27 -105.08
N GLY AA 94 -39.76 -68.35 -103.79
CA GLY AA 94 -38.81 -68.95 -102.86
C GLY AA 94 -37.95 -67.85 -102.25
N ASN AA 95 -38.24 -66.61 -102.64
CA ASN AA 95 -37.51 -65.45 -102.16
C ASN AA 95 -38.38 -64.51 -101.32
N MET AA 96 -39.44 -65.04 -100.72
CA MET AA 96 -40.37 -64.19 -99.97
C MET AA 96 -39.67 -63.49 -98.82
N ALA AA 97 -38.78 -64.18 -98.16
CA ALA AA 97 -38.11 -63.61 -97.00
C ALA AA 97 -37.26 -62.39 -97.39
N LEU AA 98 -37.07 -62.14 -98.69
CA LEU AA 98 -36.22 -61.03 -99.14
C LEU AA 98 -36.98 -59.76 -99.43
N ASP AA 99 -38.20 -59.69 -98.88
CA ASP AA 99 -39.04 -58.52 -99.09
C ASP AA 99 -38.48 -57.25 -98.47
N ASP AA 100 -38.48 -56.17 -99.24
CA ASP AA 100 -38.07 -54.86 -98.74
C ASP AA 100 -39.19 -53.88 -98.93
N THR AA 101 -40.35 -54.36 -99.31
CA THR AA 101 -41.40 -53.46 -99.75
C THR AA 101 -42.01 -52.66 -98.60
N HIS AA 102 -41.97 -51.34 -98.71
CA HIS AA 102 -42.54 -50.48 -97.68
C HIS AA 102 -42.72 -49.05 -98.13
N ALA AA 103 -43.35 -48.24 -97.30
CA ALA AA 103 -43.51 -46.81 -97.59
C ALA AA 103 -42.81 -45.96 -96.53
N GLU AA 104 -42.48 -44.71 -96.86
CA GLU AA 104 -41.56 -43.91 -96.04
C GLU AA 104 -41.70 -42.40 -96.19
N ILE AA 105 -41.59 -41.67 -95.08
CA ILE AA 105 -41.53 -40.21 -95.17
C ILE AA 105 -40.09 -39.74 -94.97
N VAL AA 106 -39.54 -39.07 -95.96
CA VAL AA 106 -38.17 -38.60 -95.89
C VAL AA 106 -38.08 -37.13 -95.49
N THR AA 107 -37.39 -36.85 -94.40
CA THR AA 107 -37.39 -35.51 -93.83
C THR AA 107 -36.09 -34.81 -94.09
N PRO AA 108 -36.16 -33.48 -94.15
CA PRO AA 108 -34.95 -32.68 -94.26
C PRO AA 108 -34.22 -32.58 -92.93
N TRP AA 109 -34.74 -33.29 -91.94
CA TRP AA 109 -34.20 -33.21 -90.61
C TRP AA 109 -33.30 -34.39 -90.37
N SER AA 110 -32.30 -34.16 -89.54
CA SER AA 110 -31.41 -35.22 -89.12
C SER AA 110 -31.56 -35.48 -87.63
N LEU AA 111 -31.29 -36.72 -87.23
CA LEU AA 111 -31.48 -37.16 -85.87
C LEU AA 111 -30.18 -37.38 -85.12
N VAL AA 112 -30.09 -36.81 -83.94
CA VAL AA 112 -28.95 -37.07 -83.08
C VAL AA 112 -29.30 -38.15 -82.08
N ASP AA 113 -28.95 -39.40 -82.40
CA ASP AA 113 -29.23 -40.55 -81.54
C ASP AA 113 -27.97 -41.06 -80.88
N ALA AA 114 -27.97 -41.15 -79.56
CA ALA AA 114 -26.82 -41.66 -78.85
C ALA AA 114 -27.19 -42.91 -78.07
N ASN AA 115 -28.28 -43.54 -78.46
CA ASN AA 115 -28.77 -44.68 -77.72
C ASN AA 115 -28.06 -45.97 -78.11
N ALA AA 116 -26.83 -46.12 -77.63
CA ALA AA 116 -26.03 -47.33 -77.87
C ALA AA 116 -24.89 -47.37 -76.89
N TRP AA 117 -24.60 -48.53 -76.34
CA TRP AA 117 -23.61 -48.62 -75.27
C TRP AA 117 -22.22 -48.08 -75.62
N GLY AA 118 -21.87 -48.12 -76.90
CA GLY AA 118 -20.57 -47.66 -77.33
C GLY AA 118 -20.38 -46.16 -77.26
N VAL AA 119 -21.46 -45.41 -77.14
CA VAL AA 119 -21.34 -43.97 -77.07
C VAL AA 119 -20.80 -43.53 -75.71
N TRP AA 120 -21.05 -44.36 -74.71
CA TRP AA 120 -20.84 -43.94 -73.34
C TRP AA 120 -19.69 -44.64 -72.62
N PHE AA 121 -19.36 -45.86 -73.00
CA PHE AA 121 -18.27 -46.51 -72.29
C PHE AA 121 -17.18 -47.00 -73.24
N ASN AA 122 -15.94 -46.86 -72.83
CA ASN AA 122 -14.87 -47.52 -73.54
C ASN AA 122 -14.81 -48.94 -72.98
N PRO AA 123 -14.05 -49.83 -73.62
CA PRO AA 123 -13.95 -51.18 -73.09
C PRO AA 123 -13.49 -51.26 -71.64
N GLY AA 124 -12.53 -50.43 -71.27
CA GLY AA 124 -12.00 -50.45 -69.92
C GLY AA 124 -13.09 -50.26 -68.89
N ASP AA 125 -13.93 -49.26 -69.13
CA ASP AA 125 -15.05 -49.01 -68.25
C ASP AA 125 -15.94 -50.24 -68.18
N TRP AA 126 -16.26 -50.76 -69.36
CA TRP AA 126 -17.19 -51.88 -69.47
C TRP AA 126 -16.69 -53.06 -68.68
N GLN AA 127 -15.38 -53.27 -68.70
CA GLN AA 127 -14.78 -54.35 -67.93
C GLN AA 127 -15.15 -54.20 -66.48
N LEU AA 128 -14.95 -52.98 -65.99
CA LEU AA 128 -15.18 -52.62 -64.60
C LEU AA 128 -16.61 -52.89 -64.23
N ILE AA 129 -17.54 -52.40 -65.05
CA ILE AA 129 -18.97 -52.55 -64.80
C ILE AA 129 -19.37 -54.02 -64.68
N VAL AA 130 -19.00 -54.80 -65.68
CA VAL AA 130 -19.43 -56.19 -65.80
C VAL AA 130 -18.83 -57.13 -64.74
N ASN AA 131 -17.59 -56.89 -64.35
CA ASN AA 131 -16.94 -57.79 -63.41
C ASN AA 131 -17.25 -57.58 -61.94
N THR AA 132 -17.62 -56.37 -61.57
CA THR AA 132 -17.66 -56.03 -60.16
C THR AA 132 -19.06 -55.78 -59.64
N MET AA 133 -20.01 -55.62 -60.54
CA MET AA 133 -21.35 -55.27 -60.14
C MET AA 133 -22.44 -56.22 -60.58
N SER AA 134 -23.48 -56.34 -59.76
CA SER AA 134 -24.51 -57.36 -59.91
C SER AA 134 -25.73 -56.90 -60.69
N GLU AA 135 -26.05 -55.61 -60.61
CA GLU AA 135 -27.17 -55.05 -61.34
C GLU AA 135 -26.95 -53.59 -61.75
N LEU AA 136 -27.87 -53.02 -62.50
CA LEU AA 136 -27.67 -51.71 -63.10
C LEU AA 136 -28.98 -50.93 -63.34
N HIS AA 137 -29.14 -49.76 -62.71
CA HIS AA 137 -30.37 -48.96 -62.89
C HIS AA 137 -30.14 -47.77 -63.77
N LEU AA 138 -31.15 -47.40 -64.54
CA LEU AA 138 -31.02 -46.25 -65.42
C LEU AA 138 -31.59 -45.02 -64.73
N VAL AA 139 -30.76 -44.05 -64.41
CA VAL AA 139 -31.24 -42.96 -63.59
C VAL AA 139 -31.59 -41.67 -64.33
N SER AA 140 -30.64 -41.09 -65.05
CA SER AA 140 -30.88 -39.80 -65.65
C SER AA 140 -30.13 -39.62 -66.94
N PHE AA 141 -30.58 -38.68 -67.75
CA PHE AA 141 -29.95 -38.41 -69.03
C PHE AA 141 -30.21 -36.98 -69.46
N GLU AA 142 -29.14 -36.24 -69.73
CA GLU AA 142 -29.24 -34.87 -70.20
C GLU AA 142 -28.22 -34.66 -71.29
N GLN AA 143 -28.45 -33.70 -72.17
CA GLN AA 143 -27.51 -33.49 -73.26
C GLN AA 143 -27.51 -32.06 -73.74
N GLU AA 144 -26.42 -31.59 -74.33
CA GLU AA 144 -26.45 -30.23 -74.86
C GLU AA 144 -25.64 -30.09 -76.13
N ILE AA 145 -25.92 -29.02 -76.86
CA ILE AA 145 -25.26 -28.73 -78.11
C ILE AA 145 -24.61 -27.40 -77.98
N PHE AA 146 -23.33 -27.32 -78.30
CA PHE AA 146 -22.59 -26.08 -78.10
C PHE AA 146 -21.50 -25.81 -79.13
N ASN AA 147 -20.96 -24.59 -79.07
CA ASN AA 147 -19.93 -24.12 -79.99
C ASN AA 147 -20.29 -24.41 -81.43
N VAL AA 148 -21.46 -23.92 -81.82
CA VAL AA 148 -21.90 -24.08 -83.18
C VAL AA 148 -21.09 -23.23 -84.16
N VAL AA 149 -20.76 -23.85 -85.29
CA VAL AA 149 -20.03 -23.19 -86.35
C VAL AA 149 -20.73 -23.50 -87.65
N LEU AA 150 -21.04 -22.47 -88.44
CA LEU AA 150 -21.62 -22.65 -89.76
C LEU AA 150 -20.71 -22.01 -90.78
N LYS AA 151 -20.39 -22.76 -91.84
CA LYS AA 151 -19.52 -22.28 -92.92
C LYS AA 151 -20.21 -22.41 -94.28
N THR AA 152 -19.99 -21.43 -95.15
CA THR AA 152 -20.49 -21.53 -96.52
C THR AA 152 -19.34 -21.99 -97.33
N VAL AA 153 -19.66 -22.94 -98.20
CA VAL AA 153 -18.73 -23.55 -99.10
C VAL AA 153 -18.41 -22.46 -100.11
N SER AA 154 -18.91 -22.56 -101.33
CA SER AA 154 -18.86 -21.40 -102.22
C SER AA 154 -17.48 -20.71 -102.41
N GLU AA 155 -16.53 -21.20 -103.21
CA GLU AA 155 -16.58 -22.18 -104.32
C GLU AA 155 -15.60 -21.63 -105.33
N SER AA 156 -15.01 -22.52 -106.12
CA SER AA 156 -14.38 -22.14 -107.38
C SER AA 156 -13.52 -20.89 -107.24
N ALA AA 157 -12.38 -20.97 -106.56
CA ALA AA 157 -11.59 -19.76 -106.39
C ALA AA 157 -10.13 -19.95 -105.99
N THR AA 158 -9.17 -19.85 -106.93
CA THR AA 158 -9.32 -19.71 -108.39
C THR AA 158 -8.02 -20.30 -108.96
N GLN AA 159 -8.07 -20.89 -110.15
CA GLN AA 159 -6.97 -21.68 -110.73
C GLN AA 159 -6.74 -22.91 -109.80
N PRO AA 160 -6.43 -24.06 -110.43
CA PRO AA 160 -6.59 -25.51 -110.70
C PRO AA 160 -7.83 -26.36 -110.28
N PRO AA 161 -8.98 -25.79 -109.82
CA PRO AA 161 -9.43 -24.43 -109.53
C PRO AA 161 -9.62 -24.22 -108.02
N THR AA 162 -9.56 -25.32 -107.26
CA THR AA 162 -9.68 -25.39 -105.79
C THR AA 162 -10.80 -24.59 -105.13
N LYS AA 163 -11.12 -24.98 -103.90
CA LYS AA 163 -12.18 -24.31 -103.17
C LYS AA 163 -11.82 -23.69 -101.84
N VAL AA 164 -12.71 -22.84 -101.33
CA VAL AA 164 -12.44 -22.10 -100.11
C VAL AA 164 -13.67 -22.04 -99.22
N TYR AA 165 -13.46 -22.23 -97.92
CA TYR AA 165 -14.55 -22.30 -96.98
C TYR AA 165 -14.58 -21.14 -95.98
N ASN AA 166 -15.66 -20.35 -96.02
CA ASN AA 166 -15.77 -19.18 -95.15
C ASN AA 166 -16.82 -19.32 -94.08
N ASN AA 167 -16.66 -18.57 -93.00
CA ASN AA 167 -17.68 -18.52 -91.97
C ASN AA 167 -18.85 -17.60 -92.31
N ASP AA 168 -20.08 -18.12 -92.18
CA ASP AA 168 -21.28 -17.27 -92.19
C ASP AA 168 -21.66 -17.06 -90.76
N LEU AA 169 -21.30 -15.89 -90.25
CA LEU AA 169 -21.46 -15.66 -88.85
C LEU AA 169 -22.94 -15.60 -88.49
N THR AA 170 -23.73 -14.96 -89.33
CA THR AA 170 -25.14 -14.78 -89.05
C THR AA 170 -26.01 -16.02 -89.32
N ALA AA 171 -25.43 -17.08 -89.85
CA ALA AA 171 -26.19 -18.28 -90.19
C ALA AA 171 -26.57 -19.08 -88.97
N SER AA 172 -27.64 -19.87 -89.08
CA SER AA 172 -28.23 -20.54 -87.93
C SER AA 172 -28.36 -22.03 -88.08
N LEU AA 173 -28.24 -22.75 -86.98
CA LEU AA 173 -28.52 -24.18 -86.95
C LEU AA 173 -29.80 -24.47 -86.21
N MET AA 174 -30.73 -25.18 -86.85
CA MET AA 174 -32.03 -25.49 -86.25
C MET AA 174 -31.96 -26.73 -85.38
N VAL AA 175 -32.42 -26.58 -84.15
CA VAL AA 175 -32.41 -27.68 -83.22
C VAL AA 175 -33.77 -27.80 -82.59
N ALA AA 176 -34.27 -29.03 -82.51
CA ALA AA 176 -35.61 -29.27 -81.98
C ALA AA 176 -35.64 -30.52 -81.16
N LEU AA 177 -36.19 -30.41 -79.96
CA LEU AA 177 -36.27 -31.55 -79.07
C LEU AA 177 -37.70 -31.96 -78.89
N ASP AA 178 -38.04 -33.17 -79.32
CA ASP AA 178 -39.42 -33.65 -79.25
C ASP AA 178 -39.61 -34.21 -77.87
N SER AA 179 -39.69 -33.31 -76.90
CA SER AA 179 -39.68 -33.72 -75.51
C SER AA 179 -40.99 -34.33 -75.11
N ASN AA 180 -42.02 -34.11 -75.93
CA ASN AA 180 -43.32 -34.72 -75.68
C ASN AA 180 -43.49 -36.09 -76.32
N ASN AA 181 -42.44 -36.56 -77.01
CA ASN AA 181 -42.53 -37.76 -77.82
C ASN AA 181 -43.75 -37.74 -78.73
N THR AA 182 -43.90 -36.62 -79.44
CA THR AA 182 -44.97 -36.43 -80.40
C THR AA 182 -44.75 -37.25 -81.64
N MET AA 183 -43.49 -37.56 -81.92
CA MET AA 183 -43.15 -38.12 -83.19
C MET AA 183 -42.62 -39.53 -83.09
N PRO AA 184 -42.76 -40.32 -84.16
CA PRO AA 184 -42.51 -41.76 -84.15
C PRO AA 184 -41.13 -42.09 -83.66
N PHE AA 185 -41.04 -43.14 -82.87
CA PHE AA 185 -39.75 -43.49 -82.31
C PHE AA 185 -38.88 -44.24 -83.29
N THR AA 186 -37.71 -43.69 -83.60
CA THR AA 186 -36.79 -44.31 -84.55
C THR AA 186 -35.40 -44.44 -83.94
N PRO AA 187 -35.19 -45.46 -83.12
CA PRO AA 187 -33.86 -45.68 -82.53
C PRO AA 187 -32.86 -45.99 -83.62
N ALA AA 188 -31.76 -45.26 -83.67
CA ALA AA 188 -30.85 -45.44 -84.77
C ALA AA 188 -30.00 -46.67 -84.58
N ALA AA 189 -30.12 -47.28 -83.41
CA ALA AA 189 -29.27 -48.41 -83.08
C ALA AA 189 -29.51 -49.65 -83.95
N MET AA 190 -30.73 -49.81 -84.47
CA MET AA 190 -31.12 -50.99 -85.27
C MET AA 190 -30.49 -50.98 -86.64
N ARG AA 191 -29.96 -49.83 -87.03
CA ARG AA 191 -29.41 -49.62 -88.36
C ARG AA 191 -27.95 -49.19 -88.27
N SER AA 192 -27.35 -49.40 -87.10
CA SER AA 192 -26.00 -48.95 -86.79
C SER AA 192 -25.76 -47.52 -87.24
N GLU AA 193 -26.65 -46.63 -86.86
CA GLU AA 193 -26.60 -45.26 -87.33
C GLU AA 193 -26.64 -44.27 -86.18
N THR AA 194 -25.98 -44.60 -85.09
CA THR AA 194 -25.88 -43.69 -83.96
C THR AA 194 -24.64 -42.86 -84.14
N LEU AA 195 -24.26 -42.17 -83.09
CA LEU AA 195 -23.02 -41.44 -83.10
C LEU AA 195 -21.82 -42.39 -83.04
N GLY AA 196 -20.66 -41.87 -83.39
CA GLY AA 196 -19.42 -42.62 -83.38
C GLY AA 196 -19.07 -43.11 -82.00
N PHE AA 197 -18.30 -44.18 -81.92
CA PHE AA 197 -17.94 -44.70 -80.63
C PHE AA 197 -16.58 -44.17 -80.18
N TYR AA 198 -16.00 -43.27 -80.96
CA TYR AA 198 -14.69 -42.77 -80.61
C TYR AA 198 -14.75 -41.30 -80.29
N PRO AA 199 -14.22 -40.91 -79.12
CA PRO AA 199 -14.16 -39.54 -78.62
C PRO AA 199 -13.32 -38.64 -79.49
N TRP AA 200 -12.23 -39.16 -80.05
CA TRP AA 200 -11.34 -38.29 -80.80
C TRP AA 200 -11.60 -38.26 -82.29
N LYS AA 201 -12.58 -39.04 -82.72
CA LYS AA 201 -12.98 -39.08 -84.11
C LYS AA 201 -14.34 -38.43 -84.29
N PRO AA 202 -14.43 -37.42 -85.15
CA PRO AA 202 -15.69 -36.75 -85.42
C PRO AA 202 -16.79 -37.68 -85.89
N THR AA 203 -18.02 -37.19 -85.97
CA THR AA 203 -19.15 -38.02 -86.32
C THR AA 203 -20.26 -37.23 -87.00
N ILE AA 204 -21.38 -37.90 -87.26
CA ILE AA 204 -22.51 -37.31 -87.97
C ILE AA 204 -23.84 -37.85 -87.48
N PRO AA 205 -24.91 -37.06 -87.61
CA PRO AA 205 -26.27 -37.56 -87.36
C PRO AA 205 -26.75 -38.34 -88.56
N THR AA 206 -27.99 -38.85 -88.56
CA THR AA 206 -28.53 -39.54 -89.74
C THR AA 206 -29.79 -38.87 -90.23
N PRO AA 207 -30.00 -38.88 -91.55
CA PRO AA 207 -31.16 -38.20 -92.08
C PRO AA 207 -32.40 -38.85 -91.49
N TRP AA 208 -33.35 -38.08 -90.98
CA TRP AA 208 -34.49 -38.69 -90.32
C TRP AA 208 -35.54 -39.12 -91.31
N ARG AA 209 -36.22 -40.21 -91.00
CA ARG AA 209 -37.20 -40.79 -91.88
C ARG AA 209 -38.12 -41.70 -91.07
N TYR AA 210 -39.38 -41.85 -91.44
CA TYR AA 210 -40.25 -42.67 -90.61
C TYR AA 210 -41.27 -43.41 -91.45
N TYR AA 211 -41.89 -44.42 -90.87
CA TYR AA 211 -42.83 -45.25 -91.61
C TYR AA 211 -44.18 -44.57 -91.89
N PHE AA 212 -44.62 -44.69 -93.14
CA PHE AA 212 -45.90 -44.18 -93.61
C PHE AA 212 -46.72 -45.40 -93.99
N GLN AA 213 -48.02 -45.40 -93.72
CA GLN AA 213 -48.75 -46.66 -93.85
C GLN AA 213 -48.89 -47.16 -95.29
N TRP AA 214 -48.88 -48.47 -95.45
CA TRP AA 214 -49.10 -49.09 -96.74
C TRP AA 214 -49.72 -50.49 -96.58
N ASP AA 215 -50.69 -50.82 -97.44
CA ASP AA 215 -51.24 -52.17 -97.57
C ASP AA 215 -50.35 -52.97 -98.50
N ARG AA 216 -50.33 -54.28 -98.31
CA ARG AA 216 -49.38 -55.10 -99.03
C ARG AA 216 -49.68 -56.59 -98.86
N THR AA 217 -49.76 -57.30 -99.98
CA THR AA 217 -50.00 -58.75 -99.95
C THR AA 217 -48.85 -59.44 -100.68
N LEU AA 218 -48.38 -60.55 -100.12
CA LEU AA 218 -47.36 -61.37 -100.75
C LEU AA 218 -47.53 -62.82 -100.36
N ILE AA 219 -47.89 -63.66 -101.32
CA ILE AA 219 -48.10 -65.07 -101.07
C ILE AA 219 -46.80 -65.84 -101.15
N PRO AA 220 -46.52 -66.66 -100.11
CA PRO AA 220 -45.30 -67.47 -100.06
C PRO AA 220 -45.25 -68.56 -101.12
N SER AA 221 -44.07 -69.11 -101.35
CA SER AA 221 -43.82 -70.00 -102.49
C SER AA 221 -42.48 -70.72 -102.37
N HIS AA 222 -42.20 -71.63 -103.30
CA HIS AA 222 -40.87 -72.27 -103.37
C HIS AA 222 -40.35 -72.25 -104.80
N THR AA 223 -39.16 -72.81 -105.00
CA THR AA 223 -38.53 -72.79 -106.30
C THR AA 223 -39.38 -73.51 -107.32
N GLY AA 224 -39.94 -74.63 -106.89
CA GLY AA 224 -40.76 -75.44 -107.77
C GLY AA 224 -42.07 -74.80 -108.18
N THR AA 225 -42.67 -74.03 -107.27
CA THR AA 225 -43.96 -73.39 -107.58
C THR AA 225 -43.78 -72.50 -108.79
N SER AA 226 -44.58 -72.72 -109.83
CA SER AA 226 -44.60 -71.78 -110.92
C SER AA 226 -46.02 -71.26 -111.10
N GLY AA 227 -46.20 -70.39 -112.07
CA GLY AA 227 -47.37 -69.54 -112.08
C GLY AA 227 -46.96 -68.27 -111.36
N THR AA 228 -47.92 -67.40 -111.10
CA THR AA 228 -47.61 -66.14 -110.43
C THR AA 228 -48.25 -66.03 -109.07
N PRO AA 229 -47.47 -66.20 -107.98
CA PRO AA 229 -48.08 -65.99 -106.68
C PRO AA 229 -48.38 -64.51 -106.57
N THR AA 230 -49.57 -64.15 -106.10
CA THR AA 230 -49.98 -62.75 -106.12
C THR AA 230 -48.96 -61.96 -105.28
N ASN AA 231 -48.49 -60.84 -105.82
CA ASN AA 231 -47.42 -60.08 -105.19
C ASN AA 231 -47.67 -58.61 -105.44
N ILE AA 232 -48.52 -58.01 -104.61
CA ILE AA 232 -49.00 -56.68 -104.90
C ILE AA 232 -48.84 -55.69 -103.74
N TYR AA 233 -48.67 -54.42 -104.09
CA TYR AA 233 -48.68 -53.29 -103.16
C TYR AA 233 -49.98 -52.55 -103.40
N HIS AA 234 -50.92 -52.70 -102.49
CA HIS AA 234 -52.27 -52.18 -102.70
C HIS AA 234 -52.35 -50.67 -102.62
N GLY AA 235 -51.59 -50.06 -101.71
CA GLY AA 235 -51.62 -48.62 -101.60
C GLY AA 235 -51.65 -48.19 -100.17
N THR AA 236 -52.54 -47.26 -99.83
CA THR AA 236 -52.54 -46.72 -98.48
C THR AA 236 -53.92 -46.52 -97.89
N ASP AA 237 -54.17 -47.25 -96.80
CA ASP AA 237 -55.42 -47.21 -96.04
C ASP AA 237 -55.61 -45.84 -95.40
N PRO AA 238 -56.52 -45.02 -95.94
CA PRO AA 238 -56.64 -43.63 -95.52
C PRO AA 238 -56.95 -43.49 -94.05
N ASP AA 239 -57.52 -44.53 -93.45
CA ASP AA 239 -57.86 -44.46 -92.04
C ASP AA 239 -56.58 -44.48 -91.21
N ASP AA 240 -55.46 -44.81 -91.85
CA ASP AA 240 -54.19 -45.03 -91.15
C ASP AA 240 -53.07 -44.06 -91.56
N VAL AA 241 -53.44 -42.99 -92.24
CA VAL AA 241 -52.45 -42.08 -92.74
C VAL AA 241 -52.03 -41.09 -91.68
N GLN AA 242 -50.74 -41.04 -91.35
CA GLN AA 242 -50.24 -39.99 -90.44
C GLN AA 242 -49.00 -39.26 -90.98
N PHE AA 243 -49.20 -38.03 -91.46
CA PHE AA 243 -48.10 -37.22 -91.94
C PHE AA 243 -47.63 -36.25 -90.87
N TYR AA 244 -46.44 -36.52 -90.31
CA TYR AA 244 -45.87 -35.71 -89.24
C TYR AA 244 -44.82 -34.73 -89.75
N THR AA 245 -44.76 -33.54 -89.16
CA THR AA 245 -43.67 -32.60 -89.41
C THR AA 245 -43.11 -32.10 -88.09
N ILE AA 246 -41.81 -31.86 -88.06
CA ILE AA 246 -41.21 -31.22 -86.92
C ILE AA 246 -41.85 -29.85 -86.70
N GLU AA 247 -41.99 -29.12 -87.79
CA GLU AA 247 -42.37 -27.72 -87.74
C GLU AA 247 -43.65 -27.47 -87.02
N ASN AA 248 -44.63 -28.35 -87.23
CA ASN AA 248 -45.93 -28.16 -86.62
C ASN AA 248 -46.07 -28.74 -85.24
N SER AA 249 -45.05 -29.45 -84.78
CA SER AA 249 -45.18 -30.17 -83.50
C SER AA 249 -44.22 -29.71 -82.39
N VAL AA 250 -43.04 -29.29 -82.77
CA VAL AA 250 -41.98 -29.06 -81.81
C VAL AA 250 -41.47 -27.65 -81.94
N PRO AA 251 -41.21 -26.98 -80.80
CA PRO AA 251 -40.58 -25.65 -80.89
C PRO AA 251 -39.15 -25.79 -81.34
N VAL AA 252 -38.79 -25.02 -82.35
CA VAL AA 252 -37.46 -25.12 -82.92
C VAL AA 252 -36.59 -23.94 -82.53
N HIS AA 253 -35.36 -24.24 -82.09
CA HIS AA 253 -34.45 -23.19 -81.70
C HIS AA 253 -33.50 -22.87 -82.83
N LEU AA 254 -33.28 -21.59 -83.09
CA LEU AA 254 -32.27 -21.24 -84.08
C LEU AA 254 -30.97 -20.95 -83.35
N LEU AA 255 -29.92 -21.72 -83.62
CA LEU AA 255 -28.64 -21.45 -82.95
C LEU AA 255 -27.63 -20.82 -83.90
N ARG AA 256 -27.18 -19.60 -83.58
CA ARG AA 256 -26.04 -19.01 -84.27
C ARG AA 256 -24.79 -19.41 -83.52
N THR AA 257 -23.65 -18.87 -83.89
CA THR AA 257 -22.39 -19.33 -83.29
C THR AA 257 -22.38 -19.25 -81.78
N GLY AA 258 -22.78 -18.10 -81.26
CA GLY AA 258 -22.68 -17.84 -79.83
C GLY AA 258 -23.79 -18.43 -79.01
N ASP AA 259 -24.72 -19.12 -79.64
CA ASP AA 259 -25.83 -19.70 -78.93
C ASP AA 259 -25.49 -21.12 -78.52
N GLU AA 260 -26.24 -21.65 -77.56
CA GLU AA 260 -26.12 -23.02 -77.07
C GLU AA 260 -27.49 -23.57 -76.69
N PHE AA 261 -27.66 -24.87 -76.75
CA PHE AA 261 -28.95 -25.45 -76.38
C PHE AA 261 -28.76 -26.64 -75.48
N ALA AA 262 -29.42 -26.62 -74.34
CA ALA AA 262 -29.32 -27.75 -73.44
C ALA AA 262 -30.69 -28.21 -73.07
N THR AA 263 -30.83 -29.51 -72.90
CA THR AA 263 -32.08 -30.10 -72.50
C THR AA 263 -32.12 -30.12 -71.00
N GLY AA 264 -33.24 -30.53 -70.43
CA GLY AA 264 -33.30 -30.62 -69.00
C GLY AA 264 -32.51 -31.84 -68.59
N THR AA 265 -32.72 -32.30 -67.36
CA THR AA 265 -32.28 -33.61 -66.97
C THR AA 265 -33.47 -34.52 -66.92
N PHE AA 266 -33.47 -35.53 -67.76
CA PHE AA 266 -34.59 -36.44 -67.76
C PHE AA 266 -34.32 -37.59 -66.79
N PHE AA 267 -35.29 -37.87 -65.94
CA PHE AA 267 -35.13 -38.96 -64.98
C PHE AA 267 -35.92 -40.18 -65.39
N PHE AA 268 -35.25 -41.33 -65.42
CA PHE AA 268 -35.92 -42.53 -65.86
C PHE AA 268 -36.66 -43.16 -64.70
N ASP AA 269 -37.51 -44.11 -65.03
CA ASP AA 269 -37.95 -45.09 -64.05
C ASP AA 269 -38.28 -46.36 -64.83
N CYS AA 270 -37.47 -47.38 -64.57
CA CYS AA 270 -37.59 -48.67 -65.21
C CYS AA 270 -37.09 -49.72 -64.21
N LYS AA 271 -37.15 -50.97 -64.61
CA LYS AA 271 -36.63 -52.06 -63.79
C LYS AA 271 -35.11 -52.08 -63.84
N PRO AA 272 -34.49 -52.85 -62.94
CA PRO AA 272 -33.05 -53.08 -63.02
C PRO AA 272 -32.69 -54.05 -64.13
N CYS AA 273 -31.54 -53.82 -64.73
CA CYS AA 273 -30.96 -54.79 -65.63
C CYS AA 273 -29.94 -55.57 -64.83
N ARG AA 274 -29.95 -56.90 -64.89
CA ARG AA 274 -29.03 -57.67 -64.05
C ARG AA 274 -27.79 -58.08 -64.81
N LEU AA 275 -26.64 -58.12 -64.15
CA LEU AA 275 -25.43 -58.45 -64.86
C LEU AA 275 -24.94 -59.83 -64.45
N THR AA 276 -25.90 -60.71 -64.21
CA THR AA 276 -25.61 -62.11 -63.93
C THR AA 276 -26.47 -63.01 -64.80
N HIS AA 277 -25.89 -64.14 -65.22
CA HIS AA 277 -26.58 -65.10 -66.04
C HIS AA 277 -26.99 -66.28 -65.18
N THR AA 278 -28.14 -66.88 -65.48
CA THR AA 278 -28.59 -68.04 -64.74
C THR AA 278 -28.25 -69.30 -65.51
N TRP AA 279 -27.84 -70.35 -64.82
CA TRP AA 279 -27.38 -71.51 -65.56
C TRP AA 279 -28.29 -72.72 -65.50
N GLN AA 280 -29.29 -72.67 -64.63
CA GLN AA 280 -30.09 -73.86 -64.39
C GLN AA 280 -31.18 -73.91 -65.44
N THR AA 281 -31.34 -75.08 -66.07
CA THR AA 281 -32.52 -75.39 -66.87
C THR AA 281 -33.33 -76.28 -65.98
N ASN AA 282 -34.51 -76.70 -66.41
CA ASN AA 282 -35.35 -77.55 -65.55
C ASN AA 282 -34.64 -78.74 -64.92
N ARG AA 283 -33.59 -79.23 -65.58
CA ARG AA 283 -32.98 -80.49 -65.18
C ARG AA 283 -32.20 -80.37 -63.89
N ALA AA 284 -32.06 -79.14 -63.41
CA ALA AA 284 -31.31 -78.89 -62.20
C ALA AA 284 -32.01 -77.93 -61.26
N LEU AA 285 -33.29 -78.17 -61.01
CA LEU AA 285 -34.01 -77.32 -60.08
C LEU AA 285 -34.40 -78.11 -58.89
N GLY AA 286 -33.79 -77.84 -57.76
CA GLY AA 286 -34.29 -78.41 -56.54
C GLY AA 286 -33.41 -79.51 -56.01
N LEU AA 287 -34.00 -80.44 -55.29
CA LEU AA 287 -33.24 -81.47 -54.62
C LEU AA 287 -32.91 -82.62 -55.56
N PRO AA 288 -31.61 -82.81 -55.87
CA PRO AA 288 -31.19 -83.96 -56.67
C PRO AA 288 -31.42 -85.25 -55.89
N PRO AA 289 -31.64 -86.34 -56.62
CA PRO AA 289 -31.98 -87.62 -56.00
C PRO AA 289 -30.83 -88.20 -55.27
N PHE AA 290 -31.11 -88.78 -54.10
CA PHE AA 290 -30.08 -89.27 -53.21
C PHE AA 290 -29.30 -90.44 -53.78
N LEU AA 291 -27.98 -90.34 -53.76
CA LEU AA 291 -27.18 -91.43 -54.29
C LEU AA 291 -26.87 -92.44 -53.20
N ASN AA 292 -27.32 -93.68 -53.37
CA ASN AA 292 -27.04 -94.72 -52.40
C ASN AA 292 -25.70 -95.41 -52.59
N SER AA 293 -25.05 -95.19 -53.72
CA SER AA 293 -23.71 -95.73 -53.94
C SER AA 293 -22.76 -94.70 -54.52
N LEU AA 294 -21.88 -94.22 -53.65
CA LEU AA 294 -20.93 -93.21 -54.03
C LEU AA 294 -19.63 -93.85 -54.47
N PRO AA 295 -18.99 -93.27 -55.48
CA PRO AA 295 -17.71 -93.79 -56.00
C PRO AA 295 -16.61 -93.82 -54.96
N GLN AA 296 -15.66 -94.73 -55.17
CA GLN AA 296 -14.54 -94.96 -54.26
C GLN AA 296 -13.17 -94.89 -54.92
N SER AA 297 -13.12 -94.39 -56.14
CA SER AA 297 -11.84 -94.01 -56.72
C SER AA 297 -12.01 -92.82 -57.67
N GLU AA 298 -11.01 -91.95 -57.75
CA GLU AA 298 -11.11 -90.80 -58.66
C GLU AA 298 -10.98 -91.29 -60.09
N GLY AA 299 -11.34 -90.44 -61.05
CA GLY AA 299 -11.25 -90.84 -62.44
C GLY AA 299 -12.41 -90.31 -63.23
N GLY AA 300 -12.51 -90.72 -64.48
CA GLY AA 300 -13.39 -90.06 -65.41
C GLY AA 300 -14.69 -90.80 -65.68
N THR AA 301 -14.78 -92.04 -65.21
CA THR AA 301 -16.00 -92.81 -65.41
C THR AA 301 -16.42 -93.45 -64.11
N ASN AA 302 -15.86 -92.98 -63.01
CA ASN AA 302 -16.23 -93.48 -61.71
C ASN AA 302 -17.51 -92.86 -61.21
N PHE AA 303 -18.61 -93.25 -61.86
CA PHE AA 303 -19.91 -92.66 -61.60
C PHE AA 303 -20.49 -93.13 -60.28
N GLY AA 304 -21.45 -92.37 -59.77
CA GLY AA 304 -22.25 -92.78 -58.63
C GLY AA 304 -23.59 -93.21 -59.15
N TYR AA 305 -24.31 -93.98 -58.37
CA TYR AA 305 -25.57 -94.53 -58.83
C TYR AA 305 -26.70 -94.26 -57.85
N ILE AA 306 -27.87 -93.85 -58.37
CA ILE AA 306 -29.03 -93.62 -57.52
C ILE AA 306 -29.32 -94.85 -56.69
N GLY AA 307 -29.40 -95.99 -57.35
CA GLY AA 307 -29.47 -97.24 -56.64
C GLY AA 307 -30.84 -97.65 -56.21
N VAL AA 308 -31.86 -97.17 -56.92
CA VAL AA 308 -33.21 -97.68 -56.75
C VAL AA 308 -33.87 -97.81 -58.10
N GLN AA 309 -34.59 -98.91 -58.28
CA GLN AA 309 -35.30 -99.21 -59.51
C GLN AA 309 -36.15 -98.05 -59.92
N GLN AA 310 -36.08 -97.67 -61.19
CA GLN AA 310 -36.78 -96.49 -61.68
C GLN AA 310 -38.30 -96.51 -61.50
N ASP AA 311 -38.87 -97.68 -61.24
CA ASP AA 311 -40.30 -97.78 -61.03
C ASP AA 311 -40.63 -98.00 -59.54
N LYS AA 312 -39.61 -98.02 -58.70
CA LYS AA 312 -39.80 -98.22 -57.26
C LYS AA 312 -39.35 -97.01 -56.43
N ARG AA 313 -39.31 -95.83 -57.05
CA ARG AA 313 -38.79 -94.60 -56.40
C ARG AA 313 -39.90 -93.72 -55.81
N ARG AA 314 -39.55 -92.91 -54.81
CA ARG AA 314 -40.50 -91.98 -54.19
C ARG AA 314 -40.33 -90.58 -54.78
N GLY AA 315 -41.43 -89.85 -54.89
CA GLY AA 315 -41.39 -88.53 -55.49
C GLY AA 315 -42.64 -88.17 -56.26
N VAL AA 316 -42.60 -87.04 -56.97
CA VAL AA 316 -43.78 -86.52 -57.65
C VAL AA 316 -43.58 -86.27 -59.12
N THR AA 317 -44.51 -86.76 -59.92
CA THR AA 317 -44.42 -86.52 -61.36
C THR AA 317 -45.74 -86.02 -61.89
N GLN AA 318 -45.73 -85.50 -63.12
CA GLN AA 318 -46.97 -85.09 -63.74
C GLN AA 318 -47.40 -86.10 -64.79
N MET AA 319 -47.01 -87.35 -64.57
CA MET AA 319 -47.35 -88.46 -65.44
C MET AA 319 -48.22 -89.50 -64.73
N GLY AA 320 -49.54 -89.36 -64.89
CA GLY AA 320 -50.52 -90.21 -64.22
C GLY AA 320 -50.46 -91.70 -64.47
N ASN AA 321 -49.84 -92.10 -65.58
CA ASN AA 321 -49.71 -93.50 -65.97
C ASN AA 321 -48.63 -94.25 -65.22
N THR AA 322 -47.39 -93.93 -65.58
CA THR AA 322 -46.25 -94.71 -65.14
C THR AA 322 -45.82 -94.41 -63.74
N ASN AA 323 -45.04 -95.32 -63.18
CA ASN AA 323 -44.43 -95.18 -61.87
C ASN AA 323 -42.96 -94.85 -61.99
N TYR AA 324 -42.57 -94.50 -63.21
CA TYR AA 324 -41.22 -94.09 -63.49
C TYR AA 324 -40.96 -92.72 -62.94
N ILE AA 325 -39.90 -92.58 -62.15
CA ILE AA 325 -39.50 -91.26 -61.69
C ILE AA 325 -38.08 -91.05 -62.12
N THR AA 326 -37.91 -90.35 -63.21
CA THR AA 326 -36.58 -90.09 -63.71
C THR AA 326 -36.36 -88.61 -63.79
N GLU AA 327 -35.11 -88.20 -63.89
CA GLU AA 327 -34.78 -86.79 -63.95
C GLU AA 327 -35.49 -86.05 -65.07
N ALA AA 328 -35.82 -86.78 -66.13
CA ALA AA 328 -36.58 -86.17 -67.22
C ALA AA 328 -38.09 -86.23 -66.93
N THR AA 329 -38.46 -86.92 -65.86
CA THR AA 329 -39.86 -87.14 -65.50
C THR AA 329 -40.33 -86.39 -64.27
N ILE AA 330 -39.45 -86.32 -63.28
CA ILE AA 330 -39.75 -85.71 -61.98
C ILE AA 330 -40.33 -84.31 -62.16
N MET AA 331 -41.32 -83.97 -61.34
CA MET AA 331 -41.94 -82.67 -61.43
C MET AA 331 -40.95 -81.53 -61.16
N ARG AA 332 -41.15 -80.41 -61.83
CA ARG AA 332 -40.38 -79.22 -61.51
C ARG AA 332 -41.37 -78.12 -61.18
N PRO AA 333 -40.98 -77.15 -60.35
CA PRO AA 333 -41.95 -76.16 -59.91
C PRO AA 333 -42.58 -75.37 -61.07
N ALA AA 334 -41.84 -75.14 -62.15
CA ALA AA 334 -42.35 -74.45 -63.33
C ALA AA 334 -41.49 -74.82 -64.52
N GLU AA 335 -41.47 -73.98 -65.55
CA GLU AA 335 -40.65 -74.27 -66.72
C GLU AA 335 -39.75 -73.11 -67.09
N VAL AA 336 -38.45 -73.36 -67.22
CA VAL AA 336 -37.51 -72.31 -67.57
C VAL AA 336 -37.32 -72.17 -69.06
N GLY AA 337 -37.67 -71.02 -69.61
CA GLY AA 337 -37.51 -70.81 -71.04
C GLY AA 337 -38.73 -71.36 -71.73
N TYR AA 338 -38.78 -71.24 -73.05
CA TYR AA 338 -39.94 -71.69 -73.80
C TYR AA 338 -39.57 -72.07 -75.24
N SER AA 339 -40.38 -72.90 -75.88
CA SER AA 339 -40.11 -73.27 -77.26
C SER AA 339 -40.87 -72.41 -78.23
N ALA AA 340 -40.22 -72.01 -79.31
CA ALA AA 340 -40.85 -71.12 -80.25
C ALA AA 340 -40.69 -71.56 -81.69
N PRO AA 341 -41.62 -71.15 -82.54
CA PRO AA 341 -41.54 -71.42 -83.97
C PRO AA 341 -40.30 -70.78 -84.59
N TYR AA 342 -39.68 -71.45 -85.56
CA TYR AA 342 -38.47 -70.97 -86.21
C TYR AA 342 -38.22 -71.77 -87.49
N TYR AA 343 -37.85 -71.12 -88.60
CA TYR AA 343 -37.88 -69.69 -88.82
C TYR AA 343 -39.29 -69.30 -89.19
N SER AA 344 -40.08 -68.87 -88.22
CA SER AA 344 -41.48 -68.59 -88.51
C SER AA 344 -41.66 -67.21 -89.10
N PHE AA 345 -42.43 -67.11 -90.17
CA PHE AA 345 -42.85 -65.82 -90.71
C PHE AA 345 -44.37 -65.65 -90.68
N GLU AA 346 -44.81 -64.48 -90.22
CA GLU AA 346 -46.22 -64.19 -90.12
C GLU AA 346 -46.50 -62.95 -90.95
N ALA AA 347 -47.77 -62.72 -91.29
CA ALA AA 347 -48.08 -61.62 -92.18
C ALA AA 347 -49.30 -60.86 -91.74
N SER AA 348 -49.21 -59.54 -91.81
CA SER AA 348 -50.36 -58.70 -91.56
C SER AA 348 -50.31 -57.56 -92.51
N THR AA 349 -51.42 -56.84 -92.59
CA THR AA 349 -51.62 -55.65 -93.41
C THR AA 349 -50.48 -55.22 -94.35
N GLN AA 350 -49.26 -55.23 -93.83
CA GLN AA 350 -48.11 -54.61 -94.49
C GLN AA 350 -47.04 -55.58 -94.91
N GLY AA 351 -47.34 -56.87 -94.87
CA GLY AA 351 -46.41 -57.86 -95.35
C GLY AA 351 -46.00 -58.85 -94.30
N PRO AA 352 -45.05 -59.71 -94.64
CA PRO AA 352 -44.52 -60.77 -93.79
C PRO AA 352 -43.40 -60.28 -92.90
N PHE AA 353 -43.20 -60.92 -91.75
CA PHE AA 353 -42.13 -60.53 -90.84
C PHE AA 353 -41.78 -61.69 -89.95
N LYS AA 354 -40.51 -61.79 -89.53
CA LYS AA 354 -40.10 -62.90 -88.68
C LYS AA 354 -40.71 -62.85 -87.27
N THR AA 355 -41.01 -64.02 -86.72
CA THR AA 355 -41.44 -64.11 -85.34
C THR AA 355 -40.22 -64.10 -84.44
N PRO AA 356 -40.13 -63.10 -83.56
CA PRO AA 356 -38.97 -62.87 -82.70
C PRO AA 356 -38.92 -63.81 -81.52
N ILE AA 357 -37.71 -64.14 -81.03
CA ILE AA 357 -37.60 -65.10 -79.94
C ILE AA 357 -36.91 -64.50 -78.74
N ALA AA 358 -37.31 -64.92 -77.56
CA ALA AA 358 -36.80 -64.31 -76.37
C ALA AA 358 -35.55 -64.99 -75.93
N ALA AA 359 -35.64 -66.29 -75.69
CA ALA AA 359 -34.65 -67.01 -74.90
C ALA AA 359 -33.20 -67.03 -75.44
N GLY AA 360 -32.47 -68.05 -75.03
CA GLY AA 360 -31.14 -68.28 -75.55
C GLY AA 360 -30.15 -67.93 -74.49
N ARG AA 361 -29.03 -68.64 -74.40
CA ARG AA 361 -28.70 -69.77 -75.27
C ARG AA 361 -29.24 -71.04 -74.70
N GLY AA 362 -29.55 -72.01 -75.54
CA GLY AA 362 -30.13 -73.24 -75.04
C GLY AA 362 -29.45 -74.57 -75.33
N GLY AA 363 -28.61 -74.59 -76.35
CA GLY AA 363 -27.96 -75.83 -76.71
C GLY AA 363 -26.81 -76.01 -75.76
N ALA AA 364 -26.16 -77.17 -75.83
CA ALA AA 364 -24.97 -77.38 -75.02
C ALA AA 364 -23.90 -76.62 -75.80
N GLN AA 365 -22.68 -77.11 -75.84
CA GLN AA 365 -21.70 -76.38 -76.62
C GLN AA 365 -20.62 -77.33 -77.10
N THR AA 366 -20.08 -77.07 -78.29
CA THR AA 366 -20.29 -75.82 -79.04
C THR AA 366 -21.55 -75.67 -79.84
N ASP AA 367 -22.35 -76.73 -79.86
CA ASP AA 367 -23.56 -76.76 -80.67
C ASP AA 367 -24.76 -75.94 -80.19
N GLU AA 368 -25.01 -74.83 -80.87
CA GLU AA 368 -26.10 -73.93 -80.55
C GLU AA 368 -26.95 -73.69 -81.78
N ASN AA 369 -28.24 -73.95 -81.63
CA ASN AA 369 -29.26 -73.73 -82.65
C ASN AA 369 -29.69 -72.28 -82.70
N GLN AA 370 -28.77 -71.41 -83.09
CA GLN AA 370 -28.97 -69.97 -82.99
C GLN AA 370 -30.07 -69.36 -83.83
N ALA AA 371 -31.11 -70.14 -84.12
CA ALA AA 371 -32.30 -69.62 -84.79
C ALA AA 371 -33.52 -69.87 -83.91
N ALA AA 372 -33.46 -71.02 -83.24
CA ALA AA 372 -34.49 -71.41 -82.29
C ALA AA 372 -34.38 -70.54 -81.05
N ASP AA 373 -33.16 -70.09 -80.76
CA ASP AA 373 -32.92 -69.22 -79.62
C ASP AA 373 -32.89 -67.78 -80.10
N GLY AA 374 -32.89 -67.61 -81.41
CA GLY AA 374 -32.99 -66.29 -82.01
C GLY AA 374 -31.90 -65.39 -81.54
N ASP AA 375 -30.68 -65.91 -81.52
CA ASP AA 375 -29.52 -65.15 -81.06
C ASP AA 375 -29.30 -64.05 -82.06
N PRO AA 376 -29.17 -62.83 -81.58
CA PRO AA 376 -29.18 -61.69 -82.48
C PRO AA 376 -27.85 -61.48 -83.20
N ARG AA 377 -27.90 -60.89 -84.38
CA ARG AA 377 -26.71 -60.78 -85.20
C ARG AA 377 -26.52 -59.33 -85.62
N TYR AA 378 -25.38 -58.76 -85.29
CA TYR AA 378 -25.16 -57.33 -85.44
C TYR AA 378 -24.19 -56.94 -86.55
N ALA AA 379 -24.59 -56.00 -87.40
CA ALA AA 379 -23.74 -55.56 -88.51
C ALA AA 379 -23.49 -54.05 -88.54
N PHE AA 380 -22.23 -53.67 -88.68
CA PHE AA 380 -21.83 -52.31 -88.41
C PHE AA 380 -20.56 -51.93 -89.12
N GLY AA 381 -20.25 -50.64 -89.17
CA GLY AA 381 -19.09 -50.18 -89.92
C GLY AA 381 -18.23 -49.06 -89.37
N ARG AA 382 -16.96 -49.39 -89.13
CA ARG AA 382 -15.91 -48.45 -88.77
C ARG AA 382 -16.23 -47.50 -87.64
N GLN AA 383 -17.19 -46.64 -87.87
CA GLN AA 383 -17.67 -45.74 -86.84
C GLN AA 383 -18.13 -46.48 -85.61
N HIS AA 384 -18.61 -47.70 -85.76
CA HIS AA 384 -19.22 -48.39 -84.63
C HIS AA 384 -18.55 -49.70 -84.35
N GLY AA 385 -17.28 -49.84 -84.66
CA GLY AA 385 -16.57 -51.06 -84.26
C GLY AA 385 -15.64 -51.73 -85.24
N GLN AA 386 -15.98 -51.74 -86.54
CA GLN AA 386 -15.14 -52.35 -87.57
C GLN AA 386 -13.78 -51.66 -87.60
N LYS AA 387 -12.72 -52.38 -87.96
CA LYS AA 387 -11.37 -51.81 -87.97
C LYS AA 387 -11.39 -50.59 -88.87
N THR AA 388 -10.95 -49.46 -88.35
CA THR AA 388 -11.19 -48.22 -89.06
C THR AA 388 -10.37 -48.09 -90.33
N THR AA 389 -9.34 -48.91 -90.45
CA THR AA 389 -8.51 -48.85 -91.64
C THR AA 389 -9.06 -49.62 -92.82
N THR AA 390 -10.03 -50.48 -92.53
CA THR AA 390 -10.63 -51.35 -93.53
C THR AA 390 -11.36 -50.60 -94.62
N THR AA 391 -10.88 -50.76 -95.85
CA THR AA 391 -11.63 -50.27 -97.00
C THR AA 391 -12.59 -51.34 -97.47
N GLY AA 392 -13.57 -50.94 -98.27
CA GLY AA 392 -14.60 -51.84 -98.76
C GLY AA 392 -15.91 -51.69 -97.99
N GLU AA 393 -17.03 -51.92 -98.67
CA GLU AA 393 -18.33 -51.68 -98.06
C GLU AA 393 -18.89 -52.89 -97.33
N THR AA 394 -18.07 -53.93 -97.19
CA THR AA 394 -18.56 -55.11 -96.49
C THR AA 394 -18.39 -54.87 -95.00
N PRO AA 395 -19.51 -54.93 -94.28
CA PRO AA 395 -19.60 -54.60 -92.85
C PRO AA 395 -18.99 -55.66 -91.98
N GLU AA 396 -18.66 -55.31 -90.73
CA GLU AA 396 -18.25 -56.32 -89.76
C GLU AA 396 -19.50 -56.87 -89.05
N ARG AA 397 -19.46 -58.13 -88.62
CA ARG AA 397 -20.63 -58.79 -88.04
C ARG AA 397 -20.24 -59.64 -86.89
N PHE AA 398 -21.22 -59.97 -86.06
CA PHE AA 398 -21.07 -60.97 -85.02
C PHE AA 398 -22.45 -61.38 -84.55
N THR AA 399 -22.52 -62.56 -83.94
CA THR AA 399 -23.76 -63.03 -83.35
C THR AA 399 -23.59 -63.21 -81.85
N TYR AA 400 -24.38 -62.48 -81.07
CA TYR AA 400 -24.25 -62.51 -79.63
C TYR AA 400 -24.88 -63.79 -79.09
N ILE AA 401 -24.07 -64.66 -78.52
CA ILE AA 401 -24.64 -65.79 -77.83
C ILE AA 401 -24.53 -65.63 -76.33
N ALA AA 402 -25.66 -65.38 -75.68
CA ALA AA 402 -25.65 -65.06 -74.27
C ALA AA 402 -25.14 -66.20 -73.40
N HIS AA 403 -24.81 -65.85 -72.16
CA HIS AA 403 -24.32 -66.84 -71.24
C HIS AA 403 -25.43 -67.56 -70.54
N GLN AA 404 -26.60 -66.93 -70.47
CA GLN AA 404 -27.72 -67.47 -69.71
C GLN AA 404 -28.40 -68.64 -70.36
N ASP AA 405 -28.26 -69.82 -69.77
CA ASP AA 405 -28.80 -71.03 -70.37
C ASP AA 405 -30.32 -71.17 -70.16
N THR AA 406 -31.10 -70.51 -71.01
CA THR AA 406 -32.56 -70.56 -70.94
C THR AA 406 -33.26 -70.81 -72.28
N GLY AA 407 -32.50 -71.19 -73.29
CA GLY AA 407 -33.07 -71.44 -74.60
C GLY AA 407 -33.32 -72.93 -74.80
N ARG AA 408 -33.47 -73.35 -76.05
CA ARG AA 408 -33.77 -74.76 -76.32
C ARG AA 408 -32.79 -75.39 -77.31
N TYR AA 409 -32.67 -76.72 -77.23
CA TYR AA 409 -31.92 -77.50 -78.22
C TYR AA 409 -32.85 -78.48 -78.87
N PRO AA 410 -33.69 -77.99 -79.79
CA PRO AA 410 -34.83 -78.74 -80.28
C PRO AA 410 -34.52 -80.10 -80.86
N GLU AA 411 -33.28 -80.34 -81.28
CA GLU AA 411 -32.93 -81.64 -81.81
C GLU AA 411 -33.15 -82.72 -80.76
N GLY AA 412 -33.13 -82.33 -79.49
CA GLY AA 412 -33.31 -83.28 -78.40
C GLY AA 412 -34.74 -83.40 -77.92
N ASP AA 413 -35.65 -82.68 -78.59
CA ASP AA 413 -37.07 -82.68 -78.24
C ASP AA 413 -37.78 -83.94 -78.72
N TRP AA 414 -38.89 -84.30 -78.09
CA TRP AA 414 -39.73 -85.35 -78.62
C TRP AA 414 -41.07 -85.39 -77.94
N ILE AA 415 -41.96 -86.21 -78.47
CA ILE AA 415 -43.30 -86.37 -77.93
C ILE AA 415 -43.73 -87.82 -77.95
N GLN AA 416 -43.99 -88.40 -76.77
CA GLN AA 416 -44.46 -89.79 -76.71
C GLN AA 416 -45.96 -89.89 -76.61
N ASN AA 417 -46.44 -91.07 -76.94
CA ASN AA 417 -47.84 -91.38 -76.81
C ASN AA 417 -48.26 -91.46 -75.37
N ILE AA 418 -49.53 -91.16 -75.14
CA ILE AA 418 -50.13 -91.21 -73.83
C ILE AA 418 -49.82 -92.50 -73.11
N ASN AA 419 -49.65 -93.59 -73.84
CA ASN AA 419 -49.55 -94.89 -73.17
C ASN AA 419 -48.20 -95.14 -72.50
N PHE AA 420 -47.16 -94.46 -72.98
CA PHE AA 420 -45.83 -94.57 -72.38
C PHE AA 420 -45.39 -96.03 -72.19
N ASN AA 421 -45.63 -96.80 -73.25
CA ASN AA 421 -45.14 -98.15 -73.35
C ASN AA 421 -43.76 -98.04 -73.94
N LEU AA 422 -42.74 -98.22 -73.11
CA LEU AA 422 -41.40 -97.91 -73.57
C LEU AA 422 -40.44 -99.06 -73.31
N PRO AA 423 -39.38 -99.19 -74.13
CA PRO AA 423 -38.87 -98.40 -75.26
C PRO AA 423 -39.95 -98.10 -76.28
N VAL AA 424 -40.02 -96.88 -76.79
CA VAL AA 424 -41.19 -96.44 -77.53
C VAL AA 424 -41.14 -96.81 -79.04
N THR AA 425 -42.28 -97.24 -79.58
CA THR AA 425 -42.45 -97.55 -81.00
C THR AA 425 -42.37 -96.32 -81.88
N ASP AA 426 -41.99 -96.46 -83.15
CA ASP AA 426 -41.92 -95.31 -84.06
C ASP AA 426 -43.32 -94.73 -84.26
N ASP AA 427 -44.32 -95.59 -84.11
CA ASP AA 427 -45.70 -95.15 -84.27
C ASP AA 427 -46.15 -94.37 -83.05
N ASN AA 428 -45.45 -94.56 -81.95
CA ASN AA 428 -45.86 -93.92 -80.70
C ASN AA 428 -44.99 -92.72 -80.33
N VAL AA 429 -44.02 -92.36 -81.16
CA VAL AA 429 -43.22 -91.19 -80.84
C VAL AA 429 -43.10 -90.29 -82.05
N LEU AA 430 -43.02 -89.00 -81.81
CA LEU AA 430 -42.84 -88.03 -82.87
C LEU AA 430 -41.50 -87.37 -82.65
N LEU AA 431 -40.57 -87.56 -83.58
CA LEU AA 431 -39.22 -87.02 -83.45
C LEU AA 431 -39.04 -85.76 -84.28
N PRO AA 432 -37.99 -84.99 -83.96
CA PRO AA 432 -37.63 -83.85 -84.80
C PRO AA 432 -37.02 -84.32 -86.10
N THR AA 433 -37.03 -85.63 -86.27
CA THR AA 433 -36.56 -86.30 -87.46
C THR AA 433 -37.68 -86.54 -88.44
N ASP AA 434 -38.85 -86.88 -87.93
CA ASP AA 434 -40.02 -87.17 -88.74
C ASP AA 434 -40.62 -85.93 -89.41
N PRO AA 435 -40.76 -85.98 -90.73
CA PRO AA 435 -41.26 -84.85 -91.53
C PRO AA 435 -42.71 -84.55 -91.29
N ILE AA 436 -43.04 -83.29 -91.44
CA ILE AA 436 -44.35 -82.79 -91.09
C ILE AA 436 -45.01 -82.25 -92.33
N GLY AA 437 -46.24 -82.69 -92.58
CA GLY AA 437 -46.96 -82.20 -93.74
C GLY AA 437 -46.21 -82.57 -95.00
N GLY AA 438 -45.42 -83.64 -94.91
CA GLY AA 438 -44.71 -84.17 -96.05
C GLY AA 438 -43.57 -83.34 -96.60
N LYS AA 439 -42.86 -82.64 -95.73
CA LYS AA 439 -41.67 -81.88 -96.12
C LYS AA 439 -40.46 -82.45 -95.41
N THR AA 440 -39.41 -82.75 -96.16
CA THR AA 440 -38.22 -83.33 -95.56
C THR AA 440 -37.55 -82.44 -94.50
N GLY AA 441 -37.43 -81.14 -94.82
CA GLY AA 441 -36.69 -80.21 -93.98
C GLY AA 441 -37.52 -79.49 -92.93
N ILE AA 442 -38.66 -80.07 -92.60
CA ILE AA 442 -39.54 -79.49 -91.59
C ILE AA 442 -39.94 -80.56 -90.57
N ASN AA 443 -39.89 -80.23 -89.28
CA ASN AA 443 -40.37 -81.15 -88.25
C ASN AA 443 -41.26 -80.39 -87.29
N TYR AA 444 -41.78 -81.06 -86.28
CA TYR AA 444 -42.80 -80.41 -85.46
C TYR AA 444 -42.20 -79.24 -84.70
N THR AA 445 -40.92 -79.34 -84.37
CA THR AA 445 -40.31 -78.30 -83.56
C THR AA 445 -40.30 -76.96 -84.27
N ASN AA 446 -40.44 -76.96 -85.59
CA ASN AA 446 -40.46 -75.69 -86.30
C ASN AA 446 -41.74 -74.89 -86.11
N ILE AA 447 -42.80 -75.55 -85.67
CA ILE AA 447 -44.05 -74.85 -85.43
C ILE AA 447 -44.47 -74.92 -83.95
N PHE AA 448 -43.56 -75.41 -83.12
CA PHE AA 448 -43.84 -75.71 -81.73
C PHE AA 448 -43.82 -74.42 -80.90
N ASN AA 449 -44.64 -74.38 -79.85
CA ASN AA 449 -44.72 -73.24 -78.95
C ASN AA 449 -45.10 -73.69 -77.54
N THR AA 450 -44.17 -73.60 -76.61
CA THR AA 450 -44.49 -74.02 -75.26
C THR AA 450 -44.47 -72.86 -74.26
N TYR AA 451 -44.78 -71.67 -74.75
CA TYR AA 451 -45.00 -70.59 -73.82
C TYR AA 451 -46.28 -70.89 -73.08
N GLY AA 452 -46.31 -70.58 -71.80
CA GLY AA 452 -47.44 -70.92 -70.96
C GLY AA 452 -47.30 -70.33 -69.57
N PRO AA 453 -48.35 -70.47 -68.77
CA PRO AA 453 -48.34 -69.85 -67.45
C PRO AA 453 -47.29 -70.47 -66.52
N LEU AA 454 -46.46 -71.39 -66.99
CA LEU AA 454 -45.39 -71.89 -66.15
C LEU AA 454 -44.05 -71.41 -66.67
N THR AA 455 -44.10 -70.53 -67.67
CA THR AA 455 -42.90 -70.09 -68.34
C THR AA 455 -42.19 -69.08 -67.48
N ALA AA 456 -40.88 -69.25 -67.34
CA ALA AA 456 -40.03 -68.28 -66.65
C ALA AA 456 -38.94 -67.80 -67.60
N LEU AA 457 -38.58 -66.52 -67.49
CA LEU AA 457 -37.74 -65.82 -68.47
C LEU AA 457 -36.73 -64.82 -67.92
N ASN AA 458 -35.69 -64.52 -68.70
CA ASN AA 458 -34.92 -63.32 -68.40
C ASN AA 458 -35.06 -62.32 -69.49
N ASN AA 459 -34.75 -61.08 -69.17
CA ASN AA 459 -34.73 -60.00 -70.13
C ASN AA 459 -33.43 -60.11 -70.90
N VAL AA 460 -33.36 -59.44 -72.04
CA VAL AA 460 -32.17 -59.48 -72.88
C VAL AA 460 -30.99 -58.83 -72.21
N PRO AA 461 -29.81 -59.40 -72.41
CA PRO AA 461 -28.59 -58.81 -71.88
C PRO AA 461 -28.13 -57.66 -72.74
N PRO AA 462 -27.40 -56.72 -72.16
CA PRO AA 462 -26.89 -55.60 -72.95
C PRO AA 462 -25.83 -56.13 -73.89
N VAL AA 463 -25.85 -55.65 -75.12
CA VAL AA 463 -24.86 -56.09 -76.09
C VAL AA 463 -23.88 -54.97 -76.36
N TYR AA 464 -22.71 -55.04 -75.72
CA TYR AA 464 -21.68 -54.01 -75.91
C TYR AA 464 -20.78 -54.32 -77.09
N PRO AA 465 -20.53 -53.32 -77.94
CA PRO AA 465 -21.00 -51.95 -77.87
C PRO AA 465 -22.15 -51.57 -78.81
N ASN AA 466 -22.62 -52.46 -79.66
CA ASN AA 466 -23.58 -52.04 -80.69
C ASN AA 466 -25.06 -52.04 -80.24
N GLY AA 467 -25.33 -52.62 -79.08
CA GLY AA 467 -26.67 -52.78 -78.56
C GLY AA 467 -27.39 -51.52 -78.12
N GLN AA 468 -28.71 -51.57 -78.20
CA GLN AA 468 -29.51 -50.46 -77.76
C GLN AA 468 -29.50 -50.49 -76.24
N ILE AA 469 -29.68 -49.33 -75.62
CA ILE AA 469 -29.68 -49.22 -74.15
C ILE AA 469 -31.09 -49.15 -73.59
N TRP AA 470 -31.85 -48.15 -74.02
CA TRP AA 470 -33.22 -48.03 -73.59
C TRP AA 470 -34.14 -47.96 -74.80
N ASP AA 471 -35.42 -48.25 -74.62
CA ASP AA 471 -36.37 -48.28 -75.73
C ASP AA 471 -37.77 -47.82 -75.32
N LYS AA 472 -38.52 -47.19 -76.23
CA LYS AA 472 -39.89 -46.80 -75.90
C LYS AA 472 -40.80 -48.02 -75.79
N GLU AA 473 -41.86 -47.90 -75.01
CA GLU AA 473 -42.82 -48.98 -74.89
C GLU AA 473 -43.94 -48.81 -75.88
N PHE AA 474 -44.48 -49.92 -76.35
CA PHE AA 474 -45.58 -49.91 -77.31
C PHE AA 474 -46.79 -49.27 -76.69
N ASP AA 475 -47.49 -48.44 -77.44
CA ASP AA 475 -48.71 -47.84 -76.92
C ASP AA 475 -49.89 -48.81 -77.16
N THR AA 476 -49.73 -50.05 -76.76
CA THR AA 476 -50.82 -51.00 -76.84
C THR AA 476 -51.44 -51.19 -75.47
N ASP AA 477 -52.73 -51.44 -75.42
CA ASP AA 477 -53.44 -51.57 -74.15
C ASP AA 477 -52.83 -52.72 -73.36
N LEU AA 478 -52.32 -53.73 -74.04
CA LEU AA 478 -51.56 -54.79 -73.40
C LEU AA 478 -50.15 -54.80 -73.95
N LYS AA 479 -49.17 -55.01 -73.08
CA LYS AA 479 -47.78 -54.74 -73.44
C LYS AA 479 -46.90 -55.99 -73.42
N PRO AA 480 -45.74 -55.91 -74.09
CA PRO AA 480 -44.86 -57.06 -74.12
C PRO AA 480 -44.19 -57.26 -72.79
N ARG AA 481 -43.88 -58.50 -72.41
CA ARG AA 481 -43.16 -58.71 -71.16
C ARG AA 481 -41.68 -58.30 -71.21
N LEU AA 482 -41.17 -58.02 -72.41
CA LEU AA 482 -39.83 -57.49 -72.58
C LEU AA 482 -39.65 -57.04 -74.01
N HIS AA 483 -38.50 -56.46 -74.32
CA HIS AA 483 -38.16 -56.16 -75.70
C HIS AA 483 -36.88 -56.88 -75.99
N VAL AA 484 -36.60 -57.13 -77.26
CA VAL AA 484 -35.41 -57.87 -77.60
C VAL AA 484 -34.28 -56.97 -78.04
N ASN AA 485 -34.56 -55.69 -78.24
CA ASN AA 485 -33.52 -54.79 -78.70
C ASN AA 485 -32.85 -53.99 -77.60
N ALA AA 486 -33.45 -53.94 -76.41
CA ALA AA 486 -32.91 -53.15 -75.29
C ALA AA 486 -33.34 -53.69 -73.94
N PRO AA 487 -32.48 -53.58 -72.93
CA PRO AA 487 -32.88 -54.11 -71.63
C PRO AA 487 -33.78 -53.15 -70.84
N PHE AA 488 -33.66 -51.85 -71.09
CA PHE AA 488 -34.48 -50.87 -70.39
C PHE AA 488 -35.65 -50.36 -71.22
N VAL AA 489 -36.88 -50.49 -70.72
CA VAL AA 489 -38.03 -49.96 -71.45
C VAL AA 489 -38.76 -48.91 -70.61
N CYS AA 490 -38.91 -47.71 -71.15
CA CYS AA 490 -39.57 -46.61 -70.47
C CYS AA 490 -41.07 -46.80 -70.36
N GLN AA 491 -41.57 -47.06 -69.16
CA GLN AA 491 -43.00 -47.22 -68.97
C GLN AA 491 -43.77 -45.93 -68.85
N ASN AA 492 -43.16 -44.92 -68.25
CA ASN AA 492 -43.76 -43.61 -68.22
C ASN AA 492 -43.72 -42.92 -69.58
N ASN AA 493 -42.52 -42.43 -69.94
CA ASN AA 493 -42.25 -41.68 -71.15
C ASN AA 493 -40.74 -41.65 -71.35
N CYS AA 494 -40.28 -41.73 -72.58
CA CYS AA 494 -38.85 -41.75 -72.81
C CYS AA 494 -38.34 -40.36 -73.15
N PRO AA 495 -37.03 -40.14 -73.01
CA PRO AA 495 -36.42 -38.89 -73.45
C PRO AA 495 -36.80 -38.59 -74.86
N GLY AA 496 -37.02 -37.33 -75.18
CA GLY AA 496 -37.38 -37.01 -76.55
C GLY AA 496 -36.22 -37.20 -77.51
N GLN AA 497 -36.54 -37.36 -78.78
CA GLN AA 497 -35.48 -37.47 -79.77
C GLN AA 497 -34.99 -36.08 -80.14
N LEU AA 498 -33.72 -35.99 -80.49
CA LEU AA 498 -33.12 -34.71 -80.79
C LEU AA 498 -32.86 -34.54 -82.27
N PHE AA 499 -33.38 -33.47 -82.88
CA PHE AA 499 -33.25 -33.26 -84.31
C PHE AA 499 -32.54 -31.96 -84.69
N VAL AA 500 -31.67 -32.04 -85.68
CA VAL AA 500 -30.94 -30.88 -86.16
C VAL AA 500 -31.18 -30.67 -87.65
N LYS AA 501 -30.87 -29.49 -88.16
CA LYS AA 501 -31.13 -29.16 -89.56
C LYS AA 501 -30.50 -27.82 -89.91
N VAL AA 502 -29.75 -27.75 -91.01
CA VAL AA 502 -29.13 -26.47 -91.41
C VAL AA 502 -30.16 -25.48 -91.92
N ALA AA 503 -30.08 -24.24 -91.46
CA ALA AA 503 -31.05 -23.24 -91.87
C ALA AA 503 -30.87 -22.95 -93.34
N PRO AA 504 -31.99 -22.75 -94.04
CA PRO AA 504 -32.01 -22.41 -95.46
C PRO AA 504 -31.24 -21.15 -95.71
N ASN AA 505 -30.10 -21.22 -96.38
CA ASN AA 505 -29.28 -20.04 -96.60
C ASN AA 505 -29.45 -19.49 -98.00
N LEU AA 506 -30.43 -18.62 -98.20
CA LEU AA 506 -30.88 -18.31 -99.56
C LEU AA 506 -29.94 -17.45 -100.37
N THR AA 507 -30.01 -17.64 -101.68
CA THR AA 507 -29.29 -16.79 -102.63
C THR AA 507 -30.14 -15.57 -102.88
N ASN AA 508 -29.68 -14.65 -103.73
CA ASN AA 508 -30.45 -13.43 -103.84
C ASN AA 508 -31.66 -13.60 -104.74
N GLN AA 509 -31.60 -14.55 -105.66
CA GLN AA 509 -32.79 -14.82 -106.45
C GLN AA 509 -33.49 -16.07 -105.94
N TYR AA 510 -34.66 -15.83 -105.36
CA TYR AA 510 -35.52 -16.88 -104.83
C TYR AA 510 -36.94 -16.51 -105.16
N ASP AA 511 -37.60 -17.38 -105.90
CA ASP AA 511 -39.01 -17.22 -106.21
C ASP AA 511 -39.78 -18.44 -105.82
N PRO AA 512 -40.54 -18.35 -104.73
CA PRO AA 512 -41.32 -19.45 -104.19
C PRO AA 512 -42.48 -19.81 -105.10
N ASP AA 513 -43.01 -18.83 -105.83
CA ASP AA 513 -44.08 -19.12 -106.76
C ASP AA 513 -43.57 -19.97 -107.92
N ALA AA 514 -42.25 -19.90 -108.17
CA ALA AA 514 -41.66 -20.74 -109.20
C ALA AA 514 -41.43 -22.12 -108.61
N SER AA 515 -41.73 -23.16 -109.37
CA SER AA 515 -41.48 -24.52 -108.89
C SER AA 515 -40.01 -24.85 -109.04
N ALA AA 516 -39.39 -24.19 -110.01
CA ALA AA 516 -37.97 -24.36 -110.31
C ALA AA 516 -37.04 -24.18 -109.11
N ASN AA 517 -35.90 -24.86 -109.20
CA ASN AA 517 -34.73 -24.66 -108.36
C ASN AA 517 -34.84 -23.89 -107.04
N MET AA 518 -34.84 -24.56 -105.90
CA MET AA 518 -34.61 -23.81 -104.68
C MET AA 518 -33.11 -23.56 -104.71
N SER AA 519 -32.71 -22.31 -104.87
CA SER AA 519 -31.29 -22.00 -104.87
C SER AA 519 -30.80 -21.59 -103.50
N ARG AA 520 -29.92 -22.40 -102.94
CA ARG AA 520 -29.42 -22.16 -101.61
C ARG AA 520 -27.92 -22.08 -101.63
N ILE AA 521 -27.35 -21.17 -100.85
CA ILE AA 521 -25.92 -21.11 -100.67
C ILE AA 521 -25.48 -22.41 -100.05
N VAL AA 522 -24.43 -23.01 -100.59
CA VAL AA 522 -24.05 -24.30 -100.08
C VAL AA 522 -23.57 -24.05 -98.67
N THR AA 523 -24.24 -24.68 -97.71
CA THR AA 523 -23.95 -24.42 -96.33
C THR AA 523 -23.83 -25.73 -95.58
N TYR AA 524 -22.96 -25.75 -94.57
CA TYR AA 524 -22.87 -26.90 -93.68
C TYR AA 524 -22.48 -26.45 -92.29
N SER AA 525 -22.56 -27.35 -91.33
CA SER AA 525 -22.29 -26.95 -89.95
C SER AA 525 -21.43 -27.93 -89.16
N ASP AA 526 -20.61 -27.38 -88.27
CA ASP AA 526 -19.91 -28.17 -87.27
C ASP AA 526 -20.40 -27.79 -85.89
N PHE AA 527 -20.80 -28.78 -85.10
CA PHE AA 527 -21.22 -28.48 -83.74
C PHE AA 527 -20.82 -29.58 -82.78
N TRP AA 528 -20.71 -29.23 -81.50
CA TRP AA 528 -20.34 -30.18 -80.47
C TRP AA 528 -21.54 -30.68 -79.67
N TRP AA 529 -21.52 -31.96 -79.33
CA TRP AA 529 -22.57 -32.58 -78.55
C TRP AA 529 -22.01 -33.16 -77.27
N LYS AA 530 -22.62 -32.84 -76.15
CA LYS AA 530 -22.21 -33.43 -74.88
C LYS AA 530 -23.44 -34.01 -74.20
N GLY AA 531 -23.28 -35.20 -73.66
CA GLY AA 531 -24.37 -35.87 -72.97
C GLY AA 531 -23.92 -36.44 -71.64
N LYS AA 532 -24.88 -36.61 -70.74
CA LYS AA 532 -24.59 -37.22 -69.44
C LYS AA 532 -25.62 -38.31 -69.12
N LEU AA 533 -25.15 -39.55 -69.06
CA LEU AA 533 -26.04 -40.66 -68.78
C LEU AA 533 -25.69 -41.21 -67.43
N VAL AA 534 -26.64 -41.21 -66.51
CA VAL AA 534 -26.33 -41.62 -65.16
C VAL AA 534 -26.93 -42.96 -64.80
N PHE AA 535 -26.08 -43.86 -64.34
CA PHE AA 535 -26.52 -45.18 -63.90
C PHE AA 535 -26.31 -45.30 -62.40
N LYS AA 536 -27.00 -46.25 -61.81
CA LYS AA 536 -26.85 -46.55 -60.42
C LYS AA 536 -26.68 -48.04 -60.37
N ALA AA 537 -25.52 -48.52 -59.91
CA ALA AA 537 -25.23 -49.95 -59.92
C ALA AA 537 -24.96 -50.44 -58.51
N LYS AA 538 -24.88 -51.75 -58.33
CA LYS AA 538 -24.66 -52.29 -57.00
C LYS AA 538 -23.56 -53.35 -57.04
N LEU AA 539 -22.60 -53.29 -56.15
CA LEU AA 539 -21.45 -54.18 -56.23
C LEU AA 539 -21.80 -55.63 -55.90
N ARG AA 540 -21.25 -56.59 -56.66
CA ARG AA 540 -21.51 -58.01 -56.38
C ARG AA 540 -20.61 -58.51 -55.29
N ALA AA 541 -20.90 -59.69 -54.77
CA ALA AA 541 -20.06 -60.26 -53.74
C ALA AA 541 -19.89 -61.76 -53.94
N SER AA 542 -18.78 -62.31 -53.47
CA SER AA 542 -18.46 -63.73 -53.63
C SER AA 542 -19.29 -64.60 -52.73
N HIS AA 543 -20.01 -65.55 -53.31
CA HIS AA 543 -20.86 -66.41 -52.50
C HIS AA 543 -20.39 -67.84 -52.58
N THR AA 544 -19.42 -68.10 -53.46
CA THR AA 544 -18.96 -69.47 -53.74
C THR AA 544 -17.48 -69.65 -53.47
N TRP AA 545 -17.08 -70.91 -53.33
CA TRP AA 545 -15.68 -71.23 -53.08
C TRP AA 545 -14.87 -70.94 -54.32
N ASN AA 546 -15.47 -71.21 -55.47
CA ASN AA 546 -14.75 -71.04 -56.70
C ASN AA 546 -14.74 -69.63 -57.18
N PRO AA 547 -13.70 -69.24 -57.92
CA PRO AA 547 -13.72 -67.94 -58.60
C PRO AA 547 -14.65 -68.07 -59.76
N ILE AA 548 -14.83 -67.03 -60.56
CA ILE AA 548 -15.83 -67.06 -61.61
C ILE AA 548 -15.41 -66.37 -62.88
N GLN AA 549 -16.23 -66.52 -63.92
CA GLN AA 549 -16.12 -65.79 -65.19
C GLN AA 549 -15.82 -64.33 -64.96
N GLN AA 550 -14.75 -63.80 -65.56
CA GLN AA 550 -14.50 -62.34 -65.63
C GLN AA 550 -13.68 -61.94 -66.86
N MET AA 551 -13.88 -60.73 -67.42
CA MET AA 551 -13.10 -60.26 -68.60
C MET AA 551 -11.64 -60.09 -68.30
N SER AA 552 -10.79 -60.20 -69.32
CA SER AA 552 -9.42 -59.70 -69.23
C SER AA 552 -8.66 -59.80 -70.54
N ILE AA 553 -7.40 -59.42 -70.53
CA ILE AA 553 -6.49 -59.79 -71.60
C ILE AA 553 -5.37 -60.53 -70.89
N ASN AA 554 -4.86 -61.69 -71.33
CA ASN AA 554 -5.01 -62.48 -72.58
C ASN AA 554 -3.98 -62.13 -73.63
N VAL AA 555 -3.23 -63.15 -74.04
CA VAL AA 555 -2.22 -62.98 -75.05
C VAL AA 555 -2.85 -62.95 -76.42
N ASP AA 556 -3.95 -63.70 -76.58
CA ASP AA 556 -4.91 -63.45 -77.63
C ASP AA 556 -5.55 -62.13 -77.24
N ASN AA 557 -6.55 -61.67 -77.98
CA ASN AA 557 -7.41 -60.66 -77.39
C ASN AA 557 -6.72 -59.31 -77.28
N GLN AA 558 -5.57 -59.34 -76.61
CA GLN AA 558 -4.73 -58.19 -76.34
C GLN AA 558 -4.62 -57.13 -77.43
N PHE AA 559 -4.92 -57.45 -78.67
CA PHE AA 559 -4.63 -56.46 -79.68
C PHE AA 559 -5.84 -55.73 -80.17
N ASN AA 560 -6.99 -56.03 -79.58
CA ASN AA 560 -8.22 -55.34 -79.93
C ASN AA 560 -8.46 -54.11 -79.09
N TYR AA 561 -7.46 -53.71 -78.31
CA TYR AA 561 -7.70 -52.66 -77.35
C TYR AA 561 -6.66 -51.59 -77.43
N VAL AA 562 -5.93 -51.59 -78.52
CA VAL AA 562 -4.87 -50.64 -78.70
C VAL AA 562 -4.88 -50.24 -80.14
N PRO AA 563 -4.39 -49.05 -80.46
CA PRO AA 563 -4.40 -48.72 -81.87
C PRO AA 563 -3.30 -49.46 -82.63
N SER AA 564 -3.05 -49.06 -83.88
CA SER AA 564 -2.14 -49.74 -84.80
C SER AA 564 -0.96 -48.88 -85.30
N ASN AA 565 -0.23 -49.36 -86.29
CA ASN AA 565 0.83 -48.59 -86.93
C ASN AA 565 0.31 -47.26 -87.42
N ILE AA 566 -0.92 -47.27 -87.92
CA ILE AA 566 -1.60 -46.06 -88.32
C ILE AA 566 -2.58 -45.77 -87.20
N GLY AA 567 -3.59 -44.95 -87.45
CA GLY AA 567 -4.57 -44.67 -86.41
C GLY AA 567 -5.61 -45.74 -86.09
N GLY AA 568 -5.16 -46.97 -85.82
CA GLY AA 568 -6.04 -48.03 -85.31
C GLY AA 568 -7.19 -48.12 -86.27
N MET AA 569 -8.39 -48.50 -85.85
CA MET AA 569 -8.70 -49.02 -84.53
C MET AA 569 -10.03 -49.75 -84.60
N LYS AA 570 -10.37 -50.41 -83.49
CA LYS AA 570 -11.41 -51.41 -83.45
C LYS AA 570 -12.11 -51.45 -82.10
N ILE AA 571 -13.41 -51.68 -82.08
CA ILE AA 571 -14.08 -51.98 -80.82
C ILE AA 571 -14.80 -53.30 -80.94
N VAL AA 572 -14.61 -54.19 -79.98
CA VAL AA 572 -15.10 -55.56 -80.14
C VAL AA 572 -16.29 -55.94 -79.25
N TYR AA 573 -17.25 -56.66 -79.82
CA TYR AA 573 -18.27 -57.42 -79.09
C TYR AA 573 -17.76 -58.00 -77.78
N GLU AA 574 -18.47 -57.84 -76.65
CA GLU AA 574 -17.99 -58.39 -75.34
C GLU AA 574 -18.97 -58.76 -74.23
N LYS AA 575 -20.11 -59.37 -74.50
CA LYS AA 575 -20.91 -59.96 -73.43
C LYS AA 575 -21.29 -58.95 -72.35
N SER AA 576 -21.80 -59.46 -71.22
CA SER AA 576 -22.24 -58.60 -70.12
C SER AA 576 -22.65 -59.35 -68.85
N GLN AA 577 -23.11 -60.58 -68.98
CA GLN AA 577 -23.62 -61.25 -67.79
C GLN AA 577 -22.70 -62.36 -67.35
N LEU AA 578 -21.51 -62.02 -66.90
CA LEU AA 578 -20.48 -63.04 -66.78
C LEU AA 578 -20.61 -63.93 -65.56
N ALA AA 579 -21.03 -63.36 -64.44
CA ALA AA 579 -21.04 -64.11 -63.20
C ALA AA 579 -22.33 -64.85 -63.02
N PRO AA 580 -22.24 -66.07 -62.52
CA PRO AA 580 -23.41 -66.91 -62.31
C PRO AA 580 -24.37 -66.40 -61.25
N ARG AA 581 -25.63 -66.83 -61.31
CA ARG AA 581 -26.64 -66.41 -60.37
C ARG AA 581 -27.09 -67.62 -59.60
N LYS AA 582 -28.29 -68.07 -59.95
CA LYS AA 582 -29.01 -69.22 -59.35
C LYS AA 582 -30.46 -68.90 -59.59
N LEU AA 583 -31.17 -69.83 -60.20
CA LEU AA 583 -32.60 -69.66 -60.38
C LEU AA 583 -33.33 -69.96 -59.10
N TYR AA 584 -32.95 -71.07 -58.50
CA TYR AA 584 -33.73 -71.70 -57.47
C TYR AA 584 -32.84 -72.30 -56.40
N GLY BA 37 -14.50 -11.01 -75.70
CA GLY BA 37 -15.04 -11.29 -77.03
C GLY BA 37 -13.96 -11.23 -78.10
N VAL BA 38 -14.36 -10.97 -79.33
CA VAL BA 38 -13.42 -10.92 -80.44
C VAL BA 38 -12.29 -9.92 -80.23
N GLY BA 39 -12.64 -8.64 -80.19
CA GLY BA 39 -11.64 -7.61 -80.19
C GLY BA 39 -11.19 -7.18 -78.82
N ILE BA 40 -11.18 -8.09 -77.87
CA ILE BA 40 -10.77 -7.72 -76.52
C ILE BA 40 -9.80 -8.70 -75.88
N SER BA 41 -8.60 -8.23 -75.54
CA SER BA 41 -7.55 -9.09 -74.98
C SER BA 41 -8.01 -9.68 -73.68
N THR BA 42 -7.43 -10.81 -73.34
CA THR BA 42 -7.87 -11.60 -72.21
C THR BA 42 -6.70 -11.91 -71.28
N GLY BA 43 -5.67 -11.09 -71.36
CA GLY BA 43 -4.50 -11.32 -70.54
C GLY BA 43 -3.42 -10.30 -70.70
N THR BA 44 -2.33 -10.56 -69.98
CA THR BA 44 -1.23 -9.64 -69.89
C THR BA 44 0.12 -10.32 -69.99
N PHE BA 45 1.01 -9.81 -70.84
CA PHE BA 45 2.37 -10.31 -70.94
C PHE BA 45 3.17 -9.89 -69.75
N ASN BA 46 3.87 -10.82 -69.14
CA ASN BA 46 4.73 -10.48 -68.02
C ASN BA 46 5.90 -11.43 -67.82
N ASN BA 47 7.10 -10.97 -68.15
CA ASN BA 47 8.25 -11.84 -67.95
C ASN BA 47 9.19 -11.20 -66.95
N GLN BA 48 8.60 -10.72 -65.87
CA GLN BA 48 9.26 -9.89 -64.91
C GLN BA 48 9.64 -10.74 -63.72
N THR BA 49 10.81 -10.52 -63.13
CA THR BA 49 11.23 -11.35 -61.99
C THR BA 49 11.31 -10.53 -60.72
N GLU BA 50 10.43 -10.79 -59.76
CA GLU BA 50 10.33 -9.96 -58.57
C GLU BA 50 11.06 -10.61 -57.40
N PHE BA 51 11.89 -9.79 -56.74
CA PHE BA 51 12.59 -10.17 -55.53
C PHE BA 51 12.07 -9.30 -54.40
N LYS BA 52 11.23 -9.92 -53.57
CA LYS BA 52 10.61 -9.22 -52.45
C LYS BA 52 11.28 -9.68 -51.16
N PHE BA 53 12.09 -8.80 -50.57
CA PHE BA 53 12.87 -9.15 -49.39
C PHE BA 53 12.07 -8.97 -48.11
N LEU BA 54 12.16 -9.94 -47.20
CA LEU BA 54 11.38 -9.85 -45.97
C LEU BA 54 12.24 -9.79 -44.73
N GLU BA 55 11.59 -9.97 -43.58
CA GLU BA 55 12.27 -9.93 -42.30
C GLU BA 55 12.95 -11.26 -42.21
N ASN BA 56 13.98 -11.34 -41.39
CA ASN BA 56 14.86 -12.51 -41.14
C ASN BA 56 15.55 -13.06 -42.40
N GLY BA 57 15.75 -12.22 -43.41
CA GLY BA 57 16.46 -12.60 -44.60
C GLY BA 57 15.90 -13.75 -45.43
N TRP BA 58 14.61 -13.97 -45.36
CA TRP BA 58 13.94 -14.87 -46.29
C TRP BA 58 13.53 -14.01 -47.47
N VAL BA 59 13.82 -14.48 -48.68
CA VAL BA 59 13.45 -13.73 -49.87
C VAL BA 59 12.35 -14.46 -50.62
N TYR BA 60 11.58 -13.71 -51.38
CA TYR BA 60 10.33 -14.16 -51.97
C TYR BA 60 10.42 -13.96 -53.48
N ILE BA 61 11.06 -14.92 -54.15
CA ILE BA 61 11.33 -14.81 -55.57
C ILE BA 61 10.13 -15.18 -56.38
N THR BA 62 9.62 -14.20 -57.11
CA THR BA 62 8.46 -14.42 -57.94
C THR BA 62 8.87 -14.36 -59.39
N ALA BA 63 9.03 -15.51 -60.02
CA ALA BA 63 9.45 -15.52 -61.41
C ALA BA 63 8.27 -15.60 -62.34
N ASN BA 64 8.05 -14.54 -63.10
CA ASN BA 64 7.00 -14.52 -64.09
C ASN BA 64 7.53 -14.81 -65.45
N SER BA 65 6.74 -15.50 -66.24
CA SER BA 65 7.15 -15.94 -67.55
C SER BA 65 6.04 -15.85 -68.60
N SER BA 66 6.33 -15.27 -69.76
CA SER BA 66 5.32 -15.22 -70.82
C SER BA 66 5.92 -15.46 -72.21
N ARG BA 67 5.23 -16.21 -73.05
CA ARG BA 67 5.71 -16.49 -74.41
C ARG BA 67 4.56 -16.46 -75.39
N LEU BA 68 4.82 -16.08 -76.63
CA LEU BA 68 3.82 -16.31 -77.68
C LEU BA 68 4.09 -17.69 -78.27
N VAL BA 69 3.03 -18.50 -78.40
CA VAL BA 69 3.16 -19.91 -78.78
C VAL BA 69 2.53 -20.25 -80.14
N HIS BA 70 3.20 -21.10 -80.92
CA HIS BA 70 2.71 -21.45 -82.24
C HIS BA 70 2.37 -22.94 -82.34
N LEU BA 71 1.21 -23.27 -82.90
CA LEU BA 71 0.74 -24.66 -82.90
C LEU BA 71 -0.07 -25.03 -84.14
N ASN BA 72 0.35 -26.10 -84.83
CA ASN BA 72 -0.37 -26.54 -86.01
C ASN BA 72 -1.24 -27.73 -85.71
N MET BA 73 -2.16 -28.01 -86.63
CA MET BA 73 -3.08 -29.10 -86.46
C MET BA 73 -2.29 -30.39 -86.55
N PRO BA 74 -2.80 -31.45 -85.93
CA PRO BA 74 -2.05 -32.71 -85.78
C PRO BA 74 -1.68 -33.41 -87.06
N GLU BA 75 -0.75 -34.33 -86.86
CA GLU BA 75 -0.28 -35.24 -87.86
C GLU BA 75 -1.45 -35.83 -88.59
N SER BA 76 -2.42 -36.22 -87.77
CA SER BA 76 -3.67 -36.82 -88.14
C SER BA 76 -4.42 -36.88 -86.83
N GLU BA 77 -5.74 -36.91 -86.83
CA GLU BA 77 -6.42 -36.82 -85.56
C GLU BA 77 -6.41 -38.11 -84.74
N ASN BA 78 -5.54 -39.07 -85.07
CA ASN BA 78 -5.60 -40.39 -84.44
C ASN BA 78 -4.48 -40.75 -83.48
N TYR BA 79 -4.79 -41.64 -82.55
CA TYR BA 79 -3.77 -42.19 -81.69
C TYR BA 79 -3.12 -43.37 -82.41
N ARG BA 80 -1.79 -43.51 -82.26
CA ARG BA 80 -1.04 -44.59 -82.89
C ARG BA 80 -0.07 -45.35 -81.98
N ARG BA 81 -0.03 -46.67 -82.10
CA ARG BA 81 1.03 -47.45 -81.50
C ARG BA 81 2.13 -47.73 -82.51
N VAL BA 82 3.28 -47.06 -82.34
CA VAL BA 82 4.40 -47.20 -83.27
C VAL BA 82 5.57 -47.93 -82.62
N VAL BA 83 6.25 -48.77 -83.39
CA VAL BA 83 7.42 -49.46 -82.87
C VAL BA 83 8.69 -49.01 -83.61
N VAL BA 84 9.73 -48.70 -82.84
CA VAL BA 84 11.02 -48.35 -83.39
C VAL BA 84 11.98 -49.49 -83.17
N ASN BA 85 12.69 -49.89 -84.21
CA ASN BA 85 13.58 -51.04 -84.07
C ASN BA 85 14.75 -50.92 -85.00
N ASN BA 86 15.91 -50.62 -84.42
CA ASN BA 86 17.16 -50.52 -85.16
C ASN BA 86 18.03 -51.76 -84.96
N LEU BA 87 17.67 -52.86 -85.62
CA LEU BA 87 18.60 -53.98 -85.75
C LEU BA 87 19.67 -53.47 -86.70
N ASP BA 88 19.28 -52.45 -87.46
CA ASP BA 88 20.15 -51.63 -88.28
C ASP BA 88 21.50 -51.39 -87.59
N LYS BA 89 21.46 -51.11 -86.30
CA LYS BA 89 22.64 -50.70 -85.59
C LYS BA 89 23.08 -51.74 -84.57
N THR BA 90 22.14 -52.52 -84.04
CA THR BA 90 22.44 -53.43 -82.92
C THR BA 90 23.01 -54.77 -83.35
N ALA BA 91 22.71 -55.18 -84.58
CA ALA BA 91 23.21 -56.45 -85.11
C ALA BA 91 24.70 -56.41 -85.39
N VAL BA 92 25.29 -55.22 -85.26
CA VAL BA 92 26.68 -54.94 -85.59
C VAL BA 92 27.71 -55.64 -84.68
N ASN BA 93 27.30 -56.02 -83.47
CA ASN BA 93 28.15 -56.67 -82.47
C ASN BA 93 29.18 -55.73 -81.89
N GLY BA 94 29.04 -55.49 -80.59
CA GLY BA 94 29.84 -54.49 -79.89
C GLY BA 94 29.10 -53.17 -79.89
N ASN BA 95 27.92 -53.14 -80.51
CA ASN BA 95 27.16 -51.92 -80.60
C ASN BA 95 25.89 -51.93 -79.77
N MET BA 96 25.85 -52.77 -78.74
CA MET BA 96 24.65 -52.91 -77.91
C MET BA 96 24.23 -51.56 -77.38
N ALA BA 97 25.23 -50.77 -77.01
CA ALA BA 97 24.98 -49.49 -76.39
C ALA BA 97 24.22 -48.50 -77.26
N LEU BA 98 24.06 -48.80 -78.54
CA LEU BA 98 23.38 -47.87 -79.43
C LEU BA 98 21.90 -48.22 -79.64
N ASP BA 99 21.36 -49.04 -78.74
CA ASP BA 99 19.99 -49.54 -78.86
C ASP BA 99 18.94 -48.46 -78.74
N ASP BA 100 18.00 -48.45 -79.66
CA ASP BA 100 16.90 -47.49 -79.62
C ASP BA 100 15.53 -48.19 -79.68
N THR BA 101 15.53 -49.50 -79.48
CA THR BA 101 14.33 -50.31 -79.64
C THR BA 101 13.32 -50.06 -78.54
N HIS BA 102 12.14 -49.60 -78.92
CA HIS BA 102 11.09 -49.27 -77.96
C HIS BA 102 9.73 -49.17 -78.61
N ALA BA 103 8.69 -49.08 -77.79
CA ALA BA 103 7.33 -48.91 -78.31
C ALA BA 103 6.69 -47.64 -77.79
N GLU BA 104 5.82 -47.04 -78.58
CA GLU BA 104 5.42 -45.65 -78.34
C GLU BA 104 4.01 -45.31 -78.81
N ILE BA 105 3.27 -44.54 -78.01
CA ILE BA 105 1.98 -44.04 -78.45
C ILE BA 105 2.10 -42.60 -78.91
N VAL BA 106 1.73 -42.34 -80.15
CA VAL BA 106 1.80 -41.01 -80.72
C VAL BA 106 0.44 -40.33 -80.68
N THR BA 107 0.33 -39.18 -80.05
CA THR BA 107 -0.98 -38.57 -79.88
C THR BA 107 -1.06 -37.33 -80.71
N PRO BA 108 -2.28 -36.91 -81.01
CA PRO BA 108 -2.51 -35.63 -81.69
C PRO BA 108 -2.40 -34.47 -80.74
N TRP BA 109 -1.97 -34.72 -79.52
CA TRP BA 109 -1.91 -33.63 -78.56
C TRP BA 109 -0.49 -33.10 -78.49
N SER BA 110 -0.33 -31.81 -78.21
CA SER BA 110 1.00 -31.28 -77.97
C SER BA 110 1.15 -30.86 -76.51
N LEU BA 111 2.37 -30.91 -75.97
CA LEU BA 111 2.59 -30.64 -74.55
C LEU BA 111 3.27 -29.32 -74.26
N VAL BA 112 2.64 -28.54 -73.39
CA VAL BA 112 3.21 -27.28 -72.95
C VAL BA 112 3.94 -27.44 -71.63
N ASP BA 113 5.25 -27.67 -71.74
CA ASP BA 113 6.13 -27.91 -70.60
C ASP BA 113 7.04 -26.71 -70.35
N ALA BA 114 7.00 -26.17 -69.14
CA ALA BA 114 7.84 -25.03 -68.84
C ALA BA 114 8.80 -25.37 -67.71
N ASN BA 115 9.02 -26.66 -67.53
CA ASN BA 115 9.87 -27.16 -66.46
C ASN BA 115 11.34 -27.11 -66.81
N ALA BA 116 11.92 -25.93 -66.76
CA ALA BA 116 13.35 -25.75 -66.94
C ALA BA 116 13.76 -24.37 -66.52
N TRP BA 117 14.92 -24.29 -65.88
CA TRP BA 117 15.37 -23.04 -65.32
C TRP BA 117 15.38 -21.91 -66.34
N GLY BA 118 15.68 -22.25 -67.59
CA GLY BA 118 15.84 -21.23 -68.59
C GLY BA 118 14.54 -20.54 -68.90
N VAL BA 119 13.43 -21.15 -68.48
CA VAL BA 119 12.14 -20.56 -68.76
C VAL BA 119 11.86 -19.38 -67.86
N TRP BA 120 12.48 -19.40 -66.69
CA TRP BA 120 12.10 -18.48 -65.65
C TRP BA 120 13.14 -17.42 -65.33
N PHE BA 121 14.40 -17.72 -65.56
CA PHE BA 121 15.41 -16.75 -65.23
C PHE BA 121 16.37 -16.43 -66.37
N ASN BA 122 16.72 -15.15 -66.51
CA ASN BA 122 17.81 -14.78 -67.39
C ASN BA 122 19.13 -14.91 -66.63
N PRO BA 123 20.28 -14.78 -67.29
CA PRO BA 123 21.51 -14.87 -66.52
C PRO BA 123 21.56 -13.90 -65.34
N GLY BA 124 21.14 -12.66 -65.56
CA GLY BA 124 21.17 -11.64 -64.51
C GLY BA 124 20.49 -12.09 -63.25
N ASP BA 125 19.31 -12.68 -63.39
CA ASP BA 125 18.56 -13.24 -62.26
C ASP BA 125 19.32 -14.37 -61.58
N TRP BA 126 19.86 -15.29 -62.36
CA TRP BA 126 20.57 -16.44 -61.82
C TRP BA 126 21.83 -16.01 -61.04
N GLN BA 127 22.47 -14.94 -61.51
CA GLN BA 127 23.61 -14.41 -60.80
C GLN BA 127 23.20 -14.06 -59.40
N LEU BA 128 22.16 -13.26 -59.30
CA LEU BA 128 21.70 -12.79 -58.02
C LEU BA 128 21.41 -13.95 -57.11
N ILE BA 129 20.65 -14.89 -57.60
CA ILE BA 129 20.25 -16.02 -56.78
C ILE BA 129 21.44 -16.81 -56.30
N VAL BA 130 22.31 -17.21 -57.20
CA VAL BA 130 23.39 -18.12 -56.87
C VAL BA 130 24.43 -17.48 -55.94
N ASN BA 131 24.71 -16.21 -56.16
CA ASN BA 131 25.73 -15.55 -55.39
C ASN BA 131 25.33 -15.09 -54.01
N THR BA 132 24.06 -14.79 -53.81
CA THR BA 132 23.76 -14.11 -52.58
C THR BA 132 22.93 -14.96 -51.62
N MET BA 133 22.41 -16.10 -52.07
CA MET BA 133 21.53 -16.89 -51.22
C MET BA 133 21.93 -18.32 -50.97
N SER BA 134 21.55 -18.82 -49.82
CA SER BA 134 22.08 -20.06 -49.34
C SER BA 134 21.27 -21.28 -49.70
N GLU BA 135 19.94 -21.13 -49.78
CA GLU BA 135 19.07 -22.23 -50.21
C GLU BA 135 17.83 -21.75 -50.91
N LEU BA 136 17.02 -22.69 -51.34
CA LEU BA 136 15.95 -22.36 -52.26
C LEU BA 136 14.76 -23.32 -52.13
N HIS BA 137 13.58 -22.75 -51.86
CA HIS BA 137 12.36 -23.55 -51.76
C HIS BA 137 11.43 -23.30 -52.93
N LEU BA 138 10.76 -24.36 -53.32
CA LEU BA 138 9.81 -24.32 -54.41
C LEU BA 138 8.49 -24.10 -53.74
N VAL BA 139 7.82 -23.00 -54.04
CA VAL BA 139 6.61 -22.69 -53.28
C VAL BA 139 5.29 -22.99 -54.01
N SER BA 140 5.11 -22.36 -55.16
CA SER BA 140 3.87 -22.45 -55.90
C SER BA 140 4.03 -22.22 -57.40
N PHE BA 141 3.02 -22.61 -58.16
CA PHE BA 141 3.09 -22.52 -59.61
C PHE BA 141 1.72 -22.41 -60.23
N GLU BA 142 1.54 -21.37 -61.03
CA GLU BA 142 0.27 -21.18 -61.71
C GLU BA 142 0.57 -20.75 -63.15
N GLN BA 143 -0.38 -21.00 -64.04
CA GLN BA 143 -0.18 -20.65 -65.42
C GLN BA 143 -1.52 -20.45 -66.05
N GLU BA 144 -1.55 -19.65 -67.11
CA GLU BA 144 -2.77 -19.36 -67.86
C GLU BA 144 -2.48 -19.20 -69.35
N ILE BA 145 -3.53 -19.27 -70.16
CA ILE BA 145 -3.45 -19.14 -71.62
C ILE BA 145 -4.43 -18.10 -72.11
N PHE BA 146 -3.96 -17.12 -72.89
CA PHE BA 146 -4.80 -16.01 -73.29
C PHE BA 146 -4.54 -15.47 -74.68
N ASN BA 147 -5.39 -14.53 -75.12
CA ASN BA 147 -5.35 -13.98 -76.47
C ASN BA 147 -5.21 -15.06 -77.53
N VAL BA 148 -6.13 -16.01 -77.50
CA VAL BA 148 -6.10 -17.09 -78.47
C VAL BA 148 -6.44 -16.58 -79.86
N VAL BA 149 -5.69 -17.05 -80.85
CA VAL BA 149 -5.96 -16.70 -82.24
C VAL BA 149 -5.94 -17.96 -83.07
N LEU BA 150 -6.95 -18.14 -83.91
CA LEU BA 150 -6.90 -19.25 -84.82
C LEU BA 150 -7.00 -18.71 -86.21
N LYS BA 151 -6.09 -19.18 -87.06
CA LYS BA 151 -6.05 -18.80 -88.45
C LYS BA 151 -6.06 -20.03 -89.34
N THR BA 152 -6.68 -19.89 -90.53
CA THR BA 152 -6.60 -20.89 -91.59
C THR BA 152 -5.65 -20.37 -92.63
N VAL BA 153 -4.81 -21.27 -93.14
CA VAL BA 153 -3.90 -20.95 -94.22
C VAL BA 153 -4.82 -20.72 -95.38
N SER BA 154 -4.92 -21.74 -96.21
CA SER BA 154 -5.95 -21.79 -97.21
C SER BA 154 -6.08 -20.51 -98.05
N GLU BA 155 -5.25 -20.24 -99.07
CA GLU BA 155 -4.16 -21.01 -99.70
C GLU BA 155 -4.37 -20.60 -101.13
N SER BA 156 -3.35 -20.79 -101.96
CA SER BA 156 -3.55 -20.76 -103.41
C SER BA 156 -4.34 -19.54 -103.88
N ALA BA 157 -3.72 -18.36 -103.89
CA ALA BA 157 -4.41 -17.17 -104.38
C ALA BA 157 -3.49 -15.97 -104.61
N THR BA 158 -3.12 -15.61 -105.85
CA THR BA 158 -3.30 -16.32 -107.13
C THR BA 158 -2.18 -15.84 -108.06
N GLN BA 159 -1.85 -16.66 -109.07
CA GLN BA 159 -0.63 -16.65 -109.92
C GLN BA 159 0.60 -15.85 -109.39
N PRO BA 160 1.80 -16.32 -109.77
CA PRO BA 160 3.05 -16.73 -109.11
C PRO BA 160 3.05 -17.84 -108.02
N PRO BA 161 1.96 -18.16 -107.28
CA PRO BA 161 0.59 -17.77 -106.95
C PRO BA 161 0.38 -17.39 -105.48
N THR BA 162 1.45 -17.42 -104.69
CA THR BA 162 1.46 -16.94 -103.28
C THR BA 162 0.50 -17.67 -102.35
N LYS BA 163 0.60 -17.35 -101.06
CA LYS BA 163 -0.24 -17.96 -100.03
C LYS BA 163 -0.96 -16.86 -99.25
N VAL BA 164 -2.08 -17.20 -98.63
CA VAL BA 164 -2.86 -16.21 -97.87
C VAL BA 164 -3.43 -16.82 -96.60
N TYR BA 165 -3.39 -16.03 -95.53
CA TYR BA 165 -3.81 -16.46 -94.20
C TYR BA 165 -4.98 -15.67 -93.62
N ASN BA 166 -6.07 -16.34 -93.30
CA ASN BA 166 -7.24 -15.68 -92.70
C ASN BA 166 -7.60 -16.12 -91.30
N ASN BA 167 -8.31 -15.24 -90.60
CA ASN BA 167 -8.84 -15.53 -89.29
C ASN BA 167 -10.05 -16.44 -89.36
N ASP BA 168 -10.05 -17.48 -88.55
CA ASP BA 168 -11.27 -18.24 -88.30
C ASP BA 168 -11.80 -17.85 -86.93
N LEU BA 169 -12.74 -16.91 -86.89
CA LEU BA 169 -13.14 -16.37 -85.60
C LEU BA 169 -13.80 -17.42 -84.74
N THR BA 170 -14.64 -18.23 -85.35
CA THR BA 170 -15.41 -19.25 -84.65
C THR BA 170 -14.58 -20.49 -84.32
N ALA BA 171 -13.34 -20.53 -84.77
CA ALA BA 171 -12.51 -21.71 -84.56
C ALA BA 171 -12.07 -21.83 -83.12
N SER BA 172 -11.77 -23.06 -82.70
CA SER BA 172 -11.53 -23.33 -81.29
C SER BA 172 -10.18 -23.98 -81.04
N LEU BA 173 -9.57 -23.64 -79.90
CA LEU BA 173 -8.34 -24.27 -79.45
C LEU BA 173 -8.61 -25.15 -78.26
N MET BA 174 -8.26 -26.42 -78.34
CA MET BA 174 -8.56 -27.35 -77.25
C MET BA 174 -7.50 -27.35 -76.18
N VAL BA 175 -7.91 -27.14 -74.95
CA VAL BA 175 -6.95 -27.14 -73.86
C VAL BA 175 -7.42 -28.06 -72.76
N ALA BA 176 -6.50 -28.87 -72.27
CA ALA BA 176 -6.82 -29.83 -71.23
C ALA BA 176 -5.71 -29.87 -70.22
N LEU BA 177 -6.07 -29.79 -68.94
CA LEU BA 177 -5.09 -29.80 -67.87
C LEU BA 177 -5.26 -31.07 -67.05
N ASP BA 178 -4.25 -31.94 -67.07
CA ASP BA 178 -4.33 -33.24 -66.40
C ASP BA 178 -3.99 -33.09 -64.94
N SER BA 179 -4.89 -32.46 -64.20
CA SER BA 179 -4.56 -32.05 -62.85
C SER BA 179 -4.54 -33.20 -61.88
N ASN BA 180 -5.08 -34.34 -62.27
CA ASN BA 180 -4.97 -35.48 -61.39
C ASN BA 180 -3.70 -36.29 -61.64
N ASN BA 181 -2.87 -35.82 -62.56
CA ASN BA 181 -1.73 -36.62 -62.99
C ASN BA 181 -2.21 -38.02 -63.27
N THR BA 182 -3.20 -38.13 -64.15
CA THR BA 182 -3.72 -39.43 -64.56
C THR BA 182 -2.71 -40.06 -65.47
N MET BA 183 -2.02 -39.22 -66.21
CA MET BA 183 -1.31 -39.69 -67.37
C MET BA 183 0.18 -39.62 -67.24
N PRO BA 184 0.87 -40.47 -68.00
CA PRO BA 184 2.30 -40.70 -67.78
C PRO BA 184 3.12 -39.44 -67.81
N PHE BA 185 4.04 -39.35 -66.87
CA PHE BA 185 4.83 -38.14 -66.70
C PHE BA 185 5.92 -38.10 -67.75
N THR BA 186 5.93 -37.02 -68.52
CA THR BA 186 6.92 -36.85 -69.57
C THR BA 186 7.58 -35.48 -69.52
N PRO BA 187 8.58 -35.31 -68.65
CA PRO BA 187 9.30 -34.05 -68.58
C PRO BA 187 10.07 -33.78 -69.84
N ALA BA 188 9.80 -32.65 -70.47
CA ALA BA 188 10.39 -32.35 -71.76
C ALA BA 188 11.82 -31.83 -71.62
N ALA BA 189 12.27 -31.67 -70.39
CA ALA BA 189 13.61 -31.14 -70.19
C ALA BA 189 14.67 -32.10 -70.68
N MET BA 190 14.35 -33.38 -70.69
CA MET BA 190 15.30 -34.41 -71.06
C MET BA 190 15.65 -34.43 -72.52
N ARG BA 191 14.82 -33.81 -73.34
CA ARG BA 191 15.02 -33.88 -74.77
C ARG BA 191 15.18 -32.48 -75.29
N SER BA 192 15.47 -31.56 -74.39
CA SER BA 192 15.57 -30.15 -74.73
C SER BA 192 14.37 -29.71 -75.55
N GLU BA 193 13.18 -29.98 -75.02
CA GLU BA 193 11.94 -29.70 -75.73
C GLU BA 193 10.95 -28.97 -74.84
N THR BA 194 11.47 -28.12 -73.97
CA THR BA 194 10.61 -27.28 -73.16
C THR BA 194 10.28 -26.03 -73.95
N LEU BA 195 9.76 -25.01 -73.29
CA LEU BA 195 9.50 -23.78 -74.02
C LEU BA 195 10.80 -23.03 -74.32
N GLY BA 196 10.74 -22.07 -75.22
CA GLY BA 196 11.92 -21.27 -75.54
C GLY BA 196 12.39 -20.46 -74.36
N PHE BA 197 13.68 -20.15 -74.33
CA PHE BA 197 14.26 -19.44 -73.20
C PHE BA 197 14.34 -17.92 -73.37
N TYR BA 198 13.84 -17.40 -74.48
CA TYR BA 198 13.91 -15.97 -74.74
C TYR BA 198 12.49 -15.39 -74.80
N PRO BA 199 12.24 -14.36 -73.99
CA PRO BA 199 10.91 -13.73 -73.93
C PRO BA 199 10.44 -13.10 -75.23
N TRP BA 200 11.32 -12.57 -76.06
CA TRP BA 200 10.88 -11.85 -77.26
C TRP BA 200 10.85 -12.72 -78.51
N LYS BA 201 11.26 -13.96 -78.37
CA LYS BA 201 11.17 -14.92 -79.46
C LYS BA 201 10.13 -15.98 -79.17
N PRO BA 202 9.12 -16.07 -80.05
CA PRO BA 202 8.04 -17.04 -79.93
C PRO BA 202 8.55 -18.46 -79.87
N THR BA 203 7.65 -19.36 -79.48
CA THR BA 203 8.05 -20.73 -79.26
C THR BA 203 6.95 -21.72 -79.57
N ILE BA 204 7.20 -22.97 -79.22
CA ILE BA 204 6.28 -24.03 -79.57
C ILE BA 204 6.26 -25.10 -78.50
N PRO BA 205 5.14 -25.84 -78.39
CA PRO BA 205 5.07 -27.04 -77.57
C PRO BA 205 5.73 -28.17 -78.27
N THR BA 206 5.64 -29.37 -77.74
CA THR BA 206 6.10 -30.52 -78.50
C THR BA 206 5.03 -31.58 -78.58
N PRO BA 207 4.99 -32.29 -79.72
CA PRO BA 207 3.99 -33.33 -79.93
C PRO BA 207 4.11 -34.38 -78.85
N TRP BA 208 2.99 -34.74 -78.24
CA TRP BA 208 3.05 -35.63 -77.11
C TRP BA 208 3.07 -37.08 -77.54
N ARG BA 209 3.80 -37.89 -76.78
CA ARG BA 209 4.10 -39.27 -77.07
C ARG BA 209 4.41 -39.94 -75.75
N TYR BA 210 4.06 -41.21 -75.58
CA TYR BA 210 4.45 -41.84 -74.34
C TYR BA 210 4.74 -43.33 -74.53
N TYR BA 211 5.44 -43.92 -73.57
CA TYR BA 211 5.93 -45.27 -73.73
C TYR BA 211 4.79 -46.30 -73.69
N PHE BA 212 4.83 -47.24 -74.62
CA PHE BA 212 3.89 -48.36 -74.65
C PHE BA 212 4.67 -49.63 -74.39
N GLN BA 213 4.14 -50.57 -73.61
CA GLN BA 213 4.97 -51.68 -73.11
C GLN BA 213 5.50 -52.59 -74.20
N TRP BA 214 6.69 -53.13 -73.97
CA TRP BA 214 7.27 -54.11 -74.88
C TRP BA 214 8.30 -55.03 -74.21
N ASP BA 215 8.28 -56.31 -74.55
CA ASP BA 215 9.38 -57.22 -74.18
C ASP BA 215 10.48 -57.15 -75.27
N ARG BA 216 11.72 -57.45 -74.88
CA ARG BA 216 12.88 -57.19 -75.73
C ARG BA 216 14.16 -57.82 -75.19
N THR BA 217 14.86 -58.56 -76.02
CA THR BA 217 16.11 -59.16 -75.59
C THR BA 217 17.25 -58.70 -76.47
N LEU BA 218 18.37 -58.40 -75.84
CA LEU BA 218 19.59 -58.05 -76.57
C LEU BA 218 20.81 -58.53 -75.79
N ILE BA 219 21.45 -59.57 -76.31
CA ILE BA 219 22.65 -60.15 -75.71
C ILE BA 219 23.91 -59.41 -76.17
N PRO BA 220 24.77 -59.04 -75.22
CA PRO BA 220 25.97 -58.25 -75.53
C PRO BA 220 26.99 -59.08 -76.27
N SER BA 221 27.98 -58.39 -76.81
CA SER BA 221 28.99 -59.02 -77.63
C SER BA 221 30.12 -58.05 -77.88
N HIS BA 222 31.17 -58.51 -78.56
CA HIS BA 222 32.27 -57.64 -78.97
C HIS BA 222 32.54 -57.85 -80.46
N THR BA 223 33.48 -57.10 -81.00
CA THR BA 223 33.72 -57.15 -82.44
C THR BA 223 34.19 -58.51 -82.90
N GLY BA 224 35.02 -59.16 -82.09
CA GLY BA 224 35.50 -60.47 -82.44
C GLY BA 224 34.41 -61.54 -82.50
N THR BA 225 33.44 -61.48 -81.60
CA THR BA 225 32.39 -62.49 -81.52
C THR BA 225 31.74 -62.68 -82.89
N SER BA 226 31.60 -63.92 -83.33
CA SER BA 226 30.87 -64.18 -84.56
C SER BA 226 29.67 -65.08 -84.29
N GLY BA 227 28.85 -65.26 -85.33
CA GLY BA 227 27.56 -65.91 -85.18
C GLY BA 227 26.66 -64.73 -84.91
N THR BA 228 25.39 -64.97 -84.62
CA THR BA 228 24.51 -63.85 -84.31
C THR BA 228 24.00 -63.90 -82.89
N PRO BA 229 24.46 -62.94 -82.06
CA PRO BA 229 24.00 -62.87 -80.67
C PRO BA 229 22.50 -62.58 -80.68
N THR BA 230 21.74 -63.27 -79.84
CA THR BA 230 20.28 -63.21 -79.93
C THR BA 230 19.82 -61.76 -79.75
N ASN BA 231 19.01 -61.27 -80.68
CA ASN BA 231 18.62 -59.88 -80.70
C ASN BA 231 17.21 -59.77 -81.24
N ILE BA 232 16.23 -59.93 -80.38
CA ILE BA 232 14.85 -60.03 -80.84
C ILE BA 232 13.92 -59.04 -80.14
N TYR BA 233 12.84 -58.65 -80.82
CA TYR BA 233 11.78 -57.86 -80.20
C TYR BA 233 10.64 -58.83 -79.96
N HIS BA 234 10.42 -59.22 -78.72
CA HIS BA 234 9.46 -60.28 -78.45
C HIS BA 234 8.00 -59.88 -78.67
N GLY BA 235 7.65 -58.63 -78.38
CA GLY BA 235 6.27 -58.18 -78.55
C GLY BA 235 5.73 -57.32 -77.42
N THR BA 236 4.57 -57.69 -76.88
CA THR BA 236 3.95 -56.90 -75.82
C THR BA 236 3.22 -57.73 -74.77
N ASP BA 237 3.68 -57.69 -73.52
CA ASP BA 237 3.05 -58.40 -72.37
C ASP BA 237 1.68 -57.82 -72.06
N PRO BA 238 0.61 -58.58 -72.33
CA PRO BA 238 -0.76 -58.06 -72.21
C PRO BA 238 -1.07 -57.53 -70.81
N ASP BA 239 -0.43 -58.09 -69.79
CA ASP BA 239 -0.72 -57.69 -68.42
C ASP BA 239 -0.16 -56.31 -68.13
N ASP BA 240 0.60 -55.76 -69.07
CA ASP BA 240 1.27 -54.48 -68.86
C ASP BA 240 0.79 -53.42 -69.83
N VAL BA 241 -0.33 -53.67 -70.48
CA VAL BA 241 -0.77 -52.75 -71.52
C VAL BA 241 -1.51 -51.56 -70.95
N GLN BA 242 -1.05 -50.34 -71.24
CA GLN BA 242 -1.80 -49.16 -70.85
C GLN BA 242 -2.00 -48.12 -71.95
N PHE BA 243 -3.19 -48.10 -72.53
CA PHE BA 243 -3.51 -47.13 -73.56
C PHE BA 243 -4.28 -45.97 -72.98
N TYR BA 244 -3.62 -44.81 -72.93
CA TYR BA 244 -4.23 -43.62 -72.38
C TYR BA 244 -4.70 -42.69 -73.49
N THR BA 245 -5.83 -42.02 -73.28
CA THR BA 245 -6.23 -40.90 -74.14
C THR BA 245 -6.52 -39.70 -73.27
N ILE BA 246 -6.18 -38.52 -73.74
CA ILE BA 246 -6.58 -37.32 -73.04
C ILE BA 246 -8.07 -37.28 -72.83
N GLU BA 247 -8.77 -37.62 -73.91
CA GLU BA 247 -10.20 -37.46 -74.01
C GLU BA 247 -10.97 -38.20 -72.93
N ASN BA 248 -10.52 -39.40 -72.56
CA ASN BA 248 -11.24 -40.17 -71.53
C ASN BA 248 -10.79 -39.92 -70.11
N SER BA 249 -9.75 -39.12 -69.91
CA SER BA 249 -9.24 -38.93 -68.56
C SER BA 249 -9.33 -37.50 -68.06
N VAL BA 250 -9.21 -36.54 -68.97
CA VAL BA 250 -9.13 -35.15 -68.56
C VAL BA 250 -10.17 -34.33 -69.26
N PRO BA 251 -10.85 -33.45 -68.53
CA PRO BA 251 -11.81 -32.54 -69.14
C PRO BA 251 -11.14 -31.54 -70.08
N VAL BA 252 -11.76 -31.36 -71.24
CA VAL BA 252 -11.22 -30.52 -72.29
C VAL BA 252 -11.99 -29.23 -72.48
N HIS BA 253 -11.27 -28.11 -72.45
CA HIS BA 253 -11.87 -26.79 -72.62
C HIS BA 253 -11.71 -26.30 -74.04
N LEU BA 254 -12.77 -25.78 -74.65
CA LEU BA 254 -12.61 -25.19 -75.97
C LEU BA 254 -12.42 -23.67 -75.89
N LEU BA 255 -11.27 -23.18 -76.34
CA LEU BA 255 -11.01 -21.74 -76.28
C LEU BA 255 -11.13 -21.02 -77.63
N ARG BA 256 -12.03 -20.05 -77.74
CA ARG BA 256 -12.05 -19.21 -78.93
C ARG BA 256 -11.25 -17.95 -78.67
N THR BA 257 -11.29 -17.00 -79.60
CA THR BA 257 -10.50 -15.78 -79.48
C THR BA 257 -10.70 -15.07 -78.16
N GLY BA 258 -11.97 -14.90 -77.80
CA GLY BA 258 -12.33 -14.17 -76.60
C GLY BA 258 -12.22 -14.97 -75.32
N ASP BA 259 -11.76 -16.21 -75.43
CA ASP BA 259 -11.63 -17.03 -74.24
C ASP BA 259 -10.21 -17.06 -73.65
N GLU BA 260 -10.16 -17.50 -72.39
CA GLU BA 260 -8.92 -17.66 -71.63
C GLU BA 260 -9.03 -18.85 -70.68
N PHE BA 261 -7.91 -19.48 -70.39
CA PHE BA 261 -7.87 -20.60 -69.43
C PHE BA 261 -6.77 -20.38 -68.43
N ALA BA 262 -7.10 -20.42 -67.15
CA ALA BA 262 -6.13 -20.25 -66.10
C ALA BA 262 -6.22 -21.41 -65.16
N THR BA 263 -5.08 -21.85 -64.68
CA THR BA 263 -5.03 -22.97 -63.78
C THR BA 263 -5.16 -22.36 -62.44
N GLY BA 264 -5.21 -23.17 -61.41
CA GLY BA 264 -5.20 -22.63 -60.07
C GLY BA 264 -3.81 -22.16 -59.72
N THR BA 265 -3.58 -21.91 -58.45
CA THR BA 265 -2.22 -21.77 -57.96
C THR BA 265 -1.88 -23.03 -57.20
N PHE BA 266 -0.95 -23.81 -57.72
CA PHE BA 266 -0.56 -25.08 -57.13
C PHE BA 266 0.51 -24.91 -56.10
N PHE BA 267 0.32 -25.50 -54.92
CA PHE BA 267 1.31 -25.33 -53.87
C PHE BA 267 2.18 -26.54 -53.66
N PHE BA 268 3.49 -26.31 -53.65
CA PHE BA 268 4.46 -27.39 -53.53
C PHE BA 268 4.75 -27.75 -52.10
N ASP BA 269 5.30 -28.94 -51.92
CA ASP BA 269 6.00 -29.28 -50.69
C ASP BA 269 7.16 -30.20 -51.00
N CYS BA 270 8.35 -29.63 -50.89
CA CYS BA 270 9.58 -30.34 -51.15
C CYS BA 270 10.60 -29.84 -50.18
N LYS BA 271 11.75 -30.49 -50.17
CA LYS BA 271 12.79 -30.09 -49.26
C LYS BA 271 13.50 -28.92 -49.90
N PRO BA 272 14.32 -28.21 -49.14
CA PRO BA 272 15.07 -27.10 -49.75
C PRO BA 272 16.24 -27.60 -50.59
N CYS BA 273 16.53 -26.88 -51.67
CA CYS BA 273 17.74 -27.12 -52.46
C CYS BA 273 18.82 -26.15 -52.01
N ARG BA 274 20.04 -26.61 -51.80
CA ARG BA 274 21.05 -25.75 -51.22
C ARG BA 274 21.97 -25.16 -52.27
N LEU BA 275 22.40 -23.92 -52.05
CA LEU BA 275 23.21 -23.28 -53.07
C LEU BA 275 24.63 -23.14 -52.59
N THR BA 276 25.11 -24.18 -51.92
CA THR BA 276 26.49 -24.26 -51.47
C THR BA 276 27.05 -25.65 -51.72
N HIS BA 277 28.32 -25.72 -52.10
CA HIS BA 277 28.98 -26.99 -52.38
C HIS BA 277 29.88 -27.42 -51.23
N THR BA 278 30.02 -28.72 -51.01
CA THR BA 278 30.95 -29.19 -49.97
C THR BA 278 32.28 -29.66 -50.56
N TRP BA 279 33.37 -29.34 -49.89
CA TRP BA 279 34.66 -29.64 -50.45
C TRP BA 279 35.40 -30.73 -49.74
N GLN BA 280 34.89 -31.14 -48.60
CA GLN BA 280 35.66 -32.02 -47.75
C GLN BA 280 35.43 -33.43 -48.21
N THR BA 281 36.51 -34.17 -48.41
CA THR BA 281 36.43 -35.59 -48.68
C THR BA 281 36.77 -36.24 -47.36
N ASN BA 282 36.77 -37.56 -47.31
CA ASN BA 282 37.08 -38.22 -46.04
C ASN BA 282 38.39 -37.71 -45.42
N ARG BA 283 39.31 -37.29 -46.28
CA ARG BA 283 40.65 -36.94 -45.83
C ARG BA 283 40.68 -35.63 -45.08
N ALA BA 284 39.55 -34.94 -45.04
CA ALA BA 284 39.46 -33.66 -44.37
C ALA BA 284 38.29 -33.60 -43.41
N LEU BA 285 38.11 -34.64 -42.62
CA LEU BA 285 37.03 -34.65 -41.65
C LEU BA 285 37.57 -34.73 -40.27
N GLY BA 286 37.47 -33.63 -39.51
CA GLY BA 286 37.81 -33.68 -38.10
C GLY BA 286 39.11 -33.00 -37.72
N LEU BA 287 39.74 -33.51 -36.66
CA LEU BA 287 40.94 -32.91 -36.10
C LEU BA 287 42.22 -33.39 -36.76
N PRO BA 288 42.91 -32.48 -37.46
CA PRO BA 288 44.20 -32.80 -38.08
C PRO BA 288 45.24 -33.13 -37.04
N PRO BA 289 46.22 -33.98 -37.40
CA PRO BA 289 47.18 -34.48 -36.44
C PRO BA 289 48.10 -33.36 -36.04
N PHE BA 290 48.50 -33.32 -34.79
CA PHE BA 290 49.27 -32.20 -34.27
C PHE BA 290 50.66 -32.18 -34.86
N LEU BA 291 51.08 -31.05 -35.40
CA LEU BA 291 52.40 -30.94 -35.97
C LEU BA 291 53.42 -30.50 -34.94
N ASN BA 292 54.43 -31.34 -34.70
CA ASN BA 292 55.49 -31.02 -33.75
C ASN BA 292 56.59 -30.19 -34.37
N SER BA 293 56.55 -30.07 -35.69
CA SER BA 293 57.54 -29.29 -36.43
C SER BA 293 56.95 -28.36 -37.44
N LEU BA 294 56.89 -27.08 -37.11
CA LEU BA 294 56.34 -26.11 -38.03
C LEU BA 294 57.47 -25.50 -38.81
N PRO BA 295 57.23 -25.14 -40.07
CA PRO BA 295 58.24 -24.53 -40.92
C PRO BA 295 58.77 -23.24 -40.33
N GLN BA 296 59.97 -22.82 -40.73
CA GLN BA 296 60.51 -21.57 -40.20
C GLN BA 296 60.95 -20.60 -41.30
N SER BA 297 60.60 -20.90 -42.54
CA SER BA 297 60.66 -19.91 -43.63
C SER BA 297 59.57 -20.19 -44.68
N GLU BA 298 59.09 -19.13 -45.33
CA GLU BA 298 58.01 -19.29 -46.30
C GLU BA 298 58.56 -20.02 -47.49
N GLY BA 299 57.69 -20.53 -48.35
CA GLY BA 299 58.15 -21.19 -49.56
C GLY BA 299 57.33 -22.40 -49.92
N GLY BA 300 57.77 -23.14 -50.93
CA GLY BA 300 56.93 -24.15 -51.53
C GLY BA 300 57.26 -25.57 -51.14
N THR BA 301 58.40 -25.75 -50.47
CA THR BA 301 58.80 -27.07 -50.03
C THR BA 301 59.20 -27.02 -48.56
N ASN BA 302 58.85 -25.92 -47.90
CA ASN BA 302 59.04 -25.76 -46.47
C ASN BA 302 57.89 -26.37 -45.70
N PHE BA 303 57.83 -27.71 -45.71
CA PHE BA 303 56.72 -28.43 -45.13
C PHE BA 303 56.79 -28.54 -43.62
N GLY BA 304 55.66 -28.85 -43.03
CA GLY BA 304 55.64 -29.15 -41.62
C GLY BA 304 55.67 -30.65 -41.47
N TYR BA 305 56.09 -31.14 -40.31
CA TYR BA 305 56.21 -32.56 -40.08
C TYR BA 305 55.48 -32.98 -38.82
N ILE BA 306 54.71 -34.06 -38.87
CA ILE BA 306 54.01 -34.56 -37.70
C ILE BA 306 55.03 -34.86 -36.62
N GLY BA 307 56.07 -35.58 -37.00
CA GLY BA 307 57.19 -35.74 -36.11
C GLY BA 307 57.01 -36.88 -35.14
N VAL BA 308 56.21 -37.86 -35.52
CA VAL BA 308 56.12 -39.09 -34.74
C VAL BA 308 56.09 -40.30 -35.66
N GLN BA 309 56.80 -41.37 -35.27
CA GLN BA 309 56.80 -42.58 -36.07
C GLN BA 309 55.39 -43.05 -36.25
N GLN BA 310 55.05 -43.39 -37.48
CA GLN BA 310 53.70 -43.77 -37.86
C GLN BA 310 53.14 -44.95 -37.05
N ASP BA 311 54.01 -45.80 -36.51
CA ASP BA 311 53.55 -46.98 -35.78
C ASP BA 311 53.59 -46.75 -34.27
N LYS BA 312 53.92 -45.53 -33.88
CA LYS BA 312 53.97 -45.16 -32.48
C LYS BA 312 52.99 -44.03 -32.22
N ARG BA 313 51.97 -43.92 -33.06
CA ARG BA 313 51.03 -42.81 -32.97
C ARG BA 313 49.81 -43.14 -32.14
N ARG BA 314 49.18 -42.11 -31.59
CA ARG BA 314 47.94 -42.28 -30.84
C ARG BA 314 46.77 -41.93 -31.74
N GLY BA 315 45.65 -42.60 -31.53
CA GLY BA 315 44.48 -42.36 -32.36
C GLY BA 315 43.71 -43.64 -32.60
N VAL BA 316 42.73 -43.56 -33.50
CA VAL BA 316 41.85 -44.71 -33.74
C VAL BA 316 41.80 -45.10 -35.21
N THR BA 317 41.96 -46.39 -35.47
CA THR BA 317 41.74 -46.87 -36.81
C THR BA 317 40.88 -48.11 -36.77
N GLN BA 318 40.36 -48.47 -37.93
CA GLN BA 318 39.53 -49.64 -38.10
C GLN BA 318 40.35 -50.76 -38.69
N MET BA 319 41.65 -50.72 -38.44
CA MET BA 319 42.57 -51.75 -38.91
C MET BA 319 43.13 -52.54 -37.75
N GLY BA 320 42.46 -53.65 -37.43
CA GLY BA 320 42.79 -54.47 -36.28
C GLY BA 320 44.20 -55.01 -36.23
N ASN BA 321 44.87 -55.05 -37.38
CA ASN BA 321 46.25 -55.54 -37.51
C ASN BA 321 47.33 -54.57 -37.10
N THR BA 322 47.56 -53.56 -37.95
CA THR BA 322 48.70 -52.67 -37.79
C THR BA 322 48.51 -51.63 -36.71
N ASN BA 323 49.63 -51.05 -36.31
CA ASN BA 323 49.64 -49.95 -35.39
C ASN BA 323 49.93 -48.67 -36.17
N TYR BA 324 49.90 -48.79 -37.48
CA TYR BA 324 50.08 -47.67 -38.37
C TYR BA 324 48.89 -46.77 -38.31
N ILE BA 325 49.10 -45.48 -38.07
CA ILE BA 325 47.99 -44.53 -38.11
C ILE BA 325 48.29 -43.36 -39.05
N THR BA 326 47.82 -43.44 -40.28
CA THR BA 326 48.09 -42.38 -41.22
C THR BA 326 46.81 -41.79 -41.71
N GLU BA 327 46.91 -40.67 -42.42
CA GLU BA 327 45.74 -40.00 -42.93
C GLU BA 327 44.84 -40.88 -43.78
N ALA BA 328 45.41 -41.87 -44.44
CA ALA BA 328 44.59 -42.79 -45.23
C ALA BA 328 44.01 -43.90 -44.37
N THR BA 329 44.53 -44.01 -43.16
CA THR BA 329 44.15 -45.10 -42.28
C THR BA 329 43.25 -44.67 -41.13
N ILE BA 330 43.52 -43.50 -40.56
CA ILE BA 330 42.78 -42.96 -39.40
C ILE BA 330 41.27 -43.03 -39.62
N MET BA 331 40.54 -43.45 -38.60
CA MET BA 331 39.09 -43.51 -38.71
C MET BA 331 38.45 -42.17 -39.04
N ARG BA 332 37.38 -42.22 -39.79
CA ARG BA 332 36.58 -41.04 -40.01
C ARG BA 332 35.18 -41.44 -39.63
N PRO BA 333 34.31 -40.47 -39.32
CA PRO BA 333 32.98 -40.83 -38.81
C PRO BA 333 32.14 -41.66 -39.77
N ALA BA 334 32.20 -41.34 -41.06
CA ALA BA 334 31.45 -42.09 -42.06
C ALA BA 334 32.11 -41.93 -43.42
N GLU BA 335 31.36 -42.07 -44.52
CA GLU BA 335 31.98 -41.95 -45.83
C GLU BA 335 31.31 -40.97 -46.73
N VAL BA 336 32.09 -40.03 -47.24
CA VAL BA 336 31.54 -39.04 -48.14
C VAL BA 336 31.62 -39.56 -49.55
N GLY BA 337 30.46 -39.82 -50.15
CA GLY BA 337 30.38 -40.38 -51.48
C GLY BA 337 30.44 -41.90 -51.49
N TYR BA 338 30.34 -42.45 -52.70
CA TYR BA 338 30.35 -43.88 -52.87
C TYR BA 338 30.90 -44.20 -54.24
N SER BA 339 31.46 -45.39 -54.40
CA SER BA 339 31.95 -45.84 -55.70
C SER BA 339 30.89 -46.65 -56.41
N ALA BA 340 30.71 -46.37 -57.68
CA ALA BA 340 29.69 -47.04 -58.45
C ALA BA 340 30.28 -47.56 -59.72
N PRO BA 341 29.68 -48.62 -60.27
CA PRO BA 341 30.08 -49.22 -61.54
C PRO BA 341 29.97 -48.30 -62.76
N TYR BA 342 30.93 -48.40 -63.67
CA TYR BA 342 31.02 -47.51 -64.81
C TYR BA 342 31.91 -48.15 -65.87
N TYR BA 343 31.53 -48.10 -67.15
CA TYR BA 343 30.19 -47.76 -67.63
C TYR BA 343 29.24 -48.93 -67.52
N SER BA 344 28.46 -49.01 -66.46
CA SER BA 344 27.67 -50.20 -66.29
C SER BA 344 26.38 -50.15 -67.07
N PHE BA 345 26.08 -51.24 -67.75
CA PHE BA 345 24.78 -51.42 -68.36
C PHE BA 345 24.10 -52.64 -67.74
N GLU BA 346 22.84 -52.48 -67.38
CA GLU BA 346 22.03 -53.56 -66.83
C GLU BA 346 20.83 -53.71 -67.73
N ALA BA 347 20.17 -54.85 -67.66
CA ALA BA 347 19.05 -55.09 -68.56
C ALA BA 347 17.88 -55.74 -67.86
N SER BA 348 16.69 -55.25 -68.15
CA SER BA 348 15.49 -55.90 -67.68
C SER BA 348 14.47 -55.87 -68.78
N THR BA 349 13.48 -56.77 -68.65
CA THR BA 349 12.30 -56.92 -69.52
C THR BA 349 12.27 -56.15 -70.85
N GLN BA 350 12.71 -54.90 -70.86
CA GLN BA 350 12.57 -54.08 -72.05
C GLN BA 350 13.90 -53.71 -72.68
N GLY BA 351 14.95 -54.35 -72.20
CA GLY BA 351 16.25 -54.12 -72.79
C GLY BA 351 17.23 -53.57 -71.78
N PRO BA 352 18.43 -53.25 -72.26
CA PRO BA 352 19.56 -52.76 -71.47
C PRO BA 352 19.59 -51.24 -71.33
N PHE BA 353 20.21 -50.74 -70.25
CA PHE BA 353 20.30 -49.31 -69.94
C PHE BA 353 21.49 -49.00 -69.04
N LYS BA 354 21.99 -47.78 -69.14
CA LYS BA 354 23.10 -47.42 -68.28
C LYS BA 354 22.68 -47.33 -66.84
N THR BA 355 23.58 -47.73 -65.96
CA THR BA 355 23.43 -47.56 -64.52
C THR BA 355 23.80 -46.13 -64.16
N PRO BA 356 22.91 -45.43 -63.46
CA PRO BA 356 23.11 -44.02 -63.12
C PRO BA 356 24.03 -43.77 -61.91
N ILE BA 357 24.68 -42.61 -61.92
CA ILE BA 357 25.60 -42.27 -60.85
C ILE BA 357 25.15 -41.00 -60.14
N ALA BA 358 25.43 -40.94 -58.84
CA ALA BA 358 25.02 -39.82 -58.03
C ALA BA 358 26.08 -38.73 -57.95
N ALA BA 359 27.29 -39.12 -57.55
CA ALA BA 359 28.28 -38.18 -57.05
C ALA BA 359 28.85 -37.16 -58.05
N GLY BA 360 30.14 -36.84 -57.84
CA GLY BA 360 30.94 -35.98 -58.72
C GLY BA 360 30.94 -34.65 -58.02
N ARG BA 361 32.02 -33.84 -58.02
CA ARG BA 361 33.37 -34.05 -58.59
C ARG BA 361 34.18 -35.02 -57.78
N GLY BA 362 35.06 -35.76 -58.43
CA GLY BA 362 35.99 -36.62 -57.69
C GLY BA 362 37.47 -36.43 -58.02
N GLY BA 363 37.72 -35.89 -59.19
CA GLY BA 363 39.07 -35.73 -59.63
C GLY BA 363 39.71 -34.57 -58.92
N ALA BA 364 41.04 -34.53 -58.99
CA ALA BA 364 41.83 -33.46 -58.45
C ALA BA 364 41.73 -32.30 -59.43
N GLN BA 365 42.83 -31.58 -59.60
CA GLN BA 365 42.89 -30.46 -60.52
C GLN BA 365 42.45 -30.95 -61.92
N THR BA 366 42.12 -30.03 -62.83
CA THR BA 366 41.73 -30.29 -64.22
C THR BA 366 41.50 -31.74 -64.73
N ASP BA 367 42.08 -32.75 -64.09
CA ASP BA 367 41.83 -34.13 -64.45
C ASP BA 367 40.52 -34.52 -63.75
N GLU BA 368 39.77 -35.45 -64.31
CA GLU BA 368 38.43 -35.77 -63.81
C GLU BA 368 38.22 -37.25 -64.10
N ASN BA 369 36.98 -37.70 -64.21
CA ASN BA 369 36.65 -39.08 -64.56
C ASN BA 369 35.19 -39.13 -64.89
N GLN BA 370 34.78 -38.12 -65.62
CA GLN BA 370 33.42 -37.84 -66.04
C GLN BA 370 32.37 -38.98 -66.02
N ALA BA 371 32.81 -40.21 -65.80
CA ALA BA 371 31.92 -41.36 -65.87
C ALA BA 371 31.79 -42.09 -64.55
N ALA BA 372 32.86 -42.16 -63.77
CA ALA BA 372 32.73 -42.79 -62.47
C ALA BA 372 32.04 -41.78 -61.55
N ASP BA 373 31.99 -40.53 -62.02
CA ASP BA 373 31.20 -39.48 -61.36
C ASP BA 373 29.84 -39.29 -62.01
N GLY BA 374 29.72 -39.69 -63.27
CA GLY BA 374 28.44 -39.63 -63.92
C GLY BA 374 28.04 -38.19 -64.16
N ASP BA 375 29.03 -37.37 -64.47
CA ASP BA 375 28.76 -35.98 -64.80
C ASP BA 375 27.87 -35.99 -66.02
N PRO BA 376 26.78 -35.23 -65.96
CA PRO BA 376 25.74 -35.12 -66.97
C PRO BA 376 26.15 -34.27 -68.18
N ARG BA 377 25.65 -34.63 -69.35
CA ARG BA 377 26.00 -33.96 -70.58
C ARG BA 377 24.72 -33.53 -71.32
N TYR BA 378 24.65 -32.24 -71.61
CA TYR BA 378 23.44 -31.63 -72.12
C TYR BA 378 23.52 -31.19 -73.59
N ALA BA 379 22.53 -31.59 -74.39
CA ALA BA 379 22.52 -31.26 -75.82
C ALA BA 379 21.29 -30.47 -76.19
N PHE BA 380 21.46 -29.37 -76.91
CA PHE BA 380 20.35 -28.45 -77.07
C PHE BA 380 20.46 -27.54 -78.30
N GLY BA 381 19.35 -26.91 -78.69
CA GLY BA 381 19.31 -26.19 -79.97
C GLY BA 381 18.58 -24.88 -80.09
N ARG BA 382 19.33 -23.84 -80.44
CA ARG BA 382 18.82 -22.49 -80.70
C ARG BA 382 17.74 -21.95 -79.78
N GLN BA 383 16.61 -22.65 -79.67
CA GLN BA 383 15.59 -22.25 -78.72
C GLN BA 383 16.11 -22.24 -77.28
N HIS BA 384 17.10 -23.07 -76.99
CA HIS BA 384 17.49 -23.29 -75.60
C HIS BA 384 18.93 -23.00 -75.30
N GLY BA 385 19.58 -22.11 -76.02
CA GLY BA 385 20.92 -21.75 -75.62
C GLY BA 385 21.92 -21.66 -76.74
N GLN BA 386 21.85 -22.59 -77.69
CA GLN BA 386 22.77 -22.56 -78.80
C GLN BA 386 22.63 -21.21 -79.49
N LYS BA 387 23.73 -20.71 -80.05
CA LYS BA 387 23.69 -19.45 -80.77
C LYS BA 387 22.60 -19.54 -81.82
N THR BA 388 21.70 -18.56 -81.83
CA THR BA 388 20.53 -18.71 -82.66
C THR BA 388 20.84 -18.53 -84.13
N THR BA 389 21.99 -17.94 -84.45
CA THR BA 389 22.39 -17.74 -85.84
C THR BA 389 23.07 -18.95 -86.44
N THR BA 390 23.45 -19.90 -85.61
CA THR BA 390 24.12 -21.09 -86.08
C THR BA 390 23.20 -21.93 -86.95
N THR BA 391 23.63 -22.15 -88.18
CA THR BA 391 22.95 -23.08 -89.06
C THR BA 391 23.52 -24.48 -88.88
N GLY BA 392 22.82 -25.46 -89.42
CA GLY BA 392 23.25 -26.83 -89.30
C GLY BA 392 22.51 -27.53 -88.20
N GLU BA 393 22.38 -28.85 -88.31
CA GLU BA 393 21.55 -29.59 -87.38
C GLU BA 393 22.39 -30.15 -86.22
N THR BA 394 23.62 -29.67 -86.09
CA THR BA 394 24.47 -30.11 -85.00
C THR BA 394 24.18 -29.26 -83.77
N PRO BA 395 23.85 -29.91 -82.64
CA PRO BA 395 23.47 -29.27 -81.37
C PRO BA 395 24.67 -28.73 -80.59
N GLU BA 396 24.45 -27.72 -79.73
CA GLU BA 396 25.50 -27.23 -78.83
C GLU BA 396 25.53 -28.10 -77.58
N ARG BA 397 26.69 -28.21 -76.95
CA ARG BA 397 26.78 -29.14 -75.83
C ARG BA 397 27.64 -28.63 -74.68
N PHE BA 398 27.49 -29.30 -73.54
CA PHE BA 398 28.38 -29.11 -72.41
C PHE BA 398 28.26 -30.25 -71.43
N THR BA 399 29.24 -30.35 -70.56
CA THR BA 399 29.22 -31.32 -69.50
C THR BA 399 29.33 -30.64 -68.14
N TYR BA 400 28.31 -30.80 -67.30
CA TYR BA 400 28.29 -30.14 -66.00
C TYR BA 400 29.19 -30.83 -65.01
N ILE BA 401 30.26 -30.15 -64.61
CA ILE BA 401 31.07 -30.63 -63.50
C ILE BA 401 30.89 -29.76 -62.26
N ALA BA 402 30.20 -30.30 -61.26
CA ALA BA 402 29.80 -29.57 -60.05
C ALA BA 402 31.00 -29.14 -59.26
N HIS BA 403 30.77 -28.23 -58.33
CA HIS BA 403 31.84 -27.76 -57.51
C HIS BA 403 32.04 -28.66 -56.30
N GLN BA 404 31.01 -29.42 -55.97
CA GLN BA 404 31.05 -30.23 -54.76
C GLN BA 404 31.93 -31.46 -54.90
N ASP BA 405 33.06 -31.46 -54.22
CA ASP BA 405 34.00 -32.57 -54.34
C ASP BA 405 33.52 -33.74 -53.48
N THR BA 406 32.67 -34.59 -54.06
CA THR BA 406 32.20 -35.81 -53.42
C THR BA 406 32.25 -37.04 -54.31
N GLY BA 407 32.95 -36.95 -55.43
CA GLY BA 407 33.01 -38.05 -56.37
C GLY BA 407 34.21 -38.93 -56.13
N ARG BA 408 34.63 -39.67 -57.15
CA ARG BA 408 35.77 -40.56 -57.03
C ARG BA 408 36.77 -40.37 -58.17
N TYR BA 409 38.03 -40.69 -57.91
CA TYR BA 409 39.09 -40.78 -58.90
C TYR BA 409 39.65 -42.18 -58.87
N PRO BA 410 38.95 -43.12 -59.52
CA PRO BA 410 39.21 -44.56 -59.37
C PRO BA 410 40.64 -44.98 -59.73
N GLU BA 411 41.38 -44.13 -60.44
CA GLU BA 411 42.77 -44.42 -60.74
C GLU BA 411 43.56 -44.63 -59.48
N GLY BA 412 43.16 -43.96 -58.40
CA GLY BA 412 43.83 -44.03 -57.12
C GLY BA 412 43.30 -45.02 -56.10
N ASP BA 413 42.30 -45.82 -56.48
CA ASP BA 413 41.71 -46.82 -55.60
C ASP BA 413 42.64 -48.00 -55.56
N TRP BA 414 42.58 -48.79 -54.50
CA TRP BA 414 43.30 -50.06 -54.48
C TRP BA 414 42.82 -50.95 -53.37
N ILE BA 415 43.27 -52.19 -53.37
CA ILE BA 415 42.85 -53.09 -52.32
C ILE BA 415 43.99 -53.96 -51.83
N GLN BA 416 44.34 -53.85 -50.55
CA GLN BA 416 45.42 -54.66 -50.02
C GLN BA 416 44.85 -55.87 -49.35
N ASN BA 417 45.70 -56.88 -49.25
CA ASN BA 417 45.40 -58.11 -48.55
C ASN BA 417 45.33 -57.88 -47.06
N ILE BA 418 44.57 -58.72 -46.39
CA ILE BA 418 44.34 -58.65 -44.96
C ILE BA 418 45.61 -58.47 -44.10
N ASN BA 419 46.74 -58.97 -44.57
CA ASN BA 419 47.95 -59.05 -43.74
C ASN BA 419 48.69 -57.74 -43.59
N PHE BA 420 48.49 -56.84 -44.55
CA PHE BA 420 49.07 -55.50 -44.53
C PHE BA 420 50.56 -55.56 -44.28
N ASN BA 421 51.20 -56.50 -44.95
CA ASN BA 421 52.64 -56.57 -44.93
C ASN BA 421 53.18 -55.67 -46.00
N LEU BA 422 53.70 -54.53 -45.61
CA LEU BA 422 53.99 -53.49 -46.58
C LEU BA 422 55.43 -52.96 -46.47
N PRO BA 423 56.00 -52.44 -47.58
CA PRO BA 423 55.49 -52.24 -48.96
C PRO BA 423 54.90 -53.49 -49.54
N VAL BA 424 53.77 -53.34 -50.23
CA VAL BA 424 52.92 -54.46 -50.59
C VAL BA 424 53.35 -55.21 -51.85
N THR BA 425 53.31 -56.54 -51.77
CA THR BA 425 53.65 -57.42 -52.87
C THR BA 425 52.66 -57.25 -54.00
N ASP BA 426 53.11 -57.48 -55.23
CA ASP BA 426 52.18 -57.52 -56.36
C ASP BA 426 51.10 -58.57 -56.17
N ASP BA 427 51.41 -59.63 -55.43
CA ASP BA 427 50.44 -60.68 -55.19
C ASP BA 427 49.47 -60.34 -54.09
N ASN BA 428 49.80 -59.32 -53.29
CA ASN BA 428 48.94 -58.98 -52.18
C ASN BA 428 48.10 -57.73 -52.38
N VAL BA 429 48.17 -57.11 -53.56
CA VAL BA 429 47.36 -55.93 -53.80
C VAL BA 429 46.63 -56.06 -55.13
N LEU BA 430 45.47 -55.44 -55.24
CA LEU BA 430 44.79 -55.38 -56.51
C LEU BA 430 44.64 -53.94 -56.97
N LEU BA 431 45.25 -53.61 -58.10
CA LEU BA 431 45.24 -52.24 -58.62
C LEU BA 431 44.21 -51.99 -59.71
N PRO BA 432 43.96 -50.72 -60.03
CA PRO BA 432 43.15 -50.37 -61.20
C PRO BA 432 43.92 -50.56 -62.50
N THR BA 433 45.13 -51.10 -62.37
CA THR BA 433 45.96 -51.46 -63.50
C THR BA 433 45.78 -52.92 -63.87
N ASP BA 434 45.63 -53.75 -62.85
CA ASP BA 434 45.47 -55.19 -63.03
C ASP BA 434 44.13 -55.50 -63.69
N PRO BA 435 44.19 -56.24 -64.79
CA PRO BA 435 43.03 -56.63 -65.60
C PRO BA 435 42.17 -57.66 -64.90
N ILE BA 436 40.88 -57.58 -65.17
CA ILE BA 436 39.90 -58.38 -64.48
C ILE BA 436 39.22 -59.31 -65.44
N GLY BA 437 39.09 -60.58 -65.06
CA GLY BA 437 38.45 -61.52 -65.95
C GLY BA 437 39.20 -61.62 -67.26
N GLY BA 438 40.50 -61.32 -67.20
CA GLY BA 438 41.33 -61.44 -68.37
C GLY BA 438 41.05 -60.42 -69.45
N LYS BA 439 40.63 -59.22 -69.07
CA LYS BA 439 40.46 -58.16 -70.06
C LYS BA 439 41.40 -56.97 -69.81
N THR BA 440 42.14 -56.58 -70.84
CA THR BA 440 43.08 -55.47 -70.74
C THR BA 440 42.47 -54.16 -70.28
N GLY BA 441 41.31 -53.83 -70.84
CA GLY BA 441 40.67 -52.56 -70.57
C GLY BA 441 39.66 -52.55 -69.44
N ILE BA 442 39.72 -53.56 -68.58
CA ILE BA 442 38.81 -53.65 -67.45
C ILE BA 442 39.56 -53.91 -66.13
N ASN BA 443 39.22 -53.14 -65.10
CA ASN BA 443 39.78 -53.35 -63.77
C ASN BA 443 38.69 -53.37 -62.74
N TYR BA 444 39.02 -53.68 -61.49
CA TYR BA 444 37.98 -53.94 -60.51
C TYR BA 444 37.14 -52.70 -60.22
N THR BA 445 37.68 -51.52 -60.46
CA THR BA 445 36.94 -50.32 -60.13
C THR BA 445 35.68 -50.22 -60.98
N ASN BA 446 35.68 -50.91 -62.10
CA ASN BA 446 34.54 -50.88 -63.00
C ASN BA 446 33.31 -51.64 -62.54
N ILE BA 447 33.46 -52.59 -61.61
CA ILE BA 447 32.29 -53.32 -61.14
C ILE BA 447 32.12 -53.05 -59.64
N PHE BA 448 32.90 -52.09 -59.16
CA PHE BA 448 33.01 -51.80 -57.75
C PHE BA 448 31.82 -50.99 -57.22
N ASN BA 449 31.44 -51.26 -55.98
CA ASN BA 449 30.33 -50.56 -55.34
C ASN BA 449 30.51 -50.41 -53.85
N THR BA 450 30.72 -49.19 -53.41
CA THR BA 450 30.92 -48.94 -51.99
C THR BA 450 29.80 -48.17 -51.32
N TYR BA 451 28.61 -48.28 -51.87
CA TYR BA 451 27.45 -47.71 -51.21
C TYR BA 451 27.19 -48.57 -49.98
N GLY BA 452 26.81 -47.91 -48.90
CA GLY BA 452 26.67 -48.59 -47.63
C GLY BA 452 26.04 -47.69 -46.61
N PRO BA 453 25.77 -48.24 -45.44
CA PRO BA 453 25.07 -47.54 -44.39
C PRO BA 453 25.87 -46.41 -43.78
N LEU BA 454 27.06 -46.12 -44.31
CA LEU BA 454 27.85 -44.99 -43.85
C LEU BA 454 28.00 -43.95 -44.92
N THR BA 455 27.25 -44.12 -46.00
CA THR BA 455 27.44 -43.28 -47.16
C THR BA 455 26.73 -41.95 -46.92
N ALA BA 456 27.38 -40.84 -47.26
CA ALA BA 456 26.73 -39.53 -47.22
C ALA BA 456 26.80 -38.88 -48.60
N LEU BA 457 25.76 -38.12 -48.96
CA LEU BA 457 25.56 -37.63 -50.31
C LEU BA 457 24.97 -36.24 -50.34
N ASN BA 458 25.15 -35.52 -51.43
CA ASN BA 458 24.29 -34.37 -51.65
C ASN BA 458 23.35 -34.62 -52.80
N ASN BA 459 22.36 -33.76 -52.93
CA ASN BA 459 21.44 -33.81 -54.05
C ASN BA 459 22.07 -33.13 -55.26
N VAL BA 460 21.52 -33.36 -56.44
CA VAL BA 460 22.08 -32.75 -57.63
C VAL BA 460 21.96 -31.26 -57.57
N PRO BA 461 22.96 -30.55 -58.07
CA PRO BA 461 22.89 -29.10 -58.14
C PRO BA 461 22.06 -28.68 -59.35
N PRO BA 462 21.44 -27.50 -59.30
CA PRO BA 462 20.63 -27.01 -60.40
C PRO BA 462 21.50 -26.69 -61.57
N VAL BA 463 21.08 -27.10 -62.75
CA VAL BA 463 21.86 -26.86 -63.95
C VAL BA 463 21.22 -25.78 -64.84
N TYR BA 464 21.71 -24.56 -64.78
CA TYR BA 464 21.13 -23.49 -65.59
C TYR BA 464 21.77 -23.39 -66.96
N PRO BA 465 20.97 -23.21 -68.00
CA PRO BA 465 19.52 -23.06 -68.05
C PRO BA 465 18.80 -24.32 -68.50
N ASN BA 466 19.54 -25.34 -68.88
CA ASN BA 466 18.91 -26.46 -69.53
C ASN BA 466 18.34 -27.50 -68.58
N GLY BA 467 18.59 -27.35 -67.29
CA GLY BA 467 18.15 -28.31 -66.31
C GLY BA 467 16.65 -28.39 -66.00
N GLN BA 468 16.22 -29.56 -65.54
CA GLN BA 468 14.86 -29.72 -65.09
C GLN BA 468 14.76 -29.10 -63.73
N ILE BA 469 13.59 -28.57 -63.38
CA ILE BA 469 13.44 -27.90 -62.09
C ILE BA 469 12.89 -28.85 -61.07
N TRP BA 470 11.71 -29.39 -61.33
CA TRP BA 470 11.12 -30.39 -60.45
C TRP BA 470 10.79 -31.65 -61.22
N ASP BA 471 10.54 -32.73 -60.49
CA ASP BA 471 10.27 -34.01 -61.11
C ASP BA 471 9.30 -34.80 -60.24
N LYS BA 472 8.45 -35.61 -60.85
CA LYS BA 472 7.52 -36.44 -60.09
C LYS BA 472 8.30 -37.50 -59.38
N GLU BA 473 7.75 -38.05 -58.31
CA GLU BA 473 8.43 -39.14 -57.63
C GLU BA 473 7.89 -40.46 -58.14
N PHE BA 474 8.72 -41.48 -58.16
CA PHE BA 474 8.28 -42.79 -58.61
C PHE BA 474 7.18 -43.29 -57.72
N ASP BA 475 6.20 -43.93 -58.33
CA ASP BA 475 5.15 -44.56 -57.55
C ASP BA 475 5.61 -45.94 -57.13
N THR BA 476 6.77 -46.03 -56.51
CA THR BA 476 7.26 -47.29 -55.97
C THR BA 476 7.10 -47.36 -54.46
N ASP BA 477 6.92 -48.56 -53.93
CA ASP BA 477 6.73 -48.72 -52.49
C ASP BA 477 7.93 -48.20 -51.72
N LEU BA 478 9.12 -48.32 -52.31
CA LEU BA 478 10.35 -47.75 -51.77
C LEU BA 478 10.96 -46.72 -52.72
N LYS BA 479 11.43 -45.60 -52.21
CA LYS BA 479 11.76 -44.48 -53.10
C LYS BA 479 13.23 -44.10 -53.16
N PRO BA 480 13.65 -43.45 -54.24
CA PRO BA 480 15.05 -43.07 -54.31
C PRO BA 480 15.37 -41.86 -53.45
N ARG BA 481 16.57 -41.81 -52.87
CA ARG BA 481 16.96 -40.69 -52.04
C ARG BA 481 17.16 -39.42 -52.84
N LEU BA 482 17.17 -39.56 -54.16
CA LEU BA 482 17.17 -38.39 -55.02
C LEU BA 482 16.88 -38.76 -56.46
N HIS BA 483 16.76 -37.75 -57.31
CA HIS BA 483 16.70 -37.95 -58.75
C HIS BA 483 17.88 -37.20 -59.27
N VAL BA 484 18.37 -37.59 -60.43
CA VAL BA 484 19.58 -37.00 -60.92
C VAL BA 484 19.31 -35.90 -61.93
N ASN BA 485 18.07 -35.79 -62.36
CA ASN BA 485 17.71 -34.84 -63.39
C ASN BA 485 17.11 -33.57 -62.84
N ALA BA 486 16.72 -33.61 -61.57
CA ALA BA 486 16.12 -32.42 -60.95
C ALA BA 486 16.31 -32.38 -59.43
N PRO BA 487 16.45 -31.17 -58.88
CA PRO BA 487 16.70 -30.99 -57.46
C PRO BA 487 15.45 -31.12 -56.63
N PHE BA 488 14.29 -30.75 -57.16
CA PHE BA 488 13.04 -30.84 -56.39
C PHE BA 488 12.19 -32.03 -56.78
N VAL BA 489 11.84 -32.87 -55.81
CA VAL BA 489 10.94 -33.99 -56.07
C VAL BA 489 9.70 -33.92 -55.21
N CYS BA 490 8.54 -33.89 -55.87
CA CYS BA 490 7.27 -33.77 -55.19
C CYS BA 490 6.90 -35.11 -54.59
N GLN BA 491 6.95 -35.20 -53.27
CA GLN BA 491 6.55 -36.44 -52.65
C GLN BA 491 5.04 -36.35 -52.52
N ASN BA 492 4.54 -35.13 -52.65
CA ASN BA 492 3.12 -34.87 -52.59
C ASN BA 492 2.46 -35.35 -53.86
N ASN BA 493 2.53 -34.52 -54.88
CA ASN BA 493 1.85 -34.74 -56.14
C ASN BA 493 2.35 -33.57 -56.94
N CYS BA 494 2.72 -33.77 -58.19
CA CYS BA 494 3.25 -32.66 -58.95
C CYS BA 494 2.17 -32.02 -59.80
N PRO BA 495 2.42 -30.78 -60.24
CA PRO BA 495 1.48 -30.10 -61.14
C PRO BA 495 1.14 -30.98 -62.33
N GLY BA 496 -0.11 -30.93 -62.75
CA GLY BA 496 -0.57 -31.75 -63.86
C GLY BA 496 0.00 -31.24 -65.15
N GLN BA 497 0.14 -32.13 -66.13
CA GLN BA 497 0.71 -31.66 -67.38
C GLN BA 497 -0.36 -30.92 -68.18
N LEU BA 498 0.08 -29.92 -68.96
CA LEU BA 498 -0.84 -29.10 -69.73
C LEU BA 498 -0.76 -29.42 -71.22
N PHE BA 499 -1.89 -29.74 -71.84
CA PHE BA 499 -1.93 -30.15 -73.23
C PHE BA 499 -2.79 -29.23 -74.08
N VAL BA 500 -2.33 -28.94 -75.30
CA VAL BA 500 -3.11 -28.18 -76.26
C VAL BA 500 -3.28 -29.02 -77.53
N LYS BA 501 -4.18 -28.59 -78.40
CA LYS BA 501 -4.50 -29.29 -79.64
C LYS BA 501 -5.42 -28.42 -80.48
N VAL BA 502 -5.12 -28.29 -81.77
CA VAL BA 502 -6.03 -27.54 -82.62
C VAL BA 502 -7.29 -28.34 -82.90
N ALA BA 503 -8.44 -27.73 -82.70
CA ALA BA 503 -9.70 -28.44 -82.90
C ALA BA 503 -9.88 -28.77 -84.37
N PRO BA 504 -10.45 -29.93 -84.66
CA PRO BA 504 -10.69 -30.40 -86.02
C PRO BA 504 -11.49 -29.39 -86.79
N ASN BA 505 -10.91 -28.75 -87.80
CA ASN BA 505 -11.67 -27.77 -88.58
C ASN BA 505 -12.12 -28.37 -89.91
N LEU BA 506 -13.28 -29.00 -89.93
CA LEU BA 506 -13.67 -29.79 -91.09
C LEU BA 506 -14.15 -29.03 -92.33
N THR BA 507 -13.96 -29.68 -93.47
CA THR BA 507 -14.48 -29.25 -94.76
C THR BA 507 -15.92 -29.68 -94.89
N ASN BA 508 -16.56 -29.38 -96.03
CA ASN BA 508 -17.97 -29.73 -96.19
C ASN BA 508 -18.17 -31.21 -96.51
N GLN BA 509 -17.13 -31.84 -96.99
CA GLN BA 509 -17.21 -33.25 -97.27
C GLN BA 509 -16.50 -34.03 -96.18
N TYR BA 510 -17.26 -34.71 -95.37
CA TYR BA 510 -16.66 -35.55 -94.35
C TYR BA 510 -17.43 -36.83 -94.27
N ASP BA 511 -16.76 -37.95 -94.45
CA ASP BA 511 -17.40 -39.24 -94.28
C ASP BA 511 -16.63 -40.09 -93.30
N PRO BA 512 -17.20 -40.25 -92.11
CA PRO BA 512 -16.52 -41.03 -91.08
C PRO BA 512 -16.53 -42.50 -91.45
N ASP BA 513 -17.56 -42.96 -92.15
CA ASP BA 513 -17.64 -44.36 -92.57
C ASP BA 513 -16.61 -44.66 -93.63
N ALA BA 514 -16.07 -43.59 -94.22
CA ALA BA 514 -14.99 -43.75 -95.18
C ALA BA 514 -13.65 -43.90 -94.46
N SER BA 515 -12.83 -44.80 -94.97
CA SER BA 515 -11.48 -45.03 -94.48
C SER BA 515 -10.51 -43.95 -94.95
N ALA BA 516 -10.82 -43.30 -96.07
CA ALA BA 516 -9.93 -42.30 -96.68
C ALA BA 516 -9.43 -41.27 -95.67
N ASN BA 517 -8.33 -40.59 -96.01
CA ASN BA 517 -7.77 -39.56 -95.13
C ASN BA 517 -8.78 -38.59 -94.58
N MET BA 518 -8.43 -38.06 -93.42
CA MET BA 518 -9.09 -36.90 -92.86
C MET BA 518 -8.89 -35.67 -93.75
N SER BA 519 -9.98 -35.16 -94.32
CA SER BA 519 -9.91 -33.93 -95.08
C SER BA 519 -10.35 -32.80 -94.17
N ARG BA 520 -9.41 -31.93 -93.85
CA ARG BA 520 -9.62 -30.83 -92.94
C ARG BA 520 -9.17 -29.54 -93.54
N ILE BA 521 -9.82 -28.46 -93.15
CA ILE BA 521 -9.29 -27.15 -93.44
C ILE BA 521 -7.96 -26.99 -92.75
N VAL BA 522 -6.96 -26.53 -93.47
CA VAL BA 522 -5.67 -26.37 -92.86
C VAL BA 522 -5.71 -25.22 -91.87
N THR BA 523 -5.49 -25.56 -90.62
CA THR BA 523 -5.61 -24.58 -89.57
C THR BA 523 -4.48 -24.68 -88.60
N TYR BA 524 -4.13 -23.53 -88.01
CA TYR BA 524 -3.13 -23.45 -86.97
C TYR BA 524 -3.51 -22.39 -85.94
N SER BA 525 -2.84 -22.38 -84.79
CA SER BA 525 -3.17 -21.40 -83.76
C SER BA 525 -1.98 -20.69 -83.14
N ASP BA 526 -2.15 -19.41 -82.83
CA ASP BA 526 -1.20 -18.64 -82.04
C ASP BA 526 -1.84 -18.27 -80.72
N PHE BA 527 -1.17 -18.59 -79.62
CA PHE BA 527 -1.68 -18.20 -78.31
C PHE BA 527 -0.59 -17.81 -77.34
N TRP BA 528 -0.94 -17.02 -76.33
CA TRP BA 528 0.02 -16.61 -75.32
C TRP BA 528 -0.07 -17.42 -74.04
N TRP BA 529 1.07 -17.66 -73.43
CA TRP BA 529 1.16 -18.40 -72.18
C TRP BA 529 1.87 -17.56 -71.15
N LYS BA 530 1.28 -17.50 -69.96
CA LYS BA 530 1.91 -16.80 -68.87
C LYS BA 530 1.99 -17.76 -67.71
N GLY BA 531 3.13 -17.78 -67.02
CA GLY BA 531 3.30 -18.65 -65.88
C GLY BA 531 3.83 -17.90 -64.68
N LYS BA 532 3.57 -18.40 -63.48
CA LYS BA 532 4.12 -17.80 -62.28
C LYS BA 532 4.67 -18.87 -61.34
N LEU BA 533 5.98 -18.85 -61.18
CA LEU BA 533 6.66 -19.80 -60.33
C LEU BA 533 7.27 -19.04 -59.16
N VAL BA 534 6.87 -19.41 -57.95
CA VAL BA 534 7.31 -18.68 -56.79
C VAL BA 534 8.24 -19.49 -55.91
N PHE BA 535 9.38 -18.89 -55.57
CA PHE BA 535 10.34 -19.53 -54.66
C PHE BA 535 10.45 -18.76 -53.36
N LYS BA 536 10.94 -19.44 -52.33
CA LYS BA 536 11.24 -18.75 -51.11
C LYS BA 536 12.66 -19.16 -50.80
N ALA BA 537 13.58 -18.20 -50.82
CA ALA BA 537 14.99 -18.49 -50.61
C ALA BA 537 15.54 -17.70 -49.43
N LYS BA 538 16.78 -17.99 -49.05
CA LYS BA 538 17.40 -17.45 -47.82
C LYS BA 538 18.81 -16.87 -48.04
N LEU BA 539 19.04 -15.66 -47.56
CA LEU BA 539 20.30 -14.97 -47.77
C LEU BA 539 21.47 -15.62 -47.06
N ARG BA 540 22.62 -15.69 -47.71
CA ARG BA 540 23.83 -16.27 -47.12
C ARG BA 540 24.56 -15.27 -46.22
N ALA BA 541 25.53 -15.75 -45.46
CA ALA BA 541 26.31 -14.82 -44.66
C ALA BA 541 27.79 -15.18 -44.64
N SER BA 542 28.63 -14.16 -44.54
CA SER BA 542 30.06 -14.36 -44.51
C SER BA 542 30.51 -14.84 -43.15
N HIS BA 543 31.17 -15.99 -43.10
CA HIS BA 543 31.73 -16.47 -41.83
C HIS BA 543 33.21 -16.79 -41.92
N THR BA 544 33.82 -16.46 -43.04
CA THR BA 544 35.25 -16.68 -43.22
C THR BA 544 35.95 -15.38 -43.49
N TRP BA 545 37.26 -15.37 -43.33
CA TRP BA 545 38.04 -14.17 -43.57
C TRP BA 545 38.10 -13.94 -45.06
N ASN BA 546 38.21 -15.03 -45.79
CA ASN BA 546 38.41 -14.95 -47.21
C ASN BA 546 37.15 -14.74 -47.99
N PRO BA 547 37.24 -14.10 -49.14
CA PRO BA 547 36.05 -14.09 -49.99
C PRO BA 547 35.86 -15.44 -50.61
N ILE BA 548 34.84 -15.61 -51.46
CA ILE BA 548 34.47 -16.90 -52.03
C ILE BA 548 34.06 -16.80 -53.49
N GLN BA 549 33.87 -17.95 -54.14
CA GLN BA 549 33.51 -17.95 -55.56
C GLN BA 549 32.20 -17.24 -55.82
N GLN BA 550 32.16 -16.40 -56.86
CA GLN BA 550 30.91 -15.83 -57.36
C GLN BA 550 30.93 -15.50 -58.86
N MET BA 551 29.80 -15.58 -59.56
CA MET BA 551 29.77 -15.20 -60.98
C MET BA 551 30.05 -13.76 -61.19
N SER BA 552 30.60 -13.45 -62.36
CA SER BA 552 30.69 -12.08 -62.84
C SER BA 552 31.15 -12.10 -64.26
N ILE BA 553 31.34 -10.92 -64.82
CA ILE BA 553 32.07 -10.78 -66.05
C ILE BA 553 33.20 -9.82 -65.74
N ASN BA 554 34.47 -10.03 -66.12
CA ASN BA 554 35.12 -11.00 -67.05
C ASN BA 554 35.24 -10.43 -68.43
N VAL BA 555 36.48 -10.25 -68.86
CA VAL BA 555 36.78 -9.74 -70.19
C VAL BA 555 36.70 -10.92 -71.14
N ASP BA 556 37.01 -12.11 -70.62
CA ASP BA 556 36.50 -13.33 -71.23
C ASP BA 556 35.01 -13.28 -70.99
N ASN BA 557 34.26 -14.28 -71.44
CA ASN BA 557 32.90 -14.44 -70.91
C ASN BA 557 31.90 -13.35 -71.37
N GLN BA 558 32.23 -12.10 -71.10
CA GLN BA 558 31.42 -10.93 -71.43
C GLN BA 558 30.54 -10.95 -72.67
N PHE BA 559 30.84 -11.76 -73.66
CA PHE BA 559 30.08 -11.62 -74.89
C PHE BA 559 29.00 -12.67 -75.03
N ASN BA 560 28.84 -13.51 -74.02
CA ASN BA 560 27.77 -14.50 -74.03
C ASN BA 560 26.49 -13.97 -73.41
N TYR BA 561 26.45 -12.67 -73.15
CA TYR BA 561 25.33 -12.10 -72.41
C TYR BA 561 24.75 -10.90 -73.14
N VAL BA 562 25.09 -10.78 -74.41
CA VAL BA 562 24.61 -9.68 -75.21
C VAL BA 562 24.27 -10.30 -76.54
N PRO BA 563 23.43 -9.63 -77.32
CA PRO BA 563 23.12 -10.14 -78.66
C PRO BA 563 24.32 -9.94 -79.55
N SER BA 564 24.15 -10.05 -80.85
CA SER BA 564 25.28 -9.99 -81.74
C SER BA 564 25.18 -8.82 -82.71
N ASN BA 565 26.03 -8.84 -83.72
CA ASN BA 565 25.97 -7.87 -84.78
C ASN BA 565 24.57 -7.87 -85.39
N ILE BA 566 24.02 -9.07 -85.57
CA ILE BA 566 22.63 -9.25 -85.94
C ILE BA 566 21.93 -9.70 -84.68
N GLY BA 567 20.78 -10.32 -84.80
CA GLY BA 567 20.02 -10.65 -83.62
C GLY BA 567 20.49 -11.74 -82.69
N GLY BA 568 21.76 -11.72 -82.27
CA GLY BA 568 22.24 -12.61 -81.21
C GLY BA 568 21.92 -14.03 -81.58
N MET BA 569 21.71 -14.95 -80.62
CA MET BA 569 22.01 -14.81 -79.21
C MET BA 569 22.17 -16.19 -78.60
N LYS BA 570 22.62 -16.22 -77.35
CA LYS BA 570 23.12 -17.45 -76.74
C LYS BA 570 22.84 -17.44 -75.25
N ILE BA 571 22.53 -18.61 -74.70
CA ILE BA 571 22.45 -18.73 -73.25
C ILE BA 571 23.39 -19.80 -72.76
N VAL BA 572 24.20 -19.43 -71.78
CA VAL BA 572 25.34 -20.24 -71.42
C VAL BA 572 25.17 -20.97 -70.13
N TYR BA 573 25.54 -22.24 -70.12
CA TYR BA 573 25.79 -23.02 -68.92
C TYR BA 573 26.53 -22.24 -67.82
N GLU BA 574 26.06 -22.28 -66.57
CA GLU BA 574 26.80 -21.58 -65.51
C GLU BA 574 26.65 -22.01 -64.04
N LYS BA 575 26.66 -23.30 -63.77
CA LYS BA 575 26.83 -23.81 -62.40
C LYS BA 575 25.77 -23.32 -61.43
N SER BA 576 26.01 -23.53 -60.15
CA SER BA 576 24.99 -23.19 -59.16
C SER BA 576 25.40 -23.20 -57.70
N GLN BA 577 26.33 -24.06 -57.28
CA GLN BA 577 26.61 -24.13 -55.85
C GLN BA 577 27.96 -23.52 -55.54
N LEU BA 578 28.08 -22.21 -55.78
CA LEU BA 578 29.37 -21.53 -55.85
C LEU BA 578 30.06 -21.29 -54.53
N ALA BA 579 29.29 -21.21 -53.46
CA ALA BA 579 29.86 -20.92 -52.16
C ALA BA 579 30.17 -22.18 -51.43
N PRO BA 580 31.25 -22.18 -50.66
CA PRO BA 580 31.66 -23.31 -49.83
C PRO BA 580 30.73 -23.50 -48.66
N ARG BA 581 30.69 -24.72 -48.12
CA ARG BA 581 29.82 -25.03 -47.00
C ARG BA 581 30.61 -25.44 -45.78
N LYS BA 582 30.66 -26.74 -45.57
CA LYS BA 582 31.26 -27.37 -44.40
C LYS BA 582 30.54 -28.64 -44.14
N LEU BA 583 31.16 -29.78 -44.38
CA LEU BA 583 30.52 -31.03 -44.04
C LEU BA 583 30.46 -31.22 -42.56
N TYR BA 584 31.61 -31.00 -41.95
CA TYR BA 584 31.85 -31.43 -40.59
C TYR BA 584 32.62 -30.32 -39.89
N GLY CA 37 -22.78 -2.39 -80.18
CA GLY CA 37 -21.67 -3.02 -80.87
C GLY CA 37 -21.90 -3.14 -82.37
N VAL CA 38 -21.25 -4.10 -83.02
CA VAL CA 38 -21.32 -4.25 -84.47
C VAL CA 38 -22.73 -4.45 -84.99
N GLY CA 39 -23.31 -5.59 -84.65
CA GLY CA 39 -24.54 -6.01 -85.28
C GLY CA 39 -25.80 -5.47 -84.66
N ILE CA 40 -25.70 -4.32 -84.02
CA ILE CA 40 -26.81 -3.74 -83.25
C ILE CA 40 -27.06 -2.27 -83.57
N SER CA 41 -28.24 -1.94 -84.07
CA SER CA 41 -28.55 -0.56 -84.47
C SER CA 41 -28.53 0.38 -83.29
N THR CA 42 -28.28 1.66 -83.56
CA THR CA 42 -28.12 2.67 -82.53
C THR CA 42 -29.03 3.89 -82.63
N GLY CA 43 -30.18 3.76 -83.28
CA GLY CA 43 -31.11 4.88 -83.38
C GLY CA 43 -32.33 4.54 -84.20
N THR CA 44 -33.24 5.49 -84.37
CA THR CA 44 -34.41 5.20 -85.18
C THR CA 44 -34.80 6.31 -86.15
N PHE CA 45 -35.12 5.91 -87.38
CA PHE CA 45 -35.56 6.85 -88.40
C PHE CA 45 -36.92 7.40 -88.04
N ASN CA 46 -37.06 8.71 -88.06
CA ASN CA 46 -38.35 9.34 -87.79
C ASN CA 46 -38.49 10.67 -88.51
N ASN CA 47 -39.33 10.72 -89.55
CA ASN CA 47 -39.53 11.98 -90.24
C ASN CA 47 -40.98 12.42 -90.11
N GLN CA 48 -41.50 12.34 -88.89
CA GLN CA 48 -42.92 12.49 -88.61
C GLN CA 48 -43.19 13.89 -88.06
N THR CA 49 -44.33 14.48 -88.42
CA THR CA 49 -44.60 15.84 -87.93
C THR CA 49 -45.82 15.87 -87.02
N GLU CA 50 -45.59 16.15 -85.74
CA GLU CA 50 -46.66 16.16 -84.76
C GLU CA 50 -47.10 17.58 -84.45
N PHE CA 51 -48.42 17.78 -84.42
CA PHE CA 51 -49.02 19.03 -84.02
C PHE CA 51 -49.77 18.82 -82.72
N LYS CA 52 -49.21 19.23 -81.59
CA LYS CA 52 -49.86 18.99 -80.32
C LYS CA 52 -50.59 20.25 -79.93
N PHE CA 53 -51.93 20.18 -79.95
CA PHE CA 53 -52.73 21.35 -79.64
C PHE CA 53 -52.95 21.47 -78.12
N LEU CA 54 -52.78 22.68 -77.58
CA LEU CA 54 -52.97 22.94 -76.15
C LEU CA 54 -54.08 23.97 -75.91
N GLU CA 55 -54.16 24.50 -74.69
CA GLU CA 55 -55.21 25.48 -74.45
C GLU CA 55 -54.72 26.90 -74.70
N ASN CA 56 -55.71 27.78 -74.91
CA ASN CA 56 -55.53 29.10 -75.50
C ASN CA 56 -54.98 28.95 -76.91
N GLY CA 57 -55.27 27.80 -77.53
CA GLY CA 57 -54.89 27.58 -78.90
C GLY CA 57 -53.40 27.66 -79.19
N TRP CA 58 -52.56 27.28 -78.24
CA TRP CA 58 -51.16 27.19 -78.55
C TRP CA 58 -50.83 25.82 -79.08
N VAL CA 59 -50.10 25.77 -80.19
CA VAL CA 59 -49.72 24.49 -80.75
C VAL CA 59 -48.24 24.23 -80.59
N TYR CA 60 -47.89 22.96 -80.57
CA TYR CA 60 -46.54 22.54 -80.20
C TYR CA 60 -46.08 21.71 -81.38
N ILE CA 61 -45.59 22.40 -82.39
CA ILE CA 61 -45.21 21.73 -83.61
C ILE CA 61 -43.85 21.12 -83.46
N THR CA 62 -43.83 19.80 -83.49
CA THR CA 62 -42.60 19.06 -83.36
C THR CA 62 -42.26 18.44 -84.69
N ALA CA 63 -41.29 19.02 -85.39
CA ALA CA 63 -40.93 18.51 -86.69
C ALA CA 63 -39.81 17.51 -86.55
N ASN CA 64 -40.08 16.25 -86.89
CA ASN CA 64 -39.02 15.26 -86.92
C ASN CA 64 -38.50 15.09 -88.33
N SER CA 65 -37.19 14.93 -88.45
CA SER CA 65 -36.58 14.80 -89.75
C SER CA 65 -35.45 13.81 -89.72
N SER CA 66 -35.40 12.93 -90.71
CA SER CA 66 -34.33 11.95 -90.73
C SER CA 66 -33.84 11.70 -92.15
N ARG CA 67 -32.52 11.53 -92.31
CA ARG CA 67 -31.93 11.29 -93.62
C ARG CA 67 -30.84 10.27 -93.50
N LEU CA 68 -30.58 9.52 -94.56
CA LEU CA 68 -29.36 8.74 -94.68
C LEU CA 68 -28.34 9.62 -95.38
N VAL CA 69 -27.15 9.71 -94.82
CA VAL CA 69 -26.15 10.63 -95.32
C VAL CA 69 -24.89 9.94 -95.83
N HIS CA 70 -24.39 10.46 -96.95
CA HIS CA 70 -23.28 9.87 -97.64
C HIS CA 70 -22.07 10.79 -97.66
N LEU CA 71 -20.90 10.23 -97.43
CA LEU CA 71 -19.70 11.04 -97.33
C LEU CA 71 -18.43 10.36 -97.80
N ASN CA 72 -17.68 11.02 -98.69
CA ASN CA 72 -16.42 10.46 -99.12
C ASN CA 72 -15.33 11.16 -98.37
N MET CA 73 -14.15 10.59 -98.41
CA MET CA 73 -13.02 11.13 -97.69
C MET CA 73 -12.59 12.46 -98.28
N PRO CA 74 -11.88 13.27 -97.51
CA PRO CA 74 -11.51 14.58 -98.04
C PRO CA 74 -10.62 14.40 -99.25
N GLU CA 75 -10.62 15.41 -100.11
CA GLU CA 75 -9.74 15.41 -101.26
C GLU CA 75 -8.31 15.28 -100.76
N SER CA 76 -8.02 16.00 -99.69
CA SER CA 76 -6.76 15.93 -98.98
C SER CA 76 -6.99 16.31 -97.54
N GLU CA 77 -6.20 15.74 -96.64
CA GLU CA 77 -6.37 15.96 -95.19
C GLU CA 77 -5.82 17.30 -94.77
N ASN CA 78 -5.75 18.24 -95.70
CA ASN CA 78 -5.11 19.52 -95.44
C ASN CA 78 -6.03 20.70 -95.46
N TYR CA 79 -5.67 21.74 -94.72
CA TYR CA 79 -6.34 23.02 -94.82
C TYR CA 79 -5.64 23.82 -95.91
N ARG CA 80 -6.41 24.54 -96.73
CA ARG CA 80 -5.83 25.33 -97.81
C ARG CA 80 -6.35 26.72 -97.84
N ARG CA 81 -5.44 27.68 -97.99
CA ARG CA 81 -5.80 29.06 -98.28
C ARG CA 81 -5.74 29.31 -99.78
N VAL CA 82 -6.92 29.37 -100.41
CA VAL CA 82 -7.05 29.53 -101.84
C VAL CA 82 -7.56 30.92 -102.19
N VAL CA 83 -7.01 31.50 -103.26
CA VAL CA 83 -7.46 32.80 -103.72
C VAL CA 83 -8.15 32.63 -105.08
N VAL CA 84 -9.34 33.22 -105.23
CA VAL CA 84 -10.02 33.22 -106.51
C VAL CA 84 -9.99 34.61 -107.10
N ASN CA 85 -9.64 34.68 -108.38
CA ASN CA 85 -9.47 35.97 -109.02
C ASN CA 85 -9.79 35.95 -110.51
N ASN CA 86 -10.95 36.50 -110.85
CA ASN CA 86 -11.38 36.54 -112.24
C ASN CA 86 -11.10 37.89 -112.90
N LEU CA 87 -9.84 38.23 -113.16
CA LEU CA 87 -9.60 39.39 -114.00
C LEU CA 87 -10.09 39.16 -115.40
N ASP CA 88 -10.10 37.91 -115.83
CA ASP CA 88 -10.61 37.57 -117.16
C ASP CA 88 -12.00 38.20 -117.41
N LYS CA 89 -12.75 38.42 -116.35
CA LYS CA 89 -14.10 38.93 -116.48
C LYS CA 89 -14.26 40.36 -115.97
N THR CA 90 -13.48 40.76 -114.99
CA THR CA 90 -13.70 42.07 -114.38
C THR CA 90 -13.00 43.17 -115.16
N ALA CA 91 -11.94 42.82 -115.87
CA ALA CA 91 -11.16 43.79 -116.63
C ALA CA 91 -11.90 44.23 -117.87
N VAL CA 92 -13.03 43.58 -118.11
CA VAL CA 92 -13.81 43.77 -119.31
C VAL CA 92 -14.40 45.20 -119.41
N ASN CA 93 -14.51 45.89 -118.27
CA ASN CA 93 -15.10 47.24 -118.21
C ASN CA 93 -16.61 47.20 -118.39
N GLY CA 94 -17.34 47.62 -117.36
CA GLY CA 94 -18.79 47.50 -117.39
C GLY CA 94 -19.18 46.17 -116.79
N ASN CA 95 -18.19 45.43 -116.32
CA ASN CA 95 -18.45 44.13 -115.75
C ASN CA 95 -18.11 44.09 -114.27
N MET CA 96 -18.12 45.25 -113.63
CA MET CA 96 -17.76 45.33 -112.23
C MET CA 96 -18.60 44.39 -111.37
N ALA CA 97 -19.90 44.37 -111.60
CA ALA CA 97 -20.79 43.55 -110.80
C ALA CA 97 -20.53 42.05 -110.96
N LEU CA 98 -19.64 41.64 -111.86
CA LEU CA 98 -19.39 40.21 -112.02
C LEU CA 98 -18.20 39.72 -111.23
N ASP CA 99 -17.77 40.51 -110.26
CA ASP CA 99 -16.61 40.17 -109.46
C ASP CA 99 -16.80 38.91 -108.64
N ASP CA 100 -15.83 38.02 -108.68
CA ASP CA 100 -15.83 36.84 -107.84
C ASP CA 100 -14.54 36.78 -106.98
N THR CA 101 -13.81 37.89 -106.92
CA THR CA 101 -12.50 37.89 -106.28
C THR CA 101 -12.58 37.78 -104.77
N HIS CA 102 -12.00 36.72 -104.20
CA HIS CA 102 -12.05 36.52 -102.77
C HIS CA 102 -11.02 35.53 -102.28
N ALA CA 103 -10.84 35.43 -100.96
CA ALA CA 103 -9.95 34.42 -100.39
C ALA CA 103 -10.72 33.46 -99.50
N GLU CA 104 -10.21 32.26 -99.33
CA GLU CA 104 -11.02 31.21 -98.77
C GLU CA 104 -10.15 30.13 -98.12
N ILE CA 105 -10.55 29.61 -96.96
CA ILE CA 105 -9.82 28.48 -96.39
C ILE CA 105 -10.57 27.21 -96.64
N VAL CA 106 -9.94 26.27 -97.31
CA VAL CA 106 -10.64 25.07 -97.66
C VAL CA 106 -10.32 23.95 -96.70
N THR CA 107 -11.33 23.36 -96.07
CA THR CA 107 -11.07 22.41 -94.99
C THR CA 107 -11.39 21.00 -95.41
N PRO CA 108 -10.78 20.01 -94.76
CA PRO CA 108 -11.13 18.62 -95.05
C PRO CA 108 -12.44 18.22 -94.35
N TRP CA 109 -13.14 19.19 -93.78
CA TRP CA 109 -14.35 18.86 -93.05
C TRP CA 109 -15.58 19.13 -93.89
N SER CA 110 -16.66 18.39 -93.62
CA SER CA 110 -17.94 18.65 -94.26
C SER CA 110 -18.93 19.14 -93.24
N LEU CA 111 -19.88 19.96 -93.68
CA LEU CA 111 -20.84 20.58 -92.79
C LEU CA 111 -22.24 20.03 -92.98
N VAL CA 112 -22.85 19.60 -91.90
CA VAL CA 112 -24.21 19.12 -91.95
C VAL CA 112 -25.13 20.26 -91.57
N ASP CA 113 -25.65 20.96 -92.58
CA ASP CA 113 -26.52 22.10 -92.33
C ASP CA 113 -27.95 21.71 -92.69
N ALA CA 114 -28.88 21.86 -91.76
CA ALA CA 114 -30.28 21.51 -92.02
C ALA CA 114 -31.13 22.74 -91.90
N ASN CA 115 -30.48 23.88 -92.00
CA ASN CA 115 -31.15 25.15 -91.83
C ASN CA 115 -31.88 25.59 -93.09
N ALA CA 116 -33.02 24.97 -93.36
CA ALA CA 116 -33.91 25.35 -94.44
C ALA CA 116 -35.25 24.66 -94.26
N TRP CA 117 -36.34 25.37 -94.51
CA TRP CA 117 -37.66 24.86 -94.19
C TRP CA 117 -37.95 23.47 -94.80
N GLY CA 118 -37.39 23.20 -95.95
CA GLY CA 118 -37.71 21.98 -96.64
C GLY CA 118 -37.14 20.77 -95.95
N VAL CA 119 -36.25 21.00 -95.01
CA VAL CA 119 -35.67 19.87 -94.29
C VAL CA 119 -36.69 19.35 -93.31
N TRP CA 120 -37.60 20.23 -92.91
CA TRP CA 120 -38.51 19.93 -91.82
C TRP CA 120 -39.99 19.78 -92.24
N PHE CA 121 -40.42 20.44 -93.30
CA PHE CA 121 -41.82 20.30 -93.67
C PHE CA 121 -42.04 19.89 -95.13
N ASN CA 122 -43.01 19.01 -95.34
CA ASN CA 122 -43.48 18.71 -96.68
C ASN CA 122 -44.53 19.76 -97.01
N PRO CA 123 -44.97 19.80 -98.27
CA PRO CA 123 -45.96 20.82 -98.60
C PRO CA 123 -47.19 20.75 -97.73
N GLY CA 124 -47.67 19.53 -97.49
CA GLY CA 124 -48.85 19.31 -96.68
C GLY CA 124 -48.72 19.89 -95.28
N ASP CA 125 -47.59 19.62 -94.65
CA ASP CA 125 -47.29 20.20 -93.35
C ASP CA 125 -47.33 21.72 -93.48
N TRP CA 126 -46.66 22.24 -94.51
CA TRP CA 126 -46.59 23.66 -94.67
C TRP CA 126 -47.96 24.29 -94.85
N GLN CA 127 -48.85 23.58 -95.53
CA GLN CA 127 -50.21 24.06 -95.75
C GLN CA 127 -50.90 24.37 -94.45
N LEU CA 128 -50.87 23.40 -93.54
CA LEU CA 128 -51.54 23.48 -92.25
C LEU CA 128 -51.07 24.69 -91.52
N ILE CA 129 -49.75 24.85 -91.44
CA ILE CA 129 -49.15 25.94 -90.71
C ILE CA 129 -49.57 27.30 -91.20
N VAL CA 130 -49.45 27.50 -92.50
CA VAL CA 130 -49.64 28.79 -93.12
C VAL CA 130 -51.08 29.27 -93.15
N ASN CA 131 -51.99 28.33 -93.37
CA ASN CA 131 -53.41 28.67 -93.51
C ASN CA 131 -54.15 28.86 -92.21
N THR CA 132 -53.67 28.20 -91.15
CA THR CA 132 -54.49 28.11 -89.94
C THR CA 132 -53.89 28.83 -88.74
N MET CA 133 -52.64 29.26 -88.83
CA MET CA 133 -52.01 29.85 -87.68
C MET CA 133 -51.44 31.23 -87.91
N SER CA 134 -51.49 32.04 -86.87
CA SER CA 134 -51.26 33.46 -86.99
C SER CA 134 -49.85 33.86 -86.66
N GLU CA 135 -49.15 33.08 -85.86
CA GLU CA 135 -47.75 33.37 -85.62
C GLU CA 135 -46.97 32.11 -85.31
N LEU CA 136 -45.67 32.25 -85.13
CA LEU CA 136 -44.77 31.11 -85.05
C LEU CA 136 -43.58 31.38 -84.15
N HIS CA 137 -43.40 30.53 -83.15
CA HIS CA 137 -42.24 30.66 -82.28
C HIS CA 137 -41.29 29.54 -82.52
N LEU CA 138 -40.02 29.85 -82.36
CA LEU CA 138 -38.95 28.88 -82.51
C LEU CA 138 -38.52 28.45 -81.13
N VAL CA 139 -38.70 27.18 -80.81
CA VAL CA 139 -38.51 26.74 -79.44
C VAL CA 139 -37.21 25.97 -79.10
N SER CA 140 -36.95 24.85 -79.78
CA SER CA 140 -35.80 24.05 -79.44
C SER CA 140 -35.32 23.25 -80.63
N PHE CA 141 -34.10 22.73 -80.53
CA PHE CA 141 -33.48 22.01 -81.64
C PHE CA 141 -32.43 21.02 -81.16
N GLU CA 142 -32.58 19.78 -81.56
CA GLU CA 142 -31.58 18.78 -81.22
C GLU CA 142 -31.37 17.88 -82.42
N GLN CA 143 -30.25 17.16 -82.44
CA GLN CA 143 -29.98 16.24 -83.54
C GLN CA 143 -29.03 15.15 -83.08
N GLU CA 144 -29.01 14.02 -83.79
CA GLU CA 144 -28.07 12.96 -83.47
C GLU CA 144 -27.60 12.27 -84.73
N ILE CA 145 -26.54 11.49 -84.62
CA ILE CA 145 -26.02 10.71 -85.74
C ILE CA 145 -25.98 9.25 -85.38
N PHE CA 146 -26.55 8.36 -86.18
CA PHE CA 146 -26.57 6.96 -85.76
C PHE CA 146 -26.46 5.93 -86.87
N ASN CA 147 -26.30 4.68 -86.45
CA ASN CA 147 -26.09 3.54 -87.34
C ASN CA 147 -25.04 3.92 -88.36
N VAL CA 148 -23.90 4.35 -87.87
CA VAL CA 148 -22.79 4.74 -88.73
C VAL CA 148 -22.20 3.52 -89.41
N VAL CA 149 -21.92 3.63 -90.71
CA VAL CA 149 -21.25 2.54 -91.42
C VAL CA 149 -20.11 3.05 -92.26
N LEU CA 150 -18.98 2.34 -92.23
CA LEU CA 150 -17.83 2.67 -93.06
C LEU CA 150 -17.38 1.54 -93.95
N LYS CA 151 -17.20 1.85 -95.24
CA LYS CA 151 -16.73 0.87 -96.20
C LYS CA 151 -15.48 1.35 -96.94
N THR CA 152 -14.60 0.42 -97.28
CA THR CA 152 -13.46 0.72 -98.13
C THR CA 152 -13.80 0.23 -99.53
N VAL CA 153 -13.46 1.00 -100.55
CA VAL CA 153 -13.74 0.56 -101.91
C VAL CA 153 -12.72 -0.49 -102.21
N SER CA 154 -11.71 -0.15 -103.00
CA SER CA 154 -10.57 -1.03 -103.15
C SER CA 154 -11.01 -2.43 -103.58
N GLU CA 155 -11.22 -2.73 -104.85
CA GLU CA 155 -10.98 -1.93 -106.06
C GLU CA 155 -11.10 -3.07 -107.05
N SER CA 156 -10.01 -3.18 -107.81
CA SER CA 156 -9.29 -4.42 -108.08
C SER CA 156 -9.94 -5.80 -107.91
N ALA CA 157 -11.05 -6.11 -108.57
CA ALA CA 157 -11.54 -7.48 -108.45
C ALA CA 157 -12.66 -7.90 -109.37
N THR CA 158 -12.40 -8.62 -110.48
CA THR CA 158 -11.12 -8.84 -111.15
C THR CA 158 -11.62 -9.25 -112.53
N GLN CA 159 -10.84 -9.04 -113.59
CA GLN CA 159 -11.30 -9.27 -114.96
C GLN CA 159 -12.60 -8.51 -115.33
N PRO CA 160 -12.60 -7.83 -116.48
CA PRO CA 160 -13.09 -6.56 -117.07
C PRO CA 160 -13.01 -5.18 -116.35
N PRO CA 161 -12.65 -5.03 -115.07
CA PRO CA 161 -12.38 -5.86 -113.89
C PRO CA 161 -13.36 -5.58 -112.73
N THR CA 162 -14.10 -4.47 -112.77
CA THR CA 162 -15.07 -4.05 -111.75
C THR CA 162 -14.49 -3.73 -110.36
N LYS CA 163 -15.32 -3.14 -109.51
CA LYS CA 163 -14.92 -2.71 -108.17
C LYS CA 163 -15.72 -3.42 -107.09
N VAL CA 164 -15.18 -3.44 -105.88
CA VAL CA 164 -15.80 -4.18 -104.77
C VAL CA 164 -15.70 -3.41 -103.47
N TYR CA 165 -16.76 -3.47 -102.68
CA TYR CA 165 -16.84 -2.72 -101.44
C TYR CA 165 -16.94 -3.61 -100.18
N ASN CA 166 -16.05 -3.42 -99.21
CA ASN CA 166 -16.09 -4.16 -97.95
C ASN CA 166 -16.29 -3.28 -96.73
N ASN CA 167 -16.84 -3.86 -95.68
CA ASN CA 167 -16.95 -3.18 -94.42
C ASN CA 167 -15.58 -3.09 -93.76
N ASP CA 168 -15.20 -1.88 -93.35
CA ASP CA 168 -14.07 -1.72 -92.43
C ASP CA 168 -14.67 -1.47 -91.07
N LEU CA 169 -14.81 -2.54 -90.28
CA LEU CA 169 -15.55 -2.44 -89.05
C LEU CA 169 -14.83 -1.51 -88.08
N THR CA 170 -13.52 -1.65 -88.02
CA THR CA 170 -12.71 -0.90 -87.05
C THR CA 170 -12.49 0.56 -87.43
N ALA CA 171 -12.95 0.95 -88.62
CA ALA CA 171 -12.76 2.30 -89.11
C ALA CA 171 -13.65 3.26 -88.34
N SER CA 172 -13.28 4.53 -88.33
CA SER CA 172 -14.00 5.48 -87.49
C SER CA 172 -14.48 6.68 -88.29
N LEU CA 173 -15.61 7.25 -87.85
CA LEU CA 173 -16.12 8.49 -88.41
C LEU CA 173 -15.97 9.63 -87.42
N MET CA 174 -15.33 10.70 -87.86
CA MET CA 174 -15.09 11.84 -87.01
C MET CA 174 -16.24 12.81 -87.00
N VAL CA 175 -16.74 13.13 -85.83
CA VAL CA 175 -17.84 14.05 -85.72
C VAL CA 175 -17.42 15.14 -84.77
N ALA CA 176 -17.76 16.38 -85.09
CA ALA CA 176 -17.40 17.47 -84.20
C ALA CA 176 -18.50 18.50 -84.18
N LEU CA 177 -18.96 18.84 -82.98
CA LEU CA 177 -20.02 19.82 -82.84
C LEU CA 177 -19.48 21.08 -82.20
N ASP CA 178 -19.50 22.18 -82.93
CA ASP CA 178 -18.94 23.44 -82.46
C ASP CA 178 -19.95 24.16 -81.59
N SER CA 179 -20.17 23.61 -80.40
CA SER CA 179 -21.27 24.03 -79.59
C SER CA 179 -21.06 25.39 -78.99
N ASN CA 180 -19.83 25.88 -79.05
CA ASN CA 180 -19.54 27.22 -78.57
C ASN CA 180 -19.63 28.32 -79.61
N ASN CA 181 -20.01 27.99 -80.84
CA ASN CA 181 -19.93 28.95 -81.95
C ASN CA 181 -18.57 29.63 -81.99
N THR CA 182 -17.53 28.81 -81.99
CA THR CA 182 -16.16 29.28 -82.09
C THR CA 182 -15.86 29.74 -83.49
N MET CA 183 -16.54 29.14 -84.46
CA MET CA 183 -16.13 29.25 -85.84
C MET CA 183 -17.13 29.99 -86.69
N PRO CA 184 -16.68 30.55 -87.82
CA PRO CA 184 -17.51 31.42 -88.63
C PRO CA 184 -18.79 30.77 -89.07
N PHE CA 185 -19.87 31.51 -88.98
CA PHE CA 185 -21.17 31.00 -89.32
C PHE CA 185 -21.33 31.00 -90.83
N THR CA 186 -21.56 29.81 -91.38
CA THR CA 186 -21.74 29.63 -92.81
C THR CA 186 -23.01 28.84 -93.10
N PRO CA 187 -24.16 29.51 -93.07
CA PRO CA 187 -25.43 28.85 -93.37
C PRO CA 187 -25.43 28.34 -94.79
N ALA CA 188 -25.70 27.06 -94.98
CA ALA CA 188 -25.59 26.50 -96.32
C ALA CA 188 -26.79 26.86 -97.19
N ALA CA 189 -27.78 27.50 -96.57
CA ALA CA 189 -29.00 27.81 -97.28
C ALA CA 189 -28.76 28.79 -98.41
N MET CA 190 -27.76 29.64 -98.28
CA MET CA 190 -27.49 30.69 -99.27
C MET CA 190 -26.95 30.15 -100.54
N ARG CA 191 -26.49 28.91 -100.49
CA ARG CA 191 -25.92 28.30 -101.66
C ARG CA 191 -26.67 27.05 -102.03
N SER CA 192 -27.88 26.91 -101.48
CA SER CA 192 -28.66 25.70 -101.68
C SER CA 192 -27.78 24.50 -101.45
N GLU CA 193 -27.18 24.44 -100.28
CA GLU CA 193 -26.29 23.35 -99.97
C GLU CA 193 -26.60 22.75 -98.58
N THR CA 194 -27.88 22.70 -98.23
CA THR CA 194 -28.29 22.05 -97.01
C THR CA 194 -28.56 20.58 -97.28
N LEU CA 195 -29.20 19.91 -96.35
CA LEU CA 195 -29.57 18.53 -96.55
C LEU CA 195 -30.70 18.42 -97.56
N GLY CA 196 -30.93 17.21 -98.05
CA GLY CA 196 -32.01 16.95 -98.98
C GLY CA 196 -33.39 17.20 -98.43
N PHE CA 197 -34.33 17.52 -99.31
CA PHE CA 197 -35.68 17.80 -98.88
C PHE CA 197 -36.56 16.56 -98.96
N TYR CA 198 -35.97 15.43 -99.34
CA TYR CA 198 -36.76 14.23 -99.46
C TYR CA 198 -36.24 13.19 -98.50
N PRO CA 199 -37.14 12.66 -97.67
CA PRO CA 199 -36.99 11.63 -96.66
C PRO CA 199 -36.58 10.28 -97.21
N TRP CA 200 -37.05 9.94 -98.40
CA TRP CA 200 -36.75 8.63 -98.96
C TRP CA 200 -35.57 8.66 -99.92
N LYS CA 201 -35.02 9.85 -100.11
CA LYS CA 201 -33.85 10.00 -100.96
C LYS CA 201 -32.65 10.43 -100.14
N PRO CA 202 -31.54 9.67 -100.21
CA PRO CA 202 -30.34 9.99 -99.46
C PRO CA 202 -29.78 11.35 -99.83
N THR CA 203 -28.84 11.83 -99.03
CA THR CA 203 -28.33 13.16 -99.22
C THR CA 203 -26.88 13.20 -98.78
N ILE CA 204 -26.31 14.40 -98.76
CA ILE CA 204 -24.89 14.59 -98.50
C ILE CA 204 -24.73 15.91 -97.78
N PRO CA 205 -23.64 16.05 -97.03
CA PRO CA 205 -23.22 17.35 -96.48
C PRO CA 205 -22.49 18.12 -97.57
N THR CA 206 -21.95 19.29 -97.25
CA THR CA 206 -21.13 20.02 -98.21
C THR CA 206 -19.79 20.35 -97.64
N PRO CA 207 -18.75 20.28 -98.48
CA PRO CA 207 -17.40 20.55 -98.01
C PRO CA 207 -17.35 21.92 -97.36
N TRP CA 208 -16.76 21.98 -96.18
CA TRP CA 208 -16.77 23.24 -95.45
C TRP CA 208 -15.61 24.15 -95.86
N ARG CA 209 -15.92 25.45 -95.85
CA ARG CA 209 -15.04 26.50 -96.37
C ARG CA 209 -15.40 27.79 -95.68
N TYR CA 210 -14.45 28.69 -95.48
CA TYR CA 210 -14.79 29.98 -94.87
C TYR CA 210 -13.93 31.11 -95.37
N TYR CA 211 -14.43 32.32 -95.18
CA TYR CA 211 -13.77 33.47 -95.74
C TYR CA 211 -12.49 33.78 -95.01
N PHE CA 212 -11.44 34.03 -95.76
CA PHE CA 212 -10.16 34.43 -95.22
C PHE CA 212 -9.89 35.85 -95.67
N GLN CA 213 -9.33 36.71 -94.83
CA GLN CA 213 -9.34 38.14 -95.16
C GLN CA 213 -8.49 38.51 -96.37
N TRP CA 214 -8.96 39.51 -97.12
CA TRP CA 214 -8.21 40.03 -98.26
C TRP CA 214 -8.58 41.50 -98.52
N ASP CA 215 -7.58 42.33 -98.82
CA ASP CA 215 -7.80 43.68 -99.33
C ASP CA 215 -8.02 43.56 -100.82
N ARG CA 216 -8.69 44.55 -101.41
CA ARG CA 216 -9.09 44.45 -102.82
C ARG CA 216 -9.67 45.77 -103.34
N THR CA 217 -9.16 46.26 -104.46
CA THR CA 217 -9.72 47.45 -105.07
C THR CA 217 -10.14 47.16 -106.50
N LEU CA 218 -11.33 47.65 -106.85
CA LEU CA 218 -11.90 47.55 -108.19
C LEU CA 218 -12.75 48.79 -108.50
N ILE CA 219 -12.24 49.64 -109.39
CA ILE CA 219 -12.89 50.89 -109.79
C ILE CA 219 -13.93 50.69 -110.89
N PRO CA 220 -15.14 51.26 -110.70
CA PRO CA 220 -16.23 51.06 -111.64
C PRO CA 220 -15.93 51.72 -112.97
N SER CA 221 -16.68 51.30 -113.99
CA SER CA 221 -16.42 51.71 -115.36
C SER CA 221 -17.60 51.31 -116.24
N HIS CA 222 -17.61 51.78 -117.49
CA HIS CA 222 -18.60 51.32 -118.46
C HIS CA 222 -17.90 50.89 -119.72
N THR CA 223 -18.65 50.40 -120.69
CA THR CA 223 -18.08 49.90 -121.93
C THR CA 223 -17.34 51.00 -122.69
N GLY CA 224 -17.86 52.21 -122.59
CA GLY CA 224 -17.24 53.33 -123.28
C GLY CA 224 -15.94 53.83 -122.70
N THR CA 225 -15.77 53.72 -121.38
CA THR CA 225 -14.59 54.26 -120.71
C THR CA 225 -13.29 53.66 -121.25
N SER CA 226 -12.40 54.54 -121.70
CA SER CA 226 -11.04 54.12 -122.05
C SER CA 226 -10.10 54.00 -120.86
N GLY CA 227 -8.93 53.44 -121.12
CA GLY CA 227 -7.95 53.20 -120.08
C GLY CA 227 -8.20 51.85 -119.44
N THR CA 228 -7.41 51.52 -118.43
CA THR CA 228 -7.68 50.31 -117.67
C THR CA 228 -7.95 50.77 -116.25
N PRO CA 229 -9.18 50.59 -115.80
CA PRO CA 229 -9.56 50.98 -114.44
C PRO CA 229 -8.77 50.12 -113.47
N THR CA 230 -8.25 50.73 -112.42
CA THR CA 230 -7.37 50.00 -111.53
C THR CA 230 -8.16 48.83 -110.94
N ASN CA 231 -7.61 47.64 -111.05
CA ASN CA 231 -8.31 46.41 -110.64
C ASN CA 231 -7.33 45.42 -110.02
N ILE CA 232 -7.05 45.59 -108.74
CA ILE CA 232 -5.96 44.86 -108.14
C ILE CA 232 -6.36 44.08 -106.88
N TYR CA 233 -5.64 42.99 -106.61
CA TYR CA 233 -5.78 42.23 -105.36
C TYR CA 233 -4.58 42.61 -104.51
N HIS CA 234 -4.80 43.44 -103.51
CA HIS CA 234 -3.71 44.01 -102.71
C HIS CA 234 -3.02 43.01 -101.81
N GLY CA 235 -3.76 42.06 -101.26
CA GLY CA 235 -3.15 41.08 -100.40
C GLY CA 235 -3.94 40.75 -99.15
N THR CA 236 -3.29 40.80 -98.00
CA THR CA 236 -3.96 40.44 -96.77
C THR CA 236 -3.48 41.28 -95.60
N ASP CA 237 -4.39 42.03 -94.95
CA ASP CA 237 -4.05 42.81 -93.77
C ASP CA 237 -3.78 41.85 -92.62
N PRO CA 238 -2.51 41.77 -92.20
CA PRO CA 238 -2.17 40.81 -91.16
C PRO CA 238 -2.99 41.06 -89.91
N ASP CA 239 -3.42 42.30 -89.73
CA ASP CA 239 -4.18 42.69 -88.55
C ASP CA 239 -5.53 41.98 -88.50
N ASP CA 240 -5.93 41.36 -89.62
CA ASP CA 240 -7.25 40.74 -89.78
C ASP CA 240 -7.18 39.25 -90.10
N VAL CA 241 -6.03 38.62 -89.89
CA VAL CA 241 -5.89 37.23 -90.29
C VAL CA 241 -6.43 36.27 -89.24
N GLN CA 242 -7.39 35.44 -89.62
CA GLN CA 242 -7.89 34.41 -88.72
C GLN CA 242 -7.99 33.03 -89.34
N PHE CA 243 -7.11 32.13 -88.96
CA PHE CA 243 -7.12 30.76 -89.44
C PHE CA 243 -7.75 29.83 -88.42
N TYR CA 244 -8.91 29.26 -88.72
CA TYR CA 244 -9.58 28.37 -87.77
C TYR CA 244 -9.36 26.90 -88.10
N THR CA 245 -9.28 26.04 -87.09
CA THR CA 245 -9.33 24.61 -87.34
C THR CA 245 -10.34 24.00 -86.43
N ILE CA 246 -11.03 23.00 -86.93
CA ILE CA 246 -11.91 22.21 -86.11
C ILE CA 246 -11.14 21.65 -84.93
N GLU CA 247 -9.96 21.12 -85.21
CA GLU CA 247 -9.17 20.37 -84.26
C GLU CA 247 -8.77 21.14 -83.01
N ASN CA 248 -8.39 22.39 -83.16
CA ASN CA 248 -7.92 23.15 -82.01
C ASN CA 248 -9.00 23.87 -81.23
N SER CA 249 -10.21 23.83 -81.73
CA SER CA 249 -11.30 24.57 -81.12
C SER CA 249 -12.40 23.64 -80.60
N VAL CA 250 -12.59 22.50 -81.26
CA VAL CA 250 -13.75 21.67 -80.96
C VAL CA 250 -13.42 20.24 -80.65
N PRO CA 251 -14.04 19.69 -79.62
CA PRO CA 251 -13.85 18.27 -79.34
C PRO CA 251 -14.46 17.37 -80.41
N VAL CA 252 -13.66 16.42 -80.86
CA VAL CA 252 -14.05 15.51 -81.89
C VAL CA 252 -14.33 14.13 -81.36
N HIS CA 253 -15.46 13.57 -81.76
CA HIS CA 253 -15.86 12.22 -81.36
C HIS CA 253 -15.59 11.23 -82.46
N LEU CA 254 -15.00 10.09 -82.15
CA LEU CA 254 -14.84 9.07 -83.16
C LEU CA 254 -15.94 8.02 -83.06
N LEU CA 255 -16.77 7.90 -84.10
CA LEU CA 255 -17.86 6.94 -84.07
C LEU CA 255 -17.58 5.77 -84.96
N ARG CA 256 -17.52 4.57 -84.39
CA ARG CA 256 -17.47 3.34 -85.19
C ARG CA 256 -18.90 2.85 -85.39
N THR CA 257 -19.09 1.67 -85.96
CA THR CA 257 -20.43 1.22 -86.33
C THR CA 257 -21.38 1.29 -85.17
N GLY CA 258 -20.94 0.78 -84.02
CA GLY CA 258 -21.79 0.70 -82.85
C GLY CA 258 -21.87 1.96 -82.02
N ASP CA 259 -21.16 3.01 -82.42
CA ASP CA 259 -21.20 4.25 -81.67
C ASP CA 259 -22.30 5.16 -82.19
N GLU CA 260 -22.70 6.12 -81.38
CA GLU CA 260 -23.70 7.08 -81.80
C GLU CA 260 -23.41 8.43 -81.18
N PHE CA 261 -23.85 9.50 -81.80
CA PHE CA 261 -23.60 10.83 -81.27
C PHE CA 261 -24.85 11.67 -81.21
N ALA CA 262 -25.17 12.22 -80.05
CA ALA CA 262 -26.34 13.08 -79.92
C ALA CA 262 -25.99 14.39 -79.27
N THR CA 263 -26.59 15.48 -79.73
CA THR CA 263 -26.31 16.80 -79.17
C THR CA 263 -27.30 16.94 -78.06
N GLY CA 264 -27.20 18.00 -77.30
CA GLY CA 264 -28.21 18.22 -76.28
C GLY CA 264 -29.46 18.73 -76.93
N THR CA 265 -30.36 19.28 -76.14
CA THR CA 265 -31.43 20.05 -76.71
C THR CA 265 -31.10 21.50 -76.53
N PHE CA 266 -30.98 22.20 -77.64
CA PHE CA 266 -30.71 23.62 -77.60
C PHE CA 266 -32.01 24.38 -77.55
N PHE CA 267 -32.12 25.31 -76.62
CA PHE CA 267 -33.33 26.09 -76.53
C PHE CA 267 -33.10 27.46 -77.08
N PHE CA 268 -34.00 27.90 -77.96
CA PHE CA 268 -33.85 29.18 -78.61
C PHE CA 268 -34.40 30.30 -77.75
N ASP CA 269 -34.05 31.53 -78.11
CA ASP CA 269 -34.77 32.71 -77.63
C ASP CA 269 -34.72 33.81 -78.69
N CYS CA 270 -35.86 34.03 -79.34
CA CYS CA 270 -35.98 35.01 -80.42
C CYS CA 270 -37.39 35.58 -80.44
N LYS CA 271 -37.63 36.52 -81.36
CA LYS CA 271 -38.97 37.08 -81.57
C LYS CA 271 -39.91 36.06 -82.23
N PRO CA 272 -41.23 36.26 -82.10
CA PRO CA 272 -42.18 35.46 -82.86
C PRO CA 272 -42.22 35.91 -84.29
N CYS CA 273 -42.38 34.98 -85.22
CA CYS CA 273 -42.53 35.33 -86.62
C CYS CA 273 -43.99 35.31 -87.04
N ARG CA 274 -44.44 36.33 -87.75
CA ARG CA 274 -45.87 36.43 -88.02
C ARG CA 274 -46.22 35.80 -89.35
N LEU CA 275 -47.42 35.23 -89.42
CA LEU CA 275 -47.87 34.59 -90.63
C LEU CA 275 -49.02 35.38 -91.22
N THR CA 276 -48.93 36.70 -91.14
CA THR CA 276 -49.89 37.57 -91.80
C THR CA 276 -49.22 38.71 -92.51
N HIS CA 277 -49.77 39.10 -93.65
CA HIS CA 277 -49.25 40.22 -94.41
C HIS CA 277 -50.09 41.44 -94.18
N THR CA 278 -49.48 42.60 -94.18
CA THR CA 278 -50.23 43.84 -94.05
C THR CA 278 -50.41 44.45 -95.42
N TRP CA 279 -51.55 45.06 -95.66
CA TRP CA 279 -51.79 45.56 -97.00
C TRP CA 279 -51.88 47.05 -97.09
N GLN CA 280 -51.99 47.74 -95.97
CA GLN CA 280 -52.27 49.16 -96.06
C GLN CA 280 -50.96 49.88 -96.20
N THR CA 281 -50.92 50.78 -97.18
CA THR CA 281 -49.85 51.74 -97.40
C THR CA 281 -50.32 53.05 -96.84
N ASN CA 282 -49.49 54.07 -96.93
CA ASN CA 282 -49.84 55.36 -96.35
C ASN CA 282 -51.19 55.92 -96.74
N ARG CA 283 -51.65 55.56 -97.93
CA ARG CA 283 -52.86 56.16 -98.47
C ARG CA 283 -54.12 55.62 -97.83
N ALA CA 284 -53.94 54.60 -97.00
CA ALA CA 284 -55.04 53.91 -96.35
C ALA CA 284 -54.79 53.75 -94.88
N LEU CA 285 -54.42 54.85 -94.24
CA LEU CA 285 -54.23 54.84 -92.81
C LEU CA 285 -55.11 55.86 -92.18
N GLY CA 286 -56.11 55.42 -91.45
CA GLY CA 286 -56.85 56.35 -90.64
C GLY CA 286 -58.21 56.63 -91.18
N LEU CA 287 -58.72 57.83 -90.90
CA LEU CA 287 -60.08 58.15 -91.22
C LEU CA 287 -60.24 58.62 -92.68
N PRO CA 288 -60.94 57.84 -93.50
CA PRO CA 288 -61.19 58.30 -94.87
C PRO CA 288 -62.07 59.54 -94.85
N PRO CA 289 -61.98 60.36 -95.90
CA PRO CA 289 -62.67 61.64 -95.98
C PRO CA 289 -64.13 61.43 -96.11
N PHE CA 290 -64.93 62.24 -95.43
CA PHE CA 290 -66.37 62.02 -95.47
C PHE CA 290 -66.96 62.35 -96.82
N LEU CA 291 -67.71 61.41 -97.36
CA LEU CA 291 -68.29 61.58 -98.68
C LEU CA 291 -69.63 62.25 -98.61
N ASN CA 292 -69.73 63.43 -99.21
CA ASN CA 292 -71.00 64.15 -99.22
C ASN CA 292 -71.93 63.74 -100.35
N SER CA 293 -71.42 63.03 -101.35
CA SER CA 293 -72.29 62.53 -102.39
C SER CA 293 -72.03 61.07 -102.67
N LEU CA 294 -72.94 60.24 -102.21
CA LEU CA 294 -72.87 58.81 -102.41
C LEU CA 294 -73.64 58.41 -103.66
N PRO CA 295 -73.15 57.38 -104.36
CA PRO CA 295 -73.76 56.85 -105.57
C PRO CA 295 -75.15 56.35 -105.32
N GLN CA 296 -75.99 56.29 -106.36
CA GLN CA 296 -77.34 55.76 -106.24
C GLN CA 296 -77.68 54.81 -107.39
N SER CA 297 -76.65 54.24 -108.02
CA SER CA 297 -76.85 53.05 -108.84
C SER CA 297 -75.59 52.18 -108.82
N GLU CA 298 -75.76 50.86 -108.91
CA GLU CA 298 -74.63 49.95 -108.89
C GLU CA 298 -73.87 50.12 -110.19
N GLY CA 299 -72.67 49.58 -110.25
CA GLY CA 299 -71.94 49.62 -111.49
C GLY CA 299 -70.48 49.90 -111.31
N GLY CA 300 -69.78 50.06 -112.43
CA GLY CA 300 -68.34 50.07 -112.41
C GLY CA 300 -67.78 51.47 -112.52
N THR CA 301 -68.66 52.44 -112.79
CA THR CA 301 -68.21 53.82 -112.88
C THR CA 301 -69.04 54.73 -112.01
N ASN CA 302 -69.89 54.17 -111.17
CA ASN CA 302 -70.70 55.00 -110.29
C ASN CA 302 -69.95 55.42 -109.03
N PHE CA 303 -69.05 56.38 -109.20
CA PHE CA 303 -68.17 56.83 -108.13
C PHE CA 303 -68.89 57.71 -107.13
N GLY CA 304 -68.33 57.77 -105.93
CA GLY CA 304 -68.82 58.69 -104.93
C GLY CA 304 -67.94 59.91 -104.92
N TYR CA 305 -68.43 61.03 -104.42
CA TYR CA 305 -67.63 62.23 -104.44
C TYR CA 305 -67.58 62.86 -103.06
N ILE CA 306 -66.37 63.21 -102.62
CA ILE CA 306 -66.17 63.83 -101.33
C ILE CA 306 -67.07 65.03 -101.23
N GLY CA 307 -67.00 65.87 -102.24
CA GLY CA 307 -67.95 66.95 -102.32
C GLY CA 307 -67.59 68.21 -101.58
N VAL CA 308 -66.31 68.47 -101.38
CA VAL CA 308 -65.87 69.79 -100.93
C VAL CA 308 -64.60 70.12 -101.69
N GLN CA 309 -64.50 71.33 -102.23
CA GLN CA 309 -63.33 71.67 -103.02
C GLN CA 309 -62.08 71.54 -102.20
N GLN CA 310 -61.07 71.01 -102.87
CA GLN CA 310 -59.85 70.61 -102.24
C GLN CA 310 -59.19 71.68 -101.40
N ASP CA 311 -59.47 72.95 -101.63
CA ASP CA 311 -58.78 73.95 -100.82
C ASP CA 311 -59.67 74.53 -99.73
N LYS CA 312 -60.86 73.97 -99.56
CA LYS CA 312 -61.74 74.46 -98.51
C LYS CA 312 -62.03 73.39 -97.46
N ARG CA 313 -61.14 72.40 -97.36
CA ARG CA 313 -61.37 71.23 -96.51
C ARG CA 313 -60.75 71.38 -95.12
N ARG CA 314 -61.30 70.65 -94.14
CA ARG CA 314 -60.77 70.69 -92.78
C ARG CA 314 -59.87 69.49 -92.56
N GLY CA 315 -58.82 69.63 -91.75
CA GLY CA 315 -57.90 68.53 -91.52
C GLY CA 315 -56.46 68.97 -91.33
N VAL CA 316 -55.51 68.04 -91.35
CA VAL CA 316 -54.11 68.36 -91.06
C VAL CA 316 -53.10 67.88 -92.10
N THR CA 317 -52.24 68.76 -92.54
CA THR CA 317 -51.14 68.34 -93.39
C THR CA 317 -49.84 68.95 -92.96
N GLN CA 318 -48.75 68.43 -93.52
CA GLN CA 318 -47.43 68.92 -93.20
C GLN CA 318 -46.90 69.84 -94.28
N MET CA 319 -47.83 70.50 -94.97
CA MET CA 319 -47.48 71.44 -96.02
C MET CA 319 -47.89 72.87 -95.67
N GLY CA 320 -46.98 73.61 -95.06
CA GLY CA 320 -47.29 74.95 -94.54
C GLY CA 320 -47.79 76.01 -95.50
N ASN CA 321 -47.59 75.81 -96.80
CA ASN CA 321 -48.00 76.79 -97.81
C ASN CA 321 -49.47 76.73 -98.13
N THR CA 322 -49.84 75.66 -98.84
CA THR CA 322 -51.14 75.50 -99.44
C THR CA 322 -52.25 75.14 -98.48
N ASN CA 323 -53.48 75.35 -98.91
CA ASN CA 323 -54.63 74.94 -98.15
C ASN CA 323 -55.24 73.70 -98.75
N TYR CA 324 -54.50 73.08 -99.65
CA TYR CA 324 -54.95 71.85 -100.28
C TYR CA 324 -54.89 70.67 -99.35
N ILE CA 325 -55.98 69.95 -99.20
CA ILE CA 325 -55.97 68.78 -98.37
C ILE CA 325 -56.37 67.63 -99.24
N THR CA 326 -55.40 66.86 -99.68
CA THR CA 326 -55.72 65.75 -100.54
C THR CA 326 -55.22 64.46 -99.98
N GLU CA 327 -55.70 63.35 -100.52
CA GLU CA 327 -55.22 62.04 -100.08
C GLU CA 327 -53.73 61.92 -100.24
N ALA CA 328 -53.15 62.69 -101.15
CA ALA CA 328 -51.70 62.64 -101.28
C ALA CA 328 -51.01 63.63 -100.34
N THR CA 329 -51.78 64.52 -99.76
CA THR CA 329 -51.21 65.57 -98.93
C THR CA 329 -51.43 65.37 -97.43
N ILE CA 330 -52.61 64.86 -97.09
CA ILE CA 330 -53.06 64.69 -95.71
C ILE CA 330 -52.03 63.99 -94.85
N MET CA 331 -51.82 64.48 -93.64
CA MET CA 331 -50.85 63.85 -92.76
C MET CA 331 -51.18 62.39 -92.44
N ARG CA 332 -50.15 61.58 -92.22
CA ARG CA 332 -50.33 60.23 -91.72
C ARG CA 332 -49.48 60.16 -90.50
N PRO CA 333 -49.79 59.29 -89.54
CA PRO CA 333 -49.05 59.27 -88.28
C PRO CA 333 -47.55 59.00 -88.46
N ALA CA 334 -47.17 58.18 -89.44
CA ALA CA 334 -45.77 57.95 -89.75
C ALA CA 334 -45.67 57.43 -91.17
N GLU CA 335 -44.61 56.72 -91.51
CA GLU CA 335 -44.47 56.25 -92.89
C GLU CA 335 -44.20 54.77 -93.03
N VAL CA 336 -45.03 54.13 -93.84
CA VAL CA 336 -44.95 52.70 -94.01
C VAL CA 336 -43.98 52.36 -95.11
N GLY CA 337 -42.94 51.63 -94.76
CA GLY CA 337 -41.96 51.24 -95.75
C GLY CA 337 -41.01 52.38 -95.98
N TYR CA 338 -40.05 52.15 -96.87
CA TYR CA 338 -39.03 53.16 -97.12
C TYR CA 338 -38.51 53.00 -98.54
N SER CA 339 -37.98 54.12 -99.08
CA SER CA 339 -37.38 54.14 -100.42
C SER CA 339 -35.88 53.96 -100.30
N ALA CA 340 -35.31 53.09 -101.14
CA ALA CA 340 -33.90 52.76 -101.10
C ALA CA 340 -33.22 52.78 -102.48
N PRO CA 341 -31.91 53.01 -102.51
CA PRO CA 341 -31.11 53.00 -103.75
C PRO CA 341 -31.08 51.66 -104.48
N TYR CA 342 -31.05 51.70 -105.80
CA TYR CA 342 -31.10 50.48 -106.61
C TYR CA 342 -30.66 50.80 -108.04
N TYR CA 343 -29.86 49.94 -108.69
CA TYR CA 343 -29.11 48.86 -108.07
C TYR CA 343 -27.83 49.43 -107.46
N SER CA 344 -27.83 49.76 -106.19
CA SER CA 344 -26.65 50.41 -105.61
C SER CA 344 -25.59 49.40 -105.21
N PHE CA 345 -24.36 49.70 -105.56
CA PHE CA 345 -23.23 48.93 -105.08
C PHE CA 345 -22.33 49.84 -104.29
N GLU CA 346 -21.84 49.31 -103.17
CA GLU CA 346 -20.94 50.05 -102.31
C GLU CA 346 -19.67 49.23 -102.19
N ALA CA 347 -18.58 49.88 -101.82
CA ALA CA 347 -17.32 49.20 -101.81
C ALA CA 347 -16.53 49.54 -100.56
N SER CA 348 -15.97 48.49 -99.99
CA SER CA 348 -15.08 48.64 -98.86
C SER CA 348 -13.96 47.64 -98.98
N THR CA 349 -12.93 47.81 -98.16
CA THR CA 349 -11.80 46.91 -97.99
C THR CA 349 -11.71 45.68 -98.91
N GLN CA 350 -12.83 45.01 -99.15
CA GLN CA 350 -12.77 43.76 -99.87
C GLN CA 350 -13.48 43.80 -101.20
N GLY CA 351 -13.88 44.97 -101.61
CA GLY CA 351 -14.47 45.08 -102.91
C GLY CA 351 -15.88 45.59 -102.83
N PRO CA 352 -16.56 45.62 -103.97
CA PRO CA 352 -17.90 46.17 -104.09
C PRO CA 352 -18.97 45.10 -103.85
N PHE CA 353 -20.13 45.53 -103.37
CA PHE CA 353 -21.23 44.62 -103.03
C PHE CA 353 -22.58 45.33 -103.16
N LYS CA 354 -23.65 44.61 -103.46
CA LYS CA 354 -24.96 45.23 -103.62
C LYS CA 354 -25.53 45.74 -102.32
N THR CA 355 -26.26 46.84 -102.38
CA THR CA 355 -27.02 47.30 -101.23
C THR CA 355 -28.35 46.60 -101.17
N PRO CA 356 -28.60 45.93 -100.05
CA PRO CA 356 -29.84 45.17 -99.82
C PRO CA 356 -31.02 46.06 -99.41
N ILE CA 357 -32.22 45.61 -99.73
CA ILE CA 357 -33.45 46.36 -99.47
C ILE CA 357 -34.33 45.53 -98.56
N ALA CA 358 -35.11 46.20 -97.73
CA ALA CA 358 -35.90 45.46 -96.76
C ALA CA 358 -37.27 45.13 -97.29
N ALA CA 359 -38.03 46.14 -97.68
CA ALA CA 359 -39.46 45.97 -97.87
C ALA CA 359 -39.86 45.07 -99.06
N GLY CA 360 -41.05 45.34 -99.60
CA GLY CA 360 -41.65 44.68 -100.75
C GLY CA 360 -42.93 44.04 -100.26
N ARG CA 361 -43.91 43.72 -101.11
CA ARG CA 361 -43.98 44.15 -102.51
C ARG CA 361 -44.58 45.54 -102.50
N GLY CA 362 -44.27 46.35 -103.51
CA GLY CA 362 -44.73 47.73 -103.55
C GLY CA 362 -45.49 48.22 -104.76
N GLY CA 363 -45.53 47.41 -105.82
CA GLY CA 363 -46.20 47.83 -107.02
C GLY CA 363 -47.59 47.24 -107.12
N ALA CA 364 -48.42 47.89 -107.93
CA ALA CA 364 -49.81 47.47 -108.08
C ALA CA 364 -49.93 46.14 -108.80
N GLN CA 365 -50.98 46.02 -109.60
CA GLN CA 365 -51.30 44.78 -110.28
C GLN CA 365 -50.19 44.28 -111.19
N THR CA 366 -49.48 43.26 -110.71
CA THR CA 366 -48.40 42.62 -111.45
C THR CA 366 -47.39 43.63 -111.99
N ASP CA 367 -47.09 44.64 -111.17
CA ASP CA 367 -46.04 45.58 -111.52
C ASP CA 367 -45.09 45.59 -110.36
N GLU CA 368 -43.93 44.99 -110.50
CA GLU CA 368 -43.08 44.99 -109.35
C GLU CA 368 -41.71 45.36 -109.83
N ASN CA 369 -41.12 46.31 -109.13
CA ASN CA 369 -39.76 46.66 -109.40
C ASN CA 369 -38.91 45.74 -108.55
N GLN CA 370 -38.67 44.53 -109.05
CA GLN CA 370 -38.08 43.47 -108.25
C GLN CA 370 -36.69 43.84 -107.73
N ALA CA 371 -36.29 45.09 -108.00
CA ALA CA 371 -35.02 45.59 -107.54
C ALA CA 371 -35.21 46.64 -106.46
N ALA CA 372 -36.18 47.52 -106.61
CA ALA CA 372 -36.40 48.56 -105.61
C ALA CA 372 -36.95 47.99 -104.32
N ASP CA 373 -37.59 46.84 -104.44
CA ASP CA 373 -38.12 46.13 -103.29
C ASP CA 373 -37.21 44.97 -102.91
N GLY CA 374 -36.25 44.69 -103.78
CA GLY CA 374 -35.25 43.71 -103.44
C GLY CA 374 -35.88 42.34 -103.27
N ASP CA 375 -36.80 42.02 -104.14
CA ASP CA 375 -37.47 40.74 -104.05
C ASP CA 375 -36.47 39.66 -104.33
N PRO CA 376 -36.31 38.73 -103.40
CA PRO CA 376 -35.27 37.71 -103.45
C PRO CA 376 -35.52 36.68 -104.51
N ARG CA 377 -34.43 36.15 -105.07
CA ARG CA 377 -34.52 35.20 -106.16
C ARG CA 377 -33.67 33.99 -105.83
N TYR CA 378 -34.30 32.82 -105.84
CA TYR CA 378 -33.66 31.63 -105.35
C TYR CA 378 -33.29 30.69 -106.48
N ALA CA 379 -32.05 30.18 -106.47
CA ALA CA 379 -31.61 29.23 -107.47
C ALA CA 379 -31.19 27.91 -106.85
N PHE CA 380 -31.66 26.78 -107.37
CA PHE CA 380 -31.47 25.51 -106.66
C PHE CA 380 -31.55 24.26 -107.50
N GLY CA 381 -31.10 23.14 -106.95
CA GLY CA 381 -30.95 21.95 -107.77
C GLY CA 381 -31.38 20.63 -107.20
N ARG CA 382 -32.29 19.98 -107.92
CA ARG CA 382 -32.80 18.63 -107.66
C ARG CA 382 -32.94 18.18 -106.21
N GLN CA 383 -31.87 18.28 -105.42
CA GLN CA 383 -31.96 17.92 -104.00
C GLN CA 383 -32.96 18.80 -103.24
N HIS CA 384 -33.18 20.02 -103.70
CA HIS CA 384 -34.05 20.94 -102.98
C HIS CA 384 -35.12 21.56 -103.85
N GLY CA 385 -35.72 20.81 -104.78
CA GLY CA 385 -36.91 21.35 -105.43
C GLY CA 385 -37.07 21.17 -106.91
N GLN CA 386 -36.00 21.25 -107.66
CA GLN CA 386 -36.05 21.07 -109.11
C GLN CA 386 -36.57 19.68 -109.41
N LYS CA 387 -37.26 19.50 -110.53
CA LYS CA 387 -37.75 18.18 -110.87
C LYS CA 387 -36.55 17.26 -110.90
N THR CA 388 -36.65 16.16 -110.18
CA THR CA 388 -35.50 15.29 -109.94
C THR CA 388 -35.14 14.46 -111.15
N THR CA 389 -36.03 14.46 -112.14
CA THR CA 389 -35.77 13.78 -113.41
C THR CA 389 -35.00 14.64 -114.41
N THR CA 390 -34.96 15.94 -114.13
CA THR CA 390 -34.32 16.91 -115.00
C THR CA 390 -32.82 16.76 -115.11
N THR CA 391 -32.36 16.54 -116.33
CA THR CA 391 -30.95 16.56 -116.68
C THR CA 391 -30.50 17.98 -117.03
N GLY CA 392 -29.20 18.18 -117.06
CA GLY CA 392 -28.70 19.50 -117.40
C GLY CA 392 -28.21 20.34 -116.23
N GLU CA 393 -27.27 21.22 -116.53
CA GLU CA 393 -26.58 22.01 -115.53
C GLU CA 393 -27.38 23.20 -115.05
N THR CA 394 -28.52 23.44 -115.66
CA THR CA 394 -29.25 24.65 -115.34
C THR CA 394 -30.14 24.46 -114.12
N PRO CA 395 -29.97 25.31 -113.10
CA PRO CA 395 -30.74 25.20 -111.86
C PRO CA 395 -32.15 25.73 -112.04
N GLU CA 396 -33.10 25.31 -111.21
CA GLU CA 396 -34.45 25.89 -111.26
C GLU CA 396 -34.47 27.16 -110.43
N ARG CA 397 -35.36 28.09 -110.77
CA ARG CA 397 -35.38 29.40 -110.14
C ARG CA 397 -36.78 29.95 -109.88
N PHE CA 398 -36.86 30.96 -109.00
CA PHE CA 398 -38.07 31.74 -108.80
C PHE CA 398 -37.81 33.03 -108.06
N THR CA 399 -38.75 33.96 -108.09
CA THR CA 399 -38.63 35.19 -107.31
C THR CA 399 -39.74 35.33 -106.27
N TYR CA 400 -39.40 35.29 -104.99
CA TYR CA 400 -40.46 35.35 -104.00
C TYR CA 400 -40.93 36.78 -103.90
N ILE CA 401 -42.16 37.02 -104.31
CA ILE CA 401 -42.74 38.34 -104.11
C ILE CA 401 -43.75 38.32 -103.00
N ALA CA 402 -43.41 38.94 -101.88
CA ALA CA 402 -44.24 38.84 -100.69
C ALA CA 402 -45.62 39.41 -100.93
N HIS CA 403 -46.53 39.08 -100.04
CA HIS CA 403 -47.88 39.58 -100.16
C HIS CA 403 -47.96 40.92 -99.50
N GLN CA 404 -47.02 41.21 -98.60
CA GLN CA 404 -47.12 42.40 -97.78
C GLN CA 404 -46.82 43.70 -98.48
N ASP CA 405 -47.85 44.49 -98.72
CA ASP CA 405 -47.70 45.72 -99.48
C ASP CA 405 -46.97 46.78 -98.64
N THR CA 406 -45.64 46.68 -98.54
CA THR CA 406 -44.86 47.67 -97.80
C THR CA 406 -43.72 48.20 -98.65
N GLY CA 407 -43.74 47.90 -99.93
CA GLY CA 407 -42.65 48.27 -100.82
C GLY CA 407 -42.91 49.57 -101.54
N ARG CA 408 -42.21 49.77 -102.66
CA ARG CA 408 -42.34 50.99 -103.44
C ARG CA 408 -42.50 50.79 -104.95
N TYR CA 409 -43.14 51.78 -105.57
CA TYR CA 409 -43.28 51.89 -107.02
C TYR CA 409 -42.57 53.15 -107.44
N PRO CA 410 -41.24 53.09 -107.58
CA PRO CA 410 -40.44 54.28 -107.81
C PRO CA 410 -40.84 55.10 -109.03
N GLU CA 411 -41.48 54.46 -110.01
CA GLU CA 411 -41.98 55.14 -111.19
C GLU CA 411 -42.97 56.23 -110.85
N GLY CA 412 -43.66 56.06 -109.74
CA GLY CA 412 -44.67 57.02 -109.34
C GLY CA 412 -44.17 58.10 -108.42
N ASP CA 413 -42.88 58.10 -108.13
CA ASP CA 413 -42.31 59.11 -107.23
C ASP CA 413 -42.11 60.44 -107.95
N TRP CA 414 -42.08 61.53 -107.20
CA TRP CA 414 -41.68 62.80 -107.76
C TRP CA 414 -41.40 63.78 -106.65
N ILE CA 415 -40.81 64.90 -107.01
CA ILE CA 415 -40.47 65.90 -106.03
C ILE CA 415 -40.78 67.27 -106.56
N GLN CA 416 -41.70 68.01 -105.96
CA GLN CA 416 -41.89 69.36 -106.44
C GLN CA 416 -41.23 70.36 -105.54
N ASN CA 417 -41.13 71.57 -106.08
CA ASN CA 417 -40.57 72.71 -105.43
C ASN CA 417 -41.41 73.25 -104.27
N ILE CA 418 -40.73 73.91 -103.35
CA ILE CA 418 -41.31 74.50 -102.16
C ILE CA 418 -42.62 75.28 -102.38
N ASN CA 419 -42.80 75.86 -103.56
CA ASN CA 419 -43.93 76.77 -103.76
C ASN CA 419 -45.28 76.14 -104.02
N PHE CA 420 -45.28 74.89 -104.48
CA PHE CA 420 -46.51 74.16 -104.73
C PHE CA 420 -47.45 75.01 -105.58
N ASN CA 421 -46.86 75.63 -106.59
CA ASN CA 421 -47.62 76.34 -107.60
C ASN CA 421 -48.03 75.35 -108.65
N LEU CA 422 -49.28 74.93 -108.61
CA LEU CA 422 -49.65 73.82 -109.47
C LEU CA 422 -50.89 74.14 -110.29
N PRO CA 423 -51.04 73.51 -111.47
CA PRO CA 423 -50.21 72.53 -112.18
C PRO CA 423 -48.75 72.93 -112.24
N VAL CA 424 -47.88 71.95 -112.01
CA VAL CA 424 -46.49 72.26 -111.75
C VAL CA 424 -45.68 72.39 -113.05
N THR CA 425 -44.81 73.41 -113.07
CA THR CA 425 -43.86 73.70 -114.15
C THR CA 425 -42.83 72.61 -114.31
N ASP CA 426 -42.35 72.34 -115.51
CA ASP CA 426 -41.25 71.36 -115.67
C ASP CA 426 -40.03 71.73 -114.82
N ASP CA 427 -39.85 73.02 -114.59
CA ASP CA 427 -38.72 73.50 -113.83
C ASP CA 427 -38.92 73.33 -112.34
N ASN CA 428 -40.16 73.09 -111.93
CA ASN CA 428 -40.45 73.01 -110.52
C ASN CA 428 -40.61 71.57 -110.01
N VAL CA 429 -40.36 70.59 -110.86
CA VAL CA 429 -40.49 69.21 -110.44
C VAL CA 429 -39.36 68.36 -110.99
N LEU CA 430 -39.03 67.32 -110.23
CA LEU CA 430 -38.08 66.32 -110.64
C LEU CA 430 -38.78 64.99 -110.78
N LEU CA 431 -38.83 64.46 -111.99
CA LEU CA 431 -39.54 63.22 -112.21
C LEU CA 431 -38.55 62.08 -112.28
N PRO CA 432 -39.03 60.84 -112.18
CA PRO CA 432 -38.16 59.69 -112.42
C PRO CA 432 -37.83 59.52 -113.89
N THR CA 433 -38.22 60.51 -114.68
CA THR CA 433 -37.91 60.58 -116.11
C THR CA 433 -36.72 61.50 -116.36
N ASP CA 434 -36.63 62.58 -115.59
CA ASP CA 434 -35.55 63.53 -115.77
C ASP CA 434 -34.25 62.88 -115.41
N PRO CA 435 -33.31 62.85 -116.36
CA PRO CA 435 -32.00 62.24 -116.12
C PRO CA 435 -31.12 63.02 -115.15
N ILE CA 436 -30.34 62.27 -114.38
CA ILE CA 436 -29.57 62.78 -113.27
C ILE CA 436 -28.12 62.63 -113.61
N GLY CA 437 -27.34 63.69 -113.41
CA GLY CA 437 -25.94 63.64 -113.76
C GLY CA 437 -25.78 63.40 -115.25
N GLY CA 438 -26.82 63.74 -116.01
CA GLY CA 438 -26.76 63.61 -117.45
C GLY CA 438 -26.72 62.19 -117.96
N LYS CA 439 -27.36 61.28 -117.25
CA LYS CA 439 -27.42 59.91 -117.74
C LYS CA 439 -28.85 59.51 -118.07
N THR CA 440 -29.04 58.94 -119.26
CA THR CA 440 -30.37 58.55 -119.71
C THR CA 440 -31.09 57.59 -118.81
N GLY CA 441 -30.41 56.52 -118.40
CA GLY CA 441 -31.05 55.46 -117.64
C GLY CA 441 -30.92 55.58 -116.14
N ILE CA 442 -30.68 56.80 -115.66
CA ILE CA 442 -30.56 57.03 -114.24
C ILE CA 442 -31.42 58.20 -113.80
N ASN CA 443 -32.19 58.02 -112.73
CA ASN CA 443 -33.01 59.09 -112.18
C ASN CA 443 -32.82 59.19 -110.69
N TYR CA 444 -33.47 60.17 -110.09
CA TYR CA 444 -33.18 60.47 -108.71
C TYR CA 444 -33.54 59.30 -107.83
N THR CA 445 -34.54 58.54 -108.22
CA THR CA 445 -35.01 57.48 -107.37
C THR CA 445 -33.93 56.41 -107.18
N ASN CA 446 -32.96 56.34 -108.08
CA ASN CA 446 -31.91 55.35 -107.92
C ASN CA 446 -30.94 55.62 -106.79
N ILE CA 447 -30.87 56.87 -106.33
CA ILE CA 447 -29.98 57.26 -105.24
C ILE CA 447 -30.81 57.73 -104.05
N PHE CA 448 -32.12 57.54 -104.15
CA PHE CA 448 -33.04 58.10 -103.19
C PHE CA 448 -33.09 57.19 -101.99
N ASN CA 449 -33.27 57.79 -100.82
CA ASN CA 449 -33.35 57.07 -99.56
C ASN CA 449 -34.23 57.78 -98.54
N THR CA 450 -35.35 57.17 -98.19
CA THR CA 450 -36.24 57.78 -97.21
C THR CA 450 -36.42 57.01 -95.91
N TYR CA 451 -35.41 56.27 -95.51
CA TYR CA 451 -35.41 55.67 -94.18
C TYR CA 451 -35.33 56.81 -93.22
N GLY CA 452 -36.08 56.73 -92.13
CA GLY CA 452 -36.16 57.84 -91.22
C GLY CA 452 -36.89 57.43 -89.99
N PRO CA 453 -36.90 58.30 -88.99
CA PRO CA 453 -37.48 58.06 -87.68
C PRO CA 453 -38.99 57.86 -87.72
N LEU CA 454 -39.59 57.91 -88.89
CA LEU CA 454 -41.02 57.66 -89.03
C LEU CA 454 -41.30 56.38 -89.79
N THR CA 455 -40.26 55.61 -90.03
CA THR CA 455 -40.38 54.43 -90.87
C THR CA 455 -40.94 53.23 -90.12
N ALA CA 456 -41.84 52.48 -90.76
CA ALA CA 456 -42.38 51.24 -90.21
C ALA CA 456 -42.07 50.08 -91.11
N LEU CA 457 -41.88 48.89 -90.55
CA LEU CA 457 -41.38 47.75 -91.31
C LEU CA 457 -41.92 46.42 -90.85
N ASN CA 458 -41.91 45.44 -91.73
CA ASN CA 458 -42.06 44.09 -91.26
C ASN CA 458 -40.77 43.35 -91.47
N ASN CA 459 -40.67 42.20 -90.86
CA ASN CA 459 -39.55 41.32 -91.04
C ASN CA 459 -39.76 40.57 -92.34
N VAL CA 460 -38.73 39.92 -92.85
CA VAL CA 460 -38.90 39.16 -94.08
C VAL CA 460 -39.80 37.99 -93.88
N PRO CA 461 -40.60 37.68 -94.88
CA PRO CA 461 -41.45 36.50 -94.76
C PRO CA 461 -40.69 35.20 -95.04
N PRO CA 462 -41.14 34.09 -94.46
CA PRO CA 462 -40.52 32.78 -94.66
C PRO CA 462 -40.72 32.24 -96.05
N VAL CA 463 -39.64 31.73 -96.61
CA VAL CA 463 -39.66 31.25 -97.97
C VAL CA 463 -39.65 29.74 -98.07
N TYR CA 464 -40.83 29.13 -98.27
CA TYR CA 464 -40.85 27.68 -98.36
C TYR CA 464 -40.63 27.24 -99.77
N PRO CA 465 -39.76 26.26 -99.96
CA PRO CA 465 -38.95 25.59 -98.96
C PRO CA 465 -37.50 26.03 -98.90
N ASN CA 466 -37.06 26.86 -99.81
CA ASN CA 466 -35.63 27.07 -99.91
C ASN CA 466 -35.13 28.13 -98.95
N GLY CA 467 -36.05 28.78 -98.25
CA GLY CA 467 -35.70 29.85 -97.35
C GLY CA 467 -34.92 29.30 -96.17
N GLN CA 468 -34.09 30.15 -95.60
CA GLN CA 468 -33.35 29.81 -94.40
C GLN CA 468 -34.32 29.95 -93.25
N ILE CA 469 -34.06 29.29 -92.13
CA ILE CA 469 -34.97 29.41 -91.00
C ILE CA 469 -34.46 30.37 -89.93
N TRP CA 470 -33.30 30.08 -89.36
CA TRP CA 470 -32.72 30.97 -88.37
C TRP CA 470 -31.34 31.41 -88.80
N ASP CA 471 -30.89 32.51 -88.24
CA ASP CA 471 -29.62 33.09 -88.62
C ASP CA 471 -28.99 33.70 -87.41
N LYS CA 472 -27.66 33.61 -87.31
CA LYS CA 472 -26.95 34.21 -86.18
C LYS CA 472 -26.92 35.74 -86.32
N GLU CA 473 -26.79 36.42 -85.20
CA GLU CA 473 -26.80 37.87 -85.23
C GLU CA 473 -25.40 38.38 -85.39
N PHE CA 474 -25.26 39.54 -86.04
CA PHE CA 474 -23.95 40.17 -86.19
C PHE CA 474 -23.40 40.54 -84.86
N ASP CA 475 -22.14 40.24 -84.64
CA ASP CA 475 -21.49 40.63 -83.39
C ASP CA 475 -20.98 42.06 -83.49
N THR CA 476 -21.86 42.96 -83.91
CA THR CA 476 -21.52 44.36 -83.98
C THR CA 476 -22.16 45.08 -82.82
N ASP CA 477 -21.54 46.15 -82.36
CA ASP CA 477 -22.05 46.85 -81.20
C ASP CA 477 -23.45 47.40 -81.46
N LEU CA 478 -23.75 47.78 -82.70
CA LEU CA 478 -25.10 48.16 -83.09
C LEU CA 478 -25.62 47.18 -84.13
N LYS CA 479 -26.87 46.78 -84.02
CA LYS CA 479 -27.34 45.62 -84.78
C LYS CA 479 -28.40 45.94 -85.85
N PRO CA 480 -28.57 45.03 -86.81
CA PRO CA 480 -29.58 45.24 -87.85
C PRO CA 480 -30.97 45.10 -87.30
N ARG CA 481 -31.94 45.86 -87.77
CA ARG CA 481 -33.28 45.67 -87.28
C ARG CA 481 -33.88 44.38 -87.83
N LEU CA 482 -33.21 43.79 -88.82
CA LEU CA 482 -33.60 42.47 -89.33
C LEU CA 482 -32.52 41.88 -90.20
N HIS CA 483 -32.74 40.67 -90.67
CA HIS CA 483 -31.88 40.07 -91.67
C HIS CA 483 -32.79 39.73 -92.83
N VAL CA 484 -32.24 39.61 -94.03
CA VAL CA 484 -33.09 39.36 -95.18
C VAL CA 484 -33.07 37.89 -95.56
N ASN CA 485 -32.21 37.11 -94.96
CA ASN CA 485 -32.15 35.72 -95.33
C ASN CA 485 -33.00 34.80 -94.46
N ALA CA 486 -33.42 35.28 -93.28
CA ALA CA 486 -34.21 34.48 -92.33
C ALA CA 486 -34.97 35.35 -91.33
N PRO CA 487 -36.16 34.88 -90.90
CA PRO CA 487 -37.04 35.60 -89.97
C PRO CA 487 -36.65 35.48 -88.49
N PHE CA 488 -36.04 34.38 -88.09
CA PHE CA 488 -35.61 34.20 -86.72
C PHE CA 488 -34.12 34.46 -86.55
N VAL CA 489 -33.78 35.41 -85.70
CA VAL CA 489 -32.38 35.75 -85.39
C VAL CA 489 -32.00 35.57 -83.91
N CYS CA 490 -31.00 34.75 -83.65
CA CYS CA 490 -30.61 34.47 -82.27
C CYS CA 490 -29.66 35.51 -81.72
N GLN CA 491 -30.09 36.42 -80.85
CA GLN CA 491 -29.07 37.25 -80.21
C GLN CA 491 -28.43 36.46 -79.08
N ASN CA 492 -29.24 35.64 -78.42
CA ASN CA 492 -28.75 34.59 -77.53
C ASN CA 492 -27.45 33.97 -77.94
N ASN CA 493 -27.62 32.77 -78.49
CA ASN CA 493 -26.57 31.87 -78.83
C ASN CA 493 -27.25 31.13 -79.93
N CYS CA 494 -26.58 30.84 -81.03
CA CYS CA 494 -27.24 30.00 -82.00
C CYS CA 494 -26.67 28.63 -81.88
N PRO CA 495 -27.46 27.62 -82.23
CA PRO CA 495 -26.93 26.25 -82.20
C PRO CA 495 -25.67 26.19 -83.01
N GLY CA 496 -24.70 25.42 -82.52
CA GLY CA 496 -23.41 25.30 -83.19
C GLY CA 496 -23.48 24.46 -84.45
N GLN CA 497 -22.53 24.66 -85.32
CA GLN CA 497 -22.53 23.90 -86.56
C GLN CA 497 -22.01 22.49 -86.38
N LEU CA 498 -22.51 21.57 -87.18
CA LEU CA 498 -22.14 20.17 -87.01
C LEU CA 498 -21.20 19.72 -88.12
N PHE CA 499 -19.99 19.25 -87.77
CA PHE CA 499 -18.99 18.90 -88.80
C PHE CA 499 -18.58 17.44 -88.79
N VAL CA 500 -18.52 16.83 -89.97
CA VAL CA 500 -18.10 15.44 -90.08
C VAL CA 500 -16.91 15.33 -91.01
N LYS CA 501 -16.27 14.18 -90.98
CA LYS CA 501 -15.05 13.93 -91.73
C LYS CA 501 -14.68 12.47 -91.61
N VAL CA 502 -14.34 11.81 -92.72
CA VAL CA 502 -13.88 10.43 -92.63
C VAL CA 502 -12.47 10.37 -92.02
N ALA CA 503 -12.27 9.49 -91.07
CA ALA CA 503 -10.96 9.39 -90.44
C ALA CA 503 -9.96 8.81 -91.41
N PRO CA 504 -8.71 9.32 -91.35
CA PRO CA 504 -7.60 8.85 -92.18
C PRO CA 504 -7.37 7.38 -92.04
N ASN CA 505 -7.67 6.62 -93.09
CA ASN CA 505 -7.48 5.18 -93.08
C ASN CA 505 -6.19 4.87 -93.81
N LEU CA 506 -5.09 4.85 -93.08
CA LEU CA 506 -3.79 4.78 -93.71
C LEU CA 506 -3.44 3.40 -94.26
N THR CA 507 -2.57 3.41 -95.26
CA THR CA 507 -2.00 2.18 -95.80
C THR CA 507 -0.81 1.77 -94.98
N ASN CA 508 -0.14 0.70 -95.36
CA ASN CA 508 1.00 0.26 -94.59
C ASN CA 508 2.18 1.17 -94.83
N GLN CA 509 2.16 1.85 -95.97
CA GLN CA 509 3.22 2.78 -96.30
C GLN CA 509 2.73 4.18 -95.96
N TYR CA 510 3.29 4.76 -94.92
CA TYR CA 510 2.97 6.15 -94.60
C TYR CA 510 4.24 6.79 -94.09
N ASP CA 511 4.71 7.82 -94.79
CA ASP CA 511 5.89 8.52 -94.34
C ASP CA 511 5.55 9.98 -94.20
N PRO CA 512 5.38 10.45 -92.96
CA PRO CA 512 4.97 11.84 -92.75
C PRO CA 512 6.02 12.85 -93.08
N ASP CA 513 7.29 12.51 -92.88
CA ASP CA 513 8.37 13.43 -93.21
C ASP CA 513 8.56 13.54 -94.72
N ALA CA 514 7.94 12.64 -95.46
CA ALA CA 514 7.99 12.67 -96.92
C ALA CA 514 6.98 13.67 -97.45
N SER CA 515 7.40 14.42 -98.46
CA SER CA 515 6.56 15.44 -99.09
C SER CA 515 5.45 14.84 -99.93
N ALA CA 516 5.70 13.67 -100.53
CA ALA CA 516 4.74 13.05 -101.45
C ALA CA 516 3.36 12.95 -100.79
N ASN CA 517 2.31 12.95 -101.60
CA ASN CA 517 0.96 12.90 -101.04
C ASN CA 517 0.66 11.62 -100.27
N MET CA 518 -0.19 11.82 -99.27
CA MET CA 518 -0.66 10.80 -98.36
C MET CA 518 -1.37 9.65 -99.04
N SER CA 519 -0.84 8.46 -98.89
CA SER CA 519 -1.52 7.31 -99.44
C SER CA 519 -2.48 6.76 -98.39
N ARG CA 520 -3.78 6.81 -98.70
CA ARG CA 520 -4.85 6.37 -97.82
C ARG CA 520 -5.71 5.38 -98.55
N ILE CA 521 -6.21 4.38 -97.84
CA ILE CA 521 -7.20 3.46 -98.43
C ILE CA 521 -8.44 4.23 -98.81
N VAL CA 522 -8.99 3.95 -99.97
CA VAL CA 522 -10.19 4.67 -100.36
C VAL CA 522 -11.30 4.28 -99.41
N THR CA 523 -11.79 5.25 -98.65
CA THR CA 523 -12.80 4.97 -97.65
C THR CA 523 -13.93 5.96 -97.69
N TYR CA 524 -15.14 5.48 -97.43
CA TYR CA 524 -16.28 6.37 -97.33
C TYR CA 524 -17.27 5.89 -96.29
N SER CA 525 -18.21 6.75 -95.93
CA SER CA 525 -19.16 6.43 -94.88
C SER CA 525 -20.62 6.77 -95.21
N ASP CA 526 -21.49 5.91 -94.73
CA ASP CA 526 -22.92 6.13 -94.73
C ASP CA 526 -23.34 6.25 -93.29
N PHE CA 527 -24.02 7.34 -92.96
CA PHE CA 527 -24.56 7.48 -91.62
C PHE CA 527 -25.91 8.14 -91.64
N TRP CA 528 -26.71 7.89 -90.61
CA TRP CA 528 -28.04 8.47 -90.54
C TRP CA 528 -28.06 9.68 -89.66
N TRP CA 529 -28.86 10.65 -90.06
CA TRP CA 529 -29.00 11.85 -89.29
C TRP CA 529 -30.45 12.04 -88.94
N LYS CA 530 -30.73 12.36 -87.68
CA LYS CA 530 -32.08 12.67 -87.24
C LYS CA 530 -32.11 13.98 -86.47
N GLY CA 531 -33.11 14.82 -86.76
CA GLY CA 531 -33.21 16.09 -86.08
C GLY CA 531 -34.62 16.32 -85.56
N LYS CA 532 -34.71 17.13 -84.51
CA LYS CA 532 -36.00 17.48 -83.96
C LYS CA 532 -36.02 18.98 -83.74
N LEU CA 533 -36.86 19.66 -84.50
CA LEU CA 533 -37.00 21.09 -84.40
C LEU CA 533 -38.40 21.35 -83.88
N VAL CA 534 -38.52 22.07 -82.77
CA VAL CA 534 -39.83 22.26 -82.18
C VAL CA 534 -40.31 23.68 -82.27
N PHE CA 535 -41.54 23.90 -82.75
CA PHE CA 535 -42.12 25.24 -82.81
C PHE CA 535 -43.30 25.36 -81.89
N LYS CA 536 -43.65 26.59 -81.56
CA LYS CA 536 -44.78 26.83 -80.72
C LYS CA 536 -45.59 27.84 -81.47
N ALA CA 537 -46.78 27.45 -81.91
CA ALA CA 537 -47.56 28.32 -82.76
C ALA CA 537 -48.89 28.69 -82.18
N LYS CA 538 -49.56 29.66 -82.79
CA LYS CA 538 -50.82 30.16 -82.28
C LYS CA 538 -51.87 30.21 -83.39
N LEU CA 539 -53.06 29.67 -83.13
CA LEU CA 539 -54.13 29.58 -84.12
C LEU CA 539 -54.73 30.95 -84.44
N ARG CA 540 -55.09 31.18 -85.69
CA ARG CA 540 -55.69 32.45 -86.08
C ARG CA 540 -57.18 32.46 -85.79
N ALA CA 541 -57.84 33.62 -85.94
CA ALA CA 541 -59.29 33.69 -85.77
C ALA CA 541 -59.98 34.52 -86.87
N SER CA 542 -61.23 34.22 -87.19
CA SER CA 542 -61.92 34.98 -88.25
C SER CA 542 -62.37 36.32 -87.72
N HIS CA 543 -61.93 37.41 -88.34
CA HIS CA 543 -62.30 38.71 -87.83
C HIS CA 543 -63.10 39.54 -88.81
N THR CA 544 -63.36 39.00 -89.98
CA THR CA 544 -64.04 39.74 -91.03
C THR CA 544 -65.26 38.99 -91.57
N TRP CA 545 -66.10 39.67 -92.36
CA TRP CA 545 -67.24 38.99 -92.96
C TRP CA 545 -66.77 38.04 -94.06
N ASN CA 546 -65.77 38.50 -94.81
CA ASN CA 546 -65.28 37.75 -95.94
C ASN CA 546 -64.28 36.69 -95.59
N PRO CA 547 -64.17 35.68 -96.43
CA PRO CA 547 -63.06 34.74 -96.28
C PRO CA 547 -61.80 35.40 -96.76
N ILE CA 548 -60.69 34.68 -96.76
CA ILE CA 548 -59.39 35.29 -97.05
C ILE CA 548 -58.54 34.37 -97.90
N GLN CA 549 -57.39 34.84 -98.38
CA GLN CA 549 -56.53 33.96 -99.17
C GLN CA 549 -56.07 32.75 -98.40
N GLN CA 550 -56.05 31.58 -99.01
CA GLN CA 550 -55.46 30.39 -98.41
C GLN CA 550 -54.95 29.38 -99.46
N MET CA 551 -53.90 28.59 -99.16
CA MET CA 551 -53.44 27.57 -100.10
C MET CA 551 -54.43 26.47 -100.37
N SER CA 552 -54.36 25.91 -101.58
CA SER CA 552 -55.03 24.65 -101.88
C SER CA 552 -54.59 24.12 -103.22
N ILE CA 553 -55.21 23.04 -103.63
CA ILE CA 553 -55.14 22.65 -105.01
C ILE CA 553 -56.57 22.55 -105.47
N ASN CA 554 -57.02 23.08 -106.61
CA ASN CA 554 -56.36 23.66 -107.81
C ASN CA 554 -56.13 22.61 -108.85
N VAL CA 555 -56.75 22.82 -110.01
CA VAL CA 555 -56.68 21.89 -111.14
C VAL CA 555 -55.39 22.09 -111.89
N ASP CA 556 -54.94 23.35 -111.96
CA ASP CA 556 -53.55 23.67 -112.22
C ASP CA 556 -52.86 23.21 -110.96
N ASN CA 557 -51.56 23.45 -110.82
CA ASN CA 557 -51.02 23.30 -109.47
C ASN CA 557 -50.96 21.83 -109.04
N GLN CA 558 -52.11 21.18 -109.06
CA GLN CA 558 -52.30 19.80 -108.65
C GLN CA 558 -51.16 18.83 -108.94
N PHE CA 559 -50.31 19.13 -109.89
CA PHE CA 559 -49.37 18.09 -110.27
C PHE CA 559 -48.00 18.34 -109.70
N ASN CA 560 -47.84 19.40 -108.93
CA ASN CA 560 -46.56 19.65 -108.32
C ASN CA 560 -46.41 18.93 -107.01
N TYR CA 561 -47.36 18.05 -106.69
CA TYR CA 561 -47.42 17.46 -105.35
C TYR CA 561 -47.50 15.95 -105.33
N VAL CA 562 -47.16 15.33 -106.44
CA VAL CA 562 -47.12 13.90 -106.55
C VAL CA 562 -45.94 13.55 -107.42
N PRO CA 563 -45.44 12.33 -107.31
CA PRO CA 563 -44.38 11.94 -108.22
C PRO CA 563 -44.89 11.75 -109.64
N SER CA 564 -44.10 11.13 -110.49
CA SER CA 564 -44.40 11.03 -111.92
C SER CA 564 -44.54 9.57 -112.33
N ASN CA 565 -44.58 9.33 -113.63
CA ASN CA 565 -44.55 7.98 -114.16
C ASN CA 565 -43.30 7.27 -113.68
N ILE CA 566 -42.20 8.02 -113.59
CA ILE CA 566 -40.94 7.55 -113.03
C ILE CA 566 -40.93 8.07 -111.61
N GLY CA 567 -39.79 8.09 -110.95
CA GLY CA 567 -39.76 8.49 -109.57
C GLY CA 567 -39.88 9.97 -109.27
N GLY CA 568 -40.89 10.62 -109.85
CA GLY CA 568 -41.19 12.00 -109.52
C GLY CA 568 -39.93 12.80 -109.75
N MET CA 569 -39.71 13.91 -109.05
CA MET CA 569 -40.65 14.59 -108.20
C MET CA 569 -40.14 16.01 -108.04
N LYS CA 570 -40.93 16.86 -107.40
CA LYS CA 570 -40.71 18.28 -107.43
C LYS CA 570 -41.20 18.96 -106.15
N ILE CA 571 -40.51 19.98 -105.67
CA ILE CA 571 -41.08 20.81 -104.61
C ILE CA 571 -41.10 22.26 -105.03
N VAL CA 572 -42.26 22.88 -104.89
CA VAL CA 572 -42.45 24.19 -105.47
C VAL CA 572 -42.54 25.23 -104.40
N TYR CA 573 -41.94 26.38 -104.62
CA TYR CA 573 -42.05 27.47 -103.65
C TYR CA 573 -43.49 27.82 -103.37
N GLU CA 574 -43.80 28.27 -102.15
CA GLU CA 574 -45.19 28.50 -101.83
C GLU CA 574 -45.59 29.51 -100.76
N LYS CA 575 -45.00 30.70 -100.75
CA LYS CA 575 -45.52 31.80 -99.94
C LYS CA 575 -45.59 31.50 -98.47
N SER CA 576 -46.28 32.33 -97.70
CA SER CA 576 -46.30 32.16 -96.26
C SER CA 576 -47.23 33.07 -95.50
N GLN CA 577 -47.40 34.31 -95.92
CA GLN CA 577 -48.22 35.24 -95.12
C GLN CA 577 -49.54 35.53 -95.81
N LEU CA 578 -50.37 34.50 -95.88
CA LEU CA 578 -51.53 34.52 -96.75
C LEU CA 578 -52.68 35.31 -96.19
N ALA CA 579 -52.76 35.40 -94.88
CA ALA CA 579 -53.88 36.09 -94.29
C ALA CA 579 -53.55 37.56 -94.12
N PRO CA 580 -54.52 38.43 -94.35
CA PRO CA 580 -54.34 39.87 -94.16
C PRO CA 580 -54.21 40.22 -92.70
N ARG CA 581 -53.63 41.38 -92.39
CA ARG CA 581 -53.49 41.75 -90.99
C ARG CA 581 -54.27 43.00 -90.69
N LYS CA 582 -53.56 44.09 -90.54
CA LYS CA 582 -54.12 45.39 -90.20
C LYS CA 582 -52.98 46.20 -89.65
N LEU CA 583 -52.55 47.22 -90.37
CA LEU CA 583 -51.50 48.05 -89.81
C LEU CA 583 -52.00 48.93 -88.71
N TYR CA 584 -53.09 49.61 -89.03
CA TYR CA 584 -53.57 50.74 -88.26
C TYR CA 584 -55.08 50.68 -88.19
N GLY DA 37 -15.71 -3.71 -77.35
CA GLY DA 37 -15.55 -4.66 -78.46
C GLY DA 37 -15.16 -4.06 -79.81
N VAL DA 38 -15.43 -4.82 -80.87
CA VAL DA 38 -15.00 -4.44 -82.21
C VAL DA 38 -15.45 -3.05 -82.66
N GLY DA 39 -16.75 -2.89 -82.82
CA GLY DA 39 -17.28 -1.69 -83.43
C GLY DA 39 -17.61 -0.62 -82.41
N ILE DA 40 -16.81 -0.54 -81.34
CA ILE DA 40 -17.09 0.46 -80.32
C ILE DA 40 -15.82 1.23 -80.01
N SER DA 41 -15.87 2.55 -80.24
CA SER DA 41 -14.73 3.41 -80.04
C SER DA 41 -14.36 3.44 -78.57
N THR DA 42 -13.10 3.73 -78.27
CA THR DA 42 -12.61 3.65 -76.91
C THR DA 42 -11.99 4.94 -76.43
N GLY DA 43 -12.30 6.07 -77.05
CA GLY DA 43 -11.69 7.30 -76.58
C GLY DA 43 -12.09 8.47 -77.40
N THR DA 44 -11.61 9.64 -77.03
CA THR DA 44 -12.04 10.85 -77.70
C THR DA 44 -10.89 11.73 -78.10
N PHE DA 45 -10.96 12.21 -79.34
CA PHE DA 45 -10.00 13.16 -79.86
C PHE DA 45 -10.17 14.49 -79.18
N ASN DA 46 -9.07 15.05 -78.70
CA ASN DA 46 -9.10 16.39 -78.14
C ASN DA 46 -7.75 17.10 -78.24
N ASN DA 47 -7.66 18.12 -79.09
CA ASN DA 47 -6.42 18.88 -79.20
C ASN DA 47 -6.69 20.32 -78.84
N GLN DA 48 -7.39 20.48 -77.73
CA GLN DA 48 -7.92 21.76 -77.32
C GLN DA 48 -7.07 22.36 -76.22
N THR DA 49 -6.93 23.68 -76.21
CA THR DA 49 -6.11 24.27 -75.19
C THR DA 49 -6.90 25.19 -74.26
N GLU DA 50 -7.06 24.77 -73.01
CA GLU DA 50 -7.92 25.50 -72.07
C GLU DA 50 -7.15 26.42 -71.12
N PHE DA 51 -7.63 27.64 -70.98
CA PHE DA 51 -7.07 28.58 -70.03
C PHE DA 51 -8.06 28.91 -68.95
N LYS DA 52 -7.93 28.34 -67.78
CA LYS DA 52 -8.91 28.59 -66.75
C LYS DA 52 -8.34 29.50 -65.68
N PHE DA 53 -8.89 30.70 -65.58
CA PHE DA 53 -8.38 31.70 -64.65
C PHE DA 53 -8.93 31.54 -63.25
N LEU DA 54 -8.06 31.71 -62.26
CA LEU DA 54 -8.44 31.63 -60.85
C LEU DA 54 -8.11 32.99 -60.25
N GLU DA 55 -8.20 33.12 -58.94
CA GLU DA 55 -7.88 34.40 -58.32
C GLU DA 55 -6.42 34.56 -57.92
N ASN DA 56 -6.04 35.84 -57.78
CA ASN DA 56 -4.68 36.29 -57.56
C ASN DA 56 -3.81 36.07 -58.79
N GLY DA 57 -4.48 36.06 -59.94
CA GLY DA 57 -3.81 35.96 -61.23
C GLY DA 57 -3.07 34.69 -61.52
N TRP DA 58 -3.49 33.59 -60.89
CA TRP DA 58 -2.96 32.30 -61.26
C TRP DA 58 -3.84 31.74 -62.34
N VAL DA 59 -3.25 31.26 -63.43
CA VAL DA 59 -4.01 30.65 -64.53
C VAL DA 59 -3.70 29.17 -64.61
N TYR DA 60 -4.61 28.39 -65.18
CA TYR DA 60 -4.54 26.93 -65.10
C TYR DA 60 -4.60 26.38 -66.51
N ILE DA 61 -3.46 26.32 -67.15
CA ILE DA 61 -3.39 25.96 -68.55
C ILE DA 61 -3.44 24.47 -68.80
N THR DA 62 -4.49 24.05 -69.49
CA THR DA 62 -4.67 22.65 -69.80
C THR DA 62 -4.47 22.41 -71.27
N ALA DA 63 -3.32 21.87 -71.63
CA ALA DA 63 -3.02 21.60 -73.02
C ALA DA 63 -3.37 20.18 -73.36
N ASN DA 64 -4.36 20.01 -74.23
CA ASN DA 64 -4.69 18.69 -74.72
C ASN DA 64 -4.08 18.42 -76.08
N SER DA 65 -3.64 17.19 -76.28
CA SER DA 65 -3.02 16.82 -77.54
C SER DA 65 -3.44 15.44 -77.96
N SER DA 66 -3.80 15.31 -79.24
CA SER DA 66 -4.17 14.03 -79.79
C SER DA 66 -3.64 13.84 -81.19
N ARG DA 67 -3.24 12.62 -81.50
CA ARG DA 67 -2.71 12.32 -82.82
C ARG DA 67 -3.15 10.95 -83.28
N LEU DA 68 -3.27 10.77 -84.58
CA LEU DA 68 -3.40 9.44 -85.13
C LEU DA 68 -2.00 8.94 -85.38
N VAL DA 69 -1.70 7.73 -84.93
CA VAL DA 69 -0.34 7.24 -84.98
C VAL DA 69 -0.22 6.02 -85.88
N HIS DA 70 0.84 5.97 -86.67
CA HIS DA 70 1.04 4.86 -87.61
C HIS DA 70 2.26 4.03 -87.24
N LEU DA 71 2.16 2.72 -87.29
CA LEU DA 71 3.26 1.90 -86.83
C LEU DA 71 3.38 0.60 -87.62
N ASN DA 72 4.59 0.29 -88.09
CA ASN DA 72 4.82 -0.96 -88.78
C ASN DA 72 5.52 -1.96 -87.90
N MET DA 73 5.53 -3.22 -88.33
CA MET DA 73 6.15 -4.27 -87.54
C MET DA 73 7.66 -4.07 -87.59
N PRO DA 74 8.40 -4.62 -86.62
CA PRO DA 74 9.83 -4.35 -86.60
C PRO DA 74 10.52 -4.95 -87.79
N GLU DA 75 11.64 -4.39 -88.25
CA GLU DA 75 12.41 -5.02 -89.32
C GLU DA 75 12.74 -6.44 -88.90
N SER DA 76 13.06 -6.61 -87.62
CA SER DA 76 13.18 -7.95 -87.07
C SER DA 76 12.85 -7.95 -85.59
N GLU DA 77 12.37 -9.09 -85.11
CA GLU DA 77 11.88 -9.23 -83.74
C GLU DA 77 13.02 -9.40 -82.76
N ASN DA 78 14.20 -8.94 -83.14
CA ASN DA 78 15.36 -9.17 -82.32
C ASN DA 78 15.95 -7.94 -81.74
N TYR DA 79 16.65 -8.12 -80.63
CA TYR DA 79 17.53 -7.10 -80.11
C TYR DA 79 18.89 -7.28 -80.79
N ARG DA 80 19.52 -6.15 -81.15
CA ARG DA 80 20.83 -6.18 -81.78
C ARG DA 80 21.83 -5.24 -81.14
N ARG DA 81 23.06 -5.72 -80.96
CA ARG DA 81 24.14 -4.82 -80.59
C ARG DA 81 24.85 -4.41 -81.84
N VAL DA 82 24.67 -3.16 -82.23
CA VAL DA 82 25.27 -2.64 -83.44
C VAL DA 82 26.36 -1.62 -83.11
N VAL DA 83 27.43 -1.62 -83.90
CA VAL DA 83 28.47 -0.63 -83.77
C VAL DA 83 28.59 0.25 -85.00
N VAL DA 84 28.73 1.56 -84.79
CA VAL DA 84 29.02 2.49 -85.87
C VAL DA 84 30.44 2.97 -85.76
N ASN DA 85 31.14 2.95 -86.88
CA ASN DA 85 32.54 3.30 -86.84
C ASN DA 85 32.94 3.95 -88.15
N ASN DA 86 33.05 5.27 -88.11
CA ASN DA 86 33.45 6.04 -89.28
C ASN DA 86 34.92 6.42 -89.24
N LEU DA 87 35.76 5.42 -89.48
CA LEU DA 87 37.16 5.66 -89.74
C LEU DA 87 37.23 6.45 -91.03
N ASP DA 88 36.24 6.16 -91.88
CA ASP DA 88 36.03 6.82 -93.15
C ASP DA 88 36.25 8.31 -93.06
N LYS DA 89 35.85 8.89 -91.94
CA LYS DA 89 35.86 10.33 -91.82
C LYS DA 89 36.84 10.81 -90.78
N THR DA 90 37.17 9.99 -89.79
CA THR DA 90 38.03 10.43 -88.68
C THR DA 90 39.51 10.33 -89.02
N ALA DA 91 39.84 9.41 -89.92
CA ALA DA 91 41.24 9.18 -90.28
C ALA DA 91 41.86 10.33 -91.07
N VAL DA 92 41.03 11.31 -91.42
CA VAL DA 92 41.42 12.43 -92.25
C VAL DA 92 42.41 13.40 -91.60
N ASN DA 93 42.49 13.39 -90.27
CA ASN DA 93 43.36 14.29 -89.52
C ASN DA 93 42.86 15.71 -89.65
N GLY DA 94 42.42 16.28 -88.53
CA GLY DA 94 41.77 17.57 -88.55
C GLY DA 94 40.28 17.38 -88.65
N ASN DA 95 39.87 16.11 -88.65
CA ASN DA 95 38.47 15.74 -88.73
C ASN DA 95 37.92 15.11 -87.46
N MET DA 96 38.54 15.42 -86.32
CA MET DA 96 38.13 14.80 -85.08
C MET DA 96 36.68 15.09 -84.73
N ALA DA 97 36.27 16.32 -84.94
CA ALA DA 97 34.94 16.74 -84.54
C ALA DA 97 33.84 16.00 -85.26
N LEU DA 98 34.16 15.25 -86.32
CA LEU DA 98 33.11 14.58 -87.07
C LEU DA 98 32.90 13.16 -86.62
N ASP DA 99 33.39 12.85 -85.42
CA ASP DA 99 33.33 11.50 -84.90
C ASP DA 99 31.89 11.04 -84.66
N ASP DA 100 31.55 9.87 -85.19
CA ASP DA 100 30.25 9.27 -84.97
C ASP DA 100 30.41 7.87 -84.36
N THR DA 101 31.61 7.55 -83.91
CA THR DA 101 31.91 6.19 -83.49
C THR DA 101 31.25 5.90 -82.17
N HIS DA 102 30.39 4.87 -82.17
CA HIS DA 102 29.65 4.50 -80.97
C HIS DA 102 28.95 3.15 -81.12
N ALA DA 103 28.41 2.64 -80.02
CA ALA DA 103 27.61 1.42 -80.01
C ALA DA 103 26.21 1.68 -79.48
N GLU DA 104 25.30 0.77 -79.83
CA GLU DA 104 23.87 1.02 -79.72
C GLU DA 104 23.12 -0.31 -79.66
N ILE DA 105 22.11 -0.40 -78.80
CA ILE DA 105 21.23 -1.58 -78.80
C ILE DA 105 19.99 -1.22 -79.59
N VAL DA 106 19.72 -1.98 -80.65
CA VAL DA 106 18.55 -1.68 -81.47
C VAL DA 106 17.44 -2.64 -81.11
N THR DA 107 16.30 -2.07 -80.75
CA THR DA 107 15.19 -2.81 -80.19
C THR DA 107 14.04 -2.90 -81.16
N PRO DA 108 13.23 -3.95 -81.02
CA PRO DA 108 12.03 -4.04 -81.84
C PRO DA 108 10.93 -3.13 -81.36
N TRP DA 109 11.20 -2.24 -80.42
CA TRP DA 109 10.15 -1.41 -79.86
C TRP DA 109 10.16 0.00 -80.44
N SER DA 110 9.01 0.64 -80.45
CA SER DA 110 8.97 2.04 -80.84
C SER DA 110 8.60 2.93 -79.66
N LEU DA 111 9.05 4.18 -79.67
CA LEU DA 111 8.81 5.09 -78.56
C LEU DA 111 7.88 6.25 -78.92
N VAL DA 112 6.88 6.44 -78.09
CA VAL DA 112 5.98 7.57 -78.22
C VAL DA 112 6.44 8.68 -77.32
N ASP DA 113 7.19 9.62 -77.90
CA ASP DA 113 7.69 10.76 -77.15
C ASP DA 113 6.95 11.99 -77.60
N ALA DA 114 6.33 12.68 -76.66
CA ALA DA 114 5.59 13.90 -76.97
C ALA DA 114 6.21 15.04 -76.22
N ASN DA 115 7.48 14.88 -75.88
CA ASN DA 115 8.19 15.89 -75.12
C ASN DA 115 8.76 17.01 -75.98
N ALA DA 116 7.91 17.92 -76.45
CA ALA DA 116 8.35 19.10 -77.20
C ALA DA 116 7.22 20.13 -77.32
N TRP DA 117 7.55 21.41 -77.20
CA TRP DA 117 6.52 22.44 -77.08
C TRP DA 117 5.54 22.42 -78.21
N GLY DA 118 6.01 22.03 -79.37
CA GLY DA 118 5.17 22.06 -80.55
C GLY DA 118 4.06 21.03 -80.51
N VAL DA 119 4.18 20.04 -79.65
CA VAL DA 119 3.17 19.00 -79.56
C VAL DA 119 1.95 19.52 -78.81
N TRP DA 120 2.15 20.54 -78.00
CA TRP DA 120 1.11 20.98 -77.09
C TRP DA 120 0.57 22.35 -77.44
N PHE DA 121 1.36 23.20 -78.06
CA PHE DA 121 0.89 24.54 -78.37
C PHE DA 121 1.04 24.99 -79.82
N ASN DA 122 -0.01 25.64 -80.33
CA ASN DA 122 0.07 26.30 -81.63
C ASN DA 122 0.59 27.72 -81.44
N PRO DA 123 0.94 28.42 -82.53
CA PRO DA 123 1.46 29.78 -82.38
C PRO DA 123 0.56 30.68 -81.58
N GLY DA 124 -0.73 30.62 -81.87
CA GLY DA 124 -1.67 31.46 -81.18
C GLY DA 124 -1.61 31.25 -79.69
N ASP DA 125 -1.59 29.99 -79.28
CA ASP DA 125 -1.51 29.68 -77.88
C ASP DA 125 -0.25 30.27 -77.29
N TRP DA 126 0.86 30.02 -77.97
CA TRP DA 126 2.16 30.44 -77.46
C TRP DA 126 2.20 31.94 -77.33
N GLN DA 127 1.54 32.63 -78.25
CA GLN DA 127 1.48 34.08 -78.16
C GLN DA 127 0.94 34.48 -76.84
N LEU DA 128 -0.19 33.87 -76.49
CA LEU DA 128 -0.91 34.19 -75.25
C LEU DA 128 -0.03 33.96 -74.04
N ILE DA 129 0.58 32.78 -74.00
CA ILE DA 129 1.40 32.39 -72.85
C ILE DA 129 2.53 33.39 -72.65
N VAL DA 130 3.24 33.64 -73.74
CA VAL DA 130 4.45 34.44 -73.71
C VAL DA 130 4.18 35.91 -73.46
N ASN DA 131 3.11 36.46 -74.01
CA ASN DA 131 2.87 37.89 -73.91
C ASN DA 131 2.31 38.32 -72.58
N THR DA 132 1.65 37.41 -71.91
CA THR DA 132 0.86 37.83 -70.78
C THR DA 132 1.32 37.28 -69.44
N MET DA 133 2.20 36.30 -69.44
CA MET DA 133 2.53 35.67 -68.16
C MET DA 133 3.97 35.70 -67.73
N SER DA 134 4.17 35.76 -66.43
CA SER DA 134 5.47 36.04 -65.86
C SER DA 134 6.25 34.80 -65.52
N GLU DA 135 5.55 33.73 -65.17
CA GLU DA 135 6.19 32.46 -64.88
C GLU DA 135 5.32 31.29 -65.19
N LEU DA 136 5.88 30.10 -65.06
CA LEU DA 136 5.26 28.90 -65.56
C LEU DA 136 5.62 27.65 -64.76
N HIS DA 137 4.62 26.96 -64.23
CA HIS DA 137 4.85 25.71 -63.49
C HIS DA 137 4.35 24.48 -64.24
N LEU DA 138 5.07 23.39 -64.10
CA LEU DA 138 4.67 22.15 -64.72
C LEU DA 138 3.96 21.29 -63.69
N VAL DA 139 2.70 21.03 -63.93
CA VAL DA 139 1.89 20.41 -62.90
C VAL DA 139 1.71 18.91 -63.10
N SER DA 140 1.15 18.52 -64.24
CA SER DA 140 0.82 17.12 -64.43
C SER DA 140 0.84 16.73 -65.89
N PHE DA 141 0.79 15.42 -66.12
CA PHE DA 141 0.83 14.84 -67.43
C PHE DA 141 0.19 13.47 -67.39
N GLU DA 142 -0.78 13.25 -68.26
CA GLU DA 142 -1.41 11.93 -68.38
C GLU DA 142 -1.59 11.64 -69.84
N GLN DA 143 -1.68 10.37 -70.19
CA GLN DA 143 -1.86 10.03 -71.59
C GLN DA 143 -2.53 8.69 -71.75
N GLU DA 144 -3.18 8.50 -72.89
CA GLU DA 144 -3.84 7.25 -73.19
C GLU DA 144 -3.73 6.88 -74.68
N ILE DA 145 -3.97 5.61 -74.97
CA ILE DA 145 -3.92 5.09 -76.32
C ILE DA 145 -5.27 4.48 -76.59
N PHE DA 146 -5.94 4.83 -77.68
CA PHE DA 146 -7.31 4.34 -77.91
C PHE DA 146 -7.61 4.15 -79.39
N ASN DA 147 -8.78 3.55 -79.67
CA ASN DA 147 -9.17 3.21 -81.03
C ASN DA 147 -8.05 2.52 -81.80
N VAL DA 148 -7.52 1.47 -81.21
CA VAL DA 148 -6.47 0.71 -81.85
C VAL DA 148 -7.02 -0.06 -83.04
N VAL DA 149 -6.27 -0.08 -84.13
CA VAL DA 149 -6.62 -0.83 -85.34
C VAL DA 149 -5.42 -1.63 -85.82
N LEU DA 150 -5.65 -2.90 -86.15
CA LEU DA 150 -4.58 -3.67 -86.77
C LEU DA 150 -5.04 -4.25 -88.10
N LYS DA 151 -4.21 -4.05 -89.14
CA LYS DA 151 -4.49 -4.54 -90.49
C LYS DA 151 -3.30 -5.35 -91.02
N THR DA 152 -3.59 -6.39 -91.81
CA THR DA 152 -2.56 -7.17 -92.48
C THR DA 152 -2.53 -6.74 -93.92
N VAL DA 153 -1.35 -6.65 -94.52
CA VAL DA 153 -1.28 -6.30 -95.92
C VAL DA 153 -1.61 -7.55 -96.73
N SER DA 154 -0.61 -8.18 -97.33
CA SER DA 154 -0.82 -9.37 -98.16
C SER DA 154 -2.00 -9.13 -99.09
N GLU DA 155 -1.90 -8.36 -100.19
CA GLU DA 155 -0.78 -7.94 -101.07
C GLU DA 155 -1.40 -8.61 -102.27
N SER DA 156 -0.62 -8.93 -103.29
CA SER DA 156 -0.93 -10.10 -104.11
C SER DA 156 -2.38 -10.31 -104.60
N ALA DA 157 -3.03 -9.31 -105.20
CA ALA DA 157 -4.43 -9.48 -105.64
C ALA DA 157 -4.99 -8.35 -106.52
N THR DA 158 -5.08 -8.46 -107.85
CA THR DA 158 -4.55 -9.45 -108.79
C THR DA 158 -4.67 -8.74 -110.13
N GLN DA 159 -3.87 -9.15 -111.14
CA GLN DA 159 -3.64 -8.41 -112.40
C GLN DA 159 -3.35 -6.90 -112.16
N PRO DA 160 -2.35 -6.35 -112.88
CA PRO DA 160 -1.36 -5.28 -112.73
C PRO DA 160 -0.39 -5.17 -111.51
N PRO DA 161 -0.54 -5.88 -110.37
CA PRO DA 161 -1.50 -6.74 -109.66
C PRO DA 161 -2.03 -6.06 -108.39
N THR DA 162 -1.50 -4.88 -108.08
CA THR DA 162 -2.00 -4.02 -106.99
C THR DA 162 -1.89 -4.61 -105.58
N LYS DA 163 -2.28 -3.79 -104.60
CA LYS DA 163 -2.14 -4.11 -103.19
C LYS DA 163 -3.48 -4.04 -102.46
N VAL DA 164 -3.62 -4.80 -101.38
CA VAL DA 164 -4.88 -4.87 -100.63
C VAL DA 164 -4.68 -5.03 -99.13
N TYR DA 165 -5.50 -4.32 -98.37
CA TYR DA 165 -5.40 -4.26 -96.91
C TYR DA 165 -6.61 -4.77 -96.13
N ASN DA 166 -6.41 -5.76 -95.26
CA ASN DA 166 -7.52 -6.26 -94.46
C ASN DA 166 -7.33 -6.07 -92.96
N ASN DA 167 -8.44 -6.06 -92.23
CA ASN DA 167 -8.42 -5.99 -90.77
C ASN DA 167 -8.09 -7.33 -90.15
N ASP DA 168 -7.13 -7.38 -89.24
CA ASP DA 168 -6.93 -8.57 -88.43
C ASP DA 168 -7.50 -8.24 -87.07
N LEU DA 169 -8.74 -8.62 -86.83
CA LEU DA 169 -9.43 -8.21 -85.62
C LEU DA 169 -8.80 -8.78 -84.37
N THR DA 170 -8.39 -10.03 -84.44
CA THR DA 170 -7.78 -10.74 -83.32
C THR DA 170 -6.34 -10.32 -83.08
N ALA DA 171 -5.78 -9.50 -83.96
CA ALA DA 171 -4.39 -9.08 -83.83
C ALA DA 171 -4.28 -8.11 -82.69
N SER DA 172 -3.10 -8.03 -82.11
CA SER DA 172 -2.90 -7.27 -80.89
C SER DA 172 -1.80 -6.26 -81.06
N LEU DA 173 -1.92 -5.15 -80.37
CA LEU DA 173 -0.88 -4.13 -80.31
C LEU DA 173 -0.21 -4.13 -78.96
N MET DA 174 1.10 -4.30 -78.90
CA MET DA 174 1.77 -4.36 -77.60
C MET DA 174 2.10 -2.98 -77.06
N VAL DA 175 1.73 -2.75 -75.80
CA VAL DA 175 2.02 -1.48 -75.14
C VAL DA 175 2.66 -1.74 -73.80
N ALA DA 176 3.71 -0.97 -73.51
CA ALA DA 176 4.45 -1.09 -72.28
C ALA DA 176 4.81 0.29 -71.83
N LEU DA 177 4.54 0.57 -70.55
CA LEU DA 177 4.87 1.85 -69.93
C LEU DA 177 5.89 1.65 -68.84
N ASP DA 178 7.07 2.21 -69.01
CA ASP DA 178 8.14 2.03 -68.04
C ASP DA 178 7.99 3.04 -66.91
N SER DA 179 7.00 2.86 -66.05
CA SER DA 179 6.66 3.88 -65.07
C SER DA 179 7.68 3.95 -63.95
N ASN DA 180 8.51 2.92 -63.81
CA ASN DA 180 9.57 2.95 -62.81
C ASN DA 180 10.87 3.60 -63.29
N ASN DA 181 10.87 4.08 -64.52
CA ASN DA 181 12.06 4.57 -65.18
C ASN DA 181 13.23 3.60 -65.03
N THR DA 182 12.96 2.35 -65.34
CA THR DA 182 13.97 1.29 -65.34
C THR DA 182 14.93 1.49 -66.47
N MET DA 183 14.42 2.06 -67.55
CA MET DA 183 15.16 1.98 -68.78
C MET DA 183 15.69 3.31 -69.20
N PRO DA 184 16.76 3.29 -69.99
CA PRO DA 184 17.50 4.52 -70.26
C PRO DA 184 16.60 5.59 -70.82
N PHE DA 185 16.81 6.80 -70.35
CA PHE DA 185 16.00 7.92 -70.75
C PHE DA 185 16.47 8.41 -72.10
N THR DA 186 15.61 8.39 -73.09
CA THR DA 186 15.97 8.78 -74.45
C THR DA 186 15.01 9.83 -75.00
N PRO DA 187 15.19 11.08 -74.60
CA PRO DA 187 14.33 12.16 -75.06
C PRO DA 187 14.46 12.41 -76.54
N ALA DA 188 13.35 12.34 -77.24
CA ALA DA 188 13.38 12.39 -78.69
C ALA DA 188 13.46 13.79 -79.25
N ALA DA 189 13.35 14.79 -78.40
CA ALA DA 189 13.39 16.14 -78.92
C ALA DA 189 14.76 16.44 -79.50
N MET DA 190 15.78 15.75 -79.00
CA MET DA 190 17.16 16.00 -79.38
C MET DA 190 17.49 15.55 -80.78
N ARG DA 191 16.66 14.68 -81.33
CA ARG DA 191 16.92 14.13 -82.64
C ARG DA 191 15.78 14.54 -83.57
N SER DA 192 15.00 15.53 -83.11
CA SER DA 192 13.78 16.00 -83.77
C SER DA 192 12.86 14.87 -84.18
N GLU DA 193 12.59 13.98 -83.25
CA GLU DA 193 11.87 12.77 -83.55
C GLU DA 193 10.68 12.57 -82.61
N THR DA 194 10.03 13.66 -82.22
CA THR DA 194 8.85 13.55 -81.38
C THR DA 194 7.65 13.31 -82.26
N LEU DA 195 6.48 13.46 -81.67
CA LEU DA 195 5.26 13.34 -82.46
C LEU DA 195 5.10 14.59 -83.30
N GLY DA 196 4.19 14.51 -84.27
CA GLY DA 196 3.92 15.62 -85.16
C GLY DA 196 3.42 16.85 -84.44
N PHE DA 197 3.65 18.03 -85.01
CA PHE DA 197 3.22 19.26 -84.38
C PHE DA 197 1.89 19.72 -84.97
N TYR DA 198 1.32 18.93 -85.85
CA TYR DA 198 0.05 19.30 -86.44
C TYR DA 198 -1.02 18.30 -86.05
N PRO DA 199 -2.13 18.80 -85.50
CA PRO DA 199 -3.23 17.94 -85.09
C PRO DA 199 -3.84 17.19 -86.27
N TRP DA 200 -3.94 17.82 -87.44
CA TRP DA 200 -4.64 17.17 -88.55
C TRP DA 200 -3.72 16.38 -89.44
N LYS DA 201 -2.44 16.35 -89.10
CA LYS DA 201 -1.55 15.51 -89.85
C LYS DA 201 -1.11 14.35 -88.98
N PRO DA 202 -1.40 13.14 -89.44
CA PRO DA 202 -1.04 11.92 -88.71
C PRO DA 202 0.46 11.80 -88.50
N THR DA 203 0.88 10.89 -87.62
CA THR DA 203 2.28 10.79 -87.29
C THR DA 203 2.73 9.40 -86.88
N ILE DA 204 3.98 9.31 -86.44
CA ILE DA 204 4.64 8.04 -86.17
C ILE DA 204 5.58 8.16 -85.00
N PRO DA 205 5.83 7.03 -84.31
CA PRO DA 205 6.87 6.94 -83.28
C PRO DA 205 8.24 6.81 -83.89
N THR DA 206 9.27 6.58 -83.08
CA THR DA 206 10.61 6.29 -83.57
C THR DA 206 11.12 5.01 -83.01
N PRO DA 207 11.84 4.24 -83.82
CA PRO DA 207 12.36 2.95 -83.38
C PRO DA 207 13.23 3.13 -82.16
N TRP DA 208 13.00 2.36 -81.11
CA TRP DA 208 13.75 2.63 -79.90
C TRP DA 208 15.10 1.92 -79.87
N ARG DA 209 16.07 2.60 -79.27
CA ARG DA 209 17.46 2.22 -79.30
C ARG DA 209 18.10 2.92 -78.12
N TYR DA 210 19.17 2.38 -77.56
CA TYR DA 210 19.84 3.09 -76.48
C TYR DA 210 21.32 2.80 -76.51
N TYR DA 211 22.10 3.63 -75.85
CA TYR DA 211 23.54 3.51 -75.92
C TYR DA 211 24.03 2.29 -75.19
N PHE DA 212 24.97 1.56 -75.78
CA PHE DA 212 25.63 0.42 -75.15
C PHE DA 212 27.11 0.77 -74.95
N GLN DA 213 27.72 0.36 -73.85
CA GLN DA 213 29.06 0.89 -73.52
C GLN DA 213 30.14 0.49 -74.49
N TRP DA 214 31.10 1.40 -74.69
CA TRP DA 214 32.27 1.13 -75.51
C TRP DA 214 33.48 1.96 -75.10
N ASP DA 215 34.67 1.35 -75.13
CA ASP DA 215 35.94 2.08 -75.00
C ASP DA 215 36.40 2.60 -76.37
N ARG DA 216 37.15 3.69 -76.37
CA ARG DA 216 37.45 4.39 -77.61
C ARG DA 216 38.47 5.49 -77.40
N THR DA 217 39.48 5.53 -78.25
CA THR DA 217 40.46 6.59 -78.17
C THR DA 217 40.53 7.30 -79.49
N LEU DA 218 40.65 8.62 -79.44
CA LEU DA 218 40.86 9.37 -80.67
C LEU DA 218 41.72 10.57 -80.35
N ILE DA 219 42.96 10.52 -80.84
CA ILE DA 219 43.91 11.60 -80.67
C ILE DA 219 43.74 12.66 -81.75
N PRO DA 220 43.58 13.90 -81.32
CA PRO DA 220 43.36 15.00 -82.26
C PRO DA 220 44.58 15.37 -83.10
N SER DA 221 44.32 16.14 -84.16
CA SER DA 221 45.33 16.46 -85.14
C SER DA 221 44.89 17.56 -86.09
N HIS DA 222 45.76 17.98 -86.98
CA HIS DA 222 45.39 18.96 -87.97
C HIS DA 222 45.83 18.38 -89.30
N THR DA 223 45.58 19.10 -90.39
CA THR DA 223 45.82 18.56 -91.71
C THR DA 223 47.27 18.19 -91.87
N GLY DA 224 48.14 19.00 -91.29
CA GLY DA 224 49.57 18.77 -91.39
C GLY DA 224 50.10 17.57 -90.67
N THR DA 225 49.53 17.24 -89.52
CA THR DA 225 50.05 16.13 -88.76
C THR DA 225 49.98 14.92 -89.64
N SER DA 226 51.12 14.29 -89.87
CA SER DA 226 51.06 13.01 -90.54
C SER DA 226 51.83 11.98 -89.75
N GLY DA 227 51.81 10.77 -90.29
CA GLY DA 227 51.96 9.57 -89.50
C GLY DA 227 50.48 9.33 -89.32
N THR DA 228 50.07 8.36 -88.52
CA THR DA 228 48.65 8.21 -88.28
C THR DA 228 48.38 8.33 -86.80
N PRO DA 229 47.73 9.44 -86.37
CA PRO DA 229 47.42 9.65 -84.96
C PRO DA 229 46.46 8.59 -84.50
N THR DA 230 46.70 7.98 -83.35
CA THR DA 230 45.95 6.79 -82.96
C THR DA 230 44.46 7.04 -82.87
N ASN DA 231 43.72 6.13 -83.49
CA ASN DA 231 42.29 6.25 -83.71
C ASN DA 231 41.66 4.87 -83.67
N ILE DA 232 41.37 4.37 -82.47
CA ILE DA 232 40.93 2.99 -82.33
C ILE DA 232 39.63 2.87 -81.52
N TYR DA 233 38.88 1.81 -81.79
CA TYR DA 233 37.72 1.40 -81.02
C TYR DA 233 38.12 0.17 -80.24
N HIS DA 234 38.36 0.36 -78.97
CA HIS DA 234 38.92 -0.70 -78.14
C HIS DA 234 38.00 -1.92 -77.91
N GLY DA 235 36.71 -1.68 -77.77
CA GLY DA 235 35.79 -2.76 -77.50
C GLY DA 235 34.74 -2.40 -76.48
N THR DA 236 34.57 -3.24 -75.47
CA THR DA 236 33.54 -3.00 -74.46
C THR DA 236 33.97 -3.39 -73.04
N ASP DA 237 33.96 -2.42 -72.11
CA ASP DA 237 34.37 -2.65 -70.72
C ASP DA 237 33.36 -3.56 -70.08
N PRO DA 238 33.76 -4.80 -69.79
CA PRO DA 238 32.76 -5.72 -69.26
C PRO DA 238 32.12 -5.22 -67.97
N ASP DA 239 32.85 -4.42 -67.19
CA ASP DA 239 32.34 -3.97 -65.90
C ASP DA 239 31.22 -2.95 -66.08
N ASP DA 240 31.01 -2.51 -67.31
CA ASP DA 240 30.08 -1.43 -67.59
C ASP DA 240 28.96 -1.86 -68.51
N VAL DA 241 28.78 -3.16 -68.68
CA VAL DA 241 27.79 -3.65 -69.65
C VAL DA 241 26.36 -3.73 -69.11
N GLN DA 242 25.44 -3.03 -69.77
CA GLN DA 242 24.04 -3.16 -69.39
C GLN DA 242 23.07 -3.36 -70.56
N PHE DA 243 22.58 -4.59 -70.67
CA PHE DA 243 21.63 -4.99 -71.69
C PHE DA 243 20.23 -5.00 -71.12
N TYR DA 244 19.41 -4.04 -71.53
CA TYR DA 244 18.04 -3.93 -71.05
C TYR DA 244 17.07 -4.50 -72.06
N THR DA 245 15.99 -5.14 -71.61
CA THR DA 245 14.88 -5.46 -72.50
C THR DA 245 13.59 -4.93 -71.91
N ILE DA 246 12.68 -4.52 -72.76
CA ILE DA 246 11.35 -4.16 -72.31
C ILE DA 246 10.78 -5.34 -71.56
N GLU DA 247 10.90 -6.50 -72.18
CA GLU DA 247 10.19 -7.69 -71.74
C GLU DA 247 10.48 -8.13 -70.30
N ASN DA 248 11.73 -8.03 -69.87
CA ASN DA 248 12.07 -8.49 -68.54
C ASN DA 248 11.94 -7.41 -67.48
N SER DA 249 11.65 -6.19 -67.92
CA SER DA 249 11.64 -5.05 -67.01
C SER DA 249 10.26 -4.45 -66.83
N VAL DA 250 9.44 -4.47 -67.88
CA VAL DA 250 8.19 -3.73 -67.86
C VAL DA 250 7.02 -4.64 -68.17
N PRO DA 251 5.90 -4.47 -67.47
CA PRO DA 251 4.71 -5.24 -67.83
C PRO DA 251 4.12 -4.80 -69.18
N VAL DA 252 3.81 -5.78 -70.00
CA VAL DA 252 3.31 -5.52 -71.35
C VAL DA 252 1.82 -5.76 -71.49
N HIS DA 253 1.10 -4.80 -72.05
CA HIS DA 253 -0.33 -4.95 -72.32
C HIS DA 253 -0.56 -5.28 -73.78
N LEU DA 254 -1.39 -6.27 -74.06
CA LEU DA 254 -1.77 -6.54 -75.44
C LEU DA 254 -3.07 -5.80 -75.75
N LEU DA 255 -3.07 -4.89 -76.70
CA LEU DA 255 -4.32 -4.22 -77.04
C LEU DA 255 -4.89 -4.68 -78.39
N ARG DA 256 -6.09 -5.23 -78.38
CA ARG DA 256 -6.81 -5.52 -79.62
C ARG DA 256 -7.66 -4.31 -79.92
N THR DA 257 -8.48 -4.38 -80.95
CA THR DA 257 -9.23 -3.19 -81.40
C THR DA 257 -10.03 -2.50 -80.33
N GLY DA 258 -10.75 -3.33 -79.59
CA GLY DA 258 -11.66 -2.86 -78.57
C GLY DA 258 -11.00 -2.51 -77.25
N ASP DA 259 -9.69 -2.61 -77.19
CA ASP DA 259 -9.01 -2.29 -75.96
C ASP DA 259 -8.54 -0.84 -75.89
N GLU DA 260 -8.23 -0.40 -74.67
CA GLU DA 260 -7.68 0.92 -74.44
C GLU DA 260 -6.61 0.78 -73.40
N PHE DA 261 -5.64 1.69 -73.40
CA PHE DA 261 -4.65 1.76 -72.35
C PHE DA 261 -4.51 3.19 -71.92
N ALA DA 262 -4.65 3.46 -70.64
CA ALA DA 262 -4.45 4.81 -70.12
C ALA DA 262 -3.53 4.76 -68.92
N THR DA 263 -2.68 5.76 -68.79
CA THR DA 263 -1.77 5.87 -67.67
C THR DA 263 -2.43 6.64 -66.57
N GLY DA 264 -1.80 6.71 -65.42
CA GLY DA 264 -2.37 7.51 -64.37
C GLY DA 264 -2.19 8.97 -64.73
N THR DA 265 -2.35 9.83 -63.73
CA THR DA 265 -1.92 11.21 -63.85
C THR DA 265 -0.67 11.40 -63.02
N PHE DA 266 0.44 11.70 -63.67
CA PHE DA 266 1.70 11.92 -62.99
C PHE DA 266 1.80 13.37 -62.56
N PHE DA 267 2.22 13.60 -61.31
CA PHE DA 267 2.40 14.96 -60.82
C PHE DA 267 3.86 15.37 -60.69
N PHE DA 268 4.19 16.52 -61.26
CA PHE DA 268 5.57 16.96 -61.27
C PHE DA 268 5.92 17.73 -60.00
N ASP DA 269 7.22 17.88 -59.75
CA ASP DA 269 7.79 18.88 -58.85
C ASP DA 269 9.15 19.35 -59.34
N CYS DA 270 9.15 20.64 -59.68
CA CYS DA 270 10.29 21.34 -60.25
C CYS DA 270 10.21 22.79 -59.79
N LYS DA 271 11.17 23.59 -60.23
CA LYS DA 271 11.11 25.04 -60.02
C LYS DA 271 10.17 25.64 -61.05
N PRO DA 272 9.74 26.89 -60.85
CA PRO DA 272 9.02 27.53 -61.95
C PRO DA 272 9.98 27.98 -63.01
N CYS DA 273 9.50 27.97 -64.25
CA CYS DA 273 10.24 28.53 -65.36
C CYS DA 273 9.77 29.96 -65.58
N ARG DA 274 10.68 30.90 -65.74
CA ARG DA 274 10.26 32.28 -65.80
C ARG DA 274 10.17 32.76 -67.22
N LEU DA 275 9.22 33.65 -67.48
CA LEU DA 275 8.98 34.16 -68.83
C LEU DA 275 9.35 35.59 -69.00
N THR DA 276 10.42 35.98 -68.34
CA THR DA 276 10.95 37.31 -68.48
C THR DA 276 12.44 37.20 -68.62
N HIS DA 277 13.01 38.10 -69.41
CA HIS DA 277 14.45 38.11 -69.61
C HIS DA 277 15.09 39.22 -68.81
N THR DA 278 16.30 38.96 -68.35
CA THR DA 278 17.06 39.93 -67.61
C THR DA 278 18.01 40.64 -68.54
N TRP DA 279 18.14 41.94 -68.41
CA TRP DA 279 18.95 42.66 -69.36
C TRP DA 279 20.23 43.17 -68.80
N GLN DA 280 20.40 43.08 -67.50
CA GLN DA 280 21.54 43.76 -66.91
C GLN DA 280 22.78 42.90 -66.94
N THR DA 281 23.87 43.48 -67.40
CA THR DA 281 25.19 42.89 -67.24
C THR DA 281 25.76 43.65 -66.09
N ASN DA 282 26.94 43.25 -65.64
CA ASN DA 282 27.57 43.90 -64.51
C ASN DA 282 27.67 45.41 -64.68
N ARG DA 283 27.72 45.89 -65.92
CA ARG DA 283 27.99 47.30 -66.15
C ARG DA 283 26.84 48.20 -65.75
N ALA DA 284 25.72 47.57 -65.41
CA ALA DA 284 24.51 48.28 -65.02
C ALA DA 284 23.88 47.73 -63.78
N LEU DA 285 24.68 47.48 -62.75
CA LEU DA 285 24.19 47.00 -61.46
C LEU DA 285 24.48 48.00 -60.35
N GLY DA 286 23.43 48.64 -59.84
CA GLY DA 286 23.56 49.46 -58.65
C GLY DA 286 23.45 50.93 -58.95
N LEU DA 287 24.06 51.76 -58.11
CA LEU DA 287 23.92 53.20 -58.25
C LEU DA 287 24.90 53.78 -59.28
N PRO DA 288 24.36 54.34 -60.38
CA PRO DA 288 25.16 55.03 -61.42
C PRO DA 288 25.80 56.32 -60.90
N PRO DA 289 26.96 56.69 -61.47
CA PRO DA 289 27.74 57.79 -60.93
C PRO DA 289 27.07 59.11 -61.16
N PHE DA 290 27.18 59.99 -60.17
CA PHE DA 290 26.47 61.26 -60.23
C PHE DA 290 27.04 62.17 -61.27
N LEU DA 291 26.19 62.67 -62.14
CA LEU DA 291 26.62 63.54 -63.20
C LEU DA 291 26.61 65.00 -62.75
N ASN DA 292 27.77 65.65 -62.70
CA ASN DA 292 27.82 67.04 -62.31
C ASN DA 292 27.59 68.03 -63.43
N SER DA 293 27.58 67.53 -64.65
CA SER DA 293 27.31 68.36 -65.81
C SER DA 293 26.29 67.71 -66.69
N LEU DA 294 25.05 68.21 -66.61
CA LEU DA 294 23.98 67.70 -67.44
C LEU DA 294 23.84 68.50 -68.72
N PRO DA 295 23.49 67.83 -69.83
CA PRO DA 295 23.37 68.43 -71.15
C PRO DA 295 22.38 69.57 -71.15
N GLN DA 296 22.52 70.50 -72.10
CA GLN DA 296 21.68 71.69 -72.15
C GLN DA 296 20.98 71.89 -73.50
N SER DA 297 21.11 70.92 -74.40
CA SER DA 297 20.31 70.86 -75.62
C SER DA 297 20.14 69.41 -76.06
N GLU DA 298 19.01 69.08 -76.68
CA GLU DA 298 18.76 67.71 -77.15
C GLU DA 298 19.70 67.39 -78.29
N GLY DA 299 19.81 66.10 -78.62
CA GLY DA 299 20.63 65.71 -79.74
C GLY DA 299 21.40 64.44 -79.52
N GLY DA 300 22.27 64.11 -80.46
CA GLY DA 300 22.85 62.79 -80.49
C GLY DA 300 24.25 62.75 -79.95
N THR DA 301 24.84 63.91 -79.68
CA THR DA 301 26.18 63.94 -79.11
C THR DA 301 26.28 64.93 -77.96
N ASN DA 302 25.14 65.39 -77.46
CA ASN DA 302 25.13 66.28 -76.29
C ASN DA 302 25.25 65.48 -75.00
N PHE DA 303 26.41 64.90 -74.74
CA PHE DA 303 26.54 64.00 -73.61
C PHE DA 303 26.56 64.67 -72.27
N GLY DA 304 26.28 63.90 -71.24
CA GLY DA 304 26.48 64.38 -69.91
C GLY DA 304 27.85 63.91 -69.46
N TYR DA 305 28.43 64.62 -68.50
CA TYR DA 305 29.78 64.35 -68.03
C TYR DA 305 29.79 64.19 -66.53
N ILE DA 306 30.42 63.13 -66.04
CA ILE DA 306 30.51 62.86 -64.61
C ILE DA 306 31.04 64.06 -63.87
N GLY DA 307 32.17 64.55 -64.35
CA GLY DA 307 32.74 65.79 -63.86
C GLY DA 307 33.68 65.66 -62.69
N VAL DA 308 34.30 64.51 -62.53
CA VAL DA 308 35.34 64.39 -61.52
C VAL DA 308 36.50 63.58 -62.08
N GLN DA 309 37.72 64.02 -61.78
CA GLN DA 309 38.91 63.32 -62.27
C GLN DA 309 38.82 61.86 -61.91
N GLN DA 310 39.09 61.00 -62.88
CA GLN DA 310 38.92 59.57 -62.65
C GLN DA 310 39.75 59.03 -61.50
N ASP DA 311 40.81 59.75 -61.15
CA ASP DA 311 41.67 59.30 -60.09
C ASP DA 311 41.40 60.08 -58.81
N LYS DA 312 40.39 60.95 -58.83
CA LYS DA 312 40.02 61.71 -57.64
C LYS DA 312 38.59 61.38 -57.18
N ARG DA 313 38.07 60.23 -57.58
CA ARG DA 313 36.67 59.89 -57.33
C ARG DA 313 36.52 59.07 -56.06
N ARG DA 314 35.32 59.10 -55.47
CA ARG DA 314 35.03 58.31 -54.28
C ARG DA 314 34.30 57.02 -54.63
N GLY DA 315 34.50 55.98 -53.84
CA GLY DA 315 33.87 54.70 -54.13
C GLY DA 315 34.66 53.46 -53.81
N VAL DA 316 34.18 52.33 -54.32
CA VAL DA 316 34.77 51.05 -54.03
C VAL DA 316 35.19 50.26 -55.22
N THR DA 317 36.42 49.77 -55.22
CA THR DA 317 36.88 48.85 -56.27
C THR DA 317 37.59 47.67 -55.66
N GLN DA 318 37.86 46.67 -56.48
CA GLN DA 318 38.63 45.53 -56.01
C GLN DA 318 40.05 45.60 -56.58
N MET DA 319 40.48 46.82 -56.86
CA MET DA 319 41.80 47.07 -57.40
C MET DA 319 42.69 47.80 -56.41
N GLY DA 320 43.49 47.03 -55.69
CA GLY DA 320 44.36 47.56 -54.65
C GLY DA 320 45.39 48.59 -55.07
N ASN DA 321 45.73 48.62 -56.35
CA ASN DA 321 46.72 49.55 -56.87
C ASN DA 321 46.21 50.96 -57.12
N THR DA 322 45.50 51.15 -58.21
CA THR DA 322 45.16 52.50 -58.65
C THR DA 322 44.10 53.13 -57.82
N ASN DA 323 43.98 54.44 -57.98
CA ASN DA 323 42.90 55.19 -57.41
C ASN DA 323 41.86 55.46 -58.46
N TYR DA 324 42.05 54.83 -59.62
CA TYR DA 324 41.10 54.98 -60.71
C TYR DA 324 39.80 54.28 -60.37
N ILE DA 325 38.69 54.99 -60.47
CA ILE DA 325 37.39 54.36 -60.25
C ILE DA 325 36.51 54.62 -61.45
N THR DA 326 36.43 53.65 -62.34
CA THR DA 326 35.63 53.82 -63.53
C THR DA 326 34.58 52.76 -63.61
N GLU DA 327 33.65 52.94 -64.53
CA GLU DA 327 32.60 51.98 -64.69
C GLU DA 327 33.06 50.55 -64.97
N ALA DA 328 34.23 50.36 -65.56
CA ALA DA 328 34.73 48.99 -65.73
C ALA DA 328 35.54 48.55 -64.50
N THR DA 329 35.76 49.49 -63.59
CA THR DA 329 36.59 49.26 -62.41
C THR DA 329 35.76 49.14 -61.12
N ILE DA 330 34.73 49.96 -60.99
CA ILE DA 330 33.89 50.02 -59.79
C ILE DA 330 33.40 48.66 -59.34
N MET DA 331 33.40 48.39 -58.05
CA MET DA 331 32.89 47.11 -57.58
C MET DA 331 31.43 46.89 -57.92
N ARG DA 332 31.10 45.64 -58.20
CA ARG DA 332 29.71 45.24 -58.36
C ARG DA 332 29.46 44.10 -57.36
N PRO DA 333 28.21 43.89 -56.95
CA PRO DA 333 27.94 42.90 -55.90
C PRO DA 333 28.33 41.47 -56.23
N ALA DA 334 28.22 41.05 -57.48
CA ALA DA 334 28.69 39.72 -57.87
C ALA DA 334 28.94 39.70 -59.34
N GLU DA 335 28.86 38.53 -59.96
CA GLU DA 335 29.10 38.50 -61.39
C GLU DA 335 28.00 37.79 -62.16
N VAL DA 336 27.45 38.48 -63.15
CA VAL DA 336 26.41 37.93 -64.00
C VAL DA 336 27.01 37.22 -65.19
N GLY DA 337 26.75 35.94 -65.31
CA GLY DA 337 27.26 35.16 -66.41
C GLY DA 337 28.68 34.69 -66.16
N TYR DA 338 29.19 33.92 -67.11
CA TYR DA 338 30.50 33.37 -66.92
C TYR DA 338 31.11 33.09 -68.27
N SER DA 339 32.44 33.03 -68.30
CA SER DA 339 33.17 32.76 -69.53
C SER DA 339 33.46 31.29 -69.61
N ALA DA 340 33.24 30.69 -70.77
CA ALA DA 340 33.48 29.27 -70.93
C ALA DA 340 34.27 28.96 -72.18
N PRO DA 341 34.98 27.84 -72.17
CA PRO DA 341 35.76 27.41 -73.34
C PRO DA 341 34.90 27.15 -74.57
N TYR DA 342 35.45 27.48 -75.73
CA TYR DA 342 34.74 27.40 -77.01
C TYR DA 342 35.67 27.39 -78.20
N TYR DA 343 35.43 26.49 -79.17
CA TYR DA 343 34.56 25.32 -79.06
C TYR DA 343 35.33 24.24 -78.35
N SER DA 344 35.18 24.08 -77.04
CA SER DA 344 36.07 23.13 -76.37
C SER DA 344 35.57 21.72 -76.47
N PHE DA 345 36.48 20.81 -76.81
CA PHE DA 345 36.16 19.41 -76.78
C PHE DA 345 36.97 18.70 -75.70
N GLU DA 346 36.29 17.86 -74.94
CA GLU DA 346 36.90 17.07 -73.88
C GLU DA 346 36.66 15.62 -74.21
N ALA DA 347 37.46 14.75 -73.62
CA ALA DA 347 37.36 13.37 -73.96
C ALA DA 347 37.46 12.48 -72.75
N SER DA 348 36.61 11.46 -72.72
CA SER DA 348 36.69 10.43 -71.74
C SER DA 348 36.39 9.13 -72.40
N THR DA 349 36.68 8.06 -71.69
CA THR DA 349 36.43 6.66 -72.06
C THR DA 349 35.89 6.37 -73.46
N GLN DA 350 34.90 7.14 -73.90
CA GLN DA 350 34.18 6.81 -75.11
C GLN DA 350 34.36 7.81 -76.21
N GLY DA 351 35.33 8.69 -76.04
CA GLY DA 351 35.66 9.60 -77.11
C GLY DA 351 35.42 11.02 -76.69
N PRO DA 352 35.63 11.93 -77.61
CA PRO DA 352 35.55 13.35 -77.36
C PRO DA 352 34.16 13.92 -77.55
N PHE DA 353 33.85 15.03 -76.87
CA PHE DA 353 32.54 15.67 -76.97
C PHE DA 353 32.64 17.15 -76.66
N LYS DA 354 31.78 17.96 -77.26
CA LYS DA 354 31.86 19.40 -77.07
C LYS DA 354 31.55 19.76 -75.62
N THR DA 355 32.21 20.79 -75.10
CA THR DA 355 31.88 21.33 -73.79
C THR DA 355 30.71 22.29 -73.92
N PRO DA 356 29.62 22.02 -73.20
CA PRO DA 356 28.39 22.81 -73.25
C PRO DA 356 28.41 24.11 -72.44
N ILE DA 357 27.69 25.11 -72.91
CA ILE DA 357 27.74 26.41 -72.27
C ILE DA 357 26.37 26.77 -71.74
N ALA DA 358 26.34 27.55 -70.67
CA ALA DA 358 25.06 27.89 -70.07
C ALA DA 358 24.50 29.19 -70.61
N ALA DA 359 25.25 30.26 -70.51
CA ALA DA 359 24.69 31.59 -70.69
C ALA DA 359 24.17 31.91 -72.11
N GLY DA 360 24.03 33.18 -72.42
CA GLY DA 360 23.67 33.63 -73.76
C GLY DA 360 22.65 34.70 -73.48
N ARG DA 361 22.38 35.65 -74.39
CA ARG DA 361 23.30 36.25 -75.34
C ARG DA 361 24.21 37.28 -74.70
N GLY DA 362 25.41 37.44 -75.25
CA GLY DA 362 26.32 38.45 -74.73
C GLY DA 362 26.69 39.60 -75.64
N GLY DA 363 26.62 39.40 -76.95
CA GLY DA 363 27.04 40.44 -77.87
C GLY DA 363 26.07 41.59 -77.95
N ALA DA 364 26.53 42.72 -78.49
CA ALA DA 364 25.71 43.91 -78.65
C ALA DA 364 24.85 43.86 -79.92
N GLN DA 365 24.77 45.00 -80.59
CA GLN DA 365 23.99 45.15 -81.82
C GLN DA 365 24.26 44.10 -82.88
N THR DA 366 23.32 43.18 -83.06
CA THR DA 366 23.34 42.22 -84.16
C THR DA 366 24.64 41.43 -84.31
N ASP DA 367 25.41 41.29 -83.24
CA ASP DA 367 26.60 40.47 -83.30
C ASP DA 367 26.67 39.70 -82.01
N GLU DA 368 27.00 38.43 -82.14
CA GLU DA 368 27.02 37.51 -81.05
C GLU DA 368 28.05 36.47 -81.31
N ASN DA 369 28.52 35.86 -80.25
CA ASN DA 369 29.44 34.76 -80.38
C ASN DA 369 28.65 33.55 -80.10
N GLN DA 370 27.96 33.10 -81.13
CA GLN DA 370 27.03 32.01 -81.00
C GLN DA 370 27.71 30.75 -80.54
N ALA DA 371 28.99 30.83 -80.17
CA ALA DA 371 29.72 29.66 -79.76
C ALA DA 371 30.23 29.84 -78.37
N ALA DA 372 30.51 31.09 -78.03
CA ALA DA 372 30.95 31.42 -76.70
C ALA DA 372 29.77 31.49 -75.76
N ASP DA 373 28.60 31.52 -76.36
CA ASP DA 373 27.33 31.53 -75.66
C ASP DA 373 26.65 30.18 -75.77
N GLY DA 374 27.02 29.46 -76.80
CA GLY DA 374 26.51 28.13 -77.02
C GLY DA 374 25.06 28.22 -77.40
N ASP DA 375 24.75 29.21 -78.24
CA ASP DA 375 23.40 29.38 -78.72
C ASP DA 375 23.08 28.14 -79.54
N PRO DA 376 21.96 27.47 -79.20
CA PRO DA 376 21.56 26.14 -79.66
C PRO DA 376 21.03 26.12 -81.06
N ARG DA 377 21.36 25.11 -81.85
CA ARG DA 377 20.91 25.12 -83.23
C ARG DA 377 20.05 23.89 -83.56
N TYR DA 378 18.84 24.15 -84.03
CA TYR DA 378 17.84 23.12 -84.17
C TYR DA 378 17.59 22.73 -85.63
N ALA DA 379 17.63 21.43 -85.89
CA ALA DA 379 17.42 20.92 -87.24
C ALA DA 379 16.24 19.96 -87.26
N PHE DA 380 15.32 20.19 -88.18
CA PHE DA 380 14.03 19.53 -88.12
C PHE DA 380 13.35 19.45 -89.48
N GLY DA 381 12.37 18.58 -89.62
CA GLY DA 381 11.81 18.33 -90.93
C GLY DA 381 10.32 18.11 -91.05
N ARG DA 382 9.69 18.96 -91.84
CA ARG DA 382 8.27 18.89 -92.19
C ARG DA 382 7.34 18.53 -91.04
N GLN DA 383 7.46 17.33 -90.49
CA GLN DA 383 6.68 16.96 -89.32
C GLN DA 383 6.85 17.95 -88.18
N HIS DA 384 7.98 18.66 -88.12
CA HIS DA 384 8.20 19.50 -86.96
C HIS DA 384 8.50 20.95 -87.29
N GLY DA 385 8.03 21.44 -88.42
CA GLY DA 385 8.19 22.85 -88.68
C GLY DA 385 8.51 23.23 -90.09
N GLN DA 386 9.33 22.43 -90.76
CA GLN DA 386 9.72 22.75 -92.13
C GLN DA 386 8.48 22.83 -92.99
N LYS DA 387 8.51 23.66 -94.03
CA LYS DA 387 7.35 23.76 -94.90
C LYS DA 387 7.10 22.37 -95.49
N THR DA 388 5.86 21.91 -95.33
CA THR DA 388 5.54 20.51 -95.60
C THR DA 388 5.55 20.12 -97.06
N THR DA 389 5.54 21.13 -97.93
CA THR DA 389 5.58 20.92 -99.38
C THR DA 389 6.99 20.78 -99.97
N THR DA 390 7.98 21.20 -99.19
CA THR DA 390 9.38 21.16 -99.62
C THR DA 390 9.87 19.76 -99.84
N THR DA 391 10.23 19.45 -101.08
CA THR DA 391 10.84 18.17 -101.37
C THR DA 391 12.31 18.27 -101.11
N GLY DA 392 12.98 17.12 -101.05
CA GLY DA 392 14.41 17.11 -100.77
C GLY DA 392 14.79 16.72 -99.36
N GLU DA 393 15.99 16.21 -99.19
CA GLU DA 393 16.42 15.70 -97.90
C GLU DA 393 17.01 16.75 -96.98
N THR DA 394 17.15 17.98 -97.44
CA THR DA 394 17.83 18.97 -96.62
C THR DA 394 16.88 19.62 -95.63
N PRO DA 395 17.21 19.54 -94.35
CA PRO DA 395 16.39 20.00 -93.22
C PRO DA 395 16.37 21.50 -93.04
N GLU DA 396 15.32 22.01 -92.40
CA GLU DA 396 15.23 23.41 -92.02
C GLU DA 396 15.92 23.63 -90.70
N ARG DA 397 16.43 24.82 -90.47
CA ARG DA 397 17.22 25.09 -89.29
C ARG DA 397 16.98 26.47 -88.73
N PHE DA 398 17.46 26.69 -87.51
CA PHE DA 398 17.58 28.03 -86.92
C PHE DA 398 18.48 27.97 -85.72
N THR DA 399 19.00 29.13 -85.32
CA THR DA 399 19.79 29.23 -84.11
C THR DA 399 19.05 30.13 -83.13
N TYR DA 400 18.70 29.58 -81.97
CA TYR DA 400 17.95 30.32 -80.97
C TYR DA 400 18.88 31.28 -80.25
N ILE DA 401 18.65 32.57 -80.45
CA ILE DA 401 19.37 33.55 -79.68
C ILE DA 401 18.49 34.19 -78.63
N ALA DA 402 18.78 33.88 -77.38
CA ALA DA 402 17.93 34.29 -76.27
C ALA DA 402 17.88 35.81 -76.10
N HIS DA 403 16.91 36.28 -75.35
CA HIS DA 403 16.81 37.68 -75.06
C HIS DA 403 17.57 38.09 -73.83
N GLN DA 404 17.84 37.15 -72.95
CA GLN DA 404 18.47 37.47 -71.69
C GLN DA 404 19.95 37.79 -71.90
N ASP DA 405 20.34 39.06 -71.76
CA ASP DA 405 21.72 39.46 -72.07
C ASP DA 405 22.65 39.06 -70.91
N THR DA 406 23.07 37.80 -70.91
CA THR DA 406 23.93 37.29 -69.85
C THR DA 406 25.11 36.51 -70.37
N GLY DA 407 25.40 36.65 -71.65
CA GLY DA 407 26.48 35.91 -72.28
C GLY DA 407 27.75 36.73 -72.35
N ARG DA 408 28.64 36.35 -73.26
CA ARG DA 408 29.91 37.04 -73.41
C ARG DA 408 30.20 37.44 -74.86
N TYR DA 409 30.98 38.52 -75.02
CA TYR DA 409 31.51 38.93 -76.30
C TYR DA 409 33.02 38.98 -76.16
N PRO DA 410 33.67 37.80 -76.19
CA PRO DA 410 35.08 37.62 -75.83
C PRO DA 410 36.02 38.53 -76.61
N GLU DA 411 35.54 39.10 -77.70
CA GLU DA 411 36.31 40.08 -78.40
C GLU DA 411 36.63 41.25 -77.49
N GLY DA 412 35.76 41.54 -76.54
CA GLY DA 412 35.97 42.67 -75.65
C GLY DA 412 36.71 42.36 -74.36
N ASP DA 413 37.13 41.10 -74.20
CA ASP DA 413 37.85 40.65 -73.01
C ASP DA 413 39.29 41.08 -73.05
N TRP DA 414 39.92 41.18 -71.88
CA TRP DA 414 41.36 41.39 -71.82
C TRP DA 414 41.84 41.19 -70.42
N ILE DA 415 43.17 41.19 -70.28
CA ILE DA 415 43.83 40.99 -69.00
C ILE DA 415 45.02 41.92 -68.86
N GLN DA 416 45.01 42.83 -67.89
CA GLN DA 416 46.17 43.72 -67.74
C GLN DA 416 47.13 43.19 -66.68
N ASN DA 417 48.36 43.67 -66.74
CA ASN DA 417 49.32 43.32 -65.73
C ASN DA 417 48.89 43.94 -64.43
N ILE DA 418 49.33 43.33 -63.34
CA ILE DA 418 49.08 43.76 -61.97
C ILE DA 418 49.43 45.24 -61.76
N ASN DA 419 50.38 45.78 -62.50
CA ASN DA 419 50.90 47.10 -62.20
C ASN DA 419 49.99 48.24 -62.61
N PHE DA 420 49.15 47.97 -63.60
CA PHE DA 420 48.15 48.92 -64.05
C PHE DA 420 48.77 50.26 -64.37
N ASN DA 421 49.88 50.18 -65.08
CA ASN DA 421 50.53 51.33 -65.65
C ASN DA 421 49.84 51.57 -66.95
N LEU DA 422 49.06 52.63 -66.98
CA LEU DA 422 48.09 52.81 -68.04
C LEU DA 422 48.21 54.17 -68.73
N PRO DA 423 48.02 54.22 -70.05
CA PRO DA 423 47.75 53.27 -71.15
C PRO DA 423 48.70 52.11 -71.20
N VAL DA 424 48.22 50.90 -71.42
CA VAL DA 424 49.04 49.69 -71.25
C VAL DA 424 49.94 49.28 -72.45
N THR DA 425 51.17 48.86 -72.15
CA THR DA 425 52.14 48.35 -73.12
C THR DA 425 51.64 47.07 -73.74
N ASP DA 426 52.11 46.69 -74.93
CA ASP DA 426 51.71 45.40 -75.50
C ASP DA 426 52.15 44.23 -74.64
N ASP DA 427 53.23 44.36 -73.89
CA ASP DA 427 53.69 43.23 -73.05
C ASP DA 427 52.93 43.13 -71.73
N ASN DA 428 52.16 44.15 -71.40
CA ASN DA 428 51.44 44.16 -70.14
C ASN DA 428 49.97 43.85 -70.26
N VAL DA 429 49.50 43.52 -71.45
CA VAL DA 429 48.12 43.15 -71.61
C VAL DA 429 48.03 41.92 -72.48
N LEU DA 430 47.02 41.09 -72.23
CA LEU DA 430 46.76 39.94 -73.08
C LEU DA 430 45.41 40.12 -73.72
N LEU DA 431 45.39 40.17 -75.05
CA LEU DA 431 44.18 40.38 -75.81
C LEU DA 431 43.67 39.09 -76.40
N PRO DA 432 42.41 39.08 -76.85
CA PRO DA 432 41.88 37.98 -77.65
C PRO DA 432 42.41 38.02 -79.06
N THR DA 433 43.32 38.95 -79.31
CA THR DA 433 44.00 39.06 -80.58
C THR DA 433 45.33 38.32 -80.54
N ASP DA 434 45.99 38.38 -79.39
CA ASP DA 434 47.29 37.77 -79.24
C ASP DA 434 47.17 36.27 -79.26
N PRO DA 435 47.87 35.62 -80.19
CA PRO DA 435 47.81 34.18 -80.36
C PRO DA 435 48.45 33.43 -79.21
N ILE DA 436 47.91 32.24 -78.99
CA ILE DA 436 48.27 31.40 -77.88
C ILE DA 436 48.83 30.07 -78.34
N GLY DA 437 49.94 29.63 -77.73
CA GLY DA 437 50.57 28.36 -78.08
C GLY DA 437 50.99 28.48 -79.53
N GLY DA 438 51.10 29.76 -79.89
CA GLY DA 438 51.51 30.29 -81.18
C GLY DA 438 50.56 30.06 -82.34
N LYS DA 439 49.30 29.80 -82.04
CA LYS DA 439 48.37 29.56 -83.13
C LYS DA 439 47.72 30.87 -83.54
N THR DA 440 47.86 31.19 -84.82
CA THR DA 440 47.31 32.46 -85.29
C THR DA 440 45.85 32.54 -84.95
N GLY DA 441 45.14 31.43 -85.10
CA GLY DA 441 43.71 31.43 -84.85
C GLY DA 441 43.17 31.06 -83.47
N ILE DA 442 44.00 31.03 -82.44
CA ILE DA 442 43.55 30.69 -81.09
C ILE DA 442 43.99 31.79 -80.14
N ASN DA 443 43.13 32.20 -79.22
CA ASN DA 443 43.51 33.24 -78.26
C ASN DA 443 43.18 32.81 -76.88
N TYR DA 444 43.42 33.65 -75.89
CA TYR DA 444 43.29 33.15 -74.55
C TYR DA 444 41.85 32.82 -74.24
N THR DA 445 40.92 33.57 -74.82
CA THR DA 445 39.53 33.40 -74.45
C THR DA 445 38.95 32.04 -74.80
N ASN DA 446 39.58 31.32 -75.71
CA ASN DA 446 39.08 30.00 -76.06
C ASN DA 446 39.25 28.98 -74.97
N ILE DA 447 40.13 29.22 -74.01
CA ILE DA 447 40.32 28.23 -72.96
C ILE DA 447 39.89 28.80 -71.62
N PHE DA 448 39.29 29.97 -71.66
CA PHE DA 448 39.00 30.74 -70.48
C PHE DA 448 37.78 30.23 -69.72
N ASN DA 449 37.78 30.42 -68.39
CA ASN DA 449 36.66 30.04 -67.52
C ASN DA 449 36.53 30.92 -66.27
N THR DA 450 35.50 31.77 -66.22
CA THR DA 450 35.32 32.65 -65.07
C THR DA 450 34.11 32.31 -64.23
N TYR DA 451 33.77 31.03 -64.23
CA TYR DA 451 32.78 30.50 -63.32
C TYR DA 451 33.39 30.49 -61.95
N GLY DA 452 32.60 30.87 -60.97
CA GLY DA 452 33.12 30.97 -59.63
C GLY DA 452 32.01 31.26 -58.65
N PRO DA 453 32.34 31.29 -57.37
CA PRO DA 453 31.35 31.43 -56.33
C PRO DA 453 30.65 32.76 -56.33
N LEU DA 454 30.93 33.64 -57.28
CA LEU DA 454 30.19 34.89 -57.40
C LEU DA 454 29.31 34.92 -58.64
N THR DA 455 29.21 33.77 -59.30
CA THR DA 455 28.52 33.68 -60.58
C THR DA 455 27.02 33.58 -60.42
N ALA DA 456 26.28 34.38 -61.18
CA ALA DA 456 24.82 34.34 -61.18
C ALA DA 456 24.34 33.98 -62.58
N LEU DA 457 23.21 33.29 -62.67
CA LEU DA 457 22.76 32.67 -63.90
C LEU DA 457 21.25 32.72 -64.11
N ASN DA 458 20.77 32.54 -65.33
CA ASN DA 458 19.38 32.14 -65.50
C ASN DA 458 19.32 30.75 -66.07
N ASN DA 459 18.14 30.15 -66.04
CA ASN DA 459 17.91 28.86 -66.66
C ASN DA 459 17.63 29.01 -68.15
N VAL DA 460 17.74 27.91 -68.90
CA VAL DA 460 17.53 27.99 -70.35
C VAL DA 460 16.11 28.35 -70.67
N PRO DA 461 15.94 29.21 -71.66
CA PRO DA 461 14.61 29.64 -72.08
C PRO DA 461 13.93 28.59 -72.94
N PRO DA 462 12.60 28.55 -72.91
CA PRO DA 462 11.84 27.60 -73.71
C PRO DA 462 11.95 27.90 -75.19
N VAL DA 463 12.23 26.87 -75.98
CA VAL DA 463 12.40 27.04 -77.42
C VAL DA 463 11.20 26.49 -78.18
N TYR DA 464 10.31 27.39 -78.59
CA TYR DA 464 9.14 26.96 -79.33
C TYR DA 464 9.42 26.94 -80.83
N PRO DA 465 9.04 25.84 -81.49
CA PRO DA 465 8.36 24.67 -80.95
C PRO DA 465 9.24 23.48 -80.72
N ASN DA 466 10.49 23.55 -81.14
CA ASN DA 466 11.29 22.34 -81.18
C ASN DA 466 11.96 21.97 -79.89
N GLY DA 467 11.85 22.86 -78.91
CA GLY DA 467 12.53 22.67 -77.65
C GLY DA 467 11.92 21.53 -76.89
N GLN DA 468 12.73 20.92 -76.05
CA GLN DA 468 12.26 19.87 -75.16
C GLN DA 468 11.55 20.55 -74.02
N ILE DA 469 10.65 19.83 -73.36
CA ILE DA 469 9.92 20.43 -72.25
C ILE DA 469 10.48 20.07 -70.91
N TRP DA 470 10.50 18.80 -70.60
CA TRP DA 470 11.10 18.38 -69.35
C TRP DA 470 12.18 17.35 -69.57
N ASP DA 471 13.05 17.16 -68.57
CA ASP DA 471 14.17 16.21 -68.69
C ASP DA 471 14.50 15.54 -67.36
N LYS DA 472 14.90 14.27 -67.39
CA LYS DA 472 15.23 13.52 -66.17
C LYS DA 472 16.52 14.07 -65.59
N GLU DA 473 16.75 13.93 -64.29
CA GLU DA 473 17.99 14.44 -63.74
C GLU DA 473 19.01 13.32 -63.71
N PHE DA 474 20.28 13.68 -63.87
CA PHE DA 474 21.35 12.70 -63.84
C PHE DA 474 21.35 12.07 -62.47
N ASP DA 475 21.52 10.76 -62.40
CA ASP DA 475 21.63 10.13 -61.11
C ASP DA 475 23.04 10.22 -60.58
N THR DA 476 23.59 11.41 -60.52
CA THR DA 476 24.91 11.59 -59.96
C THR DA 476 24.78 12.16 -58.58
N ASP DA 477 25.70 11.83 -57.70
CA ASP DA 477 25.60 12.25 -56.31
C ASP DA 477 25.55 13.76 -56.21
N LEU DA 478 26.26 14.43 -57.13
CA LEU DA 478 26.20 15.88 -57.24
C LEU DA 478 25.57 16.23 -58.59
N LYS DA 479 24.68 17.22 -58.61
CA LYS DA 479 23.82 17.40 -59.78
C LYS DA 479 24.03 18.72 -60.50
N PRO DA 480 23.59 18.81 -61.75
CA PRO DA 480 23.77 20.05 -62.52
C PRO DA 480 22.88 21.15 -62.06
N ARG DA 481 23.37 22.37 -62.08
CA ARG DA 481 22.53 23.48 -61.70
C ARG DA 481 21.48 23.81 -62.75
N LEU DA 482 21.62 23.22 -63.94
CA LEU DA 482 20.57 23.30 -64.95
C LEU DA 482 20.82 22.30 -66.05
N HIS DA 483 19.90 22.21 -67.00
CA HIS DA 483 20.15 21.43 -68.18
C HIS DA 483 20.01 22.43 -69.28
N VAL DA 484 20.62 22.16 -70.43
CA VAL DA 484 20.60 23.11 -71.53
C VAL DA 484 19.55 22.76 -72.56
N ASN DA 485 18.99 21.57 -72.42
CA ASN DA 485 18.01 21.09 -73.37
C ASN DA 485 16.57 21.36 -72.94
N ALA DA 486 16.35 21.59 -71.65
CA ALA DA 486 15.01 21.80 -71.16
C ALA DA 486 14.97 22.60 -69.87
N PRO DA 487 13.91 23.38 -69.68
CA PRO DA 487 13.75 24.21 -68.48
C PRO DA 487 13.22 23.46 -67.27
N PHE DA 488 12.44 22.41 -67.47
CA PHE DA 488 11.95 21.68 -66.32
C PHE DA 488 12.74 20.40 -66.09
N VAL DA 489 13.32 20.26 -64.90
CA VAL DA 489 14.00 19.03 -64.56
C VAL DA 489 13.41 18.31 -63.34
N CYS DA 490 12.98 17.07 -63.52
CA CYS DA 490 12.41 16.34 -62.40
C CYS DA 490 13.55 15.90 -61.52
N GLN DA 491 13.64 16.48 -60.34
CA GLN DA 491 14.67 16.07 -59.44
C GLN DA 491 14.10 14.84 -58.76
N ASN DA 492 12.78 14.81 -58.76
CA ASN DA 492 11.96 13.67 -58.38
C ASN DA 492 12.22 12.36 -59.10
N ASN DA 493 11.40 12.21 -60.13
CA ASN DA 493 11.29 11.07 -61.02
C ASN DA 493 10.44 11.65 -62.15
N CYS DA 494 10.72 11.26 -63.38
CA CYS DA 494 9.96 11.74 -64.50
C CYS DA 494 8.98 10.69 -64.96
N PRO DA 495 7.98 11.11 -65.73
CA PRO DA 495 7.05 10.15 -66.30
C PRO DA 495 7.80 9.10 -67.10
N GLY DA 496 7.29 7.88 -67.06
CA GLY DA 496 7.93 6.79 -67.76
C GLY DA 496 7.73 6.91 -69.25
N GLN DA 497 8.62 6.30 -69.97
CA GLN DA 497 8.52 6.35 -71.40
C GLN DA 497 7.49 5.35 -71.87
N LEU DA 498 6.83 5.68 -72.96
CA LEU DA 498 5.77 4.82 -73.48
C LEU DA 498 6.21 4.07 -74.72
N PHE DA 499 6.19 2.74 -74.68
CA PHE DA 499 6.69 1.97 -75.80
C PHE DA 499 5.60 1.13 -76.46
N VAL DA 500 5.54 1.14 -77.80
CA VAL DA 500 4.56 0.35 -78.52
C VAL DA 500 5.27 -0.58 -79.48
N LYS DA 501 4.54 -1.57 -79.97
CA LYS DA 501 5.15 -2.61 -80.78
C LYS DA 501 4.09 -3.51 -81.35
N VAL DA 502 4.17 -3.78 -82.64
CA VAL DA 502 3.24 -4.69 -83.24
C VAL DA 502 3.47 -6.15 -82.82
N ALA DA 503 2.42 -6.84 -82.45
CA ALA DA 503 2.57 -8.23 -82.01
C ALA DA 503 2.93 -9.12 -83.17
N PRO DA 504 3.76 -10.13 -82.90
CA PRO DA 504 4.19 -11.11 -83.90
C PRO DA 504 3.02 -11.82 -84.54
N ASN DA 505 2.75 -11.55 -85.81
CA ASN DA 505 1.63 -12.18 -86.48
C ASN DA 505 2.11 -13.33 -87.33
N LEU DA 506 2.21 -14.51 -86.75
CA LEU DA 506 2.90 -15.61 -87.41
C LEU DA 506 2.12 -16.27 -88.55
N THR DA 507 2.87 -16.83 -89.49
CA THR DA 507 2.31 -17.65 -90.57
C THR DA 507 2.16 -19.07 -90.07
N ASN DA 508 1.76 -19.98 -90.94
CA ASN DA 508 1.59 -21.35 -90.50
C ASN DA 508 2.90 -22.10 -90.40
N GLN DA 509 3.91 -21.62 -91.11
CA GLN DA 509 5.25 -22.18 -91.01
C GLN DA 509 6.12 -21.33 -90.10
N TYR DA 510 6.39 -21.87 -88.92
CA TYR DA 510 7.26 -21.21 -87.99
C TYR DA 510 8.04 -22.31 -87.28
N ASP DA 511 9.36 -22.26 -87.41
CA ASP DA 511 10.24 -23.17 -86.70
C ASP DA 511 11.27 -22.35 -85.99
N PRO DA 512 11.17 -22.29 -84.68
CA PRO DA 512 12.14 -21.51 -83.91
C PRO DA 512 13.52 -22.14 -83.95
N ASP DA 513 13.60 -23.48 -84.07
CA ASP DA 513 14.90 -24.17 -84.11
C ASP DA 513 15.65 -23.91 -85.39
N ALA DA 514 14.97 -23.32 -86.36
CA ALA DA 514 15.66 -22.92 -87.58
C ALA DA 514 16.27 -21.54 -87.39
N SER DA 515 17.47 -21.37 -87.94
CA SER DA 515 18.18 -20.09 -87.99
C SER DA 515 17.46 -19.18 -88.98
N ALA DA 516 16.90 -19.83 -89.99
CA ALA DA 516 16.21 -19.20 -91.12
C ALA DA 516 15.13 -18.20 -90.73
N ASN DA 517 14.71 -17.43 -91.75
CA ASN DA 517 13.62 -16.44 -91.69
C ASN DA 517 12.64 -16.44 -90.53
N MET DA 518 12.38 -15.24 -90.01
CA MET DA 518 11.17 -15.06 -89.25
C MET DA 518 10.12 -14.89 -90.34
N SER DA 519 9.25 -15.86 -90.51
CA SER DA 519 8.20 -15.67 -91.48
C SER DA 519 6.95 -15.21 -90.74
N ARG DA 520 6.59 -13.95 -90.96
CA ARG DA 520 5.47 -13.32 -90.28
C ARG DA 520 4.57 -12.69 -91.31
N ILE DA 521 3.27 -12.68 -91.05
CA ILE DA 521 2.34 -11.98 -91.90
C ILE DA 521 2.65 -10.51 -91.83
N VAL DA 522 2.64 -9.84 -92.96
CA VAL DA 522 2.94 -8.42 -92.91
C VAL DA 522 1.82 -7.70 -92.19
N THR DA 523 2.14 -7.05 -91.09
CA THR DA 523 1.15 -6.39 -90.27
C THR DA 523 1.57 -5.01 -89.84
N TYR DA 524 0.58 -4.13 -89.70
CA TYR DA 524 0.80 -2.80 -89.18
C TYR DA 524 -0.37 -2.30 -88.37
N SER DA 525 -0.18 -1.22 -87.64
CA SER DA 525 -1.25 -0.71 -86.79
C SER DA 525 -1.44 0.81 -86.84
N ASP DA 526 -2.69 1.23 -86.73
CA ASP DA 526 -3.06 2.62 -86.53
C ASP DA 526 -3.68 2.76 -85.16
N PHE DA 527 -3.21 3.69 -84.35
CA PHE DA 527 -3.87 3.95 -83.10
C PHE DA 527 -3.85 5.42 -82.78
N TRP DA 528 -4.78 5.85 -81.95
CA TRP DA 528 -4.82 7.25 -81.54
C TRP DA 528 -4.17 7.42 -80.19
N TRP DA 529 -3.50 8.55 -80.04
CA TRP DA 529 -2.86 8.91 -78.79
C TRP DA 529 -3.41 10.23 -78.32
N LYS DA 530 -3.82 10.30 -77.05
CA LYS DA 530 -4.25 11.55 -76.45
C LYS DA 530 -3.48 11.80 -75.18
N GLY DA 531 -3.07 13.04 -74.97
CA GLY DA 531 -2.33 13.40 -73.79
C GLY DA 531 -2.93 14.63 -73.13
N LYS DA 532 -2.65 14.80 -71.84
CA LYS DA 532 -3.06 16.02 -71.16
C LYS DA 532 -1.91 16.57 -70.37
N LEU DA 533 -1.45 17.76 -70.75
CA LEU DA 533 -0.33 18.39 -70.07
C LEU DA 533 -0.85 19.62 -69.38
N VAL DA 534 -0.72 19.67 -68.07
CA VAL DA 534 -1.30 20.77 -67.32
C VAL DA 534 -0.23 21.71 -66.75
N PHE DA 535 -0.37 22.98 -67.05
CA PHE DA 535 0.53 23.99 -66.52
C PHE DA 535 -0.25 24.87 -65.59
N LYS DA 536 0.47 25.56 -64.71
CA LYS DA 536 -0.15 26.57 -63.91
C LYS DA 536 0.76 27.78 -64.02
N ALA DA 537 0.22 28.87 -64.55
CA ALA DA 537 1.04 30.04 -64.84
C ALA DA 537 0.54 31.27 -64.08
N LYS DA 538 1.26 32.39 -64.16
CA LYS DA 538 0.82 33.57 -63.42
C LYS DA 538 0.93 34.83 -64.28
N LEU DA 539 -0.11 35.66 -64.29
CA LEU DA 539 -0.17 36.82 -65.17
C LEU DA 539 0.82 37.92 -64.82
N ARG DA 540 1.42 38.55 -65.83
CA ARG DA 540 2.39 39.63 -65.56
C ARG DA 540 1.68 40.94 -65.30
N ALA DA 541 2.44 41.94 -64.86
CA ALA DA 541 1.90 43.27 -64.60
C ALA DA 541 2.83 44.36 -65.13
N SER DA 542 2.26 45.51 -65.49
CA SER DA 542 3.04 46.62 -66.03
C SER DA 542 3.80 47.35 -64.96
N HIS DA 543 5.13 47.41 -65.07
CA HIS DA 543 5.90 48.07 -64.02
C HIS DA 543 6.48 49.39 -64.50
N THR DA 544 6.45 49.58 -65.80
CA THR DA 544 7.20 50.66 -66.39
C THR DA 544 6.33 51.63 -67.15
N TRP DA 545 6.85 52.82 -67.44
CA TRP DA 545 6.09 53.80 -68.20
C TRP DA 545 5.96 53.33 -69.64
N ASN DA 546 7.00 52.70 -70.12
CA ASN DA 546 7.07 52.26 -71.50
C ASN DA 546 6.42 50.93 -71.71
N PRO DA 547 5.97 50.64 -72.93
CA PRO DA 547 5.60 49.29 -73.30
C PRO DA 547 6.82 48.44 -73.50
N ILE DA 548 6.63 47.20 -73.91
CA ILE DA 548 7.71 46.22 -74.02
C ILE DA 548 7.54 45.29 -75.20
N GLN DA 549 8.48 44.38 -75.39
CA GLN DA 549 8.38 43.44 -76.49
C GLN DA 549 7.15 42.56 -76.35
N GLN DA 550 6.41 42.29 -77.42
CA GLN DA 550 5.39 41.23 -77.43
C GLN DA 550 5.19 40.68 -78.83
N MET DA 551 4.89 39.39 -78.98
CA MET DA 551 4.69 38.86 -80.34
C MET DA 551 3.50 39.50 -80.94
N SER DA 552 3.51 39.58 -82.26
CA SER DA 552 2.32 39.95 -83.03
C SER DA 552 2.60 39.66 -84.49
N ILE DA 553 1.68 40.05 -85.35
CA ILE DA 553 2.01 40.19 -86.74
C ILE DA 553 1.56 41.59 -87.13
N ASN DA 554 2.29 42.41 -87.90
CA ASN DA 554 3.50 42.23 -88.74
C ASN DA 554 3.13 41.95 -90.17
N VAL DA 555 3.60 42.84 -91.03
CA VAL DA 555 3.34 42.80 -92.46
C VAL DA 555 4.22 41.80 -93.16
N ASP DA 556 5.46 41.74 -92.71
CA ASP DA 556 6.29 40.57 -92.92
C ASP DA 556 5.68 39.49 -92.08
N ASN DA 557 6.32 38.33 -91.97
CA ASN DA 557 5.94 37.41 -90.90
C ASN DA 557 4.60 36.74 -91.16
N GLN DA 558 3.59 37.60 -91.33
CA GLN DA 558 2.20 37.23 -91.58
C GLN DA 558 1.96 35.90 -92.27
N PHE DA 559 2.87 35.45 -93.09
CA PHE DA 559 2.57 34.31 -93.91
C PHE DA 559 3.07 33.00 -93.37
N ASN DA 560 3.66 33.04 -92.18
CA ASN DA 560 4.13 31.82 -91.57
C ASN DA 560 3.08 31.16 -90.69
N TYR DA 561 1.86 31.66 -90.76
CA TYR DA 561 0.84 31.23 -89.82
C TYR DA 561 -0.45 30.83 -90.49
N VAL DA 562 -0.41 30.63 -91.80
CA VAL DA 562 -1.58 30.26 -92.58
C VAL DA 562 -1.06 29.23 -93.53
N PRO DA 563 -1.93 28.40 -94.06
CA PRO DA 563 -1.44 27.42 -95.02
C PRO DA 563 -1.14 28.04 -96.37
N SER DA 564 -0.95 27.16 -97.34
CA SER DA 564 -0.52 27.55 -98.65
C SER DA 564 -1.67 27.41 -99.62
N ASN DA 565 -1.38 27.60 -100.90
CA ASN DA 565 -2.34 27.37 -101.95
C ASN DA 565 -2.60 25.88 -102.04
N ILE DA 566 -1.58 25.13 -101.63
CA ILE DA 566 -1.74 23.71 -101.46
C ILE DA 566 -1.89 23.52 -99.98
N GLY DA 567 -1.65 22.33 -99.47
CA GLY DA 567 -1.82 22.07 -98.06
C GLY DA 567 -0.75 22.57 -97.10
N GLY DA 568 -0.35 23.83 -97.24
CA GLY DA 568 0.56 24.49 -96.30
C GLY DA 568 1.79 23.63 -96.18
N MET DA 569 2.54 23.67 -95.08
CA MET DA 569 2.42 24.65 -94.01
C MET DA 569 3.73 24.64 -93.21
N LYS DA 570 3.83 25.56 -92.26
CA LYS DA 570 5.08 25.88 -91.63
C LYS DA 570 4.87 26.22 -90.15
N ILE DA 571 5.76 25.78 -89.27
CA ILE DA 571 5.72 26.28 -87.90
C ILE DA 571 7.06 26.89 -87.57
N VAL DA 572 7.05 28.10 -87.05
CA VAL DA 572 8.28 28.85 -86.99
C VAL DA 572 8.85 29.04 -85.59
N TYR DA 573 10.17 28.87 -85.47
CA TYR DA 573 10.97 29.27 -84.31
C TYR DA 573 10.47 30.56 -83.70
N GLU DA 574 10.29 30.63 -82.37
CA GLU DA 574 9.78 31.92 -81.85
C GLU DA 574 9.98 32.40 -80.42
N LYS DA 575 11.19 32.28 -79.86
CA LYS DA 575 11.55 32.96 -78.61
C LYS DA 575 10.60 32.59 -77.48
N SER DA 576 10.65 33.34 -76.38
CA SER DA 576 9.76 33.09 -75.23
C SER DA 576 9.89 34.05 -74.04
N GLN DA 577 11.05 34.67 -73.82
CA GLN DA 577 11.19 35.46 -72.60
C GLN DA 577 11.17 36.93 -72.94
N LEU DA 578 10.03 37.38 -73.42
CA LEU DA 578 9.98 38.65 -74.11
C LEU DA 578 9.99 39.88 -73.23
N ALA DA 579 9.48 39.77 -72.03
CA ALA DA 579 9.35 40.94 -71.18
C ALA DA 579 10.59 41.08 -70.31
N PRO DA 580 10.97 42.33 -70.04
CA PRO DA 580 12.13 42.63 -69.20
C PRO DA 580 11.88 42.29 -67.76
N ARG DA 581 12.95 42.05 -67.01
CA ARG DA 581 12.82 41.72 -65.59
C ARG DA 581 13.46 42.79 -64.72
N LYS DA 582 14.61 42.47 -64.16
CA LYS DA 582 15.33 43.26 -63.18
C LYS DA 582 16.22 42.31 -62.44
N LEU DA 583 17.52 42.43 -62.60
CA LEU DA 583 18.39 41.63 -61.78
C LEU DA 583 18.42 42.22 -60.41
N TYR DA 584 18.63 43.52 -60.40
CA TYR DA 584 19.05 44.22 -59.22
C TYR DA 584 18.35 45.53 -59.15
MG MG EA . 48.26 -19.27 51.22
MG MG FA . 10.73 -82.38 31.63
MG MG GA . 37.53 -49.70 44.04
MG MG HA . -54.75 -84.45 70.09
MG MG IA . -15.39 -89.55 50.07
MG MG JA . 5.56 17.82 101.26
MG MG KA . -57.67 -22.15 112.90
MG MG LA . 48.03 56.76 -16.86
MG MG MA . -30.17 118.16 4.44
MG MG NA . -56.29 97.76 -63.94
MG MG OA . -8.06 46.24 -92.10
MG MG PA . 29.14 -64.30 -30.29
MG MG QA . 36.98 -28.83 -55.72
MG MG RA . 36.68 -62.52 1.50
MG MG SA . 50.22 24.83 52.29
MG MG TA . 47.52 35.62 -41.30
MG MG UA . 55.49 41.54 24.50
MG MG VA . -43.71 100.93 67.70
MG MG WA . 9.95 101.85 14.12
MG MG XA . 34.47 80.35 18.15
MG MG YA . -32.29 39.43 110.65
MG MG ZA . 28.93 3.00 84.18
MG MG AB . 5.51 -58.26 -67.57
MG MG BB . -79.24 -100.76 10.49
MG MG CB . -66.40 -81.84 -62.10
MG MG DB . -23.42 -72.25 -70.35
MG MG EB . -78.34 -27.83 -98.43
MG MG FB . -51.17 42.33 -102.26
MG MG GB . 34.95 1.49 -67.47
MG MG HB . 19.59 42.30 -75.56
#